data_6X33
#
_entry.id   6X33
#
_cell.length_a   1.00
_cell.length_b   1.00
_cell.length_c   1.00
_cell.angle_alpha   90.00
_cell.angle_beta   90.00
_cell.angle_gamma   90.00
#
_symmetry.space_group_name_H-M   'P 1'
#
loop_
_entity.id
_entity.type
_entity.pdbx_description
1 polymer 'Peptidyl-prolyl cis-trans isomerase FKBP1B'
2 polymer 'Ryanodine Receptor'
3 polymer Calmodulin-1
4 non-polymer 'ZINC ION'
#
loop_
_entity_poly.entity_id
_entity_poly.type
_entity_poly.pdbx_seq_one_letter_code
_entity_poly.pdbx_strand_id
1 'polypeptide(L)'
;GVEIETISPGDGRTFPKKGQTCVVHYTGMLQNGKKFDSSRDRNKPFKFRIGKQEVIKGFEEGAAQMSLGQRAKLTCTPDV
AYGATGHPGVIPPNATLIFDVELLNLE
;
A,D,G,J
2 'polypeptide(L)'
;QFLRTDDEVVLQCNATVLKEQLKLCLAAEGFGNRLCFLEPTSNAQNVPPDLAICCFVLEQSLSVRALQEMLANGHRTLLY
GHAILLRHAHSGMYLSCLTTSRSMTDKLAFDVGLQEDATGEACWWTTHPASKQRSEGEKVRVGDDLILVSVSSERYLHLS
TASGELQVDASFMQTLWNMNPICSGCEEGYVTGGHVLRLFHGHMDECLTISPADSDDQRRLVYYEGGSVCTHARSLWRLE
PLRISWSGSHLRWGQPLRIRHVTTGRYLALIEDQGLVVVDASKAHTKATSFCFRISKEKLKRDVEGMGPPEIKYGESLCF
VQHVASGLWLTYAALKKKAILHQEGHMDDALSLTRCQQEESQAARMIYSTAGLYNHFIKGLDSFSGKPRGSGAPAGTALP
LEGVILSLQDLIGYFEPPSEELQHEEKQSKLRSLRNRQSLFQEEGMLSLVLNCIDRLNVYTTAAHFAEFAGEEAAESWKE
IVNLLYEILASLIRGNRANCALFSNNLDWLVSKLDRLEASSGILEVLYCVLIESPEVLNIIQENHIKSIISLLDKHGRNH
KVLDVLCSLCVCNGVAVRSNQDLITENLLPGRELLLQTNLINYVTSIRPNIFVGRAEGTTQYSKWYFEVMVDEVVPFLTA
QATHLRVGWALTEGYSPYPGGGEGWGGNGVGDDLYSYGFDGLHLWTGHVPRLVTSPGQHLLAPEDVVSCCLDLSVPSISF
RINGCPVQGVFEAFNLNGLFFPVVSFSAGVKVRFLLGGRHGEFKFLPPPGYAPCHEAVLPRERLRLEPIKEYRREGPRGP
HLVGPSRCLSHTDFVPCHLERIREKLAENIHELWALTRIEQGWTYGPVRDDNKRLHPCLVDFHSLPEPERNYNLQMSGET
LKTLLALGCHVGMADEKAEDNLRKTKLPKTYMMSNGYKPAPLDLSHVRLTPAQTTLVDRLAENGHNVWARDRVAQGWSYS
AVQDIPARRNPRLVPYRLLDEATKRSNRDSLCQAVRTLLGYGYNIERVRIFRAEKSYAVQSGRWYFEFEAVTTGEMRVGW
ARPELRPDVELGADELAYVFNGHRGQRWHLGSELFGRPWQSGDVVGCMIDLTENTIIFTLNGEVLMSDSGSETAFRDIEV
GDGFLPVCSLGPGQVGHLNLGQDVSSLRFFAICGLQEGFEPFAINMQRPVTTWFSKSLPQFEAVPLEHPHYEVSRVDGTV
DTPPCLRLTHRSLVEMLFLRLSLPVQFHQLNTTTYYYSVRVFAGQEPSCVWVGWVTPDYHQHDMNFDLTKVRAVTVTMGD
NIHSSLKCSNCYMVWGGDFVSHTDLVIGCLVDLATGLMTFTANGKESNTFFQVEPNTKLFPAVFVLPTHQNVIQFELGKQ
KNIMPLSAAMFLSERKNPAPQCPPRLEMQMLMPVSWSRMPNHFLRVETRRAGERLGWAVQCQEPLTMMALHIPEENRCMD
ILELSERLDLQQFHSHTLRLYRAVCALGNNRVAHALCSHVDQAQLLHALEDAHLPGPLRAGYYDLLISIHLESACRSRRS
MLSEYIVPLTPETRAITLFPPRHGLPGVGVTTSLRPPHHFSAPCFVAALPEAPARLSPSIPLEALRDKALRMLGEAVRDG
GQHARDPVGGSVEFQFVPVLKLVSTLLVMGIFGDEDVKQILKMIEPEVEEGLLQMKLPESVKLQMCNLLEYFCDQELQHR
VESLAAFAERYVDKLQANQRDRYGILMKAFTMTAAETARRTREFRSPPQEQINMLLHFKPLPDEIRQDLLEFHQDLLTHC
GIQLQSLQELVSHTVVRWAQEDFVQSPELVRAMFSLLHRQYDGLGELLRALPRAYTISPSSVEDTMSLLECLGQIRSLLI
VQMGPQEENLMIQSIGNIMNNKVFYQHPNLMRALGMHETVMEVMVNVLRFPKMVTSCCRFLCYFCRISRQNQRSMFDHLS
YLLENSGGMQGSTPLDVAAASVIDNNELALALQEQDLEKVVSYLAGCGLQSCPMLLAKGYPDIGWNPCGGERYLDFLRFA
VFVNGESVEENANVVVRLLIRKPECFGPALRGEGGSGLLATIEEAIHLGHAIMSFYAALIDLLGRCAPEMHLIQAGKGEA
LRIRAILRSLVPLDDLVGIISLPLQIPMSASFVPDHKASMVLFLDRVYGIENQDFLLHVLDVGFLPDMRAAALALNRYLC
LAVLPLITKCAPLFAMVDSMLHTVYRLSRGRSLTKAQRDVIEECLMALCRYIRPSMLQHLLRRLVF(UNK)(UNK)
(UNK)(UNK)(UNK)(UNK)(UNK)(UNK)(UNK)(UNK)(UNK)(UNK)(UNK)(UNK)(UNK)(UNK)(UNK)(UNK)
(UNK)(UNK)(UNK)(UNK)(UNK)(UNK)(UNK)(UNK)(UNK)(UNK)(UNK)(UNK)(UNK)(UNK)(UNK)(UNK)
(UNK)(UNK)(UNK)(UNK)(UNK)(UNK)(UNK)(UNK)(UNK)(UNK)(UNK)(UNK)DPRPVETLNVIIPEKLDSFI
NKFAEYTHEKWAFDKIQNNWSYGENIDEELKTHPMLRPYKTFSEKDKEIYRWPIKESLKAMIAWEWTIEKAREGEYNPQP
PDLSGVTLSRELQAMAEQLAENYHNTWGRKKKQELEAKGGGTHPLLVPYDTLTAKEKARDREKAQELLKFLQMNGYAVTR
(UNK)(UNK)(UNK)(UNK)(UNK)(UNK)(UNK)(UNK)(UNK)(UNK)(UNK)(UNK)(UNK)(UNK)(UNK)(UNK)
(UNK)(UNK)(UNK)(UNK)(UNK)(UNK)(UNK)(UNK)(UNK)(UNK)(UNK)(UNK)(UNK)(UNK)(UNK)(UNK)
(UNK)(UNK)(UNK)(UNK)(UNK)(UNK)(UNK)(UNK)(UNK)(UNK)(UNK)(UNK)(UNK)(UNK)(UNK)(UNK)
(UNK)(UNK)(UNK)(UNK)(UNK)(UNK)(UNK)(UNK)(UNK)(UNK)(UNK)(UNK)(UNK)(UNK)(UNK)(UNK)
(UNK)(UNK)(UNK)(UNK)(UNK)(UNK)(UNK)(UNK)(UNK)(UNK)(UNK)(UNK)(UNK)(UNK)(UNK)(UNK)
(UNK)(UNK)(UNK)(UNK)(UNK)(UNK)(UNK)(UNK)(UNK)(UNK)(UNK)(UNK)(UNK)(UNK)(UNK)(UNK)
(UNK)(UNK)(UNK)(UNK)(UNK)(UNK)(UNK)(UNK)(UNK)(UNK)(UNK)(UNK)(UNK)(UNK)(UNK)(UNK)
(UNK)(UNK)(UNK)(UNK)(UNK)(UNK)(UNK)(UNK)(UNK)(UNK)(UNK)(UNK)(UNK)(UNK)(UNK)(UNK)
(UNK)(UNK)(UNK)(UNK)(UNK)(UNK)(UNK)(UNK)(UNK)(UNK)(UNK)(UNK)(UNK)(UNK)(UNK)(UNK)
(UNK)(UNK)(UNK)(UNK)(UNK)(UNK)(UNK)(UNK)(UNK)(UNK)(UNK)(UNK)(UNK)(UNK)(UNK)(UNK)
(UNK)(UNK)(UNK)(UNK)(UNK)(UNK)(UNK)(UNK)(UNK)(UNK)(UNK)(UNK)(UNK)(UNK)(UNK)(UNK)
(UNK)(UNK)(UNK)(UNK)(UNK)(UNK)(UNK)(UNK)(UNK)(UNK)(UNK)(UNK)(UNK)(UNK)(UNK)(UNK)
(UNK)(UNK)(UNK)(UNK)(UNK)(UNK)(UNK)(UNK)(UNK)(UNK)(UNK)(UNK)(UNK)(UNK)(UNK)(UNK)
(UNK)(UNK)(UNK)(UNK)(UNK)(UNK)(UNK)(UNK)(UNK)(UNK)(UNK)(UNK)(UNK)FSVLCRDLYALYPLL
IRYVDNNRAHWLTEPNPSAEELFRMVGEIFIYWSKSHNFKREEQNFVV(UNK)(UNK)(UNK)(UNK)(UNK)(UNK)
(UNK)(UNK)(UNK)(UNK)(UNK)(UNK)(UNK)(UNK)(UNK)(UNK)(UNK)(UNK)(UNK)(UNK)(UNK)(UNK)
(UNK)(UNK)(UNK)(UNK)(UNK)(UNK)(UNK)(UNK)(UNK)(UNK)(UNK)(UNK)(UNK)(UNK)(UNK)(UNK)
(UNK)(UNK)(UNK)(UNK)(UNK)(UNK)(UNK)(UNK)(UNK)(UNK)(UNK)(UNK)(UNK)(UNK)(UNK)(UNK)
(UNK)(UNK)(UNK)(UNK)(UNK)(UNK)(UNK)(UNK)(UNK)(UNK)(UNK)(UNK)(UNK)(UNK)HKLLSKQRRR
AVVACFRMTPLYNLPTHRACNMFLESYKAAWILTEDHSFEDRMIDDLSKAGEQEEEEEEVEEKKPDPLHQLVLHFSRTAL
TEKSKLDEDYLYMAYADIMAKSCHLEESFEEKEMEKQRLLYQQARLHNRGAAEMVLQMISACKGETGAMVSSTLKLGISI
LNGGNADVQQKMLDYLKDKKEVGFFQSIQALMQTCSVLDLNAFERQNKAEGLGMVNEDGTVIGEKVMADDEFTQDLFRFL
QLLCEGHNNDFQNYLRTQTGNTTTINIIICTVDYLLRLQESISDFYWYYSGKDVIEEQGKRNFSKAMSVAKQVFNSLTEY
IQGPCTGNQQSLAHSRLWDAVVGFLHVFAHMMMKLAQDSSQIELLKELLDLQKDMVVMLLSLLEGNVVNGMIARQMVDML
VESSSNVEMILKFFDMFLKLKDIVGSEAFQDYVTDPRGLISKKDFQK(UNK)(UNK)(UNK)(UNK)(UNK)(UNK)EFA
NRFQEPARDIGFNVAVLLTNLSEHVPHDPRLRNFLELAESILEYFRPYLGRIEIMGASRRIERIYFEISETNRAQWEMPQ
VKESKRQFIFDVVNEKMELFVSFCEDTIFEMQIAAQ(UNK)(UNK)(UNK)(UNK)(UNK)(UNK)(UNK)(UNK)
(UNK)(UNK)(UNK)(UNK)(UNK)(UNK)(UNK)(UNK)(UNK)EVQRVKFLNYLSRNFYTLRFLALFLAFAINFILLF
YKVSDSPPVYYFLEESTGYMEPALRCLSLLHTLVAFLCIIGYNCLKVPLVIFKREKELARKLEFDGLYITEQPEDDDVKG
QWDRLVLNTPSFPSNYWDKFVKRKVLDKHGDIYGRERIAEIDVKYQIWKFGVIFTDNSFLYLGWYMVMSLLGHYNNFFFA
AHLLDIAMGVKTLRTILSSVTHNGKQLVMTVGLLAVVVYLYTVVAFNFFRKFYNKMKCDDMMTCYLFHMYVGVRAGGGIG
DEIEDPAGDEYELYRVVFDITFFFFVIVILLAIIQGLIIDAFGELRDQQEQVREDMETKCFICGIGSDYFDTTPHRFETH
TLEEHNLANYMFFLMYLINKDETEHTGQESYVWKMYQERCWDFFPAGDCFRKQYEDQL
;
B,E,H,K
3 'polypeptide(L)'
;MADQLTEEQIAEFKEAFSLFDKDGDGTITTKELGTVMRSLGQNPTEAELQDMINEVDADGNGTIDFPEFLTMMARKMKDT
DSEEEIREAFRVFDKDGNGYISAAELRHVMTNLGEKLTDEEVDEMIREADIDGDGQVNYEEFVQMMTA
;
C,F,I,L
#
loop_
_chem_comp.id
_chem_comp.type
_chem_comp.name
_chem_comp.formula
ZN non-polymer 'ZINC ION' 'Zn 2'
#
# COMPACT_ATOMS: atom_id res chain seq x y z
N GLY A 1 87.65 9.83 96.95
CA GLY A 1 88.41 8.75 97.55
C GLY A 1 88.79 7.65 96.57
N VAL A 2 89.78 7.95 95.74
CA VAL A 2 90.25 6.99 94.74
C VAL A 2 91.27 6.06 95.37
N GLU A 3 91.40 4.87 94.80
CA GLU A 3 92.35 3.86 95.26
C GLU A 3 93.45 3.71 94.22
N ILE A 4 94.70 3.79 94.66
CA ILE A 4 95.86 3.70 93.79
C ILE A 4 96.66 2.47 94.22
N GLU A 5 96.42 1.35 93.57
CA GLU A 5 97.17 0.11 93.84
C GLU A 5 98.42 0.13 92.97
N THR A 6 99.56 0.41 93.59
CA THR A 6 100.82 0.53 92.86
C THR A 6 101.28 -0.80 92.30
N ILE A 7 100.86 -1.11 91.08
CA ILE A 7 101.28 -2.33 90.39
C ILE A 7 102.49 -2.00 89.53
N SER A 8 103.58 -2.74 89.73
CA SER A 8 104.85 -2.54 89.06
C SER A 8 105.33 -1.11 89.27
N PRO A 9 105.89 -0.78 90.43
CA PRO A 9 106.31 0.60 90.70
C PRO A 9 107.54 0.97 89.88
N GLY A 10 107.55 2.21 89.39
CA GLY A 10 108.67 2.71 88.63
C GLY A 10 109.75 3.33 89.50
N ASP A 11 110.96 3.41 88.94
CA ASP A 11 112.08 3.97 89.68
C ASP A 11 111.98 5.48 89.82
N GLY A 12 111.24 6.15 88.95
CA GLY A 12 111.12 7.60 89.03
C GLY A 12 110.26 8.01 90.20
N ARG A 13 110.73 8.97 90.99
CA ARG A 13 110.01 9.48 92.14
C ARG A 13 109.47 10.90 91.93
N THR A 14 109.69 11.50 90.77
CA THR A 14 109.22 12.85 90.51
C THR A 14 107.72 12.84 90.23
N PHE A 15 107.02 13.78 90.86
CA PHE A 15 105.58 13.90 90.68
C PHE A 15 105.25 15.03 89.71
N PRO A 16 104.21 14.88 88.89
CA PRO A 16 103.86 15.94 87.94
C PRO A 16 103.29 17.16 88.66
N LYS A 17 103.86 18.32 88.37
CA LYS A 17 103.45 19.59 88.96
C LYS A 17 102.78 20.46 87.91
N LYS A 18 102.31 21.62 88.35
CA LYS A 18 101.64 22.55 87.45
C LYS A 18 102.64 23.20 86.51
N GLY A 19 102.29 23.27 85.23
CA GLY A 19 103.12 23.87 84.21
C GLY A 19 103.82 22.90 83.28
N GLN A 20 103.50 21.61 83.35
CA GLN A 20 104.12 20.61 82.49
C GLN A 20 103.06 19.64 81.99
N THR A 21 103.12 19.33 80.70
CA THR A 21 102.18 18.39 80.11
C THR A 21 102.56 16.96 80.45
N CYS A 22 101.58 16.05 80.34
CA CYS A 22 101.77 14.65 80.67
C CYS A 22 101.18 13.79 79.57
N VAL A 23 101.94 12.79 79.14
CA VAL A 23 101.50 11.82 78.14
C VAL A 23 101.10 10.54 78.87
N VAL A 24 99.84 10.16 78.77
CA VAL A 24 99.28 9.03 79.52
C VAL A 24 98.66 8.05 78.53
N HIS A 25 99.06 6.78 78.64
CA HIS A 25 98.45 5.70 77.86
C HIS A 25 97.52 4.94 78.79
N TYR A 26 96.26 5.39 78.85
CA TYR A 26 95.28 4.83 79.76
C TYR A 26 94.36 3.87 79.03
N THR A 27 93.94 2.82 79.73
CA THR A 27 92.99 1.84 79.22
C THR A 27 91.81 1.76 80.18
N GLY A 28 90.62 2.04 79.68
CA GLY A 28 89.43 2.07 80.51
C GLY A 28 88.67 0.75 80.41
N MET A 29 88.31 0.22 81.57
CA MET A 29 87.54 -1.02 81.67
C MET A 29 86.41 -0.84 82.67
N LEU A 30 85.30 -1.52 82.41
CA LEU A 30 84.13 -1.45 83.28
C LEU A 30 84.22 -2.53 84.35
N GLN A 31 83.22 -2.55 85.23
CA GLN A 31 83.21 -3.55 86.29
C GLN A 31 82.91 -4.94 85.76
N ASN A 32 82.00 -5.05 84.78
CA ASN A 32 81.68 -6.34 84.20
C ASN A 32 82.81 -6.91 83.37
N GLY A 33 83.70 -6.06 82.85
CA GLY A 33 84.82 -6.52 82.04
C GLY A 33 84.89 -5.90 80.66
N LYS A 34 83.92 -5.08 80.25
CA LYS A 34 83.95 -4.49 78.92
C LYS A 34 84.98 -3.36 78.87
N LYS A 35 85.71 -3.29 77.75
CA LYS A 35 86.73 -2.28 77.54
C LYS A 35 86.13 -1.17 76.67
N PHE A 36 85.86 -0.01 77.27
CA PHE A 36 85.29 1.11 76.55
C PHE A 36 86.35 2.07 76.02
N ASP A 37 87.60 1.96 76.46
CA ASP A 37 88.66 2.83 76.01
C ASP A 37 89.98 2.08 76.06
N SER A 38 90.85 2.38 75.09
CA SER A 38 92.18 1.77 75.03
C SER A 38 93.08 2.69 74.24
N SER A 39 94.02 3.37 74.93
CA SER A 39 94.93 4.28 74.24
C SER A 39 95.94 3.54 73.37
N ARG A 40 96.18 2.25 73.64
CA ARG A 40 97.11 1.48 72.82
C ARG A 40 96.55 1.26 71.42
N ASP A 41 95.22 1.24 71.26
CA ASP A 41 94.62 1.06 69.95
C ASP A 41 94.83 2.29 69.08
N ARG A 42 94.74 3.48 69.67
CA ARG A 42 94.92 4.71 68.91
C ARG A 42 96.38 5.09 68.71
N ASN A 43 97.29 4.48 69.48
CA ASN A 43 98.73 4.74 69.39
C ASN A 43 99.07 6.21 69.60
N LYS A 44 98.24 6.94 70.36
CA LYS A 44 98.47 8.35 70.63
C LYS A 44 98.19 8.60 72.11
N PRO A 45 99.17 9.05 72.88
CA PRO A 45 98.92 9.30 74.30
C PRO A 45 98.06 10.54 74.50
N PHE A 46 97.16 10.45 75.48
CA PHE A 46 96.28 11.57 75.81
C PHE A 46 97.05 12.62 76.59
N LYS A 47 97.10 13.83 76.05
CA LYS A 47 97.81 14.95 76.68
C LYS A 47 96.79 15.89 77.32
N PHE A 48 96.94 16.12 78.62
CA PHE A 48 96.04 16.99 79.36
C PHE A 48 96.84 17.96 80.21
N ARG A 49 96.32 19.17 80.35
CA ARG A 49 96.96 20.19 81.16
C ARG A 49 96.69 19.94 82.65
N ILE A 50 97.73 20.10 83.46
CA ILE A 50 97.60 19.88 84.90
C ILE A 50 96.82 21.03 85.51
N GLY A 51 95.75 20.69 86.24
CA GLY A 51 94.94 21.69 86.90
C GLY A 51 93.97 22.44 86.01
N LYS A 52 93.83 22.03 84.75
CA LYS A 52 92.91 22.70 83.83
C LYS A 52 91.46 22.33 84.07
N GLN A 53 91.19 21.30 84.87
CA GLN A 53 89.85 20.84 85.21
C GLN A 53 89.04 20.39 83.99
N GLU A 54 89.70 20.15 82.86
CA GLU A 54 88.99 19.66 81.69
C GLU A 54 88.70 18.17 81.80
N VAL A 55 89.65 17.39 82.30
CA VAL A 55 89.47 15.96 82.52
C VAL A 55 88.73 15.79 83.85
N ILE A 56 88.19 14.60 84.09
CA ILE A 56 87.47 14.34 85.33
C ILE A 56 88.42 14.45 86.52
N LYS A 57 87.85 14.75 87.69
CA LYS A 57 88.66 14.96 88.88
C LYS A 57 89.35 13.68 89.34
N GLY A 58 88.71 12.52 89.16
CA GLY A 58 89.32 11.28 89.58
C GLY A 58 90.58 10.95 88.81
N PHE A 59 90.53 11.11 87.48
CA PHE A 59 91.69 10.84 86.66
C PHE A 59 92.83 11.81 86.98
N GLU A 60 92.50 13.08 87.21
CA GLU A 60 93.53 14.05 87.57
C GLU A 60 94.16 13.72 88.91
N GLU A 61 93.34 13.34 89.90
CA GLU A 61 93.88 12.96 91.20
C GLU A 61 94.77 11.72 91.08
N GLY A 62 94.36 10.74 90.29
CA GLY A 62 95.17 9.55 90.11
C GLY A 62 96.48 9.83 89.39
N ALA A 63 96.45 10.74 88.41
CA ALA A 63 97.68 11.10 87.71
C ALA A 63 98.60 11.93 88.59
N ALA A 64 98.05 12.74 89.48
CA ALA A 64 98.88 13.52 90.40
C ALA A 64 99.45 12.66 91.53
N GLN A 65 98.74 11.61 91.92
CA GLN A 65 99.24 10.74 92.98
C GLN A 65 100.34 9.81 92.48
N MET A 66 100.21 9.31 91.25
CA MET A 66 101.22 8.40 90.71
C MET A 66 102.51 9.17 90.39
N SER A 67 103.61 8.43 90.34
CA SER A 67 104.92 8.98 90.07
C SER A 67 105.25 8.84 88.59
N LEU A 68 106.54 8.77 88.26
CA LEU A 68 106.97 8.67 86.87
C LEU A 68 107.07 7.21 86.44
N GLY A 69 106.37 6.87 85.36
CA GLY A 69 106.42 5.53 84.81
C GLY A 69 105.84 4.48 85.72
N GLN A 70 104.55 4.58 86.04
CA GLN A 70 103.86 3.64 86.90
C GLN A 70 102.63 3.10 86.18
N ARG A 71 102.45 1.77 86.24
CA ARG A 71 101.29 1.11 85.65
C ARG A 71 100.22 0.81 86.69
N ALA A 72 100.10 1.66 87.71
CA ALA A 72 99.14 1.44 88.78
C ALA A 72 97.71 1.63 88.27
N LYS A 73 96.77 0.98 88.94
CA LYS A 73 95.36 1.09 88.60
C LYS A 73 94.77 2.35 89.23
N LEU A 74 93.88 3.00 88.49
CA LEU A 74 93.26 4.23 88.95
C LEU A 74 91.76 4.04 89.18
N THR A 75 91.40 3.13 90.07
CA THR A 75 89.99 2.90 90.39
C THR A 75 89.43 4.11 91.12
N CYS A 76 88.43 4.75 90.53
CA CYS A 76 87.83 5.96 91.06
C CYS A 76 86.40 5.71 91.51
N THR A 77 85.97 6.46 92.50
CA THR A 77 84.59 6.35 92.98
C THR A 77 83.64 6.98 91.97
N PRO A 78 82.49 6.35 91.70
CA PRO A 78 81.53 6.95 90.77
C PRO A 78 81.02 8.31 91.21
N ASP A 79 81.20 8.69 92.47
CA ASP A 79 80.76 10.00 92.93
C ASP A 79 81.65 11.10 92.37
N VAL A 80 82.97 10.95 92.50
CA VAL A 80 83.89 11.96 91.99
C VAL A 80 83.98 11.92 90.47
N ALA A 81 83.54 10.84 89.84
CA ALA A 81 83.54 10.73 88.40
C ALA A 81 82.20 11.23 87.85
N TYR A 82 81.97 11.01 86.55
CA TYR A 82 80.73 11.42 85.90
C TYR A 82 79.66 10.32 85.93
N GLY A 83 79.64 9.50 86.99
CA GLY A 83 78.67 8.43 87.09
C GLY A 83 77.24 8.89 87.21
N ALA A 84 77.01 10.12 87.65
CA ALA A 84 75.65 10.64 87.78
C ALA A 84 75.01 10.81 86.41
N THR A 85 75.64 11.61 85.54
CA THR A 85 75.18 11.83 84.17
C THR A 85 76.38 11.60 83.26
N GLY A 86 76.59 10.36 82.85
CA GLY A 86 77.73 10.03 82.03
C GLY A 86 77.50 10.28 80.55
N HIS A 87 78.54 10.03 79.77
CA HIS A 87 78.46 10.18 78.33
C HIS A 87 77.49 9.15 77.75
N PRO A 88 76.40 9.58 77.12
CA PRO A 88 75.41 8.60 76.64
C PRO A 88 75.98 7.73 75.54
N GLY A 89 75.83 6.42 75.72
CA GLY A 89 76.26 5.47 74.71
C GLY A 89 77.45 4.62 75.12
N VAL A 90 78.40 5.21 75.85
CA VAL A 90 79.62 4.51 76.22
C VAL A 90 79.66 4.12 77.70
N ILE A 91 79.05 4.91 78.58
CA ILE A 91 79.09 4.67 80.01
C ILE A 91 77.66 4.57 80.53
N PRO A 92 77.31 3.49 81.24
CA PRO A 92 75.96 3.41 81.80
C PRO A 92 75.82 4.32 83.01
N PRO A 93 74.60 4.76 83.32
CA PRO A 93 74.42 5.65 84.48
C PRO A 93 74.67 4.91 85.79
N ASN A 94 75.44 5.56 86.67
CA ASN A 94 75.77 5.04 88.00
C ASN A 94 76.46 3.68 87.90
N ALA A 95 77.73 3.75 87.53
CA ALA A 95 78.56 2.55 87.39
C ALA A 95 80.00 2.90 87.71
N THR A 96 80.74 1.92 88.21
CA THR A 96 82.14 2.12 88.54
C THR A 96 82.99 2.14 87.28
N LEU A 97 83.97 3.05 87.24
CA LEU A 97 84.86 3.21 86.10
C LEU A 97 86.28 2.93 86.57
N ILE A 98 86.85 1.83 86.10
CA ILE A 98 88.22 1.43 86.44
C ILE A 98 89.13 1.83 85.29
N PHE A 99 90.13 2.65 85.59
CA PHE A 99 91.06 3.17 84.58
C PHE A 99 92.44 2.59 84.86
N ASP A 100 92.84 1.61 84.05
CA ASP A 100 94.19 1.05 84.13
C ASP A 100 95.14 2.00 83.40
N VAL A 101 95.91 2.76 84.16
CA VAL A 101 96.74 3.84 83.61
C VAL A 101 98.20 3.41 83.70
N GLU A 102 98.92 3.55 82.59
CA GLU A 102 100.36 3.29 82.51
C GLU A 102 101.05 4.61 82.20
N LEU A 103 101.73 5.18 83.19
CA LEU A 103 102.38 6.47 83.02
C LEU A 103 103.54 6.37 82.03
N LEU A 104 103.94 7.53 81.51
CA LEU A 104 105.03 7.62 80.56
C LEU A 104 105.78 8.93 80.82
N ASN A 105 106.65 9.30 79.88
CA ASN A 105 107.42 10.53 80.01
C ASN A 105 106.51 11.74 79.86
N LEU A 106 106.85 12.81 80.58
CA LEU A 106 106.08 14.04 80.54
C LEU A 106 106.34 14.81 79.23
N GLN B 1 16.31 -23.99 21.49
CA GLN B 1 17.51 -24.24 20.69
C GLN B 1 18.40 -25.29 21.36
N PHE B 2 19.65 -25.34 20.94
CA PHE B 2 20.63 -26.28 21.48
C PHE B 2 21.73 -25.49 22.19
N LEU B 3 22.06 -25.91 23.40
CA LEU B 3 23.11 -25.24 24.17
C LEU B 3 24.47 -25.60 23.60
N ARG B 4 25.39 -24.64 23.64
CA ARG B 4 26.75 -24.80 23.15
C ARG B 4 27.74 -24.49 24.27
N THR B 5 29.02 -24.74 23.99
CA THR B 5 30.06 -24.46 24.95
C THR B 5 30.27 -22.96 25.09
N ASP B 6 31.09 -22.58 26.07
CA ASP B 6 31.39 -21.18 26.37
C ASP B 6 30.12 -20.39 26.68
N ASP B 7 29.17 -21.06 27.34
CA ASP B 7 27.90 -20.45 27.72
C ASP B 7 27.57 -20.82 29.15
N GLU B 8 26.92 -19.88 29.85
CA GLU B 8 26.57 -20.07 31.25
C GLU B 8 25.27 -20.86 31.36
N VAL B 9 25.32 -22.00 32.07
CA VAL B 9 24.15 -22.83 32.30
C VAL B 9 23.99 -23.06 33.79
N VAL B 10 22.81 -23.51 34.18
CA VAL B 10 22.49 -23.77 35.57
C VAL B 10 22.08 -25.22 35.73
N LEU B 11 22.31 -25.77 36.92
CA LEU B 11 21.95 -27.14 37.25
C LEU B 11 20.91 -27.12 38.36
N GLN B 12 19.84 -27.90 38.19
CA GLN B 12 18.77 -27.95 39.17
C GLN B 12 18.09 -29.32 39.09
N CYS B 13 17.28 -29.60 40.11
CA CYS B 13 16.56 -30.86 40.21
C CYS B 13 15.19 -30.58 40.83
N ASN B 14 14.38 -31.64 40.93
CA ASN B 14 13.04 -31.54 41.49
C ASN B 14 12.89 -32.55 42.62
N ALA B 15 12.21 -32.14 43.69
CA ALA B 15 11.98 -33.00 44.84
C ALA B 15 10.81 -32.45 45.64
N THR B 16 10.12 -33.35 46.34
CA THR B 16 8.96 -33.00 47.17
C THR B 16 9.17 -33.64 48.54
N VAL B 17 9.85 -32.92 49.44
CA VAL B 17 10.12 -33.40 50.79
C VAL B 17 8.96 -32.96 51.66
N LEU B 18 7.89 -33.76 51.65
CA LEU B 18 6.68 -33.49 52.45
C LEU B 18 6.10 -32.12 52.15
N LYS B 19 6.17 -31.72 50.88
CA LYS B 19 5.66 -30.42 50.45
C LYS B 19 5.35 -30.50 48.96
N GLU B 20 5.06 -29.35 48.36
CA GLU B 20 4.76 -29.30 46.93
C GLU B 20 6.04 -29.45 46.11
N GLN B 21 5.88 -29.47 44.79
CA GLN B 21 7.01 -29.62 43.90
C GLN B 21 7.85 -28.35 43.91
N LEU B 22 9.14 -28.50 44.24
CA LEU B 22 10.06 -27.38 44.31
C LEU B 22 11.32 -27.70 43.51
N LYS B 23 12.11 -26.66 43.24
CA LYS B 23 13.36 -26.78 42.49
C LYS B 23 14.54 -26.45 43.39
N LEU B 24 15.58 -27.26 43.33
CA LEU B 24 16.79 -27.09 44.11
C LEU B 24 17.93 -26.68 43.18
N CYS B 25 18.41 -25.45 43.33
CA CYS B 25 19.48 -24.92 42.50
C CYS B 25 20.83 -25.15 43.20
N LEU B 26 21.74 -25.82 42.52
CA LEU B 26 23.07 -26.06 43.07
C LEU B 26 23.91 -24.80 42.99
N ALA B 27 24.58 -24.46 44.08
CA ALA B 27 25.40 -23.26 44.15
C ALA B 27 26.58 -23.50 45.08
N ALA B 28 27.63 -22.71 44.88
CA ALA B 28 28.83 -22.78 45.70
C ALA B 28 29.32 -21.36 45.99
N GLU B 29 29.67 -21.10 47.25
CA GLU B 29 30.11 -19.76 47.62
C GLU B 29 31.47 -19.44 46.99
N GLY B 30 32.47 -20.28 47.24
CA GLY B 30 33.79 -20.05 46.71
C GLY B 30 34.59 -19.05 47.52
N PHE B 31 35.92 -19.17 47.47
CA PHE B 31 36.83 -18.29 48.20
C PHE B 31 36.54 -18.32 49.70
N GLY B 32 36.67 -19.52 50.27
CA GLY B 32 36.44 -19.70 51.69
C GLY B 32 35.61 -20.92 52.02
N ASN B 33 34.69 -21.28 51.13
CA ASN B 33 33.82 -22.43 51.31
C ASN B 33 33.96 -23.36 50.11
N ARG B 34 34.31 -24.61 50.36
CA ARG B 34 34.47 -25.61 49.32
C ARG B 34 33.21 -26.44 49.10
N LEU B 35 32.55 -26.87 50.17
CA LEU B 35 31.33 -27.67 50.05
C LEU B 35 30.21 -26.82 49.45
N CYS B 36 29.38 -27.46 48.63
CA CYS B 36 28.28 -26.79 47.97
C CYS B 36 27.00 -26.92 48.79
N PHE B 37 26.04 -26.05 48.48
CA PHE B 37 24.74 -26.04 49.14
C PHE B 37 23.65 -25.81 48.10
N LEU B 38 22.41 -25.96 48.55
CA LEU B 38 21.25 -25.83 47.67
C LEU B 38 20.44 -24.60 48.09
N GLU B 39 20.13 -23.74 47.11
CA GLU B 39 19.34 -22.54 47.35
C GLU B 39 17.97 -22.69 46.69
N PRO B 40 16.87 -22.60 47.44
CA PRO B 40 15.56 -22.78 46.82
C PRO B 40 15.20 -21.59 45.94
N THR B 41 14.61 -21.89 44.78
CA THR B 41 14.20 -20.87 43.83
C THR B 41 12.69 -20.85 43.59
N SER B 42 11.92 -21.70 44.29
CA SER B 42 10.47 -21.72 44.08
C SER B 42 9.81 -20.48 44.65
N ASN B 43 10.20 -20.08 45.86
CA ASN B 43 9.65 -18.88 46.51
C ASN B 43 10.41 -17.64 46.06
N ALA B 44 10.43 -17.44 44.74
CA ALA B 44 11.13 -16.30 44.16
C ALA B 44 10.32 -15.01 44.22
N GLN B 45 9.01 -15.10 44.48
CA GLN B 45 8.19 -13.90 44.54
C GLN B 45 8.49 -13.10 45.80
N ASN B 46 8.58 -13.77 46.95
CA ASN B 46 8.85 -13.08 48.21
C ASN B 46 10.34 -12.78 48.37
N VAL B 47 11.18 -13.79 48.18
CA VAL B 47 12.63 -13.67 48.33
C VAL B 47 13.27 -13.96 46.98
N PRO B 48 13.99 -13.03 46.37
CA PRO B 48 14.62 -13.29 45.07
C PRO B 48 15.75 -14.29 45.21
N PRO B 49 15.90 -15.19 44.25
CA PRO B 49 16.96 -16.20 44.33
C PRO B 49 18.33 -15.59 44.06
N ASP B 50 19.36 -16.25 44.60
CA ASP B 50 20.74 -15.84 44.44
C ASP B 50 21.35 -16.61 43.27
N LEU B 51 21.35 -16.00 42.10
CA LEU B 51 21.88 -16.62 40.89
C LEU B 51 23.30 -16.17 40.57
N ALA B 52 23.97 -15.51 41.51
CA ALA B 52 25.32 -15.00 41.27
C ALA B 52 26.41 -16.03 41.53
N ILE B 53 26.13 -17.05 42.34
CA ILE B 53 27.13 -18.05 42.67
C ILE B 53 26.63 -19.45 42.31
N CYS B 54 25.77 -19.52 41.30
CA CYS B 54 25.21 -20.80 40.86
C CYS B 54 25.41 -21.08 39.38
N CYS B 55 25.62 -20.08 38.53
CA CYS B 55 25.76 -20.31 37.11
C CYS B 55 27.09 -20.99 36.80
N PHE B 56 27.05 -21.98 35.90
CA PHE B 56 28.22 -22.73 35.49
C PHE B 56 28.43 -22.57 33.99
N VAL B 57 29.67 -22.41 33.58
CA VAL B 57 30.02 -22.24 32.18
C VAL B 57 30.75 -23.49 31.71
N LEU B 58 30.62 -23.77 30.41
CA LEU B 58 31.26 -24.93 29.79
C LEU B 58 32.57 -24.49 29.12
N GLU B 59 33.60 -25.30 29.30
CA GLU B 59 34.92 -25.02 28.74
C GLU B 59 35.31 -25.99 27.63
N GLN B 60 35.28 -27.29 27.90
CA GLN B 60 35.64 -28.30 26.92
C GLN B 60 34.59 -29.39 26.87
N SER B 61 34.39 -29.96 25.69
CA SER B 61 33.44 -31.04 25.48
C SER B 61 34.06 -32.03 24.51
N LEU B 62 34.68 -33.08 25.03
CA LEU B 62 35.36 -34.09 24.23
C LEU B 62 34.97 -35.47 24.72
N SER B 63 35.28 -36.47 23.90
CA SER B 63 34.93 -37.85 24.21
C SER B 63 35.75 -38.37 25.38
N VAL B 64 35.31 -39.50 25.94
CA VAL B 64 35.99 -40.07 27.09
C VAL B 64 37.34 -40.64 26.69
N ARG B 65 37.45 -41.24 25.51
CA ARG B 65 38.73 -41.77 25.05
C ARG B 65 39.73 -40.64 24.81
N ALA B 66 39.28 -39.57 24.14
CA ALA B 66 40.14 -38.41 23.95
C ALA B 66 40.50 -37.76 25.28
N LEU B 67 39.57 -37.77 26.24
CA LEU B 67 39.86 -37.24 27.57
C LEU B 67 40.96 -38.04 28.25
N GLN B 68 40.87 -39.37 28.19
CA GLN B 68 41.90 -40.21 28.78
C GLN B 68 43.24 -40.03 28.07
N GLU B 69 43.21 -39.87 26.75
CA GLU B 69 44.45 -39.67 26.01
C GLU B 69 45.09 -38.33 26.34
N MET B 70 44.29 -37.30 26.57
CA MET B 70 44.82 -36.00 26.95
C MET B 70 45.34 -36.01 28.38
N LEU B 71 44.67 -36.76 29.27
CA LEU B 71 45.13 -36.84 30.65
C LEU B 71 46.41 -37.65 30.77
N ALA B 72 46.55 -38.71 29.98
CA ALA B 72 47.75 -39.53 30.03
C ALA B 72 48.93 -38.87 29.33
N ASN B 73 48.70 -37.84 28.53
CA ASN B 73 49.77 -37.16 27.82
C ASN B 73 49.43 -35.69 27.57
N GLY B 74 34.59 -20.89 17.29
CA GLY B 74 34.45 -22.34 17.33
C GLY B 74 33.79 -22.85 18.60
N HIS B 75 32.54 -23.29 18.47
CA HIS B 75 31.77 -23.81 19.59
C HIS B 75 31.27 -25.20 19.24
N ARG B 76 31.78 -26.21 19.93
CA ARG B 76 31.40 -27.59 19.68
C ARG B 76 30.09 -27.90 20.40
N THR B 77 29.23 -28.69 19.74
CA THR B 77 27.98 -29.10 20.34
C THR B 77 28.21 -30.16 21.41
N LEU B 78 27.24 -30.31 22.30
CA LEU B 78 27.32 -31.27 23.38
C LEU B 78 26.65 -32.57 22.96
N LEU B 79 27.32 -33.70 23.20
CA LEU B 79 26.80 -35.01 22.84
C LEU B 79 26.79 -35.91 24.08
N TYR B 80 25.90 -36.88 24.07
CA TYR B 80 25.83 -37.84 25.17
C TYR B 80 27.06 -38.74 25.18
N GLY B 81 27.49 -39.11 26.38
CA GLY B 81 28.66 -39.94 26.56
C GLY B 81 29.96 -39.19 26.67
N HIS B 82 29.98 -37.91 26.32
CA HIS B 82 31.18 -37.09 26.41
C HIS B 82 31.27 -36.46 27.79
N ALA B 83 32.35 -35.71 28.02
CA ALA B 83 32.60 -35.06 29.30
C ALA B 83 32.45 -33.54 29.15
N ILE B 84 32.17 -32.89 30.28
CA ILE B 84 32.01 -31.45 30.33
C ILE B 84 32.81 -30.90 31.51
N LEU B 85 33.36 -29.70 31.34
CA LEU B 85 34.16 -29.04 32.37
C LEU B 85 33.34 -27.90 32.95
N LEU B 86 32.65 -28.16 34.05
CA LEU B 86 31.83 -27.15 34.71
C LEU B 86 32.73 -26.18 35.45
N ARG B 87 32.76 -24.93 34.99
CA ARG B 87 33.59 -23.88 35.59
C ARG B 87 32.69 -22.81 36.18
N HIS B 88 33.01 -22.40 37.40
CA HIS B 88 32.24 -21.34 38.06
C HIS B 88 32.54 -20.00 37.41
N ALA B 89 31.48 -19.21 37.19
CA ALA B 89 31.62 -17.91 36.53
C ALA B 89 32.17 -16.84 37.46
N HIS B 90 32.09 -17.03 38.77
CA HIS B 90 32.57 -16.03 39.73
C HIS B 90 33.95 -16.39 40.29
N SER B 91 34.08 -17.58 40.87
CA SER B 91 35.35 -17.99 41.45
C SER B 91 36.34 -18.52 40.42
N GLY B 92 35.85 -19.03 39.30
CA GLY B 92 36.73 -19.56 38.28
C GLY B 92 37.34 -20.91 38.62
N MET B 93 36.62 -21.75 39.37
CA MET B 93 37.09 -23.07 39.75
C MET B 93 36.29 -24.13 39.01
N TYR B 94 36.80 -25.36 39.07
CA TYR B 94 36.18 -26.50 38.43
C TYR B 94 35.48 -27.38 39.46
N LEU B 95 34.43 -28.06 39.03
CA LEU B 95 33.65 -28.93 39.91
C LEU B 95 34.29 -30.32 39.94
N SER B 96 34.48 -30.85 41.14
CA SER B 96 35.10 -32.16 41.32
C SER B 96 34.63 -32.73 42.66
N CYS B 97 35.28 -33.80 43.09
CA CYS B 97 34.97 -34.47 44.35
C CYS B 97 36.20 -34.46 45.23
N LEU B 98 36.02 -34.06 46.49
CA LEU B 98 37.11 -34.02 47.46
C LEU B 98 37.30 -35.40 48.06
N THR B 99 38.14 -35.49 49.10
CA THR B 99 38.42 -36.75 49.78
C THR B 99 37.62 -36.93 51.06
N THR B 100 36.85 -35.92 51.47
CA THR B 100 36.06 -36.03 52.68
C THR B 100 34.89 -37.00 52.49
N SER B 101 34.27 -37.38 53.60
CA SER B 101 33.15 -38.30 53.61
C SER B 101 32.03 -37.76 54.48
N ARG B 102 31.76 -36.46 54.39
CA ARG B 102 30.71 -35.82 55.17
C ARG B 102 29.37 -36.08 54.48
N SER B 103 28.75 -37.21 54.82
CA SER B 103 27.48 -37.61 54.23
C SER B 103 26.53 -38.06 55.34
N MET B 104 25.31 -38.41 54.95
CA MET B 104 24.28 -38.85 55.88
C MET B 104 24.46 -40.34 56.12
N THR B 105 25.25 -40.68 57.15
CA THR B 105 25.60 -42.05 57.55
C THR B 105 25.72 -42.99 56.36
N ASP B 106 26.44 -42.53 55.33
CA ASP B 106 26.69 -43.31 54.13
C ASP B 106 28.18 -43.63 54.04
N LYS B 107 28.49 -44.91 53.84
CA LYS B 107 29.89 -45.34 53.79
C LYS B 107 30.48 -45.17 52.40
N LEU B 108 29.68 -45.40 51.35
CA LEU B 108 30.14 -45.35 49.97
C LEU B 108 29.79 -44.02 49.30
N ALA B 109 29.78 -42.94 50.05
CA ALA B 109 29.44 -41.62 49.52
C ALA B 109 30.67 -40.73 49.48
N PHE B 110 30.56 -39.65 48.70
CA PHE B 110 31.63 -38.67 48.55
C PHE B 110 31.03 -37.27 48.48
N ASP B 111 31.84 -36.29 48.86
CA ASP B 111 31.40 -34.90 48.84
C ASP B 111 31.73 -34.24 47.50
N VAL B 112 30.97 -33.20 47.19
CA VAL B 112 31.16 -32.43 45.96
C VAL B 112 31.60 -31.02 46.32
N GLY B 113 32.52 -30.48 45.54
CA GLY B 113 33.03 -29.14 45.81
C GLY B 113 33.88 -28.65 44.66
N LEU B 114 34.32 -27.40 44.78
CA LEU B 114 35.14 -26.79 43.76
C LEU B 114 36.61 -27.13 43.99
N GLN B 115 37.44 -26.81 42.99
CA GLN B 115 38.87 -27.09 43.06
C GLN B 115 39.58 -26.20 42.05
N GLU B 116 40.71 -25.64 42.46
CA GLU B 116 41.51 -24.76 41.61
C GLU B 116 42.72 -25.46 41.01
N ASP B 117 42.90 -26.75 41.27
CA ASP B 117 44.04 -27.47 40.72
C ASP B 117 43.95 -27.67 39.22
N ALA B 118 42.74 -27.59 38.65
CA ALA B 118 42.52 -27.75 37.22
C ALA B 118 43.04 -29.09 36.72
N THR B 119 42.91 -30.12 37.55
CA THR B 119 43.37 -31.45 37.18
C THR B 119 42.45 -32.05 36.12
N GLY B 120 43.04 -32.47 35.01
CA GLY B 120 42.27 -33.06 33.91
C GLY B 120 42.05 -34.55 34.06
N GLU B 121 41.94 -35.02 35.31
CA GLU B 121 41.71 -36.43 35.59
C GLU B 121 40.58 -36.70 36.57
N ALA B 122 40.19 -35.72 37.41
CA ALA B 122 39.14 -35.95 38.38
C ALA B 122 38.16 -34.77 38.47
N CYS B 123 38.16 -33.89 37.47
CA CYS B 123 37.29 -32.72 37.47
C CYS B 123 36.33 -32.71 36.28
N TRP B 124 36.04 -33.88 35.72
CA TRP B 124 35.15 -34.00 34.58
C TRP B 124 33.89 -34.76 34.97
N TRP B 125 32.86 -34.61 34.13
CA TRP B 125 31.57 -35.25 34.36
C TRP B 125 30.99 -35.71 33.03
N THR B 126 30.65 -36.99 32.94
CA THR B 126 30.07 -37.56 31.74
C THR B 126 28.56 -37.61 31.87
N THR B 127 27.86 -37.29 30.79
CA THR B 127 26.41 -37.24 30.78
C THR B 127 25.84 -38.45 30.05
N HIS B 128 24.77 -39.02 30.60
CA HIS B 128 24.08 -40.17 30.04
C HIS B 128 22.59 -39.90 29.96
N PRO B 129 21.92 -40.45 28.95
CA PRO B 129 20.47 -40.23 28.84
C PRO B 129 19.71 -41.00 29.91
N ALA B 130 18.84 -40.30 30.63
CA ALA B 130 18.07 -40.94 31.70
C ALA B 130 16.93 -41.78 31.12
N SER B 131 16.07 -41.16 30.30
CA SER B 131 14.96 -41.88 29.69
C SER B 131 15.44 -42.70 28.50
N LYS B 132 14.71 -43.78 28.21
CA LYS B 132 15.05 -44.67 27.11
C LYS B 132 14.62 -44.12 25.75
N GLN B 133 13.95 -42.97 25.71
CA GLN B 133 13.52 -42.40 24.44
C GLN B 133 14.65 -41.70 23.69
N ARG B 134 15.74 -41.36 24.37
CA ARG B 134 16.87 -40.73 23.74
C ARG B 134 17.88 -41.78 23.29
N SER B 135 18.93 -41.34 22.60
CA SER B 135 19.96 -42.22 22.09
C SER B 135 21.32 -41.55 22.24
N GLU B 136 22.37 -42.37 22.24
CA GLU B 136 23.73 -41.88 22.37
C GLU B 136 24.18 -41.28 21.05
N GLY B 137 24.58 -40.00 21.08
CA GLY B 137 25.02 -39.29 19.90
C GLY B 137 24.10 -38.17 19.45
N GLU B 138 22.98 -37.96 20.14
CA GLU B 138 22.03 -36.90 19.80
C GLU B 138 22.31 -35.66 20.63
N LYS B 139 22.05 -34.50 20.03
CA LYS B 139 22.23 -33.24 20.74
C LYS B 139 21.24 -33.14 21.89
N VAL B 140 21.69 -32.58 23.00
CA VAL B 140 20.86 -32.45 24.19
C VAL B 140 19.90 -31.29 24.02
N ARG B 141 18.64 -31.51 24.38
CA ARG B 141 17.61 -30.47 24.29
C ARG B 141 17.69 -29.59 25.53
N VAL B 142 16.71 -28.71 25.69
CA VAL B 142 16.63 -27.81 26.84
C VAL B 142 15.44 -28.25 27.68
N GLY B 143 15.73 -28.71 28.90
CA GLY B 143 14.71 -29.17 29.83
C GLY B 143 14.63 -30.68 29.99
N ASP B 144 15.38 -31.44 29.19
CA ASP B 144 15.34 -32.89 29.29
C ASP B 144 16.10 -33.36 30.53
N ASP B 145 15.78 -34.58 30.96
CA ASP B 145 16.42 -35.15 32.14
C ASP B 145 17.84 -35.58 31.83
N LEU B 146 18.78 -35.18 32.68
CA LEU B 146 20.18 -35.51 32.52
C LEU B 146 20.74 -36.00 33.86
N ILE B 147 21.80 -36.81 33.77
CA ILE B 147 22.51 -37.32 34.95
C ILE B 147 23.99 -37.08 34.76
N LEU B 148 24.68 -36.84 35.88
CA LEU B 148 26.11 -36.58 35.89
C LEU B 148 26.85 -37.77 36.49
N VAL B 149 27.90 -38.22 35.82
CA VAL B 149 28.69 -39.36 36.24
C VAL B 149 30.14 -38.91 36.42
N SER B 150 30.74 -39.29 37.55
CA SER B 150 32.13 -38.95 37.80
C SER B 150 33.05 -39.85 36.97
N VAL B 151 34.27 -39.35 36.74
CA VAL B 151 35.25 -40.06 35.93
C VAL B 151 36.24 -40.78 36.85
N SER B 152 36.59 -40.15 37.96
CA SER B 152 37.56 -40.71 38.88
C SER B 152 36.95 -41.70 39.87
N SER B 153 35.68 -41.53 40.22
CA SER B 153 35.01 -42.40 41.17
C SER B 153 33.84 -43.18 40.58
N GLU B 154 33.41 -42.86 39.36
CA GLU B 154 32.30 -43.55 38.70
C GLU B 154 31.03 -43.49 39.55
N ARG B 155 30.78 -42.33 40.15
CA ARG B 155 29.62 -42.12 41.02
C ARG B 155 28.70 -41.08 40.42
N TYR B 156 27.48 -41.05 40.91
CA TYR B 156 26.44 -40.14 40.43
C TYR B 156 26.25 -38.98 41.39
N LEU B 157 25.57 -37.94 40.92
CA LEU B 157 25.25 -36.77 41.71
C LEU B 157 23.75 -36.76 41.98
N HIS B 158 23.37 -37.03 43.22
CA HIS B 158 21.97 -37.10 43.62
C HIS B 158 21.76 -36.27 44.88
N LEU B 159 20.50 -36.21 45.32
CA LEU B 159 20.13 -35.48 46.52
C LEU B 159 19.99 -36.43 47.70
N SER B 160 20.29 -35.91 48.89
CA SER B 160 20.23 -36.69 50.13
C SER B 160 19.25 -36.02 51.08
N THR B 161 18.10 -36.65 51.29
CA THR B 161 17.09 -36.15 52.21
C THR B 161 17.07 -36.91 53.54
N ALA B 162 18.13 -37.67 53.83
CA ALA B 162 18.18 -38.41 55.08
C ALA B 162 18.42 -37.49 56.28
N SER B 163 19.08 -36.35 56.06
CA SER B 163 19.34 -35.40 57.12
C SER B 163 18.19 -34.40 57.22
N GLY B 164 18.36 -33.37 58.05
CA GLY B 164 17.32 -32.37 58.19
C GLY B 164 17.26 -31.43 57.00
N GLU B 165 18.42 -31.01 56.50
CA GLU B 165 18.49 -30.11 55.36
C GLU B 165 18.57 -30.91 54.06
N LEU B 166 18.71 -30.18 52.95
CA LEU B 166 18.80 -30.79 51.62
C LEU B 166 20.23 -30.61 51.12
N GLN B 167 20.97 -31.71 51.06
CA GLN B 167 22.37 -31.70 50.63
C GLN B 167 22.56 -32.70 49.49
N VAL B 168 23.43 -32.34 48.56
CA VAL B 168 23.76 -33.17 47.41
C VAL B 168 25.08 -33.87 47.68
N ASP B 169 25.12 -35.18 47.47
CA ASP B 169 26.31 -35.99 47.69
C ASP B 169 26.61 -36.80 46.44
N ALA B 170 27.79 -37.41 46.43
CA ALA B 170 28.24 -38.26 45.33
C ALA B 170 28.15 -39.72 45.76
N SER B 171 27.11 -40.41 45.32
CA SER B 171 26.90 -41.81 45.67
C SER B 171 26.56 -42.57 44.39
N PHE B 172 25.86 -43.70 44.55
CA PHE B 172 25.49 -44.55 43.42
C PHE B 172 24.04 -44.38 43.00
N MET B 173 23.22 -43.70 43.80
CA MET B 173 21.83 -43.46 43.41
C MET B 173 21.76 -42.43 42.31
N GLN B 174 20.81 -42.60 41.40
CA GLN B 174 20.66 -41.73 40.24
C GLN B 174 19.39 -40.90 40.37
N THR B 175 19.51 -39.61 40.05
CA THR B 175 18.38 -38.69 40.01
C THR B 175 18.51 -37.81 38.77
N LEU B 176 17.36 -37.46 38.18
CA LEU B 176 17.37 -36.61 37.01
C LEU B 176 17.74 -35.18 37.38
N TRP B 177 18.43 -34.51 36.45
CA TRP B 177 18.85 -33.13 36.63
C TRP B 177 18.45 -32.31 35.41
N ASN B 178 18.02 -31.08 35.65
CA ASN B 178 17.63 -30.17 34.59
C ASN B 178 18.75 -29.18 34.29
N MET B 179 18.64 -28.49 33.16
CA MET B 179 19.64 -27.52 32.75
C MET B 179 18.97 -26.41 31.96
N ASN B 180 19.19 -25.17 32.38
CA ASN B 180 18.63 -24.00 31.71
C ASN B 180 19.77 -23.05 31.35
N PRO B 181 19.88 -22.63 30.08
CA PRO B 181 20.93 -21.70 29.70
C PRO B 181 20.66 -20.30 30.25
N ILE B 182 21.67 -19.71 30.89
CA ILE B 182 21.54 -18.40 31.49
C ILE B 182 22.14 -17.35 30.56
N CYS B 183 23.43 -17.47 30.27
CA CYS B 183 24.14 -16.52 29.43
C CYS B 183 24.83 -17.26 28.31
N SER B 184 24.70 -16.73 27.09
CA SER B 184 25.34 -17.27 25.90
C SER B 184 26.23 -16.20 25.27
N GLY B 185 26.76 -16.51 24.10
CA GLY B 185 27.62 -15.58 23.39
C GLY B 185 26.88 -14.35 22.91
N CYS B 186 27.21 -13.20 23.49
CA CYS B 186 26.57 -11.94 23.16
C CYS B 186 27.60 -10.97 22.57
N GLU B 187 27.12 -10.06 21.74
CA GLU B 187 28.00 -9.08 21.10
C GLU B 187 28.42 -8.00 22.10
N GLU B 188 29.61 -7.45 21.88
CA GLU B 188 30.13 -6.42 22.75
C GLU B 188 29.39 -5.10 22.53
N GLY B 189 29.56 -4.18 23.48
CA GLY B 189 28.95 -2.88 23.39
C GLY B 189 27.45 -2.85 23.60
N TYR B 190 26.84 -3.97 23.97
CA TYR B 190 25.40 -4.06 24.17
C TYR B 190 25.13 -4.53 25.60
N VAL B 191 24.23 -3.83 26.30
CA VAL B 191 23.91 -4.18 27.68
C VAL B 191 23.08 -5.46 27.69
N THR B 192 23.47 -6.41 28.54
CA THR B 192 22.76 -7.67 28.70
C THR B 192 22.53 -7.93 30.18
N GLY B 193 21.66 -8.90 30.46
CA GLY B 193 21.36 -9.24 31.84
C GLY B 193 22.50 -9.97 32.52
N GLY B 194 22.59 -9.80 33.83
CA GLY B 194 23.61 -10.43 34.63
C GLY B 194 24.89 -9.66 34.78
N HIS B 195 25.10 -8.60 33.98
CA HIS B 195 26.32 -7.82 34.06
C HIS B 195 26.28 -6.91 35.28
N VAL B 196 27.46 -6.42 35.66
CA VAL B 196 27.63 -5.51 36.78
C VAL B 196 28.29 -4.24 36.25
N LEU B 197 27.51 -3.17 36.15
CA LEU B 197 27.97 -1.91 35.59
C LEU B 197 27.60 -0.77 36.54
N ARG B 198 27.99 0.44 36.16
CA ARG B 198 27.72 1.64 36.93
C ARG B 198 26.52 2.39 36.36
N LEU B 199 26.06 3.38 37.13
CA LEU B 199 24.92 4.22 36.75
C LEU B 199 25.35 5.68 36.86
N PHE B 200 25.93 6.20 35.78
CA PHE B 200 26.39 7.59 35.76
C PHE B 200 25.21 8.52 35.48
N HIS B 201 25.05 9.53 36.32
CA HIS B 201 23.97 10.50 36.19
C HIS B 201 24.55 11.85 35.80
N GLY B 202 24.10 12.38 34.67
CA GLY B 202 24.56 13.67 34.19
C GLY B 202 25.74 13.56 33.24
N HIS B 203 26.07 14.70 32.63
CA HIS B 203 27.19 14.75 31.71
C HIS B 203 28.53 14.67 32.44
N MET B 204 28.57 15.12 33.69
CA MET B 204 29.80 15.08 34.47
C MET B 204 30.08 13.66 34.95
N ASP B 205 31.19 13.50 35.67
CA ASP B 205 31.59 12.19 36.18
C ASP B 205 30.95 11.92 37.55
N GLU B 206 29.61 11.94 37.55
CA GLU B 206 28.82 11.68 38.74
C GLU B 206 28.06 10.38 38.57
N CYS B 207 28.15 9.50 39.57
CA CYS B 207 27.52 8.20 39.53
C CYS B 207 26.61 8.01 40.74
N LEU B 208 25.70 7.06 40.61
CA LEU B 208 24.77 6.72 41.69
C LEU B 208 25.47 5.80 42.68
N THR B 209 25.71 6.28 43.90
CA THR B 209 26.42 5.53 44.91
C THR B 209 25.71 5.66 46.25
N ILE B 210 26.16 4.86 47.21
CA ILE B 210 25.65 4.88 48.57
C ILE B 210 26.79 5.30 49.50
N SER B 211 26.43 5.71 50.71
CA SER B 211 27.41 6.12 51.70
C SER B 211 28.37 4.96 52.01
N PRO B 212 29.58 5.27 52.46
CA PRO B 212 30.56 4.21 52.75
C PRO B 212 30.15 3.26 53.86
N ALA B 213 29.00 3.47 54.49
CA ALA B 213 28.47 2.60 55.54
C ALA B 213 29.40 2.49 56.74
N ASP B 214 30.23 3.51 56.97
CA ASP B 214 31.12 3.50 58.13
C ASP B 214 30.38 3.83 59.41
N SER B 215 29.31 4.62 59.33
CA SER B 215 28.53 4.99 60.50
C SER B 215 27.54 3.87 60.84
N ASP B 216 26.83 4.05 61.95
CA ASP B 216 25.85 3.07 62.40
C ASP B 216 24.51 3.18 61.68
N ASP B 217 24.37 4.13 60.76
CA ASP B 217 23.11 4.28 60.04
C ASP B 217 22.90 3.12 59.06
N GLN B 218 21.63 2.88 58.73
CA GLN B 218 21.30 1.80 57.80
C GLN B 218 21.73 2.11 56.38
N ARG B 219 21.91 3.38 56.03
CA ARG B 219 22.35 3.79 54.70
C ARG B 219 21.40 3.29 53.61
N ARG B 220 20.10 3.38 53.88
CA ARG B 220 19.09 2.95 52.92
C ARG B 220 18.77 4.01 51.88
N LEU B 221 19.27 5.23 52.05
CA LEU B 221 19.01 6.30 51.09
C LEU B 221 19.97 6.20 49.91
N VAL B 222 19.67 6.98 48.87
CA VAL B 222 20.47 7.03 47.66
C VAL B 222 21.10 8.42 47.55
N TYR B 223 22.41 8.46 47.38
CA TYR B 223 23.17 9.69 47.29
C TYR B 223 23.83 9.79 45.92
N TYR B 224 24.50 10.93 45.69
CA TYR B 224 25.21 11.18 44.44
C TYR B 224 26.50 11.94 44.74
N GLU B 225 27.62 11.39 44.29
CA GLU B 225 28.92 12.02 44.49
C GLU B 225 29.55 12.36 43.14
N GLY B 226 30.44 13.34 43.14
CA GLY B 226 31.07 13.80 41.92
C GLY B 226 32.15 12.89 41.40
N GLY B 227 33.25 13.49 40.91
CA GLY B 227 34.32 12.72 40.32
C GLY B 227 35.26 12.09 41.33
N SER B 228 34.73 11.24 42.19
CA SER B 228 35.54 10.53 43.18
C SER B 228 35.13 9.09 43.42
N VAL B 229 33.90 8.69 43.09
CA VAL B 229 33.45 7.31 43.29
C VAL B 229 33.64 6.45 42.05
N CYS B 230 34.26 6.98 41.00
CA CYS B 230 34.47 6.20 39.79
C CYS B 230 35.48 5.08 39.98
N THR B 231 36.28 5.13 41.03
CA THR B 231 37.27 4.10 41.32
C THR B 231 36.81 3.11 42.38
N HIS B 232 36.03 3.55 43.35
CA HIS B 232 35.58 2.68 44.43
C HIS B 232 34.60 1.62 43.89
N ALA B 233 34.25 0.68 44.76
CA ALA B 233 33.38 -0.42 44.40
C ALA B 233 31.92 -0.16 44.74
N ARG B 234 31.61 0.98 45.36
CA ARG B 234 30.23 1.30 45.71
C ARG B 234 29.39 1.72 44.51
N SER B 235 30.01 1.94 43.35
CA SER B 235 29.29 2.34 42.15
C SER B 235 28.87 1.16 41.29
N LEU B 236 29.07 -0.06 41.76
CA LEU B 236 28.74 -1.25 40.98
C LEU B 236 27.31 -1.69 41.28
N TRP B 237 26.59 -2.05 40.22
CA TRP B 237 25.22 -2.50 40.34
C TRP B 237 24.96 -3.62 39.33
N ARG B 238 24.27 -4.66 39.79
CA ARG B 238 23.98 -5.82 38.96
C ARG B 238 22.52 -5.77 38.49
N LEU B 239 22.31 -6.16 37.24
CA LEU B 239 20.98 -6.19 36.64
C LEU B 239 20.45 -7.62 36.61
N GLU B 240 19.19 -7.79 36.99
CA GLU B 240 18.57 -9.10 37.04
C GLU B 240 17.12 -9.01 36.59
N PRO B 241 16.73 -9.77 35.58
CA PRO B 241 15.35 -9.71 35.08
C PRO B 241 14.40 -10.47 36.00
N LEU B 242 13.12 -10.52 35.61
CA LEU B 242 12.11 -11.19 36.42
C LEU B 242 12.19 -12.70 36.26
N ARG B 243 12.17 -13.19 35.02
CA ARG B 243 12.21 -14.62 34.78
C ARG B 243 13.59 -15.20 35.10
N ILE B 244 13.61 -16.50 35.37
CA ILE B 244 14.86 -17.17 35.71
C ILE B 244 15.54 -17.75 34.47
N SER B 245 14.76 -18.23 33.50
CA SER B 245 15.34 -18.78 32.28
C SER B 245 15.73 -17.66 31.33
N TRP B 246 16.87 -17.85 30.65
CA TRP B 246 17.42 -16.85 29.73
C TRP B 246 17.59 -15.49 30.43
N SER B 247 18.15 -15.53 31.64
CA SER B 247 18.34 -14.30 32.42
C SER B 247 19.42 -13.41 31.82
N GLY B 248 20.36 -13.96 31.07
CA GLY B 248 21.43 -13.18 30.48
C GLY B 248 21.10 -12.64 29.11
N SER B 249 19.82 -12.63 28.75
CA SER B 249 19.40 -12.11 27.47
C SER B 249 19.54 -10.59 27.43
N HIS B 250 19.47 -10.03 26.22
CA HIS B 250 19.58 -8.59 26.06
C HIS B 250 18.35 -7.90 26.62
N LEU B 251 18.57 -6.93 27.51
CA LEU B 251 17.48 -6.20 28.15
C LEU B 251 16.92 -5.20 27.16
N ARG B 252 15.88 -5.62 26.43
CA ARG B 252 15.25 -4.75 25.45
C ARG B 252 14.38 -3.70 26.14
N TRP B 253 14.01 -2.68 25.38
CA TRP B 253 13.18 -1.59 25.90
C TRP B 253 11.77 -2.10 26.16
N GLY B 254 11.37 -2.15 27.44
CA GLY B 254 10.05 -2.61 27.80
C GLY B 254 10.05 -3.97 28.45
N GLN B 255 11.08 -4.26 29.26
CA GLN B 255 11.19 -5.53 29.96
C GLN B 255 11.34 -5.26 31.45
N PRO B 256 10.61 -5.95 32.31
CA PRO B 256 10.74 -5.71 33.75
C PRO B 256 12.03 -6.33 34.30
N LEU B 257 12.68 -5.59 35.19
CA LEU B 257 13.93 -6.04 35.80
C LEU B 257 14.06 -5.41 37.18
N ARG B 258 14.91 -6.02 38.00
CA ARG B 258 15.17 -5.56 39.35
C ARG B 258 16.65 -5.22 39.48
N ILE B 259 16.95 -4.01 39.95
CA ILE B 259 18.32 -3.57 40.12
C ILE B 259 18.86 -4.13 41.44
N ARG B 260 20.07 -4.70 41.38
CA ARG B 260 20.70 -5.32 42.53
C ARG B 260 22.08 -4.74 42.73
N HIS B 261 22.46 -4.53 43.99
CA HIS B 261 23.78 -4.04 44.36
C HIS B 261 24.65 -5.20 44.83
N VAL B 262 25.89 -5.23 44.35
CA VAL B 262 26.80 -6.31 44.71
C VAL B 262 27.60 -5.98 45.97
N THR B 263 27.78 -4.70 46.27
CA THR B 263 28.56 -4.30 47.44
C THR B 263 27.72 -4.18 48.71
N THR B 264 26.40 -4.00 48.57
CA THR B 264 25.51 -3.93 49.72
C THR B 264 24.70 -5.20 49.95
N GLY B 265 24.41 -5.94 48.88
CA GLY B 265 23.66 -7.17 49.02
C GLY B 265 22.18 -6.98 49.29
N ARG B 266 21.55 -6.00 48.65
CA ARG B 266 20.15 -5.72 48.86
C ARG B 266 19.58 -5.11 47.57
N TYR B 267 18.33 -4.66 47.64
CA TYR B 267 17.65 -4.09 46.49
C TYR B 267 17.04 -2.74 46.87
N LEU B 268 16.92 -1.86 45.89
CA LEU B 268 16.30 -0.56 46.07
C LEU B 268 14.96 -0.55 45.34
N ALA B 269 13.96 0.04 45.99
CA ALA B 269 12.60 0.09 45.43
C ALA B 269 11.80 1.11 46.21
N LEU B 270 10.75 1.62 45.58
CA LEU B 270 9.84 2.57 46.20
C LEU B 270 8.80 1.81 47.01
N ILE B 271 8.86 1.95 48.33
CA ILE B 271 7.94 1.27 49.23
C ILE B 271 7.02 2.31 49.85
N GLU B 272 5.84 1.84 50.29
CA GLU B 272 4.86 2.72 50.92
C GLU B 272 5.25 3.15 52.33
N ASP B 273 6.34 2.62 52.87
CA ASP B 273 6.77 2.95 54.22
C ASP B 273 7.66 4.19 54.27
N GLN B 274 8.74 4.19 53.49
CA GLN B 274 9.69 5.30 53.48
C GLN B 274 10.10 5.71 52.07
N GLY B 275 9.25 5.45 51.08
CA GLY B 275 9.59 5.80 49.71
C GLY B 275 10.61 4.84 49.13
N LEU B 276 11.52 5.40 48.32
CA LEU B 276 12.60 4.62 47.72
C LEU B 276 13.71 4.43 48.76
N VAL B 277 13.91 3.18 49.18
CA VAL B 277 14.91 2.82 50.18
C VAL B 277 15.56 1.51 49.78
N VAL B 278 16.75 1.28 50.31
CA VAL B 278 17.47 0.03 50.10
C VAL B 278 16.89 -1.01 51.05
N VAL B 279 16.24 -2.03 50.49
CA VAL B 279 15.58 -3.08 51.26
C VAL B 279 16.26 -4.41 50.97
N ASP B 280 16.43 -5.22 52.01
CA ASP B 280 17.05 -6.53 51.85
C ASP B 280 16.13 -7.46 51.06
N ALA B 281 16.71 -8.59 50.64
CA ALA B 281 15.96 -9.56 49.84
C ALA B 281 14.84 -10.23 50.63
N SER B 282 14.93 -10.25 51.96
CA SER B 282 13.90 -10.90 52.76
C SER B 282 12.62 -10.06 52.78
N LYS B 283 12.74 -8.77 53.09
CA LYS B 283 11.58 -7.89 53.19
C LYS B 283 11.07 -7.42 51.83
N ALA B 284 11.85 -7.61 50.76
CA ALA B 284 11.44 -7.14 49.45
C ALA B 284 10.36 -8.06 48.88
N HIS B 285 9.91 -7.73 47.65
CA HIS B 285 8.89 -8.52 46.98
C HIS B 285 9.05 -8.44 45.47
N THR B 286 7.93 -8.47 44.74
CA THR B 286 7.98 -8.46 43.28
C THR B 286 7.02 -7.42 42.72
N LYS B 287 5.97 -7.09 43.48
CA LYS B 287 4.96 -6.16 42.99
C LYS B 287 5.53 -4.76 42.78
N ALA B 288 6.07 -4.16 43.84
CA ALA B 288 6.58 -2.79 43.81
C ALA B 288 8.10 -2.76 43.95
N THR B 289 8.79 -3.72 43.33
CA THR B 289 10.24 -3.77 43.36
C THR B 289 10.90 -3.84 41.99
N SER B 290 10.16 -4.16 40.93
CA SER B 290 10.72 -4.26 39.60
C SER B 290 10.72 -2.90 38.90
N PHE B 291 11.63 -2.74 37.95
CA PHE B 291 11.74 -1.51 37.19
C PHE B 291 11.75 -1.78 35.70
N CYS B 292 11.95 -0.74 34.89
CA CYS B 292 11.99 -0.89 33.45
C CYS B 292 12.83 0.23 32.85
N PHE B 293 13.31 -0.01 31.63
CA PHE B 293 14.15 0.94 30.90
C PHE B 293 13.35 1.48 29.72
N ARG B 294 12.77 2.67 29.88
CA ARG B 294 12.00 3.30 28.82
C ARG B 294 12.92 4.13 27.92
N ILE B 295 12.35 4.59 26.81
CA ILE B 295 13.11 5.40 25.85
C ILE B 295 13.09 6.88 26.25
N SER B 296 11.99 7.35 26.80
CA SER B 296 11.86 8.75 27.21
C SER B 296 10.75 8.84 28.25
N LYS B 297 10.51 10.05 28.74
CA LYS B 297 9.49 10.30 29.75
C LYS B 297 8.15 10.48 29.05
N GLU B 298 7.44 9.37 28.84
CA GLU B 298 6.14 9.38 28.19
C GLU B 298 5.24 8.37 28.90
N LYS B 299 4.07 8.11 28.32
CA LYS B 299 3.13 7.17 28.88
C LYS B 299 3.48 5.75 28.43
N LEU B 300 2.60 4.81 28.71
CA LEU B 300 2.82 3.41 28.34
C LEU B 300 2.58 3.20 26.85
N LYS B 301 3.98 -7.05 25.80
CA LYS B 301 5.23 -7.73 26.08
C LYS B 301 5.39 -8.97 25.20
N ARG B 302 6.53 -9.07 24.52
CA ARG B 302 6.79 -10.21 23.65
C ARG B 302 7.18 -11.44 24.46
N ASP B 303 8.28 -11.33 25.23
CA ASP B 303 8.81 -12.41 26.06
C ASP B 303 9.10 -13.65 25.22
N VAL B 304 10.15 -13.54 24.41
CA VAL B 304 10.60 -14.60 23.52
C VAL B 304 11.91 -15.17 24.08
N GLU B 305 12.05 -16.49 24.00
CA GLU B 305 13.26 -17.14 24.48
C GLU B 305 14.44 -16.85 23.55
N GLY B 306 15.64 -17.05 24.08
CA GLY B 306 16.86 -16.80 23.33
C GLY B 306 17.43 -15.42 23.58
N MET B 307 18.26 -14.99 22.63
CA MET B 307 18.89 -13.68 22.72
C MET B 307 17.90 -12.57 22.40
N GLY B 308 18.09 -11.43 23.04
CA GLY B 308 17.24 -10.29 22.83
C GLY B 308 17.72 -9.38 21.72
N PRO B 309 16.92 -8.38 21.36
CA PRO B 309 17.31 -7.45 20.30
C PRO B 309 18.47 -6.58 20.75
N PRO B 310 19.49 -6.40 19.91
CA PRO B 310 20.62 -5.54 20.28
C PRO B 310 20.31 -4.06 20.13
N GLU B 311 19.19 -3.61 20.70
CA GLU B 311 18.82 -2.21 20.59
C GLU B 311 19.59 -1.36 21.59
N ILE B 312 19.69 -1.81 22.83
CA ILE B 312 20.42 -1.07 23.86
C ILE B 312 21.91 -1.16 23.57
N LYS B 313 22.60 -0.02 23.68
CA LYS B 313 24.02 0.06 23.37
C LYS B 313 24.72 0.92 24.42
N TYR B 314 25.96 0.54 24.75
CA TYR B 314 26.74 1.30 25.70
C TYR B 314 27.17 2.64 25.10
N GLY B 315 27.49 3.58 25.98
CA GLY B 315 27.98 4.88 25.56
C GLY B 315 26.89 5.87 25.21
N GLU B 316 25.82 5.40 24.57
CA GLU B 316 24.72 6.24 24.14
C GLU B 316 23.38 5.66 24.60
N SER B 317 23.34 5.27 25.88
CA SER B 317 22.12 4.70 26.46
C SER B 317 21.07 5.78 26.67
N LEU B 318 21.32 6.68 27.62
CA LEU B 318 20.40 7.78 27.94
C LEU B 318 19.01 7.25 28.30
N CYS B 319 18.97 6.19 29.09
CA CYS B 319 17.72 5.59 29.49
C CYS B 319 17.09 6.35 30.66
N PHE B 320 15.80 6.09 30.87
CA PHE B 320 15.04 6.71 31.95
C PHE B 320 14.29 5.61 32.69
N VAL B 321 14.79 5.21 33.85
CA VAL B 321 14.19 4.13 34.62
C VAL B 321 13.03 4.69 35.43
N GLN B 322 11.94 3.93 35.50
CA GLN B 322 10.75 4.33 36.25
C GLN B 322 10.19 3.08 36.93
N HIS B 323 9.04 3.24 37.58
CA HIS B 323 8.37 2.15 38.26
C HIS B 323 7.31 1.53 37.35
N VAL B 324 7.07 0.24 37.53
CA VAL B 324 6.10 -0.46 36.71
C VAL B 324 4.68 -0.19 37.21
N ALA B 325 4.51 -0.02 38.52
CA ALA B 325 3.18 0.22 39.09
C ALA B 325 2.81 1.70 38.99
N SER B 326 3.60 2.57 39.62
CA SER B 326 3.29 3.99 39.61
C SER B 326 3.84 4.68 38.37
N GLY B 327 5.16 4.65 38.19
CA GLY B 327 5.79 5.29 37.06
C GLY B 327 6.61 6.50 37.44
N LEU B 328 7.13 6.51 38.67
CA LEU B 328 7.92 7.63 39.15
C LEU B 328 9.31 7.60 38.50
N TRP B 329 9.61 8.61 37.71
CA TRP B 329 10.90 8.69 37.04
C TRP B 329 11.99 9.13 38.01
N LEU B 330 13.22 8.76 37.70
CA LEU B 330 14.35 9.11 38.55
C LEU B 330 14.71 10.58 38.38
N THR B 331 15.02 11.23 39.50
CA THR B 331 15.39 12.64 39.49
C THR B 331 16.06 12.99 40.81
N TYR B 332 16.88 14.03 40.77
CA TYR B 332 17.59 14.49 41.96
C TYR B 332 16.76 15.55 42.68
N ALA B 333 17.35 16.21 43.68
CA ALA B 333 16.68 17.25 44.44
C ALA B 333 17.57 18.47 44.53
N ALA B 334 16.96 19.61 44.85
CA ALA B 334 17.69 20.87 44.98
C ALA B 334 17.23 21.63 46.22
N LEU B 335 28.46 17.92 48.67
CA LEU B 335 27.28 18.06 47.85
C LEU B 335 26.68 16.69 47.51
N LYS B 336 25.91 16.14 48.45
CA LYS B 336 25.26 14.84 48.30
C LYS B 336 23.76 15.05 48.52
N LYS B 337 23.05 15.36 47.45
CA LYS B 337 21.61 15.58 47.54
C LYS B 337 20.87 14.25 47.71
N LYS B 338 19.61 14.35 48.12
CA LYS B 338 18.77 13.19 48.34
C LYS B 338 18.01 12.85 47.05
N ALA B 339 17.97 11.55 46.73
CA ALA B 339 17.27 11.06 45.55
C ALA B 339 15.80 10.82 45.92
N ILE B 340 14.92 11.71 45.43
CA ILE B 340 13.50 11.62 45.70
C ILE B 340 12.77 11.47 44.37
N LEU B 341 11.74 10.61 44.36
CA LEU B 341 10.95 10.37 43.17
C LEU B 341 9.74 11.28 43.13
N HIS B 342 9.46 11.83 41.96
CA HIS B 342 8.33 12.73 41.76
C HIS B 342 7.46 12.24 40.61
N GLN B 343 6.19 12.62 40.65
CA GLN B 343 5.27 12.20 39.60
C GLN B 343 5.57 12.91 38.28
N GLU B 344 5.71 14.24 38.32
CA GLU B 344 6.01 14.99 37.11
C GLU B 344 7.47 14.86 36.69
N GLY B 345 8.38 14.72 37.64
CA GLY B 345 9.79 14.59 37.32
C GLY B 345 10.42 15.91 36.94
N HIS B 346 11.61 15.80 36.36
CA HIS B 346 12.37 16.97 35.93
C HIS B 346 13.20 16.62 34.72
N MET B 347 13.54 17.65 33.95
CA MET B 347 14.35 17.48 32.75
C MET B 347 15.83 17.49 33.13
N ASP B 348 16.70 17.54 32.11
CA ASP B 348 18.15 17.57 32.28
C ASP B 348 18.68 16.35 33.03
N ASP B 349 17.97 15.23 32.95
CA ASP B 349 18.39 13.98 33.58
C ASP B 349 18.96 13.03 32.54
N ALA B 350 20.07 12.39 32.88
CA ALA B 350 20.74 11.46 31.98
C ALA B 350 21.22 10.25 32.76
N LEU B 351 21.29 9.12 32.08
CA LEU B 351 21.77 7.86 32.66
C LEU B 351 22.77 7.24 31.69
N SER B 352 24.05 7.37 32.01
CA SER B 352 25.12 6.85 31.17
C SER B 352 25.52 5.47 31.67
N LEU B 353 25.19 4.44 30.88
CA LEU B 353 25.52 3.07 31.25
C LEU B 353 26.97 2.79 30.87
N THR B 354 27.83 2.64 31.89
CA THR B 354 29.25 2.37 31.69
C THR B 354 29.59 1.06 32.39
N ARG B 355 30.12 0.12 31.62
CA ARG B 355 30.50 -1.19 32.16
C ARG B 355 31.94 -1.16 32.65
N CYS B 356 32.18 -1.83 33.78
CA CYS B 356 33.50 -1.90 34.38
C CYS B 356 34.16 -3.24 34.03
N GLN B 357 35.39 -3.41 34.51
CA GLN B 357 36.12 -4.64 34.25
C GLN B 357 35.62 -5.77 35.15
N GLN B 358 35.90 -7.01 34.72
CA GLN B 358 35.47 -8.17 35.47
C GLN B 358 36.25 -8.35 36.78
N GLU B 359 37.48 -7.81 36.84
CA GLU B 359 38.26 -7.94 38.06
C GLU B 359 37.68 -7.14 39.21
N GLU B 360 36.97 -6.05 38.91
CA GLU B 360 36.34 -5.27 39.97
C GLU B 360 35.01 -5.87 40.40
N SER B 361 34.27 -6.48 39.48
CA SER B 361 33.01 -7.11 39.84
C SER B 361 33.23 -8.36 40.69
N GLN B 362 34.29 -9.11 40.40
CA GLN B 362 34.60 -10.30 41.19
C GLN B 362 35.04 -9.93 42.60
N ALA B 363 35.79 -8.83 42.73
CA ALA B 363 36.24 -8.39 44.04
C ALA B 363 35.08 -7.87 44.89
N ALA B 364 34.04 -7.35 44.24
CA ALA B 364 32.88 -6.84 44.99
C ALA B 364 32.14 -7.96 45.69
N ARG B 365 32.01 -9.12 45.03
CA ARG B 365 31.33 -10.25 45.64
C ARG B 365 32.16 -10.85 46.78
N MET B 366 33.49 -10.82 46.65
CA MET B 366 34.35 -11.34 47.71
C MET B 366 34.25 -10.51 48.98
N ILE B 367 34.05 -9.20 48.85
CA ILE B 367 33.96 -8.34 50.03
C ILE B 367 32.66 -8.59 50.77
N TYR B 368 31.53 -8.63 50.04
CA TYR B 368 30.24 -8.84 50.70
C TYR B 368 30.13 -10.24 51.27
N SER B 369 30.71 -11.24 50.61
CA SER B 369 30.62 -12.61 51.13
C SER B 369 31.46 -12.78 52.39
N THR B 370 32.61 -12.10 52.46
CA THR B 370 33.46 -12.22 53.63
C THR B 370 32.98 -11.33 54.78
N ALA B 371 32.41 -10.17 54.46
CA ALA B 371 31.88 -9.29 55.50
C ALA B 371 30.71 -9.93 56.24
N GLY B 372 29.91 -10.73 55.54
CA GLY B 372 28.82 -11.42 56.21
C GLY B 372 29.30 -12.48 57.19
N LEU B 373 30.44 -13.11 56.89
CA LEU B 373 31.00 -14.10 57.81
C LEU B 373 31.63 -13.42 59.02
N TYR B 374 32.27 -12.26 58.82
CA TYR B 374 32.86 -11.54 59.94
C TYR B 374 31.80 -10.97 60.86
N ASN B 375 30.65 -10.55 60.31
CA ASN B 375 29.57 -10.05 61.15
C ASN B 375 29.02 -11.15 62.04
N HIS B 376 28.93 -12.37 61.51
CA HIS B 376 28.50 -13.50 62.33
C HIS B 376 29.59 -13.95 63.30
N PHE B 377 30.86 -13.63 63.01
CA PHE B 377 31.94 -13.99 63.92
C PHE B 377 32.05 -13.00 65.08
N ILE B 378 31.82 -11.72 64.81
CA ILE B 378 31.90 -10.71 65.87
C ILE B 378 30.71 -10.86 66.82
N LYS B 379 29.51 -11.01 66.27
CA LYS B 379 28.33 -11.18 67.11
C LYS B 379 28.37 -12.50 67.88
N GLY B 380 29.04 -13.51 67.34
CA GLY B 380 29.14 -14.78 68.04
C GLY B 380 30.05 -14.72 69.26
N LEU B 381 31.11 -13.91 69.20
CA LEU B 381 32.02 -13.81 70.34
C LEU B 381 31.36 -13.07 71.51
N ASP B 382 30.43 -12.17 71.23
CA ASP B 382 29.76 -11.42 72.29
C ASP B 382 28.79 -12.27 73.09
N SER B 383 28.47 -13.48 72.63
CA SER B 383 27.52 -14.32 73.35
C SER B 383 28.15 -14.98 74.57
N PHE B 384 29.47 -15.16 74.57
CA PHE B 384 30.17 -15.80 75.69
C PHE B 384 31.33 -14.95 76.19
N SER B 385 31.31 -13.64 75.94
CA SER B 385 32.38 -12.76 76.38
C SER B 385 32.09 -12.14 77.75
N GLY B 386 30.94 -11.47 77.87
CA GLY B 386 30.58 -10.81 79.11
C GLY B 386 30.10 -11.75 80.19
N LYS B 387 29.37 -12.79 79.79
CA LYS B 387 28.80 -13.75 80.74
C LYS B 387 29.56 -15.07 80.67
N PRO B 388 30.43 -15.37 81.63
CA PRO B 388 31.14 -16.66 81.61
C PRO B 388 30.19 -17.80 81.96
N ARG B 389 30.68 -19.02 81.76
CA ARG B 389 29.92 -20.22 82.02
C ARG B 389 30.82 -21.25 82.71
N GLY B 390 30.20 -22.31 83.21
CA GLY B 390 30.91 -23.38 83.88
C GLY B 390 31.49 -24.37 82.90
N SER B 391 31.90 -25.52 83.45
CA SER B 391 32.49 -26.57 82.63
C SER B 391 31.42 -27.25 81.79
N GLY B 392 31.67 -27.36 80.48
CA GLY B 392 30.75 -28.01 79.58
C GLY B 392 29.66 -27.12 79.02
N ALA B 393 29.65 -25.83 79.36
CA ALA B 393 28.64 -24.92 78.88
C ALA B 393 29.24 -23.92 77.90
N PRO B 394 28.94 -24.01 76.61
CA PRO B 394 29.52 -23.04 75.65
C PRO B 394 28.98 -21.63 75.83
N ALA B 395 27.86 -21.45 76.52
CA ALA B 395 27.26 -20.14 76.77
C ALA B 395 26.94 -19.40 75.47
N GLY B 396 26.56 -20.14 74.44
CA GLY B 396 26.21 -19.53 73.17
C GLY B 396 26.24 -20.54 72.05
N THR B 397 25.89 -20.05 70.86
CA THR B 397 25.89 -20.90 69.68
C THR B 397 27.31 -21.19 69.22
N ALA B 398 27.47 -22.28 68.47
CA ALA B 398 28.77 -22.70 67.96
C ALA B 398 29.13 -21.83 66.76
N LEU B 399 30.19 -21.05 66.89
CA LEU B 399 30.67 -20.23 65.78
C LEU B 399 31.24 -21.12 64.68
N PRO B 400 31.24 -20.64 63.44
CA PRO B 400 31.81 -21.45 62.34
C PRO B 400 33.33 -21.55 62.47
N LEU B 401 33.84 -22.77 62.36
CA LEU B 401 35.28 -23.03 62.44
C LEU B 401 35.90 -23.18 61.06
N GLU B 402 35.38 -24.10 60.25
CA GLU B 402 35.96 -24.36 58.93
C GLU B 402 35.69 -23.22 57.96
N GLY B 403 34.66 -22.40 58.20
CA GLY B 403 34.35 -21.32 57.29
C GLY B 403 35.27 -20.12 57.44
N VAL B 404 35.75 -19.86 58.65
CA VAL B 404 36.62 -18.71 58.87
C VAL B 404 38.10 -19.02 58.63
N ILE B 405 38.52 -20.26 58.91
CA ILE B 405 39.92 -20.62 58.72
C ILE B 405 40.25 -20.70 57.23
N LEU B 406 39.38 -21.34 56.44
CA LEU B 406 39.61 -21.47 55.01
C LEU B 406 39.41 -20.15 54.27
N SER B 407 38.66 -19.20 54.85
CA SER B 407 38.45 -17.93 54.18
C SER B 407 39.69 -17.07 54.22
N LEU B 408 40.41 -17.06 55.34
CA LEU B 408 41.63 -16.26 55.46
C LEU B 408 42.74 -16.82 54.59
N GLN B 409 42.76 -18.14 54.37
CA GLN B 409 43.81 -18.75 53.55
C GLN B 409 43.69 -18.32 52.09
N ASP B 410 42.45 -18.20 51.60
CA ASP B 410 42.26 -17.76 50.22
C ASP B 410 42.51 -16.27 50.06
N LEU B 411 42.32 -15.50 51.12
CA LEU B 411 42.58 -14.07 51.06
C LEU B 411 44.06 -13.75 51.11
N ILE B 412 44.86 -14.61 51.75
CA ILE B 412 46.31 -14.40 51.78
C ILE B 412 46.89 -14.56 50.38
N GLY B 413 46.47 -15.60 49.66
CA GLY B 413 46.91 -15.81 48.30
C GLY B 413 46.28 -14.89 47.28
N TYR B 414 45.37 -14.01 47.70
CA TYR B 414 44.74 -13.05 46.80
C TYR B 414 45.45 -11.70 46.78
N PHE B 415 46.05 -11.29 47.89
CA PHE B 415 46.79 -10.04 47.97
C PHE B 415 48.30 -10.29 47.99
N GLU B 416 48.76 -11.42 47.45
CA GLU B 416 50.18 -11.72 47.46
C GLU B 416 50.90 -10.85 46.43
N PRO B 417 52.04 -10.27 46.80
CA PRO B 417 52.79 -9.47 45.82
C PRO B 417 53.29 -10.34 44.69
N PRO B 418 53.46 -9.77 43.51
CA PRO B 418 53.92 -10.57 42.37
C PRO B 418 55.38 -10.97 42.51
N SER B 419 55.75 -12.02 41.78
CA SER B 419 57.11 -12.53 41.82
C SER B 419 58.05 -11.61 41.06
N GLU B 420 59.24 -11.41 41.60
CA GLU B 420 60.24 -10.56 40.97
C GLU B 420 60.91 -11.19 39.77
N GLU B 421 60.69 -12.50 39.55
CA GLU B 421 61.31 -13.17 38.41
C GLU B 421 60.70 -12.75 37.07
N LEU B 422 59.52 -12.14 37.10
CA LEU B 422 58.88 -11.70 35.86
C LEU B 422 59.62 -10.49 35.28
N GLN B 423 59.26 -10.16 34.05
CA GLN B 423 59.87 -9.02 33.38
C GLN B 423 59.37 -7.71 33.97
N HIS B 424 60.02 -6.61 33.59
CA HIS B 424 59.65 -5.31 34.12
C HIS B 424 58.29 -4.85 33.62
N GLU B 425 57.90 -5.26 32.41
CA GLU B 425 56.60 -4.86 31.88
C GLU B 425 55.47 -5.57 32.62
N GLU B 426 55.61 -6.88 32.81
CA GLU B 426 54.57 -7.63 33.52
C GLU B 426 54.56 -7.33 35.01
N LYS B 427 55.68 -6.87 35.58
CA LYS B 427 55.72 -6.55 37.00
C LYS B 427 54.88 -5.32 37.31
N GLN B 428 54.92 -4.30 36.43
CA GLN B 428 54.15 -3.09 36.66
C GLN B 428 52.65 -3.35 36.47
N SER B 429 52.30 -4.28 35.58
CA SER B 429 50.88 -4.58 35.37
C SER B 429 50.28 -5.28 36.59
N LYS B 430 51.04 -6.18 37.22
CA LYS B 430 50.54 -6.86 38.40
C LYS B 430 50.48 -5.92 39.60
N LEU B 431 51.39 -4.95 39.69
CA LEU B 431 51.35 -4.01 40.78
C LEU B 431 50.15 -3.06 40.67
N ARG B 432 49.71 -2.76 39.45
CA ARG B 432 48.53 -1.93 39.28
C ARG B 432 47.27 -2.65 39.76
N SER B 433 47.21 -3.97 39.56
CA SER B 433 46.07 -4.73 40.04
C SER B 433 46.13 -4.96 41.54
N LEU B 434 47.33 -5.04 42.11
CA LEU B 434 47.45 -5.24 43.55
C LEU B 434 47.05 -3.98 44.32
N ARG B 435 47.55 -2.82 43.88
CA ARG B 435 47.20 -1.57 44.56
C ARG B 435 45.74 -1.22 44.37
N ASN B 436 45.14 -1.61 43.24
CA ASN B 436 43.73 -1.33 43.01
C ASN B 436 42.84 -2.18 43.91
N ARG B 437 43.23 -3.44 44.13
CA ARG B 437 42.44 -4.32 44.99
C ARG B 437 42.57 -3.93 46.46
N GLN B 438 43.72 -3.38 46.86
CA GLN B 438 43.90 -2.96 48.24
C GLN B 438 43.02 -1.76 48.58
N SER B 439 42.76 -0.89 47.59
CA SER B 439 41.91 0.27 47.83
C SER B 439 40.44 -0.09 47.89
N LEU B 440 40.02 -1.11 47.13
CA LEU B 440 38.62 -1.51 47.15
C LEU B 440 38.25 -2.21 48.45
N PHE B 441 39.21 -2.90 49.08
CA PHE B 441 38.94 -3.59 50.34
C PHE B 441 39.03 -2.68 51.55
N GLN B 442 39.52 -1.45 51.37
CA GLN B 442 39.65 -0.50 52.48
C GLN B 442 38.52 0.52 52.53
N GLU B 443 37.99 0.92 51.38
CA GLU B 443 36.93 1.92 51.32
C GLU B 443 35.55 1.34 51.64
N GLU B 444 35.47 0.06 52.03
CA GLU B 444 34.21 -0.57 52.40
C GLU B 444 34.09 -0.81 53.90
N GLY B 445 35.17 -0.67 54.66
CA GLY B 445 35.14 -0.91 56.09
C GLY B 445 35.62 -2.28 56.51
N MET B 446 36.03 -3.13 55.57
CA MET B 446 36.51 -4.46 55.92
C MET B 446 37.79 -4.40 56.75
N LEU B 447 38.63 -3.39 56.49
CA LEU B 447 39.85 -3.23 57.28
C LEU B 447 39.54 -2.98 58.75
N SER B 448 38.44 -2.28 59.04
CA SER B 448 38.05 -2.07 60.42
C SER B 448 37.52 -3.35 61.06
N LEU B 449 36.87 -4.22 60.26
CA LEU B 449 36.35 -5.47 60.80
C LEU B 449 37.48 -6.41 61.22
N VAL B 450 38.63 -6.34 60.54
CA VAL B 450 39.76 -7.18 60.92
C VAL B 450 40.38 -6.67 62.23
N LEU B 451 40.43 -5.34 62.40
CA LEU B 451 40.99 -4.79 63.63
C LEU B 451 40.07 -5.04 64.82
N ASN B 452 38.76 -4.96 64.61
CA ASN B 452 37.82 -5.22 65.70
C ASN B 452 37.84 -6.68 66.12
N CYS B 453 38.11 -7.59 65.17
CA CYS B 453 38.18 -9.01 65.52
C CYS B 453 39.39 -9.32 66.39
N ILE B 454 40.50 -8.60 66.19
CA ILE B 454 41.68 -8.82 67.03
C ILE B 454 41.47 -8.25 68.42
N ASP B 455 40.77 -7.12 68.52
CA ASP B 455 40.55 -6.49 69.82
C ASP B 455 39.67 -7.35 70.72
N ARG B 456 38.77 -8.14 70.14
CA ARG B 456 37.92 -9.02 70.94
C ARG B 456 38.73 -10.19 71.48
N LEU B 457 39.62 -10.76 70.67
CA LEU B 457 40.46 -11.87 71.09
C LEU B 457 41.68 -11.43 71.90
N ASN B 458 42.00 -10.13 71.91
CA ASN B 458 43.15 -9.65 72.66
C ASN B 458 42.90 -9.66 74.17
N VAL B 459 41.63 -9.70 74.60
CA VAL B 459 41.33 -9.74 76.02
C VAL B 459 41.81 -11.06 76.63
N TYR B 460 41.69 -12.15 75.89
CA TYR B 460 42.15 -13.44 76.38
C TYR B 460 43.66 -13.50 76.37
N THR B 461 44.25 -14.00 77.47
CA THR B 461 45.70 -14.08 77.57
C THR B 461 46.24 -15.25 76.76
N THR B 462 45.80 -16.47 77.07
CA THR B 462 46.26 -17.66 76.38
C THR B 462 45.03 -18.52 76.08
N ALA B 463 45.24 -19.61 75.33
CA ALA B 463 44.14 -20.50 74.97
C ALA B 463 43.50 -21.15 76.17
N ALA B 464 44.16 -21.14 77.34
CA ALA B 464 43.55 -21.67 78.54
C ALA B 464 42.36 -20.83 78.98
N HIS B 465 42.50 -19.50 78.90
CA HIS B 465 41.37 -18.62 79.23
C HIS B 465 40.27 -18.72 78.19
N PHE B 466 40.65 -18.89 76.91
CA PHE B 466 39.66 -19.02 75.85
C PHE B 466 38.90 -20.35 75.93
N ALA B 467 39.48 -21.36 76.60
CA ALA B 467 38.80 -22.65 76.72
C ALA B 467 37.62 -22.55 77.67
N GLU B 468 37.83 -21.97 78.86
CA GLU B 468 36.77 -21.85 79.85
C GLU B 468 35.74 -20.78 79.47
N PHE B 469 36.03 -19.94 78.48
CA PHE B 469 35.12 -18.89 78.07
C PHE B 469 34.43 -19.15 76.74
N ALA B 470 34.97 -20.04 75.91
CA ALA B 470 34.38 -20.31 74.60
C ALA B 470 34.29 -21.79 74.26
N GLY B 471 34.79 -22.68 75.10
CA GLY B 471 34.74 -24.10 74.84
C GLY B 471 36.11 -24.67 74.51
N GLU B 472 36.23 -25.98 74.67
CA GLU B 472 37.50 -26.67 74.40
C GLU B 472 37.74 -26.83 72.90
N GLU B 473 36.68 -26.92 72.10
CA GLU B 473 36.85 -27.11 70.67
C GLU B 473 37.49 -25.88 70.01
N ALA B 474 36.95 -24.70 70.29
CA ALA B 474 37.48 -23.47 69.70
C ALA B 474 38.81 -23.05 70.33
N ALA B 475 39.19 -23.65 71.46
CA ALA B 475 40.45 -23.26 72.11
C ALA B 475 41.65 -23.78 71.34
N GLU B 476 41.54 -24.97 70.75
CA GLU B 476 42.66 -25.53 70.01
C GLU B 476 42.95 -24.72 68.74
N SER B 477 41.91 -24.21 68.09
CA SER B 477 42.08 -23.43 66.87
C SER B 477 42.38 -21.96 67.16
N TRP B 478 42.30 -21.52 68.42
CA TRP B 478 42.57 -20.13 68.74
C TRP B 478 44.03 -19.76 68.49
N LYS B 479 44.94 -20.73 68.61
CA LYS B 479 46.35 -20.45 68.35
C LYS B 479 46.61 -20.15 66.88
N GLU B 480 45.83 -20.74 65.99
CA GLU B 480 46.01 -20.52 64.55
C GLU B 480 45.21 -19.34 64.03
N ILE B 481 44.03 -19.07 64.61
CA ILE B 481 43.20 -17.96 64.13
C ILE B 481 43.89 -16.63 64.38
N VAL B 482 44.45 -16.44 65.58
CA VAL B 482 45.13 -15.19 65.90
C VAL B 482 46.37 -15.02 65.03
N ASN B 483 47.06 -16.11 64.73
CA ASN B 483 48.25 -16.03 63.89
C ASN B 483 47.91 -15.66 62.46
N LEU B 484 46.75 -16.09 61.96
CA LEU B 484 46.36 -15.76 60.59
C LEU B 484 45.81 -14.34 60.47
N LEU B 485 45.28 -13.79 61.56
CA LEU B 485 44.75 -12.44 61.52
C LEU B 485 45.86 -11.39 61.35
N TYR B 486 47.06 -11.69 61.84
CA TYR B 486 48.16 -10.75 61.71
C TYR B 486 48.83 -10.84 60.34
N GLU B 487 48.76 -12.01 59.69
CA GLU B 487 49.35 -12.17 58.36
C GLU B 487 48.48 -11.51 57.29
N ILE B 488 47.16 -11.63 57.42
CA ILE B 488 46.26 -11.00 56.45
C ILE B 488 46.26 -9.50 56.61
N LEU B 489 46.58 -8.99 57.81
CA LEU B 489 46.59 -7.56 58.03
C LEU B 489 47.80 -6.91 57.36
N ALA B 490 48.97 -7.53 57.48
CA ALA B 490 50.18 -6.96 56.89
C ALA B 490 50.15 -6.97 55.37
N SER B 491 49.29 -7.80 54.76
CA SER B 491 49.22 -7.83 53.30
C SER B 491 48.47 -6.63 52.74
N LEU B 492 47.54 -6.06 53.51
CA LEU B 492 46.77 -4.92 53.02
C LEU B 492 47.49 -3.59 53.28
N ILE B 493 48.35 -3.54 54.29
CA ILE B 493 49.04 -2.30 54.62
C ILE B 493 50.31 -2.13 53.77
N ARG B 494 51.01 -3.22 53.50
CA ARG B 494 52.24 -3.15 52.72
C ARG B 494 51.93 -2.79 51.27
N GLY B 495 52.44 -1.66 50.80
CA GLY B 495 52.25 -1.23 49.43
C GLY B 495 51.24 -0.11 49.24
N ASN B 496 50.67 0.42 50.32
CA ASN B 496 49.69 1.48 50.24
C ASN B 496 49.99 2.55 51.28
N ARG B 497 49.93 3.82 50.85
CA ARG B 497 50.18 4.92 51.77
C ARG B 497 48.95 5.25 52.61
N ALA B 498 47.75 5.11 52.02
CA ALA B 498 46.53 5.41 52.76
C ALA B 498 46.29 4.42 53.90
N ASN B 499 46.74 3.18 53.74
CA ASN B 499 46.55 2.19 54.80
C ASN B 499 47.48 2.45 55.97
N CYS B 500 48.69 2.97 55.72
CA CYS B 500 49.61 3.27 56.81
C CYS B 500 49.15 4.47 57.63
N ALA B 501 48.34 5.36 57.03
CA ALA B 501 47.85 6.51 57.76
C ALA B 501 46.81 6.15 58.81
N LEU B 502 46.16 5.00 58.68
CA LEU B 502 45.17 4.58 59.66
C LEU B 502 45.82 4.18 60.98
N PHE B 503 47.01 3.59 60.93
CA PHE B 503 47.71 3.16 62.12
C PHE B 503 48.54 4.27 62.75
N SER B 504 48.52 5.48 62.17
CA SER B 504 49.28 6.58 62.73
C SER B 504 48.65 7.07 64.03
N ASN B 505 47.33 7.09 64.10
CA ASN B 505 46.62 7.52 65.29
C ASN B 505 46.42 6.41 66.32
N ASN B 506 46.71 5.17 65.96
CA ASN B 506 46.57 4.03 66.86
C ASN B 506 47.89 3.29 66.99
N LEU B 507 48.98 4.03 67.14
CA LEU B 507 50.30 3.40 67.26
C LEU B 507 50.50 2.76 68.64
N ASP B 508 49.85 3.31 69.67
CA ASP B 508 50.02 2.76 71.01
C ASP B 508 49.36 1.39 71.15
N TRP B 509 48.35 1.10 70.34
CA TRP B 509 47.67 -0.19 70.43
C TRP B 509 48.54 -1.31 69.89
N LEU B 510 49.31 -1.04 68.82
CA LEU B 510 50.14 -2.08 68.23
C LEU B 510 51.41 -2.31 69.03
N VAL B 511 52.01 -1.24 69.57
CA VAL B 511 53.24 -1.39 70.33
C VAL B 511 52.97 -2.12 71.65
N SER B 512 51.83 -1.83 72.29
CA SER B 512 51.49 -2.51 73.52
C SER B 512 51.25 -3.99 73.30
N LYS B 513 50.72 -4.37 72.13
CA LYS B 513 50.49 -5.77 71.80
C LYS B 513 51.74 -6.48 71.32
N LEU B 514 52.84 -5.75 71.08
CA LEU B 514 54.07 -6.38 70.62
C LEU B 514 54.70 -7.24 71.70
N ASP B 515 54.52 -6.85 72.97
CA ASP B 515 55.10 -7.61 74.09
C ASP B 515 54.36 -8.91 74.37
N ARG B 516 53.27 -9.20 73.66
CA ARG B 516 52.54 -10.44 73.89
C ARG B 516 53.32 -11.63 73.34
N LEU B 517 53.29 -12.74 74.08
CA LEU B 517 54.05 -13.92 73.68
C LEU B 517 53.35 -14.69 72.57
N GLU B 518 52.02 -14.75 72.60
CA GLU B 518 51.27 -15.48 71.58
C GLU B 518 51.28 -14.72 70.27
N ALA B 519 51.74 -15.39 69.20
CA ALA B 519 51.80 -14.81 67.87
C ALA B 519 52.63 -13.52 67.85
N SER B 520 53.83 -13.61 68.41
CA SER B 520 54.72 -12.46 68.46
C SER B 520 55.34 -12.15 67.11
N SER B 521 55.58 -13.17 66.28
CA SER B 521 56.18 -12.94 64.97
C SER B 521 55.22 -12.22 64.04
N GLY B 522 53.91 -12.37 64.25
CA GLY B 522 52.94 -11.71 63.38
C GLY B 522 52.90 -10.21 63.61
N ILE B 523 53.01 -9.77 64.86
CA ILE B 523 53.01 -8.35 65.16
C ILE B 523 54.29 -7.69 64.66
N LEU B 524 55.42 -8.38 64.76
CA LEU B 524 56.68 -7.83 64.30
C LEU B 524 56.70 -7.69 62.78
N GLU B 525 55.94 -8.54 62.06
CA GLU B 525 55.90 -8.45 60.61
C GLU B 525 55.07 -7.27 60.13
N VAL B 526 53.89 -7.06 60.73
CA VAL B 526 53.05 -5.94 60.32
C VAL B 526 53.66 -4.62 60.79
N LEU B 527 54.48 -4.64 61.83
CA LEU B 527 55.13 -3.42 62.29
C LEU B 527 56.24 -2.97 61.34
N TYR B 528 56.89 -3.92 60.67
CA TYR B 528 57.96 -3.57 59.74
C TYR B 528 57.43 -2.86 58.50
N CYS B 529 56.17 -3.10 58.14
CA CYS B 529 55.59 -2.49 56.95
C CYS B 529 55.00 -1.11 57.23
N VAL B 530 54.51 -0.87 58.44
CA VAL B 530 53.91 0.43 58.75
C VAL B 530 54.96 1.49 59.05
N LEU B 531 56.20 1.10 59.36
CA LEU B 531 57.27 2.04 59.67
C LEU B 531 58.23 2.24 58.51
N ILE B 532 57.90 1.72 57.34
CA ILE B 532 58.78 1.84 56.17
C ILE B 532 58.13 2.58 55.01
N GLU B 533 56.80 2.69 54.97
CA GLU B 533 56.11 3.38 53.88
C GLU B 533 55.75 4.82 54.19
N SER B 534 55.26 5.08 55.41
CA SER B 534 54.86 6.44 55.80
C SER B 534 55.95 7.06 56.65
N PRO B 535 56.48 8.23 56.27
CA PRO B 535 57.50 8.87 57.11
C PRO B 535 56.92 9.65 58.29
N GLU B 536 55.65 10.05 58.23
CA GLU B 536 55.06 10.82 59.31
C GLU B 536 54.79 9.99 60.56
N VAL B 537 54.66 8.66 60.41
CA VAL B 537 54.37 7.81 61.56
C VAL B 537 55.58 7.67 62.46
N LEU B 538 56.78 8.00 61.96
CA LEU B 538 58.00 7.85 62.76
C LEU B 538 58.25 9.06 63.65
N ASN B 539 57.64 10.21 63.36
CA ASN B 539 57.85 11.39 64.18
C ASN B 539 57.08 11.33 65.50
N ILE B 540 55.97 10.59 65.54
CA ILE B 540 55.17 10.48 66.75
C ILE B 540 55.77 9.52 67.78
N ILE B 541 56.75 8.72 67.37
CA ILE B 541 57.36 7.75 68.29
C ILE B 541 58.17 8.50 69.34
N GLN B 542 58.01 8.08 70.60
CA GLN B 542 58.70 8.75 71.71
C GLN B 542 59.50 7.75 72.52
N GLU B 543 60.01 8.18 73.68
CA GLU B 543 60.83 7.31 74.51
C GLU B 543 60.03 6.14 75.08
N ASN B 544 58.72 6.31 75.25
CA ASN B 544 57.90 5.24 75.81
C ASN B 544 57.74 4.07 74.84
N HIS B 545 57.91 4.31 73.53
CA HIS B 545 57.75 3.25 72.54
C HIS B 545 59.04 2.49 72.27
N ILE B 546 60.20 3.09 72.54
CA ILE B 546 61.46 2.41 72.26
C ILE B 546 61.74 1.32 73.30
N LYS B 547 61.37 1.56 74.55
CA LYS B 547 61.61 0.57 75.59
C LYS B 547 60.84 -0.73 75.34
N SER B 548 59.74 -0.65 74.60
CA SER B 548 58.98 -1.86 74.29
C SER B 548 59.64 -2.67 73.19
N ILE B 549 60.25 -2.00 72.20
CA ILE B 549 60.90 -2.71 71.11
C ILE B 549 62.20 -3.34 71.58
N ILE B 550 62.94 -2.64 72.45
CA ILE B 550 64.20 -3.18 72.96
C ILE B 550 63.93 -4.38 73.86
N SER B 551 62.84 -4.33 74.63
CA SER B 551 62.49 -5.47 75.49
C SER B 551 62.08 -6.69 74.69
N LEU B 552 61.66 -6.52 73.43
CA LEU B 552 61.29 -7.66 72.61
C LEU B 552 62.50 -8.50 72.25
N LEU B 553 63.65 -7.85 72.03
CA LEU B 553 64.85 -8.59 71.66
C LEU B 553 65.38 -9.40 72.84
N ASP B 554 65.22 -8.91 74.07
CA ASP B 554 65.72 -9.63 75.23
C ASP B 554 64.81 -10.81 75.60
N LYS B 555 63.50 -10.66 75.40
CA LYS B 555 62.57 -11.73 75.77
C LYS B 555 62.46 -12.79 74.69
N HIS B 556 62.74 -12.45 73.44
CA HIS B 556 62.64 -13.38 72.33
C HIS B 556 63.99 -13.74 71.72
N GLY B 557 65.08 -13.35 72.37
CA GLY B 557 66.41 -13.68 71.87
C GLY B 557 66.77 -12.91 70.62
N ARG B 558 67.91 -13.30 70.06
CA ARG B 558 68.41 -12.66 68.85
C ARG B 558 67.54 -13.02 67.65
N ASN B 559 67.30 -12.04 66.78
CA ASN B 559 66.47 -12.25 65.60
C ASN B 559 66.95 -11.33 64.49
N HIS B 560 66.81 -11.80 63.25
CA HIS B 560 67.20 -11.02 62.08
C HIS B 560 66.12 -10.07 61.61
N LYS B 561 65.10 -9.81 62.44
CA LYS B 561 64.02 -8.90 62.09
C LYS B 561 63.83 -7.76 63.08
N VAL B 562 64.26 -7.91 64.33
CA VAL B 562 64.11 -6.85 65.30
C VAL B 562 65.05 -5.69 64.99
N LEU B 563 66.28 -5.98 64.58
CA LEU B 563 67.24 -4.93 64.25
C LEU B 563 66.83 -4.17 62.99
N ASP B 564 66.11 -4.82 62.08
CA ASP B 564 65.67 -4.14 60.86
C ASP B 564 64.63 -3.08 61.16
N VAL B 565 63.84 -3.25 62.22
CA VAL B 565 62.83 -2.26 62.58
C VAL B 565 63.50 -1.00 63.12
N LEU B 566 64.57 -1.16 63.89
CA LEU B 566 65.27 -0.01 64.45
C LEU B 566 65.97 0.80 63.37
N CYS B 567 66.40 0.14 62.28
CA CYS B 567 67.07 0.86 61.20
C CYS B 567 66.10 1.75 60.43
N SER B 568 64.83 1.35 60.33
CA SER B 568 63.84 2.15 59.63
C SER B 568 63.34 3.34 60.44
N LEU B 569 63.67 3.41 61.72
CA LEU B 569 63.20 4.51 62.56
C LEU B 569 64.04 5.77 62.43
N CYS B 570 65.29 5.63 61.98
CA CYS B 570 66.20 6.78 61.89
C CYS B 570 66.33 7.36 60.50
N VAL B 571 66.12 6.54 59.46
CA VAL B 571 66.26 7.06 58.09
C VAL B 571 65.11 7.99 57.74
N CYS B 572 63.88 7.63 58.15
CA CYS B 572 62.69 8.45 57.98
C CYS B 572 62.55 8.97 56.56
N ASN B 573 62.79 8.08 55.59
CA ASN B 573 62.70 8.38 54.16
C ASN B 573 63.61 9.55 53.80
N GLY B 574 64.90 9.25 53.81
CA GLY B 574 65.94 10.23 53.45
C GLY B 574 66.32 11.22 54.52
N VAL B 575 65.35 11.96 55.07
CA VAL B 575 65.62 12.96 56.09
C VAL B 575 65.84 12.25 57.42
N ALA B 576 67.07 12.32 57.94
CA ALA B 576 67.39 11.68 59.20
C ALA B 576 66.81 12.47 60.36
N VAL B 577 66.28 11.76 61.34
CA VAL B 577 65.73 12.35 62.56
C VAL B 577 66.69 12.05 63.70
N ARG B 578 67.21 13.11 64.33
CA ARG B 578 68.16 12.96 65.42
C ARG B 578 67.47 12.73 66.75
N SER B 579 66.13 12.75 66.79
CA SER B 579 65.43 12.48 68.05
C SER B 579 65.48 10.99 68.38
N ASN B 580 65.07 10.14 67.45
CA ASN B 580 65.04 8.71 67.71
C ASN B 580 66.42 8.07 67.68
N GLN B 581 67.42 8.76 67.13
CA GLN B 581 68.77 8.22 67.10
C GLN B 581 69.36 8.16 68.51
N ASP B 582 69.08 9.15 69.34
CA ASP B 582 69.57 9.14 70.72
C ASP B 582 68.79 8.15 71.57
N LEU B 583 67.53 7.88 71.22
CA LEU B 583 66.73 6.93 71.99
C LEU B 583 67.25 5.51 71.83
N ILE B 584 67.73 5.14 70.64
CA ILE B 584 68.29 3.81 70.44
C ILE B 584 69.67 3.70 71.07
N THR B 585 70.45 4.78 71.06
CA THR B 585 71.81 4.72 71.60
C THR B 585 71.82 4.70 73.11
N GLU B 586 70.96 5.50 73.75
CA GLU B 586 70.95 5.62 75.20
C GLU B 586 70.22 4.47 75.90
N ASN B 587 69.82 3.44 75.17
CA ASN B 587 69.11 2.32 75.76
C ASN B 587 69.63 0.95 75.32
N LEU B 588 70.61 0.90 74.41
CA LEU B 588 71.07 -0.38 73.88
C LEU B 588 72.59 -0.50 73.94
N LEU B 589 73.30 0.61 73.74
CA LEU B 589 74.75 0.60 73.71
C LEU B 589 75.38 0.49 75.11
N PRO B 590 74.97 1.29 76.09
CA PRO B 590 75.63 1.18 77.41
C PRO B 590 75.39 -0.15 78.10
N GLY B 591 74.36 -0.90 77.73
CA GLY B 591 74.11 -2.18 78.37
C GLY B 591 75.15 -3.22 77.99
N ARG B 592 75.50 -3.29 76.70
CA ARG B 592 76.50 -4.25 76.19
C ARG B 592 76.12 -5.68 76.55
N GLU B 593 74.82 -5.99 76.48
CA GLU B 593 74.31 -7.32 76.79
C GLU B 593 73.54 -7.96 75.66
N LEU B 594 72.83 -7.17 74.84
CA LEU B 594 72.05 -7.74 73.74
C LEU B 594 72.92 -8.00 72.52
N LEU B 595 73.88 -7.12 72.24
CA LEU B 595 74.73 -7.23 71.07
C LEU B 595 76.00 -8.01 71.41
N LEU B 596 76.94 -8.07 70.47
CA LEU B 596 78.18 -8.80 70.64
C LEU B 596 79.35 -7.83 70.50
N GLN B 597 80.20 -7.78 71.51
CA GLN B 597 81.35 -6.89 71.51
C GLN B 597 82.57 -7.60 70.94
N THR B 598 83.42 -6.84 70.26
CA THR B 598 84.62 -7.36 69.64
C THR B 598 85.85 -6.64 70.19
N ASN B 599 86.95 -7.39 70.31
CA ASN B 599 88.20 -6.84 70.82
C ASN B 599 89.34 -7.77 70.43
N LEU B 600 90.53 -7.20 70.36
CA LEU B 600 91.72 -7.98 70.02
C LEU B 600 92.23 -8.76 71.23
N ILE B 601 92.53 -10.03 71.01
CA ILE B 601 93.04 -10.92 72.05
C ILE B 601 94.25 -11.65 71.50
N ASN B 602 95.32 -11.70 72.29
CA ASN B 602 96.56 -12.35 71.87
C ASN B 602 96.52 -13.84 72.21
N TYR B 603 97.28 -14.61 71.44
CA TYR B 603 97.36 -16.05 71.66
C TYR B 603 98.28 -16.37 72.83
N VAL B 604 97.88 -17.36 73.62
CA VAL B 604 98.66 -17.81 74.77
C VAL B 604 98.71 -19.34 74.76
N THR B 605 99.82 -19.87 75.28
CA THR B 605 100.00 -21.31 75.36
C THR B 605 100.76 -21.64 76.65
N SER B 606 100.72 -22.91 77.01
CA SER B 606 101.35 -23.39 78.24
C SER B 606 102.29 -24.54 77.92
N ILE B 607 103.46 -24.54 78.56
CA ILE B 607 104.46 -25.58 78.41
C ILE B 607 104.66 -26.26 79.75
N ARG B 608 104.57 -27.59 79.77
CA ARG B 608 104.71 -28.36 81.00
C ARG B 608 105.78 -29.42 80.84
N PRO B 609 106.56 -29.67 81.88
CA PRO B 609 107.53 -30.76 81.85
C PRO B 609 106.84 -32.11 81.99
N ASN B 610 107.64 -33.18 81.97
CA ASN B 610 107.15 -34.54 82.13
C ASN B 610 107.03 -34.94 83.59
N ILE B 611 107.11 -33.99 84.52
CA ILE B 611 107.02 -34.29 85.95
C ILE B 611 105.56 -34.48 86.31
N PHE B 612 105.23 -35.67 86.82
CA PHE B 612 103.87 -36.01 87.22
C PHE B 612 103.86 -36.38 88.70
N VAL B 613 102.95 -35.76 89.45
CA VAL B 613 102.82 -36.00 90.89
C VAL B 613 101.47 -36.64 91.15
N GLY B 614 101.49 -37.80 91.79
CA GLY B 614 100.26 -38.50 92.10
C GLY B 614 100.04 -38.65 93.60
N ARG B 615 98.92 -38.12 94.09
CA ARG B 615 98.57 -38.16 95.50
C ARG B 615 97.32 -39.01 95.67
N ALA B 616 97.48 -40.21 96.20
CA ALA B 616 96.36 -41.13 96.43
C ALA B 616 96.78 -42.14 97.49
N GLU B 617 95.92 -43.12 97.73
CA GLU B 617 96.23 -44.16 98.70
C GLU B 617 97.37 -45.04 98.19
N GLY B 618 98.34 -45.29 99.07
CA GLY B 618 99.50 -46.06 98.67
C GLY B 618 100.36 -45.38 97.63
N THR B 619 100.60 -44.07 97.80
CA THR B 619 101.35 -43.31 96.82
C THR B 619 102.83 -43.69 96.86
N THR B 620 103.50 -43.46 95.73
CA THR B 620 104.93 -43.72 95.60
C THR B 620 105.73 -42.45 95.39
N GLN B 621 105.14 -41.30 95.67
CA GLN B 621 105.81 -40.01 95.54
C GLN B 621 105.66 -39.22 96.83
N TYR B 622 106.54 -38.25 97.00
CA TYR B 622 106.50 -37.41 98.20
C TYR B 622 105.30 -36.49 98.18
N SER B 623 104.82 -36.15 99.37
CA SER B 623 103.64 -35.29 99.48
C SER B 623 103.96 -33.85 99.11
N LYS B 624 105.17 -33.38 99.41
CA LYS B 624 105.57 -32.01 99.13
C LYS B 624 106.49 -31.96 97.91
N TRP B 625 106.37 -30.88 97.14
CA TRP B 625 107.20 -30.68 95.96
C TRP B 625 107.51 -29.20 95.82
N TYR B 626 108.63 -28.90 95.18
CA TYR B 626 109.10 -27.53 95.06
C TYR B 626 109.89 -27.37 93.77
N PHE B 627 109.67 -26.25 93.09
CA PHE B 627 110.37 -25.95 91.84
C PHE B 627 110.60 -24.45 91.75
N GLU B 628 111.58 -24.06 90.94
CA GLU B 628 111.95 -22.67 90.76
C GLU B 628 112.01 -22.33 89.28
N VAL B 629 111.50 -21.14 88.95
CA VAL B 629 111.48 -20.64 87.57
C VAL B 629 111.97 -19.20 87.59
N MET B 630 112.92 -18.89 86.71
CA MET B 630 113.52 -17.57 86.64
C MET B 630 113.26 -16.95 85.27
N VAL B 631 112.92 -15.66 85.27
CA VAL B 631 112.69 -14.92 84.04
C VAL B 631 113.70 -13.78 83.96
N ASP B 632 114.10 -13.43 82.75
CA ASP B 632 115.12 -12.41 82.55
C ASP B 632 114.81 -11.39 81.47
N GLU B 633 113.75 -11.55 80.68
CA GLU B 633 113.46 -10.62 79.59
C GLU B 633 111.96 -10.60 79.34
N VAL B 634 111.30 -9.52 79.77
CA VAL B 634 109.88 -9.30 79.49
C VAL B 634 109.70 -7.85 79.09
N VAL B 635 108.79 -7.60 78.16
CA VAL B 635 108.49 -6.26 77.67
C VAL B 635 106.98 -6.06 77.62
N PRO B 636 106.44 -5.03 78.26
CA PRO B 636 105.00 -4.78 78.20
C PRO B 636 104.65 -3.81 77.07
N PHE B 637 103.34 -3.73 76.79
CA PHE B 637 102.79 -2.81 75.81
C PHE B 637 103.41 -3.01 74.43
N LEU B 638 103.60 -4.27 74.04
CA LEU B 638 104.14 -4.58 72.73
C LEU B 638 103.08 -4.51 71.64
N THR B 639 101.82 -4.78 71.98
CA THR B 639 100.74 -4.78 71.01
C THR B 639 99.57 -3.98 71.58
N ALA B 640 98.35 -4.30 71.12
CA ALA B 640 97.17 -3.60 71.60
C ALA B 640 96.87 -3.94 73.05
N GLN B 641 96.96 -5.21 73.42
CA GLN B 641 96.69 -5.66 74.77
C GLN B 641 98.00 -5.89 75.52
N ALA B 642 97.98 -5.59 76.82
CA ALA B 642 99.17 -5.77 77.65
C ALA B 642 99.49 -7.25 77.81
N THR B 643 100.77 -7.53 78.02
CA THR B 643 101.24 -8.90 78.18
C THR B 643 101.08 -9.36 79.63
N HIS B 644 100.97 -10.67 79.80
CA HIS B 644 100.82 -11.28 81.11
C HIS B 644 101.67 -12.54 81.18
N LEU B 645 102.18 -12.82 82.38
CA LEU B 645 103.02 -13.99 82.61
C LEU B 645 102.61 -14.61 83.95
N ARG B 646 102.08 -15.84 83.89
CA ARG B 646 101.61 -16.54 85.07
C ARG B 646 102.33 -17.87 85.20
N VAL B 647 102.67 -18.24 86.43
CA VAL B 647 103.35 -19.49 86.74
C VAL B 647 102.58 -20.20 87.83
N GLY B 648 102.27 -21.48 87.61
CA GLY B 648 101.54 -22.24 88.60
C GLY B 648 101.47 -23.71 88.23
N TRP B 649 100.43 -24.36 88.73
CA TRP B 649 100.19 -25.78 88.51
C TRP B 649 98.86 -25.97 87.78
N ALA B 650 98.62 -27.20 87.36
CA ALA B 650 97.40 -27.55 86.64
C ALA B 650 97.19 -29.05 86.72
N LEU B 651 95.93 -29.45 86.55
CA LEU B 651 95.57 -30.86 86.57
C LEU B 651 95.83 -31.49 85.20
N THR B 652 95.91 -32.82 85.20
CA THR B 652 96.18 -33.54 83.97
C THR B 652 94.98 -33.56 83.02
N GLU B 653 93.78 -33.28 83.53
CA GLU B 653 92.58 -33.26 82.71
C GLU B 653 91.73 -32.06 83.10
N GLY B 654 91.10 -31.44 82.11
CA GLY B 654 90.25 -30.29 82.35
C GLY B 654 90.93 -28.95 82.30
N TYR B 655 92.17 -28.89 81.78
CA TYR B 655 92.89 -27.62 81.71
C TYR B 655 92.48 -26.78 80.51
N SER B 656 92.07 -27.44 79.41
CA SER B 656 91.66 -26.79 78.17
C SER B 656 92.80 -25.93 77.62
N PRO B 657 93.84 -26.54 77.04
CA PRO B 657 94.94 -25.75 76.48
C PRO B 657 94.71 -25.37 75.02
N TYR B 658 93.47 -25.43 74.57
CA TYR B 658 93.15 -25.11 73.18
C TYR B 658 93.38 -23.63 72.92
N PRO B 659 94.26 -23.27 71.98
CA PRO B 659 94.50 -21.84 71.71
C PRO B 659 93.34 -21.23 70.94
N GLY B 660 92.95 -20.01 71.35
CA GLY B 660 91.86 -19.32 70.71
C GLY B 660 90.68 -19.08 71.65
N GLY B 661 89.49 -19.46 71.20
CA GLY B 661 88.32 -19.29 72.05
C GLY B 661 88.30 -20.30 73.19
N GLY B 662 87.95 -19.82 74.38
CA GLY B 662 87.92 -20.67 75.55
C GLY B 662 86.88 -20.26 76.56
N GLU B 663 87.03 -20.71 77.81
CA GLU B 663 86.06 -20.38 78.84
C GLU B 663 86.17 -18.92 79.25
N GLY B 664 87.39 -18.44 79.48
CA GLY B 664 87.58 -17.06 79.87
C GLY B 664 87.31 -16.10 78.73
N TRP B 665 87.30 -14.81 79.08
CA TRP B 665 87.05 -13.77 78.08
C TRP B 665 88.23 -13.63 77.12
N GLY B 666 89.45 -13.63 77.65
CA GLY B 666 90.62 -13.49 76.82
C GLY B 666 91.29 -14.80 76.50
N GLY B 667 92.58 -14.93 76.85
CA GLY B 667 93.30 -16.15 76.57
C GLY B 667 92.98 -17.25 77.57
N ASN B 668 93.36 -18.48 77.19
CA ASN B 668 93.12 -19.66 78.02
C ASN B 668 94.41 -19.97 78.79
N GLY B 669 94.66 -19.17 79.82
CA GLY B 669 95.82 -19.34 80.68
C GLY B 669 95.50 -20.12 81.94
N VAL B 670 96.53 -20.28 82.77
CA VAL B 670 96.36 -20.99 84.04
C VAL B 670 95.53 -20.14 84.99
N GLY B 671 94.81 -20.81 85.89
CA GLY B 671 93.96 -20.14 86.85
C GLY B 671 92.62 -19.68 86.32
N ASP B 672 92.38 -19.79 85.02
CA ASP B 672 91.07 -19.39 84.47
C ASP B 672 89.97 -20.32 84.95
N ASP B 673 90.28 -21.60 85.11
CA ASP B 673 89.34 -22.59 85.62
C ASP B 673 89.88 -23.20 86.91
N LEU B 674 88.97 -23.81 87.67
CA LEU B 674 89.35 -24.42 88.94
C LEU B 674 90.24 -25.65 88.76
N TYR B 675 90.38 -26.17 87.54
CA TYR B 675 91.25 -27.31 87.28
C TYR B 675 92.70 -26.92 87.13
N SER B 676 93.04 -25.65 87.39
CA SER B 676 94.42 -25.18 87.32
C SER B 676 94.63 -24.16 88.42
N TYR B 677 95.58 -24.44 89.31
CA TYR B 677 95.88 -23.58 90.45
C TYR B 677 97.22 -22.92 90.22
N GLY B 678 97.21 -21.60 90.06
CA GLY B 678 98.44 -20.85 89.82
C GLY B 678 98.38 -19.49 90.49
N PHE B 679 99.54 -19.00 90.89
CA PHE B 679 99.66 -17.71 91.53
C PHE B 679 101.05 -17.15 91.26
N ASP B 680 101.09 -15.94 90.70
CA ASP B 680 102.35 -15.29 90.38
C ASP B 680 102.12 -13.79 90.26
N GLY B 681 103.18 -13.02 90.49
CA GLY B 681 103.08 -11.57 90.42
C GLY B 681 102.37 -11.01 91.63
N LEU B 682 101.32 -10.23 91.39
CA LEU B 682 100.55 -9.61 92.46
C LEU B 682 99.10 -10.08 92.47
N HIS B 683 98.82 -11.24 91.87
CA HIS B 683 97.46 -11.75 91.83
C HIS B 683 97.50 -13.27 91.73
N LEU B 684 96.50 -13.91 92.34
CA LEU B 684 96.36 -15.36 92.33
C LEU B 684 95.15 -15.71 91.48
N TRP B 685 95.39 -16.31 90.31
CA TRP B 685 94.31 -16.64 89.39
C TRP B 685 93.65 -17.95 89.82
N THR B 686 92.34 -17.91 90.05
CA THR B 686 91.59 -19.10 90.44
C THR B 686 90.14 -18.89 90.01
N GLY B 687 89.71 -19.62 88.99
CA GLY B 687 88.35 -19.51 88.50
C GLY B 687 88.06 -18.21 87.76
N HIS B 688 89.04 -17.71 87.00
CA HIS B 688 88.89 -16.47 86.23
C HIS B 688 88.58 -15.28 87.13
N VAL B 689 89.00 -15.34 88.39
CA VAL B 689 88.79 -14.24 89.33
C VAL B 689 90.13 -13.85 89.94
N PRO B 690 90.79 -12.80 89.46
CA PRO B 690 92.07 -12.40 90.03
C PRO B 690 91.87 -11.71 91.38
N ARG B 691 92.62 -12.15 92.38
CA ARG B 691 92.55 -11.61 93.73
C ARG B 691 93.89 -11.00 94.09
N LEU B 692 93.87 -9.77 94.60
CA LEU B 692 95.09 -9.07 94.95
C LEU B 692 95.77 -9.73 96.14
N VAL B 693 97.10 -9.75 96.12
CA VAL B 693 97.91 -10.34 97.18
C VAL B 693 98.66 -9.23 97.89
N THR B 694 98.74 -9.33 99.22
CA THR B 694 99.40 -8.32 100.03
C THR B 694 100.92 -8.52 100.02
N SER B 695 101.52 -8.50 98.83
CA SER B 695 102.96 -8.65 98.72
C SER B 695 103.65 -7.31 98.99
N PRO B 696 104.79 -7.32 99.69
CA PRO B 696 105.46 -6.04 99.98
C PRO B 696 106.10 -5.41 98.76
N GLY B 697 106.56 -6.21 97.79
CA GLY B 697 107.16 -5.64 96.59
C GLY B 697 106.13 -5.02 95.67
N GLN B 698 104.97 -5.67 95.51
CA GLN B 698 103.87 -5.17 94.69
C GLN B 698 104.30 -4.98 93.24
N HIS B 699 105.10 -5.91 92.73
CA HIS B 699 105.55 -5.90 91.35
C HIS B 699 105.01 -7.16 90.66
N LEU B 700 104.10 -6.96 89.71
CA LEU B 700 103.50 -8.10 89.00
C LEU B 700 104.46 -8.70 87.99
N LEU B 701 104.94 -7.88 87.04
CA LEU B 701 105.85 -8.31 86.00
C LEU B 701 107.18 -7.58 86.16
N ALA B 702 108.25 -8.35 86.36
CA ALA B 702 109.59 -7.77 86.52
C ALA B 702 110.65 -8.79 86.14
N PRO B 703 111.59 -8.43 85.27
CA PRO B 703 112.65 -9.36 84.89
C PRO B 703 113.67 -9.54 86.00
N GLU B 704 114.58 -10.49 85.78
CA GLU B 704 115.65 -10.80 86.73
C GLU B 704 115.08 -11.19 88.09
N ASP B 705 114.06 -12.06 88.07
CA ASP B 705 113.42 -12.53 89.29
C ASP B 705 113.20 -14.03 89.19
N VAL B 706 112.94 -14.65 90.33
CA VAL B 706 112.73 -16.08 90.44
C VAL B 706 111.38 -16.32 91.10
N VAL B 707 110.50 -17.05 90.43
CA VAL B 707 109.19 -17.40 90.96
C VAL B 707 109.19 -18.87 91.32
N SER B 708 108.52 -19.21 92.41
CA SER B 708 108.49 -20.58 92.90
C SER B 708 107.11 -20.88 93.50
N CYS B 709 106.79 -22.16 93.58
CA CYS B 709 105.54 -22.61 94.15
C CYS B 709 105.74 -23.97 94.80
N CYS B 710 104.96 -24.23 95.85
CA CYS B 710 105.06 -25.48 96.58
C CYS B 710 103.67 -25.91 97.04
N LEU B 711 103.45 -27.22 97.07
CA LEU B 711 102.18 -27.78 97.50
C LEU B 711 102.43 -29.05 98.31
N ASP B 712 101.52 -29.33 99.23
CA ASP B 712 101.59 -30.52 100.08
C ASP B 712 100.39 -31.40 99.82
N LEU B 713 100.61 -32.72 99.81
CA LEU B 713 99.54 -33.67 99.56
C LEU B 713 98.88 -34.17 100.84
N SER B 714 99.58 -34.12 101.98
CA SER B 714 98.98 -34.55 103.23
C SER B 714 97.91 -33.57 103.70
N VAL B 715 98.16 -32.28 103.53
CA VAL B 715 97.20 -31.24 103.89
C VAL B 715 96.97 -30.35 102.67
N PRO B 716 95.72 -30.03 102.33
CA PRO B 716 95.47 -29.16 101.17
C PRO B 716 96.04 -27.77 101.37
N SER B 717 97.31 -27.59 101.03
CA SER B 717 98.00 -26.31 101.19
C SER B 717 98.89 -26.08 99.98
N ILE B 718 98.68 -24.96 99.29
CA ILE B 718 99.47 -24.58 98.12
C ILE B 718 99.95 -23.15 98.32
N SER B 719 101.28 -22.99 98.44
CA SER B 719 101.89 -21.69 98.63
C SER B 719 102.88 -21.42 97.51
N PHE B 720 103.22 -20.15 97.32
CA PHE B 720 104.13 -19.72 96.27
C PHE B 720 105.07 -18.67 96.82
N ARG B 721 106.09 -18.33 96.03
CA ARG B 721 107.07 -17.32 96.39
C ARG B 721 107.68 -16.75 95.13
N ILE B 722 107.74 -15.43 95.03
CA ILE B 722 108.26 -14.73 93.86
C ILE B 722 109.37 -13.79 94.32
N ASN B 723 110.54 -13.93 93.71
CA ASN B 723 111.70 -13.08 93.99
C ASN B 723 112.08 -13.14 95.48
N GLY B 724 112.04 -14.34 96.05
CA GLY B 724 112.39 -14.53 97.44
C GLY B 724 111.40 -13.98 98.43
N CYS B 725 110.24 -13.51 97.98
CA CYS B 725 109.22 -12.96 98.86
C CYS B 725 108.00 -13.87 98.87
N PRO B 726 107.63 -14.42 100.02
CA PRO B 726 106.45 -15.30 100.06
C PRO B 726 105.16 -14.49 99.97
N VAL B 727 104.08 -15.19 99.62
CA VAL B 727 102.77 -14.58 99.47
C VAL B 727 101.86 -15.13 100.56
N GLN B 728 100.91 -14.31 100.99
CA GLN B 728 99.95 -14.69 102.03
C GLN B 728 98.67 -15.24 101.40
N GLY B 729 98.86 -16.31 100.62
CA GLY B 729 97.74 -16.96 99.96
C GLY B 729 97.91 -18.47 99.86
N VAL B 730 96.89 -19.21 100.25
CA VAL B 730 96.93 -20.67 100.26
C VAL B 730 95.57 -21.19 99.81
N PHE B 731 95.58 -22.25 99.00
CA PHE B 731 94.37 -22.87 98.50
C PHE B 731 94.11 -24.17 99.25
N GLU B 732 92.86 -24.38 99.65
CA GLU B 732 92.48 -25.57 100.40
C GLU B 732 91.12 -26.05 99.91
N ALA B 733 90.66 -27.16 100.49
CA ALA B 733 89.36 -27.75 100.17
C ALA B 733 89.23 -28.07 98.68
N PHE B 734 90.29 -28.62 98.11
CA PHE B 734 90.31 -29.01 96.71
C PHE B 734 90.62 -30.49 96.59
N ASN B 735 90.04 -31.13 95.57
CA ASN B 735 90.22 -32.55 95.36
C ASN B 735 91.61 -32.83 94.79
N LEU B 736 92.00 -34.11 94.85
CA LEU B 736 93.30 -34.56 94.34
C LEU B 736 93.15 -35.55 93.19
N ASN B 737 91.98 -35.61 92.56
CA ASN B 737 91.72 -36.53 91.46
C ASN B 737 92.38 -35.98 90.20
N GLY B 738 93.68 -36.17 90.10
CA GLY B 738 94.45 -35.71 88.97
C GLY B 738 95.91 -35.49 89.35
N LEU B 739 96.76 -35.45 88.33
CA LEU B 739 98.18 -35.23 88.52
C LEU B 739 98.50 -33.75 88.55
N PHE B 740 99.67 -33.42 89.10
CA PHE B 740 100.13 -32.05 89.21
C PHE B 740 101.43 -31.89 88.43
N PHE B 741 101.60 -30.72 87.81
CA PHE B 741 102.79 -30.42 87.02
C PHE B 741 102.94 -28.91 86.95
N PRO B 742 104.17 -28.41 86.89
CA PRO B 742 104.39 -26.96 86.75
C PRO B 742 103.88 -26.47 85.41
N VAL B 743 102.90 -25.57 85.44
CA VAL B 743 102.26 -25.04 84.24
C VAL B 743 102.55 -23.55 84.19
N VAL B 744 103.34 -23.13 83.20
CA VAL B 744 103.67 -21.73 82.98
C VAL B 744 103.04 -21.28 81.67
N SER B 745 102.45 -20.09 81.68
CA SER B 745 101.78 -19.53 80.51
C SER B 745 102.45 -18.22 80.14
N PHE B 746 103.12 -18.20 78.99
CA PHE B 746 103.80 -17.01 78.50
C PHE B 746 103.03 -16.41 77.32
N SER B 747 102.98 -15.09 77.27
CA SER B 747 102.27 -14.38 76.22
C SER B 747 103.25 -14.06 75.08
N ALA B 748 102.97 -13.00 74.32
CA ALA B 748 103.83 -12.63 73.21
C ALA B 748 105.03 -11.84 73.71
N GLY B 749 106.22 -12.23 73.27
CA GLY B 749 107.44 -11.54 73.66
C GLY B 749 107.83 -11.76 75.11
N VAL B 750 107.83 -13.02 75.54
CA VAL B 750 108.17 -13.39 76.91
C VAL B 750 109.30 -14.40 76.87
N LYS B 751 110.36 -14.12 77.64
CA LYS B 751 111.52 -15.00 77.74
C LYS B 751 111.56 -15.57 79.15
N VAL B 752 111.33 -16.88 79.28
CA VAL B 752 111.27 -17.56 80.56
C VAL B 752 112.30 -18.68 80.57
N ARG B 753 112.99 -18.84 81.69
CA ARG B 753 113.97 -19.89 81.90
C ARG B 753 113.53 -20.80 83.03
N PHE B 754 114.05 -22.02 83.02
CA PHE B 754 113.68 -23.03 83.99
C PHE B 754 114.90 -23.45 84.81
N LEU B 755 114.64 -23.98 86.00
CA LEU B 755 115.69 -24.45 86.90
C LEU B 755 115.18 -25.67 87.65
N LEU B 756 116.06 -26.66 87.82
CA LEU B 756 115.70 -27.90 88.48
C LEU B 756 116.53 -28.21 89.72
N GLY B 757 117.66 -27.53 89.92
CA GLY B 757 118.51 -27.75 91.08
C GLY B 757 119.41 -28.95 91.00
N GLY B 758 119.14 -29.90 90.10
CA GLY B 758 119.97 -31.08 89.98
C GLY B 758 121.07 -30.94 88.96
N ARG B 759 121.08 -31.81 87.95
CA ARG B 759 122.10 -31.78 86.91
C ARG B 759 121.73 -30.86 85.76
N HIS B 760 120.44 -30.81 85.40
CA HIS B 760 120.01 -29.95 84.30
C HIS B 760 119.96 -28.49 84.73
N GLY B 761 119.26 -28.19 85.83
CA GLY B 761 119.13 -26.85 86.33
C GLY B 761 119.83 -26.66 87.66
N GLU B 762 119.87 -25.41 88.11
CA GLU B 762 120.49 -25.03 89.37
C GLU B 762 119.55 -24.11 90.13
N PHE B 763 119.23 -24.46 91.37
CA PHE B 763 118.34 -23.65 92.18
C PHE B 763 119.06 -22.38 92.64
N LYS B 764 118.32 -21.27 92.64
CA LYS B 764 118.85 -19.97 93.06
C LYS B 764 118.25 -19.51 94.39
N PHE B 765 117.45 -20.34 95.04
CA PHE B 765 116.84 -19.99 96.32
C PHE B 765 116.89 -21.19 97.25
N LEU B 766 116.98 -20.90 98.55
CA LEU B 766 117.06 -21.96 99.55
C LEU B 766 115.69 -22.61 99.72
N PRO B 767 115.56 -23.92 99.53
CA PRO B 767 114.27 -24.58 99.71
C PRO B 767 113.85 -24.57 101.17
N PRO B 768 112.58 -24.33 101.46
CA PRO B 768 112.13 -24.33 102.85
C PRO B 768 112.23 -25.72 103.45
N PRO B 769 112.39 -25.83 104.76
CA PRO B 769 112.48 -27.17 105.39
C PRO B 769 111.16 -27.92 105.26
N GLY B 770 111.28 -29.21 104.98
CA GLY B 770 110.12 -30.06 104.82
C GLY B 770 109.64 -30.25 103.39
N TYR B 771 110.33 -29.66 102.41
CA TYR B 771 109.95 -29.76 101.01
C TYR B 771 111.03 -30.52 100.24
N ALA B 772 110.65 -31.00 99.05
CA ALA B 772 111.54 -31.75 98.19
C ALA B 772 111.53 -31.15 96.79
N PRO B 773 112.66 -31.20 96.09
CA PRO B 773 112.71 -30.67 94.72
C PRO B 773 111.91 -31.53 93.76
N CYS B 774 111.47 -30.90 92.68
CA CYS B 774 110.66 -31.58 91.67
C CYS B 774 111.47 -32.55 90.82
N HIS B 775 112.80 -32.51 90.92
CA HIS B 775 113.64 -33.42 90.12
C HIS B 775 113.50 -34.86 90.54
N GLU B 776 112.99 -35.12 91.75
CA GLU B 776 112.84 -36.50 92.20
C GLU B 776 111.70 -37.21 91.49
N ALA B 777 110.69 -36.46 91.02
CA ALA B 777 109.54 -37.05 90.33
C ALA B 777 109.83 -37.08 88.85
N VAL B 778 110.48 -38.16 88.40
CA VAL B 778 110.79 -38.36 87.00
C VAL B 778 110.44 -39.79 86.62
N LEU B 779 110.01 -39.98 85.37
CA LEU B 779 109.63 -41.30 84.90
C LEU B 779 110.87 -42.07 84.43
N PRO B 780 110.99 -43.35 84.78
CA PRO B 780 112.17 -44.12 84.34
C PRO B 780 112.12 -44.52 82.87
N ARG B 781 110.97 -44.36 82.20
CA ARG B 781 110.88 -44.75 80.79
C ARG B 781 111.60 -43.76 79.90
N GLU B 782 111.24 -42.48 80.00
CA GLU B 782 111.85 -41.44 79.19
C GLU B 782 112.37 -40.33 80.10
N ARG B 783 113.35 -39.59 79.59
CA ARG B 783 113.94 -38.50 80.35
C ARG B 783 113.00 -37.30 80.39
N LEU B 784 113.45 -36.23 81.03
CA LEU B 784 112.62 -35.04 81.18
C LEU B 784 112.71 -34.17 79.93
N ARG B 785 111.57 -33.70 79.46
CA ARG B 785 111.51 -32.85 78.27
C ARG B 785 110.23 -32.04 78.32
N LEU B 786 110.30 -30.80 77.84
CA LEU B 786 109.16 -29.89 77.85
C LEU B 786 108.53 -29.84 76.47
N GLU B 787 107.19 -29.74 76.45
CA GLU B 787 106.44 -29.72 75.20
C GLU B 787 105.06 -29.13 75.50
N PRO B 788 104.40 -28.53 74.50
CA PRO B 788 103.05 -28.01 74.73
C PRO B 788 102.07 -29.13 75.02
N ILE B 789 101.20 -28.89 75.99
CA ILE B 789 100.24 -29.90 76.44
C ILE B 789 99.07 -29.96 75.47
N LYS B 790 98.75 -31.18 75.01
CA LYS B 790 97.61 -31.44 74.14
C LYS B 790 97.68 -30.59 72.87
N GLU B 791 98.87 -30.46 72.31
CA GLU B 791 99.07 -29.70 71.06
C GLU B 791 98.60 -30.57 69.91
N TYR B 792 97.39 -30.28 69.41
CA TYR B 792 96.81 -31.09 68.33
C TYR B 792 97.54 -30.86 67.01
N ARG B 793 98.31 -29.79 66.88
CA ARG B 793 99.07 -29.51 65.67
C ARG B 793 100.53 -29.31 66.02
N ARG B 794 101.41 -30.01 65.33
CA ARG B 794 102.84 -29.95 65.57
C ARG B 794 103.57 -29.64 64.27
N GLU B 795 104.59 -28.80 64.37
CA GLU B 795 105.35 -28.41 63.18
C GLU B 795 106.16 -29.60 62.65
N GLY B 796 106.09 -29.82 61.34
CA GLY B 796 106.80 -30.91 60.72
C GLY B 796 107.71 -30.43 59.60
N PRO B 797 108.66 -31.29 59.19
CA PRO B 797 109.58 -30.90 58.11
C PRO B 797 108.87 -30.75 56.77
N ARG B 798 108.18 -31.80 56.33
CA ARG B 798 107.50 -31.74 55.04
C ARG B 798 106.28 -30.83 55.09
N GLY B 799 105.47 -30.95 56.13
CA GLY B 799 104.30 -30.12 56.27
C GLY B 799 103.70 -30.21 57.67
N PRO B 800 102.53 -29.60 57.86
CA PRO B 800 101.88 -29.65 59.18
C PRO B 800 101.38 -31.05 59.52
N HIS B 801 102.01 -31.67 60.51
CA HIS B 801 101.65 -33.01 60.94
C HIS B 801 100.55 -32.93 61.99
N LEU B 802 99.37 -33.47 61.66
CA LEU B 802 98.25 -33.49 62.60
C LEU B 802 98.39 -34.67 63.54
N VAL B 803 98.00 -34.46 64.80
CA VAL B 803 98.05 -35.50 65.82
C VAL B 803 96.77 -35.45 66.64
N GLY B 804 96.33 -36.62 67.10
CA GLY B 804 95.13 -36.72 67.89
C GLY B 804 95.39 -36.46 69.36
N PRO B 805 94.53 -37.02 70.22
CA PRO B 805 94.72 -36.81 71.67
C PRO B 805 95.88 -37.65 72.20
N SER B 806 96.57 -37.08 73.18
CA SER B 806 97.71 -37.75 73.81
C SER B 806 97.24 -38.60 74.97
N ARG B 807 97.84 -39.78 75.11
CA ARG B 807 97.51 -40.71 76.17
C ARG B 807 98.54 -40.61 77.29
N CYS B 808 98.07 -40.36 78.51
CA CYS B 808 98.94 -40.20 79.66
C CYS B 808 98.42 -41.07 80.80
N LEU B 809 99.35 -41.48 81.67
CA LEU B 809 98.99 -42.31 82.81
C LEU B 809 98.26 -41.49 83.87
N SER B 810 97.40 -42.15 84.62
CA SER B 810 96.59 -41.51 85.65
C SER B 810 97.17 -41.82 87.03
N HIS B 811 96.56 -41.20 88.05
CA HIS B 811 97.03 -41.41 89.42
C HIS B 811 96.66 -42.80 89.94
N THR B 812 95.52 -43.34 89.47
CA THR B 812 95.12 -44.67 89.90
C THR B 812 96.05 -45.74 89.35
N ASP B 813 96.45 -45.61 88.09
CA ASP B 813 97.39 -46.56 87.50
C ASP B 813 98.81 -46.37 88.03
N PHE B 814 99.13 -45.20 88.58
CA PHE B 814 100.45 -44.96 89.12
C PHE B 814 100.70 -45.71 90.41
N VAL B 815 99.65 -46.10 91.12
CA VAL B 815 99.80 -46.86 92.37
C VAL B 815 100.10 -48.31 92.01
N PRO B 816 101.16 -48.90 92.57
CA PRO B 816 101.48 -50.30 92.25
C PRO B 816 100.47 -51.26 92.85
N CYS B 817 100.30 -52.39 92.18
CA CYS B 817 99.35 -53.41 92.63
C CYS B 817 99.92 -54.21 93.80
N HIS B 818 102.30 -83.13 95.90
CA HIS B 818 103.17 -82.76 94.79
C HIS B 818 103.63 -81.32 94.91
N LEU B 819 102.76 -80.46 95.46
CA LEU B 819 103.11 -79.06 95.64
C LEU B 819 104.18 -78.88 96.71
N GLU B 820 104.07 -79.62 97.81
CA GLU B 820 105.06 -79.52 98.87
C GLU B 820 106.41 -80.09 98.44
N ARG B 821 106.39 -81.19 97.69
CA ARG B 821 107.63 -81.79 97.21
C ARG B 821 108.31 -80.91 96.17
N ILE B 822 107.53 -80.22 95.33
CA ILE B 822 108.12 -79.34 94.32
C ILE B 822 108.72 -78.10 94.97
N ARG B 823 108.16 -77.66 96.10
CA ARG B 823 108.69 -76.49 96.79
C ARG B 823 110.07 -76.77 97.38
N GLU B 824 110.24 -77.94 97.98
CA GLU B 824 111.56 -78.30 98.53
C GLU B 824 112.57 -78.55 97.42
N LYS B 825 112.14 -79.08 96.28
CA LYS B 825 113.05 -79.31 95.16
C LYS B 825 113.45 -78.00 94.50
N LEU B 826 112.49 -77.08 94.35
CA LEU B 826 112.80 -75.79 93.74
C LEU B 826 113.65 -74.92 94.67
N ALA B 827 113.57 -75.15 95.98
CA ALA B 827 114.37 -74.36 96.92
C ALA B 827 115.86 -74.70 96.77
N GLU B 828 116.20 -75.98 96.67
CA GLU B 828 117.59 -76.35 96.47
C GLU B 828 118.07 -76.01 95.07
N ASN B 829 117.15 -75.97 94.10
CA ASN B 829 117.54 -75.62 92.73
C ASN B 829 117.70 -74.12 92.55
N ILE B 830 116.95 -73.31 93.32
CA ILE B 830 117.07 -71.86 93.21
C ILE B 830 118.42 -71.41 93.77
N HIS B 831 118.81 -71.92 94.94
CA HIS B 831 120.09 -71.58 95.51
C HIS B 831 121.24 -72.13 94.69
N GLU B 832 121.03 -73.28 94.03
CA GLU B 832 122.07 -73.82 93.15
C GLU B 832 122.26 -72.94 91.93
N LEU B 833 121.16 -72.54 91.29
CA LEU B 833 121.25 -71.63 90.14
C LEU B 833 121.73 -70.24 90.58
N TRP B 834 121.44 -69.85 91.81
CA TRP B 834 121.95 -68.58 92.33
C TRP B 834 123.47 -68.58 92.44
N ALA B 835 124.06 -69.74 92.74
CA ALA B 835 125.51 -69.83 92.82
C ALA B 835 126.15 -69.85 91.43
N LEU B 836 125.43 -70.36 90.43
CA LEU B 836 125.96 -70.38 89.07
C LEU B 836 126.04 -68.98 88.48
N THR B 837 125.12 -68.08 88.86
CA THR B 837 125.16 -66.72 88.33
C THR B 837 126.33 -65.94 88.91
N ARG B 838 126.61 -66.11 90.20
CA ARG B 838 127.73 -65.40 90.82
C ARG B 838 129.07 -66.05 90.55
N ILE B 839 129.10 -67.32 90.18
CA ILE B 839 130.36 -67.97 89.85
C ILE B 839 130.89 -67.45 88.52
N GLU B 840 130.00 -67.19 87.56
CA GLU B 840 130.41 -66.62 86.29
C GLU B 840 130.71 -65.13 86.40
N GLN B 841 129.99 -64.42 87.28
CA GLN B 841 130.25 -63.00 87.46
C GLN B 841 131.53 -62.76 88.23
N GLY B 842 131.94 -63.71 89.07
CA GLY B 842 133.17 -63.59 89.83
C GLY B 842 132.99 -63.61 91.34
N TRP B 843 131.78 -63.65 91.86
CA TRP B 843 131.55 -63.65 93.30
C TRP B 843 131.76 -65.07 93.82
N THR B 844 132.94 -65.32 94.39
CA THR B 844 133.28 -66.64 94.91
C THR B 844 132.68 -66.81 96.32
N TYR B 845 133.00 -67.91 96.97
CA TYR B 845 132.50 -68.22 98.30
C TYR B 845 133.51 -67.79 99.35
N GLY B 846 133.01 -67.31 100.49
CA GLY B 846 133.85 -66.89 101.58
C GLY B 846 133.07 -66.74 102.87
N PRO B 847 133.79 -66.66 104.00
CA PRO B 847 133.08 -66.50 105.28
C PRO B 847 132.44 -65.13 105.43
N VAL B 848 133.10 -64.07 104.96
CA VAL B 848 132.58 -62.72 105.02
C VAL B 848 132.58 -62.14 103.61
N ARG B 849 131.49 -61.47 103.25
CA ARG B 849 131.35 -60.87 101.92
C ARG B 849 132.34 -59.72 101.79
N ASP B 850 133.41 -59.93 101.02
CA ASP B 850 134.45 -58.93 100.81
C ASP B 850 134.46 -58.52 99.34
N ASP B 851 134.58 -57.21 99.11
CA ASP B 851 134.60 -56.71 97.74
C ASP B 851 135.93 -57.02 97.05
N ASN B 852 137.04 -56.92 97.79
CA ASN B 852 138.35 -57.19 97.19
C ASN B 852 138.54 -58.67 96.90
N LYS B 853 138.06 -59.54 97.78
CA LYS B 853 138.18 -60.98 97.60
C LYS B 853 137.03 -61.58 96.82
N ARG B 854 135.99 -60.81 96.53
CA ARG B 854 134.83 -61.29 95.78
C ARG B 854 134.18 -62.49 96.44
N LEU B 855 134.05 -62.42 97.76
CA LEU B 855 133.48 -63.51 98.56
C LEU B 855 131.99 -63.28 98.78
N HIS B 856 131.27 -64.37 98.99
CA HIS B 856 129.83 -64.32 99.25
C HIS B 856 129.39 -65.56 100.01
N PRO B 857 128.60 -65.41 101.07
CA PRO B 857 128.18 -66.60 101.84
C PRO B 857 127.12 -67.43 101.14
N CYS B 858 126.34 -66.83 100.23
CA CYS B 858 125.28 -67.56 99.55
C CYS B 858 125.80 -68.47 98.44
N LEU B 859 127.11 -68.47 98.18
CA LEU B 859 127.68 -69.34 97.15
C LEU B 859 127.77 -70.79 97.58
N VAL B 860 127.56 -71.08 98.87
CA VAL B 860 127.65 -72.46 99.34
C VAL B 860 126.36 -73.21 98.99
N ASP B 861 126.45 -74.53 98.98
CA ASP B 861 125.32 -75.37 98.59
C ASP B 861 124.17 -75.23 99.59
N PHE B 862 123.00 -75.71 99.18
CA PHE B 862 121.81 -75.60 100.02
C PHE B 862 121.86 -76.54 101.21
N HIS B 863 122.51 -77.70 101.06
CA HIS B 863 122.58 -78.65 102.16
C HIS B 863 123.37 -78.11 103.35
N SER B 864 124.43 -77.33 103.07
CA SER B 864 125.23 -76.71 104.11
C SER B 864 124.90 -75.24 104.30
N LEU B 865 123.84 -74.75 103.66
CA LEU B 865 123.44 -73.36 103.82
C LEU B 865 122.82 -73.16 105.20
N PRO B 866 123.16 -72.06 105.89
CA PRO B 866 122.59 -71.83 107.22
C PRO B 866 121.07 -71.70 107.17
N GLU B 867 120.43 -71.99 108.30
CA GLU B 867 118.98 -71.95 108.35
C GLU B 867 118.41 -70.56 108.12
N PRO B 868 119.11 -69.46 108.43
CA PRO B 868 118.52 -68.14 108.14
C PRO B 868 118.44 -67.84 106.66
N GLU B 869 119.47 -68.20 105.89
CA GLU B 869 119.43 -67.98 104.45
C GLU B 869 118.62 -69.04 103.73
N ARG B 870 118.61 -70.28 104.24
CA ARG B 870 117.83 -71.34 103.60
C ARG B 870 116.34 -71.11 103.77
N ASN B 871 115.92 -70.48 104.86
CA ASN B 871 114.50 -70.21 105.06
C ASN B 871 114.01 -69.14 104.09
N TYR B 872 114.81 -68.08 103.90
CA TYR B 872 114.42 -67.03 102.95
C TYR B 872 114.38 -67.56 101.53
N ASN B 873 115.32 -68.46 101.18
CA ASN B 873 115.31 -69.05 99.84
C ASN B 873 114.16 -70.03 99.68
N LEU B 874 113.75 -70.69 100.75
CA LEU B 874 112.63 -71.64 100.66
C LEU B 874 111.31 -70.92 100.49
N GLN B 875 111.10 -69.83 101.25
CA GLN B 875 109.86 -69.06 101.12
C GLN B 875 109.82 -68.30 99.80
N MET B 876 110.98 -67.92 99.26
CA MET B 876 111.01 -67.27 97.95
C MET B 876 110.58 -68.22 96.85
N SER B 877 111.07 -69.46 96.88
CA SER B 877 110.64 -70.46 95.92
C SER B 877 109.21 -70.90 96.17
N GLY B 878 108.80 -70.97 97.45
CA GLY B 878 107.42 -71.31 97.77
C GLY B 878 106.42 -70.23 97.43
N GLU B 879 106.86 -68.97 97.36
CA GLU B 879 105.96 -67.89 96.97
C GLU B 879 105.60 -67.97 95.49
N THR B 880 106.51 -68.49 94.66
CA THR B 880 106.21 -68.66 93.25
C THR B 880 105.10 -69.69 93.05
N LEU B 881 105.12 -70.77 93.83
CA LEU B 881 104.04 -71.75 93.75
C LEU B 881 102.76 -71.23 94.36
N LYS B 882 102.86 -70.37 95.38
CA LYS B 882 101.66 -69.78 95.98
C LYS B 882 101.00 -68.79 95.03
N THR B 883 101.80 -67.95 94.37
CA THR B 883 101.26 -67.00 93.40
C THR B 883 100.74 -67.70 92.15
N LEU B 884 101.24 -68.89 91.84
CA LEU B 884 100.74 -69.63 90.68
C LEU B 884 99.32 -70.12 90.90
N LEU B 885 98.95 -70.38 92.15
CA LEU B 885 97.58 -70.83 92.43
C LEU B 885 96.57 -69.70 92.23
N ALA B 886 96.96 -68.46 92.55
CA ALA B 886 96.06 -67.34 92.36
C ALA B 886 95.97 -66.91 90.90
N LEU B 887 97.03 -67.16 90.12
CA LEU B 887 97.01 -66.80 88.71
C LEU B 887 96.17 -67.77 87.88
N GLY B 888 96.13 -69.04 88.27
CA GLY B 888 95.35 -70.02 87.54
C GLY B 888 96.19 -71.16 86.99
N CYS B 889 97.47 -71.19 87.35
CA CYS B 889 98.36 -72.24 86.88
C CYS B 889 98.02 -73.56 87.57
N HIS B 890 97.64 -74.55 86.77
CA HIS B 890 97.28 -75.87 87.30
C HIS B 890 98.54 -76.74 87.37
N VAL B 891 98.85 -77.24 88.55
CA VAL B 891 100.02 -78.09 88.73
C VAL B 891 99.75 -79.47 88.13
N GLY B 892 100.83 -80.11 87.68
CA GLY B 892 100.72 -81.43 87.09
C GLY B 892 102.08 -82.09 87.00
N MET B 893 102.04 -83.40 86.73
CA MET B 893 103.25 -84.20 86.58
C MET B 893 103.28 -84.78 85.17
N ALA B 894 104.29 -84.39 84.39
CA ALA B 894 104.42 -84.88 83.03
C ALA B 894 104.94 -86.31 83.00
N ASP B 895 106.03 -86.58 83.72
CA ASP B 895 106.62 -87.91 83.75
C ASP B 895 107.48 -88.04 85.00
N GLU B 896 107.56 -89.27 85.51
CA GLU B 896 108.35 -89.55 86.70
C GLU B 896 109.79 -89.95 86.38
N LYS B 897 110.11 -90.20 85.11
CA LYS B 897 111.47 -90.59 84.74
C LYS B 897 112.45 -89.43 84.84
N ALA B 898 111.95 -88.18 84.86
CA ALA B 898 112.85 -87.04 84.95
C ALA B 898 113.52 -86.96 86.31
N GLU B 899 112.83 -87.40 87.38
CA GLU B 899 113.43 -87.36 88.71
C GLU B 899 114.54 -88.40 88.86
N ASP B 900 114.39 -89.56 88.21
CA ASP B 900 115.42 -90.59 88.31
C ASP B 900 116.66 -90.22 87.51
N ASN B 901 116.50 -89.55 86.38
CA ASN B 901 117.60 -89.14 85.52
C ASN B 901 117.62 -87.61 85.48
N LEU B 902 118.33 -87.01 86.44
CA LEU B 902 118.46 -85.57 86.55
C LEU B 902 119.93 -85.18 86.53
N ARG B 903 120.24 -84.15 85.75
CA ARG B 903 121.61 -83.66 85.62
C ARG B 903 122.01 -82.94 86.92
N LYS B 904 122.76 -83.64 87.78
CA LYS B 904 123.20 -83.08 89.04
C LYS B 904 124.63 -83.52 89.29
N THR B 905 125.27 -82.84 90.25
CA THR B 905 126.66 -83.12 90.64
C THR B 905 127.60 -83.01 89.44
N LYS B 906 127.38 -82.00 88.61
CA LYS B 906 128.20 -81.76 87.42
C LYS B 906 129.10 -80.56 87.67
N LEU B 907 130.41 -80.78 87.58
CA LEU B 907 131.39 -79.72 87.79
C LEU B 907 132.22 -79.53 86.53
N PRO B 908 132.02 -78.43 85.79
CA PRO B 908 132.81 -78.23 84.57
C PRO B 908 134.06 -77.40 84.82
N LYS B 909 134.53 -77.39 86.06
CA LYS B 909 135.73 -76.67 86.50
C LYS B 909 135.62 -75.17 86.28
N THR B 910 134.42 -74.64 86.07
CA THR B 910 134.22 -73.21 85.88
C THR B 910 133.55 -72.54 87.07
N TYR B 911 132.75 -73.28 87.83
CA TYR B 911 132.07 -72.74 89.00
C TYR B 911 132.90 -72.86 90.27
N MET B 912 134.19 -73.15 90.16
CA MET B 912 135.05 -73.26 91.33
C MET B 912 135.21 -71.90 91.99
N MET B 913 134.93 -71.83 93.29
CA MET B 913 135.03 -70.58 94.04
C MET B 913 136.44 -70.45 94.61
N SER B 914 136.60 -69.66 95.67
CA SER B 914 137.92 -69.49 96.28
C SER B 914 138.38 -70.75 96.99
N ASN B 915 137.46 -71.52 97.57
CA ASN B 915 137.85 -72.74 98.26
C ASN B 915 138.26 -73.83 97.27
N GLY B 916 137.74 -73.79 96.05
CA GLY B 916 138.06 -74.76 95.03
C GLY B 916 136.93 -75.68 94.62
N TYR B 917 135.87 -75.74 95.42
CA TYR B 917 134.73 -76.60 95.11
C TYR B 917 133.77 -75.91 94.15
N LYS B 918 133.14 -76.71 93.29
CA LYS B 918 132.18 -76.20 92.32
C LYS B 918 130.78 -76.68 92.68
N PRO B 919 129.83 -75.78 92.92
CA PRO B 919 128.47 -76.22 93.25
C PRO B 919 127.81 -76.93 92.08
N ALA B 920 126.87 -77.82 92.41
CA ALA B 920 126.16 -78.57 91.40
C ALA B 920 125.20 -77.65 90.63
N PRO B 921 124.95 -77.94 89.35
CA PRO B 921 124.05 -77.10 88.57
C PRO B 921 122.60 -77.26 88.99
N LEU B 922 122.15 -78.51 89.11
CA LEU B 922 120.77 -78.83 89.51
C LEU B 922 119.75 -78.19 88.58
N ASP B 923 120.08 -78.08 87.29
CA ASP B 923 119.20 -77.49 86.29
C ASP B 923 119.12 -78.42 85.09
N LEU B 924 117.91 -78.81 84.71
CA LEU B 924 117.68 -79.70 83.58
C LEU B 924 117.34 -78.85 82.36
N SER B 925 118.26 -78.77 81.41
CA SER B 925 118.07 -78.01 80.18
C SER B 925 117.59 -78.84 79.01
N HIS B 926 117.34 -80.14 79.23
CA HIS B 926 116.87 -80.98 78.14
C HIS B 926 115.43 -80.66 77.73
N VAL B 927 114.62 -80.22 78.68
CA VAL B 927 113.22 -79.88 78.39
C VAL B 927 113.17 -78.53 77.68
N ARG B 928 112.39 -78.47 76.61
CA ARG B 928 112.25 -77.25 75.83
C ARG B 928 111.09 -76.42 76.38
N LEU B 929 111.34 -75.15 76.64
CA LEU B 929 110.30 -74.27 77.17
C LEU B 929 109.30 -73.92 76.08
N THR B 930 108.10 -73.50 76.53
CA THR B 930 107.01 -73.15 75.64
C THR B 930 106.84 -71.64 75.57
N PRO B 931 106.46 -71.10 74.41
CA PRO B 931 106.24 -69.66 74.31
C PRO B 931 105.08 -69.17 75.15
N ALA B 932 104.08 -70.02 75.42
CA ALA B 932 102.98 -69.64 76.29
C ALA B 932 103.35 -69.73 77.76
N GLN B 933 104.36 -70.53 78.11
CA GLN B 933 104.78 -70.62 79.51
C GLN B 933 105.61 -69.41 79.92
N THR B 934 106.53 -68.97 79.07
CA THR B 934 107.33 -67.79 79.39
C THR B 934 106.50 -66.52 79.35
N THR B 935 105.40 -66.52 78.58
CA THR B 935 104.50 -65.37 78.60
C THR B 935 103.77 -65.26 79.94
N LEU B 936 103.37 -66.40 80.51
CA LEU B 936 102.78 -66.40 81.83
C LEU B 936 103.81 -66.26 82.94
N VAL B 937 105.06 -66.64 82.68
CA VAL B 937 106.11 -66.46 83.68
C VAL B 937 106.36 -64.98 83.95
N ASP B 938 106.18 -64.13 82.93
CA ASP B 938 106.29 -62.70 83.16
C ASP B 938 105.16 -62.18 84.03
N ARG B 939 103.97 -62.79 83.92
CA ARG B 939 102.87 -62.42 84.79
C ARG B 939 103.13 -62.87 86.23
N LEU B 940 103.74 -64.03 86.40
CA LEU B 940 104.11 -64.49 87.75
C LEU B 940 105.20 -63.61 88.34
N ALA B 941 106.14 -63.15 87.50
CA ALA B 941 107.20 -62.27 87.99
C ALA B 941 106.67 -60.86 88.24
N GLU B 942 105.66 -60.43 87.47
CA GLU B 942 105.08 -59.10 87.68
C GLU B 942 104.32 -59.04 89.00
N ASN B 943 103.65 -60.13 89.37
CA ASN B 943 102.94 -60.16 90.65
C ASN B 943 103.91 -60.16 91.83
N GLY B 944 105.06 -60.82 91.68
CA GLY B 944 106.04 -60.81 92.75
C GLY B 944 106.66 -59.44 92.97
N HIS B 945 106.84 -58.68 91.89
CA HIS B 945 107.38 -57.34 92.02
C HIS B 945 106.36 -56.38 92.62
N ASN B 946 105.06 -56.63 92.41
CA ASN B 946 104.04 -55.78 93.00
C ASN B 946 103.97 -55.97 94.51
N VAL B 947 104.03 -57.22 94.97
CA VAL B 947 104.07 -57.48 96.41
C VAL B 947 105.40 -56.98 96.99
N TRP B 948 106.48 -57.05 96.20
CA TRP B 948 107.76 -56.51 96.66
C TRP B 948 107.67 -55.01 96.88
N ALA B 949 107.05 -54.28 95.95
CA ALA B 949 106.88 -52.84 96.14
C ALA B 949 105.89 -52.54 97.24
N ARG B 950 104.90 -53.42 97.47
CA ARG B 950 103.95 -53.21 98.54
C ARG B 950 104.61 -53.37 99.90
N ASP B 951 105.58 -54.27 100.02
CA ASP B 951 106.29 -54.45 101.28
C ASP B 951 107.22 -53.27 101.54
N ARG B 952 107.69 -52.60 100.50
CA ARG B 952 108.58 -51.46 100.67
C ARG B 952 107.81 -50.23 101.15
N VAL B 953 106.67 -49.94 100.53
CA VAL B 953 105.88 -48.78 100.93
C VAL B 953 105.27 -48.99 102.31
N ALA B 954 105.03 -50.24 102.70
CA ALA B 954 104.50 -50.53 104.03
C ALA B 954 105.57 -50.42 105.10
N GLN B 955 106.83 -50.72 104.76
CA GLN B 955 107.90 -50.64 105.74
C GLN B 955 108.26 -49.20 106.06
N GLY B 956 108.08 -48.28 105.11
CA GLY B 956 108.40 -46.89 105.34
C GLY B 956 109.38 -46.31 104.35
N TRP B 957 109.52 -46.94 103.18
CA TRP B 957 110.42 -46.46 102.16
C TRP B 957 109.91 -45.14 101.56
N SER B 958 110.83 -44.37 100.99
CA SER B 958 110.52 -43.05 100.48
C SER B 958 109.87 -43.12 99.10
N TYR B 959 110.00 -42.06 98.32
CA TYR B 959 109.38 -41.98 97.01
C TYR B 959 110.13 -42.83 96.00
N SER B 960 109.54 -42.94 94.80
CA SER B 960 110.12 -43.74 93.72
C SER B 960 110.86 -42.80 92.77
N ALA B 961 112.08 -42.44 93.17
CA ALA B 961 112.94 -41.58 92.36
C ALA B 961 113.99 -42.42 91.65
N VAL B 962 114.30 -42.04 90.42
CA VAL B 962 115.33 -42.74 89.66
C VAL B 962 116.70 -42.54 90.28
N GLN B 963 116.97 -41.33 90.79
CA GLN B 963 118.23 -41.07 91.46
C GLN B 963 118.28 -41.79 92.80
N ASP B 964 119.37 -42.50 93.04
CA ASP B 964 119.52 -43.25 94.28
C ASP B 964 119.73 -42.31 95.45
N ILE B 965 118.93 -42.49 96.50
CA ILE B 965 119.02 -41.67 97.71
C ILE B 965 119.11 -42.59 98.92
N PRO B 966 119.98 -42.31 99.89
CA PRO B 966 120.10 -43.19 101.07
C PRO B 966 118.88 -43.14 101.99
N ALA B 967 117.98 -42.18 101.82
CA ALA B 967 116.83 -42.05 102.71
C ALA B 967 115.70 -42.98 102.27
N ARG B 968 115.99 -44.27 102.13
CA ARG B 968 115.00 -45.28 101.78
C ARG B 968 114.30 -44.95 100.45
N ARG B 969 115.06 -44.40 99.51
CA ARG B 969 114.54 -44.05 98.19
C ARG B 969 115.31 -44.84 97.14
N ASN B 970 114.59 -45.66 96.39
CA ASN B 970 115.21 -46.51 95.36
C ASN B 970 114.21 -46.71 94.25
N PRO B 971 114.67 -46.91 93.00
CA PRO B 971 113.74 -47.14 91.89
C PRO B 971 113.04 -48.49 91.93
N ARG B 972 113.25 -49.29 92.97
CA ARG B 972 112.60 -50.59 93.05
C ARG B 972 111.12 -50.49 93.39
N LEU B 973 110.64 -49.33 93.80
CA LEU B 973 109.24 -49.15 94.18
C LEU B 973 108.36 -48.67 93.02
N VAL B 974 108.91 -48.61 91.81
CA VAL B 974 108.14 -48.19 90.64
C VAL B 974 107.27 -49.35 90.18
N PRO B 975 106.17 -49.09 89.49
CA PRO B 975 105.33 -50.19 88.98
C PRO B 975 106.08 -51.02 87.94
N TYR B 976 105.65 -52.27 87.82
CA TYR B 976 106.29 -53.18 86.87
C TYR B 976 105.98 -52.80 85.42
N ARG B 977 104.81 -52.21 85.18
CA ARG B 977 104.46 -51.82 83.82
C ARG B 977 105.29 -50.65 83.34
N LEU B 978 105.55 -49.67 84.21
CA LEU B 978 106.33 -48.49 83.87
C LEU B 978 107.81 -48.67 84.15
N LEU B 979 108.25 -49.86 84.55
CA LEU B 979 109.65 -50.10 84.83
C LEU B 979 110.45 -50.21 83.54
N ASP B 980 111.75 -49.99 83.65
CA ASP B 980 112.63 -50.07 82.50
C ASP B 980 112.81 -51.51 82.05
N GLU B 981 113.25 -51.68 80.80
CA GLU B 981 113.47 -53.01 80.24
C GLU B 981 114.67 -53.71 80.86
N ALA B 982 115.60 -52.96 81.46
CA ALA B 982 116.76 -53.58 82.09
C ALA B 982 116.37 -54.37 83.33
N THR B 983 115.59 -53.75 84.22
CA THR B 983 115.13 -54.46 85.42
C THR B 983 114.09 -55.51 85.08
N LYS B 984 113.32 -55.30 84.02
CA LYS B 984 112.32 -56.28 83.62
C LYS B 984 112.98 -57.55 83.08
N ARG B 985 114.08 -57.40 82.35
CA ARG B 985 114.79 -58.56 81.83
C ARG B 985 115.47 -59.35 82.95
N SER B 986 115.95 -58.66 83.99
CA SER B 986 116.58 -59.35 85.11
C SER B 986 115.55 -60.13 85.91
N ASN B 987 114.36 -59.55 86.12
CA ASN B 987 113.31 -60.26 86.84
C ASN B 987 112.76 -61.41 86.01
N ARG B 988 112.66 -61.24 84.69
CA ARG B 988 112.21 -62.33 83.83
C ARG B 988 113.23 -63.46 83.75
N ASP B 989 114.51 -63.14 83.88
CA ASP B 989 115.54 -64.18 83.85
C ASP B 989 115.46 -65.07 85.08
N SER B 990 115.20 -64.48 86.25
CA SER B 990 115.05 -65.27 87.46
C SER B 990 113.76 -66.09 87.43
N LEU B 991 112.71 -65.54 86.83
CA LEU B 991 111.46 -66.29 86.70
C LEU B 991 111.58 -67.41 85.69
N CYS B 992 112.33 -67.18 84.60
CA CYS B 992 112.54 -68.24 83.62
C CYS B 992 113.39 -69.36 84.16
N GLN B 993 114.31 -69.05 85.08
CA GLN B 993 115.13 -70.10 85.69
C GLN B 993 114.29 -71.02 86.56
N ALA B 994 113.38 -70.46 87.34
CA ALA B 994 112.49 -71.29 88.15
C ALA B 994 111.49 -72.05 87.28
N VAL B 995 111.06 -71.46 86.16
CA VAL B 995 110.16 -72.14 85.25
C VAL B 995 110.87 -73.28 84.54
N ARG B 996 112.13 -73.06 84.15
CA ARG B 996 112.90 -74.12 83.51
C ARG B 996 113.20 -75.26 84.47
N THR B 997 113.45 -74.92 85.74
CA THR B 997 113.70 -75.96 86.74
C THR B 997 112.43 -76.75 87.04
N LEU B 998 111.27 -76.09 87.02
CA LEU B 998 110.01 -76.80 87.24
C LEU B 998 109.68 -77.71 86.07
N LEU B 999 109.87 -77.23 84.84
CA LEU B 999 109.62 -78.06 83.67
C LEU B 999 110.64 -79.18 83.55
N GLY B 1000 111.86 -78.97 84.05
CA GLY B 1000 112.88 -80.01 84.00
C GLY B 1000 112.60 -81.18 84.93
N TYR B 1001 111.83 -80.96 85.98
CA TYR B 1001 111.48 -82.01 86.92
C TYR B 1001 110.25 -82.81 86.49
N GLY B 1002 109.86 -82.70 85.22
CA GLY B 1002 108.70 -83.42 84.74
C GLY B 1002 107.37 -82.85 85.20
N TYR B 1003 107.29 -81.53 85.37
CA TYR B 1003 106.08 -80.86 85.82
C TYR B 1003 105.60 -79.92 84.72
N ASN B 1004 104.37 -80.12 84.26
CA ASN B 1004 103.78 -79.30 83.22
C ASN B 1004 103.08 -78.10 83.85
N ILE B 1005 103.37 -76.91 83.32
CA ILE B 1005 102.78 -75.66 83.80
C ILE B 1005 101.66 -75.26 82.85
N GLU B 1006 100.44 -75.18 83.38
CA GLU B 1006 99.29 -74.81 82.56
C GLU B 1006 99.17 -73.30 82.43
N ARG B 1007 86.83 -40.09 71.86
CA ARG B 1007 88.21 -39.67 72.06
C ARG B 1007 88.96 -39.63 70.73
N VAL B 1008 88.27 -39.22 69.67
CA VAL B 1008 88.85 -39.13 68.34
C VAL B 1008 88.70 -37.70 67.85
N ARG B 1009 89.76 -37.15 67.26
CA ARG B 1009 89.76 -35.79 66.75
C ARG B 1009 89.27 -35.83 65.30
N ILE B 1010 87.99 -35.51 65.10
CA ILE B 1010 87.40 -35.51 63.77
C ILE B 1010 87.93 -34.30 63.00
N PHE B 1011 88.75 -34.54 61.99
CA PHE B 1011 89.32 -33.48 61.18
C PHE B 1011 88.52 -33.36 59.88
N ARG B 1012 88.12 -32.14 59.54
CA ARG B 1012 87.35 -31.88 58.33
C ARG B 1012 87.57 -30.44 57.89
N ALA B 1013 87.22 -30.18 56.64
CA ALA B 1013 87.36 -28.84 56.07
C ALA B 1013 86.11 -28.00 56.37
N GLU B 1014 86.09 -26.79 55.82
CA GLU B 1014 84.96 -25.90 56.04
C GLU B 1014 83.76 -26.34 55.20
N LYS B 1015 82.59 -25.83 55.57
CA LYS B 1015 81.35 -26.15 54.87
C LYS B 1015 81.20 -25.42 53.55
N SER B 1016 82.08 -24.48 53.24
CA SER B 1016 82.02 -23.73 52.00
C SER B 1016 82.80 -24.39 50.86
N TYR B 1017 83.66 -25.35 51.16
CA TYR B 1017 84.44 -26.06 50.14
C TYR B 1017 83.77 -27.34 49.66
N ALA B 1018 82.44 -27.41 49.78
CA ALA B 1018 81.71 -28.61 49.35
C ALA B 1018 81.71 -28.70 47.83
N VAL B 1019 82.20 -29.80 47.30
CA VAL B 1019 82.27 -30.04 45.86
C VAL B 1019 81.04 -30.82 45.44
N GLN B 1020 80.43 -30.41 44.32
CA GLN B 1020 79.23 -31.08 43.80
C GLN B 1020 79.45 -31.77 42.46
N SER B 1021 80.49 -31.39 41.72
CA SER B 1021 80.78 -32.00 40.43
C SER B 1021 82.28 -31.98 40.20
N GLY B 1022 82.72 -32.74 39.20
CA GLY B 1022 84.12 -32.82 38.87
C GLY B 1022 84.82 -33.96 39.57
N ARG B 1023 86.12 -34.07 39.28
CA ARG B 1023 86.98 -35.10 39.85
C ARG B 1023 87.99 -34.46 40.81
N TRP B 1024 88.12 -35.04 41.99
CA TRP B 1024 89.06 -34.55 42.99
C TRP B 1024 89.80 -35.72 43.62
N TYR B 1025 91.00 -35.46 44.13
CA TYR B 1025 91.83 -36.50 44.70
C TYR B 1025 92.86 -35.86 45.63
N PHE B 1026 93.10 -36.53 46.76
CA PHE B 1026 94.06 -36.03 47.74
C PHE B 1026 94.76 -37.21 48.39
N GLU B 1027 95.93 -36.95 48.95
CA GLU B 1027 96.76 -37.97 49.60
C GLU B 1027 96.74 -37.80 51.11
N PHE B 1028 97.33 -38.77 51.79
CA PHE B 1028 97.42 -38.75 53.25
C PHE B 1028 98.67 -39.51 53.68
N GLU B 1029 99.51 -38.86 54.46
CA GLU B 1029 100.74 -39.45 54.96
C GLU B 1029 100.56 -39.89 56.40
N ALA B 1030 100.90 -41.14 56.68
CA ALA B 1030 100.79 -41.72 58.03
C ALA B 1030 102.20 -42.10 58.49
N VAL B 1031 102.67 -41.44 59.53
CA VAL B 1031 104.00 -41.71 60.07
C VAL B 1031 103.97 -42.83 61.10
N THR B 1032 103.03 -42.78 62.03
CA THR B 1032 102.90 -43.77 63.08
C THR B 1032 101.75 -44.71 62.76
N THR B 1033 102.01 -46.01 62.79
CA THR B 1033 100.98 -46.99 62.48
C THR B 1033 99.98 -47.09 63.63
N GLY B 1034 98.71 -46.99 63.30
CA GLY B 1034 97.66 -47.06 64.30
C GLY B 1034 96.30 -47.07 63.66
N GLU B 1035 95.28 -46.77 64.46
CA GLU B 1035 93.91 -46.73 63.97
C GLU B 1035 93.66 -45.37 63.34
N MET B 1036 93.56 -45.34 62.01
CA MET B 1036 93.33 -44.12 61.27
C MET B 1036 92.04 -44.23 60.49
N ARG B 1037 91.42 -43.07 60.22
CA ARG B 1037 90.17 -42.99 59.47
C ARG B 1037 90.27 -41.79 58.55
N VAL B 1038 90.56 -42.05 57.27
CA VAL B 1038 90.71 -41.00 56.26
C VAL B 1038 89.78 -41.32 55.10
N GLY B 1039 88.93 -40.37 54.74
CA GLY B 1039 88.01 -40.55 53.63
C GLY B 1039 87.23 -39.30 53.30
N TRP B 1040 85.98 -39.47 52.86
CA TRP B 1040 85.11 -38.36 52.52
C TRP B 1040 83.90 -38.35 53.44
N ALA B 1041 83.37 -37.15 53.68
CA ALA B 1041 82.22 -36.99 54.56
C ALA B 1041 81.38 -35.81 54.09
N ARG B 1042 80.14 -35.76 54.58
CA ARG B 1042 79.18 -34.72 54.28
C ARG B 1042 79.30 -33.59 55.31
N PRO B 1043 78.98 -32.35 54.92
CA PRO B 1043 79.08 -31.24 55.88
C PRO B 1043 78.11 -31.34 57.05
N GLU B 1044 77.01 -32.09 56.90
CA GLU B 1044 76.05 -32.28 57.98
C GLU B 1044 76.43 -33.54 58.77
N LEU B 1045 77.58 -33.45 59.44
CA LEU B 1045 78.13 -34.55 60.21
C LEU B 1045 78.14 -34.18 61.69
N ARG B 1046 77.56 -35.05 62.52
CA ARG B 1046 77.53 -34.81 63.95
C ARG B 1046 78.80 -35.34 64.61
N PRO B 1047 79.40 -34.58 65.53
CA PRO B 1047 80.66 -35.02 66.14
C PRO B 1047 80.49 -36.09 67.22
N ASP B 1048 79.32 -36.21 67.83
CA ASP B 1048 79.13 -37.21 68.88
C ASP B 1048 79.17 -38.62 68.31
N VAL B 1049 78.54 -38.83 67.16
CA VAL B 1049 78.56 -40.15 66.53
C VAL B 1049 79.94 -40.41 65.94
N GLU B 1050 80.42 -41.65 66.10
CA GLU B 1050 81.72 -42.02 65.56
C GLU B 1050 81.70 -41.95 64.03
N LEU B 1051 82.82 -41.51 63.46
CA LEU B 1051 82.92 -41.36 62.02
C LEU B 1051 82.77 -42.72 61.33
N GLY B 1052 81.77 -42.83 60.47
CA GLY B 1052 81.50 -44.06 59.74
C GLY B 1052 80.49 -44.97 60.36
N ALA B 1053 79.91 -44.61 61.51
CA ALA B 1053 78.90 -45.45 62.15
C ALA B 1053 77.62 -45.47 61.32
N ASP B 1054 77.06 -44.31 61.03
CA ASP B 1054 75.85 -44.21 60.23
C ASP B 1054 76.24 -44.05 58.75
N GLU B 1055 75.25 -43.75 57.91
CA GLU B 1055 75.47 -43.55 56.48
C GLU B 1055 75.75 -42.10 56.12
N LEU B 1056 76.29 -41.32 57.06
CA LEU B 1056 76.57 -39.91 56.83
C LEU B 1056 78.00 -39.65 56.39
N ALA B 1057 78.86 -40.67 56.36
CA ALA B 1057 80.25 -40.49 55.96
C ALA B 1057 80.80 -41.83 55.48
N TYR B 1058 81.61 -41.78 54.43
CA TYR B 1058 82.26 -42.97 53.87
C TYR B 1058 83.76 -42.86 54.12
N VAL B 1059 84.26 -43.63 55.09
CA VAL B 1059 85.64 -43.54 55.52
C VAL B 1059 86.27 -44.93 55.47
N PHE B 1060 87.58 -44.97 55.28
CA PHE B 1060 88.36 -46.20 55.24
C PHE B 1060 89.26 -46.27 56.46
N ASN B 1061 89.37 -47.45 57.04
CA ASN B 1061 90.14 -47.65 58.26
C ASN B 1061 91.62 -47.85 57.94
N GLY B 1062 92.43 -48.07 58.98
CA GLY B 1062 93.86 -48.20 58.83
C GLY B 1062 94.38 -49.60 59.01
N HIS B 1063 94.91 -49.90 60.21
CA HIS B 1063 95.53 -51.20 60.45
C HIS B 1063 94.54 -52.34 60.38
N ARG B 1064 93.25 -52.05 60.57
CA ARG B 1064 92.24 -53.10 60.51
C ARG B 1064 91.89 -53.45 59.08
N GLY B 1065 91.84 -52.45 58.20
CA GLY B 1065 91.59 -52.69 56.79
C GLY B 1065 90.16 -53.00 56.44
N GLN B 1066 89.24 -52.14 56.87
CA GLN B 1066 87.82 -52.29 56.56
C GLN B 1066 87.22 -50.91 56.30
N ARG B 1067 86.02 -50.91 55.73
CA ARG B 1067 85.26 -49.69 55.49
C ARG B 1067 84.17 -49.53 56.55
N TRP B 1068 83.62 -48.32 56.64
CA TRP B 1068 82.60 -47.98 57.63
C TRP B 1068 81.42 -47.35 56.92
N HIS B 1069 80.49 -48.19 56.47
CA HIS B 1069 79.24 -47.71 55.86
C HIS B 1069 78.16 -48.75 56.18
N LEU B 1070 77.43 -48.51 57.26
CA LEU B 1070 76.38 -49.41 57.73
C LEU B 1070 76.90 -50.83 57.93
N GLY B 1071 78.14 -50.95 58.37
CA GLY B 1071 78.77 -52.23 58.57
C GLY B 1071 80.27 -52.12 58.41
N SER B 1072 80.92 -53.28 58.34
CA SER B 1072 82.37 -53.34 58.18
C SER B 1072 82.73 -54.65 57.49
N GLU B 1073 83.29 -54.55 56.29
CA GLU B 1073 83.69 -55.71 55.50
C GLU B 1073 85.18 -55.62 55.20
N LEU B 1074 85.85 -56.78 55.21
CA LEU B 1074 87.28 -56.84 54.93
C LEU B 1074 87.58 -56.37 53.52
N PHE B 1075 88.30 -55.26 53.40
CA PHE B 1075 88.61 -54.67 52.10
C PHE B 1075 89.96 -53.96 52.18
N GLY B 1076 90.91 -54.43 51.40
CA GLY B 1076 92.23 -53.82 51.34
C GLY B 1076 93.28 -54.60 52.10
N ARG B 1077 94.36 -53.89 52.42
CA ARG B 1077 95.50 -54.45 53.12
C ARG B 1077 95.90 -53.49 54.24
N PRO B 1078 96.54 -54.00 55.29
CA PRO B 1078 96.99 -53.12 56.38
C PRO B 1078 98.02 -52.11 55.89
N TRP B 1079 98.07 -50.97 56.57
CA TRP B 1079 98.94 -49.89 56.16
C TRP B 1079 100.37 -50.13 56.64
N GLN B 1080 101.30 -49.38 56.06
CA GLN B 1080 102.72 -49.47 56.39
C GLN B 1080 103.10 -48.32 57.30
N SER B 1081 104.40 -48.19 57.57
CA SER B 1081 104.90 -47.13 58.43
C SER B 1081 105.19 -45.83 57.70
N GLY B 1082 105.30 -45.88 56.37
CA GLY B 1082 105.58 -44.69 55.60
C GLY B 1082 104.82 -44.63 54.28
N ASP B 1083 103.76 -45.42 54.17
CA ASP B 1083 102.97 -45.46 52.95
C ASP B 1083 102.10 -44.20 52.84
N VAL B 1084 101.55 -44.01 51.64
CA VAL B 1084 100.67 -42.88 51.33
C VAL B 1084 99.32 -43.41 50.90
N VAL B 1085 98.26 -42.89 51.51
CA VAL B 1085 96.89 -43.32 51.24
C VAL B 1085 96.17 -42.22 50.46
N GLY B 1086 95.61 -42.58 49.31
CA GLY B 1086 94.88 -41.64 48.50
C GLY B 1086 93.41 -41.96 48.41
N CYS B 1087 92.60 -40.98 48.01
CA CYS B 1087 91.15 -41.15 47.92
C CYS B 1087 90.65 -40.40 46.69
N MET B 1088 90.11 -41.13 45.72
CA MET B 1088 89.54 -40.55 44.52
C MET B 1088 88.02 -40.48 44.64
N ILE B 1089 87.43 -39.56 43.90
CA ILE B 1089 85.98 -39.36 43.89
C ILE B 1089 85.57 -38.82 42.54
N ASP B 1090 84.41 -39.26 42.06
CA ASP B 1090 83.89 -38.80 40.77
C ASP B 1090 82.38 -38.68 40.90
N LEU B 1091 81.87 -37.44 40.87
CA LEU B 1091 80.44 -37.22 41.05
C LEU B 1091 79.63 -37.58 39.81
N THR B 1092 80.20 -37.36 38.62
CA THR B 1092 79.48 -37.67 37.39
C THR B 1092 79.44 -39.16 37.09
N GLU B 1093 80.33 -39.95 37.70
CA GLU B 1093 80.34 -41.39 37.52
C GLU B 1093 79.87 -42.16 38.75
N ASN B 1094 79.73 -41.49 39.89
CA ASN B 1094 79.26 -42.11 41.14
C ASN B 1094 80.16 -43.28 41.53
N THR B 1095 81.42 -42.96 41.80
CA THR B 1095 82.39 -43.95 42.20
C THR B 1095 83.43 -43.31 43.12
N ILE B 1096 83.95 -44.11 44.05
CA ILE B 1096 84.97 -43.68 45.00
C ILE B 1096 86.05 -44.76 45.02
N ILE B 1097 87.23 -44.42 44.53
CA ILE B 1097 88.34 -45.37 44.43
C ILE B 1097 89.42 -44.96 45.42
N PHE B 1098 89.89 -45.92 46.21
CA PHE B 1098 90.96 -45.69 47.18
C PHE B 1098 92.27 -46.22 46.61
N THR B 1099 93.31 -45.40 46.68
CA THR B 1099 94.63 -45.75 46.16
C THR B 1099 95.62 -45.85 47.32
N LEU B 1100 96.53 -46.81 47.22
CA LEU B 1100 97.56 -47.03 48.24
C LEU B 1100 98.88 -47.30 47.53
N ASN B 1101 99.80 -46.33 47.61
CA ASN B 1101 101.12 -46.44 46.99
C ASN B 1101 101.01 -46.70 45.49
N GLY B 1102 100.10 -45.98 44.83
CA GLY B 1102 99.92 -46.14 43.41
C GLY B 1102 99.21 -47.41 42.99
N GLU B 1103 98.66 -48.17 43.94
CA GLU B 1103 97.95 -49.41 43.64
C GLU B 1103 96.58 -49.35 44.29
N VAL B 1104 95.53 -49.51 43.48
CA VAL B 1104 94.17 -49.43 43.99
C VAL B 1104 93.86 -50.68 44.83
N LEU B 1105 93.00 -50.49 45.82
CA LEU B 1105 92.60 -51.59 46.70
C LEU B 1105 91.40 -52.31 46.11
N MET B 1106 91.45 -53.64 46.13
CA MET B 1106 90.40 -54.48 45.59
C MET B 1106 89.90 -55.44 46.66
N SER B 1107 88.65 -55.88 46.49
CA SER B 1107 88.03 -56.82 47.41
C SER B 1107 88.29 -58.24 46.92
N ASP B 1108 87.60 -59.22 47.53
CA ASP B 1108 87.75 -60.60 47.11
C ASP B 1108 87.21 -60.84 45.70
N SER B 1109 86.20 -60.06 45.30
CA SER B 1109 85.62 -60.18 43.96
C SER B 1109 86.34 -59.34 42.93
N GLY B 1110 87.43 -58.65 43.30
CA GLY B 1110 88.16 -57.83 42.36
C GLY B 1110 87.45 -56.55 41.98
N SER B 1111 86.60 -56.02 42.85
CA SER B 1111 85.89 -54.79 42.57
C SER B 1111 86.81 -53.59 42.78
N GLU B 1112 86.88 -52.71 41.78
CA GLU B 1112 87.71 -51.52 41.84
C GLU B 1112 86.95 -50.30 42.35
N THR B 1113 85.68 -50.45 42.71
CA THR B 1113 84.85 -49.35 43.20
C THR B 1113 84.43 -49.65 44.63
N ALA B 1114 84.90 -48.83 45.57
CA ALA B 1114 84.53 -49.03 46.97
C ALA B 1114 83.05 -48.73 47.20
N PHE B 1115 82.53 -47.71 46.52
CA PHE B 1115 81.13 -47.33 46.66
C PHE B 1115 80.56 -47.05 45.27
N ARG B 1116 79.35 -47.53 45.02
CA ARG B 1116 78.68 -47.35 43.74
C ARG B 1116 77.30 -46.76 43.95
N ASP B 1117 76.85 -46.00 42.94
CA ASP B 1117 75.54 -45.35 42.96
C ASP B 1117 75.38 -44.44 44.17
N ILE B 1118 76.35 -43.57 44.37
CA ILE B 1118 76.31 -42.61 45.48
C ILE B 1118 75.48 -41.41 45.08
N GLU B 1119 74.66 -40.93 46.01
CA GLU B 1119 73.86 -39.73 45.75
C GLU B 1119 74.74 -38.50 45.70
N VAL B 1120 74.37 -37.55 44.84
CA VAL B 1120 75.16 -36.32 44.70
C VAL B 1120 75.05 -35.48 45.97
N GLY B 1121 73.86 -35.40 46.55
CA GLY B 1121 73.68 -34.63 47.77
C GLY B 1121 73.99 -33.15 47.55
N ASP B 1122 74.63 -32.55 48.54
CA ASP B 1122 75.05 -31.15 48.47
C ASP B 1122 76.55 -31.01 48.24
N GLY B 1123 77.36 -31.82 48.92
CA GLY B 1123 78.79 -31.76 48.76
C GLY B 1123 79.47 -32.82 49.59
N PHE B 1124 80.79 -32.92 49.41
CA PHE B 1124 81.60 -33.87 50.15
C PHE B 1124 82.90 -33.21 50.55
N LEU B 1125 83.32 -33.43 51.80
CA LEU B 1125 84.51 -32.83 52.35
C LEU B 1125 85.51 -33.90 52.76
N PRO B 1126 86.81 -33.67 52.56
CA PRO B 1126 87.82 -34.64 53.01
C PRO B 1126 87.86 -34.70 54.53
N VAL B 1127 87.60 -35.88 55.06
CA VAL B 1127 87.54 -36.10 56.50
C VAL B 1127 88.76 -36.90 56.94
N CYS B 1128 89.18 -36.68 58.19
CA CYS B 1128 90.30 -37.39 58.77
C CYS B 1128 90.04 -37.63 60.25
N SER B 1129 90.64 -38.68 60.79
CA SER B 1129 90.46 -39.04 62.19
C SER B 1129 91.68 -39.81 62.66
N LEU B 1130 92.20 -39.44 63.83
CA LEU B 1130 93.37 -40.07 64.42
C LEU B 1130 93.04 -40.56 65.82
N GLY B 1131 93.58 -41.73 66.16
CA GLY B 1131 93.33 -42.32 67.46
C GLY B 1131 94.20 -41.75 68.55
N PRO B 1132 94.20 -42.37 69.72
CA PRO B 1132 95.02 -41.88 70.83
C PRO B 1132 96.51 -42.07 70.58
N GLY B 1133 97.23 -40.96 70.43
CA GLY B 1133 98.66 -41.03 70.18
C GLY B 1133 99.02 -41.46 68.77
N GLN B 1134 98.28 -40.98 67.77
CA GLN B 1134 98.53 -41.32 66.37
C GLN B 1134 98.87 -40.05 65.61
N VAL B 1135 99.97 -40.09 64.86
CA VAL B 1135 100.45 -38.96 64.09
C VAL B 1135 100.18 -39.24 62.61
N GLY B 1136 99.58 -38.27 61.93
CA GLY B 1136 99.28 -38.40 60.52
C GLY B 1136 99.21 -37.08 59.79
N HIS B 1137 99.91 -36.97 58.67
CA HIS B 1137 99.96 -35.73 57.91
C HIS B 1137 98.88 -35.76 56.82
N LEU B 1138 98.06 -34.71 56.81
CA LEU B 1138 97.01 -34.56 55.81
C LEU B 1138 97.49 -33.59 54.73
N ASN B 1139 97.57 -34.07 53.50
CA ASN B 1139 98.04 -33.29 52.37
C ASN B 1139 96.87 -33.11 51.40
N LEU B 1140 96.25 -31.93 51.45
CA LEU B 1140 95.12 -31.62 50.58
C LEU B 1140 95.54 -31.27 49.16
N GLY B 1141 96.84 -31.21 48.88
CA GLY B 1141 97.31 -30.91 47.55
C GLY B 1141 97.24 -29.44 47.19
N GLN B 1142 97.99 -28.60 47.92
CA GLN B 1142 98.02 -27.17 47.62
C GLN B 1142 98.71 -26.92 46.28
N ASP B 1143 99.74 -27.69 45.97
CA ASP B 1143 100.44 -27.60 44.70
C ASP B 1143 100.68 -29.00 44.14
N VAL B 1144 100.96 -29.06 42.84
CA VAL B 1144 101.16 -30.35 42.19
C VAL B 1144 102.50 -30.97 42.58
N SER B 1145 103.48 -30.15 42.96
CA SER B 1145 104.80 -30.67 43.27
C SER B 1145 104.82 -31.49 44.55
N SER B 1146 103.93 -31.18 45.50
CA SER B 1146 103.91 -31.92 46.75
C SER B 1146 103.29 -33.30 46.58
N LEU B 1147 102.35 -33.45 45.65
CA LEU B 1147 101.71 -34.74 45.40
C LEU B 1147 102.67 -35.65 44.68
N ARG B 1148 103.19 -36.65 45.40
CA ARG B 1148 104.15 -37.58 44.82
C ARG B 1148 103.49 -38.77 44.15
N PHE B 1149 102.38 -39.26 44.72
CA PHE B 1149 101.65 -40.41 44.18
C PHE B 1149 100.44 -39.98 43.35
N PHE B 1150 100.49 -38.81 42.74
CA PHE B 1150 99.41 -38.35 41.88
C PHE B 1150 99.69 -38.61 40.40
N ALA B 1151 100.95 -38.54 39.99
CA ALA B 1151 101.32 -38.78 38.59
C ALA B 1151 101.28 -40.26 38.22
N ILE B 1152 101.02 -41.15 39.17
CA ILE B 1152 100.99 -42.58 38.88
C ILE B 1152 99.58 -43.04 38.50
N CYS B 1153 98.55 -42.46 39.10
CA CYS B 1153 97.17 -42.84 38.83
C CYS B 1153 96.30 -41.69 38.35
N GLY B 1154 96.46 -40.50 38.91
CA GLY B 1154 95.64 -39.36 38.57
C GLY B 1154 96.14 -38.50 37.44
N LEU B 1155 97.29 -38.83 36.84
CA LEU B 1155 97.82 -38.03 35.74
C LEU B 1155 97.08 -38.32 34.43
N GLN B 1156 97.09 -39.57 33.99
CA GLN B 1156 96.44 -39.95 32.74
C GLN B 1156 94.94 -40.19 32.89
N GLU B 1157 94.44 -40.29 34.12
CA GLU B 1157 93.01 -40.53 34.31
C GLU B 1157 92.19 -39.26 34.10
N GLY B 1158 92.64 -38.14 34.66
CA GLY B 1158 91.94 -36.88 34.49
C GLY B 1158 91.51 -36.25 35.80
N PHE B 1159 92.19 -36.60 36.88
CA PHE B 1159 91.86 -36.06 38.20
C PHE B 1159 92.66 -34.78 38.46
N GLU B 1160 92.27 -34.08 39.53
CA GLU B 1160 92.90 -32.83 39.90
C GLU B 1160 92.91 -32.72 41.42
N PRO B 1161 93.90 -32.03 41.99
CA PRO B 1161 93.94 -31.87 43.44
C PRO B 1161 92.78 -31.02 43.94
N PHE B 1162 92.64 -30.98 45.28
CA PHE B 1162 91.56 -30.22 45.89
C PHE B 1162 91.81 -28.72 45.79
N ALA B 1163 92.91 -28.25 46.37
CA ALA B 1163 93.26 -26.83 46.33
C ALA B 1163 94.29 -26.63 45.22
N ILE B 1164 93.78 -26.58 43.98
CA ILE B 1164 94.65 -26.46 42.82
C ILE B 1164 95.18 -25.03 42.67
N ASN B 1165 94.35 -24.04 43.00
CA ASN B 1165 94.74 -22.64 42.85
C ASN B 1165 94.34 -21.80 44.06
N MET B 1166 94.34 -22.40 45.25
CA MET B 1166 94.00 -21.70 46.48
C MET B 1166 95.29 -21.16 47.09
N GLN B 1167 95.43 -19.83 47.10
CA GLN B 1167 96.63 -19.21 47.66
C GLN B 1167 96.66 -19.28 49.18
N ARG B 1168 95.52 -19.49 49.82
CA ARG B 1168 95.44 -19.59 51.27
C ARG B 1168 95.28 -21.04 51.70
N PRO B 1169 95.82 -21.42 52.85
CA PRO B 1169 95.67 -22.80 53.33
C PRO B 1169 94.21 -23.13 53.60
N VAL B 1170 93.86 -24.39 53.39
CA VAL B 1170 92.49 -24.84 53.61
C VAL B 1170 92.18 -24.83 55.10
N THR B 1171 91.03 -24.26 55.45
CA THR B 1171 90.62 -24.20 56.85
C THR B 1171 90.25 -25.58 57.36
N THR B 1172 90.89 -25.99 58.45
CA THR B 1172 90.65 -27.30 59.06
C THR B 1172 89.84 -27.13 60.34
N TRP B 1173 88.91 -28.05 60.56
CA TRP B 1173 88.06 -28.04 61.74
C TRP B 1173 88.25 -29.33 62.52
N PHE B 1174 88.47 -29.20 63.83
CA PHE B 1174 88.67 -30.34 64.71
C PHE B 1174 87.53 -30.42 65.71
N SER B 1175 87.45 -31.56 66.40
CA SER B 1175 86.40 -31.80 67.38
C SER B 1175 86.88 -31.32 68.75
N LYS B 1176 86.14 -30.39 69.34
CA LYS B 1176 86.49 -29.85 70.66
C LYS B 1176 86.10 -30.86 71.72
N SER B 1177 87.10 -31.45 72.37
CA SER B 1177 86.84 -32.43 73.43
C SER B 1177 86.19 -31.80 74.65
N LEU B 1178 86.30 -30.49 74.81
CA LEU B 1178 85.69 -29.81 75.95
C LEU B 1178 84.17 -29.76 75.77
N PRO B 1179 83.38 -30.30 76.69
CA PRO B 1179 81.93 -30.23 76.55
C PRO B 1179 81.40 -28.83 76.86
N GLN B 1180 80.41 -28.40 76.07
CA GLN B 1180 79.78 -27.11 76.26
C GLN B 1180 78.27 -27.27 76.14
N PHE B 1181 77.55 -26.29 76.67
CA PHE B 1181 76.09 -26.34 76.68
C PHE B 1181 75.53 -26.01 75.31
N GLU B 1182 74.40 -26.65 74.99
CA GLU B 1182 73.72 -26.43 73.72
C GLU B 1182 72.24 -26.76 73.90
N ALA B 1183 71.40 -25.95 73.26
CA ALA B 1183 69.96 -26.15 73.37
C ALA B 1183 69.54 -27.47 72.74
N VAL B 1184 68.48 -28.06 73.29
CA VAL B 1184 67.96 -29.33 72.81
C VAL B 1184 67.07 -29.08 71.61
N PRO B 1185 67.33 -29.72 70.47
CA PRO B 1185 66.46 -29.52 69.29
C PRO B 1185 65.07 -30.10 69.52
N LEU B 1186 64.12 -29.58 68.75
CA LEU B 1186 62.74 -30.04 68.87
C LEU B 1186 62.59 -31.48 68.40
N GLU B 1187 63.47 -31.94 67.52
CA GLU B 1187 63.42 -33.29 66.98
C GLU B 1187 64.59 -34.09 67.57
N HIS B 1188 64.26 -35.20 68.23
CA HIS B 1188 65.26 -36.09 68.81
C HIS B 1188 64.68 -37.48 68.88
N PRO B 1189 65.52 -38.53 68.73
CA PRO B 1189 64.98 -39.90 68.81
C PRO B 1189 64.24 -40.20 70.10
N HIS B 1190 64.83 -39.92 71.26
CA HIS B 1190 64.23 -40.26 72.55
C HIS B 1190 64.35 -39.10 73.53
N TYR B 1191 64.08 -37.89 73.09
CA TYR B 1191 64.09 -36.72 73.97
C TYR B 1191 63.16 -35.66 73.42
N GLU B 1192 62.33 -35.09 74.30
CA GLU B 1192 61.42 -34.03 73.90
C GLU B 1192 61.05 -33.23 75.14
N VAL B 1193 60.73 -31.96 74.93
CA VAL B 1193 60.37 -31.04 76.01
C VAL B 1193 59.29 -30.09 75.51
N SER B 1194 58.34 -29.77 76.39
CA SER B 1194 57.24 -28.88 76.07
C SER B 1194 57.08 -27.86 77.19
N ARG B 1195 56.39 -26.76 76.87
CA ARG B 1195 56.13 -25.69 77.82
C ARG B 1195 54.68 -25.74 78.28
N VAL B 1196 54.46 -25.59 79.58
CA VAL B 1196 53.13 -25.60 80.16
C VAL B 1196 52.62 -24.17 80.22
N ASP B 1197 51.38 -23.96 79.77
CA ASP B 1197 50.78 -22.64 79.78
C ASP B 1197 50.55 -22.16 81.20
N GLY B 1198 50.51 -20.84 81.36
CA GLY B 1198 50.31 -20.24 82.66
C GLY B 1198 48.85 -19.99 82.99
N THR B 1199 48.27 -20.84 83.83
CA THR B 1199 46.87 -20.71 84.21
C THR B 1199 46.76 -19.88 85.50
N VAL B 1200 45.54 -19.73 85.99
CA VAL B 1200 45.31 -18.96 87.21
C VAL B 1200 45.73 -19.75 88.45
N ASP B 1201 45.72 -21.08 88.36
CA ASP B 1201 46.09 -21.93 89.49
C ASP B 1201 47.44 -22.61 89.33
N THR B 1202 47.87 -22.85 88.09
CA THR B 1202 49.14 -23.51 87.83
C THR B 1202 50.13 -22.53 87.22
N PRO B 1203 51.31 -22.37 87.78
CA PRO B 1203 52.30 -21.46 87.21
C PRO B 1203 52.89 -22.03 85.93
N PRO B 1204 53.42 -21.19 85.04
CA PRO B 1204 54.02 -21.70 83.80
C PRO B 1204 55.28 -22.51 84.10
N CYS B 1205 55.25 -23.78 83.73
CA CYS B 1205 56.35 -24.71 83.98
C CYS B 1205 56.90 -25.22 82.65
N LEU B 1206 58.08 -25.84 82.73
CA LEU B 1206 58.75 -26.43 81.57
C LEU B 1206 58.88 -27.93 81.84
N ARG B 1207 57.85 -28.68 81.44
CA ARG B 1207 57.83 -30.12 81.67
C ARG B 1207 58.71 -30.84 80.65
N LEU B 1208 59.51 -31.79 81.12
CA LEU B 1208 60.37 -32.60 80.27
C LEU B 1208 60.06 -34.08 80.52
N THR B 1209 59.91 -34.83 79.44
CA THR B 1209 59.60 -36.25 79.52
C THR B 1209 60.58 -37.04 78.66
N HIS B 1210 60.64 -38.34 78.92
CA HIS B 1210 61.51 -39.25 78.19
C HIS B 1210 60.69 -40.39 77.61
N ARG B 1211 61.05 -40.83 76.41
CA ARG B 1211 60.36 -41.92 75.74
C ARG B 1211 61.34 -42.92 75.16
N SER B 1212 65.28 -47.61 74.05
CA SER B 1212 65.69 -46.25 74.35
C SER B 1212 66.84 -46.24 75.36
N LEU B 1213 68.02 -45.81 74.90
CA LEU B 1213 69.18 -45.76 75.77
C LEU B 1213 69.05 -44.61 76.75
N VAL B 1214 69.35 -44.87 78.02
CA VAL B 1214 69.27 -43.88 79.09
C VAL B 1214 70.68 -43.63 79.62
N GLU B 1215 71.09 -42.37 79.63
CA GLU B 1215 72.42 -41.99 80.11
C GLU B 1215 72.29 -40.75 80.97
N MET B 1216 73.41 -40.35 81.57
CA MET B 1216 73.42 -39.17 82.43
C MET B 1216 73.39 -37.90 81.59
N LEU B 1217 72.49 -36.98 81.95
CA LEU B 1217 72.33 -35.71 81.26
C LEU B 1217 72.50 -34.57 82.25
N PHE B 1218 72.96 -33.43 81.74
CA PHE B 1218 73.18 -32.23 82.53
C PHE B 1218 72.41 -31.07 81.89
N LEU B 1219 71.26 -30.73 82.47
CA LEU B 1219 70.43 -29.65 81.96
C LEU B 1219 70.81 -28.32 82.59
N ARG B 1220 70.44 -27.25 81.90
CA ARG B 1220 70.75 -25.89 82.36
C ARG B 1220 69.88 -24.91 81.57
N LEU B 1221 69.64 -23.75 82.17
CA LEU B 1221 68.88 -22.70 81.52
C LEU B 1221 69.77 -21.90 80.59
N SER B 1222 69.22 -20.83 80.01
CA SER B 1222 69.93 -20.01 79.04
C SER B 1222 70.42 -18.69 79.62
N LEU B 1223 69.56 -17.97 80.35
CA LEU B 1223 69.94 -16.66 80.86
C LEU B 1223 70.29 -16.74 82.33
N PRO B 1224 71.44 -16.22 82.74
CA PRO B 1224 71.82 -16.25 84.15
C PRO B 1224 71.20 -15.09 84.91
N VAL B 1225 71.57 -14.99 86.19
CA VAL B 1225 71.12 -13.92 87.07
C VAL B 1225 72.35 -13.31 87.73
N GLN B 1226 72.57 -12.02 87.49
CA GLN B 1226 73.72 -11.34 88.08
C GLN B 1226 73.52 -11.13 89.58
N PHE B 1227 74.63 -11.07 90.31
CA PHE B 1227 74.62 -10.93 91.75
C PHE B 1227 74.85 -9.50 92.20
N HIS B 1228 74.42 -8.52 91.40
CA HIS B 1228 74.54 -7.09 91.71
C HIS B 1228 76.00 -6.71 91.97
N GLN B 1229 76.82 -6.90 90.95
CA GLN B 1229 78.24 -6.58 91.03
C GLN B 1229 78.46 -5.07 91.11
N LEU B 1230 58.35 -5.73 99.80
CA LEU B 1230 57.85 -5.92 98.45
C LEU B 1230 58.98 -5.78 97.43
N ASN B 1231 59.98 -4.96 97.75
CA ASN B 1231 61.13 -4.72 96.88
C ASN B 1231 62.35 -5.51 97.32
N THR B 1232 62.15 -6.71 97.87
CA THR B 1232 63.27 -7.53 98.33
C THR B 1232 63.97 -8.19 97.14
N THR B 1233 64.98 -8.99 97.44
CA THR B 1233 65.78 -9.68 96.43
C THR B 1233 65.70 -11.19 96.62
N THR B 1234 64.51 -11.70 96.91
CA THR B 1234 64.29 -13.12 97.09
C THR B 1234 63.70 -13.72 95.82
N TYR B 1235 64.15 -14.93 95.48
CA TYR B 1235 63.71 -15.63 94.29
C TYR B 1235 63.39 -17.07 94.62
N TYR B 1236 62.18 -17.50 94.29
CA TYR B 1236 61.70 -18.85 94.61
C TYR B 1236 61.90 -19.72 93.36
N TYR B 1237 63.08 -20.31 93.26
CA TYR B 1237 63.40 -21.22 92.16
C TYR B 1237 63.09 -22.64 92.61
N SER B 1238 61.96 -23.17 92.15
CA SER B 1238 61.48 -24.48 92.56
C SER B 1238 61.55 -25.47 91.40
N VAL B 1239 61.60 -26.75 91.75
CA VAL B 1239 61.59 -27.84 90.79
C VAL B 1239 60.77 -28.98 91.39
N ARG B 1240 59.91 -29.60 90.57
CA ARG B 1240 59.02 -30.66 91.01
C ARG B 1240 59.39 -31.95 90.28
N VAL B 1241 59.89 -32.92 91.04
CA VAL B 1241 60.21 -34.24 90.50
C VAL B 1241 59.04 -35.17 90.79
N PHE B 1242 58.71 -36.01 89.82
CA PHE B 1242 57.57 -36.90 89.95
C PHE B 1242 57.93 -38.10 90.83
N ALA B 1243 56.90 -38.87 91.17
CA ALA B 1243 57.09 -40.04 92.03
C ALA B 1243 57.82 -41.17 91.32
N GLY B 1244 57.87 -41.15 89.98
CA GLY B 1244 58.56 -42.20 89.26
C GLY B 1244 60.06 -42.16 89.42
N GLN B 1245 60.64 -40.97 89.50
CA GLN B 1245 62.07 -40.80 89.67
C GLN B 1245 62.43 -40.78 91.15
N GLU B 1246 63.51 -41.48 91.50
CA GLU B 1246 63.93 -41.54 92.89
C GLU B 1246 64.60 -40.22 93.29
N PRO B 1247 64.39 -39.75 94.51
CA PRO B 1247 65.02 -38.50 94.96
C PRO B 1247 66.49 -38.65 95.32
N SER B 1248 67.03 -39.87 95.32
CA SER B 1248 68.42 -40.09 95.68
C SER B 1248 69.38 -39.78 94.54
N CYS B 1249 68.88 -39.66 93.31
CA CYS B 1249 69.71 -39.38 92.14
C CYS B 1249 69.30 -38.06 91.49
N VAL B 1250 68.95 -37.08 92.32
CA VAL B 1250 68.55 -35.75 91.86
C VAL B 1250 69.44 -34.72 92.53
N TRP B 1251 70.05 -33.85 91.71
CA TRP B 1251 70.91 -32.79 92.19
C TRP B 1251 70.34 -31.45 91.74
N VAL B 1252 69.92 -30.62 92.69
CA VAL B 1252 69.27 -29.34 92.42
C VAL B 1252 70.15 -28.23 92.97
N GLY B 1253 70.33 -27.18 92.18
CA GLY B 1253 71.12 -26.04 92.63
C GLY B 1253 71.45 -25.11 91.49
N TRP B 1254 72.56 -24.40 91.65
CA TRP B 1254 73.07 -23.46 90.67
C TRP B 1254 74.45 -23.87 90.22
N VAL B 1255 74.92 -23.27 89.12
CA VAL B 1255 76.22 -23.61 88.54
C VAL B 1255 76.79 -22.36 87.89
N THR B 1256 78.12 -22.32 87.77
CA THR B 1256 79.03 -21.36 87.17
C THR B 1256 79.21 -21.66 85.69
N PRO B 1257 79.19 -20.64 84.81
CA PRO B 1257 79.38 -20.90 83.37
C PRO B 1257 80.74 -21.49 83.03
N ASP B 1258 81.63 -21.58 84.02
CA ASP B 1258 82.94 -22.19 83.84
C ASP B 1258 82.92 -23.70 84.07
N TYR B 1259 81.73 -24.32 84.04
CA TYR B 1259 81.59 -25.75 84.24
C TYR B 1259 81.63 -26.45 82.90
N HIS B 1260 82.71 -27.18 82.63
CA HIS B 1260 82.91 -27.89 81.37
C HIS B 1260 83.40 -29.31 81.64
N GLN B 1261 82.74 -29.99 82.57
CA GLN B 1261 83.09 -31.36 82.94
C GLN B 1261 81.92 -32.27 82.66
N HIS B 1262 82.20 -33.43 82.06
CA HIS B 1262 81.18 -34.42 81.74
C HIS B 1262 81.74 -35.80 82.06
N ASP B 1263 81.13 -36.47 83.03
CA ASP B 1263 81.58 -37.80 83.43
C ASP B 1263 80.42 -38.54 84.09
N MET B 1264 80.52 -39.86 84.09
CA MET B 1264 79.48 -40.68 84.69
C MET B 1264 79.67 -40.79 86.19
N ASN B 1265 78.58 -41.15 86.88
CA ASN B 1265 78.57 -41.30 88.33
C ASN B 1265 78.99 -40.00 89.02
N PHE B 1266 78.21 -38.95 88.76
CA PHE B 1266 78.49 -37.63 89.33
C PHE B 1266 78.04 -37.59 90.79
N ASP B 1267 78.95 -37.24 91.69
CA ASP B 1267 78.67 -37.16 93.11
C ASP B 1267 79.19 -35.83 93.65
N LEU B 1268 78.91 -35.58 94.93
CA LEU B 1268 79.34 -34.33 95.55
C LEU B 1268 80.84 -34.33 95.84
N THR B 1269 81.48 -35.50 95.88
CA THR B 1269 82.91 -35.56 96.15
C THR B 1269 83.76 -35.17 94.94
N LYS B 1270 83.23 -35.30 93.73
CA LYS B 1270 83.94 -34.94 92.52
C LYS B 1270 83.71 -33.50 92.10
N VAL B 1271 83.00 -32.71 92.90
CA VAL B 1271 82.75 -31.31 92.58
C VAL B 1271 84.00 -30.50 92.91
N ARG B 1272 84.50 -29.77 91.93
CA ARG B 1272 85.70 -28.96 92.12
C ARG B 1272 85.37 -27.72 92.95
N ALA B 1273 86.25 -27.42 93.90
CA ALA B 1273 86.08 -26.26 94.77
C ALA B 1273 87.45 -25.79 95.24
N VAL B 1274 87.58 -24.47 95.39
CA VAL B 1274 88.83 -23.86 95.82
C VAL B 1274 88.50 -22.77 96.84
N THR B 1275 89.08 -22.89 98.03
CA THR B 1275 88.89 -21.91 99.11
C THR B 1275 90.21 -21.19 99.33
N VAL B 1276 90.27 -19.93 98.90
CA VAL B 1276 91.48 -19.12 99.03
C VAL B 1276 91.47 -18.44 100.39
N THR B 1277 92.64 -18.40 101.02
CA THR B 1277 92.81 -17.79 102.34
C THR B 1277 93.84 -16.66 102.21
N MET B 1278 93.42 -15.45 102.56
CA MET B 1278 94.28 -14.27 102.49
C MET B 1278 94.81 -13.96 103.89
N GLY B 1279 96.12 -14.14 104.06
CA GLY B 1279 96.75 -13.87 105.34
C GLY B 1279 97.30 -12.46 105.44
N ASP B 1280 97.73 -12.11 106.65
CA ASP B 1280 98.31 -10.79 106.94
C ASP B 1280 97.36 -9.66 106.55
N ASN B 1281 97.89 -12.31 111.47
CA ASN B 1281 97.47 -13.67 111.16
C ASN B 1281 96.58 -13.70 109.93
N ILE B 1282 95.61 -14.61 109.91
CA ILE B 1282 94.69 -14.73 108.79
C ILE B 1282 93.72 -13.55 108.79
N HIS B 1283 93.61 -12.87 107.66
CA HIS B 1283 92.73 -11.71 107.53
C HIS B 1283 91.30 -12.14 107.22
N SER B 1284 91.11 -12.87 106.11
CA SER B 1284 89.78 -13.31 105.72
C SER B 1284 89.91 -14.61 104.93
N SER B 1285 88.79 -15.34 104.85
CA SER B 1285 88.73 -16.59 104.13
C SER B 1285 87.58 -16.53 103.13
N LEU B 1286 87.78 -17.17 101.98
CA LEU B 1286 86.84 -17.14 100.88
C LEU B 1286 86.55 -18.56 100.42
N LYS B 1287 85.61 -18.70 99.48
CA LYS B 1287 85.23 -20.00 98.95
C LYS B 1287 84.71 -19.83 97.54
N CYS B 1288 85.40 -20.43 96.57
CA CYS B 1288 85.03 -20.35 95.17
C CYS B 1288 84.82 -21.77 94.64
N SER B 1289 83.57 -22.14 94.42
CA SER B 1289 83.21 -23.45 93.89
C SER B 1289 82.51 -23.30 92.55
N ASN B 1290 82.72 -24.29 91.67
CA ASN B 1290 82.08 -24.25 90.35
C ASN B 1290 80.61 -24.61 90.43
N CYS B 1291 80.24 -25.48 91.36
CA CYS B 1291 78.86 -25.96 91.48
C CYS B 1291 78.37 -25.78 92.90
N TYR B 1292 77.06 -25.49 93.03
CA TYR B 1292 76.41 -25.35 94.32
C TYR B 1292 75.09 -26.12 94.25
N MET B 1293 75.13 -27.41 94.61
CA MET B 1293 73.92 -28.22 94.61
C MET B 1293 73.76 -28.98 95.92
N VAL B 1294 72.78 -29.88 95.98
CA VAL B 1294 72.52 -30.71 97.14
C VAL B 1294 72.44 -32.15 96.68
N TRP B 1295 72.69 -33.08 97.62
CA TRP B 1295 72.63 -34.50 97.30
C TRP B 1295 71.25 -34.93 96.87
N GLY B 1296 70.20 -34.30 97.41
CA GLY B 1296 68.83 -34.61 97.06
C GLY B 1296 68.20 -35.74 97.85
N GLY B 1297 68.93 -36.83 98.03
CA GLY B 1297 68.42 -37.98 98.76
C GLY B 1297 68.32 -37.77 100.26
N ASP B 1298 68.88 -36.68 100.78
CA ASP B 1298 68.81 -36.42 102.21
C ASP B 1298 67.40 -36.07 102.66
N PHE B 1299 66.56 -35.55 101.77
CA PHE B 1299 65.20 -35.18 102.13
C PHE B 1299 64.27 -36.38 102.23
N VAL B 1300 64.69 -37.55 101.77
CA VAL B 1300 63.86 -38.75 101.83
C VAL B 1300 64.46 -39.75 102.83
N SER B 1301 55.94 -45.97 98.63
CA SER B 1301 57.11 -45.19 99.00
C SER B 1301 57.52 -44.26 97.86
N HIS B 1302 56.56 -43.52 97.32
CA HIS B 1302 56.82 -42.60 96.22
C HIS B 1302 55.87 -41.41 96.36
N THR B 1303 56.42 -40.26 96.75
CA THR B 1303 55.65 -39.05 96.94
C THR B 1303 56.25 -37.93 96.10
N ASP B 1304 55.38 -37.07 95.55
CA ASP B 1304 55.82 -35.95 94.74
C ASP B 1304 56.60 -34.94 95.58
N LEU B 1305 57.90 -35.14 95.70
CA LEU B 1305 58.74 -34.26 96.51
C LEU B 1305 59.06 -32.99 95.73
N VAL B 1306 58.80 -31.84 96.35
CA VAL B 1306 59.07 -30.53 95.76
C VAL B 1306 60.36 -29.99 96.38
N ILE B 1307 61.18 -29.36 95.54
CA ILE B 1307 62.47 -28.79 95.96
C ILE B 1307 62.53 -27.36 95.46
N GLY B 1308 62.72 -26.41 96.38
CA GLY B 1308 62.83 -25.01 96.03
C GLY B 1308 64.19 -24.44 96.40
N CYS B 1309 64.46 -23.24 95.88
CA CYS B 1309 65.71 -22.56 96.13
C CYS B 1309 65.43 -21.09 96.44
N LEU B 1310 66.35 -20.48 97.17
CA LEU B 1310 66.25 -19.07 97.54
C LEU B 1310 67.63 -18.44 97.45
N VAL B 1311 67.75 -17.38 96.66
CA VAL B 1311 69.02 -16.68 96.46
C VAL B 1311 68.82 -15.20 96.69
N ASP B 1312 69.87 -14.53 97.12
CA ASP B 1312 69.86 -13.09 97.37
C ASP B 1312 70.97 -12.44 96.55
N LEU B 1313 70.63 -11.35 95.86
CA LEU B 1313 71.59 -10.65 95.01
C LEU B 1313 72.30 -9.51 95.71
N ALA B 1314 71.67 -8.90 96.72
CA ALA B 1314 72.25 -7.77 97.44
C ALA B 1314 73.29 -8.28 98.44
N THR B 1315 74.37 -8.82 97.89
CA THR B 1315 75.48 -9.37 98.68
C THR B 1315 74.98 -10.40 99.70
N GLY B 1316 74.01 -11.21 99.29
CA GLY B 1316 73.41 -12.21 100.15
C GLY B 1316 73.97 -13.59 99.92
N LEU B 1317 73.35 -14.56 100.58
CA LEU B 1317 73.74 -15.97 100.50
C LEU B 1317 72.63 -16.77 99.80
N MET B 1318 72.84 -18.07 99.71
CA MET B 1318 71.90 -18.97 99.05
C MET B 1318 71.66 -20.18 99.93
N THR B 1319 70.39 -20.60 100.02
CA THR B 1319 70.01 -21.76 100.80
C THR B 1319 68.93 -22.52 100.06
N PHE B 1320 68.82 -23.82 100.35
CA PHE B 1320 67.84 -24.70 99.71
C PHE B 1320 66.72 -24.99 100.70
N THR B 1321 65.50 -24.66 100.30
CA THR B 1321 64.30 -24.89 101.11
C THR B 1321 63.41 -25.88 100.40
N ALA B 1322 63.09 -26.99 101.06
CA ALA B 1322 62.25 -28.04 100.51
C ALA B 1322 61.07 -28.26 101.44
N ASN B 1323 59.86 -28.08 100.91
CA ASN B 1323 58.62 -28.26 101.68
C ASN B 1323 58.60 -27.39 102.93
N GLY B 1324 59.13 -26.17 102.81
CA GLY B 1324 59.17 -25.25 103.92
C GLY B 1324 60.23 -25.53 104.95
N LYS B 1325 61.14 -26.48 104.69
CA LYS B 1325 62.21 -26.83 105.62
C LYS B 1325 63.55 -26.66 104.92
N GLU B 1326 64.48 -25.96 105.58
CA GLU B 1326 65.79 -25.73 105.02
C GLU B 1326 66.64 -27.00 105.10
N SER B 1327 67.67 -27.05 104.26
CA SER B 1327 68.59 -28.17 104.21
C SER B 1327 69.77 -28.02 105.17
N ASN B 1328 69.77 -26.96 105.99
CA ASN B 1328 70.85 -26.70 106.95
C ASN B 1328 72.21 -26.61 106.25
N THR B 1329 72.22 -25.97 105.08
CA THR B 1329 73.44 -25.78 104.31
C THR B 1329 73.55 -24.32 103.90
N PHE B 1330 74.77 -23.79 103.95
CA PHE B 1330 75.05 -22.40 103.61
C PHE B 1330 75.88 -22.33 102.34
N PHE B 1331 75.55 -21.37 101.48
CA PHE B 1331 76.27 -21.15 100.22
C PHE B 1331 76.58 -19.67 100.09
N GLN B 1332 77.86 -19.33 100.08
CA GLN B 1332 78.31 -17.95 99.93
C GLN B 1332 79.11 -17.82 98.65
N VAL B 1333 78.82 -16.75 97.89
CA VAL B 1333 79.47 -16.50 96.61
C VAL B 1333 79.86 -15.03 96.56
N GLU B 1334 80.81 -14.73 95.67
CA GLU B 1334 81.27 -13.36 95.52
C GLU B 1334 80.15 -12.50 94.93
N PRO B 1335 80.03 -11.23 95.34
CA PRO B 1335 79.00 -10.36 94.77
C PRO B 1335 79.17 -10.13 93.27
N ASN B 1336 80.34 -10.40 92.71
CA ASN B 1336 80.61 -10.25 91.28
C ASN B 1336 80.69 -11.66 90.69
N THR B 1337 79.54 -12.18 90.27
CA THR B 1337 79.46 -13.52 89.69
C THR B 1337 78.18 -13.61 88.87
N LYS B 1338 77.95 -14.79 88.30
CA LYS B 1338 76.74 -15.07 87.53
C LYS B 1338 76.43 -16.55 87.66
N LEU B 1339 75.27 -16.86 88.25
CA LEU B 1339 74.86 -18.24 88.50
C LEU B 1339 73.88 -18.71 87.45
N PHE B 1340 73.97 -19.99 87.10
CA PHE B 1340 73.09 -20.61 86.13
C PHE B 1340 72.28 -21.70 86.82
N PRO B 1341 70.95 -21.67 86.75
CA PRO B 1341 70.14 -22.72 87.38
C PRO B 1341 70.23 -24.04 86.62
N ALA B 1342 70.93 -25.01 87.21
CA ALA B 1342 71.10 -26.33 86.60
C ALA B 1342 70.67 -27.41 87.57
N VAL B 1343 69.92 -28.39 87.06
CA VAL B 1343 69.41 -29.50 87.86
C VAL B 1343 69.88 -30.78 87.17
N PHE B 1344 70.89 -31.44 87.74
CA PHE B 1344 71.39 -32.70 87.20
C PHE B 1344 70.53 -33.85 87.70
N VAL B 1345 70.11 -34.72 86.78
CA VAL B 1345 69.21 -35.82 87.10
C VAL B 1345 69.37 -36.90 86.04
N LEU B 1346 69.01 -38.13 86.39
CA LEU B 1346 69.03 -39.25 85.47
C LEU B 1346 67.61 -39.67 85.15
N PRO B 1347 67.28 -39.92 83.88
CA PRO B 1347 65.90 -40.27 83.53
C PRO B 1347 65.51 -41.63 84.08
N THR B 1348 64.20 -41.80 84.27
CA THR B 1348 63.61 -43.04 84.76
C THR B 1348 62.53 -43.53 83.80
N HIS B 1349 62.84 -43.48 82.49
CA HIS B 1349 61.97 -43.95 81.42
C HIS B 1349 60.71 -43.10 81.25
N GLN B 1350 60.21 -42.52 82.33
CA GLN B 1350 59.03 -41.66 82.25
C GLN B 1350 59.06 -40.67 83.40
N ASN B 1351 58.54 -39.46 83.15
CA ASN B 1351 58.46 -38.40 84.14
C ASN B 1351 59.81 -38.12 84.78
N VAL B 1352 60.66 -37.37 84.09
CA VAL B 1352 62.00 -37.09 84.58
C VAL B 1352 61.96 -35.98 85.63
N ILE B 1353 61.80 -34.73 85.18
CA ILE B 1353 61.76 -33.57 86.06
C ILE B 1353 60.76 -32.57 85.49
N GLN B 1354 60.54 -31.49 86.23
CA GLN B 1354 59.65 -30.42 85.79
C GLN B 1354 60.13 -29.11 86.40
N PHE B 1355 60.47 -28.14 85.57
CA PHE B 1355 60.97 -26.85 86.02
C PHE B 1355 59.79 -25.90 86.17
N GLU B 1356 59.26 -25.81 87.39
CA GLU B 1356 58.12 -24.96 87.68
C GLU B 1356 58.63 -23.63 88.22
N LEU B 1357 58.28 -22.54 87.53
CA LEU B 1357 58.70 -21.20 87.93
C LEU B 1357 57.49 -20.49 88.54
N GLY B 1358 57.54 -20.21 89.84
CA GLY B 1358 56.46 -19.56 90.53
C GLY B 1358 56.98 -18.61 91.58
N LYS B 1359 56.10 -17.69 91.99
CA LYS B 1359 56.42 -16.69 92.99
C LYS B 1359 55.23 -16.49 93.91
N GLN B 1360 55.48 -16.53 95.21
CA GLN B 1360 54.42 -16.36 96.20
C GLN B 1360 55.05 -15.97 97.52
N LYS B 1361 54.20 -15.52 98.45
CA LYS B 1361 54.62 -15.11 99.79
C LYS B 1361 55.65 -13.97 99.73
N ASN B 1362 55.34 -12.96 98.93
CA ASN B 1362 56.17 -11.76 98.78
C ASN B 1362 57.60 -12.13 98.35
N ILE B 1363 57.69 -12.87 97.26
CA ILE B 1363 58.97 -13.30 96.70
C ILE B 1363 59.01 -12.91 95.22
N MET B 1364 60.06 -12.23 94.82
CA MET B 1364 60.21 -11.81 93.43
C MET B 1364 60.45 -13.03 92.55
N PRO B 1365 59.76 -13.15 91.41
CA PRO B 1365 59.99 -14.30 90.53
C PRO B 1365 61.37 -14.28 89.91
N LEU B 1366 61.80 -15.46 89.47
CA LEU B 1366 63.14 -15.59 88.89
C LEU B 1366 63.21 -14.97 87.50
N SER B 1367 62.16 -15.13 86.70
CA SER B 1367 62.15 -14.60 85.35
C SER B 1367 62.14 -13.07 85.30
N ALA B 1368 61.86 -12.41 86.42
CA ALA B 1368 61.82 -10.95 86.46
C ALA B 1368 63.19 -10.33 86.72
N ALA B 1369 64.19 -11.13 87.08
CA ALA B 1369 65.53 -10.60 87.36
C ALA B 1369 66.43 -10.60 86.14
N MET B 1370 66.25 -11.55 85.21
CA MET B 1370 67.10 -11.62 84.03
C MET B 1370 66.79 -10.52 83.03
N PHE B 1371 65.60 -9.92 83.10
CA PHE B 1371 65.19 -8.87 82.17
C PHE B 1371 65.26 -7.51 82.85
N LEU B 1372 65.33 -6.47 82.03
CA LEU B 1372 65.38 -5.09 82.49
C LEU B 1372 64.06 -4.37 82.34
N SER B 1373 63.04 -5.01 81.76
CA SER B 1373 61.75 -4.40 81.57
C SER B 1373 60.67 -4.94 82.50
N GLU B 1374 60.87 -6.13 83.06
CA GLU B 1374 59.92 -6.74 83.98
C GLU B 1374 60.42 -6.70 85.43
N ARG B 1375 61.18 -5.66 85.78
CA ARG B 1375 61.71 -5.55 87.14
C ARG B 1375 60.59 -5.29 88.14
N LYS B 1376 59.63 -4.45 87.79
CA LYS B 1376 58.52 -4.11 88.67
C LYS B 1376 57.35 -5.07 88.56
N ASN B 1377 57.38 -6.00 87.61
CA ASN B 1377 56.29 -6.94 87.43
C ASN B 1377 56.33 -8.02 88.50
N PRO B 1378 55.33 -8.11 89.38
CA PRO B 1378 55.37 -9.14 90.44
C PRO B 1378 54.95 -10.51 89.93
N ALA B 1379 54.09 -10.55 88.91
CA ALA B 1379 53.60 -11.81 88.39
C ALA B 1379 54.68 -12.50 87.57
N PRO B 1380 54.78 -13.83 87.65
CA PRO B 1380 55.79 -14.53 86.85
C PRO B 1380 55.40 -14.58 85.38
N GLN B 1381 56.43 -14.63 84.53
CA GLN B 1381 56.26 -14.67 83.09
C GLN B 1381 56.91 -15.93 82.53
N CYS B 1382 56.59 -16.21 81.26
CA CYS B 1382 57.15 -17.36 80.54
C CYS B 1382 57.96 -16.85 79.36
N PRO B 1383 59.24 -16.55 79.57
CA PRO B 1383 60.08 -16.02 78.49
C PRO B 1383 60.34 -17.09 77.44
N PRO B 1384 60.02 -16.80 76.17
CA PRO B 1384 60.30 -17.78 75.11
C PRO B 1384 61.78 -18.01 74.86
N ARG B 1385 62.65 -17.09 75.31
CA ARG B 1385 64.08 -17.27 75.11
C ARG B 1385 64.65 -18.36 76.01
N LEU B 1386 64.01 -18.61 77.15
CA LEU B 1386 64.50 -19.62 78.09
C LEU B 1386 64.37 -21.00 77.46
N GLU B 1387 65.51 -21.62 77.16
CA GLU B 1387 65.55 -22.96 76.59
C GLU B 1387 66.40 -23.86 77.47
N MET B 1388 65.94 -25.09 77.68
CA MET B 1388 66.64 -26.07 78.51
C MET B 1388 67.79 -26.66 77.69
N GLN B 1389 68.98 -26.10 77.87
CA GLN B 1389 70.14 -26.56 77.15
C GLN B 1389 70.68 -27.85 77.77
N MET B 1390 71.47 -28.59 76.99
CA MET B 1390 72.05 -29.85 77.41
C MET B 1390 73.53 -29.86 77.07
N LEU B 1391 74.33 -30.40 77.99
CA LEU B 1391 75.78 -30.48 77.80
C LEU B 1391 76.10 -31.46 76.68
N MET B 1392 76.58 -30.95 75.55
CA MET B 1392 76.98 -31.82 74.46
C MET B 1392 78.35 -32.43 74.75
N PRO B 1393 78.53 -33.73 74.48
CA PRO B 1393 79.82 -34.36 74.80
C PRO B 1393 81.00 -33.77 74.03
N VAL B 1394 80.83 -33.51 72.75
CA VAL B 1394 81.89 -32.97 71.90
C VAL B 1394 81.30 -31.96 70.95
N SER B 1395 82.03 -30.86 70.71
CA SER B 1395 81.57 -29.81 69.83
C SER B 1395 82.61 -29.52 68.75
N TRP B 1396 82.39 -28.47 67.96
CA TRP B 1396 83.28 -28.10 66.88
C TRP B 1396 84.09 -26.87 67.24
N SER B 1397 85.24 -26.72 66.58
CA SER B 1397 86.11 -25.58 66.78
C SER B 1397 86.98 -25.41 65.55
N ARG B 1398 87.42 -24.17 65.31
CA ARG B 1398 88.24 -23.84 64.15
C ARG B 1398 89.71 -23.81 64.54
N MET B 1399 90.55 -24.33 63.65
CA MET B 1399 91.99 -24.34 63.87
C MET B 1399 92.61 -23.06 63.32
N PRO B 1400 93.36 -22.31 64.13
CA PRO B 1400 93.97 -21.07 63.63
C PRO B 1400 95.01 -21.35 62.55
N ASN B 1401 95.26 -20.32 61.73
CA ASN B 1401 96.22 -20.46 60.64
C ASN B 1401 97.66 -20.37 61.14
N HIS B 1402 97.93 -19.45 62.07
CA HIS B 1402 99.27 -19.27 62.62
C HIS B 1402 99.28 -19.59 64.10
N PHE B 1403 100.46 -19.95 64.59
CA PHE B 1403 100.65 -20.31 65.99
C PHE B 1403 101.92 -19.65 66.50
N LEU B 1404 102.12 -19.73 67.82
CA LEU B 1404 103.30 -19.15 68.45
C LEU B 1404 104.50 -20.05 68.26
N ARG B 1405 105.62 -19.46 67.85
CA ARG B 1405 106.86 -20.19 67.65
C ARG B 1405 107.62 -20.28 68.97
N VAL B 1406 107.90 -21.50 69.41
CA VAL B 1406 108.59 -21.76 70.67
C VAL B 1406 110.01 -22.21 70.37
N GLU B 1407 110.95 -21.79 71.21
CA GLU B 1407 112.35 -22.16 71.09
C GLU B 1407 112.81 -22.78 72.41
N THR B 1408 113.26 -24.03 72.36
CA THR B 1408 113.69 -24.76 73.54
C THR B 1408 115.13 -25.21 73.37
N ARG B 1409 115.97 -24.91 74.36
CA ARG B 1409 117.37 -25.31 74.35
C ARG B 1409 117.79 -25.68 75.75
N ARG B 1410 118.93 -26.39 75.83
CA ARG B 1410 119.43 -26.82 77.13
C ARG B 1410 120.05 -25.68 77.91
N ALA B 1411 120.57 -24.67 77.21
CA ALA B 1411 121.19 -23.50 77.85
C ALA B 1411 122.32 -23.91 78.79
N GLY B 1412 123.14 -24.86 78.37
CA GLY B 1412 124.25 -25.32 79.16
C GLY B 1412 123.81 -26.24 80.29
N GLU B 1413 124.78 -26.55 81.15
CA GLU B 1413 124.53 -27.43 82.30
C GLU B 1413 124.08 -26.67 83.54
N ARG B 1414 124.43 -25.39 83.65
CA ARG B 1414 124.03 -24.61 84.81
C ARG B 1414 122.56 -24.20 84.75
N LEU B 1415 122.05 -23.93 83.56
CA LEU B 1415 120.66 -23.53 83.39
C LEU B 1415 119.84 -24.71 82.90
N GLY B 1416 118.60 -24.78 83.39
CA GLY B 1416 117.71 -25.87 83.02
C GLY B 1416 117.24 -25.80 81.59
N TRP B 1417 116.28 -24.90 81.32
CA TRP B 1417 115.72 -24.73 79.99
C TRP B 1417 115.51 -23.24 79.73
N ALA B 1418 115.04 -22.92 78.53
CA ALA B 1418 114.79 -21.54 78.16
C ALA B 1418 113.77 -21.50 77.02
N VAL B 1419 112.76 -20.66 77.16
CA VAL B 1419 111.70 -20.50 76.16
C VAL B 1419 111.64 -19.04 75.77
N GLN B 1420 111.67 -18.77 74.47
CA GLN B 1420 111.66 -17.41 73.93
C GLN B 1420 110.42 -17.19 73.09
N CYS B 1421 110.26 -15.95 72.64
CA CYS B 1421 109.12 -15.56 71.81
C CYS B 1421 109.52 -14.35 70.99
N GLN B 1422 109.50 -14.48 69.66
CA GLN B 1422 109.94 -13.41 68.78
C GLN B 1422 108.77 -12.61 68.22
N GLU B 1423 108.00 -13.22 67.32
CA GLU B 1423 106.91 -12.53 66.64
C GLU B 1423 105.62 -12.72 67.40
N PRO B 1424 104.88 -11.64 67.67
CA PRO B 1424 103.59 -11.76 68.36
C PRO B 1424 102.50 -12.26 67.42
N LEU B 1425 101.32 -12.46 67.98
CA LEU B 1425 100.17 -12.92 67.20
C LEU B 1425 98.90 -12.59 67.96
N THR B 1426 97.93 -11.99 67.26
CA THR B 1426 96.65 -11.60 67.84
C THR B 1426 95.52 -12.17 67.00
N MET B 1427 94.30 -12.02 67.51
CA MET B 1427 93.12 -12.52 66.82
C MET B 1427 91.91 -11.71 67.27
N MET B 1428 90.90 -11.65 66.41
CA MET B 1428 89.65 -10.97 66.70
C MET B 1428 88.64 -11.98 67.23
N ALA B 1429 88.22 -11.78 68.48
CA ALA B 1429 87.31 -12.70 69.14
C ALA B 1429 86.02 -11.97 69.53
N LEU B 1430 84.95 -12.75 69.64
CA LEU B 1430 83.64 -12.22 70.02
C LEU B 1430 83.47 -12.29 71.55
N HIS B 1431 82.33 -11.79 72.02
CA HIS B 1431 82.03 -11.78 73.45
C HIS B 1431 80.52 -11.92 73.60
N ILE B 1432 80.06 -13.11 73.96
CA ILE B 1432 78.64 -13.38 74.16
C ILE B 1432 78.32 -13.11 75.63
N PRO B 1433 77.53 -12.08 75.95
CA PRO B 1433 77.28 -11.75 77.36
C PRO B 1433 76.45 -12.78 78.09
N GLU B 1434 75.57 -13.51 77.39
CA GLU B 1434 74.70 -14.48 78.05
C GLU B 1434 75.44 -15.73 78.51
N GLU B 1435 76.66 -15.96 78.03
CA GLU B 1435 77.45 -17.12 78.43
C GLU B 1435 78.88 -16.79 78.85
N ASN B 1436 79.38 -15.60 78.54
CA ASN B 1436 80.73 -15.16 78.92
C ASN B 1436 81.79 -16.12 78.40
N ARG B 1437 81.85 -16.25 77.09
CA ARG B 1437 82.85 -17.07 76.43
C ARG B 1437 83.20 -16.44 75.08
N CYS B 1438 84.47 -16.53 74.71
CA CYS B 1438 84.97 -15.94 73.47
C CYS B 1438 85.07 -16.99 72.37
N MET B 1439 84.95 -16.54 71.13
CA MET B 1439 85.07 -17.41 69.97
C MET B 1439 85.67 -16.62 68.82
N ASP B 1440 86.34 -17.32 67.92
CA ASP B 1440 86.97 -16.68 66.78
C ASP B 1440 85.92 -16.09 65.84
N ILE B 1441 86.23 -14.92 65.27
CA ILE B 1441 85.32 -14.31 64.30
C ILE B 1441 85.29 -15.12 63.02
N LEU B 1442 86.38 -15.83 62.70
CA LEU B 1442 86.38 -16.69 61.53
C LEU B 1442 85.48 -17.91 61.73
N GLU B 1443 85.28 -18.32 62.98
CA GLU B 1443 84.38 -19.43 63.27
C GLU B 1443 82.92 -19.06 63.02
N LEU B 1444 82.59 -17.77 63.02
CA LEU B 1444 81.21 -17.34 62.80
C LEU B 1444 80.69 -17.72 61.43
N SER B 1445 81.58 -17.95 60.46
CA SER B 1445 81.13 -18.34 59.12
C SER B 1445 80.52 -19.72 59.07
N GLU B 1446 80.85 -20.59 60.03
CA GLU B 1446 80.30 -21.94 60.04
C GLU B 1446 78.84 -21.93 60.48
N ARG B 1447 78.52 -21.22 61.56
CA ARG B 1447 77.17 -21.14 62.09
C ARG B 1447 76.49 -19.90 61.53
N LEU B 1448 75.56 -20.10 60.61
CA LEU B 1448 74.85 -18.98 59.99
C LEU B 1448 73.82 -18.35 60.91
N ASP B 1449 73.48 -19.01 62.02
CA ASP B 1449 72.50 -18.45 62.94
C ASP B 1449 73.03 -17.20 63.61
N LEU B 1450 74.18 -17.31 64.29
CA LEU B 1450 74.79 -16.15 64.93
C LEU B 1450 75.42 -15.20 63.93
N GLN B 1451 75.76 -15.68 62.74
CA GLN B 1451 76.35 -14.80 61.74
C GLN B 1451 75.32 -13.87 61.12
N GLN B 1452 74.06 -14.31 61.03
CA GLN B 1452 73.01 -13.46 60.47
C GLN B 1452 72.69 -12.30 61.40
N PHE B 1453 72.72 -12.54 62.71
CA PHE B 1453 72.44 -11.45 63.66
C PHE B 1453 73.58 -10.44 63.69
N HIS B 1454 74.82 -10.91 63.55
CA HIS B 1454 75.95 -9.99 63.52
C HIS B 1454 75.99 -9.18 62.22
N SER B 1455 75.48 -9.74 61.13
CA SER B 1455 75.45 -9.01 59.87
C SER B 1455 74.49 -7.82 59.95
N HIS B 1456 73.29 -8.06 60.48
CA HIS B 1456 72.34 -6.97 60.67
C HIS B 1456 72.78 -6.00 61.77
N THR B 1457 73.66 -6.44 62.66
CA THR B 1457 74.16 -5.55 63.70
C THR B 1457 74.99 -4.43 63.10
N LEU B 1458 75.80 -4.73 62.08
CA LEU B 1458 76.58 -3.69 61.42
C LEU B 1458 75.68 -2.69 60.70
N ARG B 1459 74.53 -3.15 60.18
CA ARG B 1459 73.61 -2.23 59.52
C ARG B 1459 73.00 -1.24 60.52
N LEU B 1460 72.80 -1.67 61.77
CA LEU B 1460 72.27 -0.76 62.78
C LEU B 1460 73.27 0.35 63.10
N TYR B 1461 74.56 0.03 63.09
CA TYR B 1461 75.57 1.04 63.36
C TYR B 1461 75.66 2.06 62.22
N ARG B 1462 75.50 1.60 60.98
CA ARG B 1462 75.56 2.51 59.85
C ARG B 1462 74.31 3.39 59.76
N ALA B 1463 73.19 2.90 60.28
CA ALA B 1463 71.94 3.65 60.16
C ALA B 1463 71.82 4.71 61.25
N VAL B 1464 72.26 4.40 62.47
CA VAL B 1464 72.14 5.34 63.58
C VAL B 1464 73.08 6.52 63.37
N CYS B 1465 74.38 6.25 63.21
CA CYS B 1465 75.38 7.29 63.02
C CYS B 1465 75.54 7.55 61.53
N ALA B 1466 74.70 8.45 61.00
CA ALA B 1466 74.74 8.78 59.59
C ALA B 1466 74.12 10.16 59.39
N LEU B 1467 74.41 10.75 58.24
CA LEU B 1467 73.86 12.04 57.83
C LEU B 1467 74.21 13.14 58.82
N GLY B 1468 75.51 13.31 59.07
CA GLY B 1468 75.98 14.38 59.92
C GLY B 1468 75.82 14.17 61.40
N ASN B 1469 75.60 12.93 61.84
CA ASN B 1469 75.45 12.64 63.27
C ASN B 1469 76.84 12.36 63.85
N ASN B 1470 77.55 13.45 64.12
CA ASN B 1470 78.91 13.34 64.64
C ASN B 1470 78.95 13.12 66.16
N ARG B 1471 77.89 13.49 66.87
CA ARG B 1471 77.87 13.30 68.32
C ARG B 1471 77.79 11.83 68.68
N VAL B 1472 76.82 11.12 68.10
CA VAL B 1472 76.68 9.69 68.38
C VAL B 1472 77.78 8.88 67.70
N ALA B 1473 78.42 9.43 66.66
CA ALA B 1473 79.49 8.70 65.99
C ALA B 1473 80.67 8.45 66.91
N HIS B 1474 80.86 9.31 67.92
CA HIS B 1474 81.93 9.08 68.88
C HIS B 1474 81.65 7.87 69.77
N ALA B 1475 80.37 7.55 69.98
CA ALA B 1475 80.04 6.40 70.81
C ALA B 1475 80.45 5.09 70.16
N LEU B 1476 80.36 5.00 68.83
CA LEU B 1476 80.78 3.79 68.13
C LEU B 1476 82.29 3.59 68.16
N CYS B 1477 83.05 4.66 68.38
CA CYS B 1477 84.51 4.54 68.45
C CYS B 1477 84.96 3.76 69.69
N SER B 1478 84.10 3.62 70.69
CA SER B 1478 84.45 2.84 71.87
C SER B 1478 84.34 1.34 71.60
N HIS B 1479 83.30 0.93 70.87
CA HIS B 1479 83.13 -0.50 70.58
C HIS B 1479 84.15 -0.98 69.56
N VAL B 1480 84.44 -0.17 68.55
CA VAL B 1480 85.43 -0.49 67.53
C VAL B 1480 86.40 0.69 67.43
N ASP B 1481 87.69 0.39 67.52
CA ASP B 1481 88.73 1.42 67.46
C ASP B 1481 89.41 1.39 66.10
N GLN B 1482 90.40 2.27 65.93
CA GLN B 1482 91.14 2.32 64.68
C GLN B 1482 92.04 1.10 64.51
N ALA B 1483 92.44 0.47 65.62
CA ALA B 1483 93.24 -0.74 65.53
C ALA B 1483 92.37 -1.99 65.31
N GLN B 1484 91.11 -1.95 65.71
CA GLN B 1484 90.22 -3.08 65.49
C GLN B 1484 89.59 -3.05 64.10
N LEU B 1485 89.23 -1.86 63.62
CA LEU B 1485 88.59 -1.74 62.32
C LEU B 1485 89.60 -1.97 61.19
N LEU B 1486 90.84 -1.51 61.37
CA LEU B 1486 91.86 -1.71 60.35
C LEU B 1486 92.34 -3.15 60.27
N HIS B 1487 92.19 -3.92 61.36
CA HIS B 1487 92.62 -5.32 61.34
C HIS B 1487 91.70 -6.17 60.46
N ALA B 1488 90.41 -5.84 60.41
CA ALA B 1488 89.49 -6.61 59.58
C ALA B 1488 89.64 -6.31 58.10
N LEU B 1489 90.27 -5.18 57.74
CA LEU B 1489 90.46 -4.86 56.34
C LEU B 1489 91.56 -5.71 55.70
N GLU B 1490 92.63 -5.99 56.46
CA GLU B 1490 93.72 -6.80 55.94
C GLU B 1490 93.42 -8.29 55.94
N ASP B 1491 92.42 -8.72 56.72
CA ASP B 1491 92.09 -10.13 56.78
C ASP B 1491 91.44 -10.59 55.48
N ALA B 1492 91.98 -11.65 54.89
CA ALA B 1492 91.46 -12.20 53.65
C ALA B 1492 90.47 -13.33 53.86
N HIS B 1493 90.54 -14.04 54.98
CA HIS B 1493 89.63 -15.13 55.28
C HIS B 1493 88.27 -14.64 55.80
N LEU B 1494 88.05 -13.33 55.86
CA LEU B 1494 86.77 -12.83 56.33
C LEU B 1494 85.67 -13.14 55.33
N PRO B 1495 84.49 -13.55 55.78
CA PRO B 1495 83.40 -13.88 54.84
C PRO B 1495 82.92 -12.68 54.04
N GLY B 1496 82.00 -12.92 53.11
CA GLY B 1496 81.49 -11.89 52.24
C GLY B 1496 80.73 -10.80 52.98
N PRO B 1497 79.60 -11.15 53.58
CA PRO B 1497 78.81 -10.14 54.31
C PRO B 1497 79.56 -9.47 55.44
N LEU B 1498 80.50 -10.17 56.08
CA LEU B 1498 81.27 -9.56 57.16
C LEU B 1498 82.30 -8.58 56.63
N ARG B 1499 82.78 -8.79 55.40
CA ARG B 1499 83.76 -7.87 54.82
C ARG B 1499 83.11 -6.58 54.36
N ALA B 1500 81.98 -6.67 53.66
CA ALA B 1500 81.28 -5.48 53.20
C ALA B 1500 80.70 -4.66 54.34
N GLY B 1501 80.44 -5.28 55.49
CA GLY B 1501 79.91 -4.53 56.62
C GLY B 1501 80.95 -3.67 57.30
N TYR B 1502 82.16 -4.21 57.49
CA TYR B 1502 83.22 -3.45 58.13
C TYR B 1502 83.80 -2.39 57.20
N TYR B 1503 83.85 -2.68 55.90
CA TYR B 1503 84.34 -1.69 54.95
C TYR B 1503 83.40 -0.50 54.85
N ASP B 1504 82.09 -0.75 54.91
CA ASP B 1504 81.11 0.32 54.88
C ASP B 1504 80.99 1.05 56.22
N LEU B 1505 81.38 0.41 57.32
CA LEU B 1505 81.34 1.07 58.61
C LEU B 1505 82.43 2.12 58.74
N LEU B 1506 83.56 1.93 58.06
CA LEU B 1506 84.65 2.90 58.13
C LEU B 1506 84.27 4.21 57.43
N ILE B 1507 83.60 4.11 56.28
CA ILE B 1507 83.20 5.31 55.54
C ILE B 1507 81.94 5.95 56.09
N SER B 1508 81.25 5.29 57.02
CA SER B 1508 80.05 5.84 57.63
C SER B 1508 80.29 6.45 59.01
N ILE B 1509 81.53 6.43 59.49
CA ILE B 1509 81.85 6.96 60.81
C ILE B 1509 82.90 8.05 60.68
N HIS B 1510 84.03 7.72 60.07
CA HIS B 1510 85.15 8.65 59.98
C HIS B 1510 85.17 9.45 58.68
N LEU B 1511 84.59 8.92 57.60
CA LEU B 1511 84.62 9.55 56.29
C LEU B 1511 83.22 9.71 55.75
N GLU B 1512 82.30 10.21 56.59
CA GLU B 1512 80.91 10.43 56.20
C GLU B 1512 80.54 11.91 56.21
N SER B 1513 80.88 12.64 57.27
CA SER B 1513 80.57 14.06 57.33
C SER B 1513 81.53 14.90 56.49
N ALA B 1514 82.69 14.36 56.14
CA ALA B 1514 83.65 15.12 55.34
C ALA B 1514 83.32 15.04 53.85
N CYS B 1515 82.79 13.90 53.39
CA CYS B 1515 82.45 13.77 51.98
C CYS B 1515 81.19 14.53 51.62
N ARG B 1516 80.25 14.65 52.56
CA ARG B 1516 79.02 15.39 52.29
C ARG B 1516 79.31 16.88 52.10
N SER B 1517 80.24 17.42 52.88
CA SER B 1517 80.57 18.84 52.76
C SER B 1517 81.49 19.12 51.58
N ARG B 1518 82.40 18.19 51.26
CA ARG B 1518 83.32 18.41 50.15
C ARG B 1518 82.64 18.23 48.80
N ARG B 1519 81.77 17.23 48.67
CA ARG B 1519 81.09 17.01 47.41
C ARG B 1519 80.15 18.16 47.06
N SER B 1520 79.52 18.76 48.07
CA SER B 1520 78.63 19.89 47.80
C SER B 1520 79.40 21.12 47.35
N MET B 1521 80.67 21.24 47.74
CA MET B 1521 81.51 22.35 47.32
C MET B 1521 82.25 22.06 46.02
N LEU B 1522 81.99 20.93 45.38
CA LEU B 1522 82.65 20.57 44.13
C LEU B 1522 81.90 21.09 42.90
N SER B 1523 80.65 21.52 43.06
CA SER B 1523 79.90 22.03 41.92
C SER B 1523 80.45 23.37 41.45
N GLU B 1524 80.81 24.25 42.38
CA GLU B 1524 81.36 25.54 42.03
C GLU B 1524 82.86 25.43 41.74
N TYR B 1525 83.35 26.33 40.89
CA TYR B 1525 84.76 26.37 40.49
C TYR B 1525 85.26 27.80 40.64
N ILE B 1526 85.77 28.13 41.83
CA ILE B 1526 86.31 29.45 42.13
C ILE B 1526 87.82 29.34 42.20
N VAL B 1527 88.52 30.39 41.77
CA VAL B 1527 89.98 30.41 41.77
C VAL B 1527 90.45 31.84 42.02
N PRO B 1528 91.38 32.04 42.96
CA PRO B 1528 91.91 33.38 43.19
C PRO B 1528 93.06 33.71 42.26
N LEU B 1529 93.22 35.00 41.98
CA LEU B 1529 94.29 35.49 41.11
C LEU B 1529 95.59 35.48 41.91
N THR B 1530 96.23 34.33 41.94
CA THR B 1530 97.47 34.12 42.66
C THR B 1530 98.61 33.78 41.70
N PRO B 1531 99.86 34.08 42.07
CA PRO B 1531 100.98 33.69 41.19
C PRO B 1531 101.07 32.20 40.95
N GLU B 1532 100.63 31.37 41.90
CA GLU B 1532 100.65 29.93 41.68
C GLU B 1532 99.58 29.52 40.67
N THR B 1533 98.48 30.25 40.59
CA THR B 1533 97.43 29.92 39.63
C THR B 1533 97.87 30.25 38.20
N ARG B 1534 98.74 31.24 38.03
CA ARG B 1534 99.21 31.59 36.70
C ARG B 1534 100.22 30.58 36.14
N ALA B 1535 100.79 29.73 37.00
CA ALA B 1535 101.76 28.76 36.53
C ALA B 1535 101.11 27.64 35.73
N ILE B 1536 99.84 27.33 36.03
CA ILE B 1536 99.15 26.27 35.30
C ILE B 1536 98.85 26.72 33.88
N THR B 1537 98.70 25.75 32.99
CA THR B 1537 98.42 26.01 31.58
C THR B 1537 97.59 24.85 31.03
N LEU B 1538 97.25 24.96 29.74
CA LEU B 1538 96.46 23.91 29.10
C LEU B 1538 97.32 22.67 28.85
N PHE B 1539 98.50 22.86 28.28
CA PHE B 1539 99.42 21.75 28.01
C PHE B 1539 100.66 21.86 28.88
N PRO B 1540 101.02 20.81 29.60
CA PRO B 1540 102.22 20.87 30.45
C PRO B 1540 103.48 20.84 29.61
N PRO B 1541 104.44 21.73 29.88
CA PRO B 1541 105.70 21.80 29.14
C PRO B 1541 106.62 20.61 29.44
N ARG B 1542 99.09 14.87 22.65
CA ARG B 1542 100.04 14.95 23.75
C ARG B 1542 99.41 15.56 24.98
N HIS B 1543 98.43 14.87 25.56
CA HIS B 1543 97.74 15.34 26.74
C HIS B 1543 98.57 15.04 28.00
N GLY B 1544 97.98 15.34 29.16
CA GLY B 1544 98.65 15.09 30.42
C GLY B 1544 97.86 14.16 31.32
N LEU B 1545 98.52 13.60 32.33
CA LEU B 1545 97.84 12.69 33.24
C LEU B 1545 96.87 13.48 34.14
N PRO B 1546 95.65 12.98 34.32
CA PRO B 1546 94.70 13.69 35.18
C PRO B 1546 95.01 13.51 36.66
N GLY B 1547 94.89 14.60 37.41
CA GLY B 1547 95.11 14.60 38.83
C GLY B 1547 96.49 15.05 39.28
N VAL B 1548 97.48 15.02 38.38
CA VAL B 1548 98.83 15.44 38.75
C VAL B 1548 98.97 16.96 38.73
N GLY B 1549 98.14 17.66 37.97
CA GLY B 1549 98.23 19.10 37.92
C GLY B 1549 97.61 19.77 39.14
N VAL B 1550 98.14 20.94 39.48
CA VAL B 1550 97.65 21.67 40.63
C VAL B 1550 96.28 22.26 40.32
N THR B 1551 95.42 22.31 41.33
CA THR B 1551 94.06 22.81 41.16
C THR B 1551 93.96 24.30 41.47
N THR B 1552 94.66 24.77 42.51
CA THR B 1552 94.65 26.17 42.91
C THR B 1552 93.24 26.68 43.16
N SER B 1553 92.39 25.79 43.69
CA SER B 1553 91.00 26.11 43.99
C SER B 1553 90.81 26.22 45.50
N LEU B 1554 89.70 26.84 45.88
CA LEU B 1554 89.36 27.05 47.28
C LEU B 1554 88.60 25.84 47.78
N ARG B 1555 89.23 25.08 48.68
CA ARG B 1555 88.62 23.87 49.27
C ARG B 1555 88.68 24.00 50.78
N PRO B 1556 87.55 23.90 51.49
CA PRO B 1556 87.59 24.02 52.94
C PRO B 1556 88.15 22.76 53.56
N PRO B 1557 88.73 22.85 54.77
CA PRO B 1557 89.27 21.65 55.42
C PRO B 1557 88.17 20.74 55.96
N HIS B 1558 88.56 19.65 56.62
CA HIS B 1558 87.61 18.68 57.14
C HIS B 1558 87.35 18.83 58.63
N HIS B 1559 88.28 19.44 59.38
CA HIS B 1559 88.14 19.67 60.82
C HIS B 1559 87.93 18.33 61.57
N PHE B 1560 88.99 17.53 61.57
CA PHE B 1560 88.97 16.27 62.29
C PHE B 1560 89.25 16.49 63.76
N SER B 1561 88.67 15.63 64.60
CA SER B 1561 88.80 15.74 66.04
C SER B 1561 89.04 14.36 66.64
N ALA B 1562 89.94 14.30 67.61
CA ALA B 1562 90.25 13.05 68.28
C ALA B 1562 89.05 12.60 69.11
N PRO B 1563 88.88 11.28 69.31
CA PRO B 1563 87.76 10.79 70.13
C PRO B 1563 87.77 11.36 71.54
N CYS B 1564 88.81 11.02 72.31
CA CYS B 1564 88.97 11.52 73.68
C CYS B 1564 87.76 11.22 74.54
N PHE B 1565 87.70 10.01 75.10
CA PHE B 1565 86.58 9.60 75.94
C PHE B 1565 86.73 10.04 77.39
N VAL B 1566 87.62 10.99 77.66
CA VAL B 1566 87.83 11.52 79.00
C VAL B 1566 87.63 13.03 78.95
N ALA B 1567 86.55 13.51 79.57
CA ALA B 1567 86.22 14.93 79.60
C ALA B 1567 85.14 15.15 80.63
N ALA B 1568 85.05 16.39 81.12
CA ALA B 1568 84.03 16.79 82.07
C ALA B 1568 82.81 17.32 81.33
N LEU B 1569 81.63 16.92 81.80
CA LEU B 1569 80.39 17.36 81.17
C LEU B 1569 80.18 18.85 81.42
N PRO B 1570 80.00 19.67 80.38
CA PRO B 1570 79.79 21.12 80.53
C PRO B 1570 78.56 21.61 79.78
N GLU B 1571 72.58 25.82 71.69
CA GLU B 1571 73.43 26.47 72.68
C GLU B 1571 74.89 26.10 72.47
N ALA B 1572 75.30 24.97 73.03
CA ALA B 1572 76.68 24.53 72.90
C ALA B 1572 76.92 24.01 71.47
N PRO B 1573 78.06 24.34 70.87
CA PRO B 1573 78.35 23.85 69.52
C PRO B 1573 78.55 22.34 69.50
N ALA B 1574 78.04 21.70 68.46
CA ALA B 1574 78.17 20.26 68.32
C ALA B 1574 79.61 19.88 68.01
N ARG B 1575 80.00 18.69 68.46
CA ARG B 1575 81.35 18.21 68.25
C ARG B 1575 81.57 17.84 66.78
N LEU B 1576 82.83 17.76 66.39
CA LEU B 1576 83.20 17.45 65.02
C LEU B 1576 83.19 15.94 64.81
N SER B 1577 83.69 15.48 63.67
CA SER B 1577 83.74 14.07 63.36
C SER B 1577 84.98 13.43 64.00
N PRO B 1578 84.91 12.14 64.31
CA PRO B 1578 86.09 11.45 64.86
C PRO B 1578 87.23 11.40 63.86
N SER B 1579 88.45 11.52 64.37
CA SER B 1579 89.64 11.55 63.54
C SER B 1579 90.13 10.13 63.25
N ILE B 1580 90.70 9.95 62.06
CA ILE B 1580 91.26 8.67 61.63
C ILE B 1580 92.61 8.95 60.98
N PRO B 1581 93.64 8.13 61.24
CA PRO B 1581 94.93 8.37 60.59
C PRO B 1581 94.85 8.20 59.08
N LEU B 1582 94.93 9.32 58.35
CA LEU B 1582 94.85 9.26 56.90
C LEU B 1582 96.12 8.70 56.28
N GLU B 1583 97.27 8.88 56.94
CA GLU B 1583 98.52 8.34 56.41
C GLU B 1583 98.55 6.82 56.48
N ALA B 1584 97.89 6.23 57.47
CA ALA B 1584 97.85 4.77 57.56
C ALA B 1584 96.88 4.19 56.54
N LEU B 1585 95.71 4.81 56.38
CA LEU B 1585 94.73 4.30 55.42
C LEU B 1585 95.19 4.50 53.98
N ARG B 1586 96.06 5.48 53.73
CA ARG B 1586 96.55 5.71 52.38
C ARG B 1586 97.47 4.59 51.92
N ASP B 1587 98.39 4.17 52.80
CA ASP B 1587 99.31 3.10 52.42
C ASP B 1587 98.61 1.75 52.35
N LYS B 1588 97.58 1.54 53.17
CA LYS B 1588 96.86 0.26 53.15
C LYS B 1588 95.90 0.17 51.97
N ALA B 1589 95.43 1.30 51.46
CA ALA B 1589 94.52 1.28 50.32
C ALA B 1589 95.24 0.84 49.05
N LEU B 1590 96.46 1.34 48.84
CA LEU B 1590 97.23 0.96 47.65
C LEU B 1590 97.80 -0.46 47.79
N ARG B 1591 98.15 -0.87 49.00
CA ARG B 1591 98.71 -2.20 49.20
C ARG B 1591 97.65 -3.28 49.04
N MET B 1592 96.47 -3.07 49.62
CA MET B 1592 95.41 -4.06 49.50
C MET B 1592 94.86 -4.14 48.07
N LEU B 1593 94.89 -3.02 47.34
CA LEU B 1593 94.40 -3.02 45.97
C LEU B 1593 95.31 -3.83 45.05
N GLY B 1594 96.62 -3.81 45.32
CA GLY B 1594 97.54 -4.56 44.48
C GLY B 1594 97.37 -6.06 44.61
N GLU B 1595 96.92 -6.54 45.76
CA GLU B 1595 96.72 -7.97 45.95
C GLU B 1595 95.47 -8.46 45.22
N ALA B 1596 94.44 -7.63 45.14
CA ALA B 1596 93.21 -8.03 44.45
C ALA B 1596 93.41 -8.11 42.94
N VAL B 1597 94.23 -7.23 42.38
CA VAL B 1597 94.46 -7.25 40.94
C VAL B 1597 95.26 -8.49 40.54
N ARG B 1598 96.25 -8.86 41.34
CA ARG B 1598 97.04 -10.06 41.03
C ARG B 1598 96.20 -11.32 41.19
N ASP B 1599 95.29 -11.34 42.16
CA ASP B 1599 94.43 -12.50 42.36
C ASP B 1599 93.31 -12.57 41.33
N GLY B 1600 92.84 -11.42 40.85
CA GLY B 1600 91.78 -11.44 39.85
C GLY B 1600 92.25 -11.92 38.50
N GLY B 1601 93.48 -11.56 38.12
CA GLY B 1601 94.02 -12.00 36.84
C GLY B 1601 94.33 -13.48 36.79
N GLN B 1602 94.63 -14.07 37.94
CA GLN B 1602 94.93 -15.50 38.00
C GLN B 1602 93.68 -16.38 37.93
N HIS B 1603 92.50 -15.80 38.11
CA HIS B 1603 91.23 -16.54 38.07
C HIS B 1603 91.23 -17.68 39.10
N ALA B 1604 91.48 -17.31 40.35
CA ALA B 1604 91.50 -18.29 41.43
C ALA B 1604 90.09 -18.80 41.73
N ARG B 1605 90.03 -20.00 42.29
CA ARG B 1605 88.74 -20.61 42.61
C ARG B 1605 88.16 -20.05 43.91
N ASP B 1606 89.00 -19.73 44.89
CA ASP B 1606 88.58 -19.18 46.18
C ASP B 1606 89.12 -17.76 46.32
N PRO B 1607 88.36 -16.76 45.92
CA PRO B 1607 88.82 -15.37 46.04
C PRO B 1607 88.65 -14.87 47.48
N VAL B 1608 89.05 -13.63 47.69
CA VAL B 1608 88.93 -13.00 49.01
C VAL B 1608 87.47 -12.73 49.29
N GLY B 1609 86.95 -13.30 50.39
CA GLY B 1609 85.57 -13.13 50.78
C GLY B 1609 84.62 -14.20 50.28
N GLY B 1610 85.09 -15.12 49.43
CA GLY B 1610 84.25 -16.17 48.91
C GLY B 1610 83.58 -15.88 47.58
N SER B 1611 83.69 -14.65 47.08
CA SER B 1611 83.07 -14.29 45.81
C SER B 1611 83.89 -13.20 45.15
N VAL B 1612 83.78 -13.12 43.82
CA VAL B 1612 84.52 -12.11 43.07
C VAL B 1612 83.95 -10.72 43.32
N GLU B 1613 82.63 -10.63 43.53
CA GLU B 1613 82.01 -9.33 43.77
C GLU B 1613 82.42 -8.76 45.12
N PHE B 1614 82.47 -9.60 46.16
CA PHE B 1614 82.84 -9.13 47.49
C PHE B 1614 84.33 -8.85 47.64
N GLN B 1615 85.12 -9.03 46.58
CA GLN B 1615 86.55 -8.78 46.63
C GLN B 1615 86.92 -7.38 46.15
N PHE B 1616 86.18 -6.83 45.19
CA PHE B 1616 86.50 -5.53 44.62
C PHE B 1616 85.51 -4.43 44.99
N VAL B 1617 84.26 -4.78 45.33
CA VAL B 1617 83.27 -3.78 45.68
C VAL B 1617 83.63 -3.08 46.99
N PRO B 1618 83.94 -3.80 48.08
CA PRO B 1618 84.26 -3.09 49.32
C PRO B 1618 85.56 -2.30 49.25
N VAL B 1619 86.52 -2.73 48.42
CA VAL B 1619 87.79 -2.03 48.37
C VAL B 1619 87.71 -0.81 47.44
N LEU B 1620 86.78 -0.81 46.48
CA LEU B 1620 86.64 0.33 45.60
C LEU B 1620 85.87 1.48 46.24
N LYS B 1621 84.94 1.17 47.15
CA LYS B 1621 84.22 2.22 47.85
C LYS B 1621 85.12 3.02 48.79
N LEU B 1622 86.22 2.44 49.24
CA LEU B 1622 87.16 3.16 50.09
C LEU B 1622 88.09 4.05 49.28
N VAL B 1623 88.56 3.54 48.12
CA VAL B 1623 89.44 4.33 47.28
C VAL B 1623 88.68 5.48 46.62
N SER B 1624 87.46 5.21 46.18
CA SER B 1624 86.66 6.27 45.56
C SER B 1624 86.27 7.34 46.56
N THR B 1625 86.11 6.98 47.84
CA THR B 1625 85.78 7.96 48.86
C THR B 1625 87.00 8.82 49.22
N LEU B 1626 88.19 8.21 49.26
CA LEU B 1626 89.39 8.94 49.60
C LEU B 1626 89.87 9.87 48.48
N LEU B 1627 89.23 9.82 47.31
CA LEU B 1627 89.64 10.68 46.20
C LEU B 1627 88.89 12.00 46.16
N VAL B 1628 87.61 12.02 46.54
CA VAL B 1628 86.85 13.26 46.47
C VAL B 1628 87.32 14.25 47.53
N MET B 1629 87.85 13.76 48.65
CA MET B 1629 88.40 14.66 49.67
C MET B 1629 89.83 15.09 49.36
N GLY B 1630 90.45 14.55 48.32
CA GLY B 1630 91.81 14.93 47.99
C GLY B 1630 92.85 14.47 48.98
N ILE B 1631 92.61 13.33 49.65
CA ILE B 1631 93.58 12.84 50.63
C ILE B 1631 94.80 12.27 49.93
N PHE B 1632 94.61 11.62 48.79
CA PHE B 1632 95.72 11.05 48.05
C PHE B 1632 96.57 12.14 47.42
N GLY B 1633 97.88 11.97 47.48
CA GLY B 1633 98.81 12.93 46.93
C GLY B 1633 99.10 12.68 45.47
N ASP B 1634 100.16 13.32 44.98
CA ASP B 1634 100.52 13.18 43.57
C ASP B 1634 101.11 11.80 43.28
N GLU B 1635 101.82 11.21 44.25
CA GLU B 1635 102.40 9.90 44.03
C GLU B 1635 101.34 8.80 44.04
N ASP B 1636 100.22 9.02 44.73
CA ASP B 1636 99.18 8.00 44.80
C ASP B 1636 98.39 7.91 43.50
N VAL B 1637 98.28 9.02 42.76
CA VAL B 1637 97.54 8.99 41.49
C VAL B 1637 98.29 8.16 40.45
N LYS B 1638 99.63 8.17 40.49
CA LYS B 1638 100.40 7.38 39.54
C LYS B 1638 100.22 5.89 39.78
N GLN B 1639 99.99 5.48 41.02
CA GLN B 1639 99.81 4.06 41.31
C GLN B 1639 98.41 3.58 40.95
N ILE B 1640 97.39 4.43 41.15
CA ILE B 1640 96.02 4.04 40.83
C ILE B 1640 95.83 3.94 39.32
N LEU B 1641 96.34 4.92 38.58
CA LEU B 1641 96.18 4.91 37.13
C LEU B 1641 96.98 3.78 36.49
N LYS B 1642 98.08 3.36 37.11
CA LYS B 1642 98.88 2.27 36.55
C LYS B 1642 98.20 0.92 36.71
N MET B 1643 97.46 0.73 37.80
CA MET B 1643 96.78 -0.55 38.02
C MET B 1643 95.55 -0.70 37.14
N ILE B 1644 94.89 0.40 36.79
CA ILE B 1644 93.71 0.34 35.94
C ILE B 1644 94.04 0.53 34.46
N GLU B 1645 95.24 1.01 34.14
CA GLU B 1645 95.64 1.21 32.75
C GLU B 1645 97.15 1.07 32.62
N PRO B 1646 97.64 0.01 31.97
CA PRO B 1646 99.09 -0.17 31.83
C PRO B 1646 99.75 0.77 30.83
N GLU B 1647 98.98 1.53 30.06
CA GLU B 1647 99.52 2.44 29.07
C GLU B 1647 99.78 3.84 29.63
N VAL B 1648 99.68 4.01 30.94
CA VAL B 1648 99.91 5.31 31.56
C VAL B 1648 101.20 5.30 32.39
N GLU B 1649 101.30 -4.93 35.40
CA GLU B 1649 101.46 -6.30 34.94
C GLU B 1649 100.17 -6.85 34.35
N GLU B 1650 99.08 -6.14 34.60
CA GLU B 1650 97.76 -6.55 34.11
C GLU B 1650 96.86 -5.32 34.02
N GLY B 1651 95.68 -5.52 33.45
CA GLY B 1651 94.73 -4.44 33.29
C GLY B 1651 93.42 -4.71 33.99
N LEU B 1652 93.01 -3.81 34.89
CA LEU B 1652 91.75 -3.98 35.60
C LEU B 1652 90.55 -3.81 34.67
N LEU B 1653 90.64 -2.88 33.72
CA LEU B 1653 89.56 -2.65 32.77
C LEU B 1653 89.51 -3.69 31.67
N GLN B 1654 90.53 -4.54 31.55
CA GLN B 1654 90.58 -5.57 30.50
C GLN B 1654 90.25 -6.96 31.04
N MET B 1655 89.77 -7.06 32.28
CA MET B 1655 89.43 -8.33 32.89
C MET B 1655 87.91 -8.47 33.01
N LYS B 1656 87.45 -9.72 32.93
CA LYS B 1656 86.02 -9.99 33.06
C LYS B 1656 85.57 -9.72 34.49
N LEU B 1657 84.67 -8.75 34.65
CA LEU B 1657 84.18 -8.34 35.96
C LEU B 1657 82.67 -8.37 35.99
N PRO B 1658 82.06 -8.70 37.13
CA PRO B 1658 80.60 -8.71 37.23
C PRO B 1658 80.00 -7.31 37.15
N GLU B 1659 78.66 -7.24 37.21
CA GLU B 1659 77.97 -5.96 37.11
C GLU B 1659 78.00 -5.17 38.40
N SER B 1660 78.19 -5.83 39.55
CA SER B 1660 78.20 -5.11 40.82
C SER B 1660 79.43 -4.22 40.95
N VAL B 1661 80.60 -4.72 40.53
CA VAL B 1661 81.81 -3.93 40.65
C VAL B 1661 81.84 -2.83 39.59
N LYS B 1662 81.23 -3.07 38.43
CA LYS B 1662 81.19 -2.06 37.38
C LYS B 1662 80.38 -0.83 37.78
N LEU B 1663 79.47 -0.97 38.75
CA LEU B 1663 78.73 0.19 39.23
C LEU B 1663 79.66 1.16 39.97
N GLN B 1664 80.55 0.62 40.82
CA GLN B 1664 81.52 1.47 41.50
C GLN B 1664 82.63 1.92 40.56
N MET B 1665 82.86 1.20 39.46
CA MET B 1665 83.89 1.61 38.51
C MET B 1665 83.50 2.89 37.78
N CYS B 1666 82.21 3.08 37.51
CA CYS B 1666 81.77 4.31 36.86
C CYS B 1666 81.98 5.53 37.76
N ASN B 1667 81.82 5.36 39.07
CA ASN B 1667 82.09 6.46 40.00
C ASN B 1667 83.58 6.77 40.10
N LEU B 1668 84.44 5.79 39.80
CA LEU B 1668 85.88 6.04 39.84
C LEU B 1668 86.32 6.86 38.64
N LEU B 1669 85.86 6.48 37.44
CA LEU B 1669 86.21 7.23 36.24
C LEU B 1669 85.52 8.59 36.19
N GLU B 1670 84.39 8.75 36.88
CA GLU B 1670 83.71 10.04 36.90
C GLU B 1670 84.51 11.08 37.67
N TYR B 1671 85.27 10.66 38.68
CA TYR B 1671 86.09 11.61 39.44
C TYR B 1671 87.23 12.14 38.60
N PHE B 1672 87.90 11.26 37.85
CA PHE B 1672 88.99 11.70 36.99
C PHE B 1672 88.48 12.53 35.82
N CYS B 1673 87.25 12.27 35.37
CA CYS B 1673 86.66 13.10 34.32
C CYS B 1673 86.36 14.50 34.81
N ASP B 1674 85.99 14.65 36.09
CA ASP B 1674 85.73 15.96 36.65
C ASP B 1674 87.03 16.71 36.95
N GLN B 1675 88.12 15.99 37.19
CA GLN B 1675 89.40 16.65 37.43
C GLN B 1675 89.93 17.31 36.15
N GLU B 1676 89.59 16.75 34.98
CA GLU B 1676 89.99 17.38 33.74
C GLU B 1676 89.21 18.67 33.49
N LEU B 1677 87.91 18.65 33.79
CA LEU B 1677 87.11 19.86 33.65
C LEU B 1677 87.58 20.94 34.62
N GLN B 1678 87.89 20.56 35.86
CA GLN B 1678 88.40 21.52 36.83
C GLN B 1678 89.77 22.06 36.40
N HIS B 1679 90.58 21.20 35.77
CA HIS B 1679 91.87 21.66 35.24
C HIS B 1679 91.69 22.57 34.03
N ARG B 1680 90.63 22.35 33.24
CA ARG B 1680 90.38 23.18 32.07
C ARG B 1680 89.80 24.53 32.45
N VAL B 1681 88.90 24.57 33.44
CA VAL B 1681 88.33 25.82 33.89
C VAL B 1681 89.38 26.69 34.56
N GLU B 1682 90.26 26.07 35.35
CA GLU B 1682 91.34 26.83 35.99
C GLU B 1682 92.32 27.38 34.96
N SER B 1683 92.50 26.69 33.83
CA SER B 1683 93.36 27.20 32.79
C SER B 1683 92.71 28.36 32.04
N LEU B 1684 91.38 28.38 31.98
CA LEU B 1684 90.69 29.48 31.32
C LEU B 1684 90.80 30.76 32.12
N ALA B 1685 90.78 30.66 33.45
CA ALA B 1685 90.92 31.85 34.28
C ALA B 1685 92.33 32.42 34.23
N ALA B 1686 93.33 31.56 34.05
CA ALA B 1686 94.71 32.04 33.93
C ALA B 1686 94.91 32.80 32.63
N PHE B 1687 94.36 32.30 31.53
CA PHE B 1687 94.45 33.02 30.26
C PHE B 1687 93.61 34.28 30.27
N ALA B 1688 92.51 34.28 31.01
CA ALA B 1688 91.66 35.47 31.07
C ALA B 1688 92.34 36.61 31.82
N GLU B 1689 93.10 36.27 32.86
CA GLU B 1689 93.79 37.32 33.63
C GLU B 1689 94.90 37.94 32.82
N ARG B 1690 95.65 37.13 32.06
CA ARG B 1690 96.73 37.67 31.24
C ARG B 1690 96.19 38.44 30.04
N TYR B 1691 95.03 38.04 29.52
CA TYR B 1691 94.45 38.73 28.37
C TYR B 1691 93.81 40.05 28.79
N VAL B 1692 93.17 40.08 29.96
CA VAL B 1692 92.56 41.32 30.42
C VAL B 1692 93.63 42.31 30.88
N ASP B 1693 94.80 41.81 31.28
CA ASP B 1693 95.88 42.71 31.65
C ASP B 1693 96.46 43.41 30.42
N LYS B 1694 96.59 42.69 29.31
CA LYS B 1694 97.04 43.32 28.08
C LYS B 1694 95.96 44.23 27.49
N LEU B 1695 94.69 43.89 27.70
CA LEU B 1695 93.61 44.73 27.20
C LEU B 1695 93.47 46.01 28.02
N GLN B 1696 93.90 45.99 29.28
CA GLN B 1696 93.83 47.19 30.11
C GLN B 1696 94.77 48.28 29.60
N ALA B 1697 95.98 47.89 29.19
CA ALA B 1697 96.93 48.88 28.67
C ALA B 1697 96.50 49.41 27.32
N ASN B 1698 95.76 48.62 26.53
CA ASN B 1698 95.30 49.09 25.23
C ASN B 1698 94.19 50.10 25.35
N GLN B 1699 93.35 49.99 26.39
CA GLN B 1699 92.25 50.93 26.56
C GLN B 1699 92.75 52.30 26.99
N ARG B 1700 93.67 52.34 27.96
CA ARG B 1700 94.20 53.62 28.42
C ARG B 1700 95.10 54.27 27.38
N ASP B 1701 95.72 53.47 26.51
CA ASP B 1701 96.55 54.03 25.45
C ASP B 1701 95.71 54.71 24.39
N ARG B 1702 94.56 54.11 24.04
CA ARG B 1702 93.68 54.73 23.05
C ARG B 1702 92.98 55.96 23.63
N TYR B 1703 92.69 55.95 24.94
CA TYR B 1703 92.03 57.10 25.56
C TYR B 1703 92.96 58.30 25.63
N GLY B 1704 94.27 58.06 25.68
CA GLY B 1704 95.24 59.14 25.77
C GLY B 1704 95.47 59.85 24.45
N ILE B 1705 95.54 59.10 23.36
CA ILE B 1705 95.79 59.70 22.06
C ILE B 1705 94.56 60.43 21.52
N LEU B 1706 93.36 60.05 21.97
CA LEU B 1706 92.16 60.71 21.50
C LEU B 1706 91.95 62.06 22.18
N MET B 1707 92.22 62.14 23.49
CA MET B 1707 92.05 63.39 24.21
C MET B 1707 93.16 64.39 23.91
N LYS B 1708 94.38 63.90 23.66
CA LYS B 1708 95.50 64.80 23.39
C LYS B 1708 95.44 65.37 21.98
N ALA B 1709 95.21 64.51 20.99
CA ALA B 1709 95.15 64.95 19.61
C ALA B 1709 93.76 65.48 19.27
N PHE B 1710 93.72 66.56 18.50
CA PHE B 1710 92.45 67.16 18.11
C PHE B 1710 91.73 66.28 17.09
N THR B 1711 90.42 66.18 17.24
CA THR B 1711 89.62 65.37 16.34
C THR B 1711 89.53 66.01 14.96
N MET B 1712 89.51 65.17 13.93
CA MET B 1712 89.41 65.68 12.56
C MET B 1712 88.01 66.23 12.28
N THR B 1713 86.97 65.57 12.77
CA THR B 1713 85.61 66.00 12.55
C THR B 1713 84.76 65.59 13.76
N ALA B 1714 83.51 66.05 13.76
CA ALA B 1714 82.60 65.71 14.85
C ALA B 1714 82.21 64.24 14.81
N ALA B 1715 82.07 63.66 13.62
CA ALA B 1715 81.71 62.26 13.50
C ALA B 1715 82.87 61.32 13.79
N GLU B 1716 84.12 61.80 13.65
CA GLU B 1716 85.27 60.96 13.92
C GLU B 1716 85.39 60.65 15.41
N THR B 1717 85.33 61.69 16.25
CA THR B 1717 85.42 61.47 17.69
C THR B 1717 84.15 60.86 18.27
N ALA B 1718 83.03 60.90 17.54
CA ALA B 1718 81.80 60.33 18.05
C ALA B 1718 81.86 58.80 18.08
N ARG B 1719 82.34 58.20 17.00
CA ARG B 1719 82.46 56.74 16.94
C ARG B 1719 83.58 56.21 17.82
N ARG B 1720 84.47 57.07 18.31
CA ARG B 1720 85.58 56.63 19.14
C ARG B 1720 85.25 56.70 20.63
N THR B 1721 84.44 57.67 21.04
CA THR B 1721 84.08 57.83 22.45
C THR B 1721 82.88 56.98 22.86
N ARG B 1722 82.28 56.24 21.93
CA ARG B 1722 81.12 55.41 22.25
C ARG B 1722 81.49 54.23 23.14
N GLU B 1723 82.76 53.81 23.14
CA GLU B 1723 83.19 52.69 23.96
C GLU B 1723 83.60 53.11 25.37
N PHE B 1724 84.01 54.37 25.54
CA PHE B 1724 84.40 54.86 26.87
C PHE B 1724 83.21 55.21 27.73
N ARG B 1725 82.02 55.36 27.14
CA ARG B 1725 80.80 55.64 27.90
C ARG B 1725 79.83 54.48 27.91
N SER B 1726 80.09 53.42 27.14
CA SER B 1726 79.23 52.25 27.14
C SER B 1726 79.38 51.49 28.45
N PRO B 1727 78.39 50.68 28.82
CA PRO B 1727 78.51 49.88 30.03
C PRO B 1727 79.66 48.90 29.92
N PRO B 1728 80.28 48.53 31.05
CA PRO B 1728 81.43 47.62 30.99
C PRO B 1728 81.12 46.29 30.34
N GLN B 1729 79.87 45.83 30.40
CA GLN B 1729 79.51 44.60 29.72
C GLN B 1729 79.53 44.79 28.20
N GLU B 1730 79.20 46.00 27.72
CA GLU B 1730 79.25 46.27 26.29
C GLU B 1730 80.67 46.59 25.82
N GLN B 1731 81.53 47.07 26.72
CA GLN B 1731 82.91 47.35 26.34
C GLN B 1731 83.66 46.06 26.03
N ILE B 1732 83.50 45.04 26.87
CA ILE B 1732 84.15 43.76 26.62
C ILE B 1732 83.51 43.06 25.42
N ASN B 1733 82.20 43.20 25.26
CA ASN B 1733 81.52 42.57 24.13
C ASN B 1733 81.93 43.20 22.81
N MET B 1734 82.36 44.47 22.83
CA MET B 1734 82.78 45.14 21.61
C MET B 1734 84.27 44.90 21.31
N LEU B 1735 85.11 44.93 22.33
CA LEU B 1735 86.55 44.74 22.10
C LEU B 1735 86.88 43.28 21.78
N LEU B 1736 86.06 42.34 22.26
CA LEU B 1736 86.28 40.93 22.01
C LEU B 1736 85.50 40.42 20.80
N HIS B 1737 84.85 41.30 20.04
CA HIS B 1737 84.08 40.90 18.87
C HIS B 1737 85.01 40.79 17.67
N PHE B 1738 85.88 39.78 17.72
CA PHE B 1738 86.85 39.52 16.67
C PHE B 1738 86.52 38.20 15.98
N LYS B 1739 86.61 38.20 14.65
CA LYS B 1739 86.33 37.02 13.83
C LYS B 1739 84.93 36.46 14.10
N PRO B 1740 86.97 48.59 17.08
CA PRO B 1740 87.62 47.28 16.97
C PRO B 1740 88.82 47.13 17.90
N LEU B 1741 89.87 46.46 17.45
CA LEU B 1741 91.05 46.23 18.25
C LEU B 1741 92.22 45.96 17.31
N PRO B 1742 93.45 46.28 17.74
CA PRO B 1742 94.60 46.01 16.87
C PRO B 1742 94.84 44.52 16.69
N ASP B 1743 95.46 44.18 15.55
CA ASP B 1743 95.72 42.78 15.24
C ASP B 1743 96.81 42.17 16.11
N GLU B 1744 97.60 43.01 16.80
CA GLU B 1744 98.65 42.47 17.66
C GLU B 1744 98.09 41.77 18.89
N ILE B 1745 96.92 42.19 19.36
CA ILE B 1745 96.31 41.56 20.51
C ILE B 1745 95.44 40.36 20.13
N ARG B 1746 94.91 40.34 18.90
CA ARG B 1746 94.05 39.25 18.48
C ARG B 1746 94.81 37.94 18.29
N GLN B 1747 96.14 37.99 18.15
CA GLN B 1747 96.91 36.77 17.97
C GLN B 1747 96.94 35.95 19.25
N ASP B 1748 96.86 36.59 20.41
CA ASP B 1748 96.86 35.84 21.67
C ASP B 1748 95.55 35.11 21.89
N LEU B 1749 94.43 35.73 21.52
CA LEU B 1749 93.13 35.09 21.71
C LEU B 1749 92.94 33.94 20.73
N LEU B 1750 93.39 34.11 19.48
CA LEU B 1750 93.23 33.05 18.49
C LEU B 1750 94.13 31.86 18.80
N GLU B 1751 95.24 32.08 19.50
CA GLU B 1751 96.13 30.98 19.84
C GLU B 1751 95.51 30.07 20.89
N PHE B 1752 94.87 30.64 21.91
CA PHE B 1752 94.25 29.85 22.95
C PHE B 1752 92.95 29.21 22.49
N HIS B 1753 92.20 29.89 21.61
CA HIS B 1753 90.95 29.33 21.12
C HIS B 1753 91.19 28.10 20.23
N GLN B 1754 92.23 28.15 19.40
CA GLN B 1754 92.57 27.03 18.55
C GLN B 1754 93.22 25.88 19.30
N ASP B 1755 93.74 26.14 20.51
CA ASP B 1755 94.35 25.10 21.33
C ASP B 1755 93.38 24.46 22.30
N LEU B 1756 92.34 25.17 22.72
CA LEU B 1756 91.36 24.59 23.64
C LEU B 1756 90.52 23.52 22.95
N LEU B 1757 90.22 23.71 21.66
CA LEU B 1757 89.45 22.71 20.93
C LEU B 1757 90.25 21.43 20.73
N THR B 1758 91.57 21.52 20.64
CA THR B 1758 92.39 20.32 20.49
C THR B 1758 92.39 19.49 21.77
N HIS B 1759 92.30 20.13 22.93
CA HIS B 1759 92.25 19.38 24.19
C HIS B 1759 90.89 18.73 24.39
N CYS B 1760 89.83 19.30 23.82
CA CYS B 1760 88.51 18.71 23.95
C CYS B 1760 88.34 17.44 23.14
N GLY B 1761 89.18 17.23 22.12
CA GLY B 1761 89.12 16.05 21.30
C GLY B 1761 88.63 16.25 19.88
N ILE B 1762 88.65 17.47 19.36
CA ILE B 1762 88.21 17.76 17.99
C ILE B 1762 89.31 18.54 17.28
N GLN B 1763 89.36 18.38 15.97
CA GLN B 1763 90.35 19.06 15.14
C GLN B 1763 89.74 19.57 13.84
N LEU B 1764 96.05 4.67 21.44
CA LEU B 1764 95.20 5.45 22.34
C LEU B 1764 95.90 6.75 22.75
N GLN B 1765 96.60 6.71 23.87
CA GLN B 1765 97.32 7.87 24.40
C GLN B 1765 96.39 9.05 24.61
N SER B 1766 95.21 8.78 25.16
CA SER B 1766 94.22 9.82 25.42
C SER B 1766 93.25 9.32 26.47
N LEU B 1767 92.91 10.20 27.43
CA LEU B 1767 91.96 9.83 28.47
C LEU B 1767 90.55 9.66 27.90
N GLN B 1768 90.20 10.49 26.92
CA GLN B 1768 88.87 10.38 26.32
C GLN B 1768 88.75 9.13 25.47
N GLU B 1769 89.80 8.78 24.72
CA GLU B 1769 89.75 7.61 23.85
C GLU B 1769 89.74 6.31 24.65
N LEU B 1770 90.34 6.31 25.84
CA LEU B 1770 90.36 5.08 26.65
C LEU B 1770 88.99 4.78 27.21
N VAL B 1771 88.31 5.78 27.78
CA VAL B 1771 86.99 5.55 28.35
C VAL B 1771 85.94 5.39 27.27
N SER B 1772 86.17 5.93 26.07
CA SER B 1772 85.19 5.79 24.99
C SER B 1772 85.12 4.36 24.48
N HIS B 1773 86.21 3.62 24.55
CA HIS B 1773 86.24 2.23 24.10
C HIS B 1773 85.75 1.26 25.17
N THR B 1774 85.87 1.63 26.45
CA THR B 1774 85.41 0.75 27.51
C THR B 1774 83.92 0.84 27.75
N VAL B 1775 83.32 2.02 27.50
CA VAL B 1775 81.88 2.17 27.72
C VAL B 1775 81.10 1.41 26.64
N VAL B 1776 81.64 1.28 25.44
CA VAL B 1776 80.96 0.55 24.38
C VAL B 1776 81.28 -0.94 24.39
N ARG B 1777 82.43 -1.34 24.97
CA ARG B 1777 82.77 -2.75 25.02
C ARG B 1777 81.96 -3.49 26.06
N TRP B 1778 81.67 -2.83 27.19
CA TRP B 1778 80.89 -3.48 28.24
C TRP B 1778 79.44 -3.68 27.83
N ALA B 1779 78.89 -2.76 27.02
CA ALA B 1779 77.51 -2.88 26.58
C ALA B 1779 77.34 -3.82 25.39
N GLN B 1780 78.43 -4.16 24.70
CA GLN B 1780 78.37 -5.05 23.55
C GLN B 1780 78.81 -6.48 23.87
N GLU B 1781 79.42 -6.70 25.03
CA GLU B 1781 79.89 -8.03 25.40
C GLU B 1781 78.82 -8.85 26.11
N ASP B 1782 78.13 -8.24 27.08
CA ASP B 1782 77.10 -8.92 27.84
C ASP B 1782 75.97 -7.93 28.14
N PHE B 1783 74.89 -8.44 28.73
CA PHE B 1783 73.75 -7.63 29.10
C PHE B 1783 73.98 -7.00 30.46
N VAL B 1784 73.50 -5.77 30.63
CA VAL B 1784 73.73 -5.04 31.88
C VAL B 1784 72.83 -5.59 32.98
N GLN B 1785 71.52 -5.66 32.74
CA GLN B 1785 70.55 -6.14 33.71
C GLN B 1785 70.66 -5.37 35.03
N SER B 1786 70.80 -4.05 34.94
CA SER B 1786 70.94 -3.20 36.11
C SER B 1786 70.39 -1.81 35.80
N PRO B 1787 69.34 -1.37 36.48
CA PRO B 1787 68.80 -0.03 36.18
C PRO B 1787 69.71 1.10 36.62
N GLU B 1788 70.40 0.95 37.75
CA GLU B 1788 71.28 2.00 38.24
C GLU B 1788 72.59 2.09 37.45
N LEU B 1789 72.97 1.03 36.74
CA LEU B 1789 74.22 1.04 36.00
C LEU B 1789 74.06 1.75 34.66
N VAL B 1790 72.91 1.60 34.00
CA VAL B 1790 72.70 2.21 32.69
C VAL B 1790 72.67 3.73 32.81
N ARG B 1791 72.05 4.25 33.86
CA ARG B 1791 71.98 5.70 34.04
C ARG B 1791 73.35 6.30 34.30
N ALA B 1792 74.28 5.52 34.87
CA ALA B 1792 75.62 5.99 35.12
C ALA B 1792 76.60 5.63 34.01
N MET B 1793 76.27 4.63 33.18
CA MET B 1793 77.17 4.24 32.10
C MET B 1793 77.13 5.26 30.97
N PHE B 1794 75.94 5.53 30.43
CA PHE B 1794 75.83 6.46 29.30
C PHE B 1794 76.03 7.91 29.74
N SER B 1795 75.86 8.22 31.02
CA SER B 1795 76.09 9.59 31.48
C SER B 1795 77.57 9.95 31.40
N LEU B 1796 78.46 8.99 31.61
CA LEU B 1796 79.89 9.27 31.49
C LEU B 1796 80.32 9.44 30.04
N LEU B 1797 79.70 8.70 29.12
CA LEU B 1797 80.04 8.83 27.70
C LEU B 1797 79.60 10.17 27.14
N HIS B 1798 78.51 10.73 27.65
CA HIS B 1798 78.02 12.02 27.14
C HIS B 1798 78.99 13.15 27.47
N ARG B 1799 79.74 13.04 28.56
CA ARG B 1799 80.69 14.05 28.97
C ARG B 1799 82.05 13.90 28.29
N GLN B 1800 82.16 13.00 27.32
CA GLN B 1800 83.42 12.75 26.61
C GLN B 1800 83.38 13.19 25.15
N TYR B 1801 82.35 12.77 24.41
CA TYR B 1801 82.22 13.20 23.02
C TYR B 1801 81.85 14.68 22.92
N ASP B 1802 81.15 15.21 23.92
CA ASP B 1802 80.77 16.62 23.94
C ASP B 1802 81.90 17.41 24.58
N GLY B 1803 82.84 17.86 23.74
CA GLY B 1803 83.97 18.63 24.23
C GLY B 1803 83.58 19.99 24.77
N LEU B 1804 82.93 20.80 23.93
CA LEU B 1804 82.48 22.12 24.36
C LEU B 1804 81.19 22.08 25.15
N GLY B 1805 80.42 20.99 25.04
CA GLY B 1805 79.18 20.90 25.78
C GLY B 1805 79.37 20.72 27.27
N GLU B 1806 80.42 20.00 27.67
CA GLU B 1806 80.69 19.82 29.09
C GLU B 1806 81.16 21.10 29.76
N LEU B 1807 81.92 21.92 29.03
CA LEU B 1807 82.40 23.19 29.60
C LEU B 1807 81.26 24.20 29.72
N LEU B 1808 80.35 24.22 28.74
CA LEU B 1808 79.26 25.18 28.76
C LEU B 1808 78.31 24.96 29.94
N ARG B 1809 78.16 23.70 30.38
CA ARG B 1809 77.25 23.43 31.50
C ARG B 1809 77.83 23.89 32.83
N ALA B 1810 79.16 23.96 32.94
CA ALA B 1810 79.82 24.36 34.17
C ALA B 1810 80.52 25.70 34.06
N LEU B 1811 80.38 26.41 32.94
CA LEU B 1811 81.05 27.70 32.82
C LEU B 1811 80.38 28.79 33.65
N PRO B 1812 79.05 28.95 33.67
CA PRO B 1812 78.47 29.97 34.54
C PRO B 1812 78.73 29.75 36.02
N ARG B 1813 79.06 28.53 36.44
CA ARG B 1813 79.37 28.27 37.83
C ARG B 1813 80.75 28.78 38.23
N ALA B 1814 81.58 29.18 37.28
CA ALA B 1814 82.91 29.67 37.59
C ALA B 1814 82.85 31.11 38.11
N TYR B 1815 83.87 31.48 38.88
CA TYR B 1815 83.94 32.81 39.46
C TYR B 1815 85.38 33.11 39.82
N THR B 1816 85.72 34.40 39.79
CA THR B 1816 87.06 34.88 40.12
C THR B 1816 86.98 35.73 41.38
N ILE B 1817 87.73 35.36 42.40
CA ILE B 1817 87.75 36.08 43.67
C ILE B 1817 89.07 36.81 43.81
N SER B 1818 89.04 37.93 44.53
CA SER B 1818 90.24 38.72 44.73
C SER B 1818 91.18 38.01 45.71
N PRO B 1819 92.49 38.05 45.47
CA PRO B 1819 93.43 37.39 46.39
C PRO B 1819 93.64 38.13 47.71
N SER B 1820 93.00 39.28 47.90
CA SER B 1820 93.14 40.04 49.14
C SER B 1820 92.08 39.70 50.17
N SER B 1821 91.08 38.91 49.80
CA SER B 1821 90.00 38.51 50.71
C SER B 1821 89.86 37.00 50.73
N VAL B 1822 90.99 36.28 50.79
CA VAL B 1822 90.94 34.83 50.82
C VAL B 1822 90.44 34.33 52.17
N GLU B 1823 90.88 34.97 53.26
CA GLU B 1823 90.44 34.56 54.59
C GLU B 1823 88.95 34.80 54.78
N ASP B 1824 88.40 35.85 54.15
CA ASP B 1824 86.96 36.10 54.25
C ASP B 1824 86.16 35.09 53.44
N THR B 1825 86.73 34.60 52.33
CA THR B 1825 86.03 33.61 51.52
C THR B 1825 86.18 32.21 52.09
N MET B 1826 87.29 31.94 52.78
CA MET B 1826 87.47 30.64 53.41
C MET B 1826 86.41 30.38 54.47
N SER B 1827 86.13 31.38 55.30
CA SER B 1827 85.06 31.25 56.29
C SER B 1827 83.68 31.31 55.65
N LEU B 1828 83.58 31.85 54.43
CA LEU B 1828 82.29 31.88 53.74
C LEU B 1828 81.84 30.48 53.37
N LEU B 1829 82.69 29.73 52.66
CA LEU B 1829 82.35 28.37 52.28
C LEU B 1829 82.39 27.41 53.47
N GLU B 1830 83.12 27.77 54.54
CA GLU B 1830 83.14 26.93 55.73
C GLU B 1830 81.80 26.95 56.44
N CYS B 1831 81.22 28.14 56.61
CA CYS B 1831 79.88 28.24 57.18
C CYS B 1831 78.82 27.80 56.17
N LEU B 1832 79.11 27.90 54.87
CA LEU B 1832 78.17 27.43 53.87
C LEU B 1832 78.12 25.92 53.81
N GLY B 1833 79.25 25.25 54.10
CA GLY B 1833 79.25 23.80 54.19
C GLY B 1833 78.45 23.26 55.34
N GLN B 1834 78.25 24.06 56.39
CA GLN B 1834 77.43 23.63 57.52
C GLN B 1834 75.94 23.87 57.26
N ILE B 1835 75.60 24.94 56.55
CA ILE B 1835 74.20 25.24 56.27
C ILE B 1835 73.63 24.29 55.22
N ARG B 1836 74.49 23.60 54.47
CA ARG B 1836 74.01 22.65 53.47
C ARG B 1836 73.94 21.22 54.01
N SER B 1837 74.70 20.91 55.06
CA SER B 1837 74.63 19.60 55.69
C SER B 1837 73.52 19.51 56.73
N LEU B 1838 72.90 20.64 57.10
CA LEU B 1838 71.84 20.66 58.09
C LEU B 1838 70.45 20.65 57.48
N LEU B 1839 70.32 20.84 56.17
CA LEU B 1839 69.00 20.79 55.54
C LEU B 1839 68.51 19.37 55.34
N ILE B 1840 69.41 18.38 55.29
CA ILE B 1840 68.99 17.00 55.12
C ILE B 1840 68.39 16.45 56.41
N VAL B 1841 68.93 16.88 57.55
CA VAL B 1841 68.43 16.45 58.85
C VAL B 1841 67.29 17.36 59.27
N GLN B 1842 66.27 16.78 59.88
CA GLN B 1842 65.11 17.56 60.33
C GLN B 1842 65.51 18.54 61.41
N MET B 1843 64.98 19.76 61.32
CA MET B 1843 65.30 20.81 62.28
C MET B 1843 64.68 20.48 63.63
N GLY B 1844 65.52 20.36 64.66
CA GLY B 1844 65.06 20.07 65.99
C GLY B 1844 65.20 21.26 66.92
N PRO B 1845 64.97 21.04 68.22
CA PRO B 1845 65.12 22.15 69.18
C PRO B 1845 66.54 22.68 69.27
N GLN B 1846 67.52 21.79 69.48
CA GLN B 1846 68.91 22.23 69.57
C GLN B 1846 69.45 22.62 68.19
N GLU B 1847 68.97 21.98 67.12
CA GLU B 1847 69.41 22.30 65.78
C GLU B 1847 68.86 23.64 65.28
N GLU B 1848 67.87 24.21 65.97
CA GLU B 1848 67.32 25.49 65.54
C GLU B 1848 68.30 26.63 65.81
N ASN B 1849 69.03 26.55 66.92
CA ASN B 1849 70.00 27.59 67.26
C ASN B 1849 71.27 27.51 66.43
N LEU B 1850 71.44 26.44 65.64
CA LEU B 1850 72.62 26.33 64.79
C LEU B 1850 72.49 27.15 63.52
N MET B 1851 71.27 27.27 62.98
CA MET B 1851 71.08 28.04 61.75
C MET B 1851 71.07 29.54 62.03
N ILE B 1852 70.52 29.95 63.18
CA ILE B 1852 70.49 31.38 63.52
C ILE B 1852 71.88 31.92 63.78
N GLN B 1853 72.83 31.07 64.15
CA GLN B 1853 74.20 31.53 64.36
C GLN B 1853 74.98 31.56 63.04
N SER B 1854 74.71 30.60 62.15
CA SER B 1854 75.38 30.60 60.85
C SER B 1854 74.87 31.72 59.95
N ILE B 1855 73.59 32.05 60.05
CA ILE B 1855 73.04 33.15 59.26
C ILE B 1855 73.59 34.49 59.74
N GLY B 1856 73.64 34.68 61.06
CA GLY B 1856 74.19 35.91 61.59
C GLY B 1856 75.66 36.10 61.29
N ASN B 1857 76.40 35.00 61.12
CA ASN B 1857 77.81 35.10 60.78
C ASN B 1857 78.03 35.36 59.29
N ILE B 1858 77.16 34.82 58.44
CA ILE B 1858 77.29 35.06 57.00
C ILE B 1858 76.72 36.41 56.61
N MET B 1859 75.89 37.03 57.46
CA MET B 1859 75.33 38.34 57.18
C MET B 1859 76.27 39.48 57.60
N ASN B 1860 77.35 39.17 58.31
CA ASN B 1860 78.31 40.19 58.72
C ASN B 1860 79.69 39.87 58.14
N ASN B 1861 79.77 39.75 56.82
CA ASN B 1861 81.00 39.43 56.13
C ASN B 1861 81.29 40.49 55.07
N LYS B 1862 82.44 40.35 54.40
CA LYS B 1862 82.87 41.28 53.37
C LYS B 1862 82.55 40.81 51.96
N VAL B 1863 82.74 39.51 51.68
CA VAL B 1863 82.48 39.00 50.34
C VAL B 1863 80.99 39.01 50.03
N PHE B 1864 80.14 38.89 51.05
CA PHE B 1864 78.70 38.86 50.81
C PHE B 1864 78.19 40.20 50.30
N TYR B 1865 78.87 41.30 50.64
CA TYR B 1865 78.46 42.63 50.20
C TYR B 1865 79.44 43.24 49.20
N GLN B 1866 80.23 42.40 48.53
CA GLN B 1866 81.20 42.89 47.56
C GLN B 1866 81.09 42.11 46.25
N HIS B 1867 80.63 40.87 46.32
CA HIS B 1867 80.50 40.00 45.15
C HIS B 1867 79.07 39.46 45.11
N PRO B 1868 78.13 40.24 44.55
CA PRO B 1868 76.74 39.75 44.46
C PRO B 1868 76.58 38.58 43.52
N ASN B 1869 77.38 38.50 42.47
CA ASN B 1869 77.25 37.41 41.51
C ASN B 1869 77.76 36.08 42.07
N LEU B 1870 78.56 36.11 43.14
CA LEU B 1870 79.05 34.86 43.72
C LEU B 1870 77.95 34.10 44.44
N MET B 1871 76.98 34.82 45.01
CA MET B 1871 75.89 34.16 45.72
C MET B 1871 74.98 33.38 44.78
N ARG B 1872 74.80 33.87 43.55
CA ARG B 1872 73.95 33.19 42.59
C ARG B 1872 74.63 32.00 41.94
N ALA B 1873 75.97 31.96 41.95
CA ALA B 1873 76.68 30.83 41.36
C ALA B 1873 76.64 29.60 42.26
N LEU B 1874 76.88 29.79 43.56
CA LEU B 1874 76.86 28.68 44.51
C LEU B 1874 75.46 28.27 44.91
N GLY B 1875 74.44 29.10 44.64
CA GLY B 1875 73.08 28.76 44.98
C GLY B 1875 72.75 29.00 46.44
N MET B 1876 72.98 30.23 46.92
CA MET B 1876 72.72 30.54 48.32
C MET B 1876 71.23 30.70 48.59
N HIS B 1877 70.53 31.46 47.74
CA HIS B 1877 69.11 31.70 47.97
C HIS B 1877 68.27 30.44 47.76
N GLU B 1878 68.82 29.42 47.09
CA GLU B 1878 68.07 28.18 46.92
C GLU B 1878 68.11 27.31 48.16
N THR B 1879 69.24 27.26 48.85
CA THR B 1879 69.37 26.42 50.04
C THR B 1879 68.59 27.00 51.22
N VAL B 1880 68.56 28.33 51.33
CA VAL B 1880 67.84 28.96 52.42
C VAL B 1880 66.33 28.74 52.29
N MET B 1881 65.83 28.71 51.04
CA MET B 1881 64.41 28.47 50.82
C MET B 1881 64.04 27.00 50.96
N GLU B 1882 65.01 26.10 50.92
CA GLU B 1882 64.71 24.68 51.06
C GLU B 1882 64.38 24.30 52.50
N VAL B 1883 64.96 24.99 53.47
CA VAL B 1883 64.66 24.71 54.88
C VAL B 1883 63.39 25.39 55.34
N MET B 1884 62.85 26.33 54.57
CA MET B 1884 61.61 27.00 54.94
C MET B 1884 60.39 26.17 54.57
N VAL B 1885 60.46 25.43 53.45
CA VAL B 1885 59.33 24.62 53.03
C VAL B 1885 59.15 23.38 53.91
N ASN B 1886 60.19 22.99 54.66
CA ASN B 1886 60.08 21.84 55.54
C ASN B 1886 59.48 22.22 56.89
N VAL B 1887 59.87 23.39 57.43
CA VAL B 1887 59.33 23.84 58.71
C VAL B 1887 57.94 24.42 58.60
N LEU B 1888 57.46 24.69 57.39
CA LEU B 1888 56.12 25.24 57.18
C LEU B 1888 55.13 24.14 56.86
N ARG B 1889 55.11 25.58 63.80
CA ARG B 1889 56.21 24.93 64.52
C ARG B 1889 57.51 25.72 64.33
N PHE B 1890 58.24 25.90 65.44
CA PHE B 1890 59.51 26.62 65.47
C PHE B 1890 59.34 28.03 64.91
N PRO B 1891 58.80 28.97 65.69
CA PRO B 1891 58.62 30.33 65.17
C PRO B 1891 59.93 31.07 64.95
N LYS B 1892 61.00 30.68 65.66
CA LYS B 1892 62.28 31.36 65.49
C LYS B 1892 62.97 31.01 64.18
N MET B 1893 62.54 29.93 63.52
CA MET B 1893 63.16 29.54 62.26
C MET B 1893 62.71 30.41 61.11
N VAL B 1894 61.40 30.69 61.03
CA VAL B 1894 60.88 31.53 59.97
C VAL B 1894 61.29 32.99 60.15
N THR B 1895 61.65 33.39 61.36
CA THR B 1895 62.05 34.77 61.60
C THR B 1895 63.41 35.07 60.97
N SER B 1896 64.41 34.26 61.27
CA SER B 1896 65.75 34.50 60.75
C SER B 1896 65.86 34.15 59.27
N CYS B 1897 65.05 33.18 58.82
CA CYS B 1897 65.10 32.80 57.41
C CYS B 1897 64.55 33.91 56.50
N CYS B 1898 63.42 34.50 56.89
CA CYS B 1898 62.83 35.57 56.10
C CYS B 1898 63.60 36.89 56.25
N ARG B 1899 64.24 37.10 57.41
CA ARG B 1899 64.99 38.32 57.62
C ARG B 1899 66.20 38.38 56.71
N PHE B 1900 66.97 37.29 56.63
CA PHE B 1900 68.13 37.25 55.75
C PHE B 1900 67.72 37.28 54.28
N LEU B 1901 66.57 36.70 53.94
CA LEU B 1901 66.11 36.69 52.56
C LEU B 1901 65.66 38.06 52.08
N CYS B 1902 65.34 38.97 53.00
CA CYS B 1902 64.91 40.31 52.61
C CYS B 1902 66.09 41.15 52.14
N TYR B 1903 67.19 41.15 52.90
CA TYR B 1903 68.36 41.93 52.53
C TYR B 1903 69.10 41.34 51.34
N PHE B 1904 68.88 40.05 51.04
CA PHE B 1904 69.54 39.44 49.89
C PHE B 1904 69.05 40.03 48.57
N CYS B 1905 67.78 40.42 48.50
CA CYS B 1905 67.24 41.01 47.28
C CYS B 1905 67.68 42.45 47.10
N ARG B 1906 67.98 43.15 48.19
CA ARG B 1906 68.41 44.54 48.13
C ARG B 1906 69.88 44.70 47.78
N ILE B 1907 70.62 43.61 47.59
CA ILE B 1907 72.04 43.70 47.29
C ILE B 1907 72.26 44.17 45.86
N SER B 1908 71.75 43.41 44.89
CA SER B 1908 71.92 43.72 43.48
C SER B 1908 70.59 43.58 42.76
N ARG B 1909 70.53 44.12 41.54
CA ARG B 1909 69.32 44.03 40.74
C ARG B 1909 69.08 42.60 40.27
N GLN B 1910 70.15 41.86 39.98
CA GLN B 1910 70.00 40.49 39.51
C GLN B 1910 69.52 39.57 40.64
N ASN B 1911 69.84 39.88 41.89
CA ASN B 1911 69.39 39.06 43.00
C ASN B 1911 67.89 39.20 43.21
N GLN B 1912 67.32 40.38 42.93
CA GLN B 1912 65.89 40.56 43.08
C GLN B 1912 65.10 39.81 42.01
N ARG B 1913 65.70 39.61 40.83
CA ARG B 1913 65.03 38.90 39.76
C ARG B 1913 64.86 37.41 40.10
N SER B 1914 65.83 36.83 40.80
CA SER B 1914 65.74 35.41 41.15
C SER B 1914 64.62 35.17 42.16
N MET B 1915 64.38 36.12 43.06
CA MET B 1915 63.33 35.98 44.05
C MET B 1915 61.94 36.21 43.46
N PHE B 1916 61.85 36.79 42.27
CA PHE B 1916 60.54 37.03 41.66
C PHE B 1916 59.90 35.76 41.14
N ASP B 1917 60.72 34.75 40.80
CA ASP B 1917 60.16 33.51 40.27
C ASP B 1917 59.46 32.70 41.37
N HIS B 1918 59.84 32.90 42.62
CA HIS B 1918 59.24 32.21 43.75
C HIS B 1918 58.18 33.05 44.44
N LEU B 1919 57.59 34.01 43.75
CA LEU B 1919 56.57 34.86 44.36
C LEU B 1919 55.26 34.12 44.57
N SER B 1920 55.00 33.08 43.78
CA SER B 1920 53.74 32.34 43.92
C SER B 1920 53.71 31.56 45.22
N TYR B 1921 54.84 30.99 45.63
CA TYR B 1921 54.87 30.20 46.85
C TYR B 1921 54.90 31.08 48.10
N LEU B 1922 55.55 32.25 48.00
CA LEU B 1922 55.63 33.14 49.17
C LEU B 1922 54.27 33.74 49.49
N LEU B 1923 53.50 34.11 48.47
CA LEU B 1923 52.18 34.69 48.71
C LEU B 1923 51.18 33.64 49.16
N GLU B 1924 51.36 32.38 48.75
CA GLU B 1924 50.45 31.33 49.17
C GLU B 1924 50.61 31.00 50.65
N ASN B 1925 51.84 31.03 51.15
CA ASN B 1925 52.13 30.75 52.55
C ASN B 1925 52.34 32.02 53.37
N SER B 1926 51.64 33.10 53.02
CA SER B 1926 51.79 34.35 53.76
C SER B 1926 51.16 34.26 55.14
N GLY B 1927 50.03 33.56 55.25
CA GLY B 1927 49.35 33.43 56.53
C GLY B 1927 50.07 32.51 57.49
N GLY B 1928 56.52 34.58 63.11
CA GLY B 1928 56.58 35.56 64.19
C GLY B 1928 55.85 36.84 63.88
N MET B 1929 55.35 37.51 64.93
CA MET B 1929 54.62 38.76 64.75
C MET B 1929 55.57 39.94 64.57
N GLN B 1930 56.44 40.17 65.54
CA GLN B 1930 57.39 41.26 65.46
C GLN B 1930 58.64 40.82 64.69
N GLY B 1931 59.29 41.80 64.06
CA GLY B 1931 60.49 41.52 63.29
C GLY B 1931 60.18 41.18 61.84
N SER B 1932 60.78 40.11 61.34
CA SER B 1932 60.57 39.69 59.96
C SER B 1932 59.28 38.91 59.83
N THR B 1933 58.80 38.81 58.59
CA THR B 1933 57.58 38.11 58.26
C THR B 1933 57.68 37.59 56.83
N PRO B 1934 57.08 36.45 56.53
CA PRO B 1934 57.15 35.92 55.15
C PRO B 1934 56.46 36.81 54.12
N LEU B 1935 55.67 37.78 54.55
CA LEU B 1935 55.03 38.69 53.60
C LEU B 1935 55.95 39.83 53.19
N ASP B 1936 56.88 40.21 54.06
CA ASP B 1936 57.79 41.31 53.73
C ASP B 1936 58.77 40.93 52.62
N VAL B 1937 59.19 39.66 52.56
CA VAL B 1937 60.10 39.23 51.53
C VAL B 1937 59.43 39.22 50.16
N ALA B 1938 58.10 39.14 50.12
CA ALA B 1938 57.40 39.22 48.83
C ALA B 1938 57.39 40.65 48.30
N ALA B 1939 57.27 41.63 49.19
CA ALA B 1939 57.30 43.03 48.77
C ALA B 1939 58.72 43.51 48.48
N ALA B 1940 59.71 42.98 49.21
CA ALA B 1940 61.09 43.38 48.97
C ALA B 1940 61.62 42.87 47.64
N SER B 1941 60.95 41.91 47.02
CA SER B 1941 61.37 41.36 45.73
C SER B 1941 60.66 42.03 44.57
N VAL B 1942 60.03 43.19 44.79
CA VAL B 1942 59.31 43.89 43.73
C VAL B 1942 59.42 45.39 43.95
N ILE B 1943 59.85 45.79 45.15
CA ILE B 1943 59.95 47.20 45.48
C ILE B 1943 61.19 47.79 44.83
N ASP B 1944 61.11 49.08 44.48
CA ASP B 1944 62.23 49.83 43.90
C ASP B 1944 62.72 49.17 42.61
N ASN B 1945 61.79 48.70 41.79
CA ASN B 1945 62.15 48.06 40.52
C ASN B 1945 60.93 48.09 39.61
N ASN B 1946 61.09 48.68 38.43
CA ASN B 1946 59.97 48.84 37.50
C ASN B 1946 59.83 47.66 36.55
N GLU B 1947 60.92 46.95 36.25
CA GLU B 1947 60.84 45.83 35.31
C GLU B 1947 60.05 44.67 35.91
N LEU B 1948 60.38 44.31 37.17
CA LEU B 1948 59.68 43.22 37.83
C LEU B 1948 58.23 43.58 38.16
N ALA B 1949 57.90 44.86 38.24
CA ALA B 1949 56.53 45.28 38.47
C ALA B 1949 55.67 45.19 37.22
N LEU B 1950 56.28 45.28 36.04
CA LEU B 1950 55.51 45.19 34.80
C LEU B 1950 55.20 43.74 34.42
N ALA B 1951 56.15 42.84 34.64
CA ALA B 1951 55.98 41.43 34.31
C ALA B 1951 55.23 40.65 35.39
N LEU B 1952 54.60 41.34 36.34
CA LEU B 1952 53.87 40.65 37.39
C LEU B 1952 52.58 40.05 36.83
N GLN B 1953 52.35 38.78 37.14
CA GLN B 1953 51.17 38.08 36.64
C GLN B 1953 49.93 38.52 37.41
N GLU B 1954 48.77 38.15 36.87
CA GLU B 1954 47.50 38.50 37.50
C GLU B 1954 47.15 37.56 38.64
N GLN B 1955 47.64 36.31 38.59
CA GLN B 1955 47.33 35.35 39.64
C GLN B 1955 47.97 35.74 40.97
N ASP B 1956 49.10 36.45 40.93
CA ASP B 1956 49.74 36.86 42.17
C ASP B 1956 48.93 37.95 42.87
N LEU B 1957 48.44 38.94 42.13
CA LEU B 1957 47.64 39.99 42.73
C LEU B 1957 46.24 39.49 43.10
N GLU B 1958 45.73 38.49 42.38
CA GLU B 1958 44.42 37.94 42.71
C GLU B 1958 44.43 37.14 43.99
N LYS B 1959 45.60 36.70 44.45
CA LYS B 1959 45.70 35.95 45.71
C LYS B 1959 45.81 36.86 46.92
N VAL B 1960 46.36 38.06 46.76
CA VAL B 1960 46.50 38.97 47.88
C VAL B 1960 45.15 39.60 48.23
N VAL B 1961 44.35 39.93 47.21
CA VAL B 1961 43.05 40.54 47.46
C VAL B 1961 42.08 39.53 48.08
N SER B 1962 42.31 38.24 47.87
CA SER B 1962 41.45 37.23 48.50
C SER B 1962 41.71 37.14 50.00
N TYR B 1963 42.97 37.32 50.43
CA TYR B 1963 43.28 37.30 51.85
C TYR B 1963 42.74 38.52 52.57
N LEU B 1964 42.61 39.65 51.85
CA LEU B 1964 42.08 40.86 52.48
C LEU B 1964 40.60 40.68 52.82
N ALA B 1965 39.86 39.97 51.97
CA ALA B 1965 38.44 39.74 52.26
C ALA B 1965 38.27 38.80 53.45
N GLY B 1966 39.16 37.81 53.58
CA GLY B 1966 39.08 36.91 54.72
C GLY B 1966 39.46 37.57 56.02
N CYS B 1967 40.35 38.56 55.97
CA CYS B 1967 40.74 39.28 57.19
C CYS B 1967 39.70 40.32 57.59
N GLY B 1968 39.03 40.93 56.63
CA GLY B 1968 38.01 41.92 56.92
C GLY B 1968 36.65 41.35 57.27
N LEU B 1969 36.49 40.04 57.19
CA LEU B 1969 35.23 39.38 57.52
C LEU B 1969 35.28 38.58 58.81
N GLN B 1970 36.38 37.89 59.08
CA GLN B 1970 36.54 37.08 60.28
C GLN B 1970 37.70 37.62 61.11
N SER B 1971 37.53 37.62 62.42
CA SER B 1971 38.56 38.11 63.33
C SER B 1971 39.69 37.10 63.45
N CYS B 1972 40.89 37.62 63.70
CA CYS B 1972 42.05 36.77 63.85
C CYS B 1972 42.00 36.02 65.19
N PRO B 1973 42.54 34.81 65.25
CA PRO B 1973 42.51 34.07 66.52
C PRO B 1973 43.29 34.73 67.63
N MET B 1974 44.49 35.25 67.32
CA MET B 1974 45.31 35.90 68.34
C MET B 1974 44.82 37.30 68.68
N LEU B 1975 44.08 37.96 67.78
CA LEU B 1975 43.58 39.29 68.05
C LEU B 1975 42.43 39.29 69.04
N LEU B 1976 41.78 38.14 69.25
CA LEU B 1976 40.68 38.08 70.21
C LEU B 1976 41.18 38.19 71.64
N ALA B 1977 42.39 37.70 71.93
CA ALA B 1977 42.92 37.79 73.28
C ALA B 1977 43.51 39.17 73.57
N LYS B 1978 44.16 39.78 72.59
CA LYS B 1978 44.73 41.10 72.78
C LYS B 1978 43.68 42.20 72.67
N GLY B 1979 42.69 42.03 71.82
CA GLY B 1979 41.63 43.00 71.64
C GLY B 1979 40.39 42.62 72.42
N TYR B 1980 39.97 43.52 73.32
CA TYR B 1980 38.79 43.28 74.14
C TYR B 1980 37.45 43.44 73.41
N PRO B 1981 37.28 44.40 72.49
CA PRO B 1981 35.96 44.55 71.86
C PRO B 1981 35.61 43.44 70.89
N ASP B 1982 36.57 42.60 70.49
CA ASP B 1982 36.35 41.51 69.55
C ASP B 1982 35.78 42.03 68.23
N ILE B 1983 36.55 42.88 67.57
CA ILE B 1983 36.13 43.45 66.29
C ILE B 1983 36.09 42.36 65.23
N GLY B 1984 35.05 42.40 64.39
CA GLY B 1984 34.88 41.39 63.36
C GLY B 1984 35.95 41.42 62.28
N TRP B 1985 36.66 42.54 62.14
CA TRP B 1985 37.72 42.67 61.14
C TRP B 1985 39.01 43.08 61.85
N ASN B 1986 40.10 42.42 61.49
CA ASN B 1986 41.39 42.71 62.11
C ASN B 1986 42.04 43.90 61.42
N PRO B 1987 42.27 45.01 62.12
CA PRO B 1987 42.93 46.16 61.48
C PRO B 1987 44.42 45.94 61.26
N CYS B 1988 45.04 45.16 62.14
CA CYS B 1988 46.47 44.91 62.03
C CYS B 1988 46.77 43.77 61.06
N GLY B 1989 45.84 42.83 60.89
CA GLY B 1989 46.08 41.72 59.98
C GLY B 1989 46.11 42.15 58.53
N GLY B 1990 45.07 42.89 58.11
CA GLY B 1990 45.01 43.37 56.74
C GLY B 1990 45.91 44.53 56.41
N GLU B 1991 46.57 45.12 57.41
CA GLU B 1991 47.46 46.24 57.16
C GLU B 1991 48.72 45.81 56.43
N ARG B 1992 49.21 44.60 56.70
CA ARG B 1992 50.42 44.12 56.04
C ARG B 1992 50.16 43.79 54.57
N TYR B 1993 48.94 43.37 54.24
CA TYR B 1993 48.63 43.05 52.85
C TYR B 1993 48.50 44.30 51.99
N LEU B 1994 48.03 45.41 52.57
CA LEU B 1994 47.92 46.65 51.80
C LEU B 1994 49.28 47.24 51.49
N ASP B 1995 50.28 46.99 52.32
CA ASP B 1995 51.62 47.50 52.07
C ASP B 1995 52.29 46.79 50.89
N PHE B 1996 51.86 45.57 50.57
CA PHE B 1996 52.45 44.84 49.45
C PHE B 1996 51.92 45.37 48.12
N LEU B 1997 50.63 45.70 48.05
CA LEU B 1997 50.07 46.21 46.81
C LEU B 1997 50.56 47.63 46.50
N ARG B 1998 50.92 48.39 47.54
CA ARG B 1998 51.42 49.74 47.31
C ARG B 1998 52.78 49.73 46.62
N PHE B 1999 53.62 48.75 46.96
CA PHE B 1999 54.95 48.63 46.37
C PHE B 1999 54.94 47.89 45.04
N ALA B 2000 53.77 47.51 44.53
CA ALA B 2000 53.68 46.81 43.26
C ALA B 2000 53.09 47.63 42.13
N VAL B 2001 52.39 48.72 42.43
CA VAL B 2001 51.81 49.56 41.40
C VAL B 2001 52.27 51.01 41.48
N PHE B 2002 52.86 51.45 42.58
CA PHE B 2002 53.34 52.83 42.75
C PHE B 2002 54.82 52.76 43.12
N VAL B 2003 55.68 52.85 42.11
CA VAL B 2003 57.12 52.78 42.31
C VAL B 2003 57.77 53.91 41.51
N ASN B 2004 58.86 54.47 42.05
CA ASN B 2004 59.63 55.52 41.40
C ASN B 2004 58.79 56.76 41.08
N GLY B 2005 57.72 56.97 41.86
CA GLY B 2005 56.89 58.14 41.67
C GLY B 2005 55.83 57.97 40.59
N GLU B 2006 56.24 57.47 39.42
CA GLU B 2006 55.34 57.27 38.30
C GLU B 2006 54.48 56.02 38.56
N SER B 2007 53.18 56.23 38.72
CA SER B 2007 52.28 55.11 38.96
C SER B 2007 52.02 54.36 37.66
N VAL B 2008 52.27 53.06 37.67
CA VAL B 2008 52.07 52.21 36.50
C VAL B 2008 50.57 51.92 36.38
N GLU B 2009 49.93 52.45 35.34
CA GLU B 2009 48.51 52.25 35.13
C GLU B 2009 48.17 50.87 34.59
N GLU B 2010 49.17 50.08 34.21
CA GLU B 2010 48.89 48.76 33.66
C GLU B 2010 48.49 47.77 34.75
N ASN B 2011 49.37 47.56 35.73
CA ASN B 2011 49.07 46.64 36.82
C ASN B 2011 48.10 47.24 37.84
N ALA B 2012 47.97 48.56 37.89
CA ALA B 2012 47.04 49.19 38.81
C ALA B 2012 45.60 49.16 38.31
N ASN B 2013 45.39 48.83 37.03
CA ASN B 2013 44.04 48.75 36.50
C ASN B 2013 43.36 47.44 36.87
N VAL B 2014 44.13 46.37 37.05
CA VAL B 2014 43.56 45.08 37.40
C VAL B 2014 43.34 44.94 38.90
N VAL B 2015 44.06 45.71 39.72
CA VAL B 2015 43.88 45.64 41.16
C VAL B 2015 42.62 46.39 41.60
N VAL B 2016 42.15 47.35 40.82
CA VAL B 2016 40.92 48.06 41.15
C VAL B 2016 39.71 47.26 40.69
N ARG B 2017 39.80 46.60 39.54
CA ARG B 2017 38.68 45.82 39.03
C ARG B 2017 38.39 44.64 39.93
N LEU B 2018 39.41 44.09 40.59
CA LEU B 2018 39.20 42.97 41.50
C LEU B 2018 38.87 43.42 42.91
N LEU B 2019 39.29 44.63 43.31
CA LEU B 2019 38.96 45.12 44.64
C LEU B 2019 37.49 45.46 44.75
N ILE B 2020 36.88 45.91 43.66
CA ILE B 2020 35.46 46.28 43.67
C ILE B 2020 34.54 45.08 43.50
N ARG B 2021 35.08 43.90 43.22
CA ARG B 2021 34.25 42.72 43.06
C ARG B 2021 33.64 42.29 44.39
N LYS B 2022 34.49 42.04 45.39
CA LYS B 2022 34.03 41.61 46.70
C LYS B 2022 33.94 42.82 47.62
N PRO B 2023 32.76 43.18 48.12
CA PRO B 2023 32.66 44.33 49.02
C PRO B 2023 33.30 44.10 50.39
N GLU B 2024 33.65 42.86 50.73
CA GLU B 2024 34.28 42.59 52.02
C GLU B 2024 35.72 43.08 52.07
N CYS B 2025 36.33 43.37 50.91
CA CYS B 2025 37.71 43.85 50.91
C CYS B 2025 37.81 45.26 51.45
N PHE B 2026 36.82 46.10 51.20
CA PHE B 2026 36.81 47.47 51.71
C PHE B 2026 36.47 47.46 53.21
N GLY B 2027 36.43 48.66 53.79
CA GLY B 2027 36.09 48.81 55.18
C GLY B 2027 34.63 48.51 55.45
N PRO B 2028 34.30 48.20 56.71
CA PRO B 2028 32.89 47.90 57.02
C PRO B 2028 31.98 49.11 56.90
N ALA B 2029 32.48 50.30 57.27
CA ALA B 2029 31.66 51.50 57.19
C ALA B 2029 31.59 52.03 55.75
N LEU B 2030 32.69 51.95 55.01
CA LEU B 2030 32.71 52.43 53.64
C LEU B 2030 31.98 51.46 52.73
N ARG B 2031 30.95 51.97 52.04
CA ARG B 2031 30.14 51.17 51.12
C ARG B 2031 29.48 49.98 51.82
N GLY B 2032 29.16 50.14 53.11
CA GLY B 2032 28.54 49.08 53.88
C GLY B 2032 27.02 49.13 53.81
N GLU B 2033 26.40 48.15 54.45
CA GLU B 2033 24.94 48.09 54.48
C GLU B 2033 24.36 49.16 55.39
N GLY B 2034 25.01 49.40 56.53
CA GLY B 2034 24.51 50.42 57.45
C GLY B 2034 24.68 51.83 56.93
N GLY B 2035 25.70 52.06 56.12
CA GLY B 2035 25.95 53.38 55.57
C GLY B 2035 26.49 54.36 56.57
N SER B 2036 27.51 53.95 57.33
CA SER B 2036 28.11 54.83 58.33
C SER B 2036 28.92 55.94 57.65
N GLY B 2037 29.82 55.56 56.76
CA GLY B 2037 30.64 56.51 56.04
C GLY B 2037 32.07 56.56 56.56
N LEU B 2038 32.92 57.25 55.80
CA LEU B 2038 34.32 57.39 56.18
C LEU B 2038 34.48 58.28 57.40
N LEU B 2039 33.61 59.27 57.57
CA LEU B 2039 33.69 60.16 58.73
C LEU B 2039 33.20 59.50 60.01
N ALA B 2040 32.36 58.47 59.91
CA ALA B 2040 31.83 57.83 61.11
C ALA B 2040 32.78 56.81 61.69
N THR B 2041 33.53 56.09 60.85
CA THR B 2041 34.43 55.06 61.35
C THR B 2041 35.66 55.63 62.04
N ILE B 2042 36.02 56.88 61.77
CA ILE B 2042 37.17 57.49 62.41
C ILE B 2042 36.82 58.08 63.77
N GLU B 2043 35.55 58.46 63.98
CA GLU B 2043 35.15 59.04 65.25
C GLU B 2043 34.99 57.97 66.34
N GLU B 2044 34.70 56.74 65.96
CA GLU B 2044 34.54 55.67 66.95
C GLU B 2044 35.87 55.29 67.57
N ALA B 2045 36.97 55.40 66.81
CA ALA B 2045 38.27 55.05 67.35
C ALA B 2045 38.77 56.09 68.34
N ILE B 2046 38.44 57.36 68.12
CA ILE B 2046 38.88 58.44 69.01
C ILE B 2046 38.03 58.44 70.28
N HIS B 2047 50.32 44.90 73.30
CA HIS B 2047 51.16 46.03 72.92
C HIS B 2047 50.68 46.65 71.62
N LEU B 2048 49.51 46.22 71.16
CA LEU B 2048 48.90 46.73 69.91
C LEU B 2048 47.40 46.86 70.15
N GLY B 2049 46.97 48.06 70.53
CA GLY B 2049 45.57 48.32 70.79
C GLY B 2049 44.76 48.42 69.50
N HIS B 2050 43.45 48.60 69.69
CA HIS B 2050 42.53 48.73 68.56
C HIS B 2050 42.78 50.06 67.86
N ALA B 2051 43.34 49.99 66.65
CA ALA B 2051 43.65 51.16 65.85
C ALA B 2051 42.85 51.08 64.55
N ILE B 2052 41.67 51.70 64.55
CA ILE B 2052 40.83 51.68 63.36
C ILE B 2052 41.40 52.59 62.28
N MET B 2053 41.97 53.73 62.69
CA MET B 2053 42.55 54.66 61.74
C MET B 2053 43.84 54.14 61.10
N SER B 2054 44.41 53.06 61.61
CA SER B 2054 45.63 52.52 61.02
C SER B 2054 45.35 51.73 59.75
N PHE B 2055 44.19 51.07 59.67
CA PHE B 2055 43.85 50.32 58.46
C PHE B 2055 43.30 51.23 57.38
N TYR B 2056 42.53 52.25 57.76
CA TYR B 2056 41.99 53.17 56.76
C TYR B 2056 43.07 54.08 56.18
N ALA B 2057 44.14 54.33 56.92
CA ALA B 2057 45.23 55.15 56.40
C ALA B 2057 45.95 54.45 55.26
N ALA B 2058 46.05 53.12 55.30
CA ALA B 2058 46.69 52.38 54.23
C ALA B 2058 45.74 52.12 53.06
N LEU B 2059 44.45 51.98 53.34
CA LEU B 2059 43.47 51.74 52.27
C LEU B 2059 43.26 52.99 51.43
N ILE B 2060 43.15 54.15 52.08
CA ILE B 2060 42.95 55.40 51.35
C ILE B 2060 44.21 55.75 50.55
N ASP B 2061 45.38 55.54 51.13
CA ASP B 2061 46.63 55.79 50.40
C ASP B 2061 46.81 54.82 49.25
N LEU B 2062 46.23 53.63 49.35
CA LEU B 2062 46.33 52.66 48.25
C LEU B 2062 45.44 53.04 47.09
N LEU B 2063 44.25 53.58 47.37
CA LEU B 2063 43.31 53.93 46.30
C LEU B 2063 43.88 55.03 45.41
N GLY B 2064 44.51 56.04 46.00
CA GLY B 2064 45.10 57.10 45.21
C GLY B 2064 46.28 56.65 44.39
N ARG B 2065 47.05 55.69 44.89
CA ARG B 2065 48.21 55.21 44.15
C ARG B 2065 47.79 54.34 42.97
N CYS B 2066 46.82 53.46 43.17
CA CYS B 2066 46.36 52.57 42.10
C CYS B 2066 45.41 53.26 41.13
N ALA B 2067 45.01 54.50 41.40
CA ALA B 2067 44.12 55.17 40.45
C ALA B 2067 44.93 55.84 39.35
N PRO B 2068 44.52 55.69 38.10
CA PRO B 2068 45.25 56.34 36.98
C PRO B 2068 45.19 57.85 37.06
N GLU B 2069 45.97 58.44 37.98
CA GLU B 2069 46.02 59.88 38.17
C GLU B 2069 47.10 60.55 37.33
N MET B 2070 47.61 59.87 36.32
CA MET B 2070 48.64 60.44 35.46
C MET B 2070 48.05 61.58 34.63
N HIS B 2071 48.66 62.77 34.75
CA HIS B 2071 48.16 63.93 34.01
C HIS B 2071 48.36 63.75 32.50
N LEU B 2072 49.39 63.00 32.10
CA LEU B 2072 49.65 62.74 30.69
C LEU B 2072 48.75 61.66 30.11
N ILE B 2073 47.90 61.05 30.92
CA ILE B 2073 46.97 60.02 30.47
C ILE B 2073 45.53 60.52 30.47
N GLN B 2074 45.12 61.21 31.55
CA GLN B 2074 43.74 61.66 31.67
C GLN B 2074 43.34 62.60 30.54
N ALA B 2075 44.29 63.38 30.03
CA ALA B 2075 44.00 64.32 28.95
C ALA B 2075 43.87 63.55 27.65
N GLY B 2076 42.70 62.95 27.47
CA GLY B 2076 42.42 62.18 26.26
C GLY B 2076 42.59 60.69 26.46
N LYS B 2077 42.11 60.17 27.58
CA LYS B 2077 42.26 58.74 27.86
C LYS B 2077 41.18 57.92 27.15
N GLY B 2078 39.91 58.18 27.46
CA GLY B 2078 38.81 57.42 26.92
C GLY B 2078 38.37 56.25 27.77
N GLU B 2079 39.31 55.63 28.50
CA GLU B 2079 39.00 54.52 29.39
C GLU B 2079 39.34 54.78 30.85
N ALA B 2080 40.33 55.65 31.12
CA ALA B 2080 40.69 55.97 32.49
C ALA B 2080 39.71 56.91 33.18
N LEU B 2081 38.77 57.50 32.43
CA LEU B 2081 37.77 58.37 33.03
C LEU B 2081 36.71 57.57 33.78
N ARG B 2082 36.45 56.33 33.36
CA ARG B 2082 35.46 55.51 34.04
C ARG B 2082 35.96 55.07 35.42
N ILE B 2083 37.24 54.66 35.51
CA ILE B 2083 37.78 54.24 36.79
C ILE B 2083 38.04 55.44 37.69
N ARG B 2084 38.28 56.62 37.10
CA ARG B 2084 38.50 57.82 37.91
C ARG B 2084 37.22 58.23 38.64
N ALA B 2085 36.07 58.11 37.98
CA ALA B 2085 34.80 58.45 38.62
C ALA B 2085 34.36 57.40 39.63
N ILE B 2086 34.98 56.21 39.60
CA ILE B 2086 34.64 55.17 40.58
C ILE B 2086 35.09 55.59 41.96
N LEU B 2087 36.30 56.14 42.08
CA LEU B 2087 36.81 56.56 43.39
C LEU B 2087 36.09 57.79 43.93
N ARG B 2088 35.47 58.58 43.06
CA ARG B 2088 34.75 59.77 43.51
C ARG B 2088 33.45 59.42 44.21
N SER B 2089 32.93 58.21 44.01
CA SER B 2089 31.66 57.80 44.61
C SER B 2089 31.83 57.18 45.99
N LEU B 2090 32.90 56.41 46.19
CA LEU B 2090 33.12 55.77 47.48
C LEU B 2090 33.61 56.76 48.53
N VAL B 2091 34.32 57.80 48.11
CA VAL B 2091 34.74 58.88 49.02
C VAL B 2091 34.44 60.21 48.35
N PRO B 2092 33.55 61.02 48.90
CA PRO B 2092 33.25 62.33 48.32
C PRO B 2092 34.32 63.35 48.71
N LEU B 2093 34.12 64.59 48.23
CA LEU B 2093 35.05 65.65 48.54
C LEU B 2093 34.87 66.17 49.97
N ASP B 2094 33.63 66.19 50.45
CA ASP B 2094 33.37 66.65 51.81
C ASP B 2094 33.86 65.67 52.87
N ASP B 2095 34.16 64.43 52.48
CA ASP B 2095 34.67 63.46 53.45
C ASP B 2095 36.09 63.78 53.88
N LEU B 2096 36.94 64.18 52.93
CA LEU B 2096 38.33 64.50 53.27
C LEU B 2096 38.42 65.71 54.19
N VAL B 2097 37.43 66.60 54.13
CA VAL B 2097 37.43 67.76 55.02
C VAL B 2097 37.22 67.33 56.47
N GLY B 2098 36.52 66.22 56.68
CA GLY B 2098 36.26 65.77 58.03
C GLY B 2098 37.51 65.30 58.76
N ILE B 2099 38.38 64.58 58.06
CA ILE B 2099 39.62 64.10 58.69
C ILE B 2099 40.53 65.26 59.02
N ILE B 2100 40.67 66.22 58.10
CA ILE B 2100 41.55 67.36 58.33
C ILE B 2100 41.01 68.23 59.47
N SER B 2101 39.68 68.38 59.54
CA SER B 2101 39.09 69.18 60.60
C SER B 2101 39.18 68.52 61.98
N LEU B 2102 39.49 67.23 62.03
CA LEU B 2102 39.61 66.54 63.31
C LEU B 2102 40.86 67.02 64.04
N PRO B 2103 40.73 67.55 65.26
CA PRO B 2103 41.93 68.03 65.97
C PRO B 2103 42.80 66.87 66.42
N LEU B 2104 44.11 67.06 66.28
CA LEU B 2104 45.09 66.05 66.66
C LEU B 2104 45.56 66.29 68.09
N GLN B 2105 46.45 65.43 68.57
CA GLN B 2105 46.98 65.55 69.91
C GLN B 2105 47.95 66.72 70.01
N ILE B 2106 48.19 67.16 71.23
CA ILE B 2106 49.07 68.28 71.53
C ILE B 2106 50.33 67.73 72.18
N PRO B 2107 51.53 68.01 71.65
CA PRO B 2107 52.78 67.51 72.23
C PRO B 2107 53.14 68.21 73.54
N MET B 2108 50.80 59.20 71.06
CA MET B 2108 51.06 57.76 71.05
C MET B 2108 50.88 57.18 69.66
N SER B 2109 51.49 56.02 69.41
CA SER B 2109 51.37 55.38 68.10
C SER B 2109 49.99 54.77 67.91
N ALA B 2110 49.36 54.28 68.97
CA ALA B 2110 48.04 53.69 68.84
C ALA B 2110 46.97 54.73 68.59
N SER B 2111 47.16 55.96 69.07
CA SER B 2111 46.19 57.03 68.87
C SER B 2111 46.41 57.69 67.51
N PHE B 2112 45.95 58.93 67.37
CA PHE B 2112 46.13 59.64 66.12
C PHE B 2112 47.58 60.07 65.93
N VAL B 2113 48.11 59.84 64.73
CA VAL B 2113 49.49 60.15 64.41
C VAL B 2113 49.50 61.13 63.25
N PRO B 2114 50.36 62.16 63.27
CA PRO B 2114 50.44 63.08 62.11
C PRO B 2114 50.80 62.38 60.81
N ASP B 2115 51.29 61.13 60.85
CA ASP B 2115 51.55 60.40 59.62
C ASP B 2115 50.26 60.14 58.85
N HIS B 2116 49.13 60.07 59.55
CA HIS B 2116 47.84 59.89 58.87
C HIS B 2116 47.46 61.10 58.03
N LYS B 2117 47.98 62.29 58.37
CA LYS B 2117 47.68 63.48 57.58
C LYS B 2117 48.28 63.37 56.18
N ALA B 2118 49.46 62.73 56.07
CA ALA B 2118 50.08 62.56 54.76
C ALA B 2118 49.33 61.55 53.91
N SER B 2119 48.70 60.56 54.54
CA SER B 2119 47.94 59.57 53.78
C SER B 2119 46.66 60.14 53.20
N MET B 2120 46.11 61.19 53.83
CA MET B 2120 44.88 61.79 53.33
C MET B 2120 45.15 62.81 52.24
N VAL B 2121 46.20 63.61 52.39
CA VAL B 2121 46.49 64.64 51.40
C VAL B 2121 47.01 64.01 50.11
N LEU B 2122 47.65 62.85 50.20
CA LEU B 2122 48.13 62.17 48.99
C LEU B 2122 46.96 61.69 48.13
N PHE B 2123 45.84 61.32 48.74
CA PHE B 2123 44.66 60.92 48.00
C PHE B 2123 43.90 62.10 47.43
N LEU B 2124 44.15 63.31 47.93
CA LEU B 2124 43.41 64.48 47.48
C LEU B 2124 43.85 64.94 46.10
N ASP B 2125 45.14 65.22 45.93
CA ASP B 2125 45.64 65.84 44.71
C ASP B 2125 45.78 64.84 43.57
N ARG B 2126 45.06 63.72 43.63
CA ARG B 2126 45.09 62.73 42.57
C ARG B 2126 43.74 62.45 41.96
N VAL B 2127 42.67 62.36 42.77
CA VAL B 2127 41.34 62.11 42.26
C VAL B 2127 40.44 63.34 42.39
N TYR B 2128 40.68 64.22 43.34
CA TYR B 2128 39.90 65.45 43.54
C TYR B 2128 40.84 66.62 43.32
N GLY B 2129 40.96 67.07 42.06
CA GLY B 2129 41.85 68.15 41.72
C GLY B 2129 41.56 69.45 42.43
N ILE B 2130 42.44 69.83 43.36
CA ILE B 2130 42.27 71.10 44.08
C ILE B 2130 42.55 72.31 43.22
N GLU B 2131 43.10 72.12 42.02
CA GLU B 2131 43.39 73.20 41.10
C GLU B 2131 42.19 73.60 40.24
N ASN B 2132 40.97 73.29 40.70
CA ASN B 2132 39.78 73.62 39.92
C ASN B 2132 39.37 75.08 40.13
N GLN B 2133 39.09 75.45 41.38
CA GLN B 2133 38.63 76.79 41.70
C GLN B 2133 39.51 77.38 42.79
N ASP B 2134 39.46 78.71 42.91
CA ASP B 2134 40.26 79.40 43.92
C ASP B 2134 39.57 79.42 45.27
N PHE B 2135 38.24 79.35 45.30
CA PHE B 2135 37.52 79.37 46.57
C PHE B 2135 37.60 78.04 47.31
N LEU B 2136 37.79 76.95 46.58
CA LEU B 2136 37.90 75.64 47.23
C LEU B 2136 39.24 75.48 47.94
N LEU B 2137 40.31 76.06 47.39
CA LEU B 2137 41.61 75.98 48.04
C LEU B 2137 41.69 76.88 49.27
N HIS B 2138 40.99 78.02 49.24
CA HIS B 2138 41.04 78.93 50.39
C HIS B 2138 40.30 78.34 51.59
N VAL B 2139 39.15 77.71 51.36
CA VAL B 2139 38.40 77.12 52.46
C VAL B 2139 39.08 75.86 52.99
N LEU B 2140 39.93 75.23 52.18
CA LEU B 2140 40.66 74.04 52.61
C LEU B 2140 42.00 74.38 53.27
N ASP B 2141 42.60 75.50 52.91
CA ASP B 2141 43.86 75.90 53.52
C ASP B 2141 43.69 76.21 55.00
N VAL B 2142 42.53 76.72 55.40
CA VAL B 2142 42.29 77.00 56.81
C VAL B 2142 42.14 75.71 57.60
N GLY B 2143 41.59 74.67 56.98
CA GLY B 2143 41.45 73.40 57.68
C GLY B 2143 42.77 72.72 57.95
N PHE B 2144 43.70 72.80 57.00
CA PHE B 2144 45.01 72.20 57.16
C PHE B 2144 45.86 72.97 58.16
N LEU B 2145 45.79 76.09 58.71
CA LEU B 2145 46.49 77.09 59.51
C LEU B 2145 46.84 76.58 60.93
N PRO B 2146 45.90 75.99 61.67
CA PRO B 2146 46.26 75.48 63.00
C PRO B 2146 47.19 74.29 62.95
N ASP B 2147 47.03 73.41 61.95
CA ASP B 2147 47.91 72.25 61.83
C ASP B 2147 49.32 72.64 61.39
N MET B 2148 49.48 73.81 60.78
CA MET B 2148 50.78 74.30 60.34
C MET B 2148 51.54 75.04 61.43
N ARG B 2149 51.11 74.91 62.68
CA ARG B 2149 51.78 75.58 63.78
C ARG B 2149 53.17 75.00 64.01
N ALA B 2150 54.12 75.86 64.35
CA ALA B 2150 55.49 75.41 64.59
C ALA B 2150 55.58 74.56 65.85
N ALA B 2151 55.20 75.15 67.00
CA ALA B 2151 55.24 74.48 68.29
C ALA B 2151 56.64 73.94 68.60
N ALA B 2152 57.65 74.73 68.28
CA ALA B 2152 59.04 74.33 68.52
C ALA B 2152 59.42 74.52 69.99
N LEU B 2153 58.22 65.07 68.16
CA LEU B 2153 57.12 64.71 67.29
C LEU B 2153 57.54 64.77 65.82
N ALA B 2154 57.09 63.81 65.03
CA ALA B 2154 57.42 63.73 63.61
C ALA B 2154 56.43 64.49 62.74
N LEU B 2155 55.98 65.66 63.18
CA LEU B 2155 55.05 66.45 62.38
C LEU B 2155 55.73 67.12 61.19
N ASN B 2156 57.05 67.34 61.27
CA ASN B 2156 57.75 68.00 60.17
C ASN B 2156 57.81 67.12 58.94
N ARG B 2157 58.12 65.83 59.11
CA ARG B 2157 58.23 64.94 57.97
C ARG B 2157 56.88 64.69 57.31
N TYR B 2158 55.79 64.74 58.09
CA TYR B 2158 54.47 64.48 57.52
C TYR B 2158 53.91 65.70 56.80
N LEU B 2159 54.37 66.90 57.16
CA LEU B 2159 53.84 68.13 56.55
C LEU B 2159 54.72 68.62 55.40
N CYS B 2160 56.04 68.46 55.50
CA CYS B 2160 56.94 68.97 54.48
C CYS B 2160 57.02 68.06 53.25
N LEU B 2161 56.75 66.77 53.41
CA LEU B 2161 56.87 65.83 52.29
C LEU B 2161 55.62 65.80 51.41
N ALA B 2162 54.43 65.91 52.01
CA ALA B 2162 53.19 65.80 51.26
C ALA B 2162 52.34 67.06 51.36
N VAL B 2163 52.16 67.61 52.56
CA VAL B 2163 51.28 68.76 52.72
C VAL B 2163 51.90 70.02 52.14
N LEU B 2164 53.22 70.18 52.32
CA LEU B 2164 53.88 71.39 51.81
C LEU B 2164 53.93 71.44 50.29
N PRO B 2165 54.33 70.38 49.57
CA PRO B 2165 54.35 70.47 48.10
C PRO B 2165 52.98 70.62 47.46
N LEU B 2166 51.89 70.49 48.23
CA LEU B 2166 50.57 70.64 47.64
C LEU B 2166 50.30 72.09 47.23
N ILE B 2167 50.66 73.05 48.07
CA ILE B 2167 50.42 74.45 47.75
C ILE B 2167 51.40 74.97 46.71
N THR B 2168 52.53 74.29 46.50
CA THR B 2168 53.50 74.74 45.50
C THR B 2168 52.99 74.49 44.08
N LYS B 2169 52.23 73.42 43.87
CA LYS B 2169 51.72 73.12 42.55
C LYS B 2169 50.63 74.10 42.13
N CYS B 2170 49.90 74.67 43.09
CA CYS B 2170 48.84 75.63 42.82
C CYS B 2170 49.27 77.06 43.16
N ALA B 2171 50.54 77.38 42.91
CA ALA B 2171 51.01 78.74 43.20
C ALA B 2171 50.40 79.78 42.26
N PRO B 2172 50.36 79.58 40.94
CA PRO B 2172 49.73 80.60 40.07
C PRO B 2172 48.20 80.66 40.21
N LEU B 2173 47.59 79.78 40.99
CA LEU B 2173 46.15 79.80 41.17
C LEU B 2173 45.69 80.87 42.15
N PHE B 2174 46.55 81.29 43.08
CA PHE B 2174 46.17 82.30 44.06
C PHE B 2174 45.91 83.64 43.36
N ALA B 2175 44.82 84.28 43.74
CA ALA B 2175 44.44 85.56 43.15
C ALA B 2175 45.22 86.71 43.78
N MET B 2176 43.39 82.79 55.59
CA MET B 2176 44.10 84.06 55.50
C MET B 2176 45.46 83.88 54.84
N VAL B 2177 45.78 84.75 53.88
CA VAL B 2177 47.06 84.67 53.18
C VAL B 2177 48.17 85.40 53.93
N ASP B 2178 47.84 86.36 54.79
CA ASP B 2178 48.87 87.08 55.54
C ASP B 2178 49.37 86.27 56.73
N SER B 2179 48.46 85.60 57.45
CA SER B 2179 48.87 84.80 58.59
C SER B 2179 49.57 83.52 58.15
N MET B 2180 49.21 82.97 56.99
CA MET B 2180 49.84 81.75 56.50
C MET B 2180 51.25 82.02 55.97
N LEU B 2181 51.50 83.19 55.39
CA LEU B 2181 52.82 83.48 54.86
C LEU B 2181 53.82 83.75 55.98
N HIS B 2182 53.35 84.30 57.09
CA HIS B 2182 54.25 84.58 58.22
C HIS B 2182 54.79 83.30 58.83
N THR B 2183 54.02 82.20 58.77
CA THR B 2183 54.48 80.92 59.30
C THR B 2183 55.43 80.22 58.36
N VAL B 2184 55.41 80.56 57.06
CA VAL B 2184 56.32 79.92 56.11
C VAL B 2184 57.76 80.36 56.37
N TYR B 2185 57.98 81.66 56.52
CA TYR B 2185 59.32 82.17 56.78
C TYR B 2185 59.80 81.78 58.17
N ARG B 2186 58.87 81.58 59.12
CA ARG B 2186 59.25 81.20 60.47
C ARG B 2186 59.81 79.77 60.51
N LEU B 2187 59.27 78.88 59.68
CA LEU B 2187 59.76 77.52 59.64
C LEU B 2187 61.12 77.42 58.95
N SER B 2188 61.42 78.35 58.03
CA SER B 2188 62.71 78.34 57.36
C SER B 2188 63.84 78.71 58.31
N ARG B 2189 63.58 79.64 59.24
CA ARG B 2189 64.58 80.05 60.21
C ARG B 2189 64.73 79.09 61.37
N GLY B 2190 63.90 78.05 61.43
CA GLY B 2190 64.00 77.08 62.52
C GLY B 2190 65.27 76.26 62.41
N ARG B 2191 65.98 76.14 63.53
CA ARG B 2191 67.24 75.39 63.56
C ARG B 2191 67.01 73.90 63.81
N SER B 2192 66.07 73.55 64.68
CA SER B 2192 65.80 72.15 65.00
C SER B 2192 64.89 71.51 63.96
N LEU B 2193 65.24 71.67 62.69
CA LEU B 2193 64.49 71.10 61.58
C LEU B 2193 65.39 70.18 60.77
N THR B 2194 64.76 69.38 59.91
CA THR B 2194 65.51 68.48 59.04
C THR B 2194 66.24 69.27 57.96
N LYS B 2195 67.51 68.92 57.74
CA LYS B 2195 68.31 69.62 56.74
C LYS B 2195 67.74 69.40 55.34
N ALA B 2196 67.27 68.19 55.05
CA ALA B 2196 66.68 67.93 53.74
C ALA B 2196 65.31 68.56 53.59
N GLN B 2197 64.57 68.69 54.69
CA GLN B 2197 63.24 69.31 54.63
C GLN B 2197 63.32 70.83 54.58
N ARG B 2198 64.41 71.41 55.09
CA ARG B 2198 64.55 72.87 55.07
C ARG B 2198 64.71 73.39 53.65
N ASP B 2199 65.34 72.61 52.77
CA ASP B 2199 65.49 73.04 51.38
C ASP B 2199 64.14 73.09 50.66
N VAL B 2200 63.21 72.21 51.03
CA VAL B 2200 61.88 72.24 50.44
C VAL B 2200 61.13 73.49 50.88
N ILE B 2201 61.32 73.89 52.14
CA ILE B 2201 60.66 75.11 52.63
C ILE B 2201 61.23 76.34 51.94
N GLU B 2202 62.53 76.33 51.64
CA GLU B 2202 63.13 77.47 50.95
C GLU B 2202 62.60 77.57 49.52
N GLU B 2203 62.42 76.45 48.85
CA GLU B 2203 61.85 76.47 47.50
C GLU B 2203 60.37 76.81 47.53
N CYS B 2204 59.69 76.52 48.64
CA CYS B 2204 58.27 76.85 48.75
C CYS B 2204 58.05 78.33 48.98
N LEU B 2205 59.02 79.01 49.60
CA LEU B 2205 58.87 80.43 49.87
C LEU B 2205 58.92 81.25 48.58
N MET B 2206 59.75 80.83 47.61
CA MET B 2206 59.87 81.57 46.37
C MET B 2206 58.60 81.46 45.52
N ALA B 2207 57.94 80.30 45.56
CA ALA B 2207 56.74 80.10 44.75
C ALA B 2207 55.50 80.75 45.37
N LEU B 2208 55.48 80.94 46.69
CA LEU B 2208 54.33 81.53 47.36
C LEU B 2208 54.38 83.05 47.41
N CYS B 2209 55.56 83.66 47.27
CA CYS B 2209 55.65 85.11 47.27
C CYS B 2209 55.13 85.71 45.97
N ARG B 2210 55.28 84.99 44.86
CA ARG B 2210 54.80 85.46 43.57
C ARG B 2210 53.34 85.08 43.36
N TYR B 2211 52.78 85.50 42.24
CA TYR B 2211 51.39 85.25 41.84
C TYR B 2211 50.38 85.82 42.81
N ILE B 2212 50.81 86.68 43.75
CA ILE B 2212 49.92 87.31 44.71
C ILE B 2212 50.12 88.82 44.60
N ARG B 2213 49.05 89.57 44.88
CA ARG B 2213 49.12 91.02 44.81
C ARG B 2213 50.19 91.54 45.78
N PRO B 2214 50.91 92.60 45.41
CA PRO B 2214 51.98 93.10 46.29
C PRO B 2214 51.48 93.62 47.62
N SER B 2215 50.18 93.92 47.75
CA SER B 2215 49.66 94.43 49.02
C SER B 2215 49.67 93.36 50.10
N MET B 2216 49.53 92.08 49.72
CA MET B 2216 49.51 91.00 50.71
C MET B 2216 50.93 90.64 51.16
N LEU B 2217 51.90 90.63 50.24
CA LEU B 2217 53.25 90.25 50.61
C LEU B 2217 53.99 91.37 51.33
N GLN B 2218 53.60 92.63 51.09
CA GLN B 2218 54.27 93.75 51.73
C GLN B 2218 53.98 93.83 53.23
N HIS B 2219 52.85 93.28 53.67
CA HIS B 2219 52.53 93.29 55.10
C HIS B 2219 53.49 92.42 55.89
N LEU B 2220 53.65 91.16 55.46
CA LEU B 2220 54.57 90.24 56.12
C LEU B 2220 56.02 90.45 55.73
N LEU B 2221 56.30 91.35 54.79
CA LEU B 2221 57.67 91.63 54.39
C LEU B 2221 58.46 92.32 55.49
N ARG B 2222 57.77 92.94 56.46
CA ARG B 2222 58.46 93.63 57.54
C ARG B 2222 59.30 92.68 58.39
N ARG B 2223 58.89 91.41 58.47
CA ARG B 2223 59.66 90.43 59.23
C ARG B 2223 60.99 90.11 58.54
N LEU B 2224 61.01 90.13 57.21
CA LEU B 2224 62.25 89.87 56.48
C LEU B 2224 63.22 91.04 56.55
N VAL B 2225 62.72 92.26 56.77
CA VAL B 2225 63.60 93.42 56.86
C VAL B 2225 64.43 93.36 58.14
N PHE B 2226 63.82 92.97 59.25
CA PHE B 2226 64.52 92.88 60.52
C PHE B 2226 65.29 91.56 60.63
N UNK B 2227 70.23 83.02 53.73
CA UNK B 2227 70.42 83.44 52.36
C UNK B 2227 69.13 83.31 51.56
N UNK B 2228 68.13 82.67 52.16
CA UNK B 2228 66.85 82.48 51.51
C UNK B 2228 66.06 83.78 51.46
N UNK B 2229 66.30 84.64 52.44
CA UNK B 2229 65.63 85.93 52.52
C UNK B 2229 66.26 86.93 51.54
N UNK B 2230 67.50 86.68 51.17
CA UNK B 2230 68.21 87.54 50.23
C UNK B 2230 67.65 87.39 48.82
N UNK B 2231 67.26 86.17 48.47
CA UNK B 2231 66.70 85.88 47.15
C UNK B 2231 65.19 86.13 47.16
N UNK B 2232 64.62 86.28 48.35
CA UNK B 2232 63.19 86.51 48.49
C UNK B 2232 62.83 87.94 48.08
N UNK B 2233 63.60 88.90 48.58
CA UNK B 2233 63.36 90.31 48.26
C UNK B 2233 63.95 90.67 46.90
N UNK B 2234 64.80 89.79 46.38
CA UNK B 2234 65.42 90.02 45.08
C UNK B 2234 64.46 89.71 43.95
N UNK B 2235 63.45 88.88 44.24
CA UNK B 2235 62.46 88.50 43.24
C UNK B 2235 61.17 89.28 43.43
N UNK B 2236 60.91 89.68 44.67
CA UNK B 2236 59.70 90.43 44.99
C UNK B 2236 59.79 91.86 44.48
N UNK B 2237 61.00 92.43 44.53
CA UNK B 2237 61.22 93.79 44.06
C UNK B 2237 61.39 93.82 42.55
N UNK B 2238 61.73 92.68 41.97
CA UNK B 2238 61.94 92.57 40.53
C UNK B 2238 60.60 92.50 39.80
N UNK B 2239 59.58 92.00 40.49
CA UNK B 2239 58.24 91.88 39.92
C UNK B 2239 57.55 93.24 39.87
N UNK B 2240 54.99 104.02 53.42
CA UNK B 2240 56.15 103.64 54.22
C UNK B 2240 56.81 102.39 53.64
N UNK B 2241 56.33 101.94 52.49
CA UNK B 2241 56.87 100.75 51.84
C UNK B 2241 58.19 101.08 51.16
N UNK B 2242 58.27 102.27 50.56
CA UNK B 2242 59.47 102.69 49.87
C UNK B 2242 60.57 103.08 50.86
N UNK B 2243 60.15 103.52 52.04
CA UNK B 2243 61.09 103.92 53.09
C UNK B 2243 61.69 102.69 53.77
N UNK B 2244 60.86 101.67 53.97
CA UNK B 2244 61.31 100.45 54.61
C UNK B 2244 62.21 99.65 53.69
N UNK B 2245 61.95 99.73 52.39
CA UNK B 2245 62.74 99.01 51.39
C UNK B 2245 64.11 99.67 51.22
N UNK B 2246 64.15 100.99 51.33
CA UNK B 2246 65.40 101.73 51.20
C UNK B 2246 66.27 101.56 52.44
N UNK B 2247 65.62 101.35 53.58
CA UNK B 2247 66.34 101.17 54.84
C UNK B 2247 66.97 99.78 54.91
N UNK B 2248 66.36 98.82 54.22
CA UNK B 2248 66.86 97.45 54.20
C UNK B 2248 68.05 97.32 53.26
N UNK B 2249 68.08 98.19 52.25
CA UNK B 2249 69.16 98.17 51.26
C UNK B 2249 70.40 98.88 51.80
N UNK B 2250 70.19 99.86 52.67
CA UNK B 2250 71.28 100.62 53.26
C UNK B 2250 71.95 99.82 54.38
N UNK B 2251 71.16 99.05 55.11
CA UNK B 2251 71.67 98.25 56.22
C UNK B 2251 72.42 97.03 55.71
N UNK B 2252 72.02 96.54 54.54
CA UNK B 2252 72.67 95.38 53.94
C UNK B 2252 73.96 95.76 53.24
N UNK B 2253 73.99 96.96 52.67
CA UNK B 2253 75.18 97.45 51.98
C UNK B 2253 76.26 97.84 52.97
N UNK B 2254 75.85 98.32 54.14
CA UNK B 2254 76.79 98.73 55.18
C UNK B 2254 77.41 97.51 55.86
N UNK B 2255 76.64 96.44 55.96
CA UNK B 2255 77.10 95.21 56.59
C UNK B 2255 78.04 94.46 55.66
N UNK B 2256 77.82 94.59 54.36
CA UNK B 2256 78.65 93.92 53.35
C UNK B 2256 80.00 94.61 53.23
N UNK B 2257 80.02 95.92 53.45
CA UNK B 2257 81.25 96.69 53.36
C UNK B 2257 82.10 96.51 54.62
N UNK B 2258 81.43 96.15 55.72
CA UNK B 2258 82.12 95.95 56.99
C UNK B 2258 82.83 94.59 57.01
N UNK B 2259 82.20 93.61 56.38
CA UNK B 2259 82.77 92.25 56.32
C UNK B 2259 83.75 92.13 55.16
N UNK B 2260 77.37 84.08 47.83
CA UNK B 2260 76.85 84.98 48.84
C UNK B 2260 76.99 86.43 48.39
N UNK B 2261 78.14 86.77 47.83
CA UNK B 2261 78.40 88.13 47.37
C UNK B 2261 77.68 88.40 46.05
N UNK B 2262 77.44 87.33 45.29
CA UNK B 2262 76.77 87.45 44.00
C UNK B 2262 75.25 87.57 44.19
N UNK B 2263 74.76 87.07 45.31
CA UNK B 2263 73.33 87.12 45.61
C UNK B 2263 72.94 88.49 46.16
N UNK B 2264 73.84 89.09 46.92
CA UNK B 2264 73.59 90.40 47.51
C UNK B 2264 73.73 91.50 46.47
N UNK B 2265 74.59 91.27 45.48
CA UNK B 2265 74.83 92.25 44.43
C UNK B 2265 73.65 92.30 43.47
N UNK B 2266 72.98 91.17 43.28
CA UNK B 2266 71.84 91.10 42.38
C UNK B 2266 70.57 91.57 43.08
N UNK B 2267 70.56 91.50 44.41
CA UNK B 2267 69.41 91.92 45.19
C UNK B 2267 69.41 93.43 45.40
N UNK B 2268 70.60 94.03 45.36
CA UNK B 2268 70.74 95.47 45.54
C UNK B 2268 70.48 96.22 44.24
N UNK B 2269 70.79 95.56 43.12
CA UNK B 2269 70.60 96.16 41.81
C UNK B 2269 69.14 96.10 41.38
N UNK B 2270 68.45 95.04 41.79
CA UNK B 2270 67.04 94.86 41.45
C UNK B 2270 66.15 95.72 42.33
N UNK B 2271 66.64 96.08 43.51
CA UNK B 2271 65.89 96.90 44.46
C UNK B 2271 65.90 98.36 44.03
N UNK B 2272 66.90 98.73 43.24
CA UNK B 2272 67.03 100.11 42.77
C UNK B 2272 65.99 100.42 41.70
N ASP B 2273 64.82 94.81 66.93
CA ASP B 2273 65.38 94.64 68.27
C ASP B 2273 65.19 95.91 69.10
N PRO B 2274 64.28 95.85 70.09
CA PRO B 2274 64.05 97.03 70.93
C PRO B 2274 65.20 97.24 71.90
N ARG B 2275 65.74 98.45 71.89
CA ARG B 2275 66.87 98.82 72.76
C ARG B 2275 66.63 100.22 73.30
N PRO B 2276 65.95 100.33 74.45
CA PRO B 2276 65.71 101.66 75.02
C PRO B 2276 66.98 102.26 75.60
N VAL B 2277 67.06 103.59 75.51
CA VAL B 2277 68.22 104.30 76.03
C VAL B 2277 68.24 104.23 77.55
N GLU B 2278 69.44 104.15 78.12
CA GLU B 2278 69.58 104.08 79.57
C GLU B 2278 69.24 105.42 80.21
N THR B 2279 68.46 105.37 81.29
CA THR B 2279 68.04 106.56 82.00
C THR B 2279 68.23 106.47 83.51
N LEU B 2280 68.76 105.35 84.01
CA LEU B 2280 68.96 105.23 85.45
C LEU B 2280 70.15 106.07 85.92
N ASN B 2281 71.24 106.06 85.16
CA ASN B 2281 72.44 106.83 85.49
C ASN B 2281 72.40 108.25 84.95
N VAL B 2282 71.26 108.69 84.41
CA VAL B 2282 71.12 110.03 83.86
C VAL B 2282 70.69 110.97 84.98
N ILE B 2283 71.45 112.04 85.18
CA ILE B 2283 71.17 113.04 86.21
CA ILE B 2283 71.17 113.04 86.21
C ILE B 2283 70.61 114.28 85.53
N ILE B 2284 69.46 114.74 86.01
CA ILE B 2284 68.81 115.93 85.46
C ILE B 2284 69.37 117.17 86.16
N PRO B 2285 69.50 118.29 85.47
CA PRO B 2285 70.03 119.49 86.12
C PRO B 2285 69.03 120.10 87.10
N GLU B 2286 69.57 120.90 88.02
CA GLU B 2286 68.71 121.54 89.02
C GLU B 2286 67.83 122.60 88.40
N LYS B 2287 68.28 123.24 87.31
N LYS B 2287 68.28 123.24 87.31
CA LYS B 2287 67.47 124.25 86.65
CA LYS B 2287 67.47 124.25 86.65
C LYS B 2287 66.27 123.68 85.92
C LYS B 2287 66.27 123.68 85.92
N LEU B 2288 66.32 122.40 85.56
CA LEU B 2288 65.21 121.76 84.86
C LEU B 2288 64.09 121.32 85.79
N ASP B 2289 64.26 121.47 87.10
CA ASP B 2289 63.21 121.07 88.03
C ASP B 2289 62.00 121.99 87.94
N SER B 2290 62.20 123.25 87.54
CA SER B 2290 61.08 124.16 87.38
C SER B 2290 60.20 123.77 86.20
N PHE B 2291 60.82 123.33 85.10
CA PHE B 2291 60.04 122.91 83.94
C PHE B 2291 59.32 121.60 84.19
N ILE B 2292 59.85 120.75 85.09
CA ILE B 2292 59.20 119.49 85.40
C ILE B 2292 57.89 119.73 86.15
N ASN B 2293 57.90 120.68 87.09
CA ASN B 2293 56.68 120.99 87.83
C ASN B 2293 55.65 121.66 86.95
N LYS B 2294 56.08 122.49 85.99
CA LYS B 2294 55.14 123.14 85.09
C LYS B 2294 54.55 122.13 84.10
N PHE B 2295 55.35 121.17 83.65
CA PHE B 2295 54.84 120.15 82.74
C PHE B 2295 53.91 119.18 83.44
N ALA B 2296 54.18 118.87 84.71
CA ALA B 2296 53.31 117.96 85.45
C ALA B 2296 51.96 118.61 85.74
N GLU B 2297 51.95 119.93 85.98
CA GLU B 2297 50.70 120.63 86.21
C GLU B 2297 49.88 120.76 84.94
N TYR B 2298 50.54 120.93 83.79
CA TYR B 2298 49.83 121.02 82.52
C TYR B 2298 49.26 119.66 82.12
N THR B 2299 50.02 118.58 82.36
CA THR B 2299 49.53 117.26 82.02
CA THR B 2299 49.53 117.26 82.02
C THR B 2299 48.35 116.86 82.90
N HIS B 2300 48.37 117.24 84.18
CA HIS B 2300 47.27 116.92 85.07
C HIS B 2300 46.03 117.75 84.74
N GLU B 2301 46.23 119.02 84.37
CA GLU B 2301 45.10 119.86 84.01
C GLU B 2301 44.48 119.43 82.68
N LYS B 2302 45.30 118.94 81.74
CA LYS B 2302 44.78 118.48 80.47
C LYS B 2302 43.93 117.22 80.64
N TRP B 2303 44.37 116.31 81.50
CA TRP B 2303 43.58 115.10 81.76
C TRP B 2303 42.30 115.43 82.52
N ALA B 2304 42.38 116.40 83.44
CA ALA B 2304 41.19 116.80 84.18
C ALA B 2304 40.22 117.59 83.32
N PHE B 2305 40.72 118.27 82.28
CA PHE B 2305 39.84 119.02 81.40
C PHE B 2305 38.95 118.10 80.58
N ASP B 2306 39.51 117.02 80.04
CA ASP B 2306 38.70 116.07 79.29
C ASP B 2306 37.77 115.28 80.22
N LYS B 2307 38.17 115.08 81.47
CA LYS B 2307 37.31 114.38 82.41
C LYS B 2307 36.15 115.24 82.87
N ILE B 2308 36.36 116.55 83.00
CA ILE B 2308 35.28 117.44 83.41
C ILE B 2308 34.20 117.53 82.34
N GLN B 2309 34.58 117.34 81.07
CA GLN B 2309 33.60 117.37 80.00
C GLN B 2309 32.68 116.15 80.00
N ASN B 2310 33.08 115.08 80.69
CA ASN B 2310 32.27 113.87 80.77
C ASN B 2310 31.38 113.83 82.00
N ASN B 2311 31.02 114.99 82.54
CA ASN B 2311 30.15 115.10 83.72
C ASN B 2311 30.72 114.34 84.91
N TRP B 2312 32.04 114.40 85.06
CA TRP B 2312 32.73 113.75 86.18
C TRP B 2312 33.05 114.77 87.26
N SER B 2313 33.03 114.31 88.51
CA SER B 2313 33.31 115.15 89.66
C SER B 2313 34.30 114.43 90.59
N TYR B 2314 34.71 115.14 91.63
CA TYR B 2314 35.66 114.57 92.58
C TYR B 2314 34.97 113.52 93.47
N GLY B 2315 35.76 112.55 93.92
CA GLY B 2315 35.25 111.49 94.76
C GLY B 2315 36.34 110.90 95.62
N GLU B 2316 35.92 110.29 96.73
CA GLU B 2316 36.88 109.67 97.64
C GLU B 2316 37.47 108.41 97.03
N ASN B 2317 36.65 107.60 96.37
CA ASN B 2317 37.10 106.36 95.75
C ASN B 2317 36.77 106.37 94.27
N ILE B 2318 37.55 105.59 93.51
CA ILE B 2318 37.34 105.52 92.07
C ILE B 2318 36.08 104.72 91.78
N ASP B 2319 35.22 105.26 90.93
CA ASP B 2319 33.97 104.60 90.57
C ASP B 2319 33.65 104.92 89.11
N GLU B 2320 33.66 103.88 88.26
CA GLU B 2320 33.36 104.09 86.85
C GLU B 2320 31.90 104.42 86.62
N GLU B 2321 31.00 103.93 87.48
CA GLU B 2321 29.58 104.22 87.32
C GLU B 2321 29.28 105.67 87.71
N LEU B 2322 29.73 106.10 88.88
CA LEU B 2322 29.50 107.45 89.36
C LEU B 2322 30.43 108.47 88.71
N LYS B 2323 31.44 108.02 87.96
CA LYS B 2323 32.39 108.91 87.29
C LYS B 2323 33.09 109.83 88.30
N THR B 2324 33.71 109.20 89.30
CA THR B 2324 34.43 109.89 90.34
C THR B 2324 35.91 109.51 90.30
N HIS B 2325 36.76 110.43 90.76
CA HIS B 2325 38.19 110.20 90.77
C HIS B 2325 38.83 111.11 91.80
N PRO B 2326 39.77 110.62 92.61
CA PRO B 2326 40.41 111.49 93.61
C PRO B 2326 41.42 112.46 93.03
N MET B 2327 41.82 112.30 91.78
CA MET B 2327 42.79 113.19 91.16
C MET B 2327 42.16 114.44 90.56
N LEU B 2328 40.83 114.58 90.65
CA LEU B 2328 40.12 115.75 90.10
C LEU B 2328 40.24 116.90 91.11
N ARG B 2329 41.44 117.49 91.15
CA ARG B 2329 41.71 118.59 92.07
C ARG B 2329 42.89 119.40 91.55
N PRO B 2330 43.25 120.50 92.22
CA PRO B 2330 44.38 121.30 91.76
C PRO B 2330 45.70 120.60 92.01
N TYR B 2331 46.69 120.93 91.18
CA TYR B 2331 48.02 120.33 91.31
C TYR B 2331 48.76 120.80 92.55
N LYS B 2332 48.44 121.99 93.06
CA LYS B 2332 49.11 122.49 94.25
C LYS B 2332 48.71 121.72 95.50
N THR B 2333 47.51 121.13 95.50
CA THR B 2333 47.02 120.37 96.64
C THR B 2333 47.50 118.92 96.65
N PHE B 2334 48.26 118.51 95.63
CA PHE B 2334 48.75 117.14 95.57
C PHE B 2334 50.01 116.97 96.41
N SER B 2335 50.14 115.80 97.01
CA SER B 2335 51.29 115.49 97.85
C SER B 2335 52.46 115.06 96.96
N GLU B 2336 53.54 114.60 97.59
CA GLU B 2336 54.71 114.17 96.83
C GLU B 2336 54.43 112.88 96.06
N LYS B 2337 53.59 111.99 96.60
CA LYS B 2337 53.28 110.76 95.90
C LYS B 2337 52.35 111.01 94.72
N ASP B 2338 51.39 111.92 94.86
CA ASP B 2338 50.47 112.21 93.77
C ASP B 2338 51.18 112.99 92.67
N LYS B 2339 52.12 113.87 93.03
CA LYS B 2339 52.84 114.63 92.02
C LYS B 2339 53.86 113.78 91.27
N GLU B 2340 54.33 112.68 91.86
CA GLU B 2340 55.30 111.81 91.19
C GLU B 2340 54.66 110.98 90.09
N ILE B 2341 53.32 110.89 90.04
CA ILE B 2341 52.68 110.11 88.99
C ILE B 2341 52.84 110.79 87.64
N TYR B 2342 52.79 112.12 87.62
CA TYR B 2342 52.95 112.87 86.38
C TYR B 2342 54.39 113.32 86.14
N ARG B 2343 55.20 113.42 87.19
CA ARG B 2343 56.59 113.83 87.04
C ARG B 2343 57.49 112.71 86.54
N TRP B 2344 57.10 111.45 86.78
CA TRP B 2344 57.90 110.31 86.35
CA TRP B 2344 57.90 110.31 86.35
C TRP B 2344 57.89 110.22 84.82
N PRO B 2345 56.75 110.47 84.18
CA PRO B 2345 56.72 110.41 82.70
C PRO B 2345 57.49 111.53 82.04
N ILE B 2346 57.57 112.71 82.67
CA ILE B 2346 58.32 113.81 82.09
C ILE B 2346 59.81 113.66 82.38
N LYS B 2347 60.18 113.12 83.54
CA LYS B 2347 61.58 112.93 83.86
C LYS B 2347 62.20 111.82 83.01
N GLU B 2348 61.42 110.78 82.73
CA GLU B 2348 61.93 109.70 81.89
C GLU B 2348 62.15 110.15 80.46
N SER B 2349 61.27 111.01 79.95
CA SER B 2349 61.44 111.54 78.59
C SER B 2349 62.60 112.53 78.53
N LEU B 2350 62.78 113.33 79.58
CA LEU B 2350 63.88 114.28 79.60
C LEU B 2350 65.23 113.58 79.79
N LYS B 2351 65.24 112.44 80.50
CA LYS B 2351 66.48 111.72 80.69
C LYS B 2351 66.97 111.08 79.39
N ALA B 2352 66.04 110.70 78.51
CA ALA B 2352 66.45 110.13 77.23
C ALA B 2352 67.13 111.17 76.35
N MET B 2353 66.66 112.42 76.40
CA MET B 2353 67.29 113.48 75.62
C MET B 2353 68.66 113.85 76.17
N ILE B 2354 68.84 113.75 77.49
CA ILE B 2354 70.13 114.07 78.08
C ILE B 2354 71.19 113.06 77.66
N ALA B 2355 70.80 111.79 77.50
CA ALA B 2355 71.74 110.77 77.06
C ALA B 2355 72.13 110.94 75.59
N TRP B 2356 71.28 111.58 74.78
CA TRP B 2356 71.56 111.81 73.38
C TRP B 2356 72.39 113.05 73.13
N GLU B 2357 73.00 113.63 74.18
CA GLU B 2357 73.85 114.82 74.07
C GLU B 2357 73.08 116.00 73.47
N TRP B 2358 71.86 116.19 73.96
CA TRP B 2358 71.02 117.29 73.52
C TRP B 2358 71.20 118.50 74.41
N THR B 2359 71.01 119.68 73.84
CA THR B 2359 71.16 120.95 74.56
C THR B 2359 69.78 121.49 74.94
N ILE B 2360 69.59 121.77 76.22
CA ILE B 2360 68.33 122.32 76.71
C ILE B 2360 68.62 123.45 77.68
N GLU B 2361 68.51 124.69 77.21
CA GLU B 2361 68.77 125.87 78.03
C GLU B 2361 67.71 126.92 77.75
N LYS B 2362 67.40 127.71 78.77
CA LYS B 2362 66.41 128.79 78.64
C LYS B 2362 67.05 129.96 77.91
N ALA B 2363 66.73 130.09 76.62
CA ALA B 2363 67.29 131.15 75.79
C ALA B 2363 66.34 132.33 75.62
N ARG B 2364 65.04 132.12 75.74
CA ARG B 2364 64.05 133.17 75.59
C ARG B 2364 63.08 133.14 76.76
N GLU B 2365 62.29 134.19 76.89
CA GLU B 2365 61.31 134.29 77.96
C GLU B 2365 60.06 133.50 77.61
N GLY B 2366 59.40 132.99 78.65
CA GLY B 2366 58.19 132.22 78.45
C GLY B 2366 57.02 133.09 78.03
N GLU B 2367 56.00 132.42 77.49
CA GLU B 2367 54.80 133.10 77.03
C GLU B 2367 53.77 133.22 78.15
N TYR B 2368 36.29 123.31 91.24
CA TYR B 2368 37.48 123.02 90.46
C TYR B 2368 37.20 123.16 88.97
N ASN B 2369 37.73 124.23 88.36
CA ASN B 2369 37.58 124.51 86.94
C ASN B 2369 38.95 124.75 86.34
N PRO B 2370 39.67 123.69 86.01
CA PRO B 2370 41.00 123.87 85.41
C PRO B 2370 40.92 124.30 83.96
N GLN B 2371 41.83 125.20 83.58
CA GLN B 2371 41.91 125.75 82.23
C GLN B 2371 43.32 125.52 81.70
N PRO B 2372 43.58 124.38 81.05
CA PRO B 2372 44.92 124.14 80.53
C PRO B 2372 45.18 125.00 79.30
N PRO B 2373 46.44 125.35 79.04
CA PRO B 2373 46.73 126.17 77.86
C PRO B 2373 46.59 125.38 76.57
N ASP B 2374 46.25 126.09 75.50
CA ASP B 2374 46.06 125.48 74.20
C ASP B 2374 47.40 125.41 73.46
N LEU B 2375 47.74 124.23 72.96
CA LEU B 2375 48.98 124.01 72.22
C LEU B 2375 48.74 123.76 70.73
N SER B 2376 47.55 124.07 70.23
CA SER B 2376 47.27 123.86 68.81
C SER B 2376 47.97 124.90 67.94
N GLY B 2377 48.22 126.09 68.48
CA GLY B 2377 48.86 127.16 67.75
C GLY B 2377 50.38 127.14 67.79
N VAL B 2378 50.98 126.11 68.38
CA VAL B 2378 52.43 126.00 68.45
C VAL B 2378 52.93 125.24 67.23
N THR B 2379 53.76 125.90 66.42
CA THR B 2379 54.30 125.32 65.20
C THR B 2379 55.74 124.89 65.43
N LEU B 2380 56.05 123.65 65.09
CA LEU B 2380 57.40 123.11 65.24
C LEU B 2380 58.13 123.13 63.91
N SER B 2381 59.42 123.46 63.94
CA SER B 2381 60.24 123.51 62.75
C SER B 2381 60.58 122.11 62.26
N ARG B 2382 61.33 122.03 61.16
CA ARG B 2382 61.73 120.74 60.62
C ARG B 2382 62.70 120.03 61.56
N GLU B 2383 63.60 120.78 62.20
CA GLU B 2383 64.55 120.17 63.13
CA GLU B 2383 64.55 120.17 63.13
C GLU B 2383 63.84 119.62 64.36
N LEU B 2384 62.89 120.38 64.91
CA LEU B 2384 62.16 119.91 66.08
C LEU B 2384 61.25 118.74 65.75
N GLN B 2385 60.67 118.72 64.54
CA GLN B 2385 59.82 117.60 64.14
C GLN B 2385 60.64 116.33 63.93
N ALA B 2386 61.85 116.48 63.38
CA ALA B 2386 62.72 115.31 63.20
C ALA B 2386 63.22 114.79 64.54
N MET B 2387 63.53 115.69 65.47
CA MET B 2387 63.97 115.26 66.80
C MET B 2387 62.83 114.63 67.59
N ALA B 2388 61.59 115.00 67.28
CA ALA B 2388 60.44 114.40 67.96
C ALA B 2388 60.27 112.94 67.58
N GLU B 2389 60.72 112.55 66.40
CA GLU B 2389 60.63 111.14 66.00
C GLU B 2389 61.53 110.26 66.84
N GLN B 2390 62.70 110.78 67.24
CA GLN B 2390 63.58 110.00 68.11
C GLN B 2390 62.97 109.81 69.49
N LEU B 2391 62.28 110.83 70.01
CA LEU B 2391 61.60 110.69 71.29
C LEU B 2391 60.42 109.73 71.20
N ALA B 2392 59.68 109.77 70.09
CA ALA B 2392 58.58 108.84 69.90
C ALA B 2392 59.08 107.42 69.69
N GLU B 2393 60.27 107.26 69.10
CA GLU B 2393 60.83 105.92 68.91
C GLU B 2393 61.23 105.31 70.24
N ASN B 2394 61.69 106.12 71.19
CA ASN B 2394 62.05 105.60 72.50
C ASN B 2394 60.83 105.16 73.29
N TYR B 2395 59.68 105.80 73.06
CA TYR B 2395 58.46 105.39 73.74
C TYR B 2395 57.99 104.03 73.27
N HIS B 2396 58.19 103.70 71.99
CA HIS B 2396 57.81 102.38 71.48
C HIS B 2396 58.74 101.31 72.01
N ASN B 2397 60.03 101.61 72.11
CA ASN B 2397 60.97 100.64 72.66
C ASN B 2397 60.78 100.43 74.15
N THR B 2398 60.36 101.48 74.87
CA THR B 2398 60.10 101.34 76.30
C THR B 2398 58.85 100.51 76.54
N TRP B 2399 57.76 100.84 75.84
CA TRP B 2399 56.53 100.05 75.98
C TRP B 2399 56.68 98.67 75.38
N GLY B 2400 57.50 98.52 74.33
CA GLY B 2400 57.71 97.22 73.74
C GLY B 2400 58.49 96.28 74.64
N ARG B 2401 59.52 96.80 75.32
CA ARG B 2401 60.28 95.97 76.24
C ARG B 2401 59.47 95.61 77.48
N LYS B 2402 58.60 96.51 77.94
CA LYS B 2402 57.76 96.20 79.09
C LYS B 2402 56.67 95.19 78.73
N LYS B 2403 56.15 95.26 77.52
CA LYS B 2403 55.12 94.31 77.09
C LYS B 2403 55.70 92.91 76.88
N LYS B 2404 56.96 92.83 76.45
CA LYS B 2404 57.58 91.52 76.25
C LYS B 2404 57.84 90.82 77.59
N GLN B 2405 58.28 91.57 78.61
CA GLN B 2405 58.51 90.97 79.92
C GLN B 2405 57.19 90.61 80.60
N GLU B 2406 56.15 91.42 80.39
CA GLU B 2406 54.86 91.13 80.99
C GLU B 2406 54.18 89.95 80.32
N LEU B 2407 54.44 89.74 79.02
CA LEU B 2407 53.83 88.61 78.32
C LEU B 2407 54.44 87.29 78.77
N GLU B 2408 55.77 87.24 78.88
CA GLU B 2408 56.43 86.00 79.32
C GLU B 2408 56.10 85.68 80.78
N ALA B 2409 55.87 86.70 81.61
CA ALA B 2409 55.52 86.46 83.00
C ALA B 2409 54.10 85.94 83.16
N LYS B 2410 53.25 86.11 82.14
CA LYS B 2410 51.87 85.65 82.20
C LYS B 2410 51.66 84.33 81.46
N GLY B 2411 52.73 83.71 80.97
CA GLY B 2411 52.63 82.45 80.26
C GLY B 2411 52.96 82.52 78.78
N GLY B 2412 53.31 83.68 78.26
CA GLY B 2412 53.65 83.83 76.86
C GLY B 2412 52.59 84.60 76.09
N GLY B 2413 52.68 84.51 74.78
CA GLY B 2413 51.76 85.18 73.87
C GLY B 2413 52.50 86.08 72.90
N THR B 2414 51.72 86.85 72.16
CA THR B 2414 52.26 87.78 71.18
C THR B 2414 51.40 89.04 71.15
N HIS B 2415 51.84 90.02 70.36
CA HIS B 2415 51.14 91.29 70.22
C HIS B 2415 51.38 91.83 68.82
N PRO B 2416 50.38 92.47 68.21
CA PRO B 2416 50.59 93.02 66.86
C PRO B 2416 51.49 94.24 66.84
N LEU B 2417 51.62 94.95 67.95
CA LEU B 2417 52.47 96.15 68.02
C LEU B 2417 53.93 95.81 68.33
N LEU B 2418 54.31 94.53 68.26
CA LEU B 2418 55.68 94.12 68.54
C LEU B 2418 56.52 94.25 67.26
N VAL B 2419 56.68 95.50 66.83
CA VAL B 2419 57.45 95.82 65.63
C VAL B 2419 58.32 97.03 65.90
N PRO B 2420 59.16 97.45 64.96
CA PRO B 2420 60.01 98.62 65.19
C PRO B 2420 59.20 99.90 65.17
N TYR B 2421 59.87 101.00 65.55
CA TYR B 2421 59.21 102.30 65.56
C TYR B 2421 58.87 102.78 64.16
N ASP B 2422 59.80 102.64 63.22
CA ASP B 2422 59.56 103.05 61.85
C ASP B 2422 58.67 102.08 61.09
N THR B 2423 58.37 100.93 61.66
CA THR B 2423 57.51 99.94 61.00
C THR B 2423 56.03 100.17 61.27
N LEU B 2424 55.67 101.06 62.18
CA LEU B 2424 54.28 101.32 62.49
C LEU B 2424 53.64 102.18 61.41
N THR B 2425 52.31 102.17 61.38
CA THR B 2425 51.56 102.94 60.40
C THR B 2425 51.36 104.36 60.92
N ALA B 2426 50.59 105.17 60.19
CA ALA B 2426 50.34 106.55 60.60
C ALA B 2426 49.40 106.60 61.80
N LYS B 2427 48.39 105.74 61.82
CA LYS B 2427 47.45 105.73 62.94
C LYS B 2427 48.07 105.15 64.20
N GLU B 2428 48.94 104.15 64.06
CA GLU B 2428 49.58 103.55 65.22
C GLU B 2428 50.61 104.48 65.84
N LYS B 2429 51.29 105.29 65.02
CA LYS B 2429 52.30 106.23 65.51
C LYS B 2429 51.68 107.50 66.09
N ALA B 2430 50.36 107.65 66.05
CA ALA B 2430 49.73 108.85 66.60
C ALA B 2430 49.84 108.90 68.11
N ARG B 2431 49.85 107.74 68.78
CA ARG B 2431 49.97 107.73 70.24
C ARG B 2431 51.35 108.14 70.70
N ASP B 2432 52.38 107.87 69.90
CA ASP B 2432 53.75 108.23 70.26
C ASP B 2432 54.14 109.61 69.76
N ARG B 2433 53.62 110.04 68.60
CA ARG B 2433 53.96 111.35 68.08
C ARG B 2433 53.29 112.46 68.88
N GLU B 2434 52.09 112.21 69.41
CA GLU B 2434 51.40 113.23 70.20
C GLU B 2434 52.11 113.48 71.52
N LYS B 2435 52.65 112.42 72.13
CA LYS B 2435 53.37 112.58 73.40
C LYS B 2435 54.69 113.31 73.19
N ALA B 2436 55.38 113.04 72.08
CA ALA B 2436 56.64 113.71 71.82
C ALA B 2436 56.42 115.17 71.41
N GLN B 2437 55.33 115.45 70.70
CA GLN B 2437 55.06 116.82 70.28
C GLN B 2437 54.65 117.70 71.46
N GLU B 2438 54.01 117.11 72.48
CA GLU B 2438 53.60 117.88 73.64
CA GLU B 2438 53.60 117.88 73.64
C GLU B 2438 54.79 118.33 74.47
N LEU B 2439 55.84 117.51 74.55
CA LEU B 2439 57.03 117.89 75.31
C LEU B 2439 57.79 119.00 74.61
N LEU B 2440 57.84 118.97 73.27
CA LEU B 2440 58.54 120.00 72.53
C LEU B 2440 57.75 121.30 72.46
N LYS B 2441 56.41 121.21 72.43
CA LYS B 2441 55.59 122.42 72.39
C LYS B 2441 55.65 123.17 73.71
N PHE B 2442 55.68 122.44 74.83
CA PHE B 2442 55.78 123.10 76.13
C PHE B 2442 57.16 123.69 76.37
N LEU B 2443 58.19 123.10 75.77
CA LEU B 2443 59.53 123.66 75.91
C LEU B 2443 59.70 124.94 75.11
N GLN B 2444 59.15 124.97 73.89
CA GLN B 2444 59.26 126.16 73.06
C GLN B 2444 58.42 127.30 73.62
N MET B 2445 57.32 126.99 74.31
CA MET B 2445 56.49 128.03 74.91
C MET B 2445 57.19 128.72 76.06
N ASN B 2446 58.02 127.99 76.81
CA ASN B 2446 58.76 128.54 77.94
C ASN B 2446 60.08 129.16 77.53
N GLY B 2447 60.36 129.25 76.22
CA GLY B 2447 61.61 129.83 75.76
C GLY B 2447 62.80 128.91 75.83
N TYR B 2448 62.59 127.60 75.93
CA TYR B 2448 63.68 126.64 75.99
C TYR B 2448 64.01 126.17 74.58
N ALA B 2449 65.29 126.26 74.21
CA ALA B 2449 65.77 125.86 72.90
C ALA B 2449 66.33 124.45 72.96
N VAL B 2450 65.84 123.57 72.09
CA VAL B 2450 66.28 122.18 72.02
C VAL B 2450 67.01 121.98 70.71
N THR B 2451 68.31 121.70 70.78
CA THR B 2451 69.14 121.48 69.61
C THR B 2451 69.98 120.22 69.81
N ARG B 2452 70.64 119.81 68.73
CA ARG B 2452 71.48 118.61 68.77
C ARG B 2452 72.65 118.75 67.80
N UNK B 2453 66.00 110.14 47.51
CA UNK B 2453 67.23 109.41 47.83
C UNK B 2453 68.42 109.99 47.06
N UNK B 2454 68.36 111.28 46.77
CA UNK B 2454 69.42 111.95 46.03
C UNK B 2454 70.64 112.18 46.93
N UNK B 2455 70.39 112.35 48.22
CA UNK B 2455 71.46 112.56 49.20
C UNK B 2455 72.24 111.27 49.43
N UNK B 2456 71.55 110.14 49.29
CA UNK B 2456 72.18 108.84 49.47
C UNK B 2456 73.08 108.51 48.29
N UNK B 2457 72.76 109.05 47.13
CA UNK B 2457 73.56 108.84 45.93
C UNK B 2457 74.86 109.62 46.00
N UNK B 2458 74.81 110.78 46.64
CA UNK B 2458 75.98 111.63 46.78
C UNK B 2458 76.94 111.03 47.81
N UNK B 2459 76.38 110.36 48.81
CA UNK B 2459 77.18 109.72 49.86
C UNK B 2459 77.85 108.47 49.32
N UNK B 2460 77.20 107.82 48.36
CA UNK B 2460 77.74 106.61 47.74
C UNK B 2460 78.90 106.96 46.82
N UNK B 2461 78.83 108.14 46.21
CA UNK B 2461 79.89 108.60 45.32
C UNK B 2461 81.11 109.03 46.11
N UNK B 2462 80.88 109.49 47.34
CA UNK B 2462 81.97 109.91 48.21
C UNK B 2462 82.72 108.70 48.75
N UNK B 2463 81.98 107.62 49.01
CA UNK B 2463 82.58 106.39 49.50
C UNK B 2463 83.37 105.69 48.39
N UNK B 2464 82.89 105.84 47.16
CA UNK B 2464 83.56 105.25 46.00
C UNK B 2464 84.82 106.03 45.66
N UNK B 2465 84.81 107.33 45.96
CA UNK B 2465 85.96 108.18 45.71
C UNK B 2465 87.07 107.90 46.72
N UNK B 2466 86.67 107.52 47.93
CA UNK B 2466 87.62 107.19 48.98
C UNK B 2466 88.27 105.85 48.72
N UNK B 2467 87.51 104.94 48.10
CA UNK B 2467 88.03 103.62 47.77
C UNK B 2467 88.93 103.69 46.54
N UNK B 2468 88.65 104.66 45.66
CA UNK B 2468 89.45 104.85 44.46
C UNK B 2468 90.80 105.47 44.80
N UNK B 2469 90.82 106.27 45.88
CA UNK B 2469 92.05 106.91 46.32
C UNK B 2469 92.96 105.91 47.01
N UNK B 2470 92.37 104.86 47.59
CA UNK B 2470 93.12 103.82 48.27
C UNK B 2470 93.72 102.85 47.27
N UNK B 2471 93.04 102.69 46.13
CA UNK B 2471 93.51 101.81 45.08
C UNK B 2471 94.65 102.44 44.29
N UNK B 2472 94.64 103.77 44.23
CA UNK B 2472 95.67 104.51 43.51
C UNK B 2472 96.93 104.63 44.36
N UNK B 2473 96.76 104.60 45.68
CA UNK B 2473 97.88 104.70 46.60
C UNK B 2473 98.63 103.38 46.68
N UNK B 2474 97.92 102.28 46.47
CA UNK B 2474 98.52 100.95 46.50
C UNK B 2474 99.21 100.64 45.18
N UNK B 2475 98.80 101.32 44.12
CA UNK B 2475 99.39 101.11 42.80
C UNK B 2475 100.63 101.97 42.62
N UNK B 2476 91.02 93.00 49.32
CA UNK B 2476 89.94 93.10 50.29
C UNK B 2476 89.09 94.36 50.04
N UNK B 2477 89.70 95.52 50.23
CA UNK B 2477 89.00 96.78 50.02
C UNK B 2477 88.84 97.08 48.54
N UNK B 2478 89.79 96.58 47.73
CA UNK B 2478 89.75 96.79 46.29
C UNK B 2478 88.67 95.91 45.65
N UNK B 2479 88.43 94.75 46.27
CA UNK B 2479 87.42 93.83 45.76
C UNK B 2479 86.01 94.34 46.05
N UNK B 2480 85.87 95.03 47.18
CA UNK B 2480 84.58 95.60 47.56
C UNK B 2480 84.25 96.81 46.71
N UNK B 2481 85.29 97.53 46.27
CA UNK B 2481 85.11 98.70 45.43
C UNK B 2481 84.71 98.30 44.02
N UNK B 2482 85.19 97.14 43.58
CA UNK B 2482 84.88 96.64 42.25
C UNK B 2482 83.43 96.14 42.19
N UNK B 2483 82.94 95.62 43.31
CA UNK B 2483 81.57 95.14 43.40
C UNK B 2483 80.58 96.31 43.45
N UNK B 2484 81.02 97.41 44.05
CA UNK B 2484 80.19 98.60 44.15
C UNK B 2484 80.18 99.36 42.83
N UNK B 2485 81.26 99.23 42.06
CA UNK B 2485 81.37 99.88 40.76
C UNK B 2485 80.47 99.21 39.74
N UNK B 2486 80.35 97.89 39.84
CA UNK B 2486 79.49 97.12 38.94
C UNK B 2486 78.02 97.33 39.30
N UNK B 2487 77.75 97.56 40.57
CA UNK B 2487 76.39 97.78 41.04
C UNK B 2487 75.91 99.17 40.62
N UNK B 2488 76.84 100.11 40.52
CA UNK B 2488 76.51 101.48 40.11
C UNK B 2488 76.37 101.57 38.60
N UNK B 2489 76.95 100.60 37.90
CA UNK B 2489 76.88 100.55 36.45
C UNK B 2489 75.47 100.18 35.98
N UNK B 2490 74.86 99.25 36.70
CA UNK B 2490 73.50 98.80 36.37
C UNK B 2490 72.47 99.79 36.91
N UNK B 2491 72.85 100.54 37.94
CA UNK B 2491 71.96 101.51 38.55
C UNK B 2491 71.86 102.76 37.68
N UNK B 2492 72.94 103.09 36.98
CA UNK B 2492 72.96 104.25 36.11
C UNK B 2492 72.31 103.93 34.76
N UNK B 2493 72.25 102.64 34.44
CA UNK B 2493 71.65 102.20 33.19
C UNK B 2493 70.13 102.05 33.34
N UNK B 2494 69.70 101.68 34.54
CA UNK B 2494 68.29 101.49 34.82
C UNK B 2494 67.59 102.82 35.01
N UNK B 2495 68.17 103.68 35.85
CA UNK B 2495 67.60 104.99 36.12
C UNK B 2495 68.11 106.02 35.12
N UNK B 2496 75.50 116.34 36.66
CA UNK B 2496 75.38 116.93 37.98
C UNK B 2496 76.55 116.51 38.87
N UNK B 2497 76.26 116.24 40.14
CA UNK B 2497 77.28 115.82 41.09
C UNK B 2497 77.72 114.38 40.82
N UNK B 2498 76.78 113.57 40.32
CA UNK B 2498 77.07 112.17 40.03
C UNK B 2498 77.92 112.04 38.77
N UNK B 2499 77.74 112.98 37.84
CA UNK B 2499 78.48 112.97 36.59
C UNK B 2499 79.94 113.39 36.82
N UNK B 2500 80.14 114.23 37.83
CA UNK B 2500 81.48 114.70 38.16
C UNK B 2500 82.29 113.61 38.83
N UNK B 2501 81.62 112.77 39.61
CA UNK B 2501 82.27 111.68 40.32
C UNK B 2501 82.52 110.50 39.38
N UNK B 2502 81.73 110.42 38.32
CA UNK B 2502 81.84 109.35 37.34
C UNK B 2502 83.07 109.57 36.44
N UNK B 2503 83.29 110.82 36.06
CA UNK B 2503 84.42 111.17 35.20
C UNK B 2503 85.72 111.19 35.99
N UNK B 2504 85.61 111.40 37.30
CA UNK B 2504 86.78 111.44 38.17
C UNK B 2504 87.29 110.03 38.47
N UNK B 2505 86.35 109.09 38.60
CA UNK B 2505 86.71 107.70 38.90
C UNK B 2505 87.20 107.00 37.64
N UNK B 2506 86.76 107.47 36.48
CA UNK B 2506 87.16 106.87 35.22
C UNK B 2506 88.60 107.26 34.86
N UNK B 2507 88.99 108.45 35.28
CA UNK B 2507 90.34 108.95 35.01
C UNK B 2507 91.34 108.41 36.03
N UNK B 2508 90.84 108.02 37.20
CA UNK B 2508 91.68 107.49 38.26
C UNK B 2508 92.07 106.04 37.97
N UNK B 2509 91.15 105.31 37.35
CA UNK B 2509 91.39 103.91 37.02
C UNK B 2509 92.18 103.77 35.72
N UNK B 2510 92.16 104.84 34.91
CA UNK B 2510 92.87 104.85 33.64
C UNK B 2510 94.36 105.06 33.85
N UNK B 2511 94.71 105.68 34.97
CA UNK B 2511 96.11 105.95 35.29
C UNK B 2511 96.82 104.68 35.75
N UNK B 2512 87.37 99.02 36.00
CA UNK B 2512 87.87 98.25 34.87
C UNK B 2512 87.16 98.62 33.58
N UNK B 2513 86.93 97.63 32.72
CA UNK B 2513 86.25 97.85 31.46
C UNK B 2513 84.76 98.11 31.67
N UNK B 2514 84.22 97.52 32.74
CA UNK B 2514 82.80 97.69 33.08
C UNK B 2514 82.56 99.08 33.67
N UNK B 2515 83.58 99.63 34.31
CA UNK B 2515 83.49 100.95 34.92
C UNK B 2515 83.51 102.04 33.85
N UNK B 2516 84.17 101.75 32.73
CA UNK B 2516 84.25 102.70 31.63
C UNK B 2516 82.92 102.80 30.90
N UNK B 2517 82.16 101.71 30.91
CA UNK B 2517 80.86 101.68 30.25
C UNK B 2517 79.80 102.31 31.16
N UNK B 2518 80.11 102.42 32.45
CA UNK B 2518 79.19 102.99 33.42
C UNK B 2518 79.06 104.50 33.20
N UNK B 2519 80.19 105.15 32.90
CA UNK B 2519 80.20 106.59 32.66
C UNK B 2519 79.68 106.90 31.25
N UNK B 2520 79.74 105.91 30.37
CA UNK B 2520 79.28 106.07 29.00
C UNK B 2520 77.76 106.07 28.96
N UNK B 2521 77.14 105.36 29.89
CA UNK B 2521 75.68 105.27 29.95
C UNK B 2521 75.12 106.35 30.89
N UNK B 2522 76.01 107.02 31.61
CA UNK B 2522 75.60 108.07 32.54
C UNK B 2522 75.66 109.44 31.86
N UNK B 2523 76.18 109.47 30.64
CA UNK B 2523 76.30 110.71 29.89
C UNK B 2523 74.93 111.15 29.36
N UNK B 2524 85.95 118.82 36.88
CA UNK B 2524 85.09 119.47 35.89
C UNK B 2524 85.88 119.84 34.65
N UNK B 2525 86.40 121.07 34.63
CA UNK B 2525 87.18 121.56 33.50
C UNK B 2525 88.55 120.91 33.47
N UNK B 2526 89.07 120.57 34.66
CA UNK B 2526 90.37 119.94 34.76
C UNK B 2526 90.30 118.48 34.32
N UNK B 2527 89.15 117.86 34.50
CA UNK B 2527 88.94 116.47 34.11
C UNK B 2527 88.85 116.35 32.58
N UNK B 2528 88.27 117.36 31.96
CA UNK B 2528 88.13 117.38 30.50
C UNK B 2528 89.47 117.66 29.85
N UNK B 2529 90.30 118.45 30.51
CA UNK B 2529 91.63 118.78 30.00
C UNK B 2529 92.56 117.58 30.14
N UNK B 2530 92.33 116.77 31.17
CA UNK B 2530 93.13 115.57 31.39
C UNK B 2530 92.80 114.50 30.35
N UNK B 2531 91.56 114.49 29.90
CA UNK B 2531 91.12 113.54 28.88
C UNK B 2531 91.70 113.91 27.53
N UNK B 2532 91.86 115.21 27.29
CA UNK B 2532 92.44 115.69 26.04
C UNK B 2532 93.94 115.45 26.01
N UNK B 2533 94.56 115.46 27.20
CA UNK B 2533 95.98 115.22 27.33
C UNK B 2533 96.29 113.74 27.07
N UNK B 2534 95.35 112.88 27.46
CA UNK B 2534 95.50 111.44 27.24
C UNK B 2534 95.34 111.10 25.77
N UNK B 2535 94.53 111.90 25.07
CA UNK B 2535 94.30 111.71 23.65
C UNK B 2535 95.52 112.14 22.85
N UNK B 2536 96.26 113.11 23.38
CA UNK B 2536 97.48 113.59 22.74
C UNK B 2536 98.59 112.57 22.88
N UNK B 2537 98.60 111.86 23.99
CA UNK B 2537 99.60 110.83 24.25
C UNK B 2537 99.28 109.57 23.44
N UNK B 2538 98.01 109.39 23.10
CA UNK B 2538 97.57 108.25 22.31
C UNK B 2538 98.01 108.40 20.86
N UNK B 2539 98.09 109.64 20.39
CA UNK B 2539 98.51 109.93 19.03
C UNK B 2539 100.02 109.74 18.89
N UNK B 2540 100.75 109.98 19.99
CA UNK B 2540 102.20 109.82 19.99
C UNK B 2540 102.57 108.34 20.02
N UNK B 2541 101.72 107.53 20.64
CA UNK B 2541 101.95 106.09 20.73
C UNK B 2541 101.53 105.40 19.43
N UNK B 2542 100.54 105.97 18.76
CA UNK B 2542 100.05 105.42 17.50
C UNK B 2542 101.03 105.73 16.36
N UNK B 2543 101.75 106.84 16.49
CA UNK B 2543 102.72 107.24 15.48
C UNK B 2543 104.06 106.56 15.70
N UNK B 2544 104.24 105.99 16.90
CA UNK B 2544 105.48 105.30 17.24
C UNK B 2544 105.39 103.82 16.87
N UNK B 2545 99.18 103.61 27.64
CA UNK B 2545 99.36 102.39 26.86
C UNK B 2545 98.36 102.33 25.71
N UNK B 2546 98.44 101.27 24.92
CA UNK B 2546 97.53 101.09 23.79
C UNK B 2546 96.15 100.66 24.26
N UNK B 2547 96.10 99.98 25.40
CA UNK B 2547 94.85 99.51 25.97
C UNK B 2547 94.06 100.67 26.57
N UNK B 2548 94.78 101.60 27.19
CA UNK B 2548 94.15 102.76 27.80
C UNK B 2548 93.76 103.79 26.75
N UNK B 2549 94.41 103.73 25.60
CA UNK B 2549 94.14 104.64 24.51
C UNK B 2549 92.80 104.31 23.84
N UNK B 2550 92.51 103.01 23.75
CA UNK B 2550 91.26 102.54 23.15
C UNK B 2550 90.08 102.81 24.07
N UNK B 2551 90.34 102.79 25.38
CA UNK B 2551 89.30 103.03 26.38
C UNK B 2551 88.94 104.51 26.42
N UNK B 2552 89.93 105.37 26.21
CA UNK B 2552 89.72 106.80 26.22
C UNK B 2552 89.05 107.26 24.93
N UNK B 2553 89.34 106.55 23.83
CA UNK B 2553 88.77 106.88 22.53
C UNK B 2553 87.29 106.47 22.49
N UNK B 2554 86.97 105.35 23.14
CA UNK B 2554 85.60 104.86 23.19
C UNK B 2554 84.76 105.71 24.13
N UNK B 2555 85.40 106.29 25.13
CA UNK B 2555 84.72 107.15 26.10
C UNK B 2555 84.40 108.50 25.48
N UNK B 2556 85.26 108.95 24.56
CA UNK B 2556 85.07 110.22 23.88
C UNK B 2556 83.96 110.11 22.83
N UNK B 2557 83.81 108.92 22.26
CA UNK B 2557 82.79 108.68 21.25
C UNK B 2557 81.41 108.60 21.90
N UNK B 2558 81.36 108.14 23.15
CA UNK B 2558 80.11 108.02 23.88
C UNK B 2558 79.66 109.39 24.38
N UNK B 2559 80.62 110.24 24.72
CA UNK B 2559 80.32 111.59 25.19
C UNK B 2559 79.89 112.48 24.03
N UNK B 2560 80.42 112.20 22.85
CA UNK B 2560 80.08 112.98 21.65
C UNK B 2560 78.69 112.61 21.15
N UNK B 2561 78.30 111.36 21.39
CA UNK B 2561 76.98 110.89 20.97
C UNK B 2561 75.89 111.45 21.88
N UNK B 2562 76.27 111.78 23.11
CA UNK B 2562 75.33 112.33 24.08
C UNK B 2562 75.05 113.79 23.78
N UNK B 2563 75.98 114.45 23.09
CA UNK B 2563 75.83 115.85 22.74
C UNK B 2563 74.85 116.01 21.59
N UNK B 2564 74.73 114.97 20.77
CA UNK B 2564 73.81 114.99 19.63
C UNK B 2564 72.41 114.56 20.06
N UNK B 2565 72.31 113.98 21.24
CA UNK B 2565 71.03 113.51 21.77
C UNK B 2565 70.40 114.57 22.67
N UNK B 2566 83.96 124.75 25.66
CA UNK B 2566 84.03 126.03 24.95
C UNK B 2566 85.31 126.12 24.12
N UNK B 2567 86.24 126.94 24.56
CA UNK B 2567 87.52 127.12 23.85
C UNK B 2567 88.41 125.90 24.04
N UNK B 2568 88.27 125.24 25.17
CA UNK B 2568 89.06 124.04 25.47
C UNK B 2568 88.56 122.85 24.66
N UNK B 2569 87.27 122.87 24.33
CA UNK B 2569 86.67 121.79 23.56
C UNK B 2569 87.11 121.88 22.10
N UNK B 2570 87.33 123.10 21.62
CA UNK B 2570 87.76 123.32 20.24
C UNK B 2570 89.22 122.92 20.08
N UNK B 2571 90.01 123.10 21.13
CA UNK B 2571 91.42 122.75 21.10
C UNK B 2571 91.60 121.24 21.18
N UNK B 2572 90.70 120.58 21.92
CA UNK B 2572 90.74 119.13 22.06
C UNK B 2572 90.31 118.44 20.77
N UNK B 2573 89.40 119.08 20.05
CA UNK B 2573 88.92 118.55 18.78
C UNK B 2573 89.97 118.71 17.69
N UNK B 2574 90.80 119.73 17.83
CA UNK B 2574 91.86 120.00 16.86
C UNK B 2574 92.98 118.97 17.01
N UNK B 2575 93.17 118.49 18.23
CA UNK B 2575 94.20 117.49 18.50
C UNK B 2575 93.76 116.12 17.99
N UNK B 2576 92.45 115.89 17.98
CA UNK B 2576 91.90 114.64 17.49
C UNK B 2576 91.94 114.58 15.96
N UNK B 2577 91.82 115.76 15.34
CA UNK B 2577 91.86 115.85 13.88
C UNK B 2577 93.27 115.63 13.37
N UNK B 2578 94.26 116.02 14.18
CA UNK B 2578 95.66 115.85 13.81
C UNK B 2578 96.10 114.41 14.04
N UNK B 2579 95.41 113.71 14.92
CA UNK B 2579 95.72 112.31 15.22
C UNK B 2579 95.27 111.40 14.09
N UNK B 2580 94.22 111.82 13.38
CA UNK B 2580 93.69 111.05 12.26
C UNK B 2580 94.47 111.33 10.98
N UNK B 2581 95.22 112.43 10.99
CA UNK B 2581 96.01 112.82 9.83
C UNK B 2581 97.34 112.08 9.82
N UNK B 2582 92.21 103.24 14.84
CA UNK B 2582 92.08 103.33 13.39
C UNK B 2582 90.62 103.56 12.98
N UNK B 2583 89.85 102.47 13.00
CA UNK B 2583 88.44 102.55 12.63
C UNK B 2583 87.61 103.15 13.77
N UNK B 2584 88.03 102.89 15.00
CA UNK B 2584 87.35 103.41 16.17
C UNK B 2584 87.61 104.90 16.34
N UNK B 2585 88.81 105.33 15.96
CA UNK B 2585 89.18 106.74 16.07
C UNK B 2585 88.52 107.56 14.96
N UNK B 2586 88.22 106.91 13.84
CA UNK B 2586 87.58 107.58 12.72
C UNK B 2586 86.11 107.87 13.03
N UNK B 2587 85.50 106.99 13.82
CA UNK B 2587 84.09 107.14 14.19
C UNK B 2587 83.94 108.24 15.23
N UNK B 2588 84.99 108.45 16.03
CA UNK B 2588 84.96 109.47 17.07
C UNK B 2588 85.11 110.86 16.47
N UNK B 2589 85.78 110.94 15.33
CA UNK B 2589 85.99 112.21 14.64
C UNK B 2589 84.70 112.67 13.97
N UNK B 2590 83.93 111.72 13.46
CA UNK B 2590 82.67 112.03 12.80
C UNK B 2590 81.59 112.38 13.82
N UNK B 2591 81.69 111.76 15.00
CA UNK B 2591 80.73 112.02 16.07
C UNK B 2591 80.92 113.41 16.66
N UNK B 2592 82.18 113.87 16.67
CA UNK B 2592 82.49 115.19 17.19
C UNK B 2592 82.20 116.27 16.15
N UNK B 2593 82.12 115.85 14.88
CA UNK B 2593 81.84 116.77 13.79
C UNK B 2593 80.34 117.01 13.66
N UNK B 2594 79.55 116.08 14.17
CA UNK B 2594 78.10 116.20 14.11
C UNK B 2594 77.56 116.95 15.33
N UNK B 2595 78.38 117.02 16.37
CA UNK B 2595 78.00 117.72 17.60
C UNK B 2595 78.41 119.19 17.54
N UNK B 2596 86.78 121.81 5.39
CA UNK B 2596 85.64 122.60 4.92
C UNK B 2596 85.37 122.33 3.44
N UNK B 2597 85.66 123.33 2.61
CA UNK B 2597 85.45 123.20 1.17
C UNK B 2597 86.50 122.31 0.54
N UNK B 2598 87.69 122.29 1.14
CA UNK B 2598 88.79 121.47 0.65
C UNK B 2598 88.58 120.01 1.00
N UNK B 2599 87.86 119.76 2.08
CA UNK B 2599 87.57 118.40 2.52
C UNK B 2599 86.52 117.75 1.62
N UNK B 2600 85.60 118.57 1.11
CA UNK B 2600 84.54 118.08 0.24
C UNK B 2600 85.09 117.79 -1.15
N UNK B 2601 86.09 118.56 -1.57
CA UNK B 2601 86.71 118.38 -2.87
C UNK B 2601 87.59 117.13 -2.88
N UNK B 2602 88.21 116.85 -1.75
CA UNK B 2602 89.07 115.68 -1.62
C UNK B 2602 88.26 114.39 -1.55
N UNK B 2603 87.05 114.51 -1.00
CA UNK B 2603 86.16 113.36 -0.88
C UNK B 2603 85.51 113.04 -2.22
N UNK B 2604 85.37 114.05 -3.07
CA UNK B 2604 84.77 113.87 -4.38
C UNK B 2604 85.75 113.21 -5.34
N UNK B 2605 87.04 113.38 -5.07
CA UNK B 2605 88.08 112.80 -5.91
C UNK B 2605 88.30 111.33 -5.56
N UNK B 2606 87.96 110.96 -4.33
CA UNK B 2606 88.11 109.58 -3.88
C UNK B 2606 87.03 108.68 -4.46
N UNK B 2607 88.09 100.97 2.48
CA UNK B 2607 89.19 100.83 3.43
C UNK B 2607 88.97 101.71 4.65
N UNK B 2608 89.99 101.83 5.50
CA UNK B 2608 89.91 102.63 6.70
C UNK B 2608 89.96 104.12 6.36
N UNK B 2609 90.72 104.46 5.33
CA UNK B 2609 90.85 105.84 4.88
C UNK B 2609 89.57 106.32 4.20
N UNK B 2610 88.91 105.41 3.50
CA UNK B 2610 87.67 105.74 2.79
C UNK B 2610 86.51 105.84 3.77
N UNK B 2611 86.59 105.10 4.87
CA UNK B 2611 85.55 105.10 5.88
C UNK B 2611 85.59 106.39 6.70
N UNK B 2612 86.79 106.93 6.88
CA UNK B 2612 86.97 108.16 7.64
C UNK B 2612 86.57 109.38 6.82
N UNK B 2613 86.63 109.23 5.49
CA UNK B 2613 86.27 110.32 4.60
C UNK B 2613 84.78 110.33 4.32
N UNK B 2614 84.17 109.15 4.30
CA UNK B 2614 82.73 109.02 4.06
C UNK B 2614 81.93 109.45 5.28
N UNK B 2615 82.51 109.24 6.46
CA UNK B 2615 81.85 109.59 7.71
C UNK B 2615 81.99 111.08 8.00
N UNK B 2616 83.03 111.69 7.43
CA UNK B 2616 83.28 113.11 7.62
C UNK B 2616 82.44 113.95 6.67
N UNK B 2617 82.13 113.39 5.50
CA UNK B 2617 81.34 114.08 4.50
C UNK B 2617 79.85 114.02 4.85
N UNK B 2618 79.49 113.08 5.72
CA UNK B 2618 78.10 112.92 6.14
C UNK B 2618 77.79 113.79 7.35
N UNK B 2619 78.79 113.97 8.21
CA UNK B 2619 78.63 114.79 9.41
C UNK B 2619 78.60 116.27 9.05
N UNK B 2620 79.34 116.64 8.01
CA UNK B 2620 79.40 118.03 7.57
C UNK B 2620 78.15 118.41 6.79
N UNK B 2621 77.51 117.41 6.19
CA UNK B 2621 76.30 117.63 5.41
C UNK B 2621 75.11 117.90 6.32
N UNK B 2622 75.17 117.38 7.54
CA UNK B 2622 74.10 117.56 8.51
C UNK B 2622 74.33 118.82 9.33
N UNK B 2623 75.50 119.43 9.17
CA UNK B 2623 75.84 120.64 9.89
C UNK B 2623 75.11 121.85 9.32
N UNK B 2624 73.77 125.97 -2.14
CA UNK B 2624 73.21 126.20 -0.81
C UNK B 2624 73.60 125.08 0.14
N UNK B 2625 73.03 125.11 1.34
CA UNK B 2625 73.31 124.10 2.35
C UNK B 2625 72.64 122.77 1.99
N UNK B 2626 71.48 122.86 1.35
CA UNK B 2626 70.75 121.67 0.94
C UNK B 2626 71.39 121.03 -0.29
N UNK B 2627 72.03 121.86 -1.10
CA UNK B 2627 72.69 121.38 -2.31
C UNK B 2627 74.00 120.67 -1.98
N UNK B 2628 74.67 121.14 -0.93
CA UNK B 2628 75.92 120.56 -0.50
C UNK B 2628 75.70 119.21 0.18
N UNK B 2629 74.54 119.06 0.81
CA UNK B 2629 74.19 117.82 1.49
C UNK B 2629 73.80 116.73 0.47
N UNK B 2630 73.27 117.16 -0.66
CA UNK B 2630 72.87 116.24 -1.71
C UNK B 2630 74.09 115.67 -2.44
N UNK B 2631 75.10 116.51 -2.60
CA UNK B 2631 76.33 116.09 -3.27
C UNK B 2631 77.16 115.20 -2.36
N UNK B 2632 77.02 115.40 -1.05
CA UNK B 2632 77.76 114.61 -0.08
C UNK B 2632 77.19 113.20 0.03
N UNK B 2633 75.89 113.08 -0.25
CA UNK B 2633 75.22 111.78 -0.20
C UNK B 2633 75.46 111.00 -1.48
N UNK B 2634 75.63 111.71 -2.59
CA UNK B 2634 75.86 111.09 -3.89
C UNK B 2634 77.30 110.59 -4.00
N UNK B 2635 78.21 111.28 -3.31
CA UNK B 2635 79.62 110.91 -3.33
C UNK B 2635 79.90 109.76 -2.37
N UNK B 2636 79.07 109.66 -1.32
CA UNK B 2636 79.23 108.61 -0.33
C UNK B 2636 78.75 107.26 -0.87
N UNK B 2637 77.72 107.31 -1.73
CA UNK B 2637 77.17 106.09 -2.32
C UNK B 2637 78.04 105.61 -3.47
N UNK B 2638 78.72 106.55 -4.13
CA UNK B 2638 79.59 106.20 -5.25
C UNK B 2638 80.92 105.63 -4.76
N UNK B 2639 81.30 106.01 -3.54
CA UNK B 2639 82.55 105.54 -2.96
C UNK B 2639 82.39 104.12 -2.40
N UNK B 2640 79.10 99.55 6.55
CA UNK B 2640 78.48 99.43 7.87
C UNK B 2640 78.16 100.82 8.44
N UNK B 2641 79.18 101.47 8.98
CA UNK B 2641 79.02 102.79 9.57
C UNK B 2641 78.86 103.85 8.47
N UNK B 2642 79.45 103.58 7.31
CA UNK B 2642 79.37 104.50 6.18
C UNK B 2642 78.00 104.44 5.53
N UNK B 2643 77.37 103.28 5.60
CA UNK B 2643 76.04 103.09 5.02
C UNK B 2643 74.98 103.76 5.88
N UNK B 2644 75.16 103.70 7.19
CA UNK B 2644 74.23 104.30 8.13
C UNK B 2644 74.33 105.83 8.10
N UNK B 2645 75.54 106.32 7.86
CA UNK B 2645 75.77 107.76 7.79
C UNK B 2645 75.24 108.33 6.49
N UNK B 2646 75.21 107.51 5.44
CA UNK B 2646 74.71 107.93 4.14
C UNK B 2646 73.19 107.96 4.13
N UNK B 2647 72.58 107.17 5.01
CA UNK B 2647 71.12 107.10 5.10
C UNK B 2647 70.57 108.36 5.76
N UNK B 2648 71.36 108.94 6.66
CA UNK B 2648 70.95 110.16 7.37
C UNK B 2648 71.02 111.36 6.43
N UNK B 2649 71.91 111.30 5.45
CA UNK B 2649 72.08 112.39 4.49
C UNK B 2649 70.94 112.38 3.48
N UNK B 2650 70.38 111.20 3.22
CA UNK B 2650 69.28 111.07 2.28
C UNK B 2650 67.96 111.49 2.92
N UNK B 2651 67.92 111.48 4.24
CA UNK B 2651 66.72 111.86 4.98
C UNK B 2651 66.64 113.38 5.12
N UNK B 2652 67.80 114.04 5.15
CA UNK B 2652 67.85 115.49 5.28
C UNK B 2652 67.57 116.16 3.94
N UNK B 2653 74.01 107.89 -10.57
CA UNK B 2653 74.10 106.59 -11.22
C UNK B 2653 73.84 105.47 -10.21
N UNK B 2654 73.06 105.78 -9.18
CA UNK B 2654 72.73 104.80 -8.15
C UNK B 2654 71.72 103.78 -8.68
N UNK B 2655 70.92 104.19 -9.66
CA UNK B 2655 69.92 103.32 -10.26
C UNK B 2655 70.59 102.25 -11.13
N UNK B 2656 71.67 102.64 -11.79
CA UNK B 2656 72.41 101.72 -12.64
C UNK B 2656 73.30 100.81 -11.81
N UNK B 2657 73.66 101.28 -10.61
CA UNK B 2657 74.50 100.50 -9.70
C UNK B 2657 73.73 99.31 -9.15
N UNK B 2658 72.43 99.50 -8.92
CA UNK B 2658 71.58 98.43 -8.42
C UNK B 2658 71.33 97.39 -9.50
N UNK B 2659 71.38 97.82 -10.75
CA UNK B 2659 71.19 96.92 -11.89
C UNK B 2659 72.43 96.06 -12.10
N UNK B 2660 73.58 96.58 -11.68
CA UNK B 2660 74.84 95.85 -11.81
C UNK B 2660 74.91 94.74 -10.76
N UNK B 2661 74.40 95.01 -9.57
CA UNK B 2661 74.40 94.02 -8.50
C UNK B 2661 73.34 92.96 -8.76
N UNK B 2662 72.26 93.36 -9.43
CA UNK B 2662 71.18 92.44 -9.76
C UNK B 2662 71.64 91.46 -10.85
N UNK B 2663 72.47 91.95 -11.77
CA UNK B 2663 73.00 91.11 -12.84
C UNK B 2663 74.08 90.18 -12.30
N UNK B 2664 74.79 90.64 -11.28
CA UNK B 2664 75.84 89.84 -10.65
C UNK B 2664 75.23 88.74 -9.79
N UNK B 2665 74.10 89.05 -9.16
CA UNK B 2665 73.40 88.08 -8.32
C UNK B 2665 72.73 87.01 -9.18
N UNK B 2666 72.27 87.42 -10.37
CA UNK B 2666 71.64 86.49 -11.30
C UNK B 2666 72.66 85.58 -11.95
N UNK B 2667 73.89 86.09 -12.08
CA UNK B 2667 74.98 85.32 -12.65
C UNK B 2667 75.47 84.26 -11.67
N UNK B 2668 75.32 84.55 -10.38
CA UNK B 2668 75.73 83.61 -9.34
C UNK B 2668 74.77 82.44 -9.26
N UNK B 2669 73.50 82.71 -9.57
CA UNK B 2669 72.47 81.67 -9.55
C UNK B 2669 72.55 80.81 -10.80
N UNK B 2670 73.08 81.39 -11.87
CA UNK B 2670 73.24 80.68 -13.14
C UNK B 2670 74.36 79.64 -13.03
N UNK B 2671 75.35 79.94 -12.21
CA UNK B 2671 76.48 79.04 -12.02
C UNK B 2671 76.14 77.97 -10.98
N UNK B 2672 75.09 78.23 -10.20
CA UNK B 2672 74.65 77.29 -9.18
C UNK B 2672 73.77 76.20 -9.78
N UNK B 2673 73.23 76.47 -10.96
CA UNK B 2673 72.37 75.51 -11.64
C UNK B 2673 73.20 74.54 -12.49
N PHE B 2674 81.10 83.67 -2.62
CA PHE B 2674 79.66 83.56 -2.45
C PHE B 2674 79.21 84.23 -1.15
N SER B 2675 79.94 83.95 -0.07
CA SER B 2675 79.61 84.54 1.22
C SER B 2675 79.90 86.03 1.24
N VAL B 2676 81.08 86.43 0.73
CA VAL B 2676 81.42 87.84 0.69
C VAL B 2676 80.58 88.59 -0.34
N LEU B 2677 80.15 87.90 -1.40
CA LEU B 2677 79.33 88.55 -2.41
C LEU B 2677 77.92 88.82 -1.88
N CYS B 2678 77.36 87.89 -1.11
CA CYS B 2678 76.03 88.09 -0.55
C CYS B 2678 76.06 89.13 0.56
N ARG B 2679 77.19 89.27 1.26
CA ARG B 2679 77.29 90.26 2.33
C ARG B 2679 77.23 91.68 1.78
N ASP B 2680 77.79 91.91 0.58
CA ASP B 2680 77.73 93.23 -0.01
C ASP B 2680 76.33 93.58 -0.52
N LEU B 2681 75.50 92.58 -0.80
CA LEU B 2681 74.14 92.85 -1.25
C LEU B 2681 73.26 93.35 -0.12
N TYR B 2682 73.52 92.90 1.12
CA TYR B 2682 72.73 93.36 2.25
C TYR B 2682 72.98 94.83 2.54
N ALA B 2683 74.21 95.29 2.33
CA ALA B 2683 74.51 96.70 2.56
C ALA B 2683 73.90 97.60 1.49
N LEU B 2684 73.75 97.08 0.26
CA LEU B 2684 73.17 97.88 -0.80
C LEU B 2684 71.65 97.93 -0.72
N TYR B 2685 71.02 96.80 -0.37
CA TYR B 2685 69.57 96.72 -0.26
C TYR B 2685 69.09 97.52 0.94
N PRO B 2686 69.89 97.61 2.01
CA PRO B 2686 69.45 98.42 3.16
C PRO B 2686 69.39 99.91 2.86
N LEU B 2687 70.35 100.42 2.09
CA LEU B 2687 70.32 101.84 1.72
C LEU B 2687 69.34 102.12 0.59
N LEU B 2688 69.14 101.15 -0.30
CA LEU B 2688 68.20 101.34 -1.41
C LEU B 2688 66.75 101.30 -0.93
N ILE B 2689 66.46 100.49 0.09
CA ILE B 2689 65.10 100.40 0.60
C ILE B 2689 64.68 101.68 1.31
N ARG B 2690 65.63 102.47 1.81
CA ARG B 2690 65.28 103.73 2.46
C ARG B 2690 64.74 104.74 1.46
N TYR B 2691 65.28 104.73 0.23
CA TYR B 2691 64.79 105.65 -0.79
C TYR B 2691 63.44 105.23 -1.34
N VAL B 2692 63.01 103.98 -1.11
CA VAL B 2692 61.71 103.54 -1.60
C VAL B 2692 60.59 104.20 -0.82
N ASP B 2693 60.79 104.45 0.48
CA ASP B 2693 59.77 105.08 1.31
C ASP B 2693 59.50 106.53 0.90
N ASN B 2694 60.39 107.15 0.14
CA ASN B 2694 60.23 108.54 -0.26
C ASN B 2694 59.53 108.65 -1.62
N ASN B 2695 59.99 107.90 -2.61
CA ASN B 2695 59.43 108.00 -3.96
C ASN B 2695 58.15 107.19 -4.13
N ARG B 2696 57.72 106.44 -3.11
CA ARG B 2696 56.49 105.67 -3.24
C ARG B 2696 55.27 106.57 -3.28
N ALA B 2697 55.36 107.78 -2.72
CA ALA B 2697 54.25 108.72 -2.81
C ALA B 2697 54.12 109.29 -4.21
N HIS B 2698 55.22 109.38 -4.95
CA HIS B 2698 55.20 109.88 -6.32
C HIS B 2698 55.01 108.78 -7.35
N TRP B 2699 55.39 107.54 -7.01
CA TRP B 2699 55.24 106.43 -7.94
C TRP B 2699 53.78 106.02 -8.12
N LEU B 2700 52.92 106.32 -7.16
CA LEU B 2700 51.51 105.98 -7.26
C LEU B 2700 50.69 107.08 -7.91
N THR B 2701 51.12 108.35 -7.79
CA THR B 2701 50.43 109.43 -8.46
C THR B 2701 50.82 109.55 -9.92
N GLU B 2702 52.07 109.17 -10.26
CA GLU B 2702 52.56 109.18 -11.62
C GLU B 2702 53.41 107.93 -11.85
N PRO B 2703 53.24 107.27 -12.99
CA PRO B 2703 54.02 106.04 -13.24
C PRO B 2703 55.50 106.34 -13.45
N ASN B 2704 56.34 105.48 -12.90
CA ASN B 2704 57.78 105.62 -13.01
C ASN B 2704 58.35 104.44 -13.79
N PRO B 2705 58.98 104.67 -14.95
CA PRO B 2705 59.52 103.54 -15.73
C PRO B 2705 60.78 102.94 -15.13
N SER B 2706 61.53 103.68 -14.32
CA SER B 2706 62.76 103.16 -13.73
C SER B 2706 62.48 102.09 -12.68
N ALA B 2707 61.29 102.08 -12.09
CA ALA B 2707 60.96 101.08 -11.09
C ALA B 2707 60.74 99.69 -11.68
N GLU B 2708 60.58 99.59 -12.99
CA GLU B 2708 60.38 98.28 -13.61
C GLU B 2708 61.62 97.41 -13.51
N GLU B 2709 62.81 98.01 -13.50
CA GLU B 2709 64.03 97.23 -13.41
C GLU B 2709 64.21 96.64 -12.02
N LEU B 2710 63.95 97.43 -10.98
CA LEU B 2710 64.09 96.93 -9.61
C LEU B 2710 62.99 95.92 -9.29
N PHE B 2711 61.80 96.08 -9.87
CA PHE B 2711 60.71 95.16 -9.60
C PHE B 2711 60.97 93.79 -10.24
N ARG B 2712 61.46 93.77 -11.48
CA ARG B 2712 61.76 92.51 -12.14
C ARG B 2712 62.94 91.80 -11.50
N MET B 2713 63.93 92.56 -11.04
CA MET B 2713 65.10 91.94 -10.40
C MET B 2713 64.75 91.37 -9.04
N VAL B 2714 63.86 92.03 -8.29
CA VAL B 2714 63.46 91.53 -6.98
C VAL B 2714 62.65 90.24 -7.12
N GLY B 2715 61.83 90.15 -8.16
CA GLY B 2715 61.05 88.94 -8.38
C GLY B 2715 61.88 87.76 -8.82
N GLU B 2716 63.01 88.03 -9.49
CA GLU B 2716 63.88 86.94 -9.95
C GLU B 2716 64.67 86.34 -8.80
N ILE B 2717 65.22 87.18 -7.92
CA ILE B 2717 65.99 86.67 -6.79
C ILE B 2717 65.09 86.03 -5.76
N PHE B 2718 63.83 86.47 -5.68
CA PHE B 2718 62.89 85.88 -4.72
C PHE B 2718 62.48 84.47 -5.15
N ILE B 2719 62.35 84.25 -6.45
CA ILE B 2719 62.06 82.90 -6.95
C ILE B 2719 63.27 81.99 -6.80
N TYR B 2720 64.48 82.55 -6.72
CA TYR B 2720 65.68 81.75 -6.53
C TYR B 2720 65.83 81.27 -5.10
N TRP B 2721 65.03 81.79 -4.15
CA TRP B 2721 65.13 81.33 -2.77
C TRP B 2721 64.75 79.86 -2.65
N SER B 2722 63.79 79.40 -3.46
CA SER B 2722 63.42 77.99 -3.44
C SER B 2722 64.50 77.12 -4.06
N LYS B 2723 65.19 77.62 -5.09
CA LYS B 2723 66.25 76.85 -5.73
C LYS B 2723 67.55 76.94 -4.94
N SER B 2724 67.97 78.16 -4.58
CA SER B 2724 69.19 78.37 -3.81
C SER B 2724 68.87 78.18 -2.34
N HIS B 2725 69.03 76.93 -1.86
CA HIS B 2725 68.71 76.62 -0.48
C HIS B 2725 69.86 76.95 0.46
N ASN B 2726 71.10 76.72 0.01
CA ASN B 2726 72.28 76.98 0.83
C ASN B 2726 72.82 78.39 0.67
N PHE B 2727 72.22 79.21 -0.19
CA PHE B 2727 72.69 80.58 -0.38
C PHE B 2727 72.30 81.47 0.79
N LYS B 2728 71.22 81.14 1.49
CA LYS B 2728 70.76 81.93 2.63
C LYS B 2728 71.40 81.50 3.95
N ARG B 2729 72.10 80.37 3.97
CA ARG B 2729 72.74 79.92 5.21
C ARG B 2729 73.88 80.86 5.61
N GLU B 2730 74.76 81.19 4.67
CA GLU B 2730 75.85 82.11 4.95
C GLU B 2730 75.36 83.54 5.12
N GLU B 2731 74.19 83.88 4.57
CA GLU B 2731 73.66 85.23 4.72
C GLU B 2731 73.24 85.52 6.16
N GLN B 2732 72.77 84.50 6.88
CA GLN B 2732 72.37 84.70 8.27
C GLN B 2732 73.57 84.93 9.18
N ASN B 2733 74.75 84.48 8.80
CA ASN B 2733 75.95 84.69 9.61
C ASN B 2733 76.51 86.10 9.47
N PHE B 2734 76.08 86.86 8.47
CA PHE B 2734 76.58 88.23 8.32
C PHE B 2734 76.08 89.14 9.43
N VAL B 2735 74.79 89.03 9.78
CA VAL B 2735 74.24 89.85 10.85
C VAL B 2735 74.72 89.39 12.21
N VAL B 2736 75.11 88.12 12.35
CA VAL B 2736 75.59 87.60 13.62
C VAL B 2736 77.06 87.93 13.82
N UNK B 2737 65.80 87.86 6.03
CA UNK B 2737 64.46 88.45 5.95
C UNK B 2737 64.51 89.83 5.29
N UNK B 2738 65.72 90.27 4.95
CA UNK B 2738 65.90 91.58 4.31
C UNK B 2738 65.47 91.53 2.86
N UNK B 2739 65.55 90.35 2.26
CA UNK B 2739 65.14 90.16 0.87
C UNK B 2739 63.63 90.19 0.73
N UNK B 2740 62.94 89.76 1.78
CA UNK B 2740 61.48 89.75 1.79
C UNK B 2740 60.93 91.17 1.96
N UNK B 2741 61.68 92.00 2.68
CA UNK B 2741 61.28 93.38 2.91
C UNK B 2741 61.46 94.21 1.64
N UNK B 2742 62.49 93.89 0.87
CA UNK B 2742 62.77 94.59 -0.38
C UNK B 2742 61.76 94.18 -1.44
N UNK B 2743 61.33 92.93 -1.39
CA UNK B 2743 60.35 92.41 -2.35
C UNK B 2743 58.95 92.95 -2.02
N UNK B 2744 58.73 93.24 -0.74
CA UNK B 2744 57.45 93.78 -0.29
C UNK B 2744 57.28 95.22 -0.76
N UNK B 2745 58.38 95.97 -0.76
CA UNK B 2745 58.37 97.36 -1.22
C UNK B 2745 58.26 97.43 -2.73
N UNK B 2746 58.76 96.38 -3.40
CA UNK B 2746 58.70 96.31 -4.85
C UNK B 2746 57.33 95.82 -5.32
N UNK B 2747 56.63 95.11 -4.43
CA UNK B 2747 55.31 94.58 -4.74
C UNK B 2747 54.28 95.71 -4.78
N UNK B 2748 54.53 96.77 -4.03
CA UNK B 2748 53.64 97.92 -3.98
C UNK B 2748 53.84 98.81 -5.21
N UNK B 2749 54.98 98.62 -5.88
CA UNK B 2749 55.30 99.39 -7.07
C UNK B 2749 54.97 98.61 -8.33
N UNK B 2750 55.03 97.28 -8.23
CA UNK B 2750 54.73 96.41 -9.36
C UNK B 2750 53.23 96.38 -9.65
N UNK B 2751 52.43 96.47 -8.59
CA UNK B 2751 50.98 96.46 -8.73
C UNK B 2751 50.48 97.82 -9.19
N UNK B 2752 51.31 98.84 -9.04
CA UNK B 2752 50.95 100.20 -9.45
C UNK B 2752 51.01 100.33 -10.97
N UNK B 2753 52.05 99.76 -11.57
CA UNK B 2753 52.23 99.82 -13.01
C UNK B 2753 51.30 98.83 -13.71
N UNK B 2754 51.03 97.71 -13.05
CA UNK B 2754 50.15 96.69 -13.61
C UNK B 2754 48.69 97.06 -13.41
N UNK B 2755 45.85 88.14 -14.50
CA UNK B 2755 47.08 88.34 -13.74
C UNK B 2755 47.15 87.37 -12.56
N UNK B 2756 46.04 87.20 -11.86
CA UNK B 2756 45.98 86.30 -10.72
C UNK B 2756 45.92 84.85 -11.17
N UNK B 2757 45.26 84.61 -12.31
CA UNK B 2757 45.12 83.28 -12.85
C UNK B 2757 46.43 82.79 -13.44
N UNK B 2758 47.25 83.73 -13.91
CA UNK B 2758 48.54 83.40 -14.50
C UNK B 2758 49.55 83.04 -13.42
N UNK B 2759 49.35 83.57 -12.22
CA UNK B 2759 50.24 83.31 -11.10
C UNK B 2759 49.99 81.92 -10.52
N UNK B 2760 48.76 81.45 -10.62
CA UNK B 2760 48.38 80.13 -10.12
C UNK B 2760 48.91 79.03 -11.04
N UNK B 2761 49.04 79.35 -12.32
CA UNK B 2761 49.53 78.39 -13.31
C UNK B 2761 51.05 78.28 -13.24
N UNK B 2762 51.71 79.38 -12.88
CA UNK B 2762 53.16 79.41 -12.79
C UNK B 2762 53.64 78.65 -11.55
N UNK B 2763 52.81 78.63 -10.51
CA UNK B 2763 53.13 77.93 -9.27
C UNK B 2763 52.83 76.45 -9.39
N UNK B 2764 51.97 76.11 -10.35
CA UNK B 2764 51.58 74.72 -10.58
C UNK B 2764 52.56 74.02 -11.52
N UNK B 2765 53.38 74.82 -12.19
CA UNK B 2765 54.37 74.29 -13.13
C UNK B 2765 55.57 73.71 -12.38
N UNK B 2766 57.88 81.62 -20.44
CA UNK B 2766 56.51 82.13 -20.36
C UNK B 2766 55.53 81.10 -20.89
N UNK B 2767 55.52 79.92 -20.27
CA UNK B 2767 54.62 78.84 -20.68
C UNK B 2767 53.20 79.11 -20.18
N UNK B 2768 53.09 79.79 -19.05
CA UNK B 2768 51.79 80.11 -18.48
C UNK B 2768 51.15 81.30 -19.19
N UNK B 2769 51.99 82.14 -19.79
CA UNK B 2769 51.50 83.32 -20.51
C UNK B 2769 50.88 82.92 -21.83
N UNK B 2770 51.43 81.88 -22.46
CA UNK B 2770 50.93 81.39 -23.74
C UNK B 2770 49.64 80.59 -23.54
N UNK B 2771 49.51 79.99 -22.37
CA UNK B 2771 48.32 79.20 -22.05
C UNK B 2771 47.12 80.10 -21.78
N UNK B 2772 47.39 81.30 -21.27
CA UNK B 2772 46.33 82.25 -20.96
C UNK B 2772 45.94 83.05 -22.20
N UNK B 2773 46.85 83.10 -23.17
CA UNK B 2773 46.62 83.83 -24.41
C UNK B 2773 45.68 83.05 -25.32
N UNK B 2774 31.88 93.74 -11.49
CA UNK B 2774 32.56 94.48 -12.55
C UNK B 2774 32.50 95.97 -12.30
N UNK B 2775 31.51 96.40 -11.51
CA UNK B 2775 31.34 97.81 -11.20
C UNK B 2775 32.42 98.28 -10.21
N UNK B 2776 32.86 97.36 -9.35
CA UNK B 2776 33.89 97.67 -8.36
C UNK B 2776 35.26 97.79 -9.03
N UNK B 2777 35.44 97.05 -10.13
CA UNK B 2777 36.69 97.07 -10.86
C UNK B 2777 36.84 98.37 -11.65
N UNK B 2778 35.71 98.94 -12.05
CA UNK B 2778 35.71 100.18 -12.81
C UNK B 2778 36.03 101.36 -11.91
N UNK B 2779 35.65 101.25 -10.64
CA UNK B 2779 35.91 102.31 -9.66
C UNK B 2779 37.39 102.33 -9.26
N UNK B 2780 38.01 101.15 -9.31
CA UNK B 2780 39.42 101.03 -8.95
C UNK B 2780 40.31 101.56 -10.08
N UNK B 2781 39.82 101.44 -11.31
CA UNK B 2781 40.58 101.90 -12.47
C UNK B 2781 40.52 103.41 -12.60
N UNK B 2782 39.47 104.01 -12.03
CA UNK B 2782 39.29 105.46 -12.07
C UNK B 2782 40.12 106.13 -10.98
N UNK B 2783 40.56 105.34 -9.99
CA UNK B 2783 41.35 105.86 -8.89
C UNK B 2783 42.79 106.10 -9.33
N UNK B 2784 54.61 96.47 -25.02
CA UNK B 2784 55.29 95.77 -23.94
C UNK B 2784 54.38 95.64 -22.72
N UNK B 2785 53.07 95.75 -22.95
CA UNK B 2785 52.10 95.65 -21.88
C UNK B 2785 51.95 94.21 -21.42
N UNK B 2786 52.13 93.27 -22.35
CA UNK B 2786 52.03 91.85 -22.06
C UNK B 2786 53.23 91.38 -21.25
N UNK B 2787 54.39 91.96 -21.53
CA UNK B 2787 55.62 91.61 -20.82
C UNK B 2787 55.60 92.18 -19.41
N UNK B 2788 55.01 93.36 -19.26
CA UNK B 2788 54.91 94.02 -17.96
C UNK B 2788 53.91 93.27 -17.07
N UNK B 2789 52.87 92.72 -17.69
CA UNK B 2789 51.86 91.97 -16.97
C UNK B 2789 52.41 90.62 -16.53
N UNK B 2790 53.33 90.08 -17.33
CA UNK B 2790 53.95 88.79 -17.02
C UNK B 2790 54.99 88.97 -15.90
N UNK B 2791 55.61 90.14 -15.86
CA UNK B 2791 56.60 90.45 -14.83
C UNK B 2791 55.92 90.64 -13.48
N UNK B 2792 54.75 91.27 -13.51
CA UNK B 2792 53.99 91.50 -12.29
C UNK B 2792 53.39 90.19 -11.79
N UNK B 2793 53.04 89.31 -12.72
CA UNK B 2793 52.48 88.01 -12.39
C UNK B 2793 53.58 87.08 -11.87
N UNK B 2794 54.81 87.37 -12.27
CA UNK B 2794 55.97 86.58 -11.82
C UNK B 2794 56.23 86.82 -10.34
N UNK B 2795 56.08 88.06 -9.92
CA UNK B 2795 56.27 88.42 -8.52
C UNK B 2795 55.10 87.91 -7.67
N UNK B 2796 53.92 87.85 -8.28
CA UNK B 2796 52.72 87.35 -7.62
C UNK B 2796 52.81 85.85 -7.44
N UNK B 2797 53.39 85.17 -8.42
CA UNK B 2797 53.56 83.72 -8.37
C UNK B 2797 54.70 83.35 -7.44
N UNK B 2798 55.65 84.28 -7.29
CA UNK B 2798 56.79 84.06 -6.41
C UNK B 2798 56.37 84.19 -4.94
N UNK B 2799 55.43 85.07 -4.68
CA UNK B 2799 54.94 85.30 -3.33
C UNK B 2799 54.15 84.09 -2.83
N UNK B 2800 53.63 83.30 -3.75
CA UNK B 2800 52.89 82.09 -3.41
C UNK B 2800 53.83 81.02 -2.89
N UNK B 2801 55.10 81.10 -3.30
CA UNK B 2801 56.10 80.14 -2.86
C UNK B 2801 56.56 80.45 -1.43
N UNK B 2802 56.35 81.69 -1.00
CA UNK B 2802 56.71 82.11 0.34
C UNK B 2802 55.77 81.50 1.38
N UNK B 2803 54.51 81.36 1.01
CA UNK B 2803 53.51 80.77 1.89
C UNK B 2803 53.59 79.25 1.86
N UNK B 2804 54.17 78.71 0.80
CA UNK B 2804 54.31 77.26 0.65
C UNK B 2804 55.60 76.77 1.30
N HIS B 2805 50.96 66.62 27.55
CA HIS B 2805 50.78 65.31 26.96
C HIS B 2805 51.87 64.34 27.43
N LYS B 2806 51.94 63.17 26.80
CA LYS B 2806 52.92 62.14 27.14
C LYS B 2806 54.07 62.21 26.14
N LEU B 2807 55.27 62.49 26.64
CA LEU B 2807 56.45 62.53 25.80
C LEU B 2807 56.86 61.12 25.38
N LEU B 2808 57.71 61.05 24.36
CA LEU B 2808 58.20 59.76 23.89
C LEU B 2808 59.14 59.12 24.91
N SER B 2809 59.88 59.93 25.66
CA SER B 2809 60.80 59.43 26.68
C SER B 2809 60.13 59.48 28.05
N LYS B 2810 60.17 58.36 28.76
CA LYS B 2810 59.60 58.26 30.10
C LYS B 2810 60.49 57.33 30.92
N GLN B 2811 61.19 57.89 31.90
CA GLN B 2811 62.09 57.15 32.80
C GLN B 2811 63.32 56.62 32.06
N ARG B 2812 63.26 56.56 30.73
CA ARG B 2812 64.40 56.08 29.96
C ARG B 2812 65.52 57.10 29.88
N ARG B 2813 65.23 58.38 30.15
CA ARG B 2813 66.25 59.41 30.12
C ARG B 2813 67.02 59.52 31.44
N ARG B 2814 66.52 58.92 32.52
CA ARG B 2814 67.25 58.92 33.78
C ARG B 2814 68.49 58.04 33.73
N ALA B 2815 68.57 57.13 32.75
CA ALA B 2815 69.75 56.31 32.57
C ALA B 2815 70.80 56.97 31.69
N VAL B 2816 70.41 57.98 30.91
CA VAL B 2816 71.37 58.69 30.06
C VAL B 2816 72.38 59.45 30.92
N VAL B 2817 71.88 60.14 31.94
CA VAL B 2817 72.79 60.82 32.87
C VAL B 2817 73.58 59.82 33.68
N ALA B 2818 73.02 58.63 33.91
CA ALA B 2818 73.76 57.57 34.59
C ALA B 2818 74.74 56.88 33.65
N CYS B 2819 74.43 56.84 32.35
CA CYS B 2819 75.36 56.24 31.40
C CYS B 2819 76.62 57.08 31.23
N PHE B 2820 76.54 58.39 31.50
CA PHE B 2820 77.72 59.23 31.44
C PHE B 2820 78.71 58.87 32.54
N ARG B 2821 78.21 58.53 33.73
CA ARG B 2821 79.04 58.18 34.86
C ARG B 2821 79.59 56.75 34.78
N MET B 2822 79.52 56.12 33.60
CA MET B 2822 80.00 54.75 33.47
C MET B 2822 81.52 54.70 33.59
N THR B 2823 82.00 53.84 34.48
CA THR B 2823 83.44 53.70 34.66
C THR B 2823 84.05 53.02 33.45
N PRO B 2824 85.12 53.58 32.87
CA PRO B 2824 85.74 52.94 31.69
C PRO B 2824 86.39 51.60 32.03
N LEU B 2825 87.01 50.97 31.03
CA LEU B 2825 87.63 49.67 31.26
C LEU B 2825 88.79 49.78 32.24
N TYR B 2826 89.62 50.82 32.10
CA TYR B 2826 90.70 51.02 33.04
C TYR B 2826 90.17 51.44 34.40
N ASN B 2827 91.02 51.31 35.42
CA ASN B 2827 90.73 51.57 36.83
C ASN B 2827 89.73 50.58 37.42
N LEU B 2828 89.18 49.67 36.61
CA LEU B 2828 88.26 48.68 37.12
C LEU B 2828 89.01 47.61 37.89
N PRO B 2829 88.45 47.10 39.00
CA PRO B 2829 89.12 46.03 39.74
C PRO B 2829 89.37 44.81 38.86
N THR B 2830 90.48 44.11 39.15
CA THR B 2830 90.88 42.98 38.33
C THR B 2830 89.95 41.78 38.52
N HIS B 2831 89.47 41.58 39.75
CA HIS B 2831 88.60 40.44 40.01
C HIS B 2831 87.25 40.59 39.34
N ARG B 2832 86.75 41.83 39.20
CA ARG B 2832 85.50 42.06 38.50
C ARG B 2832 85.67 42.03 36.99
N ALA B 2833 86.88 42.26 36.48
CA ALA B 2833 87.11 42.24 35.05
C ALA B 2833 87.15 40.82 34.50
N CYS B 2834 87.67 39.86 35.28
CA CYS B 2834 87.72 38.48 34.82
C CYS B 2834 86.34 37.85 34.76
N ASN B 2835 85.44 38.25 35.66
CA ASN B 2835 84.07 37.72 35.64
C ASN B 2835 83.31 38.20 34.41
N MET B 2836 83.44 39.49 34.07
CA MET B 2836 82.77 40.02 32.90
C MET B 2836 83.40 39.52 31.60
N PHE B 2837 84.65 39.04 31.64
CA PHE B 2837 85.27 38.52 30.44
C PHE B 2837 84.69 37.17 30.06
N LEU B 2838 84.40 36.32 31.05
CA LEU B 2838 83.80 35.02 30.76
C LEU B 2838 82.36 35.16 30.26
N GLU B 2839 81.66 36.23 30.65
CA GLU B 2839 80.30 36.44 30.18
C GLU B 2839 80.24 36.79 28.70
N SER B 2840 81.34 37.27 28.13
CA SER B 2840 81.38 37.62 26.71
C SER B 2840 81.92 36.47 25.87
N TYR B 2841 82.93 35.75 26.36
CA TYR B 2841 83.49 34.63 25.62
C TYR B 2841 82.51 33.47 25.53
N LYS B 2842 81.58 33.37 26.48
CA LYS B 2842 80.62 32.28 26.48
C LYS B 2842 79.53 32.46 25.43
N ALA B 2843 79.00 33.69 25.31
CA ALA B 2843 77.89 33.96 24.41
C ALA B 2843 78.33 34.31 23.00
N ALA B 2844 79.63 34.55 22.77
CA ALA B 2844 80.11 34.94 21.46
C ALA B 2844 81.00 33.91 20.79
N TRP B 2845 81.59 32.98 21.56
CA TRP B 2845 82.49 31.98 21.01
C TRP B 2845 81.97 30.55 21.21
N ILE B 2846 81.49 30.22 22.41
CA ILE B 2846 81.02 28.87 22.66
C ILE B 2846 79.73 28.60 21.89
N LEU B 2847 78.80 29.55 21.89
CA LEU B 2847 77.54 29.35 21.17
C LEU B 2847 77.72 29.40 19.67
N THR B 2848 78.75 30.10 19.19
CA THR B 2848 79.00 30.22 17.76
C THR B 2848 79.81 29.06 17.21
N GLU B 2849 80.68 28.44 18.02
CA GLU B 2849 81.50 27.33 17.55
C GLU B 2849 80.63 26.09 17.35
N ASP B 2850 80.90 25.38 16.25
CA ASP B 2850 80.17 24.16 15.93
C ASP B 2850 80.93 22.94 16.42
N HIS B 2851 80.20 21.96 16.93
CA HIS B 2851 80.78 20.72 17.43
C HIS B 2851 80.69 19.58 16.42
N SER B 2852 79.49 19.27 15.96
CA SER B 2852 79.25 18.22 14.96
C SER B 2852 79.82 16.87 15.43
N PHE B 2853 79.29 16.40 16.56
CA PHE B 2853 79.69 15.12 17.12
C PHE B 2853 78.53 14.15 17.27
N GLU B 2854 77.32 14.53 16.84
CA GLU B 2854 76.17 13.62 16.96
C GLU B 2854 76.27 12.45 15.98
N ASP B 2855 76.95 12.65 14.86
CA ASP B 2855 77.08 11.58 13.88
C ASP B 2855 78.07 10.50 14.34
N ARG B 2856 79.11 10.91 15.08
CA ARG B 2856 80.11 9.95 15.53
C ARG B 2856 79.62 9.11 16.70
N MET B 2857 78.76 9.66 17.55
CA MET B 2857 78.30 8.93 18.72
C MET B 2857 77.27 7.86 18.35
N ILE B 2858 76.30 8.21 17.49
CA ILE B 2858 75.24 7.27 17.15
C ILE B 2858 75.77 6.14 16.27
N ASP B 2859 76.64 6.48 15.31
CA ASP B 2859 77.14 5.47 14.39
C ASP B 2859 78.11 4.51 15.06
N ASP B 2860 78.79 4.94 16.12
CA ASP B 2860 79.74 4.07 16.79
C ASP B 2860 79.05 3.02 17.65
N LEU B 2861 77.92 3.37 18.25
CA LEU B 2861 77.23 2.42 19.13
C LEU B 2861 76.55 1.31 18.34
N SER B 2862 76.05 1.63 17.15
CA SER B 2862 75.32 0.65 16.34
C SER B 2862 76.25 -0.20 15.49
N LYS B 2863 77.33 0.36 14.97
CA LYS B 2863 78.23 -0.40 14.10
C LYS B 2863 79.12 -1.36 14.89
N ALA B 2864 79.50 -1.00 16.11
CA ALA B 2864 80.37 -1.83 16.92
C ALA B 2864 79.60 -2.91 17.70
N GLY B 2865 78.31 -3.10 17.41
CA GLY B 2865 77.56 -4.12 18.12
C GLY B 2865 78.01 -5.53 17.78
N GLU B 2866 78.26 -5.80 16.51
CA GLU B 2866 78.73 -7.11 16.06
C GLU B 2866 80.25 -7.18 16.18
N GLN B 2867 80.71 -7.21 17.44
CA GLN B 2867 82.13 -7.24 17.73
C GLN B 2867 82.66 -8.67 17.53
N GLU B 2868 83.94 -8.88 17.87
CA GLU B 2868 84.53 -10.20 17.70
C GLU B 2868 83.98 -11.19 18.72
N GLU B 2869 83.81 -10.74 19.97
CA GLU B 2869 83.30 -11.59 21.02
C GLU B 2869 81.78 -11.51 21.18
N GLU B 2870 81.10 -10.75 20.32
CA GLU B 2870 79.65 -10.64 20.42
C GLU B 2870 78.95 -11.89 19.88
N GLU B 2871 79.44 -12.43 18.77
CA GLU B 2871 78.87 -13.61 18.15
C GLU B 2871 79.91 -14.73 18.05
N GLU B 2872 80.67 -14.93 19.12
CA GLU B 2872 81.72 -15.95 19.19
C GLU B 2872 81.26 -17.04 20.16
N GLU B 2873 80.69 -18.11 19.61
CA GLU B 2873 80.21 -19.25 20.40
C GLU B 2873 79.15 -18.83 21.42
N VAL B 2874 78.34 -17.83 21.07
CA VAL B 2874 77.30 -17.37 21.98
C VAL B 2874 75.99 -18.13 21.79
N GLU B 2875 75.71 -18.58 20.56
CA GLU B 2875 74.49 -19.34 20.25
C GLU B 2875 73.23 -18.57 20.61
N GLU B 2876 73.29 -17.23 20.51
CA GLU B 2876 72.14 -16.40 20.82
C GLU B 2876 72.32 -15.06 20.14
N LYS B 2877 71.25 -14.26 20.15
CA LYS B 2877 71.25 -12.93 19.56
C LYS B 2877 71.16 -11.90 20.68
N LYS B 2878 72.15 -11.01 20.76
CA LYS B 2878 72.18 -10.00 21.80
C LYS B 2878 71.90 -8.63 21.23
N PRO B 2879 71.20 -7.77 21.97
CA PRO B 2879 70.90 -6.43 21.47
C PRO B 2879 72.16 -5.57 21.38
N ASP B 2880 72.13 -4.61 20.47
CA ASP B 2880 73.23 -3.69 20.30
C ASP B 2880 73.28 -2.69 21.46
N PRO B 2881 74.45 -2.08 21.70
CA PRO B 2881 74.53 -1.09 22.78
C PRO B 2881 73.57 0.07 22.62
N LEU B 2882 73.20 0.42 21.38
CA LEU B 2882 72.22 1.49 21.18
C LEU B 2882 70.82 1.01 21.54
N HIS B 2883 70.54 -0.29 21.40
CA HIS B 2883 69.23 -0.81 21.75
C HIS B 2883 68.99 -0.74 23.25
N GLN B 2884 70.04 -0.94 24.05
CA GLN B 2884 69.89 -0.87 25.50
C GLN B 2884 69.63 0.57 25.97
N LEU B 2885 70.14 1.55 25.22
CA LEU B 2885 69.91 2.95 25.59
C LEU B 2885 68.44 3.34 25.41
N VAL B 2886 67.80 2.79 24.38
CA VAL B 2886 66.39 3.10 24.14
C VAL B 2886 65.50 2.42 25.18
N LEU B 2887 65.85 1.18 25.56
CA LEU B 2887 65.05 0.46 26.55
C LEU B 2887 65.18 1.06 27.94
N HIS B 2888 66.23 1.84 28.20
CA HIS B 2888 66.39 2.46 29.52
C HIS B 2888 65.33 3.53 29.75
N PHE B 2889 65.13 4.41 28.77
CA PHE B 2889 64.13 5.46 28.90
C PHE B 2889 62.72 4.95 28.66
N SER B 2890 62.55 3.72 28.17
CA SER B 2890 61.21 3.18 27.95
C SER B 2890 60.54 2.84 29.28
N ARG B 2891 61.27 2.18 30.19
CA ARG B 2891 60.70 1.84 31.48
C ARG B 2891 60.59 3.06 32.40
N THR B 2892 61.35 4.12 32.13
CA THR B 2892 61.26 5.32 32.96
C THR B 2892 59.92 6.00 32.81
N ALA B 2893 59.35 6.01 31.60
CA ALA B 2893 58.06 6.64 31.39
C ALA B 2893 56.93 5.85 32.02
N LEU B 2894 57.08 4.53 32.13
CA LEU B 2894 56.06 3.67 32.72
C LEU B 2894 56.43 3.40 34.18
N THR B 2895 56.14 4.39 35.03
CA THR B 2895 56.39 4.26 36.46
C THR B 2895 55.19 4.77 37.26
N GLU B 2896 53.98 4.52 36.75
CA GLU B 2896 52.71 4.94 37.36
C GLU B 2896 52.81 6.32 38.01
N LYS B 2897 53.39 7.27 37.27
CA LYS B 2897 53.55 8.64 37.75
C LYS B 2897 53.16 9.60 36.66
N SER B 2898 52.29 10.56 36.99
CA SER B 2898 51.82 11.53 36.01
C SER B 2898 52.82 12.66 35.82
N LYS B 2899 53.42 13.15 36.90
CA LYS B 2899 54.36 14.26 36.84
C LYS B 2899 55.77 13.70 36.70
N LEU B 2900 56.37 13.90 35.53
CA LEU B 2900 57.73 13.42 35.28
C LEU B 2900 58.75 14.42 35.82
N ASP B 2901 59.92 13.90 36.16
CA ASP B 2901 61.01 14.71 36.68
C ASP B 2901 61.70 15.44 35.53
N GLU B 2902 62.80 16.15 35.85
CA GLU B 2902 63.54 16.87 34.82
C GLU B 2902 64.25 15.90 33.87
N ASP B 2903 65.05 14.99 34.42
CA ASP B 2903 65.79 14.00 33.65
C ASP B 2903 66.65 14.66 32.58
N TYR B 2904 67.79 15.23 32.99
CA TYR B 2904 68.68 15.87 32.03
C TYR B 2904 69.37 14.88 31.12
N LEU B 2905 69.41 13.59 31.50
CA LEU B 2905 70.04 12.59 30.65
C LEU B 2905 69.21 12.31 29.41
N TYR B 2906 67.88 12.32 29.54
CA TYR B 2906 67.02 12.09 28.38
C TYR B 2906 67.03 13.28 27.43
N MET B 2907 67.06 14.50 27.97
CA MET B 2907 67.09 15.68 27.12
C MET B 2907 68.42 15.83 26.39
N ALA B 2908 69.50 15.29 26.97
CA ALA B 2908 70.81 15.37 26.32
C ALA B 2908 70.86 14.47 25.09
N TYR B 2909 70.45 13.21 25.23
CA TYR B 2909 70.46 12.28 24.12
C TYR B 2909 69.33 12.52 23.12
N ALA B 2910 68.32 13.29 23.49
CA ALA B 2910 67.24 13.58 22.57
C ALA B 2910 67.72 14.44 21.40
N ASP B 2911 68.54 15.45 21.69
CA ASP B 2911 69.09 16.28 20.62
C ASP B 2911 70.16 15.55 19.82
N ILE B 2912 70.86 14.60 20.45
CA ILE B 2912 71.90 13.85 19.74
C ILE B 2912 71.27 12.89 18.75
N MET B 2913 70.21 12.19 19.16
CA MET B 2913 69.53 11.24 18.28
C MET B 2913 68.67 11.94 17.23
N ALA B 2914 68.50 13.26 17.32
CA ALA B 2914 67.71 14.02 16.36
C ALA B 2914 68.58 14.64 15.27
N LYS B 2915 69.66 15.32 15.65
CA LYS B 2915 70.55 15.92 14.67
C LYS B 2915 71.30 14.88 13.86
N SER B 2916 71.58 13.71 14.46
CA SER B 2916 72.25 12.64 13.74
C SER B 2916 71.35 11.95 12.72
N CYS B 2917 70.04 12.18 12.78
CA CYS B 2917 69.10 11.58 11.83
C CYS B 2917 68.53 12.57 10.83
N HIS B 2918 68.44 13.85 11.19
CA HIS B 2918 67.92 14.89 10.30
C HIS B 2918 69.03 15.70 9.65
N LEU B 2919 70.19 15.09 9.43
CA LEU B 2919 71.31 15.79 8.81
C LEU B 2919 71.10 16.03 7.32
N GLU B 2920 70.14 15.35 6.70
CA GLU B 2920 69.90 15.55 5.27
C GLU B 2920 69.12 16.83 4.99
N GLU B 2921 68.23 17.23 5.90
CA GLU B 2921 67.43 18.44 5.71
C GLU B 2921 68.26 19.67 6.03
N SER B 2922 69.97 19.26 -9.68
CA SER B 2922 70.82 18.09 -9.50
C SER B 2922 69.99 16.87 -9.12
N PHE B 2923 69.57 16.10 -10.13
CA PHE B 2923 68.77 14.90 -9.88
C PHE B 2923 69.61 13.80 -9.26
N GLU B 2924 70.90 13.72 -9.60
CA GLU B 2924 71.75 12.68 -9.03
C GLU B 2924 72.08 12.97 -7.58
N GLU B 2925 72.30 14.23 -7.23
CA GLU B 2925 72.60 14.59 -5.85
C GLU B 2925 71.36 14.46 -4.96
N LYS B 2926 70.17 14.69 -5.52
CA LYS B 2926 68.96 14.58 -4.72
C LYS B 2926 68.59 13.12 -4.46
N GLU B 2927 69.00 12.21 -5.33
CA GLU B 2927 68.70 10.80 -5.14
C GLU B 2927 69.53 10.21 -4.01
N MET B 2928 70.84 10.50 -3.99
CA MET B 2928 71.69 10.00 -2.93
C MET B 2928 71.44 10.69 -1.59
N GLU B 2929 70.82 11.88 -1.61
CA GLU B 2929 70.52 12.57 -0.36
C GLU B 2929 69.36 11.89 0.36
N LYS B 2930 68.37 11.40 -0.38
CA LYS B 2930 67.25 10.69 0.25
C LYS B 2930 67.67 9.33 0.77
N GLN B 2931 68.72 8.74 0.19
CA GLN B 2931 69.19 7.44 0.67
C GLN B 2931 69.86 7.56 2.03
N ARG B 2932 70.60 8.65 2.25
CA ARG B 2932 71.22 8.86 3.56
C ARG B 2932 70.17 9.13 4.62
N LEU B 2933 69.10 9.84 4.26
CA LEU B 2933 68.04 10.11 5.23
C LEU B 2933 67.27 8.84 5.58
N LEU B 2934 67.01 7.98 4.59
CA LEU B 2934 66.28 6.74 4.86
C LEU B 2934 67.12 5.78 5.69
N TYR B 2935 68.44 5.79 5.50
CA TYR B 2935 69.30 4.90 6.28
C TYR B 2935 69.36 5.34 7.75
N GLN B 2936 69.42 6.64 8.00
CA GLN B 2936 69.44 7.13 9.38
C GLN B 2936 68.09 6.96 10.06
N GLN B 2937 67.00 7.07 9.31
CA GLN B 2937 65.67 6.87 9.89
C GLN B 2937 65.42 5.40 10.19
N ALA B 2938 65.86 4.51 9.30
CA ALA B 2938 65.70 3.08 9.52
C ALA B 2938 66.64 2.54 10.58
N ARG B 2939 67.65 3.30 10.98
CA ARG B 2939 68.57 2.84 12.03
C ARG B 2939 67.84 2.76 13.37
N LEU B 2940 67.12 3.81 13.74
CA LEU B 2940 66.38 3.82 15.01
C LEU B 2940 65.12 2.96 14.95
N HIS B 2941 64.67 2.57 13.75
CA HIS B 2941 63.49 1.74 13.64
C HIS B 2941 63.77 0.30 14.07
N ASN B 2942 65.00 -0.18 13.86
CA ASN B 2942 65.33 -1.55 14.23
C ASN B 2942 65.45 -1.70 15.75
N ARG B 2943 65.97 -0.68 16.42
CA ARG B 2943 66.14 -0.72 17.87
C ARG B 2943 64.86 -0.41 18.63
N GLY B 2944 63.78 -0.04 17.95
CA GLY B 2944 62.53 0.26 18.60
C GLY B 2944 62.38 1.68 19.09
N ALA B 2945 63.23 2.60 18.62
CA ALA B 2945 63.13 3.99 19.07
C ALA B 2945 61.89 4.69 18.53
N ALA B 2946 61.27 4.15 17.48
CA ALA B 2946 60.06 4.75 16.93
C ALA B 2946 58.87 4.62 17.88
N GLU B 2947 58.90 3.66 18.80
CA GLU B 2947 57.84 3.49 19.78
C GLU B 2947 58.12 4.22 21.09
N MET B 2948 59.35 4.69 21.30
CA MET B 2948 59.67 5.41 22.53
C MET B 2948 59.05 6.80 22.55
N VAL B 2949 58.93 7.45 21.38
CA VAL B 2949 58.35 8.78 21.32
C VAL B 2949 56.85 8.75 21.57
N LEU B 2950 56.22 7.58 21.46
CA LEU B 2950 54.78 7.48 21.72
C LEU B 2950 54.47 7.29 23.20
N GLN B 2951 55.41 6.79 23.99
CA GLN B 2951 55.19 6.60 25.42
C GLN B 2951 55.53 7.83 26.23
N MET B 2952 56.45 8.67 25.75
CA MET B 2952 56.82 9.88 26.49
C MET B 2952 55.70 10.91 26.45
N ILE B 2953 54.99 10.99 25.33
CA ILE B 2953 53.89 11.95 25.21
C ILE B 2953 52.70 11.51 26.06
N SER B 2954 52.42 10.21 26.08
CA SER B 2954 51.30 9.68 26.86
C SER B 2954 51.58 9.67 28.36
N ALA B 2955 52.78 10.07 28.79
CA ALA B 2955 53.13 10.07 30.21
C ALA B 2955 52.91 11.42 30.88
N CYS B 2956 53.08 12.52 30.16
CA CYS B 2956 52.88 13.83 30.76
C CYS B 2956 51.41 14.12 31.03
N LYS B 2957 50.51 13.61 30.19
CA LYS B 2957 49.07 13.75 30.36
C LYS B 2957 48.64 15.22 30.40
N GLY B 2958 49.33 16.07 29.66
CA GLY B 2958 48.98 17.48 29.57
C GLY B 2958 50.08 18.44 29.98
N GLU B 2959 51.25 17.98 30.38
CA GLU B 2959 52.33 18.89 30.77
C GLU B 2959 52.99 19.47 29.53
N THR B 2960 53.16 20.80 29.53
CA THR B 2960 53.79 21.51 28.42
C THR B 2960 55.21 21.95 28.75
N GLY B 2961 55.89 21.25 29.63
CA GLY B 2961 57.24 21.61 30.03
C GLY B 2961 58.25 21.29 28.95
N ALA B 2962 59.52 21.35 29.35
CA ALA B 2962 60.62 21.09 28.43
C ALA B 2962 60.77 19.62 28.08
N MET B 2963 60.06 18.72 28.77
CA MET B 2963 60.16 17.30 28.45
C MET B 2963 59.52 16.99 27.10
N VAL B 2964 58.38 17.60 26.80
CA VAL B 2964 57.71 17.33 25.54
C VAL B 2964 58.46 18.01 24.38
N SER B 2965 59.10 19.15 24.64
CA SER B 2965 59.85 19.84 23.59
C SER B 2965 61.07 19.04 23.14
N SER B 2966 61.56 18.11 23.96
CA SER B 2966 62.70 17.30 23.60
C SER B 2966 62.33 16.05 22.83
N THR B 2967 61.15 15.48 23.08
CA THR B 2967 60.72 14.29 22.37
C THR B 2967 60.01 14.60 21.07
N LEU B 2968 59.40 15.78 20.95
CA LEU B 2968 58.77 16.16 19.69
C LEU B 2968 59.82 16.47 18.62
N LYS B 2969 60.99 16.97 19.01
CA LYS B 2969 62.07 17.19 18.06
C LYS B 2969 62.58 15.87 17.50
N LEU B 2970 62.56 14.81 18.30
CA LEU B 2970 62.95 13.50 17.81
C LEU B 2970 61.88 12.87 16.93
N GLY B 2971 60.60 13.13 17.22
CA GLY B 2971 59.53 12.58 16.42
C GLY B 2971 59.46 13.16 15.02
N ILE B 2972 59.81 14.45 14.87
CA ILE B 2972 59.80 15.07 13.55
C ILE B 2972 61.07 14.78 12.76
N SER B 2973 62.12 14.28 13.40
CA SER B 2973 63.35 13.92 12.71
C SER B 2973 63.31 12.53 12.11
N ILE B 2974 62.29 11.73 12.42
CA ILE B 2974 62.15 10.39 11.87
C ILE B 2974 61.20 10.36 10.70
N LEU B 2975 60.09 11.10 10.79
CA LEU B 2975 59.08 11.15 9.74
C LEU B 2975 59.26 12.36 8.83
N ASN B 2976 60.46 12.94 8.79
CA ASN B 2976 60.69 14.12 7.97
C ASN B 2976 60.59 13.80 6.48
N GLY B 2977 60.88 12.56 6.10
CA GLY B 2977 60.78 12.15 4.71
C GLY B 2977 59.46 11.47 4.39
N GLY B 2978 58.74 11.07 5.43
CA GLY B 2978 57.46 10.40 5.25
C GLY B 2978 57.60 8.95 4.88
N ASN B 2979 58.33 8.19 5.70
CA ASN B 2979 58.53 6.78 5.43
C ASN B 2979 57.26 5.98 5.74
N ALA B 2980 57.11 4.85 5.04
CA ALA B 2980 55.94 4.01 5.21
C ALA B 2980 56.08 3.01 6.35
N ASP B 2981 57.31 2.65 6.73
CA ASP B 2981 57.49 1.67 7.80
C ASP B 2981 57.35 2.30 9.18
N VAL B 2982 57.76 3.56 9.34
CA VAL B 2982 57.64 4.20 10.64
C VAL B 2982 56.18 4.51 10.96
N GLN B 2983 55.38 4.82 9.93
CA GLN B 2983 53.96 5.08 10.17
C GLN B 2983 53.20 3.80 10.47
N GLN B 2984 53.65 2.66 9.93
CA GLN B 2984 52.98 1.39 10.20
C GLN B 2984 53.34 0.85 11.59
N LYS B 2985 54.56 1.15 12.07
CA LYS B 2985 54.95 0.69 13.40
C LYS B 2985 54.19 1.45 14.48
N MET B 2986 54.03 2.76 14.31
CA MET B 2986 53.26 3.54 15.29
C MET B 2986 51.79 3.19 15.26
N LEU B 2987 51.25 2.85 14.09
CA LEU B 2987 49.85 2.45 14.00
C LEU B 2987 49.61 1.11 14.67
N ASP B 2988 50.55 0.17 14.50
CA ASP B 2988 50.39 -1.15 15.11
C ASP B 2988 50.57 -1.09 16.62
N TYR B 2989 51.46 -0.21 17.09
CA TYR B 2989 51.68 -0.10 18.53
C TYR B 2989 50.49 0.52 19.26
N LEU B 2990 49.79 1.45 18.60
CA LEU B 2990 48.64 2.08 19.23
C LEU B 2990 47.44 1.13 19.26
N LYS B 2991 47.26 0.32 18.22
CA LYS B 2991 46.14 -0.61 18.16
C LYS B 2991 46.37 -1.83 19.04
N ASP B 2992 47.63 -2.24 19.23
CA ASP B 2992 47.92 -3.41 20.05
C ASP B 2992 47.71 -3.10 21.53
N LYS B 2993 48.24 -1.97 22.00
CA LYS B 2993 48.09 -1.60 23.40
C LYS B 2993 46.70 -1.04 23.69
N LYS B 2994 46.20 -0.17 22.80
CA LYS B 2994 44.89 0.45 22.96
C LYS B 2994 44.78 1.18 24.30
N GLU B 2995 45.86 1.84 24.70
CA GLU B 2995 45.90 2.56 25.96
C GLU B 2995 45.36 3.97 25.78
N VAL B 2996 44.35 4.33 26.57
CA VAL B 2996 43.76 5.66 26.50
C VAL B 2996 44.67 6.66 27.19
N GLY B 2997 44.96 7.76 26.51
CA GLY B 2997 45.82 8.79 27.07
C GLY B 2997 46.74 9.43 26.05
N PHE B 2998 46.92 8.76 24.91
CA PHE B 2998 47.78 9.30 23.86
C PHE B 2998 47.12 10.48 23.16
N PHE B 2999 45.93 10.25 22.59
CA PHE B 2999 45.21 11.34 21.92
C PHE B 2999 44.71 12.38 22.91
N GLN B 3000 44.42 11.97 24.16
CA GLN B 3000 43.99 12.92 25.16
C GLN B 3000 45.10 13.89 25.54
N SER B 3001 46.36 13.44 25.48
CA SER B 3001 47.48 14.32 25.78
C SER B 3001 47.71 15.33 24.65
N ILE B 3002 47.44 14.93 23.41
CA ILE B 3002 47.60 15.83 22.28
C ILE B 3002 46.58 16.96 22.35
N GLN B 3003 45.35 16.64 22.74
CA GLN B 3003 44.33 17.67 22.88
C GLN B 3003 44.67 18.67 23.98
N ALA B 3004 45.30 18.20 25.07
CA ALA B 3004 45.69 19.10 26.14
C ALA B 3004 46.83 20.01 25.71
N LEU B 3005 47.76 19.49 24.90
CA LEU B 3005 48.86 20.32 24.42
C LEU B 3005 48.42 21.33 23.37
N MET B 3006 47.25 21.12 22.76
CA MET B 3006 46.77 22.06 21.76
C MET B 3006 46.09 23.28 22.39
N GLN B 3007 45.41 23.09 23.53
CA GLN B 3007 44.73 24.20 24.18
C GLN B 3007 45.66 25.06 25.01
N THR B 3008 46.77 24.49 25.49
CA THR B 3008 47.72 25.22 26.31
C THR B 3008 48.62 26.14 25.50
N CYS B 3009 48.49 26.14 24.18
CA CYS B 3009 49.31 27.02 23.35
C CYS B 3009 48.94 28.48 23.58
N SER B 3010 49.96 29.32 23.78
CA SER B 3010 49.74 30.74 24.04
C SER B 3010 49.45 31.44 22.73
N VAL B 3011 48.24 31.96 22.59
CA VAL B 3011 47.81 32.67 21.39
C VAL B 3011 48.10 34.15 21.56
N LEU B 3012 48.29 34.84 20.44
CA LEU B 3012 48.55 36.27 20.47
C LEU B 3012 47.40 37.02 21.14
N ASP B 3013 47.74 37.89 22.08
CA ASP B 3013 46.75 38.68 22.81
C ASP B 3013 47.24 40.11 22.91
N LEU B 3014 46.30 41.06 22.81
CA LEU B 3014 46.67 42.47 22.90
C LEU B 3014 47.05 42.86 24.33
N ASN B 3015 46.51 42.17 25.32
CA ASN B 3015 46.86 42.47 26.71
C ASN B 3015 48.31 42.12 26.99
N ALA B 3016 48.78 40.98 26.49
CA ALA B 3016 50.18 40.60 26.69
C ALA B 3016 51.11 41.51 25.88
N PHE B 3017 50.65 42.02 24.74
CA PHE B 3017 51.47 42.91 23.94
C PHE B 3017 51.65 44.27 24.60
N GLU B 3018 50.68 44.68 25.44
CA GLU B 3018 50.77 45.95 26.14
C GLU B 3018 51.82 45.95 27.24
N ARG B 3019 52.36 44.78 27.60
CA ARG B 3019 53.37 44.70 28.65
C ARG B 3019 54.80 44.64 28.12
N GLN B 3020 55.01 44.05 26.94
CA GLN B 3020 56.36 43.95 26.40
C GLN B 3020 56.83 45.30 25.85
N ASN B 3021 55.94 46.02 25.16
CA ASN B 3021 56.32 47.32 24.63
C ASN B 3021 56.48 48.35 25.75
N LYS B 3022 55.72 48.20 26.84
CA LYS B 3022 55.87 49.11 27.97
C LYS B 3022 57.20 48.87 28.68
N ALA B 3023 57.62 47.61 28.78
CA ALA B 3023 58.91 47.32 29.39
C ALA B 3023 60.06 47.74 28.48
N GLU B 3024 59.87 47.61 27.17
CA GLU B 3024 60.91 48.04 26.22
C GLU B 3024 61.05 49.56 26.21
N GLY B 3025 60.00 50.28 26.57
CA GLY B 3025 60.07 51.73 26.62
C GLY B 3025 60.90 52.26 27.77
N LEU B 3026 61.21 51.42 28.75
CA LEU B 3026 62.04 51.86 29.87
C LEU B 3026 63.49 52.08 29.47
N GLY B 3027 63.93 51.49 28.36
CA GLY B 3027 65.29 51.66 27.87
C GLY B 3027 65.92 50.32 27.55
N MET B 3028 67.17 50.38 27.12
CA MET B 3028 67.95 49.20 26.78
C MET B 3028 68.92 48.80 27.87
N VAL B 3029 69.41 49.74 28.65
CA VAL B 3029 70.36 49.46 29.72
C VAL B 3029 69.67 49.69 31.07
N ASN B 3030 70.37 49.36 32.14
CA ASN B 3030 69.87 49.49 33.50
C ASN B 3030 70.60 50.64 34.20
N GLU B 3031 70.31 50.81 35.49
CA GLU B 3031 70.95 51.86 36.27
C GLU B 3031 72.44 51.62 36.41
N ASP B 3032 72.83 50.37 36.67
CA ASP B 3032 74.24 50.02 36.80
C ASP B 3032 74.82 49.70 35.41
N GLY B 3033 76.05 49.21 35.38
CA GLY B 3033 76.70 48.88 34.13
C GLY B 3033 76.41 47.47 33.66
N THR B 3034 75.14 47.09 33.62
CA THR B 3034 74.72 45.77 33.19
C THR B 3034 73.66 45.90 32.10
N VAL B 3035 73.60 44.89 31.24
CA VAL B 3035 72.63 44.84 30.15
C VAL B 3035 71.61 43.76 30.45
N ILE B 3036 70.41 43.96 29.93
CA ILE B 3036 69.31 43.00 30.15
C ILE B 3036 69.15 42.12 28.91
N GLY B 3037 63.22 36.82 25.67
CA GLY B 3037 62.07 36.51 26.50
C GLY B 3037 60.79 37.16 26.00
N GLU B 3038 60.34 36.73 24.83
CA GLU B 3038 59.11 37.28 24.26
C GLU B 3038 57.89 36.75 25.01
N LYS B 3039 57.05 37.67 25.46
CA LYS B 3039 55.84 37.31 26.20
C LYS B 3039 54.60 37.23 25.29
N VAL B 3040 54.71 37.67 24.04
CA VAL B 3040 53.57 37.64 23.14
C VAL B 3040 53.24 36.21 22.73
N MET B 3041 54.25 35.33 22.70
CA MET B 3041 54.03 33.93 22.33
C MET B 3041 54.67 32.99 23.34
N ALA B 3042 56.01 33.02 23.44
CA ALA B 3042 56.77 32.17 24.35
C ALA B 3042 56.51 30.68 24.07
N ASP B 3043 56.07 30.36 22.86
CA ASP B 3043 55.78 28.96 22.53
C ASP B 3043 55.75 28.70 21.03
N ASP B 3044 56.39 29.53 20.20
CA ASP B 3044 56.34 29.31 18.76
C ASP B 3044 57.13 28.07 18.36
N GLU B 3045 58.20 27.76 19.08
CA GLU B 3045 58.99 26.57 18.76
C GLU B 3045 58.25 25.30 19.13
N PHE B 3046 57.36 25.36 20.12
CA PHE B 3046 56.61 24.17 20.52
C PHE B 3046 55.38 23.95 19.66
N THR B 3047 54.66 25.02 19.34
CA THR B 3047 53.44 24.88 18.53
C THR B 3047 53.77 24.50 17.09
N GLN B 3048 54.84 25.06 16.53
CA GLN B 3048 55.22 24.75 15.16
C GLN B 3048 55.63 23.28 15.03
N ASP B 3049 56.36 22.75 16.01
CA ASP B 3049 56.76 21.36 15.96
C ASP B 3049 55.63 20.41 16.32
N LEU B 3050 54.64 20.90 17.09
CA LEU B 3050 53.52 20.03 17.47
C LEU B 3050 52.62 19.76 16.26
N PHE B 3051 52.28 20.81 15.51
CA PHE B 3051 51.46 20.60 14.31
C PHE B 3051 52.23 19.88 13.22
N ARG B 3052 53.55 20.07 13.17
CA ARG B 3052 54.35 19.36 12.17
C ARG B 3052 54.40 17.86 12.47
N PHE B 3053 54.34 17.48 13.75
CA PHE B 3053 54.34 16.07 14.10
C PHE B 3053 53.07 15.39 13.62
N LEU B 3054 51.92 16.02 13.81
CA LEU B 3054 50.66 15.44 13.34
C LEU B 3054 50.54 15.50 11.83
N GLN B 3055 51.11 16.54 11.20
CA GLN B 3055 51.08 16.63 9.75
C GLN B 3055 51.96 15.57 9.11
N LEU B 3056 53.14 15.31 9.68
CA LEU B 3056 54.04 14.32 9.14
C LEU B 3056 53.58 12.89 9.36
N LEU B 3057 52.58 12.68 10.24
CA LEU B 3057 52.05 11.34 10.44
C LEU B 3057 51.28 10.85 9.23
N CYS B 3058 50.65 11.76 8.49
CA CYS B 3058 49.89 11.42 7.30
C CYS B 3058 50.49 12.05 6.05
N GLU B 3059 51.80 12.34 6.09
CA GLU B 3059 52.47 12.95 4.94
C GLU B 3059 52.60 11.98 3.77
N GLY B 3060 52.60 10.68 4.03
CA GLY B 3060 52.71 9.68 3.00
C GLY B 3060 51.44 9.39 2.23
N HIS B 3061 50.41 10.22 2.39
CA HIS B 3061 49.13 10.05 1.70
C HIS B 3061 48.50 8.68 1.99
N ASN B 3062 48.73 8.15 3.18
CA ASN B 3062 48.16 6.88 3.58
C ASN B 3062 46.81 7.10 4.24
N ASN B 3063 45.81 6.32 3.81
CA ASN B 3063 44.45 6.46 4.32
C ASN B 3063 44.19 5.61 5.56
N ASP B 3064 45.06 4.65 5.87
CA ASP B 3064 44.84 3.82 7.05
C ASP B 3064 45.08 4.60 8.34
N PHE B 3065 46.04 5.52 8.34
CA PHE B 3065 46.32 6.30 9.53
C PHE B 3065 45.32 7.43 9.72
N GLN B 3066 44.69 7.90 8.64
CA GLN B 3066 43.72 8.98 8.76
C GLN B 3066 42.43 8.50 9.43
N ASN B 3067 42.08 7.22 9.25
CA ASN B 3067 40.89 6.69 9.89
C ASN B 3067 41.06 6.49 11.39
N TYR B 3068 42.29 6.46 11.88
CA TYR B 3068 42.54 6.28 13.31
C TYR B 3068 42.48 7.60 14.08
N LEU B 3069 42.49 8.74 13.40
CA LEU B 3069 42.41 10.03 14.07
C LEU B 3069 40.98 10.47 14.34
N ARG B 3070 40.04 10.09 13.48
CA ARG B 3070 38.63 10.45 13.67
C ARG B 3070 38.04 9.63 14.81
N THR B 3071 37.90 8.32 14.60
CA THR B 3071 37.36 7.41 15.60
C THR B 3071 38.36 6.30 15.87
N GLN B 3072 38.13 5.59 16.98
CA GLN B 3072 38.99 4.49 17.40
C GLN B 3072 38.15 3.22 17.52
N THR B 3073 38.64 2.14 16.92
CA THR B 3073 37.95 0.85 16.97
C THR B 3073 38.31 0.04 18.19
N GLY B 3074 39.45 0.31 18.82
CA GLY B 3074 39.86 -0.43 20.00
C GLY B 3074 39.65 0.34 21.28
N ASN B 3075 39.92 1.65 21.25
CA ASN B 3075 39.75 2.49 22.42
C ASN B 3075 38.27 2.70 22.72
N THR B 3076 38.00 3.25 23.90
CA THR B 3076 36.65 3.49 24.36
C THR B 3076 36.26 4.97 24.35
N THR B 3077 37.19 5.87 24.07
CA THR B 3077 36.92 7.31 24.06
C THR B 3077 37.27 7.88 22.70
N THR B 3078 36.37 8.68 22.14
CA THR B 3078 36.58 9.34 20.85
C THR B 3078 37.04 10.77 21.10
N ILE B 3079 38.16 11.15 20.49
CA ILE B 3079 38.75 12.47 20.64
C ILE B 3079 38.57 13.31 19.38
N ASN B 3080 38.86 12.73 18.22
CA ASN B 3080 38.79 13.44 16.93
C ASN B 3080 39.68 14.67 16.95
N ILE B 3081 40.97 14.48 16.68
CA ILE B 3081 41.92 15.60 16.71
C ILE B 3081 41.63 16.58 15.57
N ILE B 3082 41.00 16.10 14.50
CA ILE B 3082 40.69 16.98 13.37
C ILE B 3082 39.73 18.08 13.82
N ILE B 3083 38.74 17.73 14.64
CA ILE B 3083 37.85 18.75 15.19
C ILE B 3083 38.60 19.67 16.14
N CYS B 3084 39.49 19.10 16.97
CA CYS B 3084 40.30 19.92 17.85
C CYS B 3084 41.33 20.75 17.09
N THR B 3085 41.69 20.34 15.88
CA THR B 3085 42.65 21.12 15.09
C THR B 3085 42.01 22.39 14.55
N VAL B 3086 40.78 22.30 14.03
CA VAL B 3086 40.10 23.48 13.51
C VAL B 3086 39.62 24.39 14.64
N ASP B 3087 39.39 23.85 15.84
CA ASP B 3087 39.04 24.70 16.97
C ASP B 3087 40.22 25.58 17.38
N TYR B 3088 41.45 25.12 17.14
CA TYR B 3088 42.61 25.95 17.43
C TYR B 3088 42.72 27.11 16.46
N LEU B 3089 42.32 26.90 15.20
CA LEU B 3089 42.36 27.97 14.22
C LEU B 3089 41.32 29.06 14.52
N LEU B 3090 40.23 28.69 15.19
CA LEU B 3090 39.20 29.68 15.52
C LEU B 3090 39.74 30.73 16.48
N ARG B 3091 40.54 30.31 17.47
CA ARG B 3091 41.12 31.24 18.42
C ARG B 3091 42.32 31.99 17.86
N LEU B 3092 42.85 31.57 16.71
CA LEU B 3092 43.94 32.28 16.06
C LEU B 3092 43.45 33.38 15.13
N GLN B 3093 42.29 33.18 14.48
CA GLN B 3093 41.73 34.22 13.63
C GLN B 3093 41.31 35.43 14.45
N GLU B 3094 40.81 35.22 15.67
CA GLU B 3094 40.42 36.34 16.51
C GLU B 3094 41.61 37.21 16.89
N SER B 3095 42.80 36.62 17.04
CA SER B 3095 43.97 37.39 17.39
C SER B 3095 44.43 38.27 16.24
N ILE B 3096 44.51 37.70 15.03
CA ILE B 3096 44.92 38.48 13.87
C ILE B 3096 43.89 39.53 13.52
N SER B 3097 42.60 39.22 13.73
CA SER B 3097 41.55 40.20 13.45
C SER B 3097 41.61 41.37 14.43
N ASP B 3098 41.76 41.08 15.72
CA ASP B 3098 41.85 42.14 16.72
C ASP B 3098 43.17 42.89 16.64
N PHE B 3099 44.21 42.29 16.08
CA PHE B 3099 45.49 42.97 15.94
C PHE B 3099 45.47 43.99 14.81
N TYR B 3100 44.63 43.77 13.78
CA TYR B 3100 44.55 44.71 12.68
C TYR B 3100 43.88 46.01 13.10
N TRP B 3101 42.82 45.91 13.92
CA TRP B 3101 42.12 47.11 14.36
C TRP B 3101 42.97 47.94 15.32
N TYR B 3102 43.91 47.30 16.03
CA TYR B 3102 44.79 48.04 16.93
C TYR B 3102 45.80 48.87 16.15
N TYR B 3103 46.21 48.41 14.97
CA TYR B 3103 47.13 49.14 14.12
C TYR B 3103 46.45 49.75 12.90
N SER B 3104 45.11 49.76 12.86
CA SER B 3104 44.40 50.35 11.74
C SER B 3104 44.56 51.87 11.73
N GLY B 3105 44.48 52.49 12.90
CA GLY B 3105 44.66 53.94 12.96
C GLY B 3105 46.08 54.38 12.69
N LYS B 3106 47.06 53.54 13.04
CA LYS B 3106 48.45 53.88 12.79
C LYS B 3106 48.76 53.81 11.30
N ASP B 3107 49.55 54.78 10.83
CA ASP B 3107 49.90 54.84 9.41
C ASP B 3107 50.94 53.78 9.05
N VAL B 3108 51.95 53.60 9.90
CA VAL B 3108 53.04 52.66 9.65
C VAL B 3108 53.10 51.70 10.82
N ILE B 3109 53.35 50.42 10.51
CA ILE B 3109 53.46 49.41 11.56
C ILE B 3109 54.76 49.61 12.33
N GLU B 3110 54.67 49.53 13.65
CA GLU B 3110 55.84 49.72 14.50
C GLU B 3110 56.85 48.58 14.29
N GLU B 3111 58.10 48.85 14.68
CA GLU B 3111 59.15 47.85 14.53
C GLU B 3111 58.94 46.68 15.50
N GLN B 3112 58.49 46.97 16.71
CA GLN B 3112 58.22 45.89 17.67
C GLN B 3112 57.02 45.06 17.25
N GLY B 3113 55.96 45.73 16.76
CA GLY B 3113 54.79 45.01 16.29
C GLY B 3113 55.02 44.21 15.02
N LYS B 3114 56.06 44.54 14.26
CA LYS B 3114 56.36 43.79 13.04
C LYS B 3114 56.88 42.40 13.36
N ARG B 3115 57.72 42.28 14.39
CA ARG B 3115 58.22 40.96 14.79
C ARG B 3115 57.13 40.13 15.44
N ASN B 3116 56.22 40.77 16.18
CA ASN B 3116 55.12 40.04 16.81
C ASN B 3116 54.13 39.53 15.77
N PHE B 3117 53.80 40.36 14.77
CA PHE B 3117 52.86 39.94 13.74
C PHE B 3117 53.48 38.89 12.81
N SER B 3118 54.80 38.92 12.64
CA SER B 3118 55.45 37.94 11.76
C SER B 3118 55.40 36.55 12.37
N LYS B 3119 55.53 36.44 13.69
CA LYS B 3119 55.47 35.13 14.33
C LYS B 3119 54.06 34.55 14.30
N ALA B 3120 53.04 35.42 14.26
CA ALA B 3120 51.66 34.93 14.21
C ALA B 3120 51.34 34.33 12.85
N MET B 3121 51.97 34.81 11.78
CA MET B 3121 51.73 34.27 10.45
C MET B 3121 52.48 32.97 10.21
N SER B 3122 53.62 32.78 10.86
CA SER B 3122 54.38 31.54 10.71
C SER B 3122 53.63 30.37 11.34
N VAL B 3123 53.00 30.59 12.49
CA VAL B 3123 52.19 29.53 13.10
C VAL B 3123 50.94 29.28 12.28
N ALA B 3124 50.35 30.33 11.73
CA ALA B 3124 49.18 30.17 10.87
C ALA B 3124 49.51 29.47 9.57
N LYS B 3125 50.77 29.49 9.14
CA LYS B 3125 51.16 28.78 7.93
C LYS B 3125 51.23 27.28 8.16
N GLN B 3126 51.58 26.86 9.38
CA GLN B 3126 51.73 25.43 9.66
C GLN B 3126 50.37 24.77 9.91
N VAL B 3127 49.43 25.49 10.52
CA VAL B 3127 48.13 24.89 10.81
C VAL B 3127 47.35 24.65 9.52
N PHE B 3128 47.57 25.48 8.49
CA PHE B 3128 46.91 25.25 7.21
C PHE B 3128 47.59 24.12 6.44
N ASN B 3129 48.92 24.02 6.54
CA ASN B 3129 49.63 22.92 5.92
C ASN B 3129 49.34 21.59 6.60
N SER B 3130 48.86 21.61 7.85
CA SER B 3130 48.47 20.38 8.53
C SER B 3130 47.04 19.97 8.20
N LEU B 3131 46.19 20.91 7.78
CA LEU B 3131 44.83 20.57 7.42
C LEU B 3131 44.73 19.98 6.02
N THR B 3132 45.58 20.43 5.09
CA THR B 3132 45.57 19.88 3.74
C THR B 3132 46.09 18.44 3.70
N GLU B 3133 46.89 18.04 4.69
CA GLU B 3133 47.36 16.65 4.74
C GLU B 3133 46.24 15.71 5.15
N TYR B 3134 45.27 16.19 5.92
CA TYR B 3134 44.13 15.37 6.30
C TYR B 3134 43.10 15.22 5.19
N ILE B 3135 43.07 16.17 4.25
CA ILE B 3135 42.13 16.11 3.13
C ILE B 3135 42.92 15.89 1.84
N GLN B 3136 43.74 14.84 1.82
CA GLN B 3136 44.49 14.52 0.61
C GLN B 3136 43.69 13.57 -0.28
N GLY B 3137 43.61 12.30 0.12
CA GLY B 3137 42.82 11.33 -0.60
C GLY B 3137 41.34 11.51 -0.31
N PRO B 3138 40.50 11.29 -1.33
CA PRO B 3138 39.06 11.46 -1.15
C PRO B 3138 38.47 10.44 -0.18
N CYS B 3139 38.67 10.67 1.12
CA CYS B 3139 38.15 9.80 2.15
C CYS B 3139 36.79 10.32 2.61
N THR B 3140 35.79 9.44 2.59
CA THR B 3140 34.43 9.84 2.97
C THR B 3140 34.33 10.26 4.44
N GLY B 3141 35.19 9.73 5.30
CA GLY B 3141 35.13 10.10 6.71
C GLY B 3141 35.64 11.50 6.98
N ASN B 3142 36.62 11.96 6.20
CA ASN B 3142 37.17 13.30 6.42
C ASN B 3142 36.29 14.40 5.83
N GLN B 3143 35.52 14.08 4.78
CA GLN B 3143 34.66 15.09 4.18
C GLN B 3143 33.51 15.47 5.11
N GLN B 3144 32.93 14.49 5.80
CA GLN B 3144 31.82 14.76 6.71
C GLN B 3144 32.26 15.47 7.98
N SER B 3145 33.55 15.41 8.32
CA SER B 3145 34.04 16.06 9.52
C SER B 3145 34.21 17.56 9.32
N LEU B 3146 34.84 17.96 8.21
CA LEU B 3146 35.06 19.37 7.93
C LEU B 3146 33.79 20.08 7.48
N ALA B 3147 32.77 19.33 7.05
CA ALA B 3147 31.54 19.96 6.60
C ALA B 3147 30.73 20.50 7.77
N HIS B 3148 30.61 19.73 8.86
CA HIS B 3148 29.86 20.13 10.03
C HIS B 3148 30.73 20.82 11.08
N SER B 3149 31.93 21.24 10.72
CA SER B 3149 32.83 21.93 11.62
C SER B 3149 32.67 23.44 11.47
N ARG B 3150 33.55 24.18 12.13
CA ARG B 3150 33.55 25.64 12.08
C ARG B 3150 34.71 26.18 11.25
N LEU B 3151 35.05 25.46 10.18
CA LEU B 3151 36.14 25.91 9.31
C LEU B 3151 35.67 26.98 8.33
N TRP B 3152 34.42 26.88 7.86
CA TRP B 3152 33.90 27.88 6.94
C TRP B 3152 33.77 29.24 7.60
N ASP B 3153 33.48 29.28 8.90
CA ASP B 3153 33.37 30.53 9.63
C ASP B 3153 34.72 31.08 10.07
N ALA B 3154 35.80 30.32 9.90
CA ALA B 3154 37.14 30.78 10.25
C ALA B 3154 37.92 31.32 9.08
N VAL B 3155 37.64 30.84 7.86
CA VAL B 3155 38.36 31.34 6.69
C VAL B 3155 37.83 32.71 6.27
N VAL B 3156 36.57 33.01 6.58
CA VAL B 3156 36.02 34.32 6.24
C VAL B 3156 36.69 35.43 7.04
N GLY B 3157 37.18 35.11 8.23
CA GLY B 3157 37.87 36.11 9.04
C GLY B 3157 39.24 36.47 8.48
N PHE B 3158 39.94 35.49 7.88
CA PHE B 3158 41.24 35.78 7.31
C PHE B 3158 41.13 36.60 6.02
N LEU B 3159 40.05 36.38 5.25
CA LEU B 3159 39.88 37.15 4.03
C LEU B 3159 39.63 38.63 4.32
N HIS B 3160 39.10 38.95 5.50
CA HIS B 3160 38.86 40.34 5.85
C HIS B 3160 40.15 41.06 6.21
N VAL B 3161 41.04 40.38 6.94
CA VAL B 3161 42.30 41.02 7.34
C VAL B 3161 43.32 40.98 6.21
N PHE B 3162 43.28 39.95 5.36
CA PHE B 3162 44.24 39.87 4.27
C PHE B 3162 43.97 40.93 3.21
N ALA B 3163 42.70 41.26 2.99
CA ALA B 3163 42.35 42.25 1.97
C ALA B 3163 42.74 43.67 2.38
N HIS B 3164 43.04 43.90 3.65
CA HIS B 3164 43.42 45.21 4.13
C HIS B 3164 44.90 45.34 4.44
N MET B 3165 45.58 44.25 4.78
CA MET B 3165 47.01 44.32 5.07
C MET B 3165 47.84 44.47 3.80
N MET B 3166 47.40 43.86 2.70
CA MET B 3166 48.15 43.98 1.45
C MET B 3166 48.06 45.38 0.86
N MET B 3167 46.97 46.10 1.15
CA MET B 3167 46.84 47.46 0.65
C MET B 3167 47.72 48.44 1.42
N LYS B 3168 47.97 48.17 2.71
CA LYS B 3168 48.84 49.03 3.49
C LYS B 3168 50.32 48.67 3.30
N LEU B 3169 50.62 47.39 3.08
CA LEU B 3169 52.00 46.98 2.87
C LEU B 3169 52.50 47.37 1.49
N ALA B 3170 51.59 47.54 0.52
CA ALA B 3170 52.02 47.95 -0.83
C ALA B 3170 52.43 49.41 -0.86
N GLN B 3171 51.74 50.26 -0.10
CA GLN B 3171 52.08 51.68 -0.07
C GLN B 3171 53.37 51.91 0.73
N ASP B 3172 53.56 51.18 1.81
CA ASP B 3172 54.76 51.32 2.63
C ASP B 3172 55.91 50.59 1.98
N SER B 3173 56.94 51.34 1.57
CA SER B 3173 58.10 50.73 0.92
C SER B 3173 59.00 49.99 1.90
N SER B 3174 58.85 50.24 3.20
CA SER B 3174 59.66 49.57 4.21
C SER B 3174 59.06 48.25 4.67
N GLN B 3175 57.77 48.04 4.48
CA GLN B 3175 57.10 46.81 4.90
C GLN B 3175 57.26 45.77 3.78
N ILE B 3176 58.45 45.20 3.70
CA ILE B 3176 58.77 44.18 2.72
C ILE B 3176 58.84 42.79 3.35
N GLU B 3177 59.37 42.70 4.56
CA GLU B 3177 59.46 41.40 5.24
C GLU B 3177 58.08 40.83 5.52
N LEU B 3178 57.12 41.70 5.89
CA LEU B 3178 55.77 41.23 6.15
C LEU B 3178 55.00 40.95 4.86
N LEU B 3179 55.32 41.66 3.79
CA LEU B 3179 54.61 41.45 2.53
C LEU B 3179 54.92 40.09 1.93
N LYS B 3180 56.16 39.62 2.07
CA LYS B 3180 56.53 38.32 1.52
C LYS B 3180 55.91 37.18 2.32
N GLU B 3181 55.67 37.39 3.62
CA GLU B 3181 55.11 36.34 4.46
C GLU B 3181 53.59 36.28 4.35
N LEU B 3182 52.93 37.43 4.19
CA LEU B 3182 51.47 37.43 4.06
C LEU B 3182 51.03 36.74 2.78
N LEU B 3183 51.77 36.95 1.68
CA LEU B 3183 51.43 36.29 0.43
C LEU B 3183 51.74 34.80 0.47
N ASP B 3184 52.62 34.35 1.37
CA ASP B 3184 52.94 32.93 1.45
C ASP B 3184 51.79 32.14 2.05
N LEU B 3185 51.15 32.67 3.09
CA LEU B 3185 50.00 31.99 3.69
C LEU B 3185 48.80 32.02 2.77
N GLN B 3186 48.62 33.10 2.01
CA GLN B 3186 47.51 33.18 1.07
C GLN B 3186 47.62 32.09 0.01
N LYS B 3187 48.85 31.76 -0.41
CA LYS B 3187 49.04 30.67 -1.36
C LYS B 3187 48.77 29.32 -0.71
N ASP B 3188 49.12 29.18 0.56
CA ASP B 3188 48.90 27.93 1.28
C ASP B 3188 47.47 27.80 1.80
N MET B 3189 46.68 28.86 1.77
CA MET B 3189 45.29 28.80 2.23
C MET B 3189 44.34 28.36 1.13
N VAL B 3190 44.58 28.80 -0.12
CA VAL B 3190 43.68 28.43 -1.21
C VAL B 3190 43.89 26.97 -1.60
N VAL B 3191 45.08 26.43 -1.41
CA VAL B 3191 45.33 25.03 -1.74
C VAL B 3191 44.70 24.08 -0.72
N MET B 3192 44.36 24.59 0.47
CA MET B 3192 43.68 23.74 1.46
C MET B 3192 42.24 23.45 1.03
N LEU B 3193 41.58 24.45 0.41
CA LEU B 3193 40.22 24.23 -0.08
C LEU B 3193 40.21 23.49 -1.41
N LEU B 3194 41.28 23.63 -2.20
CA LEU B 3194 41.36 22.89 -3.46
C LEU B 3194 41.48 21.39 -3.23
N SER B 3195 42.19 20.99 -2.17
CA SER B 3195 42.28 19.57 -1.86
C SER B 3195 40.94 19.00 -1.41
N LEU B 3196 40.07 19.84 -0.86
CA LEU B 3196 38.74 19.39 -0.49
C LEU B 3196 37.83 19.26 -1.71
N LEU B 3197 37.89 20.22 -2.63
CA LEU B 3197 37.07 20.19 -3.83
C LEU B 3197 37.53 19.14 -4.83
N GLU B 3198 38.73 18.58 -4.67
CA GLU B 3198 39.20 17.56 -5.59
C GLU B 3198 38.35 16.30 -5.49
N GLY B 3199 37.97 15.91 -4.28
CA GLY B 3199 37.13 14.74 -4.06
C GLY B 3199 35.64 15.01 -4.08
N ASN B 3200 35.23 16.27 -4.12
CA ASN B 3200 33.81 16.59 -4.14
C ASN B 3200 33.21 16.31 -5.52
N VAL B 3201 31.98 15.80 -5.53
CA VAL B 3201 31.28 15.48 -6.77
C VAL B 3201 30.51 16.70 -7.23
N VAL B 3202 29.78 16.57 -8.34
CA VAL B 3202 29.00 17.68 -8.87
C VAL B 3202 27.75 17.87 -8.03
N ASN B 3203 27.37 19.13 -7.84
CA ASN B 3203 26.19 19.53 -7.06
C ASN B 3203 26.06 18.73 -5.76
N GLY B 3204 27.15 18.73 -4.99
CA GLY B 3204 27.20 18.04 -3.73
C GLY B 3204 27.04 18.98 -2.55
N MET B 3205 26.71 18.39 -1.39
CA MET B 3205 26.52 19.18 -0.18
C MET B 3205 27.82 19.75 0.36
N ILE B 3206 28.95 19.12 0.05
CA ILE B 3206 30.24 19.63 0.53
C ILE B 3206 30.61 20.91 -0.20
N ALA B 3207 30.27 21.00 -1.49
CA ALA B 3207 30.54 22.19 -2.28
C ALA B 3207 29.45 23.25 -2.14
N ARG B 3208 28.29 22.90 -1.58
CA ARG B 3208 27.23 23.88 -1.41
C ARG B 3208 27.59 24.90 -0.32
N GLN B 3209 28.26 24.45 0.74
CA GLN B 3209 28.70 25.37 1.78
C GLN B 3209 29.77 26.33 1.28
N MET B 3210 30.51 25.94 0.24
CA MET B 3210 31.50 26.83 -0.34
C MET B 3210 30.86 28.04 -1.01
N VAL B 3211 29.66 27.85 -1.60
CA VAL B 3211 28.96 28.98 -2.21
C VAL B 3211 28.54 29.99 -1.15
N ASP B 3212 28.10 29.50 0.02
CA ASP B 3212 27.73 30.39 1.10
C ASP B 3212 28.95 31.11 1.68
N MET B 3213 30.12 30.48 1.62
CA MET B 3213 31.33 31.12 2.11
C MET B 3213 31.76 32.27 1.21
N LEU B 3214 31.68 32.07 -0.11
CA LEU B 3214 32.06 33.13 -1.04
C LEU B 3214 31.02 34.24 -1.10
N VAL B 3215 29.74 33.91 -0.89
CA VAL B 3215 28.71 34.93 -0.92
C VAL B 3215 28.74 35.78 0.34
N GLU B 3216 29.12 35.20 1.47
CA GLU B 3216 29.19 35.96 2.72
C GLU B 3216 30.35 36.96 2.68
N SER B 3217 31.48 36.57 2.11
CA SER B 3217 32.63 37.46 2.01
C SER B 3217 32.83 37.93 0.57
N SER B 3218 31.76 38.40 -0.06
CA SER B 3218 31.86 38.89 -1.42
C SER B 3218 32.69 40.16 -1.51
N SER B 3219 32.56 41.04 -0.50
CA SER B 3219 33.35 42.26 -0.49
C SER B 3219 34.80 42.00 -0.10
N ASN B 3220 35.06 40.99 0.74
CA ASN B 3220 36.42 40.67 1.13
C ASN B 3220 37.22 40.11 -0.04
N VAL B 3221 36.60 39.21 -0.82
CA VAL B 3221 37.30 38.63 -1.96
C VAL B 3221 37.39 39.61 -3.12
N GLU B 3222 36.53 40.65 -3.13
CA GLU B 3222 36.59 41.64 -4.21
C GLU B 3222 37.80 42.55 -4.08
N MET B 3223 38.33 42.71 -2.86
CA MET B 3223 39.48 43.60 -2.66
C MET B 3223 40.79 42.90 -2.97
N ILE B 3224 40.88 41.58 -2.73
CA ILE B 3224 42.13 40.88 -3.01
C ILE B 3224 42.27 40.61 -4.49
N LEU B 3225 41.16 40.43 -5.21
CA LEU B 3225 41.25 40.21 -6.66
C LEU B 3225 41.62 41.49 -7.40
N LYS B 3226 41.03 42.62 -7.00
CA LYS B 3226 41.37 43.88 -7.64
C LYS B 3226 42.78 44.33 -7.28
N PHE B 3227 43.30 43.88 -6.14
CA PHE B 3227 44.68 44.21 -5.77
C PHE B 3227 45.68 43.56 -6.71
N PHE B 3228 45.38 42.34 -7.19
CA PHE B 3228 46.25 41.67 -8.14
C PHE B 3228 46.08 42.20 -9.57
N ASP B 3229 44.90 42.77 -9.88
CA ASP B 3229 44.69 43.31 -11.22
C ASP B 3229 45.59 44.51 -11.48
N MET B 3230 45.91 45.29 -10.44
CA MET B 3230 46.80 46.43 -10.62
C MET B 3230 48.23 45.98 -10.89
N PHE B 3231 48.63 44.81 -10.38
CA PHE B 3231 49.97 44.30 -10.60
C PHE B 3231 50.05 43.33 -11.77
N LEU B 3232 48.94 42.71 -12.16
CA LEU B 3232 48.94 41.82 -13.31
C LEU B 3232 49.11 42.59 -14.61
N LYS B 3233 48.31 43.65 -14.79
CA LYS B 3233 48.43 44.48 -15.98
C LYS B 3233 49.67 45.36 -15.94
N LEU B 3234 50.29 45.52 -14.78
CA LEU B 3234 51.50 46.35 -14.68
C LEU B 3234 52.67 45.72 -15.44
N LYS B 3235 52.72 44.38 -15.50
CA LYS B 3235 53.80 43.72 -16.22
C LYS B 3235 53.67 43.95 -17.73
N ASP B 3236 52.44 43.93 -18.25
CA ASP B 3236 52.24 44.10 -19.69
C ASP B 3236 52.40 45.56 -20.12
N ILE B 3237 51.99 46.51 -19.28
CA ILE B 3237 52.09 47.92 -19.65
C ILE B 3237 53.55 48.37 -19.65
N VAL B 3238 54.27 48.07 -18.58
CA VAL B 3238 55.67 48.48 -18.49
C VAL B 3238 56.52 47.67 -19.45
N GLY B 3239 56.20 46.38 -19.63
CA GLY B 3239 56.98 45.55 -20.52
C GLY B 3239 56.84 45.91 -21.98
N SER B 3240 55.68 46.43 -22.37
CA SER B 3240 55.45 46.82 -23.75
C SER B 3240 56.21 48.12 -24.08
N GLU B 3241 56.33 48.40 -25.37
CA GLU B 3241 57.00 49.61 -25.83
C GLU B 3241 56.20 50.87 -25.58
N ALA B 3242 54.91 50.76 -25.25
CA ALA B 3242 54.09 51.94 -24.99
C ALA B 3242 54.52 52.68 -23.73
N PHE B 3243 55.16 52.00 -22.78
CA PHE B 3243 55.61 52.67 -21.56
C PHE B 3243 56.74 53.65 -21.87
N GLN B 3244 57.72 53.24 -22.68
CA GLN B 3244 58.81 54.13 -23.03
C GLN B 3244 58.39 55.21 -24.01
N ASP B 3245 57.28 55.01 -24.74
CA ASP B 3245 56.83 56.02 -25.69
C ASP B 3245 56.28 57.25 -24.96
N TYR B 3246 55.57 57.04 -23.86
CA TYR B 3246 55.03 58.18 -23.10
C TYR B 3246 56.15 58.96 -22.42
N VAL B 3247 57.18 58.28 -21.95
CA VAL B 3247 58.32 58.93 -21.29
C VAL B 3247 59.58 58.14 -21.59
N THR B 3248 60.58 58.81 -22.16
CA THR B 3248 61.85 58.18 -22.52
C THR B 3248 63.03 58.87 -21.83
N ASP B 3249 62.78 59.47 -20.68
CA ASP B 3249 63.84 60.16 -19.94
C ASP B 3249 64.76 59.14 -19.28
N PRO B 3250 66.05 59.11 -19.61
CA PRO B 3250 66.95 58.13 -18.97
C PRO B 3250 67.18 58.39 -17.49
N ARG B 3251 67.02 59.62 -17.02
CA ARG B 3251 67.24 59.92 -15.61
C ARG B 3251 66.16 59.31 -14.74
N GLY B 3252 64.91 59.70 -14.97
CA GLY B 3252 63.81 59.19 -14.19
C GLY B 3252 62.49 59.37 -14.90
N LEU B 3253 61.50 58.58 -14.48
CA LEU B 3253 60.16 58.58 -15.06
C LEU B 3253 59.16 58.76 -13.93
N ILE B 3254 58.86 60.02 -13.60
CA ILE B 3254 57.90 60.35 -12.54
C ILE B 3254 56.91 61.36 -13.13
N SER B 3255 55.71 60.90 -13.44
CA SER B 3255 54.66 61.75 -14.00
C SER B 3255 53.35 60.98 -13.92
N LYS B 3256 52.26 61.70 -14.19
CA LYS B 3256 50.94 61.08 -14.16
C LYS B 3256 50.71 60.18 -15.37
N LYS B 3257 51.19 60.59 -16.53
CA LYS B 3257 51.02 59.81 -17.75
C LYS B 3257 51.97 58.64 -17.85
N ASP B 3258 52.94 58.52 -16.93
CA ASP B 3258 53.89 57.41 -16.98
C ASP B 3258 53.27 56.12 -16.46
N PHE B 3259 52.43 56.21 -15.43
CA PHE B 3259 51.79 55.04 -14.83
C PHE B 3259 50.33 54.90 -15.21
N GLN B 3260 49.83 55.75 -16.11
CA GLN B 3260 48.44 55.70 -16.54
C GLN B 3260 48.37 55.89 -18.04
N LYS B 3261 47.35 55.29 -18.65
CA LYS B 3261 47.16 55.37 -20.09
C LYS B 3261 45.69 55.23 -20.47
N UNK B 3262 42.51 57.34 -9.14
CA UNK B 3262 42.63 56.69 -7.82
C UNK B 3262 43.46 55.42 -7.92
N UNK B 3263 43.47 54.81 -9.09
CA UNK B 3263 44.22 53.58 -9.31
C UNK B 3263 45.69 53.88 -9.57
N UNK B 3264 45.95 55.04 -10.18
CA UNK B 3264 47.32 55.44 -10.50
C UNK B 3264 48.08 55.86 -9.24
N UNK B 3265 47.33 56.30 -8.23
CA UNK B 3265 47.92 56.72 -6.97
C UNK B 3265 48.24 55.52 -6.08
N UNK B 3266 47.64 54.38 -6.39
CA UNK B 3266 47.85 53.16 -5.63
C UNK B 3266 49.22 52.57 -5.94
N UNK B 3267 49.70 52.77 -7.16
CA UNK B 3267 50.99 52.26 -7.58
C UNK B 3267 52.08 53.30 -7.38
N GLU B 3268 60.73 53.01 -13.71
CA GLU B 3268 59.92 51.82 -13.96
C GLU B 3268 60.03 50.83 -12.80
N PHE B 3269 58.89 50.23 -12.44
CA PHE B 3269 58.87 49.26 -11.36
C PHE B 3269 59.59 47.99 -11.78
N ALA B 3270 60.30 47.38 -10.82
CA ALA B 3270 61.01 46.14 -11.07
C ALA B 3270 60.09 44.93 -11.13
N ASN B 3271 58.80 45.10 -10.84
CA ASN B 3271 57.82 44.02 -10.86
C ASN B 3271 58.21 42.88 -9.93
N ARG B 3272 58.83 43.21 -8.79
CA ARG B 3272 59.18 42.18 -7.81
C ARG B 3272 57.96 41.62 -7.10
N PHE B 3273 56.83 42.33 -7.14
CA PHE B 3273 55.60 41.85 -6.52
C PHE B 3273 54.73 41.07 -7.49
N GLN B 3274 55.03 41.11 -8.79
CA GLN B 3274 54.19 40.41 -9.75
C GLN B 3274 54.42 38.90 -9.70
N GLU B 3275 55.66 38.48 -9.43
CA GLU B 3275 55.95 37.04 -9.37
C GLU B 3275 55.20 36.36 -8.23
N PRO B 3276 55.19 36.86 -6.99
CA PRO B 3276 54.35 36.22 -5.97
C PRO B 3276 52.87 36.37 -6.24
N ALA B 3277 52.45 37.47 -6.89
CA ALA B 3277 51.03 37.66 -7.16
C ALA B 3277 50.56 36.77 -8.30
N ARG B 3278 51.44 36.38 -9.21
CA ARG B 3278 51.04 35.51 -10.31
C ARG B 3278 50.81 34.08 -9.85
N ASP B 3279 51.56 33.62 -8.84
CA ASP B 3279 51.37 32.26 -8.35
C ASP B 3279 50.04 32.13 -7.59
N ILE B 3280 49.73 33.10 -6.73
CA ILE B 3280 48.46 33.06 -6.01
C ILE B 3280 47.31 33.41 -6.95
N GLY B 3281 47.55 34.26 -7.95
CA GLY B 3281 46.50 34.60 -8.89
C GLY B 3281 46.06 33.43 -9.74
N PHE B 3282 46.93 32.44 -9.93
CA PHE B 3282 46.55 31.26 -10.69
C PHE B 3282 45.78 30.27 -9.84
N ASN B 3283 46.12 30.15 -8.55
CA ASN B 3283 45.40 29.23 -7.68
C ASN B 3283 44.01 29.73 -7.35
N VAL B 3284 43.83 31.05 -7.22
CA VAL B 3284 42.51 31.59 -6.94
C VAL B 3284 41.62 31.50 -8.16
N ALA B 3285 42.21 31.49 -9.36
CA ALA B 3285 41.42 31.32 -10.57
C ALA B 3285 40.92 29.89 -10.70
N VAL B 3286 41.74 28.91 -10.29
CA VAL B 3286 41.30 27.53 -10.29
C VAL B 3286 40.22 27.31 -9.24
N LEU B 3287 40.31 27.99 -8.11
CA LEU B 3287 39.31 27.83 -7.06
C LEU B 3287 37.95 28.32 -7.50
N LEU B 3288 37.89 29.50 -8.13
CA LEU B 3288 36.61 30.05 -8.55
C LEU B 3288 36.05 29.31 -9.76
N THR B 3289 36.92 28.78 -10.62
CA THR B 3289 36.44 28.05 -11.79
C THR B 3289 35.91 26.68 -11.40
N ASN B 3290 36.45 26.07 -10.35
CA ASN B 3290 35.98 24.76 -9.92
C ASN B 3290 34.56 24.82 -9.37
N LEU B 3291 34.18 25.94 -8.75
CA LEU B 3291 32.83 26.07 -8.22
C LEU B 3291 31.79 26.11 -9.34
N SER B 3292 32.06 26.89 -10.39
CA SER B 3292 31.12 26.99 -11.49
C SER B 3292 30.99 25.69 -12.28
N GLU B 3293 32.01 24.82 -12.22
CA GLU B 3293 31.94 23.55 -12.94
C GLU B 3293 31.06 22.53 -12.23
N HIS B 3294 30.99 22.61 -10.89
CA HIS B 3294 30.22 21.65 -10.10
C HIS B 3294 28.81 22.14 -9.78
N VAL B 3295 28.20 22.93 -10.66
CA VAL B 3295 26.84 23.42 -10.46
C VAL B 3295 26.18 23.61 -11.82
N PRO B 3296 24.94 23.12 -12.00
CA PRO B 3296 24.26 23.35 -13.29
C PRO B 3296 23.93 24.81 -13.52
N HIS B 3297 23.35 25.48 -12.53
CA HIS B 3297 23.00 26.88 -12.64
C HIS B 3297 22.78 27.45 -11.25
N ASP B 3298 23.41 28.59 -10.96
CA ASP B 3298 23.27 29.22 -9.65
C ASP B 3298 23.50 30.72 -9.76
N PRO B 3299 22.49 31.54 -9.44
CA PRO B 3299 22.69 33.00 -9.53
C PRO B 3299 23.68 33.54 -8.51
N ARG B 3300 23.90 32.84 -7.39
CA ARG B 3300 24.84 33.33 -6.40
C ARG B 3300 26.29 33.26 -6.91
N LEU B 3301 26.59 32.32 -7.80
CA LEU B 3301 27.91 32.22 -8.40
C LEU B 3301 28.04 33.00 -9.69
N ARG B 3302 26.95 33.60 -10.18
CA ARG B 3302 27.03 34.36 -11.43
C ARG B 3302 27.75 35.68 -11.23
N ASN B 3303 27.36 36.45 -10.21
CA ASN B 3303 28.01 37.73 -9.96
C ASN B 3303 29.41 37.53 -9.37
N PHE B 3304 29.66 36.39 -8.72
CA PHE B 3304 30.99 36.12 -8.19
C PHE B 3304 32.01 35.95 -9.31
N LEU B 3305 31.61 35.29 -10.40
CA LEU B 3305 32.50 35.13 -11.54
C LEU B 3305 32.69 36.46 -12.28
N GLU B 3306 31.70 37.36 -12.21
CA GLU B 3306 31.83 38.64 -12.87
C GLU B 3306 32.86 39.53 -12.19
N LEU B 3307 33.05 39.37 -10.87
CA LEU B 3307 34.05 40.15 -10.17
C LEU B 3307 35.46 39.76 -10.58
N ALA B 3308 35.69 38.47 -10.86
CA ALA B 3308 36.99 37.98 -11.30
C ALA B 3308 37.03 37.70 -12.81
N GLU B 3309 36.24 38.44 -13.58
CA GLU B 3309 36.21 38.23 -15.02
C GLU B 3309 37.53 38.64 -15.68
N SER B 3310 38.27 39.55 -15.05
CA SER B 3310 39.55 39.97 -15.62
C SER B 3310 40.65 38.94 -15.35
N ILE B 3311 40.66 38.36 -14.15
CA ILE B 3311 41.68 37.37 -13.82
C ILE B 3311 41.38 36.03 -14.49
N LEU B 3312 40.10 35.63 -14.52
CA LEU B 3312 39.74 34.36 -15.14
C LEU B 3312 39.99 34.36 -16.64
N GLU B 3313 39.81 35.51 -17.29
CA GLU B 3313 40.06 35.59 -18.72
C GLU B 3313 41.56 35.57 -19.03
N TYR B 3314 42.38 36.15 -18.15
CA TYR B 3314 43.82 36.15 -18.37
C TYR B 3314 44.41 34.76 -18.20
N PHE B 3315 43.97 34.03 -17.17
CA PHE B 3315 44.45 32.68 -16.91
C PHE B 3315 43.57 31.61 -17.57
N ARG B 3316 42.76 32.00 -18.55
CA ARG B 3316 41.89 31.01 -19.20
C ARG B 3316 42.67 30.01 -20.05
N PRO B 3317 43.59 30.42 -20.94
CA PRO B 3317 44.33 29.42 -21.74
C PRO B 3317 45.26 28.55 -20.91
N TYR B 3318 45.55 28.92 -19.67
CA TYR B 3318 46.46 28.15 -18.82
C TYR B 3318 45.75 27.09 -17.98
N LEU B 3319 44.48 26.80 -18.30
CA LEU B 3319 43.71 25.80 -17.56
C LEU B 3319 43.46 24.61 -18.46
N GLY B 3320 44.02 23.46 -18.10
CA GLY B 3320 43.83 22.24 -18.85
C GLY B 3320 42.88 21.28 -18.17
N ARG B 3321 41.65 21.16 -18.68
CA ARG B 3321 40.64 20.30 -18.10
C ARG B 3321 40.77 18.89 -18.67
N ILE B 3322 40.91 17.91 -17.78
CA ILE B 3322 40.99 16.51 -18.15
C ILE B 3322 39.88 15.74 -17.44
N GLU B 3323 39.71 14.49 -17.83
CA GLU B 3323 38.68 13.62 -17.25
C GLU B 3323 39.26 12.22 -17.11
N ILE B 3324 39.53 11.81 -15.87
CA ILE B 3324 40.04 10.47 -15.58
C ILE B 3324 39.16 9.83 -14.53
N MET B 3325 39.27 8.50 -14.43
CA MET B 3325 38.52 7.71 -13.46
C MET B 3325 39.53 7.09 -12.49
N GLY B 3326 39.68 7.72 -11.33
CA GLY B 3326 40.63 7.24 -10.35
C GLY B 3326 40.10 7.25 -8.92
N ALA B 3327 40.20 6.10 -8.25
CA ALA B 3327 39.78 5.91 -6.86
C ALA B 3327 38.29 6.22 -6.65
N SER B 3328 37.51 6.26 -7.72
CA SER B 3328 36.08 6.53 -7.64
C SER B 3328 35.42 6.12 -8.95
N ARG B 3329 34.11 5.93 -8.88
CA ARG B 3329 33.35 5.56 -10.07
C ARG B 3329 32.98 6.79 -10.91
N ARG B 3330 32.73 7.92 -10.26
CA ARG B 3330 32.36 9.14 -10.97
C ARG B 3330 33.61 9.87 -11.45
N ILE B 3331 33.46 10.56 -12.57
CA ILE B 3331 34.56 11.32 -13.15
C ILE B 3331 34.73 12.64 -12.40
N GLU B 3332 35.98 12.97 -12.08
CA GLU B 3332 36.31 14.20 -11.36
C GLU B 3332 37.22 15.06 -12.21
N ARG B 3333 37.22 16.36 -11.91
CA ARG B 3333 38.03 17.32 -12.65
C ARG B 3333 39.40 17.47 -12.00
N ILE B 3334 40.43 17.63 -12.83
CA ILE B 3334 41.80 17.82 -12.38
C ILE B 3334 42.35 19.02 -13.13
N TYR B 3335 42.66 20.09 -12.41
CA TYR B 3335 43.15 21.34 -12.99
C TYR B 3335 44.62 21.50 -12.63
N PHE B 3336 45.48 21.57 -13.64
CA PHE B 3336 46.91 21.74 -13.46
C PHE B 3336 47.37 23.01 -14.16
N GLU B 3337 48.65 23.35 -13.96
CA GLU B 3337 49.22 24.57 -14.50
C GLU B 3337 49.91 24.27 -15.83
N ILE B 3338 49.55 25.02 -16.85
CA ILE B 3338 50.15 24.89 -18.18
C ILE B 3338 51.12 26.05 -18.37
N SER B 3339 52.40 25.74 -18.45
CA SER B 3339 53.41 26.77 -18.63
C SER B 3339 53.36 27.34 -20.05
N GLU B 3340 53.82 28.58 -20.19
CA GLU B 3340 53.83 29.23 -21.49
C GLU B 3340 54.80 28.56 -22.45
N THR B 3341 55.91 28.03 -21.94
CA THR B 3341 56.88 27.38 -22.81
C THR B 3341 56.36 26.03 -23.32
N ASN B 3342 55.49 25.37 -22.56
CA ASN B 3342 54.96 24.08 -22.99
C ASN B 3342 54.00 24.24 -24.16
N ARG B 3343 53.10 25.23 -24.09
CA ARG B 3343 52.14 25.43 -25.16
C ARG B 3343 52.81 26.02 -26.39
N ALA B 3344 53.80 26.89 -26.19
CA ALA B 3344 54.50 27.49 -27.32
C ALA B 3344 55.36 26.46 -28.05
N GLN B 3345 55.85 25.44 -27.34
CA GLN B 3345 56.64 24.40 -27.98
C GLN B 3345 55.79 23.46 -28.82
N TRP B 3346 54.49 23.35 -28.52
CA TRP B 3346 53.63 22.48 -29.30
C TRP B 3346 53.36 23.05 -30.69
N GLU B 3347 53.43 24.38 -30.83
CA GLU B 3347 53.20 25.03 -32.12
C GLU B 3347 54.51 25.00 -32.93
N MET B 3348 54.88 23.78 -33.32
CA MET B 3348 56.09 23.54 -34.08
C MET B 3348 55.80 22.54 -35.19
N PRO B 3349 56.52 22.62 -36.31
CA PRO B 3349 56.29 21.65 -37.40
C PRO B 3349 56.60 20.22 -37.01
N GLN B 3350 57.55 20.00 -36.09
CA GLN B 3350 57.87 18.64 -35.66
C GLN B 3350 56.76 18.05 -34.81
N VAL B 3351 56.08 18.87 -34.00
CA VAL B 3351 55.01 18.36 -33.16
C VAL B 3351 53.78 18.02 -34.02
N LYS B 3352 53.53 18.81 -35.05
CA LYS B 3352 52.39 18.53 -35.93
C LYS B 3352 52.64 17.29 -36.77
N GLU B 3353 53.88 17.10 -37.24
CA GLU B 3353 54.19 15.92 -38.04
C GLU B 3353 54.15 14.65 -37.20
N SER B 3354 54.57 14.74 -35.93
CA SER B 3354 54.51 13.57 -35.06
C SER B 3354 53.09 13.23 -34.67
N LYS B 3355 52.23 14.24 -34.50
CA LYS B 3355 50.84 13.99 -34.17
C LYS B 3355 50.06 13.41 -35.35
N ARG B 3356 50.43 13.81 -36.58
CA ARG B 3356 49.75 13.27 -37.75
C ARG B 3356 50.13 11.82 -38.00
N GLN B 3357 51.35 11.42 -37.62
CA GLN B 3357 51.78 10.04 -37.76
C GLN B 3357 51.25 9.13 -36.66
N PHE B 3358 50.69 9.70 -35.59
CA PHE B 3358 50.16 8.91 -34.49
C PHE B 3358 48.72 8.49 -34.70
N ILE B 3359 47.93 9.31 -35.40
CA ILE B 3359 46.53 8.96 -35.64
C ILE B 3359 46.40 7.81 -36.63
N PHE B 3360 47.44 7.55 -37.42
CA PHE B 3360 47.43 6.44 -38.37
C PHE B 3360 48.06 5.17 -37.82
N ASP B 3361 48.91 5.28 -36.80
CA ASP B 3361 49.54 4.10 -36.23
C ASP B 3361 48.58 3.33 -35.32
N VAL B 3362 47.84 4.03 -34.46
CA VAL B 3362 46.90 3.38 -33.58
C VAL B 3362 45.64 2.92 -34.31
N VAL B 3363 45.35 3.52 -35.48
CA VAL B 3363 44.17 3.10 -36.24
C VAL B 3363 44.38 1.74 -36.89
N ASN B 3364 45.62 1.44 -37.29
CA ASN B 3364 45.90 0.13 -37.89
C ASN B 3364 46.06 -0.95 -36.83
N GLU B 3365 46.57 -0.62 -35.66
CA GLU B 3365 46.76 -1.60 -34.60
C GLU B 3365 45.45 -1.84 -33.85
N LYS B 3366 45.91 0.97 -27.99
CA LYS B 3366 45.33 2.30 -27.91
C LYS B 3366 45.88 3.09 -26.72
N MET B 3367 45.64 2.57 -25.51
CA MET B 3367 46.13 3.25 -24.31
C MET B 3367 47.63 3.07 -24.15
N GLU B 3368 48.18 1.92 -24.55
CA GLU B 3368 49.61 1.69 -24.42
C GLU B 3368 50.39 2.53 -25.41
N LEU B 3369 49.88 2.68 -26.63
CA LEU B 3369 50.58 3.48 -27.63
C LEU B 3369 50.51 4.97 -27.30
N PHE B 3370 49.46 5.41 -26.61
CA PHE B 3370 49.35 6.82 -26.26
C PHE B 3370 50.35 7.21 -25.19
N VAL B 3371 50.69 6.30 -24.27
CA VAL B 3371 51.65 6.61 -23.24
C VAL B 3371 53.05 6.76 -23.83
N SER B 3372 53.39 5.92 -24.80
CA SER B 3372 54.70 6.02 -25.44
C SER B 3372 54.78 7.25 -26.33
N PHE B 3373 53.65 7.70 -26.89
CA PHE B 3373 53.66 8.89 -27.73
C PHE B 3373 53.91 10.15 -26.92
N CYS B 3374 53.44 10.19 -25.67
CA CYS B 3374 53.68 11.35 -24.83
C CYS B 3374 55.15 11.46 -24.44
N GLU B 3375 55.78 10.33 -24.10
CA GLU B 3375 57.19 10.34 -23.76
C GLU B 3375 58.06 10.67 -24.96
N ASP B 3376 57.61 10.31 -26.17
CA ASP B 3376 58.39 10.60 -27.36
C ASP B 3376 58.35 12.08 -27.73
N THR B 3377 57.27 12.78 -27.37
CA THR B 3377 57.13 14.19 -27.68
C THR B 3377 57.80 15.09 -26.65
N ILE B 3378 57.71 14.73 -25.36
CA ILE B 3378 58.35 15.53 -24.33
C ILE B 3378 59.87 15.41 -24.42
N PHE B 3379 60.37 14.30 -24.97
CA PHE B 3379 61.80 14.16 -25.17
C PHE B 3379 62.29 14.99 -26.35
N GLU B 3380 61.42 15.22 -27.34
CA GLU B 3380 61.78 16.05 -28.49
C GLU B 3380 61.82 17.54 -28.14
N MET B 3381 61.30 17.93 -26.98
CA MET B 3381 61.34 19.33 -26.59
C MET B 3381 62.76 19.81 -26.33
N GLN B 3382 63.62 18.93 -25.82
CA GLN B 3382 65.02 19.30 -25.62
C GLN B 3382 65.75 19.48 -26.94
N ILE B 3383 65.36 18.74 -27.97
CA ILE B 3383 65.97 18.89 -29.28
C ILE B 3383 65.53 20.20 -29.92
N ALA B 3384 64.24 20.52 -29.85
CA ALA B 3384 63.75 21.76 -30.43
C ALA B 3384 64.26 22.99 -29.68
N ALA B 3385 64.53 22.84 -28.38
CA ALA B 3385 65.05 23.96 -27.61
C ALA B 3385 66.48 24.28 -27.99
N GLN B 3386 67.30 23.26 -28.24
CA GLN B 3386 68.69 23.46 -28.63
C GLN B 3386 68.80 23.89 -30.09
N UNK B 3387 51.89 17.93 -51.05
CA UNK B 3387 51.08 17.41 -52.14
C UNK B 3387 50.92 18.45 -53.25
N UNK B 3388 50.74 19.71 -52.85
CA UNK B 3388 50.58 20.80 -53.81
C UNK B 3388 51.93 21.29 -54.31
N UNK B 3389 52.99 20.92 -53.60
CA UNK B 3389 54.33 21.32 -53.96
C UNK B 3389 54.90 20.42 -55.06
N UNK B 3390 54.67 19.12 -54.92
CA UNK B 3390 55.15 18.16 -55.90
C UNK B 3390 54.35 18.23 -57.20
N UNK B 3391 53.09 18.64 -57.08
CA UNK B 3391 52.21 18.76 -58.24
C UNK B 3391 52.57 20.00 -59.05
N UNK B 3392 53.05 21.03 -58.36
CA UNK B 3392 53.41 22.28 -59.02
C UNK B 3392 54.74 22.13 -59.76
N UNK B 3393 55.64 21.34 -59.20
CA UNK B 3393 56.95 21.11 -59.81
C UNK B 3393 56.82 20.23 -61.05
N UNK B 3394 55.87 19.30 -61.01
CA UNK B 3394 55.64 18.39 -62.13
C UNK B 3394 54.90 19.11 -63.26
N UNK B 3395 54.10 20.10 -62.90
CA UNK B 3395 53.34 20.86 -63.88
C UNK B 3395 54.25 21.82 -64.64
N UNK B 3396 55.27 22.33 -63.96
CA UNK B 3396 56.21 23.25 -64.56
C UNK B 3396 57.25 22.50 -65.40
N UNK B 3397 57.35 21.20 -65.18
CA UNK B 3397 58.28 20.37 -65.91
C UNK B 3397 57.80 20.12 -67.34
N UNK B 3398 56.52 19.79 -67.46
CA UNK B 3398 55.92 19.52 -68.77
C UNK B 3398 55.80 20.80 -69.59
N UNK B 3399 55.64 21.93 -68.90
CA UNK B 3399 55.52 23.22 -69.56
C UNK B 3399 56.88 23.66 -70.13
N UNK B 3400 57.95 23.29 -69.44
CA UNK B 3400 59.30 23.63 -69.87
C UNK B 3400 59.81 22.62 -70.89
N UNK B 3401 59.20 21.44 -70.89
CA UNK B 3401 59.60 20.38 -71.82
C UNK B 3401 58.93 20.59 -73.18
N UNK B 3402 57.90 21.44 -73.21
CA UNK B 3402 57.17 21.72 -74.44
C UNK B 3402 57.89 22.81 -75.24
N UNK B 3403 58.87 23.45 -74.62
CA UNK B 3403 59.62 24.52 -75.27
C UNK B 3403 60.97 23.99 -75.77
N GLU B 3404 85.40 26.04 -30.77
CA GLU B 3404 84.64 24.83 -30.47
C GLU B 3404 83.18 25.17 -30.16
N VAL B 3405 82.97 26.32 -29.52
CA VAL B 3405 81.61 26.75 -29.19
C VAL B 3405 80.83 27.11 -30.45
N GLN B 3406 81.50 27.68 -31.44
CA GLN B 3406 80.82 28.05 -32.69
C GLN B 3406 80.43 26.81 -33.49
N ARG B 3407 81.20 25.72 -33.38
CA ARG B 3407 80.86 24.51 -34.10
C ARG B 3407 79.61 23.84 -33.55
N VAL B 3408 79.40 23.93 -32.23
CA VAL B 3408 78.20 23.35 -31.64
C VAL B 3408 76.97 24.13 -32.06
N LYS B 3409 77.05 25.46 -32.06
CA LYS B 3409 75.93 26.28 -32.48
C LYS B 3409 75.66 26.13 -33.97
N PHE B 3410 76.69 25.83 -34.76
CA PHE B 3410 76.50 25.62 -36.18
C PHE B 3410 75.69 24.34 -36.46
N LEU B 3411 75.99 23.27 -35.73
CA LEU B 3411 75.24 22.03 -35.91
C LEU B 3411 73.82 22.16 -35.40
N ASN B 3412 73.57 23.05 -34.44
CA ASN B 3412 72.21 23.25 -33.95
C ASN B 3412 71.31 23.90 -35.00
N TYR B 3413 71.88 24.76 -35.85
CA TYR B 3413 71.09 25.38 -36.91
C TYR B 3413 70.70 24.36 -37.97
N LEU B 3414 71.55 23.37 -38.22
CA LEU B 3414 71.23 22.35 -39.22
C LEU B 3414 70.09 21.45 -38.73
N SER B 3415 69.97 21.26 -37.42
CA SER B 3415 68.88 20.43 -36.89
C SER B 3415 67.54 21.15 -36.99
N ARG B 3416 67.52 22.45 -36.69
CA ARG B 3416 66.28 23.21 -36.78
C ARG B 3416 65.80 23.34 -38.22
N ASN B 3417 66.73 23.40 -39.18
CA ASN B 3417 66.39 23.49 -40.60
C ASN B 3417 66.48 22.14 -41.30
N PHE B 3418 66.19 21.04 -40.58
CA PHE B 3418 66.27 19.72 -41.18
C PHE B 3418 65.17 19.53 -42.22
N TYR B 3419 63.95 20.01 -41.93
CA TYR B 3419 62.86 19.87 -42.88
C TYR B 3419 63.06 20.78 -44.09
N THR B 3420 63.81 21.88 -43.93
CA THR B 3420 64.05 22.77 -45.05
C THR B 3420 65.04 22.17 -46.04
N LEU B 3421 66.02 21.41 -45.54
CA LEU B 3421 67.01 20.81 -46.43
C LEU B 3421 66.39 19.74 -47.32
N ARG B 3422 65.42 18.99 -46.80
CA ARG B 3422 64.75 17.98 -47.59
C ARG B 3422 63.91 18.61 -48.71
N PHE B 3423 63.34 19.78 -48.45
CA PHE B 3423 62.61 20.49 -49.50
C PHE B 3423 63.56 21.26 -50.41
N LEU B 3424 64.71 21.69 -49.89
CA LEU B 3424 65.69 22.37 -50.73
C LEU B 3424 66.34 21.39 -51.70
N ALA B 3425 66.55 20.15 -51.27
CA ALA B 3425 67.09 19.12 -52.15
C ALA B 3425 66.08 18.63 -53.17
N LEU B 3426 64.79 18.97 -53.00
CA LEU B 3426 63.79 18.58 -53.98
C LEU B 3426 64.01 19.30 -55.31
N PHE B 3427 64.31 20.60 -55.25
CA PHE B 3427 64.55 21.36 -56.47
C PHE B 3427 65.93 21.07 -57.06
N LEU B 3428 66.92 20.79 -56.22
CA LEU B 3428 68.26 20.51 -56.73
C LEU B 3428 68.30 19.17 -57.45
N ALA B 3429 67.71 18.13 -56.85
CA ALA B 3429 67.70 16.82 -57.49
C ALA B 3429 66.82 16.80 -58.73
N PHE B 3430 65.77 17.61 -58.77
CA PHE B 3430 64.90 17.66 -59.94
C PHE B 3430 65.51 18.49 -61.06
N ALA B 3431 66.24 19.56 -60.73
CA ALA B 3431 66.88 20.36 -61.76
C ALA B 3431 67.99 19.60 -62.47
N ILE B 3432 68.68 18.72 -61.74
CA ILE B 3432 69.72 17.91 -62.37
C ILE B 3432 69.10 16.94 -63.36
N ASN B 3433 68.00 16.29 -62.99
CA ASN B 3433 67.34 15.36 -63.90
C ASN B 3433 66.71 16.07 -65.09
N PHE B 3434 66.33 17.34 -64.93
CA PHE B 3434 65.76 18.09 -66.04
C PHE B 3434 66.83 18.41 -67.08
N ILE B 3435 67.99 18.91 -66.65
CA ILE B 3435 69.09 19.16 -67.56
C ILE B 3435 69.69 17.85 -68.08
N LEU B 3436 69.52 16.75 -67.33
CA LEU B 3436 70.01 15.45 -67.78
C LEU B 3436 69.28 14.97 -69.03
N LEU B 3437 68.13 15.55 -69.34
CA LEU B 3437 67.36 15.18 -70.52
C LEU B 3437 67.94 15.76 -71.81
N PHE B 3438 69.14 16.32 -71.78
CA PHE B 3438 69.77 16.89 -72.96
C PHE B 3438 71.04 16.16 -73.36
N TYR B 3439 71.44 15.12 -72.62
CA TYR B 3439 72.66 14.39 -72.94
C TYR B 3439 72.41 13.43 -74.10
N LYS B 3440 73.14 13.64 -75.20
CA LYS B 3440 73.02 12.81 -76.38
C LYS B 3440 74.29 12.00 -76.57
N VAL B 3441 74.25 11.07 -77.53
CA VAL B 3441 75.36 10.18 -77.84
C VAL B 3441 75.75 10.40 -79.30
N SER B 3442 77.04 10.55 -79.55
CA SER B 3442 77.55 10.74 -80.90
C SER B 3442 78.89 10.03 -81.03
N ASP B 3443 79.21 9.63 -82.27
CA ASP B 3443 80.47 8.94 -82.52
C ASP B 3443 81.66 9.88 -82.35
N SER B 3444 81.49 11.15 -82.72
CA SER B 3444 82.58 12.11 -82.57
C SER B 3444 82.73 12.52 -81.11
N PRO B 3445 83.96 12.65 -80.62
CA PRO B 3445 84.16 13.05 -79.23
C PRO B 3445 83.83 14.50 -79.02
N PRO B 3446 83.63 14.93 -77.77
CA PRO B 3446 83.30 16.34 -77.45
C PRO B 3446 84.47 17.29 -77.67
N VAL B 3447 83.92 7.33 -76.15
CA VAL B 3447 83.75 8.74 -75.82
C VAL B 3447 82.27 9.09 -75.77
N TYR B 3448 81.84 9.69 -74.67
CA TYR B 3448 80.46 10.09 -74.47
C TYR B 3448 80.31 11.59 -74.68
N TYR B 3449 79.24 11.97 -75.37
CA TYR B 3449 78.99 13.38 -75.64
C TYR B 3449 78.30 14.04 -74.46
N PHE B 3450 78.75 15.25 -74.13
CA PHE B 3450 78.22 15.98 -72.98
C PHE B 3450 77.00 16.80 -73.36
N LEU B 3451 76.83 17.96 -72.72
CA LEU B 3451 75.67 18.79 -72.96
C LEU B 3451 75.77 19.48 -74.32
N GLU B 3452 74.61 19.80 -74.90
CA GLU B 3452 74.55 20.49 -76.19
C GLU B 3452 73.23 21.21 -76.28
N GLU B 3453 73.27 22.54 -76.36
CA GLU B 3453 72.06 23.36 -76.45
C GLU B 3453 72.43 24.71 -77.04
N SER B 3454 71.41 25.51 -77.33
CA SER B 3454 71.64 26.84 -77.87
C SER B 3454 72.21 27.77 -76.81
N THR B 3455 71.69 27.69 -75.59
CA THR B 3455 72.17 28.53 -74.49
C THR B 3455 73.40 27.88 -73.86
N GLY B 3456 74.46 28.67 -73.67
CA GLY B 3456 75.68 28.16 -73.10
C GLY B 3456 75.74 28.29 -71.59
N TYR B 3457 74.56 28.35 -70.94
CA TYR B 3457 74.49 28.47 -69.50
C TYR B 3457 74.16 27.16 -68.80
N MET B 3458 73.52 26.21 -69.50
CA MET B 3458 73.16 24.94 -68.88
C MET B 3458 74.35 24.02 -68.68
N GLU B 3459 75.41 24.17 -69.48
CA GLU B 3459 76.57 23.30 -69.33
C GLU B 3459 77.38 23.65 -68.09
N PRO B 3460 77.78 24.91 -67.84
CA PRO B 3460 78.53 25.19 -66.61
C PRO B 3460 77.67 25.13 -65.35
N ALA B 3461 76.36 25.22 -65.48
CA ALA B 3461 75.50 25.18 -64.30
C ALA B 3461 75.44 23.78 -63.68
N LEU B 3462 75.52 22.74 -64.52
CA LEU B 3462 75.46 21.38 -64.00
C LEU B 3462 76.67 21.04 -63.14
N ARG B 3463 77.81 21.68 -63.39
CA ARG B 3463 79.00 21.41 -62.59
C ARG B 3463 78.83 21.97 -61.18
N CYS B 3464 78.33 23.20 -61.06
CA CYS B 3464 78.13 23.80 -59.74
C CYS B 3464 76.88 23.27 -59.05
N LEU B 3465 75.91 22.79 -59.82
CA LEU B 3465 74.69 22.25 -59.21
C LEU B 3465 74.95 20.91 -58.53
N SER B 3466 75.88 20.11 -59.06
CA SER B 3466 76.23 18.85 -58.43
C SER B 3466 77.00 19.07 -57.13
N LEU B 3467 77.74 20.18 -57.03
CA LEU B 3467 78.47 20.48 -55.80
C LEU B 3467 77.52 20.92 -54.69
N LEU B 3468 76.52 21.73 -55.03
CA LEU B 3468 75.55 22.15 -54.02
C LEU B 3468 74.64 21.00 -53.61
N HIS B 3469 74.30 20.10 -54.54
CA HIS B 3469 73.48 18.94 -54.20
C HIS B 3469 74.24 17.93 -53.35
N THR B 3470 75.57 17.93 -53.42
CA THR B 3470 76.36 16.98 -52.64
C THR B 3470 76.53 17.45 -51.20
N LEU B 3471 76.73 18.76 -50.99
CA LEU B 3471 76.93 19.27 -49.64
C LEU B 3471 75.63 19.27 -48.85
N VAL B 3472 74.49 19.45 -49.50
CA VAL B 3472 73.22 19.45 -48.78
C VAL B 3472 72.85 18.04 -48.34
N ALA B 3473 73.29 17.02 -49.08
CA ALA B 3473 73.02 15.65 -48.67
C ALA B 3473 73.89 15.26 -47.49
N PHE B 3474 75.14 15.73 -47.46
CA PHE B 3474 76.01 15.46 -46.31
C PHE B 3474 75.56 16.22 -45.08
N LEU B 3475 75.05 17.44 -45.27
CA LEU B 3475 74.55 18.23 -44.15
C LEU B 3475 73.24 17.69 -43.60
N CYS B 3476 72.49 16.91 -44.39
CA CYS B 3476 71.27 16.30 -43.88
C CYS B 3476 71.58 15.24 -42.83
N ILE B 3477 72.69 14.51 -43.01
CA ILE B 3477 73.08 13.52 -42.02
C ILE B 3477 73.50 14.18 -40.72
N ILE B 3478 74.14 15.35 -40.80
CA ILE B 3478 74.52 16.07 -39.59
C ILE B 3478 73.28 16.54 -38.83
N GLY B 3479 72.31 17.11 -39.56
CA GLY B 3479 71.06 17.50 -38.91
C GLY B 3479 70.25 16.32 -38.43
N TYR B 3480 70.30 15.19 -39.14
CA TYR B 3480 69.61 14.00 -38.69
C TYR B 3480 70.23 13.42 -37.43
N ASN B 3481 71.54 13.64 -37.23
CA ASN B 3481 72.21 13.12 -36.05
C ASN B 3481 71.83 13.88 -34.79
N CYS B 3482 71.29 15.09 -34.92
CA CYS B 3482 70.93 15.91 -33.77
C CYS B 3482 69.42 16.05 -33.59
N LEU B 3483 68.62 15.44 -34.47
CA LEU B 3483 67.17 15.55 -34.39
C LEU B 3483 66.49 14.22 -34.12
N LYS B 3484 66.79 13.18 -34.91
CA LYS B 3484 66.14 11.89 -34.77
C LYS B 3484 67.02 10.83 -34.12
N VAL B 3485 68.35 10.95 -34.19
CA VAL B 3485 69.21 9.97 -33.56
C VAL B 3485 69.03 9.94 -32.04
N PRO B 3486 68.98 11.07 -31.33
CA PRO B 3486 68.65 10.99 -29.90
C PRO B 3486 67.24 10.46 -29.64
N LEU B 3487 66.33 10.59 -30.61
CA LEU B 3487 64.97 10.12 -30.42
C LEU B 3487 64.87 8.61 -30.63
N VAL B 3488 65.59 8.07 -31.62
CA VAL B 3488 65.52 6.63 -31.87
C VAL B 3488 66.23 5.86 -30.77
N ILE B 3489 67.23 6.47 -30.12
CA ILE B 3489 67.87 5.82 -28.98
C ILE B 3489 66.96 5.85 -27.77
N PHE B 3490 66.21 6.95 -27.59
CA PHE B 3490 65.25 7.04 -26.50
C PHE B 3490 64.17 5.97 -26.63
N LYS B 3491 63.70 5.72 -27.86
CA LYS B 3491 62.73 4.66 -28.07
C LYS B 3491 63.37 3.28 -27.95
N ARG B 3492 64.65 3.16 -28.31
CA ARG B 3492 65.34 1.88 -28.17
C ARG B 3492 65.65 1.58 -26.71
N GLU B 3493 65.91 2.61 -25.91
CA GLU B 3493 66.14 2.42 -24.48
C GLU B 3493 64.84 2.19 -23.71
N LYS B 3494 63.70 2.61 -24.27
CA LYS B 3494 62.43 2.40 -23.59
C LYS B 3494 61.92 0.98 -23.76
N GLU B 3495 62.10 0.39 -24.94
CA GLU B 3495 61.66 -0.98 -25.18
C GLU B 3495 62.53 -2.00 -24.47
N LEU B 3496 63.69 -1.61 -23.95
CA LEU B 3496 64.57 -2.50 -23.22
C LEU B 3496 64.48 -2.32 -21.70
N ALA B 3497 64.32 -1.09 -21.23
CA ALA B 3497 64.23 -0.85 -19.80
C ALA B 3497 62.85 -1.17 -19.25
N ARG B 3498 61.79 -0.77 -19.96
CA ARG B 3498 60.44 -1.05 -19.49
C ARG B 3498 60.10 -2.53 -19.60
N LYS B 3499 60.64 -3.23 -20.60
CA LYS B 3499 60.38 -4.66 -20.75
C LYS B 3499 61.12 -5.46 -19.69
N LEU B 3500 62.38 -5.10 -19.41
CA LEU B 3500 63.16 -5.82 -18.42
C LEU B 3500 62.56 -5.69 -17.02
N GLU B 3501 61.85 -4.60 -16.75
CA GLU B 3501 61.23 -4.42 -15.44
C GLU B 3501 60.11 -5.42 -15.22
N PHE B 3502 59.34 -5.73 -16.26
CA PHE B 3502 58.22 -6.64 -16.15
C PHE B 3502 58.63 -8.10 -16.39
N ASP B 3503 59.38 -8.35 -17.46
CA ASP B 3503 59.83 -9.69 -17.79
C ASP B 3503 61.29 -9.64 -18.22
N GLY B 3504 62.15 -10.32 -17.48
CA GLY B 3504 63.56 -10.30 -17.79
C GLY B 3504 63.86 -11.03 -19.08
N LEU B 3505 64.77 -10.45 -19.88
CA LEU B 3505 65.16 -11.08 -21.14
C LEU B 3505 65.89 -12.39 -20.90
N TYR B 3506 66.86 -12.38 -19.98
CA TYR B 3506 67.59 -13.58 -19.60
C TYR B 3506 67.13 -14.13 -18.26
N ILE B 3507 66.01 -13.66 -17.73
CA ILE B 3507 65.48 -14.10 -16.45
C ILE B 3507 64.14 -14.76 -16.69
N THR B 3508 63.99 -15.99 -16.19
CA THR B 3508 62.80 -16.83 -16.35
C THR B 3508 62.45 -17.09 -17.80
N GLU B 3509 63.36 -16.82 -18.73
CA GLU B 3509 63.12 -17.03 -20.15
C GLU B 3509 64.45 -16.91 -20.89
N GLN B 3510 64.49 -17.47 -22.09
CA GLN B 3510 65.67 -17.43 -22.93
C GLN B 3510 65.32 -16.81 -24.27
N PRO B 3511 66.07 -15.80 -24.73
CA PRO B 3511 65.75 -15.18 -26.02
C PRO B 3511 66.06 -16.12 -27.17
N GLU B 3512 65.18 -16.11 -28.17
CA GLU B 3512 65.36 -16.97 -29.34
C GLU B 3512 66.51 -16.51 -30.22
N ASP B 3513 66.94 -15.25 -30.09
CA ASP B 3513 68.04 -14.69 -30.87
C ASP B 3513 67.77 -14.77 -32.37
N ASP B 3514 66.50 -14.75 -32.76
CA ASP B 3514 66.16 -14.79 -34.18
C ASP B 3514 66.42 -13.45 -34.85
N ASP B 3515 66.13 -12.36 -34.15
CA ASP B 3515 66.36 -11.02 -34.68
C ASP B 3515 67.75 -10.53 -34.29
N VAL B 3516 68.41 -9.86 -35.24
CA VAL B 3516 69.73 -9.32 -34.97
C VAL B 3516 69.67 -8.12 -34.02
N LYS B 3517 68.52 -7.45 -33.94
CA LYS B 3517 68.38 -6.31 -33.05
C LYS B 3517 68.16 -6.73 -31.61
N GLY B 3518 67.51 -7.88 -31.38
CA GLY B 3518 67.27 -8.33 -30.02
C GLY B 3518 68.53 -8.80 -29.32
N GLN B 3519 69.35 -9.59 -30.02
CA GLN B 3519 70.58 -10.08 -29.42
C GLN B 3519 71.61 -8.95 -29.24
N TRP B 3520 71.55 -7.93 -30.08
CA TRP B 3520 72.49 -6.82 -29.99
C TRP B 3520 72.28 -6.01 -28.71
N ASP B 3521 71.09 -6.05 -28.11
CA ASP B 3521 70.82 -5.30 -26.89
C ASP B 3521 71.49 -5.89 -25.67
N ARG B 3522 72.15 -7.05 -25.79
CA ARG B 3522 72.80 -7.66 -24.64
C ARG B 3522 74.01 -6.86 -24.19
N LEU B 3523 74.64 -6.12 -25.09
CA LEU B 3523 75.81 -5.32 -24.76
C LEU B 3523 75.46 -4.00 -24.07
N VAL B 3524 74.17 -3.71 -23.89
CA VAL B 3524 73.75 -2.47 -23.25
C VAL B 3524 73.30 -2.72 -21.81
N LEU B 3525 73.72 -3.83 -21.21
CA LEU B 3525 73.35 -4.18 -19.84
C LEU B 3525 74.49 -3.99 -18.86
N ASN B 3526 75.68 -4.50 -19.19
CA ASN B 3526 76.83 -4.39 -18.28
C ASN B 3526 77.32 -2.96 -18.14
N THR B 3527 77.07 -2.11 -19.13
CA THR B 3527 77.54 -0.73 -19.06
C THR B 3527 76.64 0.09 -18.15
N PRO B 3528 77.19 0.82 -17.18
CA PRO B 3528 76.35 1.62 -16.27
C PRO B 3528 75.74 2.85 -16.92
N SER B 3529 76.09 3.15 -18.18
CA SER B 3529 75.56 4.31 -18.88
C SER B 3529 74.27 4.00 -19.63
N PHE B 3530 73.55 2.94 -19.23
CA PHE B 3530 72.30 2.61 -19.92
C PHE B 3530 71.17 3.58 -19.57
N PRO B 3531 70.88 3.88 -18.30
CA PRO B 3531 69.81 4.83 -17.99
C PRO B 3531 70.18 6.29 -18.19
N SER B 3532 71.29 6.59 -18.89
CA SER B 3532 71.69 7.98 -19.08
C SER B 3532 70.74 8.70 -20.02
N ASN B 3533 70.41 8.07 -21.16
CA ASN B 3533 69.52 8.70 -22.12
C ASN B 3533 68.07 8.68 -21.66
N TYR B 3534 67.67 7.66 -20.90
CA TYR B 3534 66.31 7.57 -20.42
C TYR B 3534 66.06 8.60 -19.32
N TRP B 3535 64.77 8.91 -19.10
CA TRP B 3535 64.40 9.88 -18.09
C TRP B 3535 64.76 9.38 -16.69
N ASP B 3536 64.20 8.24 -16.30
CA ASP B 3536 64.46 7.65 -14.99
C ASP B 3536 65.87 7.07 -14.99
N LYS B 3537 66.81 7.81 -14.40
CA LYS B 3537 68.19 7.35 -14.33
C LYS B 3537 68.40 6.22 -13.34
N PHE B 3538 67.42 5.95 -12.48
CA PHE B 3538 67.50 4.89 -11.48
C PHE B 3538 66.45 3.81 -11.73
N VAL B 3539 66.06 3.62 -12.99
CA VAL B 3539 65.09 2.59 -13.32
C VAL B 3539 65.68 1.20 -13.14
N LYS B 3540 67.01 1.07 -13.25
CA LYS B 3540 67.65 -0.22 -13.06
C LYS B 3540 67.63 -0.66 -11.60
N ARG B 3541 67.50 0.27 -10.66
CA ARG B 3541 67.45 -0.10 -9.25
C ARG B 3541 66.18 -0.88 -8.92
N LYS B 3542 65.07 -0.58 -9.59
CA LYS B 3542 63.83 -1.30 -9.35
C LYS B 3542 63.88 -2.73 -9.88
N VAL B 3543 64.74 -3.00 -10.85
CA VAL B 3543 64.86 -4.36 -11.38
C VAL B 3543 65.51 -5.29 -10.37
N LEU B 3544 66.38 -4.75 -9.51
CA LEU B 3544 67.05 -5.57 -8.51
C LEU B 3544 66.06 -6.10 -7.48
N ASP B 3545 65.11 -5.26 -7.05
CA ASP B 3545 64.11 -5.70 -6.08
C ASP B 3545 62.95 -6.42 -6.73
N LYS B 3546 62.74 -6.27 -8.03
CA LYS B 3546 61.63 -6.94 -8.69
C LYS B 3546 61.91 -8.42 -8.89
N HIS B 3547 63.08 -8.76 -9.41
CA HIS B 3547 63.47 -10.14 -9.65
C HIS B 3547 64.48 -10.65 -8.62
N GLY B 3548 64.56 -10.00 -7.46
CA GLY B 3548 65.46 -10.42 -6.41
C GLY B 3548 64.91 -11.46 -5.47
N ASP B 3549 63.61 -11.72 -5.51
CA ASP B 3549 62.99 -12.70 -4.65
C ASP B 3549 62.79 -14.05 -5.33
N ILE B 3550 62.65 -14.06 -6.66
CA ILE B 3550 62.45 -15.31 -7.37
C ILE B 3550 63.77 -16.05 -7.57
N TYR B 3551 64.85 -15.31 -7.81
CA TYR B 3551 66.18 -15.87 -8.01
C TYR B 3551 67.15 -15.26 -6.99
N GLY B 3552 68.42 -15.60 -7.14
CA GLY B 3552 69.44 -15.05 -6.27
C GLY B 3552 69.79 -13.62 -6.63
N ARG B 3553 70.24 -12.87 -5.63
CA ARG B 3553 70.61 -11.48 -5.85
C ARG B 3553 71.92 -11.34 -6.61
N GLU B 3554 72.75 -12.39 -6.65
CA GLU B 3554 74.01 -12.32 -7.37
C GLU B 3554 73.82 -12.46 -8.88
N ARG B 3555 72.77 -13.17 -9.31
CA ARG B 3555 72.54 -13.33 -10.74
C ARG B 3555 72.02 -12.05 -11.37
N ILE B 3556 71.09 -11.36 -10.70
CA ILE B 3556 70.56 -10.12 -11.24
C ILE B 3556 71.58 -9.00 -11.17
N ALA B 3557 72.56 -9.09 -10.26
CA ALA B 3557 73.58 -8.05 -10.15
C ALA B 3557 74.68 -8.22 -11.19
N GLU B 3558 74.96 -9.45 -11.59
CA GLU B 3558 76.00 -9.69 -12.60
C GLU B 3558 75.53 -9.27 -13.99
N ILE B 3559 85.84 7.34 -20.67
CA ILE B 3559 84.59 7.44 -21.42
C ILE B 3559 83.97 6.06 -21.59
N ASP B 3560 82.69 6.03 -21.99
CA ASP B 3560 81.96 4.78 -22.18
C ASP B 3560 82.43 4.15 -23.49
N VAL B 3561 83.40 3.25 -23.37
CA VAL B 3561 83.93 2.57 -24.56
C VAL B 3561 83.02 1.44 -25.04
N LYS B 3562 82.09 0.98 -24.19
CA LYS B 3562 81.18 -0.10 -24.56
C LYS B 3562 79.78 0.40 -24.90
N TYR B 3563 79.33 1.49 -24.28
CA TYR B 3563 78.00 2.01 -24.59
C TYR B 3563 77.94 2.61 -25.99
N GLN B 3564 79.02 3.25 -26.42
CA GLN B 3564 79.03 3.84 -27.77
C GLN B 3564 79.03 2.77 -28.85
N ILE B 3565 79.53 1.57 -28.55
CA ILE B 3565 79.48 0.49 -29.51
C ILE B 3565 78.04 0.04 -29.73
N TRP B 3566 77.26 -0.05 -28.65
CA TRP B 3566 75.84 -0.38 -28.79
C TRP B 3566 75.06 0.74 -29.46
N LYS B 3567 75.44 1.99 -29.17
CA LYS B 3567 74.78 3.12 -29.82
C LYS B 3567 75.18 3.24 -31.28
N PHE B 3568 76.36 2.75 -31.65
CA PHE B 3568 76.79 2.78 -33.04
C PHE B 3568 76.05 1.76 -33.89
N GLY B 3569 75.51 0.70 -33.28
CA GLY B 3569 74.79 -0.30 -34.05
C GLY B 3569 73.33 0.02 -34.24
N VAL B 3570 72.71 0.73 -33.29
CA VAL B 3570 71.30 1.08 -33.41
C VAL B 3570 71.08 2.12 -34.50
N ILE B 3571 72.11 2.89 -34.86
CA ILE B 3571 71.96 3.88 -35.91
C ILE B 3571 71.97 3.22 -37.29
N PHE B 3572 72.83 2.22 -37.47
CA PHE B 3572 72.93 1.56 -38.78
C PHE B 3572 71.76 0.62 -39.03
N THR B 3573 71.27 -0.05 -38.00
CA THR B 3573 70.15 -0.98 -38.17
C THR B 3573 68.82 -0.25 -38.38
N ASP B 3574 68.76 1.04 -38.10
CA ASP B 3574 67.53 1.80 -38.31
C ASP B 3574 67.32 2.07 -39.78
N ASN B 3575 66.09 1.84 -40.26
CA ASN B 3575 65.78 2.05 -41.67
C ASN B 3575 65.79 3.52 -42.05
N SER B 3576 65.63 4.42 -41.08
CA SER B 3576 65.63 5.85 -41.39
C SER B 3576 67.04 6.34 -41.72
N PHE B 3577 68.03 5.94 -40.92
CA PHE B 3577 69.40 6.35 -41.20
C PHE B 3577 69.97 5.59 -42.39
N LEU B 3578 69.57 4.33 -42.58
CA LEU B 3578 70.04 3.57 -43.73
C LEU B 3578 69.53 4.19 -45.04
N TYR B 3579 68.34 4.77 -45.02
CA TYR B 3579 67.83 5.44 -46.21
C TYR B 3579 68.65 6.69 -46.54
N LEU B 3580 68.97 7.49 -45.53
CA LEU B 3580 69.82 8.66 -45.75
C LEU B 3580 71.26 8.24 -46.06
N GLY B 3581 71.71 7.13 -45.50
CA GLY B 3581 73.05 6.65 -45.80
C GLY B 3581 73.18 6.16 -47.23
N TRP B 3582 72.19 5.37 -47.69
CA TRP B 3582 72.21 4.92 -49.08
C TRP B 3582 72.00 6.08 -50.05
N TYR B 3583 71.29 7.13 -49.61
CA TYR B 3583 71.11 8.30 -50.46
C TYR B 3583 72.40 9.09 -50.61
N MET B 3584 73.29 9.01 -49.62
CA MET B 3584 74.57 9.71 -49.70
C MET B 3584 75.56 8.96 -50.57
N VAL B 3585 75.50 7.64 -50.61
CA VAL B 3585 76.41 6.87 -51.45
C VAL B 3585 76.11 7.13 -52.93
N MET B 3586 74.83 7.26 -53.28
CA MET B 3586 74.47 7.56 -54.66
C MET B 3586 74.96 8.95 -55.09
N SER B 3587 75.03 9.89 -54.15
CA SER B 3587 75.54 11.22 -54.48
C SER B 3587 77.04 11.20 -54.68
N LEU B 3588 77.76 10.43 -53.85
CA LEU B 3588 79.21 10.34 -54.02
C LEU B 3588 79.58 9.53 -55.25
N LEU B 3589 78.86 8.43 -55.49
CA LEU B 3589 79.13 7.62 -56.68
C LEU B 3589 78.68 8.32 -57.95
N GLY B 3590 77.66 9.17 -57.88
CA GLY B 3590 77.19 9.91 -59.02
C GLY B 3590 77.74 11.33 -59.05
N HIS B 3591 78.92 11.52 -58.44
CA HIS B 3591 79.50 12.87 -58.38
C HIS B 3591 79.93 13.34 -59.77
N TYR B 3592 80.39 12.42 -60.62
CA TYR B 3592 80.80 12.77 -61.97
C TYR B 3592 79.63 12.67 -62.94
N ASN B 3593 79.92 12.79 -64.23
CA ASN B 3593 78.91 12.89 -65.30
C ASN B 3593 78.13 11.60 -65.54
N ASN B 3594 78.15 10.59 -64.68
CA ASN B 3594 77.37 9.38 -64.94
C ASN B 3594 75.89 9.63 -64.66
N PHE B 3595 75.06 8.72 -65.16
CA PHE B 3595 73.61 8.81 -64.99
C PHE B 3595 73.16 8.05 -63.75
N PHE B 3596 73.67 8.47 -62.60
CA PHE B 3596 73.33 7.86 -61.32
C PHE B 3596 72.37 8.71 -60.50
N PHE B 3597 72.18 9.98 -60.85
CA PHE B 3597 71.27 10.85 -60.13
C PHE B 3597 69.81 10.60 -60.47
N ALA B 3598 69.52 9.69 -61.41
CA ALA B 3598 68.13 9.39 -61.75
C ALA B 3598 67.41 8.67 -60.62
N ALA B 3599 68.14 7.91 -59.80
CA ALA B 3599 67.52 7.22 -58.68
C ALA B 3599 66.98 8.18 -57.62
N HIS B 3600 67.46 9.42 -57.59
CA HIS B 3600 66.98 10.39 -56.63
C HIS B 3600 65.57 10.88 -56.97
N LEU B 3601 65.12 10.67 -58.21
CA LEU B 3601 63.77 11.09 -58.58
C LEU B 3601 62.72 10.24 -57.89
N LEU B 3602 63.03 8.98 -57.59
CA LEU B 3602 62.10 8.13 -56.85
C LEU B 3602 61.93 8.58 -55.41
N ASP B 3603 62.89 9.34 -54.87
CA ASP B 3603 62.75 9.85 -53.51
C ASP B 3603 61.64 10.90 -53.41
N ILE B 3604 61.47 11.70 -54.46
CA ILE B 3604 60.41 12.70 -54.45
C ILE B 3604 59.04 12.02 -54.58
N ALA B 3605 58.97 10.92 -55.33
CA ALA B 3605 57.70 10.21 -55.47
C ALA B 3605 57.33 9.47 -54.20
N MET B 3606 58.33 8.92 -53.50
CA MET B 3606 58.05 8.19 -52.26
C MET B 3606 57.65 9.13 -51.14
N GLY B 3607 58.18 10.36 -51.14
CA GLY B 3607 57.85 11.31 -50.10
C GLY B 3607 56.40 11.77 -50.10
N VAL B 3608 55.71 11.60 -51.22
CA VAL B 3608 54.30 11.99 -51.31
C VAL B 3608 53.45 10.96 -50.58
N LYS B 3609 52.44 11.44 -49.87
CA LYS B 3609 51.60 10.55 -49.07
C LYS B 3609 50.72 9.67 -49.95
N THR B 3610 50.09 10.26 -50.98
CA THR B 3610 49.18 9.50 -51.81
C THR B 3610 49.91 8.55 -52.76
N LEU B 3611 51.18 8.82 -53.07
CA LEU B 3611 51.96 7.95 -53.93
C LEU B 3611 52.53 6.76 -53.17
N ARG B 3612 52.54 6.79 -51.83
CA ARG B 3612 53.05 5.65 -51.07
C ARG B 3612 52.13 4.45 -51.16
N THR B 3613 50.84 4.67 -51.40
CA THR B 3613 49.91 3.55 -51.49
C THR B 3613 50.13 2.74 -52.76
N ILE B 3614 50.40 3.42 -53.88
CA ILE B 3614 50.62 2.70 -55.14
C ILE B 3614 51.93 1.94 -55.10
N LEU B 3615 52.99 2.57 -54.58
CA LEU B 3615 54.30 1.92 -54.56
C LEU B 3615 54.33 0.74 -53.58
N SER B 3616 53.59 0.83 -52.48
CA SER B 3616 53.56 -0.23 -51.48
C SER B 3616 52.37 -1.17 -51.66
N SER B 3617 51.63 -1.05 -52.75
CA SER B 3617 50.49 -1.93 -52.96
C SER B 3617 50.94 -3.35 -53.30
N VAL B 3618 52.15 -3.50 -53.86
CA VAL B 3618 52.65 -4.82 -54.21
C VAL B 3618 53.06 -5.58 -52.94
N THR B 3619 53.69 -4.90 -52.00
CA THR B 3619 54.15 -5.52 -50.77
C THR B 3619 53.05 -5.65 -49.72
N HIS B 3620 51.84 -5.17 -50.00
CA HIS B 3620 50.74 -5.31 -49.05
C HIS B 3620 50.28 -6.76 -48.94
N ASN B 3621 49.91 -7.35 -50.07
CA ASN B 3621 49.51 -8.76 -50.14
C ASN B 3621 50.51 -9.58 -50.95
N GLY B 3622 51.80 -9.31 -50.76
CA GLY B 3622 52.83 -10.02 -51.49
C GLY B 3622 52.94 -11.49 -51.14
N LYS B 3623 52.36 -11.91 -50.02
CA LYS B 3623 52.37 -13.33 -49.66
C LYS B 3623 51.56 -14.14 -50.67
N GLN B 3624 50.39 -13.64 -51.06
CA GLN B 3624 49.56 -14.30 -52.06
C GLN B 3624 49.89 -13.88 -53.48
N LEU B 3625 50.88 -13.02 -53.66
CA LEU B 3625 51.30 -12.57 -54.99
C LEU B 3625 52.47 -13.36 -55.55
N VAL B 3626 53.40 -13.80 -54.69
CA VAL B 3626 54.55 -14.56 -55.18
C VAL B 3626 54.12 -15.96 -55.61
N MET B 3627 53.02 -16.47 -55.06
CA MET B 3627 52.55 -17.81 -55.38
C MET B 3627 51.58 -17.83 -56.54
N THR B 3628 50.87 -16.72 -56.81
CA THR B 3628 49.99 -16.68 -57.95
C THR B 3628 50.74 -16.38 -59.25
N VAL B 3629 51.90 -15.73 -59.15
CA VAL B 3629 52.73 -15.51 -60.32
C VAL B 3629 53.51 -16.78 -60.65
N GLY B 3630 53.72 -17.66 -59.67
CA GLY B 3630 54.35 -18.93 -59.95
C GLY B 3630 53.47 -19.87 -60.73
N LEU B 3631 52.15 -19.74 -60.60
CA LEU B 3631 51.22 -20.53 -61.40
C LEU B 3631 51.34 -20.17 -62.88
N LEU B 3632 51.69 -18.92 -63.19
CA LEU B 3632 51.93 -18.55 -64.58
C LEU B 3632 53.14 -19.28 -65.15
N ALA B 3633 54.18 -19.50 -64.35
CA ALA B 3633 55.33 -20.26 -64.79
C ALA B 3633 55.06 -21.75 -64.92
N VAL B 3634 53.90 -22.21 -64.47
CA VAL B 3634 53.53 -23.62 -64.59
C VAL B 3634 52.65 -23.87 -65.81
N VAL B 3635 51.71 -22.96 -66.09
CA VAL B 3635 50.84 -23.14 -67.23
C VAL B 3635 51.62 -22.97 -68.54
N VAL B 3636 52.63 -22.08 -68.54
CA VAL B 3636 53.47 -21.95 -69.72
C VAL B 3636 54.47 -23.09 -69.83
N TYR B 3637 54.75 -23.77 -68.71
CA TYR B 3637 55.62 -24.94 -68.75
C TYR B 3637 54.88 -26.17 -69.25
N LEU B 3638 53.56 -26.22 -69.03
CA LEU B 3638 52.76 -27.34 -69.54
C LEU B 3638 52.42 -27.18 -71.01
N TYR B 3639 52.46 -25.97 -71.54
CA TYR B 3639 52.17 -25.74 -72.96
C TYR B 3639 53.40 -25.81 -73.83
N THR B 3640 54.61 -25.66 -73.26
CA THR B 3640 55.83 -25.83 -74.02
C THR B 3640 56.26 -27.28 -74.14
N VAL B 3641 55.68 -28.18 -73.33
CA VAL B 3641 55.99 -29.60 -73.44
C VAL B 3641 55.33 -30.18 -74.69
N VAL B 3642 54.06 -29.86 -74.92
CA VAL B 3642 53.37 -30.35 -76.10
C VAL B 3642 53.87 -29.70 -77.38
N ALA B 3643 54.64 -28.61 -77.28
CA ALA B 3643 55.21 -27.99 -78.47
C ALA B 3643 56.33 -28.85 -79.05
N PHE B 3644 57.08 -29.56 -78.21
CA PHE B 3644 58.13 -30.44 -78.67
C PHE B 3644 57.61 -31.80 -79.13
N ASN B 3645 56.29 -32.02 -79.09
CA ASN B 3645 55.69 -33.28 -79.46
C ASN B 3645 54.91 -33.21 -80.77
N PHE B 3646 54.07 -32.19 -80.94
CA PHE B 3646 53.23 -32.09 -82.13
C PHE B 3646 53.23 -30.70 -82.76
N PHE B 3647 53.95 -29.73 -82.20
CA PHE B 3647 53.95 -28.36 -82.74
C PHE B 3647 55.36 -27.81 -82.81
N ARG B 3648 56.31 -28.64 -83.24
CA ARG B 3648 57.70 -28.20 -83.35
C ARG B 3648 57.99 -27.54 -84.69
N LYS B 3649 57.53 -28.14 -85.78
CA LYS B 3649 57.75 -27.59 -87.12
C LYS B 3649 56.76 -26.51 -87.50
N PHE B 3650 55.81 -26.18 -86.62
CA PHE B 3650 54.81 -25.17 -86.93
C PHE B 3650 55.26 -23.75 -86.57
N TYR B 3651 56.31 -23.60 -85.76
CA TYR B 3651 56.78 -22.28 -85.39
C TYR B 3651 57.46 -21.60 -86.57
N ASN B 3652 58.52 -22.21 -87.10
CA ASN B 3652 59.29 -21.70 -88.24
C ASN B 3652 59.80 -20.28 -87.96
N LYS B 3653 60.64 -20.19 -86.93
CA LYS B 3653 61.24 -18.93 -86.50
C LYS B 3653 60.19 -17.86 -86.21
N MET B 3654 65.29 -20.27 -86.55
CA MET B 3654 64.28 -21.13 -85.96
C MET B 3654 64.42 -21.18 -84.44
N LYS B 3655 63.45 -20.60 -83.74
CA LYS B 3655 63.46 -20.53 -82.28
C LYS B 3655 62.64 -21.66 -81.66
N CYS B 3656 62.80 -22.89 -82.16
CA CYS B 3656 62.07 -24.02 -81.62
C CYS B 3656 62.95 -25.26 -81.48
N ASP B 3657 64.28 -25.10 -81.48
CA ASP B 3657 65.19 -26.23 -81.35
C ASP B 3657 65.51 -26.53 -79.89
N ASP B 3658 66.03 -25.54 -79.16
CA ASP B 3658 66.38 -25.73 -77.77
C ASP B 3658 65.15 -25.56 -76.88
N MET B 3659 65.25 -26.12 -75.67
CA MET B 3659 64.14 -26.03 -74.73
C MET B 3659 64.07 -24.67 -74.05
N MET B 3660 65.24 -24.11 -73.71
CA MET B 3660 65.26 -22.80 -73.06
C MET B 3660 64.75 -21.70 -74.00
N THR B 3661 64.90 -21.89 -75.31
CA THR B 3661 64.40 -20.90 -76.26
C THR B 3661 62.88 -20.91 -76.31
N CYS B 3662 62.26 -22.10 -76.23
CA CYS B 3662 60.81 -22.18 -76.27
C CYS B 3662 60.18 -21.67 -74.97
N TYR B 3663 60.83 -21.95 -73.84
CA TYR B 3663 60.31 -21.46 -72.57
C TYR B 3663 60.37 -19.94 -72.48
N LEU B 3664 61.38 -19.33 -73.09
CA LEU B 3664 61.48 -17.87 -73.13
C LEU B 3664 60.61 -17.26 -74.22
N PHE B 3665 60.30 -18.02 -75.27
CA PHE B 3665 59.46 -17.49 -76.34
C PHE B 3665 58.01 -17.35 -75.89
N HIS B 3666 57.53 -18.29 -75.06
CA HIS B 3666 56.17 -18.21 -74.57
C HIS B 3666 55.99 -17.15 -73.49
N MET B 3667 57.08 -16.58 -72.98
CA MET B 3667 57.03 -15.54 -71.96
C MET B 3667 57.41 -14.17 -72.48
N TYR B 3668 58.29 -14.08 -73.48
CA TYR B 3668 58.70 -12.79 -74.01
C TYR B 3668 57.61 -12.18 -74.88
N VAL B 3669 57.10 -12.94 -75.84
CA VAL B 3669 56.04 -12.47 -76.73
C VAL B 3669 54.73 -13.18 -76.50
N GLY B 3670 54.69 -14.17 -75.60
CA GLY B 3670 53.45 -14.90 -75.36
C GLY B 3670 52.44 -14.10 -74.56
N VAL B 3671 52.86 -13.59 -73.40
CA VAL B 3671 51.95 -12.82 -72.55
C VAL B 3671 52.03 -11.32 -72.80
N ARG B 3672 53.10 -10.84 -73.45
CA ARG B 3672 53.24 -9.41 -73.72
C ARG B 3672 52.45 -8.96 -74.93
N ALA B 3673 52.16 -9.86 -75.87
CA ALA B 3673 51.40 -9.47 -77.05
C ALA B 3673 49.94 -9.19 -76.71
N GLY B 3674 49.36 -9.99 -75.81
CA GLY B 3674 47.98 -9.82 -75.42
C GLY B 3674 46.96 -10.36 -76.40
N GLY B 3675 47.38 -10.77 -77.59
CA GLY B 3675 46.45 -11.30 -78.57
C GLY B 3675 46.60 -12.79 -78.78
N GLY B 3676 47.15 -13.49 -77.79
CA GLY B 3676 47.34 -14.92 -77.87
C GLY B 3676 48.74 -15.29 -78.31
N ILE B 3677 48.84 -16.50 -78.86
CA ILE B 3677 50.10 -17.04 -79.35
C ILE B 3677 50.13 -17.24 -80.85
N GLY B 3678 48.97 -17.20 -81.52
CA GLY B 3678 48.91 -17.39 -82.95
C GLY B 3678 49.40 -16.24 -83.78
N ASP B 3679 49.79 -15.12 -83.15
CA ASP B 3679 50.26 -13.97 -83.90
C ASP B 3679 51.71 -14.15 -84.39
N GLU B 3680 52.54 -14.85 -83.61
CA GLU B 3680 53.93 -15.04 -83.99
C GLU B 3680 54.13 -16.27 -84.86
N ILE B 3681 53.38 -17.35 -84.62
CA ILE B 3681 53.51 -18.58 -85.38
C ILE B 3681 52.77 -18.42 -86.70
N GLU B 3682 53.03 -19.33 -87.64
CA GLU B 3682 52.38 -19.27 -88.95
C GLU B 3682 50.92 -19.68 -88.84
N ASP B 3683 50.16 -19.34 -89.89
CA ASP B 3683 48.74 -19.66 -89.92
C ASP B 3683 48.55 -21.15 -90.18
N PRO B 3684 47.49 -21.75 -89.64
CA PRO B 3684 47.25 -23.18 -89.87
C PRO B 3684 46.78 -23.47 -91.28
N ALA B 3685 47.70 -23.43 -92.24
CA ALA B 3685 47.37 -23.71 -93.64
C ALA B 3685 47.45 -25.19 -93.97
N GLY B 3686 48.39 -25.91 -93.35
CA GLY B 3686 48.52 -27.33 -93.62
C GLY B 3686 47.46 -28.15 -92.91
N ASP B 3687 47.06 -29.24 -93.56
CA ASP B 3687 46.06 -30.14 -93.00
C ASP B 3687 46.59 -31.00 -91.87
N GLU B 3688 47.91 -31.15 -91.77
CA GLU B 3688 48.50 -31.95 -90.70
C GLU B 3688 48.32 -31.24 -89.37
N TYR B 3689 47.69 -31.93 -88.41
CA TYR B 3689 47.43 -31.37 -87.07
C TYR B 3689 46.63 -30.07 -87.17
N GLU B 3690 45.70 -30.01 -88.12
CA GLU B 3690 44.89 -28.80 -88.28
C GLU B 3690 43.82 -28.71 -87.20
N LEU B 3691 43.23 -29.86 -86.83
CA LEU B 3691 42.21 -29.86 -85.79
C LEU B 3691 42.80 -29.60 -84.41
N TYR B 3692 44.08 -29.87 -84.21
CA TYR B 3692 44.75 -29.64 -82.94
C TYR B 3692 45.40 -28.26 -82.86
N ARG B 3693 45.40 -27.50 -83.95
CA ARG B 3693 45.97 -26.16 -83.92
C ARG B 3693 44.97 -25.13 -83.38
N VAL B 3694 43.68 -25.32 -83.69
CA VAL B 3694 42.67 -24.38 -83.23
C VAL B 3694 42.37 -24.54 -81.75
N VAL B 3695 42.68 -25.70 -81.18
CA VAL B 3695 42.41 -25.91 -79.76
C VAL B 3695 43.51 -25.29 -78.90
N PHE B 3696 44.71 -25.13 -79.45
CA PHE B 3696 45.80 -24.52 -78.69
C PHE B 3696 45.65 -23.01 -78.60
N ASP B 3697 45.08 -22.37 -79.61
CA ASP B 3697 44.87 -20.93 -79.57
C ASP B 3697 43.80 -20.57 -78.54
N ILE B 3698 42.77 -21.40 -78.41
CA ILE B 3698 41.71 -21.11 -77.45
C ILE B 3698 42.18 -21.35 -76.03
N THR B 3699 42.86 -22.47 -75.78
CA THR B 3699 43.29 -22.80 -74.42
C THR B 3699 44.37 -21.88 -73.89
N PHE B 3700 44.99 -21.06 -74.75
CA PHE B 3700 46.02 -20.13 -74.32
C PHE B 3700 45.51 -18.70 -74.15
N PHE B 3701 44.73 -18.20 -75.11
CA PHE B 3701 44.21 -16.84 -75.00
C PHE B 3701 43.12 -16.74 -73.94
N PHE B 3702 42.39 -17.82 -73.69
CA PHE B 3702 41.32 -17.82 -72.71
C PHE B 3702 41.84 -17.99 -71.28
N PHE B 3703 43.05 -18.52 -71.10
CA PHE B 3703 43.55 -18.82 -69.77
C PHE B 3703 44.49 -17.73 -69.25
N VAL B 3704 45.67 -17.61 -69.89
CA VAL B 3704 46.70 -16.72 -69.37
C VAL B 3704 46.49 -15.25 -69.74
N ILE B 3705 45.42 -14.94 -70.48
CA ILE B 3705 45.14 -13.58 -70.91
C ILE B 3705 43.82 -13.07 -70.33
N VAL B 3706 42.78 -13.90 -70.34
CA VAL B 3706 41.46 -13.51 -69.87
C VAL B 3706 41.26 -13.85 -68.40
N ILE B 3707 41.75 -15.00 -67.96
CA ILE B 3707 41.51 -15.47 -66.59
C ILE B 3707 42.73 -15.19 -65.72
N LEU B 3708 43.89 -15.74 -66.09
CA LEU B 3708 45.07 -15.64 -65.24
C LEU B 3708 45.60 -14.21 -65.20
N LEU B 3709 45.55 -13.50 -66.33
CA LEU B 3709 46.06 -12.13 -66.37
C LEU B 3709 45.13 -11.17 -65.63
N ALA B 3710 43.82 -11.46 -65.61
CA ALA B 3710 42.89 -10.59 -64.92
C ALA B 3710 43.04 -10.68 -63.40
N ILE B 3711 43.43 -11.85 -62.89
CA ILE B 3711 43.60 -12.01 -61.45
C ILE B 3711 44.81 -11.20 -60.98
N ILE B 3712 45.89 -11.21 -61.75
CA ILE B 3712 47.08 -10.43 -61.38
C ILE B 3712 46.74 -8.95 -61.37
N GLN B 3713 46.03 -8.47 -62.39
CA GLN B 3713 45.62 -7.08 -62.42
C GLN B 3713 44.59 -6.79 -61.33
N GLY B 3714 43.73 -7.76 -61.00
CA GLY B 3714 42.72 -7.52 -59.99
C GLY B 3714 43.26 -7.50 -58.58
N LEU B 3715 44.36 -8.23 -58.33
CA LEU B 3715 44.95 -8.25 -57.00
C LEU B 3715 45.60 -6.92 -56.65
N ILE B 3716 46.14 -6.21 -57.64
CA ILE B 3716 46.74 -4.92 -57.38
C ILE B 3716 45.68 -3.86 -57.14
N ILE B 3717 44.58 -3.91 -57.88
CA ILE B 3717 43.49 -2.96 -57.69
C ILE B 3717 42.79 -3.22 -56.36
N ASP B 3718 42.65 -4.49 -55.98
CA ASP B 3718 42.04 -4.81 -54.69
C ASP B 3718 42.93 -4.35 -53.53
N ALA B 3719 44.24 -4.52 -53.66
CA ALA B 3719 45.15 -4.03 -52.62
C ALA B 3719 45.13 -2.52 -52.56
N PHE B 3720 45.08 -1.85 -53.70
CA PHE B 3720 44.99 -0.39 -53.72
C PHE B 3720 43.61 0.08 -53.31
N GLY B 3721 42.57 -0.71 -53.59
CA GLY B 3721 41.23 -0.32 -53.20
C GLY B 3721 40.99 -0.44 -51.71
N GLU B 3722 41.57 -1.46 -51.08
CA GLU B 3722 41.42 -1.62 -49.63
C GLU B 3722 42.23 -0.58 -48.88
N LEU B 3723 43.44 -0.28 -49.36
CA LEU B 3723 44.26 0.73 -48.71
C LEU B 3723 43.67 2.13 -48.87
N ARG B 3724 43.05 2.40 -50.02
CA ARG B 3724 42.42 3.70 -50.23
C ARG B 3724 41.20 3.87 -49.33
N ASP B 3725 40.40 2.81 -49.17
CA ASP B 3725 39.23 2.89 -48.30
C ASP B 3725 39.62 2.89 -46.84
N GLN B 3726 40.75 2.27 -46.49
CA GLN B 3726 41.19 2.23 -45.09
C GLN B 3726 41.65 3.61 -44.64
N GLN B 3727 42.33 4.35 -45.51
CA GLN B 3727 42.79 5.69 -45.14
C GLN B 3727 41.61 6.65 -44.95
N GLU B 3728 40.51 6.42 -45.65
CA GLU B 3728 39.32 7.26 -45.50
C GLU B 3728 38.38 6.77 -44.41
N GLN B 3729 38.46 5.48 -44.05
CA GLN B 3729 37.62 4.97 -42.98
C GLN B 3729 38.08 5.46 -41.61
N VAL B 3730 39.40 5.59 -41.43
CA VAL B 3730 39.92 6.08 -40.16
C VAL B 3730 39.71 7.58 -40.00
N ARG B 3731 39.45 8.30 -41.09
CA ARG B 3731 39.18 9.73 -41.01
C ARG B 3731 37.70 10.02 -40.75
N GLU B 3732 36.81 9.22 -41.34
CA GLU B 3732 35.39 9.41 -41.08
C GLU B 3732 35.02 8.96 -39.66
N ASP B 3733 35.61 7.87 -39.20
CA ASP B 3733 35.34 7.39 -37.84
C ASP B 3733 35.94 8.29 -36.77
N MET B 3734 36.93 9.11 -37.12
CA MET B 3734 37.52 10.02 -36.13
C MET B 3734 36.53 11.09 -35.70
N GLU B 3735 35.70 11.57 -36.65
CA GLU B 3735 34.70 12.58 -36.32
C GLU B 3735 33.51 12.01 -35.58
N THR B 3736 33.32 10.68 -35.61
CA THR B 3736 32.21 10.07 -34.90
C THR B 3736 32.46 10.06 -33.40
N LYS B 3737 33.66 9.65 -32.98
CA LYS B 3737 34.00 9.60 -31.57
C LYS B 3737 35.48 9.91 -31.41
N CYS B 3738 35.81 10.57 -30.31
CA CYS B 3738 37.19 10.93 -30.03
C CYS B 3738 37.98 9.73 -29.54
N PHE B 3739 39.28 9.73 -29.83
CA PHE B 3739 40.13 8.62 -29.40
C PHE B 3739 40.35 8.64 -27.89
N ILE B 3740 40.53 9.83 -27.32
CA ILE B 3740 40.73 9.92 -25.87
C ILE B 3740 39.43 9.66 -25.13
N CYS B 3741 38.32 10.19 -25.64
CA CYS B 3741 37.03 9.99 -25.00
C CYS B 3741 36.55 8.56 -25.21
N GLY B 3742 35.75 8.08 -24.27
CA GLY B 3742 35.18 6.75 -24.33
C GLY B 3742 33.77 6.67 -24.85
N ILE B 3743 33.13 7.82 -25.09
CA ILE B 3743 31.76 7.83 -25.62
C ILE B 3743 31.84 7.54 -27.11
N GLY B 3744 31.24 6.42 -27.53
CA GLY B 3744 31.28 6.01 -28.92
C GLY B 3744 29.95 6.18 -29.64
N SER B 3745 28.91 6.54 -28.90
CA SER B 3745 27.59 6.72 -29.47
C SER B 3745 27.52 8.08 -30.18
N ASP B 3746 26.34 8.43 -30.68
CA ASP B 3746 26.11 9.69 -31.38
C ASP B 3746 25.47 10.75 -30.49
N TYR B 3747 25.79 10.74 -29.19
CA TYR B 3747 25.22 11.72 -28.28
C TYR B 3747 25.74 13.12 -28.59
N PHE B 3748 27.06 13.26 -28.71
CA PHE B 3748 27.65 14.55 -29.05
C PHE B 3748 27.46 14.90 -30.52
N ASP B 3749 27.26 13.91 -31.39
CA ASP B 3749 27.04 14.19 -32.80
C ASP B 3749 25.64 14.72 -33.07
N THR B 3750 24.64 14.29 -32.29
CA THR B 3750 23.28 14.77 -32.49
C THR B 3750 23.10 16.16 -31.91
N THR B 3751 23.63 16.41 -30.73
CA THR B 3751 23.50 17.72 -30.10
C THR B 3751 24.34 18.74 -30.89
N PRO B 3752 23.77 19.87 -31.29
CA PRO B 3752 24.55 20.85 -32.05
C PRO B 3752 25.66 21.46 -31.21
N HIS B 3753 26.84 21.62 -31.83
CA HIS B 3753 28.01 22.23 -31.21
C HIS B 3753 28.43 21.49 -29.94
N ARG B 3754 28.25 20.16 -29.92
CA ARG B 3754 28.64 19.33 -28.79
C ARG B 3754 29.98 18.63 -29.01
N PHE B 3755 30.18 18.05 -30.20
CA PHE B 3755 31.44 17.37 -30.48
C PHE B 3755 32.56 18.37 -30.73
N GLU B 3756 32.24 19.53 -31.32
CA GLU B 3756 33.27 20.54 -31.54
C GLU B 3756 33.74 21.16 -30.24
N THR B 3757 32.85 21.27 -29.24
CA THR B 3757 33.23 21.81 -27.94
C THR B 3757 33.89 20.75 -27.07
N HIS B 3758 33.53 19.49 -27.24
CA HIS B 3758 34.14 18.42 -26.45
C HIS B 3758 35.62 18.28 -26.76
N THR B 3759 36.01 18.43 -28.02
CA THR B 3759 37.41 18.34 -28.42
C THR B 3759 38.17 19.64 -28.21
N LEU B 3760 37.50 20.70 -27.75
CA LEU B 3760 38.14 21.99 -27.55
C LEU B 3760 38.64 22.18 -26.11
N GLU B 3761 37.79 21.90 -25.13
CA GLU B 3761 38.13 22.10 -23.73
C GLU B 3761 37.99 20.84 -22.88
N GLU B 3762 37.05 19.95 -23.20
CA GLU B 3762 36.85 18.76 -22.38
C GLU B 3762 38.00 17.77 -22.56
N HIS B 3763 38.21 17.30 -23.79
CA HIS B 3763 39.26 16.34 -24.10
C HIS B 3763 40.12 16.89 -25.23
N ASN B 3764 41.42 16.96 -25.01
CA ASN B 3764 42.35 17.46 -26.00
C ASN B 3764 43.59 16.57 -26.01
N LEU B 3765 44.17 16.38 -27.20
CA LEU B 3765 45.38 15.58 -27.33
C LEU B 3765 46.62 16.31 -26.81
N ALA B 3766 46.51 17.61 -26.54
CA ALA B 3766 47.62 18.39 -25.99
C ALA B 3766 47.53 18.56 -24.48
N ASN B 3767 46.33 18.61 -23.93
CA ASN B 3767 46.18 18.75 -22.48
C ASN B 3767 46.66 17.49 -21.76
N TYR B 3768 46.31 16.32 -22.28
CA TYR B 3768 46.79 15.07 -21.70
C TYR B 3768 48.30 14.94 -21.86
N MET B 3769 48.86 15.49 -22.94
CA MET B 3769 50.30 15.48 -23.10
C MET B 3769 50.98 16.43 -22.12
N PHE B 3770 50.39 17.62 -21.92
CA PHE B 3770 50.93 18.55 -20.93
C PHE B 3770 50.69 18.08 -19.51
N PHE B 3771 49.73 17.19 -19.29
CA PHE B 3771 49.49 16.67 -17.95
C PHE B 3771 50.65 15.76 -17.50
N LEU B 3772 51.20 14.97 -18.43
CA LEU B 3772 52.35 14.15 -18.09
C LEU B 3772 53.59 15.01 -17.84
N MET B 3773 53.73 16.11 -18.58
CA MET B 3773 54.83 17.03 -18.33
C MET B 3773 54.70 17.71 -16.97
N TYR B 3774 53.46 18.00 -16.54
CA TYR B 3774 53.26 18.63 -15.25
C TYR B 3774 53.60 17.70 -14.09
N LEU B 3775 53.50 16.39 -14.30
CA LEU B 3775 53.82 15.44 -13.25
C LEU B 3775 55.32 15.25 -13.10
N ILE B 3776 56.05 15.18 -14.22
CA ILE B 3776 57.49 15.01 -14.16
C ILE B 3776 58.18 16.27 -13.64
N ASN B 3777 57.60 17.44 -13.92
CA ASN B 3777 58.20 18.70 -13.47
C ASN B 3777 58.17 18.82 -11.95
N LYS B 3778 56.99 18.73 -11.36
CA LYS B 3778 56.87 18.84 -9.92
C LYS B 3778 57.35 17.57 -9.23
N ASP B 3779 57.71 17.71 -7.96
CA ASP B 3779 58.15 16.58 -7.16
C ASP B 3779 56.97 15.73 -6.72
N GLU B 3780 57.27 14.50 -6.30
CA GLU B 3780 56.21 13.59 -5.87
C GLU B 3780 55.57 14.04 -4.57
N THR B 3781 56.33 14.69 -3.69
CA THR B 3781 55.79 15.15 -2.41
C THR B 3781 54.83 16.33 -2.57
N GLU B 3782 54.81 16.98 -3.72
CA GLU B 3782 53.91 18.11 -3.96
C GLU B 3782 52.63 17.71 -4.66
N HIS B 3783 52.43 16.43 -4.95
CA HIS B 3783 51.22 15.97 -5.61
C HIS B 3783 50.04 15.97 -4.65
N THR B 3784 48.86 16.21 -5.19
CA THR B 3784 47.63 16.23 -4.41
C THR B 3784 47.05 14.83 -4.33
N GLY B 3785 45.80 14.72 -3.86
CA GLY B 3785 45.18 13.41 -3.75
C GLY B 3785 44.92 12.76 -5.09
N GLN B 3786 44.61 13.56 -6.11
CA GLN B 3786 44.36 13.03 -7.45
C GLN B 3786 45.65 12.89 -8.24
N GLU B 3787 46.62 13.77 -8.03
CA GLU B 3787 47.89 13.67 -8.75
C GLU B 3787 48.73 12.50 -8.25
N SER B 3788 48.56 12.10 -6.99
CA SER B 3788 49.30 10.96 -6.47
C SER B 3788 48.72 9.64 -6.94
N TYR B 3789 47.42 9.59 -7.22
CA TYR B 3789 46.80 8.34 -7.65
C TYR B 3789 47.18 8.01 -9.09
N VAL B 3790 47.31 9.03 -9.95
CA VAL B 3790 47.69 8.78 -11.33
C VAL B 3790 49.16 8.42 -11.43
N TRP B 3791 49.97 8.85 -10.45
CA TRP B 3791 51.38 8.48 -10.45
C TRP B 3791 51.60 7.05 -9.98
N LYS B 3792 50.75 6.55 -9.09
CA LYS B 3792 50.87 5.17 -8.62
C LYS B 3792 50.51 4.18 -9.71
N MET B 3793 49.55 4.53 -10.58
CA MET B 3793 49.15 3.66 -11.67
C MET B 3793 49.98 3.86 -12.93
N TYR B 3794 50.82 4.89 -12.98
CA TYR B 3794 51.67 5.10 -14.15
C TYR B 3794 52.71 4.00 -14.28
N GLN B 3795 53.38 3.67 -13.18
CA GLN B 3795 54.36 2.60 -13.18
C GLN B 3795 53.72 1.22 -13.11
N GLU B 3796 52.40 1.14 -12.97
CA GLU B 3796 51.72 -0.15 -12.91
C GLU B 3796 51.51 -0.70 -14.32
N ARG B 3797 51.18 -1.99 -14.38
CA ARG B 3797 50.95 -2.66 -15.66
C ARG B 3797 49.56 -2.41 -16.23
N CYS B 3798 48.76 -1.56 -15.58
CA CYS B 3798 47.41 -1.27 -16.05
C CYS B 3798 47.25 0.23 -16.27
N TRP B 3799 46.24 0.60 -17.05
CA TRP B 3799 45.92 1.98 -17.38
C TRP B 3799 44.43 2.22 -17.22
N ASP B 3800 43.86 1.76 -16.11
CA ASP B 3800 42.43 1.87 -15.86
C ASP B 3800 42.00 3.31 -15.55
N PHE B 3801 42.93 4.26 -15.45
CA PHE B 3801 42.55 5.63 -15.15
C PHE B 3801 41.88 6.33 -16.32
N PHE B 3802 41.93 5.75 -17.52
CA PHE B 3802 41.23 6.32 -18.66
C PHE B 3802 39.72 6.18 -18.48
N PRO B 3803 38.93 7.07 -19.12
CA PRO B 3803 37.47 6.96 -19.00
C PRO B 3803 36.93 5.63 -19.50
N ALA B 3804 37.18 5.32 -20.77
CA ALA B 3804 36.78 4.05 -21.38
C ALA B 3804 35.27 3.81 -21.27
N GLY B 3805 34.52 4.77 -21.78
CA GLY B 3805 33.07 4.67 -21.83
C GLY B 3805 32.31 5.52 -20.85
N ASP B 3806 32.99 6.37 -20.07
CA ASP B 3806 32.33 7.23 -19.09
C ASP B 3806 33.04 8.59 -19.09
N CYS B 3807 32.44 9.56 -19.77
CA CYS B 3807 33.00 10.90 -19.83
C CYS B 3807 32.44 11.76 -18.69
N PHE B 3808 32.89 13.01 -18.63
CA PHE B 3808 32.41 13.91 -17.58
C PHE B 3808 30.97 14.32 -17.81
N ARG B 3809 30.53 14.41 -19.06
CA ARG B 3809 29.15 14.80 -19.34
C ARG B 3809 28.18 13.67 -19.03
N LYS B 3810 28.63 12.41 -19.15
CA LYS B 3810 27.76 11.29 -18.86
C LYS B 3810 27.42 11.22 -17.37
N GLN B 3811 28.32 11.66 -16.50
CA GLN B 3811 28.04 11.68 -15.07
C GLN B 3811 27.11 12.81 -14.70
N TYR B 3812 27.29 13.99 -15.28
CA TYR B 3812 26.42 15.13 -14.99
C TYR B 3812 25.03 14.96 -15.61
N GLU B 3813 24.90 14.15 -16.65
CA GLU B 3813 23.59 13.93 -17.25
C GLU B 3813 22.68 13.10 -16.36
N ASP B 3814 23.25 12.16 -15.60
CA ASP B 3814 22.44 11.35 -14.71
C ASP B 3814 21.92 12.16 -13.52
N GLN B 3815 22.78 13.00 -12.94
CA GLN B 3815 22.35 13.82 -11.81
C GLN B 3815 21.49 14.98 -12.28
N LEU B 3816 21.91 15.68 -13.32
CA LEU B 3816 21.16 16.81 -13.84
C LEU B 3816 20.73 16.56 -15.29
N MET C 1 69.14 50.25 45.80
CA MET C 1 69.93 49.03 45.71
C MET C 1 71.31 49.21 46.32
N ALA C 2 71.84 48.16 46.94
CA ALA C 2 73.15 48.21 47.57
C ALA C 2 74.29 48.17 46.56
N ASP C 3 74.00 47.95 45.28
CA ASP C 3 75.05 47.90 44.26
C ASP C 3 75.62 49.27 43.93
N GLN C 4 75.01 50.35 44.43
CA GLN C 4 75.52 51.69 44.14
C GLN C 4 76.84 51.95 44.87
N LEU C 5 76.98 51.41 46.08
CA LEU C 5 78.20 51.61 46.84
C LEU C 5 79.36 50.83 46.23
N THR C 6 80.51 51.49 46.12
CA THR C 6 81.69 50.85 45.55
C THR C 6 82.28 49.85 46.55
N GLU C 7 83.23 49.05 46.05
CA GLU C 7 83.85 48.03 46.90
C GLU C 7 84.71 48.68 47.98
N GLU C 8 85.41 49.76 47.65
CA GLU C 8 86.25 50.44 48.64
C GLU C 8 85.41 51.05 49.74
N GLN C 9 84.27 51.65 49.39
CA GLN C 9 83.39 52.23 50.40
C GLN C 9 82.81 51.15 51.31
N ILE C 10 82.41 50.02 50.72
CA ILE C 10 81.90 48.91 51.51
C ILE C 10 82.97 48.40 52.46
N ALA C 11 84.20 48.26 51.97
CA ALA C 11 85.28 47.77 52.82
C ALA C 11 85.59 48.73 53.96
N GLU C 12 85.60 50.04 53.67
CA GLU C 12 85.86 51.02 54.72
C GLU C 12 84.74 51.03 55.75
N PHE C 13 83.49 50.94 55.30
CA PHE C 13 82.36 50.90 56.22
C PHE C 13 82.42 49.66 57.11
N LYS C 14 82.76 48.51 56.52
CA LYS C 14 82.88 47.28 57.31
C LYS C 14 84.03 47.40 58.31
N GLU C 15 85.15 47.98 57.89
CA GLU C 15 86.28 48.14 58.80
C GLU C 15 85.92 49.02 59.98
N ALA C 16 85.25 50.15 59.72
CA ALA C 16 84.84 51.02 60.82
C ALA C 16 83.81 50.34 61.72
N PHE C 17 82.86 49.63 61.11
CA PHE C 17 81.81 48.94 61.88
C PHE C 17 82.41 47.88 62.80
N SER C 18 83.46 47.18 62.33
CA SER C 18 84.09 46.16 63.14
C SER C 18 85.08 46.75 64.14
N LEU C 19 85.66 47.92 63.84
CA LEU C 19 86.64 48.51 64.75
C LEU C 19 85.96 49.21 65.91
N PHE C 20 84.83 49.87 65.67
CA PHE C 20 84.13 50.55 66.76
C PHE C 20 83.57 49.56 67.77
N ASP C 21 82.91 48.50 67.29
CA ASP C 21 82.30 47.53 68.17
C ASP C 21 83.35 46.55 68.70
N LYS C 22 83.11 46.04 69.90
CA LYS C 22 84.02 45.09 70.52
C LYS C 22 83.78 43.69 69.95
N ASP C 23 84.47 42.70 70.52
CA ASP C 23 84.32 41.33 70.07
C ASP C 23 82.96 40.78 70.47
N GLY C 24 82.29 40.10 69.54
CA GLY C 24 80.98 39.53 69.80
C GLY C 24 80.00 39.73 68.67
N ASP C 25 78.74 39.98 69.00
CA ASP C 25 77.72 40.18 67.99
C ASP C 25 77.86 41.56 67.35
N GLY C 26 77.43 41.66 66.10
CA GLY C 26 77.49 42.91 65.37
C GLY C 26 76.46 43.95 65.76
N THR C 27 75.58 43.64 66.72
CA THR C 27 74.57 44.60 67.15
C THR C 27 75.22 45.76 67.88
N ILE C 28 74.81 46.97 67.53
CA ILE C 28 75.38 48.20 68.07
C ILE C 28 74.25 49.11 68.51
N THR C 29 74.40 49.72 69.70
CA THR C 29 73.40 50.61 70.24
C THR C 29 73.22 51.84 69.35
N THR C 30 72.03 52.45 69.42
CA THR C 30 71.73 53.61 68.59
C THR C 30 72.69 54.75 68.86
N LYS C 31 72.93 55.07 70.14
CA LYS C 31 73.92 56.08 70.47
C LYS C 31 75.31 55.64 70.03
N GLU C 32 75.64 54.37 70.23
CA GLU C 32 76.90 53.84 69.72
C GLU C 32 76.93 53.84 68.21
N LEU C 33 75.78 53.64 67.56
CA LEU C 33 75.72 53.72 66.10
C LEU C 33 76.06 55.13 65.63
N GLY C 34 75.49 56.14 66.29
CA GLY C 34 75.83 57.51 65.95
C GLY C 34 77.29 57.84 66.22
N THR C 35 77.84 57.30 67.32
CA THR C 35 79.24 57.51 67.62
C THR C 35 80.13 56.88 66.55
N VAL C 36 79.76 55.70 66.07
CA VAL C 36 80.54 55.03 65.03
C VAL C 36 80.42 55.79 63.71
N MET C 37 79.23 56.31 63.42
CA MET C 37 79.06 57.11 62.21
C MET C 37 79.90 58.37 62.26
N ARG C 38 80.00 58.99 63.44
CA ARG C 38 80.87 60.15 63.59
C ARG C 38 82.33 59.77 63.48
N SER C 39 82.70 58.58 63.97
CA SER C 39 84.07 58.12 63.88
C SER C 39 84.44 57.73 62.45
N LEU C 40 83.47 57.37 61.64
CA LEU C 40 83.71 56.97 60.26
C LEU C 40 83.90 58.16 59.32
N GLY C 41 83.88 59.39 59.83
CA GLY C 41 84.05 60.56 59.00
C GLY C 41 82.78 61.36 58.82
N PRO C 44 77.90 64.07 60.39
CA PRO C 44 76.49 64.39 60.18
C PRO C 44 75.89 65.17 61.34
N THR C 45 74.74 65.80 61.10
CA THR C 45 74.09 66.58 62.13
C THR C 45 73.44 65.65 63.17
N GLU C 46 73.06 66.25 64.31
CA GLU C 46 72.42 65.48 65.36
C GLU C 46 71.03 65.03 64.95
N ALA C 47 70.30 65.88 64.21
CA ALA C 47 68.97 65.51 63.75
C ALA C 47 69.03 64.35 62.77
N GLU C 48 70.01 64.36 61.86
CA GLU C 48 70.17 63.26 60.92
C GLU C 48 70.53 61.97 61.64
N LEU C 49 71.39 62.06 62.67
CA LEU C 49 71.73 60.88 63.44
C LEU C 49 70.52 60.33 64.19
N GLN C 50 69.70 61.21 64.77
CA GLN C 50 68.51 60.76 65.45
C GLN C 50 67.52 60.12 64.48
N ASP C 51 67.38 60.69 63.28
CA ASP C 51 66.50 60.10 62.28
C ASP C 51 67.00 58.73 61.84
N MET C 52 68.32 58.58 61.65
CA MET C 52 68.88 57.29 61.27
C MET C 52 68.72 56.27 62.38
N ILE C 53 68.82 56.70 63.63
CA ILE C 53 68.63 55.78 64.75
C ILE C 53 67.18 55.36 64.85
N ASN C 54 66.25 56.28 64.61
CA ASN C 54 64.83 55.94 64.66
C ASN C 54 64.42 55.06 63.48
N GLU C 55 65.09 55.21 62.33
CA GLU C 55 64.76 54.39 61.18
C GLU C 55 65.17 52.94 61.39
N VAL C 56 66.25 52.69 62.13
CA VAL C 56 66.71 51.34 62.39
C VAL C 56 66.31 50.91 63.80
N ASN C 61 65.03 46.77 72.19
CA ASN C 61 65.69 46.74 70.90
C ASN C 61 67.00 47.54 70.94
N GLY C 62 67.08 48.56 70.09
CA GLY C 62 68.28 49.38 70.03
C GLY C 62 69.50 48.66 69.49
N THR C 63 69.33 47.89 68.42
CA THR C 63 70.42 47.13 67.82
C THR C 63 70.44 47.37 66.31
N ILE C 64 71.61 47.70 65.78
CA ILE C 64 71.80 47.95 64.36
C ILE C 64 72.88 47.01 63.85
N ASP C 65 72.58 46.30 62.76
CA ASP C 65 73.48 45.32 62.19
C ASP C 65 74.13 45.90 60.93
N PHE C 66 74.99 45.11 60.29
CA PHE C 66 75.78 45.62 59.18
C PHE C 66 74.96 45.97 57.93
N PRO C 67 74.04 45.13 57.44
CA PRO C 67 73.25 45.56 56.26
C PRO C 67 72.39 46.78 56.53
N GLU C 68 71.90 46.93 57.77
CA GLU C 68 71.16 48.14 58.12
C GLU C 68 72.05 49.38 57.97
N PHE C 69 73.29 49.30 58.49
CA PHE C 69 74.21 50.43 58.36
C PHE C 69 74.54 50.70 56.90
N LEU C 70 74.73 49.64 56.11
CA LEU C 70 75.01 49.83 54.69
C LEU C 70 73.86 50.51 53.96
N THR C 71 72.63 50.06 54.22
CA THR C 71 71.47 50.65 53.58
C THR C 71 71.26 52.10 54.04
N MET C 72 71.61 52.40 55.29
CA MET C 72 71.48 53.77 55.78
C MET C 72 72.52 54.68 55.14
N MET C 73 73.75 54.19 54.95
CA MET C 73 74.82 55.02 54.41
C MET C 73 74.78 55.13 52.89
N ALA C 74 74.13 54.18 52.20
CA ALA C 74 74.09 54.24 50.74
C ALA C 74 73.30 55.45 50.26
N ARG C 75 72.15 55.73 50.89
CA ARG C 75 71.34 56.87 50.47
C ARG C 75 72.06 58.18 50.71
N LYS C 76 72.92 58.23 51.72
CA LYS C 76 73.65 59.47 52.01
C LYS C 76 74.86 59.62 51.11
N MET C 77 75.48 58.50 50.71
CA MET C 77 76.70 58.59 49.91
C MET C 77 76.44 58.55 48.41
N LYS C 78 75.22 58.24 47.97
CA LYS C 78 74.97 58.08 46.54
C LYS C 78 74.78 59.43 45.84
N ASP C 79 74.03 60.34 46.46
CA ASP C 79 73.52 61.51 45.72
C ASP C 79 74.64 62.46 45.31
N THR C 80 75.45 62.90 46.25
CA THR C 80 76.50 63.87 45.95
C THR C 80 77.54 63.26 45.00
N ASP C 81 77.91 62.01 45.24
CA ASP C 81 78.86 61.34 44.37
C ASP C 81 78.32 61.23 42.95
N SER C 82 77.04 60.89 42.80
CA SER C 82 76.45 60.79 41.46
C SER C 82 76.41 62.14 40.78
N GLU C 83 76.04 63.18 41.51
CA GLU C 83 76.01 64.53 40.92
C GLU C 83 77.39 64.96 40.44
N GLU C 84 78.41 64.77 41.29
CA GLU C 84 79.76 65.16 40.92
C GLU C 84 80.27 64.36 39.73
N GLU C 85 80.02 63.05 39.74
CA GLU C 85 80.46 62.20 38.63
C GLU C 85 79.77 62.58 37.33
N ILE C 86 78.46 62.88 37.40
CA ILE C 86 77.74 63.27 36.20
C ILE C 86 78.28 64.58 35.65
N ARG C 87 78.52 65.56 36.53
CA ARG C 87 79.08 66.83 36.08
C ARG C 87 80.45 66.63 35.44
N GLU C 88 81.31 65.84 36.09
CA GLU C 88 82.67 65.64 35.57
C GLU C 88 82.64 64.90 34.24
N ALA C 89 81.78 63.89 34.11
CA ALA C 89 81.72 63.13 32.87
C ALA C 89 81.11 63.92 31.73
N PHE C 90 80.12 64.77 32.03
CA PHE C 90 79.54 65.61 30.98
C PHE C 90 80.51 66.69 30.54
N ARG C 91 81.29 67.25 31.47
CA ARG C 91 82.28 68.26 31.14
C ARG C 91 83.60 67.66 30.66
N VAL C 92 83.70 66.35 30.53
CA VAL C 92 84.96 65.72 30.13
C VAL C 92 85.16 65.73 28.62
N PHE C 93 84.08 65.87 27.84
CA PHE C 93 84.21 65.83 26.39
C PHE C 93 84.91 67.08 25.87
N ASP C 94 84.41 68.26 26.23
CA ASP C 94 85.00 69.51 25.77
C ASP C 94 86.30 69.80 26.50
N LYS C 95 87.23 70.45 25.79
CA LYS C 95 88.52 70.83 26.34
C LYS C 95 88.63 72.32 26.59
N ASP C 96 87.54 73.07 26.44
CA ASP C 96 87.59 74.52 26.67
C ASP C 96 87.69 74.84 28.14
N GLY C 97 87.19 73.97 29.02
CA GLY C 97 87.24 74.19 30.45
C GLY C 97 86.07 74.96 31.02
N ASN C 98 85.32 75.69 30.17
CA ASN C 98 84.19 76.46 30.67
C ASN C 98 82.98 75.58 30.96
N GLY C 99 82.84 74.46 30.25
CA GLY C 99 81.74 73.55 30.44
C GLY C 99 80.59 73.70 29.47
N TYR C 100 80.53 74.82 28.75
CA TYR C 100 79.46 75.08 27.78
C TYR C 100 79.99 74.77 26.39
N ILE C 101 79.64 73.61 25.86
CA ILE C 101 80.07 73.20 24.53
C ILE C 101 79.02 73.62 23.51
N SER C 102 79.25 73.28 22.24
CA SER C 102 78.30 73.63 21.20
C SER C 102 77.04 72.78 21.32
N ALA C 103 75.90 73.39 20.98
CA ALA C 103 74.62 72.66 21.06
C ALA C 103 74.54 71.59 19.99
N ALA C 104 74.94 71.91 18.75
CA ALA C 104 74.90 70.92 17.68
C ALA C 104 75.89 69.79 17.96
N GLU C 105 77.08 70.12 18.46
CA GLU C 105 78.05 69.07 18.78
C GLU C 105 77.55 68.18 19.92
N LEU C 106 76.92 68.79 20.93
CA LEU C 106 76.35 68.00 22.03
C LEU C 106 75.24 67.08 21.54
N ARG C 107 74.37 67.58 20.67
CA ARG C 107 73.31 66.75 20.12
C ARG C 107 73.87 65.62 19.27
N HIS C 108 74.89 65.90 18.46
CA HIS C 108 75.49 64.85 17.64
C HIS C 108 76.18 63.79 18.51
N VAL C 109 76.82 64.22 19.60
CA VAL C 109 77.47 63.26 20.48
C VAL C 109 76.44 62.43 21.23
N MET C 110 75.30 63.03 21.59
CA MET C 110 74.25 62.28 22.27
C MET C 110 73.57 61.29 21.33
N THR C 111 73.43 61.66 20.05
CA THR C 111 72.77 60.78 19.10
C THR C 111 73.69 59.69 18.57
N ASN C 112 75.00 59.94 18.52
CA ASN C 112 75.91 58.96 17.96
C ASN C 112 76.46 58.03 19.04
N LEU C 113 76.70 58.54 20.24
CA LEU C 113 77.26 57.76 21.33
C LEU C 113 76.36 57.86 22.55
N GLY C 114 76.51 56.88 23.45
CA GLY C 114 75.72 56.86 24.66
C GLY C 114 74.88 55.60 24.79
N GLU C 115 73.79 55.53 24.03
CA GLU C 115 72.91 54.36 24.08
C GLU C 115 72.27 54.19 22.69
N LYS C 116 71.05 53.65 22.67
CA LYS C 116 70.31 53.43 21.43
C LYS C 116 69.06 54.28 21.47
N LEU C 117 69.00 55.30 20.62
CA LEU C 117 67.85 56.20 20.56
C LEU C 117 67.62 56.60 19.11
N THR C 118 66.35 56.79 18.76
CA THR C 118 65.98 57.17 17.41
C THR C 118 66.37 58.62 17.13
N ASP C 119 66.44 58.96 15.84
CA ASP C 119 66.77 60.33 15.46
C ASP C 119 65.66 61.30 15.86
N GLU C 120 64.41 60.86 15.76
CA GLU C 120 63.30 61.71 16.18
C GLU C 120 63.34 61.98 17.67
N GLU C 121 63.70 60.97 18.47
CA GLU C 121 63.83 61.17 19.91
C GLU C 121 64.96 62.15 20.22
N VAL C 122 66.08 62.05 19.50
CA VAL C 122 67.18 62.98 19.70
C VAL C 122 66.77 64.40 19.33
N ASP C 123 66.02 64.55 18.25
CA ASP C 123 65.55 65.87 17.85
C ASP C 123 64.59 66.44 18.89
N GLU C 124 63.71 65.60 19.44
CA GLU C 124 62.78 66.07 20.46
C GLU C 124 63.52 66.46 21.73
N MET C 125 64.55 65.70 22.11
CA MET C 125 65.34 66.04 23.29
C MET C 125 66.12 67.33 23.07
N ILE C 126 66.60 67.56 21.85
CA ILE C 126 67.31 68.81 21.56
C ILE C 126 66.35 69.99 21.58
N ARG C 127 65.13 69.80 21.09
CA ARG C 127 64.13 70.86 21.12
C ARG C 127 63.70 71.16 22.56
N GLU C 128 63.60 70.13 23.40
CA GLU C 128 63.23 70.35 24.79
C GLU C 128 64.35 71.02 25.58
N ALA C 129 65.60 70.84 25.15
CA ALA C 129 66.74 71.45 25.83
C ALA C 129 66.85 72.93 25.48
N VAL C 137 74.90 76.19 26.29
CA VAL C 137 74.37 75.11 27.10
C VAL C 137 75.49 74.40 27.85
N ASN C 138 75.50 74.54 29.17
CA ASN C 138 76.53 73.90 29.98
C ASN C 138 76.29 72.40 30.05
N TYR C 139 77.38 71.65 30.26
CA TYR C 139 77.29 70.20 30.32
C TYR C 139 76.59 69.74 31.59
N GLU C 140 77.01 70.26 32.74
CA GLU C 140 76.38 69.90 34.01
C GLU C 140 74.94 70.38 34.05
N GLU C 141 74.66 71.57 33.52
CA GLU C 141 73.29 72.07 33.49
C GLU C 141 72.41 71.19 32.62
N PHE C 142 72.93 70.78 31.45
CA PHE C 142 72.16 69.90 30.57
C PHE C 142 71.91 68.55 31.22
N VAL C 143 72.92 68.02 31.93
CA VAL C 143 72.75 66.74 32.61
C VAL C 143 71.70 66.85 33.71
N GLN C 144 71.72 67.95 34.47
CA GLN C 144 70.74 68.13 35.54
C GLN C 144 69.34 68.33 34.96
N MET C 145 69.23 68.99 33.81
CA MET C 145 67.93 69.18 33.19
C MET C 145 67.39 67.86 32.63
N MET C 146 68.27 67.03 32.06
CA MET C 146 67.83 65.75 31.53
C MET C 146 67.48 64.77 32.65
N THR C 147 68.16 64.86 33.79
CA THR C 147 67.86 63.98 34.91
C THR C 147 66.50 64.30 35.52
N ALA C 148 66.16 65.58 35.59
CA ALA C 148 64.88 66.00 36.16
C ALA C 148 63.73 65.72 35.19
N GLY D 1 -23.18 126.64 24.56
CA GLY D 1 -22.26 127.60 25.13
C GLY D 1 -20.81 127.37 24.72
N VAL D 2 -20.51 127.74 23.48
CA VAL D 2 -19.16 127.58 22.94
C VAL D 2 -18.31 128.77 23.34
N GLU D 3 -17.00 128.56 23.39
CA GLU D 3 -16.04 129.60 23.72
C GLU D 3 -15.22 129.95 22.48
N ILE D 4 -15.15 131.23 22.16
CA ILE D 4 -14.45 131.72 20.99
C ILE D 4 -13.31 132.62 21.48
N GLU D 5 -12.13 132.06 21.61
CA GLU D 5 -10.94 132.82 22.02
C GLU D 5 -10.31 133.39 20.75
N THR D 6 -10.49 134.69 20.53
CA THR D 6 -10.02 135.34 19.31
C THR D 6 -8.50 135.40 19.27
N ILE D 7 -7.87 134.38 18.71
CA ILE D 7 -6.41 134.34 18.56
C ILE D 7 -6.08 134.87 17.17
N SER D 8 -5.21 135.90 17.13
CA SER D 8 -4.82 136.59 15.91
C SER D 8 -6.05 137.10 15.18
N PRO D 9 -6.64 138.21 15.62
CA PRO D 9 -7.86 138.71 14.98
C PRO D 9 -7.57 139.28 13.60
N GLY D 10 -8.49 139.03 12.66
CA GLY D 10 -8.36 139.55 11.33
C GLY D 10 -8.96 140.93 11.16
N ASP D 11 -8.51 141.62 10.11
CA ASP D 11 -9.01 142.98 9.85
C ASP D 11 -10.43 142.98 9.32
N GLY D 12 -10.89 141.87 8.73
CA GLY D 12 -12.23 141.83 8.19
C GLY D 12 -13.27 141.75 9.30
N ARG D 13 -14.30 142.58 9.21
CA ARG D 13 -15.37 142.62 10.19
C ARG D 13 -16.68 142.07 9.66
N THR D 14 -16.73 141.61 8.41
CA THR D 14 -17.95 141.08 7.83
C THR D 14 -18.22 139.67 8.36
N PHE D 15 -19.47 139.43 8.74
CA PHE D 15 -19.88 138.14 9.26
C PHE D 15 -20.60 137.33 8.19
N PRO D 16 -20.42 136.01 8.16
CA PRO D 16 -21.10 135.19 7.14
C PRO D 16 -22.59 135.12 7.40
N LYS D 17 -23.38 135.44 6.37
CA LYS D 17 -24.83 135.43 6.44
C LYS D 17 -25.38 134.29 5.59
N LYS D 18 -26.70 134.15 5.61
CA LYS D 18 -27.35 133.09 4.85
C LYS D 18 -27.32 133.41 3.36
N GLY D 19 -26.99 132.41 2.55
CA GLY D 19 -26.93 132.55 1.12
C GLY D 19 -25.53 132.62 0.52
N GLN D 20 -24.49 132.38 1.32
CA GLN D 20 -23.12 132.41 0.83
C GLN D 20 -22.34 131.26 1.42
N THR D 21 -21.56 130.59 0.58
CA THR D 21 -20.73 129.48 1.03
C THR D 21 -19.49 129.98 1.74
N CYS D 22 -18.89 129.10 2.56
CA CYS D 22 -17.72 129.44 3.35
C CYS D 22 -16.69 128.33 3.21
N VAL D 23 -15.44 128.72 2.98
CA VAL D 23 -14.31 127.80 2.89
C VAL D 23 -13.55 127.88 4.22
N VAL D 24 -13.50 126.77 4.93
CA VAL D 24 -12.92 126.71 6.28
C VAL D 24 -11.83 125.64 6.29
N HIS D 25 -10.64 126.03 6.76
CA HIS D 25 -9.53 125.09 6.97
C HIS D 25 -9.45 124.82 8.46
N TYR D 26 -10.19 123.81 8.92
CA TYR D 26 -10.29 123.49 10.33
C TYR D 26 -9.38 122.32 10.68
N THR D 27 -8.83 122.36 11.89
CA THR D 27 -8.00 121.27 12.42
C THR D 27 -8.58 120.83 13.75
N GLY D 28 -8.96 119.55 13.83
CA GLY D 28 -9.60 119.02 15.01
C GLY D 28 -8.59 118.33 15.92
N MET D 29 -8.64 118.67 17.20
CA MET D 29 -7.77 118.08 18.21
C MET D 29 -8.59 117.69 19.43
N LEU D 30 -8.18 116.61 20.09
CA LEU D 30 -8.86 116.12 21.27
C LEU D 30 -8.28 116.79 22.52
N GLN D 31 -8.85 116.43 23.67
CA GLN D 31 -8.37 117.01 24.93
C GLN D 31 -7.00 116.46 25.31
N ASN D 32 -6.77 115.16 25.08
CA ASN D 32 -5.48 114.57 25.39
C ASN D 32 -4.37 115.05 24.48
N GLY D 33 -4.70 115.51 23.27
CA GLY D 33 -3.71 116.00 22.33
C GLY D 33 -3.71 115.29 20.99
N LYS D 34 -4.53 114.26 20.78
CA LYS D 34 -4.55 113.56 19.52
C LYS D 34 -5.28 114.39 18.46
N LYS D 35 -4.73 114.37 17.24
CA LYS D 35 -5.29 115.12 16.11
C LYS D 35 -6.10 114.14 15.25
N PHE D 36 -7.42 114.25 15.31
CA PHE D 36 -8.30 113.38 14.54
C PHE D 36 -8.69 113.97 13.19
N ASP D 37 -8.43 115.26 12.96
CA ASP D 37 -8.77 115.90 11.70
C ASP D 37 -7.79 117.02 11.44
N SER D 38 -7.46 117.21 10.15
CA SER D 38 -6.56 118.29 9.74
C SER D 38 -6.85 118.61 8.28
N SER D 39 -7.48 119.77 8.03
CA SER D 39 -7.79 120.15 6.66
C SER D 39 -6.55 120.51 5.85
N ARG D 40 -5.45 120.85 6.52
CA ARG D 40 -4.22 121.17 5.81
C ARG D 40 -3.63 119.93 5.14
N ASP D 41 -3.89 118.74 5.69
CA ASP D 41 -3.39 117.52 5.09
C ASP D 41 -4.10 117.21 3.78
N ARG D 42 -5.40 117.47 3.72
CA ARG D 42 -6.17 117.20 2.51
C ARG D 42 -6.06 118.31 1.47
N ASN D 43 -5.58 119.49 1.87
CA ASN D 43 -5.41 120.64 0.98
C ASN D 43 -6.71 121.05 0.30
N LYS D 44 -7.86 120.77 0.93
CA LYS D 44 -9.15 121.12 0.38
C LYS D 44 -10.00 121.70 1.51
N PRO D 45 -10.45 122.95 1.40
CA PRO D 45 -11.27 123.53 2.46
C PRO D 45 -12.67 122.92 2.46
N PHE D 46 -13.19 122.72 3.67
CA PHE D 46 -14.53 122.16 3.84
C PHE D 46 -15.57 123.24 3.56
N LYS D 47 -16.43 122.99 2.58
CA LYS D 47 -17.48 123.93 2.20
C LYS D 47 -18.82 123.44 2.73
N PHE D 48 -19.48 124.28 3.52
CA PHE D 48 -20.76 123.94 4.12
C PHE D 48 -21.75 125.08 3.91
N ARG D 49 -23.01 124.73 3.73
CA ARG D 49 -24.06 125.72 3.55
C ARG D 49 -24.47 126.31 4.89
N ILE D 50 -24.66 127.63 4.92
CA ILE D 50 -25.04 128.31 6.15
C ILE D 50 -26.49 128.00 6.47
N GLY D 51 -26.73 127.52 7.69
CA GLY D 51 -28.08 127.20 8.12
C GLY D 51 -28.65 125.91 7.59
N LYS D 52 -27.85 125.09 6.91
CA LYS D 52 -28.33 123.82 6.37
C LYS D 52 -28.47 122.74 7.43
N GLN D 53 -27.92 122.95 8.63
CA GLN D 53 -27.98 122.02 9.74
C GLN D 53 -27.32 120.68 9.44
N GLU D 54 -26.51 120.60 8.38
CA GLU D 54 -25.81 119.36 8.09
C GLU D 54 -24.60 119.17 8.99
N VAL D 55 -23.86 120.24 9.25
CA VAL D 55 -22.71 120.20 10.16
C VAL D 55 -23.25 120.32 11.59
N ILE D 56 -22.42 120.00 12.57
CA ILE D 56 -22.84 120.09 13.96
C ILE D 56 -23.15 121.54 14.33
N LYS D 57 -24.00 121.71 15.34
CA LYS D 57 -24.44 123.04 15.73
C LYS D 57 -23.30 123.87 16.32
N GLY D 58 -22.36 123.23 17.03
CA GLY D 58 -21.26 123.97 17.61
C GLY D 58 -20.35 124.58 16.57
N PHE D 59 -20.01 123.81 15.53
CA PHE D 59 -19.16 124.33 14.47
C PHE D 59 -19.85 125.46 13.72
N GLU D 60 -21.16 125.31 13.48
CA GLU D 60 -21.90 126.37 12.79
C GLU D 60 -21.95 127.64 13.63
N GLU D 61 -22.19 127.50 14.93
CA GLU D 61 -22.21 128.66 15.81
C GLU D 61 -20.83 129.34 15.85
N GLY D 62 -19.76 128.56 15.91
CA GLY D 62 -18.43 129.13 15.93
C GLY D 62 -18.08 129.82 14.62
N ALA D 63 -18.53 129.26 13.49
CA ALA D 63 -18.26 129.90 12.20
C ALA D 63 -19.11 131.16 12.02
N ALA D 64 -20.31 131.19 12.59
CA ALA D 64 -21.13 132.39 12.51
C ALA D 64 -20.66 133.49 13.46
N GLN D 65 -20.04 133.11 14.57
CA GLN D 65 -19.55 134.11 15.52
C GLN D 65 -18.25 134.75 15.03
N MET D 66 -17.37 133.97 14.41
CA MET D 66 -16.11 134.50 13.92
C MET D 66 -16.33 135.40 12.71
N SER D 67 -15.38 136.29 12.47
CA SER D 67 -15.45 137.23 11.37
C SER D 67 -14.67 136.69 10.17
N LEU D 68 -14.15 137.58 9.33
CA LEU D 68 -13.43 137.18 8.13
C LEU D 68 -11.94 137.02 8.43
N GLY D 69 -11.41 135.83 8.12
CA GLY D 69 -9.99 135.58 8.30
C GLY D 69 -9.54 135.59 9.75
N GLN D 70 -10.09 134.69 10.57
CA GLN D 70 -9.75 134.58 11.97
C GLN D 70 -9.30 133.16 12.29
N ARG D 71 -8.20 133.04 13.02
CA ARG D 71 -7.68 131.74 13.46
C ARG D 71 -8.08 131.42 14.89
N ALA D 72 -9.25 131.89 15.32
CA ALA D 72 -9.70 131.68 16.69
C ALA D 72 -10.05 130.20 16.92
N LYS D 73 -9.96 129.79 18.18
CA LYS D 73 -10.29 128.43 18.56
C LYS D 73 -11.80 128.28 18.75
N LEU D 74 -12.32 127.14 18.34
CA LEU D 74 -13.75 126.88 18.42
C LEU D 74 -14.04 125.75 19.42
N THR D 75 -13.66 125.95 20.67
CA THR D 75 -13.94 124.94 21.70
C THR D 75 -15.43 124.88 21.97
N CYS D 76 -16.03 123.72 21.73
CA CYS D 76 -17.47 123.53 21.86
C CYS D 76 -17.77 122.58 23.01
N THR D 77 -18.93 122.77 23.62
CA THR D 77 -19.37 121.89 24.70
C THR D 77 -19.78 120.54 24.13
N PRO D 78 -19.40 119.43 24.78
CA PRO D 78 -19.83 118.12 24.29
C PRO D 78 -21.34 117.94 24.24
N ASP D 79 -22.11 118.79 24.92
CA ASP D 79 -23.56 118.68 24.88
C ASP D 79 -24.11 119.11 23.52
N VAL D 80 -23.69 120.29 23.04
CA VAL D 80 -24.16 120.77 21.75
C VAL D 80 -23.52 120.01 20.59
N ALA D 81 -22.43 119.29 20.84
CA ALA D 81 -21.79 118.49 19.81
C ALA D 81 -22.37 117.07 19.83
N TYR D 82 -21.74 116.17 19.09
CA TYR D 82 -22.17 114.77 19.03
C TYR D 82 -21.48 113.90 20.07
N GLY D 83 -21.16 114.46 21.24
CA GLY D 83 -20.48 113.70 22.28
C GLY D 83 -21.30 112.57 22.86
N ALA D 84 -22.63 112.64 22.74
CA ALA D 84 -23.48 111.57 23.27
C ALA D 84 -23.27 110.28 22.48
N THR D 85 -23.50 110.33 21.16
CA THR D 85 -23.29 109.19 20.27
C THR D 85 -22.44 109.69 19.11
N GLY D 86 -21.12 109.63 19.27
CA GLY D 86 -20.23 110.13 18.25
C GLY D 86 -19.96 109.12 17.15
N HIS D 87 -19.18 109.56 16.18
CA HIS D 87 -18.78 108.70 15.07
C HIS D 87 -17.90 107.57 15.59
N PRO D 88 -18.31 106.31 15.47
CA PRO D 88 -17.51 105.22 16.04
C PRO D 88 -16.17 105.08 15.34
N GLY D 89 -15.11 105.05 16.14
CA GLY D 89 -13.78 104.85 15.61
C GLY D 89 -12.87 106.07 15.73
N VAL D 90 -13.43 107.26 15.53
CA VAL D 90 -12.64 108.48 15.53
C VAL D 90 -12.85 109.33 16.78
N ILE D 91 -14.03 109.31 17.38
CA ILE D 91 -14.36 110.14 18.53
C ILE D 91 -14.82 109.23 19.66
N PRO D 92 -14.22 109.32 20.85
CA PRO D 92 -14.70 108.50 21.97
C PRO D 92 -16.00 109.06 22.52
N PRO D 93 -16.83 108.22 23.15
CA PRO D 93 -18.10 108.71 23.70
C PRO D 93 -17.88 109.64 24.88
N ASN D 94 -18.60 110.77 24.86
CA ASN D 94 -18.55 111.78 25.92
C ASN D 94 -17.13 112.29 26.13
N ALA D 95 -16.72 113.15 25.20
CA ALA D 95 -15.39 113.75 25.24
C ALA D 95 -15.46 115.14 24.61
N THR D 96 -14.59 116.03 25.07
CA THR D 96 -14.54 117.38 24.53
C THR D 96 -13.87 117.39 23.17
N LEU D 97 -14.41 118.19 22.25
CA LEU D 97 -13.89 118.30 20.89
C LEU D 97 -13.46 119.74 20.67
N ILE D 98 -12.16 119.96 20.55
CA ILE D 98 -11.59 121.29 20.31
C ILE D 98 -11.28 121.40 18.82
N PHE D 99 -11.86 122.41 18.18
CA PHE D 99 -11.70 122.63 16.74
C PHE D 99 -10.94 123.93 16.53
N ASP D 100 -9.66 123.82 16.19
CA ASP D 100 -8.85 124.99 15.84
C ASP D 100 -9.18 125.37 14.40
N VAL D 101 -9.95 126.44 14.24
CA VAL D 101 -10.49 126.83 12.93
C VAL D 101 -9.77 128.10 12.47
N GLU D 102 -9.29 128.08 11.23
CA GLU D 102 -8.67 129.24 10.59
C GLU D 102 -9.55 129.65 9.41
N LEU D 103 -10.25 130.77 9.55
CA LEU D 103 -11.18 131.21 8.52
C LEU D 103 -10.42 131.64 7.26
N LEU D 104 -11.15 131.69 6.16
CA LEU D 104 -10.60 132.07 4.87
C LEU D 104 -11.67 132.84 4.10
N ASN D 105 -11.42 133.06 2.81
CA ASN D 105 -12.37 133.77 1.97
C ASN D 105 -13.63 132.93 1.74
N LEU D 106 -14.76 133.62 1.63
CA LEU D 106 -16.04 132.96 1.41
C LEU D 106 -16.16 132.45 -0.03
N GLN E 1 17.35 25.39 18.90
CA GLN E 1 18.19 25.95 17.84
C GLN E 1 19.10 27.05 18.38
N PHE E 2 19.62 27.87 17.47
CA PHE E 2 20.50 28.98 17.82
C PHE E 2 19.81 30.28 17.45
N LEU E 3 19.81 31.23 18.38
CA LEU E 3 19.19 32.53 18.14
C LEU E 3 20.07 33.36 17.20
N ARG E 4 19.43 34.15 16.35
CA ARG E 4 20.11 35.01 15.39
C ARG E 4 19.66 36.45 15.59
N THR E 5 20.31 37.36 14.87
CA THR E 5 19.97 38.77 14.95
C THR E 5 18.62 39.02 14.26
N ASP E 6 18.13 40.25 14.42
CA ASP E 6 16.84 40.67 13.86
C ASP E 6 15.70 39.78 14.35
N ASP E 7 15.81 39.35 15.61
CA ASP E 7 14.81 38.51 16.24
C ASP E 7 14.50 39.02 17.63
N GLU E 8 13.23 38.86 18.04
CA GLU E 8 12.79 39.34 19.34
C GLU E 8 13.11 38.32 20.41
N VAL E 9 13.86 38.74 21.43
CA VAL E 9 14.23 37.90 22.56
C VAL E 9 13.82 38.59 23.85
N VAL E 10 13.78 37.81 24.92
CA VAL E 10 13.39 38.31 26.23
C VAL E 10 14.53 38.06 27.21
N LEU E 11 14.63 38.90 28.24
CA LEU E 11 15.63 38.79 29.28
C LEU E 11 14.92 38.53 30.60
N GLN E 12 15.41 37.54 31.36
CA GLN E 12 14.82 37.19 32.64
C GLN E 12 15.89 36.58 33.53
N CYS E 13 15.55 36.47 34.81
CA CYS E 13 16.45 35.91 35.82
C CYS E 13 15.62 35.12 36.83
N ASN E 14 16.32 34.49 37.78
CA ASN E 14 15.68 33.68 38.81
C ASN E 14 16.11 34.18 40.18
N ALA E 15 15.16 34.20 41.12
CA ALA E 15 15.44 34.64 42.48
C ALA E 15 14.35 34.12 43.40
N THR E 16 14.71 33.92 44.66
CA THR E 16 13.79 33.42 45.69
C THR E 16 13.89 34.35 46.90
N VAL E 17 13.08 35.41 46.90
CA VAL E 17 13.07 36.38 47.99
C VAL E 17 12.04 35.89 49.00
N LEU E 18 12.49 34.99 49.89
CA LEU E 18 11.65 34.43 50.95
C LEU E 18 10.39 33.78 50.39
N LYS E 19 10.53 33.14 49.24
CA LYS E 19 9.41 32.48 48.57
C LYS E 19 9.97 31.40 47.65
N GLU E 20 9.10 30.83 46.82
CA GLU E 20 9.51 29.79 45.88
C GLU E 20 10.29 30.41 44.72
N GLN E 21 10.76 29.54 43.82
CA GLN E 21 11.52 29.99 42.67
C GLN E 21 10.60 30.71 41.69
N LEU E 22 10.94 31.96 41.37
CA LEU E 22 10.15 32.77 40.46
C LEU E 22 11.06 33.37 39.40
N LYS E 23 10.44 33.90 38.34
CA LYS E 23 11.14 34.52 37.23
C LYS E 23 10.79 35.99 37.16
N LEU E 24 11.82 36.83 36.98
CA LEU E 24 11.67 38.27 36.89
C LEU E 24 11.96 38.70 35.45
N CYS E 25 10.93 39.20 34.77
CA CYS E 25 11.04 39.63 33.38
C CYS E 25 11.31 41.14 33.35
N LEU E 26 12.41 41.52 32.70
CA LEU E 26 12.75 42.93 32.57
C LEU E 26 11.87 43.60 31.52
N ALA E 27 11.33 44.76 31.85
CA ALA E 27 10.45 45.48 30.95
C ALA E 27 10.60 46.98 31.17
N ALA E 28 10.25 47.75 30.15
CA ALA E 28 10.30 49.20 30.20
C ALA E 28 9.05 49.77 29.53
N GLU E 29 8.43 50.76 30.17
CA GLU E 29 7.22 51.34 29.62
C GLU E 29 7.51 52.12 28.34
N GLY E 30 8.41 53.09 28.42
CA GLY E 30 8.75 53.90 27.27
C GLY E 30 7.76 55.02 27.03
N PHE E 31 8.21 56.09 26.39
CA PHE E 31 7.39 57.26 26.09
C PHE E 31 6.78 57.85 27.36
N GLY E 32 7.65 58.27 28.26
CA GLY E 32 7.22 58.86 29.52
C GLY E 32 7.98 58.35 30.72
N ASN E 33 8.39 57.09 30.67
CA ASN E 33 9.13 56.46 31.76
C ASN E 33 10.45 55.91 31.22
N ARG E 34 11.56 56.34 31.81
CA ARG E 34 12.88 55.89 31.41
C ARG E 34 13.38 54.72 32.25
N LEU E 35 13.19 54.75 33.56
CA LEU E 35 13.64 53.67 34.43
C LEU E 35 12.83 52.41 34.15
N CYS E 36 13.50 51.26 34.23
CA CYS E 36 12.86 49.98 33.98
C CYS E 36 12.35 49.36 35.27
N PHE E 37 11.44 48.40 35.12
CA PHE E 37 10.86 47.68 36.24
C PHE E 37 10.77 46.20 35.90
N LEU E 38 10.42 45.41 36.91
CA LEU E 38 10.34 43.96 36.77
C LEU E 38 8.89 43.52 36.91
N GLU E 39 8.41 42.72 35.96
CA GLU E 39 7.05 42.20 35.97
C GLU E 39 7.09 40.69 36.22
N PRO E 40 6.45 40.19 37.27
CA PRO E 40 6.50 38.75 37.53
C PRO E 40 5.69 37.97 36.52
N THR E 41 6.24 36.84 36.08
CA THR E 41 5.59 35.97 35.11
C THR E 41 5.28 34.58 35.66
N SER E 42 5.57 34.32 36.95
CA SER E 42 5.31 33.00 37.51
C SER E 42 3.81 32.77 37.69
N ASN E 43 3.10 33.76 38.22
CA ASN E 43 1.65 33.66 38.43
C ASN E 43 0.90 34.06 37.15
N ALA E 44 1.23 33.34 36.07
CA ALA E 44 0.62 33.61 34.78
C ALA E 44 -0.76 32.98 34.63
N GLN E 45 -1.11 32.02 35.50
CA GLN E 45 -2.41 31.38 35.41
C GLN E 45 -3.52 32.32 35.83
N ASN E 46 -3.33 33.03 36.94
CA ASN E 46 -4.37 33.96 37.43
C ASN E 46 -4.31 35.29 36.69
N VAL E 47 -3.13 35.88 36.59
CA VAL E 47 -2.93 37.17 35.94
C VAL E 47 -1.99 36.96 34.76
N PRO E 48 -2.41 37.23 33.53
CA PRO E 48 -1.52 37.04 32.37
C PRO E 48 -0.39 38.04 32.38
N PRO E 49 0.81 37.64 32.00
CA PRO E 49 1.95 38.57 32.00
C PRO E 49 1.85 39.56 30.85
N ASP E 50 2.50 40.71 31.05
CA ASP E 50 2.54 41.78 30.06
C ASP E 50 3.83 41.64 29.25
N LEU E 51 3.73 41.00 28.10
CA LEU E 51 4.87 40.76 27.22
C LEU E 51 4.96 41.78 26.08
N ALA E 52 4.18 42.86 26.15
CA ALA E 52 4.16 43.85 25.08
C ALA E 52 5.26 44.89 25.21
N ILE E 53 5.79 45.11 26.41
CA ILE E 53 6.81 46.13 26.63
C ILE E 53 8.06 45.51 27.24
N CYS E 54 8.29 44.23 26.95
CA CYS E 54 9.45 43.51 27.47
C CYS E 54 10.31 42.86 26.41
N CYS E 55 9.79 42.57 25.22
CA CYS E 55 10.58 41.90 24.20
C CYS E 55 11.63 42.84 23.63
N PHE E 56 12.84 42.30 23.43
CA PHE E 56 13.96 43.05 22.89
C PHE E 56 14.44 42.40 21.60
N VAL E 57 14.77 43.21 20.61
CA VAL E 57 15.24 42.73 19.32
C VAL E 57 16.72 43.07 19.19
N LEU E 58 17.42 42.24 18.41
CA LEU E 58 18.85 42.44 18.17
C LEU E 58 19.05 43.15 16.83
N GLU E 59 19.96 44.12 16.83
CA GLU E 59 20.26 44.90 15.64
C GLU E 59 21.64 44.62 15.06
N GLN E 60 22.69 44.73 15.87
CA GLN E 60 24.05 44.49 15.43
C GLN E 60 24.78 43.59 16.41
N SER E 61 25.67 42.76 15.88
CA SER E 61 26.48 41.85 16.69
C SER E 61 27.88 41.82 16.11
N LEU E 62 28.78 42.63 16.67
CA LEU E 62 30.15 42.75 16.20
C LEU E 62 31.10 42.70 17.39
N SER E 63 32.37 42.49 17.08
CA SER E 63 33.40 42.37 18.12
C SER E 63 33.62 43.70 18.82
N VAL E 64 34.30 43.64 19.97
CA VAL E 64 34.55 44.84 20.75
C VAL E 64 35.55 45.74 20.05
N ARG E 65 36.56 45.18 19.39
CA ARG E 65 37.52 45.99 18.66
C ARG E 65 36.87 46.69 17.48
N ALA E 66 36.06 45.95 16.71
CA ALA E 66 35.31 46.58 15.62
C ALA E 66 34.33 47.61 16.14
N LEU E 67 33.73 47.36 17.31
CA LEU E 67 32.83 48.34 17.91
C LEU E 67 33.57 49.63 18.24
N GLN E 68 34.75 49.52 18.85
CA GLN E 68 35.54 50.70 19.17
C GLN E 68 35.99 51.42 17.91
N GLU E 69 36.34 50.67 16.86
CA GLU E 69 36.76 51.30 15.62
C GLU E 69 35.61 52.03 14.94
N MET E 70 34.39 51.48 15.03
CA MET E 70 33.23 52.14 14.46
C MET E 70 32.83 53.36 15.27
N LEU E 71 32.99 53.29 16.60
CA LEU E 71 32.65 54.43 17.44
C LEU E 71 33.65 55.57 17.27
N ALA E 72 34.93 55.24 17.10
CA ALA E 72 35.95 56.26 16.92
C ALA E 72 35.93 56.87 15.52
N ASN E 73 35.26 56.23 14.57
CA ASN E 73 35.18 56.74 13.20
C ASN E 73 33.89 56.32 12.52
N GLY E 74 20.83 38.32 5.42
CA GLY E 74 22.07 38.23 6.17
C GLY E 74 21.88 38.37 7.67
N HIS E 75 22.00 37.26 8.38
CA HIS E 75 21.84 37.23 9.84
C HIS E 75 23.09 36.62 10.45
N ARG E 76 23.85 37.42 11.17
CA ARG E 76 25.08 36.95 11.80
C ARG E 76 24.76 36.26 13.12
N THR E 77 25.49 35.18 13.41
CA THR E 77 25.30 34.46 14.66
C THR E 77 25.91 35.25 15.82
N LEU E 78 25.46 34.93 17.03
CA LEU E 78 25.92 35.60 18.23
C LEU E 78 27.07 34.79 18.84
N LEU E 79 28.15 35.48 19.21
CA LEU E 79 29.32 34.85 19.79
C LEU E 79 29.65 35.52 21.12
N TYR E 80 30.29 34.77 22.00
CA TYR E 80 30.71 35.31 23.29
C TYR E 80 31.82 36.34 23.10
N GLY E 81 31.82 37.37 23.95
CA GLY E 81 32.77 38.44 23.89
C GLY E 81 32.39 39.58 22.99
N HIS E 82 31.39 39.41 22.14
CA HIS E 82 30.94 40.46 21.24
C HIS E 82 29.87 41.31 21.94
N ALA E 83 29.39 42.33 21.24
CA ALA E 83 28.39 43.24 21.77
C ALA E 83 27.06 43.04 21.04
N ILE E 84 25.98 43.44 21.72
CA ILE E 84 24.63 43.34 21.18
C ILE E 84 23.91 44.65 21.41
N LEU E 85 23.05 45.02 20.47
CA LEU E 85 22.28 46.26 20.54
C LEU E 85 20.83 45.90 20.85
N LEU E 86 20.47 45.94 22.13
CA LEU E 86 19.11 45.62 22.56
C LEU E 86 18.19 46.78 22.22
N ARG E 87 17.26 46.56 21.30
CA ARG E 87 16.32 47.58 20.85
C ARG E 87 14.91 47.16 21.24
N HIS E 88 14.16 48.10 21.81
CA HIS E 88 12.78 47.83 22.19
C HIS E 88 11.90 47.72 20.95
N ALA E 89 11.01 46.72 20.95
CA ALA E 89 10.15 46.48 19.80
C ALA E 89 8.98 47.45 19.73
N HIS E 90 8.63 48.10 20.83
CA HIS E 90 7.50 49.04 20.85
C HIS E 90 7.96 50.49 20.75
N SER E 91 8.84 50.93 21.67
CA SER E 91 9.30 52.31 21.67
C SER E 91 10.41 52.56 20.65
N GLY E 92 11.17 51.53 20.29
CA GLY E 92 12.25 51.70 19.35
C GLY E 92 13.48 52.39 19.91
N MET E 93 13.75 52.20 21.20
CA MET E 93 14.91 52.79 21.86
C MET E 93 15.93 51.72 22.19
N TYR E 94 17.13 52.17 22.54
CA TYR E 94 18.23 51.30 22.89
C TYR E 94 18.44 51.28 24.40
N LEU E 95 18.94 50.16 24.90
CA LEU E 95 19.19 50.00 26.34
C LEU E 95 20.57 50.55 26.68
N SER E 96 20.64 51.36 27.72
CA SER E 96 21.90 51.98 28.15
C SER E 96 21.78 52.33 29.63
N CYS E 97 22.73 53.10 30.12
CA CYS E 97 22.77 53.53 31.52
C CYS E 97 22.74 55.05 31.57
N LEU E 98 21.86 55.59 32.41
CA LEU E 98 21.74 57.04 32.57
C LEU E 98 22.79 57.53 33.56
N THR E 99 22.69 58.80 33.96
CA THR E 99 23.62 59.40 34.89
C THR E 99 23.10 59.45 36.32
N THR E 100 21.85 59.03 36.54
CA THR E 100 21.28 59.04 37.88
C THR E 100 21.92 57.96 38.75
N SER E 101 21.68 58.06 40.05
CA SER E 101 22.21 57.12 41.03
C SER E 101 21.12 56.67 41.98
N ARG E 102 19.93 56.40 41.46
CA ARG E 102 18.79 55.95 42.26
C ARG E 102 18.95 54.45 42.52
N SER E 103 19.67 54.12 43.59
CA SER E 103 19.92 52.74 43.96
C SER E 103 19.66 52.56 45.45
N MET E 104 19.81 51.32 45.92
CA MET E 104 19.59 50.98 47.32
C MET E 104 20.88 51.26 48.09
N THR E 105 20.98 52.48 48.62
CA THR E 105 22.15 52.99 49.37
C THR E 105 23.47 52.43 48.85
N ASP E 106 23.62 52.46 47.53
CA ASP E 106 24.84 52.01 46.86
C ASP E 106 25.53 53.20 46.22
N LYS E 107 26.83 53.34 46.50
CA LYS E 107 27.58 54.48 45.98
C LYS E 107 28.10 54.20 44.57
N LEU E 108 28.51 52.96 44.30
CA LEU E 108 29.10 52.58 43.02
C LEU E 108 28.09 51.92 42.09
N ALA E 109 26.83 52.32 42.15
CA ALA E 109 25.77 51.76 41.32
C ALA E 109 25.31 52.77 40.28
N PHE E 110 24.61 52.25 39.27
CA PHE E 110 24.07 53.06 38.19
C PHE E 110 22.70 52.52 37.80
N ASP E 111 21.89 53.41 37.23
CA ASP E 111 20.55 53.04 36.80
C ASP E 111 20.56 52.57 35.34
N VAL E 112 19.55 51.78 35.00
CA VAL E 112 19.38 51.26 33.65
C VAL E 112 18.10 51.83 33.06
N GLY E 113 18.15 52.17 31.78
CA GLY E 113 16.99 52.74 31.12
C GLY E 113 17.20 52.82 29.63
N LEU E 114 16.15 53.25 28.93
CA LEU E 114 16.20 53.38 27.49
C LEU E 114 16.79 54.73 27.10
N GLN E 115 17.10 54.87 25.81
CA GLN E 115 17.69 56.09 25.28
C GLN E 115 17.46 56.14 23.77
N GLU E 116 17.09 57.31 23.28
CA GLU E 116 16.83 57.51 21.85
C GLU E 116 17.99 58.18 21.12
N ASP E 117 19.09 58.47 21.82
CA ASP E 117 20.22 59.12 21.18
C ASP E 117 20.94 58.21 20.20
N ALA E 118 20.78 56.88 20.33
CA ALA E 118 21.41 55.91 19.45
C ALA E 118 22.93 56.07 19.44
N THR E 119 23.50 56.41 20.59
CA THR E 119 24.94 56.59 20.69
C THR E 119 25.63 55.23 20.63
N GLY E 120 26.58 55.11 19.71
CA GLY E 120 27.32 53.87 19.54
C GLY E 120 28.54 53.76 20.44
N GLU E 121 28.46 54.35 21.63
CA GLU E 121 29.55 54.31 22.60
C GLU E 121 29.13 53.91 24.00
N ALA E 122 27.85 54.05 24.37
CA ALA E 122 27.41 53.71 25.71
C ALA E 122 26.08 52.95 25.72
N CYS E 123 25.67 52.39 24.57
CA CYS E 123 24.41 51.67 24.47
C CYS E 123 24.62 50.22 24.06
N TRP E 124 25.79 49.67 24.31
CA TRP E 124 26.10 48.29 23.95
C TRP E 124 26.31 47.45 25.21
N TRP E 125 26.23 46.13 25.03
CA TRP E 125 26.38 45.18 26.12
C TRP E 125 27.15 43.96 25.63
N THR E 126 28.24 43.63 26.31
CA THR E 126 29.05 42.48 25.96
C THR E 126 28.67 41.29 26.82
N THR E 127 28.61 40.11 26.22
CA THR E 127 28.20 38.89 26.89
C THR E 127 29.41 38.01 27.18
N HIS E 128 29.43 37.42 28.38
CA HIS E 128 30.50 36.54 28.82
C HIS E 128 29.91 35.25 29.37
N PRO E 129 30.61 34.13 29.20
CA PRO E 129 30.09 32.87 29.73
C PRO E 129 30.18 32.82 31.25
N ALA E 130 29.06 32.49 31.89
CA ALA E 130 29.02 32.43 33.35
C ALA E 130 29.70 31.17 33.86
N SER E 131 29.25 30.00 33.40
CA SER E 131 29.83 28.74 33.81
C SER E 131 31.13 28.48 33.07
N LYS E 132 32.02 27.70 33.70
CA LYS E 132 33.31 27.38 33.12
C LYS E 132 33.23 26.27 32.08
N GLN E 133 32.06 25.69 31.85
CA GLN E 133 31.92 24.63 30.86
C GLN E 133 31.87 25.17 29.43
N ARG E 134 31.59 26.45 29.25
CA ARG E 134 31.55 27.05 27.94
C ARG E 134 32.91 27.63 27.58
N SER E 135 33.04 28.13 26.35
CA SER E 135 34.29 28.71 25.87
C SER E 135 33.98 29.93 25.02
N GLU E 136 34.97 30.79 24.87
CA GLU E 136 34.83 32.00 24.08
C GLU E 136 34.91 31.65 22.60
N GLY E 137 33.87 32.00 21.85
CA GLY E 137 33.79 31.72 20.43
C GLY E 137 32.73 30.71 20.04
N GLU E 138 32.00 30.17 21.00
CA GLU E 138 30.95 29.19 20.73
C GLU E 138 29.60 29.88 20.65
N LYS E 139 28.72 29.34 19.80
CA LYS E 139 27.38 29.88 19.67
C LYS E 139 26.60 29.69 20.96
N VAL E 140 25.80 30.68 21.31
CA VAL E 140 25.02 30.65 22.54
C VAL E 140 23.81 29.76 22.35
N ARG E 141 23.55 28.90 23.33
CA ARG E 141 22.40 28.00 23.30
C ARG E 141 21.16 28.75 23.78
N VAL E 142 20.07 28.02 23.98
CA VAL E 142 18.82 28.59 24.46
C VAL E 142 18.59 28.07 25.87
N GLY E 143 18.61 28.98 26.85
CA GLY E 143 18.41 28.64 28.25
C GLY E 143 19.66 28.66 29.08
N ASP E 144 20.83 28.84 28.48
CA ASP E 144 22.08 28.86 29.23
C ASP E 144 22.23 30.18 30.00
N ASP E 145 23.07 30.14 31.03
CA ASP E 145 23.29 31.33 31.86
C ASP E 145 24.15 32.34 31.12
N LEU E 146 23.71 33.59 31.11
CA LEU E 146 24.43 34.68 30.46
C LEU E 146 24.49 35.88 31.39
N ILE E 147 25.51 36.71 31.18
CA ILE E 147 25.70 37.94 31.94
C ILE E 147 25.94 39.08 30.96
N LEU E 148 25.48 40.27 31.35
CA LEU E 148 25.60 41.47 30.53
C LEU E 148 26.62 42.41 31.16
N VAL E 149 27.54 42.92 30.35
CA VAL E 149 28.60 43.81 30.80
C VAL E 149 28.50 45.12 30.02
N SER E 150 28.56 46.24 30.74
CA SER E 150 28.52 47.54 30.08
C SER E 150 29.87 47.84 29.42
N VAL E 151 29.82 48.73 28.43
CA VAL E 151 31.02 49.11 27.68
C VAL E 151 31.55 50.43 28.20
N SER E 152 30.66 51.34 28.57
CA SER E 152 31.06 52.66 29.03
C SER E 152 31.41 52.69 30.51
N SER E 153 30.80 51.83 31.32
CA SER E 153 31.05 51.79 32.75
C SER E 153 31.67 50.49 33.24
N GLU E 154 31.74 49.45 32.40
CA GLU E 154 32.31 48.16 32.77
C GLU E 154 31.62 47.57 33.99
N ARG E 155 30.29 47.70 34.03
CA ARG E 155 29.49 47.21 35.15
C ARG E 155 28.54 46.12 34.68
N TYR E 156 28.03 45.37 35.63
CA TYR E 156 27.14 44.24 35.37
C TYR E 156 25.70 44.62 35.65
N LEU E 157 24.78 43.79 35.15
CA LEU E 157 23.35 43.97 35.37
C LEU E 157 22.86 42.87 36.30
N HIS E 158 22.53 43.23 37.53
CA HIS E 158 22.09 42.28 38.54
C HIS E 158 20.82 42.80 39.21
N LEU E 159 20.27 42.00 40.12
CA LEU E 159 19.08 42.36 40.86
C LEU E 159 19.45 42.89 42.24
N SER E 160 18.61 43.80 42.74
CA SER E 160 18.82 44.43 44.04
C SER E 160 17.61 44.14 44.92
N THR E 161 17.81 43.31 45.94
CA THR E 161 16.75 42.96 46.89
C THR E 161 16.92 43.68 48.23
N ALA E 162 17.75 44.72 48.28
CA ALA E 162 17.95 45.45 49.51
C ALA E 162 16.74 46.31 49.87
N SER E 163 15.98 46.75 48.86
CA SER E 163 14.80 47.56 49.09
C SER E 163 13.58 46.65 49.27
N GLY E 164 12.39 47.26 49.34
CA GLY E 164 11.18 46.47 49.49
C GLY E 164 10.77 45.77 48.21
N GLU E 165 10.89 46.46 47.08
CA GLU E 165 10.54 45.89 45.79
C GLU E 165 11.76 45.24 45.14
N LEU E 166 11.57 44.75 43.93
CA LEU E 166 12.63 44.08 43.16
C LEU E 166 13.03 45.00 42.02
N GLN E 167 14.22 45.58 42.10
CA GLN E 167 14.73 46.50 41.10
C GLN E 167 16.10 46.04 40.61
N VAL E 168 16.35 46.25 39.33
CA VAL E 168 17.61 45.88 38.70
C VAL E 168 18.47 47.13 38.56
N ASP E 169 19.72 47.04 38.98
CA ASP E 169 20.66 48.16 38.94
C ASP E 169 21.93 47.71 38.23
N ALA E 170 22.78 48.69 37.92
CA ALA E 170 24.07 48.45 37.27
C ALA E 170 25.18 48.62 38.30
N SER E 171 25.70 47.50 38.79
CA SER E 171 26.76 47.51 39.80
C SER E 171 27.83 46.52 39.36
N PHE E 172 28.60 46.02 40.34
CA PHE E 172 29.69 45.09 40.06
C PHE E 172 29.33 43.65 40.39
N MET E 173 28.21 43.40 41.08
CA MET E 173 27.79 42.04 41.36
C MET E 173 27.27 41.37 40.10
N GLN E 174 27.53 40.08 39.97
CA GLN E 174 27.16 39.31 38.79
C GLN E 174 26.04 38.33 39.13
N THR E 175 25.04 38.26 38.25
CA THR E 175 23.96 37.29 38.35
C THR E 175 23.68 36.73 36.97
N LEU E 176 23.29 35.44 36.93
CA LEU E 176 22.99 34.80 35.67
C LEU E 176 21.67 35.32 35.11
N TRP E 177 21.60 35.39 33.77
CA TRP E 177 20.41 35.84 33.07
C TRP E 177 20.04 34.83 31.99
N ASN E 178 18.74 34.61 31.81
CA ASN E 178 18.24 33.70 30.80
C ASN E 178 17.75 34.48 29.58
N MET E 179 17.54 33.76 28.48
CA MET E 179 17.09 34.37 27.24
C MET E 179 16.23 33.38 26.48
N ASN E 180 15.02 33.80 26.11
CA ASN E 180 14.10 32.97 25.36
C ASN E 180 13.67 33.71 24.10
N PRO E 181 13.81 33.11 22.92
CA PRO E 181 13.39 33.79 21.69
C PRO E 181 11.87 33.86 21.60
N ILE E 182 11.36 35.06 21.31
CA ILE E 182 9.93 35.28 21.22
C ILE E 182 9.50 35.28 19.76
N CYS E 183 10.04 36.19 18.97
CA CYS E 183 9.69 36.33 17.56
C CYS E 183 10.95 36.28 16.72
N SER E 184 10.91 35.50 15.64
CA SER E 184 12.01 35.37 14.69
C SER E 184 11.51 35.77 13.30
N GLY E 185 12.37 35.57 12.31
CA GLY E 185 12.03 35.89 10.94
C GLY E 185 10.93 35.01 10.38
N CYS E 186 9.77 35.62 10.13
CA CYS E 186 8.61 34.90 9.62
C CYS E 186 8.24 35.43 8.24
N GLU E 187 7.61 34.59 7.44
CA GLU E 187 7.21 34.97 6.09
C GLU E 187 5.98 35.87 6.13
N GLU E 188 5.87 36.74 5.13
CA GLU E 188 4.76 37.66 5.06
C GLU E 188 3.48 36.92 4.65
N GLY E 189 2.34 37.60 4.86
CA GLY E 189 1.06 37.04 4.49
C GLY E 189 0.57 35.91 5.37
N TYR E 190 1.28 35.60 6.46
CA TYR E 190 0.92 34.51 7.36
C TYR E 190 0.72 35.07 8.76
N VAL E 191 -0.39 34.71 9.40
CA VAL E 191 -0.68 35.21 10.74
C VAL E 191 0.23 34.51 11.74
N THR E 192 0.86 35.31 12.61
CA THR E 192 1.74 34.80 13.66
C THR E 192 1.36 35.42 14.99
N GLY E 193 1.89 34.85 16.06
CA GLY E 193 1.60 35.36 17.39
C GLY E 193 2.28 36.68 17.67
N GLY E 194 1.66 37.48 18.53
CA GLY E 194 2.17 38.77 18.91
C GLY E 194 1.75 39.92 18.03
N HIS E 195 1.17 39.66 16.86
CA HIS E 195 0.75 40.72 15.96
C HIS E 195 -0.53 41.37 16.47
N VAL E 196 -0.81 42.56 15.95
CA VAL E 196 -2.00 43.33 16.29
C VAL E 196 -2.76 43.59 14.99
N LEU E 197 -3.88 42.88 14.81
CA LEU E 197 -4.67 42.96 13.59
C LEU E 197 -6.14 43.18 13.96
N ARG E 198 -6.97 43.30 12.93
CA ARG E 198 -8.40 43.51 13.09
C ARG E 198 -9.16 42.20 12.92
N LEU E 199 -10.44 42.24 13.27
CA LEU E 199 -11.33 41.08 13.16
C LEU E 199 -12.57 41.51 12.36
N PHE E 200 -12.48 41.39 11.04
CA PHE E 200 -13.59 41.77 10.17
C PHE E 200 -14.60 40.64 10.11
N HIS E 201 -15.86 40.97 10.35
CA HIS E 201 -16.96 40.00 10.34
C HIS E 201 -17.86 40.27 9.16
N GLY E 202 -18.02 39.27 8.29
CA GLY E 202 -18.87 39.40 7.13
C GLY E 202 -18.11 39.85 5.89
N HIS E 203 -18.82 39.80 4.76
CA HIS E 203 -18.22 40.22 3.50
C HIS E 203 -18.09 41.74 3.42
N MET E 204 -18.96 42.47 4.13
CA MET E 204 -18.90 43.92 4.12
C MET E 204 -17.75 44.42 4.99
N ASP E 205 -17.60 45.74 5.05
CA ASP E 205 -16.52 46.35 5.83
C ASP E 205 -16.96 46.57 7.28
N GLU E 206 -17.32 45.46 7.93
CA GLU E 206 -17.74 45.46 9.32
C GLU E 206 -16.71 44.72 10.16
N CYS E 207 -16.29 45.35 11.26
CA CYS E 207 -15.27 44.79 12.13
C CYS E 207 -15.80 44.70 13.56
N LEU E 208 -15.13 43.87 14.35
CA LEU E 208 -15.48 43.69 15.76
C LEU E 208 -14.85 44.82 16.58
N THR E 209 -15.68 45.69 17.14
CA THR E 209 -15.21 46.84 17.88
C THR E 209 -16.01 46.99 19.17
N ILE E 210 -15.55 47.89 20.03
CA ILE E 210 -16.21 48.22 21.28
C ILE E 210 -16.65 49.68 21.22
N SER E 211 -17.57 50.05 22.11
CA SER E 211 -18.05 51.42 22.18
C SER E 211 -16.90 52.38 22.47
N PRO E 212 -17.04 53.65 22.06
CA PRO E 212 -15.96 54.62 22.28
C PRO E 212 -15.63 54.89 23.74
N ALA E 213 -16.35 54.27 24.68
CA ALA E 213 -16.11 54.41 26.12
C ALA E 213 -16.23 55.85 26.60
N ASP E 214 -17.01 56.67 25.89
CA ASP E 214 -17.21 58.06 26.33
C ASP E 214 -18.19 58.15 27.49
N SER E 215 -19.13 57.21 27.59
CA SER E 215 -20.09 57.21 28.68
C SER E 215 -19.48 56.57 29.92
N ASP E 216 -20.24 56.59 31.02
CA ASP E 216 -19.79 56.02 32.28
C ASP E 216 -19.95 54.50 32.36
N ASP E 217 -20.48 53.88 31.31
CA ASP E 217 -20.67 52.43 31.32
C ASP E 217 -19.32 51.72 31.22
N GLN E 218 -19.30 50.47 31.71
CA GLN E 218 -18.08 49.68 31.68
C GLN E 218 -17.70 49.25 30.27
N ARG E 219 -18.65 49.21 29.34
CA ARG E 219 -18.40 48.85 27.94
C ARG E 219 -17.79 47.46 27.83
N ARG E 220 -18.30 46.52 28.63
CA ARG E 220 -17.81 45.15 28.61
C ARG E 220 -18.44 44.30 27.51
N LEU E 221 -19.46 44.82 26.83
CA LEU E 221 -20.12 44.08 25.76
C LEU E 221 -19.34 44.23 24.46
N VAL E 222 -19.72 43.41 23.48
CA VAL E 222 -19.10 43.41 22.16
C VAL E 222 -20.13 43.87 21.14
N TYR E 223 -19.78 44.87 20.35
CA TYR E 223 -20.65 45.46 19.35
C TYR E 223 -20.05 45.25 17.96
N TYR E 224 -20.79 45.69 16.94
CA TYR E 224 -20.36 45.59 15.55
C TYR E 224 -20.83 46.83 14.81
N GLU E 225 -19.89 47.52 14.16
CA GLU E 225 -20.19 48.72 13.39
C GLU E 225 -19.82 48.49 11.92
N GLY E 226 -20.47 49.24 11.04
CA GLY E 226 -20.26 49.09 9.62
C GLY E 226 -18.98 49.71 9.11
N GLY E 227 -19.05 50.35 7.94
CA GLY E 227 -17.86 50.92 7.32
C GLY E 227 -17.45 52.26 7.90
N SER E 228 -17.15 52.28 9.19
CA SER E 228 -16.69 53.50 9.86
C SER E 228 -15.60 53.29 10.89
N VAL E 229 -15.44 52.08 11.43
CA VAL E 229 -14.40 51.82 12.42
C VAL E 229 -13.11 51.28 11.80
N CYS E 230 -13.03 51.22 10.47
CA CYS E 230 -11.82 50.72 9.83
C CYS E 230 -10.64 51.67 9.99
N THR E 231 -10.88 52.92 10.36
CA THR E 231 -9.83 53.90 10.55
C THR E 231 -9.46 54.10 12.02
N HIS E 232 -10.42 53.99 12.92
CA HIS E 232 -10.16 54.20 14.34
C HIS E 232 -9.27 53.09 14.90
N ALA E 233 -8.85 53.27 16.14
CA ALA E 233 -7.95 52.34 16.81
C ALA E 233 -8.69 51.32 17.66
N ARG E 234 -10.01 51.40 17.75
CA ARG E 234 -10.78 50.44 18.55
C ARG E 234 -10.92 49.09 17.87
N SER E 235 -10.52 48.96 16.60
CA SER E 235 -10.60 47.70 15.88
C SER E 235 -9.33 46.87 15.98
N LEU E 236 -8.37 47.30 16.80
CA LEU E 236 -7.10 46.59 16.92
C LEU E 236 -7.18 45.56 18.04
N TRP E 237 -6.65 44.37 17.77
CA TRP E 237 -6.64 43.29 18.74
C TRP E 237 -5.33 42.51 18.63
N ARG E 238 -4.75 42.19 19.78
CA ARG E 238 -3.48 41.48 19.84
C ARG E 238 -3.71 40.01 20.18
N LEU E 239 -2.94 39.14 19.53
CA LEU E 239 -3.03 37.70 19.75
C LEU E 239 -1.88 37.24 20.64
N GLU E 240 -2.20 36.40 21.62
CA GLU E 240 -1.21 35.91 22.56
C GLU E 240 -1.48 34.45 22.90
N PRO E 241 -0.53 33.56 22.68
CA PRO E 241 -0.74 32.14 22.96
C PRO E 241 -0.65 31.86 24.46
N LEU E 242 -0.78 30.57 24.81
CA LEU E 242 -0.75 30.17 26.21
C LEU E 242 0.67 30.14 26.75
N ARG E 243 1.58 29.44 26.06
CA ARG E 243 2.95 29.33 26.52
C ARG E 243 3.69 30.66 26.34
N ILE E 244 4.75 30.83 27.13
CA ILE E 244 5.54 32.05 27.06
C ILE E 244 6.70 31.94 26.08
N SER E 245 7.29 30.75 25.96
CA SER E 245 8.39 30.55 25.03
C SER E 245 7.86 30.36 23.61
N TRP E 246 8.56 30.93 22.63
CA TRP E 246 8.16 30.89 21.23
C TRP E 246 6.74 31.42 21.04
N SER E 247 6.46 32.55 21.69
CA SER E 247 5.11 33.14 21.61
C SER E 247 4.82 33.71 20.23
N GLY E 248 5.84 34.08 19.46
CA GLY E 248 5.63 34.65 18.14
C GLY E 248 5.59 33.63 17.04
N SER E 249 5.39 32.36 17.40
CA SER E 249 5.31 31.30 16.41
C SER E 249 4.00 31.40 15.63
N HIS E 250 3.95 30.68 14.51
CA HIS E 250 2.76 30.69 13.67
C HIS E 250 1.62 29.97 14.38
N LEU E 251 0.47 30.65 14.50
CA LEU E 251 -0.70 30.10 15.16
C LEU E 251 -1.36 29.08 14.25
N ARG E 252 -0.97 27.82 14.41
CA ARG E 252 -1.53 26.75 13.60
C ARG E 252 -2.95 26.42 14.06
N TRP E 253 -3.66 25.69 13.21
CA TRP E 253 -5.04 25.28 13.51
C TRP E 253 -5.04 24.25 14.62
N GLY E 254 -5.58 24.63 15.79
CA GLY E 254 -5.64 23.72 16.91
C GLY E 254 -4.68 24.08 18.02
N GLN E 255 -4.47 25.38 18.24
CA GLN E 255 -3.58 25.85 19.29
C GLN E 255 -4.35 26.81 20.20
N PRO E 256 -4.24 26.66 21.51
CA PRO E 256 -4.96 27.58 22.41
C PRO E 256 -4.30 28.94 22.46
N LEU E 257 -5.12 29.98 22.47
CA LEU E 257 -4.64 31.36 22.52
C LEU E 257 -5.69 32.23 23.19
N ARG E 258 -5.24 33.40 23.66
CA ARG E 258 -6.10 34.36 24.32
C ARG E 258 -6.07 35.67 23.55
N ILE E 259 -7.25 36.18 23.19
CA ILE E 259 -7.36 37.42 22.45
C ILE E 259 -7.22 38.59 23.42
N ARG E 260 -6.38 39.57 23.04
CA ARG E 260 -6.11 40.73 23.87
C ARG E 260 -6.34 42.00 23.08
N HIS E 261 -6.92 43.00 23.73
CA HIS E 261 -7.16 44.31 23.13
C HIS E 261 -6.08 45.29 23.59
N VAL E 262 -5.56 46.05 22.64
CA VAL E 262 -4.50 47.01 22.95
C VAL E 262 -5.07 48.37 23.34
N THR E 263 -6.28 48.70 22.89
CA THR E 263 -6.88 49.99 23.20
C THR E 263 -7.67 49.99 24.50
N THR E 264 -8.12 48.82 24.96
CA THR E 264 -8.85 48.71 26.22
C THR E 264 -8.01 48.16 27.36
N GLY E 265 -7.02 47.32 27.05
CA GLY E 265 -6.17 46.77 28.08
C GLY E 265 -6.82 45.69 28.92
N ARG E 266 -7.61 44.82 28.31
CA ARG E 266 -8.29 43.76 29.02
C ARG E 266 -8.48 42.58 28.07
N TYR E 267 -9.23 41.57 28.52
CA TYR E 267 -9.48 40.37 27.75
C TYR E 267 -10.98 40.08 27.71
N LEU E 268 -11.42 39.44 26.64
CA LEU E 268 -12.80 39.02 26.48
C LEU E 268 -12.88 37.50 26.59
N ALA E 269 -13.90 37.03 27.30
CA ALA E 269 -14.08 35.59 27.52
C ALA E 269 -15.49 35.36 28.04
N LEU E 270 -15.97 34.13 27.85
CA LEU E 270 -17.28 33.72 28.32
C LEU E 270 -17.17 33.30 29.77
N ILE E 271 -17.78 34.08 30.66
CA ILE E 271 -17.75 33.80 32.10
C ILE E 271 -19.14 33.38 32.54
N GLU E 272 -19.20 32.65 33.65
CA GLU E 272 -20.46 32.18 34.20
C GLU E 272 -21.28 33.28 34.86
N ASP E 273 -20.73 34.49 34.97
CA ASP E 273 -21.43 35.59 35.61
C ASP E 273 -22.33 36.36 34.64
N GLN E 274 -21.76 36.83 33.53
CA GLN E 274 -22.50 37.63 32.56
C GLN E 274 -22.23 37.19 31.13
N GLY E 275 -21.84 35.93 30.92
CA GLY E 275 -21.54 35.46 29.58
C GLY E 275 -20.21 35.99 29.08
N LEU E 276 -20.17 36.30 27.79
CA LEU E 276 -18.98 36.86 27.17
C LEU E 276 -18.92 38.37 27.48
N VAL E 277 -17.92 38.76 28.26
CA VAL E 277 -17.72 40.15 28.67
C VAL E 277 -16.24 40.46 28.66
N VAL E 278 -15.93 41.75 28.57
CA VAL E 278 -14.55 42.23 28.64
C VAL E 278 -14.12 42.27 30.10
N VAL E 279 -13.18 41.41 30.47
CA VAL E 279 -12.71 41.28 31.84
C VAL E 279 -11.24 41.69 31.90
N ASP E 280 -10.87 42.40 32.96
CA ASP E 280 -9.49 42.82 33.14
C ASP E 280 -8.58 41.62 33.42
N ALA E 281 -7.28 41.86 33.35
CA ALA E 281 -6.30 40.80 33.56
C ALA E 281 -6.29 40.30 35.00
N SER E 282 -6.76 41.10 35.95
CA SER E 282 -6.74 40.68 37.34
C SER E 282 -7.82 39.63 37.60
N LYS E 283 -9.06 39.91 37.19
CA LYS E 283 -10.17 39.00 37.43
C LYS E 283 -10.20 37.83 36.46
N ALA E 284 -9.44 37.88 35.36
CA ALA E 284 -9.46 36.82 34.38
C ALA E 284 -8.70 35.60 34.90
N HIS E 285 -8.64 34.55 34.07
CA HIS E 285 -7.95 33.33 34.42
C HIS E 285 -7.41 32.62 33.18
N THR E 286 -7.38 31.29 33.21
CA THR E 286 -6.83 30.52 32.09
C THR E 286 -7.79 29.41 31.67
N LYS E 287 -8.64 28.96 32.60
CA LYS E 287 -9.53 27.85 32.31
C LYS E 287 -10.55 28.22 31.23
N ALA E 288 -11.35 29.25 31.49
CA ALA E 288 -12.42 29.67 30.59
C ALA E 288 -12.12 31.01 29.94
N THR E 289 -10.86 31.24 29.57
CA THR E 289 -10.46 32.46 28.90
C THR E 289 -9.71 32.26 27.60
N SER E 290 -9.21 31.06 27.32
CA SER E 290 -8.47 30.79 26.10
C SER E 290 -9.42 30.41 24.97
N PHE E 291 -8.97 30.64 23.74
CA PHE E 291 -9.76 30.32 22.56
C PHE E 291 -8.94 29.50 21.57
N CYS E 292 -9.52 29.23 20.39
CA CYS E 292 -8.83 28.46 19.37
C CYS E 292 -9.38 28.83 18.01
N PHE E 293 -8.59 28.56 16.98
CA PHE E 293 -8.94 28.86 15.59
C PHE E 293 -9.18 27.55 14.85
N ARG E 294 -10.44 27.15 14.72
CA ARG E 294 -10.80 25.93 14.02
C ARG E 294 -10.96 26.20 12.53
N ILE E 295 -11.10 25.11 11.77
CA ILE E 295 -11.26 25.22 10.31
C ILE E 295 -12.73 25.43 9.94
N SER E 296 -13.64 24.81 10.68
CA SER E 296 -15.08 24.94 10.41
C SER E 296 -15.83 24.59 11.69
N LYS E 297 -17.16 24.67 11.62
CA LYS E 297 -18.02 24.37 12.75
C LYS E 297 -18.26 22.86 12.80
N GLU E 298 -17.37 22.15 13.51
CA GLU E 298 -17.46 20.72 13.65
C GLU E 298 -17.06 20.35 15.08
N LYS E 299 -16.90 19.06 15.34
CA LYS E 299 -16.52 18.57 16.65
C LYS E 299 -15.00 18.62 16.80
N LEU E 300 -14.49 18.03 17.86
CA LEU E 300 -13.05 18.01 18.12
C LEU E 300 -12.36 16.98 17.22
N LYS E 301 -2.48 17.54 20.43
CA LYS E 301 -1.67 18.74 20.33
C LYS E 301 -0.19 18.38 20.17
N ARG E 302 0.45 18.96 19.15
CA ARG E 302 1.86 18.69 18.90
C ARG E 302 2.75 19.46 19.87
N ASP E 303 2.64 20.80 19.85
CA ASP E 303 3.42 21.70 20.70
C ASP E 303 4.91 21.46 20.50
N VAL E 304 5.39 21.90 19.33
CA VAL E 304 6.79 21.78 18.94
C VAL E 304 7.41 23.18 18.97
N GLU E 305 8.66 23.25 19.43
CA GLU E 305 9.36 24.52 19.50
C GLU E 305 9.75 24.99 18.10
N GLY E 306 10.03 26.29 17.99
CA GLY E 306 10.40 26.89 16.73
C GLY E 306 9.23 27.51 16.00
N MET E 307 9.41 27.67 14.70
CA MET E 307 8.38 28.25 13.85
C MET E 307 7.26 27.25 13.60
N GLY E 308 6.05 27.77 13.45
CA GLY E 308 4.89 26.94 13.20
C GLY E 308 4.62 26.74 11.72
N PRO E 309 3.67 25.88 11.40
CA PRO E 309 3.34 25.62 9.99
C PRO E 309 2.69 26.83 9.36
N PRO E 310 3.11 27.22 8.15
CA PRO E 310 2.50 28.37 7.48
C PRO E 310 1.16 28.04 6.85
N GLU E 311 0.26 27.41 7.62
CA GLU E 311 -1.05 27.05 7.07
C GLU E 311 -1.99 28.24 7.05
N ILE E 312 -2.03 29.02 8.14
CA ILE E 312 -2.89 30.20 8.20
C ILE E 312 -2.32 31.28 7.30
N LYS E 313 -3.21 31.92 6.52
CA LYS E 313 -2.80 32.93 5.56
C LYS E 313 -3.78 34.09 5.60
N TYR E 314 -3.25 35.31 5.41
CA TYR E 314 -4.10 36.49 5.39
C TYR E 314 -4.95 36.52 4.12
N GLY E 315 -6.04 37.27 4.19
CA GLY E 315 -6.91 37.46 3.04
C GLY E 315 -7.94 36.36 2.86
N GLU E 316 -7.55 35.11 3.13
CA GLU E 316 -8.41 33.95 2.97
C GLU E 316 -8.40 33.10 4.24
N SER E 317 -8.55 33.77 5.38
CA SER E 317 -8.58 33.06 6.67
C SER E 317 -9.89 32.31 6.84
N LEU E 318 -10.99 33.05 7.02
CA LEU E 318 -12.32 32.46 7.21
C LEU E 318 -12.34 31.50 8.40
N CYS E 319 -11.70 31.90 9.49
CA CYS E 319 -11.63 31.07 10.67
C CYS E 319 -12.92 31.19 11.50
N PHE E 320 -13.10 30.24 12.41
CA PHE E 320 -14.25 30.20 13.31
C PHE E 320 -13.73 29.98 14.72
N VAL E 321 -13.69 31.04 15.52
CA VAL E 321 -13.18 30.96 16.87
C VAL E 321 -14.28 30.44 17.79
N GLN E 322 -13.90 29.56 18.72
CA GLN E 322 -14.84 28.99 19.68
C GLN E 322 -14.13 28.89 21.03
N HIS E 323 -14.82 28.30 22.01
CA HIS E 323 -14.27 28.10 23.34
C HIS E 323 -13.65 26.72 23.46
N VAL E 324 -12.62 26.62 24.30
CA VAL E 324 -11.94 25.35 24.49
C VAL E 324 -12.73 24.45 25.44
N ALA E 325 -13.42 25.03 26.41
CA ALA E 325 -14.19 24.23 27.37
C ALA E 325 -15.56 23.88 26.81
N SER E 326 -16.38 24.89 26.49
CA SER E 326 -17.72 24.63 25.99
C SER E 326 -17.72 24.41 24.48
N GLY E 327 -17.29 25.41 23.72
CA GLY E 327 -17.27 25.31 22.28
C GLY E 327 -18.28 26.21 21.60
N LEU E 328 -18.62 27.32 22.26
CA LEU E 328 -19.60 28.25 21.72
C LEU E 328 -18.97 29.04 20.57
N TRP E 329 -19.50 28.86 19.37
CA TRP E 329 -18.99 29.56 18.21
C TRP E 329 -19.47 31.01 18.19
N LEU E 330 -18.71 31.87 17.53
CA LEU E 330 -19.06 33.28 17.45
C LEU E 330 -20.21 33.49 16.47
N THR E 331 -21.14 34.37 16.86
CA THR E 331 -22.29 34.68 16.03
C THR E 331 -22.93 35.97 16.52
N TYR E 332 -23.63 36.63 15.62
CA TYR E 332 -24.31 37.88 15.94
C TYR E 332 -25.74 37.59 16.40
N ALA E 333 -26.55 38.63 16.55
CA ALA E 333 -27.94 38.49 16.97
C ALA E 333 -28.83 39.30 16.05
N ALA E 334 -30.12 38.97 16.06
CA ALA E 334 -31.10 39.65 15.23
C ALA E 334 -32.37 39.95 16.02
N LEU E 335 -27.15 50.66 14.03
CA LEU E 335 -27.26 49.22 13.93
C LEU E 335 -26.07 48.53 14.61
N LYS E 336 -26.12 48.40 15.92
CA LYS E 336 -25.08 47.78 16.73
C LYS E 336 -25.72 46.65 17.54
N LYS E 337 -25.77 45.46 16.95
CA LYS E 337 -26.37 44.31 17.62
C LYS E 337 -25.44 43.79 18.71
N LYS E 338 -26.01 42.96 19.59
CA LYS E 338 -25.27 42.38 20.69
C LYS E 338 -24.67 41.04 20.26
N ALA E 339 -23.41 40.82 20.64
CA ALA E 339 -22.70 39.58 20.33
C ALA E 339 -23.00 38.56 21.43
N ILE E 340 -23.82 37.56 21.09
CA ILE E 340 -24.22 36.52 22.03
C ILE E 340 -23.76 35.18 21.47
N LEU E 341 -23.25 34.32 22.36
CA LEU E 341 -22.79 33.00 21.97
C LEU E 341 -23.90 31.97 22.12
N HIS E 342 -24.01 31.09 21.14
CA HIS E 342 -25.03 30.05 21.13
C HIS E 342 -24.37 28.69 20.93
N GLN E 343 -25.05 27.64 21.40
CA GLN E 343 -24.51 26.30 21.27
C GLN E 343 -24.57 25.82 19.82
N GLU E 344 -25.73 25.97 19.17
CA GLU E 344 -25.87 25.55 17.79
C GLU E 344 -25.22 26.53 16.82
N GLY E 345 -25.22 27.82 17.14
CA GLY E 345 -24.62 28.81 16.27
C GLY E 345 -25.50 29.14 15.08
N HIS E 346 -24.88 29.81 14.11
CA HIS E 346 -25.57 30.20 12.89
C HIS E 346 -24.58 30.22 11.74
N MET E 347 -25.12 30.09 10.53
CA MET E 347 -24.31 30.10 9.32
C MET E 347 -24.08 31.55 8.87
N ASP E 348 -23.52 31.71 7.67
CA ASP E 348 -23.25 33.02 7.07
C ASP E 348 -22.31 33.86 7.93
N ASP E 349 -21.46 33.22 8.72
CA ASP E 349 -20.49 33.92 9.56
C ASP E 349 -19.10 33.81 8.93
N ALA E 350 -18.38 34.92 8.94
CA ALA E 350 -17.04 34.98 8.36
C ALA E 350 -16.14 35.81 9.26
N LEU E 351 -14.85 35.49 9.23
CA LEU E 351 -13.83 36.21 10.00
C LEU E 351 -12.66 36.50 9.08
N SER E 352 -12.57 37.75 8.63
CA SER E 352 -11.52 38.18 7.71
C SER E 352 -10.37 38.78 8.52
N LEU E 353 -9.24 38.07 8.57
CA LEU E 353 -8.08 38.54 9.30
C LEU E 353 -7.31 39.54 8.44
N THR E 354 -7.35 40.81 8.84
CA THR E 354 -6.68 41.89 8.12
C THR E 354 -5.69 42.56 9.06
N ARG E 355 -4.41 42.58 8.67
CA ARG E 355 -3.37 43.18 9.47
C ARG E 355 -3.21 44.66 9.12
N CYS E 356 -2.98 45.48 10.15
CA CYS E 356 -2.81 46.91 9.98
C CYS E 356 -1.32 47.26 10.00
N GLN E 357 -1.03 48.55 9.85
CA GLN E 357 0.34 49.02 9.85
C GLN E 357 0.88 49.08 11.28
N GLN E 358 2.22 49.08 11.39
CA GLN E 358 2.86 49.14 12.69
C GLN E 358 2.72 50.51 13.35
N GLU E 359 2.53 51.57 12.56
CA GLU E 359 2.38 52.89 13.14
C GLU E 359 1.08 53.04 13.91
N GLU E 360 0.05 52.29 13.54
CA GLU E 360 -1.21 52.35 14.27
C GLU E 360 -1.18 51.48 15.52
N SER E 361 -0.47 50.35 15.48
CA SER E 361 -0.37 49.50 16.66
C SER E 361 0.48 50.15 17.75
N GLN E 362 1.53 50.87 17.35
CA GLN E 362 2.36 51.56 18.33
C GLN E 362 1.61 52.70 18.99
N ALA E 363 0.77 53.41 18.22
CA ALA E 363 0.00 54.50 18.78
C ALA E 363 -1.08 54.01 19.73
N ALA E 364 -1.56 52.79 19.53
CA ALA E 364 -2.59 52.23 20.41
C ALA E 364 -2.05 52.00 21.81
N ARG E 365 -0.80 51.52 21.91
CA ARG E 365 -0.19 51.29 23.22
C ARG E 365 0.11 52.61 23.93
N MET E 366 0.47 53.65 23.17
CA MET E 366 0.76 54.95 23.77
C MET E 366 -0.49 55.57 24.38
N ILE E 367 -1.66 55.34 23.79
CA ILE E 367 -2.89 55.91 24.31
C ILE E 367 -3.28 55.24 25.62
N TYR E 368 -3.25 53.89 25.65
CA TYR E 368 -3.64 53.18 26.86
C TYR E 368 -2.65 53.40 27.99
N SER E 369 -1.36 53.52 27.67
CA SER E 369 -0.35 53.72 28.72
C SER E 369 -0.47 55.12 29.32
N THR E 370 -0.80 56.12 28.49
CA THR E 370 -0.93 57.48 29.01
C THR E 370 -2.28 57.71 29.69
N ALA E 371 -3.34 57.06 29.20
CA ALA E 371 -4.64 57.20 29.83
C ALA E 371 -4.65 56.62 31.25
N GLY E 372 -3.88 55.57 31.49
CA GLY E 372 -3.79 55.03 32.84
C GLY E 372 -3.10 55.97 33.81
N LEU E 373 -2.13 56.75 33.31
CA LEU E 373 -1.47 57.73 34.17
C LEU E 373 -2.36 58.91 34.46
N TYR E 374 -3.15 59.34 33.46
CA TYR E 374 -4.07 60.46 33.68
C TYR E 374 -5.20 60.08 34.62
N ASN E 375 -5.65 58.82 34.58
CA ASN E 375 -6.69 58.38 35.51
C ASN E 375 -6.19 58.41 36.95
N HIS E 376 -4.93 58.04 37.15
CA HIS E 376 -4.33 58.14 38.48
C HIS E 376 -4.04 59.58 38.87
N PHE E 377 -3.88 60.48 37.89
CA PHE E 377 -3.63 61.88 38.21
C PHE E 377 -4.92 62.61 38.56
N ILE E 378 -6.02 62.28 37.89
CA ILE E 378 -7.30 62.93 38.18
C ILE E 378 -7.83 62.47 39.53
N LYS E 379 -7.78 61.17 39.78
CA LYS E 379 -8.26 60.64 41.06
C LYS E 379 -7.36 61.09 42.21
N GLY E 380 -6.09 61.36 41.94
CA GLY E 380 -5.20 61.82 42.99
C GLY E 380 -5.48 63.25 43.43
N LEU E 381 -5.91 64.10 42.50
CA LEU E 381 -6.20 65.49 42.85
C LEU E 381 -7.46 65.60 43.71
N ASP E 382 -8.40 64.67 43.54
CA ASP E 382 -9.64 64.69 44.31
C ASP E 382 -9.43 64.32 45.77
N SER E 383 -8.27 63.80 46.14
CA SER E 383 -8.03 63.40 47.52
C SER E 383 -7.75 64.59 48.42
N PHE E 384 -7.25 65.70 47.85
CA PHE E 384 -6.93 66.90 48.63
C PHE E 384 -7.57 68.15 48.05
N SER E 385 -8.65 68.00 47.28
CA SER E 385 -9.33 69.13 46.68
C SER E 385 -10.48 69.64 47.55
N GLY E 386 -11.41 68.76 47.90
CA GLY E 386 -12.56 69.14 48.70
C GLY E 386 -12.25 69.34 50.17
N LYS E 387 -11.36 68.50 50.71
CA LYS E 387 -11.01 68.55 52.13
C LYS E 387 -9.62 69.14 52.30
N PRO E 388 -9.49 70.40 52.72
CA PRO E 388 -8.16 70.97 52.95
C PRO E 388 -7.51 70.37 54.20
N ARG E 389 -6.23 70.66 54.36
CA ARG E 389 -5.45 70.17 55.49
C ARG E 389 -4.57 71.29 56.02
N GLY E 390 -3.97 71.05 57.18
CA GLY E 390 -3.10 72.01 57.81
C GLY E 390 -1.69 71.95 57.25
N SER E 391 -0.77 72.59 57.98
CA SER E 391 0.62 72.63 57.57
C SER E 391 1.27 71.27 57.78
N GLY E 392 1.93 70.76 56.73
CA GLY E 392 2.62 69.49 56.81
C GLY E 392 1.76 68.27 56.53
N ALA E 393 0.48 68.46 56.19
CA ALA E 393 -0.41 67.35 55.91
C ALA E 393 -0.77 67.32 54.44
N PRO E 394 -0.28 66.35 53.66
CA PRO E 394 -0.63 66.31 52.23
C PRO E 394 -2.09 65.97 51.98
N ALA E 395 -2.80 65.41 52.96
CA ALA E 395 -4.21 65.06 52.84
C ALA E 395 -4.46 64.07 51.70
N GLY E 396 -3.50 63.18 51.46
CA GLY E 396 -3.66 62.19 50.41
C GLY E 396 -2.33 61.60 50.02
N THR E 397 -2.40 60.65 49.09
CA THR E 397 -1.20 59.99 48.59
C THR E 397 -0.41 60.92 47.68
N ALA E 398 0.88 60.64 47.55
CA ALA E 398 1.78 61.44 46.73
C ALA E 398 1.56 61.08 45.26
N LEU E 399 1.08 62.04 44.48
CA LEU E 399 0.89 61.83 43.05
C LEU E 399 2.25 61.70 42.35
N PRO E 400 2.29 61.01 41.22
CA PRO E 400 3.57 60.88 40.49
C PRO E 400 3.99 62.20 39.88
N LEU E 401 5.26 62.58 40.11
CA LEU E 401 5.82 63.82 39.58
C LEU E 401 6.64 63.58 38.33
N GLU E 402 7.64 62.70 38.40
CA GLU E 402 8.50 62.44 37.25
C GLU E 402 7.79 61.68 36.14
N GLY E 403 6.71 60.96 36.46
CA GLY E 403 6.01 60.20 35.44
C GLY E 403 5.12 61.06 34.55
N VAL E 404 4.56 62.13 35.09
CA VAL E 404 3.67 62.98 34.30
C VAL E 404 4.42 64.08 33.55
N ILE E 405 5.52 64.58 34.11
CA ILE E 405 6.27 65.64 33.45
C ILE E 405 6.99 65.09 32.21
N LEU E 406 7.63 63.93 32.35
CA LEU E 406 8.34 63.33 31.23
C LEU E 406 7.40 62.77 30.18
N SER E 407 6.15 62.46 30.55
CA SER E 407 5.22 61.91 29.57
C SER E 407 4.75 62.98 28.59
N LEU E 408 4.50 64.20 29.08
CA LEU E 408 4.05 65.27 28.20
C LEU E 408 5.16 65.72 27.27
N GLN E 409 6.43 65.62 27.70
CA GLN E 409 7.54 66.04 26.85
C GLN E 409 7.68 65.13 25.63
N ASP E 410 7.45 63.82 25.81
CA ASP E 410 7.54 62.91 24.68
C ASP E 410 6.33 63.03 23.76
N LEU E 411 5.19 63.46 24.29
CA LEU E 411 4.00 63.65 23.47
C LEU E 411 4.08 64.92 22.64
N ILE E 412 4.81 65.93 23.11
CA ILE E 412 4.98 67.15 22.33
C ILE E 412 5.80 66.86 21.08
N GLY E 413 6.89 66.12 21.22
CA GLY E 413 7.70 65.73 20.09
C GLY E 413 7.11 64.64 19.21
N TYR E 414 5.94 64.12 19.57
CA TYR E 414 5.26 63.11 18.78
C TYR E 414 4.25 63.68 17.80
N PHE E 415 3.62 64.80 18.15
CA PHE E 415 2.67 65.47 17.27
C PHE E 415 3.26 66.73 16.65
N GLU E 416 4.58 66.81 16.55
CA GLU E 416 5.21 68.00 15.99
C GLU E 416 5.01 68.04 14.48
N PRO E 417 4.65 69.20 13.93
CA PRO E 417 4.50 69.28 12.48
C PRO E 417 5.83 69.07 11.78
N PRO E 418 5.81 68.56 10.57
CA PRO E 418 7.07 68.32 9.86
C PRO E 418 7.74 69.61 9.43
N SER E 419 9.05 69.51 9.18
CA SER E 419 9.83 70.67 8.78
C SER E 419 9.54 71.03 7.33
N GLU E 420 9.45 72.33 7.06
CA GLU E 420 9.18 72.81 5.71
C GLU E 420 10.39 72.71 4.78
N GLU E 421 11.57 72.40 5.32
CA GLU E 421 12.76 72.29 4.48
C GLU E 421 12.74 71.04 3.60
N LEU E 422 11.88 70.07 3.91
CA LEU E 422 11.80 68.86 3.11
C LEU E 422 11.13 69.15 1.76
N GLN E 423 11.21 68.17 0.87
CA GLN E 423 10.60 68.32 -0.45
C GLN E 423 9.08 68.23 -0.36
N HIS E 424 8.42 68.57 -1.46
CA HIS E 424 6.96 68.56 -1.48
C HIS E 424 6.40 67.15 -1.39
N GLU E 425 7.12 66.16 -1.92
CA GLU E 425 6.63 64.78 -1.85
C GLU E 425 6.70 64.24 -0.42
N GLU E 426 7.83 64.45 0.25
CA GLU E 426 7.97 63.98 1.62
C GLU E 426 7.13 64.80 2.60
N LYS E 427 6.79 66.05 2.26
CA LYS E 427 5.98 66.86 3.15
C LYS E 427 4.55 66.33 3.23
N GLN E 428 3.99 65.89 2.10
CA GLN E 428 2.63 65.38 2.10
C GLN E 428 2.55 64.02 2.80
N SER E 429 3.63 63.23 2.74
CA SER E 429 3.61 61.93 3.42
C SER E 429 3.62 62.10 4.94
N LYS E 430 4.38 63.08 5.44
CA LYS E 430 4.41 63.32 6.87
C LYS E 430 3.11 63.93 7.37
N LEU E 431 2.44 64.74 6.54
CA LEU E 431 1.17 65.32 6.95
C LEU E 431 0.07 64.26 7.02
N ARG E 432 0.15 63.22 6.20
CA ARG E 432 -0.83 62.14 6.26
C ARG E 432 -0.69 61.36 7.57
N SER E 433 0.55 61.19 8.05
CA SER E 433 0.76 60.51 9.32
C SER E 433 0.41 61.38 10.51
N LEU E 434 0.57 62.69 10.38
CA LEU E 434 0.23 63.59 11.48
C LEU E 434 -1.28 63.69 11.66
N ARG E 435 -2.02 63.86 10.57
CA ARG E 435 -3.48 63.95 10.67
C ARG E 435 -4.09 62.62 11.09
N ASN E 436 -3.47 61.51 10.72
CA ASN E 436 -3.99 60.20 11.12
C ASN E 436 -3.79 59.96 12.61
N ARG E 437 -2.66 60.40 13.16
CA ARG E 437 -2.40 60.21 14.59
C ARG E 437 -3.28 61.13 15.43
N GLN E 438 -3.62 62.31 14.91
CA GLN E 438 -4.48 63.23 15.66
C GLN E 438 -5.90 62.69 15.80
N SER E 439 -6.36 61.92 14.80
CA SER E 439 -7.70 61.36 14.86
C SER E 439 -7.77 60.16 15.79
N LEU E 440 -6.69 59.39 15.89
CA LEU E 440 -6.69 58.23 16.78
C LEU E 440 -6.66 58.63 18.25
N PHE E 441 -6.04 59.78 18.56
CA PHE E 441 -5.97 60.25 19.94
C PHE E 441 -7.22 60.99 20.38
N GLN E 442 -8.12 61.31 19.45
CA GLN E 442 -9.35 62.03 19.77
C GLN E 442 -10.56 61.12 19.90
N GLU E 443 -10.62 60.05 19.12
CA GLU E 443 -11.75 59.13 19.14
C GLU E 443 -11.71 58.16 20.32
N GLU E 444 -10.74 58.30 21.23
CA GLU E 444 -10.64 57.46 22.41
C GLU E 444 -11.02 58.17 23.69
N GLY E 445 -11.16 59.50 23.67
CA GLY E 445 -11.50 60.26 24.85
C GLY E 445 -10.31 60.89 25.56
N MET E 446 -9.10 60.71 25.04
CA MET E 446 -7.93 61.30 25.67
C MET E 446 -7.97 62.83 25.63
N LEU E 447 -8.55 63.39 24.57
CA LEU E 447 -8.68 64.84 24.48
C LEU E 447 -9.54 65.40 25.61
N SER E 448 -10.55 64.64 26.05
CA SER E 448 -11.37 65.08 27.18
C SER E 448 -10.61 64.98 28.48
N LEU E 449 -9.70 64.00 28.60
CA LEU E 449 -8.92 63.86 29.84
C LEU E 449 -7.95 65.04 30.02
N VAL E 450 -7.46 65.61 28.92
CA VAL E 450 -6.57 66.77 29.03
C VAL E 450 -7.36 68.01 29.47
N LEU E 451 -8.60 68.15 28.97
CA LEU E 451 -9.42 69.29 29.35
C LEU E 451 -9.87 69.18 30.80
N ASN E 452 -10.20 67.97 31.25
CA ASN E 452 -10.61 67.79 32.64
C ASN E 452 -9.47 68.04 33.61
N CYS E 453 -8.23 67.74 33.19
CA CYS E 453 -7.09 67.98 34.06
C CYS E 453 -6.83 69.47 34.25
N ILE E 454 -7.11 70.29 33.24
CA ILE E 454 -6.93 71.73 33.37
C ILE E 454 -8.02 72.32 34.26
N ASP E 455 -9.24 71.80 34.16
CA ASP E 455 -10.35 72.34 34.95
C ASP E 455 -10.14 72.11 36.44
N ARG E 456 -9.46 71.02 36.81
CA ARG E 456 -9.19 70.76 38.22
C ARG E 456 -8.15 71.73 38.76
N LEU E 457 -7.11 72.02 37.97
CA LEU E 457 -6.07 72.95 38.38
C LEU E 457 -6.46 74.41 38.19
N ASN E 458 -7.54 74.69 37.44
CA ASN E 458 -7.96 76.06 37.22
C ASN E 458 -8.58 76.69 38.46
N VAL E 459 -9.03 75.87 39.42
CA VAL E 459 -9.61 76.41 40.65
C VAL E 459 -8.55 77.13 41.47
N TYR E 460 -7.32 76.62 41.47
CA TYR E 460 -6.24 77.27 42.20
C TYR E 460 -5.80 78.53 41.48
N THR E 461 -5.63 79.62 42.24
CA THR E 461 -5.23 80.89 41.64
C THR E 461 -3.74 80.89 41.30
N THR E 462 -2.88 80.69 42.30
CA THR E 462 -1.44 80.68 42.11
C THR E 462 -0.87 79.49 42.88
N ALA E 463 0.43 79.25 42.72
CA ALA E 463 1.08 78.13 43.39
C ALA E 463 1.04 78.26 44.90
N ALA E 464 0.76 79.46 45.44
CA ALA E 464 0.62 79.61 46.88
C ALA E 464 -0.60 78.87 47.40
N HIS E 465 -1.72 78.94 46.67
CA HIS E 465 -2.91 78.18 47.06
C HIS E 465 -2.71 76.69 46.87
N PHE E 466 -1.98 76.30 45.81
CA PHE E 466 -1.71 74.89 45.58
C PHE E 466 -0.75 74.30 46.61
N ALA E 467 0.04 75.14 47.28
CA ALA E 467 0.97 74.64 48.30
C ALA E 467 0.22 74.18 49.54
N GLU E 468 -0.69 75.02 50.05
CA GLU E 468 -1.44 74.67 51.25
C GLU E 468 -2.50 73.61 50.99
N PHE E 469 -2.81 73.31 49.72
CA PHE E 469 -3.83 72.33 49.39
C PHE E 469 -3.26 71.02 48.85
N ALA E 470 -2.02 71.01 48.38
CA ALA E 470 -1.43 69.79 47.82
C ALA E 470 -0.01 69.52 48.28
N GLY E 471 0.59 70.40 49.07
CA GLY E 471 1.94 70.21 49.55
C GLY E 471 2.92 71.17 48.89
N GLU E 472 4.06 71.36 49.55
CA GLU E 472 5.09 72.26 49.04
C GLU E 472 5.87 71.64 47.88
N GLU E 473 5.98 70.31 47.84
CA GLU E 473 6.74 69.66 46.78
C GLU E 473 6.06 69.84 45.43
N ALA E 474 4.76 69.53 45.36
CA ALA E 474 4.03 69.66 44.10
C ALA E 474 3.75 71.12 43.72
N ALA E 475 3.95 72.06 44.65
CA ALA E 475 3.67 73.47 44.34
C ALA E 475 4.74 74.05 43.42
N GLU E 476 5.99 73.62 43.57
CA GLU E 476 7.06 74.14 42.73
C GLU E 476 6.89 73.68 41.28
N SER E 477 6.43 72.46 41.07
CA SER E 477 6.22 71.93 39.72
C SER E 477 4.89 72.35 39.13
N TRP E 478 4.01 72.99 39.90
CA TRP E 478 2.71 73.38 39.37
C TRP E 478 2.85 74.47 38.30
N LYS E 479 3.89 75.29 38.38
CA LYS E 479 4.10 76.32 37.37
C LYS E 479 4.45 75.72 36.02
N GLU E 480 5.12 74.58 36.01
CA GLU E 480 5.51 73.94 34.75
C GLU E 480 4.46 72.99 34.21
N ILE E 481 3.70 72.33 35.10
CA ILE E 481 2.69 71.37 34.65
C ILE E 481 1.58 72.09 33.89
N VAL E 482 1.10 73.22 34.42
CA VAL E 482 0.04 73.97 33.76
C VAL E 482 0.53 74.52 32.42
N ASN E 483 1.79 74.92 32.35
CA ASN E 483 2.34 75.46 31.11
C ASN E 483 2.46 74.38 30.04
N LEU E 484 2.74 73.14 30.44
CA LEU E 484 2.87 72.06 29.47
C LEU E 484 1.51 71.54 29.00
N LEU E 485 0.48 71.70 29.82
CA LEU E 485 -0.85 71.24 29.43
C LEU E 485 -1.43 72.07 28.29
N TYR E 486 -1.05 73.35 28.19
CA TYR E 486 -1.56 74.19 27.12
C TYR E 486 -0.79 73.99 25.82
N GLU E 487 0.48 73.57 25.91
CA GLU E 487 1.28 73.33 24.71
C GLU E 487 0.88 72.02 24.04
N ILE E 488 0.60 70.99 24.83
CA ILE E 488 0.18 69.70 24.26
C ILE E 488 -1.23 69.80 23.70
N LEU E 489 -2.05 70.73 24.21
CA LEU E 489 -3.41 70.86 23.71
C LEU E 489 -3.42 71.50 22.32
N ALA E 490 -2.61 72.54 22.12
CA ALA E 490 -2.59 73.23 20.83
C ALA E 490 -2.02 72.36 19.72
N SER E 491 -1.27 71.31 20.07
CA SER E 491 -0.71 70.44 19.04
C SER E 491 -1.75 69.52 18.44
N LEU E 492 -2.78 69.16 19.20
CA LEU E 492 -3.81 68.26 18.69
C LEU E 492 -4.91 69.00 17.93
N ILE E 493 -5.12 70.28 18.24
CA ILE E 493 -6.17 71.04 17.58
C ILE E 493 -5.68 71.63 16.25
N ARG E 494 -4.43 72.06 16.20
CA ARG E 494 -3.88 72.65 14.98
C ARG E 494 -3.73 71.59 13.90
N GLY E 495 -4.43 71.77 12.78
CA GLY E 495 -4.35 70.85 11.66
C GLY E 495 -5.52 69.91 11.51
N ASN E 496 -6.55 70.03 12.35
CA ASN E 496 -7.71 69.17 12.28
C ASN E 496 -8.98 70.00 12.41
N ARG E 497 -9.97 69.72 11.56
CA ARG E 497 -11.23 70.44 11.62
C ARG E 497 -12.15 69.88 12.69
N ALA E 498 -12.11 68.55 12.91
CA ALA E 498 -12.97 67.94 13.91
C ALA E 498 -12.58 68.37 15.32
N ASN E 499 -11.30 68.65 15.55
CA ASN E 499 -10.86 69.07 16.88
C ASN E 499 -11.31 70.50 17.18
N CYS E 500 -11.37 71.36 16.16
CA CYS E 500 -11.81 72.74 16.38
C CYS E 500 -13.31 72.81 16.68
N ALA E 501 -14.08 71.81 16.22
CA ALA E 501 -15.51 71.81 16.48
C ALA E 501 -15.84 71.52 17.93
N LEU E 502 -14.93 70.90 18.68
CA LEU E 502 -15.19 70.61 20.08
C LEU E 502 -15.16 71.88 20.93
N PHE E 503 -14.32 72.84 20.57
CA PHE E 503 -14.21 74.09 21.31
C PHE E 503 -15.23 75.13 20.87
N SER E 504 -16.08 74.80 19.89
CA SER E 504 -17.09 75.75 19.44
C SER E 504 -18.18 75.94 20.48
N ASN E 505 -18.55 74.87 21.18
CA ASN E 505 -19.57 74.94 22.22
C ASN E 505 -19.02 75.34 23.58
N ASN E 506 -17.71 75.38 23.74
CA ASN E 506 -17.07 75.75 24.99
C ASN E 506 -16.12 76.93 24.79
N LEU E 507 -16.56 77.93 24.02
CA LEU E 507 -15.71 79.08 23.75
C LEU E 507 -15.61 80.01 24.97
N ASP E 508 -16.66 80.05 25.80
CA ASP E 508 -16.63 80.92 26.97
C ASP E 508 -15.63 80.44 28.02
N TRP E 509 -15.33 79.15 28.04
CA TRP E 509 -14.39 78.63 29.03
C TRP E 509 -12.96 79.06 28.71
N LEU E 510 -12.60 79.11 27.43
CA LEU E 510 -11.24 79.47 27.05
C LEU E 510 -11.02 80.97 27.13
N VAL E 511 -12.02 81.77 26.74
CA VAL E 511 -11.86 83.22 26.78
C VAL E 511 -11.78 83.72 28.22
N SER E 512 -12.57 83.12 29.12
CA SER E 512 -12.51 83.52 30.52
C SER E 512 -11.17 83.19 31.14
N LYS E 513 -10.53 82.10 30.71
CA LYS E 513 -9.22 81.72 31.22
C LYS E 513 -8.09 82.50 30.57
N LEU E 514 -8.37 83.28 29.52
CA LEU E 514 -7.32 84.05 28.86
C LEU E 514 -6.81 85.17 29.75
N ASP E 515 -7.67 85.73 30.60
CA ASP E 515 -7.28 86.82 31.49
C ASP E 515 -6.41 86.36 32.65
N ARG E 516 -6.16 85.06 32.80
CA ARG E 516 -5.33 84.57 33.89
C ARG E 516 -3.87 84.92 33.64
N LEU E 517 -3.17 85.29 34.71
CA LEU E 517 -1.78 85.70 34.58
C LEU E 517 -0.84 84.51 34.45
N GLU E 518 -1.14 83.41 35.15
CA GLU E 518 -0.29 82.23 35.10
C GLU E 518 -0.47 81.51 33.77
N ALA E 519 0.64 81.30 33.05
CA ALA E 519 0.64 80.61 31.76
C ALA E 519 -0.28 81.30 30.76
N SER E 520 -0.11 82.61 30.63
CA SER E 520 -0.93 83.38 29.70
C SER E 520 -0.53 83.16 28.26
N SER E 521 0.75 82.90 27.99
CA SER E 521 1.19 82.67 26.62
C SER E 521 0.66 81.35 26.07
N GLY E 522 0.39 80.38 26.93
CA GLY E 522 -0.12 79.10 26.46
C GLY E 522 -1.55 79.19 25.97
N ILE E 523 -2.39 79.98 26.65
CA ILE E 523 -3.78 80.14 26.22
C ILE E 523 -3.85 80.94 24.92
N LEU E 524 -2.98 81.94 24.76
CA LEU E 524 -2.97 82.74 23.54
C LEU E 524 -2.52 81.91 22.34
N GLU E 525 -1.69 80.88 22.57
CA GLU E 525 -1.22 80.05 21.46
C GLU E 525 -2.30 79.09 20.99
N VAL E 526 -3.02 78.45 21.91
CA VAL E 526 -4.07 77.52 21.51
C VAL E 526 -5.27 78.28 20.95
N LEU E 527 -5.44 79.55 21.33
CA LEU E 527 -6.54 80.34 20.80
C LEU E 527 -6.29 80.75 19.35
N TYR E 528 -5.02 80.92 18.97
CA TYR E 528 -4.71 81.29 17.59
C TYR E 528 -5.01 80.18 16.61
N CYS E 529 -4.98 78.93 17.07
CA CYS E 529 -5.22 77.79 16.18
C CYS E 529 -6.70 77.45 16.05
N VAL E 530 -7.51 77.72 17.08
CA VAL E 530 -8.93 77.39 17.02
C VAL E 530 -9.72 78.43 16.24
N LEU E 531 -9.17 79.63 16.04
CA LEU E 531 -9.85 80.70 15.32
C LEU E 531 -9.35 80.86 13.90
N ILE E 532 -8.52 79.94 13.42
CA ILE E 532 -7.98 80.02 12.06
C ILE E 532 -8.36 78.84 11.19
N GLU E 533 -8.78 77.72 11.76
CA GLU E 533 -9.15 76.54 10.98
C GLU E 533 -10.64 76.42 10.73
N SER E 534 -11.46 76.68 11.75
CA SER E 534 -12.91 76.57 11.62
C SER E 534 -13.51 77.94 11.43
N PRO E 535 -14.27 78.19 10.36
CA PRO E 535 -14.91 79.50 10.19
C PRO E 535 -16.19 79.67 11.00
N GLU E 536 -16.84 78.58 11.39
CA GLU E 536 -18.09 78.69 12.13
C GLU E 536 -17.89 79.15 13.57
N VAL E 537 -16.69 78.95 14.12
CA VAL E 537 -16.45 79.34 15.51
C VAL E 537 -16.35 80.85 15.65
N LEU E 538 -16.15 81.57 14.54
CA LEU E 538 -16.02 83.03 14.60
C LEU E 538 -17.36 83.74 14.60
N ASN E 539 -18.43 83.07 14.15
CA ASN E 539 -19.74 83.70 14.12
C ASN E 539 -20.38 83.79 15.51
N ILE E 540 -20.01 82.89 16.42
CA ILE E 540 -20.58 82.89 17.76
C ILE E 540 -19.96 83.95 18.66
N ILE E 541 -18.84 84.54 18.25
CA ILE E 541 -18.18 85.55 19.07
C ILE E 541 -19.03 86.81 19.11
N GLN E 542 -19.18 87.37 20.31
CA GLN E 542 -20.02 88.56 20.50
C GLN E 542 -19.23 89.67 21.17
N GLU E 543 -19.93 90.74 21.58
CA GLU E 543 -19.26 91.88 22.20
C GLU E 543 -18.64 91.53 23.54
N ASN E 544 -19.19 90.53 24.24
CA ASN E 544 -18.66 90.14 25.54
C ASN E 544 -17.29 89.48 25.43
N HIS E 545 -16.96 88.90 24.27
CA HIS E 545 -15.68 88.22 24.09
C HIS E 545 -14.58 89.13 23.60
N ILE E 546 -14.91 90.25 22.96
CA ILE E 546 -13.89 91.15 22.45
C ILE E 546 -13.24 91.95 23.58
N LYS E 547 -14.02 92.34 24.58
CA LYS E 547 -13.47 93.11 25.69
C LYS E 547 -12.42 92.33 26.47
N SER E 548 -12.49 91.00 26.42
CA SER E 548 -11.49 90.19 27.11
C SER E 548 -10.18 90.13 26.34
N ILE E 549 -10.25 90.09 25.00
CA ILE E 549 -9.04 90.03 24.20
C ILE E 549 -8.33 91.37 24.20
N ILE E 550 -9.09 92.47 24.16
CA ILE E 550 -8.48 93.80 24.17
C ILE E 550 -7.82 94.07 25.52
N SER E 551 -8.43 93.59 26.60
CA SER E 551 -7.84 93.76 27.93
C SER E 551 -6.54 92.98 28.10
N LEU E 552 -6.33 91.93 27.29
CA LEU E 552 -5.10 91.17 27.39
C LEU E 552 -3.91 91.98 26.90
N LEU E 553 -4.11 92.81 25.88
CA LEU E 553 -3.01 93.61 25.35
C LEU E 553 -2.59 94.70 26.34
N ASP E 554 -3.54 95.25 27.11
CA ASP E 554 -3.21 96.30 28.05
C ASP E 554 -2.54 95.75 29.31
N LYS E 555 -2.93 94.54 29.74
CA LYS E 555 -2.35 93.97 30.95
C LYS E 555 -1.02 93.28 30.69
N HIS E 556 -0.78 92.82 29.47
CA HIS E 556 0.44 92.12 29.12
C HIS E 556 1.33 92.91 28.17
N GLY E 557 1.02 94.18 27.94
CA GLY E 557 1.84 95.01 27.07
C GLY E 557 1.72 94.62 25.61
N ARG E 558 2.57 95.26 24.81
CA ARG E 558 2.58 95.01 23.37
C ARG E 558 3.14 93.63 23.08
N ASN E 559 2.55 92.95 22.10
CA ASN E 559 2.96 91.60 21.72
C ASN E 559 2.67 91.39 20.24
N HIS E 560 3.53 90.59 19.60
CA HIS E 560 3.38 90.27 18.19
C HIS E 560 2.43 89.11 17.94
N LYS E 561 1.63 88.72 18.94
CA LYS E 561 0.68 87.63 18.79
C LYS E 561 -0.75 88.02 19.10
N VAL E 562 -0.98 89.07 19.88
CA VAL E 562 -2.34 89.49 20.20
C VAL E 562 -3.02 90.10 18.98
N LEU E 563 -2.28 90.90 18.20
CA LEU E 563 -2.85 91.52 17.01
C LEU E 563 -3.16 90.48 15.93
N ASP E 564 -2.41 89.38 15.90
CA ASP E 564 -2.67 88.34 14.91
C ASP E 564 -3.99 87.64 15.15
N VAL E 565 -4.44 87.57 16.40
CA VAL E 565 -5.71 86.93 16.71
C VAL E 565 -6.87 87.79 16.21
N LEU E 566 -6.75 89.11 16.33
CA LEU E 566 -7.81 90.00 15.88
C LEU E 566 -7.94 90.00 14.36
N CYS E 567 -6.84 89.75 13.64
CA CYS E 567 -6.90 89.71 12.18
C CYS E 567 -7.64 88.48 11.69
N SER E 568 -7.57 87.37 12.42
CA SER E 568 -8.27 86.16 12.02
C SER E 568 -9.76 86.19 12.32
N LEU E 569 -10.23 87.17 13.08
CA LEU E 569 -11.64 87.25 13.43
C LEU E 569 -12.50 87.88 12.34
N CYS E 570 -11.89 88.67 11.46
CA CYS E 570 -12.65 89.39 10.43
C CYS E 570 -12.60 88.73 9.06
N VAL E 571 -11.54 87.97 8.77
CA VAL E 571 -11.44 87.34 7.45
C VAL E 571 -12.43 86.19 7.33
N CYS E 572 -12.57 85.39 8.40
CA CYS E 572 -13.55 84.31 8.48
C CYS E 572 -13.50 83.41 7.25
N ASN E 573 -12.29 83.07 6.83
CA ASN E 573 -12.03 82.20 5.67
C ASN E 573 -12.71 82.77 4.42
N GLY E 574 -12.12 83.85 3.94
CA GLY E 574 -12.59 84.52 2.72
C GLY E 574 -13.77 85.44 2.87
N VAL E 575 -14.89 84.93 3.41
CA VAL E 575 -16.09 85.72 3.58
C VAL E 575 -15.92 86.64 4.79
N ALA E 576 -15.86 87.95 4.54
CA ALA E 576 -15.68 88.90 5.61
C ALA E 576 -16.98 89.07 6.40
N VAL E 577 -16.85 89.17 7.71
CA VAL E 577 -17.98 89.39 8.61
C VAL E 577 -17.90 90.81 9.12
N ARG E 578 -18.95 91.60 8.85
CA ARG E 578 -18.99 92.99 9.27
C ARG E 578 -19.46 93.15 10.71
N SER E 579 -19.83 92.06 11.38
CA SER E 579 -20.24 92.16 12.78
C SER E 579 -19.04 92.39 13.68
N ASN E 580 -18.03 91.52 13.58
CA ASN E 580 -16.86 91.64 14.44
C ASN E 580 -15.93 92.78 14.03
N GLN E 581 -16.08 93.30 12.82
CA GLN E 581 -15.25 94.41 12.38
C GLN E 581 -15.57 95.68 13.16
N ASP E 582 -16.85 95.92 13.47
CA ASP E 582 -17.23 97.08 14.26
C ASP E 582 -16.87 96.90 15.72
N LEU E 583 -16.82 95.65 16.20
CA LEU E 583 -16.47 95.40 17.60
C LEU E 583 -15.01 95.74 17.87
N ILE E 584 -14.12 95.49 16.93
CA ILE E 584 -12.71 95.84 17.11
C ILE E 584 -12.50 97.34 16.95
N THR E 585 -13.26 97.99 16.07
CA THR E 585 -13.06 99.42 15.83
C THR E 585 -13.62 100.27 16.96
N GLU E 586 -14.78 99.90 17.49
CA GLU E 586 -15.45 100.69 18.51
C GLU E 586 -14.88 100.47 19.92
N ASN E 587 -13.78 99.73 20.04
CA ASN E 587 -13.18 99.46 21.33
C ASN E 587 -11.66 99.65 21.37
N LEU E 588 -11.03 99.96 20.25
CA LEU E 588 -9.58 100.05 20.20
C LEU E 588 -9.11 101.34 19.57
N LEU E 589 -9.84 101.83 18.56
CA LEU E 589 -9.45 103.03 17.83
C LEU E 589 -9.72 104.32 18.61
N PRO E 590 -10.91 104.53 19.18
CA PRO E 590 -11.14 105.80 19.89
C PRO E 590 -10.28 105.98 21.12
N GLY E 591 -9.74 104.91 21.70
CA GLY E 591 -8.90 105.05 22.87
C GLY E 591 -7.56 105.71 22.56
N ARG E 592 -6.92 105.30 21.46
CA ARG E 592 -5.63 105.83 21.03
C ARG E 592 -4.58 105.71 22.14
N GLU E 593 -4.61 104.59 22.86
CA GLU E 593 -3.68 104.33 23.94
C GLU E 593 -2.87 103.06 23.78
N LEU E 594 -3.45 102.02 23.16
CA LEU E 594 -2.72 100.77 22.98
C LEU E 594 -1.81 100.81 21.76
N LEU E 595 -2.24 101.46 20.69
CA LEU E 595 -1.49 101.52 19.45
C LEU E 595 -0.60 102.77 19.44
N LEU E 596 0.05 103.03 18.31
CA LEU E 596 0.95 104.16 18.16
C LEU E 596 0.44 105.06 17.03
N GLN E 597 0.23 106.33 17.35
CA GLN E 597 -0.27 107.29 16.38
C GLN E 597 0.90 107.99 15.68
N THR E 598 0.68 108.33 14.41
CA THR E 598 1.68 108.98 13.60
C THR E 598 1.15 110.31 13.08
N ASN E 599 2.05 111.29 12.96
CA ASN E 599 1.68 112.62 12.48
C ASN E 599 2.95 113.35 12.06
N LEU E 600 2.78 114.31 11.16
CA LEU E 600 3.90 115.11 10.68
C LEU E 600 4.26 116.19 11.69
N ILE E 601 5.56 116.32 11.95
CA ILE E 601 6.08 117.32 12.89
C ILE E 601 7.25 118.02 12.22
N ASN E 602 7.26 119.35 12.30
CA ASN E 602 8.32 120.15 11.68
C ASN E 602 9.50 120.30 12.63
N TYR E 603 10.67 120.51 12.04
CA TYR E 603 11.90 120.69 12.81
C TYR E 603 11.97 122.10 13.38
N VAL E 604 12.45 122.20 14.61
CA VAL E 604 12.61 123.48 15.29
C VAL E 604 13.99 123.52 15.95
N THR E 605 14.55 124.72 16.04
CA THR E 605 15.84 124.92 16.67
C THR E 605 15.84 126.26 17.40
N SER E 606 16.83 126.42 18.27
CA SER E 606 16.95 127.63 19.09
C SER E 606 18.33 128.23 18.92
N ILE E 607 18.38 129.56 18.83
CA ILE E 607 19.63 130.31 18.69
C ILE E 607 19.77 131.21 19.90
N ARG E 608 20.91 131.14 20.57
CA ARG E 608 21.17 131.93 21.75
C ARG E 608 22.45 132.74 21.60
N PRO E 609 22.48 133.96 22.11
CA PRO E 609 23.71 134.75 22.10
C PRO E 609 24.68 134.25 23.17
N ASN E 610 25.84 134.90 23.24
CA ASN E 610 26.87 134.57 24.22
C ASN E 610 26.64 135.28 25.55
N ILE E 611 25.47 135.87 25.76
CA ILE E 611 25.17 136.58 27.01
C ILE E 611 24.83 135.56 28.08
N PHE E 612 25.61 135.56 29.16
CA PHE E 612 25.42 134.65 30.28
C PHE E 612 25.18 135.46 31.55
N VAL E 613 24.12 135.11 32.28
CA VAL E 613 23.75 135.80 33.51
C VAL E 613 23.88 134.82 34.66
N GLY E 614 24.68 135.18 35.66
CA GLY E 614 24.87 134.32 36.82
C GLY E 614 24.38 134.97 38.10
N ARG E 615 23.44 134.30 38.78
CA ARG E 615 22.85 134.80 40.01
C ARG E 615 23.22 133.84 41.14
N ALA E 616 24.13 134.26 42.01
CA ALA E 616 24.58 133.46 43.14
C ALA E 616 25.19 134.39 44.18
N GLU E 617 25.75 133.80 45.23
CA GLU E 617 26.39 134.59 46.27
C GLU E 617 27.65 135.26 45.74
N GLY E 618 27.80 136.55 46.03
CA GLY E 618 28.92 137.30 45.51
C GLY E 618 28.92 137.44 44.01
N THR E 619 27.76 137.73 43.42
CA THR E 619 27.64 137.82 41.98
C THR E 619 28.34 139.08 41.46
N THR E 620 28.74 139.01 40.19
CA THR E 620 29.39 140.14 39.51
C THR E 620 28.53 140.69 38.37
N GLN E 621 27.25 140.36 38.35
CA GLN E 621 26.33 140.85 37.34
C GLN E 621 25.10 141.43 38.01
N TYR E 622 24.38 142.27 37.26
CA TYR E 622 23.18 142.90 37.79
C TYR E 622 22.06 141.88 37.94
N SER E 623 21.18 142.15 38.91
CA SER E 623 20.08 141.23 39.17
C SER E 623 19.02 141.29 38.08
N LYS E 624 18.79 142.47 37.50
CA LYS E 624 17.78 142.65 36.47
C LYS E 624 18.44 142.74 35.10
N TRP E 625 17.73 142.23 34.09
CA TRP E 625 18.22 142.27 32.72
C TRP E 625 17.02 142.45 31.78
N TYR E 626 17.28 143.03 30.62
CA TYR E 626 16.23 143.36 29.67
C TYR E 626 16.78 143.31 28.25
N PHE E 627 15.98 142.76 27.35
CA PHE E 627 16.36 142.65 25.94
C PHE E 627 15.13 142.80 25.08
N GLU E 628 15.34 143.17 23.82
CA GLU E 628 14.27 143.38 22.87
C GLU E 628 14.53 142.61 21.59
N VAL E 629 13.47 142.01 21.04
CA VAL E 629 13.54 141.23 19.81
C VAL E 629 12.38 141.66 18.92
N MET E 630 12.67 141.96 17.66
CA MET E 630 11.67 142.43 16.72
C MET E 630 11.58 141.46 15.54
N VAL E 631 10.35 141.18 15.12
CA VAL E 631 10.09 140.31 13.98
C VAL E 631 9.37 141.11 12.91
N ASP E 632 9.62 140.77 11.65
CA ASP E 632 9.04 141.52 10.54
C ASP E 632 8.47 140.67 9.42
N GLU E 633 8.64 139.35 9.43
CA GLU E 633 8.14 138.51 8.34
C GLU E 633 7.84 137.12 8.88
N VAL E 634 6.56 136.81 9.03
CA VAL E 634 6.10 135.47 9.42
C VAL E 634 4.91 135.10 8.55
N VAL E 635 4.81 133.83 8.19
CA VAL E 635 3.73 133.32 7.36
C VAL E 635 3.19 132.03 7.97
N PRO E 636 1.90 131.94 8.24
CA PRO E 636 1.33 130.71 8.79
C PRO E 636 0.80 129.79 7.68
N PHE E 637 0.51 128.55 8.08
CA PHE E 637 -0.08 127.55 7.19
C PHE E 637 0.78 127.31 5.96
N LEU E 638 2.09 127.24 6.16
CA LEU E 638 3.00 126.96 5.06
C LEU E 638 3.08 125.48 4.73
N THR E 639 2.87 124.62 5.73
CA THR E 639 2.96 123.17 5.53
C THR E 639 1.74 122.53 6.17
N ALA E 640 1.89 121.26 6.58
CA ALA E 640 0.78 120.54 7.19
C ALA E 640 0.46 121.09 8.57
N GLN E 641 1.48 121.36 9.38
CA GLN E 641 1.29 121.88 10.72
C GLN E 641 1.55 123.39 10.74
N ALA E 642 0.78 124.09 11.57
CA ALA E 642 0.93 125.54 11.69
C ALA E 642 2.27 125.89 12.32
N THR E 643 2.77 127.07 11.99
CA THR E 643 4.04 127.55 12.50
C THR E 643 3.87 128.21 13.86
N HIS E 644 4.94 128.21 14.64
CA HIS E 644 4.94 128.80 15.96
C HIS E 644 6.26 129.55 16.18
N LEU E 645 6.19 130.64 16.94
CA LEU E 645 7.35 131.46 17.24
C LEU E 645 7.29 131.85 18.71
N ARG E 646 8.27 131.38 19.49
CA ARG E 646 8.33 131.63 20.92
C ARG E 646 9.65 132.30 21.27
N VAL E 647 9.59 133.26 22.18
CA VAL E 647 10.76 134.00 22.65
C VAL E 647 10.79 133.95 24.16
N GLY E 648 11.93 133.58 24.73
CA GLY E 648 12.05 133.51 26.17
C GLY E 648 13.48 133.24 26.61
N TRP E 649 13.60 132.65 27.78
CA TRP E 649 14.89 132.32 28.38
C TRP E 649 15.00 130.82 28.58
N ALA E 650 16.19 130.37 28.95
CA ALA E 650 16.46 128.96 29.17
C ALA E 650 17.71 128.82 30.02
N LEU E 651 17.82 127.67 30.69
CA LEU E 651 18.97 127.39 31.52
C LEU E 651 20.12 126.84 30.67
N THR E 652 21.32 126.91 31.23
CA THR E 652 22.50 126.44 30.51
C THR E 652 22.57 124.93 30.41
N GLU E 653 21.83 124.21 31.25
CA GLU E 653 21.81 122.75 31.21
C GLU E 653 20.38 122.26 31.37
N GLY E 654 20.04 121.20 30.67
CA GLY E 654 18.71 120.62 30.74
C GLY E 654 17.72 121.16 29.75
N TYR E 655 18.17 121.91 28.73
CA TYR E 655 17.24 122.48 27.75
C TYR E 655 16.85 121.47 26.67
N SER E 656 17.75 120.52 26.36
CA SER E 656 17.53 119.50 25.34
C SER E 656 17.27 120.14 23.98
N PRO E 657 18.30 120.69 23.32
CA PRO E 657 18.07 121.29 22.00
C PRO E 657 18.24 120.31 20.86
N TYR E 658 18.15 119.02 21.16
CA TYR E 658 18.31 117.99 20.14
C TYR E 658 17.15 118.05 19.16
N PRO E 659 17.41 118.25 17.86
CA PRO E 659 16.30 118.31 16.90
C PRO E 659 15.75 116.92 16.61
N GLY E 660 14.41 116.83 16.55
CA GLY E 660 13.76 115.57 16.30
C GLY E 660 12.89 115.11 17.46
N GLY E 661 13.10 113.87 17.89
CA GLY E 661 12.33 113.36 19.02
C GLY E 661 12.79 113.97 20.33
N GLY E 662 11.82 114.34 21.16
CA GLY E 662 12.13 114.96 22.44
C GLY E 662 11.12 114.64 23.52
N GLU E 663 11.09 115.46 24.57
CA GLU E 663 10.16 115.22 25.67
C GLU E 663 8.73 115.54 25.25
N GLY E 664 8.52 116.69 24.60
CA GLY E 664 7.20 117.06 24.17
C GLY E 664 6.70 116.22 23.01
N TRP E 665 5.42 116.41 22.69
CA TRP E 665 4.82 115.64 21.60
C TRP E 665 5.35 116.10 20.25
N GLY E 666 5.46 117.41 20.04
CA GLY E 666 5.95 117.93 18.78
C GLY E 666 7.41 118.31 18.81
N GLY E 667 7.71 119.57 18.50
CA GLY E 667 9.09 120.01 18.50
C GLY E 667 9.61 120.30 19.90
N ASN E 668 10.94 120.40 19.99
CA ASN E 668 11.62 120.66 21.26
C ASN E 668 11.92 122.15 21.34
N GLY E 669 10.89 122.94 21.63
CA GLY E 669 11.02 124.37 21.77
C GLY E 669 11.15 124.80 23.23
N VAL E 670 11.24 126.12 23.40
CA VAL E 670 11.35 126.67 24.75
C VAL E 670 10.02 126.51 25.48
N GLY E 671 10.09 126.41 26.81
CA GLY E 671 8.92 126.23 27.63
C GLY E 671 8.37 124.82 27.69
N ASP E 672 8.90 123.90 26.88
CA ASP E 672 8.42 122.51 26.94
C ASP E 672 8.78 121.86 28.26
N ASP E 673 9.94 122.20 28.81
CA ASP E 673 10.39 121.69 30.10
C ASP E 673 10.58 122.85 31.07
N LEU E 674 10.61 122.51 32.36
CA LEU E 674 10.77 123.53 33.40
C LEU E 674 12.15 124.16 33.39
N TYR E 675 13.11 123.61 32.65
CA TYR E 675 14.45 124.18 32.55
C TYR E 675 14.52 125.31 31.55
N SER E 676 13.39 125.74 30.99
CA SER E 676 13.35 126.86 30.05
C SER E 676 12.07 127.64 30.30
N TYR E 677 12.22 128.93 30.63
CA TYR E 677 11.10 129.81 30.93
C TYR E 677 10.94 130.80 29.80
N GLY E 678 9.82 130.71 29.09
CA GLY E 678 9.56 131.60 27.97
C GLY E 678 8.09 131.92 27.87
N PHE E 679 7.80 133.12 27.37
CA PHE E 679 6.43 133.58 27.21
C PHE E 679 6.38 134.58 26.07
N ASP E 680 5.53 134.31 25.08
CA ASP E 680 5.39 135.19 23.93
C ASP E 680 4.05 134.94 23.27
N GLY E 681 3.55 135.95 22.57
CA GLY E 681 2.26 135.82 21.90
C GLY E 681 1.12 135.91 22.90
N LEU E 682 0.25 134.90 22.88
CA LEU E 682 -0.90 134.86 23.76
C LEU E 682 -0.86 133.65 24.70
N HIS E 683 0.33 133.08 24.92
CA HIS E 683 0.46 131.93 25.79
C HIS E 683 1.85 131.90 26.39
N LEU E 684 1.94 131.40 27.62
CA LEU E 684 3.20 131.27 28.34
C LEU E 684 3.52 129.79 28.47
N TRP E 685 4.56 129.34 27.75
CA TRP E 685 4.93 127.94 27.75
C TRP E 685 5.77 127.62 28.99
N THR E 686 5.31 126.65 29.78
CA THR E 686 6.03 126.23 30.99
C THR E 686 5.64 124.79 31.28
N GLY E 687 6.57 123.87 31.07
CA GLY E 687 6.30 122.47 31.32
C GLY E 687 5.36 121.82 30.32
N HIS E 688 5.45 122.22 29.05
CA HIS E 688 4.60 121.68 27.98
C HIS E 688 3.11 121.91 28.26
N VAL E 689 2.80 122.96 29.02
CA VAL E 689 1.41 123.31 29.32
C VAL E 689 1.18 124.77 28.94
N PRO E 690 0.59 125.05 27.78
CA PRO E 690 0.34 126.44 27.39
C PRO E 690 -0.83 127.01 28.18
N ARG E 691 -0.62 128.20 28.75
CA ARG E 691 -1.64 128.88 29.54
C ARG E 691 -1.98 130.20 28.88
N LEU E 692 -3.27 130.47 28.71
CA LEU E 692 -3.71 131.68 28.05
C LEU E 692 -3.40 132.91 28.90
N VAL E 693 -3.04 133.99 28.24
CA VAL E 693 -2.71 135.26 28.90
C VAL E 693 -3.78 136.27 28.56
N THR E 694 -4.18 137.08 29.55
CA THR E 694 -5.21 138.08 29.37
C THR E 694 -4.65 139.34 28.71
N SER E 695 -4.05 139.19 27.52
CA SER E 695 -3.52 140.33 26.80
C SER E 695 -4.64 141.05 26.05
N PRO E 696 -4.61 142.39 26.02
CA PRO E 696 -5.68 143.12 25.32
C PRO E 696 -5.62 142.97 23.81
N GLY E 697 -4.42 142.82 23.23
CA GLY E 697 -4.33 142.66 21.79
C GLY E 697 -4.79 141.29 21.32
N GLN E 698 -4.45 140.24 22.07
CA GLN E 698 -4.86 138.87 21.77
C GLN E 698 -4.37 138.43 20.39
N HIS E 699 -3.14 138.81 20.05
CA HIS E 699 -2.51 138.42 18.80
C HIS E 699 -1.27 137.59 19.12
N LEU E 700 -1.32 136.31 18.77
CA LEU E 700 -0.19 135.41 19.06
C LEU E 700 0.97 135.65 18.11
N LEU E 701 0.72 135.53 16.80
CA LEU E 701 1.73 135.71 15.78
C LEU E 701 1.36 136.91 14.92
N ALA E 702 2.24 137.91 14.88
CA ALA E 702 2.00 139.11 14.08
C ALA E 702 3.33 139.79 13.75
N PRO E 703 3.57 140.10 12.47
CA PRO E 703 4.82 140.76 12.10
C PRO E 703 4.81 142.23 12.50
N GLU E 704 5.97 142.86 12.32
CA GLU E 704 6.16 144.28 12.65
C GLU E 704 5.84 144.55 14.12
N ASP E 705 6.37 143.69 15.00
CA ASP E 705 6.17 143.82 16.43
C ASP E 705 7.48 143.58 17.15
N VAL E 706 7.53 143.99 18.40
CA VAL E 706 8.72 143.87 19.24
C VAL E 706 8.33 143.12 20.51
N VAL E 707 9.01 142.01 20.77
CA VAL E 707 8.79 141.20 21.96
C VAL E 707 9.96 141.40 22.91
N SER E 708 9.68 141.44 24.20
CA SER E 708 10.71 141.68 25.20
C SER E 708 10.40 140.86 26.46
N CYS E 709 11.43 140.64 27.26
CA CYS E 709 11.29 139.91 28.50
C CYS E 709 12.31 140.42 29.50
N CYS E 710 11.95 140.36 30.79
CA CYS E 710 12.81 140.84 31.86
C CYS E 710 12.66 139.93 33.07
N LEU E 711 13.76 139.76 33.79
CA LEU E 711 13.78 138.93 35.00
C LEU E 711 14.66 139.59 36.05
N ASP E 712 14.33 139.34 37.31
CA ASP E 712 15.09 139.86 38.45
C ASP E 712 15.67 138.71 39.25
N LEU E 713 16.89 138.89 39.73
CA LEU E 713 17.57 137.86 40.51
C LEU E 713 17.35 138.01 42.01
N SER E 714 17.06 139.22 42.49
CA SER E 714 16.82 139.41 43.91
C SER E 714 15.50 138.79 44.33
N VAL E 715 14.47 138.90 43.50
CA VAL E 715 13.17 138.30 43.77
C VAL E 715 12.78 137.44 42.56
N PRO E 716 12.31 136.21 42.78
CA PRO E 716 11.91 135.37 41.64
C PRO E 716 10.74 135.95 40.87
N SER E 717 11.03 136.83 39.92
CA SER E 717 10.01 137.49 39.12
C SER E 717 10.49 137.57 37.67
N ILE E 718 9.69 137.02 36.76
CA ILE E 718 10.00 137.03 35.33
C ILE E 718 8.78 137.55 34.59
N SER E 719 8.93 138.72 33.95
CA SER E 719 7.85 139.34 33.20
C SER E 719 8.29 139.55 31.76
N PHE E 720 7.31 139.73 30.87
CA PHE E 720 7.56 139.91 29.45
C PHE E 720 6.65 141.01 28.92
N ARG E 721 6.91 141.41 27.68
CA ARG E 721 6.12 142.44 27.01
C ARG E 721 6.25 142.25 25.51
N ILE E 722 5.13 142.25 24.80
CA ILE E 722 5.08 142.04 23.36
C ILE E 722 4.35 143.23 22.73
N ASN E 723 5.01 143.86 21.76
CA ASN E 723 4.44 144.99 21.02
C ASN E 723 4.03 146.13 21.97
N GLY E 724 4.87 146.40 22.96
CA GLY E 724 4.60 147.46 23.90
C GLY E 724 3.48 147.18 24.88
N CYS E 725 2.94 145.97 24.90
CA CYS E 725 1.86 145.61 25.79
C CYS E 725 2.35 144.59 26.82
N PRO E 726 2.32 144.91 28.10
CA PRO E 726 2.78 143.95 29.11
C PRO E 726 1.77 142.83 29.31
N VAL E 727 2.25 141.74 29.89
CA VAL E 727 1.43 140.56 30.15
C VAL E 727 1.28 140.40 31.66
N GLN E 728 0.14 139.85 32.07
CA GLN E 728 -0.16 139.63 33.48
C GLN E 728 0.26 138.21 33.90
N GLY E 729 1.54 137.93 33.71
CA GLY E 729 2.09 136.63 34.06
C GLY E 729 3.51 136.72 34.60
N VAL E 730 3.76 136.08 35.73
CA VAL E 730 5.06 136.10 36.37
C VAL E 730 5.36 134.72 36.95
N PHE E 731 6.61 134.28 36.83
CA PHE E 731 7.05 133.00 37.33
C PHE E 731 7.85 133.19 38.61
N GLU E 732 7.57 132.37 39.61
CA GLU E 732 8.24 132.46 40.90
C GLU E 732 8.51 131.05 41.42
N ALA E 733 9.16 130.99 42.58
CA ALA E 733 9.48 129.72 43.25
C ALA E 733 10.29 128.79 42.35
N PHE E 734 11.27 129.36 41.66
CA PHE E 734 12.15 128.60 40.78
C PHE E 734 13.60 128.79 41.22
N ASN E 735 14.40 127.75 41.04
CA ASN E 735 15.79 127.78 41.44
C ASN E 735 16.61 128.62 40.47
N LEU E 736 17.83 128.97 40.90
CA LEU E 736 18.74 129.77 40.10
C LEU E 736 20.03 129.01 39.76
N ASN E 737 20.02 127.69 39.90
CA ASN E 737 21.19 126.86 39.63
C ASN E 737 21.34 126.71 38.11
N GLY E 738 21.89 127.74 37.49
CA GLY E 738 22.10 127.76 36.06
C GLY E 738 22.12 129.18 35.53
N LEU E 739 22.70 129.33 34.34
CA LEU E 739 22.79 130.62 33.68
C LEU E 739 21.54 130.91 32.87
N PHE E 740 21.34 132.19 32.56
CA PHE E 740 20.19 132.64 31.79
C PHE E 740 20.67 133.29 30.50
N PHE E 741 19.91 133.09 29.42
CA PHE E 741 20.24 133.65 28.12
C PHE E 741 18.97 133.75 27.30
N PRO E 742 18.85 134.74 26.42
CA PRO E 742 17.67 134.85 25.55
C PRO E 742 17.62 133.68 24.59
N VAL E 743 16.56 132.89 24.68
CA VAL E 743 16.38 131.69 23.86
C VAL E 743 15.14 131.91 23.00
N VAL E 744 15.35 132.02 21.68
CA VAL E 744 14.26 132.18 20.71
C VAL E 744 14.20 130.94 19.85
N SER E 745 12.99 130.45 19.61
CA SER E 745 12.77 129.25 18.81
C SER E 745 11.90 129.61 17.61
N PHE E 746 12.49 129.53 16.42
CA PHE E 746 11.79 129.83 15.18
C PHE E 746 11.51 128.54 14.41
N SER E 747 10.34 128.48 13.79
CA SER E 747 9.93 127.30 13.03
C SER E 747 10.32 127.49 11.56
N ALA E 748 9.59 126.85 10.65
CA ALA E 748 9.90 126.95 9.23
C ALA E 748 9.32 128.23 8.66
N GLY E 749 10.14 128.98 7.93
CA GLY E 749 9.68 130.21 7.31
C GLY E 749 9.43 131.33 8.29
N VAL E 750 10.39 131.57 9.18
CA VAL E 750 10.28 132.61 10.20
C VAL E 750 11.48 133.53 10.08
N LYS E 751 11.22 134.83 10.00
CA LYS E 751 12.25 135.85 9.92
C LYS E 751 12.24 136.66 11.20
N VAL E 752 13.30 136.54 12.00
CA VAL E 752 13.40 137.20 13.30
C VAL E 752 14.65 138.06 13.31
N ARG E 753 14.55 139.25 13.88
CA ARG E 753 15.65 140.18 14.03
C ARG E 753 15.92 140.44 15.50
N PHE E 754 17.15 140.85 15.80
CA PHE E 754 17.58 141.08 17.16
C PHE E 754 17.96 142.55 17.36
N LEU E 755 17.91 142.99 18.61
CA LEU E 755 18.26 144.36 18.98
C LEU E 755 18.93 144.35 20.35
N LEU E 756 19.96 145.17 20.49
CA LEU E 756 20.73 145.23 21.73
C LEU E 756 20.75 146.60 22.38
N GLY E 757 20.35 147.66 21.66
CA GLY E 757 20.33 149.00 22.21
C GLY E 757 21.65 149.71 22.25
N GLY E 758 22.77 148.99 22.15
CA GLY E 758 24.08 149.60 22.19
C GLY E 758 24.62 149.96 20.83
N ARG E 759 25.78 149.41 20.48
CA ARG E 759 26.40 149.69 19.19
C ARG E 759 25.91 148.74 18.09
N HIS E 760 25.69 147.47 18.44
CA HIS E 760 25.23 146.51 17.44
C HIS E 760 23.76 146.71 17.11
N GLY E 761 22.90 146.73 18.14
CA GLY E 761 21.48 146.91 17.96
C GLY E 761 20.99 148.23 18.53
N GLU E 762 19.71 148.51 18.27
CA GLU E 762 19.06 149.72 18.73
C GLU E 762 17.71 149.36 19.33
N PHE E 763 17.47 149.78 20.57
CA PHE E 763 16.22 149.49 21.23
C PHE E 763 15.09 150.35 20.65
N LYS E 764 13.92 149.73 20.50
CA LYS E 764 12.74 150.41 19.97
C LYS E 764 11.67 150.65 21.03
N PHE E 765 11.97 150.34 22.29
CA PHE E 765 11.01 150.53 23.38
C PHE E 765 11.74 151.09 24.59
N LEU E 766 11.01 151.88 25.38
CA LEU E 766 11.60 152.49 26.57
C LEU E 766 11.76 151.45 27.67
N PRO E 767 12.97 151.23 28.18
CA PRO E 767 13.16 150.24 29.25
C PRO E 767 12.49 150.71 30.54
N PRO E 768 11.84 149.81 31.27
CA PRO E 768 11.21 150.20 32.52
C PRO E 768 12.24 150.61 33.55
N PRO E 769 11.89 151.47 34.49
CA PRO E 769 12.86 151.88 35.52
C PRO E 769 13.24 150.71 36.42
N GLY E 770 14.53 150.65 36.74
CA GLY E 770 15.05 149.59 37.58
C GLY E 770 15.64 148.40 36.84
N TYR E 771 15.66 148.44 35.50
CA TYR E 771 16.18 147.35 34.70
C TYR E 771 17.42 147.82 33.94
N ALA E 772 18.20 146.85 33.46
CA ALA E 772 19.42 147.11 32.73
C ALA E 772 19.42 146.33 31.42
N PRO E 773 20.02 146.89 30.37
CA PRO E 773 20.07 146.17 29.09
C PRO E 773 20.99 144.97 29.16
N CYS E 774 20.73 144.01 28.28
CA CYS E 774 21.52 142.78 28.24
C CYS E 774 22.91 142.98 27.65
N HIS E 775 23.18 144.15 27.06
CA HIS E 775 24.49 144.40 26.46
C HIS E 775 25.59 144.52 27.50
N GLU E 776 25.23 144.75 28.77
CA GLU E 776 26.25 144.87 29.81
C GLU E 776 26.86 143.53 30.17
N ALA E 777 26.12 142.43 29.97
CA ALA E 777 26.61 141.09 30.29
C ALA E 777 27.27 140.51 29.06
N VAL E 778 28.56 140.80 28.90
CA VAL E 778 29.35 140.28 27.80
C VAL E 778 30.68 139.78 28.34
N LEU E 779 31.21 138.74 27.71
CA LEU E 779 32.47 138.15 28.14
C LEU E 779 33.64 138.93 27.54
N PRO E 780 34.69 139.22 28.33
CA PRO E 780 35.84 139.95 27.77
C PRO E 780 36.74 139.09 26.89
N ARG E 781 36.56 137.77 26.88
CA ARG E 781 37.41 136.91 26.06
C ARG E 781 37.05 137.02 24.59
N GLU E 782 35.79 136.79 24.26
CA GLU E 782 35.32 136.85 22.88
C GLU E 782 34.12 137.79 22.80
N ARG E 783 33.90 138.33 21.60
CA ARG E 783 32.80 139.24 21.38
C ARG E 783 31.48 138.48 21.32
N LEU E 784 30.39 139.21 21.09
CA LEU E 784 29.06 138.61 21.06
C LEU E 784 28.79 138.00 19.69
N ARG E 785 28.26 136.79 19.69
CA ARG E 785 27.94 136.08 18.45
C ARG E 785 26.87 135.05 18.75
N LEU E 786 25.97 134.85 17.79
CA LEU E 786 24.86 133.90 17.94
C LEU E 786 25.19 132.61 17.20
N GLU E 787 24.76 131.49 17.79
CA GLU E 787 25.02 130.17 17.23
C GLU E 787 24.04 129.19 17.85
N PRO E 788 23.71 128.09 17.17
CA PRO E 788 22.81 127.09 17.76
C PRO E 788 23.45 126.43 18.97
N ILE E 789 22.65 126.24 20.01
CA ILE E 789 23.14 125.69 21.27
C ILE E 789 23.27 124.18 21.15
N LYS E 790 24.44 123.65 21.52
CA LYS E 790 24.70 122.21 21.55
C LYS E 790 24.45 121.58 20.19
N GLU E 791 24.85 122.27 19.13
CA GLU E 791 24.71 121.75 17.77
C GLU E 791 25.79 120.71 17.52
N TYR E 792 25.42 119.43 17.62
CA TYR E 792 26.40 118.35 17.46
C TYR E 792 26.88 118.22 16.03
N ARG E 793 26.17 118.80 15.07
CA ARG E 793 26.57 118.77 13.66
C ARG E 793 26.64 120.18 13.12
N ARG E 794 27.75 120.53 12.50
CA ARG E 794 27.96 121.86 11.94
C ARG E 794 28.36 121.75 10.48
N GLU E 795 27.84 122.65 9.66
CA GLU E 795 28.13 122.63 8.24
C GLU E 795 29.59 123.01 7.99
N GLY E 796 30.27 122.23 7.15
CA GLY E 796 31.66 122.47 6.84
C GLY E 796 31.89 122.61 5.34
N PRO E 797 33.04 123.17 4.96
CA PRO E 797 33.34 123.35 3.53
C PRO E 797 33.54 122.02 2.81
N ARG E 798 34.47 121.20 3.31
CA ARG E 798 34.73 119.92 2.65
C ARG E 798 33.59 118.93 2.87
N GLY E 799 33.09 118.83 4.10
CA GLY E 799 32.00 117.93 4.40
C GLY E 799 31.40 118.20 5.77
N PRO E 800 30.49 117.34 6.21
CA PRO E 800 29.87 117.53 7.53
C PRO E 800 30.86 117.30 8.67
N HIS E 801 31.20 118.37 9.38
CA HIS E 801 32.14 118.29 10.49
C HIS E 801 31.39 117.95 11.77
N LEU E 802 31.69 116.79 12.34
CA LEU E 802 31.07 116.38 13.60
C LEU E 802 31.80 117.00 14.77
N VAL E 803 31.04 117.38 15.80
CA VAL E 803 31.59 117.98 17.01
C VAL E 803 30.91 117.36 18.22
N GLY E 804 31.66 117.25 19.31
CA GLY E 804 31.14 116.69 20.53
C GLY E 804 30.43 117.71 21.38
N PRO E 805 30.38 117.47 22.69
CA PRO E 805 29.70 118.43 23.58
C PRO E 805 30.54 119.68 23.79
N SER E 806 29.84 120.81 23.92
CA SER E 806 30.48 122.10 24.13
C SER E 806 30.68 122.34 25.62
N ARG E 807 31.83 122.92 25.96
CA ARG E 807 32.17 123.23 27.34
C ARG E 807 31.92 124.71 27.61
N CYS E 808 31.11 124.99 28.63
CA CYS E 808 30.76 126.35 29.00
C CYS E 808 30.97 126.55 30.49
N LEU E 809 31.24 127.80 30.87
CA LEU E 809 31.45 128.12 32.27
C LEU E 809 30.14 128.10 33.04
N SER E 810 30.23 127.80 34.33
CA SER E 810 29.06 127.70 35.19
C SER E 810 28.96 128.94 36.07
N HIS E 811 27.87 129.00 36.85
CA HIS E 811 27.65 130.14 37.73
C HIS E 811 28.60 130.11 38.93
N THR E 812 28.97 128.91 39.39
CA THR E 812 29.89 128.81 40.52
C THR E 812 31.28 129.27 40.14
N ASP E 813 31.75 128.91 38.94
CA ASP E 813 33.06 129.37 38.48
C ASP E 813 33.05 130.84 38.09
N PHE E 814 31.88 131.41 37.81
CA PHE E 814 31.80 132.82 37.45
C PHE E 814 32.04 133.74 38.63
N VAL E 815 31.85 133.25 39.85
CA VAL E 815 32.10 134.06 41.05
C VAL E 815 33.60 134.11 41.30
N PRO E 816 34.18 135.31 41.47
CA PRO E 816 35.62 135.39 41.70
C PRO E 816 36.00 134.87 43.09
N CYS E 817 37.22 134.35 43.19
CA CYS E 817 37.71 133.82 44.45
C CYS E 817 38.12 134.92 45.41
N HIS E 818 63.67 137.98 58.98
CA HIS E 818 63.99 138.09 57.57
C HIS E 818 62.77 138.56 56.77
N LEU E 819 61.58 138.14 57.22
CA LEU E 819 60.36 138.53 56.53
C LEU E 819 60.06 140.01 56.72
N GLU E 820 60.27 140.52 57.93
CA GLU E 820 60.03 141.93 58.19
C GLU E 820 61.05 142.82 57.47
N ARG E 821 62.31 142.39 57.42
CA ARG E 821 63.33 143.16 56.73
C ARG E 821 63.12 143.15 55.22
N ILE E 822 62.62 142.04 54.67
CA ILE E 822 62.37 141.98 53.23
C ILE E 822 61.17 142.84 52.85
N ARG E 823 60.21 142.99 53.76
CA ARG E 823 59.05 143.83 53.48
C ARG E 823 59.43 145.30 53.37
N GLU E 824 60.29 145.77 54.27
CA GLU E 824 60.73 147.17 54.19
C GLU E 824 61.63 147.40 52.99
N LYS E 825 62.42 146.41 52.60
CA LYS E 825 63.29 146.56 51.42
C LYS E 825 62.47 146.52 50.14
N LEU E 826 61.46 145.65 50.08
CA LEU E 826 60.63 145.57 48.89
C LEU E 826 59.72 146.79 48.76
N ALA E 827 59.41 147.45 49.88
CA ALA E 827 58.55 148.64 49.82
C ALA E 827 59.28 149.79 49.14
N GLU E 828 60.54 150.02 49.48
CA GLU E 828 61.32 151.07 48.82
C GLU E 828 61.66 150.69 47.39
N ASN E 829 61.76 149.39 47.10
CA ASN E 829 62.06 148.96 45.73
C ASN E 829 60.83 149.00 44.84
N ILE E 830 59.63 148.80 45.41
CA ILE E 830 58.41 148.85 44.61
C ILE E 830 58.15 150.28 44.15
N HIS E 831 58.26 151.25 45.07
CA HIS E 831 58.06 152.64 44.70
C HIS E 831 59.16 153.14 43.78
N GLU E 832 60.37 152.60 43.92
CA GLU E 832 61.45 152.98 43.01
C GLU E 832 61.17 152.46 41.60
N LEU E 833 60.79 151.20 41.48
CA LEU E 833 60.43 150.64 40.17
C LEU E 833 59.15 151.29 39.63
N TRP E 834 58.27 151.73 40.51
CA TRP E 834 57.07 152.44 40.06
C TRP E 834 57.41 153.76 39.40
N ALA E 835 58.48 154.42 39.87
CA ALA E 835 58.90 155.67 39.25
C ALA E 835 59.60 155.44 37.92
N LEU E 836 60.25 154.29 37.76
CA LEU E 836 60.91 153.97 36.49
C LEU E 836 59.92 153.73 35.38
N THR E 837 58.74 153.17 35.70
CA THR E 837 57.74 152.92 34.67
C THR E 837 57.12 154.21 34.17
N ARG E 838 56.86 155.16 35.06
CA ARG E 838 56.27 156.43 34.66
C ARG E 838 57.29 157.40 34.09
N ILE E 839 58.58 157.22 34.39
CA ILE E 839 59.60 158.08 33.82
C ILE E 839 59.77 157.80 32.34
N GLU E 840 59.68 156.53 31.94
CA GLU E 840 59.76 156.17 30.53
C GLU E 840 58.47 156.48 29.79
N GLN E 841 57.32 156.37 30.47
CA GLN E 841 56.05 156.69 29.84
C GLN E 841 55.87 158.18 29.66
N GLY E 842 56.50 158.98 30.52
CA GLY E 842 56.43 160.43 30.43
C GLY E 842 55.82 161.12 31.65
N TRP E 843 55.35 160.39 32.65
CA TRP E 843 54.75 160.99 33.83
C TRP E 843 55.87 161.45 34.76
N THR E 844 56.18 162.75 34.72
CA THR E 844 57.24 163.32 35.55
C THR E 844 56.71 163.59 36.96
N TYR E 845 57.52 164.21 37.79
CA TYR E 845 57.16 164.53 39.16
C TYR E 845 56.64 165.96 39.25
N GLY E 846 55.65 166.17 40.12
CA GLY E 846 55.09 167.48 40.33
C GLY E 846 54.27 167.54 41.60
N PRO E 847 53.95 168.76 42.05
CA PRO E 847 53.14 168.88 43.28
C PRO E 847 51.70 168.44 43.08
N VAL E 848 51.10 168.73 41.92
CA VAL E 848 49.75 168.33 41.61
C VAL E 848 49.76 167.55 40.30
N ARG E 849 49.03 166.44 40.25
CA ARG E 849 48.97 165.61 39.07
C ARG E 849 48.24 166.35 37.95
N ASP E 850 48.99 166.82 36.96
CA ASP E 850 48.44 167.57 35.84
C ASP E 850 48.64 166.78 34.55
N ASP E 851 47.59 166.75 33.72
CA ASP E 851 47.67 166.01 32.47
C ASP E 851 48.54 166.74 31.44
N ASN E 852 48.46 168.07 31.40
CA ASN E 852 49.26 168.83 30.44
C ASN E 852 50.73 168.82 30.80
N LYS E 853 51.05 168.91 32.10
CA LYS E 853 52.43 168.91 32.56
C LYS E 853 52.98 167.52 32.82
N ARG E 854 52.13 166.49 32.76
CA ARG E 854 52.54 165.10 32.99
C ARG E 854 53.20 164.93 34.35
N LEU E 855 52.60 165.55 35.36
CA LEU E 855 53.12 165.51 36.72
C LEU E 855 52.46 164.39 37.52
N HIS E 856 53.17 163.90 38.52
CA HIS E 856 52.66 162.84 39.40
C HIS E 856 53.36 162.89 40.75
N PRO E 857 52.62 162.82 41.85
CA PRO E 857 53.28 162.89 43.17
C PRO E 857 54.02 161.62 43.55
N CYS E 858 53.63 160.47 42.99
CA CYS E 858 54.27 159.21 43.33
C CYS E 858 55.64 159.03 42.66
N LEU E 859 56.07 159.97 41.83
CA LEU E 859 57.37 159.88 41.18
C LEU E 859 58.53 160.19 42.12
N VAL E 860 58.24 160.71 43.31
CA VAL E 860 59.30 161.04 44.25
C VAL E 860 59.78 159.78 44.96
N ASP E 861 60.99 159.84 45.51
CA ASP E 861 61.60 158.69 46.16
C ASP E 861 60.80 158.28 47.40
N PHE E 862 61.09 157.08 47.89
CA PHE E 862 60.37 156.54 49.05
C PHE E 862 60.77 157.24 50.34
N HIS E 863 62.02 157.70 50.44
CA HIS E 863 62.47 158.36 51.65
C HIS E 863 61.74 159.68 51.90
N SER E 864 61.42 160.41 50.82
CA SER E 864 60.68 161.65 50.92
C SER E 864 59.21 161.49 50.54
N LEU E 865 58.75 160.25 50.36
CA LEU E 865 57.35 160.01 50.05
C LEU E 865 56.49 160.26 51.28
N PRO E 866 55.34 160.93 51.13
CA PRO E 866 54.48 161.19 52.29
C PRO E 866 54.01 159.89 52.94
N GLU E 867 53.67 159.98 54.23
CA GLU E 867 53.25 158.80 54.96
C GLU E 867 51.95 158.20 54.43
N PRO E 868 51.03 158.96 53.82
CA PRO E 868 49.82 158.31 53.29
C PRO E 868 50.09 157.43 52.09
N GLU E 869 50.97 157.86 51.18
CA GLU E 869 51.30 157.03 50.03
C GLU E 869 52.32 155.95 50.38
N ARG E 870 53.22 156.23 51.33
CA ARG E 870 54.20 155.23 51.71
C ARG E 870 53.56 154.07 52.47
N ASN E 871 52.48 154.32 53.20
CA ASN E 871 51.80 153.26 53.92
C ASN E 871 51.10 152.32 52.95
N TYR E 872 50.43 152.87 51.93
CA TYR E 872 49.75 152.03 50.94
C TYR E 872 50.75 151.21 50.14
N ASN E 873 51.92 151.79 49.83
CA ASN E 873 52.95 151.05 49.12
C ASN E 873 53.60 150.00 50.00
N LEU E 874 53.68 150.25 51.31
CA LEU E 874 54.27 149.26 52.22
C LEU E 874 53.35 148.07 52.41
N GLN E 875 52.05 148.32 52.58
CA GLN E 875 51.10 147.21 52.74
C GLN E 875 50.91 146.45 51.43
N MET E 876 51.08 147.13 50.29
CA MET E 876 50.99 146.43 49.01
C MET E 876 52.15 145.45 48.83
N SER E 877 53.36 145.88 49.18
CA SER E 877 54.51 144.99 49.13
C SER E 877 54.44 143.93 50.23
N GLY E 878 53.91 144.29 51.40
CA GLY E 878 53.74 143.32 52.47
C GLY E 878 52.66 142.30 52.21
N GLU E 879 51.68 142.64 51.38
CA GLU E 879 50.63 141.67 51.04
C GLU E 879 51.18 140.56 50.15
N THR E 880 52.18 140.86 49.32
CA THR E 880 52.79 139.82 48.49
C THR E 880 53.50 138.79 49.36
N LEU E 881 54.17 139.23 50.43
CA LEU E 881 54.80 138.28 51.35
C LEU E 881 53.78 137.55 52.19
N LYS E 882 52.65 138.21 52.50
CA LYS E 882 51.60 137.54 53.27
C LYS E 882 50.91 136.47 52.44
N THR E 883 50.61 136.77 51.17
CA THR E 883 50.00 135.79 50.28
C THR E 883 50.96 134.66 49.93
N LEU E 884 52.27 134.90 49.99
CA LEU E 884 53.23 133.85 49.71
C LEU E 884 53.23 132.78 50.80
N LEU E 885 52.90 133.16 52.03
CA LEU E 885 52.83 132.17 53.11
C LEU E 885 51.65 131.22 52.95
N ALA E 886 50.53 131.73 52.43
CA ALA E 886 49.37 130.88 52.21
C ALA E 886 49.52 130.00 50.98
N LEU E 887 50.31 130.45 49.99
CA LEU E 887 50.52 129.66 48.79
C LEU E 887 51.48 128.49 49.03
N GLY E 888 52.45 128.67 49.91
CA GLY E 888 53.40 127.62 50.20
C GLY E 888 54.84 128.00 49.90
N CYS E 889 55.05 129.27 49.56
CA CYS E 889 56.39 129.75 49.25
C CYS E 889 57.22 129.84 50.52
N HIS E 890 58.31 129.09 50.58
CA HIS E 890 59.20 129.07 51.74
C HIS E 890 60.26 130.15 51.57
N VAL E 891 60.34 131.07 52.54
CA VAL E 891 61.32 132.13 52.47
C VAL E 891 62.71 131.58 52.79
N GLY E 892 63.72 132.23 52.23
CA GLY E 892 65.10 131.81 52.44
C GLY E 892 66.06 132.88 52.01
N MET E 893 67.32 132.70 52.42
CA MET E 893 68.39 133.62 52.08
C MET E 893 69.45 132.87 51.29
N ALA E 894 69.65 133.29 50.03
CA ALA E 894 70.64 132.64 49.18
C ALA E 894 72.06 133.05 49.56
N ASP E 895 72.31 134.36 49.68
CA ASP E 895 73.62 134.86 50.02
C ASP E 895 73.49 136.27 50.59
N GLU E 896 74.40 136.61 51.48
CA GLU E 896 74.41 137.93 52.11
C GLU E 896 75.25 138.95 51.35
N LYS E 897 76.04 138.51 50.36
CA LYS E 897 76.86 139.44 49.60
C LYS E 897 76.04 140.32 48.66
N ALA E 898 74.80 139.91 48.36
CA ALA E 898 73.98 140.72 47.46
C ALA E 898 73.56 142.03 48.11
N GLU E 899 73.37 142.05 49.44
CA GLU E 899 72.98 143.28 50.12
C GLU E 899 74.13 144.28 50.15
N ASP E 900 75.38 143.79 50.27
CA ASP E 900 76.52 144.70 50.31
C ASP E 900 76.81 145.30 48.95
N ASN E 901 76.60 144.54 47.88
CA ASN E 901 76.84 144.99 46.51
C ASN E 901 75.50 144.99 45.78
N LEU E 902 74.78 146.11 45.87
CA LEU E 902 73.49 146.29 45.22
C LEU E 902 73.52 147.50 44.31
N ARG E 903 72.98 147.33 43.11
CA ARG E 903 72.94 148.41 42.12
C ARG E 903 71.91 149.46 42.57
N LYS E 904 72.40 150.55 43.15
CA LYS E 904 71.54 151.62 43.62
C LYS E 904 72.19 152.95 43.30
N THR E 905 71.39 154.02 43.39
CA THR E 905 71.84 155.38 43.13
C THR E 905 72.44 155.51 41.73
N LYS E 906 71.80 154.88 40.76
CA LYS E 906 72.24 154.90 39.37
C LYS E 906 71.31 155.79 38.56
N LEU E 907 71.87 156.83 37.95
CA LEU E 907 71.10 157.77 37.14
C LEU E 907 71.61 157.76 35.72
N PRO E 908 70.87 157.19 34.76
CA PRO E 908 71.35 157.17 33.37
C PRO E 908 70.83 158.36 32.56
N LYS E 909 70.48 159.44 33.25
CA LYS E 909 69.98 160.68 32.67
C LYS E 909 68.70 160.48 31.87
N THR E 910 68.00 159.36 32.06
CA THR E 910 66.75 159.09 31.37
C THR E 910 65.53 159.19 32.28
N TYR E 911 65.70 158.95 33.57
CA TYR E 911 64.60 159.03 34.53
C TYR E 911 64.43 160.42 35.12
N MET E 912 65.06 161.43 34.54
CA MET E 912 64.94 162.80 35.04
C MET E 912 63.52 163.30 34.82
N MET E 913 62.90 163.78 35.89
CA MET E 913 61.53 164.28 35.83
C MET E 913 61.55 165.78 35.51
N SER E 914 60.48 166.49 35.86
CA SER E 914 60.43 167.93 35.59
C SER E 914 61.41 168.71 36.46
N ASN E 915 61.63 168.25 37.69
CA ASN E 915 62.56 168.95 38.57
C ASN E 915 64.01 168.75 38.13
N GLY E 916 64.31 167.64 37.46
CA GLY E 916 65.64 167.35 36.99
C GLY E 916 66.32 166.18 37.66
N TYR E 917 65.80 165.72 38.80
CA TYR E 917 66.40 164.60 39.52
C TYR E 917 65.90 163.28 38.96
N LYS E 918 66.78 162.28 39.00
CA LYS E 918 66.45 160.94 38.51
C LYS E 918 66.39 159.97 39.69
N PRO E 919 65.25 159.31 39.93
CA PRO E 919 65.18 158.36 41.03
C PRO E 919 66.09 157.17 40.82
N ALA E 920 66.51 156.56 41.93
CA ALA E 920 67.38 155.40 41.86
C ALA E 920 66.61 154.18 41.34
N PRO E 921 67.29 153.27 40.65
CA PRO E 921 66.60 152.09 40.13
C PRO E 921 66.22 151.11 41.22
N LEU E 922 67.17 150.79 42.10
CA LEU E 922 66.96 149.87 43.22
C LEU E 922 66.48 148.50 42.74
N ASP E 923 66.96 148.07 41.57
CA ASP E 923 66.58 146.78 40.99
C ASP E 923 67.85 146.06 40.56
N LEU E 924 68.03 144.84 41.05
CA LEU E 924 69.19 144.01 40.72
C LEU E 924 68.81 143.05 39.60
N SER E 925 69.34 143.30 38.41
CA SER E 925 69.07 142.47 37.24
C SER E 925 70.13 141.42 36.99
N HIS E 926 71.14 141.32 37.86
CA HIS E 926 72.19 140.33 37.67
C HIS E 926 71.69 138.91 37.92
N VAL E 927 70.73 138.75 38.82
CA VAL E 927 70.18 137.43 39.14
C VAL E 927 69.23 137.00 38.02
N ARG E 928 69.39 135.76 37.58
CA ARG E 928 68.56 135.21 36.52
C ARG E 928 67.33 134.55 37.12
N LEU E 929 66.16 134.91 36.60
CA LEU E 929 64.91 134.34 37.11
C LEU E 929 64.75 132.91 36.63
N THR E 930 63.91 132.16 37.36
CA THR E 930 63.66 130.76 37.07
C THR E 930 62.30 130.58 36.42
N PRO E 931 62.16 129.62 35.49
CA PRO E 931 60.86 129.39 34.87
C PRO E 931 59.81 128.89 35.85
N ALA E 932 60.21 128.20 36.92
CA ALA E 932 59.27 127.76 37.93
C ALA E 932 58.87 128.88 38.89
N GLN E 933 59.71 129.92 39.02
CA GLN E 933 59.38 131.04 39.89
C GLN E 933 58.35 131.96 39.24
N THR E 934 58.52 132.26 37.95
CA THR E 934 57.55 133.11 37.26
C THR E 934 56.22 132.40 37.06
N THR E 935 56.23 131.06 37.03
CA THR E 935 54.98 130.32 36.96
C THR E 935 54.18 130.46 38.26
N LEU E 936 54.88 130.43 39.40
CA LEU E 936 54.23 130.67 40.67
C LEU E 936 53.95 132.14 40.92
N VAL E 937 54.70 133.04 40.29
CA VAL E 937 54.43 134.47 40.44
C VAL E 937 53.08 134.82 39.84
N ASP E 938 52.66 134.12 38.79
CA ASP E 938 51.33 134.33 38.25
C ASP E 938 50.25 133.88 39.22
N ARG E 939 50.52 132.82 39.99
CA ARG E 939 49.59 132.39 41.01
C ARG E 939 49.51 133.40 42.15
N LEU E 940 50.64 134.00 42.51
CA LEU E 940 50.63 135.05 43.54
C LEU E 940 49.90 136.29 43.04
N ALA E 941 50.05 136.61 41.75
CA ALA E 941 49.34 137.76 41.19
C ALA E 941 47.85 137.46 40.99
N GLU E 942 47.51 136.20 40.72
CA GLU E 942 46.10 135.84 40.56
C GLU E 942 45.35 135.93 41.88
N ASN E 943 46.02 135.58 42.99
CA ASN E 943 45.37 135.69 44.30
C ASN E 943 45.18 137.15 44.70
N GLY E 944 46.11 138.03 44.32
CA GLY E 944 45.95 139.43 44.64
C GLY E 944 44.80 140.07 43.87
N HIS E 945 44.59 139.63 42.63
CA HIS E 945 43.47 140.15 41.85
C HIS E 945 42.13 139.64 42.36
N ASN E 946 42.12 138.45 42.96
CA ASN E 946 40.87 137.92 43.51
C ASN E 946 40.45 138.69 44.75
N VAL E 947 41.40 138.99 45.63
CA VAL E 947 41.10 139.82 46.80
C VAL E 947 40.78 141.25 46.35
N TRP E 948 41.41 141.71 45.27
CA TRP E 948 41.08 143.03 44.74
C TRP E 948 39.64 143.09 44.26
N ALA E 949 39.19 142.06 43.54
CA ALA E 949 37.79 142.03 43.11
C ALA E 949 36.85 141.81 44.28
N ARG E 950 37.30 141.11 45.33
CA ARG E 950 36.46 140.91 46.50
C ARG E 950 36.26 142.21 47.26
N ASP E 951 37.26 143.08 47.28
CA ASP E 951 37.12 144.37 47.95
C ASP E 951 36.21 145.30 47.15
N ARG E 952 36.13 145.11 45.83
CA ARG E 952 35.27 145.95 45.01
C ARG E 952 33.80 145.58 45.18
N VAL E 953 33.49 144.28 45.14
CA VAL E 953 32.10 143.85 45.30
C VAL E 953 31.62 144.11 46.72
N ALA E 954 32.52 144.12 47.70
CA ALA E 954 32.14 144.41 49.08
C ALA E 954 31.91 145.89 49.30
N GLN E 955 32.62 146.75 48.56
CA GLN E 955 32.46 148.19 48.73
C GLN E 955 31.14 148.67 48.14
N GLY E 956 30.64 148.00 47.10
CA GLY E 956 29.39 148.39 46.49
C GLY E 956 29.50 148.67 45.00
N TRP E 957 30.54 148.13 44.36
CA TRP E 957 30.72 148.33 42.93
C TRP E 957 29.65 147.57 42.14
N SER E 958 29.42 148.03 40.91
CA SER E 958 28.36 147.49 40.08
C SER E 958 28.77 146.18 39.41
N TYR E 959 28.15 145.87 38.28
CA TYR E 959 28.42 144.63 37.58
C TYR E 959 29.76 144.69 36.85
N SER E 960 30.16 143.54 36.29
CA SER E 960 31.43 143.42 35.57
C SER E 960 31.14 143.52 34.07
N ALA E 961 30.97 144.75 33.61
CA ALA E 961 30.73 145.03 32.20
C ALA E 961 32.01 145.51 31.53
N VAL E 962 32.22 145.09 30.29
CA VAL E 962 33.40 145.52 29.55
C VAL E 962 33.33 147.01 29.24
N GLN E 963 32.13 147.52 28.94
CA GLN E 963 31.96 148.95 28.69
C GLN E 963 32.11 149.72 29.99
N ASP E 964 32.93 150.76 29.96
CA ASP E 964 33.17 151.57 31.15
C ASP E 964 31.94 152.39 31.49
N ILE E 965 31.50 152.31 32.75
CA ILE E 965 30.34 153.06 33.23
C ILE E 965 30.72 153.79 34.51
N PRO E 966 30.32 155.06 34.67
CA PRO E 966 30.69 155.80 35.89
C PRO E 966 29.99 155.30 37.15
N ALA E 967 28.97 154.46 37.02
CA ALA E 967 28.22 153.98 38.19
C ALA E 967 28.93 152.79 38.84
N ARG E 968 30.21 152.96 39.18
CA ARG E 968 30.99 151.93 39.87
C ARG E 968 31.02 150.62 39.08
N ARG E 969 31.08 150.73 37.76
CA ARG E 969 31.13 149.58 36.87
C ARG E 969 32.43 149.63 36.07
N ASN E 970 33.26 148.62 36.24
CA ASN E 970 34.56 148.56 35.56
C ASN E 970 34.91 147.11 35.31
N PRO E 971 35.67 146.81 34.25
CA PRO E 971 36.06 145.42 33.99
C PRO E 971 37.07 144.85 34.97
N ARG E 972 37.44 145.60 36.01
CA ARG E 972 38.41 145.10 36.98
C ARG E 972 37.81 144.05 37.92
N LEU E 973 36.50 143.88 37.93
CA LEU E 973 35.84 142.93 38.81
C LEU E 973 35.63 141.56 38.16
N VAL E 974 36.18 141.34 36.97
CA VAL E 974 36.05 140.06 36.28
C VAL E 974 37.04 139.07 36.89
N PRO E 975 36.78 137.77 36.81
CA PRO E 975 37.75 136.80 37.34
C PRO E 975 39.07 136.84 36.58
N TYR E 976 40.12 136.41 37.27
CA TYR E 976 41.45 136.41 36.67
C TYR E 976 41.58 135.36 35.57
N ARG E 977 40.85 134.26 35.69
CA ARG E 977 40.93 133.21 34.68
C ARG E 977 40.28 133.64 33.37
N LEU E 978 39.14 134.34 33.46
CA LEU E 978 38.42 134.81 32.28
C LEU E 978 38.85 136.20 31.84
N LEU E 979 39.87 136.78 32.47
CA LEU E 979 40.34 138.10 32.10
C LEU E 979 41.13 138.05 30.80
N ASP E 980 41.22 139.20 30.14
CA ASP E 980 41.95 139.30 28.89
C ASP E 980 43.45 139.19 29.13
N GLU E 981 44.18 138.87 28.05
CA GLU E 981 45.63 138.74 28.15
C GLU E 981 46.32 140.08 28.34
N ALA E 982 45.67 141.20 27.98
CA ALA E 982 46.28 142.51 28.16
C ALA E 982 46.41 142.86 29.64
N THR E 983 45.32 142.71 30.40
CA THR E 983 45.38 142.99 31.83
C THR E 983 46.18 141.92 32.58
N LYS E 984 46.20 140.69 32.07
CA LYS E 984 46.97 139.64 32.71
C LYS E 984 48.47 139.88 32.56
N ARG E 985 48.90 140.41 31.41
CA ARG E 985 50.31 140.71 31.21
C ARG E 985 50.75 141.88 32.06
N SER E 986 49.87 142.87 32.29
CA SER E 986 50.22 144.00 33.12
C SER E 986 50.35 143.58 34.59
N ASN E 987 49.46 142.71 35.06
CA ASN E 987 49.54 142.22 36.42
C ASN E 987 50.74 141.31 36.61
N ARG E 988 51.07 140.50 35.60
CA ARG E 988 52.24 139.64 35.68
C ARG E 988 53.54 140.44 35.63
N ASP E 989 53.53 141.59 34.95
CA ASP E 989 54.73 142.42 34.90
C ASP E 989 55.03 143.03 36.26
N SER E 990 54.00 143.47 36.98
CA SER E 990 54.21 144.01 38.32
C SER E 990 54.63 142.92 39.30
N LEU E 991 54.10 141.70 39.12
CA LEU E 991 54.49 140.59 39.98
C LEU E 991 55.90 140.14 39.68
N CYS E 992 56.30 140.16 38.40
CA CYS E 992 57.66 139.78 38.05
C CYS E 992 58.68 140.79 38.55
N GLN E 993 58.29 142.07 38.64
CA GLN E 993 59.20 143.08 39.17
C GLN E 993 59.48 142.86 40.64
N ALA E 994 58.45 142.53 41.42
CA ALA E 994 58.65 142.23 42.83
C ALA E 994 59.41 140.92 43.02
N VAL E 995 59.20 139.95 42.13
CA VAL E 995 59.92 138.69 42.21
C VAL E 995 61.38 138.88 41.85
N ARG E 996 61.66 139.73 40.84
CA ARG E 996 63.04 140.00 40.47
C ARG E 996 63.76 140.78 41.56
N THR E 997 63.05 141.70 42.23
CA THR E 997 63.66 142.45 43.32
C THR E 997 63.92 141.56 44.53
N LEU E 998 63.05 140.58 44.78
CA LEU E 998 63.27 139.65 45.89
C LEU E 998 64.44 138.72 45.59
N LEU E 999 64.53 138.21 44.36
CA LEU E 999 65.65 137.35 43.99
C LEU E 999 66.95 138.13 43.91
N GLY E 1000 66.89 139.42 43.60
CA GLY E 1000 68.08 140.25 43.54
C GLY E 1000 68.70 140.52 44.89
N TYR E 1001 67.92 140.46 45.95
CA TYR E 1001 68.41 140.69 47.31
C TYR E 1001 68.97 139.42 47.95
N GLY E 1002 69.26 138.39 47.15
CA GLY E 1002 69.78 137.15 47.69
C GLY E 1002 68.76 136.31 48.42
N TYR E 1003 67.51 136.34 47.99
CA TYR E 1003 66.43 135.57 48.60
C TYR E 1003 65.89 134.57 47.60
N ASN E 1004 65.92 133.29 47.95
CA ASN E 1004 65.44 132.23 47.09
C ASN E 1004 63.95 132.00 47.35
N ILE E 1005 63.17 131.95 46.28
CA ILE E 1005 61.73 131.73 46.36
C ILE E 1005 61.44 130.27 46.02
N GLU E 1006 60.86 129.55 46.97
CA GLU E 1006 60.55 128.13 46.76
C GLU E 1006 59.22 127.97 46.03
N ARG E 1007 30.53 111.94 29.08
CA ARG E 1007 30.44 113.21 28.36
C ARG E 1007 31.10 113.11 27.00
N VAL E 1008 30.96 111.94 26.36
CA VAL E 1008 31.53 111.69 25.04
C VAL E 1008 30.40 111.30 24.10
N ARG E 1009 30.41 111.85 22.90
CA ARG E 1009 29.39 111.58 21.89
C ARG E 1009 29.85 110.37 21.08
N ILE E 1010 29.31 109.20 21.41
CA ILE E 1010 29.67 107.97 20.71
C ILE E 1010 29.02 107.99 19.33
N PHE E 1011 29.82 108.12 18.28
CA PHE E 1011 29.33 108.14 16.92
C PHE E 1011 29.51 106.75 16.29
N ARG E 1012 28.45 106.24 15.68
CA ARG E 1012 28.49 104.94 15.04
C ARG E 1012 27.43 104.88 13.95
N ALA E 1013 27.58 103.90 13.07
CA ALA E 1013 26.64 103.70 11.97
C ALA E 1013 25.46 102.83 12.42
N GLU E 1014 24.58 102.51 11.48
CA GLU E 1014 23.42 101.69 11.78
C GLU E 1014 23.83 100.23 11.95
N LYS E 1015 22.93 99.45 12.56
CA LYS E 1015 23.17 98.04 12.80
C LYS E 1015 22.98 97.18 11.56
N SER E 1016 22.49 97.76 10.47
CA SER E 1016 22.28 97.02 9.23
C SER E 1016 23.49 97.03 8.30
N TYR E 1017 24.45 97.92 8.54
CA TYR E 1017 25.66 98.01 7.73
C TYR E 1017 26.81 97.17 8.29
N ALA E 1018 26.50 96.13 9.05
CA ALA E 1018 27.54 95.29 9.64
C ALA E 1018 28.19 94.44 8.55
N VAL E 1019 29.50 94.56 8.42
CA VAL E 1019 30.28 93.82 7.42
C VAL E 1019 30.82 92.56 8.08
N GLN E 1020 30.73 91.44 7.36
CA GLN E 1020 31.21 90.15 7.86
C GLN E 1020 32.38 89.59 7.07
N SER E 1021 32.59 90.05 5.84
CA SER E 1021 33.69 89.57 5.02
C SER E 1021 34.15 90.69 4.10
N GLY E 1022 35.31 90.51 3.49
CA GLY E 1022 35.87 91.50 2.59
C GLY E 1022 36.80 92.47 3.29
N ARG E 1023 37.33 93.39 2.49
CA ARG E 1023 38.25 94.41 2.97
C ARG E 1023 37.58 95.78 2.89
N TRP E 1024 37.68 96.55 3.97
CA TRP E 1024 37.10 97.88 4.03
C TRP E 1024 38.10 98.84 4.66
N TYR E 1025 37.97 100.12 4.33
CA TYR E 1025 38.89 101.13 4.82
C TYR E 1025 38.23 102.50 4.72
N PHE E 1026 38.46 103.33 5.74
CA PHE E 1026 37.89 104.67 5.78
C PHE E 1026 38.88 105.61 6.46
N GLU E 1027 38.73 106.89 6.18
CA GLU E 1027 39.60 107.93 6.72
C GLU E 1027 38.87 108.75 7.77
N PHE E 1028 39.63 109.63 8.43
CA PHE E 1028 39.08 110.50 9.46
C PHE E 1028 39.91 111.78 9.51
N GLU E 1029 39.25 112.91 9.38
CA GLU E 1029 39.90 114.21 9.42
C GLU E 1029 39.70 114.86 10.78
N ALA E 1030 40.79 115.29 11.39
CA ALA E 1030 40.78 115.94 12.71
C ALA E 1030 41.29 117.37 12.54
N VAL E 1031 40.43 118.34 12.78
CA VAL E 1031 40.80 119.74 12.65
C VAL E 1031 41.40 120.29 13.94
N THR E 1032 40.76 120.01 15.07
CA THR E 1032 41.22 120.48 16.36
C THR E 1032 41.88 119.34 17.12
N THR E 1033 43.10 119.57 17.61
CA THR E 1033 43.83 118.54 18.33
C THR E 1033 43.22 118.35 19.72
N GLY E 1034 42.93 117.10 20.05
CA GLY E 1034 42.35 116.78 21.34
C GLY E 1034 42.26 115.29 21.53
N GLU E 1035 41.43 114.88 22.49
CA GLU E 1035 41.24 113.47 22.78
C GLU E 1035 40.19 112.92 21.81
N MET E 1036 40.64 112.11 20.86
CA MET E 1036 39.79 111.50 19.87
C MET E 1036 39.84 109.99 19.97
N ARG E 1037 38.76 109.34 19.55
CA ARG E 1037 38.66 107.88 19.57
C ARG E 1037 37.96 107.46 18.29
N VAL E 1038 38.75 106.99 17.32
CA VAL E 1038 38.24 106.56 16.01
C VAL E 1038 38.73 105.15 15.75
N GLY E 1039 37.80 104.24 15.46
CA GLY E 1039 38.15 102.86 15.18
C GLY E 1039 36.96 102.03 14.74
N TRP E 1040 36.96 100.75 15.11
CA TRP E 1040 35.88 99.84 14.78
C TRP E 1040 35.22 99.34 16.05
N ALA E 1041 33.93 99.03 15.94
CA ALA E 1041 33.15 98.56 17.08
C ALA E 1041 32.07 97.60 16.61
N ARG E 1042 31.53 96.84 17.56
CA ARG E 1042 30.47 95.88 17.33
C ARG E 1042 29.10 96.55 17.52
N PRO E 1043 28.07 96.07 16.82
CA PRO E 1043 26.74 96.69 16.98
C PRO E 1043 26.15 96.53 18.38
N GLU E 1044 26.59 95.52 19.13
CA GLU E 1044 26.11 95.32 20.50
C GLU E 1044 27.02 96.07 21.48
N LEU E 1045 26.98 97.39 21.37
CA LEU E 1045 27.81 98.27 22.18
C LEU E 1045 26.92 99.10 23.10
N ARG E 1046 27.23 99.07 24.40
CA ARG E 1046 26.47 99.84 25.36
C ARG E 1046 27.01 101.27 25.47
N PRO E 1047 26.14 102.28 25.51
CA PRO E 1047 26.62 103.66 25.55
C PRO E 1047 27.12 104.11 26.92
N ASP E 1048 26.70 103.47 28.01
CA ASP E 1048 27.14 103.89 29.34
C ASP E 1048 28.63 103.60 29.54
N VAL E 1049 29.09 102.45 29.09
CA VAL E 1049 30.51 102.11 29.22
C VAL E 1049 31.31 102.93 28.22
N GLU E 1050 32.48 103.42 28.66
CA GLU E 1050 33.34 104.20 27.79
C GLU E 1050 33.85 103.34 26.64
N LEU E 1051 33.96 103.96 25.46
CA LEU E 1051 34.40 103.25 24.27
C LEU E 1051 35.83 102.74 24.46
N GLY E 1052 36.00 101.43 24.35
CA GLY E 1052 37.30 100.80 24.50
C GLY E 1052 37.62 100.29 25.88
N ALA E 1053 36.72 100.45 26.85
CA ALA E 1053 36.97 99.95 28.20
C ALA E 1053 36.98 98.43 28.23
N ASP E 1054 35.91 97.81 27.76
CA ASP E 1054 35.81 96.35 27.70
C ASP E 1054 36.33 95.86 26.35
N GLU E 1055 36.13 94.57 26.07
CA GLU E 1055 36.55 93.98 24.81
C GLU E 1055 35.47 94.01 23.74
N LEU E 1056 34.56 94.98 23.82
CA LEU E 1056 33.46 95.10 22.87
C LEU E 1056 33.76 96.04 21.72
N ALA E 1057 34.89 96.74 21.74
CA ALA E 1057 35.24 97.68 20.68
C ALA E 1057 36.75 97.87 20.67
N TYR E 1058 37.32 97.97 19.47
CA TYR E 1058 38.75 98.19 19.28
C TYR E 1058 38.93 99.58 18.68
N VAL E 1059 39.38 100.53 19.51
CA VAL E 1059 39.49 101.92 19.11
C VAL E 1059 40.91 102.41 19.40
N PHE E 1060 41.35 103.40 18.62
CA PHE E 1060 42.65 104.02 18.78
C PHE E 1060 42.48 105.45 19.27
N ASN E 1061 43.35 105.86 20.20
CA ASN E 1061 43.25 107.18 20.81
C ASN E 1061 43.93 108.23 19.94
N GLY E 1062 43.93 109.48 20.42
CA GLY E 1062 44.47 110.58 19.66
C GLY E 1062 45.79 111.12 20.18
N HIS E 1063 45.73 112.22 20.94
CA HIS E 1063 46.95 112.87 21.41
C HIS E 1063 47.74 111.99 22.37
N ARG E 1064 47.08 111.02 23.01
CA ARG E 1064 47.79 110.15 23.94
C ARG E 1064 48.56 109.07 23.21
N GLY E 1065 47.99 108.54 22.12
CA GLY E 1065 48.67 107.55 21.30
C GLY E 1065 48.71 106.17 21.89
N GLN E 1066 47.54 105.64 22.27
CA GLN E 1066 47.44 104.29 22.80
C GLN E 1066 46.15 103.65 22.27
N ARG E 1067 46.06 102.33 22.44
CA ARG E 1067 44.88 101.57 22.07
C ARG E 1067 44.06 101.24 23.32
N TRP E 1068 42.81 100.84 23.11
CA TRP E 1068 41.87 100.54 24.19
C TRP E 1068 41.28 99.17 23.95
N HIS E 1069 41.96 98.13 24.45
CA HIS E 1069 41.45 96.76 24.40
C HIS E 1069 41.98 96.03 25.63
N LEU E 1070 41.16 96.02 26.69
CA LEU E 1070 41.53 95.40 27.96
C LEU E 1070 42.85 95.94 28.50
N GLY E 1071 43.10 97.22 28.28
CA GLY E 1071 44.33 97.85 28.70
C GLY E 1071 44.67 99.01 27.80
N SER E 1072 45.89 99.51 27.95
CA SER E 1072 46.38 100.64 27.15
C SER E 1072 47.89 100.55 27.06
N GLU E 1073 48.40 100.35 25.85
CA GLU E 1073 49.83 100.25 25.59
C GLU E 1073 50.24 101.33 24.60
N LEU E 1074 51.45 101.88 24.80
CA LEU E 1074 51.97 102.92 23.93
C LEU E 1074 52.16 102.39 22.52
N PHE E 1075 51.40 102.93 21.56
CA PHE E 1075 51.45 102.47 20.18
C PHE E 1075 51.13 103.64 19.26
N GLY E 1076 52.09 104.01 18.43
CA GLY E 1076 51.90 105.07 17.46
C GLY E 1076 52.57 106.37 17.86
N ARG E 1077 52.09 107.44 17.24
CA ARG E 1077 52.61 108.78 17.46
C ARG E 1077 51.44 109.74 17.67
N PRO E 1078 51.66 110.85 18.36
CA PRO E 1078 50.57 111.82 18.55
C PRO E 1078 50.12 112.42 17.22
N TRP E 1079 48.87 112.84 17.18
CA TRP E 1079 48.28 113.35 15.95
C TRP E 1079 48.68 114.80 15.72
N GLN E 1080 48.46 115.26 14.49
CA GLN E 1080 48.78 116.62 14.09
C GLN E 1080 47.51 117.45 14.04
N SER E 1081 47.62 118.68 13.56
CA SER E 1081 46.48 119.58 13.47
C SER E 1081 45.68 119.42 12.18
N GLY E 1082 46.25 118.77 11.17
CA GLY E 1082 45.55 118.58 9.91
C GLY E 1082 45.81 117.23 9.28
N ASP E 1083 46.27 116.28 10.08
CA ASP E 1083 46.57 114.95 9.57
C ASP E 1083 45.28 114.16 9.34
N VAL E 1084 45.42 113.04 8.64
CA VAL E 1084 44.30 112.14 8.32
C VAL E 1084 44.60 110.78 8.91
N VAL E 1085 43.63 110.23 9.65
CA VAL E 1085 43.77 108.93 10.31
C VAL E 1085 42.91 107.91 9.58
N GLY E 1086 43.53 106.81 9.17
CA GLY E 1086 42.81 105.75 8.49
C GLY E 1086 42.75 104.48 9.29
N CYS E 1087 41.82 103.58 8.95
CA CYS E 1087 41.64 102.32 9.67
C CYS E 1087 41.31 101.23 8.66
N MET E 1088 42.20 100.25 8.54
CA MET E 1088 41.99 99.10 7.66
C MET E 1088 41.50 97.90 8.46
N ILE E 1089 40.80 97.01 7.78
CA ILE E 1089 40.27 95.80 8.40
C ILE E 1089 40.18 94.71 7.35
N ASP E 1090 40.47 93.48 7.75
CA ASP E 1090 40.41 92.33 6.84
C ASP E 1090 39.87 91.14 7.63
N LEU E 1091 38.65 90.70 7.29
CA LEU E 1091 38.03 89.62 8.03
C LEU E 1091 38.60 88.25 7.66
N THR E 1092 39.00 88.07 6.40
CA THR E 1092 39.57 86.79 5.98
C THR E 1092 40.99 86.59 6.45
N GLU E 1093 41.69 87.67 6.84
CA GLU E 1093 43.05 87.57 7.35
C GLU E 1093 43.14 87.85 8.85
N ASN E 1094 42.08 88.37 9.46
CA ASN E 1094 42.04 88.67 10.90
C ASN E 1094 43.16 89.63 11.28
N THR E 1095 43.10 90.83 10.72
CA THR E 1095 44.08 91.86 10.99
C THR E 1095 43.42 93.23 10.88
N ILE E 1096 43.91 94.18 11.67
CA ILE E 1096 43.43 95.55 11.68
C ILE E 1096 44.66 96.46 11.66
N ILE E 1097 44.84 97.17 10.56
CA ILE E 1097 46.01 98.04 10.37
C ILE E 1097 45.53 99.49 10.40
N PHE E 1098 46.21 100.32 11.19
CA PHE E 1098 45.91 101.74 11.29
C PHE E 1098 46.93 102.52 10.46
N THR E 1099 46.44 103.43 9.63
CA THR E 1099 47.29 104.24 8.76
C THR E 1099 47.19 105.70 9.17
N LEU E 1100 48.31 106.41 9.09
CA LEU E 1100 48.38 107.82 9.44
C LEU E 1100 49.22 108.54 8.40
N ASN E 1101 48.56 109.35 7.56
CA ASN E 1101 49.23 110.11 6.50
C ASN E 1101 50.01 109.19 5.56
N GLY E 1102 49.38 108.07 5.19
CA GLY E 1102 50.02 107.13 4.30
C GLY E 1102 51.13 106.30 4.91
N GLU E 1103 51.31 106.37 6.23
CA GLU E 1103 52.34 105.61 6.92
C GLU E 1103 51.69 104.82 8.05
N VAL E 1104 51.87 103.50 8.03
CA VAL E 1104 51.27 102.65 9.05
C VAL E 1104 51.98 102.85 10.39
N LEU E 1105 51.22 102.68 11.46
CA LEU E 1105 51.76 102.83 12.81
C LEU E 1105 52.32 101.50 13.29
N MET E 1106 53.52 101.55 13.89
CA MET E 1106 54.20 100.37 14.39
C MET E 1106 54.52 100.54 15.86
N SER E 1107 54.65 99.41 16.55
CA SER E 1107 54.99 99.40 17.96
C SER E 1107 56.50 99.34 18.12
N ASP E 1108 56.96 99.09 19.36
CA ASP E 1108 58.40 98.98 19.60
C ASP E 1108 59.00 97.75 18.93
N SER E 1109 58.21 96.69 18.77
CA SER E 1109 58.67 95.47 18.12
C SER E 1109 58.50 95.50 16.61
N GLY E 1110 58.02 96.62 16.04
CA GLY E 1110 57.83 96.71 14.61
C GLY E 1110 56.66 95.92 14.09
N SER E 1111 55.64 95.69 14.92
CA SER E 1111 54.47 94.94 14.49
C SER E 1111 53.55 95.83 13.65
N GLU E 1112 53.17 95.34 12.48
CA GLU E 1112 52.30 96.07 11.57
C GLU E 1112 50.82 95.71 11.76
N THR E 1113 50.50 94.86 12.72
CA THR E 1113 49.12 94.44 12.99
C THR E 1113 48.75 94.88 14.40
N ALA E 1114 47.78 95.79 14.49
CA ALA E 1114 47.33 96.26 15.80
C ALA E 1114 46.60 95.15 16.56
N PHE E 1115 45.81 94.34 15.85
CA PHE E 1115 45.08 93.25 16.46
C PHE E 1115 45.20 92.01 15.58
N ARG E 1116 45.42 90.86 16.21
CA ARG E 1116 45.58 89.60 15.51
C ARG E 1116 44.61 88.57 16.07
N ASP E 1117 44.21 87.64 15.19
CA ASP E 1117 43.30 86.55 15.55
C ASP E 1117 41.98 87.09 16.12
N ILE E 1118 41.38 88.02 15.39
CA ILE E 1118 40.10 88.60 15.80
C ILE E 1118 38.97 87.69 15.36
N GLU E 1119 37.98 87.52 16.23
CA GLU E 1119 36.81 86.71 15.89
C GLU E 1119 35.95 87.43 14.86
N VAL E 1120 35.34 86.65 13.97
CA VAL E 1120 34.50 87.23 12.92
C VAL E 1120 33.24 87.84 13.52
N GLY E 1121 32.65 87.17 14.51
CA GLY E 1121 31.45 87.70 15.15
C GLY E 1121 30.30 87.83 14.16
N ASP E 1122 29.56 88.92 14.31
CA ASP E 1122 28.44 89.24 13.41
C ASP E 1122 28.79 90.36 12.44
N GLY E 1123 29.45 91.41 12.92
CA GLY E 1123 29.82 92.51 12.07
C GLY E 1123 30.63 93.53 12.84
N PHE E 1124 31.12 94.53 12.10
CA PHE E 1124 31.89 95.62 12.68
C PHE E 1124 31.48 96.93 12.04
N LEU E 1125 31.31 97.96 12.88
CA LEU E 1125 30.87 99.26 12.42
C LEU E 1125 31.92 100.32 12.72
N PRO E 1126 32.12 101.29 11.83
CA PRO E 1126 33.07 102.38 12.11
C PRO E 1126 32.56 103.25 13.26
N VAL E 1127 33.35 103.33 14.31
CA VAL E 1127 32.98 104.07 15.51
C VAL E 1127 33.84 105.33 15.60
N CYS E 1128 33.28 106.37 16.23
CA CYS E 1128 33.97 107.62 16.43
C CYS E 1128 33.55 108.22 17.77
N SER E 1129 34.44 109.01 18.35
CA SER E 1129 34.17 109.64 19.64
C SER E 1129 35.00 110.91 19.75
N LEU E 1130 34.36 111.99 20.19
CA LEU E 1130 35.00 113.29 20.34
C LEU E 1130 34.82 113.79 21.77
N GLY E 1131 35.86 114.42 22.29
CA GLY E 1131 35.84 114.92 23.65
C GLY E 1131 35.14 116.26 23.77
N PRO E 1132 35.25 116.90 24.93
CA PRO E 1132 34.60 118.20 25.13
C PRO E 1132 35.24 119.30 24.29
N GLY E 1133 34.49 119.83 23.32
CA GLY E 1133 35.01 120.87 22.47
C GLY E 1133 36.02 120.39 21.44
N GLN E 1134 35.78 119.23 20.84
CA GLN E 1134 36.68 118.66 19.84
C GLN E 1134 35.92 118.53 18.52
N VAL E 1135 36.52 119.04 17.45
CA VAL E 1135 35.93 119.01 16.12
C VAL E 1135 36.67 117.97 15.29
N GLY E 1136 35.91 117.09 14.63
CA GLY E 1136 36.49 116.07 13.79
C GLY E 1136 35.57 115.62 12.68
N HIS E 1137 36.07 115.58 11.46
CA HIS E 1137 35.28 115.20 10.30
C HIS E 1137 35.43 113.71 10.03
N LEU E 1138 34.30 113.01 9.95
CA LEU E 1138 34.27 111.59 9.65
C LEU E 1138 33.95 111.39 8.18
N ASN E 1139 34.86 110.78 7.44
CA ASN E 1139 34.71 110.55 6.01
C ASN E 1139 34.62 109.04 5.78
N LEU E 1140 33.39 108.56 5.59
CA LEU E 1140 33.16 107.13 5.36
C LEU E 1140 33.49 106.70 3.93
N GLY E 1141 33.88 107.63 3.06
CA GLY E 1141 34.23 107.29 1.70
C GLY E 1141 33.04 107.04 0.80
N GLN E 1142 32.21 108.07 0.60
CA GLN E 1142 31.06 107.93 -0.29
C GLN E 1142 31.52 107.76 -1.75
N ASP E 1143 32.59 108.45 -2.13
CA ASP E 1143 33.16 108.33 -3.46
C ASP E 1143 34.68 108.23 -3.35
N VAL E 1144 35.30 107.74 -4.43
CA VAL E 1144 36.74 107.54 -4.42
C VAL E 1144 37.49 108.87 -4.50
N SER E 1145 36.86 109.90 -5.07
CA SER E 1145 37.54 111.17 -5.26
C SER E 1145 37.79 111.89 -3.94
N SER E 1146 36.93 111.67 -2.94
CA SER E 1146 37.11 112.34 -1.66
C SER E 1146 38.25 111.73 -0.85
N LEU E 1147 38.50 110.44 -1.02
CA LEU E 1147 39.57 109.76 -0.30
C LEU E 1147 40.91 110.16 -0.89
N ARG E 1148 41.65 110.98 -0.16
CA ARG E 1148 42.94 111.47 -0.63
C ARG E 1148 44.08 110.54 -0.26
N PHE E 1149 44.02 109.92 0.92
CA PHE E 1149 45.06 109.02 1.41
C PHE E 1149 44.69 107.55 1.19
N PHE E 1150 43.89 107.26 0.17
CA PHE E 1150 43.53 105.89 -0.15
C PHE E 1150 44.39 105.30 -1.26
N ALA E 1151 44.81 106.12 -2.22
CA ALA E 1151 45.65 105.66 -3.32
C ALA E 1151 47.09 105.42 -2.91
N ILE E 1152 47.46 105.73 -1.67
CA ILE E 1152 48.84 105.53 -1.22
C ILE E 1152 49.03 104.15 -0.60
N CYS E 1153 48.02 103.62 0.09
CA CYS E 1153 48.12 102.32 0.74
C CYS E 1153 47.05 101.33 0.28
N GLY E 1154 45.82 101.78 0.08
CA GLY E 1154 44.73 100.91 -0.29
C GLY E 1154 44.52 100.70 -1.77
N LEU E 1155 45.33 101.33 -2.63
CA LEU E 1155 45.17 101.17 -4.07
C LEU E 1155 45.73 99.83 -4.55
N GLN E 1156 47.02 99.59 -4.31
CA GLN E 1156 47.66 98.36 -4.75
C GLN E 1156 47.44 97.19 -3.79
N GLU E 1157 46.93 97.45 -2.59
CA GLU E 1157 46.72 96.36 -1.63
C GLU E 1157 45.46 95.57 -1.97
N GLY E 1158 44.36 96.26 -2.29
CA GLY E 1158 43.13 95.58 -2.64
C GLY E 1158 41.96 95.94 -1.74
N PHE E 1159 42.03 97.11 -1.11
CA PHE E 1159 40.97 97.57 -0.22
C PHE E 1159 39.94 98.38 -1.00
N GLU E 1160 38.81 98.64 -0.34
CA GLU E 1160 37.72 99.38 -0.94
C GLU E 1160 37.05 100.23 0.13
N PRO E 1161 36.47 101.37 -0.24
CA PRO E 1161 35.78 102.20 0.75
C PRO E 1161 34.54 101.52 1.30
N PHE E 1162 33.97 102.14 2.34
CA PHE E 1162 32.79 101.58 2.98
C PHE E 1162 31.56 101.74 2.10
N ALA E 1163 31.19 102.97 1.77
CA ALA E 1163 30.04 103.26 0.93
C ALA E 1163 30.54 103.50 -0.50
N ILE E 1164 30.83 102.39 -1.19
CA ILE E 1164 31.38 102.47 -2.54
C ILE E 1164 30.31 102.84 -3.55
N ASN E 1165 29.08 102.33 -3.35
CA ASN E 1165 28.00 102.58 -4.29
C ASN E 1165 26.69 102.92 -3.58
N MET E 1166 26.78 103.56 -2.43
CA MET E 1166 25.60 103.97 -1.67
C MET E 1166 25.21 105.38 -2.09
N GLN E 1167 24.06 105.51 -2.76
CA GLN E 1167 23.61 106.82 -3.21
C GLN E 1167 23.10 107.68 -2.07
N ARG E 1168 22.75 107.08 -0.94
CA ARG E 1168 22.28 107.82 0.22
C ARG E 1168 23.36 107.91 1.28
N PRO E 1169 23.40 109.01 2.05
CA PRO E 1169 24.41 109.14 3.10
C PRO E 1169 24.23 108.07 4.17
N VAL E 1170 25.34 107.65 4.77
CA VAL E 1170 25.31 106.63 5.80
C VAL E 1170 24.66 107.20 7.05
N THR E 1171 23.73 106.43 7.63
CA THR E 1171 23.04 106.87 8.83
C THR E 1171 23.99 106.84 10.02
N THR E 1172 24.10 107.97 10.71
CA THR E 1172 24.96 108.10 11.87
C THR E 1172 24.13 108.14 13.14
N TRP E 1173 24.63 107.48 14.19
CA TRP E 1173 23.95 107.42 15.48
C TRP E 1173 24.86 108.01 16.55
N PHE E 1174 24.31 108.91 17.35
CA PHE E 1174 25.04 109.57 18.43
C PHE E 1174 24.44 109.16 19.77
N SER E 1175 25.17 109.47 20.84
CA SER E 1175 24.75 109.14 22.19
C SER E 1175 23.92 110.30 22.76
N LYS E 1176 22.68 110.01 23.13
CA LYS E 1176 21.79 111.03 23.69
C LYS E 1176 22.19 111.29 25.14
N SER E 1177 22.73 112.48 25.40
CA SER E 1177 23.12 112.84 26.76
C SER E 1177 21.95 112.98 27.69
N LEU E 1178 20.74 113.16 27.16
CA LEU E 1178 19.55 113.28 28.00
C LEU E 1178 19.18 111.92 28.58
N PRO E 1179 19.12 111.77 29.90
CA PRO E 1179 18.74 110.48 30.48
C PRO E 1179 17.25 110.21 30.33
N GLN E 1180 16.91 108.96 30.03
CA GLN E 1180 15.52 108.54 29.90
C GLN E 1180 15.33 107.22 30.62
N PHE E 1181 14.07 106.91 30.92
CA PHE E 1181 13.75 105.70 31.67
C PHE E 1181 13.83 104.47 30.77
N GLU E 1182 14.23 103.35 31.38
CA GLU E 1182 14.34 102.08 30.67
C GLU E 1182 14.19 100.95 31.68
N ALA E 1183 13.50 99.90 31.25
CA ALA E 1183 13.27 98.76 32.13
C ALA E 1183 14.58 98.05 32.46
N VAL E 1184 14.62 97.48 33.66
CA VAL E 1184 15.81 96.77 34.14
C VAL E 1184 15.82 95.36 33.57
N PRO E 1185 16.87 94.94 32.88
CA PRO E 1185 16.92 93.58 32.35
C PRO E 1185 17.00 92.55 33.46
N LEU E 1186 16.59 91.33 33.12
CA LEU E 1186 16.60 90.24 34.09
C LEU E 1186 18.02 89.85 34.47
N GLU E 1187 18.99 90.10 33.60
CA GLU E 1187 20.39 89.76 33.84
C GLU E 1187 21.17 91.05 34.07
N HIS E 1188 21.83 91.14 35.22
CA HIS E 1188 22.65 92.29 35.57
C HIS E 1188 23.72 91.84 36.54
N PRO E 1189 24.91 92.45 36.50
CA PRO E 1189 25.97 92.05 37.45
C PRO E 1189 25.56 92.14 38.91
N HIS E 1190 25.02 93.27 39.34
CA HIS E 1190 24.68 93.49 40.76
C HIS E 1190 23.32 94.13 40.91
N TYR E 1191 22.33 93.66 40.15
CA TYR E 1191 20.96 94.16 40.27
C TYR E 1191 19.99 93.08 39.83
N GLU E 1192 18.94 92.88 40.63
CA GLU E 1192 17.92 91.91 40.30
C GLU E 1192 16.64 92.28 41.04
N VAL E 1193 15.50 91.90 40.45
CA VAL E 1193 14.19 92.20 41.02
C VAL E 1193 13.26 91.03 40.74
N SER E 1194 12.40 90.72 41.72
CA SER E 1194 11.45 89.64 41.61
C SER E 1194 10.07 90.12 42.06
N ARG E 1195 9.04 89.37 41.66
CA ARG E 1195 7.67 89.69 42.00
C ARG E 1195 7.16 88.73 43.07
N VAL E 1196 6.48 89.27 44.08
CA VAL E 1196 5.93 88.48 45.16
C VAL E 1196 4.51 88.08 44.81
N ASP E 1197 4.18 86.81 44.99
CA ASP E 1197 2.85 86.32 44.68
C ASP E 1197 1.83 86.91 45.64
N GLY E 1198 0.58 86.97 45.17
CA GLY E 1198 -0.50 87.53 45.96
C GLY E 1198 -1.22 86.48 46.81
N THR E 1199 -0.93 86.47 48.10
CA THR E 1199 -1.54 85.51 49.01
C THR E 1199 -2.79 86.14 49.65
N VAL E 1200 -3.42 85.39 50.54
CA VAL E 1200 -4.62 85.87 51.21
C VAL E 1200 -4.29 86.91 52.28
N ASP E 1201 -3.08 86.84 52.83
CA ASP E 1201 -2.65 87.77 53.88
C ASP E 1201 -1.64 88.80 53.41
N THR E 1202 -0.85 88.48 52.38
CA THR E 1202 0.16 89.39 51.87
C THR E 1202 -0.23 89.88 50.49
N PRO E 1203 -0.29 91.18 50.25
CA PRO E 1203 -0.63 91.70 48.93
C PRO E 1203 0.51 91.47 47.95
N PRO E 1204 0.23 91.43 46.64
CA PRO E 1204 1.31 91.25 45.66
C PRO E 1204 2.24 92.45 45.63
N CYS E 1205 3.50 92.22 45.95
CA CYS E 1205 4.51 93.27 46.01
C CYS E 1205 5.61 93.00 45.00
N LEU E 1206 6.44 94.02 44.76
CA LEU E 1206 7.57 93.94 43.84
C LEU E 1206 8.83 94.19 44.66
N ARG E 1207 9.40 93.11 45.21
CA ARG E 1207 10.58 93.22 46.05
C ARG E 1207 11.83 93.38 45.19
N LEU E 1208 12.70 94.31 45.58
CA LEU E 1208 13.96 94.55 44.89
C LEU E 1208 15.09 94.43 45.90
N THR E 1209 16.15 93.70 45.52
CA THR E 1209 17.30 93.48 46.38
C THR E 1209 18.58 93.82 45.62
N HIS E 1210 19.65 94.01 46.38
CA HIS E 1210 20.96 94.34 45.82
C HIS E 1210 21.98 93.32 46.31
N ARG E 1211 22.92 92.97 45.44
CA ARG E 1211 23.97 92.01 45.78
C ARG E 1211 25.33 92.51 45.33
N SER E 1212 30.93 95.16 44.71
CA SER E 1212 29.71 95.68 44.11
C SER E 1212 29.60 97.19 44.29
N LEU E 1213 29.70 97.92 43.18
CA LEU E 1213 29.62 99.37 43.23
C LEU E 1213 28.19 99.81 43.50
N VAL E 1214 28.02 100.76 44.42
CA VAL E 1214 26.71 101.28 44.79
C VAL E 1214 26.65 102.75 44.38
N GLU E 1215 25.63 103.11 43.61
CA GLU E 1215 25.44 104.48 43.15
C GLU E 1215 23.98 104.85 43.29
N MET E 1216 23.67 106.11 42.99
CA MET E 1216 22.31 106.61 43.09
C MET E 1216 21.48 106.12 41.91
N LEU E 1217 20.31 105.57 42.19
CA LEU E 1217 19.39 105.06 41.18
C LEU E 1217 18.05 105.76 41.31
N PHE E 1218 17.35 105.85 40.19
CA PHE E 1218 16.03 106.48 40.12
C PHE E 1218 15.05 105.49 39.50
N LEU E 1219 14.23 104.86 40.34
CA LEU E 1219 13.25 103.88 39.87
C LEU E 1219 11.93 104.55 39.54
N ARG E 1220 11.14 103.86 38.72
CA ARG E 1220 9.84 104.38 38.30
C ARG E 1220 9.05 103.22 37.69
N LEU E 1221 7.72 103.36 37.73
CA LEU E 1221 6.84 102.37 37.14
C LEU E 1221 6.70 102.60 35.64
N SER E 1222 5.84 101.82 35.00
CA SER E 1222 5.66 101.88 33.55
C SER E 1222 4.38 102.62 33.14
N LEU E 1223 3.25 102.30 33.78
CA LEU E 1223 1.99 102.90 33.37
C LEU E 1223 1.59 104.01 34.33
N PRO E 1224 1.27 105.19 33.83
CA PRO E 1224 0.85 106.29 34.70
C PRO E 1224 -0.63 106.20 35.05
N VAL E 1225 -1.10 107.21 35.77
CA VAL E 1225 -2.51 107.33 36.15
C VAL E 1225 -2.99 108.72 35.77
N GLN E 1226 -3.99 108.78 34.89
CA GLN E 1226 -4.52 110.06 34.45
C GLN E 1226 -5.32 110.72 35.57
N PHE E 1227 -5.37 112.05 35.54
CA PHE E 1227 -6.05 112.84 36.56
C PHE E 1227 -7.44 113.28 36.12
N HIS E 1228 -8.11 112.48 35.29
CA HIS E 1228 -9.47 112.76 34.82
C HIS E 1228 -9.54 114.12 34.12
N GLN E 1229 -8.77 114.24 33.04
CA GLN E 1229 -8.73 115.47 32.26
C GLN E 1229 -10.05 115.71 31.53
N LEU E 1230 -17.86 103.74 48.14
CA LEU E 1230 -17.30 102.57 47.47
C LEU E 1230 -16.74 102.96 46.09
N ASN E 1231 -17.35 103.97 45.46
CA ASN E 1231 -16.94 104.44 44.15
C ASN E 1231 -16.10 105.70 44.24
N THR E 1232 -15.29 105.84 45.29
CA THR E 1232 -14.45 107.02 45.46
C THR E 1232 -13.24 106.94 44.53
N THR E 1233 -12.38 107.95 44.62
CA THR E 1233 -11.18 108.05 43.80
C THR E 1233 -9.93 108.09 44.66
N THR E 1234 -9.89 107.26 45.69
CA THR E 1234 -8.74 107.17 46.59
C THR E 1234 -7.88 105.98 46.20
N TYR E 1235 -6.56 106.16 46.28
CA TYR E 1235 -5.60 105.13 45.93
C TYR E 1235 -4.52 105.05 46.99
N TYR E 1236 -4.32 103.85 47.53
CA TYR E 1236 -3.36 103.62 48.62
C TYR E 1236 -2.07 103.10 48.00
N TYR E 1237 -1.20 104.03 47.61
CA TYR E 1237 0.11 103.68 47.05
C TYR E 1237 1.11 103.66 48.18
N SER E 1238 1.47 102.46 48.63
CA SER E 1238 2.36 102.28 49.77
C SER E 1238 3.71 101.70 49.33
N VAL E 1239 4.72 101.93 50.15
CA VAL E 1239 6.06 101.39 49.94
C VAL E 1239 6.63 101.03 51.30
N ARG E 1240 7.27 99.86 51.39
CA ARG E 1240 7.83 99.36 52.65
C ARG E 1240 9.34 99.26 52.52
N VAL E 1241 10.05 100.10 53.27
CA VAL E 1241 11.51 100.07 53.31
C VAL E 1241 11.93 99.24 54.53
N PHE E 1242 12.96 98.43 54.35
CA PHE E 1242 13.42 97.55 55.41
C PHE E 1242 14.24 98.33 56.44
N ALA E 1243 14.54 97.65 57.55
CA ALA E 1243 15.30 98.28 58.63
C ALA E 1243 16.76 98.50 58.26
N GLY E 1244 17.26 97.81 57.23
CA GLY E 1244 18.65 97.98 56.83
C GLY E 1244 18.93 99.32 56.19
N GLN E 1245 17.99 99.85 55.43
CA GLN E 1245 18.14 101.13 54.78
C GLN E 1245 17.65 102.25 55.70
N GLU E 1246 18.42 103.34 55.75
CA GLU E 1246 18.04 104.46 56.59
C GLU E 1246 16.89 105.25 55.96
N PRO E 1247 15.95 105.74 56.76
CA PRO E 1247 14.84 106.52 56.21
C PRO E 1247 15.20 107.95 55.83
N SER E 1248 16.43 108.39 56.12
CA SER E 1248 16.84 109.75 55.81
C SER E 1248 17.25 109.92 54.35
N CYS E 1249 17.47 108.82 53.62
CA CYS E 1249 17.88 108.87 52.22
C CYS E 1249 16.84 108.18 51.33
N VAL E 1250 15.56 108.34 51.68
CA VAL E 1250 14.46 107.76 50.93
C VAL E 1250 13.51 108.87 50.52
N TRP E 1251 13.20 108.94 49.22
CA TRP E 1251 12.29 109.92 48.67
C TRP E 1251 11.13 109.20 48.00
N VAL E 1252 9.93 109.38 48.54
CA VAL E 1252 8.73 108.69 48.07
C VAL E 1252 7.75 109.73 47.54
N GLY E 1253 7.17 109.45 46.38
CA GLY E 1253 6.17 110.36 45.81
C GLY E 1253 5.86 110.01 44.38
N TRP E 1254 5.45 111.03 43.63
CA TRP E 1254 5.12 110.91 42.22
C TRP E 1254 6.01 111.82 41.40
N VAL E 1255 6.01 111.60 40.08
CA VAL E 1255 6.85 112.36 39.17
C VAL E 1255 6.13 112.48 37.83
N THR E 1256 6.49 113.53 37.08
CA THR E 1256 6.09 113.95 35.75
C THR E 1256 6.97 113.28 34.69
N PRO E 1257 6.39 112.79 33.59
CA PRO E 1257 7.20 112.15 32.54
C PRO E 1257 8.21 113.10 31.89
N ASP E 1258 8.14 114.38 32.23
CA ASP E 1258 9.08 115.38 31.74
C ASP E 1258 10.34 115.47 32.60
N TYR E 1259 10.60 114.47 33.44
CA TYR E 1259 11.75 114.46 34.32
C TYR E 1259 12.90 113.74 33.62
N HIS E 1260 13.92 114.50 33.22
CA HIS E 1260 15.08 113.97 32.51
C HIS E 1260 16.37 114.52 33.11
N GLN E 1261 16.45 114.48 34.44
CA GLN E 1261 17.62 114.97 35.17
C GLN E 1261 18.24 113.84 35.95
N HIS E 1262 19.57 113.74 35.90
CA HIS E 1262 20.31 112.71 36.61
C HIS E 1262 21.56 113.35 37.20
N ASP E 1263 21.64 113.37 38.53
CA ASP E 1263 22.78 113.97 39.21
C ASP E 1263 22.89 113.35 40.60
N MET E 1264 24.10 113.44 41.16
CA MET E 1264 24.34 112.90 42.49
C MET E 1264 23.91 113.88 43.57
N ASN E 1265 23.70 113.36 44.78
CA ASN E 1265 23.27 114.15 45.93
C ASN E 1265 21.96 114.88 45.64
N PHE E 1266 20.93 114.10 45.35
CA PHE E 1266 19.62 114.65 45.03
C PHE E 1266 18.91 115.07 46.32
N ASP E 1267 18.50 116.33 46.38
CA ASP E 1267 17.81 116.88 47.54
C ASP E 1267 16.56 117.62 47.08
N LEU E 1268 15.77 118.09 48.05
CA LEU E 1268 14.54 118.80 47.73
C LEU E 1268 14.81 120.21 47.21
N THR E 1269 15.99 120.76 47.46
CA THR E 1269 16.31 122.10 46.99
C THR E 1269 16.63 122.14 45.49
N LYS E 1270 17.08 121.04 44.92
CA LYS E 1270 17.40 120.96 43.50
C LYS E 1270 16.21 120.54 42.65
N VAL E 1271 15.04 120.40 43.23
CA VAL E 1271 13.84 120.01 42.48
C VAL E 1271 13.31 121.24 41.74
N ARG E 1272 13.16 121.11 40.43
CA ARG E 1272 12.67 122.22 39.62
C ARG E 1272 11.17 122.41 39.83
N ALA E 1273 10.77 123.67 39.97
CA ALA E 1273 9.36 124.01 40.17
C ALA E 1273 9.11 125.41 39.63
N VAL E 1274 7.92 125.61 39.08
CA VAL E 1274 7.53 126.90 38.50
C VAL E 1274 6.09 127.19 38.93
N THR E 1275 5.89 128.33 39.59
CA THR E 1275 4.56 128.77 40.04
C THR E 1275 4.17 129.99 39.22
N VAL E 1276 3.23 129.81 38.30
CA VAL E 1276 2.77 130.89 37.43
C VAL E 1276 1.65 131.64 38.13
N THR E 1277 1.67 132.96 38.01
CA THR E 1277 0.67 133.83 38.62
C THR E 1277 -0.02 134.62 37.52
N MET E 1278 -1.34 134.47 37.43
CA MET E 1278 -2.15 135.15 36.42
C MET E 1278 -2.82 136.36 37.05
N GLY E 1279 -2.39 137.55 36.62
CA GLY E 1279 -2.95 138.78 37.14
C GLY E 1279 -4.11 139.30 36.30
N ASP E 1280 -4.77 140.33 36.82
CA ASP E 1280 -5.90 140.98 36.16
C ASP E 1280 -7.00 139.98 35.82
N ASN E 1281 -6.37 143.13 40.43
CA ASN E 1281 -5.16 142.60 41.02
C ASN E 1281 -4.89 141.18 40.55
N ILE E 1282 -4.32 140.35 41.43
CA ILE E 1282 -4.02 138.97 41.10
C ILE E 1282 -5.32 138.17 41.04
N HIS E 1283 -5.52 137.45 39.94
CA HIS E 1283 -6.73 136.65 39.76
C HIS E 1283 -6.59 135.29 40.42
N SER E 1284 -5.57 134.51 40.02
CA SER E 1284 -5.37 133.19 40.58
C SER E 1284 -3.88 132.85 40.53
N SER E 1285 -3.48 131.88 41.35
CA SER E 1285 -2.11 131.42 41.41
C SER E 1285 -2.08 129.91 41.21
N LEU E 1286 -1.02 129.44 40.54
CA LEU E 1286 -0.88 128.05 40.17
C LEU E 1286 0.49 127.55 40.62
N LYS E 1287 0.73 126.25 40.45
CA LYS E 1287 2.00 125.64 40.84
C LYS E 1287 2.24 124.42 39.97
N CYS E 1288 3.32 124.46 39.18
CA CYS E 1288 3.69 123.37 38.28
C CYS E 1288 5.10 122.91 38.64
N SER E 1289 5.19 121.74 39.26
CA SER E 1289 6.47 121.14 39.64
C SER E 1289 6.66 119.83 38.92
N ASN E 1290 7.93 119.51 38.61
CA ASN E 1290 8.23 118.25 37.93
C ASN E 1290 8.14 117.06 38.87
N CYS E 1291 8.48 117.26 40.15
CA CYS E 1291 8.50 116.18 41.13
C CYS E 1291 7.69 116.55 42.34
N TYR E 1292 7.05 115.54 42.95
CA TYR E 1292 6.27 115.71 44.16
C TYR E 1292 6.64 114.57 45.11
N MET E 1293 7.67 114.79 45.95
CA MET E 1293 8.08 113.78 46.91
C MET E 1293 8.22 114.37 48.30
N VAL E 1294 8.75 113.58 49.23
CA VAL E 1294 8.98 114.01 50.61
C VAL E 1294 10.42 113.68 50.96
N TRP E 1295 10.95 114.40 51.96
CA TRP E 1295 12.32 114.18 52.40
C TRP E 1295 12.51 112.78 52.95
N GLY E 1296 11.48 112.21 53.58
CA GLY E 1296 11.54 110.86 54.13
C GLY E 1296 12.09 110.78 55.54
N GLY E 1297 13.18 111.48 55.81
CA GLY E 1297 13.79 111.46 57.14
C GLY E 1297 13.02 112.20 58.20
N ASP E 1298 11.99 112.96 57.82
CA ASP E 1298 11.20 113.70 58.79
C ASP E 1298 10.36 112.77 59.66
N PHE E 1299 10.02 111.58 59.17
CA PHE E 1299 9.21 110.64 59.94
C PHE E 1299 10.00 109.92 61.02
N VAL E 1300 11.33 110.01 61.00
CA VAL E 1300 12.16 109.35 62.00
C VAL E 1300 12.83 110.39 62.90
N SER E 1301 17.78 100.95 66.80
CA SER E 1301 17.25 102.14 66.14
C SER E 1301 16.96 101.85 64.67
N HIS E 1302 16.26 100.75 64.40
CA HIS E 1302 15.92 100.37 63.04
C HIS E 1302 14.57 99.66 63.07
N THR E 1303 13.54 100.34 62.56
CA THR E 1303 12.19 99.80 62.52
C THR E 1303 11.66 99.84 61.10
N ASP E 1304 10.89 98.82 60.73
CA ASP E 1304 10.31 98.74 59.39
C ASP E 1304 9.29 99.85 59.18
N LEU E 1305 9.75 101.01 58.72
CA LEU E 1305 8.88 102.15 58.51
C LEU E 1305 8.12 101.99 57.19
N VAL E 1306 6.80 102.12 57.26
CA VAL E 1306 5.93 102.03 56.10
C VAL E 1306 5.54 103.45 55.67
N ILE E 1307 5.50 103.67 54.36
CA ILE E 1307 5.16 104.97 53.78
C ILE E 1307 4.10 104.76 52.72
N GLY E 1308 2.96 105.43 52.88
CA GLY E 1308 1.86 105.33 51.94
C GLY E 1308 1.57 106.67 51.28
N CYS E 1309 0.77 106.61 50.22
CA CYS E 1309 0.38 107.79 49.47
C CYS E 1309 -1.11 107.74 49.17
N LEU E 1310 -1.70 108.91 48.98
CA LEU E 1310 -3.12 109.03 48.67
C LEU E 1310 -3.30 110.14 47.64
N VAL E 1311 -3.91 109.80 46.51
CA VAL E 1311 -4.13 110.75 45.42
C VAL E 1311 -5.59 110.71 45.01
N ASP E 1312 -6.09 111.84 44.51
CA ASP E 1312 -7.46 111.96 44.05
C ASP E 1312 -7.45 112.44 42.60
N LEU E 1313 -8.25 111.78 41.75
CA LEU E 1313 -8.30 112.12 40.33
C LEU E 1313 -9.40 113.09 39.99
N ALA E 1314 -10.48 113.13 40.77
CA ALA E 1314 -11.62 114.02 40.50
C ALA E 1314 -11.28 115.43 40.97
N THR E 1315 -10.31 116.03 40.27
CA THR E 1315 -9.84 117.39 40.57
C THR E 1315 -9.44 117.53 42.04
N GLY E 1316 -8.81 116.49 42.58
CA GLY E 1316 -8.40 116.47 43.97
C GLY E 1316 -6.94 116.80 44.16
N LEU E 1317 -6.48 116.65 45.39
CA LEU E 1317 -5.10 116.92 45.78
C LEU E 1317 -4.41 115.61 46.17
N MET E 1318 -3.16 115.73 46.59
CA MET E 1318 -2.35 114.58 46.97
C MET E 1318 -1.66 114.86 48.30
N THR E 1319 -1.65 113.85 49.18
CA THR E 1319 -1.00 113.96 50.48
C THR E 1319 -0.32 112.64 50.80
N PHE E 1320 0.69 112.71 51.67
CA PHE E 1320 1.47 111.54 52.07
C PHE E 1320 1.07 111.15 53.48
N THR E 1321 0.62 109.91 53.64
CA THR E 1321 0.21 109.36 54.93
C THR E 1321 1.13 108.22 55.29
N ALA E 1322 1.79 108.32 56.45
CA ALA E 1322 2.72 107.32 56.93
C ALA E 1322 2.27 106.84 58.30
N ASN E 1323 1.99 105.54 58.42
CA ASN E 1323 1.55 104.93 59.67
C ASN E 1323 0.30 105.60 60.22
N GLY E 1324 -0.61 105.99 59.31
CA GLY E 1324 -1.84 106.63 59.70
C GLY E 1324 -1.71 108.09 60.07
N LYS E 1325 -0.54 108.70 59.86
CA LYS E 1325 -0.30 110.10 60.19
C LYS E 1325 0.15 110.84 58.93
N GLU E 1326 -0.48 111.97 58.65
CA GLU E 1326 -0.15 112.76 57.49
C GLU E 1326 1.17 113.51 57.71
N SER E 1327 1.80 113.90 56.60
CA SER E 1327 3.05 114.64 56.62
C SER E 1327 2.85 116.15 56.69
N ASN E 1328 1.60 116.61 56.82
CA ASN E 1328 1.28 118.04 56.89
C ASN E 1328 1.80 118.79 55.66
N THR E 1329 1.68 118.15 54.49
CA THR E 1329 2.11 118.75 53.23
C THR E 1329 1.00 118.62 52.21
N PHE E 1330 0.82 119.66 51.41
CA PHE E 1330 -0.22 119.71 50.38
C PHE E 1330 0.41 119.70 49.00
N PHE E 1331 -0.21 118.95 48.08
CA PHE E 1331 0.26 118.86 46.70
C PHE E 1331 -0.93 119.05 45.77
N GLN E 1332 -0.91 120.11 44.99
CA GLN E 1332 -1.96 120.41 44.02
C GLN E 1332 -1.40 120.37 42.62
N VAL E 1333 -2.12 119.71 41.71
CA VAL E 1333 -1.69 119.55 40.33
C VAL E 1333 -2.89 119.85 39.42
N GLU E 1334 -2.58 120.15 38.17
CA GLU E 1334 -3.62 120.46 37.20
C GLU E 1334 -4.46 119.20 36.92
N PRO E 1335 -5.77 119.34 36.70
CA PRO E 1335 -6.58 118.16 36.38
C PRO E 1335 -6.18 117.48 35.09
N ASN E 1336 -5.43 118.14 34.22
CA ASN E 1336 -4.95 117.57 32.96
C ASN E 1336 -3.46 117.31 33.12
N THR E 1337 -3.12 116.12 33.61
CA THR E 1337 -1.74 115.73 33.83
C THR E 1337 -1.67 114.21 33.89
N LYS E 1338 -0.46 113.70 34.12
CA LYS E 1338 -0.23 112.26 34.26
C LYS E 1338 0.96 112.07 35.19
N LEU E 1339 0.72 111.43 36.33
CA LEU E 1339 1.74 111.23 37.35
C LEU E 1339 2.32 109.82 37.27
N PHE E 1340 3.61 109.70 37.54
CA PHE E 1340 4.31 108.43 37.55
C PHE E 1340 4.81 108.13 38.95
N PRO E 1341 4.47 106.99 39.53
CA PRO E 1341 4.96 106.65 40.88
C PRO E 1341 6.44 106.31 40.87
N ALA E 1342 7.27 107.21 41.41
CA ALA E 1342 8.71 107.01 41.47
C ALA E 1342 9.20 107.19 42.90
N VAL E 1343 10.07 106.27 43.33
CA VAL E 1343 10.63 106.29 44.68
C VAL E 1343 12.15 106.30 44.52
N PHE E 1344 12.78 107.46 44.76
CA PHE E 1344 14.22 107.56 44.68
C PHE E 1344 14.84 107.12 46.00
N VAL E 1345 15.86 106.26 45.92
CA VAL E 1345 16.49 105.69 47.10
C VAL E 1345 17.89 105.23 46.72
N LEU E 1346 18.76 105.12 47.73
CA LEU E 1346 20.12 104.62 47.54
C LEU E 1346 20.25 103.26 48.19
N PRO E 1347 20.87 102.28 47.53
CA PRO E 1347 20.97 100.94 48.11
C PRO E 1347 21.86 100.91 49.32
N THR E 1348 21.61 99.93 50.18
CA THR E 1348 22.38 99.70 51.40
C THR E 1348 22.90 98.27 51.44
N HIS E 1349 23.43 97.80 50.29
CA HIS E 1349 24.04 96.49 50.14
C HIS E 1349 23.03 95.35 50.24
N GLN E 1350 21.97 95.52 51.02
CA GLN E 1350 20.94 94.50 51.15
C GLN E 1350 19.62 95.16 51.54
N ASN E 1351 18.52 94.59 51.06
CA ASN E 1351 17.17 95.08 51.34
C ASN E 1351 17.03 96.56 51.04
N VAL E 1352 16.83 96.89 49.76
CA VAL E 1352 16.74 98.28 49.34
C VAL E 1352 15.34 98.83 49.64
N ILE E 1353 14.37 98.45 48.81
CA ILE E 1353 12.99 98.91 48.95
C ILE E 1353 12.06 97.77 48.57
N GLN E 1354 10.76 97.99 48.73
CA GLN E 1354 9.75 97.01 48.35
C GLN E 1354 8.48 97.75 47.98
N PHE E 1355 8.02 97.57 46.74
CA PHE E 1355 6.82 98.24 46.24
C PHE E 1355 5.62 97.35 46.51
N GLU E 1356 4.95 97.57 47.63
CA GLU E 1356 3.78 96.79 48.01
C GLU E 1356 2.52 97.52 47.56
N LEU E 1357 1.73 96.86 46.72
CA LEU E 1357 0.49 97.42 46.21
C LEU E 1357 -0.68 96.75 46.92
N GLY E 1358 -1.39 97.52 47.74
CA GLY E 1358 -2.52 96.99 48.49
C GLY E 1358 -3.63 98.02 48.57
N LYS E 1359 -4.83 97.51 48.89
CA LYS E 1359 -6.01 98.34 49.02
C LYS E 1359 -6.85 97.85 50.19
N GLN E 1360 -7.24 98.77 51.06
CA GLN E 1360 -8.03 98.44 52.23
C GLN E 1360 -8.73 99.69 52.73
N LYS E 1361 -9.69 99.50 53.63
CA LYS E 1361 -10.46 100.59 54.24
C LYS E 1361 -11.18 101.42 53.17
N ASN E 1362 -11.86 100.72 52.26
CA ASN E 1362 -12.66 101.34 51.20
C ASN E 1362 -11.81 102.29 50.35
N ILE E 1363 -10.70 101.77 49.83
CA ILE E 1363 -9.79 102.52 48.98
C ILE E 1363 -9.57 101.74 47.69
N MET E 1364 -9.75 102.40 46.56
CA MET E 1364 -9.56 101.75 45.27
C MET E 1364 -8.08 101.46 45.05
N PRO E 1365 -7.72 100.25 44.60
CA PRO E 1365 -6.31 99.95 44.35
C PRO E 1365 -5.74 100.77 43.20
N LEU E 1366 -4.41 100.88 43.21
CA LEU E 1366 -3.73 101.68 42.18
C LEU E 1366 -3.74 100.97 40.83
N SER E 1367 -3.56 99.65 40.83
CA SER E 1367 -3.53 98.90 39.58
C SER E 1367 -4.87 98.87 38.86
N ALA E 1368 -5.96 99.25 39.52
CA ALA E 1368 -7.28 99.25 38.91
C ALA E 1368 -7.58 100.54 38.15
N ALA E 1369 -6.75 101.57 38.29
CA ALA E 1369 -6.99 102.84 37.60
C ALA E 1369 -6.30 102.91 36.25
N MET E 1370 -5.15 102.25 36.08
CA MET E 1370 -4.42 102.31 34.82
C MET E 1370 -5.10 101.50 33.72
N PHE E 1371 -5.96 100.55 34.09
CA PHE E 1371 -6.65 99.70 33.12
C PHE E 1371 -8.10 100.13 32.98
N LEU E 1372 -8.69 99.74 31.85
CA LEU E 1372 -10.08 100.05 31.54
C LEU E 1372 -11.01 98.86 31.75
N SER E 1373 -10.47 97.69 32.11
CA SER E 1373 -11.28 96.51 32.33
C SER E 1373 -11.42 96.12 33.79
N GLU E 1374 -10.52 96.60 34.65
CA GLU E 1374 -10.57 96.31 36.09
C GLU E 1374 -11.03 97.52 36.89
N ARG E 1375 -11.89 98.36 36.30
CA ARG E 1375 -12.37 99.55 37.00
C ARG E 1375 -13.26 99.17 38.18
N LYS E 1376 -14.13 98.17 38.00
CA LYS E 1376 -15.04 97.74 39.05
C LYS E 1376 -14.43 96.70 39.98
N ASN E 1377 -13.25 96.20 39.68
CA ASN E 1377 -12.62 95.18 40.52
C ASN E 1377 -12.05 95.81 41.78
N PRO E 1378 -12.56 95.46 42.97
CA PRO E 1378 -12.03 96.07 44.20
C PRO E 1378 -10.73 95.43 44.66
N ALA E 1379 -10.53 94.15 44.33
CA ALA E 1379 -9.33 93.46 44.77
C ALA E 1379 -8.13 93.90 43.94
N PRO E 1380 -6.95 94.03 44.55
CA PRO E 1380 -5.77 94.42 43.79
C PRO E 1380 -5.27 93.29 42.91
N GLN E 1381 -4.64 93.68 41.80
CA GLN E 1381 -4.10 92.73 40.83
C GLN E 1381 -2.61 92.96 40.67
N CYS E 1382 -1.96 92.00 40.01
CA CYS E 1382 -0.52 92.06 39.72
C CYS E 1382 -0.33 92.09 38.22
N PRO E 1383 -0.34 93.28 37.61
CA PRO E 1383 -0.19 93.38 36.15
C PRO E 1383 1.22 93.01 35.73
N PRO E 1384 1.37 92.04 34.82
CA PRO E 1384 2.71 91.69 34.34
C PRO E 1384 3.38 92.79 33.53
N ARG E 1385 2.61 93.76 33.02
CA ARG E 1385 3.21 94.84 32.24
C ARG E 1385 3.99 95.81 33.13
N LEU E 1386 3.62 95.91 34.41
CA LEU E 1386 4.28 96.83 35.33
C LEU E 1386 5.72 96.38 35.56
N GLU E 1387 6.68 97.16 35.06
CA GLU E 1387 8.09 96.87 35.22
C GLU E 1387 8.78 98.06 35.87
N MET E 1388 9.68 97.79 36.81
CA MET E 1388 10.41 98.83 37.53
C MET E 1388 11.54 99.33 36.63
N GLN E 1389 11.27 100.42 35.92
CA GLN E 1389 12.26 101.00 35.03
C GLN E 1389 13.30 101.78 35.81
N MET E 1390 14.45 102.01 35.18
CA MET E 1390 15.56 102.72 35.79
C MET E 1390 16.08 103.77 34.82
N LEU E 1391 16.42 104.94 35.35
CA LEU E 1391 16.93 106.04 34.54
C LEU E 1391 18.30 105.69 34.00
N MET E 1392 18.40 105.47 32.69
CA MET E 1392 19.69 105.20 32.08
C MET E 1392 20.47 106.50 31.91
N PRO E 1393 21.78 106.49 32.20
CA PRO E 1393 22.54 107.75 32.09
C PRO E 1393 22.61 108.30 30.68
N VAL E 1394 22.82 107.45 29.69
CA VAL E 1394 22.93 107.87 28.29
C VAL E 1394 22.24 106.85 27.41
N SER E 1395 21.53 107.34 26.38
CA SER E 1395 20.82 106.47 25.47
C SER E 1395 21.23 106.74 24.03
N TRP E 1396 20.54 106.13 23.07
CA TRP E 1396 20.85 106.27 21.66
C TRP E 1396 19.82 107.14 20.97
N SER E 1397 20.23 107.74 19.85
CA SER E 1397 19.36 108.58 19.05
C SER E 1397 19.90 108.64 17.64
N ARG E 1398 19.00 108.87 16.68
CA ARG E 1398 19.35 108.91 15.27
C ARG E 1398 19.55 110.36 14.82
N MET E 1399 20.57 110.57 13.98
CA MET E 1399 20.86 111.89 13.44
C MET E 1399 20.08 112.10 12.14
N PRO E 1400 19.30 113.18 12.03
CA PRO E 1400 18.54 113.42 10.80
C PRO E 1400 19.46 113.68 9.62
N ASN E 1401 18.92 113.44 8.42
CA ASN E 1401 19.69 113.64 7.20
C ASN E 1401 19.79 115.11 6.83
N HIS E 1402 18.70 115.86 6.96
CA HIS E 1402 18.66 117.27 6.63
C HIS E 1402 18.40 118.10 7.87
N PHE E 1403 18.83 119.36 7.82
CA PHE E 1403 18.67 120.29 8.93
C PHE E 1403 18.21 121.63 8.39
N LEU E 1404 17.84 122.53 9.31
CA LEU E 1404 17.38 123.85 8.93
C LEU E 1404 18.55 124.75 8.61
N ARG E 1405 18.47 125.46 7.49
CA ARG E 1405 19.51 126.38 7.07
C ARG E 1405 19.28 127.74 7.72
N VAL E 1406 20.27 128.22 8.46
CA VAL E 1406 20.20 129.49 9.17
C VAL E 1406 21.08 130.51 8.46
N GLU E 1407 20.62 131.76 8.44
CA GLU E 1407 21.35 132.86 7.83
C GLU E 1407 21.52 133.96 8.87
N THR E 1408 22.76 134.30 9.18
CA THR E 1408 23.08 135.31 10.18
C THR E 1408 23.91 136.42 9.55
N ARG E 1409 23.48 137.67 9.74
CA ARG E 1409 24.20 138.82 9.22
C ARG E 1409 24.11 139.95 10.23
N ARG E 1410 25.00 140.94 10.05
CA ARG E 1410 25.02 142.08 10.98
C ARG E 1410 23.86 143.02 10.73
N ALA E 1411 23.36 143.08 9.49
CA ALA E 1411 22.24 143.95 9.13
C ALA E 1411 22.52 145.41 9.45
N GLY E 1412 23.74 145.86 9.18
CA GLY E 1412 24.13 147.22 9.43
C GLY E 1412 24.42 147.48 10.91
N GLU E 1413 24.61 148.75 11.21
CA GLU E 1413 24.90 149.18 12.58
C GLU E 1413 23.64 149.49 13.38
N ARG E 1414 22.55 149.86 12.71
CA ARG E 1414 21.31 150.16 13.41
C ARG E 1414 20.60 148.91 13.90
N LEU E 1415 20.67 147.82 13.15
CA LEU E 1415 20.02 146.56 13.51
C LEU E 1415 21.05 145.61 14.09
N GLY E 1416 20.62 144.84 15.10
CA GLY E 1416 21.50 143.90 15.75
C GLY E 1416 21.86 142.71 14.89
N TRP E 1417 20.92 141.77 14.75
CA TRP E 1417 21.13 140.57 13.95
C TRP E 1417 19.85 140.26 13.19
N ALA E 1418 19.90 139.20 12.38
CA ALA E 1418 18.74 138.79 11.60
C ALA E 1418 18.88 137.32 11.24
N VAL E 1419 17.83 136.55 11.46
CA VAL E 1419 17.79 135.12 11.16
C VAL E 1419 16.62 134.86 10.23
N GLN E 1420 16.89 134.16 9.13
CA GLN E 1420 15.88 133.87 8.11
C GLN E 1420 15.69 132.36 8.00
N CYS E 1421 14.70 131.98 7.18
CA CYS E 1421 14.39 130.58 6.94
C CYS E 1421 13.73 130.46 5.58
N GLN E 1422 14.34 129.71 4.66
CA GLN E 1422 13.83 129.60 3.31
C GLN E 1422 13.03 128.31 3.10
N GLU E 1423 13.72 127.17 3.09
CA GLU E 1423 13.09 125.89 2.80
C GLU E 1423 12.63 125.23 4.09
N PRO E 1424 11.39 124.77 4.16
CA PRO E 1424 10.91 124.08 5.35
C PRO E 1424 11.43 122.64 5.42
N LEU E 1425 11.09 121.97 6.50
CA LEU E 1425 11.51 120.58 6.70
C LEU E 1425 10.60 119.94 7.74
N THR E 1426 10.09 118.75 7.42
CA THR E 1426 9.20 118.01 8.30
C THR E 1426 9.74 116.60 8.49
N MET E 1427 9.10 115.86 9.40
CA MET E 1427 9.50 114.49 9.69
C MET E 1427 8.30 113.73 10.24
N MET E 1428 8.33 112.42 10.08
CA MET E 1428 7.29 111.54 10.59
C MET E 1428 7.73 110.99 11.94
N ALA E 1429 6.98 111.33 12.99
CA ALA E 1429 7.31 110.93 14.35
C ALA E 1429 6.19 110.07 14.93
N LEU E 1430 6.57 109.24 15.90
CA LEU E 1430 5.62 108.36 16.58
C LEU E 1430 5.06 109.06 17.83
N HIS E 1431 4.15 108.37 18.51
CA HIS E 1431 3.52 108.91 19.71
C HIS E 1431 3.20 107.73 20.63
N ILE E 1432 4.01 107.54 21.66
CA ILE E 1432 3.81 106.47 22.64
C ILE E 1432 2.93 107.01 23.76
N PRO E 1433 1.69 106.53 23.91
CA PRO E 1433 0.81 107.11 24.94
C PRO E 1433 1.24 106.81 26.36
N GLU E 1434 1.93 105.70 26.60
CA GLU E 1434 2.32 105.33 27.95
C GLU E 1434 3.44 106.20 28.51
N GLU E 1435 4.14 106.95 27.65
CA GLU E 1435 5.22 107.82 28.10
C GLU E 1435 5.13 109.25 27.56
N ASN E 1436 4.32 109.50 26.53
CA ASN E 1436 4.12 110.84 25.96
C ASN E 1436 5.45 111.43 25.49
N ARG E 1437 6.07 110.75 24.54
CA ARG E 1437 7.31 111.22 23.93
C ARG E 1437 7.35 110.78 22.48
N CYS E 1438 7.90 111.63 21.62
CA CYS E 1438 7.96 111.36 20.19
C CYS E 1438 9.34 110.83 19.80
N MET E 1439 9.36 110.05 18.73
CA MET E 1439 10.61 109.50 18.21
C MET E 1439 10.50 109.37 16.70
N ASP E 1440 11.63 109.43 16.02
CA ASP E 1440 11.66 109.33 14.57
C ASP E 1440 11.23 107.94 14.12
N ILE E 1441 10.48 107.88 13.01
CA ILE E 1441 10.07 106.60 12.46
C ILE E 1441 11.27 105.86 11.90
N LEU E 1442 12.30 106.59 11.44
CA LEU E 1442 13.51 105.94 10.97
C LEU E 1442 14.29 105.30 12.11
N GLU E 1443 14.13 105.82 13.33
CA GLU E 1443 14.78 105.22 14.49
C GLU E 1443 14.17 103.87 14.85
N LEU E 1444 12.94 103.60 14.43
CA LEU E 1444 12.29 102.33 14.74
C LEU E 1444 13.02 101.14 14.15
N SER E 1445 13.82 101.34 13.10
CA SER E 1445 14.55 100.23 12.50
C SER E 1445 15.65 99.69 13.40
N GLU E 1446 16.14 100.49 14.34
CA GLU E 1446 17.19 100.03 15.23
C GLU E 1446 16.65 99.06 16.27
N ARG E 1447 15.53 99.40 16.91
CA ARG E 1447 14.92 98.56 17.93
C ARG E 1447 13.85 97.69 17.28
N LEU E 1448 14.15 96.40 17.14
CA LEU E 1448 13.20 95.47 16.52
C LEU E 1448 12.03 95.12 17.42
N ASP E 1449 12.11 95.44 18.72
CA ASP E 1449 11.01 95.14 19.62
C ASP E 1449 9.78 95.96 19.29
N LEU E 1450 9.91 97.29 19.28
CA LEU E 1450 8.79 98.16 18.93
C LEU E 1450 8.49 98.13 17.44
N GLN E 1451 9.45 97.76 16.61
CA GLN E 1451 9.20 97.70 15.17
C GLN E 1451 8.34 96.50 14.80
N GLN E 1452 8.45 95.40 15.55
CA GLN E 1452 7.63 94.22 15.26
C GLN E 1452 6.17 94.47 15.58
N PHE E 1453 5.89 95.21 16.65
CA PHE E 1453 4.50 95.51 17.00
C PHE E 1453 3.87 96.48 16.00
N HIS E 1454 4.66 97.43 15.49
CA HIS E 1454 4.14 98.37 14.50
C HIS E 1454 3.92 97.68 13.16
N SER E 1455 4.71 96.65 12.85
CA SER E 1455 4.53 95.93 11.59
C SER E 1455 3.19 95.19 11.58
N HIS E 1456 2.89 94.47 12.67
CA HIS E 1456 1.61 93.79 12.78
C HIS E 1456 0.45 94.76 12.94
N THR E 1457 0.73 95.99 13.37
CA THR E 1457 -0.33 96.99 13.49
C THR E 1457 -0.90 97.34 12.12
N LEU E 1458 -0.04 97.46 11.11
CA LEU E 1458 -0.51 97.75 9.76
C LEU E 1458 -1.36 96.60 9.21
N ARG E 1459 -1.05 95.36 9.60
CA ARG E 1459 -1.85 94.23 9.14
C ARG E 1459 -3.26 94.28 9.73
N LEU E 1460 -3.40 94.80 10.95
CA LEU E 1460 -4.73 94.92 11.54
C LEU E 1460 -5.59 95.93 10.79
N TYR E 1461 -4.96 97.00 10.30
CA TYR E 1461 -5.72 98.00 9.54
C TYR E 1461 -6.17 97.45 8.19
N ARG E 1462 -5.33 96.62 7.56
CA ARG E 1462 -5.70 96.05 6.27
C ARG E 1462 -6.76 94.96 6.41
N ALA E 1463 -6.81 94.31 7.57
CA ALA E 1463 -7.75 93.21 7.76
C ALA E 1463 -9.13 93.71 8.14
N VAL E 1464 -9.20 94.76 8.97
CA VAL E 1464 -10.49 95.27 9.43
C VAL E 1464 -11.23 95.94 8.27
N CYS E 1465 -10.59 96.93 7.64
CA CYS E 1465 -11.19 97.67 6.53
C CYS E 1465 -10.82 96.98 5.23
N ALA E 1466 -11.63 95.99 4.84
CA ALA E 1466 -11.39 95.24 3.62
C ALA E 1466 -12.69 94.62 3.15
N LEU E 1467 -12.71 94.23 1.88
CA LEU E 1467 -13.85 93.54 1.26
C LEU E 1467 -15.11 94.40 1.32
N GLY E 1468 -15.03 95.61 0.79
CA GLY E 1468 -16.18 96.47 0.70
C GLY E 1468 -16.59 97.16 1.98
N ASN E 1469 -15.71 97.21 2.98
CA ASN E 1469 -16.03 97.88 4.25
C ASN E 1469 -15.66 99.36 4.13
N ASN E 1470 -16.55 100.10 3.48
CA ASN E 1470 -16.30 101.53 3.25
C ASN E 1470 -16.66 102.39 4.46
N ARG E 1471 -17.54 101.90 5.33
CA ARG E 1471 -17.92 102.69 6.51
C ARG E 1471 -16.76 102.82 7.49
N VAL E 1472 -16.16 101.69 7.86
CA VAL E 1472 -15.03 101.72 8.79
C VAL E 1472 -13.77 102.25 8.11
N ALA E 1473 -13.71 102.22 6.77
CA ALA E 1473 -12.54 102.73 6.08
C ALA E 1473 -12.36 104.22 6.30
N HIS E 1474 -13.45 104.95 6.56
CA HIS E 1474 -13.34 106.37 6.86
C HIS E 1474 -12.67 106.62 8.21
N ALA E 1475 -12.79 105.67 9.14
CA ALA E 1475 -12.17 105.85 10.45
C ALA E 1475 -10.65 105.83 10.36
N LEU E 1476 -10.09 105.02 9.45
CA LEU E 1476 -8.64 104.97 9.28
C LEU E 1476 -8.09 106.25 8.65
N CYS E 1477 -8.93 107.01 7.96
CA CYS E 1477 -8.49 108.27 7.35
C CYS E 1477 -8.14 109.32 8.40
N SER E 1478 -8.62 109.15 9.63
CA SER E 1478 -8.28 110.10 10.69
C SER E 1478 -6.87 109.85 11.23
N HIS E 1479 -6.49 108.59 11.38
CA HIS E 1479 -5.16 108.28 11.90
C HIS E 1479 -4.09 108.56 10.87
N VAL E 1480 -4.35 108.25 9.59
CA VAL E 1480 -3.43 108.52 8.50
C VAL E 1480 -4.19 109.27 7.42
N ASP E 1481 -3.63 110.40 6.98
CA ASP E 1481 -4.26 111.23 5.96
C ASP E 1481 -3.55 111.04 4.63
N GLN E 1482 -4.01 111.78 3.62
CA GLN E 1482 -3.40 111.71 2.30
C GLN E 1482 -2.02 112.36 2.29
N ALA E 1483 -1.78 113.31 3.21
CA ALA E 1483 -0.46 113.92 3.31
C ALA E 1483 0.51 113.07 4.13
N GLN E 1484 0.00 112.24 5.03
CA GLN E 1484 0.88 111.37 5.82
C GLN E 1484 1.21 110.08 5.08
N LEU E 1485 0.24 109.52 4.36
CA LEU E 1485 0.47 108.27 3.65
C LEU E 1485 1.35 108.49 2.42
N LEU E 1486 1.19 109.62 1.74
CA LEU E 1486 2.01 109.90 0.57
C LEU E 1486 3.45 110.26 0.94
N HIS E 1487 3.68 110.73 2.17
CA HIS E 1487 5.04 111.07 2.58
C HIS E 1487 5.90 109.83 2.77
N ALA E 1488 5.30 108.71 3.21
CA ALA E 1488 6.06 107.49 3.40
C ALA E 1488 6.40 106.80 2.09
N LEU E 1489 5.69 107.13 1.00
CA LEU E 1489 5.98 106.51 -0.29
C LEU E 1489 7.26 107.07 -0.91
N GLU E 1490 7.50 108.38 -0.74
CA GLU E 1490 8.68 109.01 -1.29
C GLU E 1490 9.93 108.75 -0.47
N ASP E 1491 9.77 108.35 0.80
CA ASP E 1491 10.92 108.10 1.65
C ASP E 1491 11.65 106.83 1.21
N ALA E 1492 12.96 106.96 0.99
CA ALA E 1492 13.79 105.83 0.57
C ALA E 1492 14.46 105.12 1.73
N HIS E 1493 14.68 105.80 2.85
CA HIS E 1493 15.30 105.20 4.02
C HIS E 1493 14.34 104.36 4.84
N LEU E 1494 13.09 104.21 4.40
CA LEU E 1494 12.14 103.41 5.15
C LEU E 1494 12.52 101.94 5.09
N PRO E 1495 12.41 101.20 6.19
CA PRO E 1495 12.78 99.77 6.18
C PRO E 1495 11.89 98.93 5.27
N GLY E 1496 12.23 97.65 5.14
CA GLY E 1496 11.51 96.75 4.27
C GLY E 1496 10.06 96.53 4.70
N PRO E 1497 9.86 95.91 5.86
CA PRO E 1497 8.48 95.66 6.32
C PRO E 1497 7.65 96.91 6.49
N LEU E 1498 8.28 98.05 6.82
CA LEU E 1498 7.51 99.28 6.97
C LEU E 1498 7.11 99.86 5.63
N ARG E 1499 7.88 99.58 4.58
CA ARG E 1499 7.54 100.08 3.24
C ARG E 1499 6.39 99.29 2.63
N ALA E 1500 6.45 97.95 2.71
CA ALA E 1500 5.38 97.12 2.17
C ALA E 1500 4.08 97.27 2.92
N GLY E 1501 4.13 97.69 4.19
CA GLY E 1501 2.90 97.87 4.95
C GLY E 1501 2.14 99.12 4.55
N TYR E 1502 2.86 100.23 4.35
CA TYR E 1502 2.20 101.47 3.96
C TYR E 1502 1.77 101.45 2.50
N TYR E 1503 2.52 100.76 1.64
CA TYR E 1503 2.13 100.65 0.24
C TYR E 1503 0.87 99.81 0.08
N ASP E 1504 0.74 98.75 0.89
CA ASP E 1504 -0.46 97.92 0.86
C ASP E 1504 -1.64 98.57 1.57
N LEU E 1505 -1.39 99.50 2.50
CA LEU E 1505 -2.47 100.19 3.17
C LEU E 1505 -3.19 101.16 2.25
N LEU E 1506 -2.46 101.73 1.28
CA LEU E 1506 -3.08 102.68 0.36
C LEU E 1506 -4.07 101.98 -0.57
N ILE E 1507 -3.73 100.78 -1.06
CA ILE E 1507 -4.61 100.05 -1.96
C ILE E 1507 -5.72 99.30 -1.22
N SER E 1508 -5.66 99.25 0.11
CA SER E 1508 -6.67 98.58 0.90
C SER E 1508 -7.68 99.54 1.53
N ILE E 1509 -7.53 100.84 1.29
CA ILE E 1509 -8.42 101.84 1.87
C ILE E 1509 -9.08 102.65 0.76
N HIS E 1510 -8.26 103.25 -0.10
CA HIS E 1510 -8.77 104.14 -1.14
C HIS E 1510 -8.98 103.44 -2.47
N LEU E 1511 -8.24 102.36 -2.74
CA LEU E 1511 -8.31 101.66 -4.02
C LEU E 1511 -8.61 100.19 -3.81
N GLU E 1512 -9.60 99.89 -2.97
CA GLU E 1512 -10.00 98.52 -2.68
C GLU E 1512 -11.42 98.22 -3.16
N SER E 1513 -12.38 99.09 -2.87
CA SER E 1513 -13.75 98.88 -3.32
C SER E 1513 -13.93 99.21 -4.80
N ALA E 1514 -13.03 99.98 -5.39
CA ALA E 1514 -13.15 100.34 -6.79
C ALA E 1514 -12.60 99.24 -7.70
N CYS E 1515 -11.55 98.55 -7.27
CA CYS E 1515 -10.98 97.49 -8.09
C CYS E 1515 -11.85 96.23 -8.09
N ARG E 1516 -12.55 95.97 -6.98
CA ARG E 1516 -13.42 94.81 -6.92
C ARG E 1516 -14.60 94.94 -7.87
N SER E 1517 -15.15 96.15 -8.00
CA SER E 1517 -16.27 96.36 -8.89
C SER E 1517 -15.84 96.48 -10.36
N ARG E 1518 -14.66 97.06 -10.61
CA ARG E 1518 -14.20 97.22 -11.99
C ARG E 1518 -13.71 95.90 -12.58
N ARG E 1519 -12.99 95.11 -11.79
CA ARG E 1519 -12.48 93.84 -12.29
C ARG E 1519 -13.61 92.86 -12.61
N SER E 1520 -14.70 92.90 -11.83
CA SER E 1520 -15.82 92.01 -12.11
C SER E 1520 -16.55 92.40 -13.38
N MET E 1521 -16.48 93.68 -13.78
CA MET E 1521 -17.10 94.16 -15.00
C MET E 1521 -16.16 94.06 -16.20
N LEU E 1522 -14.98 93.48 -16.03
CA LEU E 1522 -14.02 93.34 -17.12
C LEU E 1522 -14.21 92.04 -17.90
N SER E 1523 -14.96 91.08 -17.36
CA SER E 1523 -15.18 89.83 -18.08
C SER E 1523 -16.05 90.03 -19.31
N GLU E 1524 -17.09 90.85 -19.19
CA GLU E 1524 -17.97 91.12 -20.31
C GLU E 1524 -17.38 92.20 -21.21
N TYR E 1525 -17.73 92.15 -22.50
CA TYR E 1525 -17.26 93.10 -23.50
C TYR E 1525 -18.47 93.61 -24.28
N ILE E 1526 -19.08 94.69 -23.80
CA ILE E 1526 -20.23 95.31 -24.45
C ILE E 1526 -19.78 96.62 -25.08
N VAL E 1527 -20.37 96.96 -26.23
CA VAL E 1527 -20.02 98.17 -26.95
C VAL E 1527 -21.27 98.71 -27.64
N PRO E 1528 -21.57 100.01 -27.50
CA PRO E 1528 -22.71 100.58 -28.19
C PRO E 1528 -22.36 101.02 -29.60
N LEU E 1529 -23.36 101.01 -30.48
CA LEU E 1529 -23.19 101.42 -31.87
C LEU E 1529 -23.16 102.95 -31.91
N THR E 1530 -21.98 103.49 -31.68
CA THR E 1530 -21.76 104.93 -31.65
C THR E 1530 -20.80 105.34 -32.77
N PRO E 1531 -20.88 106.59 -33.24
CA PRO E 1531 -19.93 107.04 -34.27
C PRO E 1531 -18.48 106.97 -33.81
N GLU E 1532 -18.21 107.13 -32.52
CA GLU E 1532 -16.86 107.02 -32.03
C GLU E 1532 -16.36 105.57 -32.07
N THR E 1533 -17.27 104.61 -31.92
CA THR E 1533 -16.87 103.21 -31.97
C THR E 1533 -16.52 102.78 -33.39
N ARG E 1534 -17.11 103.42 -34.40
CA ARG E 1534 -16.81 103.07 -35.78
C ARG E 1534 -15.44 103.61 -36.23
N ALA E 1535 -14.86 104.55 -35.49
CA ALA E 1535 -13.57 105.09 -35.87
C ALA E 1535 -12.44 104.11 -35.63
N ILE E 1536 -12.60 103.22 -34.65
CA ILE E 1536 -11.55 102.24 -34.36
C ILE E 1536 -11.50 101.20 -35.48
N THR E 1537 -10.33 100.59 -35.63
CA THR E 1537 -10.11 99.57 -36.65
C THR E 1537 -9.07 98.57 -36.13
N LEU E 1538 -8.76 97.58 -36.97
CA LEU E 1538 -7.79 96.57 -36.58
C LEU E 1538 -6.37 97.14 -36.62
N PHE E 1539 -6.02 97.81 -37.71
CA PHE E 1539 -4.70 98.42 -37.85
C PHE E 1539 -4.82 99.93 -37.86
N PRO E 1540 -4.06 100.64 -37.03
CA PRO E 1540 -4.14 102.10 -37.01
C PRO E 1540 -3.47 102.69 -38.24
N PRO E 1541 -4.12 103.64 -38.92
CA PRO E 1541 -3.58 104.28 -40.11
C PRO E 1541 -2.40 105.21 -39.80
N ARG E 1542 3.37 95.16 -38.53
CA ARG E 1542 3.12 96.57 -38.22
C ARG E 1542 1.95 96.72 -37.27
N HIS E 1543 2.10 96.22 -36.05
CA HIS E 1543 1.05 96.30 -35.05
C HIS E 1543 1.06 97.68 -34.38
N GLY E 1544 0.21 97.84 -33.37
CA GLY E 1544 0.12 99.09 -32.65
C GLY E 1544 0.41 98.93 -31.17
N LEU E 1545 0.69 100.03 -30.48
CA LEU E 1545 0.98 99.96 -29.06
C LEU E 1545 -0.31 99.65 -28.28
N PRO E 1546 -0.24 98.74 -27.31
CA PRO E 1546 -1.45 98.42 -26.53
C PRO E 1546 -1.76 99.50 -25.51
N GLY E 1547 -3.05 99.81 -25.39
CA GLY E 1547 -3.53 100.78 -24.44
C GLY E 1547 -3.75 102.18 -24.99
N VAL E 1548 -3.13 102.51 -26.13
CA VAL E 1548 -3.30 103.84 -26.70
C VAL E 1548 -4.61 103.95 -27.49
N GLY E 1549 -5.16 102.84 -27.96
CA GLY E 1549 -6.40 102.89 -28.70
C GLY E 1549 -7.61 103.05 -27.80
N VAL E 1550 -8.65 103.69 -28.34
CA VAL E 1550 -9.86 103.91 -27.58
C VAL E 1550 -10.62 102.61 -27.40
N THR E 1551 -11.26 102.44 -26.25
CA THR E 1551 -11.99 101.21 -25.94
C THR E 1551 -13.45 101.31 -26.34
N THR E 1552 -14.09 102.47 -26.12
CA THR E 1552 -15.49 102.69 -26.46
C THR E 1552 -16.40 101.65 -25.81
N SER E 1553 -16.02 101.23 -24.60
CA SER E 1553 -16.77 100.24 -23.84
C SER E 1553 -17.49 100.91 -22.68
N LEU E 1554 -18.48 100.20 -22.14
CA LEU E 1554 -19.27 100.69 -21.03
C LEU E 1554 -18.57 100.34 -19.72
N ARG E 1555 -18.07 101.35 -19.01
CA ARG E 1555 -17.38 101.16 -17.74
C ARG E 1555 -18.05 102.05 -16.70
N PRO E 1556 -18.52 101.50 -15.57
CA PRO E 1556 -19.17 102.33 -14.57
C PRO E 1556 -18.13 103.14 -13.81
N PRO E 1557 -18.53 104.29 -13.24
CA PRO E 1557 -17.57 105.09 -12.47
C PRO E 1557 -17.24 104.47 -11.11
N HIS E 1558 -16.43 105.16 -10.32
CA HIS E 1558 -15.99 104.65 -9.03
C HIS E 1558 -16.77 105.26 -7.86
N HIS E 1559 -17.35 106.45 -8.03
CA HIS E 1559 -18.13 107.13 -7.00
C HIS E 1559 -17.29 107.36 -5.73
N PHE E 1560 -16.30 108.24 -5.89
CA PHE E 1560 -15.45 108.62 -4.77
C PHE E 1560 -16.13 109.67 -3.91
N SER E 1561 -15.84 109.64 -2.61
CA SER E 1561 -16.44 110.55 -1.65
C SER E 1561 -15.39 111.08 -0.70
N ALA E 1562 -15.48 112.37 -0.39
CA ALA E 1562 -14.53 112.98 0.53
C ALA E 1562 -14.75 112.44 1.94
N PRO E 1563 -13.69 112.41 2.77
CA PRO E 1563 -13.85 111.92 4.15
C PRO E 1563 -14.90 112.71 4.94
N CYS E 1564 -14.62 114.00 5.15
CA CYS E 1564 -15.54 114.90 5.85
C CYS E 1564 -15.91 114.36 7.23
N PHE E 1565 -15.06 114.61 8.23
CA PHE E 1565 -15.29 114.14 9.59
C PHE E 1565 -16.20 115.07 10.39
N VAL E 1566 -16.92 115.96 9.72
CA VAL E 1566 -17.85 116.88 10.37
C VAL E 1566 -19.23 116.69 9.74
N ALA E 1567 -20.16 116.13 10.51
CA ALA E 1567 -21.51 115.88 10.05
C ALA E 1567 -22.38 115.56 11.25
N ALA E 1568 -23.69 115.75 11.08
CA ALA E 1568 -24.66 115.43 12.11
C ALA E 1568 -25.17 114.01 11.92
N LEU E 1569 -25.29 113.27 13.02
CA LEU E 1569 -25.76 111.90 12.96
C LEU E 1569 -27.23 111.86 12.58
N PRO E 1570 -27.61 111.14 11.52
CA PRO E 1570 -29.01 111.06 11.07
C PRO E 1570 -29.47 109.61 10.89
N GLU E 1571 -31.68 100.18 5.90
CA GLU E 1571 -32.41 101.44 5.92
C GLU E 1571 -31.64 102.54 5.21
N ALA E 1572 -30.75 103.19 5.95
CA ALA E 1572 -29.95 104.26 5.37
C ALA E 1572 -28.88 103.67 4.43
N PRO E 1573 -28.66 104.29 3.28
CA PRO E 1573 -27.64 103.78 2.36
C PRO E 1573 -26.23 103.93 2.93
N ALA E 1574 -25.40 102.93 2.70
CA ALA E 1574 -24.04 102.95 3.19
C ALA E 1574 -23.21 103.98 2.42
N ARG E 1575 -22.23 104.55 3.11
CA ARG E 1575 -21.38 105.56 2.51
C ARG E 1575 -20.44 104.93 1.48
N LEU E 1576 -19.91 105.77 0.60
CA LEU E 1576 -19.01 105.32 -0.45
C LEU E 1576 -17.58 105.19 0.09
N SER E 1577 -16.63 104.98 -0.80
CA SER E 1577 -15.23 104.85 -0.40
C SER E 1577 -14.59 106.22 -0.25
N PRO E 1578 -13.58 106.34 0.61
CA PRO E 1578 -12.88 107.62 0.75
C PRO E 1578 -12.16 108.02 -0.53
N SER E 1579 -12.15 109.32 -0.80
CA SER E 1579 -11.56 109.85 -2.01
C SER E 1579 -10.06 110.10 -1.83
N ILE E 1580 -9.31 109.91 -2.91
CA ILE E 1580 -7.87 110.14 -2.91
C ILE E 1580 -7.52 110.91 -4.19
N PRO E 1581 -6.63 111.91 -4.13
CA PRO E 1581 -6.26 112.63 -5.35
C PRO E 1581 -5.56 111.73 -6.36
N LEU E 1582 -6.27 111.39 -7.44
CA LEU E 1582 -5.68 110.52 -8.46
C LEU E 1582 -4.63 111.24 -9.28
N GLU E 1583 -4.75 112.56 -9.44
CA GLU E 1583 -3.75 113.31 -10.20
C GLU E 1583 -2.41 113.37 -9.47
N ALA E 1584 -2.43 113.37 -8.14
CA ALA E 1584 -1.17 113.37 -7.39
C ALA E 1584 -0.52 112.00 -7.40
N LEU E 1585 -1.31 110.94 -7.24
CA LEU E 1585 -0.74 109.59 -7.24
C LEU E 1585 -0.25 109.18 -8.62
N ARG E 1586 -0.81 109.77 -9.68
CA ARG E 1586 -0.38 109.43 -11.03
C ARG E 1586 1.02 109.95 -11.31
N ASP E 1587 1.30 111.19 -10.92
CA ASP E 1587 2.63 111.76 -11.16
C ASP E 1587 3.68 111.13 -10.25
N LYS E 1588 3.29 110.72 -9.05
CA LYS E 1588 4.26 110.10 -8.13
C LYS E 1588 4.54 108.65 -8.49
N ALA E 1589 3.60 107.98 -9.15
CA ALA E 1589 3.83 106.59 -9.54
C ALA E 1589 4.88 106.49 -10.64
N LEU E 1590 4.83 107.39 -11.62
CA LEU E 1590 5.81 107.37 -12.71
C LEU E 1590 7.16 107.92 -12.24
N ARG E 1591 7.16 108.88 -11.32
CA ARG E 1591 8.41 109.46 -10.85
C ARG E 1591 9.16 108.48 -9.95
N MET E 1592 8.46 107.81 -9.04
CA MET E 1592 9.11 106.86 -8.16
C MET E 1592 9.58 105.62 -8.91
N LEU E 1593 8.87 105.24 -9.98
CA LEU E 1593 9.27 104.07 -10.76
C LEU E 1593 10.57 104.33 -11.52
N GLY E 1594 10.78 105.56 -11.97
CA GLY E 1594 12.00 105.87 -12.70
C GLY E 1594 13.25 105.79 -11.84
N GLU E 1595 13.12 106.05 -10.54
CA GLU E 1595 14.27 105.99 -9.65
C GLU E 1595 14.67 104.54 -9.36
N ALA E 1596 13.70 103.63 -9.29
CA ALA E 1596 14.01 102.23 -9.02
C ALA E 1596 14.69 101.56 -10.20
N VAL E 1597 14.33 101.94 -11.42
CA VAL E 1597 14.95 101.34 -12.60
C VAL E 1597 16.41 101.78 -12.71
N ARG E 1598 16.69 103.05 -12.44
CA ARG E 1598 18.08 103.53 -12.51
C ARG E 1598 18.93 102.91 -11.41
N ASP E 1599 18.34 102.69 -10.23
CA ASP E 1599 19.08 102.08 -9.13
C ASP E 1599 19.25 100.58 -9.32
N GLY E 1600 18.29 99.92 -9.96
CA GLY E 1600 18.41 98.48 -10.18
C GLY E 1600 19.47 98.13 -11.20
N GLY E 1601 19.61 98.95 -12.23
CA GLY E 1601 20.61 98.69 -13.26
C GLY E 1601 22.04 98.92 -12.78
N GLN E 1602 22.20 99.79 -11.79
CA GLN E 1602 23.53 100.08 -11.25
C GLN E 1602 24.02 99.00 -10.29
N HIS E 1603 23.13 98.11 -9.83
CA HIS E 1603 23.48 97.04 -8.91
C HIS E 1603 24.11 97.59 -7.63
N ALA E 1604 23.37 98.49 -6.98
CA ALA E 1604 23.84 99.10 -5.74
C ALA E 1604 23.82 98.10 -4.60
N ARG E 1605 24.66 98.35 -3.60
CA ARG E 1605 24.75 97.45 -2.46
C ARG E 1605 23.62 97.68 -1.47
N ASP E 1606 23.18 98.93 -1.30
CA ASP E 1606 22.09 99.29 -0.37
C ASP E 1606 20.92 99.82 -1.19
N PRO E 1607 19.98 98.97 -1.57
CA PRO E 1607 18.81 99.42 -2.34
C PRO E 1607 17.78 100.07 -1.41
N VAL E 1608 16.70 100.53 -2.02
CA VAL E 1608 15.62 101.16 -1.27
C VAL E 1608 14.89 100.10 -0.46
N GLY E 1609 14.86 100.27 0.86
CA GLY E 1609 14.21 99.34 1.75
C GLY E 1609 15.10 98.27 2.33
N GLY E 1610 16.36 98.19 1.89
CA GLY E 1610 17.28 97.20 2.40
C GLY E 1610 17.35 95.91 1.61
N SER E 1611 16.48 95.72 0.62
CA SER E 1611 16.48 94.51 -0.18
C SER E 1611 15.97 94.83 -1.57
N VAL E 1612 16.38 94.01 -2.54
CA VAL E 1612 15.95 94.21 -3.92
C VAL E 1612 14.47 93.88 -4.09
N GLU E 1613 13.98 92.89 -3.33
CA GLU E 1613 12.57 92.52 -3.44
C GLU E 1613 11.65 93.61 -2.90
N PHE E 1614 12.02 94.21 -1.77
CA PHE E 1614 11.20 95.26 -1.17
C PHE E 1614 11.27 96.58 -1.93
N GLN E 1615 12.03 96.66 -3.01
CA GLN E 1615 12.15 97.88 -3.79
C GLN E 1615 11.19 97.93 -4.97
N PHE E 1616 10.87 96.78 -5.57
CA PHE E 1616 10.01 96.73 -6.74
C PHE E 1616 8.64 96.12 -6.48
N VAL E 1617 8.50 95.27 -5.46
CA VAL E 1617 7.22 94.63 -5.17
C VAL E 1617 6.20 95.66 -4.69
N PRO E 1618 6.51 96.52 -3.70
CA PRO E 1618 5.49 97.47 -3.26
C PRO E 1618 5.14 98.52 -4.31
N VAL E 1619 6.07 98.86 -5.20
CA VAL E 1619 5.80 99.89 -6.18
C VAL E 1619 5.05 99.31 -7.39
N LEU E 1620 5.17 98.01 -7.65
CA LEU E 1620 4.45 97.41 -8.76
C LEU E 1620 2.99 97.13 -8.42
N LYS E 1621 2.69 96.86 -7.16
CA LYS E 1621 1.31 96.64 -6.75
C LYS E 1621 0.46 97.91 -6.87
N LEU E 1622 1.10 99.08 -6.80
CA LEU E 1622 0.36 100.34 -6.97
C LEU E 1622 0.12 100.66 -8.43
N VAL E 1623 1.13 100.42 -9.29
CA VAL E 1623 0.97 100.69 -10.71
C VAL E 1623 0.01 99.70 -11.34
N SER E 1624 0.09 98.43 -10.96
CA SER E 1624 -0.81 97.43 -11.50
C SER E 1624 -2.24 97.66 -11.06
N THR E 1625 -2.44 98.23 -9.86
CA THR E 1625 -3.79 98.52 -9.39
C THR E 1625 -4.38 99.74 -10.11
N LEU E 1626 -3.55 100.75 -10.39
CA LEU E 1626 -4.02 101.94 -11.06
C LEU E 1626 -4.31 101.73 -12.55
N LEU E 1627 -3.98 100.55 -13.08
CA LEU E 1627 -4.22 100.28 -14.49
C LEU E 1627 -5.57 99.64 -14.76
N VAL E 1628 -6.06 98.78 -13.86
CA VAL E 1628 -7.32 98.11 -14.10
C VAL E 1628 -8.49 99.09 -14.00
N MET E 1629 -8.35 100.15 -13.21
CA MET E 1629 -9.39 101.17 -13.13
C MET E 1629 -9.30 102.20 -14.26
N GLY E 1630 -8.26 102.13 -15.09
CA GLY E 1630 -8.13 103.08 -16.17
C GLY E 1630 -7.84 104.50 -15.73
N ILE E 1631 -7.14 104.66 -14.61
CA ILE E 1631 -6.82 106.02 -14.12
C ILE E 1631 -5.74 106.64 -14.98
N PHE E 1632 -4.78 105.85 -15.44
CA PHE E 1632 -3.71 106.37 -16.27
C PHE E 1632 -4.23 106.74 -17.65
N GLY E 1633 -3.76 107.86 -18.18
CA GLY E 1633 -4.16 108.34 -19.47
C GLY E 1633 -3.32 107.76 -20.59
N ASP E 1634 -3.44 108.38 -21.77
CA ASP E 1634 -2.68 107.90 -22.93
C ASP E 1634 -1.20 108.23 -22.80
N GLU E 1635 -0.86 109.36 -22.16
CA GLU E 1635 0.54 109.72 -22.01
C GLU E 1635 1.24 108.83 -20.98
N ASP E 1636 0.50 108.28 -20.02
CA ASP E 1636 1.11 107.45 -19.00
C ASP E 1636 1.49 106.07 -19.54
N VAL E 1637 0.76 105.58 -20.54
CA VAL E 1637 1.08 104.27 -21.10
C VAL E 1637 2.40 104.31 -21.86
N LYS E 1638 2.71 105.44 -22.49
CA LYS E 1638 3.97 105.57 -23.22
C LYS E 1638 5.16 105.54 -22.27
N GLN E 1639 5.00 106.03 -21.04
CA GLN E 1639 6.11 106.03 -20.09
C GLN E 1639 6.31 104.67 -19.46
N ILE E 1640 5.22 103.93 -19.20
CA ILE E 1640 5.35 102.61 -18.59
C ILE E 1640 5.96 101.62 -19.57
N LEU E 1641 5.49 101.64 -20.82
CA LEU E 1641 6.01 100.71 -21.81
C LEU E 1641 7.46 101.02 -22.17
N LYS E 1642 7.88 102.27 -22.05
CA LYS E 1642 9.26 102.62 -22.37
C LYS E 1642 10.23 102.14 -21.29
N MET E 1643 9.80 102.13 -20.03
CA MET E 1643 10.68 101.68 -18.96
C MET E 1643 10.84 100.17 -18.94
N ILE E 1644 9.81 99.42 -19.38
CA ILE E 1644 9.90 97.97 -19.41
C ILE E 1644 10.38 97.43 -20.75
N GLU E 1645 10.38 98.26 -21.79
CA GLU E 1645 10.82 97.82 -23.11
C GLU E 1645 11.38 99.02 -23.89
N PRO E 1646 12.69 99.05 -24.13
CA PRO E 1646 13.28 100.19 -24.86
C PRO E 1646 12.99 100.19 -26.35
N GLU E 1647 12.40 99.12 -26.89
CA GLU E 1647 12.11 99.03 -28.31
C GLU E 1647 10.72 99.56 -28.66
N VAL E 1648 10.04 100.20 -27.71
CA VAL E 1648 8.71 100.74 -27.96
C VAL E 1648 8.72 102.27 -27.97
N GLU E 1649 16.72 103.99 -21.12
CA GLU E 1649 18.16 103.86 -20.92
C GLU E 1649 18.54 102.46 -20.47
N GLU E 1650 17.54 101.69 -20.08
CA GLU E 1650 17.75 100.32 -19.61
C GLU E 1650 16.47 99.52 -19.80
N GLY E 1651 16.56 98.22 -19.54
CA GLY E 1651 15.42 97.35 -19.69
C GLY E 1651 15.06 96.63 -18.40
N LEU E 1652 13.81 96.79 -17.95
CA LEU E 1652 13.37 96.14 -16.72
C LEU E 1652 13.27 94.63 -16.90
N LEU E 1653 12.82 94.18 -18.08
CA LEU E 1653 12.71 92.76 -18.35
C LEU E 1653 14.04 92.10 -18.67
N GLN E 1654 15.09 92.88 -18.88
CA GLN E 1654 16.42 92.34 -19.21
C GLN E 1654 17.37 92.37 -18.02
N MET E 1655 16.86 92.64 -16.82
CA MET E 1655 17.68 92.69 -15.61
C MET E 1655 17.37 91.49 -14.72
N LYS E 1656 18.40 91.06 -13.98
CA LYS E 1656 18.23 89.94 -13.06
C LYS E 1656 17.33 90.35 -11.90
N LEU E 1657 16.19 89.69 -11.78
CA LEU E 1657 15.20 90.01 -10.76
C LEU E 1657 14.82 88.77 -9.98
N PRO E 1658 14.53 88.90 -8.68
CA PRO E 1658 14.13 87.72 -7.89
C PRO E 1658 12.77 87.18 -8.29
N GLU E 1659 12.34 86.10 -7.63
CA GLU E 1659 11.06 85.48 -7.95
C GLU E 1659 9.88 86.22 -7.36
N SER E 1660 10.08 87.01 -6.30
CA SER E 1660 8.97 87.72 -5.69
C SER E 1660 8.43 88.82 -6.59
N VAL E 1661 9.34 89.56 -7.25
CA VAL E 1661 8.90 90.64 -8.12
C VAL E 1661 8.32 90.09 -9.42
N LYS E 1662 8.82 88.93 -9.88
CA LYS E 1662 8.31 88.33 -11.10
C LYS E 1662 6.86 87.87 -10.97
N LEU E 1663 6.38 87.65 -9.74
CA LEU E 1663 4.99 87.30 -9.54
C LEU E 1663 4.08 88.49 -9.90
N GLN E 1664 4.46 89.69 -9.45
CA GLN E 1664 3.69 90.88 -9.81
C GLN E 1664 3.93 91.30 -11.26
N MET E 1665 5.04 90.88 -11.85
CA MET E 1665 5.30 91.21 -13.26
C MET E 1665 4.34 90.49 -14.19
N CYS E 1666 3.95 89.26 -13.84
CA CYS E 1666 2.98 88.54 -14.67
C CYS E 1666 1.62 89.22 -14.67
N ASN E 1667 1.22 89.81 -13.53
CA ASN E 1667 -0.04 90.55 -13.48
C ASN E 1667 0.03 91.84 -14.28
N LEU E 1668 1.23 92.40 -14.47
CA LEU E 1668 1.36 93.62 -15.27
C LEU E 1668 1.20 93.32 -16.75
N LEU E 1669 1.87 92.28 -17.24
CA LEU E 1669 1.74 91.90 -18.64
C LEU E 1669 0.38 91.30 -18.96
N GLU E 1670 -0.31 90.75 -17.97
CA GLU E 1670 -1.64 90.20 -18.21
C GLU E 1670 -2.65 91.29 -18.51
N TYR E 1671 -2.47 92.48 -17.93
CA TYR E 1671 -3.39 93.58 -18.20
C TYR E 1671 -3.25 94.08 -19.63
N PHE E 1672 -2.02 94.22 -20.11
CA PHE E 1672 -1.80 94.66 -21.49
C PHE E 1672 -2.23 93.58 -22.48
N CYS E 1673 -2.15 92.31 -22.09
CA CYS E 1673 -2.63 91.24 -22.97
C CYS E 1673 -4.15 91.27 -23.09
N ASP E 1674 -4.85 91.66 -22.03
CA ASP E 1674 -6.30 91.76 -22.09
C ASP E 1674 -6.75 93.01 -22.83
N GLN E 1675 -5.92 94.05 -22.87
CA GLN E 1675 -6.27 95.25 -23.62
C GLN E 1675 -6.25 95.00 -25.13
N GLU E 1676 -5.39 94.07 -25.58
CA GLU E 1676 -5.38 93.71 -26.99
C GLU E 1676 -6.63 92.93 -27.37
N LEU E 1677 -7.06 92.01 -26.50
CA LEU E 1677 -8.29 91.27 -26.76
C LEU E 1677 -9.50 92.20 -26.77
N GLN E 1678 -9.54 93.14 -25.82
CA GLN E 1678 -10.64 94.10 -25.79
C GLN E 1678 -10.61 95.01 -27.03
N HIS E 1679 -9.40 95.34 -27.50
CA HIS E 1679 -9.28 96.12 -28.74
C HIS E 1679 -9.68 95.30 -29.96
N ARG E 1680 -9.45 93.98 -29.93
CA ARG E 1680 -9.81 93.13 -31.06
C ARG E 1680 -11.30 92.86 -31.10
N VAL E 1681 -11.94 92.66 -29.94
CA VAL E 1681 -13.37 92.43 -29.91
C VAL E 1681 -14.13 93.69 -30.32
N GLU E 1682 -13.65 94.85 -29.88
CA GLU E 1682 -14.29 96.11 -30.28
C GLU E 1682 -14.14 96.35 -31.77
N SER E 1683 -13.06 95.88 -32.38
CA SER E 1683 -12.90 96.03 -33.82
C SER E 1683 -13.81 95.08 -34.58
N LEU E 1684 -14.15 93.93 -33.98
CA LEU E 1684 -15.05 92.99 -34.64
C LEU E 1684 -16.47 93.53 -34.68
N ALA E 1685 -16.89 94.25 -33.64
CA ALA E 1685 -18.22 94.83 -33.63
C ALA E 1685 -18.35 95.98 -34.62
N ALA E 1686 -17.26 96.71 -34.85
CA ALA E 1686 -17.30 97.79 -35.83
C ALA E 1686 -17.43 97.25 -37.25
N PHE E 1687 -16.71 96.17 -37.57
CA PHE E 1687 -16.84 95.56 -38.88
C PHE E 1687 -18.18 94.87 -39.04
N ALA E 1688 -18.75 94.35 -37.95
CA ALA E 1688 -20.05 93.68 -38.03
C ALA E 1688 -21.17 94.67 -38.32
N GLU E 1689 -21.07 95.88 -37.77
CA GLU E 1689 -22.11 96.88 -38.01
C GLU E 1689 -22.08 97.36 -39.45
N ARG E 1690 -20.88 97.56 -40.00
CA ARG E 1690 -20.78 98.02 -41.39
C ARG E 1690 -21.15 96.91 -42.37
N TYR E 1691 -20.88 95.65 -42.00
CA TYR E 1691 -21.22 94.53 -42.89
C TYR E 1691 -22.71 94.23 -42.86
N VAL E 1692 -23.34 94.34 -41.70
CA VAL E 1692 -24.78 94.09 -41.62
C VAL E 1692 -25.56 95.24 -42.25
N ASP E 1693 -24.96 96.44 -42.31
CA ASP E 1693 -25.63 97.55 -42.97
C ASP E 1693 -25.65 97.36 -44.48
N LYS E 1694 -24.55 96.85 -45.05
CA LYS E 1694 -24.53 96.55 -46.47
C LYS E 1694 -25.39 95.33 -46.79
N LEU E 1695 -25.49 94.38 -45.86
CA LEU E 1695 -26.33 93.20 -46.08
C LEU E 1695 -27.81 93.54 -45.99
N GLN E 1696 -28.16 94.60 -45.25
CA GLN E 1696 -29.56 95.00 -45.14
C GLN E 1696 -30.09 95.51 -46.49
N ALA E 1697 -29.29 96.29 -47.20
CA ALA E 1697 -29.73 96.80 -48.50
C ALA E 1697 -29.80 95.69 -49.54
N ASN E 1698 -28.99 94.64 -49.41
CA ASN E 1698 -29.02 93.54 -50.36
C ASN E 1698 -30.26 92.68 -50.19
N GLN E 1699 -30.77 92.56 -48.95
CA GLN E 1699 -31.94 91.73 -48.72
C GLN E 1699 -33.20 92.39 -49.27
N ARG E 1700 -33.37 93.70 -49.02
CA ARG E 1700 -34.55 94.40 -49.52
C ARG E 1700 -34.50 94.57 -51.03
N ASP E 1701 -33.30 94.61 -51.61
CA ASP E 1701 -33.19 94.72 -53.06
C ASP E 1701 -33.61 93.43 -53.75
N ARG E 1702 -33.24 92.28 -53.17
CA ARG E 1702 -33.64 91.00 -53.76
C ARG E 1702 -35.13 90.74 -53.54
N TYR E 1703 -35.68 91.22 -52.43
CA TYR E 1703 -37.11 91.02 -52.17
C TYR E 1703 -37.97 91.84 -53.12
N GLY E 1704 -37.45 92.96 -53.62
CA GLY E 1704 -38.19 93.82 -54.51
C GLY E 1704 -38.27 93.29 -55.93
N ILE E 1705 -37.17 92.73 -56.43
CA ILE E 1705 -37.15 92.23 -57.79
C ILE E 1705 -37.90 90.91 -57.93
N LEU E 1706 -38.04 90.16 -56.83
CA LEU E 1706 -38.76 88.89 -56.89
C LEU E 1706 -40.27 89.10 -56.90
N MET E 1707 -40.76 90.05 -56.10
CA MET E 1707 -42.19 90.31 -56.05
C MET E 1707 -42.68 91.08 -57.27
N LYS E 1708 -41.85 91.95 -57.83
CA LYS E 1708 -42.27 92.73 -58.99
C LYS E 1708 -42.25 91.91 -60.27
N ALA E 1709 -41.17 91.17 -60.49
CA ALA E 1709 -41.06 90.36 -61.70
C ALA E 1709 -41.75 89.02 -61.50
N PHE E 1710 -42.44 88.56 -62.55
CA PHE E 1710 -43.14 87.28 -62.49
C PHE E 1710 -42.15 86.13 -62.49
N THR E 1711 -42.46 85.11 -61.70
CA THR E 1711 -41.59 83.94 -61.61
C THR E 1711 -41.67 83.11 -62.87
N MET E 1712 -40.53 82.52 -63.25
CA MET E 1712 -40.49 81.68 -64.45
C MET E 1712 -41.23 80.36 -64.22
N THR E 1713 -41.09 79.77 -63.05
CA THR E 1713 -41.75 78.51 -62.74
C THR E 1713 -42.05 78.47 -61.24
N ALA E 1714 -42.78 77.43 -60.83
CA ALA E 1714 -43.12 77.28 -59.42
C ALA E 1714 -41.90 76.92 -58.59
N ALA E 1715 -40.97 76.15 -59.15
CA ALA E 1715 -39.76 75.77 -58.42
C ALA E 1715 -38.74 76.90 -58.35
N GLU E 1716 -38.80 77.86 -59.28
CA GLU E 1716 -37.86 78.97 -59.26
C GLU E 1716 -38.11 79.89 -58.07
N THR E 1717 -39.38 80.30 -57.88
CA THR E 1717 -39.71 81.18 -56.76
C THR E 1717 -39.70 80.43 -55.44
N ALA E 1718 -39.74 79.11 -55.44
CA ALA E 1718 -39.75 78.35 -54.20
C ALA E 1718 -38.38 78.42 -53.51
N ARG E 1719 -37.31 78.21 -54.27
CA ARG E 1719 -35.96 78.28 -53.71
C ARG E 1719 -35.53 79.70 -53.37
N ARG E 1720 -36.26 80.71 -53.83
CA ARG E 1720 -35.90 82.10 -53.55
C ARG E 1720 -36.61 82.65 -52.32
N THR E 1721 -37.83 82.20 -52.05
CA THR E 1721 -38.61 82.67 -50.91
C THR E 1721 -38.31 81.90 -49.63
N ARG E 1722 -37.45 80.88 -49.69
CA ARG E 1722 -37.13 80.09 -48.50
C ARG E 1722 -36.32 80.89 -47.49
N GLU E 1723 -35.62 81.94 -47.92
CA GLU E 1723 -34.83 82.75 -47.00
C GLU E 1723 -35.64 83.87 -46.35
N PHE E 1724 -36.72 84.31 -47.00
CA PHE E 1724 -37.55 85.37 -46.43
C PHE E 1724 -38.50 84.86 -45.37
N ARG E 1725 -38.71 83.54 -45.29
CA ARG E 1725 -39.55 82.94 -44.26
C ARG E 1725 -38.77 82.13 -43.24
N SER E 1726 -37.47 81.92 -43.46
CA SER E 1726 -36.65 81.20 -42.50
C SER E 1726 -36.43 82.05 -41.26
N PRO E 1727 -36.10 81.42 -40.13
CA PRO E 1727 -35.82 82.19 -38.92
C PRO E 1727 -34.61 83.08 -39.12
N PRO E 1728 -34.55 84.22 -38.42
CA PRO E 1728 -33.43 85.15 -38.61
C PRO E 1728 -32.07 84.53 -38.34
N GLN E 1729 -32.01 83.52 -37.47
CA GLN E 1729 -30.74 82.83 -37.24
C GLN E 1729 -30.33 82.01 -38.47
N GLU E 1730 -31.31 81.48 -39.21
CA GLU E 1730 -31.00 80.74 -40.42
C GLU E 1730 -30.74 81.66 -41.60
N GLN E 1731 -31.30 82.87 -41.58
CA GLN E 1731 -31.05 83.82 -42.67
C GLN E 1731 -29.59 84.26 -42.68
N ILE E 1732 -29.04 84.60 -41.51
CA ILE E 1732 -27.64 84.99 -41.44
C ILE E 1732 -26.73 83.80 -41.70
N ASN E 1733 -27.13 82.61 -41.23
CA ASN E 1733 -26.31 81.42 -41.45
C ASN E 1733 -26.27 81.03 -42.92
N MET E 1734 -27.29 81.41 -43.69
CA MET E 1734 -27.32 81.09 -45.11
C MET E 1734 -26.62 82.16 -45.96
N LEU E 1735 -26.82 83.43 -45.62
CA LEU E 1735 -26.19 84.50 -46.41
C LEU E 1735 -24.70 84.59 -46.15
N LEU E 1736 -24.25 84.17 -44.97
CA LEU E 1736 -22.84 84.21 -44.61
C LEU E 1736 -22.11 82.90 -44.89
N HIS E 1737 -22.79 81.93 -45.53
CA HIS E 1737 -22.18 80.64 -45.85
C HIS E 1737 -21.40 80.76 -47.15
N PHE E 1738 -20.30 81.50 -47.08
CA PHE E 1738 -19.42 81.73 -48.21
C PHE E 1738 -18.07 81.07 -47.97
N LYS E 1739 -17.54 80.41 -48.99
CA LYS E 1739 -16.25 79.72 -48.93
C LYS E 1739 -16.21 78.71 -47.79
N PRO E 1740 -27.61 82.09 -52.10
CA PRO E 1740 -26.24 82.57 -51.91
C PRO E 1740 -26.16 84.08 -51.73
N LEU E 1741 -25.12 84.70 -52.28
CA LEU E 1741 -24.92 86.13 -52.16
C LEU E 1741 -24.03 86.59 -53.31
N PRO E 1742 -24.16 87.85 -53.74
CA PRO E 1742 -23.30 88.33 -54.83
C PRO E 1742 -21.85 88.42 -54.40
N ASP E 1743 -20.95 88.31 -55.39
CA ASP E 1743 -19.53 88.35 -55.11
C ASP E 1743 -19.05 89.74 -54.72
N GLU E 1744 -19.84 90.78 -54.98
CA GLU E 1744 -19.42 92.13 -54.61
C GLU E 1744 -19.40 92.34 -53.11
N ILE E 1745 -20.25 91.62 -52.37
CA ILE E 1745 -20.28 91.75 -50.93
C ILE E 1745 -19.29 90.81 -50.24
N ARG E 1746 -18.94 89.69 -50.88
CA ARG E 1746 -18.03 88.74 -50.27
C ARG E 1746 -16.60 89.27 -50.19
N GLN E 1747 -16.26 90.29 -50.97
CA GLN E 1747 -14.91 90.84 -50.93
C GLN E 1747 -14.64 91.57 -49.61
N ASP E 1748 -15.68 92.14 -49.00
CA ASP E 1748 -15.50 92.83 -47.73
C ASP E 1748 -15.26 91.86 -46.59
N LEU E 1749 -15.96 90.72 -46.60
CA LEU E 1749 -15.79 89.74 -45.53
C LEU E 1749 -14.44 89.04 -45.64
N LEU E 1750 -14.01 88.72 -46.86
CA LEU E 1750 -12.73 88.04 -47.05
C LEU E 1750 -11.56 88.96 -46.71
N GLU E 1751 -11.73 90.27 -46.83
CA GLU E 1751 -10.66 91.20 -46.51
C GLU E 1751 -10.40 91.26 -45.01
N PHE E 1752 -11.46 91.29 -44.20
CA PHE E 1752 -11.30 91.35 -42.76
C PHE E 1752 -10.90 90.00 -42.18
N HIS E 1753 -11.35 88.90 -42.78
CA HIS E 1753 -10.99 87.58 -42.27
C HIS E 1753 -9.51 87.28 -42.49
N GLN E 1754 -8.97 87.69 -43.64
CA GLN E 1754 -7.56 87.50 -43.93
C GLN E 1754 -6.66 88.46 -43.16
N ASP E 1755 -7.21 89.55 -42.64
CA ASP E 1755 -6.45 90.52 -41.86
C ASP E 1755 -6.48 90.24 -40.37
N LEU E 1756 -7.54 89.60 -39.87
CA LEU E 1756 -7.63 89.30 -38.44
C LEU E 1756 -6.62 88.21 -38.05
N LEU E 1757 -6.38 87.25 -38.95
CA LEU E 1757 -5.41 86.20 -38.66
C LEU E 1757 -3.99 86.76 -38.61
N THR E 1758 -3.70 87.81 -39.37
CA THR E 1758 -2.37 88.41 -39.34
C THR E 1758 -2.11 89.11 -38.00
N HIS E 1759 -3.15 89.68 -37.39
CA HIS E 1759 -2.97 90.33 -36.09
C HIS E 1759 -2.81 89.30 -34.98
N CYS E 1760 -3.37 88.11 -35.15
CA CYS E 1760 -3.24 87.07 -34.13
C CYS E 1760 -1.84 86.48 -34.08
N GLY E 1761 -1.05 86.62 -35.15
CA GLY E 1761 0.30 86.12 -35.18
C GLY E 1761 0.53 84.91 -36.09
N ILE E 1762 -0.36 84.65 -37.05
CA ILE E 1762 -0.20 83.53 -37.98
C ILE E 1762 -0.36 84.06 -39.40
N GLN E 1763 0.30 83.37 -40.33
CA GLN E 1763 0.25 83.75 -41.74
C GLN E 1763 0.15 82.52 -42.64
N LEU E 1764 12.13 91.93 -33.29
CA LEU E 1764 10.87 91.73 -32.56
C LEU E 1764 9.74 92.53 -33.19
N GLN E 1765 9.53 93.74 -32.69
CA GLN E 1765 8.48 94.64 -33.17
C GLN E 1765 7.11 93.98 -33.10
N SER E 1766 6.85 93.30 -31.99
CA SER E 1766 5.57 92.62 -31.79
C SER E 1766 5.37 92.39 -30.30
N LEU E 1767 4.14 92.64 -29.83
CA LEU E 1767 3.83 92.42 -28.42
C LEU E 1767 3.84 90.93 -28.07
N GLN E 1768 3.39 90.10 -29.00
CA GLN E 1768 3.38 88.66 -28.75
C GLN E 1768 4.78 88.08 -28.75
N GLU E 1769 5.64 88.55 -29.66
CA GLU E 1769 7.00 88.02 -29.75
C GLU E 1769 7.85 88.45 -28.56
N LEU E 1770 7.56 89.61 -27.97
CA LEU E 1770 8.34 90.07 -26.82
C LEU E 1770 8.06 89.23 -25.59
N VAL E 1771 6.78 88.99 -25.29
CA VAL E 1771 6.43 88.20 -24.12
C VAL E 1771 6.71 86.72 -24.34
N SER E 1772 6.75 86.25 -25.58
CA SER E 1772 7.03 84.84 -25.84
C SER E 1772 8.48 84.49 -25.53
N HIS E 1773 9.39 85.44 -25.68
CA HIS E 1773 10.80 85.21 -25.40
C HIS E 1773 11.14 85.39 -23.92
N THR E 1774 10.35 86.20 -23.19
CA THR E 1774 10.62 86.40 -21.78
C THR E 1774 10.06 85.29 -20.91
N VAL E 1775 8.96 84.66 -21.34
CA VAL E 1775 8.38 83.58 -20.55
C VAL E 1775 9.26 82.33 -20.61
N VAL E 1776 9.97 82.11 -21.71
CA VAL E 1776 10.85 80.96 -21.83
C VAL E 1776 12.26 81.23 -21.31
N ARG E 1777 12.68 82.50 -21.26
CA ARG E 1777 14.01 82.81 -20.74
C ARG E 1777 14.06 82.71 -19.23
N TRP E 1778 12.98 83.10 -18.56
CA TRP E 1778 12.96 83.02 -17.09
C TRP E 1778 12.92 81.58 -16.60
N ALA E 1779 12.27 80.68 -17.35
CA ALA E 1779 12.19 79.29 -16.95
C ALA E 1779 13.44 78.49 -17.31
N GLN E 1780 14.28 79.01 -18.21
CA GLN E 1780 15.49 78.33 -18.62
C GLN E 1780 16.75 78.86 -17.96
N GLU E 1781 16.67 80.01 -17.29
CA GLU E 1781 17.82 80.61 -16.64
C GLU E 1781 18.01 80.10 -15.21
N ASP E 1782 16.94 80.07 -14.43
CA ASP E 1782 16.99 79.62 -13.05
C ASP E 1782 15.71 78.85 -12.73
N PHE E 1783 15.67 78.28 -11.53
CA PHE E 1783 14.51 77.53 -11.07
C PHE E 1783 13.49 78.48 -10.45
N VAL E 1784 12.21 78.17 -10.66
CA VAL E 1784 11.14 79.06 -10.17
C VAL E 1784 10.99 78.92 -8.66
N GLN E 1785 10.82 77.69 -8.17
CA GLN E 1785 10.62 77.41 -6.74
C GLN E 1785 9.47 78.24 -6.17
N SER E 1786 8.37 78.31 -6.91
CA SER E 1786 7.20 79.07 -6.50
C SER E 1786 5.94 78.45 -7.09
N PRO E 1787 5.02 77.95 -6.27
CA PRO E 1787 3.80 77.34 -6.84
C PRO E 1787 2.87 78.34 -7.48
N GLU E 1788 2.75 79.54 -6.90
CA GLU E 1788 1.85 80.55 -7.46
C GLU E 1788 2.40 81.20 -8.72
N LEU E 1789 3.71 81.12 -8.95
CA LEU E 1789 4.30 81.76 -10.12
C LEU E 1789 4.14 80.89 -11.37
N VAL E 1790 4.23 79.57 -11.21
CA VAL E 1790 4.13 78.68 -12.36
C VAL E 1790 2.73 78.72 -12.96
N ARG E 1791 1.71 78.78 -12.11
CA ARG E 1791 0.33 78.83 -12.60
C ARG E 1791 0.05 80.11 -13.36
N ALA E 1792 0.76 81.20 -13.03
CA ALA E 1792 0.58 82.46 -13.72
C ALA E 1792 1.57 82.65 -14.86
N MET E 1793 2.69 81.93 -14.85
CA MET E 1793 3.68 82.07 -15.92
C MET E 1793 3.19 81.43 -17.21
N PHE E 1794 2.85 80.13 -17.15
CA PHE E 1794 2.42 79.42 -18.36
C PHE E 1794 1.02 79.83 -18.79
N SER E 1795 0.21 80.40 -17.90
CA SER E 1795 -1.12 80.86 -18.29
C SER E 1795 -1.04 82.04 -19.25
N LEU E 1796 -0.03 82.89 -19.09
CA LEU E 1796 0.13 84.02 -20.00
C LEU E 1796 0.63 83.58 -21.37
N LEU E 1797 1.48 82.55 -21.40
CA LEU E 1797 1.99 82.06 -22.69
C LEU E 1797 0.90 81.38 -23.50
N HIS E 1798 -0.07 80.75 -22.84
CA HIS E 1798 -1.15 80.07 -23.57
C HIS E 1798 -2.03 81.06 -24.31
N ARG E 1799 -2.16 82.29 -23.82
CA ARG E 1799 -2.98 83.31 -24.44
C ARG E 1799 -2.23 84.07 -25.54
N GLN E 1800 -1.03 83.62 -25.91
CA GLN E 1800 -0.23 84.28 -26.95
C GLN E 1800 -0.07 83.45 -28.21
N TYR E 1801 0.31 82.17 -28.06
CA TYR E 1801 0.42 81.30 -29.23
C TYR E 1801 -0.95 80.94 -29.80
N ASP E 1802 -1.97 80.91 -28.95
CA ASP E 1802 -3.33 80.61 -29.38
C ASP E 1802 -3.99 81.91 -29.83
N GLY E 1803 -3.84 82.23 -31.12
CA GLY E 1803 -4.42 83.44 -31.66
C GLY E 1803 -5.93 83.42 -31.69
N LEU E 1804 -6.50 82.42 -32.36
CA LEU E 1804 -7.95 82.29 -32.43
C LEU E 1804 -8.54 81.64 -31.19
N GLY E 1805 -7.73 80.93 -30.40
CA GLY E 1805 -8.24 80.31 -29.20
C GLY E 1805 -8.60 81.30 -28.10
N GLU E 1806 -7.84 82.39 -28.00
CA GLU E 1806 -8.15 83.40 -26.99
C GLU E 1806 -9.42 84.16 -27.31
N LEU E 1807 -9.69 84.40 -28.59
CA LEU E 1807 -10.91 85.11 -28.98
C LEU E 1807 -12.14 84.24 -28.80
N LEU E 1808 -12.02 82.94 -29.08
CA LEU E 1808 -13.16 82.04 -28.97
C LEU E 1808 -13.65 81.90 -27.53
N ARG E 1809 -12.74 82.01 -26.55
CA ARG E 1809 -13.15 81.87 -25.16
C ARG E 1809 -13.92 83.09 -24.67
N ALA E 1810 -13.68 84.25 -25.26
CA ALA E 1810 -14.33 85.49 -24.86
C ALA E 1810 -15.31 86.02 -25.89
N LEU E 1811 -15.56 85.28 -26.98
CA LEU E 1811 -16.50 85.78 -28.00
C LEU E 1811 -17.95 85.69 -27.54
N PRO E 1812 -18.42 84.59 -26.95
CA PRO E 1812 -19.82 84.59 -26.47
C PRO E 1812 -20.11 85.62 -25.40
N ARG E 1813 -19.10 86.13 -24.70
CA ARG E 1813 -19.32 87.15 -23.70
C ARG E 1813 -19.58 88.52 -24.31
N ALA E 1814 -19.35 88.69 -25.61
CA ALA E 1814 -19.57 89.97 -26.25
C ALA E 1814 -21.06 90.21 -26.49
N TYR E 1815 -21.43 91.49 -26.59
CA TYR E 1815 -22.82 91.87 -26.80
C TYR E 1815 -22.86 93.27 -27.37
N THR E 1816 -23.90 93.54 -28.15
CA THR E 1816 -24.11 94.84 -28.78
C THR E 1816 -25.37 95.47 -28.20
N ILE E 1817 -25.23 96.67 -27.64
CA ILE E 1817 -26.35 97.39 -27.03
C ILE E 1817 -26.72 98.57 -27.91
N SER E 1818 -27.99 98.94 -27.87
CA SER E 1818 -28.47 100.05 -28.67
C SER E 1818 -27.97 101.38 -28.08
N PRO E 1819 -27.58 102.34 -28.92
CA PRO E 1819 -27.10 103.62 -28.40
C PRO E 1819 -28.20 104.53 -27.85
N SER E 1820 -29.47 104.11 -27.93
CA SER E 1820 -30.57 104.91 -27.42
C SER E 1820 -30.93 104.59 -25.97
N SER E 1821 -30.34 103.56 -25.40
CA SER E 1821 -30.60 103.16 -24.02
C SER E 1821 -29.30 103.04 -23.24
N VAL E 1822 -28.40 104.01 -23.42
CA VAL E 1822 -27.13 103.99 -22.71
C VAL E 1822 -27.33 104.32 -21.24
N GLU E 1823 -28.19 105.29 -20.94
CA GLU E 1823 -28.45 105.65 -19.55
C GLU E 1823 -29.12 104.52 -18.78
N ASP E 1824 -29.95 103.71 -19.46
CA ASP E 1824 -30.57 102.57 -18.80
C ASP E 1824 -29.57 101.45 -18.54
N THR E 1825 -28.57 101.31 -19.43
CA THR E 1825 -27.56 100.28 -19.23
C THR E 1825 -26.49 100.72 -18.24
N MET E 1826 -26.23 102.02 -18.15
CA MET E 1826 -25.27 102.52 -17.18
C MET E 1826 -25.70 102.21 -15.75
N SER E 1827 -26.99 102.44 -15.45
CA SER E 1827 -27.51 102.10 -14.13
C SER E 1827 -27.68 100.59 -13.96
N LEU E 1828 -27.72 99.83 -15.06
CA LEU E 1828 -27.81 98.38 -14.96
C LEU E 1828 -26.54 97.79 -14.38
N LEU E 1829 -25.38 98.11 -14.98
CA LEU E 1829 -24.12 97.62 -14.47
C LEU E 1829 -23.71 98.30 -13.17
N GLU E 1830 -24.24 99.50 -12.90
CA GLU E 1830 -23.94 100.17 -11.64
C GLU E 1830 -24.57 99.44 -10.47
N CYS E 1831 -25.85 99.06 -10.60
CA CYS E 1831 -26.49 98.26 -9.56
C CYS E 1831 -25.98 96.82 -9.59
N LEU E 1832 -25.51 96.34 -10.75
CA LEU E 1832 -24.95 95.00 -10.81
C LEU E 1832 -23.59 94.92 -10.15
N GLY E 1833 -22.82 96.02 -10.18
CA GLY E 1833 -21.56 96.07 -9.45
C GLY E 1833 -21.72 96.03 -7.96
N GLN E 1834 -22.88 96.45 -7.44
CA GLN E 1834 -23.13 96.39 -6.01
C GLN E 1834 -23.62 95.01 -5.58
N ILE E 1835 -24.40 94.34 -6.43
CA ILE E 1835 -24.92 93.02 -6.09
C ILE E 1835 -23.82 91.95 -6.15
N ARG E 1836 -22.70 92.25 -6.82
CA ARG E 1836 -21.60 91.30 -6.89
C ARG E 1836 -20.55 91.54 -5.80
N SER E 1837 -20.47 92.74 -5.26
CA SER E 1837 -19.57 93.03 -4.16
C SER E 1837 -20.16 92.68 -2.80
N LEU E 1838 -21.46 92.37 -2.74
CA LEU E 1838 -22.13 92.03 -1.49
C LEU E 1838 -22.24 90.54 -1.25
N LEU E 1839 -21.94 89.71 -2.26
CA LEU E 1839 -22.00 88.26 -2.05
C LEU E 1839 -20.78 87.74 -1.31
N ILE E 1840 -19.66 88.45 -1.34
CA ILE E 1840 -18.47 88.01 -0.63
C ILE E 1840 -18.63 88.21 0.87
N VAL E 1841 -19.29 89.30 1.26
CA VAL E 1841 -19.53 89.60 2.67
C VAL E 1841 -20.80 88.88 3.12
N GLN E 1842 -20.77 88.37 4.34
CA GLN E 1842 -21.93 87.65 4.88
C GLN E 1842 -23.11 88.58 5.05
N MET E 1843 -24.29 88.10 4.68
CA MET E 1843 -25.51 88.90 4.76
C MET E 1843 -25.88 89.12 6.22
N GLY E 1844 -25.95 90.39 6.62
CA GLY E 1844 -26.32 90.74 7.97
C GLY E 1844 -27.69 91.37 8.05
N PRO E 1845 -28.05 91.90 9.23
CA PRO E 1845 -29.36 92.55 9.36
C PRO E 1845 -29.50 93.79 8.49
N GLN E 1846 -28.54 94.73 8.57
CA GLN E 1846 -28.62 95.92 7.75
C GLN E 1846 -28.30 95.63 6.29
N GLU E 1847 -27.45 94.63 6.03
CA GLU E 1847 -27.12 94.26 4.67
C GLU E 1847 -28.26 93.54 3.96
N GLU E 1848 -29.27 93.09 4.69
CA GLU E 1848 -30.39 92.39 4.06
C GLU E 1848 -31.26 93.36 3.26
N ASN E 1849 -31.43 94.59 3.76
CA ASN E 1849 -32.23 95.58 3.07
C ASN E 1849 -31.52 96.18 1.86
N LEU E 1850 -30.23 95.89 1.68
CA LEU E 1850 -29.51 96.40 0.52
C LEU E 1850 -29.79 95.59 -0.73
N MET E 1851 -30.00 94.28 -0.60
CA MET E 1851 -30.28 93.45 -1.77
C MET E 1851 -31.72 93.60 -2.24
N ILE E 1852 -32.66 93.77 -1.30
CA ILE E 1852 -34.06 93.93 -1.68
C ILE E 1852 -34.29 95.25 -2.42
N GLN E 1853 -33.44 96.24 -2.22
CA GLN E 1853 -33.57 97.50 -2.95
C GLN E 1853 -32.91 97.42 -4.32
N SER E 1854 -31.78 96.70 -4.41
CA SER E 1854 -31.12 96.54 -5.71
C SER E 1854 -31.90 95.62 -6.63
N ILE E 1855 -32.57 94.61 -6.08
CA ILE E 1855 -33.38 93.72 -6.91
C ILE E 1855 -34.62 94.44 -7.42
N GLY E 1856 -35.27 95.22 -6.55
CA GLY E 1856 -36.43 95.97 -6.99
C GLY E 1856 -36.11 97.04 -8.02
N ASN E 1857 -34.88 97.55 -8.01
CA ASN E 1857 -34.48 98.55 -9.00
C ASN E 1857 -34.09 97.91 -10.33
N ILE E 1858 -33.51 96.71 -10.29
CA ILE E 1858 -33.15 96.02 -11.54
C ILE E 1858 -34.36 95.33 -12.16
N MET E 1859 -35.43 95.11 -11.41
CA MET E 1859 -36.64 94.49 -11.94
C MET E 1859 -37.57 95.51 -12.60
N ASN E 1860 -37.28 96.81 -12.46
CA ASN E 1860 -38.10 97.84 -13.10
C ASN E 1860 -37.25 98.66 -14.06
N ASN E 1861 -36.62 98.00 -15.02
CA ASN E 1861 -35.76 98.65 -16.00
C ASN E 1861 -36.23 98.31 -17.41
N LYS E 1862 -35.56 98.90 -18.40
CA LYS E 1862 -35.89 98.69 -19.80
C LYS E 1862 -35.02 97.64 -20.48
N VAL E 1863 -33.71 97.64 -20.19
CA VAL E 1863 -32.81 96.68 -20.83
C VAL E 1863 -33.08 95.27 -20.33
N PHE E 1864 -33.58 95.13 -19.10
CA PHE E 1864 -33.83 93.79 -18.56
C PHE E 1864 -34.95 93.09 -19.30
N TYR E 1865 -35.89 93.85 -19.88
CA TYR E 1865 -37.01 93.27 -20.61
C TYR E 1865 -36.92 93.53 -22.11
N GLN E 1866 -35.73 93.82 -22.62
CA GLN E 1866 -35.55 94.10 -24.04
C GLN E 1866 -34.39 93.27 -24.60
N HIS E 1867 -33.43 92.93 -23.75
CA HIS E 1867 -32.24 92.17 -24.16
C HIS E 1867 -32.11 90.95 -23.25
N PRO E 1868 -32.83 89.86 -23.56
CA PRO E 1868 -32.72 88.66 -22.72
C PRO E 1868 -31.36 87.99 -22.81
N ASN E 1869 -30.68 88.09 -23.94
CA ASN E 1869 -29.38 87.45 -24.09
C ASN E 1869 -28.28 88.17 -23.32
N LEU E 1870 -28.51 89.43 -22.94
CA LEU E 1870 -27.50 90.16 -22.17
C LEU E 1870 -27.37 89.63 -20.75
N MET E 1871 -28.48 89.14 -20.18
CA MET E 1871 -28.43 88.62 -18.81
C MET E 1871 -27.61 87.34 -18.71
N ARG E 1872 -27.63 86.52 -19.76
CA ARG E 1872 -26.87 85.27 -19.75
C ARG E 1872 -25.39 85.48 -20.02
N ALA E 1873 -25.02 86.60 -20.65
CA ALA E 1873 -23.61 86.86 -20.93
C ALA E 1873 -22.87 87.33 -19.68
N LEU E 1874 -23.47 88.24 -18.92
CA LEU E 1874 -22.85 88.74 -17.69
C LEU E 1874 -23.00 87.79 -16.52
N GLY E 1875 -23.89 86.80 -16.61
CA GLY E 1875 -24.06 85.85 -15.53
C GLY E 1875 -24.91 86.39 -14.39
N MET E 1876 -26.12 86.85 -14.71
CA MET E 1876 -27.00 87.41 -13.69
C MET E 1876 -27.62 86.31 -12.83
N HIS E 1877 -28.15 85.26 -13.46
CA HIS E 1877 -28.81 84.20 -12.69
C HIS E 1877 -27.83 83.38 -11.87
N GLU E 1878 -26.53 83.47 -12.17
CA GLU E 1878 -25.54 82.75 -11.37
C GLU E 1878 -25.23 83.46 -10.06
N THR E 1879 -25.17 84.79 -10.09
CA THR E 1879 -24.83 85.55 -8.89
C THR E 1879 -26.00 85.55 -7.90
N VAL E 1880 -27.23 85.59 -8.40
CA VAL E 1880 -28.39 85.59 -7.52
C VAL E 1880 -28.51 84.26 -6.78
N MET E 1881 -28.15 83.16 -7.45
CA MET E 1881 -28.22 81.85 -6.81
C MET E 1881 -27.06 81.61 -5.85
N GLU E 1882 -25.99 82.40 -5.95
CA GLU E 1882 -24.85 82.22 -5.05
C GLU E 1882 -25.15 82.73 -3.64
N VAL E 1883 -25.98 83.76 -3.52
CA VAL E 1883 -26.34 84.29 -2.20
C VAL E 1883 -27.45 83.48 -1.54
N MET E 1884 -28.13 82.62 -2.28
CA MET E 1884 -29.18 81.79 -1.70
C MET E 1884 -28.60 80.56 -1.00
N VAL E 1885 -27.51 80.00 -1.53
CA VAL E 1885 -26.91 78.82 -0.92
C VAL E 1885 -26.19 79.16 0.39
N ASN E 1886 -25.87 80.44 0.61
CA ASN E 1886 -25.20 80.82 1.85
C ASN E 1886 -26.21 81.07 2.97
N VAL E 1887 -27.34 81.70 2.65
CA VAL E 1887 -28.37 81.96 3.66
C VAL E 1887 -29.20 80.74 3.99
N LEU E 1888 -29.11 79.67 3.20
CA LEU E 1888 -29.86 78.45 3.45
C LEU E 1888 -29.00 77.43 4.20
N ARG E 1889 -32.91 81.25 8.71
CA ARG E 1889 -32.34 82.56 9.00
C ARG E 1889 -32.63 83.55 7.87
N PHE E 1890 -33.03 84.77 8.24
CA PHE E 1890 -33.36 85.84 7.32
C PHE E 1890 -34.44 85.40 6.34
N PRO E 1891 -35.71 85.39 6.76
CA PRO E 1891 -36.77 84.96 5.84
C PRO E 1891 -37.01 85.93 4.70
N LYS E 1892 -36.67 87.21 4.88
CA LYS E 1892 -36.89 88.18 3.82
C LYS E 1892 -35.90 88.03 2.66
N MET E 1893 -34.80 87.31 2.88
CA MET E 1893 -33.81 87.13 1.82
C MET E 1893 -34.27 86.11 0.78
N VAL E 1894 -34.82 84.98 1.24
CA VAL E 1894 -35.30 83.97 0.32
C VAL E 1894 -36.56 84.41 -0.41
N THR E 1895 -37.28 85.39 0.13
CA THR E 1895 -38.50 85.85 -0.52
C THR E 1895 -38.19 86.64 -1.79
N SER E 1896 -37.32 87.64 -1.68
CA SER E 1896 -37.00 88.47 -2.84
C SER E 1896 -36.10 87.74 -3.83
N CYS E 1897 -35.27 86.81 -3.33
CA CYS E 1897 -34.39 86.07 -4.23
C CYS E 1897 -35.17 85.12 -5.13
N CYS E 1898 -36.13 84.40 -4.56
CA CYS E 1898 -36.93 83.47 -5.35
C CYS E 1898 -37.97 84.20 -6.21
N ARG E 1899 -38.43 85.37 -5.76
CA ARG E 1899 -39.41 86.12 -6.53
C ARG E 1899 -38.80 86.63 -7.83
N PHE E 1900 -37.61 87.22 -7.76
CA PHE E 1900 -36.95 87.70 -8.98
C PHE E 1900 -36.53 86.55 -9.87
N LEU E 1901 -36.17 85.40 -9.30
CA LEU E 1901 -35.76 84.25 -10.10
C LEU E 1901 -36.91 83.62 -10.86
N CYS E 1902 -38.15 83.86 -10.43
CA CYS E 1902 -39.30 83.30 -11.12
C CYS E 1902 -39.58 84.02 -12.43
N TYR E 1903 -39.58 85.36 -12.41
CA TYR E 1903 -39.84 86.13 -13.61
C TYR E 1903 -38.67 86.09 -14.59
N PHE E 1904 -37.47 85.73 -14.12
CA PHE E 1904 -36.32 85.65 -15.02
C PHE E 1904 -36.47 84.51 -16.02
N CYS E 1905 -37.11 83.41 -15.63
CA CYS E 1905 -37.31 82.29 -16.54
C CYS E 1905 -38.42 82.57 -17.55
N ARG E 1906 -39.37 83.42 -17.21
CA ARG E 1906 -40.48 83.74 -18.09
C ARG E 1906 -40.12 84.78 -19.14
N ILE E 1907 -38.88 85.29 -19.15
CA ILE E 1907 -38.49 86.31 -20.11
C ILE E 1907 -38.32 85.70 -21.51
N SER E 1908 -37.40 84.74 -21.62
CA SER E 1908 -37.10 84.10 -22.89
C SER E 1908 -37.04 82.59 -22.71
N ARG E 1909 -37.08 81.88 -23.84
CA ARG E 1909 -37.00 80.42 -23.79
C ARG E 1909 -35.61 79.96 -23.38
N GLN E 1910 -34.57 80.69 -23.78
CA GLN E 1910 -33.21 80.30 -23.42
C GLN E 1910 -32.94 80.52 -21.93
N ASN E 1911 -33.61 81.48 -21.31
CA ASN E 1911 -33.42 81.72 -19.89
C ASN E 1911 -34.00 80.58 -19.06
N GLN E 1912 -35.09 79.96 -19.52
CA GLN E 1912 -35.67 78.84 -18.79
C GLN E 1912 -34.79 77.60 -18.86
N ARG E 1913 -34.02 77.44 -19.94
CA ARG E 1913 -33.15 76.29 -20.08
C ARG E 1913 -31.99 76.34 -19.07
N SER E 1914 -31.50 77.53 -18.76
CA SER E 1914 -30.39 77.64 -17.81
C SER E 1914 -30.85 77.26 -16.40
N MET E 1915 -32.09 77.57 -16.05
CA MET E 1915 -32.61 77.23 -14.73
C MET E 1915 -32.94 75.75 -14.59
N PHE E 1916 -33.03 75.02 -15.70
CA PHE E 1916 -33.35 73.60 -15.62
C PHE E 1916 -32.18 72.77 -15.10
N ASP E 1917 -30.95 73.26 -15.31
CA ASP E 1917 -29.78 72.50 -14.85
C ASP E 1917 -29.66 72.52 -13.33
N HIS E 1918 -30.21 73.53 -12.68
CA HIS E 1918 -30.18 73.65 -11.23
C HIS E 1918 -31.46 73.15 -10.58
N LEU E 1919 -32.20 72.27 -11.24
CA LEU E 1919 -33.45 71.77 -10.68
C LEU E 1919 -33.20 70.79 -9.54
N SER E 1920 -32.04 70.13 -9.53
CA SER E 1920 -31.75 69.16 -8.47
C SER E 1920 -31.56 69.84 -7.13
N TYR E 1921 -30.92 71.01 -7.12
CA TYR E 1921 -30.67 71.71 -5.87
C TYR E 1921 -31.92 72.42 -5.36
N LEU E 1922 -32.76 72.92 -6.27
CA LEU E 1922 -33.97 73.63 -5.86
C LEU E 1922 -34.98 72.68 -5.22
N LEU E 1923 -35.12 71.47 -5.77
CA LEU E 1923 -36.06 70.50 -5.22
C LEU E 1923 -35.55 69.92 -3.90
N GLU E 1924 -34.22 69.85 -3.73
CA GLU E 1924 -33.67 69.31 -2.49
C GLU E 1924 -33.91 70.26 -1.32
N ASN E 1925 -33.81 71.56 -1.57
CA ASN E 1925 -34.02 72.57 -0.54
C ASN E 1925 -35.41 73.20 -0.61
N SER E 1926 -36.42 72.43 -1.03
CA SER E 1926 -37.77 72.97 -1.12
C SER E 1926 -38.36 73.20 0.26
N GLY E 1927 -38.08 72.33 1.21
CA GLY E 1927 -38.61 72.47 2.56
C GLY E 1927 -37.98 73.59 3.33
N GLY E 1928 -40.31 82.07 3.40
CA GLY E 1928 -41.57 82.73 3.73
C GLY E 1928 -42.80 81.95 3.27
N MET E 1929 -43.90 82.11 3.99
CA MET E 1929 -45.13 81.41 3.65
C MET E 1929 -45.87 82.11 2.51
N GLN E 1930 -46.23 83.37 2.70
CA GLN E 1930 -46.92 84.13 1.68
C GLN E 1930 -45.93 84.73 0.69
N GLY E 1931 -46.38 84.93 -0.54
CA GLY E 1931 -45.55 85.50 -1.58
C GLY E 1931 -44.77 84.45 -2.34
N SER E 1932 -43.47 84.68 -2.52
CA SER E 1932 -42.64 83.74 -3.25
C SER E 1932 -42.22 82.58 -2.36
N THR E 1933 -41.79 81.49 -3.00
CA THR E 1933 -41.34 80.29 -2.33
C THR E 1933 -40.32 79.59 -3.20
N PRO E 1934 -39.34 78.91 -2.61
CA PRO E 1934 -38.33 78.21 -3.44
C PRO E 1934 -38.90 77.07 -4.26
N LEU E 1935 -40.13 76.65 -4.00
CA LEU E 1935 -40.74 75.59 -4.80
C LEU E 1935 -41.37 76.14 -6.08
N ASP E 1936 -41.80 77.40 -6.06
CA ASP E 1936 -42.42 77.97 -7.25
C ASP E 1936 -41.42 78.18 -8.38
N VAL E 1937 -40.16 78.49 -8.05
CA VAL E 1937 -39.15 78.68 -9.08
C VAL E 1937 -38.80 77.37 -9.76
N ALA E 1938 -39.05 76.23 -9.10
CA ALA E 1938 -38.81 74.94 -9.75
C ALA E 1938 -39.88 74.64 -10.79
N ALA E 1939 -41.13 75.04 -10.52
CA ALA E 1939 -42.20 74.84 -11.48
C ALA E 1939 -42.16 75.86 -12.61
N ALA E 1940 -41.71 77.09 -12.31
CA ALA E 1940 -41.63 78.11 -13.35
C ALA E 1940 -40.53 77.82 -14.36
N SER E 1941 -39.61 76.91 -14.06
CA SER E 1941 -38.54 76.54 -14.97
C SER E 1941 -38.88 75.31 -15.80
N VAL E 1942 -40.14 74.91 -15.85
CA VAL E 1942 -40.55 73.73 -16.60
C VAL E 1942 -41.94 73.95 -17.17
N ILE E 1943 -42.64 74.97 -16.68
CA ILE E 1943 -43.99 75.24 -17.13
C ILE E 1943 -43.96 75.92 -18.49
N ASP E 1944 -45.00 75.66 -19.29
CA ASP E 1944 -45.16 76.27 -20.62
C ASP E 1944 -43.96 75.97 -21.52
N ASN E 1945 -43.46 74.74 -21.46
CA ASN E 1945 -42.33 74.34 -22.28
C ASN E 1945 -42.32 72.82 -22.37
N ASN E 1946 -42.35 72.30 -23.60
CA ASN E 1946 -42.42 70.86 -23.81
C ASN E 1946 -41.06 70.21 -23.91
N GLU E 1947 -40.03 70.95 -24.35
CA GLU E 1947 -38.70 70.36 -24.49
C GLU E 1947 -38.09 70.04 -23.13
N LEU E 1948 -38.17 71.00 -22.19
CA LEU E 1948 -37.62 70.78 -20.86
C LEU E 1948 -38.44 69.75 -20.07
N ALA E 1949 -39.69 69.53 -20.44
CA ALA E 1949 -40.50 68.51 -19.78
C ALA E 1949 -40.17 67.11 -20.25
N LEU E 1950 -39.64 66.96 -21.46
CA LEU E 1950 -39.29 65.63 -21.97
C LEU E 1950 -37.94 65.17 -21.44
N ALA E 1951 -36.98 66.08 -21.33
CA ALA E 1951 -35.64 65.74 -20.85
C ALA E 1951 -35.55 65.72 -19.32
N LEU E 1952 -36.67 65.72 -18.62
CA LEU E 1952 -36.65 65.68 -17.17
C LEU E 1952 -36.23 64.30 -16.68
N GLN E 1953 -35.27 64.27 -15.76
CA GLN E 1953 -34.76 63.02 -15.23
C GLN E 1953 -35.76 62.40 -14.25
N GLU E 1954 -35.52 61.13 -13.92
CA GLU E 1954 -36.40 60.42 -12.99
C GLU E 1954 -36.08 60.77 -11.54
N GLN E 1955 -34.82 61.14 -11.24
CA GLN E 1955 -34.45 61.46 -9.87
C GLN E 1955 -35.13 62.73 -9.38
N ASP E 1956 -35.46 63.65 -10.28
CA ASP E 1956 -36.14 64.87 -9.87
C ASP E 1956 -37.58 64.58 -9.44
N LEU E 1957 -38.30 63.77 -10.21
CA LEU E 1957 -39.67 63.44 -9.85
C LEU E 1957 -39.72 62.48 -8.66
N GLU E 1958 -38.68 61.65 -8.49
CA GLU E 1958 -38.65 60.73 -7.35
C GLU E 1958 -38.42 61.45 -6.04
N LYS E 1959 -37.90 62.68 -6.07
CA LYS E 1959 -37.69 63.45 -4.84
C LYS E 1959 -38.93 64.21 -4.41
N VAL E 1960 -39.80 64.59 -5.35
CA VAL E 1960 -41.00 65.33 -5.00
C VAL E 1960 -42.03 64.40 -4.37
N VAL E 1961 -42.15 63.17 -4.88
CA VAL E 1961 -43.11 62.22 -4.33
C VAL E 1961 -42.69 61.76 -2.94
N SER E 1962 -41.40 61.82 -2.61
CA SER E 1962 -40.96 61.46 -1.27
C SER E 1962 -41.39 62.50 -0.24
N TYR E 1963 -41.39 63.78 -0.63
CA TYR E 1963 -41.83 64.83 0.29
C TYR E 1963 -43.33 64.78 0.53
N LEU E 1964 -44.09 64.28 -0.45
CA LEU E 1964 -45.54 64.19 -0.27
C LEU E 1964 -45.89 63.14 0.79
N ALA E 1965 -45.13 62.05 0.84
CA ALA E 1965 -45.39 61.02 1.86
C ALA E 1965 -45.04 61.54 3.25
N GLY E 1966 -43.98 62.35 3.37
CA GLY E 1966 -43.64 62.91 4.66
C GLY E 1966 -44.62 63.95 5.14
N CYS E 1967 -45.26 64.67 4.22
CA CYS E 1967 -46.26 65.66 4.60
C CYS E 1967 -47.60 65.02 4.93
N GLY E 1968 -47.95 63.94 4.26
CA GLY E 1968 -49.20 63.25 4.53
C GLY E 1968 -49.17 62.31 5.72
N LEU E 1969 -48.02 62.13 6.34
CA LEU E 1969 -47.87 61.26 7.50
C LEU E 1969 -47.64 62.00 8.80
N GLN E 1970 -46.84 63.07 8.77
CA GLN E 1970 -46.54 63.87 9.96
C GLN E 1970 -47.03 65.29 9.76
N SER E 1971 -47.58 65.87 10.82
CA SER E 1971 -48.10 67.23 10.77
C SER E 1971 -46.95 68.24 10.76
N CYS E 1972 -47.21 69.38 10.11
CA CYS E 1972 -46.21 70.43 10.05
C CYS E 1972 -46.07 71.12 11.41
N PRO E 1973 -44.87 71.61 11.74
CA PRO E 1973 -44.70 72.28 13.04
C PRO E 1973 -45.52 73.55 13.18
N MET E 1974 -45.55 74.38 12.13
CA MET E 1974 -46.32 75.62 12.18
C MET E 1974 -47.81 75.41 12.04
N LEU E 1975 -48.24 74.30 11.43
CA LEU E 1975 -49.66 74.03 11.27
C LEU E 1975 -50.32 73.62 12.58
N LEU E 1976 -49.55 73.19 13.57
CA LEU E 1976 -50.14 72.80 14.85
C LEU E 1976 -50.65 74.01 15.62
N ALA E 1977 -50.02 75.18 15.46
CA ALA E 1977 -50.47 76.36 16.16
C ALA E 1977 -51.66 77.02 15.46
N LYS E 1978 -51.67 77.02 14.13
CA LYS E 1978 -52.77 77.61 13.39
C LYS E 1978 -53.98 76.68 13.33
N GLY E 1979 -53.75 75.38 13.26
CA GLY E 1979 -54.82 74.40 13.20
C GLY E 1979 -55.09 73.80 14.56
N TYR E 1980 -56.33 73.94 15.03
CA TYR E 1980 -56.73 73.42 16.33
C TYR E 1980 -56.93 71.90 16.36
N PRO E 1981 -57.49 71.24 15.33
CA PRO E 1981 -57.72 69.80 15.44
C PRO E 1981 -56.45 68.97 15.40
N ASP E 1982 -55.31 69.54 15.01
CA ASP E 1982 -54.04 68.84 14.91
C ASP E 1982 -54.15 67.63 13.98
N ILE E 1983 -54.45 67.91 12.72
CA ILE E 1983 -54.58 66.86 11.72
C ILE E 1983 -53.22 66.23 11.45
N GLY E 1984 -53.21 64.91 11.31
CA GLY E 1984 -51.96 64.19 11.09
C GLY E 1984 -51.31 64.49 9.75
N TRP E 1985 -52.07 65.01 8.79
CA TRP E 1985 -51.55 65.34 7.47
C TRP E 1985 -51.85 66.81 7.17
N ASN E 1986 -50.84 67.52 6.68
CA ASN E 1986 -51.01 68.93 6.38
C ASN E 1986 -51.64 69.10 5.00
N PRO E 1987 -52.84 69.68 4.90
CA PRO E 1987 -53.45 69.88 3.58
C PRO E 1987 -52.80 71.00 2.78
N CYS E 1988 -52.28 72.00 3.49
CA CYS E 1988 -51.65 73.13 2.82
C CYS E 1988 -50.19 72.85 2.47
N GLY E 1989 -49.52 71.97 3.23
CA GLY E 1989 -48.13 71.67 2.94
C GLY E 1989 -47.96 70.89 1.65
N GLY E 1990 -48.72 69.80 1.51
CA GLY E 1990 -48.64 68.99 0.31
C GLY E 1990 -49.32 69.56 -0.91
N GLU E 1991 -50.06 70.67 -0.76
CA GLU E 1991 -50.74 71.27 -1.89
C GLU E 1991 -49.76 71.92 -2.86
N ARG E 1992 -48.66 72.48 -2.34
CA ARG E 1992 -47.67 73.12 -3.21
C ARG E 1992 -46.89 72.09 -4.02
N TYR E 1993 -46.70 70.89 -3.47
CA TYR E 1993 -45.97 69.86 -4.21
C TYR E 1993 -46.79 69.28 -5.36
N LEU E 1994 -48.12 69.22 -5.20
CA LEU E 1994 -48.95 68.70 -6.28
C LEU E 1994 -49.02 69.66 -7.45
N ASP E 1995 -48.85 70.96 -7.21
CA ASP E 1995 -48.87 71.94 -8.29
C ASP E 1995 -47.62 71.85 -9.16
N PHE E 1996 -46.52 71.30 -8.64
CA PHE E 1996 -45.31 71.17 -9.43
C PHE E 1996 -45.40 70.00 -10.39
N LEU E 1997 -46.00 68.89 -9.96
CA LEU E 1997 -46.13 67.73 -10.85
C LEU E 1997 -47.15 67.97 -11.96
N ARG E 1998 -48.13 68.85 -11.72
CA ARG E 1998 -49.13 69.14 -12.75
C ARG E 1998 -48.50 69.91 -13.92
N PHE E 1999 -47.54 70.78 -13.63
CA PHE E 1999 -46.88 71.57 -14.67
C PHE E 1999 -45.72 70.82 -15.32
N ALA E 2000 -45.48 69.56 -14.95
CA ALA E 2000 -44.40 68.79 -15.52
C ALA E 2000 -44.85 67.68 -16.45
N VAL E 2001 -46.11 67.26 -16.38
CA VAL E 2001 -46.62 66.20 -17.24
C VAL E 2001 -47.82 66.64 -18.08
N PHE E 2002 -48.48 67.74 -17.75
CA PHE E 2002 -49.65 68.24 -18.48
C PHE E 2002 -49.36 69.68 -18.90
N VAL E 2003 -48.82 69.84 -20.11
CA VAL E 2003 -48.48 71.15 -20.65
C VAL E 2003 -49.02 71.25 -22.07
N ASN E 2004 -49.44 72.46 -22.45
CA ASN E 2004 -49.94 72.75 -23.79
C ASN E 2004 -51.13 71.87 -24.18
N GLY E 2005 -51.89 71.42 -23.18
CA GLY E 2005 -53.07 70.62 -23.44
C GLY E 2005 -52.77 69.14 -23.65
N GLU E 2006 -51.78 68.84 -24.49
CA GLU E 2006 -51.41 67.46 -24.79
C GLU E 2006 -50.62 66.89 -23.61
N SER E 2007 -51.19 65.90 -22.94
CA SER E 2007 -50.51 65.27 -21.81
C SER E 2007 -49.42 64.34 -22.31
N VAL E 2008 -48.20 64.55 -21.83
CA VAL E 2008 -47.06 63.72 -22.22
C VAL E 2008 -47.14 62.42 -21.44
N GLU E 2009 -47.37 61.31 -22.14
CA GLU E 2009 -47.48 60.01 -21.51
C GLU E 2009 -46.14 59.41 -21.11
N GLU E 2010 -45.03 60.04 -21.53
CA GLU E 2010 -43.71 59.50 -21.20
C GLU E 2010 -43.35 59.76 -19.74
N ASN E 2011 -43.31 61.04 -19.35
CA ASN E 2011 -42.98 61.39 -17.97
C ASN E 2011 -44.15 61.14 -17.01
N ALA E 2012 -45.38 61.07 -17.52
CA ALA E 2012 -46.52 60.80 -16.66
C ALA E 2012 -46.67 59.33 -16.32
N ASN E 2013 -45.95 58.44 -17.01
CA ASN E 2013 -46.02 57.02 -16.70
C ASN E 2013 -45.16 56.66 -15.49
N VAL E 2014 -44.08 57.40 -15.25
CA VAL E 2014 -43.21 57.10 -14.12
C VAL E 2014 -43.71 57.75 -12.84
N VAL E 2015 -44.53 58.81 -12.94
CA VAL E 2015 -45.05 59.45 -11.74
C VAL E 2015 -46.21 58.65 -11.14
N VAL E 2016 -46.89 57.83 -11.94
CA VAL E 2016 -47.96 56.99 -11.41
C VAL E 2016 -47.38 55.73 -10.79
N ARG E 2017 -46.33 55.16 -11.39
CA ARG E 2017 -45.73 53.94 -10.87
C ARG E 2017 -45.09 54.19 -9.51
N LEU E 2018 -44.60 55.40 -9.27
CA LEU E 2018 -44.00 55.73 -7.98
C LEU E 2018 -45.01 56.24 -6.98
N LEU E 2019 -46.13 56.81 -7.44
CA LEU E 2019 -47.16 57.27 -6.51
C LEU E 2019 -47.88 56.11 -5.86
N ILE E 2020 -48.02 55.00 -6.58
CA ILE E 2020 -48.71 53.82 -6.05
C ILE E 2020 -47.81 52.96 -5.18
N ARG E 2021 -46.52 53.25 -5.11
CA ARG E 2021 -45.62 52.46 -4.28
C ARG E 2021 -45.90 52.69 -2.80
N LYS E 2022 -45.84 53.95 -2.36
CA LYS E 2022 -46.06 54.29 -0.97
C LYS E 2022 -47.51 54.72 -0.79
N PRO E 2023 -48.32 54.02 0.00
CA PRO E 2023 -49.72 54.43 0.19
C PRO E 2023 -49.87 55.72 1.00
N GLU E 2024 -48.80 56.20 1.65
CA GLU E 2024 -48.89 57.43 2.42
C GLU E 2024 -48.97 58.67 1.52
N CYS E 2025 -48.64 58.53 0.23
CA CYS E 2025 -48.71 59.68 -0.66
C CYS E 2025 -50.15 60.08 -0.95
N PHE E 2026 -51.06 59.10 -1.04
CA PHE E 2026 -52.47 59.39 -1.27
C PHE E 2026 -53.12 59.93 0.01
N GLY E 2027 -54.42 60.23 -0.09
CA GLY E 2027 -55.16 60.71 1.05
C GLY E 2027 -55.36 59.64 2.10
N PRO E 2028 -55.65 60.06 3.33
CA PRO E 2028 -55.86 59.06 4.39
C PRO E 2028 -57.13 58.24 4.20
N ALA E 2029 -58.19 58.86 3.69
CA ALA E 2029 -59.44 58.13 3.48
C ALA E 2029 -59.39 57.28 2.21
N LEU E 2030 -58.76 57.80 1.15
CA LEU E 2030 -58.66 57.05 -0.10
C LEU E 2030 -57.64 55.94 0.03
N ARG E 2031 -58.08 54.70 -0.20
CA ARG E 2031 -57.24 53.51 -0.13
C ARG E 2031 -56.60 53.35 1.26
N GLY E 2032 -57.33 53.80 2.29
CA GLY E 2032 -56.83 53.70 3.66
C GLY E 2032 -57.23 52.39 4.32
N GLU E 2033 -56.76 52.22 5.56
CA GLU E 2033 -57.09 51.03 6.31
C GLU E 2033 -58.53 51.05 6.79
N GLY E 2034 -59.02 52.22 7.20
CA GLY E 2034 -60.40 52.31 7.67
C GLY E 2034 -61.41 52.17 6.56
N GLY E 2035 -61.05 52.58 5.35
CA GLY E 2035 -61.95 52.48 4.22
C GLY E 2035 -63.07 53.49 4.25
N SER E 2036 -62.73 54.76 4.50
CA SER E 2036 -63.74 55.81 4.55
C SER E 2036 -64.27 56.12 3.14
N GLY E 2037 -63.36 56.37 2.20
CA GLY E 2037 -63.73 56.66 0.84
C GLY E 2037 -63.60 58.15 0.50
N LEU E 2038 -63.72 58.43 -0.80
CA LEU E 2038 -63.63 59.81 -1.26
C LEU E 2038 -64.84 60.62 -0.84
N LEU E 2039 -66.01 60.00 -0.74
CA LEU E 2039 -67.22 60.70 -0.32
C LEU E 2039 -67.24 61.00 1.17
N ALA E 2040 -66.50 60.24 1.98
CA ALA E 2040 -66.52 60.45 3.42
C ALA E 2040 -65.58 61.57 3.85
N THR E 2041 -64.44 61.73 3.19
CA THR E 2041 -63.48 62.75 3.59
C THR E 2041 -63.94 64.16 3.24
N ILE E 2042 -64.86 64.31 2.29
CA ILE E 2042 -65.35 65.63 1.93
C ILE E 2042 -66.48 66.08 2.84
N GLU E 2043 -67.21 65.15 3.44
CA GLU E 2043 -68.32 65.52 4.32
C GLU E 2043 -67.82 65.98 5.69
N GLU E 2044 -66.65 65.53 6.12
CA GLU E 2044 -66.12 65.94 7.42
C GLU E 2044 -65.67 67.39 7.40
N ALA E 2045 -65.21 67.88 6.25
CA ALA E 2045 -64.76 69.27 6.17
C ALA E 2045 -65.94 70.23 6.18
N ILE E 2046 -67.07 69.84 5.60
CA ILE E 2046 -68.26 70.70 5.56
C ILE E 2046 -68.95 70.69 6.92
N HIS E 2047 -54.92 82.57 9.31
CA HIS E 2047 -55.58 83.06 8.10
C HIS E 2047 -55.76 81.94 7.08
N LEU E 2048 -55.50 80.71 7.51
CA LEU E 2048 -55.63 79.52 6.65
C LEU E 2048 -56.22 78.40 7.51
N GLY E 2049 -57.54 78.25 7.45
CA GLY E 2049 -58.22 77.23 8.21
C GLY E 2049 -58.03 75.85 7.61
N HIS E 2050 -58.60 74.86 8.31
CA HIS E 2050 -58.52 73.47 7.86
C HIS E 2050 -59.37 73.29 6.61
N ALA E 2051 -58.71 73.09 5.47
CA ALA E 2051 -59.37 72.91 4.19
C ALA E 2051 -59.01 71.52 3.65
N ILE E 2052 -59.86 70.54 3.95
CA ILE E 2052 -59.61 69.18 3.49
C ILE E 2052 -59.87 69.07 1.99
N MET E 2053 -60.89 69.77 1.50
CA MET E 2053 -61.21 69.73 0.08
C MET E 2053 -60.18 70.45 -0.79
N SER E 2054 -59.26 71.21 -0.20
CA SER E 2054 -58.25 71.90 -0.99
C SER E 2054 -57.14 70.96 -1.44
N PHE E 2055 -56.81 69.95 -0.62
CA PHE E 2055 -55.77 69.00 -1.01
C PHE E 2055 -56.32 67.94 -1.97
N TYR E 2056 -57.57 67.52 -1.78
CA TYR E 2056 -58.15 66.51 -2.66
C TYR E 2056 -58.45 67.10 -4.04
N ALA E 2057 -58.69 68.40 -4.12
CA ALA E 2057 -58.94 69.02 -5.42
C ALA E 2057 -57.71 68.99 -6.30
N ALA E 2058 -56.51 69.09 -5.72
CA ALA E 2058 -55.29 69.03 -6.49
C ALA E 2058 -54.85 67.60 -6.77
N LEU E 2059 -55.17 66.67 -5.87
CA LEU E 2059 -54.79 65.27 -6.08
C LEU E 2059 -55.64 64.63 -7.16
N ILE E 2060 -56.95 64.90 -7.16
CA ILE E 2060 -57.83 64.34 -8.18
C ILE E 2060 -57.52 64.94 -9.54
N ASP E 2061 -57.26 66.24 -9.59
CA ASP E 2061 -56.89 66.88 -10.86
C ASP E 2061 -55.55 66.40 -11.36
N LEU E 2062 -54.67 65.95 -10.46
CA LEU E 2062 -53.36 65.44 -10.88
C LEU E 2062 -53.49 64.05 -11.48
N LEU E 2063 -54.38 63.21 -10.93
CA LEU E 2063 -54.52 61.84 -11.43
C LEU E 2063 -55.02 61.83 -12.87
N GLY E 2064 -55.98 62.68 -13.20
CA GLY E 2064 -56.48 62.74 -14.56
C GLY E 2064 -55.47 63.27 -15.54
N ARG E 2065 -54.61 64.19 -15.11
CA ARG E 2065 -53.60 64.74 -16.01
C ARG E 2065 -52.49 63.74 -16.29
N CYS E 2066 -52.03 63.04 -15.26
CA CYS E 2066 -50.95 62.06 -15.42
C CYS E 2066 -51.44 60.74 -15.99
N ALA E 2067 -52.74 60.55 -16.16
CA ALA E 2067 -53.21 59.29 -16.74
C ALA E 2067 -53.18 59.36 -18.26
N PRO E 2068 -52.68 58.32 -18.92
CA PRO E 2068 -52.65 58.32 -20.40
C PRO E 2068 -54.04 58.32 -21.00
N GLU E 2069 -54.71 59.47 -20.97
CA GLU E 2069 -56.06 59.62 -21.51
C GLU E 2069 -56.05 60.07 -22.96
N MET E 2070 -54.94 59.94 -23.66
CA MET E 2070 -54.85 60.32 -25.06
C MET E 2070 -55.71 59.38 -25.91
N HIS E 2071 -56.66 59.95 -26.66
CA HIS E 2071 -57.53 59.13 -27.49
C HIS E 2071 -56.76 58.47 -28.63
N LEU E 2072 -55.67 59.10 -29.10
CA LEU E 2072 -54.84 58.53 -30.15
C LEU E 2072 -53.89 57.46 -29.64
N ILE E 2073 -53.87 57.19 -28.35
CA ILE E 2073 -53.02 56.17 -27.76
C ILE E 2073 -53.83 54.97 -27.28
N GLN E 2074 -54.95 55.22 -26.59
CA GLN E 2074 -55.75 54.15 -26.02
C GLN E 2074 -56.26 53.19 -27.10
N ALA E 2075 -56.53 53.70 -28.31
CA ALA E 2075 -57.03 52.87 -29.39
C ALA E 2075 -55.88 52.04 -29.94
N GLY E 2076 -55.57 50.96 -29.23
CA GLY E 2076 -54.50 50.06 -29.63
C GLY E 2076 -53.21 50.30 -28.89
N LYS E 2077 -53.29 50.52 -27.59
CA LYS E 2077 -52.09 50.80 -26.80
C LYS E 2077 -51.36 49.51 -26.43
N GLY E 2078 -52.03 48.62 -25.70
CA GLY E 2078 -51.44 47.40 -25.21
C GLY E 2078 -50.83 47.50 -23.83
N GLU E 2079 -50.32 48.69 -23.47
CA GLU E 2079 -49.74 48.92 -22.15
C GLU E 2079 -50.44 50.00 -21.35
N ALA E 2080 -51.07 50.98 -22.03
CA ALA E 2080 -51.77 52.04 -21.33
C ALA E 2080 -53.12 51.60 -20.77
N LEU E 2081 -53.60 50.41 -21.14
CA LEU E 2081 -54.85 49.91 -20.60
C LEU E 2081 -54.70 49.44 -19.15
N ARG E 2082 -53.50 48.98 -18.77
CA ARG E 2082 -53.28 48.53 -17.41
C ARG E 2082 -53.28 49.71 -16.43
N ILE E 2083 -52.63 50.82 -16.80
CA ILE E 2083 -52.61 51.98 -15.92
C ILE E 2083 -53.95 52.70 -15.93
N ARG E 2084 -54.71 52.57 -17.02
CA ARG E 2084 -56.03 53.21 -17.07
C ARG E 2084 -57.00 52.55 -16.09
N ALA E 2085 -56.93 51.22 -15.97
CA ALA E 2085 -57.80 50.52 -15.02
C ALA E 2085 -57.36 50.71 -13.58
N ILE E 2086 -56.13 51.20 -13.36
CA ILE E 2086 -55.67 51.46 -11.99
C ILE E 2086 -56.45 52.60 -11.37
N LEU E 2087 -56.68 53.68 -12.14
CA LEU E 2087 -57.41 54.82 -11.61
C LEU E 2087 -58.89 54.52 -11.41
N ARG E 2088 -59.43 53.53 -12.11
CA ARG E 2088 -60.84 53.19 -11.96
C ARG E 2088 -61.13 52.48 -10.65
N SER E 2089 -60.10 51.93 -9.99
CA SER E 2089 -60.30 51.20 -8.74
C SER E 2089 -60.22 52.11 -7.51
N LEU E 2090 -59.33 53.11 -7.54
CA LEU E 2090 -59.20 54.01 -6.39
C LEU E 2090 -60.35 55.00 -6.31
N VAL E 2091 -60.94 55.36 -7.44
CA VAL E 2091 -62.13 56.21 -7.46
C VAL E 2091 -63.14 55.60 -8.42
N PRO E 2092 -64.30 55.16 -7.94
CA PRO E 2092 -65.32 54.60 -8.83
C PRO E 2092 -66.10 55.70 -9.53
N LEU E 2093 -67.07 55.28 -10.35
CA LEU E 2093 -67.90 56.23 -11.06
C LEU E 2093 -68.95 56.87 -10.14
N ASP E 2094 -69.47 56.11 -9.19
CA ASP E 2094 -70.46 56.64 -8.26
C ASP E 2094 -69.86 57.63 -7.27
N ASP E 2095 -68.53 57.66 -7.14
CA ASP E 2095 -67.91 58.61 -6.23
C ASP E 2095 -68.00 60.03 -6.75
N LEU E 2096 -67.77 60.23 -8.05
CA LEU E 2096 -67.83 61.57 -8.62
C LEU E 2096 -69.24 62.16 -8.55
N VAL E 2097 -70.26 61.30 -8.51
CA VAL E 2097 -71.63 61.79 -8.38
C VAL E 2097 -71.85 62.42 -7.00
N GLY E 2098 -71.12 61.95 -5.99
CA GLY E 2098 -71.30 62.48 -4.65
C GLY E 2098 -70.84 63.92 -4.51
N ILE E 2099 -69.71 64.26 -5.13
CA ILE E 2099 -69.20 65.64 -5.05
C ILE E 2099 -70.13 66.59 -5.78
N ILE E 2100 -70.60 66.19 -6.97
CA ILE E 2100 -71.48 67.06 -7.75
C ILE E 2100 -72.83 67.25 -7.04
N SER E 2101 -73.32 66.18 -6.40
CA SER E 2101 -74.58 66.27 -5.68
C SER E 2101 -74.49 67.10 -4.41
N LEU E 2102 -73.29 67.38 -3.93
CA LEU E 2102 -73.13 68.19 -2.73
C LEU E 2102 -73.51 69.64 -3.01
N PRO E 2103 -74.48 70.20 -2.29
CA PRO E 2103 -74.87 71.59 -2.57
C PRO E 2103 -73.79 72.57 -2.14
N LEU E 2104 -73.57 73.58 -2.97
CA LEU E 2104 -72.58 74.60 -2.71
C LEU E 2104 -73.21 75.79 -1.98
N GLN E 2105 -72.39 76.79 -1.67
CA GLN E 2105 -72.88 77.98 -0.99
C GLN E 2105 -73.71 78.84 -1.92
N ILE E 2106 -74.50 79.72 -1.33
CA ILE E 2106 -75.39 80.62 -2.06
C ILE E 2106 -74.82 82.03 -1.94
N PRO E 2107 -74.56 82.74 -3.05
CA PRO E 2107 -74.02 84.10 -3.01
C PRO E 2107 -75.05 85.12 -2.53
N MET E 2108 -66.68 81.78 0.89
CA MET E 2108 -65.34 81.98 1.41
C MET E 2108 -64.33 81.06 0.73
N SER E 2109 -63.05 81.42 0.77
CA SER E 2109 -62.02 80.61 0.15
C SER E 2109 -61.76 79.34 0.96
N ALA E 2110 -61.88 79.41 2.29
CA ALA E 2110 -61.64 78.23 3.11
C ALA E 2110 -62.74 77.20 2.97
N SER E 2111 -63.97 77.63 2.68
CA SER E 2111 -65.09 76.71 2.51
C SER E 2111 -65.11 76.15 1.10
N PHE E 2112 -66.28 75.70 0.65
CA PHE E 2112 -66.40 75.15 -0.70
C PHE E 2112 -66.34 76.26 -1.74
N VAL E 2113 -65.54 76.04 -2.78
CA VAL E 2113 -65.35 77.01 -3.84
C VAL E 2113 -65.77 76.38 -5.15
N PRO E 2114 -66.48 77.11 -6.03
CA PRO E 2114 -66.83 76.54 -7.35
C PRO E 2114 -65.64 76.12 -8.18
N ASP E 2115 -64.42 76.55 -7.82
CA ASP E 2115 -63.23 76.08 -8.52
C ASP E 2115 -63.03 74.59 -8.34
N HIS E 2116 -63.52 74.02 -7.24
CA HIS E 2116 -63.43 72.58 -7.03
C HIS E 2116 -64.29 71.80 -8.02
N LYS E 2117 -65.35 72.43 -8.56
CA LYS E 2117 -66.18 71.75 -9.55
C LYS E 2117 -65.41 71.47 -10.83
N ALA E 2118 -64.49 72.39 -11.20
CA ALA E 2118 -63.69 72.18 -12.40
C ALA E 2118 -62.66 71.08 -12.20
N SER E 2119 -62.18 70.90 -10.97
CA SER E 2119 -61.20 69.86 -10.71
C SER E 2119 -61.81 68.46 -10.77
N MET E 2120 -63.12 68.36 -10.52
CA MET E 2120 -63.78 67.06 -10.56
C MET E 2120 -64.21 66.68 -11.96
N VAL E 2121 -64.71 67.65 -12.74
CA VAL E 2121 -65.18 67.34 -14.08
C VAL E 2121 -64.00 67.06 -15.01
N LEU E 2122 -62.83 67.64 -14.73
CA LEU E 2122 -61.65 67.37 -15.55
C LEU E 2122 -61.20 65.92 -15.40
N PHE E 2123 -61.38 65.33 -14.23
CA PHE E 2123 -61.05 63.93 -14.01
C PHE E 2123 -62.07 62.98 -14.61
N LEU E 2124 -63.28 63.47 -14.91
CA LEU E 2124 -64.34 62.61 -15.41
C LEU E 2124 -64.11 62.21 -16.86
N ASP E 2125 -63.97 63.20 -17.75
CA ASP E 2125 -63.92 62.95 -19.18
C ASP E 2125 -62.57 62.42 -19.64
N ARG E 2126 -61.78 61.85 -18.74
CA ARG E 2126 -60.49 61.30 -19.08
C ARG E 2126 -60.35 59.83 -18.74
N VAL E 2127 -60.85 59.39 -17.58
CA VAL E 2127 -60.78 58.00 -17.19
C VAL E 2127 -62.14 57.31 -17.22
N TYR E 2128 -63.23 58.05 -17.03
CA TYR E 2128 -64.59 57.51 -17.06
C TYR E 2128 -65.32 58.18 -18.22
N GLY E 2129 -65.21 57.58 -19.41
CA GLY E 2129 -65.81 58.14 -20.60
C GLY E 2129 -67.31 58.29 -20.52
N ILE E 2130 -67.78 59.54 -20.44
CA ILE E 2130 -69.22 59.80 -20.39
C ILE E 2130 -69.90 59.56 -21.73
N GLU E 2131 -69.14 59.36 -22.80
CA GLU E 2131 -69.68 59.10 -24.12
C GLU E 2131 -70.02 57.63 -24.35
N ASN E 2132 -70.23 56.86 -23.27
CA ASN E 2132 -70.53 55.44 -23.42
C ASN E 2132 -72.01 55.22 -23.72
N GLN E 2133 -72.88 55.67 -22.82
CA GLN E 2133 -74.31 55.47 -22.97
C GLN E 2133 -75.03 56.81 -22.87
N ASP E 2134 -76.27 56.84 -23.36
CA ASP E 2134 -77.07 58.06 -23.31
C ASP E 2134 -77.77 58.24 -21.98
N PHE E 2135 -78.06 57.15 -21.28
CA PHE E 2135 -78.74 57.25 -19.99
C PHE E 2135 -77.82 57.71 -18.88
N LEU E 2136 -76.52 57.47 -19.01
CA LEU E 2136 -75.57 57.91 -17.99
C LEU E 2136 -75.37 59.42 -18.04
N LEU E 2137 -75.40 60.01 -19.24
CA LEU E 2137 -75.24 61.46 -19.35
C LEU E 2137 -76.48 62.20 -18.89
N HIS E 2138 -77.66 61.61 -19.09
CA HIS E 2138 -78.90 62.29 -18.67
C HIS E 2138 -79.02 62.33 -17.15
N VAL E 2139 -78.66 61.24 -16.48
CA VAL E 2139 -78.74 61.22 -15.02
C VAL E 2139 -77.65 62.08 -14.38
N LEU E 2140 -76.57 62.34 -15.12
CA LEU E 2140 -75.48 63.18 -14.61
C LEU E 2140 -75.69 64.66 -14.93
N ASP E 2141 -76.41 64.97 -16.01
CA ASP E 2141 -76.67 66.36 -16.35
C ASP E 2141 -77.55 67.04 -15.31
N VAL E 2142 -78.45 66.29 -14.68
CA VAL E 2142 -79.30 66.86 -13.64
C VAL E 2142 -78.49 67.17 -12.39
N GLY E 2143 -77.46 66.37 -12.11
CA GLY E 2143 -76.63 66.63 -10.94
C GLY E 2143 -75.80 67.88 -11.08
N PHE E 2144 -75.27 68.13 -12.27
CA PHE E 2144 -74.46 69.31 -12.53
C PHE E 2144 -75.30 70.58 -12.54
N LEU E 2145 -78.32 70.83 -13.53
CA LEU E 2145 -79.32 71.86 -13.73
C LEU E 2145 -79.32 72.93 -12.62
N PRO E 2146 -79.31 72.55 -11.34
CA PRO E 2146 -79.27 73.59 -10.29
C PRO E 2146 -77.96 74.34 -10.25
N ASP E 2147 -76.84 73.65 -10.51
CA ASP E 2147 -75.54 74.31 -10.50
C ASP E 2147 -75.36 75.25 -11.70
N MET E 2148 -76.13 75.05 -12.76
CA MET E 2148 -76.06 75.89 -13.95
C MET E 2148 -76.95 77.13 -13.85
N ARG E 2149 -77.42 77.45 -12.65
CA ARG E 2149 -78.26 78.62 -12.46
C ARG E 2149 -77.47 79.90 -12.71
N ALA E 2150 -78.12 80.89 -13.32
CA ALA E 2150 -77.46 82.17 -13.61
C ALA E 2150 -77.17 82.93 -12.33
N ALA E 2151 -78.23 83.25 -11.56
CA ALA E 2151 -78.11 84.00 -10.31
C ALA E 2151 -77.39 85.33 -10.52
N ALA E 2152 -77.72 86.00 -11.62
CA ALA E 2152 -77.10 87.28 -11.94
C ALA E 2152 -77.72 88.41 -11.11
N LEU E 2153 -68.93 86.38 -7.58
CA LEU E 2153 -68.55 84.97 -7.52
C LEU E 2153 -67.95 84.52 -8.85
N ALA E 2154 -66.91 83.70 -8.77
CA ALA E 2154 -66.21 83.19 -9.96
C ALA E 2154 -66.81 81.89 -10.47
N LEU E 2155 -68.13 81.76 -10.45
CA LEU E 2155 -68.77 80.55 -10.95
C LEU E 2155 -68.74 80.46 -12.47
N ASN E 2156 -68.64 81.60 -13.17
CA ASN E 2156 -68.63 81.58 -14.62
C ASN E 2156 -67.36 80.96 -15.16
N ARG E 2157 -66.20 81.30 -14.60
CA ARG E 2157 -64.95 80.76 -15.09
C ARG E 2157 -64.82 79.26 -14.81
N TYR E 2158 -65.43 78.79 -13.72
CA TYR E 2158 -65.32 77.38 -13.38
C TYR E 2158 -66.28 76.51 -14.20
N LEU E 2159 -67.37 77.10 -14.70
CA LEU E 2159 -68.37 76.33 -15.45
C LEU E 2159 -68.14 76.42 -16.96
N CYS E 2160 -67.70 77.58 -17.45
CA CYS E 2160 -67.54 77.77 -18.89
C CYS E 2160 -66.25 77.16 -19.43
N LEU E 2161 -65.22 77.01 -18.59
CA LEU E 2161 -63.94 76.49 -19.06
C LEU E 2161 -63.90 74.97 -19.08
N ALA E 2162 -64.52 74.30 -18.10
CA ALA E 2162 -64.45 72.86 -18.00
C ALA E 2162 -65.83 72.20 -18.08
N VAL E 2163 -66.82 72.72 -17.35
CA VAL E 2163 -68.13 72.08 -17.32
C VAL E 2163 -68.87 72.28 -18.64
N LEU E 2164 -68.75 73.47 -19.23
CA LEU E 2164 -69.46 73.75 -20.47
C LEU E 2164 -68.91 72.95 -21.66
N PRO E 2165 -67.60 72.89 -21.90
CA PRO E 2165 -67.12 72.10 -23.04
C PRO E 2165 -67.36 70.60 -22.91
N LEU E 2166 -67.81 70.11 -21.75
CA LEU E 2166 -68.06 68.69 -21.61
C LEU E 2166 -69.26 68.24 -22.45
N ILE E 2167 -70.34 69.01 -22.43
CA ILE E 2167 -71.52 68.63 -23.19
C ILE E 2167 -71.35 68.88 -24.69
N THR E 2168 -70.37 69.70 -25.08
CA THR E 2168 -70.15 69.96 -26.50
C THR E 2168 -69.52 68.75 -27.20
N LYS E 2169 -68.68 68.00 -26.49
CA LYS E 2169 -68.04 66.84 -27.09
C LYS E 2169 -69.04 65.70 -27.31
N CYS E 2170 -70.09 65.63 -26.50
CA CYS E 2170 -71.12 64.60 -26.62
C CYS E 2170 -72.40 65.15 -27.23
N ALA E 2171 -72.27 66.07 -28.19
CA ALA E 2171 -73.47 66.63 -28.82
C ALA E 2171 -74.20 65.60 -29.69
N PRO E 2172 -73.54 64.84 -30.56
CA PRO E 2172 -74.27 63.84 -31.36
C PRO E 2172 -74.77 62.64 -30.54
N LEU E 2173 -74.43 62.56 -29.26
CA LEU E 2173 -74.88 61.46 -28.43
C LEU E 2173 -76.32 61.62 -27.96
N PHE E 2174 -76.83 62.84 -27.88
CA PHE E 2174 -78.20 63.07 -27.43
C PHE E 2174 -79.19 62.48 -28.43
N ALA E 2175 -80.19 61.78 -27.91
CA ALA E 2175 -81.20 61.14 -28.75
C ALA E 2175 -82.26 62.15 -29.18
N MET E 2176 -83.71 67.13 -17.72
CA MET E 2176 -84.62 67.67 -18.72
C MET E 2176 -83.87 68.45 -19.79
N VAL E 2177 -84.20 68.18 -21.06
CA VAL E 2177 -83.54 68.86 -22.17
C VAL E 2177 -84.18 70.21 -22.49
N ASP E 2178 -85.45 70.41 -22.12
CA ASP E 2178 -86.11 71.68 -22.41
C ASP E 2178 -85.72 72.75 -21.40
N SER E 2179 -85.62 72.39 -20.11
CA SER E 2179 -85.23 73.36 -19.10
C SER E 2179 -83.75 73.70 -19.18
N MET E 2180 -82.92 72.75 -19.62
CA MET E 2180 -81.49 73.01 -19.74
C MET E 2180 -81.16 73.89 -20.94
N LEU E 2181 -81.92 73.78 -22.03
CA LEU E 2181 -81.65 74.59 -23.21
C LEU E 2181 -82.06 76.04 -22.99
N HIS E 2182 -83.09 76.27 -22.18
CA HIS E 2182 -83.54 77.64 -21.91
C HIS E 2182 -82.48 78.42 -21.14
N THR E 2183 -81.69 77.74 -20.30
CA THR E 2183 -80.63 78.42 -19.56
C THR E 2183 -79.40 78.69 -20.40
N VAL E 2184 -79.22 77.96 -21.51
CA VAL E 2184 -78.06 78.19 -22.37
C VAL E 2184 -78.19 79.53 -23.08
N TYR E 2185 -79.35 79.80 -23.68
CA TYR E 2185 -79.55 81.07 -24.37
C TYR E 2185 -79.62 82.23 -23.39
N ARG E 2186 -80.03 81.97 -22.14
CA ARG E 2186 -80.11 83.04 -21.15
C ARG E 2186 -78.71 83.52 -20.75
N LEU E 2187 -77.74 82.61 -20.69
CA LEU E 2187 -76.38 82.99 -20.34
C LEU E 2187 -75.70 83.75 -21.47
N SER E 2188 -76.10 83.49 -22.72
CA SER E 2188 -75.51 84.20 -23.85
C SER E 2188 -75.91 85.66 -23.87
N ARG E 2189 -77.15 85.97 -23.48
CA ARG E 2189 -77.64 87.34 -23.43
C ARG E 2189 -77.18 88.10 -22.21
N GLY E 2190 -76.48 87.44 -21.28
CA GLY E 2190 -76.02 88.12 -20.07
C GLY E 2190 -74.92 89.12 -20.41
N ARG E 2191 -75.05 90.33 -19.87
CA ARG E 2191 -74.07 91.39 -20.12
C ARG E 2191 -72.90 91.33 -19.15
N SER E 2192 -73.16 91.03 -17.88
CA SER E 2192 -72.11 90.98 -16.87
C SER E 2192 -71.37 89.64 -16.91
N LEU E 2193 -70.95 89.23 -18.10
CA LEU E 2193 -70.21 87.99 -18.29
C LEU E 2193 -68.85 88.29 -18.91
N THR E 2194 -67.98 87.29 -18.88
CA THR E 2194 -66.65 87.43 -19.48
C THR E 2194 -66.76 87.44 -21.00
N LYS E 2195 -66.05 88.38 -21.63
CA LYS E 2195 -66.08 88.49 -23.08
C LYS E 2195 -65.51 87.25 -23.74
N ALA E 2196 -64.44 86.69 -23.18
CA ALA E 2196 -63.86 85.48 -23.74
C ALA E 2196 -64.72 84.26 -23.47
N GLN E 2197 -65.44 84.25 -22.35
CA GLN E 2197 -66.30 83.11 -22.03
C GLN E 2197 -67.61 83.15 -22.80
N ARG E 2198 -68.05 84.34 -23.21
CA ARG E 2198 -69.30 84.45 -23.96
C ARG E 2198 -69.19 83.80 -25.33
N ASP E 2199 -68.00 83.84 -25.95
CA ASP E 2199 -67.82 83.20 -27.24
C ASP E 2199 -67.93 81.68 -27.13
N VAL E 2200 -67.53 81.11 -26.00
CA VAL E 2200 -67.67 79.67 -25.81
C VAL E 2200 -69.14 79.29 -25.68
N ILE E 2201 -69.93 80.14 -25.02
CA ILE E 2201 -71.36 79.87 -24.89
C ILE E 2201 -72.05 79.96 -26.24
N GLU E 2202 -71.60 80.88 -27.10
CA GLU E 2202 -72.20 81.01 -28.42
C GLU E 2202 -71.88 79.78 -29.28
N GLU E 2203 -70.67 79.25 -29.17
CA GLU E 2203 -70.33 78.03 -29.90
C GLU E 2203 -71.02 76.81 -29.31
N CYS E 2204 -71.35 76.85 -28.02
CA CYS E 2204 -72.04 75.74 -27.39
C CYS E 2204 -73.51 75.69 -27.79
N LEU E 2205 -74.11 76.84 -28.11
CA LEU E 2205 -75.51 76.86 -28.50
C LEU E 2205 -75.73 76.20 -29.84
N MET E 2206 -74.78 76.36 -30.77
CA MET E 2206 -74.95 75.77 -32.10
C MET E 2206 -74.85 74.25 -32.05
N ALA E 2207 -74.00 73.71 -31.18
CA ALA E 2207 -73.83 72.26 -31.10
C ALA E 2207 -74.94 71.58 -30.33
N LEU E 2208 -75.62 72.29 -29.42
CA LEU E 2208 -76.69 71.70 -28.63
C LEU E 2208 -78.05 71.77 -29.31
N CYS E 2209 -78.24 72.68 -30.27
CA CYS E 2209 -79.51 72.76 -30.97
C CYS E 2209 -79.67 71.61 -31.96
N ARG E 2210 -78.58 71.12 -32.53
CA ARG E 2210 -78.64 70.01 -33.46
C ARG E 2210 -78.58 68.68 -32.73
N TYR E 2211 -78.68 67.59 -33.48
CA TYR E 2211 -78.66 66.21 -32.98
C TYR E 2211 -79.79 65.91 -32.03
N ILE E 2212 -80.80 66.79 -31.93
CA ILE E 2212 -81.95 66.58 -31.07
C ILE E 2212 -83.20 66.69 -31.94
N ARG E 2213 -84.25 65.96 -31.55
CA ARG E 2213 -85.50 65.98 -32.29
C ARG E 2213 -86.06 67.40 -32.34
N PRO E 2214 -86.67 67.81 -33.45
CA PRO E 2214 -87.18 69.19 -33.54
C PRO E 2214 -88.28 69.51 -32.55
N SER E 2215 -88.92 68.50 -31.95
CA SER E 2215 -89.98 68.76 -30.99
C SER E 2215 -89.43 69.37 -29.70
N MET E 2216 -88.19 69.04 -29.33
CA MET E 2216 -87.61 69.56 -28.10
C MET E 2216 -87.10 70.99 -28.29
N LEU E 2217 -86.50 71.29 -29.44
CA LEU E 2217 -85.95 72.62 -29.66
C LEU E 2217 -87.04 73.64 -30.00
N GLN E 2218 -88.16 73.19 -30.56
CA GLN E 2218 -89.23 74.10 -30.92
C GLN E 2218 -89.94 74.68 -29.70
N HIS E 2219 -89.91 73.99 -28.57
CA HIS E 2219 -90.54 74.51 -27.36
C HIS E 2219 -89.81 75.75 -26.84
N LEU E 2220 -88.50 75.64 -26.67
CA LEU E 2220 -87.70 76.76 -26.20
C LEU E 2220 -87.37 77.76 -27.31
N LEU E 2221 -87.74 77.47 -28.55
CA LEU E 2221 -87.49 78.40 -29.65
C LEU E 2221 -88.33 79.66 -29.53
N ARG E 2222 -89.42 79.63 -28.75
CA ARG E 2222 -90.27 80.81 -28.61
C ARG E 2222 -89.52 81.97 -27.96
N ARG E 2223 -88.53 81.67 -27.11
CA ARG E 2223 -87.75 82.72 -26.48
C ARG E 2223 -86.88 83.45 -27.50
N LEU E 2224 -86.38 82.73 -28.51
CA LEU E 2224 -85.56 83.36 -29.53
C LEU E 2224 -86.37 84.21 -30.49
N VAL E 2225 -87.67 83.93 -30.64
CA VAL E 2225 -88.51 84.72 -31.54
C VAL E 2225 -88.73 86.12 -30.96
N PHE E 2226 -88.96 86.21 -29.67
CA PHE E 2226 -89.18 87.50 -29.02
C PHE E 2226 -87.86 88.19 -28.72
N UNK E 2227 -76.39 88.48 -32.37
CA UNK E 2227 -76.19 87.88 -33.68
C UNK E 2227 -76.10 86.36 -33.57
N UNK E 2228 -76.01 85.86 -32.35
CA UNK E 2228 -75.92 84.43 -32.11
C UNK E 2228 -77.27 83.75 -32.36
N UNK E 2229 -78.34 84.50 -32.14
CA UNK E 2229 -79.69 83.98 -32.34
C UNK E 2229 -80.04 83.97 -33.83
N UNK E 2230 -79.37 84.80 -34.60
CA UNK E 2230 -79.60 84.87 -36.04
C UNK E 2230 -79.07 83.63 -36.75
N UNK E 2231 -77.95 83.11 -36.26
CA UNK E 2231 -77.34 81.91 -36.83
C UNK E 2231 -77.94 80.66 -36.20
N UNK E 2232 -78.68 80.84 -35.11
CA UNK E 2232 -79.30 79.73 -34.40
C UNK E 2232 -80.51 79.20 -35.18
N UNK E 2233 -81.35 80.12 -35.63
CA UNK E 2233 -82.54 79.76 -36.38
C UNK E 2233 -82.20 79.49 -37.85
N UNK E 2234 -81.01 79.91 -38.25
CA UNK E 2234 -80.57 79.72 -39.63
C UNK E 2234 -80.10 78.29 -39.86
N UNK E 2235 -79.73 77.61 -38.77
CA UNK E 2235 -79.27 76.22 -38.85
C UNK E 2235 -80.36 75.25 -38.43
N UNK E 2236 -81.25 75.72 -37.57
CA UNK E 2236 -82.35 74.90 -37.08
C UNK E 2236 -83.40 74.70 -38.16
N UNK E 2237 -83.63 75.72 -38.97
CA UNK E 2237 -84.60 75.66 -40.05
C UNK E 2237 -84.01 74.97 -41.27
N UNK E 2238 -82.69 74.93 -41.34
CA UNK E 2238 -82.00 74.31 -42.46
C UNK E 2238 -82.00 72.78 -42.31
N UNK E 2239 -82.08 72.32 -41.08
CA UNK E 2239 -82.09 70.89 -40.80
C UNK E 2239 -83.46 70.28 -41.10
N UNK E 2240 -98.84 75.67 -34.70
CA UNK E 2240 -98.50 77.07 -34.50
C UNK E 2240 -97.00 77.30 -34.69
N UNK E 2241 -96.29 76.26 -35.10
CA UNK E 2241 -94.85 76.35 -35.30
C UNK E 2241 -94.55 77.08 -36.61
N UNK E 2242 -95.35 76.82 -37.64
CA UNK E 2242 -95.17 77.44 -38.94
C UNK E 2242 -95.61 78.90 -38.91
N UNK E 2243 -96.55 79.21 -38.03
CA UNK E 2243 -97.07 80.57 -37.89
C UNK E 2243 -96.08 81.44 -37.12
N UNK E 2244 -95.46 80.86 -36.10
CA UNK E 2244 -94.50 81.58 -35.28
C UNK E 2244 -93.20 81.83 -36.05
N UNK E 2245 -92.85 80.89 -36.92
CA UNK E 2245 -91.64 80.99 -37.73
C UNK E 2245 -91.81 82.04 -38.83
N UNK E 2246 -93.02 82.14 -39.36
CA UNK E 2246 -93.31 83.11 -40.41
C UNK E 2246 -93.41 84.52 -39.84
N UNK E 2247 -93.82 84.61 -38.58
CA UNK E 2247 -93.95 85.91 -37.91
C UNK E 2247 -92.58 86.46 -37.54
N UNK E 2248 -91.62 85.57 -37.31
CA UNK E 2248 -90.26 85.97 -36.95
C UNK E 2248 -89.49 86.44 -38.17
N UNK E 2249 -89.87 85.91 -39.33
CA UNK E 2249 -89.21 86.27 -40.58
C UNK E 2249 -89.73 87.60 -41.11
N UNK E 2250 -90.98 87.91 -40.81
CA UNK E 2250 -91.60 89.15 -41.25
C UNK E 2250 -91.15 90.33 -40.39
N UNK E 2251 -90.94 90.07 -39.11
CA UNK E 2251 -90.52 91.10 -38.17
C UNK E 2251 -89.05 91.44 -38.36
N UNK E 2252 -88.27 90.47 -38.81
CA UNK E 2252 -86.84 90.66 -39.04
C UNK E 2252 -86.60 91.36 -40.37
N UNK E 2253 -87.44 91.07 -41.36
CA UNK E 2253 -87.31 91.68 -42.68
C UNK E 2253 -87.76 93.13 -42.65
N UNK E 2254 -88.73 93.44 -41.80
CA UNK E 2254 -89.25 94.80 -41.67
C UNK E 2254 -88.26 95.69 -40.92
N UNK E 2255 -87.55 95.10 -39.97
CA UNK E 2255 -86.57 95.83 -39.17
C UNK E 2255 -85.31 96.09 -39.98
N UNK E 2256 -84.99 95.19 -40.90
CA UNK E 2256 -83.81 95.32 -41.75
C UNK E 2256 -84.03 96.38 -42.82
N UNK E 2257 -85.27 96.53 -43.26
CA UNK E 2257 -85.62 97.51 -44.28
C UNK E 2257 -85.72 98.91 -43.68
N UNK E 2258 -85.99 98.95 -42.38
CA UNK E 2258 -86.11 100.23 -41.67
C UNK E 2258 -84.72 100.83 -41.39
N UNK E 2259 -83.76 99.96 -41.09
CA UNK E 2259 -82.40 100.39 -40.80
C UNK E 2259 -81.60 100.57 -42.08
N UNK E 2260 -73.28 91.18 -40.74
CA UNK E 2260 -74.60 91.31 -40.14
C UNK E 2260 -75.69 91.17 -41.21
N UNK E 2261 -75.48 91.83 -42.34
CA UNK E 2261 -76.45 91.79 -43.44
C UNK E 2261 -76.37 90.47 -44.18
N UNK E 2262 -75.20 89.84 -44.14
CA UNK E 2262 -74.98 88.57 -44.82
C UNK E 2262 -75.55 87.42 -43.99
N UNK E 2263 -75.65 87.62 -42.69
CA UNK E 2263 -76.17 86.59 -41.79
C UNK E 2263 -77.70 86.57 -41.82
N UNK E 2264 -78.30 87.75 -41.97
CA UNK E 2264 -79.75 87.87 -42.00
C UNK E 2264 -80.30 87.41 -43.35
N UNK E 2265 -79.50 87.59 -44.40
CA UNK E 2265 -79.91 87.20 -45.74
C UNK E 2265 -79.90 85.69 -45.90
N UNK E 2266 -78.98 85.03 -45.20
CA UNK E 2266 -78.87 83.58 -45.27
C UNK E 2266 -79.88 82.91 -44.34
N UNK E 2267 -80.32 83.64 -43.32
CA UNK E 2267 -81.28 83.11 -42.37
C UNK E 2267 -82.70 83.23 -42.90
N UNK E 2268 -82.92 84.20 -43.79
CA UNK E 2268 -84.24 84.42 -44.38
C UNK E 2268 -84.48 83.49 -45.56
N UNK E 2269 -83.39 83.12 -46.24
CA UNK E 2269 -83.47 82.25 -47.40
C UNK E 2269 -83.63 80.79 -46.97
N UNK E 2270 -83.02 80.44 -45.85
CA UNK E 2270 -83.09 79.07 -45.33
C UNK E 2270 -84.42 78.82 -44.63
N UNK E 2271 -85.05 79.89 -44.16
CA UNK E 2271 -86.33 79.78 -43.46
C UNK E 2271 -87.47 79.56 -44.44
N UNK E 2272 -87.25 79.96 -45.70
CA UNK E 2272 -88.26 79.81 -46.73
C UNK E 2272 -88.40 78.35 -47.16
N ASP E 2273 -93.25 91.29 -25.29
CA ASP E 2273 -93.47 92.50 -24.50
C ASP E 2273 -94.96 92.80 -24.35
N PRO E 2274 -95.51 92.59 -23.15
CA PRO E 2274 -96.94 92.86 -22.95
C PRO E 2274 -97.20 94.36 -22.89
N ARG E 2275 -98.14 94.81 -23.72
CA ARG E 2275 -98.51 96.23 -23.78
C ARG E 2275 -100.02 96.34 -23.91
N PRO E 2276 -100.73 96.41 -22.77
CA PRO E 2276 -102.19 96.52 -22.84
C PRO E 2276 -102.62 97.90 -23.30
N VAL E 2277 -103.75 97.93 -24.01
CA VAL E 2277 -104.28 99.18 -24.52
C VAL E 2277 -104.79 100.04 -23.36
N GLU E 2278 -104.63 101.35 -23.50
CA GLU E 2278 -105.08 102.27 -22.46
C GLU E 2278 -106.60 102.34 -22.43
N THR E 2279 -107.16 102.29 -21.22
CA THR E 2279 -108.60 102.34 -21.03
C THR E 2279 -109.04 103.33 -19.96
N LEU E 2280 -108.10 104.04 -19.33
CA LEU E 2280 -108.48 105.01 -18.31
C LEU E 2280 -109.11 106.26 -18.93
N ASN E 2281 -108.53 106.75 -20.02
CA ASN E 2281 -109.04 107.93 -20.72
C ASN E 2281 -110.11 107.60 -21.75
N VAL E 2282 -110.59 106.36 -21.78
CA VAL E 2282 -111.61 105.95 -22.74
C VAL E 2282 -112.98 106.20 -22.13
N ILE E 2283 -113.81 106.95 -22.84
CA ILE E 2283 -115.16 107.29 -22.39
CA ILE E 2283 -115.16 107.29 -22.39
C ILE E 2283 -116.15 106.46 -23.19
N ILE E 2284 -117.03 105.76 -22.48
CA ILE E 2284 -118.05 104.92 -23.11
C ILE E 2284 -119.28 105.78 -23.43
N PRO E 2285 -119.98 105.51 -24.52
CA PRO E 2285 -121.16 106.31 -24.84
C PRO E 2285 -122.32 106.02 -23.90
N GLU E 2286 -123.25 106.98 -23.84
CA GLU E 2286 -124.41 106.81 -22.97
C GLU E 2286 -125.35 105.74 -23.49
N LYS E 2287 -125.39 105.52 -24.80
N LYS E 2287 -125.39 105.52 -24.80
CA LYS E 2287 -126.25 104.49 -25.36
CA LYS E 2287 -126.25 104.49 -25.36
C LYS E 2287 -125.76 103.08 -25.05
C LYS E 2287 -125.76 103.08 -25.05
N LEU E 2288 -124.48 102.91 -24.76
CA LEU E 2288 -123.92 101.60 -24.45
C LEU E 2288 -124.17 101.18 -23.01
N ASP E 2289 -124.76 102.05 -22.18
CA ASP E 2289 -125.02 101.68 -20.79
C ASP E 2289 -126.11 100.63 -20.69
N SER E 2290 -127.03 100.58 -21.66
CA SER E 2290 -128.07 99.56 -21.65
C SER E 2290 -127.50 98.17 -21.92
N PHE E 2291 -126.53 98.08 -22.83
CA PHE E 2291 -125.92 96.78 -23.12
C PHE E 2291 -125.02 96.33 -21.97
N ILE E 2292 -124.48 97.26 -21.19
CA ILE E 2292 -123.63 96.88 -20.06
C ILE E 2292 -124.46 96.21 -18.97
N ASN E 2293 -125.66 96.74 -18.71
CA ASN E 2293 -126.53 96.13 -17.71
C ASN E 2293 -127.07 94.78 -18.17
N LYS E 2294 -127.32 94.62 -19.46
CA LYS E 2294 -127.80 93.34 -19.97
C LYS E 2294 -126.68 92.30 -19.96
N PHE E 2295 -125.45 92.71 -20.24
CA PHE E 2295 -124.33 91.78 -20.21
C PHE E 2295 -123.96 91.40 -18.79
N ALA E 2296 -124.10 92.31 -17.83
CA ALA E 2296 -123.79 91.99 -16.44
C ALA E 2296 -124.83 91.03 -15.87
N GLU E 2297 -126.09 91.17 -16.28
CA GLU E 2297 -127.12 90.25 -15.81
C GLU E 2297 -126.96 88.86 -16.42
N TYR E 2298 -126.51 88.78 -17.67
CA TYR E 2298 -126.29 87.48 -18.30
C TYR E 2298 -125.07 86.78 -17.71
N THR E 2299 -124.01 87.55 -17.41
CA THR E 2299 -122.83 86.95 -16.82
CA THR E 2299 -122.83 86.95 -16.82
C THR E 2299 -123.11 86.45 -15.40
N HIS E 2300 -123.93 87.18 -14.64
CA HIS E 2300 -124.26 86.75 -13.29
C HIS E 2300 -125.18 85.53 -13.31
N GLU E 2301 -126.12 85.50 -14.25
CA GLU E 2301 -127.02 84.36 -14.35
C GLU E 2301 -126.29 83.11 -14.84
N LYS E 2302 -125.29 83.28 -15.72
CA LYS E 2302 -124.53 82.14 -16.20
C LYS E 2302 -123.70 81.52 -15.08
N TRP E 2303 -123.10 82.36 -14.24
CA TRP E 2303 -122.32 81.84 -13.11
C TRP E 2303 -123.23 81.20 -12.07
N ALA E 2304 -124.42 81.77 -11.86
CA ALA E 2304 -125.36 81.18 -10.91
C ALA E 2304 -125.99 79.90 -11.44
N PHE E 2305 -126.07 79.76 -12.77
CA PHE E 2305 -126.63 78.53 -13.34
C PHE E 2305 -125.72 77.34 -13.08
N ASP E 2306 -124.42 77.50 -13.27
CA ASP E 2306 -123.49 76.41 -12.99
C ASP E 2306 -123.38 76.14 -11.49
N LYS E 2307 -123.57 77.17 -10.66
CA LYS E 2307 -123.52 76.97 -9.22
C LYS E 2307 -124.75 76.25 -8.71
N ILE E 2308 -125.91 76.51 -9.31
CA ILE E 2308 -127.14 75.84 -8.88
C ILE E 2308 -127.09 74.35 -9.19
N GLN E 2309 -126.34 73.96 -10.23
CA GLN E 2309 -126.21 72.55 -10.56
C GLN E 2309 -125.36 71.78 -9.55
N ASN E 2310 -124.56 72.49 -8.75
CA ASN E 2310 -123.72 71.86 -7.74
C ASN E 2310 -124.38 71.80 -6.37
N ASN E 2311 -125.71 71.80 -6.32
CA ASN E 2311 -126.47 71.72 -5.07
C ASN E 2311 -126.11 72.85 -4.12
N TRP E 2312 -125.88 74.03 -4.67
CA TRP E 2312 -125.55 75.23 -3.90
C TRP E 2312 -126.79 76.10 -3.71
N SER E 2313 -126.85 76.77 -2.57
CA SER E 2313 -127.96 77.64 -2.23
C SER E 2313 -127.42 78.97 -1.69
N TYR E 2314 -128.34 79.90 -1.45
CA TYR E 2314 -127.96 81.20 -0.95
C TYR E 2314 -127.53 81.12 0.53
N GLY E 2315 -126.64 82.02 0.92
CA GLY E 2315 -126.15 82.06 2.27
C GLY E 2315 -125.67 83.43 2.65
N GLU E 2316 -125.66 83.70 3.96
CA GLU E 2316 -125.20 85.00 4.45
C GLU E 2316 -123.70 85.16 4.28
N ASN E 2317 -122.94 84.11 4.56
CA ASN E 2317 -121.48 84.14 4.45
C ASN E 2317 -121.02 83.04 3.50
N ILE E 2318 -119.84 83.27 2.91
CA ILE E 2318 -119.29 82.30 1.98
C ILE E 2318 -118.78 81.09 2.75
N ASP E 2319 -119.16 79.90 2.29
CA ASP E 2319 -118.75 78.66 2.93
C ASP E 2319 -118.55 77.59 1.86
N GLU E 2320 -117.32 77.12 1.70
CA GLU E 2320 -117.04 76.10 0.70
C GLU E 2320 -117.62 74.75 1.10
N GLU E 2321 -117.74 74.48 2.40
CA GLU E 2321 -118.30 73.20 2.84
C GLU E 2321 -119.81 73.17 2.62
N LEU E 2322 -120.52 74.20 3.08
CA LEU E 2322 -121.97 74.27 2.92
C LEU E 2322 -122.40 74.69 1.52
N LYS E 2323 -121.46 75.11 0.68
CA LYS E 2323 -121.75 75.55 -0.70
C LYS E 2323 -122.77 76.69 -0.70
N THR E 2324 -122.43 77.75 0.03
CA THR E 2324 -123.26 78.94 0.13
C THR E 2324 -122.53 80.14 -0.45
N HIS E 2325 -123.30 81.11 -0.96
CA HIS E 2325 -122.74 82.30 -1.54
C HIS E 2325 -123.78 83.41 -1.50
N PRO E 2326 -123.41 84.64 -1.14
CA PRO E 2326 -124.40 85.72 -1.11
C PRO E 2326 -124.79 86.25 -2.47
N MET E 2327 -124.07 85.90 -3.53
CA MET E 2327 -124.38 86.36 -4.87
C MET E 2327 -125.43 85.51 -5.57
N LEU E 2328 -125.92 84.45 -4.92
CA LEU E 2328 -126.94 83.56 -5.51
C LEU E 2328 -128.31 84.22 -5.35
N ARG E 2329 -128.55 85.24 -6.17
CA ARG E 2329 -129.80 85.98 -6.13
C ARG E 2329 -130.03 86.68 -7.46
N PRO E 2330 -131.18 87.36 -7.64
CA PRO E 2330 -131.42 88.05 -8.90
C PRO E 2330 -130.55 89.28 -9.04
N TYR E 2331 -130.29 89.65 -10.30
CA TYR E 2331 -129.46 90.83 -10.57
C TYR E 2331 -130.16 92.13 -10.23
N LYS E 2332 -131.50 92.15 -10.24
CA LYS E 2332 -132.22 93.37 -9.91
C LYS E 2332 -132.11 93.72 -8.43
N THR E 2333 -131.89 92.73 -7.58
CA THR E 2333 -131.77 92.94 -6.14
C THR E 2333 -130.36 93.33 -5.71
N PHE E 2334 -129.42 93.41 -6.65
CA PHE E 2334 -128.05 93.77 -6.32
C PHE E 2334 -127.91 95.28 -6.24
N SER E 2335 -127.05 95.73 -5.31
CA SER E 2335 -126.80 97.15 -5.12
C SER E 2335 -125.78 97.64 -6.16
N GLU E 2336 -125.33 98.88 -6.01
CA GLU E 2336 -124.37 99.43 -6.94
C GLU E 2336 -123.00 98.77 -6.80
N LYS E 2337 -122.63 98.37 -5.58
CA LYS E 2337 -121.35 97.72 -5.38
C LYS E 2337 -121.35 96.29 -5.92
N ASP E 2338 -122.47 95.58 -5.75
CA ASP E 2338 -122.55 94.21 -6.25
C ASP E 2338 -122.64 94.19 -7.77
N LYS E 2339 -123.32 95.17 -8.36
CA LYS E 2339 -123.44 95.23 -9.82
C LYS E 2339 -122.13 95.65 -10.48
N GLU E 2340 -121.26 96.37 -9.78
CA GLU E 2340 -119.99 96.80 -10.35
C GLU E 2340 -118.99 95.66 -10.48
N ILE E 2341 -119.23 94.52 -9.82
CA ILE E 2341 -118.30 93.40 -9.92
C ILE E 2341 -118.36 92.79 -11.32
N TYR E 2342 -119.54 92.74 -11.91
CA TYR E 2342 -119.71 92.19 -13.25
C TYR E 2342 -119.65 93.26 -14.34
N ARG E 2343 -119.93 94.52 -14.01
CA ARG E 2343 -119.89 95.60 -14.99
C ARG E 2343 -118.47 96.06 -15.29
N TRP E 2344 -117.54 95.88 -14.34
CA TRP E 2344 -116.16 96.29 -14.54
CA TRP E 2344 -116.16 96.29 -14.54
C TRP E 2344 -115.50 95.44 -15.63
N PRO E 2345 -115.77 94.13 -15.66
CA PRO E 2345 -115.16 93.30 -16.71
C PRO E 2345 -115.72 93.58 -18.10
N ILE E 2346 -116.99 93.99 -18.20
CA ILE E 2346 -117.55 94.31 -19.51
C ILE E 2346 -117.15 95.71 -19.95
N LYS E 2347 -117.02 96.65 -19.02
CA LYS E 2347 -116.61 98.00 -19.38
C LYS E 2347 -115.14 98.04 -19.81
N GLU E 2348 -114.31 97.23 -19.17
CA GLU E 2348 -112.89 97.20 -19.54
C GLU E 2348 -112.70 96.59 -20.93
N SER E 2349 -113.50 95.57 -21.26
CA SER E 2349 -113.42 94.97 -22.59
C SER E 2349 -113.98 95.90 -23.66
N LEU E 2350 -115.04 96.63 -23.33
CA LEU E 2350 -115.62 97.57 -24.29
C LEU E 2350 -114.72 98.79 -24.49
N LYS E 2351 -113.98 99.19 -23.45
CA LYS E 2351 -113.08 100.33 -23.58
C LYS E 2351 -111.91 100.02 -24.50
N ALA E 2352 -111.47 98.76 -24.53
CA ALA E 2352 -110.37 98.38 -25.42
C ALA E 2352 -110.79 98.47 -26.88
N MET E 2353 -112.04 98.11 -27.18
CA MET E 2353 -112.53 98.21 -28.55
C MET E 2353 -112.72 99.66 -28.99
N ILE E 2354 -113.08 100.54 -28.05
CA ILE E 2354 -113.27 101.94 -28.39
C ILE E 2354 -111.94 102.59 -28.76
N ALA E 2355 -110.84 102.17 -28.11
CA ALA E 2355 -109.53 102.71 -28.44
C ALA E 2355 -109.03 102.22 -29.79
N TRP E 2356 -109.51 101.08 -30.27
CA TRP E 2356 -109.11 100.53 -31.55
C TRP E 2356 -109.92 101.09 -32.71
N GLU E 2357 -110.67 102.17 -32.49
CA GLU E 2357 -111.47 102.82 -33.53
C GLU E 2357 -112.49 101.85 -34.14
N TRP E 2358 -113.16 101.11 -33.26
CA TRP E 2358 -114.18 100.17 -33.68
C TRP E 2358 -115.55 100.82 -33.66
N THR E 2359 -116.43 100.35 -34.52
CA THR E 2359 -117.79 100.87 -34.64
C THR E 2359 -118.77 99.94 -33.94
N ILE E 2360 -119.55 100.49 -33.02
CA ILE E 2360 -120.55 99.71 -32.28
C ILE E 2360 -121.85 100.49 -32.22
N GLU E 2361 -122.80 100.14 -33.09
CA GLU E 2361 -124.09 100.81 -33.14
C GLU E 2361 -125.19 99.77 -33.31
N LYS E 2362 -126.36 100.09 -32.76
CA LYS E 2362 -127.52 99.19 -32.86
C LYS E 2362 -128.12 99.33 -34.25
N ALA E 2363 -127.83 98.35 -35.11
CA ALA E 2363 -128.32 98.36 -36.48
C ALA E 2363 -129.55 97.48 -36.68
N ARG E 2364 -129.74 96.46 -35.86
CA ARG E 2364 -130.87 95.55 -35.97
C ARG E 2364 -131.53 95.40 -34.61
N GLU E 2365 -132.72 94.81 -34.60
CA GLU E 2365 -133.46 94.58 -33.37
C GLU E 2365 -132.95 93.34 -32.66
N GLY E 2366 -133.05 93.37 -31.33
CA GLY E 2366 -132.59 92.24 -30.54
C GLY E 2366 -133.50 91.04 -30.67
N GLU E 2367 -132.97 89.89 -30.27
CA GLU E 2367 -133.71 88.64 -30.33
C GLU E 2367 -134.49 88.40 -29.04
N TYR E 2368 -135.07 81.02 -6.23
CA TYR E 2368 -134.22 81.58 -7.27
C TYR E 2368 -133.85 80.53 -8.30
N ASN E 2369 -134.43 80.64 -9.50
CA ASN E 2369 -134.18 79.72 -10.61
C ASN E 2369 -133.82 80.53 -11.84
N PRO E 2370 -132.57 80.95 -11.96
CA PRO E 2370 -132.16 81.73 -13.13
C PRO E 2370 -132.02 80.86 -14.37
N GLN E 2371 -132.45 81.41 -15.50
CA GLN E 2371 -132.40 80.74 -16.80
C GLN E 2371 -131.64 81.62 -17.78
N PRO E 2372 -130.31 81.48 -17.87
CA PRO E 2372 -129.56 82.30 -18.80
C PRO E 2372 -129.79 81.85 -20.23
N PRO E 2373 -129.69 82.75 -21.20
CA PRO E 2373 -129.90 82.35 -22.60
C PRO E 2373 -128.74 81.51 -23.12
N ASP E 2374 -129.06 80.64 -24.07
CA ASP E 2374 -128.06 79.77 -24.68
C ASP E 2374 -127.39 80.47 -25.85
N LEU E 2375 -126.06 80.47 -25.85
CA LEU E 2375 -125.27 81.10 -26.90
C LEU E 2375 -124.55 80.08 -27.78
N SER E 2376 -124.93 78.81 -27.70
CA SER E 2376 -124.28 77.80 -28.53
C SER E 2376 -124.70 77.90 -29.99
N GLY E 2377 -125.89 78.40 -30.26
CA GLY E 2377 -126.41 78.54 -31.60
C GLY E 2377 -126.02 79.83 -32.31
N VAL E 2378 -125.18 80.65 -31.70
CA VAL E 2378 -124.74 81.90 -32.30
C VAL E 2378 -123.47 81.64 -33.11
N THR E 2379 -123.54 81.88 -34.42
CA THR E 2379 -122.42 81.66 -35.32
C THR E 2379 -121.77 82.99 -35.66
N LEU E 2380 -120.45 83.06 -35.51
CA LEU E 2380 -119.69 84.26 -35.80
C LEU E 2380 -119.01 84.13 -37.16
N SER E 2381 -118.98 85.24 -37.91
CA SER E 2381 -118.38 85.26 -39.23
C SER E 2381 -116.86 85.27 -39.12
N ARG E 2382 -116.19 85.28 -40.27
CA ARG E 2382 -114.73 85.31 -40.28
C ARG E 2382 -114.21 86.64 -39.74
N GLU E 2383 -114.88 87.74 -40.04
CA GLU E 2383 -114.46 89.05 -39.54
CA GLU E 2383 -114.46 89.05 -39.54
C GLU E 2383 -114.61 89.14 -38.02
N LEU E 2384 -115.73 88.64 -37.50
CA LEU E 2384 -115.95 88.68 -36.06
C LEU E 2384 -115.01 87.74 -35.32
N GLN E 2385 -114.69 86.59 -35.93
CA GLN E 2385 -113.75 85.66 -35.30
C GLN E 2385 -112.34 86.22 -35.29
N ALA E 2386 -111.95 86.92 -36.35
CA ALA E 2386 -110.62 87.55 -36.38
C ALA E 2386 -110.53 88.70 -35.39
N MET E 2387 -111.61 89.48 -35.26
CA MET E 2387 -111.62 90.58 -34.29
C MET E 2387 -111.65 90.06 -32.86
N ALA E 2388 -112.17 88.85 -32.65
CA ALA E 2388 -112.19 88.28 -31.31
C ALA E 2388 -110.79 87.91 -30.83
N GLU E 2389 -109.88 87.64 -31.76
CA GLU E 2389 -108.50 87.34 -31.37
C GLU E 2389 -107.80 88.55 -30.79
N GLN E 2390 -108.12 89.75 -31.30
CA GLN E 2390 -107.54 90.96 -30.73
C GLN E 2390 -108.04 91.22 -29.31
N LEU E 2391 -109.32 90.92 -29.06
CA LEU E 2391 -109.86 91.07 -27.71
C LEU E 2391 -109.26 90.03 -26.76
N ALA E 2392 -109.07 88.80 -27.24
CA ALA E 2392 -108.45 87.78 -26.42
C ALA E 2392 -106.98 88.07 -26.17
N GLU E 2393 -106.31 88.74 -27.12
CA GLU E 2393 -104.90 89.10 -26.93
C GLU E 2393 -104.76 90.16 -25.85
N ASN E 2394 -105.72 91.07 -25.75
CA ASN E 2394 -105.67 92.10 -24.71
C ASN E 2394 -105.88 91.51 -23.33
N TYR E 2395 -106.66 90.43 -23.22
CA TYR E 2395 -106.87 89.78 -21.93
C TYR E 2395 -105.59 89.13 -21.43
N HIS E 2396 -104.77 88.58 -22.33
CA HIS E 2396 -103.50 87.98 -21.92
C HIS E 2396 -102.51 89.05 -21.50
N ASN E 2397 -102.48 90.19 -22.19
CA ASN E 2397 -101.59 91.27 -21.81
C ASN E 2397 -102.02 91.93 -20.50
N THR E 2398 -103.33 91.98 -20.25
CA THR E 2398 -103.81 92.55 -18.99
C THR E 2398 -103.48 91.64 -17.82
N TRP E 2399 -103.79 90.35 -17.95
CA TRP E 2399 -103.45 89.40 -16.89
C TRP E 2399 -101.95 89.18 -16.78
N GLY E 2400 -101.22 89.29 -17.89
CA GLY E 2400 -99.78 89.13 -17.84
C GLY E 2400 -99.09 90.28 -17.13
N ARG E 2401 -99.56 91.51 -17.36
CA ARG E 2401 -98.97 92.66 -16.68
C ARG E 2401 -99.31 92.66 -15.19
N LYS E 2402 -100.51 92.19 -14.84
CA LYS E 2402 -100.89 92.13 -13.43
C LYS E 2402 -100.13 91.02 -12.70
N LYS E 2403 -99.87 89.91 -13.38
CA LYS E 2403 -99.12 88.82 -12.76
C LYS E 2403 -97.65 89.18 -12.56
N LYS E 2404 -97.09 89.99 -13.46
CA LYS E 2404 -95.69 90.40 -13.32
C LYS E 2404 -95.51 91.35 -12.13
N GLN E 2405 -96.45 92.28 -11.93
CA GLN E 2405 -96.36 93.19 -10.80
C GLN E 2405 -96.63 92.47 -9.48
N GLU E 2406 -97.54 91.49 -9.50
CA GLU E 2406 -97.83 90.74 -8.29
C GLU E 2406 -96.70 89.80 -7.91
N LEU E 2407 -95.95 89.30 -8.90
CA LEU E 2407 -94.84 88.40 -8.61
C LEU E 2407 -93.68 89.16 -7.97
N GLU E 2408 -93.34 90.33 -8.52
CA GLU E 2408 -92.25 91.11 -7.96
C GLU E 2408 -92.58 91.64 -6.57
N ALA E 2409 -93.86 91.91 -6.30
CA ALA E 2409 -94.26 92.38 -4.98
C ALA E 2409 -94.23 91.29 -3.93
N LYS E 2410 -94.21 90.02 -4.35
CA LYS E 2410 -94.17 88.90 -3.42
C LYS E 2410 -92.77 88.31 -3.27
N GLY E 2411 -91.76 88.93 -3.87
CA GLY E 2411 -90.39 88.46 -3.78
C GLY E 2411 -89.81 87.91 -5.06
N GLY E 2412 -90.56 87.92 -6.15
CA GLY E 2412 -90.08 87.43 -7.43
C GLY E 2412 -90.74 86.13 -7.83
N GLY E 2413 -90.14 85.48 -8.81
CA GLY E 2413 -90.62 84.21 -9.34
C GLY E 2413 -90.87 84.29 -10.83
N THR E 2414 -91.48 83.24 -11.35
CA THR E 2414 -91.80 83.14 -12.77
C THR E 2414 -93.12 82.42 -12.94
N HIS E 2415 -93.59 82.35 -14.19
CA HIS E 2415 -94.83 81.70 -14.52
C HIS E 2415 -94.73 81.12 -15.93
N PRO E 2416 -95.32 79.95 -16.19
CA PRO E 2416 -95.25 79.39 -17.55
C PRO E 2416 -96.09 80.13 -18.56
N LEU E 2417 -97.12 80.85 -18.13
CA LEU E 2417 -97.98 81.61 -19.03
C LEU E 2417 -97.44 82.99 -19.37
N LEU E 2418 -96.18 83.26 -19.02
CA LEU E 2418 -95.57 84.56 -19.30
C LEU E 2418 -94.99 84.56 -20.72
N VAL E 2419 -95.90 84.45 -21.68
CA VAL E 2419 -95.53 84.44 -23.10
C VAL E 2419 -96.49 85.31 -23.87
N PRO E 2420 -96.29 85.49 -25.18
CA PRO E 2420 -97.21 86.33 -25.96
C PRO E 2420 -98.54 85.65 -26.16
N TYR E 2421 -99.49 86.42 -26.71
CA TYR E 2421 -100.82 85.89 -26.97
C TYR E 2421 -100.81 84.83 -28.06
N ASP E 2422 -100.09 85.09 -29.15
CA ASP E 2422 -99.99 84.13 -30.24
C ASP E 2422 -99.07 82.96 -29.93
N THR E 2423 -98.34 83.02 -28.83
CA THR E 2423 -97.43 81.94 -28.45
C THR E 2423 -98.11 80.86 -27.63
N LEU E 2424 -99.34 81.07 -27.18
CA LEU E 2424 -100.04 80.08 -26.39
C LEU E 2424 -100.57 78.95 -27.27
N THR E 2425 -100.88 77.82 -26.64
CA THR E 2425 -101.38 76.66 -27.35
C THR E 2425 -102.90 76.79 -27.51
N ALA E 2426 -103.53 75.74 -28.04
CA ALA E 2426 -104.98 75.77 -28.24
C ALA E 2426 -105.72 75.64 -26.91
N LYS E 2427 -105.22 74.81 -26.01
CA LYS E 2427 -105.88 74.64 -24.71
C LYS E 2427 -105.68 75.86 -23.82
N GLU E 2428 -104.51 76.50 -23.90
CA GLU E 2428 -104.26 77.67 -23.07
C GLU E 2428 -105.06 78.88 -23.55
N LYS E 2429 -105.30 78.99 -24.85
CA LYS E 2429 -106.06 80.10 -25.41
C LYS E 2429 -107.57 79.92 -25.25
N ALA E 2430 -108.02 78.79 -24.70
CA ALA E 2430 -109.45 78.57 -24.53
C ALA E 2430 -110.05 79.50 -23.49
N ARG E 2431 -109.26 79.87 -22.47
CA ARG E 2431 -109.77 80.78 -21.44
C ARG E 2431 -109.96 82.19 -21.96
N ASP E 2432 -109.16 82.60 -22.94
CA ASP E 2432 -109.27 83.94 -23.50
C ASP E 2432 -110.21 84.00 -24.70
N ARG E 2433 -110.29 82.93 -25.50
CA ARG E 2433 -111.17 82.92 -26.65
C ARG E 2433 -112.63 82.81 -26.23
N GLU E 2434 -112.92 82.10 -25.14
CA GLU E 2434 -114.30 81.97 -24.68
C GLU E 2434 -114.83 83.29 -24.15
N LYS E 2435 -113.98 84.07 -23.49
CA LYS E 2435 -114.43 85.37 -22.97
C LYS E 2435 -114.66 86.36 -24.10
N ALA E 2436 -113.83 86.33 -25.14
CA ALA E 2436 -114.00 87.23 -26.27
C ALA E 2436 -115.20 86.83 -27.13
N GLN E 2437 -115.46 85.53 -27.25
CA GLN E 2437 -116.59 85.07 -28.05
C GLN E 2437 -117.92 85.39 -27.37
N GLU E 2438 -117.94 85.41 -26.03
CA GLU E 2438 -119.18 85.72 -25.32
CA GLU E 2438 -119.18 85.72 -25.32
C GLU E 2438 -119.59 87.16 -25.49
N LEU E 2439 -118.62 88.08 -25.58
CA LEU E 2439 -118.95 89.49 -25.77
C LEU E 2439 -119.47 89.75 -27.17
N LEU E 2440 -118.92 89.05 -28.17
CA LEU E 2440 -119.39 89.23 -29.53
C LEU E 2440 -120.72 88.53 -29.79
N LYS E 2441 -120.97 87.40 -29.12
CA LYS E 2441 -122.24 86.70 -29.30
C LYS E 2441 -123.39 87.49 -28.68
N PHE E 2442 -123.15 88.13 -27.53
CA PHE E 2442 -124.21 88.92 -26.91
C PHE E 2442 -124.48 90.20 -27.69
N LEU E 2443 -123.46 90.74 -28.37
CA LEU E 2443 -123.67 91.94 -29.17
C LEU E 2443 -124.46 91.64 -30.44
N GLN E 2444 -124.17 90.50 -31.09
CA GLN E 2444 -124.89 90.14 -32.30
C GLN E 2444 -126.33 89.76 -31.99
N MET E 2445 -126.59 89.22 -30.80
CA MET E 2445 -127.96 88.86 -30.42
C MET E 2445 -128.83 90.08 -30.23
N ASN E 2446 -128.25 91.18 -29.74
CA ASN E 2446 -128.98 92.43 -29.52
C ASN E 2446 -129.04 93.30 -30.75
N GLY E 2447 -128.55 92.82 -31.90
CA GLY E 2447 -128.58 93.60 -33.11
C GLY E 2447 -127.49 94.63 -33.24
N TYR E 2448 -126.41 94.51 -32.46
CA TYR E 2448 -125.30 95.44 -32.51
C TYR E 2448 -124.26 94.94 -33.51
N ALA E 2449 -123.88 95.80 -34.46
CA ALA E 2449 -122.90 95.47 -35.47
C ALA E 2449 -121.53 95.98 -35.07
N VAL E 2450 -120.55 95.09 -35.07
CA VAL E 2450 -119.17 95.41 -34.70
C VAL E 2450 -118.31 95.29 -35.94
N THR E 2451 -117.75 96.42 -36.40
CA THR E 2451 -116.90 96.46 -37.58
C THR E 2451 -115.65 97.26 -37.27
N ARG E 2452 -114.70 97.22 -38.20
CA ARG E 2452 -113.44 97.93 -38.04
C ARG E 2452 -112.90 98.38 -39.39
N UNK E 2453 -99.24 81.60 -47.28
CA UNK E 2453 -98.40 82.80 -47.31
C UNK E 2453 -98.33 83.37 -48.73
N UNK E 2454 -99.38 83.16 -49.51
CA UNK E 2454 -99.43 83.64 -50.88
C UNK E 2454 -99.66 85.16 -50.91
N UNK E 2455 -100.37 85.66 -49.91
CA UNK E 2455 -100.66 87.09 -49.82
C UNK E 2455 -99.39 87.87 -49.43
N UNK E 2456 -98.51 87.21 -48.68
CA UNK E 2456 -97.27 87.83 -48.26
C UNK E 2456 -96.29 87.94 -49.43
N UNK E 2457 -96.42 87.02 -50.38
CA UNK E 2457 -95.57 87.02 -51.57
C UNK E 2457 -95.96 88.15 -52.51
N UNK E 2458 -97.26 88.46 -52.54
CA UNK E 2458 -97.76 89.53 -53.39
C UNK E 2458 -97.37 90.89 -52.83
N UNK E 2459 -97.30 90.98 -51.50
CA UNK E 2459 -96.92 92.22 -50.83
C UNK E 2459 -95.43 92.48 -50.98
N UNK E 2460 -94.65 91.40 -51.08
CA UNK E 2460 -93.21 91.51 -51.25
C UNK E 2460 -92.87 91.97 -52.67
N UNK E 2461 -93.71 91.58 -53.62
CA UNK E 2461 -93.52 91.97 -55.02
C UNK E 2461 -93.88 93.42 -55.22
N UNK E 2462 -94.82 93.91 -54.41
CA UNK E 2462 -95.25 95.30 -54.48
C UNK E 2462 -94.18 96.22 -53.89
N UNK E 2463 -93.51 95.75 -52.85
CA UNK E 2463 -92.44 96.52 -52.22
C UNK E 2463 -91.21 96.55 -53.11
N UNK E 2464 -90.99 95.48 -53.86
CA UNK E 2464 -89.86 95.39 -54.78
C UNK E 2464 -90.11 96.26 -56.00
N UNK E 2465 -91.37 96.42 -56.37
CA UNK E 2465 -91.75 97.24 -57.51
C UNK E 2465 -91.60 98.72 -57.17
N UNK E 2466 -91.82 99.05 -55.91
CA UNK E 2466 -91.69 100.43 -55.45
C UNK E 2466 -90.22 100.82 -55.34
N UNK E 2467 -89.38 99.85 -55.02
CA UNK E 2467 -87.94 100.09 -54.91
C UNK E 2467 -87.31 100.16 -56.30
N UNK E 2468 -87.91 99.45 -57.26
CA UNK E 2468 -87.42 99.45 -58.63
C UNK E 2468 -87.76 100.77 -59.32
N UNK E 2469 -88.87 101.39 -58.90
CA UNK E 2469 -89.30 102.65 -59.46
C UNK E 2469 -88.44 103.79 -58.94
N UNK E 2470 -87.89 103.61 -57.75
CA UNK E 2470 -87.03 104.61 -57.13
C UNK E 2470 -85.62 104.56 -57.73
N UNK E 2471 -85.22 103.36 -58.17
CA UNK E 2471 -83.92 103.17 -58.77
C UNK E 2471 -83.89 103.69 -60.21
N UNK E 2472 -85.06 103.65 -60.85
CA UNK E 2472 -85.18 104.11 -62.23
C UNK E 2472 -85.29 105.63 -62.27
N UNK E 2473 -85.81 106.22 -61.20
CA UNK E 2473 -85.96 107.66 -61.11
C UNK E 2473 -84.62 108.33 -60.82
N UNK E 2474 -83.74 107.61 -60.12
CA UNK E 2474 -82.42 108.13 -59.78
C UNK E 2474 -81.47 107.98 -60.96
N UNK E 2475 -81.78 107.05 -61.86
CA UNK E 2475 -80.95 106.81 -63.04
C UNK E 2475 -81.32 107.75 -64.17
N UNK E 2476 -78.32 103.41 -50.39
CA UNK E 2476 -79.05 103.05 -49.19
C UNK E 2476 -80.29 102.20 -49.53
N UNK E 2477 -81.24 102.82 -50.21
CA UNK E 2477 -82.46 102.13 -50.60
C UNK E 2477 -82.20 101.17 -51.76
N UNK E 2478 -81.22 101.52 -52.60
CA UNK E 2478 -80.87 100.69 -53.74
C UNK E 2478 -80.11 99.44 -53.29
N UNK E 2479 -79.38 99.57 -52.18
CA UNK E 2479 -78.62 98.44 -51.64
C UNK E 2479 -79.55 97.44 -50.97
N UNK E 2480 -80.63 97.94 -50.38
CA UNK E 2480 -81.60 97.07 -49.73
C UNK E 2480 -82.45 96.33 -50.75
N UNK E 2481 -82.65 96.96 -51.91
CA UNK E 2481 -83.42 96.35 -52.98
C UNK E 2481 -82.63 95.24 -53.65
N UNK E 2482 -81.31 95.39 -53.68
CA UNK E 2482 -80.43 94.40 -54.28
C UNK E 2482 -80.34 93.15 -53.40
N UNK E 2483 -80.43 93.36 -52.08
CA UNK E 2483 -80.38 92.27 -51.13
C UNK E 2483 -81.69 91.47 -51.14
N UNK E 2484 -82.78 92.17 -51.41
CA UNK E 2484 -84.10 91.54 -51.47
C UNK E 2484 -84.28 90.80 -52.80
N UNK E 2485 -83.59 91.28 -53.83
CA UNK E 2485 -83.66 90.66 -55.15
C UNK E 2485 -82.90 89.34 -55.16
N UNK E 2486 -81.80 89.29 -54.43
CA UNK E 2486 -80.98 88.08 -54.32
C UNK E 2486 -81.67 87.05 -53.43
N UNK E 2487 -82.44 87.53 -52.46
CA UNK E 2487 -83.16 86.65 -51.55
C UNK E 2487 -84.36 86.03 -52.26
N UNK E 2488 -84.92 86.75 -53.21
CA UNK E 2488 -86.06 86.25 -53.98
C UNK E 2488 -85.61 85.30 -55.08
N UNK E 2489 -84.33 85.40 -55.44
CA UNK E 2489 -83.76 84.53 -56.46
C UNK E 2489 -83.61 83.10 -55.94
N UNK E 2490 -83.21 82.98 -54.68
CA UNK E 2490 -83.03 81.67 -54.06
C UNK E 2490 -84.38 81.12 -53.61
N UNK E 2491 -85.33 82.00 -53.37
CA UNK E 2491 -86.66 81.60 -52.92
C UNK E 2491 -87.46 81.03 -54.09
N UNK E 2492 -87.22 81.55 -55.29
CA UNK E 2492 -87.92 81.09 -56.48
C UNK E 2492 -87.29 79.81 -57.01
N UNK E 2493 -86.04 79.56 -56.64
CA UNK E 2493 -85.32 78.38 -57.07
C UNK E 2493 -85.63 77.20 -56.14
N UNK E 2494 -85.86 77.50 -54.87
CA UNK E 2494 -86.16 76.47 -53.88
C UNK E 2494 -87.59 76.00 -54.01
N UNK E 2495 -88.52 76.95 -54.06
CA UNK E 2495 -89.94 76.63 -54.18
C UNK E 2495 -90.35 76.51 -55.64
N UNK E 2496 -98.24 83.55 -62.82
CA UNK E 2496 -99.29 84.18 -62.06
C UNK E 2496 -98.96 85.65 -61.78
N UNK E 2497 -99.27 86.10 -60.57
CA UNK E 2497 -99.00 87.48 -60.17
C UNK E 2497 -97.51 87.69 -59.93
N UNK E 2498 -96.84 86.63 -59.47
CA UNK E 2498 -95.41 86.71 -59.19
C UNK E 2498 -94.60 86.72 -60.49
N UNK E 2499 -95.12 86.06 -61.51
CA UNK E 2499 -94.46 85.99 -62.80
C UNK E 2499 -94.55 87.33 -63.53
N UNK E 2500 -95.62 88.06 -63.27
CA UNK E 2500 -95.83 89.36 -63.90
C UNK E 2500 -94.91 90.40 -63.29
N UNK E 2501 -94.63 90.27 -62.01
CA UNK E 2501 -93.76 91.20 -61.30
C UNK E 2501 -92.29 90.89 -61.58
N UNK E 2502 -92.02 89.64 -61.95
CA UNK E 2502 -90.66 89.19 -62.24
C UNK E 2502 -90.21 89.72 -63.61
N UNK E 2503 -91.12 89.70 -64.57
CA UNK E 2503 -90.82 90.16 -65.92
C UNK E 2503 -90.81 91.69 -65.98
N UNK E 2504 -91.52 92.32 -65.05
CA UNK E 2504 -91.58 93.78 -65.00
C UNK E 2504 -90.31 94.36 -64.38
N UNK E 2505 -89.77 93.65 -63.40
CA UNK E 2505 -88.55 94.10 -62.72
C UNK E 2505 -87.32 93.82 -63.57
N UNK E 2506 -87.42 92.81 -64.43
CA UNK E 2506 -86.31 92.45 -65.30
C UNK E 2506 -86.15 93.45 -66.44
N UNK E 2507 -87.27 94.01 -66.87
CA UNK E 2507 -87.27 94.99 -67.95
C UNK E 2507 -86.92 96.38 -67.45
N UNK E 2508 -87.14 96.61 -66.15
CA UNK E 2508 -86.86 97.90 -65.53
C UNK E 2508 -85.37 98.06 -65.27
N UNK E 2509 -84.70 96.94 -64.96
CA UNK E 2509 -83.28 96.96 -64.68
C UNK E 2509 -82.46 96.89 -65.97
N UNK E 2510 -83.11 96.44 -67.04
CA UNK E 2510 -82.45 96.33 -68.35
C UNK E 2510 -82.35 97.69 -69.02
N UNK E 2511 -83.23 98.60 -68.64
CA UNK E 2511 -83.24 99.94 -69.21
C UNK E 2511 -82.10 100.78 -68.63
N UNK E 2512 -79.56 93.02 -61.24
CA UNK E 2512 -78.31 92.82 -61.97
C UNK E 2512 -78.34 91.51 -62.75
N UNK E 2513 -77.19 90.84 -62.83
CA UNK E 2513 -77.09 89.58 -63.53
C UNK E 2513 -77.78 88.46 -62.76
N UNK E 2514 -77.80 88.59 -61.43
CA UNK E 2514 -78.43 87.60 -60.57
C UNK E 2514 -79.95 87.74 -60.64
N UNK E 2515 -80.42 88.94 -60.91
CA UNK E 2515 -81.86 89.20 -61.03
C UNK E 2515 -82.41 88.63 -62.32
N UNK E 2516 -81.57 88.56 -63.34
CA UNK E 2516 -81.97 88.03 -64.64
C UNK E 2516 -82.13 86.51 -64.57
N UNK E 2517 -81.35 85.88 -63.69
CA UNK E 2517 -81.41 84.43 -63.53
C UNK E 2517 -82.58 84.05 -62.62
N UNK E 2518 -83.08 85.03 -61.87
CA UNK E 2518 -84.20 84.80 -60.96
C UNK E 2518 -85.49 84.57 -61.75
N UNK E 2519 -85.67 85.35 -62.82
CA UNK E 2519 -86.86 85.23 -63.66
C UNK E 2519 -86.73 84.02 -64.59
N UNK E 2520 -85.50 83.58 -64.82
CA UNK E 2520 -85.24 82.44 -65.69
C UNK E 2520 -85.61 81.15 -64.97
N UNK E 2521 -85.49 81.14 -63.65
CA UNK E 2521 -85.81 79.96 -62.85
C UNK E 2521 -87.26 80.01 -62.37
N UNK E 2522 -87.90 81.16 -62.58
CA UNK E 2522 -89.30 81.33 -62.16
C UNK E 2522 -90.24 81.01 -63.32
N UNK E 2523 -89.67 80.77 -64.49
CA UNK E 2523 -90.46 80.46 -65.68
C UNK E 2523 -91.00 79.03 -65.60
N UNK E 2524 -97.87 92.39 -68.91
CA UNK E 2524 -98.30 91.13 -69.52
C UNK E 2524 -97.96 91.10 -71.01
N UNK E 2525 -98.91 91.53 -71.83
CA UNK E 2525 -98.72 91.55 -73.28
C UNK E 2525 -97.79 92.69 -73.68
N UNK E 2526 -97.80 93.77 -72.90
CA UNK E 2526 -96.94 94.91 -73.17
C UNK E 2526 -95.50 94.61 -72.80
N UNK E 2527 -95.31 93.74 -71.81
CA UNK E 2527 -93.98 93.35 -71.37
C UNK E 2527 -93.32 92.43 -72.40
N UNK E 2528 -94.13 91.60 -73.04
CA UNK E 2528 -93.63 90.68 -74.06
C UNK E 2528 -93.28 91.44 -75.34
N UNK E 2529 -94.03 92.50 -75.61
CA UNK E 2529 -93.79 93.33 -76.79
C UNK E 2529 -92.54 94.18 -76.60
N UNK E 2530 -92.27 94.55 -75.35
CA UNK E 2530 -91.08 95.34 -75.03
C UNK E 2530 -89.82 94.49 -75.16
N UNK E 2531 -89.96 93.20 -74.87
CA UNK E 2531 -88.84 92.27 -74.98
C UNK E 2531 -88.51 92.01 -76.44
N UNK E 2532 -89.53 92.01 -77.29
CA UNK E 2532 -89.34 91.81 -78.72
C UNK E 2532 -88.73 93.05 -79.37
N UNK E 2533 -89.03 94.21 -78.80
CA UNK E 2533 -88.50 95.47 -79.29
C UNK E 2533 -87.02 95.58 -78.96
N UNK E 2534 -86.63 95.01 -77.81
CA UNK E 2534 -85.24 95.01 -77.39
C UNK E 2534 -84.42 94.06 -78.26
N UNK E 2535 -85.07 93.01 -78.74
CA UNK E 2535 -84.42 92.03 -79.60
C UNK E 2535 -84.18 92.61 -80.98
N UNK E 2536 -85.06 93.51 -81.39
CA UNK E 2536 -84.94 94.18 -82.69
C UNK E 2536 -83.80 95.18 -82.67
N UNK E 2537 -83.59 95.80 -81.52
CA UNK E 2537 -82.51 96.77 -81.34
C UNK E 2537 -81.16 96.06 -81.22
N UNK E 2538 -81.20 94.81 -80.77
CA UNK E 2538 -80.00 94.01 -80.61
C UNK E 2538 -79.47 93.58 -81.98
N UNK E 2539 -80.38 93.38 -82.93
CA UNK E 2539 -80.02 92.98 -84.28
C UNK E 2539 -79.41 94.17 -85.04
N UNK E 2540 -79.85 95.37 -84.69
CA UNK E 2540 -79.34 96.59 -85.32
C UNK E 2540 -77.94 96.91 -84.81
N UNK E 2541 -77.67 96.54 -83.56
CA UNK E 2541 -76.37 96.78 -82.95
C UNK E 2541 -75.37 95.71 -83.40
N UNK E 2542 -75.87 94.51 -83.67
CA UNK E 2542 -75.03 93.41 -84.12
C UNK E 2542 -74.63 93.59 -85.58
N UNK E 2543 -75.48 94.27 -86.34
CA UNK E 2543 -75.21 94.52 -87.75
C UNK E 2543 -74.35 95.76 -87.93
N UNK E 2544 -74.24 96.57 -86.87
CA UNK E 2544 -73.45 97.79 -86.91
C UNK E 2544 -72.01 97.51 -86.47
N UNK E 2545 -77.48 98.28 -75.33
CA UNK E 2545 -76.06 97.99 -75.44
C UNK E 2545 -75.82 96.52 -75.78
N UNK E 2546 -74.56 96.15 -75.92
CA UNK E 2546 -74.20 94.76 -76.23
C UNK E 2546 -74.34 93.87 -75.01
N UNK E 2547 -74.18 94.46 -73.83
CA UNK E 2547 -74.30 93.73 -72.58
C UNK E 2547 -75.75 93.40 -72.28
N UNK E 2548 -76.64 94.35 -72.59
CA UNK E 2548 -78.06 94.17 -72.36
C UNK E 2548 -78.68 93.26 -73.41
N UNK E 2549 -78.02 93.17 -74.56
CA UNK E 2549 -78.50 92.34 -75.66
C UNK E 2549 -78.28 90.86 -75.34
N UNK E 2550 -77.17 90.56 -74.67
CA UNK E 2550 -76.84 89.19 -74.30
C UNK E 2550 -77.73 88.71 -73.15
N UNK E 2551 -78.14 89.65 -72.30
CA UNK E 2551 -78.99 89.33 -71.16
C UNK E 2551 -80.42 89.06 -71.63
N UNK E 2552 -80.85 89.78 -72.66
CA UNK E 2552 -82.19 89.61 -73.21
C UNK E 2552 -82.27 88.34 -74.04
N UNK E 2553 -81.16 87.98 -74.68
CA UNK E 2553 -81.10 86.78 -75.51
C UNK E 2553 -81.09 85.53 -74.63
N UNK E 2554 -80.43 85.62 -73.49
CA UNK E 2554 -80.36 84.49 -72.55
C UNK E 2554 -81.69 84.31 -71.83
N UNK E 2555 -82.42 85.41 -71.67
CA UNK E 2555 -83.72 85.37 -71.00
C UNK E 2555 -84.77 84.77 -71.92
N UNK E 2556 -84.60 84.98 -73.23
CA UNK E 2556 -85.52 84.45 -74.22
C UNK E 2556 -85.31 82.95 -74.41
N UNK E 2557 -84.08 82.50 -74.21
CA UNK E 2557 -83.73 81.10 -74.35
C UNK E 2557 -84.26 80.30 -73.16
N UNK E 2558 -84.33 80.95 -72.00
CA UNK E 2558 -84.83 80.32 -70.78
C UNK E 2558 -86.35 80.21 -70.82
N UNK E 2559 -86.99 81.21 -71.42
CA UNK E 2559 -88.44 81.22 -71.54
C UNK E 2559 -88.91 80.22 -72.60
N UNK E 2560 -88.08 80.02 -73.61
CA UNK E 2560 -88.40 79.07 -74.69
C UNK E 2560 -88.24 77.64 -74.21
N UNK E 2561 -87.32 77.43 -73.28
CA UNK E 2561 -87.07 76.10 -72.72
C UNK E 2561 -88.19 75.70 -71.77
N UNK E 2562 -88.85 76.70 -71.18
CA UNK E 2562 -89.95 76.45 -70.26
C UNK E 2562 -91.21 76.06 -71.01
N UNK E 2563 -91.30 76.46 -72.27
CA UNK E 2563 -92.45 76.14 -73.10
C UNK E 2563 -92.41 74.68 -73.55
N UNK E 2564 -91.21 74.13 -73.63
CA UNK E 2564 -91.02 72.74 -74.03
C UNK E 2564 -91.16 71.80 -72.83
N UNK E 2565 -91.11 72.37 -71.64
CA UNK E 2565 -91.22 71.60 -70.41
C UNK E 2565 -92.66 71.57 -69.90
N UNK E 2566 -99.41 84.56 -78.98
CA UNK E 2566 -100.26 84.23 -80.12
C UNK E 2566 -99.70 84.83 -81.41
N UNK E 2567 -100.37 85.86 -81.91
CA UNK E 2567 -99.94 86.53 -83.14
C UNK E 2567 -98.69 87.37 -82.89
N UNK E 2568 -98.57 87.88 -81.68
CA UNK E 2568 -97.41 88.70 -81.30
C UNK E 2568 -96.18 87.83 -81.11
N UNK E 2569 -96.39 86.58 -80.72
CA UNK E 2569 -95.29 85.65 -80.52
C UNK E 2569 -94.71 85.20 -81.86
N UNK E 2570 -95.55 85.13 -82.88
CA UNK E 2570 -95.12 84.73 -84.22
C UNK E 2570 -94.33 85.86 -84.87
N UNK E 2571 -94.69 87.10 -84.56
CA UNK E 2571 -94.01 88.25 -85.11
C UNK E 2571 -92.65 88.44 -84.45
N UNK E 2572 -92.57 88.09 -83.16
CA UNK E 2572 -91.33 88.21 -82.42
C UNK E 2572 -90.33 87.14 -82.85
N UNK E 2573 -90.86 85.98 -83.23
CA UNK E 2573 -90.03 84.87 -83.69
C UNK E 2573 -89.50 85.15 -85.09
N UNK E 2574 -90.25 85.92 -85.86
CA UNK E 2574 -89.85 86.27 -87.22
C UNK E 2574 -88.70 87.28 -87.19
N UNK E 2575 -88.69 88.12 -86.16
CA UNK E 2575 -87.64 89.11 -86.00
C UNK E 2575 -86.34 88.46 -85.55
N UNK E 2576 -86.46 87.36 -84.81
CA UNK E 2576 -85.30 86.63 -84.33
C UNK E 2576 -84.67 85.82 -85.46
N UNK E 2577 -85.50 85.38 -86.39
CA UNK E 2577 -85.03 84.61 -87.54
C UNK E 2577 -84.28 85.50 -88.52
N UNK E 2578 -84.67 86.77 -88.58
CA UNK E 2578 -84.03 87.74 -89.46
C UNK E 2578 -82.73 88.23 -88.85
N UNK E 2579 -82.61 88.14 -87.54
CA UNK E 2579 -81.40 88.56 -86.83
C UNK E 2579 -80.28 87.55 -87.03
N UNK E 2580 -80.65 86.29 -87.23
CA UNK E 2580 -79.67 85.23 -87.45
C UNK E 2580 -79.24 85.17 -88.91
N UNK E 2581 -80.04 85.80 -89.78
CA UNK E 2581 -79.74 85.83 -91.21
C UNK E 2581 -78.74 86.92 -91.53
N UNK E 2582 -74.08 85.39 -81.25
CA UNK E 2582 -73.64 84.48 -82.31
C UNK E 2582 -74.06 83.05 -82.00
N UNK E 2583 -73.29 82.40 -81.11
CA UNK E 2583 -73.58 81.02 -80.73
C UNK E 2583 -74.76 80.97 -79.76
N UNK E 2584 -74.88 82.00 -78.93
CA UNK E 2584 -75.97 82.07 -77.96
C UNK E 2584 -77.29 82.39 -78.64
N UNK E 2585 -77.23 83.18 -79.71
CA UNK E 2585 -78.42 83.56 -80.45
C UNK E 2585 -78.91 82.40 -81.32
N UNK E 2586 -77.98 81.53 -81.71
CA UNK E 2586 -78.31 80.38 -82.54
C UNK E 2586 -79.06 79.32 -81.72
N UNK E 2587 -78.73 79.24 -80.43
CA UNK E 2587 -79.36 78.28 -79.53
C UNK E 2587 -80.77 78.73 -79.18
N UNK E 2588 -81.00 80.04 -79.20
CA UNK E 2588 -82.30 80.60 -78.89
C UNK E 2588 -83.28 80.39 -80.04
N UNK E 2589 -82.75 80.33 -81.25
CA UNK E 2589 -83.57 80.13 -82.44
C UNK E 2589 -84.05 78.68 -82.52
N UNK E 2590 -83.20 77.76 -82.08
CA UNK E 2590 -83.55 76.34 -82.10
C UNK E 2590 -84.52 76.00 -80.97
N UNK E 2591 -84.40 76.73 -79.86
CA UNK E 2591 -85.27 76.53 -78.71
C UNK E 2591 -86.68 77.02 -79.00
N UNK E 2592 -86.78 78.07 -79.82
CA UNK E 2592 -88.07 78.62 -80.19
C UNK E 2592 -88.71 77.81 -81.31
N UNK E 2593 -87.88 77.04 -82.02
CA UNK E 2593 -88.35 76.21 -83.12
C UNK E 2593 -88.91 74.89 -82.59
N UNK E 2594 -88.47 74.51 -81.40
CA UNK E 2594 -88.92 73.27 -80.78
C UNK E 2594 -90.18 73.49 -79.96
N UNK E 2595 -90.44 74.75 -79.62
CA UNK E 2595 -91.62 75.11 -78.84
C UNK E 2595 -92.80 75.43 -79.75
N UNK E 2596 -88.40 75.71 -94.08
CA UNK E 2596 -89.22 74.50 -94.23
C UNK E 2596 -88.49 73.46 -95.07
N UNK E 2597 -88.99 73.24 -96.29
CA UNK E 2597 -88.39 72.27 -97.20
C UNK E 2597 -87.08 72.80 -97.77
N UNK E 2598 -86.99 74.12 -97.89
CA UNK E 2598 -85.80 74.76 -98.43
C UNK E 2598 -84.68 74.78 -97.40
N UNK E 2599 -85.06 74.77 -96.13
CA UNK E 2599 -84.08 74.77 -95.04
C UNK E 2599 -83.44 73.39 -94.90
N UNK E 2600 -84.20 72.35 -95.19
CA UNK E 2600 -83.71 70.98 -95.11
C UNK E 2600 -82.78 70.67 -96.27
N UNK E 2601 -83.06 71.28 -97.43
CA UNK E 2601 -82.24 71.07 -98.62
C UNK E 2601 -80.91 71.80 -98.49
N UNK E 2602 -80.92 72.94 -97.82
CA UNK E 2602 -79.72 73.73 -97.62
C UNK E 2602 -78.80 73.08 -96.58
N UNK E 2603 -79.42 72.38 -95.63
CA UNK E 2603 -78.67 71.70 -94.58
C UNK E 2603 -78.04 70.42 -95.11
N UNK E 2604 -78.65 69.84 -96.13
CA UNK E 2604 -78.15 68.61 -96.73
C UNK E 2604 -76.95 68.89 -97.62
N UNK E 2605 -76.88 70.12 -98.13
CA UNK E 2605 -75.77 70.53 -99.00
C UNK E 2605 -74.55 70.89 -98.18
N UNK E 2606 -74.77 71.29 -96.93
CA UNK E 2606 -73.68 71.66 -96.04
C UNK E 2606 -72.93 70.43 -95.53
N UNK E 2607 -68.42 75.13 -87.38
CA UNK E 2607 -68.38 76.57 -87.14
C UNK E 2607 -69.68 77.06 -86.53
N UNK E 2608 -69.84 78.37 -86.46
CA UNK E 2608 -71.04 78.98 -85.90
C UNK E 2608 -72.22 78.84 -86.84
N UNK E 2609 -71.93 78.90 -88.14
CA UNK E 2609 -72.97 78.77 -89.17
C UNK E 2609 -73.46 77.33 -89.27
N UNK E 2610 -72.55 76.38 -89.05
CA UNK E 2610 -72.89 74.96 -89.12
C UNK E 2610 -73.65 74.53 -87.86
N UNK E 2611 -73.38 75.21 -86.76
CA UNK E 2611 -74.03 74.90 -85.49
C UNK E 2611 -75.48 75.39 -85.49
N UNK E 2612 -75.72 76.50 -86.19
CA UNK E 2612 -77.06 77.07 -86.28
C UNK E 2612 -77.93 76.28 -87.25
N UNK E 2613 -77.29 75.60 -88.19
CA UNK E 2613 -78.01 74.81 -89.18
C UNK E 2613 -78.29 73.41 -88.65
N UNK E 2614 -77.39 72.89 -87.83
CA UNK E 2614 -77.55 71.56 -87.25
C UNK E 2614 -78.60 71.57 -86.15
N UNK E 2615 -78.70 72.70 -85.46
CA UNK E 2615 -79.66 72.83 -84.37
C UNK E 2615 -81.06 73.12 -84.90
N UNK E 2616 -81.12 73.67 -86.11
CA UNK E 2616 -82.40 73.99 -86.74
C UNK E 2616 -83.00 72.77 -87.42
N UNK E 2617 -82.13 71.87 -87.87
CA UNK E 2617 -82.57 70.65 -88.55
C UNK E 2617 -83.03 69.61 -87.53
N UNK E 2618 -82.61 69.78 -86.28
CA UNK E 2618 -82.98 68.86 -85.22
C UNK E 2618 -84.29 69.27 -84.56
N UNK E 2619 -84.53 70.57 -84.49
CA UNK E 2619 -85.75 71.11 -83.90
C UNK E 2619 -86.94 70.89 -84.82
N UNK E 2620 -86.69 70.94 -86.13
CA UNK E 2620 -87.74 70.75 -87.12
C UNK E 2620 -88.10 69.28 -87.25
N UNK E 2621 -87.15 68.41 -86.93
CA UNK E 2621 -87.36 66.97 -87.02
C UNK E 2621 -88.25 66.48 -85.88
N UNK E 2622 -88.22 67.20 -84.76
CA UNK E 2622 -89.02 66.84 -83.61
C UNK E 2622 -90.40 67.49 -83.68
N UNK E 2623 -90.58 68.38 -84.65
CA UNK E 2623 -91.85 69.07 -84.84
C UNK E 2623 -92.90 68.14 -85.46
N UNK E 2624 -92.56 60.71 -95.19
CA UNK E 2624 -93.42 60.98 -94.04
C UNK E 2624 -92.67 61.83 -93.01
N UNK E 2625 -93.31 62.02 -91.84
CA UNK E 2625 -92.72 62.81 -90.78
C UNK E 2625 -91.57 62.05 -90.11
N UNK E 2626 -91.70 60.72 -90.05
CA UNK E 2626 -90.67 59.89 -89.46
C UNK E 2626 -89.47 59.73 -90.39
N UNK E 2627 -89.74 59.83 -91.69
CA UNK E 2627 -88.69 59.70 -92.69
C UNK E 2627 -87.85 60.98 -92.76
N UNK E 2628 -88.49 62.11 -92.53
CA UNK E 2628 -87.82 63.40 -92.55
C UNK E 2628 -86.93 63.58 -91.33
N UNK E 2629 -87.33 62.96 -90.22
CA UNK E 2629 -86.57 63.04 -88.98
C UNK E 2629 -85.32 62.16 -89.05
N UNK E 2630 -85.41 61.09 -89.82
CA UNK E 2630 -84.29 60.17 -89.99
C UNK E 2630 -83.21 60.78 -90.87
N UNK E 2631 -83.63 61.54 -91.87
CA UNK E 2631 -82.69 62.19 -92.78
C UNK E 2631 -82.03 63.39 -92.11
N UNK E 2632 -82.74 63.99 -91.15
CA UNK E 2632 -82.22 65.14 -90.44
C UNK E 2632 -81.15 64.72 -89.44
N UNK E 2633 -81.27 63.49 -88.95
CA UNK E 2633 -80.30 62.95 -87.99
C UNK E 2633 -79.05 62.44 -88.70
N UNK E 2634 -79.23 61.97 -89.93
CA UNK E 2634 -78.13 61.44 -90.73
C UNK E 2634 -77.28 62.58 -91.29
N UNK E 2635 -77.92 63.72 -91.53
CA UNK E 2635 -77.23 64.89 -92.07
C UNK E 2635 -76.50 65.65 -90.97
N UNK E 2636 -77.01 65.54 -89.74
CA UNK E 2636 -76.41 66.21 -88.60
C UNK E 2636 -75.12 65.50 -88.16
N UNK E 2637 -75.10 64.18 -88.31
CA UNK E 2637 -73.94 63.39 -87.93
C UNK E 2637 -72.85 63.48 -88.99
N UNK E 2638 -73.26 63.68 -90.23
CA UNK E 2638 -72.31 63.79 -91.34
C UNK E 2638 -71.65 65.16 -91.37
N UNK E 2639 -72.35 66.16 -90.82
CA UNK E 2639 -71.84 67.52 -90.78
C UNK E 2639 -70.83 67.69 -89.65
N UNK E 2640 -70.98 69.88 -79.30
CA UNK E 2640 -71.54 70.09 -77.97
C UNK E 2640 -73.07 70.14 -78.02
N UNK E 2641 -73.60 71.29 -78.41
CA UNK E 2641 -75.03 71.48 -78.50
C UNK E 2641 -75.60 70.75 -79.72
N UNK E 2642 -74.77 70.60 -80.75
CA UNK E 2642 -75.18 69.92 -81.96
C UNK E 2642 -75.23 68.41 -81.75
N UNK E 2643 -74.38 67.91 -80.86
CA UNK E 2643 -74.34 66.49 -80.55
C UNK E 2643 -75.52 66.08 -79.70
N UNK E 2644 -75.93 66.96 -78.79
CA UNK E 2644 -77.05 66.70 -77.90
C UNK E 2644 -78.37 66.77 -78.67
N UNK E 2645 -78.41 67.65 -79.67
CA UNK E 2645 -79.60 67.81 -80.49
C UNK E 2645 -79.76 66.65 -81.46
N UNK E 2646 -78.64 66.05 -81.84
CA UNK E 2646 -78.64 64.91 -82.76
C UNK E 2646 -79.05 63.63 -82.03
N UNK E 2647 -78.83 63.61 -80.72
CA UNK E 2647 -79.18 62.45 -79.91
C UNK E 2647 -80.69 62.36 -79.72
N UNK E 2648 -81.35 63.51 -79.71
CA UNK E 2648 -82.80 63.57 -79.54
C UNK E 2648 -83.51 63.11 -80.81
N UNK E 2649 -82.85 63.31 -81.95
CA UNK E 2649 -83.41 62.92 -83.24
C UNK E 2649 -83.31 61.41 -83.43
N UNK E 2650 -82.31 60.80 -82.82
CA UNK E 2650 -82.11 59.36 -82.91
C UNK E 2650 -83.07 58.62 -81.98
N UNK E 2651 -83.57 59.31 -80.97
CA UNK E 2651 -84.49 58.73 -80.01
C UNK E 2651 -85.92 58.74 -80.56
N UNK E 2652 -86.22 59.72 -81.40
CA UNK E 2652 -87.55 59.84 -81.99
C UNK E 2652 -87.71 58.88 -83.16
N UNK E 2653 -73.22 56.20 -93.33
CA UNK E 2653 -71.79 55.92 -93.26
C UNK E 2653 -71.24 56.25 -91.87
N UNK E 2654 -72.10 56.17 -90.87
CA UNK E 2654 -71.71 56.46 -89.49
C UNK E 2654 -70.86 55.33 -88.92
N UNK E 2655 -71.06 54.11 -89.45
CA UNK E 2655 -70.31 52.95 -89.00
C UNK E 2655 -68.86 53.03 -89.49
N UNK E 2656 -68.68 53.56 -90.69
CA UNK E 2656 -67.35 53.71 -91.27
C UNK E 2656 -66.63 54.91 -90.67
N UNK E 2657 -67.41 55.87 -90.17
CA UNK E 2657 -66.85 57.07 -89.56
C UNK E 2657 -66.19 56.73 -88.22
N UNK E 2658 -66.77 55.77 -87.50
CA UNK E 2658 -66.23 55.33 -86.23
C UNK E 2658 -64.96 54.53 -86.43
N UNK E 2659 -64.86 53.87 -87.58
CA UNK E 2659 -63.68 53.09 -87.92
C UNK E 2659 -62.51 54.00 -88.30
N UNK E 2660 -62.84 55.19 -88.78
CA UNK E 2660 -61.82 56.17 -89.16
C UNK E 2660 -61.21 56.81 -87.91
N UNK E 2661 -62.03 57.04 -86.90
CA UNK E 2661 -61.56 57.63 -85.65
C UNK E 2661 -60.79 56.60 -84.85
N UNK E 2662 -61.16 55.33 -84.99
CA UNK E 2662 -60.49 54.24 -84.30
C UNK E 2662 -59.09 54.02 -84.88
N UNK E 2663 -58.97 54.21 -86.19
CA UNK E 2663 -57.68 54.06 -86.87
C UNK E 2663 -56.79 55.25 -86.57
N UNK E 2664 -57.40 56.41 -86.37
CA UNK E 2664 -56.66 57.63 -86.05
C UNK E 2664 -56.16 57.59 -84.61
N UNK E 2665 -56.96 56.99 -83.73
CA UNK E 2665 -56.59 56.87 -82.33
C UNK E 2665 -55.48 55.83 -82.15
N UNK E 2666 -55.52 54.80 -82.99
CA UNK E 2666 -54.50 53.76 -82.94
C UNK E 2666 -53.19 54.25 -83.52
N UNK E 2667 -53.27 55.20 -84.44
CA UNK E 2667 -52.09 55.79 -85.05
C UNK E 2667 -51.40 56.74 -84.08
N UNK E 2668 -52.18 57.33 -83.19
CA UNK E 2668 -51.64 58.24 -82.19
C UNK E 2668 -50.87 57.48 -81.12
N UNK E 2669 -51.32 56.25 -80.85
CA UNK E 2669 -50.66 55.40 -79.86
C UNK E 2669 -49.40 54.78 -80.43
N UNK E 2670 -49.37 54.63 -81.75
CA UNK E 2670 -48.22 54.06 -82.45
C UNK E 2670 -47.06 55.04 -82.44
N UNK E 2671 -47.38 56.33 -82.46
CA UNK E 2671 -46.37 57.38 -82.46
C UNK E 2671 -45.90 57.66 -81.03
N UNK E 2672 -46.68 57.21 -80.06
CA UNK E 2672 -46.34 57.41 -78.65
C UNK E 2672 -45.37 56.34 -78.17
N UNK E 2673 -45.30 55.24 -78.90
CA UNK E 2673 -44.41 54.14 -78.55
C UNK E 2673 -43.02 54.36 -79.15
N PHE E 2674 -52.87 66.42 -79.85
CA PHE E 2674 -53.21 65.32 -78.97
C PHE E 2674 -54.40 65.67 -78.09
N SER E 2675 -54.38 66.87 -77.51
CA SER E 2675 -55.47 67.31 -76.66
C SER E 2675 -56.74 67.56 -77.48
N VAL E 2676 -56.60 68.26 -78.61
CA VAL E 2676 -57.76 68.54 -79.45
C VAL E 2676 -58.24 67.27 -80.15
N LEU E 2677 -57.34 66.33 -80.41
CA LEU E 2677 -57.74 65.08 -81.05
C LEU E 2677 -58.55 64.21 -80.09
N CYS E 2678 -58.14 64.15 -78.82
CA CYS E 2678 -58.88 63.36 -77.84
C CYS E 2678 -60.22 64.00 -77.51
N ARG E 2679 -60.31 65.32 -77.60
CA ARG E 2679 -61.57 66.00 -77.32
C ARG E 2679 -62.65 65.66 -78.34
N ASP E 2680 -62.25 65.46 -79.61
CA ASP E 2680 -63.23 65.09 -80.62
C ASP E 2680 -63.70 63.64 -80.47
N LEU E 2681 -62.91 62.79 -79.81
CA LEU E 2681 -63.33 61.41 -79.61
C LEU E 2681 -64.43 61.31 -78.57
N TYR E 2682 -64.42 62.20 -77.56
CA TYR E 2682 -65.47 62.17 -76.55
C TYR E 2682 -66.82 62.54 -77.13
N ALA E 2683 -66.84 63.45 -78.10
CA ALA E 2683 -68.10 63.84 -78.72
C ALA E 2683 -68.65 62.74 -79.62
N LEU E 2684 -67.76 61.93 -80.22
CA LEU E 2684 -68.22 60.86 -81.09
C LEU E 2684 -68.67 59.65 -80.30
N TYR E 2685 -67.97 59.31 -79.23
CA TYR E 2685 -68.31 58.16 -78.40
C TYR E 2685 -69.60 58.42 -77.64
N PRO E 2686 -69.88 59.68 -77.27
CA PRO E 2686 -71.14 59.96 -76.57
C PRO E 2686 -72.37 59.74 -77.45
N LEU E 2687 -72.29 60.12 -78.72
CA LEU E 2687 -73.42 59.89 -79.63
C LEU E 2687 -73.49 58.45 -80.12
N LEU E 2688 -72.34 57.79 -80.24
CA LEU E 2688 -72.33 56.40 -80.69
C LEU E 2688 -72.85 55.45 -79.61
N ILE E 2689 -72.58 55.77 -78.34
CA ILE E 2689 -73.04 54.92 -77.25
C ILE E 2689 -74.56 54.96 -77.10
N ARG E 2690 -75.20 56.04 -77.55
CA ARG E 2690 -76.66 56.11 -77.47
C ARG E 2690 -77.32 55.11 -78.41
N TYR E 2691 -76.71 54.88 -79.58
CA TYR E 2691 -77.26 53.91 -80.52
C TYR E 2691 -77.03 52.47 -80.07
N VAL E 2692 -76.11 52.25 -79.13
CA VAL E 2692 -75.87 50.89 -78.65
C VAL E 2692 -77.03 50.39 -77.82
N ASP E 2693 -77.70 51.28 -77.07
CA ASP E 2693 -78.84 50.87 -76.24
C ASP E 2693 -80.03 50.44 -77.07
N ASN E 2694 -80.07 50.76 -78.35
CA ASN E 2694 -81.20 50.41 -79.21
C ASN E 2694 -80.96 49.07 -79.92
N ASN E 2695 -79.80 48.91 -80.54
CA ASN E 2695 -79.52 47.70 -81.31
C ASN E 2695 -79.06 46.53 -80.44
N ARG E 2696 -78.89 46.74 -79.14
CA ARG E 2696 -78.47 45.64 -78.28
C ARG E 2696 -79.56 44.60 -78.12
N ALA E 2697 -80.82 44.99 -78.30
CA ALA E 2697 -81.91 44.02 -78.25
C ALA E 2697 -81.93 43.14 -79.49
N HIS E 2698 -81.45 43.64 -80.62
CA HIS E 2698 -81.38 42.87 -81.85
C HIS E 2698 -80.06 42.14 -82.02
N TRP E 2699 -78.99 42.64 -81.39
CA TRP E 2699 -77.68 42.01 -81.50
C TRP E 2699 -77.63 40.68 -80.74
N LEU E 2700 -78.47 40.50 -79.73
CA LEU E 2700 -78.48 39.26 -78.96
C LEU E 2700 -79.44 38.23 -79.55
N THR E 2701 -80.49 38.66 -80.25
CA THR E 2701 -81.38 37.71 -80.91
C THR E 2701 -80.83 37.23 -82.23
N GLU E 2702 -80.05 38.08 -82.92
CA GLU E 2702 -79.42 37.74 -84.18
C GLU E 2702 -78.01 38.32 -84.19
N PRO E 2703 -77.02 37.55 -84.66
CA PRO E 2703 -75.64 38.06 -84.66
C PRO E 2703 -75.45 39.17 -85.68
N ASN E 2704 -74.68 40.18 -85.29
CA ASN E 2704 -74.39 41.32 -86.15
C ASN E 2704 -72.91 41.35 -86.47
N PRO E 2705 -72.51 41.25 -87.74
CA PRO E 2705 -71.07 41.27 -88.07
C PRO E 2705 -70.45 42.64 -87.97
N SER E 2706 -71.23 43.71 -88.08
CA SER E 2706 -70.67 45.06 -88.00
C SER E 2706 -70.18 45.40 -86.60
N ALA E 2707 -70.70 44.74 -85.57
CA ALA E 2707 -70.28 45.01 -84.20
C ALA E 2707 -68.87 44.50 -83.91
N GLU E 2708 -68.32 43.64 -84.76
CA GLU E 2708 -66.98 43.13 -84.52
C GLU E 2708 -65.91 44.22 -84.65
N GLU E 2709 -66.16 45.21 -85.51
CA GLU E 2709 -65.19 46.28 -85.68
C GLU E 2709 -65.15 47.19 -84.46
N LEU E 2710 -66.31 47.56 -83.93
CA LEU E 2710 -66.34 48.43 -82.75
C LEU E 2710 -65.86 47.68 -81.51
N PHE E 2711 -66.07 46.37 -81.44
CA PHE E 2711 -65.63 45.61 -80.28
C PHE E 2711 -64.11 45.47 -80.25
N ARG E 2712 -63.50 45.20 -81.41
CA ARG E 2712 -62.05 45.07 -81.47
C ARG E 2712 -61.36 46.41 -81.26
N MET E 2713 -61.95 47.49 -81.75
CA MET E 2713 -61.35 48.82 -81.56
C MET E 2713 -61.45 49.28 -80.12
N VAL E 2714 -62.54 48.95 -79.42
CA VAL E 2714 -62.69 49.34 -78.03
C VAL E 2714 -61.70 48.59 -77.15
N GLY E 2715 -61.44 47.33 -77.48
CA GLY E 2715 -60.48 46.55 -76.70
C GLY E 2715 -59.05 46.99 -76.90
N GLU E 2716 -58.75 47.57 -78.08
CA GLU E 2716 -57.39 48.03 -78.34
C GLU E 2716 -57.08 49.32 -77.60
N ILE E 2717 -58.02 50.28 -77.61
CA ILE E 2717 -57.80 51.54 -76.91
C ILE E 2717 -57.85 51.35 -75.41
N PHE E 2718 -58.60 50.35 -74.93
CA PHE E 2718 -58.67 50.09 -73.50
C PHE E 2718 -57.36 49.52 -72.97
N ILE E 2719 -56.70 48.68 -73.77
CA ILE E 2719 -55.39 48.16 -73.39
C ILE E 2719 -54.32 49.25 -73.45
N TYR E 2720 -54.55 50.30 -74.24
CA TYR E 2720 -53.60 51.41 -74.32
C TYR E 2720 -53.67 52.32 -73.11
N TRP E 2721 -54.70 52.18 -72.26
CA TRP E 2721 -54.79 53.02 -71.07
C TRP E 2721 -53.62 52.77 -70.12
N SER E 2722 -53.15 51.52 -70.05
CA SER E 2722 -52.00 51.22 -69.20
C SER E 2722 -50.71 51.78 -69.80
N LYS E 2723 -50.59 51.78 -71.13
CA LYS E 2723 -49.39 52.31 -71.78
C LYS E 2723 -49.44 53.83 -71.87
N SER E 2724 -50.56 54.38 -72.36
CA SER E 2724 -50.73 55.82 -72.48
C SER E 2724 -51.19 56.37 -71.14
N HIS E 2725 -50.23 56.76 -70.30
CA HIS E 2725 -50.56 57.26 -68.97
C HIS E 2725 -50.91 58.74 -68.99
N ASN E 2726 -50.22 59.52 -69.83
CA ASN E 2726 -50.46 60.96 -69.91
C ASN E 2726 -51.52 61.33 -70.95
N PHE E 2727 -52.07 60.36 -71.66
CA PHE E 2727 -53.10 60.64 -72.65
C PHE E 2727 -54.44 60.96 -72.01
N LYS E 2728 -54.68 60.46 -70.80
CA LYS E 2728 -55.94 60.71 -70.09
C LYS E 2728 -55.89 61.97 -69.23
N ARG E 2729 -54.71 62.55 -69.04
CA ARG E 2729 -54.62 63.77 -68.23
C ARG E 2729 -55.32 64.95 -68.91
N GLU E 2730 -55.03 65.16 -70.20
CA GLU E 2730 -55.68 66.23 -70.95
C GLU E 2730 -57.15 65.92 -71.23
N GLU E 2731 -57.53 64.64 -71.22
CA GLU E 2731 -58.92 64.28 -71.47
C GLU E 2731 -59.83 64.73 -70.32
N GLN E 2732 -59.32 64.73 -69.09
CA GLN E 2732 -60.12 65.17 -67.96
C GLN E 2732 -60.38 66.67 -67.97
N ASN E 2733 -59.53 67.44 -68.62
CA ASN E 2733 -59.72 68.89 -68.71
C ASN E 2733 -60.77 69.28 -69.73
N PHE E 2734 -61.19 68.38 -70.61
CA PHE E 2734 -62.22 68.72 -71.59
C PHE E 2734 -63.57 68.91 -70.93
N VAL E 2735 -63.94 68.03 -69.99
CA VAL E 2735 -65.21 68.17 -69.30
C VAL E 2735 -65.20 69.32 -68.31
N VAL E 2736 -64.02 69.71 -67.83
CA VAL E 2736 -63.92 70.81 -66.88
C VAL E 2736 -63.92 72.15 -67.61
N UNK E 2737 -63.77 58.46 -67.84
CA UNK E 2737 -64.60 57.30 -67.51
C UNK E 2737 -65.56 56.98 -68.65
N UNK E 2738 -65.52 57.80 -69.69
CA UNK E 2738 -66.40 57.61 -70.86
C UNK E 2738 -65.91 56.44 -71.70
N UNK E 2739 -64.61 56.18 -71.65
CA UNK E 2739 -64.02 55.07 -72.40
C UNK E 2739 -64.38 53.73 -71.77
N UNK E 2740 -64.57 53.73 -70.45
CA UNK E 2740 -64.94 52.52 -69.73
C UNK E 2740 -66.40 52.16 -69.98
N UNK E 2741 -67.22 53.19 -70.19
CA UNK E 2741 -68.64 52.99 -70.45
C UNK E 2741 -68.85 52.43 -71.86
N UNK E 2742 -68.02 52.88 -72.80
CA UNK E 2742 -68.09 52.42 -74.18
C UNK E 2742 -67.58 50.98 -74.29
N UNK E 2743 -66.60 50.65 -73.47
CA UNK E 2743 -66.02 49.30 -73.46
C UNK E 2743 -66.99 48.33 -72.78
N UNK E 2744 -67.78 48.84 -71.85
CA UNK E 2744 -68.76 48.03 -71.14
C UNK E 2744 -69.90 47.63 -72.06
N UNK E 2745 -70.30 48.56 -72.94
CA UNK E 2745 -71.36 48.30 -73.91
C UNK E 2745 -70.87 47.37 -75.01
N UNK E 2746 -69.57 47.41 -75.27
CA UNK E 2746 -68.97 46.56 -76.30
C UNK E 2746 -68.69 45.17 -75.74
N UNK E 2747 -68.58 45.07 -74.42
CA UNK E 2747 -68.33 43.79 -73.76
C UNK E 2747 -69.58 42.91 -73.80
N UNK E 2748 -70.75 43.54 -73.85
CA UNK E 2748 -72.01 42.83 -73.90
C UNK E 2748 -72.28 42.32 -75.31
N UNK E 2749 -71.58 42.90 -76.29
CA UNK E 2749 -71.74 42.51 -77.68
C UNK E 2749 -70.64 41.53 -78.10
N UNK E 2750 -69.48 41.64 -77.44
CA UNK E 2750 -68.36 40.76 -77.73
C UNK E 2750 -68.60 39.36 -77.21
N UNK E 2751 -69.29 39.27 -76.07
CA UNK E 2751 -69.59 37.98 -75.46
C UNK E 2751 -70.76 37.31 -76.17
N UNK E 2752 -71.51 38.09 -76.93
CA UNK E 2752 -72.65 37.57 -77.68
C UNK E 2752 -72.18 36.78 -78.90
N UNK E 2753 -71.19 37.32 -79.60
CA UNK E 2753 -70.65 36.67 -80.78
C UNK E 2753 -69.73 35.51 -80.39
N UNK E 2754 -69.06 35.64 -79.26
CA UNK E 2754 -68.16 34.60 -78.77
C UNK E 2754 -68.93 33.49 -78.09
N UNK E 2755 -61.30 30.50 -73.43
CA UNK E 2755 -61.46 31.94 -73.56
C UNK E 2755 -61.03 32.64 -72.28
N UNK E 2756 -61.43 32.11 -71.14
CA UNK E 2756 -61.07 32.68 -69.85
C UNK E 2756 -59.62 32.38 -69.49
N UNK E 2757 -59.15 31.20 -69.91
CA UNK E 2757 -57.79 30.78 -69.63
C UNK E 2757 -56.80 31.55 -70.49
N UNK E 2758 -57.25 31.97 -71.67
CA UNK E 2758 -56.41 32.72 -72.59
C UNK E 2758 -56.24 34.16 -72.12
N UNK E 2759 -57.22 34.65 -71.37
CA UNK E 2759 -57.18 36.02 -70.86
C UNK E 2759 -56.22 36.12 -69.68
N UNK E 2760 -56.08 35.04 -68.93
CA UNK E 2760 -55.19 35.00 -67.77
C UNK E 2760 -53.73 34.93 -68.21
N UNK E 2761 -53.50 34.33 -69.37
CA UNK E 2761 -52.14 34.19 -69.90
C UNK E 2761 -51.69 35.49 -70.55
N UNK E 2762 -52.63 36.24 -71.11
CA UNK E 2762 -52.33 37.51 -71.77
C UNK E 2762 -51.99 38.59 -70.74
N UNK E 2763 -52.59 38.47 -69.54
CA UNK E 2763 -52.35 39.42 -68.47
C UNK E 2763 -51.06 39.09 -67.73
N UNK E 2764 -50.61 37.85 -67.86
CA UNK E 2764 -49.39 37.40 -67.21
C UNK E 2764 -48.17 37.69 -68.07
N UNK E 2765 -48.41 38.01 -69.34
CA UNK E 2765 -47.33 38.31 -70.28
C UNK E 2765 -46.80 39.73 -70.05
N UNK E 2766 -50.21 37.22 -80.78
CA UNK E 2766 -51.03 36.12 -80.27
C UNK E 2766 -50.16 35.01 -79.71
N UNK E 2767 -49.35 35.34 -78.71
CA UNK E 2767 -48.47 34.36 -78.09
C UNK E 2767 -49.25 33.45 -77.14
N UNK E 2768 -50.31 33.99 -76.56
CA UNK E 2768 -51.15 33.22 -75.64
C UNK E 2768 -52.10 32.30 -76.40
N UNK E 2769 -52.41 32.67 -77.64
CA UNK E 2769 -53.30 31.87 -78.47
C UNK E 2769 -52.60 30.62 -78.97
N UNK E 2770 -51.30 30.73 -79.23
CA UNK E 2770 -50.51 29.60 -79.71
C UNK E 2770 -50.20 28.64 -78.57
N UNK E 2771 -50.15 29.17 -77.36
CA UNK E 2771 -49.87 28.35 -76.18
C UNK E 2771 -51.07 27.51 -75.79
N UNK E 2772 -52.27 28.02 -76.09
CA UNK E 2772 -53.50 27.30 -75.78
C UNK E 2772 -53.84 26.30 -76.88
N UNK E 2773 -53.29 26.53 -78.07
CA UNK E 2773 -53.53 25.65 -79.21
C UNK E 2773 -52.72 24.36 -79.07
N UNK E 2774 -70.98 20.53 -66.90
CA UNK E 2774 -71.06 20.51 -68.36
C UNK E 2774 -72.50 20.60 -68.83
N UNK E 2775 -73.43 20.21 -67.95
CA UNK E 2775 -74.85 20.25 -68.28
C UNK E 2775 -75.37 21.69 -68.29
N UNK E 2776 -74.77 22.53 -67.44
CA UNK E 2776 -75.16 23.94 -67.36
C UNK E 2776 -74.66 24.71 -68.58
N UNK E 2777 -73.53 24.26 -69.14
CA UNK E 2777 -72.96 24.90 -70.31
C UNK E 2777 -73.78 24.59 -71.56
N UNK E 2778 -74.42 23.42 -71.57
CA UNK E 2778 -75.24 23.01 -72.70
C UNK E 2778 -76.55 23.78 -72.72
N UNK E 2779 -77.03 24.17 -71.54
CA UNK E 2779 -78.28 24.92 -71.43
C UNK E 2779 -78.07 26.37 -71.86
N UNK E 2780 -76.85 26.87 -71.67
CA UNK E 2780 -76.51 28.24 -72.04
C UNK E 2780 -76.33 28.36 -73.55
N UNK E 2781 -75.88 27.27 -74.17
CA UNK E 2781 -75.66 27.26 -75.62
C UNK E 2781 -76.98 27.15 -76.37
N UNK E 2782 -77.99 26.59 -75.71
CA UNK E 2782 -79.31 26.42 -76.30
C UNK E 2782 -80.11 27.72 -76.21
N UNK E 2783 -79.67 28.62 -75.34
CA UNK E 2783 -80.34 29.89 -75.14
C UNK E 2783 -80.03 30.86 -76.28
N UNK E 2784 -62.51 32.01 -89.34
CA UNK E 2784 -62.12 33.17 -88.55
C UNK E 2784 -62.70 33.09 -87.14
N UNK E 2785 -63.05 31.87 -86.72
CA UNK E 2785 -63.61 31.65 -85.40
C UNK E 2785 -62.53 31.78 -84.32
N UNK E 2786 -61.31 31.41 -84.69
CA UNK E 2786 -60.18 31.48 -83.77
C UNK E 2786 -59.76 32.93 -83.54
N UNK E 2787 -59.88 33.74 -84.58
CA UNK E 2787 -59.52 35.16 -84.50
C UNK E 2787 -60.57 35.93 -83.70
N UNK E 2788 -61.82 35.52 -83.84
CA UNK E 2788 -62.93 36.15 -83.12
C UNK E 2788 -62.86 35.81 -81.63
N UNK E 2789 -62.40 34.60 -81.33
CA UNK E 2789 -62.25 34.15 -79.95
C UNK E 2789 -61.08 34.85 -79.29
N UNK E 2790 -60.06 35.17 -80.09
CA UNK E 2790 -58.88 35.86 -79.58
C UNK E 2790 -59.19 37.34 -79.33
N UNK E 2791 -60.09 37.88 -80.14
CA UNK E 2791 -60.49 39.29 -80.00
C UNK E 2791 -61.36 39.46 -78.75
N UNK E 2792 -62.21 38.48 -78.49
CA UNK E 2792 -63.06 38.51 -77.31
C UNK E 2792 -62.24 38.28 -76.05
N UNK E 2793 -61.20 37.47 -76.18
CA UNK E 2793 -60.30 37.19 -75.05
C UNK E 2793 -59.40 38.39 -74.79
N UNK E 2794 -59.18 39.20 -75.82
CA UNK E 2794 -58.36 40.40 -75.69
C UNK E 2794 -59.07 41.44 -74.83
N UNK E 2795 -60.37 41.55 -75.01
CA UNK E 2795 -61.18 42.49 -74.23
C UNK E 2795 -61.34 41.98 -72.79
N UNK E 2796 -61.35 40.65 -72.64
CA UNK E 2796 -61.47 40.02 -71.33
C UNK E 2796 -60.17 40.19 -70.55
N UNK E 2797 -59.05 40.12 -71.26
CA UNK E 2797 -57.74 40.29 -70.65
C UNK E 2797 -57.47 41.76 -70.35
N UNK E 2798 -58.11 42.64 -71.12
CA UNK E 2798 -57.96 44.07 -70.93
C UNK E 2798 -58.73 44.53 -69.69
N UNK E 2799 -59.86 43.89 -69.44
CA UNK E 2799 -60.70 44.23 -68.29
C UNK E 2799 -60.01 43.85 -66.98
N UNK E 2800 -59.09 42.90 -67.06
CA UNK E 2800 -58.33 42.47 -65.89
C UNK E 2800 -57.33 43.53 -65.48
N UNK E 2801 -56.93 44.37 -66.44
CA UNK E 2801 -55.99 45.45 -66.16
C UNK E 2801 -56.69 46.62 -65.47
N UNK E 2802 -58.01 46.68 -65.61
CA UNK E 2802 -58.80 47.73 -64.98
C UNK E 2802 -58.89 47.51 -63.48
N UNK E 2803 -58.94 46.25 -63.07
CA UNK E 2803 -59.00 45.90 -61.66
C UNK E 2803 -57.62 45.95 -61.02
N UNK E 2804 -56.59 45.85 -61.85
CA UNK E 2804 -55.21 45.88 -61.37
C UNK E 2804 -54.70 47.31 -61.29
N HIS E 2805 -56.77 57.91 -34.90
CA HIS E 2805 -55.43 57.43 -34.65
C HIS E 2805 -54.47 58.59 -34.39
N LYS E 2806 -53.18 58.29 -34.36
CA LYS E 2806 -52.14 59.30 -34.12
C LYS E 2806 -51.53 59.70 -35.46
N LEU E 2807 -51.66 60.98 -35.79
CA LEU E 2807 -51.08 61.50 -37.02
C LEU E 2807 -49.56 61.61 -36.89
N LEU E 2808 -48.90 61.76 -38.03
CA LEU E 2808 -47.45 61.90 -38.03
C LEU E 2808 -47.03 63.24 -37.44
N SER E 2809 -47.84 64.28 -37.61
CA SER E 2809 -47.54 65.61 -37.08
C SER E 2809 -48.28 65.80 -35.76
N LYS E 2810 -47.54 66.22 -34.74
CA LYS E 2810 -48.10 66.49 -33.42
C LYS E 2810 -47.36 67.68 -32.83
N GLN E 2811 -48.05 68.82 -32.69
CA GLN E 2811 -47.52 70.05 -32.14
C GLN E 2811 -46.44 70.67 -33.04
N ARG E 2812 -45.90 69.89 -33.97
CA ARG E 2812 -44.89 70.41 -34.88
C ARG E 2812 -45.49 71.30 -35.96
N ARG E 2813 -46.80 71.21 -36.20
CA ARG E 2813 -47.45 72.06 -37.19
C ARG E 2813 -47.85 73.42 -36.64
N ARG E 2814 -47.85 73.60 -35.32
CA ARG E 2814 -48.14 74.90 -34.74
C ARG E 2814 -47.02 75.90 -34.99
N ALA E 2815 -45.83 75.43 -35.34
CA ALA E 2815 -44.72 76.31 -35.68
C ALA E 2815 -44.71 76.70 -37.15
N VAL E 2816 -45.42 75.95 -38.00
CA VAL E 2816 -45.47 76.29 -39.42
C VAL E 2816 -46.23 77.60 -39.62
N VAL E 2817 -47.36 77.76 -38.94
CA VAL E 2817 -48.08 79.02 -39.00
C VAL E 2817 -47.28 80.13 -38.33
N ALA E 2818 -46.47 79.78 -37.34
CA ALA E 2818 -45.59 80.77 -36.72
C ALA E 2818 -44.37 81.07 -37.58
N CYS E 2819 -43.92 80.10 -38.38
CA CYS E 2819 -42.80 80.34 -39.27
C CYS E 2819 -43.16 81.30 -40.39
N PHE E 2820 -44.45 81.39 -40.74
CA PHE E 2820 -44.87 82.34 -41.76
C PHE E 2820 -44.72 83.77 -41.26
N ARG E 2821 -44.99 84.01 -39.98
CA ARG E 2821 -44.89 85.33 -39.37
C ARG E 2821 -43.46 85.73 -39.06
N MET E 2822 -42.47 85.03 -39.61
CA MET E 2822 -41.08 85.34 -39.33
C MET E 2822 -40.69 86.68 -39.95
N THR E 2823 -40.14 87.57 -39.13
CA THR E 2823 -39.72 88.88 -39.64
C THR E 2823 -38.50 88.70 -40.53
N PRO E 2824 -38.50 89.28 -41.74
CA PRO E 2824 -37.33 89.15 -42.63
C PRO E 2824 -36.10 89.87 -42.08
N LEU E 2825 -35.01 89.83 -42.84
CA LEU E 2825 -33.77 90.47 -42.38
C LEU E 2825 -33.96 91.98 -42.28
N TYR E 2826 -34.61 92.60 -43.26
CA TYR E 2826 -34.87 94.02 -43.19
C TYR E 2826 -35.90 94.33 -42.10
N ASN E 2827 -35.95 95.61 -41.71
CA ASN E 2827 -36.78 96.14 -40.64
C ASN E 2827 -36.38 95.62 -39.25
N LEU E 2828 -35.41 94.72 -39.17
CA LEU E 2828 -34.95 94.23 -37.89
C LEU E 2828 -34.10 95.28 -37.19
N PRO E 2829 -34.21 95.43 -35.87
CA PRO E 2829 -33.37 96.39 -35.16
C PRO E 2829 -31.88 96.11 -35.38
N THR E 2830 -31.09 97.19 -35.39
CA THR E 2830 -29.67 97.06 -35.68
C THR E 2830 -28.92 96.39 -34.53
N HIS E 2831 -29.32 96.67 -33.29
CA HIS E 2831 -28.62 96.09 -32.15
C HIS E 2831 -28.85 94.59 -32.06
N ARG E 2832 -30.03 94.10 -32.48
CA ARG E 2832 -30.29 92.67 -32.49
C ARG E 2832 -29.65 91.98 -33.69
N ALA E 2833 -29.36 92.71 -34.76
CA ALA E 2833 -28.73 92.11 -35.93
C ALA E 2833 -27.25 91.84 -35.71
N CYS E 2834 -26.56 92.70 -34.95
CA CYS E 2834 -25.15 92.48 -34.68
C CYS E 2834 -24.91 91.29 -33.76
N ASN E 2835 -25.84 91.04 -32.84
CA ASN E 2835 -25.70 89.88 -31.94
C ASN E 2835 -25.86 88.57 -32.70
N MET E 2836 -26.84 88.50 -33.59
CA MET E 2836 -27.04 87.30 -34.39
C MET E 2836 -25.95 87.10 -35.43
N PHE E 2837 -25.22 88.16 -35.80
CA PHE E 2837 -24.15 88.02 -36.76
C PHE E 2837 -22.94 87.32 -36.14
N LEU E 2838 -22.64 87.62 -34.88
CA LEU E 2838 -21.53 86.96 -34.20
C LEU E 2838 -21.82 85.48 -33.93
N GLU E 2839 -23.10 85.12 -33.79
CA GLU E 2839 -23.45 83.73 -33.55
C GLU E 2839 -23.22 82.87 -34.79
N SER E 2840 -23.16 83.46 -35.98
CA SER E 2840 -22.92 82.71 -37.20
C SER E 2840 -21.44 82.70 -37.58
N TYR E 2841 -20.73 83.81 -37.38
CA TYR E 2841 -19.31 83.86 -37.70
C TYR E 2841 -18.49 82.99 -36.74
N LYS E 2842 -19.00 82.74 -35.54
CA LYS E 2842 -18.27 81.94 -34.57
C LYS E 2842 -18.32 80.45 -34.90
N ALA E 2843 -19.49 79.95 -35.29
CA ALA E 2843 -19.68 78.52 -35.54
C ALA E 2843 -19.34 78.11 -36.96
N ALA E 2844 -19.14 79.06 -37.88
CA ALA E 2844 -18.86 78.74 -39.26
C ALA E 2844 -17.47 79.12 -39.73
N TRP E 2845 -16.78 80.03 -39.02
CA TRP E 2845 -15.45 80.47 -39.41
C TRP E 2845 -14.39 80.14 -38.36
N ILE E 2846 -14.68 80.40 -37.09
CA ILE E 2846 -13.69 80.15 -36.05
C ILE E 2846 -13.48 78.65 -35.87
N LEU E 2847 -14.57 77.87 -35.85
CA LEU E 2847 -14.44 76.43 -35.67
C LEU E 2847 -13.86 75.75 -36.90
N THR E 2848 -14.05 76.35 -38.08
CA THR E 2848 -13.55 75.76 -39.31
C THR E 2848 -12.10 76.14 -39.59
N GLU E 2849 -11.64 77.30 -39.13
CA GLU E 2849 -10.26 77.72 -39.38
C GLU E 2849 -9.30 76.89 -38.54
N ASP E 2850 -8.18 76.49 -39.16
CA ASP E 2850 -7.16 75.71 -38.49
C ASP E 2850 -6.07 76.61 -37.94
N HIS E 2851 -5.58 76.28 -36.75
CA HIS E 2851 -4.52 77.04 -36.10
C HIS E 2851 -3.14 76.40 -36.28
N SER E 2852 -2.99 75.14 -35.90
CA SER E 2852 -1.74 74.39 -36.05
C SER E 2852 -0.58 75.12 -35.37
N PHE E 2853 -0.72 75.30 -34.05
CA PHE E 2853 0.31 75.94 -33.24
C PHE E 2853 0.82 75.05 -32.12
N GLU E 2854 0.34 73.81 -32.02
CA GLU E 2854 0.81 72.92 -30.96
C GLU E 2854 2.24 72.45 -31.20
N ASP E 2855 2.67 72.40 -32.46
CA ASP E 2855 4.03 71.96 -32.76
C ASP E 2855 5.06 73.03 -32.41
N ARG E 2856 4.68 74.31 -32.55
CA ARG E 2856 5.62 75.39 -32.28
C ARG E 2856 5.80 75.63 -30.79
N MET E 2857 4.77 75.38 -29.98
CA MET E 2857 4.86 75.64 -28.55
C MET E 2857 5.69 74.57 -27.83
N ILE E 2858 5.46 73.30 -28.16
CA ILE E 2858 6.15 72.22 -27.46
C ILE E 2858 7.62 72.18 -27.86
N ASP E 2859 7.91 72.37 -29.16
CA ASP E 2859 9.28 72.27 -29.62
C ASP E 2859 10.13 73.45 -29.16
N ASP E 2860 9.51 74.60 -28.91
CA ASP E 2860 10.28 75.77 -28.48
C ASP E 2860 10.71 75.66 -27.02
N LEU E 2861 9.89 75.05 -26.18
CA LEU E 2861 10.23 74.96 -24.75
C LEU E 2861 11.34 73.96 -24.50
N SER E 2862 11.38 72.88 -25.29
CA SER E 2862 12.38 71.83 -25.08
C SER E 2862 13.69 72.12 -25.78
N LYS E 2863 13.66 72.74 -26.95
CA LYS E 2863 14.89 73.01 -27.70
C LYS E 2863 15.68 74.18 -27.11
N ALA E 2864 14.99 75.17 -26.56
CA ALA E 2864 15.65 76.35 -25.99
C ALA E 2864 16.11 76.13 -24.56
N GLY E 2865 16.06 74.89 -24.05
CA GLY E 2865 16.51 74.65 -22.68
C GLY E 2865 18.01 74.84 -22.52
N GLU E 2866 18.80 74.34 -23.46
CA GLU E 2866 20.25 74.48 -23.42
C GLU E 2866 20.66 75.82 -24.05
N GLN E 2867 20.32 76.89 -23.33
CA GLN E 2867 20.60 78.24 -23.80
C GLN E 2867 22.08 78.57 -23.56
N GLU E 2868 22.46 79.82 -23.83
CA GLU E 2868 23.85 80.21 -23.65
C GLU E 2868 24.21 80.32 -22.17
N GLU E 2869 23.29 80.86 -21.36
CA GLU E 2869 23.52 81.02 -19.94
C GLU E 2869 23.01 79.84 -19.12
N GLU E 2870 22.48 78.80 -19.76
CA GLU E 2870 21.97 77.65 -19.03
C GLU E 2870 23.11 76.77 -18.52
N GLU E 2871 24.14 76.56 -19.33
CA GLU E 2871 25.29 75.74 -18.98
C GLU E 2871 26.58 76.54 -19.05
N GLU E 2872 26.54 77.77 -18.54
CA GLU E 2872 27.70 78.67 -18.54
C GLU E 2872 28.18 78.82 -17.10
N GLU E 2873 29.20 78.05 -16.73
CA GLU E 2873 29.79 78.07 -15.39
C GLU E 2873 28.76 77.75 -14.31
N VAL E 2874 27.80 76.89 -14.63
CA VAL E 2874 26.77 76.53 -13.65
C VAL E 2874 27.19 75.33 -12.80
N GLU E 2875 27.99 74.42 -13.37
CA GLU E 2875 28.47 73.23 -12.66
C GLU E 2875 27.33 72.38 -12.13
N GLU E 2876 26.19 72.37 -12.84
CA GLU E 2876 25.04 71.59 -12.43
C GLU E 2876 24.15 71.37 -13.63
N LYS E 2877 23.17 70.48 -13.46
CA LYS E 2877 22.20 70.16 -14.51
C LYS E 2877 20.84 70.71 -14.10
N LYS E 2878 20.27 71.58 -14.93
CA LYS E 2878 18.99 72.18 -14.64
C LYS E 2878 17.91 71.63 -15.55
N PRO E 2879 16.69 71.47 -15.04
CA PRO E 2879 15.61 70.94 -15.88
C PRO E 2879 15.20 71.95 -16.95
N ASP E 2880 14.67 71.41 -18.06
CA ASP E 2880 14.20 72.25 -19.14
C ASP E 2880 12.89 72.94 -18.76
N PRO E 2881 12.56 74.04 -19.43
CA PRO E 2881 11.28 74.71 -19.12
C PRO E 2881 10.07 73.82 -19.30
N LEU E 2882 10.13 72.84 -20.20
CA LEU E 2882 9.01 71.91 -20.35
C LEU E 2882 8.94 70.94 -19.18
N HIS E 2883 10.08 70.63 -18.55
CA HIS E 2883 10.07 69.73 -17.42
C HIS E 2883 9.38 70.36 -16.21
N GLN E 2884 9.53 71.67 -16.04
CA GLN E 2884 8.87 72.34 -14.92
C GLN E 2884 7.35 72.39 -15.11
N LEU E 2885 6.89 72.41 -16.35
CA LEU E 2885 5.45 72.42 -16.61
C LEU E 2885 4.80 71.10 -16.20
N VAL E 2886 5.51 69.99 -16.40
CA VAL E 2886 4.97 68.69 -16.03
C VAL E 2886 4.95 68.52 -14.52
N LEU E 2887 6.00 69.01 -13.84
CA LEU E 2887 6.07 68.90 -12.38
C LEU E 2887 5.04 69.77 -11.69
N HIS E 2888 4.51 70.79 -12.36
CA HIS E 2888 3.50 71.65 -11.74
C HIS E 2888 2.19 70.91 -11.54
N PHE E 2889 1.73 70.20 -12.57
CA PHE E 2889 0.49 69.44 -12.46
C PHE E 2889 0.68 68.13 -11.72
N SER E 2890 1.92 67.71 -11.44
CA SER E 2890 2.14 66.48 -10.70
C SER E 2890 1.77 66.65 -9.23
N ARG E 2891 2.20 67.75 -8.61
CA ARG E 2891 1.86 68.00 -7.22
C ARG E 2891 0.41 68.41 -7.03
N THR E 2892 -0.24 68.90 -8.09
CA THR E 2892 -1.65 69.29 -7.97
C THR E 2892 -2.54 68.09 -7.74
N ALA E 2893 -2.24 66.95 -8.37
CA ALA E 2893 -3.04 65.76 -8.18
C ALA E 2893 -2.87 65.17 -6.80
N LEU E 2894 -1.70 65.35 -6.18
CA LEU E 2894 -1.41 64.82 -4.86
C LEU E 2894 -1.63 65.93 -3.83
N THR E 2895 -2.90 66.16 -3.51
CA THR E 2895 -3.27 67.16 -2.51
C THR E 2895 -4.33 66.60 -1.56
N GLU E 2896 -4.22 65.31 -1.23
CA GLU E 2896 -5.15 64.59 -0.34
C GLU E 2896 -6.59 65.04 -0.53
N LYS E 2897 -7.01 65.11 -1.81
CA LYS E 2897 -8.37 65.52 -2.15
C LYS E 2897 -8.92 64.59 -3.21
N SER E 2898 -10.12 64.05 -2.97
CA SER E 2898 -10.72 63.12 -3.92
C SER E 2898 -11.41 63.85 -5.06
N LYS E 2899 -12.10 64.95 -4.77
CA LYS E 2899 -12.82 65.71 -5.79
C LYS E 2899 -11.92 66.81 -6.33
N LEU E 2900 -11.50 66.66 -7.58
CA LEU E 2900 -10.63 67.65 -8.22
C LEU E 2900 -11.47 68.81 -8.77
N ASP E 2901 -10.83 69.96 -8.85
CA ASP E 2901 -11.48 71.16 -9.37
C ASP E 2901 -11.52 71.11 -10.90
N GLU E 2902 -11.99 72.20 -11.52
CA GLU E 2902 -12.05 72.25 -12.98
C GLU E 2902 -10.65 72.32 -13.59
N ASP E 2903 -9.85 73.29 -13.16
CA ASP E 2903 -8.48 73.47 -13.64
C ASP E 2903 -8.45 73.60 -15.16
N TYR E 2904 -8.82 74.78 -15.67
CA TYR E 2904 -8.80 75.00 -17.11
C TYR E 2904 -7.40 75.06 -17.68
N LEU E 2905 -6.39 75.30 -16.82
CA LEU E 2905 -5.01 75.36 -17.31
C LEU E 2905 -4.51 73.98 -17.70
N TYR E 2906 -4.90 72.94 -16.95
CA TYR E 2906 -4.48 71.59 -17.29
C TYR E 2906 -5.17 71.07 -18.54
N MET E 2907 -6.45 71.39 -18.71
CA MET E 2907 -7.18 70.96 -19.89
C MET E 2907 -6.70 71.67 -21.15
N ALA E 2908 -6.16 72.88 -21.01
CA ALA E 2908 -5.65 73.62 -22.17
C ALA E 2908 -4.38 72.98 -22.70
N TYR E 2909 -3.41 72.70 -21.82
CA TYR E 2909 -2.16 72.10 -22.23
C TYR E 2909 -2.28 70.61 -22.53
N ALA E 2910 -3.37 69.97 -22.10
CA ALA E 2910 -3.55 68.56 -22.39
C ALA E 2910 -3.75 68.32 -23.89
N ASP E 2911 -4.55 69.16 -24.54
CA ASP E 2911 -4.74 69.04 -25.98
C ASP E 2911 -3.52 69.48 -26.76
N ILE E 2912 -2.73 70.41 -26.20
CA ILE E 2912 -1.53 70.89 -26.90
C ILE E 2912 -0.47 69.81 -26.89
N MET E 2913 -0.26 69.15 -25.74
CA MET E 2913 0.74 68.10 -25.64
C MET E 2913 0.29 66.80 -26.31
N ALA E 2914 -0.96 66.71 -26.76
CA ALA E 2914 -1.47 65.53 -27.43
C ALA E 2914 -1.39 65.65 -28.95
N LYS E 2915 -1.86 66.77 -29.51
CA LYS E 2915 -1.80 66.97 -30.95
C LYS E 2915 -0.37 67.14 -31.44
N SER E 2916 0.51 67.70 -30.61
CA SER E 2916 1.91 67.86 -30.98
C SER E 2916 2.67 66.55 -30.98
N CYS E 2917 2.12 65.49 -30.41
CA CYS E 2917 2.77 64.19 -30.36
C CYS E 2917 2.12 63.15 -31.28
N HIS E 2918 0.83 63.28 -31.56
CA HIS E 2918 0.11 62.36 -32.43
C HIS E 2918 -0.09 62.93 -33.83
N LEU E 2919 0.83 63.77 -34.29
CA LEU E 2919 0.73 64.36 -35.61
C LEU E 2919 1.03 63.37 -36.73
N GLU E 2920 1.62 62.22 -36.41
CA GLU E 2920 1.93 61.23 -37.44
C GLU E 2920 0.69 60.43 -37.85
N GLU E 2921 -0.23 60.19 -36.92
CA GLU E 2921 -1.44 59.43 -37.22
C GLU E 2921 -2.45 60.30 -37.96
N SER E 2922 4.30 53.05 -50.28
CA SER E 2922 5.49 53.85 -50.02
C SER E 2922 6.22 53.37 -48.78
N PHE E 2923 7.18 52.46 -48.98
CA PHE E 2923 7.95 51.93 -47.85
C PHE E 2923 8.91 52.97 -47.29
N GLU E 2924 9.44 53.85 -48.14
CA GLU E 2924 10.37 54.87 -47.67
C GLU E 2924 9.64 55.95 -46.87
N GLU E 2925 8.44 56.33 -47.30
CA GLU E 2925 7.67 57.34 -46.58
C GLU E 2925 7.14 56.80 -45.26
N LYS E 2926 6.84 55.50 -45.20
CA LYS E 2926 6.34 54.93 -43.96
C LYS E 2926 7.43 54.76 -42.93
N GLU E 2927 8.69 54.62 -43.36
CA GLU E 2927 9.79 54.47 -42.42
C GLU E 2927 10.10 55.79 -41.72
N MET E 2928 10.16 56.89 -42.48
CA MET E 2928 10.42 58.18 -41.88
C MET E 2928 9.24 58.71 -41.08
N GLU E 2929 8.03 58.19 -41.34
CA GLU E 2929 6.87 58.63 -40.57
C GLU E 2929 6.90 58.07 -39.16
N LYS E 2930 7.37 56.82 -39.00
CA LYS E 2930 7.48 56.24 -37.66
C LYS E 2930 8.60 56.87 -36.86
N GLN E 2931 9.61 57.43 -37.53
CA GLN E 2931 10.70 58.08 -36.82
C GLN E 2931 10.25 59.39 -36.19
N ARG E 2932 9.39 60.13 -36.88
CA ARG E 2932 8.86 61.37 -36.31
C ARG E 2932 7.96 61.08 -35.13
N LEU E 2933 7.18 59.99 -35.20
CA LEU E 2933 6.31 59.65 -34.08
C LEU E 2933 7.11 59.20 -32.86
N LEU E 2934 8.18 58.42 -33.08
CA LEU E 2934 9.00 57.97 -31.96
C LEU E 2934 9.75 59.12 -31.31
N TYR E 2935 10.15 60.12 -32.11
CA TYR E 2935 10.87 61.26 -31.54
C TYR E 2935 9.94 62.12 -30.68
N GLN E 2936 8.70 62.31 -31.12
CA GLN E 2936 7.75 63.10 -30.33
C GLN E 2936 7.30 62.34 -29.08
N GLN E 2937 7.21 61.02 -29.16
CA GLN E 2937 6.83 60.24 -27.98
C GLN E 2937 7.96 60.18 -26.97
N ALA E 2938 9.20 60.06 -27.44
CA ALA E 2938 10.35 60.04 -26.55
C ALA E 2938 10.66 61.41 -25.97
N ARG E 2939 10.10 62.48 -26.52
CA ARG E 2939 10.34 63.82 -25.97
C ARG E 2939 9.72 63.95 -24.58
N LEU E 2940 8.46 63.56 -24.44
CA LEU E 2940 7.79 63.64 -23.14
C LEU E 2940 8.25 62.56 -22.17
N HIS E 2941 8.93 61.52 -22.67
CA HIS E 2941 9.42 60.47 -21.78
C HIS E 2941 10.60 60.93 -20.95
N ASN E 2942 11.43 61.85 -21.49
CA ASN E 2942 12.59 62.32 -20.76
C ASN E 2942 12.18 63.26 -19.62
N ARG E 2943 11.15 64.06 -19.83
CA ARG E 2943 10.68 65.00 -18.82
C ARG E 2943 9.79 64.36 -17.77
N GLY E 2944 9.45 63.08 -17.92
CA GLY E 2944 8.62 62.40 -16.96
C GLY E 2944 7.13 62.55 -17.17
N ALA E 2945 6.70 63.00 -18.35
CA ALA E 2945 5.27 63.17 -18.61
C ALA E 2945 4.54 61.84 -18.71
N ALA E 2946 5.26 60.74 -18.94
CA ALA E 2946 4.62 59.43 -19.03
C ALA E 2946 4.07 58.96 -17.69
N GLU E 2947 4.59 59.50 -16.58
CA GLU E 2947 4.10 59.15 -15.26
C GLU E 2947 3.03 60.11 -14.75
N MET E 2948 2.84 61.26 -15.41
CA MET E 2948 1.82 62.20 -14.98
C MET E 2948 0.41 61.70 -15.30
N VAL E 2949 0.25 60.96 -16.41
CA VAL E 2949 -1.06 60.45 -16.77
C VAL E 2949 -1.51 59.34 -15.84
N LEU E 2950 -0.59 58.74 -15.07
CA LEU E 2950 -0.96 57.69 -14.13
C LEU E 2950 -1.43 58.24 -12.80
N GLN E 2951 -1.05 59.47 -12.44
CA GLN E 2951 -1.48 60.07 -11.19
C GLN E 2951 -2.79 60.81 -11.31
N MET E 2952 -3.13 61.31 -12.50
CA MET E 2952 -4.38 62.03 -12.68
C MET E 2952 -5.57 61.08 -12.64
N ILE E 2953 -5.40 59.86 -13.16
CA ILE E 2953 -6.49 58.89 -13.14
C ILE E 2953 -6.72 58.36 -11.73
N SER E 2954 -5.64 58.13 -10.98
CA SER E 2954 -5.75 57.64 -9.61
C SER E 2954 -6.24 58.69 -8.63
N ALA E 2955 -6.45 59.93 -9.08
CA ALA E 2955 -6.90 61.01 -8.20
C ALA E 2955 -8.41 61.20 -8.20
N CYS E 2956 -9.08 60.94 -9.33
CA CYS E 2956 -10.52 61.11 -9.39
C CYS E 2956 -11.26 60.04 -8.59
N LYS E 2957 -10.70 58.83 -8.55
CA LYS E 2957 -11.26 57.72 -7.77
C LYS E 2957 -12.70 57.38 -8.20
N GLY E 2958 -13.00 57.56 -9.48
CA GLY E 2958 -14.31 57.22 -10.02
C GLY E 2958 -15.05 58.35 -10.70
N GLU E 2959 -14.48 59.56 -10.76
CA GLU E 2959 -15.16 60.68 -11.41
C GLU E 2959 -15.04 60.54 -12.92
N THR E 2960 -16.18 60.69 -13.61
CA THR E 2960 -16.24 60.61 -15.07
C THR E 2960 -16.39 61.97 -15.72
N GLY E 2961 -15.93 63.02 -15.08
CA GLY E 2961 -16.06 64.37 -15.61
C GLY E 2961 -15.11 64.62 -16.76
N ALA E 2962 -14.99 65.90 -17.11
CA ALA E 2962 -14.13 66.31 -18.22
C ALA E 2962 -12.65 66.23 -17.88
N MET E 2963 -12.30 66.02 -16.61
CA MET E 2963 -10.89 65.92 -16.25
C MET E 2963 -10.25 64.65 -16.79
N VAL E 2964 -10.98 63.53 -16.74
CA VAL E 2964 -10.43 62.27 -17.23
C VAL E 2964 -10.40 62.26 -18.76
N SER E 2965 -11.36 62.93 -19.40
CA SER E 2965 -11.38 62.99 -20.86
C SER E 2965 -10.19 63.75 -21.43
N SER E 2966 -9.55 64.61 -20.64
CA SER E 2966 -8.40 65.36 -21.09
C SER E 2966 -7.09 64.62 -20.92
N THR E 2967 -6.98 63.78 -19.89
CA THR E 2967 -5.75 63.02 -19.66
C THR E 2967 -5.73 61.71 -20.43
N LEU E 2968 -6.89 61.14 -20.76
CA LEU E 2968 -6.90 59.92 -21.56
C LEU E 2968 -6.51 60.20 -23.00
N LYS E 2969 -6.81 61.40 -23.51
CA LYS E 2969 -6.37 61.77 -24.85
C LYS E 2969 -4.85 61.88 -24.92
N LEU E 2970 -4.21 62.30 -23.83
CA LEU E 2970 -2.76 62.36 -23.78
C LEU E 2970 -2.14 60.98 -23.63
N GLY E 2971 -2.81 60.07 -22.91
CA GLY E 2971 -2.28 58.74 -22.72
C GLY E 2971 -2.29 57.91 -24.00
N ILE E 2972 -3.29 58.12 -24.86
CA ILE E 2972 -3.34 57.39 -26.12
C ILE E 2972 -2.46 58.01 -27.20
N SER E 2973 -2.00 59.24 -27.01
CA SER E 2973 -1.11 59.88 -27.97
C SER E 2973 0.35 59.51 -27.76
N ILE E 2974 0.69 58.83 -26.67
CA ILE E 2974 2.05 58.41 -26.39
C ILE E 2974 2.28 56.96 -26.78
N LEU E 2975 1.30 56.09 -26.50
CA LEU E 2975 1.40 54.67 -26.82
C LEU E 2975 0.71 54.32 -28.13
N ASN E 2976 0.51 55.30 -29.01
CA ASN E 2976 -0.17 55.05 -30.27
C ASN E 2976 0.66 54.14 -31.18
N GLY E 2977 1.98 54.16 -31.04
CA GLY E 2977 2.84 53.31 -31.84
C GLY E 2977 3.24 52.03 -31.12
N GLY E 2978 3.02 52.00 -29.81
CA GLY E 2978 3.35 50.84 -29.01
C GLY E 2978 4.82 50.74 -28.69
N ASN E 2979 5.38 51.80 -28.10
CA ASN E 2979 6.78 51.82 -27.75
C ASN E 2979 7.05 50.93 -26.54
N ALA E 2980 8.28 50.40 -26.47
CA ALA E 2980 8.68 49.53 -25.38
C ALA E 2980 9.16 50.27 -24.15
N ASP E 2981 9.65 51.51 -24.30
CA ASP E 2981 10.17 52.25 -23.16
C ASP E 2981 9.05 52.89 -22.34
N VAL E 2982 7.97 53.33 -23.00
CA VAL E 2982 6.87 53.94 -22.27
C VAL E 2982 6.11 52.90 -21.46
N GLN E 2983 6.02 51.67 -21.97
CA GLN E 2983 5.34 50.62 -21.22
C GLN E 2983 6.17 50.14 -20.03
N GLN E 2984 7.50 50.22 -20.14
CA GLN E 2984 8.36 49.81 -19.03
C GLN E 2984 8.41 50.87 -17.94
N LYS E 2985 8.27 52.15 -18.31
CA LYS E 2985 8.27 53.21 -17.31
C LYS E 2985 7.00 53.18 -16.47
N MET E 2986 5.85 52.95 -17.12
CA MET E 2986 4.59 52.86 -16.37
C MET E 2986 4.54 51.61 -15.51
N LEU E 2987 5.16 50.52 -15.96
CA LEU E 2987 5.18 49.30 -15.16
C LEU E 2987 6.07 49.46 -13.93
N ASP E 2988 7.21 50.15 -14.09
CA ASP E 2988 8.11 50.35 -12.96
C ASP E 2988 7.52 51.34 -11.95
N TYR E 2989 6.79 52.34 -12.43
CA TYR E 2989 6.21 53.32 -11.52
C TYR E 2989 5.08 52.73 -10.69
N LEU E 2990 4.32 51.79 -11.25
CA LEU E 2990 3.23 51.17 -10.51
C LEU E 2990 3.75 50.19 -9.46
N LYS E 2991 4.83 49.46 -9.79
CA LYS E 2991 5.39 48.49 -8.85
C LYS E 2991 6.20 49.17 -7.76
N ASP E 2992 6.82 50.32 -8.05
CA ASP E 2992 7.62 51.01 -7.04
C ASP E 2992 6.73 51.66 -5.99
N LYS E 2993 5.68 52.36 -6.41
CA LYS E 2993 4.79 53.01 -5.47
C LYS E 2993 3.82 52.01 -4.83
N LYS E 2994 3.26 51.11 -5.63
CA LYS E 2994 2.32 50.10 -5.16
C LYS E 2994 1.13 50.75 -4.44
N GLU E 2995 0.66 51.88 -4.98
CA GLU E 2995 -0.45 52.61 -4.38
C GLU E 2995 -1.77 52.06 -4.90
N VAL E 2996 -2.64 51.66 -3.98
CA VAL E 2996 -3.95 51.13 -4.35
C VAL E 2996 -4.87 52.28 -4.74
N GLY E 2997 -5.52 52.15 -5.89
CA GLY E 2997 -6.43 53.18 -6.37
C GLY E 2997 -6.38 53.38 -7.87
N PHE E 2998 -5.31 52.90 -8.50
CA PHE E 2998 -5.18 53.04 -9.94
C PHE E 2998 -6.13 52.10 -10.68
N PHE E 2999 -6.01 50.80 -10.41
CA PHE E 2999 -6.90 49.83 -11.05
C PHE E 2999 -8.33 49.96 -10.54
N GLN E 3000 -8.51 50.41 -9.29
CA GLN E 3000 -9.85 50.61 -8.77
C GLN E 3000 -10.58 51.75 -9.47
N SER E 3001 -9.83 52.76 -9.93
CA SER E 3001 -10.45 53.85 -10.66
C SER E 3001 -10.85 53.44 -12.07
N ILE E 3002 -10.09 52.53 -12.68
CA ILE E 3002 -10.43 52.04 -14.00
C ILE E 3002 -11.72 51.23 -13.97
N GLN E 3003 -11.90 50.42 -12.92
CA GLN E 3003 -13.13 49.65 -12.79
C GLN E 3003 -14.34 50.55 -12.60
N ALA E 3004 -14.17 51.67 -11.89
CA ALA E 3004 -15.28 52.59 -11.69
C ALA E 3004 -15.65 53.30 -12.98
N LEU E 3005 -14.64 53.63 -13.81
CA LEU E 3005 -14.92 54.29 -15.08
C LEU E 3005 -15.52 53.34 -16.10
N MET E 3006 -15.41 52.03 -15.89
CA MET E 3006 -15.99 51.07 -16.82
C MET E 3006 -17.49 50.86 -16.58
N GLN E 3007 -17.91 50.92 -15.31
CA GLN E 3007 -19.33 50.71 -15.00
C GLN E 3007 -20.17 51.96 -15.23
N THR E 3008 -19.56 53.15 -15.15
CA THR E 3008 -20.29 54.39 -15.35
C THR E 3008 -20.57 54.70 -16.82
N CYS E 3009 -20.10 53.86 -17.73
CA CYS E 3009 -20.36 54.09 -19.15
C CYS E 3009 -21.84 53.91 -19.46
N SER E 3010 -22.40 54.87 -20.19
CA SER E 3010 -23.82 54.84 -20.54
C SER E 3010 -24.02 53.87 -21.70
N VAL E 3011 -24.74 52.79 -21.44
CA VAL E 3011 -25.03 51.77 -22.45
C VAL E 3011 -26.34 52.12 -23.14
N LEU E 3012 -26.48 51.66 -24.37
CA LEU E 3012 -27.70 51.89 -25.14
C LEU E 3012 -28.91 51.30 -24.41
N ASP E 3013 -29.96 52.12 -24.28
CA ASP E 3013 -31.18 51.69 -23.61
C ASP E 3013 -32.37 52.16 -24.43
N LEU E 3014 -33.41 51.33 -24.47
CA LEU E 3014 -34.61 51.68 -25.23
C LEU E 3014 -35.40 52.79 -24.54
N ASN E 3015 -35.30 52.88 -23.22
CA ASN E 3015 -36.00 53.95 -22.49
C ASN E 3015 -35.43 55.32 -22.83
N ALA E 3016 -34.11 55.42 -22.92
CA ALA E 3016 -33.50 56.69 -23.29
C ALA E 3016 -33.76 57.03 -24.76
N PHE E 3017 -33.89 56.02 -25.61
CA PHE E 3017 -34.18 56.26 -27.02
C PHE E 3017 -35.60 56.78 -27.23
N GLU E 3018 -36.52 56.44 -26.32
CA GLU E 3018 -37.89 56.90 -26.42
C GLU E 3018 -38.05 58.38 -26.12
N ARG E 3019 -37.00 59.03 -25.59
CA ARG E 3019 -37.07 60.45 -25.26
C ARG E 3019 -36.45 61.35 -26.33
N GLN E 3020 -35.43 60.87 -27.03
CA GLN E 3020 -34.79 61.70 -28.06
C GLN E 3020 -35.66 61.80 -29.31
N ASN E 3021 -36.27 60.67 -29.72
CA ASN E 3021 -37.14 60.70 -30.89
C ASN E 3021 -38.44 61.45 -30.61
N LYS E 3022 -38.90 61.42 -29.36
CA LYS E 3022 -40.10 62.17 -29.00
C LYS E 3022 -39.82 63.68 -29.02
N ALA E 3023 -38.63 64.08 -28.57
CA ALA E 3023 -38.27 65.49 -28.63
C ALA E 3023 -38.01 65.95 -30.06
N GLU E 3024 -37.45 65.06 -30.88
CA GLU E 3024 -37.21 65.41 -32.28
C GLU E 3024 -38.52 65.52 -33.05
N GLY E 3025 -39.57 64.85 -32.60
CA GLY E 3025 -40.86 64.93 -33.26
C GLY E 3025 -41.56 66.26 -33.06
N LEU E 3026 -41.10 67.07 -32.10
CA LEU E 3026 -41.70 68.38 -31.87
C LEU E 3026 -41.38 69.37 -32.98
N GLY E 3027 -40.32 69.12 -33.75
CA GLY E 3027 -39.94 69.98 -34.86
C GLY E 3027 -38.46 70.32 -34.79
N MET E 3028 -38.04 71.13 -35.76
CA MET E 3028 -36.67 71.59 -35.86
C MET E 3028 -36.47 73.00 -35.33
N VAL E 3029 -37.48 73.85 -35.42
CA VAL E 3029 -37.40 75.23 -34.97
C VAL E 3029 -38.29 75.39 -33.73
N ASN E 3030 -38.22 76.57 -33.13
CA ASN E 3030 -38.98 76.91 -31.94
C ASN E 3030 -40.08 77.90 -32.30
N GLU E 3031 -40.79 78.37 -31.27
CA GLU E 3031 -41.86 79.34 -31.49
C GLU E 3031 -41.32 80.66 -32.01
N ASP E 3032 -40.21 81.13 -31.43
CA ASP E 3032 -39.58 82.37 -31.87
C ASP E 3032 -38.63 82.09 -33.03
N GLY E 3033 -37.87 83.09 -33.44
CA GLY E 3033 -36.94 82.95 -34.54
C GLY E 3033 -35.58 82.44 -34.10
N THR E 3034 -35.55 81.36 -33.33
CA THR E 3034 -34.32 80.77 -32.85
C THR E 3034 -34.29 79.28 -33.19
N VAL E 3035 -33.08 78.75 -33.34
CA VAL E 3035 -32.87 77.34 -33.66
C VAL E 3035 -32.28 76.66 -32.44
N ILE E 3036 -32.57 75.37 -32.32
CA ILE E 3036 -32.07 74.57 -31.19
C ILE E 3036 -30.87 73.75 -31.63
N GLY E 3037 -26.43 67.00 -28.71
CA GLY E 3037 -26.76 66.49 -27.39
C GLY E 3037 -27.47 65.16 -27.43
N GLU E 3038 -26.76 64.13 -27.89
CA GLU E 3038 -27.35 62.79 -27.96
C GLU E 3038 -27.46 62.19 -26.56
N LYS E 3039 -28.68 61.74 -26.23
CA LYS E 3039 -28.94 61.13 -24.93
C LYS E 3039 -28.84 59.61 -24.96
N VAL E 3040 -28.73 59.00 -26.14
CA VAL E 3040 -28.65 57.55 -26.23
C VAL E 3040 -27.30 57.05 -25.72
N MET E 3041 -26.25 57.87 -25.84
CA MET E 3041 -24.92 57.48 -25.37
C MET E 3041 -24.31 58.57 -24.50
N ALA E 3042 -24.03 59.74 -25.10
CA ALA E 3042 -23.42 60.88 -24.41
C ALA E 3042 -22.06 60.50 -23.81
N ASP E 3043 -21.43 59.46 -24.35
CA ASP E 3043 -20.13 59.04 -23.82
C ASP E 3043 -19.34 58.18 -24.80
N ASP E 3044 -19.60 58.26 -26.10
CA ASP E 3044 -18.88 57.42 -27.05
C ASP E 3044 -17.42 57.85 -27.17
N GLU E 3045 -17.14 59.15 -27.02
CA GLU E 3045 -15.76 59.62 -27.10
C GLU E 3045 -14.95 59.20 -25.88
N PHE E 3046 -15.62 59.01 -24.74
CA PHE E 3046 -14.90 58.60 -23.53
C PHE E 3046 -14.69 57.10 -23.47
N THR E 3047 -15.70 56.32 -23.84
CA THR E 3047 -15.58 54.86 -23.78
C THR E 3047 -14.61 54.34 -24.83
N GLN E 3048 -14.63 54.93 -26.03
CA GLN E 3048 -13.73 54.48 -27.09
C GLN E 3048 -12.28 54.75 -26.72
N ASP E 3049 -12.00 55.90 -26.11
CA ASP E 3049 -10.63 56.20 -25.71
C ASP E 3049 -10.21 55.46 -24.46
N LEU E 3050 -11.18 55.06 -23.61
CA LEU E 3050 -10.85 54.33 -22.40
C LEU E 3050 -10.37 52.91 -22.73
N PHE E 3051 -11.11 52.21 -23.60
CA PHE E 3051 -10.68 50.87 -23.99
C PHE E 3051 -9.43 50.90 -24.85
N ARG E 3052 -9.24 51.98 -25.62
CA ARG E 3052 -8.03 52.09 -26.43
C ARG E 3052 -6.80 52.30 -25.55
N PHE E 3053 -6.96 52.95 -24.40
CA PHE E 3053 -5.84 53.14 -23.49
C PHE E 3053 -5.37 51.81 -22.92
N LEU E 3054 -6.30 50.96 -22.50
CA LEU E 3054 -5.92 49.65 -21.96
C LEU E 3054 -5.43 48.71 -23.06
N GLN E 3055 -5.98 48.84 -24.28
CA GLN E 3055 -5.52 48.02 -25.38
C GLN E 3055 -4.10 48.40 -25.81
N LEU E 3056 -3.80 49.69 -25.84
CA LEU E 3056 -2.47 50.15 -26.24
C LEU E 3056 -1.41 49.88 -25.19
N LEU E 3057 -1.80 49.53 -23.96
CA LEU E 3057 -0.82 49.20 -22.93
C LEU E 3057 -0.13 47.88 -23.23
N CYS E 3058 -0.82 46.95 -23.89
CA CYS E 3058 -0.26 45.66 -24.24
C CYS E 3058 -0.19 45.48 -25.76
N GLU E 3059 -0.12 46.58 -26.50
CA GLU E 3059 -0.06 46.51 -27.95
C GLU E 3059 1.27 45.98 -28.45
N GLY E 3060 2.34 46.11 -27.66
CA GLY E 3060 3.65 45.63 -28.03
C GLY E 3060 3.87 44.15 -27.84
N HIS E 3061 2.81 43.38 -27.59
CA HIS E 3061 2.89 41.93 -27.40
C HIS E 3061 3.84 41.56 -26.26
N ASN E 3062 3.92 42.41 -25.24
CA ASN E 3062 4.76 42.16 -24.09
C ASN E 3062 3.97 41.39 -23.04
N ASN E 3063 4.57 40.32 -22.51
CA ASN E 3063 3.91 39.47 -21.53
C ASN E 3063 4.12 39.93 -20.09
N ASP E 3064 5.09 40.82 -19.85
CA ASP E 3064 5.33 41.29 -18.49
C ASP E 3064 4.20 42.20 -18.00
N PHE E 3065 3.63 43.01 -18.90
CA PHE E 3065 2.55 43.90 -18.51
C PHE E 3065 1.22 43.18 -18.39
N GLN E 3066 1.05 42.05 -19.10
CA GLN E 3066 -0.20 41.31 -19.02
C GLN E 3066 -0.35 40.61 -17.67
N ASN E 3067 0.76 40.22 -17.05
CA ASN E 3067 0.69 39.57 -15.75
C ASN E 3067 0.34 40.54 -14.62
N TYR E 3068 0.50 41.84 -14.85
CA TYR E 3068 0.18 42.83 -13.84
C TYR E 3068 -1.30 43.21 -13.83
N LEU E 3069 -2.05 42.85 -14.86
CA LEU E 3069 -3.47 43.16 -14.91
C LEU E 3069 -4.34 42.12 -14.21
N ARG E 3070 -3.91 40.86 -14.22
CA ARG E 3070 -4.65 39.79 -13.54
C ARG E 3070 -4.51 39.92 -12.04
N THR E 3071 -3.30 39.69 -11.53
CA THR E 3071 -3.01 39.78 -10.11
C THR E 3071 -1.87 40.76 -9.89
N GLN E 3072 -1.72 41.18 -8.63
CA GLN E 3072 -0.68 42.13 -8.24
C GLN E 3072 0.19 41.49 -7.16
N THR E 3073 1.51 41.56 -7.35
CA THR E 3073 2.46 41.01 -6.39
C THR E 3073 2.81 41.98 -5.28
N GLY E 3074 2.62 43.29 -5.50
CA GLY E 3074 2.94 44.27 -4.48
C GLY E 3074 1.71 44.81 -3.79
N ASN E 3075 0.63 45.02 -4.54
CA ASN E 3075 -0.60 45.53 -3.97
C ASN E 3075 -1.28 44.46 -3.11
N THR E 3076 -2.28 44.89 -2.36
CA THR E 3076 -3.02 44.01 -1.47
C THR E 3076 -4.43 43.68 -1.96
N THR E 3077 -4.89 44.31 -3.03
CA THR E 3077 -6.23 44.09 -3.56
C THR E 3077 -6.13 43.63 -5.00
N THR E 3078 -6.87 42.58 -5.34
CA THR E 3078 -6.91 42.04 -6.70
C THR E 3078 -8.17 42.56 -7.40
N ILE E 3079 -7.98 43.16 -8.57
CA ILE E 3079 -9.07 43.75 -9.35
C ILE E 3079 -9.38 42.90 -10.58
N ASN E 3080 -8.35 42.49 -11.32
CA ASN E 3080 -8.52 41.73 -12.56
C ASN E 3080 -9.39 42.48 -13.55
N ILE E 3081 -8.80 43.42 -14.30
CA ILE E 3081 -9.57 44.22 -15.25
C ILE E 3081 -10.07 43.36 -16.40
N ILE E 3082 -9.40 42.24 -16.68
CA ILE E 3082 -9.84 41.36 -17.76
C ILE E 3082 -11.23 40.81 -17.45
N ILE E 3083 -11.48 40.44 -16.20
CA ILE E 3083 -12.82 40.00 -15.81
C ILE E 3083 -13.81 41.16 -15.90
N CYS E 3084 -13.39 42.35 -15.47
CA CYS E 3084 -14.25 43.52 -15.58
C CYS E 3084 -14.44 43.96 -17.03
N THR E 3085 -13.52 43.59 -17.92
CA THR E 3085 -13.67 43.95 -19.33
C THR E 3085 -14.76 43.12 -20.00
N VAL E 3086 -14.79 41.82 -19.74
CA VAL E 3086 -15.82 40.96 -20.33
C VAL E 3086 -17.18 41.19 -19.67
N ASP E 3087 -17.21 41.66 -18.42
CA ASP E 3087 -18.48 42.00 -17.79
C ASP E 3087 -19.13 43.21 -18.47
N TYR E 3088 -18.31 44.10 -19.04
CA TYR E 3088 -18.87 45.23 -19.77
C TYR E 3088 -19.51 44.78 -21.08
N LEU E 3089 -18.95 43.76 -21.72
CA LEU E 3089 -19.51 43.25 -22.96
C LEU E 3089 -20.86 42.55 -22.72
N LEU E 3090 -21.07 42.02 -21.52
CA LEU E 3090 -22.33 41.35 -21.22
C LEU E 3090 -23.49 42.33 -21.26
N ARG E 3091 -23.30 43.53 -20.72
CA ARG E 3091 -24.33 44.55 -20.72
C ARG E 3091 -24.48 45.24 -22.07
N LEU E 3092 -23.53 45.05 -22.99
CA LEU E 3092 -23.64 45.60 -24.33
C LEU E 3092 -24.40 44.68 -25.28
N GLN E 3093 -24.27 43.36 -25.10
CA GLN E 3093 -25.01 42.43 -25.93
C GLN E 3093 -26.51 42.53 -25.68
N GLU E 3094 -26.91 42.79 -24.43
CA GLU E 3094 -28.32 42.93 -24.12
C GLU E 3094 -28.94 44.13 -24.81
N SER E 3095 -28.16 45.20 -25.02
CA SER E 3095 -28.69 46.38 -25.69
C SER E 3095 -28.92 46.13 -27.17
N ILE E 3096 -27.93 45.52 -27.84
CA ILE E 3096 -28.08 45.23 -29.27
C ILE E 3096 -29.15 44.18 -29.50
N SER E 3097 -29.29 43.22 -28.57
CA SER E 3097 -30.31 42.19 -28.71
C SER E 3097 -31.71 42.79 -28.54
N ASP E 3098 -31.90 43.63 -27.52
CA ASP E 3098 -33.20 44.25 -27.31
C ASP E 3098 -33.51 45.31 -28.36
N PHE E 3099 -32.49 45.87 -29.01
CA PHE E 3099 -32.72 46.86 -30.05
C PHE E 3099 -33.20 46.22 -31.35
N TYR E 3100 -32.83 44.95 -31.60
CA TYR E 3100 -33.27 44.28 -32.81
C TYR E 3100 -34.76 43.96 -32.75
N TRP E 3101 -35.25 43.53 -31.58
CA TRP E 3101 -36.66 43.20 -31.46
C TRP E 3101 -37.55 44.43 -31.54
N TYR E 3102 -37.00 45.61 -31.18
CA TYR E 3102 -37.78 46.83 -31.29
C TYR E 3102 -37.98 47.25 -32.74
N TYR E 3103 -37.01 46.94 -33.60
CA TYR E 3103 -37.11 47.24 -35.02
C TYR E 3103 -37.36 46.01 -35.87
N SER E 3104 -37.69 44.87 -35.25
CA SER E 3104 -37.97 43.66 -36.01
C SER E 3104 -39.28 43.78 -36.78
N GLY E 3105 -40.30 44.37 -36.16
CA GLY E 3105 -41.57 44.56 -36.85
C GLY E 3105 -41.49 45.59 -37.96
N LYS E 3106 -40.63 46.60 -37.80
CA LYS E 3106 -40.48 47.62 -38.82
C LYS E 3106 -39.78 47.06 -40.04
N ASP E 3107 -40.27 47.46 -41.23
CA ASP E 3107 -39.69 46.97 -42.47
C ASP E 3107 -38.35 47.63 -42.77
N VAL E 3108 -38.26 48.94 -42.56
CA VAL E 3108 -37.05 49.71 -42.84
C VAL E 3108 -36.62 50.41 -41.57
N ILE E 3109 -35.30 50.44 -41.33
CA ILE E 3109 -34.77 51.11 -40.15
C ILE E 3109 -34.91 52.62 -40.30
N GLU E 3110 -35.36 53.27 -39.24
CA GLU E 3110 -35.55 54.72 -39.27
C GLU E 3110 -34.20 55.44 -39.40
N GLU E 3111 -34.27 56.69 -39.85
CA GLU E 3111 -33.06 57.49 -40.02
C GLU E 3111 -32.44 57.84 -38.67
N GLN E 3112 -33.27 58.14 -37.67
CA GLN E 3112 -32.74 58.44 -36.34
C GLN E 3112 -32.15 57.20 -35.68
N GLY E 3113 -32.82 56.05 -35.84
CA GLY E 3113 -32.30 54.81 -35.28
C GLY E 3113 -31.06 54.30 -35.97
N LYS E 3114 -30.79 54.75 -37.20
CA LYS E 3114 -29.59 54.32 -37.91
C LYS E 3114 -28.34 54.93 -37.29
N ARG E 3115 -28.41 56.20 -36.89
CA ARG E 3115 -27.26 56.83 -36.24
C ARG E 3115 -27.05 56.28 -34.83
N ASN E 3116 -28.13 55.93 -34.13
CA ASN E 3116 -27.99 55.36 -32.80
C ASN E 3116 -27.40 53.96 -32.84
N PHE E 3117 -27.84 53.14 -33.81
CA PHE E 3117 -27.31 51.78 -33.92
C PHE E 3117 -25.87 51.78 -34.43
N SER E 3118 -25.50 52.79 -35.22
CA SER E 3118 -24.13 52.84 -35.75
C SER E 3118 -23.13 53.13 -34.64
N LYS E 3119 -23.50 53.97 -33.67
CA LYS E 3119 -22.60 54.27 -32.57
C LYS E 3119 -22.43 53.07 -31.63
N ALA E 3120 -23.45 52.21 -31.56
CA ALA E 3120 -23.34 51.03 -30.70
C ALA E 3120 -22.38 50.00 -31.28
N MET E 3121 -22.24 49.94 -32.61
CA MET E 3121 -21.31 49.00 -33.22
C MET E 3121 -19.88 49.49 -33.18
N SER E 3122 -19.67 50.81 -33.17
CA SER E 3122 -18.31 51.35 -33.08
C SER E 3122 -17.69 51.06 -31.72
N VAL E 3123 -18.48 51.17 -30.65
CA VAL E 3123 -17.99 50.84 -29.32
C VAL E 3123 -17.77 49.34 -29.20
N ALA E 3124 -18.65 48.54 -29.80
CA ALA E 3124 -18.48 47.10 -29.79
C ALA E 3124 -17.27 46.65 -30.60
N LYS E 3125 -16.81 47.47 -31.55
CA LYS E 3125 -15.62 47.12 -32.31
C LYS E 3125 -14.35 47.30 -31.49
N GLN E 3126 -14.35 48.27 -30.56
CA GLN E 3126 -13.15 48.54 -29.78
C GLN E 3126 -13.00 47.54 -28.63
N VAL E 3127 -14.11 47.10 -28.04
CA VAL E 3127 -14.02 46.17 -26.92
C VAL E 3127 -13.51 44.81 -27.38
N PHE E 3128 -13.81 44.43 -28.63
CA PHE E 3128 -13.28 43.17 -29.16
C PHE E 3128 -11.82 43.31 -29.54
N ASN E 3129 -11.43 44.47 -30.07
CA ASN E 3129 -10.03 44.72 -30.38
C ASN E 3129 -9.17 44.85 -29.13
N SER E 3130 -9.79 45.14 -27.97
CA SER E 3130 -9.05 45.18 -26.72
C SER E 3130 -8.93 43.81 -26.07
N LEU E 3131 -9.81 42.87 -26.40
CA LEU E 3131 -9.72 41.53 -25.84
C LEU E 3131 -8.69 40.68 -26.57
N THR E 3132 -8.53 40.88 -27.88
CA THR E 3132 -7.53 40.12 -28.62
C THR E 3132 -6.10 40.53 -28.26
N GLU E 3133 -5.92 41.74 -27.73
CA GLU E 3133 -4.59 42.15 -27.29
C GLU E 3133 -4.18 41.44 -26.01
N TYR E 3134 -5.14 41.06 -25.18
CA TYR E 3134 -4.85 40.32 -23.96
C TYR E 3134 -4.56 38.85 -24.22
N ILE E 3135 -5.05 38.30 -25.33
CA ILE E 3135 -4.82 36.91 -25.67
C ILE E 3135 -3.94 36.85 -26.91
N GLN E 3136 -2.79 37.52 -26.85
CA GLN E 3136 -1.85 37.47 -27.98
C GLN E 3136 -0.87 36.31 -27.81
N GLY E 3137 0.09 36.46 -26.90
CA GLY E 3137 1.02 35.40 -26.60
C GLY E 3137 0.38 34.33 -25.75
N PRO E 3138 0.75 33.07 -26.00
CA PRO E 3138 0.16 31.97 -25.22
C PRO E 3138 0.55 32.00 -23.76
N CYS E 3139 -0.10 32.89 -23.00
CA CYS E 3139 0.16 33.02 -21.57
C CYS E 3139 -0.83 32.15 -20.80
N THR E 3140 -0.29 31.30 -19.92
CA THR E 3140 -1.14 30.37 -19.16
C THR E 3140 -2.09 31.10 -18.21
N GLY E 3141 -1.73 32.30 -17.75
CA GLY E 3141 -2.60 33.02 -16.85
C GLY E 3141 -3.82 33.60 -17.53
N ASN E 3142 -3.69 33.99 -18.80
CA ASN E 3142 -4.82 34.58 -19.52
C ASN E 3142 -5.80 33.52 -20.02
N GLN E 3143 -5.31 32.30 -20.28
CA GLN E 3143 -6.20 31.25 -20.77
C GLN E 3143 -7.19 30.80 -19.69
N GLN E 3144 -6.72 30.70 -18.44
CA GLN E 3144 -7.59 30.27 -17.35
C GLN E 3144 -8.59 31.35 -16.95
N SER E 3145 -8.34 32.61 -17.30
CA SER E 3145 -9.25 33.68 -16.94
C SER E 3145 -10.46 33.72 -17.86
N LEU E 3146 -10.24 33.64 -19.17
CA LEU E 3146 -11.33 33.67 -20.13
C LEU E 3146 -12.11 32.36 -20.16
N ALA E 3147 -11.55 31.28 -19.65
CA ALA E 3147 -12.25 30.00 -19.66
C ALA E 3147 -13.38 29.98 -18.64
N HIS E 3148 -13.14 30.47 -17.42
CA HIS E 3148 -14.13 30.49 -16.37
C HIS E 3148 -14.92 31.80 -16.33
N SER E 3149 -14.85 32.61 -17.38
CA SER E 3149 -15.58 33.86 -17.46
C SER E 3149 -16.90 33.65 -18.18
N ARG E 3150 -17.59 34.75 -18.46
CA ARG E 3150 -18.87 34.72 -19.16
C ARG E 3150 -18.74 35.23 -20.59
N LEU E 3151 -17.61 34.92 -21.23
CA LEU E 3151 -17.40 35.35 -22.61
C LEU E 3151 -18.10 34.42 -23.60
N TRP E 3152 -18.15 33.12 -23.29
CA TRP E 3152 -18.82 32.18 -24.18
C TRP E 3152 -20.33 32.44 -24.24
N ASP E 3153 -20.92 32.92 -23.15
CA ASP E 3153 -22.34 33.23 -23.13
C ASP E 3153 -22.66 34.60 -23.71
N ALA E 3154 -21.63 35.41 -24.02
CA ALA E 3154 -21.84 36.72 -24.62
C ALA E 3154 -21.68 36.73 -26.13
N VAL E 3155 -20.86 35.82 -26.67
CA VAL E 3155 -20.68 35.77 -28.13
C VAL E 3155 -21.88 35.10 -28.80
N VAL E 3156 -22.58 34.22 -28.09
CA VAL E 3156 -23.76 33.58 -28.68
C VAL E 3156 -24.88 34.58 -28.91
N GLY E 3157 -24.91 35.65 -28.12
CA GLY E 3157 -25.93 36.68 -28.31
C GLY E 3157 -25.70 37.51 -29.57
N PHE E 3158 -24.43 37.76 -29.91
CA PHE E 3158 -24.14 38.53 -31.11
C PHE E 3158 -24.41 37.73 -32.38
N LEU E 3159 -24.19 36.41 -32.33
CA LEU E 3159 -24.46 35.58 -33.50
C LEU E 3159 -25.95 35.54 -33.83
N HIS E 3160 -26.81 35.76 -32.84
CA HIS E 3160 -28.25 35.75 -33.10
C HIS E 3160 -28.69 37.03 -33.79
N VAL E 3161 -28.14 38.18 -33.38
CA VAL E 3161 -28.54 39.45 -33.98
C VAL E 3161 -27.82 39.68 -35.31
N PHE E 3162 -26.59 39.17 -35.45
CA PHE E 3162 -25.86 39.36 -36.69
C PHE E 3162 -26.48 38.56 -37.83
N ALA E 3163 -27.01 37.38 -37.53
CA ALA E 3163 -27.59 36.53 -38.56
C ALA E 3163 -28.90 37.08 -39.09
N HIS E 3164 -29.52 38.03 -38.40
CA HIS E 3164 -30.77 38.62 -38.83
C HIS E 3164 -30.63 40.03 -39.39
N MET E 3165 -29.61 40.78 -38.97
CA MET E 3165 -29.43 42.13 -39.48
C MET E 3165 -28.86 42.13 -40.90
N MET E 3166 -28.03 41.14 -41.23
CA MET E 3166 -27.46 41.08 -42.58
C MET E 3166 -28.51 40.69 -43.61
N MET E 3167 -29.53 39.94 -43.20
CA MET E 3167 -30.59 39.56 -44.12
C MET E 3167 -31.52 40.72 -44.42
N LYS E 3168 -31.71 41.64 -43.47
CA LYS E 3168 -32.55 42.80 -43.71
C LYS E 3168 -31.78 43.92 -44.41
N LEU E 3169 -30.48 44.04 -44.13
CA LEU E 3169 -29.69 45.08 -44.78
C LEU E 3169 -29.39 44.74 -46.23
N ALA E 3170 -29.40 43.45 -46.59
CA ALA E 3170 -29.14 43.06 -47.98
C ALA E 3170 -30.33 43.39 -48.87
N GLN E 3171 -31.55 43.24 -48.35
CA GLN E 3171 -32.74 43.55 -49.14
C GLN E 3171 -32.92 45.06 -49.29
N ASP E 3172 -32.63 45.81 -48.25
CA ASP E 3172 -32.76 47.27 -48.29
C ASP E 3172 -31.57 47.86 -49.01
N SER E 3173 -31.82 48.50 -50.16
CA SER E 3173 -30.74 49.10 -50.93
C SER E 3173 -30.23 50.39 -50.30
N SER E 3174 -30.98 50.99 -49.38
CA SER E 3174 -30.56 52.22 -48.73
C SER E 3174 -29.70 51.97 -47.49
N GLN E 3175 -29.78 50.78 -46.90
CA GLN E 3175 -29.00 50.46 -45.69
C GLN E 3175 -27.62 49.97 -46.13
N ILE E 3176 -26.78 50.92 -46.51
CA ILE E 3176 -25.42 50.64 -46.94
C ILE E 3176 -24.40 51.04 -45.87
N GLU E 3177 -24.64 52.15 -45.19
CA GLU E 3177 -23.73 52.59 -44.14
C GLU E 3177 -23.68 51.59 -42.99
N LEU E 3178 -24.83 51.01 -42.64
CA LEU E 3178 -24.86 50.02 -41.57
C LEU E 3178 -24.31 48.67 -42.02
N LEU E 3179 -24.45 48.35 -43.30
CA LEU E 3179 -23.98 47.05 -43.80
C LEU E 3179 -22.46 46.98 -43.76
N LYS E 3180 -21.77 48.09 -44.06
CA LYS E 3180 -20.32 48.09 -44.06
C LYS E 3180 -19.76 48.01 -42.64
N GLU E 3181 -20.50 48.53 -41.65
CA GLU E 3181 -20.03 48.52 -40.27
C GLU E 3181 -20.32 47.19 -39.58
N LEU E 3182 -21.45 46.56 -39.90
CA LEU E 3182 -21.78 45.27 -39.29
C LEU E 3182 -20.79 44.20 -39.70
N LEU E 3183 -20.37 44.20 -40.98
CA LEU E 3183 -19.39 43.23 -41.44
C LEU E 3183 -18.00 43.50 -40.88
N ASP E 3184 -17.72 44.73 -40.44
CA ASP E 3184 -16.41 45.04 -39.89
C ASP E 3184 -16.22 44.41 -38.52
N LEU E 3185 -17.25 44.46 -37.67
CA LEU E 3185 -17.16 43.83 -36.35
C LEU E 3185 -17.14 42.31 -36.47
N GLN E 3186 -17.87 41.75 -37.43
CA GLN E 3186 -17.86 40.31 -37.62
C GLN E 3186 -16.46 39.81 -37.97
N LYS E 3187 -15.70 40.60 -38.74
CA LYS E 3187 -14.33 40.23 -39.03
C LYS E 3187 -13.44 40.36 -37.80
N ASP E 3188 -13.70 41.36 -36.97
CA ASP E 3188 -12.92 41.56 -35.76
C ASP E 3188 -13.36 40.66 -34.61
N MET E 3189 -14.50 39.99 -34.73
CA MET E 3189 -14.97 39.08 -33.68
C MET E 3189 -14.40 37.68 -33.83
N VAL E 3190 -14.26 37.19 -35.07
CA VAL E 3190 -13.74 35.84 -35.28
C VAL E 3190 -12.25 35.79 -35.00
N VAL E 3191 -11.53 36.89 -35.20
CA VAL E 3191 -10.10 36.91 -34.92
C VAL E 3191 -9.81 36.95 -33.43
N MET E 3192 -10.79 37.32 -32.61
CA MET E 3192 -10.58 37.29 -31.15
C MET E 3192 -10.53 35.85 -30.64
N LEU E 3193 -11.35 34.97 -31.22
CA LEU E 3193 -11.32 33.56 -30.82
C LEU E 3193 -10.15 32.82 -31.47
N LEU E 3194 -9.71 33.27 -32.64
CA LEU E 3194 -8.55 32.64 -33.29
C LEU E 3194 -7.28 32.86 -32.49
N SER E 3195 -7.14 34.04 -31.86
CA SER E 3195 -5.97 34.29 -31.03
C SER E 3195 -5.97 33.41 -29.78
N LEU E 3196 -7.15 32.99 -29.33
CA LEU E 3196 -7.23 32.09 -28.19
C LEU E 3196 -6.88 30.66 -28.59
N LEU E 3197 -7.38 30.20 -29.75
CA LEU E 3197 -7.11 28.85 -30.22
C LEU E 3197 -5.67 28.68 -30.72
N GLU E 3198 -4.93 29.77 -30.92
CA GLU E 3198 -3.55 29.65 -31.37
C GLU E 3198 -2.68 28.99 -30.31
N GLY E 3199 -2.89 29.34 -29.04
CA GLY E 3199 -2.16 28.75 -27.95
C GLY E 3199 -2.76 27.51 -27.35
N ASN E 3200 -3.97 27.15 -27.75
CA ASN E 3200 -4.60 25.95 -27.21
C ASN E 3200 -3.99 24.70 -27.82
N VAL E 3201 -3.84 23.66 -26.99
CA VAL E 3201 -3.27 22.39 -27.42
C VAL E 3201 -4.38 21.49 -27.94
N VAL E 3202 -4.02 20.28 -28.35
CA VAL E 3202 -5.00 19.33 -28.86
C VAL E 3202 -5.82 18.75 -27.71
N ASN E 3203 -7.10 18.54 -27.96
CA ASN E 3203 -8.06 17.99 -26.99
C ASN E 3203 -7.87 18.60 -25.60
N GLY E 3204 -7.88 19.94 -25.56
CA GLY E 3204 -7.73 20.67 -24.33
C GLY E 3204 -9.05 21.20 -23.80
N MET E 3205 -9.06 21.56 -22.51
CA MET E 3205 -10.27 22.07 -21.88
C MET E 3205 -10.64 23.45 -22.37
N ILE E 3206 -9.68 24.22 -22.87
CA ILE E 3206 -9.99 25.56 -23.38
C ILE E 3206 -10.76 25.47 -24.69
N ALA E 3207 -10.44 24.48 -25.52
CA ALA E 3207 -11.13 24.27 -26.78
C ALA E 3207 -12.40 23.44 -26.63
N ARG E 3208 -12.60 22.78 -25.49
CA ARG E 3208 -13.80 22.00 -25.28
C ARG E 3208 -15.03 22.90 -25.12
N GLN E 3209 -14.86 24.05 -24.46
CA GLN E 3209 -15.96 24.98 -24.31
C GLN E 3209 -16.35 25.60 -25.65
N MET E 3210 -15.43 25.64 -26.61
CA MET E 3210 -15.75 26.16 -27.93
C MET E 3210 -16.73 25.26 -28.67
N VAL E 3211 -16.65 23.94 -28.43
CA VAL E 3211 -17.59 23.02 -29.05
C VAL E 3211 -19.00 23.25 -28.52
N ASP E 3212 -19.12 23.53 -27.21
CA ASP E 3212 -20.42 23.82 -26.64
C ASP E 3212 -20.97 25.16 -27.13
N MET E 3213 -20.09 26.10 -27.46
CA MET E 3213 -20.54 27.38 -27.98
C MET E 3213 -21.11 27.24 -29.38
N LEU E 3214 -20.45 26.45 -30.24
CA LEU E 3214 -20.94 26.25 -31.59
C LEU E 3214 -22.18 25.36 -31.64
N VAL E 3215 -22.29 24.40 -30.70
CA VAL E 3215 -23.44 23.53 -30.68
C VAL E 3215 -24.67 24.26 -30.15
N GLU E 3216 -24.48 25.20 -29.23
CA GLU E 3216 -25.61 25.95 -28.69
C GLU E 3216 -26.20 26.89 -29.74
N SER E 3217 -25.35 27.52 -30.54
CA SER E 3217 -25.81 28.43 -31.58
C SER E 3217 -25.63 27.80 -32.96
N SER E 3218 -26.09 26.56 -33.12
CA SER E 3218 -25.98 25.89 -34.41
C SER E 3218 -26.86 26.55 -35.45
N SER E 3219 -28.06 27.00 -35.05
CA SER E 3219 -28.96 27.67 -35.98
C SER E 3219 -28.50 29.09 -36.29
N ASN E 3220 -27.85 29.76 -35.33
CA ASN E 3220 -27.37 31.11 -35.56
C ASN E 3220 -26.22 31.14 -36.56
N VAL E 3221 -25.29 30.19 -36.43
CA VAL E 3221 -24.17 30.13 -37.36
C VAL E 3221 -24.58 29.57 -38.71
N GLU E 3222 -25.71 28.86 -38.77
CA GLU E 3222 -26.17 28.31 -40.05
C GLU E 3222 -26.72 29.40 -40.96
N MET E 3223 -27.20 30.51 -40.38
CA MET E 3223 -27.76 31.58 -41.20
C MET E 3223 -26.69 32.50 -41.76
N ILE E 3224 -25.59 32.71 -41.03
CA ILE E 3224 -24.54 33.59 -41.53
C ILE E 3224 -23.70 32.89 -42.58
N LEU E 3225 -23.55 31.56 -42.49
CA LEU E 3225 -22.79 30.83 -43.50
C LEU E 3225 -23.55 30.74 -44.81
N LYS E 3226 -24.86 30.47 -44.75
CA LYS E 3226 -25.66 30.41 -45.96
C LYS E 3226 -25.83 31.79 -46.60
N PHE E 3227 -25.73 32.85 -45.79
CA PHE E 3227 -25.81 34.20 -46.35
C PHE E 3227 -24.62 34.51 -47.23
N PHE E 3228 -23.44 33.99 -46.89
CA PHE E 3228 -22.26 34.20 -47.72
C PHE E 3228 -22.23 33.26 -48.93
N ASP E 3229 -22.91 32.11 -48.85
CA ASP E 3229 -22.95 31.20 -49.99
C ASP E 3229 -23.69 31.81 -51.17
N MET E 3230 -24.69 32.65 -50.92
CA MET E 3230 -25.41 33.30 -52.01
C MET E 3230 -24.54 34.34 -52.70
N PHE E 3231 -23.60 34.95 -51.98
CA PHE E 3231 -22.72 35.95 -52.56
C PHE E 3231 -21.39 35.36 -53.04
N LEU E 3232 -20.97 34.22 -52.50
CA LEU E 3232 -19.74 33.59 -52.94
C LEU E 3232 -19.90 33.01 -54.34
N LYS E 3233 -20.97 32.24 -54.57
CA LYS E 3233 -21.23 31.69 -55.90
C LYS E 3233 -21.72 32.75 -56.88
N LEU E 3234 -22.14 33.91 -56.39
CA LEU E 3234 -22.61 34.97 -57.29
C LEU E 3234 -21.46 35.53 -58.14
N LYS E 3235 -20.24 35.53 -57.59
CA LYS E 3235 -19.11 36.03 -58.36
C LYS E 3235 -18.77 35.09 -59.51
N ASP E 3236 -18.86 33.78 -59.29
CA ASP E 3236 -18.53 32.82 -60.34
C ASP E 3236 -19.62 32.72 -61.40
N ILE E 3237 -20.88 32.85 -61.01
CA ILE E 3237 -21.98 32.73 -61.98
C ILE E 3237 -22.01 33.94 -62.90
N VAL E 3238 -21.96 35.14 -62.32
CA VAL E 3238 -22.00 36.35 -63.13
C VAL E 3238 -20.70 36.53 -63.89
N GLY E 3239 -19.57 36.16 -63.28
CA GLY E 3239 -18.29 36.32 -63.94
C GLY E 3239 -18.10 35.39 -65.13
N SER E 3240 -18.71 34.21 -65.08
CA SER E 3240 -18.59 33.26 -66.17
C SER E 3240 -19.43 33.72 -67.38
N GLU E 3241 -19.16 33.10 -68.53
CA GLU E 3241 -19.89 33.41 -69.75
C GLU E 3241 -21.31 32.88 -69.75
N ALA E 3242 -21.67 31.99 -68.82
CA ALA E 3242 -23.02 31.45 -68.76
C ALA E 3242 -24.05 32.52 -68.38
N PHE E 3243 -23.64 33.57 -67.67
CA PHE E 3243 -24.58 34.62 -67.29
C PHE E 3243 -25.05 35.39 -68.53
N GLN E 3244 -24.13 35.76 -69.41
CA GLN E 3244 -24.51 36.48 -70.62
C GLN E 3244 -25.21 35.59 -71.64
N ASP E 3245 -25.04 34.27 -71.54
CA ASP E 3245 -25.70 33.37 -72.48
C ASP E 3245 -27.20 33.31 -72.23
N TYR E 3246 -27.62 33.33 -70.97
CA TYR E 3246 -29.05 33.31 -70.67
C TYR E 3246 -29.72 34.61 -71.06
N VAL E 3247 -29.02 35.74 -70.90
CA VAL E 3247 -29.57 37.05 -71.27
C VAL E 3247 -28.44 37.93 -71.76
N THR E 3248 -28.56 38.45 -72.98
CA THR E 3248 -27.54 39.31 -73.57
C THR E 3248 -28.12 40.68 -73.95
N ASP E 3249 -29.15 41.11 -73.25
CA ASP E 3249 -29.77 42.40 -73.54
C ASP E 3249 -28.88 43.53 -73.03
N PRO E 3250 -28.40 44.43 -73.90
CA PRO E 3250 -27.55 45.52 -73.42
C PRO E 3250 -28.28 46.53 -72.55
N ARG E 3251 -29.60 46.66 -72.69
CA ARG E 3251 -30.33 47.63 -71.88
C ARG E 3251 -30.40 47.20 -70.42
N GLY E 3252 -30.98 46.03 -70.16
CA GLY E 3252 -31.10 45.55 -68.81
C GLY E 3252 -31.32 44.06 -68.77
N LEU E 3253 -31.03 43.46 -67.61
CA LEU E 3253 -31.15 42.02 -67.39
C LEU E 3253 -31.99 41.82 -66.14
N ILE E 3254 -33.31 41.75 -66.32
CA ILE E 3254 -34.26 41.53 -65.22
C ILE E 3254 -35.18 40.39 -65.63
N SER E 3255 -34.96 39.22 -65.06
CA SER E 3255 -35.77 38.03 -65.35
C SER E 3255 -35.45 36.98 -64.30
N LYS E 3256 -36.27 35.92 -64.29
CA LYS E 3256 -36.06 34.84 -63.34
C LYS E 3256 -34.86 33.98 -63.71
N LYS E 3257 -34.66 33.74 -65.00
CA LYS E 3257 -33.55 32.92 -65.47
C LYS E 3257 -32.23 33.66 -65.47
N ASP E 3258 -32.23 34.97 -65.21
CA ASP E 3258 -30.97 35.73 -65.21
C ASP E 3258 -30.18 35.49 -63.93
N PHE E 3259 -30.86 35.36 -62.79
CA PHE E 3259 -30.21 35.16 -61.50
C PHE E 3259 -30.32 33.73 -61.01
N GLN E 3260 -30.86 32.82 -61.81
CA GLN E 3260 -31.01 31.43 -61.43
C GLN E 3260 -30.62 30.54 -62.60
N LYS E 3261 -30.12 29.35 -62.28
CA LYS E 3261 -29.69 28.40 -63.29
C LYS E 3261 -29.80 26.96 -62.78
N UNK E 3262 -36.77 30.58 -53.77
CA UNK E 3262 -36.67 31.40 -52.56
C UNK E 3262 -35.29 32.03 -52.46
N UNK E 3263 -34.30 31.39 -53.05
CA UNK E 3263 -32.93 31.89 -53.03
C UNK E 3263 -32.72 32.98 -54.08
N UNK E 3264 -33.45 32.86 -55.18
CA UNK E 3264 -33.35 33.83 -56.28
C UNK E 3264 -34.00 35.15 -55.90
N UNK E 3265 -34.97 35.09 -54.98
CA UNK E 3265 -35.67 36.28 -54.53
C UNK E 3265 -34.86 37.04 -53.48
N UNK E 3266 -33.88 36.35 -52.90
CA UNK E 3266 -33.02 36.95 -51.88
C UNK E 3266 -32.03 37.92 -52.51
N UNK E 3267 -31.63 37.64 -53.74
CA UNK E 3267 -30.69 38.49 -54.45
C UNK E 3267 -31.41 39.51 -55.31
N GLU E 3268 -26.56 43.22 -64.12
CA GLU E 3268 -25.61 42.41 -63.38
C GLU E 3268 -25.14 43.13 -62.11
N PHE E 3269 -25.03 42.38 -61.02
CA PHE E 3269 -24.58 42.96 -59.76
C PHE E 3269 -23.11 43.33 -59.84
N ALA E 3270 -22.76 44.45 -59.21
CA ALA E 3270 -21.37 44.89 -59.17
C ALA E 3270 -20.51 44.09 -58.21
N ASN E 3271 -21.09 43.18 -57.44
CA ASN E 3271 -20.38 42.34 -56.48
C ASN E 3271 -19.62 43.18 -55.46
N ARG E 3272 -20.18 44.33 -55.07
CA ARG E 3272 -19.55 45.16 -54.05
C ARG E 3272 -19.63 44.53 -52.67
N PHE E 3273 -20.53 43.57 -52.46
CA PHE E 3273 -20.66 42.89 -51.18
C PHE E 3273 -19.82 41.62 -51.12
N GLN E 3274 -19.28 41.16 -52.25
CA GLN E 3274 -18.50 39.92 -52.23
C GLN E 3274 -17.12 40.14 -51.62
N GLU E 3275 -16.53 41.32 -51.84
CA GLU E 3275 -15.21 41.59 -51.27
C GLU E 3275 -15.22 41.59 -49.75
N PRO E 3276 -16.14 42.27 -49.05
CA PRO E 3276 -16.17 42.13 -47.59
C PRO E 3276 -16.58 40.74 -47.14
N ALA E 3277 -17.41 40.04 -47.92
CA ALA E 3277 -17.85 38.70 -47.51
C ALA E 3277 -16.74 37.68 -47.72
N ARG E 3278 -15.82 37.92 -48.65
CA ARG E 3278 -14.73 36.97 -48.87
C ARG E 3278 -13.69 37.03 -47.76
N ASP E 3279 -13.48 38.21 -47.18
CA ASP E 3279 -12.50 38.32 -46.09
C ASP E 3279 -13.01 37.63 -44.82
N ILE E 3280 -14.27 37.85 -44.48
CA ILE E 3280 -14.83 37.18 -43.30
C ILE E 3280 -15.08 35.71 -43.59
N GLY E 3281 -15.40 35.36 -44.84
CA GLY E 3281 -15.62 33.97 -45.17
C GLY E 3281 -14.37 33.13 -45.06
N PHE E 3282 -13.19 33.74 -45.18
CA PHE E 3282 -11.95 33.00 -45.02
C PHE E 3282 -11.59 32.82 -43.55
N ASN E 3283 -11.88 33.82 -42.71
CA ASN E 3283 -11.57 33.70 -41.29
C ASN E 3283 -12.50 32.73 -40.59
N VAL E 3284 -13.76 32.65 -41.01
CA VAL E 3284 -14.68 31.71 -40.40
C VAL E 3284 -14.37 30.29 -40.83
N ALA E 3285 -13.76 30.12 -42.01
CA ALA E 3285 -13.35 28.79 -42.44
C ALA E 3285 -12.16 28.30 -41.63
N VAL E 3286 -11.23 29.20 -41.29
CA VAL E 3286 -10.11 28.84 -40.45
C VAL E 3286 -10.59 28.51 -39.03
N LEU E 3287 -11.60 29.21 -38.55
CA LEU E 3287 -12.11 28.97 -37.20
C LEU E 3287 -12.72 27.59 -37.09
N LEU E 3288 -13.56 27.19 -38.06
CA LEU E 3288 -14.21 25.90 -38.00
C LEU E 3288 -13.24 24.76 -38.29
N THR E 3289 -12.22 25.01 -39.11
CA THR E 3289 -11.24 23.96 -39.41
C THR E 3289 -10.31 23.73 -38.24
N ASN E 3290 -10.02 24.75 -37.44
CA ASN E 3290 -9.14 24.59 -36.30
C ASN E 3290 -9.76 23.71 -35.21
N LEU E 3291 -11.09 23.74 -35.09
CA LEU E 3291 -11.75 22.91 -34.08
C LEU E 3291 -11.63 21.43 -34.43
N SER E 3292 -11.85 21.08 -35.70
CA SER E 3292 -11.77 19.69 -36.10
C SER E 3292 -10.34 19.14 -36.03
N GLU E 3293 -9.33 20.01 -36.09
CA GLU E 3293 -7.95 19.55 -36.01
C GLU E 3293 -7.53 19.21 -34.58
N HIS E 3294 -8.12 19.89 -33.59
CA HIS E 3294 -7.77 19.68 -32.19
C HIS E 3294 -8.68 18.68 -31.48
N VAL E 3295 -9.20 17.70 -32.20
CA VAL E 3295 -10.06 16.68 -31.60
C VAL E 3295 -9.89 15.38 -32.38
N PRO E 3296 -9.70 14.24 -31.69
CA PRO E 3296 -9.59 12.96 -32.41
C PRO E 3296 -10.88 12.56 -33.09
N HIS E 3297 -12.00 12.63 -32.37
CA HIS E 3297 -13.30 12.28 -32.92
C HIS E 3297 -14.38 12.86 -32.04
N ASP E 3298 -15.35 13.55 -32.65
CA ASP E 3298 -16.44 14.16 -31.90
C ASP E 3298 -17.68 14.30 -32.78
N PRO E 3299 -18.78 13.64 -32.42
CA PRO E 3299 -20.00 13.76 -33.25
C PRO E 3299 -20.62 15.15 -33.22
N ARG E 3300 -20.36 15.95 -32.18
CA ARG E 3300 -20.93 17.28 -32.13
C ARG E 3300 -20.31 18.21 -33.18
N LEU E 3301 -19.06 17.96 -33.56
CA LEU E 3301 -18.41 18.73 -34.61
C LEU E 3301 -18.57 18.12 -35.99
N ARG E 3302 -19.20 16.95 -36.09
CA ARG E 3302 -19.38 16.33 -37.40
C ARG E 3302 -20.45 17.05 -38.21
N ASN E 3303 -21.62 17.28 -37.61
CA ASN E 3303 -22.69 17.97 -38.33
C ASN E 3303 -22.38 19.46 -38.49
N PHE E 3304 -21.55 20.02 -37.61
CA PHE E 3304 -21.18 21.43 -37.75
C PHE E 3304 -20.34 21.66 -39.00
N LEU E 3305 -19.44 20.72 -39.31
CA LEU E 3305 -18.64 20.84 -40.52
C LEU E 3305 -19.49 20.59 -41.77
N GLU E 3306 -20.57 19.81 -41.64
CA GLU E 3306 -21.44 19.55 -42.78
C GLU E 3306 -22.22 20.79 -43.19
N LEU E 3307 -22.53 21.67 -42.23
CA LEU E 3307 -23.23 22.90 -42.55
C LEU E 3307 -22.37 23.85 -43.37
N ALA E 3308 -21.06 23.88 -43.11
CA ALA E 3308 -20.12 24.71 -43.84
C ALA E 3308 -19.30 23.92 -44.86
N GLU E 3309 -19.86 22.83 -45.38
CA GLU E 3309 -19.14 22.01 -46.34
C GLU E 3309 -18.92 22.75 -47.67
N SER E 3310 -19.78 23.72 -47.98
CA SER E 3310 -19.61 24.48 -49.21
C SER E 3310 -18.52 25.53 -49.08
N ILE E 3311 -18.45 26.20 -47.93
CA ILE E 3311 -17.43 27.23 -47.74
C ILE E 3311 -16.07 26.61 -47.48
N LEU E 3312 -16.03 25.52 -46.69
CA LEU E 3312 -14.75 24.88 -46.40
C LEU E 3312 -14.12 24.26 -47.63
N GLU E 3313 -14.95 23.75 -48.55
CA GLU E 3313 -14.41 23.17 -49.78
C GLU E 3313 -13.90 24.25 -50.73
N TYR E 3314 -14.53 25.42 -50.74
CA TYR E 3314 -14.08 26.50 -51.61
C TYR E 3314 -12.76 27.08 -51.13
N PHE E 3315 -12.61 27.28 -49.83
CA PHE E 3315 -11.39 27.82 -49.25
C PHE E 3315 -10.41 26.72 -48.83
N ARG E 3316 -10.59 25.50 -49.33
CA ARG E 3316 -9.69 24.42 -48.94
C ARG E 3316 -8.28 24.60 -49.50
N PRO E 3317 -8.07 24.87 -50.80
CA PRO E 3317 -6.70 25.04 -51.29
C PRO E 3317 -5.99 26.28 -50.74
N TYR E 3318 -6.72 27.21 -50.12
CA TYR E 3318 -6.13 28.43 -49.59
C TYR E 3318 -5.68 28.29 -48.14
N LEU E 3319 -5.62 27.07 -47.62
CA LEU E 3319 -5.21 26.82 -46.24
C LEU E 3319 -3.87 26.11 -46.24
N GLY E 3320 -2.85 26.78 -45.72
CA GLY E 3320 -1.53 26.19 -45.63
C GLY E 3320 -1.16 25.78 -44.22
N ARG E 3321 -1.18 24.48 -43.94
CA ARG E 3321 -0.89 23.95 -42.63
C ARG E 3321 0.61 23.74 -42.47
N ILE E 3322 1.19 24.35 -41.43
CA ILE E 3322 2.59 24.20 -41.11
C ILE E 3322 2.72 23.67 -39.68
N GLU E 3323 3.95 23.31 -39.32
CA GLU E 3323 4.24 22.77 -37.99
C GLU E 3323 5.58 23.32 -37.53
N ILE E 3324 5.55 24.23 -36.55
CA ILE E 3324 6.75 24.82 -35.98
C ILE E 3324 6.71 24.66 -34.47
N MET E 3325 7.87 24.80 -33.85
CA MET E 3325 8.02 24.71 -32.40
C MET E 3325 8.46 26.08 -31.89
N GLY E 3326 7.50 26.85 -31.39
CA GLY E 3326 7.80 28.18 -30.91
C GLY E 3326 7.11 28.52 -29.59
N ALA E 3327 7.91 28.98 -28.62
CA ALA E 3327 7.44 29.39 -27.30
C ALA E 3327 6.71 28.27 -26.55
N SER E 3328 6.88 27.03 -26.98
CA SER E 3328 6.24 25.89 -26.34
C SER E 3328 6.94 24.61 -26.80
N ARG E 3329 6.75 23.55 -26.02
CA ARG E 3329 7.34 22.26 -26.37
C ARG E 3329 6.47 21.49 -27.37
N ARG E 3330 5.15 21.65 -27.28
CA ARG E 3330 4.24 20.95 -28.18
C ARG E 3330 4.09 21.73 -29.49
N ILE E 3331 3.85 20.99 -30.57
CA ILE E 3331 3.68 21.58 -31.88
C ILE E 3331 2.27 22.14 -32.00
N GLU E 3332 2.17 23.37 -32.53
CA GLU E 3332 0.89 24.04 -32.71
C GLU E 3332 0.67 24.34 -34.19
N ARG E 3333 -0.60 24.51 -34.56
CA ARG E 3333 -0.97 24.78 -35.94
C ARG E 3333 -1.00 26.28 -36.19
N ILE E 3334 -0.56 26.67 -37.39
CA ILE E 3334 -0.56 28.06 -37.82
C ILE E 3334 -1.20 28.11 -39.20
N TYR E 3335 -2.35 28.78 -39.29
CA TYR E 3335 -3.11 28.87 -40.53
C TYR E 3335 -3.01 30.30 -41.06
N PHE E 3336 -2.48 30.45 -42.26
CA PHE E 3336 -2.33 31.74 -42.91
C PHE E 3336 -3.09 31.75 -44.23
N GLU E 3337 -3.14 32.92 -44.86
CA GLU E 3337 -3.87 33.11 -46.10
C GLU E 3337 -2.93 32.94 -47.29
N ILE E 3338 -3.30 32.08 -48.22
CA ILE E 3338 -2.53 31.85 -49.44
C ILE E 3338 -3.25 32.56 -50.59
N SER E 3339 -2.61 33.58 -51.13
CA SER E 3339 -3.20 34.32 -52.23
C SER E 3339 -3.18 33.50 -53.51
N GLU E 3340 -4.12 33.82 -54.41
CA GLU E 3340 -4.20 33.10 -55.68
C GLU E 3340 -3.00 33.38 -56.56
N THR E 3341 -2.44 34.59 -56.49
CA THR E 3341 -1.28 34.91 -57.31
C THR E 3341 -0.02 34.20 -56.82
N ASN E 3342 0.06 33.88 -55.53
CA ASN E 3342 1.24 33.20 -55.00
C ASN E 3342 1.29 31.76 -55.47
N ARG E 3343 0.16 31.05 -55.42
CA ARG E 3343 0.14 29.66 -55.84
C ARG E 3343 0.25 29.54 -57.36
N ALA E 3344 -0.35 30.47 -58.09
CA ALA E 3344 -0.27 30.44 -59.55
C ALA E 3344 1.14 30.75 -60.04
N GLN E 3345 1.90 31.55 -59.29
CA GLN E 3345 3.27 31.85 -59.68
C GLN E 3345 4.20 30.67 -59.45
N TRP E 3346 3.86 29.76 -58.55
CA TRP E 3346 4.71 28.60 -58.30
C TRP E 3346 4.66 27.61 -59.47
N GLU E 3347 3.55 27.60 -60.21
CA GLU E 3347 3.40 26.70 -61.36
C GLU E 3347 4.07 27.34 -62.58
N MET E 3348 5.39 27.43 -62.50
CA MET E 3348 6.21 28.02 -63.55
C MET E 3348 7.43 27.16 -63.77
N PRO E 3349 7.98 27.15 -64.99
CA PRO E 3349 9.19 26.34 -65.25
C PRO E 3349 10.40 26.82 -64.45
N GLN E 3350 10.48 28.11 -64.14
CA GLN E 3350 11.61 28.61 -63.36
C GLN E 3350 11.53 28.15 -61.92
N VAL E 3351 10.32 28.04 -61.35
CA VAL E 3351 10.19 27.60 -59.97
C VAL E 3351 10.51 26.11 -59.85
N LYS E 3352 10.13 25.33 -60.86
CA LYS E 3352 10.42 23.90 -60.83
C LYS E 3352 11.91 23.64 -61.01
N GLU E 3353 12.57 24.41 -61.88
CA GLU E 3353 14.00 24.23 -62.09
C GLU E 3353 14.80 24.65 -60.86
N SER E 3354 14.35 25.70 -60.17
CA SER E 3354 15.05 26.13 -58.95
C SER E 3354 14.84 25.15 -57.81
N LYS E 3355 13.66 24.54 -57.73
CA LYS E 3355 13.40 23.56 -56.68
C LYS E 3355 14.17 22.26 -56.92
N ARG E 3356 14.37 21.88 -58.19
CA ARG E 3356 15.13 20.68 -58.48
C ARG E 3356 16.60 20.85 -58.19
N GLN E 3357 17.12 22.07 -58.33
CA GLN E 3357 18.52 22.36 -58.01
C GLN E 3357 18.78 22.51 -56.52
N PHE E 3358 17.72 22.64 -55.71
CA PHE E 3358 17.88 22.81 -54.27
C PHE E 3358 17.96 21.49 -53.54
N ILE E 3359 17.29 20.44 -54.03
CA ILE E 3359 17.34 19.14 -53.38
C ILE E 3359 18.70 18.48 -53.52
N PHE E 3360 19.50 18.91 -54.50
CA PHE E 3360 20.84 18.37 -54.69
C PHE E 3360 21.93 19.20 -54.01
N ASP E 3361 21.66 20.47 -53.72
CA ASP E 3361 22.66 21.31 -53.06
C ASP E 3361 22.75 21.00 -51.57
N VAL E 3362 21.61 20.87 -50.90
CA VAL E 3362 21.62 20.57 -49.48
C VAL E 3362 21.99 19.11 -49.20
N VAL E 3363 21.83 18.23 -50.19
CA VAL E 3363 22.18 16.82 -49.99
C VAL E 3363 23.69 16.64 -49.95
N ASN E 3364 24.43 17.45 -50.72
CA ASN E 3364 25.88 17.34 -50.71
C ASN E 3364 26.50 18.06 -49.51
N GLU E 3365 25.89 19.14 -49.04
CA GLU E 3365 26.40 19.88 -47.89
C GLU E 3365 26.00 19.20 -46.59
N LYS E 3366 21.40 22.82 -43.75
CA LYS E 3366 20.03 22.39 -44.01
C LYS E 3366 19.03 23.51 -43.75
N MET E 3367 18.96 23.97 -42.49
CA MET E 3367 18.03 25.04 -42.16
C MET E 3367 18.51 26.38 -42.69
N GLU E 3368 19.83 26.62 -42.73
CA GLU E 3368 20.35 27.88 -43.23
C GLU E 3368 20.17 27.99 -44.73
N LEU E 3369 20.37 26.89 -45.46
CA LEU E 3369 20.21 26.92 -46.91
C LEU E 3369 18.75 27.05 -47.31
N PHE E 3370 17.83 26.55 -46.48
CA PHE E 3370 16.41 26.66 -46.81
C PHE E 3370 15.90 28.09 -46.69
N VAL E 3371 16.46 28.87 -45.75
CA VAL E 3371 16.04 30.25 -45.60
C VAL E 3371 16.48 31.09 -46.78
N SER E 3372 17.69 30.84 -47.29
CA SER E 3372 18.17 31.58 -48.46
C SER E 3372 17.44 31.16 -49.72
N PHE E 3373 16.96 29.90 -49.78
CA PHE E 3373 16.22 29.45 -50.96
C PHE E 3373 14.85 30.11 -51.05
N CYS E 3374 14.23 30.41 -49.92
CA CYS E 3374 12.94 31.08 -49.94
C CYS E 3374 13.07 32.52 -50.42
N GLU E 3375 14.10 33.23 -49.96
CA GLU E 3375 14.32 34.59 -50.40
C GLU E 3375 14.71 34.66 -51.87
N ASP E 3376 15.37 33.61 -52.38
CA ASP E 3376 15.75 33.60 -53.79
C ASP E 3376 14.57 33.38 -54.71
N THR E 3377 13.54 32.67 -54.24
CA THR E 3377 12.37 32.39 -55.04
C THR E 3377 11.35 33.52 -55.01
N ILE E 3378 11.15 34.15 -53.85
CA ILE E 3378 10.21 35.26 -53.76
C ILE E 3378 10.74 36.48 -54.52
N PHE E 3379 12.07 36.59 -54.67
CA PHE E 3379 12.63 37.67 -55.45
C PHE E 3379 12.46 37.43 -56.94
N GLU E 3380 12.41 36.16 -57.36
CA GLU E 3380 12.19 35.83 -58.77
C GLU E 3380 10.75 36.06 -59.21
N MET E 3381 9.83 36.26 -58.26
CA MET E 3381 8.44 36.52 -58.64
C MET E 3381 8.28 37.84 -59.36
N GLN E 3382 9.09 38.85 -59.00
CA GLN E 3382 9.04 40.12 -59.70
C GLN E 3382 9.57 40.00 -61.13
N ILE E 3383 10.52 39.10 -61.36
CA ILE E 3383 11.03 38.89 -62.71
C ILE E 3383 10.00 38.18 -63.57
N ALA E 3384 9.36 37.14 -63.03
CA ALA E 3384 8.35 36.41 -63.78
C ALA E 3384 7.11 37.26 -64.02
N ALA E 3385 6.81 38.20 -63.13
CA ALA E 3385 5.65 39.06 -63.32
C ALA E 3385 5.87 40.05 -64.45
N GLN E 3386 7.09 40.58 -64.58
CA GLN E 3386 7.41 41.53 -65.64
C GLN E 3386 7.61 40.82 -66.97
N UNK E 3387 16.55 15.12 -71.54
CA UNK E 3387 17.22 13.85 -71.71
C UNK E 3387 16.67 13.10 -72.94
N UNK E 3388 15.36 13.18 -73.12
CA UNK E 3388 14.71 12.52 -74.25
C UNK E 3388 14.81 13.38 -75.51
N UNK E 3389 15.14 14.65 -75.33
CA UNK E 3389 15.26 15.57 -76.44
C UNK E 3389 16.62 15.43 -77.12
N UNK E 3390 17.66 15.31 -76.32
CA UNK E 3390 19.02 15.16 -76.84
C UNK E 3390 19.24 13.78 -77.45
N UNK E 3391 18.51 12.80 -76.93
CA UNK E 3391 18.62 11.43 -77.41
C UNK E 3391 17.90 11.28 -78.76
N UNK E 3392 16.85 12.06 -78.95
CA UNK E 3392 16.08 12.01 -80.18
C UNK E 3392 16.84 12.71 -81.32
N UNK E 3393 17.55 13.77 -80.98
CA UNK E 3393 18.32 14.52 -81.98
C UNK E 3393 19.54 13.73 -82.43
N UNK E 3394 20.12 12.96 -81.51
CA UNK E 3394 21.29 12.14 -81.81
C UNK E 3394 20.89 10.90 -82.61
N UNK E 3395 19.67 10.44 -82.41
CA UNK E 3395 19.17 9.26 -83.11
C UNK E 3395 18.83 9.61 -84.56
N UNK E 3396 18.38 10.83 -84.78
CA UNK E 3396 18.03 11.29 -86.11
C UNK E 3396 19.27 11.68 -86.91
N UNK E 3397 20.37 11.88 -86.20
CA UNK E 3397 21.63 12.26 -86.82
C UNK E 3397 22.28 11.07 -87.52
N UNK E 3398 22.28 9.93 -86.84
CA UNK E 3398 22.87 8.71 -87.40
C UNK E 3398 22.01 8.16 -88.54
N UNK E 3399 20.70 8.41 -88.46
CA UNK E 3399 19.77 7.95 -89.48
C UNK E 3399 19.95 8.77 -90.77
N UNK E 3400 20.28 10.04 -90.61
CA UNK E 3400 20.49 10.93 -91.74
C UNK E 3400 21.91 10.79 -92.29
N UNK E 3401 22.80 10.28 -91.46
CA UNK E 3401 24.20 10.09 -91.86
C UNK E 3401 24.35 8.79 -92.63
N UNK E 3402 23.35 7.92 -92.54
CA UNK E 3402 23.37 6.63 -93.23
C UNK E 3402 22.90 6.79 -94.67
N UNK E 3403 22.33 7.94 -94.99
CA UNK E 3403 21.82 8.23 -96.32
C UNK E 3403 22.82 9.07 -97.11
N GLU E 3404 10.18 54.29 -76.60
CA GLU E 3404 10.94 53.82 -75.45
C GLU E 3404 10.15 52.78 -74.66
N VAL E 3405 8.83 52.95 -74.61
CA VAL E 3405 7.98 52.00 -73.89
C VAL E 3405 7.94 50.66 -74.61
N GLN E 3406 7.97 50.67 -75.94
CA GLN E 3406 7.95 49.42 -76.69
C GLN E 3406 9.25 48.64 -76.53
N ARG E 3407 10.37 49.34 -76.34
CA ARG E 3407 11.65 48.66 -76.15
C ARG E 3407 11.71 47.92 -74.82
N VAL E 3408 11.08 48.47 -73.78
CA VAL E 3408 11.07 47.80 -72.49
C VAL E 3408 10.22 46.54 -72.55
N LYS E 3409 9.05 46.62 -73.20
CA LYS E 3409 8.19 45.45 -73.33
C LYS E 3409 8.83 44.40 -74.24
N PHE E 3410 9.66 44.82 -75.20
CA PHE E 3410 10.34 43.88 -76.06
C PHE E 3410 11.37 43.05 -75.29
N LEU E 3411 12.12 43.70 -74.40
CA LEU E 3411 13.11 42.97 -73.61
C LEU E 3411 12.44 42.06 -72.59
N ASN E 3412 11.22 42.39 -72.17
CA ASN E 3412 10.51 41.53 -71.23
C ASN E 3412 10.10 40.20 -71.86
N TYR E 3413 9.79 40.21 -73.16
CA TYR E 3413 9.45 38.97 -73.84
C TYR E 3413 10.66 38.05 -73.98
N LEU E 3414 11.85 38.62 -74.13
CA LEU E 3414 13.05 37.80 -74.24
C LEU E 3414 13.38 37.11 -72.92
N SER E 3415 13.02 37.74 -71.80
CA SER E 3415 13.28 37.12 -70.49
C SER E 3415 12.34 35.95 -70.23
N ARG E 3416 11.06 36.11 -70.60
CA ARG E 3416 10.11 35.02 -70.40
C ARG E 3416 10.42 33.83 -71.29
N ASN E 3417 10.96 34.07 -72.48
CA ASN E 3417 11.33 33.01 -73.42
C ASN E 3417 12.82 32.69 -73.36
N PHE E 3418 13.45 32.84 -72.19
CA PHE E 3418 14.87 32.57 -72.07
C PHE E 3418 15.16 31.08 -72.21
N TYR E 3419 14.31 30.23 -71.62
CA TYR E 3419 14.52 28.79 -71.73
C TYR E 3419 14.22 28.29 -73.14
N THR E 3420 13.37 29.01 -73.89
CA THR E 3420 13.06 28.60 -75.25
C THR E 3420 14.22 28.87 -76.19
N LEU E 3421 14.96 29.96 -75.96
CA LEU E 3421 16.08 30.29 -76.83
C LEU E 3421 17.22 29.29 -76.70
N ARG E 3422 17.44 28.76 -75.49
CA ARG E 3422 18.47 27.76 -75.29
C ARG E 3422 18.12 26.45 -76.00
N PHE E 3423 16.83 26.12 -76.06
CA PHE E 3423 16.41 24.93 -76.80
C PHE E 3423 16.30 25.21 -78.30
N LEU E 3424 16.02 26.47 -78.67
CA LEU E 3424 15.98 26.82 -80.09
C LEU E 3424 17.39 26.83 -80.68
N ALA E 3425 18.39 27.24 -79.89
CA ALA E 3425 19.77 27.20 -80.35
C ALA E 3425 20.34 25.78 -80.39
N LEU E 3426 19.64 24.81 -79.78
CA LEU E 3426 20.11 23.44 -79.85
C LEU E 3426 20.03 22.89 -81.26
N PHE E 3427 18.93 23.17 -81.96
CA PHE E 3427 18.77 22.70 -83.33
C PHE E 3427 19.60 23.52 -84.32
N LEU E 3428 19.78 24.81 -84.05
CA LEU E 3428 20.57 25.65 -84.95
C LEU E 3428 22.05 25.28 -84.90
N ALA E 3429 22.59 25.12 -83.69
CA ALA E 3429 23.99 24.75 -83.56
C ALA E 3429 24.26 23.33 -84.05
N PHE E 3430 23.28 22.43 -83.93
CA PHE E 3430 23.46 21.07 -84.39
C PHE E 3430 23.31 20.96 -85.90
N ALA E 3431 22.41 21.75 -86.50
CA ALA E 3431 22.25 21.72 -87.95
C ALA E 3431 23.48 22.25 -88.67
N ILE E 3432 24.16 23.23 -88.07
CA ILE E 3432 25.39 23.75 -88.67
C ILE E 3432 26.47 22.67 -88.67
N ASN E 3433 26.62 21.96 -87.56
CA ASN E 3433 27.63 20.91 -87.48
C ASN E 3433 27.29 19.72 -88.38
N PHE E 3434 26.00 19.50 -88.66
CA PHE E 3434 25.61 18.42 -89.55
C PHE E 3434 25.99 18.73 -90.99
N ILE E 3435 25.68 19.94 -91.46
CA ILE E 3435 26.08 20.35 -92.79
C ILE E 3435 27.59 20.57 -92.87
N LEU E 3436 28.24 20.84 -91.73
CA LEU E 3436 29.69 20.99 -91.72
C LEU E 3436 30.41 19.69 -92.06
N LEU E 3437 29.72 18.56 -92.00
CA LEU E 3437 30.31 17.27 -92.32
C LEU E 3437 30.42 17.03 -93.83
N PHE E 3438 30.22 18.06 -94.66
CA PHE E 3438 30.32 17.94 -96.10
C PHE E 3438 31.44 18.77 -96.69
N TYR E 3439 32.18 19.51 -95.87
CA TYR E 3439 33.27 20.35 -96.36
C TYR E 3439 34.50 19.49 -96.67
N LYS E 3440 34.91 19.49 -97.93
CA LYS E 3440 36.07 18.74 -98.38
C LYS E 3440 37.19 19.70 -98.77
N VAL E 3441 38.36 19.12 -99.03
CA VAL E 3441 39.56 19.88 -99.41
C VAL E 3441 40.01 19.40 -100.78
N SER E 3442 40.30 20.34 -101.67
CA SER E 3442 40.77 20.02 -103.01
C SER E 3442 41.80 21.06 -103.44
N ASP E 3443 42.70 20.64 -104.34
CA ASP E 3443 43.73 21.55 -104.83
C ASP E 3443 43.13 22.64 -105.71
N SER E 3444 42.10 22.30 -106.48
CA SER E 3444 41.46 23.29 -107.34
C SER E 3444 40.58 24.22 -106.52
N PRO E 3445 40.59 25.52 -106.81
CA PRO E 3445 39.76 26.46 -106.06
C PRO E 3445 38.31 26.30 -106.41
N PRO E 3446 37.39 26.83 -105.58
CA PRO E 3446 35.95 26.73 -105.82
C PRO E 3446 35.48 27.59 -106.99
N VAL E 3447 43.63 27.94 -101.05
CA VAL E 3447 42.21 27.98 -101.37
C VAL E 3447 41.50 26.78 -100.76
N TYR E 3448 40.43 27.03 -100.01
CA TYR E 3448 39.66 25.99 -99.36
C TYR E 3448 38.36 25.75 -100.13
N TYR E 3449 38.01 24.48 -100.30
CA TYR E 3449 36.80 24.13 -101.02
C TYR E 3449 35.59 24.21 -100.10
N PHE E 3450 34.50 24.77 -100.63
CA PHE E 3450 33.28 24.96 -99.84
C PHE E 3450 32.38 23.74 -99.90
N LEU E 3451 31.07 23.96 -99.87
CA LEU E 3451 30.12 22.85 -99.86
C LEU E 3451 30.05 22.19 -101.23
N GLU E 3452 29.69 20.90 -101.24
CA GLU E 3452 29.55 20.15 -102.48
C GLU E 3452 28.60 19.00 -102.23
N GLU E 3453 27.46 19.00 -102.92
CA GLU E 3453 26.46 17.94 -102.76
C GLU E 3453 25.58 17.93 -104.00
N SER E 3454 24.72 16.91 -104.08
CA SER E 3454 23.79 16.81 -105.20
C SER E 3454 22.71 17.87 -105.12
N THR E 3455 22.18 18.12 -103.92
CA THR E 3455 21.15 19.13 -103.72
C THR E 3455 21.80 20.50 -103.56
N GLY E 3456 21.29 21.49 -104.30
CA GLY E 3456 21.84 22.82 -104.24
C GLY E 3456 21.16 23.70 -103.21
N TYR E 3457 20.57 23.08 -102.18
CA TYR E 3457 19.89 23.81 -101.13
C TYR E 3457 20.72 23.93 -99.85
N MET E 3458 21.66 23.00 -99.62
CA MET E 3458 22.46 23.04 -98.40
C MET E 3458 23.51 24.14 -98.42
N GLU E 3459 23.95 24.57 -99.60
CA GLU E 3459 24.97 25.63 -99.66
C GLU E 3459 24.39 26.99 -99.30
N PRO E 3460 23.28 27.47 -99.88
CA PRO E 3460 22.75 28.77 -99.46
C PRO E 3460 22.11 28.75 -98.08
N ALA E 3461 21.74 27.58 -97.57
CA ALA E 3461 21.11 27.52 -96.26
C ALA E 3461 22.11 27.81 -95.13
N LEU E 3462 23.37 27.41 -95.32
CA LEU E 3462 24.38 27.64 -94.28
C LEU E 3462 24.66 29.12 -94.08
N ARG E 3463 24.47 29.94 -95.12
CA ARG E 3463 24.71 31.37 -94.98
C ARG E 3463 23.63 32.01 -94.11
N CYS E 3464 22.37 31.67 -94.34
CA CYS E 3464 21.29 32.23 -93.53
C CYS E 3464 21.18 31.57 -92.16
N LEU E 3465 21.65 30.33 -92.04
CA LEU E 3465 21.59 29.65 -90.74
C LEU E 3465 22.59 30.24 -89.75
N SER E 3466 23.74 30.71 -90.24
CA SER E 3466 24.71 31.35 -89.36
C SER E 3466 24.22 32.71 -88.88
N LEU E 3467 23.39 33.39 -89.68
CA LEU E 3467 22.84 34.67 -89.26
C LEU E 3467 21.79 34.50 -88.16
N LEU E 3468 20.94 33.48 -88.30
CA LEU E 3468 19.94 33.22 -87.26
C LEU E 3468 20.57 32.69 -85.99
N HIS E 3469 21.63 31.89 -86.11
CA HIS E 3469 22.33 31.39 -84.92
C HIS E 3469 23.10 32.49 -84.21
N THR E 3470 23.47 33.57 -84.91
CA THR E 3470 24.21 34.65 -84.28
C THR E 3470 23.29 35.59 -83.51
N LEU E 3471 22.11 35.87 -84.04
CA LEU E 3471 21.19 36.79 -83.37
C LEU E 3471 20.56 36.14 -82.15
N VAL E 3472 20.36 34.83 -82.16
CA VAL E 3472 19.76 34.17 -81.00
C VAL E 3472 20.75 34.10 -79.85
N ALA E 3473 22.05 34.06 -80.15
CA ALA E 3473 23.05 34.05 -79.09
C ALA E 3473 23.17 35.43 -78.46
N PHE E 3474 23.05 36.49 -79.26
CA PHE E 3474 23.09 37.85 -78.71
C PHE E 3474 21.82 38.15 -77.93
N LEU E 3475 20.68 37.63 -78.38
CA LEU E 3475 19.43 37.83 -77.66
C LEU E 3475 19.37 37.04 -76.36
N CYS E 3476 20.17 35.97 -76.22
CA CYS E 3476 20.21 35.23 -74.97
C CYS E 3476 20.84 36.08 -73.86
N ILE E 3477 21.84 36.90 -74.20
CA ILE E 3477 22.44 37.77 -73.20
C ILE E 3477 21.47 38.84 -72.75
N ILE E 3478 20.62 39.33 -73.65
CA ILE E 3478 19.61 40.32 -73.27
C ILE E 3478 18.60 39.70 -72.31
N GLY E 3479 18.12 38.49 -72.63
CA GLY E 3479 17.21 37.82 -71.72
C GLY E 3479 17.87 37.40 -70.42
N TYR E 3480 19.16 37.05 -70.47
CA TYR E 3480 19.87 36.71 -69.25
C TYR E 3480 20.07 37.93 -68.36
N ASN E 3481 20.13 39.13 -68.95
CA ASN E 3481 20.32 40.34 -68.16
C ASN E 3481 19.07 40.72 -67.39
N CYS E 3482 17.90 40.20 -67.77
CA CYS E 3482 16.64 40.54 -67.11
C CYS E 3482 16.07 39.37 -66.30
N LEU E 3483 16.74 38.23 -66.29
CA LEU E 3483 16.24 37.06 -65.56
C LEU E 3483 17.16 36.64 -64.42
N LYS E 3484 18.45 36.45 -64.69
CA LYS E 3484 19.39 35.98 -63.68
C LYS E 3484 20.31 37.07 -63.14
N VAL E 3485 20.56 38.14 -63.90
CA VAL E 3485 21.42 39.21 -63.41
C VAL E 3485 20.82 39.89 -62.18
N PRO E 3486 19.54 40.24 -62.14
CA PRO E 3486 18.98 40.76 -60.87
C PRO E 3486 18.99 39.73 -59.75
N LEU E 3487 19.01 38.43 -60.09
CA LEU E 3487 19.02 37.40 -59.06
C LEU E 3487 20.42 37.20 -58.48
N VAL E 3488 21.45 37.25 -59.33
CA VAL E 3488 22.81 37.05 -58.82
C VAL E 3488 23.26 38.25 -58.00
N ILE E 3489 22.73 39.44 -58.28
CA ILE E 3489 23.04 40.60 -57.46
C ILE E 3489 22.31 40.51 -56.12
N PHE E 3490 21.07 39.99 -56.13
CA PHE E 3490 20.35 39.79 -54.88
C PHE E 3490 21.07 38.82 -53.96
N LYS E 3491 21.64 37.74 -54.54
CA LYS E 3491 22.42 36.82 -53.73
C LYS E 3491 23.76 37.41 -53.32
N ARG E 3492 24.34 38.28 -54.17
CA ARG E 3492 25.59 38.93 -53.81
C ARG E 3492 25.39 39.99 -52.75
N GLU E 3493 24.23 40.65 -52.75
CA GLU E 3493 23.92 41.63 -51.72
C GLU E 3493 23.50 40.97 -50.40
N LYS E 3494 23.06 39.72 -50.45
CA LYS E 3494 22.65 39.03 -49.23
C LYS E 3494 23.86 38.51 -48.45
N GLU E 3495 24.87 38.00 -49.15
CA GLU E 3495 26.07 37.50 -48.49
C GLU E 3495 26.93 38.61 -47.92
N LEU E 3496 26.68 39.87 -48.28
CA LEU E 3496 27.42 41.01 -47.76
C LEU E 3496 26.66 41.76 -46.67
N ALA E 3497 25.35 41.90 -46.80
CA ALA E 3497 24.57 42.61 -45.81
C ALA E 3497 24.30 41.77 -44.58
N ARG E 3498 23.95 40.49 -44.77
CA ARG E 3498 23.67 39.62 -43.63
C ARG E 3498 24.94 39.27 -42.87
N LYS E 3499 26.08 39.17 -43.56
CA LYS E 3499 27.34 38.87 -42.89
C LYS E 3499 27.84 40.07 -42.10
N LEU E 3500 27.73 41.27 -42.68
CA LEU E 3500 28.20 42.47 -41.99
C LEU E 3500 27.41 42.74 -40.72
N GLU E 3501 26.15 42.30 -40.66
CA GLU E 3501 25.35 42.52 -39.46
C GLU E 3501 25.86 41.69 -38.30
N PHE E 3502 26.33 40.48 -38.56
CA PHE E 3502 26.82 39.60 -37.51
C PHE E 3502 28.31 39.81 -37.23
N ASP E 3503 29.13 39.84 -38.27
CA ASP E 3503 30.56 40.03 -38.13
C ASP E 3503 31.05 41.00 -39.19
N GLY E 3504 31.59 42.13 -38.75
CA GLY E 3504 32.05 43.14 -39.68
C GLY E 3504 33.27 42.67 -40.46
N LEU E 3505 33.29 42.99 -41.75
CA LEU E 3505 34.42 42.61 -42.60
C LEU E 3505 35.68 43.36 -42.18
N TYR E 3506 35.57 44.67 -41.98
CA TYR E 3506 36.68 45.49 -41.51
C TYR E 3506 36.55 45.84 -40.03
N ILE E 3507 35.64 45.20 -39.30
CA ILE E 3507 35.41 45.46 -37.89
C ILE E 3507 35.75 44.21 -37.11
N THR E 3508 36.62 44.36 -36.11
CA THR E 3508 37.12 43.28 -35.26
C THR E 3508 37.82 42.18 -36.05
N GLU E 3509 38.16 42.43 -37.31
CA GLU E 3509 38.82 41.45 -38.15
C GLU E 3509 39.34 42.15 -39.40
N GLN E 3510 40.30 41.51 -40.06
CA GLN E 3510 40.88 42.04 -41.28
C GLN E 3510 40.74 41.00 -42.40
N PRO E 3511 40.20 41.37 -43.56
CA PRO E 3511 40.07 40.40 -44.64
C PRO E 3511 41.42 40.02 -45.22
N GLU E 3512 41.56 38.73 -45.54
CA GLU E 3512 42.82 38.24 -46.10
C GLU E 3512 43.03 38.71 -47.53
N ASP E 3513 41.97 39.14 -48.22
CA ASP E 3513 42.05 39.64 -49.59
C ASP E 3513 42.62 38.58 -50.54
N ASP E 3514 42.42 37.30 -50.21
CA ASP E 3514 42.92 36.24 -51.08
C ASP E 3514 42.04 36.09 -52.32
N ASP E 3515 40.73 36.24 -52.15
CA ASP E 3515 39.80 36.14 -53.27
C ASP E 3515 39.56 37.52 -53.88
N VAL E 3516 39.50 37.55 -55.22
CA VAL E 3516 39.25 38.80 -55.91
C VAL E 3516 37.81 39.28 -55.73
N LYS E 3517 36.89 38.36 -55.41
CA LYS E 3517 35.51 38.75 -55.20
C LYS E 3517 35.28 39.36 -53.83
N GLY E 3518 36.04 38.94 -52.82
CA GLY E 3518 35.87 39.48 -51.48
C GLY E 3518 36.34 40.91 -51.37
N GLN E 3519 37.52 41.21 -51.93
CA GLN E 3519 38.04 42.57 -51.86
C GLN E 3519 37.23 43.53 -52.74
N TRP E 3520 36.63 43.01 -53.81
CA TRP E 3520 35.84 43.86 -54.71
C TRP E 3520 34.58 44.39 -54.02
N ASP E 3521 34.09 43.72 -52.98
CA ASP E 3521 32.90 44.18 -52.28
C ASP E 3521 33.13 45.41 -51.43
N ARG E 3522 34.37 45.89 -51.31
CA ARG E 3522 34.64 47.06 -50.50
C ARG E 3522 34.07 48.33 -51.12
N LEU E 3523 33.91 48.36 -52.45
CA LEU E 3523 33.36 49.52 -53.13
C LEU E 3523 31.84 49.60 -53.05
N VAL E 3524 31.18 48.63 -52.42
CA VAL E 3524 29.74 48.64 -52.30
C VAL E 3524 29.30 49.06 -50.90
N LEU E 3525 30.17 49.73 -50.15
CA LEU E 3525 29.87 50.18 -48.79
C LEU E 3525 29.62 51.68 -48.71
N ASN E 3526 30.49 52.49 -49.31
CA ASN E 3526 30.35 53.95 -49.24
C ASN E 3526 29.14 54.44 -50.04
N THR E 3527 28.70 53.69 -51.04
CA THR E 3527 27.57 54.12 -51.84
C THR E 3527 26.26 53.88 -51.09
N PRO E 3528 25.38 54.87 -50.98
CA PRO E 3528 24.12 54.67 -50.25
C PRO E 3528 23.11 53.81 -51.01
N SER E 3529 23.41 53.41 -52.24
CA SER E 3529 22.51 52.58 -53.03
C SER E 3529 22.74 51.09 -52.81
N PHE E 3530 23.35 50.71 -51.68
CA PHE E 3530 23.59 49.29 -51.43
C PHE E 3530 22.31 48.54 -51.06
N PRO E 3531 21.49 49.00 -50.11
CA PRO E 3531 20.25 48.28 -49.79
C PRO E 3531 19.12 48.49 -50.79
N SER E 3532 19.40 49.02 -51.98
CA SER E 3532 18.34 49.26 -52.96
C SER E 3532 17.81 47.95 -53.52
N ASN E 3533 18.72 47.05 -53.92
CA ASN E 3533 18.29 45.77 -54.48
C ASN E 3533 17.77 44.81 -53.42
N TYR E 3534 18.29 44.90 -52.19
CA TYR E 3534 17.84 44.03 -51.12
C TYR E 3534 16.44 44.44 -50.66
N TRP E 3535 15.76 43.48 -50.01
CA TRP E 3535 14.41 43.73 -49.51
C TRP E 3535 14.42 44.80 -48.43
N ASP E 3536 15.15 44.55 -47.34
CA ASP E 3536 15.24 45.49 -46.23
C ASP E 3536 16.12 46.66 -46.65
N LYS E 3537 15.48 47.77 -47.01
CA LYS E 3537 16.21 48.96 -47.43
C LYS E 3537 16.89 49.67 -46.28
N PHE E 3538 16.56 49.34 -45.03
CA PHE E 3538 17.14 49.95 -43.85
C PHE E 3538 17.94 48.93 -43.03
N VAL E 3539 18.48 47.91 -43.69
CA VAL E 3539 19.28 46.91 -42.99
C VAL E 3539 20.59 47.51 -42.51
N LYS E 3540 21.08 48.55 -43.18
CA LYS E 3540 22.33 49.19 -42.77
C LYS E 3540 22.16 49.98 -41.47
N ARG E 3541 20.94 50.39 -41.13
CA ARG E 3541 20.73 51.12 -39.89
C ARG E 3541 20.97 50.25 -38.67
N LYS E 3542 20.68 48.95 -38.76
CA LYS E 3542 20.91 48.04 -37.65
C LYS E 3542 22.40 47.79 -37.41
N VAL E 3543 23.23 47.97 -38.43
CA VAL E 3543 24.67 47.77 -38.26
C VAL E 3543 25.28 48.88 -37.41
N LEU E 3544 24.69 50.08 -37.45
CA LEU E 3544 25.21 51.18 -36.66
C LEU E 3544 25.05 50.92 -35.16
N ASP E 3545 23.90 50.38 -34.76
CA ASP E 3545 23.66 50.08 -33.35
C ASP E 3545 24.26 48.74 -32.93
N LYS E 3546 24.56 47.86 -33.87
CA LYS E 3546 25.12 46.56 -33.51
C LYS E 3546 26.59 46.68 -33.11
N HIS E 3547 27.39 47.37 -33.92
CA HIS E 3547 28.81 47.56 -33.66
C HIS E 3547 29.12 48.96 -33.16
N GLY E 3548 28.13 49.68 -32.64
CA GLY E 3548 28.33 51.00 -32.11
C GLY E 3548 28.77 51.06 -30.66
N ASP E 3549 28.68 49.95 -29.93
CA ASP E 3549 29.07 49.91 -28.54
C ASP E 3549 30.48 49.36 -28.33
N ILE E 3550 30.95 48.51 -29.25
CA ILE E 3550 32.29 47.95 -29.11
C ILE E 3550 33.35 48.94 -29.57
N TYR E 3551 33.06 49.70 -30.61
CA TYR E 3551 33.98 50.71 -31.15
C TYR E 3551 33.29 52.08 -31.16
N GLY E 3552 33.98 53.05 -31.73
CA GLY E 3552 33.41 54.39 -31.84
C GLY E 3552 32.36 54.48 -32.93
N ARG E 3553 31.43 55.42 -32.75
CA ARG E 3553 30.37 55.61 -33.73
C ARG E 3553 30.87 56.28 -35.00
N GLU E 3554 32.03 56.94 -34.96
CA GLU E 3554 32.56 57.60 -36.14
C GLU E 3554 33.21 56.60 -37.10
N ARG E 3555 33.74 55.49 -36.59
CA ARG E 3555 34.36 54.50 -37.46
C ARG E 3555 33.33 53.73 -38.26
N ILE E 3556 32.23 53.33 -37.63
CA ILE E 3556 31.18 52.59 -38.33
C ILE E 3556 30.43 53.48 -39.29
N ALA E 3557 30.41 54.80 -39.05
CA ALA E 3557 29.70 55.71 -39.94
C ALA E 3557 30.53 56.05 -41.17
N GLU E 3558 31.85 56.07 -41.05
CA GLU E 3558 32.70 56.38 -42.20
C GLU E 3558 32.73 55.22 -43.20
N ILE E 3559 23.11 60.17 -60.78
CA ILE E 3559 22.98 58.71 -60.77
C ILE E 3559 24.12 58.10 -59.97
N ASP E 3560 23.97 56.82 -59.62
CA ASP E 3560 24.97 56.09 -58.84
C ASP E 3560 26.14 55.77 -59.76
N VAL E 3561 27.15 56.64 -59.73
CA VAL E 3561 28.34 56.43 -60.57
C VAL E 3561 29.29 55.40 -59.96
N LYS E 3562 29.15 55.09 -58.66
CA LYS E 3562 30.01 54.12 -58.00
C LYS E 3562 29.34 52.77 -57.79
N TYR E 3563 28.02 52.74 -57.61
CA TYR E 3563 27.34 51.46 -57.42
C TYR E 3563 27.31 50.64 -58.70
N GLN E 3564 27.18 51.30 -59.85
CA GLN E 3564 27.17 50.57 -61.12
C GLN E 3564 28.53 49.96 -61.44
N ILE E 3565 29.62 50.55 -60.91
CA ILE E 3565 30.93 49.97 -61.10
C ILE E 3565 31.05 48.64 -60.36
N TRP E 3566 30.52 48.59 -59.13
CA TRP E 3566 30.51 47.33 -58.39
C TRP E 3566 29.57 46.32 -59.02
N LYS E 3567 28.44 46.79 -59.56
CA LYS E 3567 27.51 45.89 -60.23
C LYS E 3567 28.06 45.42 -61.57
N PHE E 3568 28.94 46.20 -62.20
CA PHE E 3568 29.55 45.79 -63.45
C PHE E 3568 30.59 44.69 -63.26
N GLY E 3569 31.16 44.58 -62.06
CA GLY E 3569 32.16 43.55 -61.83
C GLY E 3569 31.57 42.23 -61.40
N VAL E 3570 30.43 42.24 -60.71
CA VAL E 3570 29.81 41.00 -60.26
C VAL E 3570 29.24 40.21 -61.44
N ILE E 3571 28.95 40.88 -62.56
CA ILE E 3571 28.42 40.17 -63.72
C ILE E 3571 29.54 39.43 -64.45
N PHE E 3572 30.72 40.04 -64.55
CA PHE E 3572 31.82 39.40 -65.27
C PHE E 3572 32.45 38.28 -64.46
N THR E 3573 32.54 38.44 -63.14
CA THR E 3573 33.14 37.40 -62.30
C THR E 3573 32.24 36.18 -62.14
N ASP E 3574 30.96 36.29 -62.48
CA ASP E 3574 30.06 35.16 -62.38
C ASP E 3574 30.32 34.16 -63.50
N ASN E 3575 30.40 32.88 -63.14
CA ASN E 3575 30.67 31.84 -64.13
C ASN E 3575 29.50 31.64 -65.09
N SER E 3576 28.29 32.05 -64.70
CA SER E 3576 27.14 31.88 -65.59
C SER E 3576 27.18 32.87 -66.75
N PHE E 3577 27.49 34.14 -66.45
CA PHE E 3577 27.58 35.13 -67.52
C PHE E 3577 28.85 34.95 -68.34
N LEU E 3578 29.94 34.50 -67.71
CA LEU E 3578 31.17 34.25 -68.45
C LEU E 3578 30.99 33.11 -69.46
N TYR E 3579 30.16 32.13 -69.12
CA TYR E 3579 29.88 31.05 -70.06
C TYR E 3579 29.12 31.56 -71.28
N LEU E 3580 28.09 32.38 -71.05
CA LEU E 3580 27.36 32.98 -72.17
C LEU E 3580 28.20 33.99 -72.91
N GLY E 3581 29.10 34.68 -72.21
CA GLY E 3581 29.98 35.64 -72.87
C GLY E 3581 30.99 34.95 -73.76
N TRP E 3582 31.61 33.87 -73.27
CA TRP E 3582 32.55 33.11 -74.10
C TRP E 3582 31.83 32.41 -75.25
N TYR E 3583 30.55 32.06 -75.05
CA TYR E 3583 29.78 31.45 -76.13
C TYR E 3583 29.46 32.44 -77.23
N MET E 3584 29.39 33.74 -76.90
CA MET E 3584 29.12 34.76 -77.90
C MET E 3584 30.36 35.10 -78.70
N VAL E 3585 31.54 35.02 -78.09
CA VAL E 3585 32.78 35.31 -78.81
C VAL E 3585 33.03 34.25 -79.88
N MET E 3586 32.72 32.99 -79.58
CA MET E 3586 32.88 31.93 -80.56
C MET E 3586 31.94 32.10 -81.75
N SER E 3587 30.76 32.68 -81.52
CA SER E 3587 29.83 32.93 -82.62
C SER E 3587 30.30 34.07 -83.50
N LEU E 3588 30.85 35.12 -82.88
CA LEU E 3588 31.37 36.24 -83.67
C LEU E 3588 32.66 35.87 -84.39
N LEU E 3589 33.54 35.13 -83.72
CA LEU E 3589 34.78 34.70 -84.37
C LEU E 3589 34.52 33.62 -85.42
N GLY E 3590 33.48 32.82 -85.24
CA GLY E 3590 33.13 31.80 -86.21
C GLY E 3590 32.02 32.24 -87.14
N HIS E 3591 31.92 33.56 -87.36
CA HIS E 3591 30.85 34.08 -88.21
C HIS E 3591 31.06 33.68 -89.66
N TYR E 3592 32.32 33.58 -90.11
CA TYR E 3592 32.62 33.19 -91.47
C TYR E 3592 32.79 31.67 -91.57
N ASN E 3593 33.24 31.21 -92.72
CA ASN E 3593 33.30 29.78 -93.07
C ASN E 3593 34.34 28.98 -92.28
N ASN E 3594 34.92 29.47 -91.19
CA ASN E 3594 35.89 28.68 -90.45
C ASN E 3594 35.19 27.60 -89.63
N PHE E 3595 35.98 26.63 -89.18
CA PHE E 3595 35.46 25.51 -88.38
C PHE E 3595 35.56 25.82 -86.89
N PHE E 3596 34.88 26.88 -86.48
CA PHE E 3596 34.85 27.30 -85.09
C PHE E 3596 33.54 26.96 -84.39
N PHE E 3597 32.50 26.61 -85.14
CA PHE E 3597 31.21 26.24 -84.56
C PHE E 3597 31.20 24.84 -83.98
N ALA E 3598 32.29 24.08 -84.11
CA ALA E 3598 32.32 22.73 -83.55
C ALA E 3598 32.35 22.75 -82.03
N ALA E 3599 32.91 23.81 -81.43
CA ALA E 3599 32.94 23.92 -79.98
C ALA E 3599 31.56 24.05 -79.37
N HIS E 3600 30.56 24.47 -80.15
CA HIS E 3600 29.21 24.60 -79.64
C HIS E 3600 28.54 23.24 -79.43
N LEU E 3601 29.08 22.18 -80.03
CA LEU E 3601 28.51 20.85 -79.84
C LEU E 3601 28.74 20.35 -78.42
N LEU E 3602 29.82 20.78 -77.78
CA LEU E 3602 30.07 20.40 -76.38
C LEU E 3602 29.07 21.06 -75.44
N ASP E 3603 28.44 22.16 -75.84
CA ASP E 3603 27.43 22.80 -75.00
C ASP E 3603 26.19 21.94 -74.86
N ILE E 3604 25.82 21.22 -75.92
CA ILE E 3604 24.66 20.34 -75.85
C ILE E 3604 24.96 19.12 -74.98
N ALA E 3605 26.21 18.65 -74.99
CA ALA E 3605 26.57 17.51 -74.15
C ALA E 3605 26.66 17.90 -72.69
N MET E 3606 27.13 19.12 -72.41
CA MET E 3606 27.24 19.57 -71.02
C MET E 3606 25.88 19.86 -70.41
N GLY E 3607 24.92 20.30 -71.24
CA GLY E 3607 23.60 20.60 -70.73
C GLY E 3607 22.82 19.40 -70.24
N VAL E 3608 23.22 18.20 -70.65
CA VAL E 3608 22.55 16.98 -70.20
C VAL E 3608 22.97 16.67 -68.78
N LYS E 3609 22.02 16.21 -67.97
CA LYS E 3609 22.30 15.96 -66.56
C LYS E 3609 23.19 14.73 -66.38
N THR E 3610 22.90 13.64 -67.10
CA THR E 3610 23.66 12.42 -66.93
C THR E 3610 25.05 12.50 -67.56
N LEU E 3611 25.24 13.39 -68.54
CA LEU E 3611 26.55 13.57 -69.15
C LEU E 3611 27.46 14.46 -68.33
N ARG E 3612 26.93 15.20 -67.35
CA ARG E 3612 27.78 16.05 -66.52
C ARG E 3612 28.66 15.22 -65.59
N THR E 3613 28.22 14.02 -65.23
CA THR E 3613 29.01 13.19 -64.33
C THR E 3613 30.27 12.67 -65.01
N ILE E 3614 30.16 12.28 -66.29
CA ILE E 3614 31.32 11.76 -67.01
C ILE E 3614 32.33 12.88 -67.27
N LEU E 3615 31.84 14.05 -67.69
CA LEU E 3615 32.74 15.15 -68.02
C LEU E 3615 33.43 15.71 -66.78
N SER E 3616 32.75 15.70 -65.63
CA SER E 3616 33.30 16.23 -64.39
C SER E 3616 33.90 15.13 -63.51
N SER E 3617 34.02 13.91 -64.02
CA SER E 3617 34.60 12.84 -63.21
C SER E 3617 36.11 13.03 -63.04
N VAL E 3618 36.75 13.73 -63.98
CA VAL E 3618 38.20 13.95 -63.87
C VAL E 3618 38.49 14.98 -62.79
N THR E 3619 37.69 16.03 -62.72
CA THR E 3619 37.89 17.09 -61.74
C THR E 3619 37.33 16.76 -60.36
N HIS E 3620 36.70 15.59 -60.20
CA HIS E 3620 36.19 15.20 -58.89
C HIS E 3620 37.32 14.87 -57.92
N ASN E 3621 38.18 13.94 -58.31
CA ASN E 3621 39.35 13.57 -57.52
C ASN E 3621 40.65 13.95 -58.24
N GLY E 3622 40.66 15.13 -58.85
CA GLY E 3622 41.84 15.59 -59.58
C GLY E 3622 43.04 15.86 -58.70
N LYS E 3623 42.84 16.00 -57.39
CA LYS E 3623 43.97 16.20 -56.49
C LYS E 3623 44.87 14.96 -56.46
N GLN E 3624 44.27 13.77 -56.41
CA GLN E 3624 45.03 12.52 -56.44
C GLN E 3624 45.28 12.02 -57.86
N LEU E 3625 44.83 12.75 -58.87
CA LEU E 3625 45.04 12.36 -60.27
C LEU E 3625 46.25 13.03 -60.90
N VAL E 3626 46.55 14.27 -60.52
CA VAL E 3626 47.70 14.96 -61.09
C VAL E 3626 49.00 14.36 -60.56
N MET E 3627 48.97 13.75 -59.38
CA MET E 3627 50.17 13.18 -58.78
C MET E 3627 50.38 11.72 -59.16
N THR E 3628 49.32 10.99 -59.51
CA THR E 3628 49.49 9.62 -59.95
C THR E 3628 49.90 9.54 -61.42
N VAL E 3629 49.58 10.56 -62.21
CA VAL E 3629 50.04 10.61 -63.59
C VAL E 3629 51.49 11.07 -63.64
N GLY E 3630 51.96 11.78 -62.61
CA GLY E 3630 53.35 12.15 -62.55
C GLY E 3630 54.27 10.98 -62.27
N LEU E 3631 53.76 9.95 -61.58
CA LEU E 3631 54.53 8.73 -61.36
C LEU E 3631 54.81 8.02 -62.69
N LEU E 3632 53.90 8.14 -63.65
CA LEU E 3632 54.15 7.58 -64.98
C LEU E 3632 55.33 8.26 -65.66
N ALA E 3633 55.48 9.58 -65.47
CA ALA E 3633 56.62 10.29 -66.02
C ALA E 3633 57.93 9.99 -65.31
N VAL E 3634 57.87 9.27 -64.19
CA VAL E 3634 59.07 8.89 -63.45
C VAL E 3634 59.54 7.48 -63.82
N VAL E 3635 58.59 6.54 -63.97
CA VAL E 3635 58.97 5.19 -64.32
C VAL E 3635 59.51 5.11 -65.75
N VAL E 3636 58.98 5.96 -66.65
CA VAL E 3636 59.51 6.01 -68.00
C VAL E 3636 60.82 6.78 -68.04
N TYR E 3637 61.08 7.63 -67.05
CA TYR E 3637 62.35 8.33 -66.97
C TYR E 3637 63.45 7.43 -66.41
N LEU E 3638 63.09 6.46 -65.57
CA LEU E 3638 64.06 5.50 -65.06
C LEU E 3638 64.40 4.41 -66.06
N TYR E 3639 63.53 4.15 -67.02
CA TYR E 3639 63.79 3.13 -68.04
C TYR E 3639 64.49 3.67 -69.26
N THR E 3640 64.45 4.99 -69.49
CA THR E 3640 65.20 5.59 -70.58
C THR E 3640 66.65 5.88 -70.22
N VAL E 3641 66.98 5.84 -68.92
CA VAL E 3641 68.37 6.03 -68.51
C VAL E 3641 69.20 4.80 -68.84
N VAL E 3642 68.67 3.61 -68.54
CA VAL E 3642 69.38 2.38 -68.86
C VAL E 3642 69.41 2.09 -70.35
N ALA E 3643 68.60 2.80 -71.15
CA ALA E 3643 68.65 2.61 -72.60
C ALA E 3643 69.91 3.23 -73.19
N PHE E 3644 70.42 4.31 -72.60
CA PHE E 3644 71.65 4.93 -73.06
C PHE E 3644 72.89 4.23 -72.53
N ASN E 3645 72.74 3.16 -71.75
CA ASN E 3645 73.86 2.45 -71.15
C ASN E 3645 74.09 1.08 -71.77
N PHE E 3646 73.03 0.29 -71.96
CA PHE E 3646 73.17 -1.07 -72.47
C PHE E 3646 72.18 -1.42 -73.58
N PHE E 3647 71.29 -0.50 -73.96
CA PHE E 3647 70.27 -0.79 -74.98
C PHE E 3647 70.17 0.34 -75.97
N ARG E 3648 71.31 0.89 -76.38
CA ARG E 3648 71.32 2.00 -77.34
C ARG E 3648 71.30 1.50 -78.78
N LYS E 3649 72.14 0.51 -79.10
CA LYS E 3649 72.21 -0.04 -80.45
C LYS E 3649 71.14 -1.08 -80.74
N PHE E 3650 70.27 -1.39 -79.77
CA PHE E 3650 69.23 -2.38 -79.97
C PHE E 3650 67.95 -1.80 -80.57
N TYR E 3651 67.78 -0.48 -80.55
CA TYR E 3651 66.58 0.12 -81.11
C TYR E 3651 66.59 0.04 -82.63
N ASN E 3652 67.61 0.63 -83.26
CA ASN E 3652 67.78 0.64 -84.72
C ASN E 3652 66.54 1.23 -85.41
N LYS E 3653 66.28 2.49 -85.10
CA LYS E 3653 65.15 3.24 -85.65
C LYS E 3653 63.83 2.52 -85.40
N MET E 3654 67.40 6.58 -87.06
CA MET E 3654 67.68 6.06 -85.73
C MET E 3654 67.19 7.02 -84.65
N LYS E 3655 66.15 6.60 -83.92
CA LYS E 3655 65.55 7.41 -82.87
C LYS E 3655 66.11 7.07 -81.50
N CYS E 3656 67.43 6.92 -81.38
CA CYS E 3656 68.05 6.60 -80.11
C CYS E 3656 69.32 7.42 -79.87
N ASP E 3657 69.52 8.52 -80.59
CA ASP E 3657 70.71 9.35 -80.43
C ASP E 3657 70.50 10.43 -79.36
N ASP E 3658 69.48 11.26 -79.53
CA ASP E 3658 69.21 12.32 -78.58
C ASP E 3658 68.40 11.79 -77.39
N MET E 3659 68.47 12.53 -76.29
CA MET E 3659 67.75 12.13 -75.08
C MET E 3659 66.27 12.45 -75.17
N MET E 3660 65.93 13.61 -75.74
CA MET E 3660 64.52 13.99 -75.87
C MET E 3660 63.78 13.06 -76.81
N THR E 3661 64.49 12.45 -77.78
CA THR E 3661 63.84 11.51 -78.69
C THR E 3661 63.48 10.22 -77.98
N CYS E 3662 64.34 9.75 -77.07
CA CYS E 3662 64.06 8.52 -76.36
C CYS E 3662 62.96 8.71 -75.32
N TYR E 3663 62.94 9.88 -74.66
CA TYR E 3663 61.90 10.14 -73.69
C TYR E 3663 60.52 10.25 -74.35
N LEU E 3664 60.47 10.76 -75.58
CA LEU E 3664 59.21 10.82 -76.32
C LEU E 3664 58.86 9.49 -76.98
N PHE E 3665 59.86 8.65 -77.26
CA PHE E 3665 59.58 7.36 -77.88
C PHE E 3665 58.91 6.41 -76.90
N HIS E 3666 59.31 6.46 -75.63
CA HIS E 3666 58.71 5.59 -74.62
C HIS E 3666 57.32 6.05 -74.21
N MET E 3667 56.88 7.24 -74.64
CA MET E 3667 55.56 7.76 -74.33
C MET E 3667 54.63 7.80 -75.52
N TYR E 3668 55.16 7.98 -76.74
CA TYR E 3668 54.32 8.04 -77.92
C TYR E 3668 53.82 6.64 -78.31
N VAL E 3669 54.73 5.68 -78.43
CA VAL E 3669 54.38 4.31 -78.79
C VAL E 3669 54.61 3.35 -77.64
N GLY E 3670 55.13 3.81 -76.51
CA GLY E 3670 55.37 2.90 -75.39
C GLY E 3670 54.10 2.51 -74.67
N VAL E 3671 53.31 3.49 -74.24
CA VAL E 3671 52.08 3.21 -73.52
C VAL E 3671 50.86 3.15 -74.43
N ARG E 3672 50.95 3.68 -75.65
CA ARG E 3672 49.81 3.65 -76.57
C ARG E 3672 49.66 2.32 -77.29
N ALA E 3673 50.75 1.56 -77.43
CA ALA E 3673 50.66 0.27 -78.12
C ALA E 3673 49.91 -0.75 -77.28
N GLY E 3674 50.13 -0.74 -75.96
CA GLY E 3674 49.49 -1.67 -75.07
C GLY E 3674 50.07 -3.07 -75.05
N GLY E 3675 51.00 -3.38 -75.95
CA GLY E 3675 51.60 -4.69 -75.99
C GLY E 3675 53.05 -4.69 -75.54
N GLY E 3676 53.43 -3.70 -74.76
CA GLY E 3676 54.78 -3.58 -74.25
C GLY E 3676 55.64 -2.66 -75.10
N ILE E 3677 56.95 -2.88 -75.00
CA ILE E 3677 57.93 -2.10 -75.74
C ILE E 3677 58.69 -2.91 -76.78
N GLY E 3678 58.62 -4.24 -76.72
CA GLY E 3678 59.31 -5.08 -77.66
C GLY E 3678 58.71 -5.13 -79.05
N ASP E 3679 57.58 -4.45 -79.28
CA ASP E 3679 56.96 -4.46 -80.60
C ASP E 3679 57.68 -3.53 -81.58
N GLU E 3680 58.22 -2.42 -81.10
CA GLU E 3680 58.89 -1.46 -81.97
C GLU E 3680 60.36 -1.78 -82.16
N ILE E 3681 61.04 -2.27 -81.12
CA ILE E 3681 62.45 -2.60 -81.19
C ILE E 3681 62.63 -3.94 -81.88
N GLU E 3682 63.85 -4.25 -82.29
CA GLU E 3682 64.14 -5.50 -82.97
C GLU E 3682 64.08 -6.67 -81.99
N ASP E 3683 63.99 -7.87 -82.54
CA ASP E 3683 63.93 -9.07 -81.72
C ASP E 3683 65.30 -9.39 -81.14
N PRO E 3684 65.36 -9.97 -79.95
CA PRO E 3684 66.66 -10.30 -79.35
C PRO E 3684 67.34 -11.48 -80.04
N ALA E 3685 67.90 -11.24 -81.22
CA ALA E 3685 68.58 -12.28 -81.97
C ALA E 3685 70.05 -12.40 -81.58
N GLY E 3686 70.70 -11.29 -81.25
CA GLY E 3686 72.10 -11.33 -80.87
C GLY E 3686 72.29 -11.82 -79.45
N ASP E 3687 73.41 -12.51 -79.24
CA ASP E 3687 73.74 -13.05 -77.92
C ASP E 3687 74.21 -11.98 -76.95
N GLU E 3688 74.64 -10.82 -77.46
CA GLU E 3688 75.10 -9.74 -76.59
C GLU E 3688 73.91 -9.16 -75.83
N TYR E 3689 74.00 -9.16 -74.50
CA TYR E 3689 72.94 -8.64 -73.63
C TYR E 3689 71.61 -9.35 -73.90
N GLU E 3690 71.68 -10.65 -74.19
CA GLU E 3690 70.47 -11.40 -74.45
C GLU E 3690 69.70 -11.70 -73.17
N LEU E 3691 70.43 -12.00 -72.08
CA LEU E 3691 69.78 -12.28 -70.81
C LEU E 3691 69.17 -11.02 -70.19
N TYR E 3692 69.67 -9.84 -70.54
CA TYR E 3692 69.15 -8.58 -70.03
C TYR E 3692 68.06 -7.99 -70.92
N ARG E 3693 67.79 -8.59 -72.08
CA ARG E 3693 66.73 -8.10 -72.94
C ARG E 3693 65.36 -8.63 -72.53
N VAL E 3694 65.32 -9.88 -72.04
CA VAL E 3694 64.05 -10.46 -71.63
C VAL E 3694 63.56 -9.90 -70.31
N VAL E 3695 64.45 -9.32 -69.51
CA VAL E 3695 64.03 -8.76 -68.22
C VAL E 3695 63.44 -7.37 -68.41
N PHE E 3696 63.80 -6.67 -69.48
CA PHE E 3696 63.25 -5.34 -69.73
C PHE E 3696 61.83 -5.41 -70.27
N ASP E 3697 61.50 -6.45 -71.04
CA ASP E 3697 60.15 -6.59 -71.56
C ASP E 3697 59.17 -6.91 -70.44
N ILE E 3698 59.60 -7.71 -69.46
CA ILE E 3698 58.71 -8.06 -68.35
C ILE E 3698 58.50 -6.88 -67.42
N THR E 3699 59.58 -6.18 -67.05
CA THR E 3699 59.47 -5.07 -66.11
C THR E 3699 58.72 -3.88 -66.67
N PHE E 3700 58.47 -3.83 -67.98
CA PHE E 3700 57.75 -2.73 -68.59
C PHE E 3700 56.28 -3.06 -68.87
N PHE E 3701 56.00 -4.24 -69.42
CA PHE E 3701 54.62 -4.61 -69.71
C PHE E 3701 53.85 -4.93 -68.43
N PHE E 3702 54.53 -5.40 -67.40
CA PHE E 3702 53.88 -5.75 -66.14
C PHE E 3702 53.62 -4.54 -65.26
N PHE E 3703 54.33 -3.43 -65.48
CA PHE E 3703 54.23 -2.27 -64.60
C PHE E 3703 53.31 -1.20 -65.17
N VAL E 3704 53.73 -0.57 -66.27
CA VAL E 3704 53.01 0.58 -66.81
C VAL E 3704 51.79 0.20 -67.64
N ILE E 3705 51.52 -1.10 -67.81
CA ILE E 3705 50.40 -1.56 -68.61
C ILE E 3705 49.39 -2.34 -67.77
N VAL E 3706 49.87 -3.21 -66.88
CA VAL E 3706 49.01 -4.06 -66.07
C VAL E 3706 48.70 -3.41 -64.73
N ILE E 3707 49.69 -2.76 -64.11
CA ILE E 3707 49.52 -2.21 -62.77
C ILE E 3707 49.25 -0.71 -62.84
N LEU E 3708 50.18 0.05 -63.43
CA LEU E 3708 50.07 1.50 -63.42
C LEU E 3708 48.92 1.97 -64.31
N LEU E 3709 48.70 1.31 -65.45
CA LEU E 3709 47.63 1.72 -66.35
C LEU E 3709 46.26 1.36 -65.78
N ALA E 3710 46.17 0.27 -65.00
CA ALA E 3710 44.90 -0.12 -64.43
C ALA E 3710 44.44 0.84 -63.33
N ILE E 3711 45.39 1.44 -62.60
CA ILE E 3711 45.03 2.38 -61.55
C ILE E 3711 44.45 3.65 -62.15
N ILE E 3712 45.02 4.13 -63.25
CA ILE E 3712 44.48 5.32 -63.92
C ILE E 3712 43.07 5.05 -64.42
N GLN E 3713 42.85 3.89 -65.05
CA GLN E 3713 41.52 3.54 -65.50
C GLN E 3713 40.59 3.28 -64.33
N GLY E 3714 41.11 2.75 -63.22
CA GLY E 3714 40.26 2.47 -62.08
C GLY E 3714 39.85 3.70 -61.30
N LEU E 3715 40.68 4.75 -61.33
CA LEU E 3715 40.34 5.98 -60.62
C LEU E 3715 39.19 6.72 -61.28
N ILE E 3716 39.07 6.62 -62.61
CA ILE E 3716 37.98 7.27 -63.30
C ILE E 3716 36.67 6.52 -63.08
N ILE E 3717 36.72 5.19 -63.07
CA ILE E 3717 35.52 4.39 -62.82
C ILE E 3717 35.08 4.55 -61.38
N ASP E 3718 36.03 4.64 -60.44
CA ASP E 3718 35.67 4.84 -59.04
C ASP E 3718 35.04 6.22 -58.82
N ALA E 3719 35.58 7.24 -59.48
CA ALA E 3719 34.98 8.57 -59.38
C ALA E 3719 33.60 8.59 -60.02
N PHE E 3720 33.43 7.93 -61.15
CA PHE E 3720 32.12 7.85 -61.78
C PHE E 3720 31.19 6.92 -61.02
N GLY E 3721 31.74 5.90 -60.35
CA GLY E 3721 30.91 4.99 -59.59
C GLY E 3721 30.38 5.62 -58.31
N GLU E 3722 31.20 6.45 -57.65
CA GLU E 3722 30.76 7.12 -56.43
C GLU E 3722 29.75 8.22 -56.75
N LEU E 3723 29.97 8.96 -57.84
CA LEU E 3723 29.03 10.01 -58.21
C LEU E 3723 27.70 9.43 -58.69
N ARG E 3724 27.74 8.28 -59.35
CA ARG E 3724 26.50 7.64 -59.79
C ARG E 3724 25.69 7.12 -58.61
N ASP E 3725 26.38 6.54 -57.61
CA ASP E 3725 25.69 6.04 -56.43
C ASP E 3725 25.23 7.18 -55.53
N GLN E 3726 25.94 8.31 -55.55
CA GLN E 3726 25.54 9.45 -54.70
C GLN E 3726 24.27 10.09 -55.22
N GLN E 3727 24.11 10.18 -56.54
CA GLN E 3727 22.89 10.76 -57.10
C GLN E 3727 21.67 9.90 -56.82
N GLU E 3728 21.86 8.59 -56.70
CA GLU E 3728 20.75 7.68 -56.38
C GLU E 3728 20.54 7.50 -54.89
N GLN E 3729 21.57 7.76 -54.08
CA GLN E 3729 21.41 7.64 -52.63
C GLN E 3729 20.57 8.79 -52.07
N VAL E 3730 20.72 9.99 -52.64
CA VAL E 3730 19.93 11.13 -52.18
C VAL E 3730 18.49 11.04 -52.63
N ARG E 3731 18.20 10.23 -53.64
CA ARG E 3731 16.83 10.05 -54.11
C ARG E 3731 16.09 8.96 -53.32
N GLU E 3732 16.79 7.89 -52.96
CA GLU E 3732 16.17 6.85 -52.15
C GLU E 3732 15.93 7.32 -50.72
N ASP E 3733 16.88 8.07 -50.17
CA ASP E 3733 16.73 8.59 -48.80
C ASP E 3733 15.67 9.68 -48.71
N MET E 3734 15.32 10.32 -49.83
CA MET E 3734 14.30 11.36 -49.80
C MET E 3734 12.93 10.77 -49.48
N GLU E 3735 12.64 9.57 -50.00
CA GLU E 3735 11.37 8.92 -49.73
C GLU E 3735 11.30 8.33 -48.33
N THR E 3736 12.44 8.15 -47.66
CA THR E 3736 12.43 7.61 -46.31
C THR E 3736 11.94 8.65 -45.31
N LYS E 3737 12.45 9.88 -45.40
CA LYS E 3737 12.05 10.95 -44.50
C LYS E 3737 12.08 12.27 -45.25
N CYS E 3738 11.17 13.15 -44.89
CA CYS E 3738 11.09 14.46 -45.52
C CYS E 3738 12.17 15.38 -44.99
N PHE E 3739 12.61 16.31 -45.85
CA PHE E 3739 13.65 17.25 -45.44
C PHE E 3739 13.12 18.27 -44.44
N ILE E 3740 11.89 18.74 -44.64
CA ILE E 3740 11.31 19.70 -43.71
C ILE E 3740 10.94 19.03 -42.40
N CYS E 3741 10.37 17.82 -42.48
CA CYS E 3741 9.98 17.10 -41.28
C CYS E 3741 11.22 16.58 -40.55
N GLY E 3742 11.08 16.43 -39.24
CA GLY E 3742 12.14 15.92 -38.40
C GLY E 3742 12.05 14.46 -38.06
N ILE E 3743 10.96 13.79 -38.44
CA ILE E 3743 10.80 12.36 -38.18
C ILE E 3743 11.65 11.60 -39.18
N GLY E 3744 12.64 10.86 -38.69
CA GLY E 3744 13.55 10.13 -39.55
C GLY E 3744 13.33 8.62 -39.51
N SER E 3745 12.47 8.17 -38.62
CA SER E 3745 12.19 6.75 -38.48
C SER E 3745 11.23 6.30 -39.60
N ASP E 3746 10.81 5.04 -39.54
CA ASP E 3746 9.89 4.48 -40.53
C ASP E 3746 8.45 4.43 -40.03
N TYR E 3747 8.05 5.42 -39.22
CA TYR E 3747 6.68 5.45 -38.72
C TYR E 3747 5.69 5.71 -39.84
N PHE E 3748 5.94 6.75 -40.64
CA PHE E 3748 5.08 7.06 -41.77
C PHE E 3748 5.27 6.09 -42.93
N ASP E 3749 6.43 5.44 -43.02
CA ASP E 3749 6.66 4.48 -44.09
C ASP E 3749 5.93 3.16 -43.85
N THR E 3750 5.77 2.76 -42.58
CA THR E 3750 5.07 1.51 -42.28
C THR E 3750 3.57 1.68 -42.39
N THR E 3751 3.03 2.78 -41.89
CA THR E 3751 1.60 3.03 -41.97
C THR E 3751 1.20 3.30 -43.42
N PRO E 3752 0.20 2.60 -43.95
CA PRO E 3752 -0.19 2.83 -45.35
C PRO E 3752 -0.76 4.23 -45.55
N HIS E 3753 -0.37 4.86 -46.66
CA HIS E 3753 -0.85 6.19 -47.05
C HIS E 3753 -0.56 7.24 -45.97
N ARG E 3754 0.56 7.09 -45.27
CA ARG E 3754 0.97 8.04 -44.24
C ARG E 3754 2.01 9.03 -44.74
N PHE E 3755 3.04 8.54 -45.46
CA PHE E 3755 4.07 9.43 -45.97
C PHE E 3755 3.55 10.23 -47.17
N GLU E 3756 2.67 9.65 -47.97
CA GLU E 3756 2.11 10.38 -49.10
C GLU E 3756 1.18 11.50 -48.65
N THR E 3757 0.48 11.30 -47.53
CA THR E 3757 -0.39 12.34 -46.99
C THR E 3757 0.39 13.37 -46.19
N HIS E 3758 1.49 12.98 -45.56
CA HIS E 3758 2.29 13.92 -44.78
C HIS E 3758 2.91 14.98 -45.67
N THR E 3759 3.35 14.61 -46.87
CA THR E 3759 3.94 15.55 -47.81
C THR E 3759 2.90 16.31 -48.62
N LEU E 3760 1.61 16.01 -48.44
CA LEU E 3760 0.55 16.66 -49.19
C LEU E 3760 -0.04 17.86 -48.45
N GLU E 3761 -0.37 17.70 -47.18
CA GLU E 3761 -1.00 18.75 -46.39
C GLU E 3761 -0.23 19.11 -45.12
N GLU E 3762 0.44 18.14 -44.49
CA GLU E 3762 1.15 18.43 -43.24
C GLU E 3762 2.38 19.28 -43.49
N HIS E 3763 3.31 18.78 -44.29
CA HIS E 3763 4.55 19.48 -44.60
C HIS E 3763 4.72 19.57 -46.11
N ASN E 3764 4.90 20.78 -46.62
CA ASN E 3764 5.07 21.00 -48.04
C ASN E 3764 6.17 22.03 -48.25
N LEU E 3765 6.95 21.85 -49.33
CA LEU E 3765 8.01 22.79 -49.65
C LEU E 3765 7.48 24.11 -50.21
N ALA E 3766 6.19 24.18 -50.55
CA ALA E 3766 5.57 25.40 -51.03
C ALA E 3766 4.83 26.16 -49.95
N ASN E 3767 4.27 25.47 -48.97
CA ASN E 3767 3.56 26.15 -47.89
C ASN E 3767 4.52 26.94 -47.01
N TYR E 3768 5.68 26.35 -46.69
CA TYR E 3768 6.69 27.08 -45.93
C TYR E 3768 7.25 28.25 -46.73
N MET E 3769 7.31 28.12 -48.06
CA MET E 3769 7.75 29.23 -48.88
C MET E 3769 6.70 30.34 -48.92
N PHE E 3770 5.42 29.96 -49.02
CA PHE E 3770 4.35 30.96 -48.97
C PHE E 3770 4.17 31.55 -47.59
N PHE E 3771 4.64 30.86 -46.55
CA PHE E 3771 4.54 31.41 -45.19
C PHE E 3771 5.46 32.61 -45.02
N LEU E 3772 6.66 32.56 -45.62
CA LEU E 3772 7.55 33.70 -45.55
C LEU E 3772 7.01 34.88 -46.36
N MET E 3773 6.35 34.59 -47.49
CA MET E 3773 5.71 35.64 -48.26
C MET E 3773 4.56 36.29 -47.49
N TYR E 3774 3.83 35.49 -46.70
CA TYR E 3774 2.71 36.04 -45.93
C TYR E 3774 3.20 36.96 -44.82
N LEU E 3775 4.42 36.75 -44.32
CA LEU E 3775 4.95 37.61 -43.26
C LEU E 3775 5.44 38.94 -43.81
N ILE E 3776 6.11 38.92 -44.96
CA ILE E 3776 6.61 40.16 -45.55
C ILE E 3776 5.47 41.02 -46.07
N ASN E 3777 4.38 40.39 -46.53
CA ASN E 3777 3.25 41.14 -47.07
C ASN E 3777 2.56 41.96 -45.98
N LYS E 3778 2.11 41.30 -44.92
CA LYS E 3778 1.43 41.99 -43.84
C LYS E 3778 2.43 42.77 -42.99
N ASP E 3779 1.91 43.77 -42.28
CA ASP E 3779 2.73 44.58 -41.38
C ASP E 3779 3.02 43.83 -40.09
N GLU E 3780 4.03 44.31 -39.37
CA GLU E 3780 4.41 43.66 -38.11
C GLU E 3780 3.35 43.85 -37.04
N THR E 3781 2.63 44.98 -37.06
CA THR E 3781 1.61 45.23 -36.05
C THR E 3781 0.37 44.34 -36.23
N GLU E 3782 0.22 43.69 -37.38
CA GLU E 3782 -0.92 42.82 -37.63
C GLU E 3782 -0.63 41.36 -37.34
N HIS E 3783 0.58 41.04 -36.86
CA HIS E 3783 0.93 39.66 -36.56
C HIS E 3783 0.26 39.20 -35.26
N THR E 3784 -0.05 37.92 -35.20
CA THR E 3784 -0.67 37.32 -34.03
C THR E 3784 0.39 36.88 -33.04
N GLY E 3785 0.00 36.10 -32.03
CA GLY E 3785 0.96 35.64 -31.05
C GLY E 3785 1.99 34.68 -31.62
N GLN E 3786 1.58 33.86 -32.59
CA GLN E 3786 2.49 32.91 -33.23
C GLN E 3786 3.25 33.55 -34.38
N GLU E 3787 2.63 34.48 -35.10
CA GLU E 3787 3.31 35.14 -36.21
C GLU E 3787 4.37 36.11 -35.72
N SER E 3788 4.21 36.66 -34.52
CA SER E 3788 5.22 37.56 -33.98
C SER E 3788 6.43 36.82 -33.44
N TYR E 3789 6.25 35.58 -32.98
CA TYR E 3789 7.37 34.82 -32.42
C TYR E 3789 8.30 34.34 -33.53
N VAL E 3790 7.75 33.98 -34.70
CA VAL E 3790 8.59 33.53 -35.80
C VAL E 3790 9.33 34.70 -36.43
N TRP E 3791 8.78 35.92 -36.30
CA TRP E 3791 9.46 37.09 -36.82
C TRP E 3791 10.61 37.53 -35.92
N LYS E 3792 10.50 37.31 -34.62
CA LYS E 3792 11.59 37.67 -33.70
C LYS E 3792 12.79 36.76 -33.88
N MET E 3793 12.57 35.49 -34.22
CA MET E 3793 13.65 34.55 -34.43
C MET E 3793 14.16 34.54 -35.87
N TYR E 3794 13.47 35.22 -36.79
CA TYR E 3794 13.94 35.28 -38.17
C TYR E 3794 15.24 36.07 -38.28
N GLN E 3795 15.29 37.24 -37.64
CA GLN E 3795 16.49 38.05 -37.63
C GLN E 3795 17.53 37.55 -36.63
N GLU E 3796 17.21 36.53 -35.84
CA GLU E 3796 18.16 35.99 -34.88
C GLU E 3796 19.13 35.03 -35.57
N ARG E 3797 20.22 34.72 -34.87
CA ARG E 3797 21.24 33.83 -35.40
C ARG E 3797 20.88 32.35 -35.26
N CYS E 3798 19.68 32.04 -34.77
CA CYS E 3798 19.25 30.66 -34.59
C CYS E 3798 17.96 30.41 -35.36
N TRP E 3799 17.68 29.14 -35.61
CA TRP E 3799 16.48 28.70 -36.33
C TRP E 3799 15.83 27.54 -35.59
N ASP E 3800 15.68 27.67 -34.27
CA ASP E 3800 15.12 26.63 -33.44
C ASP E 3800 13.61 26.44 -33.65
N PHE E 3801 12.97 27.27 -34.46
CA PHE E 3801 11.53 27.13 -34.69
C PHE E 3801 11.19 25.92 -35.54
N PHE E 3802 12.17 25.30 -36.19
CA PHE E 3802 11.92 24.09 -36.96
C PHE E 3802 11.59 22.93 -36.02
N PRO E 3803 10.84 21.92 -36.51
CA PRO E 3803 10.52 20.76 -35.66
C PRO E 3803 11.76 20.05 -35.15
N ALA E 3804 12.58 19.54 -36.08
CA ALA E 3804 13.84 18.87 -35.76
C ALA E 3804 13.62 17.68 -34.83
N GLY E 3805 12.77 16.76 -35.28
CA GLY E 3805 12.51 15.53 -34.56
C GLY E 3805 11.19 15.44 -33.84
N ASP E 3806 10.31 16.44 -33.99
CA ASP E 3806 9.01 16.44 -33.33
C ASP E 3806 7.98 17.03 -34.29
N CYS E 3807 7.22 16.16 -34.95
CA CYS E 3807 6.19 16.60 -35.88
C CYS E 3807 4.85 16.76 -35.15
N PHE E 3808 3.83 17.17 -35.89
CA PHE E 3808 2.51 17.36 -35.29
C PHE E 3808 1.86 16.03 -34.94
N ARG E 3809 2.15 14.98 -35.70
CA ARG E 3809 1.55 13.67 -35.41
C ARG E 3809 2.20 13.03 -34.19
N LYS E 3810 3.48 13.33 -33.92
CA LYS E 3810 4.15 12.77 -32.76
C LYS E 3810 3.56 13.30 -31.46
N GLN E 3811 3.06 14.54 -31.46
CA GLN E 3811 2.44 15.09 -30.27
C GLN E 3811 1.05 14.52 -30.05
N TYR E 3812 0.26 14.36 -31.11
CA TYR E 3812 -1.07 13.80 -30.99
C TYR E 3812 -1.05 12.30 -30.69
N GLU E 3813 0.04 11.61 -31.03
CA GLU E 3813 0.13 10.18 -30.73
C GLU E 3813 0.30 9.91 -29.25
N ASP E 3814 0.99 10.81 -28.53
CA ASP E 3814 1.17 10.62 -27.10
C ASP E 3814 -0.14 10.85 -26.34
N GLN E 3815 -0.88 11.88 -26.70
CA GLN E 3815 -2.15 12.16 -26.03
C GLN E 3815 -3.22 11.18 -26.48
N LEU E 3816 -3.35 10.96 -27.78
CA LEU E 3816 -4.35 10.05 -28.32
C LEU E 3816 -3.68 8.89 -29.07
N MET F 1 -44.49 83.09 -22.79
CA MET F 1 -43.17 83.69 -22.68
C MET F 1 -43.22 85.19 -22.99
N ALA F 2 -42.39 85.96 -22.31
CA ALA F 2 -42.33 87.40 -22.51
C ALA F 2 -41.63 87.80 -23.80
N ASP F 3 -41.02 86.85 -24.50
CA ASP F 3 -40.32 87.16 -25.75
C ASP F 3 -41.27 87.46 -26.91
N GLN F 4 -42.58 87.23 -26.73
CA GLN F 4 -43.53 87.50 -27.80
C GLN F 4 -43.70 89.00 -28.02
N LEU F 5 -43.64 89.78 -26.95
CA LEU F 5 -43.80 91.22 -27.07
C LEU F 5 -42.58 91.85 -27.74
N THR F 6 -42.83 92.75 -28.69
CA THR F 6 -41.75 93.42 -29.40
C THR F 6 -41.08 94.46 -28.49
N GLU F 7 -39.94 94.97 -28.96
CA GLU F 7 -39.20 95.95 -28.17
C GLU F 7 -39.97 97.27 -28.08
N GLU F 8 -40.63 97.67 -29.16
CA GLU F 8 -41.39 98.92 -29.15
C GLU F 8 -42.56 98.83 -28.19
N GLN F 9 -43.26 97.69 -28.18
CA GLN F 9 -44.38 97.52 -27.25
C GLN F 9 -43.91 97.53 -25.81
N ILE F 10 -42.78 96.87 -25.53
CA ILE F 10 -42.22 96.88 -24.19
C ILE F 10 -41.85 98.29 -23.77
N ALA F 11 -41.24 99.05 -24.68
CA ALA F 11 -40.84 100.41 -24.35
C ALA F 11 -42.05 101.30 -24.10
N GLU F 12 -43.10 101.16 -24.91
CA GLU F 12 -44.31 101.96 -24.71
C GLU F 12 -44.99 101.59 -23.40
N PHE F 13 -45.06 100.30 -23.08
CA PHE F 13 -45.66 99.87 -21.82
C PHE F 13 -44.87 100.40 -20.63
N LYS F 14 -43.55 100.36 -20.71
CA LYS F 14 -42.72 100.89 -19.62
C LYS F 14 -42.91 102.40 -19.49
N GLU F 15 -42.99 103.11 -20.62
CA GLU F 15 -43.19 104.55 -20.57
C GLU F 15 -44.51 104.91 -19.92
N ALA F 16 -45.58 104.21 -20.29
CA ALA F 16 -46.88 104.47 -19.68
C ALA F 16 -46.88 104.11 -18.19
N PHE F 17 -46.25 102.98 -17.85
CA PHE F 17 -46.20 102.53 -16.46
C PHE F 17 -45.45 103.53 -15.59
N SER F 18 -44.39 104.14 -16.13
CA SER F 18 -43.63 105.11 -15.37
C SER F 18 -44.27 106.50 -15.38
N LEU F 19 -45.05 106.82 -16.42
CA LEU F 19 -45.68 108.13 -16.49
C LEU F 19 -46.91 108.22 -15.62
N PHE F 20 -47.69 107.14 -15.54
CA PHE F 20 -48.89 107.17 -14.70
C PHE F 20 -48.53 107.25 -13.22
N ASP F 21 -47.58 106.43 -12.78
CA ASP F 21 -47.20 106.41 -11.38
C ASP F 21 -46.26 107.57 -11.06
N LYS F 22 -46.32 108.04 -9.81
CA LYS F 22 -45.48 109.13 -9.36
C LYS F 22 -44.08 108.60 -9.04
N ASP F 23 -43.24 109.50 -8.50
CA ASP F 23 -41.89 109.11 -8.13
C ASP F 23 -41.90 108.20 -6.92
N GLY F 24 -41.11 107.13 -6.97
CA GLY F 24 -41.04 106.18 -5.88
C GLY F 24 -41.03 104.74 -6.33
N ASP F 25 -41.70 103.87 -5.57
CA ASP F 25 -41.75 102.47 -5.92
C ASP F 25 -42.71 102.23 -7.09
N GLY F 26 -42.43 101.18 -7.86
CA GLY F 26 -43.25 100.83 -9.00
C GLY F 26 -44.59 100.20 -8.67
N THR F 27 -44.90 100.00 -7.39
CA THR F 27 -46.17 99.39 -7.01
C THR F 27 -47.32 100.34 -7.32
N ILE F 28 -48.37 99.80 -7.94
CA ILE F 28 -49.52 100.58 -8.37
C ILE F 28 -50.78 99.89 -7.90
N THR F 29 -51.73 100.67 -7.37
CA THR F 29 -52.99 100.13 -6.89
C THR F 29 -53.79 99.50 -8.02
N THR F 30 -54.66 98.54 -7.66
CA THR F 30 -55.46 97.84 -8.66
C THR F 30 -56.33 98.80 -9.45
N LYS F 31 -57.04 99.70 -8.76
CA LYS F 31 -57.81 100.72 -9.46
C LYS F 31 -56.90 101.63 -10.27
N GLU F 32 -55.76 102.01 -9.70
CA GLU F 32 -54.78 102.78 -10.46
C GLU F 32 -54.19 101.97 -11.60
N LEU F 33 -54.06 100.65 -11.42
CA LEU F 33 -53.60 99.79 -12.51
C LEU F 33 -54.59 99.82 -13.67
N GLY F 34 -55.88 99.72 -13.37
CA GLY F 34 -56.89 99.82 -14.41
C GLY F 34 -56.91 101.18 -15.07
N THR F 35 -56.71 102.25 -14.28
CA THR F 35 -56.65 103.58 -14.84
C THR F 35 -55.46 103.73 -15.78
N VAL F 36 -54.32 103.15 -15.41
CA VAL F 36 -53.14 103.23 -16.27
C VAL F 36 -53.34 102.40 -17.54
N MET F 37 -54.00 101.25 -17.41
CA MET F 37 -54.30 100.44 -18.59
C MET F 37 -55.22 101.18 -19.54
N ARG F 38 -56.20 101.91 -18.99
CA ARG F 38 -57.07 102.72 -19.83
C ARG F 38 -56.31 103.88 -20.46
N SER F 39 -55.35 104.45 -19.73
CA SER F 39 -54.55 105.55 -20.26
C SER F 39 -53.57 105.07 -21.33
N LEU F 40 -53.19 103.80 -21.29
CA LEU F 40 -52.25 103.24 -22.25
C LEU F 40 -52.91 102.88 -23.59
N GLY F 41 -54.20 103.15 -23.75
CA GLY F 41 -54.88 102.84 -24.99
C GLY F 41 -55.85 101.69 -24.87
N PRO F 44 -60.10 98.49 -22.55
CA PRO F 44 -60.65 97.21 -22.15
C PRO F 44 -61.94 97.34 -21.35
N THR F 45 -62.70 96.26 -21.26
CA THR F 45 -63.96 96.28 -20.52
C THR F 45 -63.70 96.31 -19.02
N GLU F 46 -64.75 96.63 -18.26
CA GLU F 46 -64.62 96.67 -16.81
C GLU F 46 -64.42 95.28 -16.23
N ALA F 47 -65.08 94.28 -16.80
CA ALA F 47 -64.92 92.91 -16.33
C ALA F 47 -63.50 92.41 -16.56
N GLU F 48 -62.91 92.73 -17.72
CA GLU F 48 -61.54 92.34 -18.00
C GLU F 48 -60.57 93.03 -17.04
N LEU F 49 -60.82 94.32 -16.74
CA LEU F 49 -59.97 95.02 -15.80
C LEU F 49 -60.07 94.43 -14.40
N GLN F 50 -61.29 94.07 -13.97
CA GLN F 50 -61.45 93.45 -12.67
C GLN F 50 -60.76 92.08 -12.62
N ASP F 51 -60.85 91.31 -13.70
CA ASP F 51 -60.17 90.02 -13.74
C ASP F 51 -58.66 90.19 -13.69
N MET F 52 -58.13 91.18 -14.40
CA MET F 52 -56.70 91.43 -14.38
C MET F 52 -56.24 91.91 -13.01
N ILE F 53 -57.06 92.69 -12.33
CA ILE F 53 -56.72 93.14 -10.98
C ILE F 53 -56.75 91.99 -10.00
N ASN F 54 -57.72 91.08 -10.15
CA ASN F 54 -57.80 89.93 -9.26
C ASN F 54 -56.67 88.93 -9.53
N GLU F 55 -56.20 88.85 -10.78
CA GLU F 55 -55.11 87.94 -11.10
C GLU F 55 -53.80 88.39 -10.48
N VAL F 56 -53.58 89.70 -10.35
CA VAL F 56 -52.36 90.23 -9.77
C VAL F 56 -52.62 90.67 -8.33
N ASN F 61 -52.44 94.22 0.42
CA ASN F 61 -51.75 94.07 -0.85
C ASN F 61 -52.14 95.18 -1.82
N GLY F 62 -52.71 94.78 -2.96
CA GLY F 62 -53.11 95.75 -3.97
C GLY F 62 -51.95 96.46 -4.64
N THR F 63 -50.91 95.73 -5.00
CA THR F 63 -49.73 96.31 -5.63
C THR F 63 -49.37 95.49 -6.87
N ILE F 64 -49.16 96.18 -7.99
CA ILE F 64 -48.80 95.55 -9.26
C ILE F 64 -47.49 96.16 -9.74
N ASP F 65 -46.53 95.31 -10.07
CA ASP F 65 -45.21 95.74 -10.49
C ASP F 65 -45.09 95.59 -12.01
N PHE F 66 -43.92 95.95 -12.54
CA PHE F 66 -43.75 95.99 -13.99
C PHE F 66 -43.81 94.62 -14.68
N PRO F 67 -43.10 93.58 -14.21
CA PRO F 67 -43.23 92.28 -14.90
C PRO F 67 -44.65 91.72 -14.83
N GLU F 68 -45.37 91.99 -13.74
CA GLU F 68 -46.77 91.57 -13.67
C GLU F 68 -47.59 92.23 -14.77
N PHE F 69 -47.41 93.55 -14.96
CA PHE F 69 -48.12 94.25 -16.02
C PHE F 69 -47.73 93.72 -17.40
N LEU F 70 -46.44 93.44 -17.59
CA LEU F 70 -45.99 92.89 -18.87
C LEU F 70 -46.62 91.53 -19.16
N THR F 71 -46.63 90.65 -18.16
CA THR F 71 -47.21 89.33 -18.33
C THR F 71 -48.72 89.41 -18.55
N MET F 72 -49.38 90.40 -17.93
CA MET F 72 -50.81 90.56 -18.13
C MET F 72 -51.12 91.08 -19.52
N MET F 73 -50.30 92.00 -20.04
CA MET F 73 -50.56 92.59 -21.35
C MET F 73 -50.10 91.72 -22.51
N ALA F 74 -49.15 90.80 -22.28
CA ALA F 74 -48.66 89.96 -23.36
C ALA F 74 -49.76 89.04 -23.89
N ARG F 75 -50.54 88.43 -22.98
CA ARG F 75 -51.60 87.52 -23.41
C ARG F 75 -52.67 88.26 -24.18
N LYS F 76 -52.88 89.54 -23.88
CA LYS F 76 -53.90 90.31 -24.58
C LYS F 76 -53.40 90.82 -25.92
N MET F 77 -52.10 91.11 -26.02
CA MET F 77 -51.55 91.69 -27.24
C MET F 77 -51.02 90.65 -28.21
N LYS F 78 -50.89 89.38 -27.79
CA LYS F 78 -50.27 88.39 -28.67
C LYS F 78 -51.25 87.84 -29.70
N ASP F 79 -52.48 87.56 -29.29
CA ASP F 79 -53.37 86.74 -30.12
C ASP F 79 -53.78 87.44 -31.41
N THR F 80 -54.32 88.64 -31.31
CA THR F 80 -54.81 89.35 -32.50
C THR F 80 -53.64 89.70 -33.43
N ASP F 81 -52.52 90.13 -32.86
CA ASP F 81 -51.35 90.44 -33.67
C ASP F 81 -50.85 89.20 -34.41
N SER F 82 -50.83 88.05 -33.74
CA SER F 82 -50.37 86.83 -34.39
C SER F 82 -51.33 86.41 -35.50
N GLU F 83 -52.63 86.52 -35.25
CA GLU F 83 -53.61 86.17 -36.29
C GLU F 83 -53.46 87.06 -37.51
N GLU F 84 -53.36 88.37 -37.30
CA GLU F 84 -53.23 89.29 -38.42
C GLU F 84 -51.93 89.06 -39.18
N GLU F 85 -50.83 88.85 -38.46
CA GLU F 85 -49.55 88.61 -39.11
C GLU F 85 -49.56 87.31 -39.90
N ILE F 86 -50.19 86.26 -39.35
CA ILE F 86 -50.26 85.00 -40.07
C ILE F 86 -51.09 85.15 -41.34
N ARG F 87 -52.23 85.84 -41.25
CA ARG F 87 -53.05 86.06 -42.44
C ARG F 87 -52.28 86.85 -43.50
N GLU F 88 -51.61 87.93 -43.08
CA GLU F 88 -50.89 88.76 -44.03
C GLU F 88 -49.73 88.01 -44.67
N ALA F 89 -49.00 87.22 -43.88
CA ALA F 89 -47.87 86.48 -44.43
C ALA F 89 -48.30 85.34 -45.34
N PHE F 90 -49.42 84.69 -45.02
CA PHE F 90 -49.91 83.63 -45.89
C PHE F 90 -50.46 84.20 -47.19
N ARG F 91 -51.11 85.36 -47.13
CA ARG F 91 -51.64 86.00 -48.33
C ARG F 91 -50.59 86.84 -49.06
N VAL F 92 -49.34 86.85 -48.61
CA VAL F 92 -48.32 87.67 -49.24
C VAL F 92 -47.70 87.01 -50.46
N PHE F 93 -47.80 85.68 -50.57
CA PHE F 93 -47.19 84.98 -51.70
C PHE F 93 -47.92 85.29 -52.99
N ASP F 94 -49.24 85.07 -53.02
CA ASP F 94 -50.02 85.31 -54.22
C ASP F 94 -50.22 86.80 -54.45
N LYS F 95 -50.31 87.18 -55.73
CA LYS F 95 -50.52 88.57 -56.13
C LYS F 95 -51.92 88.80 -56.67
N ASP F 96 -52.80 87.81 -56.59
CA ASP F 96 -54.16 87.98 -57.11
C ASP F 96 -54.99 88.88 -56.21
N GLY F 97 -54.67 88.95 -54.91
CA GLY F 97 -55.39 89.77 -53.97
C GLY F 97 -56.59 89.11 -53.33
N ASN F 98 -57.11 88.03 -53.92
CA ASN F 98 -58.27 87.37 -53.35
C ASN F 98 -57.90 86.51 -52.14
N GLY F 99 -56.67 86.00 -52.09
CA GLY F 99 -56.22 85.18 -50.99
C GLY F 99 -56.28 83.70 -51.22
N TYR F 100 -57.01 83.24 -52.24
CA TYR F 100 -57.15 81.82 -52.55
C TYR F 100 -56.21 81.49 -53.71
N ILE F 101 -55.07 80.90 -53.39
CA ILE F 101 -54.09 80.53 -54.41
C ILE F 101 -54.35 79.09 -54.84
N SER F 102 -53.50 78.58 -55.74
CA SER F 102 -53.66 77.21 -56.21
C SER F 102 -53.27 76.22 -55.11
N ALA F 103 -53.98 75.09 -55.08
CA ALA F 103 -53.68 74.07 -54.07
C ALA F 103 -52.35 73.41 -54.33
N ALA F 104 -52.07 73.06 -55.60
CA ALA F 104 -50.78 72.43 -55.92
C ALA F 104 -49.63 73.40 -55.68
N GLU F 105 -49.81 74.67 -56.04
CA GLU F 105 -48.76 75.65 -55.80
C GLU F 105 -48.52 75.86 -54.31
N LEU F 106 -49.61 75.90 -53.52
CA LEU F 106 -49.46 76.03 -52.07
C LEU F 106 -48.74 74.83 -51.47
N ARG F 107 -49.09 73.62 -51.92
CA ARG F 107 -48.40 72.44 -51.43
C ARG F 107 -46.93 72.43 -51.82
N HIS F 108 -46.61 72.84 -53.04
CA HIS F 108 -45.22 72.89 -53.47
C HIS F 108 -44.43 73.93 -52.68
N VAL F 109 -45.06 75.07 -52.38
CA VAL F 109 -44.37 76.09 -51.61
C VAL F 109 -44.18 75.65 -50.17
N MET F 110 -45.14 74.90 -49.61
CA MET F 110 -44.99 74.40 -48.25
C MET F 110 -43.93 73.30 -48.17
N THR F 111 -43.82 72.49 -49.22
CA THR F 111 -42.84 71.40 -49.20
C THR F 111 -41.44 71.87 -49.55
N ASN F 112 -41.31 72.94 -50.34
CA ASN F 112 -39.99 73.39 -50.76
C ASN F 112 -39.43 74.44 -49.81
N LEU F 113 -40.28 75.30 -49.26
CA LEU F 113 -39.85 76.37 -48.37
C LEU F 113 -40.63 76.29 -47.07
N GLY F 114 -40.07 76.91 -46.02
CA GLY F 114 -40.70 76.93 -44.72
C GLY F 114 -39.85 76.29 -43.65
N GLU F 115 -39.77 74.96 -43.64
CA GLU F 115 -38.98 74.25 -42.65
C GLU F 115 -38.46 72.95 -43.28
N LYS F 116 -38.27 71.92 -42.46
CA LYS F 116 -37.80 70.62 -42.91
C LYS F 116 -38.89 69.60 -42.66
N LEU F 117 -39.50 69.08 -43.72
CA LEU F 117 -40.56 68.09 -43.62
C LEU F 117 -40.43 67.10 -44.76
N THR F 118 -40.79 65.85 -44.48
CA THR F 118 -40.71 64.80 -45.49
C THR F 118 -41.80 64.98 -46.54
N ASP F 119 -41.60 64.32 -47.69
CA ASP F 119 -42.58 64.39 -48.76
C ASP F 119 -43.87 63.69 -48.35
N GLU F 120 -43.77 62.59 -47.62
CA GLU F 120 -44.97 61.90 -47.15
C GLU F 120 -45.76 62.76 -46.18
N GLU F 121 -45.08 63.50 -45.31
CA GLU F 121 -45.77 64.40 -44.39
C GLU F 121 -46.46 65.52 -45.16
N VAL F 122 -45.82 66.05 -46.20
CA VAL F 122 -46.44 67.08 -47.01
C VAL F 122 -47.67 66.55 -47.73
N ASP F 123 -47.59 65.31 -48.24
CA ASP F 123 -48.73 64.71 -48.91
C ASP F 123 -49.88 64.48 -47.93
N GLU F 124 -49.56 64.05 -46.70
CA GLU F 124 -50.60 63.85 -45.71
C GLU F 124 -51.24 65.16 -45.30
N MET F 125 -50.44 66.23 -45.18
CA MET F 125 -51.00 67.54 -44.85
C MET F 125 -51.86 68.08 -45.98
N ILE F 126 -51.49 67.80 -47.23
CA ILE F 126 -52.30 68.23 -48.36
C ILE F 126 -53.60 67.45 -48.41
N ARG F 127 -53.56 66.16 -48.09
CA ARG F 127 -54.77 65.35 -48.06
C ARG F 127 -55.68 65.78 -46.92
N GLU F 128 -55.12 66.17 -45.77
CA GLU F 128 -55.93 66.63 -44.66
C GLU F 128 -56.55 68.00 -44.93
N ALA F 129 -55.90 68.80 -45.78
CA ALA F 129 -56.42 70.13 -46.11
C ALA F 129 -57.57 70.03 -47.10
N VAL F 137 -58.73 77.20 -51.93
CA VAL F 137 -58.21 77.20 -50.57
C VAL F 137 -57.58 78.55 -50.24
N ASN F 138 -58.20 79.29 -49.33
CA ASN F 138 -57.68 80.59 -48.94
C ASN F 138 -56.43 80.43 -48.09
N TYR F 139 -55.56 81.44 -48.13
CA TYR F 139 -54.32 81.40 -47.37
C TYR F 139 -54.57 81.51 -45.88
N GLU F 140 -55.36 82.50 -45.47
CA GLU F 140 -55.68 82.67 -44.05
C GLU F 140 -56.49 81.50 -43.53
N GLU F 141 -57.42 80.98 -44.33
CA GLU F 141 -58.20 79.82 -43.91
C GLU F 141 -57.31 78.60 -43.73
N PHE F 142 -56.37 78.39 -44.67
CA PHE F 142 -55.45 77.26 -44.54
C PHE F 142 -54.55 77.40 -43.32
N VAL F 143 -54.10 78.64 -43.04
CA VAL F 143 -53.26 78.87 -41.87
C VAL F 143 -54.04 78.59 -40.59
N GLN F 144 -55.30 79.04 -40.53
CA GLN F 144 -56.12 78.81 -39.35
C GLN F 144 -56.43 77.33 -39.18
N MET F 145 -56.61 76.60 -40.28
CA MET F 145 -56.87 75.18 -40.19
C MET F 145 -55.63 74.41 -39.74
N MET F 146 -54.45 74.83 -40.21
CA MET F 146 -53.22 74.17 -39.81
C MET F 146 -52.86 74.49 -38.36
N THR F 147 -53.20 75.69 -37.89
CA THR F 147 -52.91 76.05 -36.51
C THR F 147 -53.78 75.26 -35.53
N ALA F 148 -55.03 75.01 -35.90
CA ALA F 148 -55.94 74.26 -35.04
C ALA F 148 -55.62 72.77 -35.07
N GLY G 1 -127.90 -5.37 -28.13
CA GLY G 1 -128.74 -4.28 -28.59
C GLY G 1 -128.01 -3.31 -29.51
N VAL G 2 -127.79 -3.74 -30.75
CA VAL G 2 -127.10 -2.91 -31.73
C VAL G 2 -128.10 -1.98 -32.40
N GLU G 3 -127.60 -0.86 -32.91
CA GLU G 3 -128.40 0.13 -33.61
C GLU G 3 -128.03 0.12 -35.08
N ILE G 4 -129.04 0.01 -35.94
CA ILE G 4 -128.85 -0.05 -37.38
C ILE G 4 -129.55 1.17 -37.99
N GLU G 5 -128.80 2.24 -38.21
CA GLU G 5 -129.33 3.45 -38.84
C GLU G 5 -129.20 3.27 -40.35
N THR G 6 -130.31 3.01 -41.01
CA THR G 6 -130.31 2.73 -42.45
C THR G 6 -129.96 3.98 -43.25
N ILE G 7 -128.68 4.19 -43.51
CA ILE G 7 -128.22 5.32 -44.32
C ILE G 7 -128.09 4.84 -45.76
N SER G 8 -128.76 5.53 -46.68
CA SER G 8 -128.81 5.19 -48.10
C SER G 8 -129.30 3.76 -48.27
N PRO G 9 -130.61 3.52 -48.16
CA PRO G 9 -131.12 2.15 -48.26
C PRO G 9 -131.04 1.64 -49.69
N GLY G 10 -130.69 0.35 -49.82
CA GLY G 10 -130.61 -0.28 -51.11
C GLY G 10 -131.94 -0.87 -51.57
N ASP G 11 -132.04 -1.07 -52.88
CA ASP G 11 -133.27 -1.62 -53.45
C ASP G 11 -133.43 -3.11 -53.15
N GLY G 12 -132.34 -3.81 -52.86
CA GLY G 12 -132.44 -5.23 -52.58
C GLY G 12 -133.05 -5.49 -51.22
N ARG G 13 -134.02 -6.39 -51.16
CA ARG G 13 -134.70 -6.74 -49.92
C ARG G 13 -134.34 -8.13 -49.42
N THR G 14 -133.47 -8.85 -50.12
CA THR G 14 -133.09 -10.20 -49.70
C THR G 14 -132.11 -10.14 -48.54
N PHE G 15 -132.35 -10.97 -47.53
CA PHE G 15 -131.50 -11.03 -46.35
C PHE G 15 -130.56 -12.22 -46.43
N PRO G 16 -129.33 -12.10 -45.94
CA PRO G 16 -128.39 -13.23 -45.99
C PRO G 16 -128.80 -14.33 -45.04
N LYS G 17 -128.90 -15.54 -45.56
CA LYS G 17 -129.28 -16.72 -44.79
C LYS G 17 -128.09 -17.65 -44.64
N LYS G 18 -128.30 -18.74 -43.90
CA LYS G 18 -127.24 -19.71 -43.67
C LYS G 18 -126.95 -20.51 -44.94
N GLY G 19 -125.67 -20.68 -45.24
CA GLY G 19 -125.23 -21.42 -46.40
C GLY G 19 -124.71 -20.58 -47.56
N GLN G 20 -124.54 -19.28 -47.37
CA GLN G 20 -124.04 -18.40 -48.42
C GLN G 20 -123.04 -17.43 -47.84
N THR G 21 -121.93 -17.25 -48.54
CA THR G 21 -120.90 -16.32 -48.11
C THR G 21 -121.30 -14.88 -48.41
N CYS G 22 -120.68 -13.94 -47.70
CA CYS G 22 -120.97 -12.52 -47.84
C CYS G 22 -119.68 -11.74 -47.95
N VAL G 23 -119.62 -10.83 -48.91
CA VAL G 23 -118.48 -9.94 -49.10
C VAL G 23 -118.85 -8.57 -48.52
N VAL G 24 -118.12 -8.13 -47.51
CA VAL G 24 -118.44 -6.91 -46.78
C VAL G 24 -117.21 -6.00 -46.81
N HIS G 25 -117.43 -4.75 -47.22
CA HIS G 25 -116.39 -3.71 -47.18
C HIS G 25 -116.70 -2.82 -45.99
N TYR G 26 -116.16 -3.19 -44.83
CA TYR G 26 -116.44 -2.49 -43.58
C TYR G 26 -115.29 -1.55 -43.23
N THR G 27 -115.64 -0.41 -42.63
CA THR G 27 -114.67 0.56 -42.15
C THR G 27 -114.93 0.81 -40.67
N GLY G 28 -113.92 0.54 -39.84
CA GLY G 28 -114.05 0.66 -38.40
C GLY G 28 -113.52 2.00 -37.91
N MET G 29 -114.32 2.66 -37.09
CA MET G 29 -113.97 3.94 -36.50
C MET G 29 -114.29 3.92 -35.02
N LEU G 30 -113.47 4.64 -34.24
CA LEU G 30 -113.66 4.72 -32.80
C LEU G 30 -114.57 5.89 -32.46
N GLN G 31 -114.84 6.07 -31.16
CA GLN G 31 -115.70 7.15 -30.73
C GLN G 31 -115.01 8.50 -30.86
N ASN G 32 -113.71 8.56 -30.56
CA ASN G 32 -112.97 9.81 -30.68
C ASN G 32 -112.78 10.24 -32.13
N GLY G 33 -112.81 9.29 -33.07
CA GLY G 33 -112.63 9.60 -34.48
C GLY G 33 -111.50 8.85 -35.16
N LYS G 34 -110.72 8.06 -34.44
CA LYS G 34 -109.62 7.33 -35.05
C LYS G 34 -110.13 6.14 -35.85
N LYS G 35 -109.53 5.93 -37.03
CA LYS G 35 -109.90 4.84 -37.92
C LYS G 35 -108.91 3.70 -37.72
N PHE G 36 -109.37 2.63 -37.08
CA PHE G 36 -108.52 1.46 -36.82
C PHE G 36 -108.64 0.39 -37.90
N ASP G 37 -109.63 0.48 -38.79
CA ASP G 37 -109.81 -0.49 -39.85
C ASP G 37 -110.46 0.19 -41.04
N SER G 38 -110.06 -0.25 -42.24
CA SER G 38 -110.63 0.27 -43.48
C SER G 38 -110.44 -0.77 -44.56
N SER G 39 -111.53 -1.43 -44.97
CA SER G 39 -111.44 -2.45 -46.01
C SER G 39 -111.14 -1.85 -47.39
N ARG G 40 -111.41 -0.56 -47.58
CA ARG G 40 -111.11 0.07 -48.86
C ARG G 40 -109.61 0.19 -49.08
N ASP G 41 -108.82 0.26 -48.00
CA ASP G 41 -107.38 0.35 -48.14
C ASP G 41 -106.79 -0.97 -48.62
N ARG G 42 -107.34 -2.09 -48.15
CA ARG G 42 -106.83 -3.39 -48.55
C ARG G 42 -107.39 -3.87 -49.88
N ASN G 43 -108.47 -3.25 -50.35
CA ASN G 43 -109.11 -3.59 -51.62
C ASN G 43 -109.55 -5.05 -51.68
N LYS G 44 -109.84 -5.65 -50.52
CA LYS G 44 -110.27 -7.04 -50.45
C LYS G 44 -111.43 -7.13 -49.46
N PRO G 45 -112.61 -7.55 -49.90
CA PRO G 45 -113.74 -7.65 -48.97
C PRO G 45 -113.56 -8.82 -48.00
N PHE G 46 -113.97 -8.59 -46.76
CA PHE G 46 -113.87 -9.62 -45.72
C PHE G 46 -114.99 -10.63 -45.91
N LYS G 47 -114.61 -11.89 -46.10
CA LYS G 47 -115.57 -12.98 -46.30
C LYS G 47 -115.68 -13.80 -45.02
N PHE G 48 -116.89 -13.91 -44.49
CA PHE G 48 -117.14 -14.65 -43.27
C PHE G 48 -118.33 -15.58 -43.46
N ARG G 49 -118.27 -16.74 -42.82
CA ARG G 49 -119.35 -17.71 -42.89
C ARG G 49 -120.49 -17.31 -41.96
N ILE G 50 -121.72 -17.44 -42.44
CA ILE G 50 -122.89 -17.08 -41.66
C ILE G 50 -123.10 -18.12 -40.57
N GLY G 51 -123.20 -17.65 -39.32
CA GLY G 51 -123.43 -18.54 -38.20
C GLY G 51 -122.21 -19.31 -37.72
N LYS G 52 -121.03 -19.02 -38.25
CA LYS G 52 -119.82 -19.72 -37.83
C LYS G 52 -119.29 -19.25 -36.48
N GLN G 53 -119.79 -18.13 -35.96
CA GLN G 53 -119.40 -17.56 -34.68
C GLN G 53 -117.92 -17.19 -34.61
N GLU G 54 -117.25 -17.10 -35.76
CA GLU G 54 -115.85 -16.68 -35.76
C GLU G 54 -115.72 -15.18 -35.59
N VAL G 55 -116.58 -14.41 -36.25
CA VAL G 55 -116.60 -12.95 -36.12
C VAL G 55 -117.39 -12.62 -34.85
N ILE G 56 -117.26 -11.38 -34.38
CA ILE G 56 -117.97 -10.96 -33.18
C ILE G 56 -119.48 -11.01 -33.42
N LYS G 57 -120.23 -11.16 -32.33
CA LYS G 57 -121.67 -11.31 -32.43
C LYS G 57 -122.34 -10.03 -32.93
N GLY G 58 -121.80 -8.86 -32.57
CA GLY G 58 -122.40 -7.61 -33.02
C GLY G 58 -122.33 -7.43 -34.52
N PHE G 59 -121.16 -7.72 -35.10
CA PHE G 59 -121.01 -7.59 -36.54
C PHE G 59 -121.90 -8.59 -37.28
N GLU G 60 -122.01 -9.81 -36.75
CA GLU G 60 -122.88 -10.80 -37.38
C GLU G 60 -124.34 -10.38 -37.31
N GLU G 61 -124.77 -9.86 -36.16
CA GLU G 61 -126.14 -9.37 -36.03
C GLU G 61 -126.41 -8.21 -36.98
N GLY G 62 -125.46 -7.29 -37.10
CA GLY G 62 -125.64 -6.17 -38.01
C GLY G 62 -125.68 -6.60 -39.47
N ALA G 63 -124.86 -7.60 -39.83
CA ALA G 63 -124.87 -8.09 -41.21
C ALA G 63 -126.14 -8.88 -41.50
N ALA G 64 -126.69 -9.57 -40.50
CA ALA G 64 -127.94 -10.29 -40.71
C ALA G 64 -129.15 -9.37 -40.74
N GLN G 65 -129.09 -8.24 -40.04
CA GLN G 65 -130.20 -7.30 -40.04
C GLN G 65 -130.26 -6.49 -41.33
N MET G 66 -129.10 -6.11 -41.86
CA MET G 66 -129.08 -5.32 -43.09
C MET G 66 -129.47 -6.18 -44.28
N SER G 67 -129.92 -5.51 -45.34
CA SER G 67 -130.37 -6.16 -46.55
C SER G 67 -129.24 -6.18 -47.57
N LEU G 68 -129.58 -6.21 -48.86
CA LEU G 68 -128.58 -6.28 -49.92
C LEU G 68 -128.17 -4.87 -50.35
N GLY G 69 -126.87 -4.60 -50.30
CA GLY G 69 -126.35 -3.32 -50.74
C GLY G 69 -126.79 -2.15 -49.90
N GLN G 70 -126.44 -2.16 -48.61
CA GLN G 70 -126.79 -1.10 -47.69
C GLN G 70 -125.53 -0.56 -47.02
N ARG G 71 -125.42 0.77 -46.96
CA ARG G 71 -124.30 1.44 -46.30
C ARG G 71 -124.66 1.90 -44.90
N ALA G 72 -125.54 1.16 -44.21
CA ALA G 72 -125.98 1.54 -42.88
C ALA G 72 -124.84 1.38 -41.87
N LYS G 73 -124.93 2.14 -40.79
CA LYS G 73 -123.95 2.07 -39.72
C LYS G 73 -124.27 0.92 -38.78
N LEU G 74 -123.23 0.25 -38.30
CA LEU G 74 -123.40 -0.89 -37.42
C LEU G 74 -122.84 -0.59 -36.03
N THR G 75 -123.39 0.41 -35.37
CA THR G 75 -122.96 0.76 -34.01
C THR G 75 -123.39 -0.34 -33.05
N CYS G 76 -122.41 -0.99 -32.41
CA CYS G 76 -122.66 -2.09 -31.52
C CYS G 76 -122.33 -1.73 -30.08
N THR G 77 -123.02 -2.36 -29.15
CA THR G 77 -122.76 -2.13 -27.73
C THR G 77 -121.44 -2.79 -27.34
N PRO G 78 -120.61 -2.11 -26.53
CA PRO G 78 -119.36 -2.76 -26.09
C PRO G 78 -119.56 -4.04 -25.30
N ASP G 79 -120.78 -4.30 -24.81
CA ASP G 79 -121.03 -5.54 -24.08
C ASP G 79 -121.05 -6.74 -25.02
N VAL G 80 -121.80 -6.65 -26.11
CA VAL G 80 -121.86 -7.76 -27.06
C VAL G 80 -120.58 -7.87 -27.88
N ALA G 81 -119.76 -6.82 -27.91
CA ALA G 81 -118.50 -6.85 -28.62
C ALA G 81 -117.39 -7.33 -27.68
N TYR G 82 -116.14 -7.22 -28.13
CA TYR G 82 -114.99 -7.62 -27.32
C TYR G 82 -114.43 -6.47 -26.49
N GLY G 83 -115.30 -5.56 -26.04
CA GLY G 83 -114.83 -4.42 -25.25
C GLY G 83 -114.26 -4.78 -23.90
N ALA G 84 -114.61 -5.95 -23.37
CA ALA G 84 -114.07 -6.37 -22.08
C ALA G 84 -112.58 -6.65 -22.17
N THR G 85 -112.18 -7.55 -23.06
CA THR G 85 -110.77 -7.88 -23.31
C THR G 85 -110.56 -7.82 -24.81
N GLY G 86 -110.24 -6.63 -25.32
CA GLY G 86 -110.07 -6.44 -26.74
C GLY G 86 -108.69 -6.83 -27.23
N HIS G 87 -108.51 -6.71 -28.53
CA HIS G 87 -107.22 -6.99 -29.16
C HIS G 87 -106.19 -5.97 -28.69
N PRO G 88 -105.13 -6.40 -28.00
CA PRO G 88 -104.17 -5.42 -27.47
C PRO G 88 -103.44 -4.69 -28.59
N GLY G 89 -103.45 -3.35 -28.50
CA GLY G 89 -102.73 -2.53 -29.45
C GLY G 89 -103.62 -1.72 -30.36
N VAL G 90 -104.75 -2.29 -30.78
CA VAL G 90 -105.64 -1.63 -31.72
C VAL G 90 -106.92 -1.10 -31.08
N ILE G 91 -107.43 -1.76 -30.05
CA ILE G 91 -108.68 -1.40 -29.41
C ILE G 91 -108.42 -1.16 -27.93
N PRO G 92 -108.81 0.00 -27.38
CA PRO G 92 -108.62 0.21 -25.94
C PRO G 92 -109.65 -0.57 -25.15
N PRO G 93 -109.35 -0.91 -23.89
CA PRO G 93 -110.32 -1.67 -23.09
C PRO G 93 -111.54 -0.83 -22.74
N ASN G 94 -112.72 -1.43 -22.92
CA ASN G 94 -114.01 -0.80 -22.61
C ASN G 94 -114.19 0.50 -23.39
N ALA G 95 -114.50 0.33 -24.67
CA ALA G 95 -114.71 1.46 -25.57
C ALA G 95 -115.72 1.06 -26.63
N THR G 96 -116.47 2.04 -27.13
CA THR G 96 -117.45 1.79 -28.17
C THR G 96 -116.77 1.60 -29.51
N LEU G 97 -117.27 0.64 -30.29
CA LEU G 97 -116.73 0.32 -31.61
C LEU G 97 -117.82 0.56 -32.64
N ILE G 98 -117.64 1.58 -33.47
CA ILE G 98 -118.58 1.93 -34.53
C ILE G 98 -118.05 1.37 -35.84
N PHE G 99 -118.85 0.53 -36.49
CA PHE G 99 -118.45 -0.13 -37.74
C PHE G 99 -119.34 0.39 -38.86
N ASP G 100 -118.79 1.28 -39.70
CA ASP G 100 -119.49 1.75 -40.88
C ASP G 100 -119.36 0.69 -41.96
N VAL G 101 -120.45 -0.04 -42.19
CA VAL G 101 -120.45 -1.20 -43.08
C VAL G 101 -121.21 -0.86 -44.35
N GLU G 102 -120.61 -1.15 -45.50
CA GLU G 102 -121.24 -0.98 -46.81
C GLU G 102 -121.38 -2.36 -47.44
N LEU G 103 -122.61 -2.87 -47.49
CA LEU G 103 -122.85 -4.20 -48.02
C LEU G 103 -122.56 -4.27 -49.51
N LEU G 104 -122.37 -5.49 -49.99
CA LEU G 104 -122.08 -5.73 -51.40
C LEU G 104 -122.75 -7.05 -51.80
N ASN G 105 -122.39 -7.55 -52.98
CA ASN G 105 -122.95 -8.81 -53.46
C ASN G 105 -122.44 -9.98 -52.63
N LEU G 106 -123.29 -10.98 -52.47
CA LEU G 106 -122.94 -12.18 -51.70
C LEU G 106 -121.98 -13.08 -52.49
N GLN H 1 -25.35 24.99 -6.04
CA GLN H 1 -25.23 25.10 -7.50
C GLN H 1 -26.18 26.15 -8.04
N PHE H 2 -26.43 26.09 -9.35
CA PHE H 2 -27.34 27.01 -10.03
C PHE H 2 -28.53 26.24 -10.56
N LEU H 3 -29.72 26.76 -10.29
CA LEU H 3 -30.95 26.12 -10.77
C LEU H 3 -31.10 26.33 -12.27
N ARG H 4 -31.64 25.33 -12.95
CA ARG H 4 -31.88 25.37 -14.39
C ARG H 4 -33.35 25.12 -14.67
N THR H 5 -33.72 25.26 -15.94
CA THR H 5 -35.09 25.02 -16.36
C THR H 5 -35.39 23.52 -16.32
N ASP H 6 -36.68 23.20 -16.53
CA ASP H 6 -37.16 21.82 -16.50
C ASP H 6 -36.85 21.14 -15.17
N ASP H 7 -36.92 21.92 -14.09
CA ASP H 7 -36.66 21.43 -12.75
C ASP H 7 -37.73 21.94 -11.81
N GLU H 8 -38.05 21.11 -10.81
CA GLU H 8 -39.09 21.46 -9.85
C GLU H 8 -38.51 22.33 -8.74
N VAL H 9 -39.08 23.52 -8.54
CA VAL H 9 -38.66 24.44 -7.50
C VAL H 9 -39.87 24.81 -6.65
N VAL H 10 -39.59 25.38 -5.49
CA VAL H 10 -40.63 25.78 -4.55
C VAL H 10 -40.48 27.26 -4.26
N LEU H 11 -41.60 27.91 -3.93
CA LEU H 11 -41.64 29.32 -3.60
C LEU H 11 -42.09 29.46 -2.15
N GLN H 12 -41.37 30.28 -1.38
CA GLN H 12 -41.69 30.49 0.02
C GLN H 12 -41.22 31.87 0.44
N CYS H 13 -41.68 32.30 1.61
CA CYS H 13 -41.34 33.61 2.17
C CYS H 13 -41.23 33.47 3.68
N ASN H 14 -40.86 34.57 4.34
CA ASN H 14 -40.69 34.60 5.78
C ASN H 14 -41.54 35.73 6.36
N ALA H 15 -42.15 35.45 7.52
CA ALA H 15 -42.99 36.44 8.19
C ALA H 15 -43.15 36.03 9.65
N THR H 16 -43.36 37.03 10.50
CA THR H 16 -43.54 36.83 11.94
C THR H 16 -44.79 37.58 12.37
N VAL H 17 -45.94 36.92 12.28
CA VAL H 17 -47.22 37.51 12.66
C VAL H 17 -47.43 37.22 14.13
N LEU H 18 -46.86 38.07 14.98
CA LEU H 18 -46.97 37.96 16.44
C LEU H 18 -46.50 36.59 16.93
N LYS H 19 -45.46 36.07 16.30
CA LYS H 19 -44.90 34.77 16.65
C LYS H 19 -43.45 34.72 16.19
N GLU H 20 -42.85 33.54 16.26
CA GLU H 20 -41.47 33.37 15.84
C GLU H 20 -41.38 33.37 14.31
N GLN H 21 -40.15 33.27 13.81
CA GLN H 21 -39.92 33.26 12.38
C GLN H 21 -40.42 31.96 11.77
N LEU H 22 -41.32 32.06 10.80
CA LEU H 22 -41.90 30.91 10.14
C LEU H 22 -41.80 31.08 8.63
N LYS H 23 -42.03 29.98 7.91
CA LYS H 23 -41.98 29.95 6.45
C LYS H 23 -43.36 29.64 5.90
N LEU H 24 -43.77 30.39 4.88
CA LEU H 24 -45.07 30.21 4.23
C LEU H 24 -44.83 29.66 2.82
N CYS H 25 -45.28 28.43 2.59
CA CYS H 25 -45.10 27.76 1.31
C CYS H 25 -46.37 27.97 0.47
N LEU H 26 -46.19 28.52 -0.73
CA LEU H 26 -47.30 28.75 -1.63
C LEU H 26 -47.72 27.44 -2.28
N ALA H 27 -49.02 27.18 -2.31
CA ALA H 27 -49.54 25.94 -2.87
C ALA H 27 -50.92 26.19 -3.46
N ALA H 28 -51.31 25.34 -4.40
CA ALA H 28 -52.60 25.42 -5.04
C ALA H 28 -53.17 24.00 -5.19
N GLU H 29 -54.45 23.84 -4.87
CA GLU H 29 -55.07 22.53 -4.94
C GLU H 29 -55.21 22.07 -6.39
N GLY H 30 -55.87 22.87 -7.22
CA GLY H 30 -56.08 22.52 -8.61
C GLY H 30 -57.23 21.56 -8.81
N PHE H 31 -57.83 21.60 -10.00
CA PHE H 31 -58.96 20.74 -10.35
C PHE H 31 -60.12 20.94 -9.37
N GLY H 32 -60.62 22.17 -9.32
CA GLY H 32 -61.73 22.50 -8.45
C GLY H 32 -61.53 23.79 -7.69
N ASN H 33 -60.29 24.11 -7.36
CA ASN H 33 -59.95 25.33 -6.62
C ASN H 33 -58.93 26.12 -7.42
N ARG H 34 -59.25 27.38 -7.72
CA ARG H 34 -58.36 28.25 -8.46
C ARG H 34 -57.51 29.13 -7.55
N LEU H 35 -58.09 29.70 -6.50
CA LEU H 35 -57.34 30.55 -5.58
C LEU H 35 -56.31 29.71 -4.81
N CYS H 36 -55.16 30.32 -4.56
CA CYS H 36 -54.08 29.64 -3.85
C CYS H 36 -54.16 29.92 -2.36
N PHE H 37 -53.46 29.08 -1.58
CA PHE H 37 -53.40 29.21 -0.14
C PHE H 37 -51.98 28.95 0.33
N LEU H 38 -51.74 29.21 1.61
CA LEU H 38 -50.42 29.06 2.20
C LEU H 38 -50.45 27.93 3.22
N GLU H 39 -49.50 27.00 3.11
CA GLU H 39 -49.38 25.87 4.02
C GLU H 39 -48.13 26.04 4.87
N PRO H 40 -48.24 26.08 6.20
CA PRO H 40 -47.05 26.26 7.03
C PRO H 40 -46.17 25.02 7.03
N THR H 41 -44.86 25.24 6.94
CA THR H 41 -43.89 24.16 6.94
C THR H 41 -42.94 24.21 8.13
N SER H 42 -43.12 25.15 9.07
CA SER H 42 -42.23 25.24 10.21
C SER H 42 -42.47 24.09 11.19
N ASN H 43 -43.73 23.79 11.48
CA ASN H 43 -44.09 22.70 12.39
C ASN H 43 -44.15 21.37 11.63
N ALA H 44 -43.01 21.05 10.99
CA ALA H 44 -42.92 19.82 10.20
C ALA H 44 -42.65 18.59 11.07
N GLN H 45 -42.22 18.78 12.31
CA GLN H 45 -41.94 17.64 13.18
C GLN H 45 -43.23 16.95 13.61
N ASN H 46 -44.23 17.72 14.02
CA ASN H 46 -45.50 17.14 14.46
C ASN H 46 -46.40 16.78 13.28
N VAL H 47 -46.58 17.71 12.35
CA VAL H 47 -47.43 17.52 11.19
C VAL H 47 -46.56 17.65 9.94
N PRO H 48 -46.43 16.62 9.11
CA PRO H 48 -45.61 16.72 7.91
C PRO H 48 -46.22 17.67 6.90
N PRO H 49 -45.41 18.46 6.21
CA PRO H 49 -45.95 19.41 5.23
C PRO H 49 -46.42 18.70 3.97
N ASP H 50 -47.36 19.35 3.28
CA ASP H 50 -47.93 18.84 2.04
C ASP H 50 -47.16 19.47 0.87
N LEU H 51 -46.18 18.75 0.35
CA LEU H 51 -45.35 19.22 -0.75
C LEU H 51 -45.80 18.66 -2.10
N ALA H 52 -46.98 18.06 -2.16
CA ALA H 52 -47.46 17.45 -3.40
C ALA H 52 -48.17 18.44 -4.32
N ILE H 53 -48.68 19.55 -3.79
CA ILE H 53 -49.41 20.52 -4.59
C ILE H 53 -48.76 21.90 -4.46
N CYS H 54 -47.46 21.93 -4.21
CA CYS H 54 -46.73 23.18 -4.06
C CYS H 54 -45.52 23.31 -4.98
N CYS H 55 -44.94 22.22 -5.48
CA CYS H 55 -43.77 22.31 -6.31
C CYS H 55 -44.12 22.88 -7.68
N PHE H 56 -43.26 23.78 -8.18
CA PHE H 56 -43.44 24.41 -9.47
C PHE H 56 -42.24 24.10 -10.36
N VAL H 57 -42.51 23.83 -11.63
CA VAL H 57 -41.47 23.50 -12.60
C VAL H 57 -41.35 24.66 -13.58
N LEU H 58 -40.14 24.82 -14.12
CA LEU H 58 -39.86 25.88 -15.09
C LEU H 58 -39.94 25.31 -16.51
N GLU H 59 -40.57 26.07 -17.40
CA GLU H 59 -40.74 25.67 -18.79
C GLU H 59 -39.91 26.50 -19.76
N GLN H 60 -40.05 27.82 -19.73
CA GLN H 60 -39.33 28.70 -20.62
C GLN H 60 -38.71 29.85 -19.83
N SER H 61 -37.55 30.31 -20.29
CA SER H 61 -36.84 31.42 -19.66
C SER H 61 -36.24 32.27 -20.77
N LEU H 62 -36.94 33.33 -21.16
CA LEU H 62 -36.52 34.21 -22.24
C LEU H 62 -36.68 35.66 -21.80
N SER H 63 -36.06 36.55 -22.56
CA SER H 63 -36.09 37.98 -22.24
C SER H 63 -37.48 38.56 -22.43
N VAL H 64 -37.68 39.76 -21.88
CA VAL H 64 -38.99 40.41 -21.97
C VAL H 64 -39.27 40.86 -23.39
N ARG H 65 -38.26 41.33 -24.12
CA ARG H 65 -38.46 41.74 -25.51
C ARG H 65 -38.80 40.53 -26.38
N ALA H 66 -38.06 39.43 -26.21
CA ALA H 66 -38.40 38.21 -26.94
C ALA H 66 -39.76 37.68 -26.54
N LEU H 67 -40.13 37.83 -25.27
CA LEU H 67 -41.46 37.41 -24.83
C LEU H 67 -42.55 38.21 -25.53
N GLN H 68 -42.38 39.54 -25.61
CA GLN H 68 -43.35 40.37 -26.30
C GLN H 68 -43.40 40.05 -27.79
N GLU H 69 -42.25 39.77 -28.39
CA GLU H 69 -42.23 39.43 -29.81
C GLU H 69 -42.92 38.10 -30.08
N MET H 70 -42.77 37.14 -29.16
CA MET H 70 -43.44 35.85 -29.32
C MET H 70 -44.94 35.98 -29.08
N LEU H 71 -45.34 36.83 -28.14
CA LEU H 71 -46.75 37.02 -27.87
C LEU H 71 -47.44 37.76 -29.00
N ALA H 72 -46.77 38.74 -29.61
CA ALA H 72 -47.35 39.49 -30.71
C ALA H 72 -47.36 38.70 -32.01
N ASN H 73 -46.61 37.61 -32.10
CA ASN H 73 -46.56 36.80 -33.31
C ASN H 73 -46.26 35.34 -32.99
N GLY H 74 -30.86 20.48 -23.66
CA GLY H 74 -30.75 21.93 -23.67
C GLY H 74 -31.50 22.59 -22.52
N HIS H 75 -30.74 23.09 -21.54
CA HIS H 75 -31.31 23.76 -20.38
C HIS H 75 -30.68 25.13 -20.25
N ARG H 76 -31.48 26.17 -20.46
CA ARG H 76 -30.99 27.54 -20.38
C ARG H 76 -30.95 28.00 -18.92
N THR H 77 -29.91 28.77 -18.57
CA THR H 77 -29.80 29.31 -17.23
C THR H 77 -30.78 30.45 -17.02
N LEU H 78 -31.07 30.74 -15.76
CA LEU H 78 -32.00 31.80 -15.40
C LEU H 78 -31.22 33.08 -15.14
N LEU H 79 -31.70 34.18 -15.71
CA LEU H 79 -31.06 35.48 -15.56
C LEU H 79 -32.08 36.49 -15.04
N TYR H 80 -31.58 37.51 -14.36
CA TYR H 80 -32.44 38.57 -13.86
C TYR H 80 -33.00 39.40 -15.01
N GLY H 81 -34.24 39.87 -14.84
CA GLY H 81 -34.92 40.63 -15.85
C GLY H 81 -35.70 39.82 -16.85
N HIS H 82 -35.48 38.52 -16.91
CA HIS H 82 -36.19 37.65 -17.83
C HIS H 82 -37.48 37.15 -17.18
N ALA H 83 -38.25 36.36 -17.93
CA ALA H 83 -39.52 35.82 -17.46
C ALA H 83 -39.40 34.31 -17.26
N ILE H 84 -40.28 33.79 -16.41
CA ILE H 84 -40.33 32.37 -16.10
C ILE H 84 -41.77 31.90 -16.17
N LEU H 85 -41.96 30.66 -16.62
CA LEU H 85 -43.29 30.06 -16.76
C LEU H 85 -43.45 29.02 -15.65
N LEU H 86 -44.06 29.43 -14.54
CA LEU H 86 -44.28 28.53 -13.41
C LEU H 86 -45.43 27.59 -13.74
N ARG H 87 -45.12 26.30 -13.87
CA ARG H 87 -46.10 25.28 -14.21
C ARG H 87 -46.23 24.31 -13.03
N HIS H 88 -47.47 24.00 -12.67
CA HIS H 88 -47.72 23.05 -11.59
C HIS H 88 -47.38 21.64 -12.03
N ALA H 89 -46.71 20.90 -11.13
CA ALA H 89 -46.29 19.55 -11.46
C ALA H 89 -47.42 18.53 -11.38
N HIS H 90 -48.51 18.84 -10.70
CA HIS H 90 -49.63 17.92 -10.55
C HIS H 90 -50.77 18.25 -11.51
N SER H 91 -51.29 19.49 -11.46
CA SER H 91 -52.39 19.88 -12.31
C SER H 91 -51.95 20.25 -13.73
N GLY H 92 -50.71 20.68 -13.90
CA GLY H 92 -50.23 21.06 -15.21
C GLY H 92 -50.74 22.40 -15.70
N MET H 93 -50.99 23.34 -14.79
CA MET H 93 -51.48 24.66 -15.14
C MET H 93 -50.38 25.69 -14.90
N TYR H 94 -50.62 26.90 -15.44
CA TYR H 94 -49.69 28.00 -15.32
C TYR H 94 -50.19 29.01 -14.30
N LEU H 95 -49.26 29.70 -13.66
CA LEU H 95 -49.60 30.70 -12.64
C LEU H 95 -49.86 32.04 -13.31
N SER H 96 -50.97 32.67 -12.95
CA SER H 96 -51.36 33.96 -13.52
C SER H 96 -52.26 34.68 -12.52
N CYS H 97 -52.89 35.75 -12.98
CA CYS H 97 -53.79 36.55 -12.16
C CYS H 97 -55.17 36.56 -12.80
N LEU H 98 -56.19 36.29 -11.99
CA LEU H 98 -57.57 36.29 -12.47
C LEU H 98 -58.11 37.71 -12.48
N THR H 99 -59.42 37.85 -12.70
CA THR H 99 -60.08 39.15 -12.74
C THR H 99 -60.79 39.50 -11.44
N THR H 100 -60.82 38.58 -10.48
CA THR H 100 -61.48 38.84 -9.21
C THR H 100 -60.69 39.85 -8.39
N SER H 101 -61.33 40.37 -7.34
CA SER H 101 -60.73 41.35 -6.46
C SER H 101 -60.96 40.96 -5.00
N ARG H 102 -60.83 39.68 -4.69
CA ARG H 102 -61.02 39.17 -3.33
C ARG H 102 -59.75 39.44 -2.53
N SER H 103 -59.67 40.63 -1.94
CA SER H 103 -58.52 41.05 -1.16
C SER H 103 -58.99 41.65 0.16
N MET H 104 -58.02 42.03 1.00
CA MET H 104 -58.31 42.62 2.30
C MET H 104 -58.52 44.12 2.12
N THR H 105 -59.78 44.50 1.90
CA THR H 105 -60.23 45.88 1.65
C THR H 105 -59.20 46.70 0.88
N ASP H 106 -58.68 46.10 -0.20
CA ASP H 106 -57.72 46.74 -1.08
C ASP H 106 -58.36 46.97 -2.44
N LYS H 107 -58.26 48.21 -2.93
CA LYS H 107 -58.89 48.55 -4.21
C LYS H 107 -57.97 48.21 -5.38
N LEU H 108 -56.66 48.39 -5.22
CA LEU H 108 -55.69 48.18 -6.28
C LEU H 108 -55.01 46.82 -6.18
N ALA H 109 -55.71 45.81 -5.70
CA ALA H 109 -55.16 44.47 -5.53
C ALA H 109 -55.78 43.51 -6.54
N PHE H 110 -55.12 42.37 -6.72
CA PHE H 110 -55.56 41.32 -7.62
C PHE H 110 -55.29 39.96 -7.00
N ASP H 111 -56.07 38.97 -7.43
CA ASP H 111 -55.91 37.62 -6.92
C ASP H 111 -54.95 36.82 -7.79
N VAL H 112 -54.37 35.78 -7.19
CA VAL H 112 -53.43 34.89 -7.87
C VAL H 112 -54.04 33.50 -7.94
N GLY H 113 -53.85 32.84 -9.07
CA GLY H 113 -54.41 31.51 -9.26
C GLY H 113 -53.85 30.87 -10.50
N LEU H 114 -54.24 29.61 -10.71
CA LEU H 114 -53.80 28.85 -11.86
C LEU H 114 -54.71 29.13 -13.06
N GLN H 115 -54.26 28.68 -14.23
CA GLN H 115 -55.00 28.88 -15.47
C GLN H 115 -54.53 27.86 -16.49
N GLU H 116 -55.47 27.28 -17.22
CA GLU H 116 -55.18 26.27 -18.24
C GLU H 116 -55.21 26.84 -19.65
N ASP H 117 -55.45 28.14 -19.81
CA ASP H 117 -55.50 28.74 -21.13
C ASP H 117 -54.13 28.80 -21.80
N ALA H 118 -53.05 28.73 -21.03
CA ALA H 118 -51.69 28.77 -21.54
C ALA H 118 -51.43 30.02 -22.37
N THR H 119 -52.03 31.14 -21.94
CA THR H 119 -51.86 32.39 -22.65
C THR H 119 -50.46 32.94 -22.43
N GLY H 120 -49.76 33.23 -23.52
CA GLY H 120 -48.40 33.73 -23.44
C GLY H 120 -48.33 35.25 -23.32
N GLU H 121 -49.33 35.84 -22.66
CA GLU H 121 -49.38 37.28 -22.46
C GLU H 121 -49.68 37.71 -21.03
N ALA H 122 -50.26 36.84 -20.19
CA ALA H 122 -50.58 37.22 -18.83
C ALA H 122 -50.24 36.12 -17.83
N CYS H 123 -49.41 35.13 -18.22
CA CYS H 123 -49.05 34.02 -17.35
C CYS H 123 -47.55 33.96 -17.09
N TRP H 124 -46.85 35.08 -17.23
CA TRP H 124 -45.42 35.14 -17.02
C TRP H 124 -45.09 36.00 -15.81
N TRP H 125 -43.87 35.83 -15.30
CA TRP H 125 -43.40 36.56 -14.13
C TRP H 125 -41.94 36.92 -14.32
N THR H 126 -41.62 38.20 -14.20
CA THR H 126 -40.25 38.69 -14.32
C THR H 126 -39.62 38.84 -12.95
N THR H 127 -38.36 38.45 -12.84
CA THR H 127 -37.63 38.49 -11.58
C THR H 127 -36.65 39.65 -11.56
N HIS H 128 -36.57 40.32 -10.41
CA HIS H 128 -35.68 41.45 -10.20
C HIS H 128 -34.90 41.26 -8.92
N PRO H 129 -33.65 41.75 -8.88
CA PRO H 129 -32.86 41.60 -7.65
C PRO H 129 -33.38 42.52 -6.55
N ALA H 130 -33.61 41.94 -5.37
CA ALA H 130 -34.12 42.71 -4.24
C ALA H 130 -33.01 43.56 -3.62
N SER H 131 -31.92 42.91 -3.21
CA SER H 131 -30.80 43.63 -2.61
C SER H 131 -29.96 44.31 -3.69
N LYS H 132 -29.28 45.39 -3.29
CA LYS H 132 -28.44 46.15 -4.21
C LYS H 132 -27.08 45.51 -4.44
N GLN H 133 -26.78 44.39 -3.77
CA GLN H 133 -25.50 43.73 -3.96
C GLN H 133 -25.44 42.90 -5.24
N ARG H 134 -26.59 42.57 -5.82
CA ARG H 134 -26.64 41.81 -7.05
C ARG H 134 -26.68 42.76 -8.25
N SER H 135 -26.61 42.19 -9.45
CA SER H 135 -26.64 42.96 -10.69
C SER H 135 -27.47 42.23 -11.72
N GLU H 136 -27.94 42.99 -12.71
CA GLU H 136 -28.76 42.43 -13.78
C GLU H 136 -27.86 41.68 -14.77
N GLY H 137 -28.16 40.39 -14.97
CA GLY H 137 -27.38 39.56 -15.86
C GLY H 137 -26.60 38.45 -15.17
N GLU H 138 -26.67 38.37 -13.84
CA GLU H 138 -25.96 37.35 -13.08
C GLU H 138 -26.89 36.17 -12.80
N LYS H 139 -26.31 34.97 -12.75
CA LYS H 139 -27.09 33.79 -12.44
C LYS H 139 -27.60 33.84 -11.01
N VAL H 140 -28.82 33.37 -10.81
CA VAL H 140 -29.45 33.41 -9.50
C VAL H 140 -28.90 32.28 -8.64
N ARG H 141 -28.57 32.61 -7.39
CA ARG H 141 -28.05 31.63 -6.44
C ARG H 141 -29.22 30.86 -5.82
N VAL H 142 -28.92 30.07 -4.80
CA VAL H 142 -29.93 29.28 -4.09
C VAL H 142 -30.06 29.87 -2.70
N GLY H 143 -31.23 30.43 -2.40
CA GLY H 143 -31.51 31.03 -1.10
C GLY H 143 -31.52 32.55 -1.10
N ASP H 144 -31.16 33.19 -2.21
CA ASP H 144 -31.15 34.64 -2.27
C ASP H 144 -32.57 35.19 -2.37
N ASP H 145 -32.71 36.46 -2.01
CA ASP H 145 -34.02 37.10 -2.04
C ASP H 145 -34.43 37.42 -3.47
N LEU H 146 -35.65 37.05 -3.83
CA LEU H 146 -36.20 37.29 -5.16
C LEU H 146 -37.59 37.87 -5.05
N ILE H 147 -38.00 38.61 -6.08
CA ILE H 147 -39.33 39.18 -6.17
C ILE H 147 -39.92 38.85 -7.53
N LEU H 148 -41.24 38.67 -7.57
CA LEU H 148 -41.96 38.33 -8.78
C LEU H 148 -42.78 39.53 -9.24
N VAL H 149 -42.70 39.85 -10.53
CA VAL H 149 -43.39 40.98 -11.12
C VAL H 149 -44.28 40.48 -12.24
N SER H 150 -45.53 40.93 -12.25
CA SER H 150 -46.45 40.54 -13.31
C SER H 150 -46.13 41.30 -14.60
N VAL H 151 -46.56 40.71 -15.72
CA VAL H 151 -46.31 41.30 -17.03
C VAL H 151 -47.54 42.04 -17.51
N SER H 152 -48.72 41.49 -17.22
CA SER H 152 -49.97 42.08 -17.67
C SER H 152 -50.46 43.20 -16.76
N SER H 153 -50.16 43.13 -15.46
CA SER H 153 -50.60 44.13 -14.51
C SER H 153 -49.47 44.91 -13.85
N GLU H 154 -48.22 44.50 -14.04
CA GLU H 154 -47.06 45.18 -13.46
C GLU H 154 -47.18 45.27 -11.94
N ARG H 155 -47.64 44.19 -11.32
CA ARG H 155 -47.84 44.14 -9.87
C ARG H 155 -46.92 43.10 -9.26
N TYR H 156 -46.74 43.18 -7.96
CA TYR H 156 -45.87 42.29 -7.20
C TYR H 156 -46.68 41.24 -6.46
N LEU H 157 -45.99 40.20 -6.00
CA LEU H 157 -46.59 39.13 -5.22
C LEU H 157 -46.08 39.23 -3.79
N HIS H 158 -46.96 39.64 -2.88
CA HIS H 158 -46.61 39.83 -1.48
C HIS H 158 -47.65 39.14 -0.60
N LEU H 159 -47.43 39.19 0.71
CA LEU H 159 -48.32 38.60 1.69
C LEU H 159 -49.23 39.67 2.28
N SER H 160 -50.44 39.26 2.66
CA SER H 160 -51.44 40.14 3.23
C SER H 160 -51.82 39.63 4.61
N THR H 161 -51.41 40.35 5.65
CA THR H 161 -51.73 39.99 7.03
C THR H 161 -52.84 40.87 7.61
N ALA H 162 -53.57 41.60 6.77
CA ALA H 162 -54.64 42.45 7.26
C ALA H 162 -55.84 41.63 7.72
N SER H 163 -56.05 40.45 7.14
CA SER H 163 -57.15 39.59 7.53
C SER H 163 -56.73 38.66 8.67
N GLY H 164 -57.59 37.72 9.03
CA GLY H 164 -57.26 36.80 10.10
C GLY H 164 -56.25 35.75 9.66
N GLU H 165 -56.40 35.22 8.45
CA GLU H 165 -55.50 34.21 7.93
C GLU H 165 -54.37 34.87 7.14
N LEU H 166 -53.51 34.05 6.56
CA LEU H 166 -52.37 34.50 5.77
C LEU H 166 -52.64 34.21 4.31
N GLN H 167 -52.90 35.25 3.52
CA GLN H 167 -53.21 35.12 2.11
C GLN H 167 -52.26 35.99 1.28
N VAL H 168 -51.89 35.49 0.11
CA VAL H 168 -51.01 36.19 -0.81
C VAL H 168 -51.85 36.84 -1.90
N ASP H 169 -51.62 38.12 -2.16
CA ASP H 169 -52.35 38.88 -3.16
C ASP H 169 -51.36 39.54 -4.11
N ALA H 170 -51.90 40.08 -5.20
CA ALA H 170 -51.12 40.80 -6.20
C ALA H 170 -51.37 42.29 -6.06
N SER H 171 -50.43 42.99 -5.44
CA SER H 171 -50.55 44.43 -5.22
C SER H 171 -49.24 45.08 -5.62
N PHE H 172 -48.96 46.26 -5.04
CA PHE H 172 -47.75 47.01 -5.35
C PHE H 172 -46.69 46.89 -4.28
N MET H 173 -47.01 46.34 -3.11
CA MET H 173 -46.01 46.14 -2.07
C MET H 173 -45.07 45.01 -2.44
N GLN H 174 -43.81 45.14 -2.07
CA GLN H 174 -42.77 44.18 -2.42
C GLN H 174 -42.32 43.43 -1.18
N THR H 175 -42.17 42.12 -1.31
CA THR H 175 -41.62 41.27 -0.26
C THR H 175 -40.67 40.27 -0.89
N LEU H 176 -39.62 39.92 -0.16
CA LEU H 176 -38.64 38.97 -0.64
C LEU H 176 -39.23 37.56 -0.66
N TRP H 177 -38.80 36.76 -1.64
CA TRP H 177 -39.23 35.39 -1.78
C TRP H 177 -38.02 34.48 -1.94
N ASN H 178 -38.09 33.30 -1.34
CA ASN H 178 -37.02 32.31 -1.43
C ASN H 178 -37.38 31.24 -2.45
N MET H 179 -36.37 30.45 -2.83
CA MET H 179 -36.56 29.40 -3.81
C MET H 179 -35.61 28.25 -3.50
N ASN H 180 -36.16 27.04 -3.38
CA ASN H 180 -35.37 25.86 -3.10
C ASN H 180 -35.66 24.81 -4.17
N PRO H 181 -34.64 24.27 -4.84
CA PRO H 181 -34.88 23.25 -5.85
C PRO H 181 -35.30 21.92 -5.21
N ILE H 182 -36.38 21.34 -5.73
CA ILE H 182 -36.91 20.10 -5.19
C ILE H 182 -36.47 18.94 -6.06
N CYS H 183 -36.84 18.96 -7.34
CA CYS H 183 -36.52 17.88 -8.28
C CYS H 183 -35.84 18.48 -9.49
N SER H 184 -34.74 17.84 -9.91
CA SER H 184 -34.00 18.23 -11.10
C SER H 184 -33.95 17.05 -12.08
N GLY H 185 -33.17 17.22 -13.14
CA GLY H 185 -33.03 16.18 -14.14
C GLY H 185 -32.32 14.95 -13.61
N CYS H 186 -33.05 13.85 -13.50
CA CYS H 186 -32.52 12.60 -12.99
C CYS H 186 -32.57 11.53 -14.08
N GLU H 187 -31.67 10.56 -13.98
CA GLU H 187 -31.60 9.48 -14.96
C GLU H 187 -32.72 8.48 -14.73
N GLU H 188 -33.15 7.84 -15.82
CA GLU H 188 -34.22 6.87 -15.74
C GLU H 188 -33.74 5.58 -15.09
N GLY H 189 -34.71 4.75 -14.68
CA GLY H 189 -34.39 3.48 -14.07
C GLY H 189 -33.85 3.56 -12.66
N TYR H 190 -33.80 4.74 -12.06
CA TYR H 190 -33.28 4.93 -10.72
C TYR H 190 -34.35 5.55 -9.84
N VAL H 191 -34.55 4.98 -8.65
CA VAL H 191 -35.57 5.47 -7.74
C VAL H 191 -35.11 6.79 -7.13
N THR H 192 -35.98 7.79 -7.15
CA THR H 192 -35.70 9.10 -6.57
C THR H 192 -36.86 9.52 -5.68
N GLY H 193 -36.62 10.56 -4.89
CA GLY H 193 -37.65 11.04 -3.99
C GLY H 193 -38.76 11.78 -4.72
N GLY H 194 -39.95 11.73 -4.14
CA GLY H 194 -41.12 12.38 -4.70
C GLY H 194 -41.91 11.54 -5.67
N HIS H 195 -41.38 10.41 -6.13
CA HIS H 195 -42.10 9.57 -7.08
C HIS H 195 -43.19 8.78 -6.37
N VAL H 196 -44.13 8.27 -7.16
CA VAL H 196 -45.24 7.46 -6.68
C VAL H 196 -45.17 6.11 -7.38
N LEU H 197 -44.77 5.08 -6.65
CA LEU H 197 -44.57 3.75 -7.20
C LEU H 197 -45.27 2.73 -6.31
N ARG H 198 -45.21 1.46 -6.72
CA ARG H 198 -45.82 0.36 -6.00
C ARG H 198 -44.77 -0.37 -5.15
N LEU H 199 -45.27 -1.25 -4.28
CA LEU H 199 -44.42 -2.06 -3.40
C LEU H 199 -44.82 -3.52 -3.58
N PHE H 200 -44.19 -4.18 -4.55
CA PHE H 200 -44.48 -5.58 -4.83
C PHE H 200 -43.71 -6.46 -3.86
N HIS H 201 -44.41 -7.38 -3.21
CA HIS H 201 -43.82 -8.30 -2.24
C HIS H 201 -43.85 -9.71 -2.80
N GLY H 202 -42.67 -10.32 -2.91
CA GLY H 202 -42.56 -11.67 -3.41
C GLY H 202 -42.31 -11.73 -4.91
N HIS H 203 -42.00 -12.94 -5.39
CA HIS H 203 -41.75 -13.14 -6.81
C HIS H 203 -43.04 -13.07 -7.62
N MET H 204 -44.18 -13.40 -7.00
CA MET H 204 -45.46 -13.35 -7.69
C MET H 204 -45.93 -11.91 -7.84
N ASP H 205 -47.09 -11.74 -8.47
CA ASP H 205 -47.66 -10.40 -8.70
C ASP H 205 -48.51 -9.97 -7.51
N GLU H 206 -47.86 -9.92 -6.34
CA GLU H 206 -48.50 -9.50 -5.10
C GLU H 206 -47.89 -8.18 -4.65
N CYS H 207 -48.76 -7.22 -4.33
CA CYS H 207 -48.34 -5.89 -3.92
C CYS H 207 -48.93 -5.53 -2.56
N LEU H 208 -48.32 -4.55 -1.92
CA LEU H 208 -48.78 -4.06 -0.62
C LEU H 208 -49.94 -3.09 -0.84
N THR H 209 -51.14 -3.47 -0.41
CA THR H 209 -52.32 -2.66 -0.61
C THR H 209 -53.15 -2.62 0.66
N ILE H 210 -54.16 -1.75 0.67
CA ILE H 210 -55.09 -1.62 1.77
C ILE H 210 -56.48 -2.01 1.27
N SER H 211 -57.38 -2.28 2.22
CA SER H 211 -58.75 -2.64 1.88
C SER H 211 -59.42 -1.52 1.09
N PRO H 212 -60.43 -1.86 0.28
CA PRO H 212 -61.10 -0.83 -0.53
C PRO H 212 -61.81 0.24 0.27
N ALA H 213 -61.80 0.16 1.61
CA ALA H 213 -62.40 1.16 2.49
C ALA H 213 -63.90 1.33 2.25
N ASP H 214 -64.57 0.30 1.73
CA ASP H 214 -66.01 0.38 1.52
C ASP H 214 -66.78 0.21 2.82
N SER H 215 -66.22 -0.54 3.79
CA SER H 215 -66.88 -0.74 5.07
C SER H 215 -66.62 0.46 5.99
N ASP H 216 -67.25 0.43 7.17
CA ASP H 216 -67.10 1.50 8.14
C ASP H 216 -65.82 1.40 8.97
N ASP H 217 -65.01 0.38 8.74
CA ASP H 217 -63.77 0.22 9.49
C ASP H 217 -62.76 1.29 9.09
N GLN H 218 -61.83 1.58 10.00
CA GLN H 218 -60.80 2.57 9.74
C GLN H 218 -59.79 2.11 8.70
N ARG H 219 -59.64 0.80 8.50
CA ARG H 219 -58.73 0.24 7.51
C ARG H 219 -57.29 0.68 7.76
N ARG H 220 -56.89 0.70 9.03
CA ARG H 220 -55.54 1.09 9.40
C ARG H 220 -54.53 -0.05 9.27
N LEU H 221 -54.99 -1.27 9.03
CA LEU H 221 -54.10 -2.40 8.90
C LEU H 221 -53.54 -2.48 7.48
N VAL H 222 -52.53 -3.34 7.31
CA VAL H 222 -51.87 -3.55 6.03
C VAL H 222 -52.16 -4.97 5.57
N TYR H 223 -52.67 -5.11 4.35
CA TYR H 223 -53.03 -6.39 3.77
C TYR H 223 -52.17 -6.65 2.54
N TYR H 224 -52.36 -7.84 1.95
CA TYR H 224 -51.64 -8.25 0.75
C TYR H 224 -52.58 -9.04 -0.14
N GLU H 225 -52.70 -8.62 -1.39
CA GLU H 225 -53.56 -9.29 -2.37
C GLU H 225 -52.71 -9.79 -3.53
N GLY H 226 -53.21 -10.82 -4.21
CA GLY H 226 -52.48 -11.43 -5.30
C GLY H 226 -52.51 -10.64 -6.59
N GLY H 227 -52.66 -11.34 -7.72
CA GLY H 227 -52.63 -10.69 -9.02
C GLY H 227 -53.94 -10.03 -9.40
N SER H 228 -54.37 -9.06 -8.60
CA SER H 228 -55.60 -8.31 -8.89
C SER H 228 -55.52 -6.83 -8.56
N VAL H 229 -54.60 -6.40 -7.69
CA VAL H 229 -54.48 -4.98 -7.34
C VAL H 229 -53.44 -4.25 -8.18
N CYS H 230 -52.86 -4.92 -9.18
CA CYS H 230 -51.87 -4.27 -10.03
C CYS H 230 -52.47 -3.19 -10.92
N THR H 231 -53.79 -3.19 -11.10
CA THR H 231 -54.46 -2.20 -11.92
C THR H 231 -55.11 -1.08 -11.10
N HIS H 232 -55.59 -1.39 -9.90
CA HIS H 232 -56.25 -0.39 -9.08
C HIS H 232 -55.24 0.66 -8.59
N ALA H 233 -55.77 1.71 -7.96
CA ALA H 233 -54.97 2.82 -7.48
C ALA H 233 -54.56 2.67 -6.02
N ARG H 234 -55.01 1.61 -5.34
CA ARG H 234 -54.66 1.40 -3.94
C ARG H 234 -53.23 0.92 -3.75
N SER H 235 -52.54 0.56 -4.83
CA SER H 235 -51.16 0.08 -4.75
C SER H 235 -50.13 1.19 -4.92
N LEU H 236 -50.58 2.44 -4.98
CA LEU H 236 -49.67 3.57 -5.19
C LEU H 236 -49.20 4.12 -3.85
N TRP H 237 -47.91 4.41 -3.77
CA TRP H 237 -47.31 4.95 -2.56
C TRP H 237 -46.25 5.97 -2.94
N ARG H 238 -46.25 7.09 -2.22
CA ARG H 238 -45.31 8.18 -2.47
C ARG H 238 -44.19 8.17 -1.43
N LEU H 239 -42.98 8.45 -1.89
CA LEU H 239 -41.81 8.50 -1.03
C LEU H 239 -41.44 9.94 -0.73
N GLU H 240 -41.14 10.22 0.54
CA GLU H 240 -40.81 11.56 0.98
C GLU H 240 -39.71 11.51 2.03
N PRO H 241 -38.59 12.19 1.80
CA PRO H 241 -37.48 12.17 2.77
C PRO H 241 -37.78 13.06 3.96
N LEU H 242 -36.80 13.14 4.88
CA LEU H 242 -36.97 13.94 6.08
C LEU H 242 -36.78 15.42 5.80
N ARG H 243 -35.67 15.80 5.16
CA ARG H 243 -35.40 17.19 4.88
C ARG H 243 -36.32 17.72 3.78
N ILE H 244 -36.50 19.03 3.76
CA ILE H 244 -37.37 19.66 2.78
C ILE H 244 -36.60 20.08 1.53
N SER H 245 -35.34 20.51 1.69
CA SER H 245 -34.54 20.91 0.55
C SER H 245 -33.96 19.68 -0.15
N TRP H 246 -33.92 19.74 -1.49
CA TRP H 246 -33.45 18.62 -2.32
C TRP H 246 -34.22 17.34 -2.00
N SER H 247 -35.54 17.46 -1.90
CA SER H 247 -36.38 16.30 -1.57
C SER H 247 -36.44 15.29 -2.71
N GLY H 248 -36.22 15.72 -3.94
CA GLY H 248 -36.28 14.83 -5.08
C GLY H 248 -34.96 14.17 -5.42
N SER H 249 -34.02 14.20 -4.47
CA SER H 249 -32.72 13.59 -4.69
C SER H 249 -32.85 12.06 -4.67
N HIS H 250 -31.80 11.39 -5.15
CA HIS H 250 -31.79 9.94 -5.19
C HIS H 250 -31.71 9.38 -3.77
N LEU H 251 -32.64 8.49 -3.44
CA LEU H 251 -32.71 7.89 -2.11
C LEU H 251 -31.62 6.83 -2.01
N ARG H 252 -30.46 7.24 -1.50
CA ARG H 252 -29.35 6.32 -1.35
C ARG H 252 -29.59 5.38 -0.16
N TRP H 253 -28.79 4.32 -0.10
CA TRP H 253 -28.90 3.33 0.98
C TRP H 253 -28.40 3.94 2.28
N GLY H 254 -29.31 4.14 3.24
CA GLY H 254 -28.95 4.71 4.52
C GLY H 254 -29.44 6.12 4.71
N GLN H 255 -30.63 6.42 4.18
CA GLN H 255 -31.22 7.75 4.30
C GLN H 255 -32.62 7.61 4.91
N PRO H 256 -32.95 8.43 5.90
CA PRO H 256 -34.29 8.32 6.51
C PRO H 256 -35.36 8.92 5.60
N LEU H 257 -36.49 8.23 5.54
CA LEU H 257 -37.61 8.66 4.70
C LEU H 257 -38.91 8.16 5.32
N ARG H 258 -40.01 8.80 4.92
CA ARG H 258 -41.34 8.46 5.39
C ARG H 258 -42.20 8.05 4.21
N ILE H 259 -42.82 6.87 4.29
CA ILE H 259 -43.68 6.37 3.22
C ILE H 259 -45.05 7.03 3.34
N ARG H 260 -45.56 7.52 2.21
CA ARG H 260 -46.83 8.21 2.16
C ARG H 260 -47.74 7.58 1.10
N HIS H 261 -49.01 7.47 1.42
CA HIS H 261 -50.01 6.94 0.49
C HIS H 261 -50.78 8.09 -0.14
N VAL H 262 -50.97 8.01 -1.46
CA VAL H 262 -51.67 9.06 -2.18
C VAL H 262 -53.18 8.81 -2.23
N THR H 263 -53.61 7.55 -2.12
CA THR H 263 -55.03 7.23 -2.19
C THR H 263 -55.72 7.29 -0.83
N THR H 264 -54.96 7.16 0.27
CA THR H 264 -55.52 7.25 1.61
C THR H 264 -55.25 8.58 2.29
N GLY H 265 -54.14 9.23 1.96
CA GLY H 265 -53.82 10.51 2.56
C GLY H 265 -53.34 10.43 4.00
N ARG H 266 -52.54 9.43 4.32
CA ARG H 266 -52.04 9.25 5.67
C ARG H 266 -50.68 8.56 5.60
N TYR H 267 -50.14 8.19 6.76
CA TYR H 267 -48.84 7.54 6.85
C TYR H 267 -48.95 6.28 7.69
N LEU H 268 -48.09 5.32 7.40
CA LEU H 268 -48.01 4.07 8.16
C LEU H 268 -46.73 4.06 8.97
N ALA H 269 -46.83 3.60 10.21
CA ALA H 269 -45.68 3.57 11.12
C ALA H 269 -46.02 2.68 12.30
N LEU H 270 -44.98 2.17 12.95
CA LEU H 270 -45.12 1.33 14.14
C LEU H 270 -45.27 2.23 15.35
N ILE H 271 -46.46 2.21 15.96
CA ILE H 271 -46.75 3.03 17.13
C ILE H 271 -46.89 2.11 18.33
N GLU H 272 -46.69 2.68 19.52
CA GLU H 272 -46.79 1.92 20.76
C GLU H 272 -48.22 1.61 21.15
N ASP H 273 -49.20 2.13 20.42
CA ASP H 273 -50.61 1.90 20.73
C ASP H 273 -51.15 0.62 20.11
N GLN H 274 -51.01 0.49 18.78
CA GLN H 274 -51.53 -0.67 18.06
C GLN H 274 -50.53 -1.23 17.06
N GLY H 275 -49.23 -1.02 17.30
CA GLY H 275 -48.23 -1.52 16.37
C GLY H 275 -48.18 -0.68 15.10
N LEU H 276 -47.96 -1.37 13.98
CA LEU H 276 -47.92 -0.71 12.67
C LEU H 276 -49.36 -0.48 12.20
N VAL H 277 -49.75 0.79 12.11
CA VAL H 277 -51.10 1.18 11.68
C VAL H 277 -50.99 2.41 10.80
N VAL H 278 -52.03 2.62 9.99
CA VAL H 278 -52.12 3.81 9.16
C VAL H 278 -52.60 4.98 10.02
N VAL H 279 -51.74 5.97 10.21
CA VAL H 279 -52.03 7.12 11.06
C VAL H 279 -52.04 8.37 10.20
N ASP H 280 -52.97 9.27 10.48
CA ASP H 280 -53.08 10.52 9.74
C ASP H 280 -51.88 11.43 10.06
N ALA H 281 -51.74 12.47 9.25
CA ALA H 281 -50.62 13.40 9.41
C ALA H 281 -50.71 14.20 10.71
N SER H 282 -51.91 14.34 11.28
CA SER H 282 -52.06 15.12 12.50
C SER H 282 -51.50 14.37 13.70
N LYS H 283 -51.90 13.11 13.87
CA LYS H 283 -51.46 12.31 15.01
C LYS H 283 -50.06 11.74 14.84
N ALA H 284 -49.50 11.78 13.63
CA ALA H 284 -48.19 11.21 13.39
C ALA H 284 -47.11 12.13 13.96
N HIS H 285 -45.85 11.71 13.79
CA HIS H 285 -44.71 12.49 14.27
C HIS H 285 -43.49 12.24 13.40
N THR H 286 -42.29 12.28 14.02
CA THR H 286 -41.05 12.13 13.27
C THR H 286 -40.15 11.08 13.93
N LYS H 287 -40.32 10.88 15.24
CA LYS H 287 -39.44 9.98 15.97
C LYS H 287 -39.62 8.53 15.51
N ALA H 288 -40.84 8.01 15.62
CA ALA H 288 -41.14 6.63 15.29
C ALA H 288 -42.01 6.52 14.04
N THR H 289 -41.76 7.37 13.05
CA THR H 289 -42.49 7.34 11.80
C THR H 289 -41.63 7.24 10.56
N SER H 290 -40.33 7.50 10.65
CA SER H 290 -39.43 7.44 9.51
C SER H 290 -38.91 6.03 9.30
N PHE H 291 -38.54 5.72 8.06
CA PHE H 291 -38.01 4.41 7.72
C PHE H 291 -36.70 4.55 6.96
N CYS H 292 -36.16 3.42 6.48
CA CYS H 292 -34.91 3.43 5.74
C CYS H 292 -34.86 2.21 4.83
N PHE H 293 -34.03 2.30 3.80
CA PHE H 293 -33.86 1.24 2.81
C PHE H 293 -32.47 0.64 2.97
N ARG H 294 -32.39 -0.49 3.67
CA ARG H 294 -31.13 -1.18 3.89
C ARG H 294 -30.85 -2.14 2.73
N ILE H 295 -29.62 -2.68 2.73
CA ILE H 295 -29.22 -3.62 1.68
C ILE H 295 -29.63 -5.04 2.03
N SER H 296 -29.59 -5.40 3.31
CA SER H 296 -29.97 -6.74 3.75
C SER H 296 -30.33 -6.67 5.23
N LYS H 297 -30.71 -7.81 5.79
CA LYS H 297 -31.10 -7.91 7.20
C LYS H 297 -29.84 -8.08 8.04
N GLU H 298 -29.25 -6.96 8.45
CA GLU H 298 -28.04 -6.96 9.26
C GLU H 298 -28.16 -5.84 10.29
N LYS H 299 -27.06 -5.56 10.99
CA LYS H 299 -27.03 -4.52 12.00
C LYS H 299 -26.74 -3.17 11.34
N LEU H 300 -26.49 -2.16 12.15
CA LEU H 300 -26.21 -0.82 11.64
C LEU H 300 -24.77 -0.74 11.10
N LYS H 301 -23.97 9.26 8.40
CA LYS H 301 -24.80 9.89 7.37
C LYS H 301 -24.05 11.04 6.69
N ARG H 302 -24.01 11.01 5.36
CA ARG H 302 -23.31 12.04 4.61
C ARG H 302 -24.15 13.31 4.53
N ASP H 303 -25.35 13.22 3.97
CA ASP H 303 -26.28 14.35 3.81
C ASP H 303 -25.62 15.49 3.03
N VAL H 304 -25.45 15.24 1.72
CA VAL H 304 -24.84 16.18 0.80
C VAL H 304 -25.93 16.72 -0.11
N GLU H 305 -25.85 18.02 -0.41
CA GLU H 305 -26.83 18.64 -1.29
C GLU H 305 -26.62 18.20 -2.73
N GLY H 306 -27.66 18.38 -3.54
CA GLY H 306 -27.62 18.00 -4.93
C GLY H 306 -28.19 16.61 -5.18
N MET H 307 -27.80 16.05 -6.31
CA MET H 307 -28.26 14.72 -6.70
C MET H 307 -27.56 13.64 -5.88
N GLY H 308 -28.28 12.55 -5.64
CA GLY H 308 -27.73 11.45 -4.88
C GLY H 308 -27.06 10.42 -5.75
N PRO H 309 -26.41 9.43 -5.13
CA PRO H 309 -25.74 8.38 -5.90
C PRO H 309 -26.74 7.49 -6.61
N PRO H 310 -26.52 7.18 -7.88
CA PRO H 310 -27.45 6.30 -8.60
C PRO H 310 -27.25 4.83 -8.26
N GLU H 311 -27.22 4.50 -6.97
CA GLU H 311 -27.02 3.12 -6.56
C GLU H 311 -28.31 2.32 -6.67
N ILE H 312 -29.42 2.89 -6.19
CA ILE H 312 -30.71 2.21 -6.26
C ILE H 312 -31.19 2.19 -7.70
N LYS H 313 -31.69 1.02 -8.14
CA LYS H 313 -32.13 0.83 -9.52
C LYS H 313 -33.42 0.05 -9.53
N TYR H 314 -34.30 0.38 -10.48
CA TYR H 314 -35.56 -0.33 -10.63
C TYR H 314 -35.32 -1.73 -11.17
N GLY H 315 -36.29 -2.61 -10.92
CA GLY H 315 -36.24 -3.97 -11.43
C GLY H 315 -35.46 -4.92 -10.56
N GLU H 316 -34.36 -4.45 -9.98
CA GLU H 316 -33.48 -5.27 -9.15
C GLU H 316 -33.20 -4.56 -7.83
N SER H 317 -34.26 -4.06 -7.20
CA SER H 317 -34.13 -3.37 -5.92
C SER H 317 -33.86 -4.36 -4.80
N LEU H 318 -34.86 -5.18 -4.46
CA LEU H 318 -34.75 -6.19 -3.40
C LEU H 318 -34.35 -5.55 -2.07
N CYS H 319 -34.95 -4.42 -1.76
CA CYS H 319 -34.65 -3.70 -0.54
C CYS H 319 -35.40 -4.32 0.65
N PHE H 320 -34.94 -3.97 1.85
CA PHE H 320 -35.54 -4.44 3.10
C PHE H 320 -35.75 -3.23 4.00
N VAL H 321 -36.98 -2.76 4.08
CA VAL H 321 -37.29 -1.57 4.88
C VAL H 321 -37.46 -1.99 6.34
N GLN H 322 -36.94 -1.17 7.24
CA GLN H 322 -37.03 -1.41 8.68
C GLN H 322 -37.27 -0.08 9.38
N HIS H 323 -37.29 -0.12 10.71
CA HIS H 323 -37.47 1.07 11.52
C HIS H 323 -36.13 1.66 11.94
N VAL H 324 -36.10 2.98 12.11
CA VAL H 324 -34.87 3.65 12.48
C VAL H 324 -34.62 3.51 13.99
N ALA H 325 -35.68 3.47 14.79
CA ALA H 325 -35.54 3.36 16.24
C ALA H 325 -35.36 1.91 16.66
N SER H 326 -36.34 1.05 16.36
CA SER H 326 -36.26 -0.34 16.76
C SER H 326 -35.49 -1.18 15.75
N GLY H 327 -35.98 -1.24 14.51
CA GLY H 327 -35.34 -2.02 13.48
C GLY H 327 -36.15 -3.23 13.06
N LEU H 328 -37.47 -3.15 13.21
CA LEU H 328 -38.34 -4.26 12.86
C LEU H 328 -38.46 -4.37 11.34
N TRP H 329 -37.97 -5.47 10.79
CA TRP H 329 -38.03 -5.68 9.36
C TRP H 329 -39.43 -6.09 8.92
N LEU H 330 -39.75 -5.82 7.66
CA LEU H 330 -41.07 -6.15 7.13
C LEU H 330 -41.18 -7.65 6.88
N THR H 331 -42.34 -8.21 7.22
CA THR H 331 -42.59 -9.63 7.03
C THR H 331 -44.09 -9.88 7.12
N TYR H 332 -44.52 -10.97 6.48
CA TYR H 332 -45.93 -11.35 6.49
C TYR H 332 -46.20 -12.29 7.66
N ALA H 333 -47.40 -12.88 7.70
CA ALA H 333 -47.78 -13.80 8.75
C ALA H 333 -48.37 -15.06 8.14
N ALA H 334 -48.41 -16.13 8.93
CA ALA H 334 -48.95 -17.40 8.49
C ALA H 334 -49.85 -18.02 9.56
N LEU H 335 -57.31 -14.73 0.63
CA LEU H 335 -56.00 -14.88 1.27
C LEU H 335 -55.34 -13.52 1.50
N LYS H 336 -55.75 -12.84 2.57
CA LYS H 336 -55.22 -11.53 2.94
C LYS H 336 -54.69 -11.62 4.37
N LYS H 337 -53.42 -11.99 4.50
CA LYS H 337 -52.81 -12.12 5.82
C LYS H 337 -52.52 -10.75 6.41
N LYS H 338 -52.26 -10.74 7.72
CA LYS H 338 -51.97 -9.51 8.44
C LYS H 338 -50.46 -9.24 8.43
N ALA H 339 -50.09 -7.99 8.20
CA ALA H 339 -48.69 -7.58 8.19
C ALA H 339 -48.28 -7.23 9.61
N ILE H 340 -47.47 -8.09 10.22
CA ILE H 340 -47.00 -7.91 11.59
C ILE H 340 -45.47 -7.84 11.56
N LEU H 341 -44.92 -6.94 12.36
CA LEU H 341 -43.48 -6.76 12.45
C LEU H 341 -42.90 -7.61 13.57
N HIS H 342 -41.77 -8.25 13.30
CA HIS H 342 -41.10 -9.10 14.27
C HIS H 342 -39.65 -8.67 14.42
N GLN H 343 -39.07 -8.98 15.58
CA GLN H 343 -37.68 -8.61 15.83
C GLN H 343 -36.72 -9.46 14.99
N GLU H 344 -36.91 -10.79 15.02
CA GLU H 344 -36.04 -11.67 14.25
C GLU H 344 -36.39 -11.66 12.76
N GLY H 345 -37.65 -11.48 12.41
CA GLY H 345 -38.06 -11.45 11.02
C GLY H 345 -38.12 -12.85 10.42
N HIS H 346 -38.20 -12.86 9.09
CA HIS H 346 -38.26 -14.11 8.34
C HIS H 346 -37.59 -13.92 6.99
N MET H 347 -37.15 -15.03 6.42
CA MET H 347 -36.49 -15.03 5.12
C MET H 347 -37.55 -15.08 4.01
N ASP H 348 -37.10 -15.28 2.77
CA ASP H 348 -37.97 -15.38 1.60
C ASP H 348 -38.80 -14.12 1.39
N ASP H 349 -38.32 -12.97 1.85
CA ASP H 349 -39.01 -11.70 1.68
C ASP H 349 -38.33 -10.89 0.59
N ALA H 350 -39.14 -10.28 -0.27
CA ALA H 350 -38.63 -9.48 -1.39
C ALA H 350 -39.48 -8.23 -1.54
N LEU H 351 -38.86 -7.16 -2.04
CA LEU H 351 -39.52 -5.90 -2.29
C LEU H 351 -39.14 -5.43 -3.69
N SER H 352 -40.06 -5.60 -4.64
CA SER H 352 -39.83 -5.22 -6.03
C SER H 352 -40.37 -3.82 -6.27
N LEU H 353 -39.47 -2.85 -6.46
CA LEU H 353 -39.88 -1.47 -6.71
C LEU H 353 -40.24 -1.32 -8.18
N THR H 354 -41.54 -1.12 -8.43
CA THR H 354 -42.06 -0.95 -9.79
C THR H 354 -42.75 0.40 -9.88
N ARG H 355 -42.30 1.24 -10.81
CA ARG H 355 -42.88 2.57 -11.00
C ARG H 355 -44.02 2.49 -12.01
N CYS H 356 -45.07 3.26 -11.74
CA CYS H 356 -46.24 3.31 -12.60
C CYS H 356 -46.18 4.57 -13.47
N GLN H 357 -47.20 4.73 -14.32
CA GLN H 357 -47.27 5.88 -15.20
C GLN H 357 -47.73 7.11 -14.43
N GLN H 358 -47.43 8.29 -15.01
CA GLN H 358 -47.81 9.55 -14.38
C GLN H 358 -49.31 9.80 -14.44
N GLU H 359 -50.01 9.20 -15.42
CA GLU H 359 -51.45 9.40 -15.52
C GLU H 359 -52.20 8.75 -14.38
N GLU H 360 -51.65 7.68 -13.81
CA GLU H 360 -52.30 7.03 -12.67
C GLU H 360 -51.99 7.75 -11.36
N SER H 361 -50.79 8.31 -11.23
CA SER H 361 -50.45 9.04 -10.01
C SER H 361 -51.23 10.35 -9.91
N GLN H 362 -51.46 11.01 -11.05
CA GLN H 362 -52.23 12.25 -11.05
C GLN H 362 -53.69 11.99 -10.71
N ALA H 363 -54.24 10.87 -11.20
CA ALA H 363 -55.62 10.54 -10.90
C ALA H 363 -55.82 10.16 -9.44
N ALA H 364 -54.77 9.64 -8.79
CA ALA H 364 -54.88 9.27 -7.39
C ALA H 364 -55.06 10.50 -6.50
N ARG H 365 -54.35 11.59 -6.82
CA ARG H 365 -54.49 12.82 -6.04
C ARG H 365 -55.85 13.47 -6.26
N MET H 366 -56.41 13.35 -7.49
CA MET H 366 -57.71 13.93 -7.76
C MET H 366 -58.82 13.23 -6.98
N ILE H 367 -58.68 11.92 -6.75
CA ILE H 367 -59.70 11.19 -6.01
C ILE H 367 -59.69 11.58 -4.55
N TYR H 368 -58.50 11.62 -3.92
CA TYR H 368 -58.42 11.96 -2.51
C TYR H 368 -58.79 13.41 -2.26
N SER H 369 -58.45 14.32 -3.19
CA SER H 369 -58.78 15.73 -2.99
C SER H 369 -60.27 15.97 -3.12
N THR H 370 -60.94 15.24 -4.03
CA THR H 370 -62.37 15.42 -4.20
C THR H 370 -63.18 14.67 -3.14
N ALA H 371 -62.68 13.52 -2.69
CA ALA H 371 -63.38 12.78 -1.64
C ALA H 371 -63.41 13.55 -0.33
N GLY H 372 -62.36 14.32 -0.04
CA GLY H 372 -62.37 15.15 1.16
C GLY H 372 -63.40 16.25 1.11
N LEU H 373 -63.66 16.79 -0.08
CA LEU H 373 -64.69 17.83 -0.21
C LEU H 373 -66.08 17.24 -0.11
N TYR H 374 -66.29 16.03 -0.65
CA TYR H 374 -67.59 15.39 -0.55
C TYR H 374 -67.90 14.97 0.87
N ASN H 375 -66.89 14.56 1.63
CA ASN H 375 -67.10 14.21 3.04
C ASN H 375 -67.55 15.42 3.85
N HIS H 376 -66.98 16.59 3.55
CA HIS H 376 -67.41 17.82 4.20
C HIS H 376 -68.77 18.29 3.69
N PHE H 377 -69.16 17.87 2.48
CA PHE H 377 -70.46 18.26 1.95
C PHE H 377 -71.57 17.38 2.50
N ILE H 378 -71.31 16.09 2.69
CA ILE H 378 -72.32 15.19 3.24
C ILE H 378 -72.55 15.49 4.72
N LYS H 379 -71.48 15.67 5.48
CA LYS H 379 -71.61 15.98 6.90
C LYS H 379 -72.22 17.36 7.12
N GLY H 380 -72.03 18.28 6.17
CA GLY H 380 -72.62 19.60 6.30
C GLY H 380 -74.12 19.61 6.11
N LEU H 381 -74.65 18.75 5.24
CA LEU H 381 -76.08 18.69 5.01
C LEU H 381 -76.83 18.12 6.22
N ASP H 382 -76.17 17.24 6.98
CA ASP H 382 -76.80 16.63 8.15
C ASP H 382 -76.97 17.61 9.30
N SER H 383 -76.35 18.78 9.24
CA SER H 383 -76.46 19.75 10.33
C SER H 383 -77.79 20.49 10.31
N PHE H 384 -78.43 20.58 9.15
CA PHE H 384 -79.71 21.28 9.03
C PHE H 384 -80.77 20.43 8.34
N SER H 385 -80.62 19.11 8.36
CA SER H 385 -81.57 18.21 7.73
C SER H 385 -82.65 17.74 8.71
N GLY H 386 -82.24 17.16 9.82
CA GLY H 386 -83.18 16.63 10.80
C GLY H 386 -83.82 17.70 11.66
N LYS H 387 -83.05 18.74 12.01
CA LYS H 387 -83.54 19.81 12.87
C LYS H 387 -83.78 21.08 12.04
N PRO H 388 -85.03 21.42 11.72
CA PRO H 388 -85.29 22.66 10.98
C PRO H 388 -85.06 23.88 11.86
N ARG H 389 -85.06 25.04 11.21
CA ARG H 389 -84.85 26.31 11.89
C ARG H 389 -85.82 27.34 11.35
N GLY H 390 -85.89 28.48 12.02
CA GLY H 390 -86.77 29.57 11.63
C GLY H 390 -86.14 30.44 10.55
N SER H 391 -86.76 31.60 10.35
CA SER H 391 -86.28 32.54 9.34
C SER H 391 -84.98 33.18 9.80
N GLY H 392 -83.97 33.16 8.94
CA GLY H 392 -82.69 33.77 9.24
C GLY H 392 -81.72 32.89 10.00
N ALA H 393 -82.08 31.64 10.29
CA ALA H 393 -81.21 30.74 11.03
C ALA H 393 -80.72 29.62 10.12
N PRO H 394 -79.44 29.61 9.75
CA PRO H 394 -78.95 28.52 8.88
C PRO H 394 -78.92 27.17 9.56
N ALA H 395 -78.98 27.11 10.89
CA ALA H 395 -78.98 25.87 11.65
C ALA H 395 -77.73 25.03 11.38
N GLY H 396 -76.61 25.69 11.14
CA GLY H 396 -75.37 24.97 10.89
C GLY H 396 -74.36 25.87 10.21
N THR H 397 -73.17 25.29 9.99
CA THR H 397 -72.10 26.02 9.33
C THR H 397 -72.39 26.17 7.84
N ALA H 398 -71.75 27.18 7.24
CA ALA H 398 -71.92 27.47 5.82
C ALA H 398 -71.10 26.48 5.01
N LEU H 399 -71.79 25.66 4.22
CA LEU H 399 -71.10 24.71 3.35
C LEU H 399 -70.37 25.45 2.23
N PRO H 400 -69.32 24.86 1.68
CA PRO H 400 -68.60 25.52 0.57
C PRO H 400 -69.45 25.55 -0.69
N LEU H 401 -69.54 26.73 -1.31
CA LEU H 401 -70.30 26.91 -2.54
C LEU H 401 -69.41 26.90 -3.77
N GLU H 402 -68.40 27.77 -3.81
CA GLU H 402 -67.52 27.85 -4.97
C GLU H 402 -66.61 26.64 -5.10
N GLY H 403 -66.36 25.92 -4.00
CA GLY H 403 -65.47 24.77 -4.07
C GLY H 403 -66.12 23.54 -4.68
N VAL H 404 -67.42 23.37 -4.49
CA VAL H 404 -68.11 22.19 -5.03
C VAL H 404 -68.61 22.40 -6.46
N ILE H 405 -68.99 23.64 -6.81
CA ILE H 405 -69.49 23.90 -8.15
C ILE H 405 -68.35 23.82 -9.17
N LEU H 406 -67.20 24.42 -8.85
CA LEU H 406 -66.07 24.40 -9.77
C LEU H 406 -65.41 23.03 -9.83
N SER H 407 -65.59 22.19 -8.80
CA SER H 407 -64.97 20.87 -8.82
C SER H 407 -65.68 19.94 -9.81
N LEU H 408 -67.00 20.01 -9.88
CA LEU H 408 -67.74 19.15 -10.80
C LEU H 408 -67.50 19.57 -12.24
N GLN H 409 -67.25 20.86 -12.49
CA GLN H 409 -67.02 21.32 -13.86
C GLN H 409 -65.72 20.76 -14.42
N ASP H 410 -64.68 20.67 -13.58
CA ASP H 410 -63.42 20.11 -14.04
C ASP H 410 -63.48 18.59 -14.19
N LEU H 411 -64.36 17.94 -13.43
CA LEU H 411 -64.52 16.50 -13.55
C LEU H 411 -65.31 16.11 -14.78
N ILE H 412 -66.21 16.97 -15.25
CA ILE H 412 -66.96 16.69 -16.47
C ILE H 412 -66.02 16.68 -17.67
N GLY H 413 -65.13 17.66 -17.76
CA GLY H 413 -64.15 17.72 -18.82
C GLY H 413 -63.00 16.75 -18.69
N TYR H 414 -62.97 15.96 -17.61
CA TYR H 414 -61.94 14.95 -17.40
C TYR H 414 -62.34 13.58 -17.89
N PHE H 415 -63.62 13.24 -17.84
CA PHE H 415 -64.13 11.97 -18.33
C PHE H 415 -64.87 12.12 -19.65
N GLU H 416 -64.57 13.17 -20.41
CA GLU H 416 -65.25 13.39 -21.68
C GLU H 416 -64.77 12.39 -22.72
N PRO H 417 -65.68 11.78 -23.48
CA PRO H 417 -65.25 10.85 -24.53
C PRO H 417 -64.46 11.58 -25.60
N PRO H 418 -63.54 10.89 -26.26
CA PRO H 418 -62.74 11.55 -27.29
C PRO H 418 -63.56 11.88 -28.52
N SER H 419 -63.04 12.83 -29.30
CA SER H 419 -63.72 13.26 -30.52
C SER H 419 -63.57 12.22 -31.62
N GLU H 420 -64.64 12.00 -32.37
CA GLU H 420 -64.63 11.04 -33.46
C GLU H 420 -63.89 11.53 -34.69
N GLU H 421 -63.51 12.81 -34.73
CA GLU H 421 -62.79 13.34 -35.88
C GLU H 421 -61.36 12.82 -35.97
N LEU H 422 -60.82 12.28 -34.86
CA LEU H 422 -59.46 11.77 -34.87
C LEU H 422 -59.39 10.47 -35.68
N GLN H 423 -58.16 10.03 -35.93
CA GLN H 423 -57.94 8.81 -36.68
C GLN H 423 -58.28 7.59 -35.82
N HIS H 424 -58.34 6.42 -36.48
CA HIS H 424 -58.70 5.20 -35.77
C HIS H 424 -57.61 4.78 -34.79
N GLU H 425 -56.35 5.08 -35.07
CA GLU H 425 -55.27 4.71 -34.16
C GLU H 425 -55.32 5.55 -32.89
N GLU H 426 -55.47 6.87 -33.04
CA GLU H 426 -55.54 7.73 -31.87
C GLU H 426 -56.84 7.58 -31.11
N LYS H 427 -57.91 7.12 -31.76
CA LYS H 427 -59.18 6.93 -31.07
C LYS H 427 -59.11 5.78 -30.08
N GLN H 428 -58.43 4.69 -30.44
CA GLN H 428 -58.31 3.55 -29.54
C GLN H 428 -57.40 3.87 -28.36
N SER H 429 -56.39 4.73 -28.57
CA SER H 429 -55.51 5.09 -27.47
C SER H 429 -56.22 5.94 -26.42
N LYS H 430 -57.09 6.85 -26.87
CA LYS H 430 -57.84 7.67 -25.93
C LYS H 430 -58.90 6.86 -25.20
N LEU H 431 -59.48 5.85 -25.85
CA LEU H 431 -60.47 5.01 -25.20
C LEU H 431 -59.83 4.15 -24.12
N ARG H 432 -58.57 3.74 -24.29
CA ARG H 432 -57.89 2.97 -23.27
C ARG H 432 -57.65 3.79 -22.02
N SER H 433 -57.37 5.09 -22.19
CA SER H 433 -57.19 5.97 -21.04
C SER H 433 -58.50 6.33 -20.38
N LEU H 434 -59.59 6.39 -21.16
CA LEU H 434 -60.89 6.72 -20.59
C LEU H 434 -61.42 5.57 -19.74
N ARG H 435 -61.36 4.35 -20.27
CA ARG H 435 -61.85 3.19 -19.52
C ARG H 435 -60.97 2.90 -18.31
N ASN H 436 -59.68 3.22 -18.38
CA ASN H 436 -58.80 3.00 -17.23
C ASN H 436 -59.11 3.99 -16.12
N ARG H 437 -59.41 5.24 -16.46
CA ARG H 437 -59.73 6.23 -15.44
C ARG H 437 -61.08 5.98 -14.80
N GLN H 438 -62.03 5.41 -15.56
CA GLN H 438 -63.34 5.11 -15.00
C GLN H 438 -63.27 4.00 -13.96
N SER H 439 -62.33 3.06 -14.12
CA SER H 439 -62.19 1.97 -13.16
C SER H 439 -61.49 2.43 -11.89
N LEU H 440 -60.58 3.39 -12.00
CA LEU H 440 -59.88 3.87 -10.80
C LEU H 440 -60.78 4.71 -9.92
N PHE H 441 -61.76 5.40 -10.51
CA PHE H 441 -62.69 6.22 -9.73
C PHE H 441 -63.83 5.42 -9.13
N GLN H 442 -63.99 4.16 -9.53
CA GLN H 442 -65.07 3.32 -9.01
C GLN H 442 -64.61 2.37 -7.91
N GLU H 443 -63.38 1.89 -7.97
CA GLU H 443 -62.86 0.96 -6.98
C GLU H 443 -62.43 1.64 -5.68
N GLU H 444 -62.66 2.95 -5.55
CA GLU H 444 -62.33 3.68 -4.34
C GLU H 444 -63.55 4.07 -3.52
N GLY H 445 -64.75 3.95 -4.08
CA GLY H 445 -65.96 4.32 -3.38
C GLY H 445 -66.49 5.70 -3.72
N MET H 446 -65.82 6.43 -4.62
CA MET H 446 -66.29 7.76 -4.99
C MET H 446 -67.64 7.70 -5.70
N LEU H 447 -67.89 6.63 -6.46
CA LEU H 447 -69.18 6.48 -7.12
C LEU H 447 -70.32 6.39 -6.11
N SER H 448 -70.07 5.79 -4.95
CA SER H 448 -71.10 5.73 -3.91
C SER H 448 -71.31 7.09 -3.27
N LEU H 449 -70.26 7.91 -3.18
CA LEU H 449 -70.41 9.23 -2.58
C LEU H 449 -71.27 10.15 -3.45
N VAL H 450 -71.24 9.95 -4.77
CA VAL H 450 -72.09 10.76 -5.65
C VAL H 450 -73.55 10.35 -5.51
N LEU H 451 -73.81 9.05 -5.34
CA LEU H 451 -75.18 8.58 -5.17
C LEU H 451 -75.74 9.00 -3.82
N ASN H 452 -74.92 8.96 -2.77
CA ASN H 452 -75.39 9.38 -1.46
C ASN H 452 -75.68 10.87 -1.41
N CYS H 453 -74.94 11.67 -2.19
CA CYS H 453 -75.20 13.11 -2.22
C CYS H 453 -76.54 13.43 -2.88
N ILE H 454 -76.95 12.64 -3.87
CA ILE H 454 -78.24 12.87 -4.51
C ILE H 454 -79.38 12.45 -3.60
N ASP H 455 -79.18 11.38 -2.83
CA ASP H 455 -80.25 10.89 -1.95
C ASP H 455 -80.55 11.89 -0.83
N ARG H 456 -79.55 12.66 -0.40
CA ARG H 456 -79.78 13.66 0.64
C ARG H 456 -80.59 14.84 0.08
N LEU H 457 -80.28 15.26 -1.14
CA LEU H 457 -81.00 16.36 -1.77
C LEU H 457 -82.33 15.94 -2.39
N ASN H 458 -82.56 14.62 -2.55
CA ASN H 458 -83.81 14.15 -3.13
C ASN H 458 -85.00 14.32 -2.19
N VAL H 459 -84.74 14.48 -0.88
CA VAL H 459 -85.83 14.67 0.07
C VAL H 459 -86.52 16.01 -0.17
N TYR H 460 -85.76 17.03 -0.54
CA TYR H 460 -86.34 18.34 -0.82
C TYR H 460 -87.08 18.30 -2.15
N THR H 461 -88.28 18.88 -2.17
CA THR H 461 -89.08 18.88 -3.39
C THR H 461 -88.58 19.94 -4.37
N THR H 462 -88.56 21.21 -3.95
CA THR H 462 -88.12 22.30 -4.80
C THR H 462 -87.21 23.20 -3.96
N ALA H 463 -86.60 24.19 -4.61
CA ALA H 463 -85.69 25.10 -3.92
C ALA H 463 -86.39 25.90 -2.84
N ALA H 464 -87.73 25.97 -2.85
CA ALA H 464 -88.45 26.65 -1.78
C ALA H 464 -88.30 25.91 -0.46
N HIS H 465 -88.36 24.58 -0.48
CA HIS H 465 -88.14 23.81 0.74
C HIS H 465 -86.69 23.87 1.18
N PHE H 466 -85.76 23.88 0.22
CA PHE H 466 -84.34 23.97 0.55
C PHE H 466 -83.97 25.34 1.11
N ALA H 467 -84.76 26.37 0.84
CA ALA H 467 -84.48 27.70 1.37
C ALA H 467 -84.72 27.77 2.87
N GLU H 468 -85.89 27.30 3.32
CA GLU H 468 -86.23 27.33 4.73
C GLU H 468 -85.46 26.30 5.54
N PHE H 469 -84.79 25.34 4.89
CA PHE H 469 -84.04 24.31 5.59
C PHE H 469 -82.53 24.48 5.51
N ALA H 470 -82.03 25.25 4.55
CA ALA H 470 -80.58 25.43 4.41
C ALA H 470 -80.16 26.87 4.17
N GLY H 471 -81.09 27.81 4.06
CA GLY H 471 -80.76 29.20 3.84
C GLY H 471 -81.11 29.65 2.43
N GLU H 472 -81.24 30.97 2.28
CA GLU H 472 -81.58 31.55 0.99
C GLU H 472 -80.39 31.56 0.03
N GLU H 473 -79.17 31.62 0.55
CA GLU H 473 -78.00 31.67 -0.31
C GLU H 473 -77.82 30.35 -1.07
N ALA H 474 -77.85 29.23 -0.34
CA ALA H 474 -77.68 27.93 -0.99
C ALA H 474 -78.90 27.49 -1.78
N ALA H 475 -80.03 28.17 -1.62
CA ALA H 475 -81.24 27.77 -2.36
C ALA H 475 -81.14 28.15 -3.84
N GLU H 476 -80.49 29.28 -4.13
CA GLU H 476 -80.37 29.71 -5.53
C GLU H 476 -79.46 28.76 -6.31
N SER H 477 -78.41 28.27 -5.68
CA SER H 477 -77.48 27.35 -6.34
C SER H 477 -77.97 25.91 -6.33
N TRP H 478 -79.05 25.60 -5.60
CA TRP H 478 -79.53 24.23 -5.54
C TRP H 478 -80.06 23.76 -6.90
N LYS H 479 -80.55 24.67 -7.72
CA LYS H 479 -81.03 24.29 -9.04
C LYS H 479 -79.91 23.83 -9.96
N GLU H 480 -78.70 24.38 -9.77
CA GLU H 480 -77.56 24.01 -10.60
C GLU H 480 -76.78 22.84 -10.05
N ILE H 481 -76.72 22.70 -8.72
CA ILE H 481 -75.96 21.59 -8.12
C ILE H 481 -76.59 20.25 -8.47
N VAL H 482 -77.92 20.15 -8.36
CA VAL H 482 -78.60 18.90 -8.67
C VAL H 482 -78.46 18.58 -10.15
N ASN H 483 -78.48 19.60 -11.01
CA ASN H 483 -78.34 19.36 -12.44
C ASN H 483 -76.95 18.87 -12.80
N LEU H 484 -75.92 19.32 -12.08
CA LEU H 484 -74.56 18.89 -12.37
C LEU H 484 -74.27 17.50 -11.82
N LEU H 485 -74.99 17.08 -10.78
CA LEU H 485 -74.77 15.76 -10.20
C LEU H 485 -75.22 14.65 -11.14
N TYR H 486 -76.22 14.92 -11.98
CA TYR H 486 -76.70 13.91 -12.91
C TYR H 486 -75.83 13.84 -14.17
N GLU H 487 -75.16 14.94 -14.53
CA GLU H 487 -74.30 14.93 -15.71
C GLU H 487 -72.98 14.24 -15.41
N ILE H 488 -72.43 14.43 -14.21
CA ILE H 488 -71.18 13.77 -13.84
C ILE H 488 -71.40 12.28 -13.61
N LEU H 489 -72.63 11.88 -13.26
CA LEU H 489 -72.90 10.47 -13.03
C LEU H 489 -72.96 9.70 -14.34
N ALA H 490 -73.61 10.26 -15.36
CA ALA H 490 -73.72 9.57 -16.64
C ALA H 490 -72.38 9.43 -17.35
N SER H 491 -71.38 10.24 -16.98
CA SER H 491 -70.08 10.14 -17.63
C SER H 491 -69.30 8.93 -17.14
N LEU H 492 -69.53 8.50 -15.90
CA LEU H 492 -68.79 7.36 -15.36
C LEU H 492 -69.45 6.03 -15.73
N ILE H 493 -70.75 6.02 -15.98
CA ILE H 493 -71.45 4.79 -16.31
C ILE H 493 -71.34 4.46 -17.80
N ARG H 494 -71.39 5.48 -18.65
CA ARG H 494 -71.32 5.26 -20.09
C ARG H 494 -69.92 4.79 -20.49
N GLY H 495 -69.84 3.60 -21.06
CA GLY H 495 -68.58 3.04 -21.51
C GLY H 495 -67.98 1.97 -20.62
N ASN H 496 -68.67 1.58 -19.54
CA ASN H 496 -68.17 0.56 -18.63
C ASN H 496 -69.28 -0.42 -18.29
N ARG H 497 -68.95 -1.71 -18.32
CA ARG H 497 -69.94 -2.73 -17.98
C ARG H 497 -70.08 -2.90 -16.47
N ALA H 498 -68.98 -2.76 -15.73
CA ALA H 498 -69.04 -2.93 -14.28
C ALA H 498 -69.85 -1.82 -13.62
N ASN H 499 -69.86 -0.62 -14.20
CA ASN H 499 -70.64 0.48 -13.63
C ASN H 499 -72.13 0.28 -13.84
N CYS H 500 -72.52 -0.33 -14.96
CA CYS H 500 -73.94 -0.58 -15.20
C CYS H 500 -74.49 -1.66 -14.28
N ALA H 501 -73.64 -2.55 -13.79
CA ALA H 501 -74.09 -3.61 -12.90
C ALA H 501 -74.47 -3.08 -11.52
N LEU H 502 -73.96 -1.92 -11.13
CA LEU H 502 -74.30 -1.35 -9.83
C LEU H 502 -75.75 -0.86 -9.79
N PHE H 503 -76.26 -0.35 -10.91
CA PHE H 503 -77.62 0.15 -10.98
C PHE H 503 -78.64 -0.94 -11.29
N SER H 504 -78.19 -2.19 -11.44
CA SER H 504 -79.12 -3.28 -11.72
C SER H 504 -79.97 -3.61 -10.50
N ASN H 505 -79.37 -3.54 -9.31
CA ASN H 505 -80.08 -3.82 -8.07
C ASN H 505 -80.82 -2.61 -7.52
N ASN H 506 -80.57 -1.42 -8.05
CA ASN H 506 -81.23 -0.20 -7.61
C ASN H 506 -81.95 0.49 -8.76
N LEU H 507 -82.66 -0.30 -9.56
CA LEU H 507 -83.37 0.26 -10.71
C LEU H 507 -84.63 1.02 -10.28
N ASP H 508 -85.24 0.61 -9.16
CA ASP H 508 -86.46 1.28 -8.71
C ASP H 508 -86.18 2.69 -8.21
N TRP H 509 -84.96 2.95 -7.74
CA TRP H 509 -84.63 4.28 -7.23
C TRP H 509 -84.53 5.30 -8.36
N LEU H 510 -83.99 4.88 -9.52
CA LEU H 510 -83.82 5.81 -10.63
C LEU H 510 -85.14 6.04 -11.37
N VAL H 511 -85.96 5.01 -11.52
CA VAL H 511 -87.23 5.16 -12.24
C VAL H 511 -88.19 6.02 -11.43
N SER H 512 -88.20 5.86 -10.10
CA SER H 512 -89.07 6.68 -9.27
C SER H 512 -88.66 8.14 -9.32
N LYS H 513 -87.38 8.43 -9.46
CA LYS H 513 -86.89 9.80 -9.55
C LYS H 513 -87.05 10.39 -10.94
N LEU H 514 -87.42 9.58 -11.94
CA LEU H 514 -87.59 10.10 -13.29
C LEU H 514 -88.80 11.01 -13.40
N ASP H 515 -89.83 10.76 -12.59
CA ASP H 515 -91.04 11.59 -12.62
C ASP H 515 -90.85 12.95 -11.97
N ARG H 516 -89.69 13.23 -11.40
CA ARG H 516 -89.45 14.53 -10.77
C ARG H 516 -89.29 15.61 -11.83
N LEU H 517 -89.86 16.79 -11.55
CA LEU H 517 -89.82 17.88 -12.51
C LEU H 517 -88.47 18.58 -12.52
N GLU H 518 -87.84 18.71 -11.36
CA GLU H 518 -86.54 19.39 -11.28
C GLU H 518 -85.45 18.51 -11.84
N ALA H 519 -84.71 19.04 -12.82
CA ALA H 519 -83.61 18.33 -13.47
C ALA H 519 -84.07 17.00 -14.07
N SER H 520 -85.15 17.09 -14.86
CA SER H 520 -85.70 15.88 -15.50
C SER H 520 -84.85 15.42 -16.66
N SER H 521 -84.19 16.34 -17.37
CA SER H 521 -83.35 15.95 -18.51
C SER H 521 -82.11 15.20 -18.05
N GLY H 522 -81.64 15.44 -16.83
CA GLY H 522 -80.45 14.75 -16.35
C GLY H 522 -80.72 13.29 -16.06
N ILE H 523 -81.88 12.97 -15.50
CA ILE H 523 -82.22 11.58 -15.21
C ILE H 523 -82.45 10.80 -16.50
N LEU H 524 -83.06 11.45 -17.51
CA LEU H 524 -83.30 10.78 -18.78
C LEU H 524 -82.00 10.50 -19.52
N GLU H 525 -80.96 11.30 -19.29
CA GLU H 525 -79.69 11.08 -19.95
C GLU H 525 -78.92 9.91 -19.34
N VAL H 526 -78.88 9.82 -18.01
CA VAL H 526 -78.17 8.72 -17.37
C VAL H 526 -78.94 7.42 -17.54
N LEU H 527 -80.26 7.49 -17.76
CA LEU H 527 -81.04 6.29 -17.98
C LEU H 527 -80.79 5.69 -19.36
N TYR H 528 -80.47 6.54 -20.34
CA TYR H 528 -80.21 6.04 -21.69
C TYR H 528 -78.92 5.24 -21.76
N CYS H 529 -77.97 5.52 -20.87
CA CYS H 529 -76.69 4.82 -20.89
C CYS H 529 -76.71 3.51 -20.10
N VAL H 530 -77.54 3.42 -19.06
CA VAL H 530 -77.60 2.19 -18.27
C VAL H 530 -78.42 1.11 -18.93
N LEU H 531 -79.28 1.46 -19.89
CA LEU H 531 -80.12 0.49 -20.58
C LEU H 531 -79.60 0.13 -21.96
N ILE H 532 -78.39 0.55 -22.30
CA ILE H 532 -77.82 0.26 -23.62
C ILE H 532 -76.53 -0.54 -23.54
N GLU H 533 -75.85 -0.59 -22.40
CA GLU H 533 -74.60 -1.33 -22.26
C GLU H 533 -74.78 -2.71 -21.66
N SER H 534 -75.60 -2.83 -20.61
CA SER H 534 -75.83 -4.11 -19.95
C SER H 534 -77.14 -4.71 -20.42
N PRO H 535 -77.13 -5.94 -20.96
CA PRO H 535 -78.40 -6.56 -21.37
C PRO H 535 -79.18 -7.18 -20.22
N GLU H 536 -78.54 -7.51 -19.11
CA GLU H 536 -79.23 -8.15 -18.00
C GLU H 536 -80.13 -7.18 -17.23
N VAL H 537 -79.85 -5.87 -17.32
CA VAL H 537 -80.66 -4.90 -16.59
C VAL H 537 -82.04 -4.74 -17.22
N LEU H 538 -82.21 -5.17 -18.48
CA LEU H 538 -83.50 -5.03 -19.16
C LEU H 538 -84.46 -6.15 -18.82
N ASN H 539 -83.97 -7.29 -18.33
CA ASN H 539 -84.86 -8.39 -18.00
C ASN H 539 -85.62 -8.17 -16.69
N ILE H 540 -85.07 -7.36 -15.78
CA ILE H 540 -85.72 -7.09 -14.51
C ILE H 540 -86.85 -6.08 -14.62
N ILE H 541 -86.94 -5.36 -15.75
CA ILE H 541 -87.98 -4.36 -15.93
C ILE H 541 -89.33 -5.05 -16.05
N GLN H 542 -90.34 -4.51 -15.35
CA GLN H 542 -91.67 -5.10 -15.33
C GLN H 542 -92.71 -4.07 -15.73
N GLU H 543 -94.00 -4.42 -15.57
CA GLU H 543 -95.07 -3.51 -15.96
C GLU H 543 -95.11 -2.25 -15.10
N ASN H 544 -94.62 -2.34 -13.86
CA ASN H 544 -94.64 -1.17 -12.98
C ASN H 544 -93.66 -0.09 -13.43
N HIS H 545 -92.62 -0.45 -14.19
CA HIS H 545 -91.62 0.50 -14.63
C HIS H 545 -91.97 1.15 -15.96
N ILE H 546 -92.80 0.53 -16.78
CA ILE H 546 -93.15 1.09 -18.08
C ILE H 546 -94.13 2.27 -17.92
N LYS H 547 -95.05 2.17 -16.97
CA LYS H 547 -96.02 3.24 -16.77
C LYS H 547 -95.35 4.54 -16.35
N SER H 548 -94.16 4.46 -15.74
CA SER H 548 -93.45 5.67 -15.34
C SER H 548 -92.77 6.34 -16.53
N ILE H 549 -92.25 5.54 -17.47
CA ILE H 549 -91.59 6.11 -18.65
C ILE H 549 -92.61 6.71 -19.60
N ILE H 550 -93.76 6.04 -19.76
CA ILE H 550 -94.79 6.57 -20.65
C ILE H 550 -95.37 7.86 -20.10
N SER H 551 -95.51 7.95 -18.77
CA SER H 551 -96.01 9.18 -18.16
C SER H 551 -95.05 10.35 -18.31
N LEU H 552 -93.76 10.08 -18.54
CA LEU H 552 -92.80 11.15 -18.72
C LEU H 552 -93.04 11.88 -20.03
N LEU H 553 -93.44 11.15 -21.08
CA LEU H 553 -93.68 11.78 -22.37
C LEU H 553 -94.92 12.68 -22.34
N ASP H 554 -95.94 12.31 -21.56
CA ASP H 554 -97.14 13.11 -21.49
C ASP H 554 -96.96 14.37 -20.64
N LYS H 555 -96.15 14.28 -19.58
CA LYS H 555 -95.95 15.42 -18.70
C LYS H 555 -94.90 16.39 -19.23
N HIS H 556 -93.97 15.91 -20.05
CA HIS H 556 -92.90 16.74 -20.59
C HIS H 556 -93.02 16.95 -22.09
N GLY H 557 -94.14 16.58 -22.69
CA GLY H 557 -94.34 16.77 -24.11
C GLY H 557 -93.47 15.87 -24.96
N ARG H 558 -93.52 16.13 -26.26
CA ARG H 558 -92.75 15.35 -27.22
C ARG H 558 -91.27 15.65 -27.08
N ASN H 559 -90.45 14.62 -27.21
CA ASN H 559 -89.00 14.74 -27.08
C ASN H 559 -88.32 13.70 -27.94
N HIS H 560 -87.15 14.05 -28.47
CA HIS H 560 -86.37 13.15 -29.30
C HIS H 560 -85.49 12.21 -28.49
N LYS H 561 -85.72 12.10 -27.18
CA LYS H 561 -84.93 11.21 -26.33
C LYS H 561 -85.76 10.19 -25.57
N VAL H 562 -87.06 10.43 -25.36
CA VAL H 562 -87.89 9.48 -24.65
C VAL H 562 -88.14 8.24 -25.50
N LEU H 563 -88.38 8.44 -26.80
CA LEU H 563 -88.62 7.30 -27.69
C LEU H 563 -87.37 6.44 -27.88
N ASP H 564 -86.18 7.05 -27.75
CA ASP H 564 -84.96 6.27 -27.90
C ASP H 564 -84.75 5.31 -26.74
N VAL H 565 -85.28 5.64 -25.57
CA VAL H 565 -85.15 4.74 -24.42
C VAL H 565 -86.02 3.50 -24.62
N LEU H 566 -87.21 3.68 -25.19
CA LEU H 566 -88.10 2.54 -25.41
C LEU H 566 -87.55 1.59 -26.47
N CYS H 567 -86.78 2.11 -27.43
CA CYS H 567 -86.21 1.25 -28.47
C CYS H 567 -85.12 0.35 -27.91
N SER H 568 -84.39 0.82 -26.90
CA SER H 568 -83.33 0.01 -26.30
C SER H 568 -83.85 -1.06 -25.36
N LEU H 569 -85.14 -1.04 -25.01
CA LEU H 569 -85.70 -2.01 -24.10
C LEU H 569 -86.06 -3.33 -24.77
N CYS H 570 -86.29 -3.31 -26.08
CA CYS H 570 -86.72 -4.51 -26.80
C CYS H 570 -85.61 -5.21 -27.55
N VAL H 571 -84.55 -4.50 -27.94
CA VAL H 571 -83.47 -5.14 -28.68
C VAL H 571 -82.64 -6.05 -27.76
N CYS H 572 -82.38 -5.57 -26.53
CA CYS H 572 -81.69 -6.35 -25.50
C CYS H 572 -80.41 -6.99 -26.02
N ASN H 573 -79.64 -6.21 -26.78
CA ASN H 573 -78.37 -6.64 -27.36
C ASN H 573 -78.57 -7.89 -28.22
N GLY H 574 -79.21 -7.67 -29.37
CA GLY H 574 -79.45 -8.73 -30.34
C GLY H 574 -80.62 -9.63 -30.07
N VAL H 575 -80.66 -10.26 -28.89
CA VAL H 575 -81.74 -11.17 -28.53
C VAL H 575 -82.96 -10.36 -28.14
N ALA H 576 -84.02 -10.44 -28.95
CA ALA H 576 -85.23 -9.70 -28.68
C ALA H 576 -86.01 -10.35 -27.54
N VAL H 577 -86.56 -9.51 -26.67
CA VAL H 577 -87.38 -9.95 -25.54
C VAL H 577 -88.82 -9.60 -25.85
N ARG H 578 -89.69 -10.62 -25.90
CA ARG H 578 -91.09 -10.42 -26.20
C ARG H 578 -91.91 -10.03 -24.98
N SER H 579 -91.29 -9.96 -23.80
CA SER H 579 -92.01 -9.53 -22.60
C SER H 579 -92.24 -8.03 -22.63
N ASN H 580 -91.18 -7.24 -22.80
CA ASN H 580 -91.31 -5.80 -22.79
C ASN H 580 -91.93 -5.25 -24.06
N GLN H 581 -91.98 -6.04 -25.13
CA GLN H 581 -92.59 -5.58 -26.37
C GLN H 581 -94.10 -5.42 -26.21
N ASP H 582 -94.74 -6.31 -25.47
CA ASP H 582 -96.18 -6.19 -25.22
C ASP H 582 -96.48 -5.08 -24.23
N LEU H 583 -95.55 -4.77 -23.33
CA LEU H 583 -95.76 -3.71 -22.35
C LEU H 583 -95.79 -2.35 -23.02
N ILE H 584 -94.98 -2.13 -24.04
CA ILE H 584 -95.01 -0.85 -24.75
C ILE H 584 -96.23 -0.76 -25.66
N THR H 585 -96.67 -1.88 -26.24
CA THR H 585 -97.79 -1.84 -27.17
C THR H 585 -99.12 -1.68 -26.44
N GLU H 586 -99.29 -2.36 -25.31
CA GLU H 586 -100.55 -2.34 -24.58
C GLU H 586 -100.74 -1.09 -23.72
N ASN H 587 -99.85 -0.11 -23.83
CA ASN H 587 -99.95 1.11 -23.04
C ASN H 587 -99.74 2.39 -23.83
N LEU H 588 -99.43 2.29 -25.12
CA LEU H 588 -99.12 3.48 -25.91
C LEU H 588 -99.93 3.52 -27.21
N LEU H 589 -100.16 2.37 -27.81
CA LEU H 589 -100.85 2.29 -29.09
C LEU H 589 -102.36 2.51 -28.97
N PRO H 590 -103.06 1.82 -28.06
CA PRO H 590 -104.52 2.02 -28.00
C PRO H 590 -104.94 3.43 -27.59
N GLY H 591 -104.06 4.19 -26.94
CA GLY H 591 -104.42 5.54 -26.54
C GLY H 591 -104.54 6.48 -27.73
N ARG H 592 -103.60 6.41 -28.67
CA ARG H 592 -103.59 7.25 -29.87
C ARG H 592 -103.63 8.73 -29.50
N GLU H 593 -102.91 9.10 -28.44
CA GLU H 593 -102.86 10.48 -27.98
C GLU H 593 -101.46 11.05 -27.92
N LEU H 594 -100.46 10.23 -27.63
CA LEU H 594 -99.08 10.74 -27.54
C LEU H 594 -98.42 10.82 -28.91
N LEU H 595 -98.71 9.87 -29.80
CA LEU H 595 -98.10 9.82 -31.11
C LEU H 595 -98.98 10.55 -32.12
N LEU H 596 -98.62 10.47 -33.40
CA LEU H 596 -99.34 11.15 -34.47
C LEU H 596 -99.84 10.10 -35.46
N GLN H 597 -101.14 10.10 -35.70
CA GLN H 597 -101.76 9.15 -36.61
C GLN H 597 -101.83 9.74 -38.03
N THR H 598 -101.69 8.86 -39.02
CA THR H 598 -101.71 9.25 -40.41
C THR H 598 -102.84 8.52 -41.14
N ASN H 599 -103.44 9.21 -42.11
CA ASN H 599 -104.53 8.65 -42.90
C ASN H 599 -104.70 9.47 -44.17
N LEU H 600 -105.26 8.83 -45.19
CA LEU H 600 -105.50 9.50 -46.46
C LEU H 600 -106.76 10.37 -46.38
N ILE H 601 -106.64 11.60 -46.88
CA ILE H 601 -107.75 12.55 -46.89
C ILE H 601 -107.82 13.15 -48.29
N ASN H 602 -109.04 13.22 -48.84
CA ASN H 602 -109.24 13.76 -50.18
C ASN H 602 -109.44 15.27 -50.12
N TYR H 603 -109.10 15.92 -51.23
CA TYR H 603 -109.24 17.37 -51.34
C TYR H 603 -110.69 17.75 -51.60
N VAL H 604 -111.13 18.83 -50.96
CA VAL H 604 -112.49 19.34 -51.13
C VAL H 604 -112.43 20.85 -51.33
N THR H 605 -113.38 21.37 -52.08
CA THR H 605 -113.47 22.80 -52.34
C THR H 605 -114.94 23.21 -52.40
N SER H 606 -115.16 24.52 -52.32
CA SER H 606 -116.51 25.07 -52.32
C SER H 606 -116.63 26.13 -53.40
N ILE H 607 -117.76 26.13 -54.09
CA ILE H 607 -118.07 27.09 -55.15
C ILE H 607 -119.30 27.88 -54.73
N ARG H 608 -119.19 29.21 -54.77
CA ARG H 608 -120.28 30.08 -54.37
C ARG H 608 -120.61 31.06 -55.48
N PRO H 609 -121.88 31.37 -55.67
CA PRO H 609 -122.28 32.39 -56.64
C PRO H 609 -121.99 33.80 -56.10
N ASN H 610 -122.30 34.80 -56.91
CA ASN H 610 -122.11 36.19 -56.54
C ASN H 610 -123.30 36.74 -55.76
N ILE H 611 -124.21 35.88 -55.29
CA ILE H 611 -125.38 36.32 -54.55
C ILE H 611 -124.97 36.63 -53.12
N PHE H 612 -125.18 37.88 -52.70
CA PHE H 612 -124.85 38.33 -51.36
C PHE H 612 -126.11 38.84 -50.67
N VAL H 613 -126.34 38.36 -49.45
CA VAL H 613 -127.53 38.73 -48.67
C VAL H 613 -127.04 39.47 -47.43
N GLY H 614 -127.54 40.69 -47.24
CA GLY H 614 -127.17 41.49 -46.09
C GLY H 614 -128.35 41.79 -45.18
N ARG H 615 -128.26 41.37 -43.92
CA ARG H 615 -129.32 41.58 -42.94
C ARG H 615 -128.79 42.50 -41.85
N ALA H 616 -129.27 43.73 -41.84
CA ALA H 616 -128.87 44.73 -40.85
C ALA H 616 -129.93 45.81 -40.80
N GLU H 617 -129.66 46.86 -40.03
CA GLU H 617 -130.60 47.97 -39.93
C GLU H 617 -130.67 48.73 -41.25
N GLY H 618 -131.90 49.01 -41.69
CA GLY H 618 -132.08 49.67 -42.97
C GLY H 618 -131.64 48.84 -44.15
N THR H 619 -131.97 47.55 -44.15
CA THR H 619 -131.53 46.65 -45.20
C THR H 619 -132.28 46.95 -46.50
N THR H 620 -131.64 46.58 -47.61
CA THR H 620 -132.22 46.75 -48.95
C THR H 620 -132.49 45.42 -49.63
N GLN H 621 -132.52 44.33 -48.86
CA GLN H 621 -132.80 43.00 -49.39
C GLN H 621 -133.89 42.35 -48.55
N TYR H 622 -134.54 41.34 -49.15
CA TYR H 622 -135.61 40.64 -48.45
C TYR H 622 -135.04 39.79 -47.32
N SER H 623 -135.86 39.59 -46.29
CA SER H 623 -135.42 38.81 -45.14
C SER H 623 -135.34 37.32 -45.45
N LYS H 624 -136.23 36.82 -46.31
CA LYS H 624 -136.26 35.40 -46.67
C LYS H 624 -135.65 35.19 -48.05
N TRP H 625 -134.99 34.05 -48.21
CA TRP H 625 -134.38 33.70 -49.50
C TRP H 625 -134.49 32.19 -49.69
N TYR H 626 -134.50 31.76 -50.94
CA TYR H 626 -134.70 30.36 -51.28
C TYR H 626 -133.98 30.04 -52.58
N PHE H 627 -133.35 28.87 -52.61
CA PHE H 627 -132.62 28.42 -53.79
C PHE H 627 -132.74 26.90 -53.89
N GLU H 628 -132.54 26.39 -55.10
CA GLU H 628 -132.65 24.97 -55.38
C GLU H 628 -131.41 24.48 -56.11
N VAL H 629 -130.93 23.30 -55.72
CA VAL H 629 -129.76 22.66 -56.31
C VAL H 629 -130.09 21.21 -56.60
N MET H 630 -129.82 20.76 -57.81
CA MET H 630 -130.13 19.41 -58.24
C MET H 630 -128.84 18.67 -58.63
N VAL H 631 -128.74 17.42 -58.21
CA VAL H 631 -127.61 16.57 -58.54
C VAL H 631 -128.11 15.38 -59.34
N ASP H 632 -127.26 14.89 -60.24
CA ASP H 632 -127.64 13.80 -61.13
C ASP H 632 -126.61 12.70 -61.29
N GLU H 633 -125.40 12.84 -60.76
CA GLU H 633 -124.36 11.82 -60.95
C GLU H 633 -123.41 11.87 -59.76
N VAL H 634 -123.51 10.88 -58.88
CA VAL H 634 -122.59 10.72 -57.76
C VAL H 634 -122.23 9.24 -57.66
N VAL H 635 -120.99 8.95 -57.29
CA VAL H 635 -120.49 7.59 -57.15
C VAL H 635 -119.72 7.47 -55.84
N PRO H 636 -120.06 6.54 -54.96
CA PRO H 636 -119.32 6.37 -53.71
C PRO H 636 -118.22 5.31 -53.86
N PHE H 637 -117.34 5.28 -52.85
CA PHE H 637 -116.27 4.30 -52.77
C PHE H 637 -115.36 4.34 -53.99
N LEU H 638 -115.04 5.54 -54.46
CA LEU H 638 -114.15 5.69 -55.60
C LEU H 638 -112.69 5.57 -55.20
N THR H 639 -112.35 5.94 -53.97
CA THR H 639 -110.97 5.91 -53.50
C THR H 639 -110.94 5.24 -52.13
N ALA H 640 -109.94 5.58 -51.33
CA ALA H 640 -109.81 4.99 -50.00
C ALA H 640 -110.90 5.49 -49.06
N GLN H 641 -111.19 6.79 -49.09
CA GLN H 641 -112.20 7.38 -48.24
C GLN H 641 -113.49 7.61 -49.04
N ALA H 642 -114.62 7.43 -48.36
CA ALA H 642 -115.92 7.62 -49.01
C ALA H 642 -116.13 9.09 -49.36
N THR H 643 -116.93 9.32 -50.38
CA THR H 643 -117.23 10.67 -50.85
C THR H 643 -118.37 11.28 -50.05
N HIS H 644 -118.39 12.60 -50.00
CA HIS H 644 -119.43 13.35 -49.30
C HIS H 644 -119.84 14.55 -50.11
N LEU H 645 -121.12 14.91 -50.02
CA LEU H 645 -121.66 16.06 -50.73
C LEU H 645 -122.58 16.83 -49.79
N ARG H 646 -122.21 18.06 -49.48
CA ARG H 646 -122.96 18.91 -48.56
C ARG H 646 -123.35 20.20 -49.25
N VAL H 647 -124.57 20.66 -48.98
CA VAL H 647 -125.10 21.90 -49.55
C VAL H 647 -125.63 22.76 -48.41
N GLY H 648 -125.21 24.02 -48.38
CA GLY H 648 -125.67 24.91 -47.34
C GLY H 648 -125.24 26.34 -47.60
N TRP H 649 -125.12 27.09 -46.51
CA TRP H 649 -124.73 28.49 -46.55
C TRP H 649 -123.44 28.69 -45.77
N ALA H 650 -122.88 29.89 -45.88
CA ALA H 650 -121.64 30.23 -45.20
C ALA H 650 -121.52 31.74 -45.12
N LEU H 651 -120.72 32.20 -44.15
CA LEU H 651 -120.49 33.62 -43.97
C LEU H 651 -119.39 34.10 -44.91
N THR H 652 -119.36 35.42 -45.12
CA THR H 652 -118.38 36.01 -46.02
C THR H 652 -116.96 35.99 -45.44
N GLU H 653 -116.83 35.84 -44.12
CA GLU H 653 -115.53 35.79 -43.47
C GLU H 653 -115.52 34.69 -42.43
N GLY H 654 -114.39 34.02 -42.30
CA GLY H 654 -114.24 32.95 -41.33
C GLY H 654 -114.61 31.57 -41.83
N TYR H 655 -114.76 31.39 -43.14
CA TYR H 655 -115.13 30.08 -43.68
C TYR H 655 -113.93 29.16 -43.83
N SER H 656 -112.74 29.73 -44.07
CA SER H 656 -111.50 28.98 -44.25
C SER H 656 -111.62 28.02 -45.43
N PRO H 657 -111.59 28.51 -46.67
CA PRO H 657 -111.69 27.60 -47.82
C PRO H 657 -110.34 27.10 -48.30
N TYR H 658 -109.33 27.19 -47.44
CA TYR H 658 -107.98 26.75 -47.81
C TYR H 658 -107.96 25.25 -48.00
N PRO H 659 -107.60 24.74 -49.18
CA PRO H 659 -107.56 23.28 -49.38
C PRO H 659 -106.35 22.67 -48.69
N GLY H 660 -106.59 21.53 -48.04
CA GLY H 660 -105.53 20.83 -47.33
C GLY H 660 -105.78 20.75 -45.83
N GLY H 661 -104.79 21.15 -45.05
CA GLY H 661 -104.96 21.13 -43.60
C GLY H 661 -105.88 22.25 -43.13
N GLY H 662 -106.78 21.90 -42.21
CA GLY H 662 -107.73 22.86 -41.69
C GLY H 662 -108.11 22.61 -40.25
N GLU H 663 -109.25 23.17 -39.82
CA GLU H 663 -109.68 23.00 -38.45
C GLU H 663 -110.18 21.58 -38.20
N GLY H 664 -111.01 21.05 -39.10
CA GLY H 664 -111.52 19.71 -38.96
C GLY H 664 -110.45 18.65 -39.18
N TRP H 665 -110.82 17.41 -38.87
CA TRP H 665 -109.88 16.30 -39.04
C TRP H 665 -109.64 16.00 -40.52
N GLY H 666 -110.69 15.99 -41.32
CA GLY H 666 -110.57 15.69 -42.73
C GLY H 666 -110.53 16.93 -43.60
N GLY H 667 -111.47 17.03 -44.55
CA GLY H 667 -111.51 18.17 -45.43
C GLY H 667 -112.16 19.38 -44.78
N ASN H 668 -111.94 20.53 -45.41
CA ASN H 668 -112.48 21.80 -44.91
C ASN H 668 -113.77 22.12 -45.68
N GLY H 669 -114.84 21.40 -45.32
CA GLY H 669 -116.13 21.60 -45.93
C GLY H 669 -117.03 22.51 -45.11
N VAL H 670 -118.25 22.69 -45.63
CA VAL H 670 -119.23 23.52 -44.93
C VAL H 670 -119.69 22.81 -43.66
N GLY H 671 -120.09 23.61 -42.67
CA GLY H 671 -120.54 23.09 -41.40
C GLY H 671 -119.45 22.65 -40.44
N ASP H 672 -118.19 22.65 -40.88
CA ASP H 672 -117.10 22.28 -39.97
C ASP H 672 -116.92 23.31 -38.87
N ASP H 673 -117.14 24.58 -39.18
CA ASP H 673 -117.06 25.66 -38.22
C ASP H 673 -118.41 26.36 -38.11
N LEU H 674 -118.60 27.10 -37.02
CA LEU H 674 -119.86 27.80 -36.79
C LEU H 674 -120.06 28.96 -37.77
N TYR H 675 -119.04 29.35 -38.53
CA TYR H 675 -119.17 30.41 -39.52
C TYR H 675 -119.80 29.92 -40.83
N SER H 676 -120.25 28.67 -40.87
CA SER H 676 -120.89 28.12 -42.06
C SER H 676 -122.01 27.19 -41.61
N TYR H 677 -123.24 27.50 -42.02
CA TYR H 677 -124.42 26.74 -41.64
C TYR H 677 -124.92 25.98 -42.86
N GLY H 678 -124.85 24.66 -42.80
CA GLY H 678 -125.29 23.83 -43.91
C GLY H 678 -125.91 22.54 -43.40
N PHE H 679 -126.86 22.03 -44.18
CA PHE H 679 -127.55 20.80 -43.85
C PHE H 679 -128.04 20.13 -45.13
N ASP H 680 -127.63 18.88 -45.32
CA ASP H 680 -128.02 18.13 -46.51
C ASP H 680 -127.88 16.64 -46.22
N GLY H 681 -128.64 15.84 -46.96
CA GLY H 681 -128.60 14.40 -46.76
C GLY H 681 -129.35 14.01 -45.51
N LEU H 682 -128.66 13.26 -44.63
CA LEU H 682 -129.25 12.79 -43.39
C LEU H 682 -128.52 13.34 -42.16
N HIS H 683 -127.80 14.45 -42.32
CA HIS H 683 -127.06 15.03 -41.21
C HIS H 683 -126.91 16.53 -41.44
N LEU H 684 -126.92 17.28 -40.35
CA LEU H 684 -126.75 18.73 -40.36
C LEU H 684 -125.40 19.06 -39.76
N TRP H 685 -124.47 19.53 -40.59
CA TRP H 685 -123.12 19.83 -40.13
C TRP H 685 -123.09 21.21 -39.48
N THR H 686 -122.65 21.26 -38.22
CA THR H 686 -122.55 22.53 -37.49
C THR H 686 -121.48 22.36 -36.42
N GLY H 687 -120.34 23.02 -36.62
CA GLY H 687 -119.25 22.93 -35.66
C GLY H 687 -118.55 21.59 -35.65
N HIS H 688 -118.39 20.96 -36.81
CA HIS H 688 -117.72 19.66 -36.94
C HIS H 688 -118.41 18.58 -36.12
N VAL H 689 -119.71 18.74 -35.88
CA VAL H 689 -120.49 17.75 -35.13
C VAL H 689 -121.70 17.35 -35.96
N PRO H 690 -121.66 16.22 -36.67
CA PRO H 690 -122.82 15.80 -37.47
C PRO H 690 -123.93 15.26 -36.57
N ARG H 691 -125.14 15.76 -36.78
CA ARG H 691 -126.31 15.35 -36.01
C ARG H 691 -127.31 14.70 -36.94
N LEU H 692 -127.82 13.53 -36.56
CA LEU H 692 -128.76 12.81 -37.39
C LEU H 692 -130.09 13.53 -37.46
N VAL H 693 -130.73 13.47 -38.63
CA VAL H 693 -132.01 14.12 -38.87
C VAL H 693 -133.06 13.04 -39.07
N THR H 694 -134.25 13.26 -38.50
CA THR H 694 -135.33 12.30 -38.59
C THR H 694 -136.06 12.41 -39.93
N SER H 695 -135.33 12.25 -41.03
CA SER H 695 -135.93 12.30 -42.35
C SER H 695 -136.58 10.96 -42.69
N PRO H 696 -137.75 10.97 -43.33
CA PRO H 696 -138.40 9.69 -43.66
C PRO H 696 -137.68 8.91 -44.74
N GLY H 697 -137.03 9.58 -45.69
CA GLY H 697 -136.31 8.87 -46.73
C GLY H 697 -135.04 8.22 -46.24
N GLN H 698 -134.30 8.91 -45.36
CA GLN H 698 -133.07 8.40 -44.76
C GLN H 698 -132.03 8.05 -45.82
N HIS H 699 -131.94 8.89 -46.86
CA HIS H 699 -130.95 8.72 -47.91
C HIS H 699 -130.02 9.93 -47.90
N LEU H 700 -128.76 9.69 -47.55
CA LEU H 700 -127.78 10.79 -47.48
C LEU H 700 -127.35 11.23 -48.87
N LEU H 701 -126.80 10.30 -49.66
CA LEU H 701 -126.32 10.58 -51.00
C LEU H 701 -127.15 9.79 -52.01
N ALA H 702 -127.81 10.51 -52.92
CA ALA H 702 -128.63 9.88 -53.94
C ALA H 702 -128.77 10.80 -55.15
N PRO H 703 -128.51 10.30 -56.36
CA PRO H 703 -128.63 11.13 -57.55
C PRO H 703 -130.10 11.36 -57.91
N GLU H 704 -130.30 12.22 -58.91
CA GLU H 704 -131.64 12.57 -59.40
C GLU H 704 -132.51 13.12 -58.28
N ASP H 705 -131.95 14.04 -57.50
CA ASP H 705 -132.66 14.66 -56.39
C ASP H 705 -132.38 16.15 -56.39
N VAL H 706 -133.21 16.89 -55.67
CA VAL H 706 -133.12 18.34 -55.57
C VAL H 706 -133.02 18.72 -54.10
N VAL H 707 -131.96 19.42 -53.74
CA VAL H 707 -131.75 19.89 -52.37
C VAL H 707 -131.99 21.39 -52.34
N SER H 708 -132.59 21.88 -51.26
CA SER H 708 -132.92 23.29 -51.12
C SER H 708 -132.75 23.71 -49.67
N CYS H 709 -132.59 25.01 -49.48
CA CYS H 709 -132.44 25.59 -48.15
C CYS H 709 -133.02 27.00 -48.14
N CYS H 710 -133.54 27.40 -46.98
CA CYS H 710 -134.15 28.71 -46.83
C CYS H 710 -133.85 29.25 -45.44
N LEU H 711 -133.68 30.57 -45.36
CA LEU H 711 -133.40 31.24 -44.10
C LEU H 711 -134.16 32.56 -44.05
N ASP H 712 -134.50 32.99 -42.84
CA ASP H 712 -135.21 34.24 -42.60
C ASP H 712 -134.33 35.16 -41.77
N LEU H 713 -134.36 36.46 -42.09
CA LEU H 713 -133.57 37.44 -41.38
C LEU H 713 -134.33 38.10 -40.23
N SER H 714 -135.66 38.12 -40.28
CA SER H 714 -136.43 38.70 -39.19
C SER H 714 -136.37 37.83 -37.94
N VAL H 715 -136.42 36.52 -38.11
CA VAL H 715 -136.32 35.57 -37.00
C VAL H 715 -135.19 34.59 -37.31
N PRO H 716 -134.30 34.31 -36.36
CA PRO H 716 -133.22 33.34 -36.62
C PRO H 716 -133.74 31.95 -36.89
N SER H 717 -134.09 31.67 -38.14
CA SER H 717 -134.63 30.37 -38.54
C SER H 717 -134.04 29.97 -39.88
N ILE H 718 -133.40 28.80 -39.92
CA ILE H 718 -132.79 28.27 -41.14
C ILE H 718 -133.29 26.85 -41.32
N SER H 719 -134.05 26.62 -42.40
CA SER H 719 -134.59 25.31 -42.72
C SER H 719 -134.12 24.88 -44.09
N PHE H 720 -134.20 23.58 -44.36
CA PHE H 720 -133.75 23.00 -45.62
C PHE H 720 -134.76 21.95 -46.07
N ARG H 721 -134.58 21.49 -47.30
CA ARG H 721 -135.44 20.46 -47.88
C ARG H 721 -134.67 19.74 -48.97
N ILE H 722 -134.69 18.41 -48.94
CA ILE H 722 -133.97 17.58 -49.90
C ILE H 722 -134.97 16.63 -50.55
N ASN H 723 -135.01 16.64 -51.88
CA ASN H 723 -135.87 15.76 -52.67
C ASN H 723 -137.35 15.94 -52.28
N GLY H 724 -137.75 17.19 -52.08
CA GLY H 724 -139.12 17.49 -51.73
C GLY H 724 -139.53 17.10 -50.33
N CYS H 725 -138.59 16.66 -49.50
CA CYS H 725 -138.89 16.25 -48.14
C CYS H 725 -138.25 17.22 -47.15
N PRO H 726 -139.02 17.90 -46.33
CA PRO H 726 -138.43 18.84 -45.37
C PRO H 726 -137.77 18.10 -44.21
N VAL H 727 -136.89 18.82 -43.52
CA VAL H 727 -136.15 18.28 -42.39
C VAL H 727 -136.63 18.98 -41.12
N GLN H 728 -136.57 18.26 -40.01
CA GLN H 728 -136.99 18.79 -38.71
C GLN H 728 -135.78 19.36 -37.96
N GLY H 729 -135.13 20.33 -38.60
CA GLY H 729 -133.97 20.98 -38.01
C GLY H 729 -133.89 22.45 -38.36
N VAL H 730 -133.68 23.29 -37.34
CA VAL H 730 -133.62 24.74 -37.52
C VAL H 730 -132.54 25.28 -36.61
N PHE H 731 -131.78 26.26 -37.11
CA PHE H 731 -130.71 26.90 -36.36
C PHE H 731 -131.17 28.27 -35.90
N GLU H 732 -130.88 28.60 -34.64
CA GLU H 732 -131.28 29.87 -34.05
C GLU H 732 -130.16 30.37 -33.16
N ALA H 733 -130.37 31.56 -32.58
CA ALA H 733 -129.42 32.19 -31.66
C ALA H 733 -128.05 32.38 -32.31
N PHE H 734 -128.05 32.79 -33.56
CA PHE H 734 -126.81 33.05 -34.30
C PHE H 734 -126.78 34.50 -34.77
N ASN H 735 -125.57 35.07 -34.82
CA ASN H 735 -125.40 36.45 -35.21
C ASN H 735 -125.57 36.59 -36.72
N LEU H 736 -125.74 37.85 -37.16
CA LEU H 736 -125.92 38.17 -38.57
C LEU H 736 -124.78 39.05 -39.10
N ASN H 737 -123.66 39.12 -38.39
CA ASN H 737 -122.53 39.95 -38.79
C ASN H 737 -121.78 39.24 -39.93
N GLY H 738 -122.33 39.34 -41.12
CA GLY H 738 -121.75 38.73 -42.30
C GLY H 738 -122.81 38.47 -43.35
N LEU H 739 -122.34 38.29 -44.58
CA LEU H 739 -123.22 38.01 -45.71
C LEU H 739 -123.48 36.51 -45.82
N PHE H 740 -124.55 36.18 -46.54
CA PHE H 740 -124.96 34.79 -46.76
C PHE H 740 -124.93 34.49 -48.25
N PHE H 741 -124.54 33.26 -48.58
CA PHE H 741 -124.46 32.82 -49.97
C PHE H 741 -124.55 31.31 -50.00
N PRO H 742 -125.14 30.72 -51.05
CA PRO H 742 -125.20 29.26 -51.16
C PRO H 742 -123.81 28.68 -51.32
N VAL H 743 -123.41 27.85 -50.37
CA VAL H 743 -122.09 27.23 -50.35
C VAL H 743 -122.26 25.73 -50.48
N VAL H 744 -121.81 25.18 -51.61
CA VAL H 744 -121.87 23.75 -51.87
C VAL H 744 -120.44 23.21 -51.91
N SER H 745 -120.23 22.06 -51.28
CA SER H 745 -118.91 21.43 -51.21
C SER H 745 -119.00 20.05 -51.85
N PHE H 746 -118.32 19.88 -52.98
CA PHE H 746 -118.31 18.61 -53.70
C PHE H 746 -116.93 17.95 -53.54
N SER H 747 -116.94 16.63 -53.40
CA SER H 747 -115.71 15.87 -53.23
C SER H 747 -115.23 15.39 -54.60
N ALA H 748 -114.49 14.28 -54.63
CA ALA H 748 -113.97 13.75 -55.87
C ALA H 748 -115.04 12.94 -56.60
N GLY H 749 -115.22 13.23 -57.88
CA GLY H 749 -116.19 12.51 -58.69
C GLY H 749 -117.63 12.85 -58.34
N VAL H 750 -117.94 14.14 -58.26
CA VAL H 750 -119.28 14.62 -57.92
C VAL H 750 -119.75 15.55 -59.02
N LYS H 751 -120.94 15.29 -59.54
CA LYS H 751 -121.55 16.12 -60.58
C LYS H 751 -122.76 16.81 -59.99
N VAL H 752 -122.69 18.14 -59.86
CA VAL H 752 -123.74 18.94 -59.24
C VAL H 752 -124.19 20.01 -60.24
N ARG H 753 -125.50 20.22 -60.31
CA ARG H 753 -126.09 21.23 -61.17
C ARG H 753 -126.81 22.27 -60.32
N PHE H 754 -126.98 23.46 -60.89
CA PHE H 754 -127.59 24.57 -60.19
C PHE H 754 -128.88 25.00 -60.90
N LEU H 755 -129.76 25.65 -60.15
CA LEU H 755 -131.03 26.15 -60.67
C LEU H 755 -131.37 27.46 -59.98
N LEU H 756 -131.89 28.41 -60.75
CA LEU H 756 -132.22 29.74 -60.24
C LEU H 756 -133.69 30.10 -60.39
N GLY H 757 -134.45 29.39 -61.21
CA GLY H 757 -135.86 29.67 -61.40
C GLY H 757 -136.17 30.81 -62.34
N GLY H 758 -135.20 31.68 -62.63
CA GLY H 758 -135.44 32.80 -63.53
C GLY H 758 -135.10 32.49 -64.97
N ARG H 759 -134.18 33.27 -65.55
CA ARG H 759 -133.78 33.07 -66.94
C ARG H 759 -132.65 32.07 -67.08
N HIS H 760 -131.71 32.05 -66.14
CA HIS H 760 -130.59 31.12 -66.21
C HIS H 760 -131.02 29.71 -65.82
N GLY H 761 -131.64 29.56 -64.65
CA GLY H 761 -132.09 28.28 -64.17
C GLY H 761 -133.61 28.20 -64.11
N GLU H 762 -134.09 26.99 -63.80
CA GLU H 762 -135.50 26.69 -63.69
C GLU H 762 -135.75 25.90 -62.42
N PHE H 763 -136.66 26.39 -61.57
CA PHE H 763 -136.97 25.71 -60.33
C PHE H 763 -137.79 24.45 -60.61
N LYS H 764 -137.49 23.39 -59.86
CA LYS H 764 -138.19 22.11 -59.99
C LYS H 764 -139.08 21.82 -58.78
N PHE H 765 -139.20 22.75 -57.85
CA PHE H 765 -140.03 22.56 -56.66
C PHE H 765 -140.80 23.84 -56.37
N LEU H 766 -141.99 23.68 -55.79
CA LEU H 766 -142.83 24.82 -55.48
C LEU H 766 -142.28 25.55 -54.26
N PRO H 767 -141.97 26.84 -54.37
CA PRO H 767 -141.45 27.59 -53.22
C PRO H 767 -142.52 27.74 -52.16
N PRO H 768 -142.16 27.61 -50.88
CA PRO H 768 -143.15 27.76 -49.82
C PRO H 768 -143.63 29.20 -49.74
N PRO H 769 -144.85 29.43 -49.26
CA PRO H 769 -145.36 30.81 -49.16
C PRO H 769 -144.56 31.61 -48.16
N GLY H 770 -144.30 32.87 -48.51
CA GLY H 770 -143.54 33.77 -47.66
C GLY H 770 -142.06 33.84 -47.97
N TYR H 771 -141.58 33.12 -48.98
CA TYR H 771 -140.17 33.12 -49.34
C TYR H 771 -139.99 33.73 -50.72
N ALA H 772 -138.74 34.11 -51.02
CA ALA H 772 -138.39 34.72 -52.28
C ALA H 772 -137.20 34.00 -52.89
N PRO H 773 -137.14 33.91 -54.23
CA PRO H 773 -136.01 33.26 -54.88
C PRO H 773 -134.73 34.06 -54.73
N CYS H 774 -133.61 33.35 -54.81
CA CYS H 774 -132.30 33.98 -54.67
C CYS H 774 -131.90 34.81 -55.88
N HIS H 775 -132.65 34.72 -56.99
CA HIS H 775 -132.31 35.48 -58.18
C HIS H 775 -132.54 36.98 -58.01
N GLU H 776 -133.32 37.38 -56.99
CA GLU H 776 -133.56 38.79 -56.77
C GLU H 776 -132.34 39.50 -56.20
N ALA H 777 -131.47 38.76 -55.48
CA ALA H 777 -130.28 39.35 -54.87
C ALA H 777 -129.13 39.22 -55.84
N VAL H 778 -129.00 40.21 -56.73
CA VAL H 778 -127.92 40.26 -57.70
C VAL H 778 -127.34 41.66 -57.72
N LEU H 779 -126.04 41.75 -57.97
CA LEU H 779 -125.36 43.04 -58.00
C LEU H 779 -125.52 43.69 -59.38
N PRO H 780 -125.82 45.00 -59.43
CA PRO H 780 -125.96 45.65 -60.75
C PRO H 780 -124.65 45.92 -61.45
N ARG H 781 -123.51 45.75 -60.77
CA ARG H 781 -122.22 46.01 -61.41
C ARG H 781 -121.85 44.90 -62.38
N GLU H 782 -121.83 43.65 -61.89
CA GLU H 782 -121.49 42.50 -62.72
C GLU H 782 -122.59 41.46 -62.61
N ARG H 783 -122.68 40.62 -63.64
CA ARG H 783 -123.69 39.58 -63.69
C ARG H 783 -123.32 38.45 -62.73
N LEU H 784 -124.17 37.42 -62.70
CA LEU H 784 -123.97 36.29 -61.80
C LEU H 784 -122.96 35.31 -62.40
N ARG H 785 -122.02 34.86 -61.59
CA ARG H 785 -121.01 33.90 -62.04
C ARG H 785 -120.47 33.18 -60.82
N LEU H 786 -120.15 31.89 -60.99
CA LEU H 786 -119.65 31.05 -59.91
C LEU H 786 -118.14 30.91 -60.03
N GLU H 787 -117.47 30.88 -58.87
CA GLU H 787 -116.02 30.78 -58.82
C GLU H 787 -115.63 30.30 -57.42
N PRO H 788 -114.48 29.65 -57.27
CA PRO H 788 -114.04 29.22 -55.93
C PRO H 788 -113.74 30.42 -55.05
N ILE H 789 -114.17 30.33 -53.80
CA ILE H 789 -114.04 31.43 -52.85
C ILE H 789 -112.62 31.46 -52.31
N LYS H 790 -111.99 32.65 -52.37
CA LYS H 790 -110.66 32.88 -51.83
C LYS H 790 -109.64 31.91 -52.42
N GLU H 791 -109.75 31.66 -53.72
CA GLU H 791 -108.80 30.79 -54.42
C GLU H 791 -107.52 31.56 -54.66
N TYR H 792 -106.51 31.29 -53.82
CA TYR H 792 -105.24 32.02 -53.93
C TYR H 792 -104.46 31.63 -55.17
N ARG H 793 -104.79 30.51 -55.80
CA ARG H 793 -104.12 30.07 -57.02
C ARG H 793 -105.17 29.82 -58.11
N ARG H 794 -104.96 30.41 -59.27
CA ARG H 794 -105.88 30.29 -60.40
C ARG H 794 -105.12 29.81 -61.63
N GLU H 795 -105.75 28.92 -62.39
CA GLU H 795 -105.12 28.39 -63.59
C GLU H 795 -104.98 29.46 -64.66
N GLY H 796 -103.80 29.56 -65.26
CA GLY H 796 -103.56 30.55 -66.28
C GLY H 796 -103.04 29.92 -67.57
N PRO H 797 -103.11 30.67 -68.67
CA PRO H 797 -102.65 30.14 -69.96
C PRO H 797 -101.14 29.89 -69.98
N ARG H 798 -100.36 30.94 -69.70
CA ARG H 798 -98.91 30.79 -69.73
C ARG H 798 -98.40 29.96 -68.56
N GLY H 799 -98.91 30.22 -67.36
CA GLY H 799 -98.50 29.48 -66.19
C GLY H 799 -99.41 29.73 -65.00
N PRO H 800 -99.04 29.21 -63.83
CA PRO H 800 -99.86 29.43 -62.63
C PRO H 800 -99.84 30.87 -62.17
N HIS H 801 -100.97 31.55 -62.30
CA HIS H 801 -101.09 32.95 -61.90
C HIS H 801 -101.46 33.03 -60.43
N LEU H 802 -100.57 33.60 -59.62
CA LEU H 802 -100.84 33.78 -58.20
C LEU H 802 -101.65 35.04 -57.96
N VAL H 803 -102.56 34.97 -57.00
CA VAL H 803 -103.42 36.10 -56.64
C VAL H 803 -103.50 36.19 -55.13
N GLY H 804 -103.62 37.42 -54.63
CA GLY H 804 -103.71 37.67 -53.21
C GLY H 804 -105.13 37.54 -52.70
N PRO H 805 -105.43 38.22 -51.60
CA PRO H 805 -106.79 38.16 -51.04
C PRO H 805 -107.77 38.97 -51.86
N SER H 806 -109.00 38.46 -51.94
CA SER H 806 -110.06 39.11 -52.68
C SER H 806 -110.79 40.10 -51.79
N ARG H 807 -111.14 41.26 -52.36
CA ARG H 807 -111.86 42.31 -51.66
C ARG H 807 -113.34 42.24 -52.00
N CYS H 808 -114.18 42.14 -50.97
CA CYS H 808 -115.62 42.05 -51.14
C CYS H 808 -116.31 43.05 -50.23
N LEU H 809 -117.49 43.49 -50.65
CA LEU H 809 -118.26 44.44 -49.86
C LEU H 809 -118.86 43.77 -48.64
N SER H 810 -119.06 44.56 -47.59
CA SER H 810 -119.59 44.07 -46.33
C SER H 810 -121.06 44.46 -46.19
N HIS H 811 -121.69 43.98 -45.11
CA HIS H 811 -123.09 44.29 -44.87
C HIS H 811 -123.27 45.74 -44.42
N THR H 812 -122.29 46.31 -43.72
CA THR H 812 -122.38 47.69 -43.28
C THR H 812 -122.31 48.66 -44.46
N ASP H 813 -121.42 48.37 -45.42
CA ASP H 813 -121.31 49.21 -46.61
C ASP H 813 -122.47 48.99 -47.56
N PHE H 814 -123.17 47.86 -47.46
CA PHE H 814 -124.31 47.60 -48.33
C PHE H 814 -125.52 48.47 -47.99
N VAL H 815 -125.59 48.97 -46.76
CA VAL H 815 -126.70 49.84 -46.37
C VAL H 815 -126.46 51.24 -46.94
N PRO H 816 -127.44 51.82 -47.65
CA PRO H 816 -127.24 53.16 -48.22
C PRO H 816 -127.21 54.22 -47.13
N CYS H 817 -126.47 55.29 -47.42
CA CYS H 817 -126.35 56.40 -46.48
C CYS H 817 -127.59 57.28 -46.48
N HIS H 818 -128.96 86.08 -50.31
CA HIS H 818 -128.44 85.56 -51.57
C HIS H 818 -128.86 84.11 -51.78
N LEU H 819 -128.96 83.36 -50.67
CA LEU H 819 -129.36 81.97 -50.76
C LEU H 819 -130.82 81.83 -51.14
N GLU H 820 -131.69 82.69 -50.59
CA GLU H 820 -133.10 82.62 -50.92
C GLU H 820 -133.36 83.07 -52.35
N ARG H 821 -132.63 84.10 -52.81
CA ARG H 821 -132.80 84.58 -54.18
C ARG H 821 -132.28 83.56 -55.19
N ILE H 822 -131.20 82.84 -54.85
CA ILE H 822 -130.67 81.83 -55.77
C ILE H 822 -131.60 80.64 -55.85
N ARG H 823 -132.33 80.34 -54.78
CA ARG H 823 -133.26 79.21 -54.79
C ARG H 823 -134.42 79.47 -55.74
N GLU H 824 -134.98 80.69 -55.71
CA GLU H 824 -136.07 81.01 -56.61
C GLU H 824 -135.60 81.11 -58.06
N LYS H 825 -134.36 81.54 -58.28
CA LYS H 825 -133.83 81.61 -59.65
C LYS H 825 -133.51 80.23 -60.18
N LEU H 826 -132.97 79.35 -59.33
CA LEU H 826 -132.67 78.00 -59.78
C LEU H 826 -133.94 77.17 -59.98
N ALA H 827 -135.02 77.53 -59.30
CA ALA H 827 -136.28 76.80 -59.47
C ALA H 827 -136.86 77.02 -60.86
N GLU H 828 -136.87 78.26 -61.33
CA GLU H 828 -137.36 78.55 -62.67
C GLU H 828 -136.39 78.04 -63.74
N ASN H 829 -135.10 77.96 -63.40
CA ASN H 829 -134.13 77.46 -64.37
C ASN H 829 -134.13 75.94 -64.45
N ILE H 830 -134.47 75.25 -63.35
CA ILE H 830 -134.53 73.79 -63.36
C ILE H 830 -135.69 73.32 -64.23
N HIS H 831 -136.88 73.92 -64.04
CA HIS H 831 -138.02 73.56 -64.85
C HIS H 831 -137.84 73.97 -66.30
N GLU H 832 -137.11 75.06 -66.55
CA GLU H 832 -136.82 75.46 -67.92
C GLU H 832 -135.90 74.46 -68.60
N LEU H 833 -134.83 74.05 -67.92
CA LEU H 833 -133.93 73.04 -68.47
C LEU H 833 -134.63 71.68 -68.54
N TRP H 834 -135.58 71.41 -67.66
CA TRP H 834 -136.34 70.17 -67.72
C TRP H 834 -137.18 70.10 -68.98
N ALA H 835 -137.67 71.25 -69.46
CA ALA H 835 -138.45 71.27 -70.69
C ALA H 835 -137.55 71.11 -71.92
N LEU H 836 -136.30 71.56 -71.84
CA LEU H 836 -135.38 71.42 -72.96
C LEU H 836 -135.00 69.96 -73.19
N THR H 837 -134.92 69.17 -72.11
CA THR H 837 -134.55 67.76 -72.27
C THR H 837 -135.67 66.97 -72.93
N ARG H 838 -136.92 67.25 -72.57
CA ARG H 838 -138.05 66.54 -73.16
C ARG H 838 -138.44 67.08 -74.53
N ILE H 839 -138.06 68.32 -74.85
CA ILE H 839 -138.36 68.86 -76.17
C ILE H 839 -137.50 68.18 -77.22
N GLU H 840 -136.24 67.88 -76.90
CA GLU H 840 -135.38 67.17 -77.82
C GLU H 840 -135.70 65.69 -77.88
N GLN H 841 -136.14 65.10 -76.75
CA GLN H 841 -136.51 63.69 -76.75
C GLN H 841 -137.83 63.45 -77.48
N GLY H 842 -138.71 64.45 -77.51
CA GLY H 842 -139.97 64.35 -78.20
C GLY H 842 -141.20 64.52 -77.32
N TRP H 843 -141.05 64.67 -76.01
CA TRP H 843 -142.19 64.84 -75.11
C TRP H 843 -142.66 66.28 -75.18
N THR H 844 -143.72 66.52 -75.95
CA THR H 844 -144.27 67.86 -76.12
C THR H 844 -145.18 68.19 -74.93
N TYR H 845 -145.85 69.34 -75.00
CA TYR H 845 -146.74 69.80 -73.95
C TYR H 845 -148.18 69.41 -74.28
N GLY H 846 -148.95 69.08 -73.24
CA GLY H 846 -150.33 68.72 -73.40
C GLY H 846 -151.08 68.73 -72.09
N PRO H 847 -152.42 68.73 -72.15
CA PRO H 847 -153.19 68.73 -70.90
C PRO H 847 -153.08 67.41 -70.14
N VAL H 848 -153.06 66.29 -70.84
CA VAL H 848 -152.93 64.97 -70.23
C VAL H 848 -151.74 64.27 -70.85
N ARG H 849 -150.92 63.62 -70.02
CA ARG H 849 -149.74 62.91 -70.49
C ARG H 849 -150.18 61.69 -71.30
N ASP H 850 -150.02 61.77 -72.62
CA ASP H 850 -150.40 60.70 -73.53
C ASP H 850 -149.16 60.15 -74.22
N ASP H 851 -149.08 58.82 -74.31
CA ASP H 851 -147.94 58.18 -74.94
C ASP H 851 -147.97 58.35 -76.46
N ASN H 852 -149.17 58.26 -77.06
CA ASN H 852 -149.27 58.40 -78.51
C ASN H 852 -149.03 59.83 -78.96
N LYS H 853 -149.51 60.81 -78.19
CA LYS H 853 -149.34 62.21 -78.53
C LYS H 853 -148.06 62.81 -77.97
N ARG H 854 -147.33 62.07 -77.13
CA ARG H 854 -146.08 62.53 -76.53
C ARG H 854 -146.28 63.83 -75.76
N LEU H 855 -147.36 63.90 -75.00
CA LEU H 855 -147.71 65.08 -74.23
C LEU H 855 -147.20 64.96 -72.80
N HIS H 856 -146.95 66.11 -72.17
CA HIS H 856 -146.47 66.15 -70.80
C HIS H 856 -146.84 67.50 -70.16
N PRO H 857 -147.38 67.49 -68.94
CA PRO H 857 -147.78 68.77 -68.32
C PRO H 857 -146.60 69.59 -67.82
N CYS H 858 -145.47 68.95 -67.53
CA CYS H 858 -144.31 69.67 -67.01
C CYS H 858 -143.55 70.44 -68.09
N LEU H 859 -143.97 70.34 -69.35
CA LEU H 859 -143.31 71.07 -70.43
C LEU H 859 -143.64 72.56 -70.44
N VAL H 860 -144.64 72.98 -69.65
CA VAL H 860 -145.02 74.39 -69.63
C VAL H 860 -144.03 75.16 -68.76
N ASP H 861 -144.00 76.48 -68.97
CA ASP H 861 -143.06 77.34 -68.26
C ASP H 861 -143.38 77.36 -66.77
N PHE H 862 -142.41 77.86 -65.99
CA PHE H 862 -142.56 77.90 -64.54
C PHE H 862 -143.57 78.96 -64.09
N HIS H 863 -143.69 80.05 -64.84
CA HIS H 863 -144.63 81.09 -64.46
C HIS H 863 -146.08 80.62 -64.52
N SER H 864 -146.40 79.77 -65.50
CA SER H 864 -147.73 79.20 -65.63
C SER H 864 -147.82 77.78 -65.11
N LEU H 865 -146.77 77.30 -64.45
CA LEU H 865 -146.79 75.95 -63.89
C LEU H 865 -147.71 75.91 -62.67
N PRO H 866 -148.52 74.87 -62.52
CA PRO H 866 -149.41 74.80 -61.36
C PRO H 866 -148.63 74.75 -60.05
N GLU H 867 -149.28 75.19 -58.97
CA GLU H 867 -148.61 75.23 -57.68
C GLU H 867 -148.21 73.86 -57.17
N PRO H 868 -148.88 72.76 -57.52
CA PRO H 868 -148.42 71.45 -57.02
C PRO H 868 -147.11 71.02 -57.64
N GLU H 869 -146.92 71.25 -58.94
CA GLU H 869 -145.67 70.89 -59.59
C GLU H 869 -144.58 71.92 -59.33
N ARG H 870 -144.96 73.20 -59.19
CA ARG H 870 -143.96 74.23 -58.93
C ARG H 870 -143.38 74.10 -57.53
N ASN H 871 -144.16 73.61 -56.57
CA ASN H 871 -143.65 73.44 -55.22
C ASN H 871 -142.63 72.31 -55.16
N TYR H 872 -142.91 71.20 -55.85
CA TYR H 872 -141.95 70.08 -55.87
C TYR H 872 -140.67 70.47 -56.58
N ASN H 873 -140.77 71.28 -57.64
CA ASN H 873 -139.58 71.74 -58.34
C ASN H 873 -138.81 72.77 -57.52
N LEU H 874 -139.51 73.55 -56.70
CA LEU H 874 -138.83 74.54 -55.87
C LEU H 874 -138.07 73.88 -54.73
N GLN H 875 -138.69 72.89 -54.08
CA GLN H 875 -138.00 72.18 -53.00
C GLN H 875 -136.88 71.30 -53.52
N MET H 876 -137.01 70.81 -54.76
CA MET H 876 -135.92 70.03 -55.35
C MET H 876 -134.70 70.89 -55.61
N SER H 877 -134.90 72.10 -56.14
CA SER H 877 -133.79 73.02 -56.33
C SER H 877 -133.28 73.57 -55.00
N GLY H 878 -134.19 73.78 -54.03
CA GLY H 878 -133.77 74.22 -52.72
C GLY H 878 -133.04 73.18 -51.91
N GLU H 879 -133.27 71.90 -52.21
CA GLU H 879 -132.55 70.83 -51.51
C GLU H 879 -131.09 70.79 -51.93
N THR H 880 -130.78 71.18 -53.16
CA THR H 880 -129.39 71.22 -53.61
C THR H 880 -128.62 72.30 -52.84
N LEU H 881 -129.24 73.44 -52.57
CA LEU H 881 -128.60 74.47 -51.77
C LEU H 881 -128.52 74.08 -50.31
N LYS H 882 -129.50 73.32 -49.83
CA LYS H 882 -129.47 72.86 -48.43
C LYS H 882 -128.38 71.82 -48.22
N THR H 883 -128.24 70.88 -49.16
CA THR H 883 -127.19 69.87 -49.07
C THR H 883 -125.81 70.48 -49.29
N LEU H 884 -125.71 71.60 -49.99
CA LEU H 884 -124.42 72.25 -50.20
C LEU H 884 -123.88 72.84 -48.90
N LEU H 885 -124.77 73.25 -47.99
CA LEU H 885 -124.31 73.79 -46.71
C LEU H 885 -123.71 72.71 -45.82
N ALA H 886 -124.25 71.49 -45.88
CA ALA H 886 -123.71 70.40 -45.09
C ALA H 886 -122.42 69.85 -45.68
N LEU H 887 -122.25 69.96 -47.00
CA LEU H 887 -121.03 69.46 -47.64
C LEU H 887 -119.84 70.39 -47.40
N GLY H 888 -120.09 71.69 -47.30
CA GLY H 888 -119.02 72.64 -47.07
C GLY H 888 -118.88 73.68 -48.18
N CYS H 889 -119.83 73.67 -49.11
CA CYS H 889 -119.80 74.61 -50.22
C CYS H 889 -120.15 76.01 -49.72
N HIS H 890 -119.22 76.94 -49.87
CA HIS H 890 -119.43 78.33 -49.43
C HIS H 890 -120.05 79.12 -50.57
N VAL H 891 -121.21 79.72 -50.31
CA VAL H 891 -121.89 80.51 -51.33
C VAL H 891 -121.16 81.84 -51.52
N GLY H 892 -121.27 82.38 -52.73
CA GLY H 892 -120.62 83.64 -53.05
C GLY H 892 -121.17 84.20 -54.34
N MET H 893 -120.85 85.48 -54.57
CA MET H 893 -121.27 86.20 -55.76
C MET H 893 -120.03 86.64 -56.53
N ALA H 894 -119.87 86.11 -57.75
CA ALA H 894 -118.72 86.46 -58.58
C ALA H 894 -118.87 87.86 -59.17
N ASP H 895 -120.02 88.13 -59.80
CA ASP H 895 -120.26 89.42 -60.42
C ASP H 895 -121.76 89.62 -60.58
N GLU H 896 -122.18 90.88 -60.52
CA GLU H 896 -123.59 91.23 -60.66
C GLU H 896 -123.99 91.52 -62.10
N LYS H 897 -123.03 91.63 -63.02
CA LYS H 897 -123.36 91.91 -64.41
C LYS H 897 -123.99 90.70 -65.11
N ALA H 898 -123.84 89.50 -64.55
CA ALA H 898 -124.42 88.32 -65.17
C ALA H 898 -125.94 88.33 -65.09
N GLU H 899 -126.50 88.91 -64.01
CA GLU H 899 -127.95 88.97 -63.88
C GLU H 899 -128.57 89.95 -64.87
N ASP H 900 -127.86 91.05 -65.17
CA ASP H 900 -128.40 92.03 -66.11
C ASP H 900 -128.34 91.51 -67.54
N ASN H 901 -127.31 90.75 -67.89
CA ASN H 901 -127.13 90.19 -69.22
C ASN H 901 -127.19 88.67 -69.11
N LEU H 902 -128.41 88.13 -69.21
CA LEU H 902 -128.65 86.70 -69.13
C LEU H 902 -129.37 86.23 -70.38
N ARG H 903 -128.91 85.11 -70.93
CA ARG H 903 -129.50 84.53 -72.13
C ARG H 903 -130.86 83.92 -71.78
N LYS H 904 -131.93 84.66 -72.08
CA LYS H 904 -133.28 84.20 -71.80
C LYS H 904 -134.18 84.57 -72.96
N THR H 905 -135.37 83.96 -72.99
CA THR H 905 -136.37 84.20 -74.03
C THR H 905 -135.80 83.92 -75.42
N LYS H 906 -135.03 82.84 -75.54
CA LYS H 906 -134.41 82.45 -76.80
C LYS H 906 -135.13 81.23 -77.35
N LEU H 907 -135.69 81.36 -78.55
CA LEU H 907 -136.42 80.28 -79.20
C LEU H 907 -135.74 79.92 -80.51
N PRO H 908 -135.06 78.77 -80.59
CA PRO H 908 -134.40 78.40 -81.85
C PRO H 908 -135.27 77.53 -82.74
N LYS H 909 -136.58 77.62 -82.55
CA LYS H 909 -137.60 76.88 -83.30
C LYS H 909 -137.44 75.37 -83.17
N THR H 910 -136.69 74.89 -82.18
CA THR H 910 -136.51 73.47 -81.96
C THR H 910 -137.25 72.95 -80.73
N TYR H 911 -137.49 73.80 -79.74
CA TYR H 911 -138.19 73.42 -78.53
C TYR H 911 -139.70 73.61 -78.64
N MET H 912 -140.22 73.82 -79.84
CA MET H 912 -141.66 73.99 -80.03
C MET H 912 -142.39 72.69 -79.72
N MET H 913 -143.38 72.77 -78.85
CA MET H 913 -144.15 71.60 -78.45
C MET H 913 -145.35 71.44 -79.38
N SER H 914 -146.39 70.75 -78.93
CA SER H 914 -147.58 70.56 -79.76
C SER H 914 -148.35 71.86 -79.94
N ASN H 915 -148.36 72.72 -78.93
CA ASN H 915 -149.08 73.99 -79.05
C ASN H 915 -148.37 74.95 -79.99
N GLY H 916 -147.05 74.82 -80.13
CA GLY H 916 -146.27 75.68 -81.01
C GLY H 916 -145.31 76.61 -80.31
N TYR H 917 -145.47 76.81 -79.00
CA TYR H 917 -144.59 77.70 -78.24
C TYR H 917 -143.33 76.96 -77.81
N LYS H 918 -142.23 77.71 -77.75
CA LYS H 918 -140.94 77.17 -77.35
C LYS H 918 -140.54 77.76 -76.00
N PRO H 919 -140.33 76.94 -74.97
CA PRO H 919 -139.92 77.49 -73.67
C PRO H 919 -138.55 78.13 -73.74
N ALA H 920 -138.32 79.08 -72.84
CA ALA H 920 -137.04 79.77 -72.79
C ALA H 920 -135.95 78.84 -72.24
N PRO H 921 -134.71 79.03 -72.68
CA PRO H 921 -133.63 78.16 -72.19
C PRO H 921 -133.27 78.44 -70.74
N LEU H 922 -133.08 79.72 -70.41
CA LEU H 922 -132.73 80.16 -69.05
C LEU H 922 -131.46 79.49 -68.55
N ASP H 923 -130.51 79.24 -69.46
CA ASP H 923 -129.24 78.61 -69.12
C ASP H 923 -128.11 79.41 -69.72
N LEU H 924 -127.16 79.83 -68.90
CA LEU H 924 -126.01 80.62 -69.33
C LEU H 924 -124.83 79.68 -69.54
N SER H 925 -124.47 79.47 -70.80
CA SER H 925 -123.36 78.59 -71.16
C SER H 925 -122.05 79.35 -71.39
N HIS H 926 -122.04 80.66 -71.18
CA HIS H 926 -120.82 81.42 -71.39
C HIS H 926 -119.77 81.14 -70.31
N VAL H 927 -120.22 80.84 -69.10
CA VAL H 927 -119.31 80.55 -67.99
C VAL H 927 -118.74 79.15 -68.16
N ARG H 928 -117.43 79.03 -68.00
CA ARG H 928 -116.75 77.75 -68.13
C ARG H 928 -116.69 77.04 -66.78
N LEU H 929 -117.12 75.79 -66.75
CA LEU H 929 -117.13 75.02 -65.51
C LEU H 929 -115.70 74.63 -65.13
N THR H 930 -115.53 74.33 -63.83
CA THR H 930 -114.24 73.95 -63.29
C THR H 930 -114.18 72.46 -63.03
N PRO H 931 -113.01 71.84 -63.21
CA PRO H 931 -112.90 70.40 -62.92
C PRO H 931 -113.09 70.06 -61.46
N ALA H 932 -112.78 70.98 -60.55
CA ALA H 932 -113.01 70.76 -59.13
C ALA H 932 -114.47 70.96 -58.74
N GLN H 933 -115.23 71.73 -59.52
CA GLN H 933 -116.64 71.94 -59.23
C GLN H 933 -117.48 70.72 -59.63
N THR H 934 -117.21 70.16 -60.80
CA THR H 934 -117.95 68.97 -61.23
C THR H 934 -117.58 67.75 -60.40
N THR H 935 -116.37 67.73 -59.82
CA THR H 935 -116.01 66.65 -58.92
C THR H 935 -116.82 66.71 -57.62
N LEU H 936 -117.06 67.92 -57.11
CA LEU H 936 -117.92 68.08 -55.95
C LEU H 936 -119.39 67.99 -56.30
N VAL H 937 -119.76 68.27 -57.54
CA VAL H 937 -121.16 68.13 -57.95
C VAL H 937 -121.59 66.67 -57.89
N ASP H 938 -120.68 65.74 -58.15
CA ASP H 938 -121.00 64.33 -58.00
C ASP H 938 -121.23 63.97 -56.54
N ARG H 939 -120.52 64.62 -55.62
CA ARG H 939 -120.76 64.40 -54.20
C ARG H 939 -122.11 64.97 -53.78
N LEU H 940 -122.49 66.11 -54.34
CA LEU H 940 -123.82 66.67 -54.05
C LEU H 940 -124.92 65.80 -54.63
N ALA H 941 -124.68 65.21 -55.81
CA ALA H 941 -125.67 64.31 -56.40
C ALA H 941 -125.70 62.97 -55.68
N GLU H 942 -124.57 62.52 -55.14
CA GLU H 942 -124.54 61.26 -54.41
C GLU H 942 -125.32 61.37 -53.10
N ASN H 943 -125.25 62.52 -52.44
CA ASN H 943 -126.01 62.71 -51.20
C ASN H 943 -127.51 62.78 -51.48
N GLY H 944 -127.91 63.35 -52.61
CA GLY H 944 -129.32 63.39 -52.94
C GLY H 944 -129.89 62.02 -53.25
N HIS H 945 -129.08 61.15 -53.85
CA HIS H 945 -129.55 59.79 -54.13
C HIS H 945 -129.62 58.95 -52.86
N ASN H 946 -128.78 59.27 -51.86
CA ASN H 946 -128.84 58.53 -50.60
C ASN H 946 -130.10 58.86 -49.82
N VAL H 947 -130.46 60.15 -49.77
CA VAL H 947 -131.72 60.54 -49.13
C VAL H 947 -132.90 60.04 -49.96
N TRP H 948 -132.74 59.96 -51.28
CA TRP H 948 -133.80 59.40 -52.12
C TRP H 948 -134.04 57.93 -51.80
N ALA H 949 -132.97 57.15 -51.64
CA ALA H 949 -133.13 55.75 -51.26
C ALA H 949 -133.61 55.61 -49.83
N ARG H 950 -133.28 56.56 -48.95
CA ARG H 950 -133.75 56.51 -47.58
C ARG H 950 -135.26 56.76 -47.51
N ASP H 951 -135.77 57.62 -48.38
CA ASP H 951 -137.21 57.87 -48.40
C ASP H 951 -137.98 56.68 -48.98
N ARG H 952 -137.33 55.89 -49.83
CA ARG H 952 -137.98 54.71 -50.40
C ARG H 952 -138.09 53.58 -49.38
N VAL H 953 -137.00 53.30 -48.67
CA VAL H 953 -137.03 52.23 -47.67
C VAL H 953 -137.91 52.60 -46.50
N ALA H 954 -138.06 53.90 -46.22
CA ALA H 954 -138.94 54.34 -45.14
C ALA H 954 -140.40 54.28 -45.53
N GLN H 955 -140.71 54.47 -46.83
CA GLN H 955 -142.09 54.43 -47.27
C GLN H 955 -142.63 53.00 -47.29
N GLY H 956 -141.77 52.01 -47.51
CA GLY H 956 -142.20 50.63 -47.53
C GLY H 956 -141.86 49.91 -48.82
N TRP H 957 -140.87 50.42 -49.56
CA TRP H 957 -140.46 49.78 -50.80
C TRP H 957 -139.77 48.45 -50.52
N SER H 958 -139.76 47.58 -51.52
CA SER H 958 -139.24 46.23 -51.37
C SER H 958 -137.72 46.21 -51.48
N TYR H 959 -137.17 45.06 -51.87
CA TYR H 959 -135.72 44.89 -51.96
C TYR H 959 -135.17 45.61 -53.19
N SER H 960 -133.83 45.63 -53.27
CA SER H 960 -133.13 46.29 -54.37
C SER H 960 -132.72 45.22 -55.39
N ALA H 961 -133.69 44.83 -56.22
CA ALA H 961 -133.46 43.85 -57.27
C ALA H 961 -133.31 44.56 -58.61
N VAL H 962 -132.41 44.04 -59.45
CA VAL H 962 -132.22 44.61 -60.78
C VAL H 962 -133.45 44.39 -61.64
N GLN H 963 -134.09 43.23 -61.51
CA GLN H 963 -135.31 42.96 -62.26
C GLN H 963 -136.45 43.80 -61.73
N ASP H 964 -137.16 44.47 -62.62
CA ASP H 964 -138.27 45.33 -62.22
C ASP H 964 -139.44 44.49 -61.74
N ILE H 965 -139.95 44.82 -60.55
CA ILE H 965 -141.10 44.12 -59.97
C ILE H 965 -142.14 45.14 -59.54
N PRO H 966 -143.42 44.91 -59.81
CA PRO H 966 -144.46 45.89 -59.42
C PRO H 966 -144.66 46.00 -57.91
N ALA H 967 -144.13 45.07 -57.12
CA ALA H 967 -144.33 45.09 -55.67
C ALA H 967 -143.34 46.04 -54.99
N ARG H 968 -143.30 47.29 -55.44
CA ARG H 968 -142.44 48.32 -54.85
C ARG H 968 -140.98 47.90 -54.85
N ARG H 969 -140.55 47.23 -55.91
CA ARG H 969 -139.17 46.78 -56.07
C ARG H 969 -138.59 47.41 -57.33
N ASN H 970 -137.54 48.20 -57.15
CA ASN H 970 -136.90 48.91 -58.26
C ASN H 970 -135.43 49.06 -57.95
N PRO H 971 -134.56 49.11 -58.98
CA PRO H 971 -133.13 49.28 -58.73
C PRO H 971 -132.74 50.67 -58.24
N ARG H 972 -133.71 51.56 -57.99
CA ARG H 972 -133.39 52.89 -57.52
C ARG H 972 -132.96 52.91 -56.05
N LEU H 973 -133.14 51.83 -55.32
CA LEU H 973 -132.80 51.76 -53.91
C LEU H 973 -131.39 51.21 -53.66
N VAL H 974 -130.60 51.02 -54.72
CA VAL H 974 -129.23 50.52 -54.58
C VAL H 974 -128.33 51.68 -54.16
N PRO H 975 -127.21 51.42 -53.51
CA PRO H 975 -126.30 52.51 -53.14
C PRO H 975 -125.72 53.19 -54.37
N TYR H 976 -125.32 54.45 -54.18
CA TYR H 976 -124.77 55.23 -55.28
C TYR H 976 -123.37 54.73 -55.68
N ARG H 977 -122.62 54.18 -54.73
CA ARG H 977 -121.28 53.69 -55.04
C ARG H 977 -121.34 52.42 -55.88
N LEU H 978 -122.29 51.53 -55.59
CA LEU H 978 -122.44 50.28 -56.32
C LEU H 978 -123.40 50.39 -57.49
N LEU H 979 -123.90 51.60 -57.79
CA LEU H 979 -124.82 51.78 -58.90
C LEU H 979 -124.08 51.72 -60.22
N ASP H 980 -124.83 51.44 -61.28
CA ASP H 980 -124.26 51.36 -62.61
C ASP H 980 -123.87 52.74 -63.13
N GLU H 981 -122.99 52.75 -64.13
CA GLU H 981 -122.55 54.01 -64.72
C GLU H 981 -123.63 54.70 -65.53
N ALA H 982 -124.66 53.96 -65.97
CA ALA H 982 -125.74 54.58 -66.74
C ALA H 982 -126.57 55.50 -65.87
N THR H 983 -127.01 55.02 -64.70
CA THR H 983 -127.78 55.86 -63.79
C THR H 983 -126.92 56.93 -63.15
N LYS H 984 -125.62 56.67 -62.98
CA LYS H 984 -124.73 57.66 -62.39
C LYS H 984 -124.51 58.83 -63.35
N ARG H 985 -124.43 58.55 -64.65
CA ARG H 985 -124.27 59.61 -65.64
C ARG H 985 -125.53 60.45 -65.76
N SER H 986 -126.70 59.85 -65.60
CA SER H 986 -127.95 60.62 -65.67
C SER H 986 -128.09 61.52 -64.46
N ASN H 987 -127.73 61.03 -63.27
CA ASN H 987 -127.79 61.86 -62.08
C ASN H 987 -126.73 62.96 -62.11
N ARG H 988 -125.55 62.67 -62.65
CA ARG H 988 -124.52 63.69 -62.78
C ARG H 988 -124.88 64.75 -63.81
N ASP H 989 -125.65 64.37 -64.84
CA ASP H 989 -126.07 65.34 -65.84
C ASP H 989 -127.04 66.36 -65.26
N SER H 990 -127.97 65.89 -64.41
CA SER H 990 -128.91 66.80 -63.77
C SER H 990 -128.19 67.69 -62.75
N LEU H 991 -127.19 67.15 -62.06
CA LEU H 991 -126.42 67.94 -61.11
C LEU H 991 -125.54 68.95 -61.82
N CYS H 992 -124.98 68.59 -62.98
CA CYS H 992 -124.16 69.52 -63.73
C CYS H 992 -124.99 70.65 -64.33
N GLN H 993 -126.27 70.37 -64.65
CA GLN H 993 -127.13 71.43 -65.17
C GLN H 993 -127.42 72.47 -64.10
N ALA H 994 -127.69 72.05 -62.87
CA ALA H 994 -127.90 73.00 -61.78
C ALA H 994 -126.61 73.72 -61.41
N VAL H 995 -125.46 73.05 -61.53
CA VAL H 995 -124.20 73.71 -61.25
C VAL H 995 -123.85 74.72 -62.32
N ARG H 996 -124.16 74.40 -63.59
CA ARG H 996 -123.91 75.34 -64.67
C ARG H 996 -124.84 76.55 -64.57
N THR H 997 -126.08 76.33 -64.15
CA THR H 997 -127.01 77.44 -63.98
C THR H 997 -126.60 78.32 -62.80
N LEU H 998 -126.05 77.73 -61.74
CA LEU H 998 -125.59 78.53 -60.60
C LEU H 998 -124.35 79.33 -60.98
N LEU H 999 -123.41 78.73 -61.70
CA LEU H 999 -122.22 79.45 -62.13
C LEU H 999 -122.56 80.50 -63.18
N GLY H 1000 -123.60 80.27 -63.97
CA GLY H 1000 -124.00 81.24 -64.98
C GLY H 1000 -124.60 82.51 -64.40
N TYR H 1001 -125.15 82.44 -63.20
CA TYR H 1001 -125.74 83.59 -62.54
C TYR H 1001 -124.71 84.41 -61.76
N GLY H 1002 -123.43 84.21 -62.03
CA GLY H 1002 -122.39 84.94 -61.32
C GLY H 1002 -122.18 84.49 -59.89
N TYR H 1003 -122.36 83.20 -59.61
CA TYR H 1003 -122.19 82.65 -58.28
C TYR H 1003 -121.05 81.63 -58.30
N ASN H 1004 -120.04 81.86 -57.47
CA ASN H 1004 -118.89 80.97 -57.39
C ASN H 1004 -119.16 79.88 -56.36
N ILE H 1005 -118.91 78.63 -56.75
CA ILE H 1005 -119.11 77.47 -55.88
C ILE H 1005 -117.75 77.04 -55.33
N GLU H 1006 -117.62 77.08 -54.01
CA GLU H 1006 -116.36 76.70 -53.37
C GLU H 1006 -116.28 75.19 -53.19
N ARG H 1007 -102.89 41.86 -44.41
CA ARG H 1007 -103.76 41.39 -45.47
C ARG H 1007 -102.99 41.19 -46.76
N VAL H 1008 -101.75 40.72 -46.63
CA VAL H 1008 -100.88 40.47 -47.78
C VAL H 1008 -100.46 39.00 -47.74
N ARG H 1009 -100.51 38.35 -48.90
CA ARG H 1009 -100.13 36.94 -49.02
C ARG H 1009 -98.63 36.87 -49.30
N ILE H 1010 -97.84 36.60 -48.25
CA ILE H 1010 -96.40 36.51 -48.38
C ILE H 1010 -96.06 35.20 -49.10
N PHE H 1011 -95.58 35.30 -50.33
CA PHE H 1011 -95.20 34.13 -51.12
C PHE H 1011 -93.69 33.93 -51.04
N ARG H 1012 -93.27 32.71 -50.74
CA ARG H 1012 -91.85 32.38 -50.64
C ARG H 1012 -91.65 30.90 -50.90
N ALA H 1013 -90.41 30.53 -51.18
CA ALA H 1013 -90.06 29.14 -51.44
C ALA H 1013 -89.76 28.41 -50.14
N GLU H 1014 -89.34 27.15 -50.26
CA GLU H 1014 -89.02 26.35 -49.10
C GLU H 1014 -87.67 26.77 -48.50
N LYS H 1015 -87.45 26.37 -47.25
CA LYS H 1015 -86.22 26.69 -46.55
C LYS H 1015 -85.03 25.84 -46.99
N SER H 1016 -85.27 24.83 -47.83
CA SER H 1016 -84.18 23.97 -48.30
C SER H 1016 -83.54 24.47 -49.59
N TYR H 1017 -84.17 25.41 -50.29
CA TYR H 1017 -83.63 25.97 -51.53
C TYR H 1017 -82.81 27.23 -51.29
N ALA H 1018 -82.26 27.39 -50.09
CA ALA H 1018 -81.46 28.58 -49.79
C ALA H 1018 -80.13 28.52 -50.52
N VAL H 1019 -79.85 29.55 -51.32
CA VAL H 1019 -78.62 29.63 -52.10
C VAL H 1019 -77.61 30.44 -51.31
N GLN H 1020 -76.36 29.97 -51.29
CA GLN H 1020 -75.29 30.65 -50.57
C GLN H 1020 -74.18 31.18 -51.47
N SER H 1021 -74.07 30.68 -52.69
CA SER H 1021 -73.06 31.14 -53.63
C SER H 1021 -73.60 31.02 -55.05
N GLY H 1022 -72.90 31.65 -55.98
CA GLY H 1022 -73.30 31.62 -57.37
C GLY H 1022 -74.19 32.78 -57.75
N ARG H 1023 -74.58 32.79 -59.03
CA ARG H 1023 -75.44 33.82 -59.60
C ARG H 1023 -76.79 33.22 -59.95
N TRP H 1024 -77.86 33.91 -59.55
CA TRP H 1024 -79.22 33.46 -59.83
C TRP H 1024 -80.06 34.64 -60.28
N TYR H 1025 -81.10 34.36 -61.05
CA TYR H 1025 -81.95 35.41 -61.60
C TYR H 1025 -83.30 34.80 -61.97
N PHE H 1026 -84.37 35.56 -61.70
CA PHE H 1026 -85.72 35.11 -62.01
C PHE H 1026 -86.56 36.31 -62.41
N GLU H 1027 -87.64 36.03 -63.13
CA GLU H 1027 -88.54 37.06 -63.63
C GLU H 1027 -89.86 37.04 -62.87
N PHE H 1028 -90.69 38.04 -63.14
CA PHE H 1028 -92.00 38.15 -62.51
C PHE H 1028 -92.95 38.87 -63.46
N GLU H 1029 -94.07 38.25 -63.75
CA GLU H 1029 -95.08 38.83 -64.64
C GLU H 1029 -96.22 39.41 -63.82
N ALA H 1030 -96.56 40.66 -64.10
CA ALA H 1030 -97.64 41.38 -63.41
C ALA H 1030 -98.71 41.72 -64.44
N VAL H 1031 -99.89 41.13 -64.28
CA VAL H 1031 -101.00 41.37 -65.20
C VAL H 1031 -101.82 42.59 -64.78
N THR H 1032 -102.16 42.68 -63.51
CA THR H 1032 -102.96 43.79 -62.98
C THR H 1032 -102.05 44.74 -62.23
N THR H 1033 -102.14 46.03 -62.57
CA THR H 1033 -101.31 47.03 -61.92
C THR H 1033 -101.81 47.29 -60.50
N GLY H 1034 -100.90 47.23 -59.55
CA GLY H 1034 -101.25 47.45 -58.15
C GLY H 1034 -100.03 47.48 -57.29
N GLU H 1035 -100.24 47.32 -55.98
CA GLU H 1035 -99.14 47.31 -55.03
C GLU H 1035 -98.55 45.91 -54.99
N MET H 1036 -97.35 45.76 -55.54
CA MET H 1036 -96.66 44.48 -55.59
C MET H 1036 -95.34 44.59 -54.84
N ARG H 1037 -94.87 43.45 -54.34
CA ARG H 1037 -93.61 43.37 -53.60
C ARG H 1037 -92.92 42.08 -54.02
N VAL H 1038 -91.93 42.20 -54.92
CA VAL H 1038 -91.19 41.05 -55.44
C VAL H 1038 -89.71 41.31 -55.23
N GLY H 1039 -89.03 40.38 -54.57
CA GLY H 1039 -87.60 40.51 -54.33
C GLY H 1039 -87.00 39.28 -53.69
N TRP H 1040 -86.00 39.47 -52.83
CA TRP H 1040 -85.33 38.38 -52.13
C TRP H 1040 -85.54 38.53 -50.64
N ALA H 1041 -85.55 37.40 -49.94
CA ALA H 1041 -85.76 37.39 -48.50
C ALA H 1041 -85.01 36.21 -47.89
N ARG H 1042 -84.82 36.28 -46.57
CA ARG H 1042 -84.16 35.26 -45.78
C ARG H 1042 -85.18 34.23 -45.27
N PRO H 1043 -84.74 32.99 -45.06
CA PRO H 1043 -85.69 31.97 -44.58
C PRO H 1043 -86.22 32.25 -43.18
N GLU H 1044 -85.51 33.03 -42.37
CA GLU H 1044 -85.97 33.38 -41.03
C GLU H 1044 -86.77 34.68 -41.09
N LEU H 1045 -87.91 34.60 -41.76
CA LEU H 1045 -88.80 35.74 -41.96
C LEU H 1045 -90.11 35.51 -41.22
N ARG H 1046 -90.50 36.48 -40.40
CA ARG H 1046 -91.74 36.38 -39.66
C ARG H 1046 -92.91 36.90 -40.49
N PRO H 1047 -94.04 36.20 -40.49
CA PRO H 1047 -95.17 36.63 -41.33
C PRO H 1047 -95.96 37.80 -40.76
N ASP H 1048 -95.91 38.05 -39.46
CA ASP H 1048 -96.68 39.15 -38.88
C ASP H 1048 -96.12 40.50 -39.33
N VAL H 1049 -94.80 40.63 -39.36
CA VAL H 1049 -94.19 41.89 -39.81
C VAL H 1049 -94.34 42.01 -41.32
N GLU H 1050 -94.64 43.23 -41.78
CA GLU H 1050 -94.79 43.47 -43.21
C GLU H 1050 -93.46 43.25 -43.92
N LEU H 1051 -93.54 42.69 -45.13
CA LEU H 1051 -92.34 42.41 -45.91
C LEU H 1051 -91.59 43.70 -46.24
N GLY H 1052 -90.34 43.78 -45.80
CA GLY H 1052 -89.51 44.94 -46.04
C GLY H 1052 -89.50 45.97 -44.94
N ALA H 1053 -90.24 45.75 -43.85
CA ALA H 1053 -90.24 46.70 -42.74
C ALA H 1053 -88.90 46.72 -42.04
N ASP H 1054 -88.44 45.57 -41.58
CA ASP H 1054 -87.16 45.46 -40.91
C ASP H 1054 -86.06 45.15 -41.95
N GLU H 1055 -84.87 44.81 -41.47
CA GLU H 1055 -83.74 44.47 -42.34
C GLU H 1055 -83.65 42.97 -42.61
N LEU H 1056 -84.77 42.26 -42.55
CA LEU H 1056 -84.79 40.82 -42.77
C LEU H 1056 -85.13 40.44 -44.21
N ALA H 1057 -85.46 41.40 -45.06
CA ALA H 1057 -85.81 41.11 -46.45
C ALA H 1057 -85.59 42.36 -47.28
N TYR H 1058 -85.08 42.17 -48.49
CA TYR H 1058 -84.84 43.26 -49.44
C TYR H 1058 -85.81 43.08 -50.61
N VAL H 1059 -86.85 43.91 -50.65
CA VAL H 1059 -87.91 43.80 -51.63
C VAL H 1059 -88.10 45.14 -52.34
N PHE H 1060 -88.58 45.08 -53.58
CA PHE H 1060 -88.86 46.25 -54.39
C PHE H 1060 -90.36 46.38 -54.59
N ASN H 1061 -90.85 47.62 -54.52
CA ASN H 1061 -92.28 47.88 -54.61
C ASN H 1061 -92.71 47.97 -56.07
N GLY H 1062 -94.00 48.24 -56.28
CA GLY H 1062 -94.57 48.27 -57.61
C GLY H 1062 -94.91 49.67 -58.12
N HIS H 1063 -96.18 50.04 -58.02
CA HIS H 1063 -96.63 51.32 -58.58
C HIS H 1063 -96.01 52.50 -57.85
N ARG H 1064 -95.56 52.30 -56.61
CA ARG H 1064 -94.96 53.41 -55.87
C ARG H 1064 -93.52 53.63 -56.29
N GLY H 1065 -92.78 52.56 -56.58
CA GLY H 1065 -91.42 52.68 -57.07
C GLY H 1065 -90.40 53.03 -56.02
N GLN H 1066 -90.37 52.26 -54.93
CA GLN H 1066 -89.40 52.46 -53.87
C GLN H 1066 -88.95 51.10 -53.34
N ARG H 1067 -87.87 51.11 -52.57
CA ARG H 1067 -87.36 49.92 -51.92
C ARG H 1067 -87.74 49.94 -50.44
N TRP H 1068 -87.62 48.76 -49.80
CA TRP H 1068 -88.00 48.59 -48.40
C TRP H 1068 -86.84 47.95 -47.66
N HIS H 1069 -85.94 48.79 -47.15
CA HIS H 1069 -84.82 48.33 -46.31
C HIS H 1069 -84.51 49.45 -45.32
N LEU H 1070 -85.11 49.36 -44.14
CA LEU H 1070 -84.94 50.36 -43.08
C LEU H 1070 -85.29 51.76 -43.58
N GLY H 1071 -86.28 51.85 -44.45
CA GLY H 1071 -86.69 53.11 -45.02
C GLY H 1071 -87.30 52.90 -46.39
N SER H 1072 -87.49 54.01 -47.10
CA SER H 1072 -88.06 53.97 -48.45
C SER H 1072 -87.57 55.18 -49.22
N GLU H 1073 -86.80 54.94 -50.28
CA GLU H 1073 -86.26 55.99 -51.13
C GLU H 1073 -86.73 55.79 -52.55
N LEU H 1074 -87.00 56.91 -53.25
CA LEU H 1074 -87.46 56.86 -54.63
C LEU H 1074 -86.41 56.24 -55.53
N PHE H 1075 -86.72 55.08 -56.11
CA PHE H 1075 -85.77 54.36 -56.95
C PHE H 1075 -86.54 53.59 -58.01
N GLY H 1076 -86.31 53.93 -59.27
CA GLY H 1076 -86.94 53.24 -60.38
C GLY H 1076 -88.07 54.02 -61.00
N ARG H 1077 -88.92 53.29 -61.71
CA ARG H 1077 -90.06 53.84 -62.42
C ARG H 1077 -91.29 52.98 -62.13
N PRO H 1078 -92.49 53.55 -62.23
CA PRO H 1078 -93.70 52.75 -62.00
C PRO H 1078 -93.84 51.65 -63.04
N TRP H 1079 -94.51 50.58 -62.64
CA TRP H 1079 -94.65 49.41 -63.49
C TRP H 1079 -95.76 49.62 -64.53
N GLN H 1080 -95.75 48.76 -65.54
CA GLN H 1080 -96.73 48.81 -66.62
C GLN H 1080 -97.78 47.73 -66.41
N SER H 1081 -98.66 47.56 -67.39
CA SER H 1081 -99.72 46.56 -67.31
C SER H 1081 -99.29 45.18 -67.79
N GLY H 1082 -98.19 45.09 -68.53
CA GLY H 1082 -97.72 43.81 -69.03
C GLY H 1082 -96.21 43.68 -69.01
N ASP H 1083 -95.55 44.51 -68.21
CA ASP H 1083 -94.10 44.47 -68.13
C ASP H 1083 -93.64 43.27 -67.31
N VAL H 1084 -92.34 42.99 -67.39
CA VAL H 1084 -91.71 41.88 -66.67
C VAL H 1084 -90.64 42.46 -65.76
N VAL H 1085 -90.67 42.04 -64.48
CA VAL H 1085 -89.74 42.52 -63.47
C VAL H 1085 -88.77 41.40 -63.12
N GLY H 1086 -87.47 41.68 -63.23
CA GLY H 1086 -86.46 40.71 -62.90
C GLY H 1086 -85.64 41.10 -61.69
N CYS H 1087 -84.95 40.14 -61.08
CA CYS H 1087 -84.15 40.37 -59.89
C CYS H 1087 -82.88 39.54 -59.97
N MET H 1088 -81.73 40.20 -60.05
CA MET H 1088 -80.44 39.54 -60.08
C MET H 1088 -79.80 39.57 -58.69
N ILE H 1089 -78.92 38.61 -58.45
CA ILE H 1089 -78.22 38.51 -57.18
C ILE H 1089 -76.86 37.85 -57.42
N ASP H 1090 -75.85 38.31 -56.70
CA ASP H 1090 -74.50 37.76 -56.82
C ASP H 1090 -73.87 37.74 -55.43
N LEU H 1091 -73.67 36.54 -54.89
CA LEU H 1091 -73.14 36.41 -53.54
C LEU H 1091 -71.65 36.69 -53.47
N THR H 1092 -70.90 36.33 -54.52
CA THR H 1092 -69.46 36.56 -54.53
C THR H 1092 -69.09 38.01 -54.78
N GLU H 1093 -70.02 38.81 -55.33
CA GLU H 1093 -69.78 40.22 -55.57
C GLU H 1093 -70.58 41.13 -54.63
N ASN H 1094 -71.54 40.58 -53.89
CA ASN H 1094 -72.36 41.35 -52.94
C ASN H 1094 -73.08 42.49 -53.64
N THR H 1095 -73.95 42.13 -54.58
CA THR H 1095 -74.73 43.11 -55.33
C THR H 1095 -76.06 42.49 -55.71
N ILE H 1096 -77.08 43.35 -55.80
CA ILE H 1096 -78.43 42.96 -56.18
C ILE H 1096 -78.92 43.97 -57.21
N ILE H 1097 -79.09 43.52 -58.44
CA ILE H 1097 -79.50 44.39 -59.55
C ILE H 1097 -80.92 44.01 -59.96
N PHE H 1098 -81.78 45.02 -60.08
CA PHE H 1098 -83.16 44.83 -60.51
C PHE H 1098 -83.28 45.22 -61.98
N THR H 1099 -83.90 44.36 -62.77
CA THR H 1099 -84.08 44.58 -64.20
C THR H 1099 -85.56 44.73 -64.51
N LEU H 1100 -85.88 45.62 -65.45
CA LEU H 1100 -87.25 45.88 -65.86
C LEU H 1100 -87.27 46.01 -67.38
N ASN H 1101 -87.85 45.00 -68.05
CA ASN H 1101 -87.95 44.98 -69.51
C ASN H 1101 -86.58 45.10 -70.17
N GLY H 1102 -85.60 44.37 -69.63
CA GLY H 1102 -84.27 44.41 -70.17
C GLY H 1102 -83.47 45.67 -69.88
N GLU H 1103 -83.99 46.55 -69.02
CA GLU H 1103 -83.32 47.79 -68.66
C GLU H 1103 -83.21 47.86 -67.15
N VAL H 1104 -81.97 48.00 -66.65
CA VAL H 1104 -81.76 48.06 -65.22
C VAL H 1104 -82.27 49.39 -64.66
N LEU H 1105 -82.72 49.35 -63.41
CA LEU H 1105 -83.22 50.55 -62.74
C LEU H 1105 -82.07 51.28 -62.06
N MET H 1106 -82.05 52.60 -62.22
CA MET H 1106 -81.01 53.44 -61.65
C MET H 1106 -81.64 54.53 -60.79
N SER H 1107 -80.86 55.01 -59.83
CA SER H 1107 -81.29 56.08 -58.93
C SER H 1107 -80.92 57.43 -59.53
N ASP H 1108 -81.05 58.49 -58.72
CA ASP H 1108 -80.68 59.82 -59.20
C ASP H 1108 -79.18 59.95 -59.43
N SER H 1109 -78.38 59.19 -58.68
CA SER H 1109 -76.92 59.21 -58.83
C SER H 1109 -76.43 58.24 -59.88
N GLY H 1110 -77.32 57.53 -60.58
CA GLY H 1110 -76.91 56.58 -61.59
C GLY H 1110 -76.32 55.31 -61.04
N SER H 1111 -76.68 54.92 -59.82
CA SER H 1111 -76.15 53.70 -59.23
C SER H 1111 -76.85 52.48 -59.80
N GLU H 1112 -76.07 51.52 -60.27
CA GLU H 1112 -76.60 50.29 -60.85
C GLU H 1112 -76.73 49.17 -59.82
N THR H 1113 -76.41 49.42 -58.56
CA THR H 1113 -76.49 48.42 -57.49
C THR H 1113 -77.51 48.89 -56.46
N ALA H 1114 -78.60 48.13 -56.33
CA ALA H 1114 -79.63 48.49 -55.35
C ALA H 1114 -79.13 48.29 -53.93
N PHE H 1115 -78.33 47.24 -53.70
CA PHE H 1115 -77.78 46.96 -52.39
C PHE H 1115 -76.31 46.58 -52.53
N ARG H 1116 -75.47 47.10 -51.65
CA ARG H 1116 -74.04 46.85 -51.68
C ARG H 1116 -73.57 46.34 -50.32
N ASP H 1117 -72.52 45.52 -50.35
CA ASP H 1117 -71.92 44.95 -49.13
C ASP H 1117 -72.95 44.17 -48.32
N ILE H 1118 -73.65 43.27 -48.98
CA ILE H 1118 -74.65 42.43 -48.31
C ILE H 1118 -73.96 41.24 -47.67
N GLU H 1119 -74.39 40.90 -46.46
CA GLU H 1119 -73.84 39.74 -45.78
C GLU H 1119 -74.32 38.45 -46.46
N VAL H 1120 -73.43 37.44 -46.45
CA VAL H 1120 -73.77 36.18 -47.09
C VAL H 1120 -74.86 35.46 -46.30
N GLY H 1121 -74.78 35.50 -44.97
CA GLY H 1121 -75.79 34.86 -44.15
C GLY H 1121 -75.83 33.36 -44.38
N ASP H 1122 -77.06 32.82 -44.40
CA ASP H 1122 -77.27 31.40 -44.67
C ASP H 1122 -77.82 31.15 -46.07
N GLY H 1123 -78.76 31.97 -46.52
CA GLY H 1123 -79.33 31.82 -47.83
C GLY H 1123 -80.33 32.92 -48.12
N PHE H 1124 -80.81 32.92 -49.36
CA PHE H 1124 -81.80 33.89 -49.81
C PHE H 1124 -82.84 33.19 -50.68
N LEU H 1125 -84.11 33.52 -50.45
CA LEU H 1125 -85.20 32.90 -51.16
C LEU H 1125 -85.99 33.95 -51.94
N PRO H 1126 -86.47 33.63 -53.14
CA PRO H 1126 -87.30 34.58 -53.89
C PRO H 1126 -88.64 34.79 -53.19
N VAL H 1127 -88.91 36.04 -52.83
CA VAL H 1127 -90.12 36.38 -52.10
C VAL H 1127 -91.06 37.15 -53.02
N CYS H 1128 -92.36 37.04 -52.75
CA CYS H 1128 -93.37 37.73 -53.52
C CYS H 1128 -94.52 38.12 -52.59
N SER H 1129 -95.22 39.19 -52.95
CA SER H 1129 -96.34 39.69 -52.15
C SER H 1129 -97.30 40.43 -53.05
N LEU H 1130 -98.58 40.14 -52.91
CA LEU H 1130 -99.64 40.76 -53.70
C LEU H 1130 -100.67 41.40 -52.78
N GLY H 1131 -101.16 42.57 -53.19
CA GLY H 1131 -102.13 43.29 -52.40
C GLY H 1131 -103.54 42.78 -52.58
N PRO H 1132 -104.52 43.52 -52.06
CA PRO H 1132 -105.92 43.09 -52.19
C PRO H 1132 -106.43 43.16 -53.63
N GLY H 1133 -106.71 42.01 -54.22
CA GLY H 1133 -107.20 41.97 -55.59
C GLY H 1133 -106.12 42.25 -56.62
N GLN H 1134 -104.92 41.71 -56.42
CA GLN H 1134 -103.80 41.90 -57.35
C GLN H 1134 -103.38 40.55 -57.89
N VAL H 1135 -103.27 40.46 -59.22
CA VAL H 1135 -102.90 39.23 -59.90
C VAL H 1135 -101.46 39.38 -60.41
N GLY H 1136 -100.63 38.38 -60.12
CA GLY H 1136 -99.25 38.40 -60.56
C GLY H 1136 -98.66 37.02 -60.73
N HIS H 1137 -98.04 36.76 -61.87
CA HIS H 1137 -97.47 35.46 -62.17
C HIS H 1137 -96.00 35.44 -61.76
N LEU H 1138 -95.64 34.44 -60.95
CA LEU H 1138 -94.26 34.25 -60.51
C LEU H 1138 -93.62 33.16 -61.36
N ASN H 1139 -92.56 33.52 -62.07
CA ASN H 1139 -91.85 32.60 -62.96
C ASN H 1139 -90.44 32.39 -62.39
N LEU H 1140 -90.25 31.26 -61.71
CA LEU H 1140 -88.95 30.94 -61.12
C LEU H 1140 -87.95 30.42 -62.15
N GLY H 1141 -88.35 30.27 -63.40
CA GLY H 1141 -87.44 29.81 -64.43
C GLY H 1141 -87.18 28.32 -64.40
N GLN H 1142 -88.23 27.52 -64.62
CA GLN H 1142 -88.06 26.07 -64.66
C GLN H 1142 -87.25 25.65 -65.88
N ASP H 1143 -87.44 26.34 -67.01
CA ASP H 1143 -86.68 26.07 -68.22
C ASP H 1143 -86.24 27.40 -68.83
N VAL H 1144 -85.25 27.31 -69.72
CA VAL H 1144 -84.71 28.53 -70.33
C VAL H 1144 -85.67 29.11 -71.36
N SER H 1145 -86.53 28.27 -71.94
CA SER H 1145 -87.42 28.74 -72.99
C SER H 1145 -88.49 29.68 -72.46
N SER H 1146 -88.89 29.51 -71.20
CA SER H 1146 -89.93 30.37 -70.65
C SER H 1146 -89.40 31.76 -70.33
N LEU H 1147 -88.12 31.88 -69.98
CA LEU H 1147 -87.52 33.16 -69.66
C LEU H 1147 -87.32 33.96 -70.94
N ARG H 1148 -88.13 34.98 -71.14
CA ARG H 1148 -88.07 35.79 -72.35
C ARG H 1148 -87.08 36.95 -72.20
N PHE H 1149 -87.00 37.55 -71.01
CA PHE H 1149 -86.11 38.68 -70.75
C PHE H 1149 -84.82 38.25 -70.06
N PHE H 1150 -84.38 37.02 -70.29
CA PHE H 1150 -83.13 36.54 -69.73
C PHE H 1150 -81.96 36.64 -70.71
N ALA H 1151 -82.23 36.47 -72.00
CA ALA H 1151 -81.18 36.55 -73.02
C ALA H 1151 -80.76 37.98 -73.31
N ILE H 1152 -81.41 38.97 -72.71
CA ILE H 1152 -81.05 40.37 -72.96
C ILE H 1152 -80.01 40.87 -71.97
N CYS H 1153 -80.06 40.41 -70.72
CA CYS H 1153 -79.12 40.84 -69.69
C CYS H 1153 -78.34 39.70 -69.06
N GLY H 1154 -78.98 38.56 -68.81
CA GLY H 1154 -78.35 37.44 -68.16
C GLY H 1154 -77.65 36.46 -69.06
N LEU H 1155 -77.67 36.66 -70.37
CA LEU H 1155 -77.03 35.73 -71.29
C LEU H 1155 -75.51 35.93 -71.31
N GLN H 1156 -75.06 37.13 -71.66
CA GLN H 1156 -73.63 37.42 -71.74
C GLN H 1156 -73.02 37.75 -70.39
N GLU H 1157 -73.83 38.01 -69.36
CA GLU H 1157 -73.27 38.35 -68.05
C GLU H 1157 -72.77 37.11 -67.32
N GLY H 1158 -73.53 36.02 -67.33
CA GLY H 1158 -73.11 34.79 -66.68
C GLY H 1158 -74.07 34.32 -65.61
N PHE H 1159 -75.33 34.73 -65.71
CA PHE H 1159 -76.34 34.34 -64.73
C PHE H 1159 -77.04 33.05 -65.17
N GLU H 1160 -77.81 32.48 -64.25
CA GLU H 1160 -78.51 31.23 -64.50
C GLU H 1160 -79.84 31.28 -63.76
N PRO H 1161 -80.87 30.59 -64.27
CA PRO H 1161 -82.16 30.56 -63.59
C PRO H 1161 -82.07 29.83 -62.26
N PHE H 1162 -83.17 29.93 -61.49
CA PHE H 1162 -83.21 29.29 -60.18
C PHE H 1162 -83.32 27.78 -60.29
N ALA H 1163 -84.40 27.30 -60.93
CA ALA H 1163 -84.62 25.88 -61.11
C ALA H 1163 -84.16 25.51 -62.53
N ILE H 1164 -82.85 25.36 -62.68
CA ILE H 1164 -82.27 25.08 -63.99
C ILE H 1164 -82.48 23.62 -64.38
N ASN H 1165 -82.42 22.71 -63.40
CA ASN H 1165 -82.56 21.29 -63.68
C ASN H 1165 -83.46 20.59 -62.67
N MET H 1166 -84.45 21.31 -62.15
CA MET H 1166 -85.40 20.75 -61.19
C MET H 1166 -86.60 20.19 -61.96
N GLN H 1167 -86.75 18.86 -61.95
CA GLN H 1167 -87.86 18.24 -62.66
C GLN H 1167 -89.19 18.46 -61.96
N ARG H 1168 -89.17 18.78 -60.67
CA ARG H 1168 -90.39 19.03 -59.91
C ARG H 1168 -90.59 20.52 -59.70
N PRO H 1169 -91.85 20.97 -59.65
CA PRO H 1169 -92.11 22.41 -59.42
C PRO H 1169 -91.60 22.84 -58.05
N VAL H 1170 -91.18 24.10 -57.97
CA VAL H 1170 -90.67 24.64 -56.72
C VAL H 1170 -91.82 24.79 -55.72
N THR H 1171 -91.58 24.33 -54.49
CA THR H 1171 -92.60 24.42 -53.46
C THR H 1171 -92.79 25.87 -53.02
N THR H 1172 -94.03 26.34 -53.08
CA THR H 1172 -94.37 27.71 -52.71
C THR H 1172 -95.09 27.71 -51.37
N TRP H 1173 -94.78 28.70 -50.54
CA TRP H 1173 -95.38 28.85 -49.22
C TRP H 1173 -96.08 30.20 -49.14
N PHE H 1174 -97.33 30.18 -48.68
CA PHE H 1174 -98.13 31.39 -48.54
C PHE H 1174 -98.43 31.63 -47.07
N SER H 1175 -98.93 32.83 -46.77
CA SER H 1175 -99.25 33.22 -45.41
C SER H 1175 -100.70 32.86 -45.11
N LYS H 1176 -100.90 32.02 -44.09
CA LYS H 1176 -102.25 31.60 -43.70
C LYS H 1176 -102.94 32.72 -42.95
N SER H 1177 -103.95 33.32 -43.56
CA SER H 1177 -104.69 34.40 -42.91
C SER H 1177 -105.46 33.94 -41.70
N LEU H 1178 -105.73 32.64 -41.58
CA LEU H 1178 -106.46 32.11 -40.43
C LEU H 1178 -105.56 32.13 -39.20
N PRO H 1179 -105.94 32.80 -38.12
CA PRO H 1179 -105.11 32.79 -36.91
C PRO H 1179 -105.19 31.47 -36.17
N GLN H 1180 -104.05 31.02 -35.66
CA GLN H 1180 -103.97 29.79 -34.88
C GLN H 1180 -103.12 30.02 -33.66
N PHE H 1181 -103.28 29.14 -32.67
CA PHE H 1181 -102.57 29.28 -31.41
C PHE H 1181 -101.12 28.85 -31.55
N GLU H 1182 -100.26 29.51 -30.79
CA GLU H 1182 -98.83 29.21 -30.79
C GLU H 1182 -98.23 29.64 -29.45
N ALA H 1183 -97.31 28.82 -28.95
CA ALA H 1183 -96.69 29.11 -27.67
C ALA H 1183 -95.85 30.39 -27.74
N VAL H 1184 -95.78 31.08 -26.60
CA VAL H 1184 -95.03 32.33 -26.51
C VAL H 1184 -93.56 32.02 -26.29
N PRO H 1185 -92.67 32.53 -27.14
CA PRO H 1185 -91.24 32.27 -26.93
C PRO H 1185 -90.72 32.94 -25.68
N LEU H 1186 -89.61 32.40 -25.17
CA LEU H 1186 -89.01 32.95 -23.96
C LEU H 1186 -88.44 34.34 -24.19
N GLU H 1187 -88.08 34.67 -25.43
CA GLU H 1187 -87.52 35.96 -25.78
C GLU H 1187 -88.55 36.74 -26.58
N HIS H 1188 -88.90 37.93 -26.09
CA HIS H 1188 -89.85 38.81 -26.76
C HIS H 1188 -89.55 40.24 -26.36
N PRO H 1189 -89.77 41.22 -27.25
CA PRO H 1189 -89.50 42.61 -26.88
C PRO H 1189 -90.24 43.08 -25.64
N HIS H 1190 -91.55 42.88 -25.57
CA HIS H 1190 -92.36 43.37 -24.45
C HIS H 1190 -93.35 42.32 -23.97
N TYR H 1191 -92.89 41.08 -23.83
CA TYR H 1191 -93.72 40.01 -23.30
C TYR H 1191 -92.85 38.95 -22.65
N GLU H 1192 -93.23 38.51 -21.45
CA GLU H 1192 -92.50 37.48 -20.75
C GLU H 1192 -93.44 36.82 -19.75
N VAL H 1193 -93.17 35.55 -19.45
CA VAL H 1193 -93.99 34.76 -18.53
C VAL H 1193 -93.08 33.85 -17.74
N SER H 1194 -93.40 33.66 -16.45
CA SER H 1194 -92.62 32.80 -15.57
C SER H 1194 -93.58 31.90 -14.78
N ARG H 1195 -93.02 30.83 -14.24
CA ARG H 1195 -93.78 29.86 -13.45
C ARG H 1195 -93.46 30.03 -11.97
N VAL H 1196 -94.49 30.02 -11.14
CA VAL H 1196 -94.34 30.16 -9.70
C VAL H 1196 -94.21 28.77 -9.08
N ASP H 1197 -93.23 28.60 -8.21
CA ASP H 1197 -93.02 27.32 -7.56
C ASP H 1197 -94.17 26.99 -6.62
N GLY H 1198 -94.36 25.70 -6.38
CA GLY H 1198 -95.43 25.23 -5.52
C GLY H 1198 -95.00 25.10 -4.06
N THR H 1199 -95.40 26.06 -3.23
CA THR H 1199 -95.06 26.04 -1.83
C THR H 1199 -96.17 25.35 -1.02
N VAL H 1200 -96.00 25.32 0.29
CA VAL H 1200 -97.00 24.69 1.16
C VAL H 1200 -98.23 25.56 1.32
N ASP H 1201 -98.07 26.88 1.16
CA ASP H 1201 -99.19 27.81 1.31
C ASP H 1201 -99.67 28.40 -0.01
N THR H 1202 -98.79 28.49 -1.01
CA THR H 1202 -99.16 29.06 -2.31
C THR H 1202 -99.16 27.97 -3.36
N PRO H 1203 -100.25 27.80 -4.10
CA PRO H 1203 -100.29 26.77 -5.15
C PRO H 1203 -99.44 27.19 -6.34
N PRO H 1204 -98.98 26.24 -7.16
CA PRO H 1204 -98.16 26.59 -8.33
C PRO H 1204 -98.99 27.35 -9.35
N CYS H 1205 -98.58 28.58 -9.63
CA CYS H 1205 -99.29 29.46 -10.55
C CYS H 1205 -98.38 29.82 -11.73
N LEU H 1206 -98.99 30.37 -12.77
CA LEU H 1206 -98.29 30.81 -13.98
C LEU H 1206 -98.49 32.31 -14.10
N ARG H 1207 -97.60 33.09 -13.48
CA ARG H 1207 -97.71 34.54 -13.48
C ARG H 1207 -97.21 35.10 -14.81
N LEU H 1208 -97.97 36.05 -15.37
CA LEU H 1208 -97.60 36.72 -16.60
C LEU H 1208 -97.59 38.23 -16.36
N THR H 1209 -96.53 38.89 -16.82
CA THR H 1209 -96.37 40.32 -16.65
C THR H 1209 -96.05 40.97 -17.99
N HIS H 1210 -96.24 42.29 -18.05
CA HIS H 1210 -95.98 43.07 -19.25
C HIS H 1210 -95.01 44.19 -18.92
N ARG H 1211 -94.12 44.49 -19.87
CA ARG H 1211 -93.13 45.55 -19.69
C ARG H 1211 -93.06 46.44 -20.92
N SER H 1212 -93.76 50.77 -25.34
CA SER H 1212 -94.31 49.42 -25.42
C SER H 1212 -95.75 49.44 -25.93
N LEU H 1213 -95.95 48.90 -27.13
CA LEU H 1213 -97.28 48.87 -27.72
C LEU H 1213 -98.14 47.83 -27.01
N VAL H 1214 -99.37 48.20 -26.68
CA VAL H 1214 -100.31 47.31 -26.00
C VAL H 1214 -101.48 47.05 -26.95
N GLU H 1215 -101.77 45.76 -27.18
CA GLU H 1215 -102.86 45.36 -28.06
C GLU H 1215 -103.62 44.21 -27.41
N MET H 1216 -104.71 43.82 -28.05
CA MET H 1216 -105.53 42.73 -27.53
C MET H 1216 -104.85 41.38 -27.78
N LEU H 1217 -104.78 40.56 -26.75
CA LEU H 1217 -104.17 39.24 -26.82
C LEU H 1217 -105.18 38.19 -26.38
N PHE H 1218 -105.02 36.98 -26.91
CA PHE H 1218 -105.89 35.85 -26.60
C PHE H 1218 -105.02 34.68 -26.13
N LEU H 1219 -104.98 34.47 -24.82
CA LEU H 1219 -104.19 33.40 -24.24
C LEU H 1219 -104.99 32.11 -24.14
N ARG H 1220 -104.27 30.99 -24.05
CA ARG H 1220 -104.90 29.68 -23.96
C ARG H 1220 -103.84 28.67 -23.50
N LEU H 1221 -104.31 27.59 -22.89
CA LEU H 1221 -103.43 26.53 -22.44
C LEU H 1221 -103.11 25.59 -23.60
N SER H 1222 -102.39 24.50 -23.29
CA SER H 1222 -101.94 23.56 -24.30
C SER H 1222 -102.76 22.27 -24.31
N LEU H 1223 -103.02 21.67 -23.15
CA LEU H 1223 -103.71 20.40 -23.10
C LEU H 1223 -105.17 20.60 -22.70
N PRO H 1224 -106.12 20.06 -23.45
CA PRO H 1224 -107.53 20.20 -23.11
C PRO H 1224 -107.95 19.15 -22.08
N VAL H 1225 -109.24 19.17 -21.77
CA VAL H 1225 -109.84 18.21 -20.85
C VAL H 1225 -111.06 17.59 -21.53
N GLN H 1226 -111.03 16.28 -21.72
CA GLN H 1226 -112.15 15.60 -22.37
C GLN H 1226 -113.36 15.55 -21.44
N PHE H 1227 -114.55 15.49 -22.05
CA PHE H 1227 -115.81 15.49 -21.33
C PHE H 1227 -116.39 14.10 -21.17
N HIS H 1228 -115.53 13.07 -21.09
CA HIS H 1228 -115.94 11.68 -20.90
C HIS H 1228 -116.91 11.24 -22.01
N GLN H 1229 -116.41 11.28 -23.24
CA GLN H 1229 -117.20 10.90 -24.40
C GLN H 1229 -117.47 9.39 -24.41
N LEU H 1230 -115.09 12.01 -2.78
CA LEU H 1230 -113.66 12.10 -3.03
C LEU H 1230 -113.34 11.81 -4.49
N ASN H 1231 -114.15 10.96 -5.12
CA ASN H 1231 -113.97 10.58 -6.51
C ASN H 1231 -114.92 11.33 -7.44
N THR H 1232 -115.23 12.59 -7.12
CA THR H 1232 -116.13 13.39 -7.94
C THR H 1232 -115.40 13.88 -9.19
N THR H 1233 -116.12 14.65 -10.00
CA THR H 1233 -115.59 15.20 -11.25
C THR H 1233 -115.64 16.72 -11.24
N THR H 1234 -115.27 17.32 -10.11
CA THR H 1234 -115.24 18.77 -9.97
C THR H 1234 -113.81 19.27 -10.14
N TYR H 1235 -113.67 20.41 -10.80
CA TYR H 1235 -112.38 21.02 -11.07
C TYR H 1235 -112.43 22.50 -10.77
N TYR H 1236 -111.52 22.97 -9.92
CA TYR H 1236 -111.48 24.36 -9.48
C TYR H 1236 -110.45 25.10 -10.34
N TYR H 1237 -110.91 25.61 -11.47
CA TYR H 1237 -110.07 26.39 -12.38
C TYR H 1237 -110.22 27.86 -12.02
N SER H 1238 -109.23 28.40 -11.31
CA SER H 1238 -109.28 29.78 -10.82
C SER H 1238 -108.25 30.64 -11.54
N VAL H 1239 -108.51 31.94 -11.53
CA VAL H 1239 -107.61 32.94 -12.10
C VAL H 1239 -107.66 34.17 -11.21
N ARG H 1240 -106.50 34.76 -10.93
CA ARG H 1240 -106.38 35.90 -10.04
C ARG H 1240 -105.85 37.10 -10.83
N VAL H 1241 -106.70 38.10 -10.99
CA VAL H 1241 -106.32 39.34 -11.66
C VAL H 1241 -105.94 40.37 -10.59
N PHE H 1242 -104.89 41.13 -10.86
CA PHE H 1242 -104.39 42.09 -9.89
C PHE H 1242 -105.26 43.34 -9.89
N ALA H 1243 -105.01 44.21 -8.90
CA ALA H 1243 -105.79 45.44 -8.76
C ALA H 1243 -105.46 46.45 -9.85
N GLY H 1244 -104.33 46.29 -10.54
CA GLY H 1244 -103.98 47.23 -11.60
C GLY H 1244 -104.86 47.13 -12.82
N GLN H 1245 -105.28 45.91 -13.16
CA GLN H 1245 -106.14 45.69 -14.31
C GLN H 1245 -107.61 45.79 -13.90
N GLU H 1246 -108.40 46.46 -14.73
CA GLU H 1246 -109.82 46.62 -14.43
C GLU H 1246 -110.57 45.31 -14.69
N PRO H 1247 -111.55 44.97 -13.87
CA PRO H 1247 -112.32 43.74 -14.08
C PRO H 1247 -113.35 43.84 -15.20
N SER H 1248 -113.55 45.02 -15.78
CA SER H 1248 -114.53 45.19 -16.84
C SER H 1248 -114.03 44.73 -18.20
N CYS H 1249 -112.72 44.52 -18.35
CA CYS H 1249 -112.12 44.08 -19.61
C CYS H 1249 -111.44 42.72 -19.45
N VAL H 1250 -112.05 41.85 -18.64
CA VAL H 1250 -111.52 40.51 -18.39
C VAL H 1250 -112.59 39.50 -18.74
N TRP H 1251 -112.23 38.52 -19.58
CA TRP H 1251 -113.14 37.46 -20.00
C TRP H 1251 -112.53 36.12 -19.59
N VAL H 1252 -113.20 35.42 -18.68
CA VAL H 1252 -112.72 34.17 -18.13
C VAL H 1252 -113.69 33.05 -18.51
N GLY H 1253 -113.15 31.93 -18.96
CA GLY H 1253 -113.99 30.79 -19.31
C GLY H 1253 -113.22 29.73 -20.07
N TRP H 1254 -113.96 28.98 -20.89
CA TRP H 1254 -113.39 27.93 -21.71
C TRP H 1254 -113.66 28.21 -23.17
N VAL H 1255 -112.97 27.48 -24.05
CA VAL H 1255 -113.09 27.68 -25.50
C VAL H 1255 -112.87 26.35 -26.19
N THR H 1256 -113.43 26.23 -27.40
CA THR H 1256 -113.41 25.17 -28.38
C THR H 1256 -112.19 25.32 -29.29
N PRO H 1257 -111.48 24.22 -29.61
CA PRO H 1257 -110.30 24.32 -30.49
C PRO H 1257 -110.65 24.80 -31.90
N ASP H 1258 -111.94 24.94 -32.20
CA ASP H 1258 -112.39 25.46 -33.48
C ASP H 1258 -112.49 26.98 -33.50
N TYR H 1259 -111.85 27.66 -32.54
CA TYR H 1259 -111.88 29.11 -32.46
C TYR H 1259 -110.68 29.67 -33.21
N HIS H 1260 -110.94 30.30 -34.35
CA HIS H 1260 -109.91 30.88 -35.20
C HIS H 1260 -110.30 32.29 -35.64
N GLN H 1261 -110.75 33.09 -34.68
CA GLN H 1261 -111.18 34.46 -34.93
C GLN H 1261 -110.29 35.42 -34.14
N HIS H 1262 -109.85 36.49 -34.79
CA HIS H 1262 -109.01 37.50 -34.15
C HIS H 1262 -109.49 38.87 -34.61
N ASP H 1263 -109.99 39.67 -33.68
CA ASP H 1263 -110.49 41.00 -34.00
C ASP H 1263 -110.45 41.86 -32.75
N MET H 1264 -110.42 43.17 -32.95
CA MET H 1264 -110.38 44.10 -31.84
C MET H 1264 -111.78 44.34 -31.28
N ASN H 1265 -111.82 44.83 -30.04
CA ASN H 1265 -113.07 45.12 -29.34
C ASN H 1265 -113.95 43.86 -29.25
N PHE H 1266 -113.40 42.85 -28.60
CA PHE H 1266 -114.10 41.58 -28.44
C PHE H 1266 -115.15 41.70 -27.33
N ASP H 1267 -116.40 41.39 -27.66
CA ASP H 1267 -117.51 41.46 -26.71
C ASP H 1267 -118.30 40.17 -26.78
N LEU H 1268 -119.29 40.05 -25.88
CA LEU H 1268 -120.11 38.85 -25.84
C LEU H 1268 -121.10 38.79 -27.00
N THR H 1269 -121.39 39.92 -27.65
CA THR H 1269 -122.32 39.93 -28.76
C THR H 1269 -121.71 39.38 -30.05
N LYS H 1270 -120.39 39.42 -30.19
CA LYS H 1270 -119.71 38.91 -31.37
C LYS H 1270 -119.32 37.44 -31.23
N VAL H 1271 -119.71 36.78 -30.15
CA VAL H 1271 -119.37 35.37 -29.95
C VAL H 1271 -120.32 34.52 -30.79
N ARG H 1272 -119.76 33.68 -31.64
CA ARG H 1272 -120.56 32.82 -32.51
C ARG H 1272 -121.19 31.69 -31.70
N ALA H 1273 -122.47 31.43 -31.98
CA ALA H 1273 -123.20 30.37 -31.29
C ALA H 1273 -124.31 29.87 -32.21
N VAL H 1274 -124.58 28.57 -32.12
CA VAL H 1274 -125.60 27.93 -32.94
C VAL H 1274 -126.39 26.97 -32.06
N THR H 1275 -127.70 27.17 -31.99
CA THR H 1275 -128.60 26.31 -31.20
C THR H 1275 -129.48 25.54 -32.18
N VAL H 1276 -129.21 24.24 -32.32
CA VAL H 1276 -129.96 23.39 -33.23
C VAL H 1276 -131.17 22.84 -32.50
N THR H 1277 -132.31 22.80 -33.20
CA THR H 1277 -133.57 22.30 -32.65
C THR H 1277 -134.02 21.12 -33.49
N MET H 1278 -134.19 19.97 -32.85
CA MET H 1278 -134.61 18.74 -33.51
C MET H 1278 -136.11 18.54 -33.27
N GLY H 1279 -136.89 18.66 -34.34
CA GLY H 1279 -138.33 18.47 -34.24
C GLY H 1279 -138.77 17.05 -34.53
N ASP H 1280 -140.05 16.80 -34.29
CA ASP H 1280 -140.66 15.49 -34.52
C ASP H 1280 -139.92 14.38 -33.78
N ASN H 1281 -144.31 17.45 -32.10
CA ASN H 1281 -143.75 18.79 -32.01
C ASN H 1281 -142.24 18.76 -31.85
N ILE H 1282 -141.70 19.71 -31.09
CA ILE H 1282 -140.27 19.77 -30.87
C ILE H 1282 -139.86 18.67 -29.90
N HIS H 1283 -138.86 17.88 -30.29
CA HIS H 1283 -138.38 16.77 -29.47
C HIS H 1283 -137.38 17.25 -28.42
N SER H 1284 -136.28 17.87 -28.86
CA SER H 1284 -135.26 18.35 -27.95
C SER H 1284 -134.57 19.56 -28.56
N SER H 1285 -133.91 20.34 -27.70
CA SER H 1285 -133.18 21.51 -28.12
C SER H 1285 -131.75 21.43 -27.60
N LEU H 1286 -130.81 21.93 -28.40
CA LEU H 1286 -129.39 21.85 -28.11
C LEU H 1286 -128.78 23.25 -28.22
N LYS H 1287 -127.49 23.34 -27.87
CA LYS H 1287 -126.77 24.60 -27.92
C LYS H 1287 -125.30 24.33 -28.13
N CYS H 1288 -124.77 24.79 -29.27
CA CYS H 1288 -123.36 24.60 -29.62
C CYS H 1288 -122.72 25.97 -29.83
N SER H 1289 -121.89 26.38 -28.89
CA SER H 1289 -121.18 27.66 -28.96
C SER H 1289 -119.69 27.42 -28.99
N ASN H 1290 -118.97 28.30 -29.69
CA ASN H 1290 -117.52 28.17 -29.78
C ASN H 1290 -116.84 28.61 -28.49
N CYS H 1291 -117.41 29.60 -27.80
CA CYS H 1291 -116.81 30.16 -26.59
C CYS H 1291 -117.82 30.15 -25.46
N TYR H 1292 -117.31 29.96 -24.23
CA TYR H 1292 -118.11 29.97 -23.02
C TYR H 1292 -117.36 30.80 -21.98
N MET H 1293 -117.62 32.11 -21.97
CA MET H 1293 -116.98 33.00 -21.00
C MET H 1293 -117.99 33.88 -20.29
N VAL H 1294 -117.50 34.83 -19.50
CA VAL H 1294 -118.34 35.79 -18.79
C VAL H 1294 -117.82 37.18 -19.08
N TRP H 1295 -118.71 38.17 -18.93
CA TRP H 1295 -118.32 39.56 -19.17
C TRP H 1295 -117.24 40.02 -18.22
N GLY H 1296 -117.23 39.51 -16.99
CA GLY H 1296 -116.23 39.86 -16.00
C GLY H 1296 -116.55 41.09 -15.17
N GLY H 1297 -117.00 42.15 -15.83
CA GLY H 1297 -117.33 43.40 -15.14
C GLY H 1297 -118.59 43.33 -14.31
N ASP H 1298 -119.39 42.27 -14.44
CA ASP H 1298 -120.60 42.15 -13.65
C ASP H 1298 -120.33 41.93 -12.18
N PHE H 1299 -119.16 41.38 -11.83
CA PHE H 1299 -118.82 41.12 -10.43
C PHE H 1299 -118.39 42.39 -9.70
N VAL H 1300 -118.12 43.47 -10.40
CA VAL H 1300 -117.70 44.71 -9.76
C VAL H 1300 -118.81 45.77 -9.89
N SER H 1301 -110.62 52.02 -5.13
CA SER H 1301 -111.56 51.22 -5.89
C SER H 1301 -110.83 50.16 -6.71
N HIS H 1302 -109.92 49.43 -6.07
CA HIS H 1302 -109.15 48.40 -6.74
C HIS H 1302 -108.87 47.28 -5.73
N THR H 1303 -109.54 46.15 -5.91
CA THR H 1303 -109.40 45.00 -5.03
C THR H 1303 -109.03 43.77 -5.85
N ASP H 1304 -108.17 42.92 -5.28
CA ASP H 1304 -107.74 41.70 -5.95
C ASP H 1304 -108.91 40.74 -6.12
N LEU H 1305 -109.65 40.87 -7.21
CA LEU H 1305 -110.81 40.03 -7.47
C LEU H 1305 -110.36 38.67 -8.00
N VAL H 1306 -110.84 37.61 -7.36
CA VAL H 1306 -110.54 36.24 -7.76
C VAL H 1306 -111.74 35.68 -8.53
N ILE H 1307 -111.46 34.92 -9.59
CA ILE H 1307 -112.48 34.33 -10.44
C ILE H 1307 -112.16 32.85 -10.61
N GLY H 1308 -113.10 31.99 -10.23
CA GLY H 1308 -112.93 30.56 -10.35
C GLY H 1308 -113.96 29.95 -11.31
N CYS H 1309 -113.70 28.70 -11.68
CA CYS H 1309 -114.57 27.97 -12.58
C CYS H 1309 -114.78 26.56 -12.05
N LEU H 1310 -115.91 25.97 -12.43
CA LEU H 1310 -116.26 24.61 -12.03
C LEU H 1310 -116.91 23.89 -13.21
N VAL H 1311 -116.32 22.76 -13.60
CA VAL H 1311 -116.82 21.98 -14.73
C VAL H 1311 -117.00 20.54 -14.30
N ASP H 1312 -117.94 19.85 -14.94
CA ASP H 1312 -118.23 18.44 -14.67
C ASP H 1312 -118.09 17.66 -15.97
N LEU H 1313 -117.39 16.53 -15.91
CA LEU H 1313 -117.17 15.71 -17.09
C LEU H 1313 -118.19 14.59 -17.25
N ALA H 1314 -118.78 14.12 -16.16
CA ALA H 1314 -119.76 13.03 -16.20
C ALA H 1314 -121.11 13.58 -16.67
N THR H 1315 -121.13 14.00 -17.93
CA THR H 1315 -122.33 14.56 -18.56
C THR H 1315 -122.92 15.71 -17.73
N GLY H 1316 -122.04 16.53 -17.16
CA GLY H 1316 -122.44 17.63 -16.32
C GLY H 1316 -122.43 18.96 -17.05
N LEU H 1317 -122.65 20.02 -16.28
CA LEU H 1317 -122.69 21.39 -16.80
C LEU H 1317 -121.50 22.17 -16.25
N MET H 1318 -121.44 23.45 -16.60
CA MET H 1318 -120.36 24.34 -16.20
C MET H 1318 -120.93 25.64 -15.68
N THR H 1319 -120.37 26.13 -14.57
CA THR H 1319 -120.79 27.39 -13.97
C THR H 1319 -119.57 28.13 -13.46
N PHE H 1320 -119.70 29.45 -13.35
CA PHE H 1320 -118.62 30.32 -12.90
C PHE H 1320 -118.90 30.77 -11.47
N THR H 1321 -117.97 30.47 -10.57
CA THR H 1321 -118.09 30.84 -9.16
C THR H 1321 -116.96 31.81 -8.83
N ALA H 1322 -117.33 33.00 -8.34
CA ALA H 1322 -116.37 34.04 -7.97
C ALA H 1322 -116.58 34.41 -6.52
N ASN H 1323 -115.54 34.24 -5.70
CA ASN H 1323 -115.59 34.58 -4.28
C ASN H 1323 -116.71 33.83 -3.56
N GLY H 1324 -116.94 32.57 -3.96
CA GLY H 1324 -117.97 31.77 -3.37
C GLY H 1324 -119.38 32.07 -3.83
N LYS H 1325 -119.54 32.95 -4.82
CA LYS H 1325 -120.86 33.32 -5.34
C LYS H 1325 -120.92 33.01 -6.83
N GLU H 1326 -121.98 32.33 -7.25
CA GLU H 1326 -122.16 31.97 -8.63
C GLU H 1326 -122.58 33.19 -9.46
N SER H 1327 -122.34 33.10 -10.77
CA SER H 1327 -122.69 34.17 -11.70
C SER H 1327 -124.11 34.04 -12.25
N ASN H 1328 -124.89 33.07 -11.74
CA ASN H 1328 -126.27 32.84 -12.19
C ASN H 1328 -126.34 32.60 -13.70
N THR H 1329 -125.36 31.85 -14.21
CA THR H 1329 -125.31 31.52 -15.63
C THR H 1329 -125.08 30.03 -15.79
N PHE H 1330 -125.75 29.44 -16.77
CA PHE H 1330 -125.67 28.01 -17.05
C PHE H 1330 -124.98 27.77 -18.38
N PHE H 1331 -124.12 26.75 -18.42
CA PHE H 1331 -123.40 26.38 -19.63
C PHE H 1331 -123.52 24.87 -19.82
N GLN H 1332 -124.16 24.46 -20.90
CA GLN H 1332 -124.33 23.05 -21.23
C GLN H 1332 -123.62 22.75 -22.54
N VAL H 1333 -122.88 21.63 -22.55
CA VAL H 1333 -122.10 21.23 -23.72
C VAL H 1333 -122.33 19.73 -23.94
N GLU H 1334 -122.04 19.30 -25.16
CA GLU H 1334 -122.21 17.90 -25.51
C GLU H 1334 -121.20 17.05 -24.73
N PRO H 1335 -121.58 15.83 -24.32
CA PRO H 1335 -120.61 14.97 -23.62
C PRO H 1335 -119.41 14.59 -24.47
N ASN H 1336 -119.48 14.73 -25.78
CA ASN H 1336 -118.38 14.43 -26.70
C ASN H 1336 -117.82 15.77 -27.19
N THR H 1337 -116.87 16.31 -26.45
CA THR H 1337 -116.25 17.59 -26.78
C THR H 1337 -114.90 17.68 -26.08
N LYS H 1338 -114.23 18.81 -26.27
CA LYS H 1338 -112.95 19.08 -25.62
C LYS H 1338 -112.82 20.58 -25.42
N LEU H 1339 -112.75 21.01 -24.17
CA LEU H 1339 -112.70 22.42 -23.82
C LEU H 1339 -111.26 22.85 -23.52
N PHE H 1340 -110.93 24.08 -23.90
CA PHE H 1340 -109.62 24.66 -23.65
C PHE H 1340 -109.76 25.85 -22.72
N PRO H 1341 -109.05 25.89 -21.60
CA PRO H 1341 -109.14 27.04 -20.69
C PRO H 1341 -108.45 28.27 -21.27
N ALA H 1342 -109.25 29.26 -21.68
CA ALA H 1342 -108.73 30.49 -22.26
C ALA H 1342 -109.30 31.69 -21.51
N VAL H 1343 -108.44 32.65 -21.21
CA VAL H 1343 -108.82 33.86 -20.49
C VAL H 1343 -108.38 35.04 -21.35
N PHE H 1344 -109.34 35.70 -22.01
CA PHE H 1344 -109.04 36.87 -22.82
C PHE H 1344 -108.98 38.10 -21.94
N VAL H 1345 -107.93 38.91 -22.11
CA VAL H 1345 -107.71 40.08 -21.28
C VAL H 1345 -106.79 41.04 -22.04
N LEU H 1346 -106.86 42.32 -21.67
CA LEU H 1346 -106.00 43.35 -22.25
C LEU H 1346 -105.00 43.81 -21.21
N PRO H 1347 -103.73 43.96 -21.56
CA PRO H 1347 -102.72 44.36 -20.57
C PRO H 1347 -102.93 45.78 -20.09
N THR H 1348 -102.45 46.04 -18.88
CA THR H 1348 -102.51 47.35 -18.25
C THR H 1348 -101.11 47.80 -17.82
N HIS H 1349 -100.13 47.61 -18.72
CA HIS H 1349 -98.75 48.03 -18.53
C HIS H 1349 -98.03 47.23 -17.44
N GLN H 1350 -98.76 46.79 -16.43
CA GLN H 1350 -98.15 46.00 -15.36
C GLN H 1350 -99.23 45.12 -14.72
N ASN H 1351 -98.81 43.92 -14.28
CA ASN H 1351 -99.69 42.96 -13.63
C ASN H 1351 -100.94 42.68 -14.46
N VAL H 1352 -100.80 41.81 -15.46
CA VAL H 1352 -101.90 41.51 -16.37
C VAL H 1352 -102.85 40.51 -15.71
N ILE H 1353 -102.45 39.24 -15.67
CA ILE H 1353 -103.26 38.17 -15.10
C ILE H 1353 -102.33 37.18 -14.41
N GLN H 1354 -102.93 36.18 -13.76
CA GLN H 1354 -102.17 35.12 -13.09
C GLN H 1354 -103.02 33.86 -13.09
N PHE H 1355 -102.50 32.80 -13.69
CA PHE H 1355 -103.22 31.53 -13.79
C PHE H 1355 -102.82 30.67 -12.59
N GLU H 1356 -103.62 30.74 -11.53
CA GLU H 1356 -103.36 29.97 -10.32
C GLU H 1356 -104.16 28.67 -10.37
N LEU H 1357 -103.45 27.54 -10.30
CA LEU H 1357 -104.07 26.23 -10.33
C LEU H 1357 -104.05 25.64 -8.92
N GLY H 1358 -105.23 25.50 -8.32
CA GLY H 1358 -105.32 24.97 -6.97
C GLY H 1358 -106.55 24.10 -6.83
N LYS H 1359 -106.52 23.28 -5.77
CA LYS H 1359 -107.62 22.36 -5.47
C LYS H 1359 -107.83 22.31 -3.97
N GLN H 1360 -109.08 22.47 -3.55
CA GLN H 1360 -109.43 22.45 -2.14
C GLN H 1360 -110.92 22.15 -2.01
N LYS H 1361 -111.32 21.84 -0.77
CA LYS H 1361 -112.72 21.54 -0.44
C LYS H 1361 -113.24 20.36 -1.26
N ASN H 1362 -112.44 19.28 -1.28
CA ASN H 1362 -112.80 18.04 -1.97
C ASN H 1362 -113.10 18.28 -3.45
N ILE H 1363 -112.16 18.91 -4.14
CA ILE H 1363 -112.27 19.20 -5.56
C ILE H 1363 -111.03 18.67 -6.27
N MET H 1364 -111.24 17.90 -7.31
CA MET H 1364 -110.12 17.34 -8.08
C MET H 1364 -109.41 18.45 -8.83
N PRO H 1365 -108.08 18.49 -8.80
CA PRO H 1365 -107.35 19.54 -9.53
C PRO H 1365 -107.50 19.39 -11.04
N LEU H 1366 -107.26 20.49 -11.74
CA LEU H 1366 -107.41 20.49 -13.19
C LEU H 1366 -106.27 19.74 -13.87
N SER H 1367 -105.05 19.88 -13.36
CA SER H 1367 -103.90 19.22 -13.96
C SER H 1367 -103.94 17.70 -13.82
N ALA H 1368 -104.81 17.16 -12.97
CA ALA H 1368 -104.92 15.73 -12.78
C ALA H 1368 -105.85 15.05 -13.78
N ALA H 1369 -106.61 15.83 -14.55
CA ALA H 1369 -107.54 15.26 -15.53
C ALA H 1369 -106.92 15.09 -16.90
N MET H 1370 -105.97 15.95 -17.29
CA MET H 1370 -105.36 15.86 -18.61
C MET H 1370 -104.40 14.68 -18.72
N PHE H 1371 -103.91 14.17 -17.60
CA PHE H 1371 -102.96 13.06 -17.59
C PHE H 1371 -103.66 11.77 -17.19
N LEU H 1372 -103.04 10.65 -17.55
CA LEU H 1372 -103.55 9.32 -17.24
C LEU H 1372 -102.81 8.66 -16.09
N SER H 1373 -101.76 9.30 -15.55
CA SER H 1373 -101.00 8.74 -14.46
C SER H 1373 -101.24 9.44 -13.13
N GLU H 1374 -101.76 10.66 -13.14
CA GLU H 1374 -102.06 11.41 -11.92
C GLU H 1374 -103.56 11.48 -11.66
N ARG H 1375 -104.30 10.44 -12.05
CA ARG H 1375 -105.75 10.43 -11.83
C ARG H 1375 -106.08 10.34 -10.35
N LYS H 1376 -105.35 9.51 -9.60
CA LYS H 1376 -105.59 9.33 -8.18
C LYS H 1376 -104.87 10.35 -7.31
N ASN H 1377 -104.00 11.16 -7.89
CA ASN H 1377 -103.26 12.15 -7.11
C ASN H 1377 -104.15 13.32 -6.74
N PRO H 1378 -104.42 13.56 -5.45
CA PRO H 1378 -105.30 14.67 -5.07
C PRO H 1378 -104.57 16.01 -5.08
N ALA H 1379 -103.27 15.99 -4.84
CA ALA H 1379 -102.50 17.23 -4.78
C ALA H 1379 -102.28 17.77 -6.18
N PRO H 1380 -102.33 19.09 -6.37
CA PRO H 1380 -102.09 19.66 -7.69
C PRO H 1380 -100.62 19.59 -8.08
N GLN H 1381 -100.38 19.50 -9.38
CA GLN H 1381 -99.03 19.41 -9.94
C GLN H 1381 -98.80 20.57 -10.90
N CYS H 1382 -97.53 20.75 -11.27
CA CYS H 1382 -97.10 21.79 -12.21
C CYS H 1382 -96.52 21.11 -13.44
N PRO H 1383 -97.34 20.77 -14.42
CA PRO H 1383 -96.84 20.09 -15.63
C PRO H 1383 -96.00 21.04 -16.46
N PRO H 1384 -94.75 20.65 -16.77
CA PRO H 1384 -93.91 21.51 -17.63
C PRO H 1384 -94.42 21.62 -19.06
N ARG H 1385 -95.28 20.70 -19.50
CA ARG H 1385 -95.80 20.78 -20.87
C ARG H 1385 -96.80 21.92 -21.02
N LEU H 1386 -97.47 22.32 -19.94
CA LEU H 1386 -98.47 23.38 -20.01
C LEU H 1386 -97.78 24.70 -20.33
N GLU H 1387 -98.05 25.23 -21.53
CA GLU H 1387 -97.50 26.50 -21.97
C GLU H 1387 -98.63 27.43 -22.37
N MET H 1388 -98.51 28.70 -21.99
CA MET H 1388 -99.52 29.71 -22.29
C MET H 1388 -99.34 30.15 -23.73
N GLN H 1389 -100.11 29.54 -24.63
CA GLN H 1389 -100.04 29.88 -26.03
C GLN H 1389 -100.77 31.18 -26.32
N MET H 1390 -100.43 31.79 -27.46
CA MET H 1390 -101.01 33.05 -27.88
C MET H 1390 -101.45 32.95 -29.33
N LEU H 1391 -102.61 33.53 -29.63
CA LEU H 1391 -103.15 33.51 -30.99
C LEU H 1391 -102.28 34.36 -31.90
N MET H 1392 -101.57 33.72 -32.83
CA MET H 1392 -100.77 34.45 -33.79
C MET H 1392 -101.66 35.02 -34.89
N PRO H 1393 -101.44 36.27 -35.31
CA PRO H 1393 -102.32 36.85 -36.33
C PRO H 1393 -102.26 36.13 -37.67
N VAL H 1394 -101.07 35.75 -38.12
CA VAL H 1394 -100.89 35.08 -39.41
C VAL H 1394 -99.83 34.01 -39.26
N SER H 1395 -100.05 32.85 -39.90
CA SER H 1395 -99.12 31.75 -39.83
C SER H 1395 -98.70 31.30 -41.23
N TRP H 1396 -97.97 30.19 -41.32
CA TRP H 1396 -97.48 29.67 -42.58
C TRP H 1396 -98.26 28.44 -42.99
N SER H 1397 -98.26 28.17 -44.30
CA SER H 1397 -98.93 27.00 -44.84
C SER H 1397 -98.32 26.66 -46.19
N ARG H 1398 -98.38 25.39 -46.56
CA ARG H 1398 -97.80 24.90 -47.80
C ARG H 1398 -98.86 24.83 -48.90
N MET H 1399 -98.47 25.21 -50.11
CA MET H 1399 -99.37 25.16 -51.25
C MET H 1399 -99.27 23.79 -51.93
N PRO H 1400 -100.38 23.08 -52.12
CA PRO H 1400 -100.32 21.77 -52.78
C PRO H 1400 -99.87 21.89 -54.23
N ASN H 1401 -99.35 20.77 -54.74
CA ASN H 1401 -98.87 20.75 -56.12
C ASN H 1401 -100.01 20.63 -57.12
N HIS H 1402 -101.00 19.79 -56.82
CA HIS H 1402 -102.14 19.58 -57.69
C HIS H 1402 -103.42 20.06 -57.02
N PHE H 1403 -104.41 20.39 -57.84
CA PHE H 1403 -105.70 20.87 -57.36
C PHE H 1403 -106.81 20.20 -58.15
N LEU H 1404 -108.04 20.40 -57.69
CA LEU H 1404 -109.20 19.81 -58.35
C LEU H 1404 -109.58 20.61 -59.58
N ARG H 1405 -109.81 19.93 -60.69
CA ARG H 1405 -110.20 20.56 -61.93
C ARG H 1405 -111.72 20.73 -61.96
N VAL H 1406 -112.17 21.98 -62.11
CA VAL H 1406 -113.59 22.31 -62.12
C VAL H 1406 -114.00 22.65 -63.55
N GLU H 1407 -115.22 22.26 -63.91
CA GLU H 1407 -115.79 22.54 -65.22
C GLU H 1407 -117.11 23.26 -65.04
N THR H 1408 -117.23 24.47 -65.58
CA THR H 1408 -118.42 25.29 -65.45
C THR H 1408 -118.95 25.63 -66.82
N ARG H 1409 -120.25 25.39 -67.04
CA ARG H 1409 -120.90 25.70 -68.30
C ARG H 1409 -122.31 26.19 -68.04
N ARG H 1410 -122.89 26.83 -69.04
CA ARG H 1410 -124.25 27.37 -68.89
C ARG H 1410 -125.29 26.26 -68.94
N ALA H 1411 -125.00 25.16 -69.64
CA ALA H 1411 -125.93 24.03 -69.75
C ALA H 1411 -127.28 24.46 -70.32
N GLY H 1412 -127.26 25.32 -71.32
CA GLY H 1412 -128.47 25.79 -71.95
C GLY H 1412 -129.18 26.84 -71.11
N GLU H 1413 -130.39 27.17 -71.56
CA GLU H 1413 -131.21 28.17 -70.87
C GLU H 1413 -132.11 27.56 -69.80
N ARG H 1414 -132.46 26.29 -69.94
CA ARG H 1414 -133.31 25.64 -68.95
C ARG H 1414 -132.56 25.32 -67.66
N LEU H 1415 -131.29 24.96 -67.76
CA LEU H 1415 -130.48 24.61 -66.61
C LEU H 1415 -129.58 25.79 -66.24
N GLY H 1416 -129.39 25.98 -64.93
CA GLY H 1416 -128.57 27.07 -64.45
C GLY H 1416 -127.10 26.89 -64.72
N TRP H 1417 -126.44 26.03 -63.93
CA TRP H 1417 -125.02 25.76 -64.08
C TRP H 1417 -124.78 24.27 -63.88
N ALA H 1418 -123.52 23.86 -64.02
CA ALA H 1418 -123.16 22.46 -63.86
C ALA H 1418 -121.68 22.39 -63.52
N VAL H 1419 -121.34 21.61 -62.48
CA VAL H 1419 -119.96 21.41 -62.04
C VAL H 1419 -119.68 19.92 -62.04
N GLN H 1420 -118.57 19.53 -62.67
CA GLN H 1420 -118.18 18.14 -62.79
C GLN H 1420 -116.84 17.90 -62.09
N CYS H 1421 -116.45 16.63 -62.05
CA CYS H 1421 -115.18 16.24 -61.44
C CYS H 1421 -114.74 14.93 -62.07
N GLN H 1422 -113.57 14.93 -62.70
CA GLN H 1422 -113.08 13.76 -63.41
C GLN H 1422 -112.06 12.99 -62.59
N GLU H 1423 -110.87 13.54 -62.42
CA GLU H 1423 -109.79 12.84 -61.74
C GLU H 1423 -109.80 13.18 -60.26
N PRO H 1424 -109.72 12.18 -59.38
CA PRO H 1424 -109.68 12.43 -57.94
C PRO H 1424 -108.31 12.90 -57.50
N LEU H 1425 -108.20 13.22 -56.21
CA LEU H 1425 -106.93 13.67 -55.64
C LEU H 1425 -106.98 13.48 -54.13
N THR H 1426 -105.93 12.88 -53.58
CA THR H 1426 -105.83 12.62 -52.15
C THR H 1426 -104.51 13.17 -51.63
N MET H 1427 -104.36 13.14 -50.30
CA MET H 1427 -103.15 13.63 -49.66
C MET H 1427 -103.00 12.94 -48.32
N MET H 1428 -101.75 12.86 -47.85
CA MET H 1428 -101.43 12.27 -46.56
C MET H 1428 -101.34 13.38 -45.52
N ALA H 1429 -102.23 13.34 -44.53
CA ALA H 1429 -102.30 14.36 -43.50
C ALA H 1429 -102.04 13.74 -42.12
N LEU H 1430 -101.57 14.59 -41.21
CA LEU H 1430 -101.29 14.18 -39.84
C LEU H 1430 -102.53 14.40 -38.96
N HIS H 1431 -102.41 14.01 -37.69
CA HIS H 1431 -103.50 14.17 -36.74
C HIS H 1431 -102.88 14.39 -35.36
N ILE H 1432 -102.90 15.64 -34.90
CA ILE H 1432 -102.36 16.01 -33.59
C ILE H 1432 -103.49 15.89 -32.58
N PRO H 1433 -103.44 14.95 -31.64
CA PRO H 1433 -104.57 14.78 -30.71
C PRO H 1433 -104.73 15.92 -29.73
N GLU H 1434 -103.65 16.62 -29.38
CA GLU H 1434 -103.74 17.70 -28.39
C GLU H 1434 -104.44 18.94 -28.93
N GLU H 1435 -104.60 19.06 -30.25
CA GLU H 1435 -105.27 20.20 -30.85
C GLU H 1435 -106.36 19.83 -31.85
N ASN H 1436 -106.40 18.59 -32.33
CA ASN H 1436 -107.43 18.12 -33.27
C ASN H 1436 -107.44 18.96 -34.54
N ARG H 1437 -106.32 18.96 -35.24
CA ARG H 1437 -106.20 19.65 -36.51
C ARG H 1437 -105.24 18.89 -37.41
N CYS H 1438 -105.53 18.87 -38.71
CA CYS H 1438 -104.73 18.13 -39.68
C CYS H 1438 -103.77 19.07 -40.40
N MET H 1439 -102.66 18.50 -40.85
CA MET H 1439 -101.66 19.24 -41.61
C MET H 1439 -100.99 18.31 -42.61
N ASP H 1440 -100.51 18.89 -43.70
CA ASP H 1440 -99.86 18.10 -44.74
C ASP H 1440 -98.56 17.49 -44.23
N ILE H 1441 -98.28 16.26 -44.66
CA ILE H 1441 -97.03 15.62 -44.28
C ILE H 1441 -95.86 16.30 -44.95
N LEU H 1442 -96.08 16.90 -46.13
CA LEU H 1442 -95.01 17.64 -46.78
C LEU H 1442 -94.67 18.92 -46.02
N GLU H 1443 -95.63 19.47 -45.27
CA GLU H 1443 -95.39 20.65 -44.46
C GLU H 1443 -94.46 20.34 -43.27
N LEU H 1444 -94.38 19.08 -42.86
CA LEU H 1444 -93.54 18.71 -41.73
C LEU H 1444 -92.06 18.98 -41.98
N SER H 1445 -91.64 19.07 -43.24
CA SER H 1445 -90.24 19.35 -43.54
C SER H 1445 -89.82 20.75 -43.17
N GLU H 1446 -90.77 21.69 -43.08
CA GLU H 1446 -90.43 23.06 -42.72
C GLU H 1446 -90.09 23.17 -41.24
N ARG H 1447 -90.93 22.59 -40.37
CA ARG H 1447 -90.72 22.64 -38.93
C ARG H 1447 -89.97 21.39 -38.49
N LEU H 1448 -88.69 21.56 -38.15
CA LEU H 1448 -87.87 20.43 -37.73
C LEU H 1448 -88.20 19.95 -36.32
N ASP H 1449 -88.95 20.73 -35.55
CA ASP H 1449 -89.31 20.31 -34.20
C ASP H 1449 -90.23 19.10 -34.21
N LEU H 1450 -91.37 19.21 -34.89
CA LEU H 1450 -92.30 18.09 -35.00
C LEU H 1450 -91.78 17.01 -35.94
N GLN H 1451 -90.89 17.36 -36.87
CA GLN H 1451 -90.36 16.35 -37.78
C GLN H 1451 -89.37 15.42 -37.09
N GLN H 1452 -88.65 15.93 -36.08
CA GLN H 1452 -87.70 15.08 -35.36
C GLN H 1452 -88.41 14.04 -34.52
N PHE H 1453 -89.55 14.40 -33.93
CA PHE H 1453 -90.30 13.43 -33.13
C PHE H 1453 -90.94 12.36 -34.00
N HIS H 1454 -91.40 12.74 -35.20
CA HIS H 1454 -91.99 11.76 -36.10
C HIS H 1454 -90.93 10.83 -36.69
N SER H 1455 -89.69 11.32 -36.83
CA SER H 1455 -88.62 10.47 -37.35
C SER H 1455 -88.29 9.36 -36.36
N HIS H 1456 -88.14 9.70 -35.08
CA HIS H 1456 -87.90 8.69 -34.06
C HIS H 1456 -89.12 7.81 -33.81
N THR H 1457 -90.31 8.29 -34.19
CA THR H 1457 -91.51 7.47 -34.04
C THR H 1457 -91.46 6.25 -34.94
N LEU H 1458 -90.95 6.41 -36.16
CA LEU H 1458 -90.82 5.27 -37.07
C LEU H 1458 -89.81 4.25 -36.54
N ARG H 1459 -88.77 4.73 -35.83
CA ARG H 1459 -87.80 3.80 -35.26
C ARG H 1459 -88.42 2.95 -34.15
N LEU H 1460 -89.38 3.50 -33.42
CA LEU H 1460 -90.05 2.72 -32.38
C LEU H 1460 -90.89 1.61 -32.98
N TYR H 1461 -91.49 1.85 -34.14
CA TYR H 1461 -92.28 0.81 -34.79
C TYR H 1461 -91.40 -0.31 -35.33
N ARG H 1462 -90.21 0.03 -35.82
CA ARG H 1462 -89.31 -0.98 -36.34
C ARG H 1462 -88.66 -1.80 -35.22
N ALA H 1463 -88.53 -1.20 -34.03
CA ALA H 1463 -87.87 -1.89 -32.94
C ALA H 1463 -88.81 -2.83 -32.20
N VAL H 1464 -90.07 -2.42 -32.02
CA VAL H 1464 -91.03 -3.24 -31.29
C VAL H 1464 -91.38 -4.50 -32.09
N CYS H 1465 -91.85 -4.31 -33.32
CA CYS H 1465 -92.24 -5.42 -34.19
C CYS H 1465 -91.04 -5.83 -35.03
N ALA H 1466 -90.22 -6.73 -34.46
CA ALA H 1466 -89.02 -7.20 -35.15
C ALA H 1466 -88.63 -8.55 -34.58
N LEU H 1467 -87.80 -9.26 -35.34
CA LEU H 1467 -87.25 -10.56 -34.93
C LEU H 1467 -88.35 -11.58 -34.65
N GLY H 1468 -89.21 -11.78 -35.64
CA GLY H 1468 -90.24 -12.80 -35.53
C GLY H 1468 -91.44 -12.44 -34.69
N ASN H 1469 -91.64 -11.15 -34.41
CA ASN H 1469 -92.79 -10.72 -33.61
C ASN H 1469 -93.97 -10.47 -34.56
N ASN H 1470 -94.62 -11.56 -34.95
CA ASN H 1470 -95.73 -11.48 -35.88
C ASN H 1470 -97.05 -11.11 -35.20
N ARG H 1471 -97.17 -11.36 -33.90
CA ARG H 1471 -98.41 -11.03 -33.20
C ARG H 1471 -98.60 -9.52 -33.09
N VAL H 1472 -97.59 -8.81 -32.61
CA VAL H 1472 -97.68 -7.37 -32.49
C VAL H 1472 -97.59 -6.69 -33.84
N ALA H 1473 -97.02 -7.37 -34.85
CA ALA H 1473 -96.92 -6.77 -36.18
C ALA H 1473 -98.28 -6.50 -36.78
N HIS H 1474 -99.31 -7.26 -36.38
CA HIS H 1474 -100.66 -7.01 -36.86
C HIS H 1474 -101.23 -5.70 -36.31
N ALA H 1475 -100.76 -5.29 -35.12
CA ALA H 1475 -101.26 -4.05 -34.54
C ALA H 1475 -100.82 -2.82 -35.33
N LEU H 1476 -99.61 -2.87 -35.91
CA LEU H 1476 -99.14 -1.76 -36.73
C LEU H 1476 -99.89 -1.64 -38.05
N CYS H 1477 -100.53 -2.73 -38.50
CA CYS H 1477 -101.30 -2.67 -39.74
C CYS H 1477 -102.55 -1.81 -39.61
N SER H 1478 -102.98 -1.53 -38.39
CA SER H 1478 -104.14 -0.66 -38.20
C SER H 1478 -103.77 0.81 -38.38
N HIS H 1479 -102.60 1.21 -37.87
CA HIS H 1479 -102.19 2.61 -38.00
C HIS H 1479 -101.78 2.94 -39.43
N VAL H 1480 -101.08 2.02 -40.10
CA VAL H 1480 -100.67 2.18 -41.48
C VAL H 1480 -101.12 0.94 -42.25
N ASP H 1481 -101.82 1.17 -43.36
CA ASP H 1481 -102.33 0.09 -44.20
C ASP H 1481 -101.48 -0.06 -45.45
N GLN H 1482 -101.88 -1.01 -46.31
CA GLN H 1482 -101.16 -1.21 -47.55
C GLN H 1482 -101.38 -0.07 -48.54
N ALA H 1483 -102.51 0.64 -48.41
CA ALA H 1483 -102.76 1.81 -49.25
C ALA H 1483 -102.07 3.06 -48.74
N GLN H 1484 -101.80 3.13 -47.43
CA GLN H 1484 -101.10 4.29 -46.88
C GLN H 1484 -99.59 4.15 -47.01
N LEU H 1485 -99.06 2.94 -46.81
CA LEU H 1485 -97.62 2.74 -46.88
C LEU H 1485 -97.13 2.80 -48.32
N LEU H 1486 -97.91 2.29 -49.27
CA LEU H 1486 -97.52 2.34 -50.67
C LEU H 1486 -97.61 3.73 -51.26
N HIS H 1487 -98.43 4.61 -50.68
CA HIS H 1487 -98.55 5.97 -51.19
C HIS H 1487 -97.30 6.79 -50.91
N ALA H 1488 -96.62 6.53 -49.78
CA ALA H 1488 -95.41 7.26 -49.45
C ALA H 1488 -94.21 6.82 -50.28
N LEU H 1489 -94.28 5.64 -50.89
CA LEU H 1489 -93.17 5.16 -51.71
C LEU H 1489 -93.11 5.88 -53.05
N GLU H 1490 -94.28 6.18 -53.64
CA GLU H 1490 -94.32 6.86 -54.92
C GLU H 1490 -94.09 8.37 -54.80
N ASP H 1491 -94.25 8.92 -53.59
CA ASP H 1491 -94.06 10.35 -53.41
C ASP H 1491 -92.59 10.71 -53.52
N ALA H 1492 -92.28 11.68 -54.38
CA ALA H 1492 -90.91 12.14 -54.58
C ALA H 1492 -90.54 13.34 -53.73
N HIS H 1493 -91.52 14.14 -53.32
CA HIS H 1493 -91.26 15.31 -52.48
C HIS H 1493 -91.07 14.95 -51.01
N LEU H 1494 -91.09 13.67 -50.66
CA LEU H 1494 -90.90 13.29 -49.27
C LEU H 1494 -89.47 13.56 -48.83
N PRO H 1495 -89.26 14.08 -47.62
CA PRO H 1495 -87.89 14.38 -47.16
C PRO H 1495 -87.03 13.13 -47.02
N GLY H 1496 -85.75 13.34 -46.70
CA GLY H 1496 -84.80 12.25 -46.58
C GLY H 1496 -85.13 11.29 -45.46
N PRO H 1497 -85.08 11.75 -44.21
CA PRO H 1497 -85.37 10.86 -43.07
C PRO H 1497 -86.77 10.26 -43.12
N LEU H 1498 -87.74 10.97 -43.69
CA LEU H 1498 -89.09 10.42 -43.77
C LEU H 1498 -89.20 9.34 -44.83
N ARG H 1499 -88.35 9.41 -45.86
CA ARG H 1499 -88.38 8.39 -46.91
C ARG H 1499 -87.74 7.09 -46.44
N ALA H 1500 -86.57 7.18 -45.81
CA ALA H 1500 -85.90 5.98 -45.31
C ALA H 1500 -86.64 5.32 -44.17
N GLY H 1501 -87.48 6.06 -43.45
CA GLY H 1501 -88.24 5.46 -42.37
C GLY H 1501 -89.39 4.60 -42.86
N TYR H 1502 -90.13 5.10 -43.87
CA TYR H 1502 -91.24 4.33 -44.40
C TYR H 1502 -90.78 3.17 -45.26
N TYR H 1503 -89.66 3.32 -45.96
CA TYR H 1503 -89.14 2.21 -46.76
C TYR H 1503 -88.64 1.08 -45.87
N ASP H 1504 -88.04 1.41 -44.73
CA ASP H 1504 -87.59 0.40 -43.79
C ASP H 1504 -88.74 -0.20 -42.97
N LEU H 1505 -89.85 0.53 -42.83
CA LEU H 1505 -91.00 0.00 -42.11
C LEU H 1505 -91.70 -1.10 -42.89
N LEU H 1506 -91.65 -1.03 -44.22
CA LEU H 1506 -92.30 -2.05 -45.04
C LEU H 1506 -91.58 -3.40 -44.92
N ILE H 1507 -90.25 -3.38 -44.91
CA ILE H 1507 -89.48 -4.61 -44.81
C ILE H 1507 -89.37 -5.13 -43.38
N SER H 1508 -89.81 -4.35 -42.39
CA SER H 1508 -89.77 -4.76 -41.00
C SER H 1508 -91.12 -5.25 -40.48
N ILE H 1509 -92.15 -5.25 -41.33
CA ILE H 1509 -93.49 -5.67 -40.91
C ILE H 1509 -93.95 -6.83 -41.78
N HIS H 1510 -93.95 -6.62 -43.09
CA HIS H 1510 -94.48 -7.62 -44.02
C HIS H 1510 -93.41 -8.54 -44.59
N LEU H 1511 -92.16 -8.07 -44.67
CA LEU H 1511 -91.07 -8.83 -45.27
C LEU H 1511 -89.91 -8.97 -44.29
N GLU H 1512 -90.22 -9.33 -43.04
CA GLU H 1512 -89.21 -9.51 -42.00
C GLU H 1512 -89.12 -10.96 -41.53
N SER H 1513 -90.25 -11.60 -41.24
CA SER H 1513 -90.23 -12.99 -40.81
C SER H 1513 -90.02 -13.96 -41.97
N ALA H 1514 -90.26 -13.52 -43.20
CA ALA H 1514 -90.08 -14.40 -44.35
C ALA H 1514 -88.61 -14.45 -44.79
N CYS H 1515 -87.89 -13.34 -44.67
CA CYS H 1515 -86.49 -13.32 -45.07
C CYS H 1515 -85.60 -14.04 -44.07
N ARG H 1516 -85.97 -14.02 -42.80
CA ARG H 1516 -85.17 -14.71 -41.78
C ARG H 1516 -85.23 -16.22 -41.98
N SER H 1517 -86.39 -16.74 -42.36
CA SER H 1517 -86.54 -18.18 -42.57
C SER H 1517 -85.97 -18.63 -43.91
N ARG H 1518 -86.09 -17.78 -44.95
CA ARG H 1518 -85.60 -18.16 -46.27
C ARG H 1518 -84.08 -18.08 -46.35
N ARG H 1519 -83.48 -17.04 -45.75
CA ARG H 1519 -82.03 -16.90 -45.79
C ARG H 1519 -81.33 -18.03 -45.03
N SER H 1520 -81.94 -18.50 -43.94
CA SER H 1520 -81.33 -19.59 -43.19
C SER H 1520 -81.39 -20.90 -43.96
N MET H 1521 -82.35 -21.06 -44.86
CA MET H 1521 -82.47 -22.25 -45.69
C MET H 1521 -81.69 -22.13 -47.00
N LEU H 1522 -80.95 -21.05 -47.19
CA LEU H 1522 -80.15 -20.85 -48.39
C LEU H 1522 -78.75 -21.44 -48.29
N SER H 1523 -78.29 -21.78 -47.09
CA SER H 1523 -76.96 -22.36 -46.94
C SER H 1523 -76.89 -23.76 -47.52
N GLU H 1524 -77.93 -24.57 -47.30
CA GLU H 1524 -77.97 -25.91 -47.83
C GLU H 1524 -78.45 -25.91 -49.27
N TYR H 1525 -78.00 -26.92 -50.03
CA TYR H 1525 -78.36 -27.07 -51.44
C TYR H 1525 -78.81 -28.51 -51.66
N ILE H 1526 -80.12 -28.75 -51.49
CA ILE H 1526 -80.71 -30.07 -51.70
C ILE H 1526 -81.52 -30.04 -52.98
N VAL H 1527 -81.54 -31.16 -53.70
CA VAL H 1527 -82.26 -31.27 -54.96
C VAL H 1527 -82.80 -32.68 -55.12
N PRO H 1528 -84.08 -32.85 -55.45
CA PRO H 1528 -84.61 -34.19 -55.66
C PRO H 1528 -84.38 -34.67 -57.09
N LEU H 1529 -84.29 -35.99 -57.24
CA LEU H 1529 -84.09 -36.62 -58.54
C LEU H 1529 -85.43 -36.61 -59.29
N THR H 1530 -85.70 -35.48 -59.94
CA THR H 1530 -86.94 -35.30 -60.69
C THR H 1530 -86.64 -35.10 -62.17
N PRO H 1531 -87.58 -35.44 -63.05
CA PRO H 1531 -87.36 -35.21 -64.49
C PRO H 1531 -87.10 -33.75 -64.83
N GLU H 1532 -87.67 -32.81 -64.07
CA GLU H 1532 -87.41 -31.40 -64.32
C GLU H 1532 -85.98 -31.02 -63.93
N THR H 1533 -85.41 -31.70 -62.94
CA THR H 1533 -84.04 -31.40 -62.53
C THR H 1533 -83.03 -31.88 -63.57
N ARG H 1534 -83.37 -32.94 -64.31
CA ARG H 1534 -82.46 -33.45 -65.33
C ARG H 1534 -82.42 -32.56 -66.58
N ALA H 1535 -83.39 -31.66 -66.74
CA ALA H 1535 -83.40 -30.80 -67.90
C ALA H 1535 -82.33 -29.72 -67.83
N ILE H 1536 -81.95 -29.31 -66.62
CA ILE H 1536 -80.92 -28.29 -66.48
C ILE H 1536 -79.56 -28.86 -66.86
N THR H 1537 -78.66 -27.97 -67.26
CA THR H 1537 -77.31 -28.35 -67.67
C THR H 1537 -76.37 -27.21 -67.34
N LEU H 1538 -75.07 -27.42 -67.65
CA LEU H 1538 -74.08 -26.38 -67.38
C LEU H 1538 -74.21 -25.23 -68.36
N PHE H 1539 -74.31 -25.53 -69.66
CA PHE H 1539 -74.46 -24.51 -70.68
C PHE H 1539 -75.83 -24.61 -71.33
N PRO H 1540 -76.58 -23.52 -71.39
CA PRO H 1540 -77.91 -23.56 -72.02
C PRO H 1540 -77.80 -23.69 -73.52
N PRO H 1541 -78.56 -24.59 -74.14
CA PRO H 1541 -78.54 -24.81 -75.59
C PRO H 1541 -79.19 -23.65 -76.35
N ARG H 1542 -69.25 -18.18 -73.66
CA ARG H 1542 -70.68 -18.20 -73.95
C ARG H 1542 -71.48 -18.66 -72.74
N HIS H 1543 -71.46 -17.86 -71.68
CA HIS H 1543 -72.17 -18.18 -70.46
C HIS H 1543 -73.65 -17.80 -70.60
N GLY H 1544 -74.39 -17.95 -69.50
CA GLY H 1544 -75.80 -17.62 -69.49
C GLY H 1544 -76.14 -16.56 -68.45
N LEU H 1545 -77.31 -15.94 -68.59
CA LEU H 1545 -77.72 -14.92 -67.64
C LEU H 1545 -78.06 -15.56 -66.29
N PRO H 1546 -77.60 -14.97 -65.19
CA PRO H 1546 -77.92 -15.55 -63.87
C PRO H 1546 -79.34 -15.24 -63.45
N GLY H 1547 -80.00 -16.24 -62.88
CA GLY H 1547 -81.34 -16.12 -62.37
C GLY H 1547 -82.43 -16.61 -63.31
N VAL H 1548 -82.14 -16.72 -64.61
CA VAL H 1548 -83.15 -17.17 -65.56
C VAL H 1548 -83.28 -18.70 -65.55
N GLY H 1549 -82.26 -19.42 -65.13
CA GLY H 1549 -82.34 -20.87 -65.09
C GLY H 1549 -83.13 -21.37 -63.90
N VAL H 1550 -83.75 -22.54 -64.08
CA VAL H 1550 -84.56 -23.13 -63.03
C VAL H 1550 -83.64 -23.66 -61.93
N THR H 1551 -84.10 -23.57 -60.68
CA THR H 1551 -83.31 -24.01 -59.54
C THR H 1551 -83.61 -25.45 -59.16
N THR H 1552 -84.88 -25.85 -59.22
CA THR H 1552 -85.31 -27.20 -58.88
C THR H 1552 -84.86 -27.60 -57.48
N SER H 1553 -84.85 -26.63 -56.57
CA SER H 1553 -84.45 -26.84 -55.18
C SER H 1553 -85.67 -26.79 -54.28
N LEU H 1554 -85.49 -27.31 -53.07
CA LEU H 1554 -86.56 -27.36 -52.08
C LEU H 1554 -86.56 -26.06 -51.29
N ARG H 1555 -87.60 -25.25 -51.47
CA ARG H 1555 -87.74 -23.97 -50.77
C ARG H 1555 -89.09 -23.96 -50.08
N PRO H 1556 -89.14 -23.72 -48.76
CA PRO H 1556 -90.43 -23.71 -48.08
C PRO H 1556 -91.18 -22.42 -48.40
N PRO H 1557 -92.51 -22.43 -48.29
CA PRO H 1557 -93.28 -21.20 -48.56
C PRO H 1557 -93.16 -20.19 -47.43
N HIS H 1558 -93.86 -19.07 -47.56
CA HIS H 1558 -93.79 -17.99 -46.58
C HIS H 1558 -94.97 -17.98 -45.61
N HIS H 1559 -96.11 -18.57 -45.99
CA HIS H 1559 -97.30 -18.65 -45.16
C HIS H 1559 -97.77 -17.24 -44.73
N PHE H 1560 -98.25 -16.51 -45.73
CA PHE H 1560 -98.79 -15.18 -45.49
C PHE H 1560 -100.23 -15.27 -45.00
N SER H 1561 -100.62 -14.31 -44.16
CA SER H 1561 -101.94 -14.28 -43.57
C SER H 1561 -102.50 -12.87 -43.62
N ALA H 1562 -103.79 -12.77 -43.93
CA ALA H 1562 -104.45 -11.47 -44.00
C ALA H 1562 -104.55 -10.88 -42.59
N PRO H 1563 -104.57 -9.54 -42.48
CA PRO H 1563 -104.70 -8.91 -41.16
C PRO H 1563 -105.97 -9.34 -40.42
N CYS H 1564 -107.13 -8.99 -40.98
CA CYS H 1564 -108.42 -9.37 -40.41
C CYS H 1564 -108.56 -8.92 -38.97
N PHE H 1565 -108.95 -7.66 -38.76
CA PHE H 1565 -109.10 -7.10 -37.42
C PHE H 1565 -110.46 -7.41 -36.80
N VAL H 1566 -111.19 -8.38 -37.35
CA VAL H 1566 -112.49 -8.79 -36.83
C VAL H 1566 -112.43 -10.29 -36.54
N ALA H 1567 -112.46 -10.64 -35.26
CA ALA H 1567 -112.41 -12.02 -34.82
C ALA H 1567 -112.79 -12.09 -33.36
N ALA H 1568 -113.23 -13.27 -32.93
CA ALA H 1568 -113.58 -13.51 -31.54
C ALA H 1568 -112.37 -14.05 -30.78
N LEU H 1569 -112.17 -13.54 -29.57
CA LEU H 1569 -111.05 -13.97 -28.76
C LEU H 1569 -111.24 -15.41 -28.30
N PRO H 1570 -110.29 -16.31 -28.57
CA PRO H 1570 -110.40 -17.72 -28.19
C PRO H 1570 -109.17 -18.22 -27.43
N GLU H 1571 -99.44 -22.84 -25.76
CA GLU H 1571 -100.76 -23.44 -25.96
C GLU H 1571 -101.27 -23.18 -27.36
N ALA H 1572 -101.90 -22.03 -27.55
CA ALA H 1572 -102.43 -21.68 -28.86
C ALA H 1572 -101.28 -21.31 -29.81
N PRO H 1573 -101.35 -21.76 -31.06
CA PRO H 1573 -100.28 -21.42 -32.02
C PRO H 1573 -100.27 -19.93 -32.34
N ALA H 1574 -99.08 -19.37 -32.47
CA ALA H 1574 -98.95 -17.96 -32.79
C ALA H 1574 -99.36 -17.69 -34.23
N ARG H 1575 -99.88 -16.49 -34.46
CA ARG H 1575 -100.34 -16.11 -35.78
C ARG H 1575 -99.14 -15.89 -36.72
N LEU H 1576 -99.42 -15.93 -38.02
CA LEU H 1576 -98.40 -15.77 -39.03
C LEU H 1576 -98.13 -14.28 -39.27
N SER H 1577 -97.36 -13.97 -40.30
CA SER H 1577 -97.03 -12.59 -40.63
C SER H 1577 -98.16 -11.96 -41.46
N PRO H 1578 -98.33 -10.64 -41.38
CA PRO H 1578 -99.34 -9.99 -42.20
C PRO H 1578 -99.02 -10.09 -43.68
N SER H 1579 -100.08 -10.23 -44.48
CA SER H 1579 -99.94 -10.40 -45.91
C SER H 1579 -99.85 -9.06 -46.62
N ILE H 1580 -99.10 -9.03 -47.71
CA ILE H 1580 -98.92 -7.82 -48.52
C ILE H 1580 -99.03 -8.24 -49.99
N PRO H 1581 -99.72 -7.46 -50.83
CA PRO H 1581 -99.81 -7.82 -52.26
C PRO H 1581 -98.45 -7.79 -52.93
N LEU H 1582 -97.91 -8.99 -53.24
CA LEU H 1582 -96.61 -9.07 -53.89
C LEU H 1582 -96.67 -8.64 -55.34
N GLU H 1583 -97.82 -8.82 -56.00
CA GLU H 1583 -97.94 -8.41 -57.40
C GLU H 1583 -97.93 -6.89 -57.54
N ALA H 1584 -98.43 -6.17 -56.55
CA ALA H 1584 -98.40 -4.70 -56.60
C ALA H 1584 -97.01 -4.17 -56.31
N LEU H 1585 -96.33 -4.74 -55.32
CA LEU H 1585 -94.99 -4.27 -54.98
C LEU H 1585 -93.98 -4.63 -56.06
N ARG H 1586 -94.24 -5.68 -56.84
CA ARG H 1586 -93.32 -6.07 -57.90
C ARG H 1586 -93.31 -5.05 -59.03
N ASP H 1587 -94.50 -4.59 -59.44
CA ASP H 1587 -94.57 -3.62 -60.53
C ASP H 1587 -94.09 -2.25 -60.08
N LYS H 1588 -94.28 -1.91 -58.81
CA LYS H 1588 -93.84 -0.60 -58.33
C LYS H 1588 -92.34 -0.57 -58.07
N ALA H 1589 -91.72 -1.71 -57.79
CA ALA H 1589 -90.29 -1.75 -57.57
C ALA H 1589 -89.51 -1.47 -58.85
N LEU H 1590 -89.96 -2.06 -59.96
CA LEU H 1590 -89.28 -1.84 -61.24
C LEU H 1590 -89.60 -0.45 -61.81
N ARG H 1591 -90.80 0.05 -61.56
CA ARG H 1591 -91.18 1.36 -62.08
C ARG H 1591 -90.46 2.48 -61.34
N MET H 1592 -90.39 2.39 -60.02
CA MET H 1592 -89.71 3.43 -59.25
C MET H 1592 -88.19 3.40 -59.47
N LEU H 1593 -87.63 2.21 -59.74
CA LEU H 1593 -86.20 2.12 -59.99
C LEU H 1593 -85.81 2.78 -61.30
N GLY H 1594 -86.68 2.71 -62.30
CA GLY H 1594 -86.37 3.32 -63.59
C GLY H 1594 -86.31 4.84 -63.52
N GLU H 1595 -87.06 5.45 -62.61
CA GLU H 1595 -87.05 6.90 -62.49
C GLU H 1595 -85.78 7.38 -61.81
N ALA H 1596 -85.24 6.61 -60.86
CA ALA H 1596 -84.01 7.01 -60.17
C ALA H 1596 -82.80 6.94 -61.08
N VAL H 1597 -82.76 5.96 -61.99
CA VAL H 1597 -81.63 5.83 -62.90
C VAL H 1597 -81.60 6.98 -63.89
N ARG H 1598 -82.76 7.37 -64.41
CA ARG H 1598 -82.81 8.48 -65.36
C ARG H 1598 -82.47 9.79 -64.67
N ASP H 1599 -82.86 9.96 -63.41
CA ASP H 1599 -82.55 11.19 -62.68
C ASP H 1599 -81.10 11.22 -62.21
N GLY H 1600 -80.52 10.06 -61.92
CA GLY H 1600 -79.12 10.04 -61.49
C GLY H 1600 -78.15 10.36 -62.60
N GLY H 1601 -78.45 9.90 -63.82
CA GLY H 1601 -77.58 10.17 -64.95
C GLY H 1601 -77.60 11.63 -65.39
N GLN H 1602 -78.72 12.32 -65.15
CA GLN H 1602 -78.84 13.72 -65.52
C GLN H 1602 -78.11 14.65 -64.55
N HIS H 1603 -77.72 14.16 -63.37
CA HIS H 1603 -77.02 14.96 -62.37
C HIS H 1603 -77.85 16.19 -61.98
N ALA H 1604 -79.08 15.94 -61.55
CA ALA H 1604 -79.97 17.01 -61.14
C ALA H 1604 -79.51 17.62 -59.82
N ARG H 1605 -79.90 18.88 -59.61
CA ARG H 1605 -79.52 19.58 -58.40
C ARG H 1605 -80.38 19.19 -57.20
N ASP H 1606 -81.67 18.92 -57.43
CA ASP H 1606 -82.61 18.52 -56.38
C ASP H 1606 -83.08 17.09 -56.65
N PRO H 1607 -82.42 16.10 -56.08
CA PRO H 1607 -82.82 14.71 -56.29
C PRO H 1607 -84.01 14.36 -55.39
N VAL H 1608 -84.47 13.12 -55.52
CA VAL H 1608 -85.59 12.63 -54.72
C VAL H 1608 -85.14 12.47 -53.28
N GLY H 1609 -85.81 13.17 -52.36
CA GLY H 1609 -85.47 13.12 -50.96
C GLY H 1609 -84.51 14.19 -50.48
N GLY H 1610 -83.95 14.99 -51.38
CA GLY H 1610 -83.03 16.04 -51.00
C GLY H 1610 -81.56 15.66 -51.04
N SER H 1611 -81.24 14.38 -51.26
CA SER H 1611 -79.86 13.94 -51.30
C SER H 1611 -79.75 12.74 -52.23
N VAL H 1612 -78.55 12.54 -52.78
CA VAL H 1612 -78.32 11.42 -53.69
C VAL H 1612 -78.33 10.10 -52.93
N GLU H 1613 -77.87 10.10 -51.67
CA GLU H 1613 -77.85 8.87 -50.90
C GLU H 1613 -79.25 8.40 -50.54
N PHE H 1614 -80.13 9.34 -50.17
CA PHE H 1614 -81.49 8.99 -49.79
C PHE H 1614 -82.37 8.63 -50.99
N GLN H 1615 -81.83 8.67 -52.21
CA GLN H 1615 -82.60 8.34 -53.40
C GLN H 1615 -82.44 6.89 -53.83
N PHE H 1616 -81.26 6.29 -53.59
CA PHE H 1616 -81.00 4.92 -54.02
C PHE H 1616 -80.90 3.92 -52.88
N VAL H 1617 -80.57 4.37 -51.66
CA VAL H 1617 -80.43 3.46 -50.53
C VAL H 1617 -81.79 2.88 -50.13
N PRO H 1618 -82.84 3.68 -49.95
CA PRO H 1618 -84.12 3.08 -49.55
C PRO H 1618 -84.75 2.22 -50.64
N VAL H 1619 -84.47 2.50 -51.91
CA VAL H 1619 -85.09 1.73 -52.98
C VAL H 1619 -84.32 0.43 -53.24
N LEU H 1620 -83.02 0.39 -52.90
CA LEU H 1620 -82.25 -0.82 -53.10
C LEU H 1620 -82.50 -1.86 -52.01
N LYS H 1621 -82.81 -1.41 -50.79
CA LYS H 1621 -83.12 -2.34 -49.72
C LYS H 1621 -84.42 -3.10 -49.97
N LEU H 1622 -85.33 -2.54 -50.77
CA LEU H 1622 -86.57 -3.23 -51.10
C LEU H 1622 -86.37 -4.24 -52.21
N VAL H 1623 -85.57 -3.87 -53.23
CA VAL H 1623 -85.32 -4.79 -54.34
C VAL H 1623 -84.44 -5.94 -53.89
N SER H 1624 -83.43 -5.66 -53.06
CA SER H 1624 -82.56 -6.72 -52.57
C SER H 1624 -83.30 -7.67 -51.64
N THR H 1625 -84.31 -7.18 -50.91
CA THR H 1625 -85.10 -8.05 -50.04
C THR H 1625 -86.05 -8.92 -50.83
N LEU H 1626 -86.64 -8.39 -51.91
CA LEU H 1626 -87.57 -9.15 -52.73
C LEU H 1626 -86.88 -10.20 -53.59
N LEU H 1627 -85.55 -10.23 -53.61
CA LEU H 1627 -84.83 -11.21 -54.42
C LEU H 1627 -84.51 -12.49 -53.67
N VAL H 1628 -84.21 -12.39 -52.36
CA VAL H 1628 -83.84 -13.59 -51.62
C VAL H 1628 -85.05 -14.51 -51.41
N MET H 1629 -86.25 -13.94 -51.38
CA MET H 1629 -87.46 -14.77 -51.28
C MET H 1629 -87.92 -15.31 -52.62
N GLY H 1630 -87.29 -14.90 -53.72
CA GLY H 1630 -87.69 -15.38 -55.03
C GLY H 1630 -89.05 -14.89 -55.49
N ILE H 1631 -89.44 -13.68 -55.07
CA ILE H 1631 -90.74 -13.16 -55.48
C ILE H 1631 -90.70 -12.73 -56.94
N PHE H 1632 -89.58 -12.18 -57.38
CA PHE H 1632 -89.45 -11.75 -58.76
C PHE H 1632 -89.39 -12.94 -59.70
N GLY H 1633 -90.08 -12.84 -60.84
CA GLY H 1633 -90.12 -13.89 -61.82
C GLY H 1633 -88.96 -13.80 -62.80
N ASP H 1634 -89.09 -14.55 -63.89
CA ASP H 1634 -88.04 -14.57 -64.92
C ASP H 1634 -88.00 -13.25 -65.69
N GLU H 1635 -89.16 -12.62 -65.89
CA GLU H 1635 -89.18 -11.36 -66.64
C GLU H 1635 -88.62 -10.21 -65.82
N ASP H 1636 -88.68 -10.30 -64.50
CA ASP H 1636 -88.15 -9.23 -63.64
C ASP H 1636 -86.63 -9.22 -63.60
N VAL H 1637 -86.00 -10.38 -63.76
CA VAL H 1637 -84.54 -10.43 -63.74
C VAL H 1637 -83.95 -9.75 -64.97
N LYS H 1638 -84.65 -9.84 -66.11
CA LYS H 1638 -84.16 -9.18 -67.32
C LYS H 1638 -84.19 -7.66 -67.19
N GLN H 1639 -85.13 -7.12 -66.42
CA GLN H 1639 -85.22 -5.68 -66.27
C GLN H 1639 -84.19 -5.16 -65.27
N ILE H 1640 -83.91 -5.91 -64.21
CA ILE H 1640 -82.94 -5.48 -63.22
C ILE H 1640 -81.52 -5.52 -63.79
N LEU H 1641 -81.19 -6.60 -64.50
CA LEU H 1641 -79.85 -6.72 -65.06
C LEU H 1641 -79.62 -5.70 -66.18
N LYS H 1642 -80.67 -5.28 -66.87
CA LYS H 1642 -80.52 -4.31 -67.94
C LYS H 1642 -80.25 -2.91 -67.40
N MET H 1643 -80.82 -2.57 -66.25
CA MET H 1643 -80.60 -1.24 -65.67
C MET H 1643 -79.23 -1.11 -65.05
N ILE H 1644 -78.66 -2.20 -64.53
CA ILE H 1644 -77.33 -2.16 -63.94
C ILE H 1644 -76.22 -2.50 -64.92
N GLU H 1645 -76.57 -3.07 -66.07
CA GLU H 1645 -75.56 -3.44 -67.08
C GLU H 1645 -76.19 -3.39 -68.47
N PRO H 1646 -75.80 -2.43 -69.31
CA PRO H 1646 -76.39 -2.35 -70.65
C PRO H 1646 -75.89 -3.41 -71.62
N GLU H 1647 -74.89 -4.20 -71.25
CA GLU H 1647 -74.34 -5.23 -72.12
C GLU H 1647 -75.04 -6.58 -71.94
N VAL H 1648 -76.13 -6.62 -71.19
CA VAL H 1648 -76.86 -7.87 -70.97
C VAL H 1648 -78.22 -7.84 -71.68
N GLU H 1649 -80.31 2.60 -71.30
CA GLU H 1649 -79.90 3.91 -71.80
C GLU H 1649 -78.73 4.48 -71.01
N GLU H 1650 -78.45 3.85 -69.87
CA GLU H 1650 -77.35 4.29 -69.00
C GLU H 1650 -76.91 3.10 -68.16
N GLY H 1651 -75.81 3.32 -67.42
CA GLY H 1651 -75.27 2.28 -66.57
C GLY H 1651 -75.21 2.69 -65.11
N LEU H 1652 -75.84 1.90 -64.23
CA LEU H 1652 -75.84 2.21 -62.81
C LEU H 1652 -74.45 2.02 -62.21
N LEU H 1653 -73.72 1.00 -62.65
CA LEU H 1653 -72.38 0.75 -62.15
C LEU H 1653 -71.33 1.68 -62.74
N GLN H 1654 -71.68 2.45 -63.77
CA GLN H 1654 -70.74 3.37 -64.42
C GLN H 1654 -70.98 4.81 -64.01
N MET H 1655 -71.80 5.06 -63.00
CA MET H 1655 -72.09 6.41 -62.53
C MET H 1655 -71.45 6.65 -61.17
N LYS H 1656 -71.08 7.90 -60.92
CA LYS H 1656 -70.47 8.27 -59.65
C LYS H 1656 -71.51 8.16 -58.53
N LEU H 1657 -71.26 7.26 -57.58
CA LEU H 1657 -72.18 7.02 -56.48
C LEU H 1657 -71.46 7.13 -55.15
N PRO H 1658 -72.14 7.60 -54.10
CA PRO H 1658 -71.50 7.70 -52.78
C PRO H 1658 -71.21 6.34 -52.17
N GLU H 1659 -70.61 6.35 -50.97
CA GLU H 1659 -70.26 5.10 -50.30
C GLU H 1659 -71.44 4.44 -49.61
N SER H 1660 -72.49 5.20 -49.29
CA SER H 1660 -73.64 4.61 -48.61
C SER H 1660 -74.41 3.67 -49.53
N VAL H 1661 -74.59 4.06 -50.80
CA VAL H 1661 -75.33 3.21 -51.72
C VAL H 1661 -74.50 2.02 -52.15
N LYS H 1662 -73.16 2.17 -52.21
CA LYS H 1662 -72.30 1.07 -52.59
C LYS H 1662 -72.31 -0.06 -51.57
N LEU H 1663 -72.70 0.22 -50.32
CA LEU H 1663 -72.83 -0.85 -49.34
C LEU H 1663 -73.97 -1.79 -49.69
N GLN H 1664 -75.12 -1.23 -50.10
CA GLN H 1664 -76.24 -2.05 -50.54
C GLN H 1664 -76.00 -2.66 -51.91
N MET H 1665 -75.12 -2.06 -52.71
CA MET H 1665 -74.81 -2.61 -54.03
C MET H 1665 -74.06 -3.93 -53.92
N CYS H 1666 -73.20 -4.07 -52.91
CA CYS H 1666 -72.49 -5.34 -52.73
C CYS H 1666 -73.44 -6.47 -52.36
N ASN H 1667 -74.49 -6.17 -51.59
CA ASN H 1667 -75.49 -7.19 -51.28
C ASN H 1667 -76.33 -7.57 -52.50
N LEU H 1668 -76.45 -6.68 -53.48
CA LEU H 1668 -77.20 -7.01 -54.69
C LEU H 1668 -76.42 -7.96 -55.57
N LEU H 1669 -75.13 -7.67 -55.79
CA LEU H 1669 -74.29 -8.55 -56.60
C LEU H 1669 -73.99 -9.87 -55.90
N GLU H 1670 -74.04 -9.90 -54.57
CA GLU H 1670 -73.80 -11.14 -53.85
C GLU H 1670 -74.92 -12.15 -54.07
N TYR H 1671 -76.15 -11.67 -54.27
CA TYR H 1671 -77.26 -12.59 -54.53
C TYR H 1671 -77.12 -13.26 -55.88
N PHE H 1672 -76.76 -12.49 -56.91
CA PHE H 1672 -76.57 -13.08 -58.23
C PHE H 1672 -75.35 -13.99 -58.27
N CYS H 1673 -74.34 -13.70 -57.45
CA CYS H 1673 -73.18 -14.59 -57.37
C CYS H 1673 -73.54 -15.92 -56.73
N ASP H 1674 -74.48 -15.91 -55.78
CA ASP H 1674 -74.91 -17.16 -55.15
C ASP H 1674 -75.85 -17.94 -56.06
N GLN H 1675 -76.56 -17.27 -56.97
CA GLN H 1675 -77.43 -17.97 -57.90
C GLN H 1675 -76.62 -18.79 -58.91
N GLU H 1676 -75.41 -18.33 -59.24
CA GLU H 1676 -74.56 -19.10 -60.14
C GLU H 1676 -74.03 -20.35 -59.45
N LEU H 1677 -73.65 -20.23 -58.17
CA LEU H 1677 -73.21 -21.40 -57.43
C LEU H 1677 -74.34 -22.41 -57.26
N GLN H 1678 -75.54 -21.92 -56.97
CA GLN H 1678 -76.70 -22.82 -56.85
C GLN H 1678 -77.02 -23.46 -58.20
N HIS H 1679 -76.83 -22.73 -59.29
CA HIS H 1679 -77.02 -23.31 -60.62
C HIS H 1679 -75.94 -24.32 -60.96
N ARG H 1680 -74.71 -24.11 -60.45
CA ARG H 1680 -73.63 -25.04 -60.73
C ARG H 1680 -73.75 -26.31 -59.90
N VAL H 1681 -74.17 -26.19 -58.64
CA VAL H 1681 -74.34 -27.37 -57.80
C VAL H 1681 -75.49 -28.23 -58.30
N GLU H 1682 -76.58 -27.59 -58.75
CA GLU H 1682 -77.71 -28.34 -59.30
C GLU H 1682 -77.32 -29.04 -60.60
N SER H 1683 -76.40 -28.46 -61.37
CA SER H 1683 -75.94 -29.13 -62.58
C SER H 1683 -75.04 -30.31 -62.26
N LEU H 1684 -74.32 -30.27 -61.13
CA LEU H 1684 -73.47 -31.39 -60.75
C LEU H 1684 -74.30 -32.59 -60.33
N ALA H 1685 -75.44 -32.36 -59.68
CA ALA H 1685 -76.30 -33.47 -59.28
C ALA H 1685 -76.98 -34.12 -60.48
N ALA H 1686 -77.27 -33.34 -61.52
CA ALA H 1686 -77.86 -33.90 -62.72
C ALA H 1686 -76.88 -34.80 -63.46
N PHE H 1687 -75.62 -34.37 -63.56
CA PHE H 1687 -74.61 -35.21 -64.19
C PHE H 1687 -74.27 -36.42 -63.34
N ALA H 1688 -74.37 -36.29 -62.01
CA ALA H 1688 -74.07 -37.41 -61.14
C ALA H 1688 -75.12 -38.51 -61.25
N GLU H 1689 -76.39 -38.13 -61.44
CA GLU H 1689 -77.45 -39.12 -61.56
C GLU H 1689 -77.33 -39.89 -62.87
N ARG H 1690 -76.99 -39.20 -63.96
CA ARG H 1690 -76.85 -39.87 -65.24
C ARG H 1690 -75.58 -40.72 -65.28
N TYR H 1691 -74.53 -40.31 -64.57
CA TYR H 1691 -73.29 -41.08 -64.56
C TYR H 1691 -73.41 -42.30 -63.67
N VAL H 1692 -74.11 -42.19 -62.54
CA VAL H 1692 -74.28 -43.34 -61.67
C VAL H 1692 -75.26 -44.34 -62.28
N ASP H 1693 -76.16 -43.87 -63.16
CA ASP H 1693 -77.07 -44.79 -63.82
C ASP H 1693 -76.32 -45.64 -64.85
N LYS H 1694 -75.38 -45.04 -65.59
CA LYS H 1694 -74.57 -45.81 -66.51
C LYS H 1694 -73.58 -46.71 -65.77
N LEU H 1695 -73.11 -46.28 -64.59
CA LEU H 1695 -72.19 -47.10 -63.82
C LEU H 1695 -72.91 -48.28 -63.17
N GLN H 1696 -74.23 -48.17 -62.94
CA GLN H 1696 -74.97 -49.28 -62.35
C GLN H 1696 -75.05 -50.46 -63.32
N ALA H 1697 -75.27 -50.18 -64.61
CA ALA H 1697 -75.34 -51.27 -65.59
C ALA H 1697 -73.98 -51.91 -65.82
N ASN H 1698 -72.89 -51.15 -65.63
CA ASN H 1698 -71.56 -51.72 -65.83
C ASN H 1698 -71.17 -52.65 -64.70
N GLN H 1699 -71.66 -52.40 -63.48
CA GLN H 1699 -71.31 -53.25 -62.35
C GLN H 1699 -72.02 -54.60 -62.45
N ARG H 1700 -73.31 -54.60 -62.77
CA ARG H 1700 -74.05 -55.85 -62.88
C ARG H 1700 -73.62 -56.65 -64.10
N ASP H 1701 -73.13 -55.97 -65.15
CA ASP H 1701 -72.65 -56.68 -66.33
C ASP H 1701 -71.34 -57.41 -66.04
N ARG H 1702 -70.44 -56.78 -65.28
CA ARG H 1702 -69.19 -57.45 -64.93
C ARG H 1702 -69.41 -58.57 -63.92
N TYR H 1703 -70.40 -58.42 -63.04
CA TYR H 1703 -70.69 -59.46 -62.05
C TYR H 1703 -71.29 -60.70 -62.72
N GLY H 1704 -71.96 -60.54 -63.85
CA GLY H 1704 -72.57 -61.65 -64.54
C GLY H 1704 -71.58 -62.50 -65.31
N ILE H 1705 -70.61 -61.86 -65.98
CA ILE H 1705 -69.64 -62.60 -66.76
C ILE H 1705 -68.61 -63.30 -65.89
N LEU H 1706 -68.39 -62.81 -64.67
CA LEU H 1706 -67.42 -63.45 -63.79
C LEU H 1706 -67.99 -64.71 -63.15
N MET H 1707 -69.26 -64.68 -62.74
CA MET H 1707 -69.88 -65.84 -62.12
C MET H 1707 -70.23 -66.92 -63.14
N LYS H 1708 -70.57 -66.53 -64.36
CA LYS H 1708 -70.94 -67.52 -65.37
C LYS H 1708 -69.72 -68.22 -65.96
N ALA H 1709 -68.70 -67.45 -66.32
CA ALA H 1709 -67.49 -68.02 -66.90
C ALA H 1709 -66.55 -68.49 -65.80
N PHE H 1710 -65.92 -69.64 -66.03
CA PHE H 1710 -64.99 -70.20 -65.07
C PHE H 1710 -63.71 -69.38 -65.03
N THR H 1711 -63.17 -69.20 -63.82
CA THR H 1711 -61.96 -68.43 -63.64
C THR H 1711 -60.75 -69.20 -64.16
N MET H 1712 -59.79 -68.46 -64.73
CA MET H 1712 -58.59 -69.09 -65.26
C MET H 1712 -57.68 -69.59 -64.13
N THR H 1713 -57.57 -68.83 -63.06
CA THR H 1713 -56.73 -69.20 -61.93
C THR H 1713 -57.34 -68.63 -60.65
N ALA H 1714 -56.75 -69.02 -59.52
CA ALA H 1714 -57.24 -68.52 -58.23
C ALA H 1714 -56.92 -67.04 -58.05
N ALA H 1715 -55.79 -66.58 -58.57
CA ALA H 1715 -55.42 -65.17 -58.44
C ALA H 1715 -56.19 -64.28 -59.40
N GLU H 1716 -56.71 -64.84 -60.51
CA GLU H 1716 -57.46 -64.04 -61.46
C GLU H 1716 -58.80 -63.59 -60.87
N THR H 1717 -59.56 -64.54 -60.30
CA THR H 1717 -60.85 -64.20 -59.71
C THR H 1717 -60.69 -63.47 -58.39
N ALA H 1718 -59.51 -63.50 -57.77
CA ALA H 1718 -59.31 -62.83 -56.50
C ALA H 1718 -59.30 -61.31 -56.69
N ARG H 1719 -58.55 -60.82 -57.69
CA ARG H 1719 -58.47 -59.40 -57.95
C ARG H 1719 -59.76 -58.85 -58.56
N ARG H 1720 -60.67 -59.71 -59.01
CA ARG H 1720 -61.91 -59.25 -59.61
C ARG H 1720 -63.05 -59.16 -58.59
N THR H 1721 -63.06 -60.03 -57.60
CA THR H 1721 -64.11 -60.04 -56.58
C THR H 1721 -63.84 -59.09 -55.43
N ARG H 1722 -62.69 -58.41 -55.43
CA ARG H 1722 -62.36 -57.49 -54.34
C ARG H 1722 -63.24 -56.25 -54.35
N GLU H 1723 -63.84 -55.90 -55.49
CA GLU H 1723 -64.70 -54.74 -55.57
C GLU H 1723 -66.15 -55.05 -55.20
N PHE H 1724 -66.58 -56.31 -55.35
CA PHE H 1724 -67.95 -56.68 -55.01
C PHE H 1724 -68.13 -56.88 -53.51
N ARG H 1725 -67.04 -57.02 -52.75
CA ARG H 1725 -67.12 -57.15 -51.30
C ARG H 1725 -66.58 -55.94 -50.56
N SER H 1726 -65.98 -54.99 -51.26
CA SER H 1726 -65.49 -53.77 -50.63
C SER H 1726 -66.66 -52.90 -50.20
N PRO H 1727 -66.44 -52.00 -49.23
CA PRO H 1727 -67.51 -51.10 -48.83
C PRO H 1727 -67.94 -50.21 -49.98
N PRO H 1728 -69.19 -49.76 -50.00
CA PRO H 1728 -69.66 -48.93 -51.12
C PRO H 1728 -68.87 -47.65 -51.29
N GLN H 1729 -68.28 -47.11 -50.22
CA GLN H 1729 -67.43 -45.94 -50.36
C GLN H 1729 -66.14 -46.28 -51.09
N GLU H 1730 -65.63 -47.50 -50.93
CA GLU H 1730 -64.43 -47.91 -51.64
C GLU H 1730 -64.74 -48.35 -53.07
N GLN H 1731 -65.97 -48.79 -53.33
CA GLN H 1731 -66.33 -49.18 -54.69
C GLN H 1731 -66.36 -47.97 -55.62
N ILE H 1732 -66.96 -46.87 -55.17
CA ILE H 1732 -66.98 -45.66 -55.98
C ILE H 1732 -65.58 -45.05 -56.07
N ASN H 1733 -64.81 -45.12 -54.99
CA ASN H 1733 -63.46 -44.58 -55.01
C ASN H 1733 -62.55 -45.35 -55.95
N MET H 1734 -62.85 -46.63 -56.19
CA MET H 1734 -62.04 -47.44 -57.09
C MET H 1734 -62.49 -47.32 -58.54
N LEU H 1735 -63.80 -47.29 -58.78
CA LEU H 1735 -64.29 -47.20 -60.15
C LEU H 1735 -64.09 -45.81 -60.74
N LEU H 1736 -64.05 -44.78 -59.89
CA LEU H 1736 -63.86 -43.41 -60.33
C LEU H 1736 -62.41 -42.97 -60.30
N HIS H 1737 -61.47 -43.89 -60.01
CA HIS H 1737 -60.05 -43.55 -59.95
C HIS H 1737 -59.46 -43.62 -61.36
N PHE H 1738 -59.87 -42.67 -62.18
CA PHE H 1738 -59.42 -42.56 -63.56
C PHE H 1738 -58.59 -41.29 -63.73
N LYS H 1739 -57.48 -41.43 -64.46
CA LYS H 1739 -56.56 -40.32 -64.72
C LYS H 1739 -56.08 -39.66 -63.44
N PRO H 1740 -60.35 -51.54 -62.59
CA PRO H 1740 -60.50 -50.28 -63.34
C PRO H 1740 -61.89 -50.12 -63.93
N LEU H 1741 -61.98 -49.55 -65.13
CA LEU H 1741 -63.25 -49.30 -65.80
C LEU H 1741 -62.99 -49.20 -67.29
N PRO H 1742 -63.98 -49.54 -68.13
CA PRO H 1742 -63.78 -49.43 -69.57
C PRO H 1742 -63.65 -47.98 -70.01
N ASP H 1743 -62.96 -47.78 -71.14
CA ASP H 1743 -62.73 -46.44 -71.65
C ASP H 1743 -63.99 -45.81 -72.23
N GLU H 1744 -65.03 -46.61 -72.50
CA GLU H 1744 -66.26 -46.06 -73.05
C GLU H 1744 -67.01 -45.21 -72.04
N ILE H 1745 -66.86 -45.52 -70.75
CA ILE H 1745 -67.54 -44.74 -69.72
C ILE H 1745 -66.71 -43.54 -69.26
N ARG H 1746 -65.38 -43.61 -69.40
CA ARG H 1746 -64.53 -42.52 -68.96
C ARG H 1746 -64.66 -41.28 -69.84
N GLN H 1747 -65.19 -41.42 -71.06
CA GLN H 1747 -65.35 -40.27 -71.93
C GLN H 1747 -66.44 -39.32 -71.42
N ASP H 1748 -67.44 -39.85 -70.72
CA ASP H 1748 -68.50 -38.99 -70.19
C ASP H 1748 -67.99 -38.17 -69.01
N LEU H 1749 -67.16 -38.76 -68.16
CA LEU H 1749 -66.64 -38.02 -67.00
C LEU H 1749 -65.64 -36.97 -67.42
N LEU H 1750 -64.78 -37.28 -68.39
CA LEU H 1750 -63.78 -36.32 -68.84
C LEU H 1750 -64.42 -35.15 -69.59
N GLU H 1751 -65.60 -35.36 -70.19
CA GLU H 1751 -66.27 -34.28 -70.91
C GLU H 1751 -66.82 -33.24 -69.94
N PHE H 1752 -67.43 -33.68 -68.84
CA PHE H 1752 -67.98 -32.75 -67.87
C PHE H 1752 -66.90 -32.10 -67.02
N HIS H 1753 -65.81 -32.81 -66.74
CA HIS H 1753 -64.73 -32.23 -65.94
C HIS H 1753 -64.02 -31.12 -66.70
N GLN H 1754 -63.80 -31.30 -68.00
CA GLN H 1754 -63.17 -30.29 -68.82
C GLN H 1754 -64.08 -29.11 -69.13
N ASP H 1755 -65.39 -29.28 -68.97
CA ASP H 1755 -66.35 -28.21 -69.20
C ASP H 1755 -66.68 -27.41 -67.95
N LEU H 1756 -66.57 -28.02 -66.77
CA LEU H 1756 -66.86 -27.31 -65.53
C LEU H 1756 -65.79 -26.26 -65.24
N LEU H 1757 -64.53 -26.56 -65.59
CA LEU H 1757 -63.46 -25.59 -65.37
C LEU H 1757 -63.62 -24.37 -66.28
N THR H 1758 -64.19 -24.56 -67.47
CA THR H 1758 -64.39 -23.42 -68.37
C THR H 1758 -65.45 -22.47 -67.82
N HIS H 1759 -66.46 -22.99 -67.12
CA HIS H 1759 -67.49 -22.13 -66.54
C HIS H 1759 -66.95 -21.38 -65.32
N CYS H 1760 -65.97 -21.93 -64.63
CA CYS H 1760 -65.40 -21.27 -63.47
C CYS H 1760 -64.54 -20.08 -63.84
N GLY H 1761 -64.05 -20.01 -65.08
CA GLY H 1761 -63.25 -18.91 -65.54
C GLY H 1761 -61.78 -19.23 -65.79
N ILE H 1762 -61.41 -20.49 -65.94
CA ILE H 1762 -60.03 -20.89 -66.20
C ILE H 1762 -59.99 -21.79 -67.42
N GLN H 1763 -58.86 -21.76 -68.12
CA GLN H 1763 -58.68 -22.58 -69.31
C GLN H 1763 -57.27 -23.16 -69.37
N LEU H 1764 -66.13 -7.98 -72.59
CA LEU H 1764 -66.55 -8.63 -71.34
C LEU H 1764 -67.31 -9.92 -71.62
N GLN H 1765 -68.63 -9.80 -71.69
CA GLN H 1765 -69.51 -10.95 -71.95
C GLN H 1765 -69.31 -12.06 -70.93
N SER H 1766 -69.19 -11.67 -69.66
CA SER H 1766 -68.99 -12.62 -68.57
C SER H 1766 -69.39 -11.97 -67.26
N LEU H 1767 -70.11 -12.73 -66.43
CA LEU H 1767 -70.52 -12.21 -65.13
C LEU H 1767 -69.33 -12.01 -64.20
N GLN H 1768 -68.34 -12.91 -64.28
CA GLN H 1768 -67.16 -12.78 -63.44
C GLN H 1768 -66.29 -11.61 -63.86
N GLU H 1769 -66.15 -11.39 -65.17
CA GLU H 1769 -65.30 -10.31 -65.66
C GLU H 1769 -65.91 -8.95 -65.39
N LEU H 1770 -67.24 -8.86 -65.34
CA LEU H 1770 -67.90 -7.58 -65.08
C LEU H 1770 -67.69 -7.13 -63.65
N VAL H 1771 -67.90 -8.04 -62.68
CA VAL H 1771 -67.73 -7.69 -61.28
C VAL H 1771 -66.26 -7.57 -60.90
N SER H 1772 -65.37 -8.23 -61.64
CA SER H 1772 -63.94 -8.14 -61.32
C SER H 1772 -63.38 -6.77 -61.65
N HIS H 1773 -63.95 -6.08 -62.64
CA HIS H 1773 -63.48 -4.75 -63.01
C HIS H 1773 -64.12 -3.66 -62.16
N THR H 1774 -65.30 -3.91 -61.60
CA THR H 1774 -65.97 -2.90 -60.78
C THR H 1774 -65.43 -2.89 -59.35
N VAL H 1775 -64.99 -4.05 -58.84
CA VAL H 1775 -64.48 -4.10 -57.47
C VAL H 1775 -63.12 -3.40 -57.39
N VAL H 1776 -62.34 -3.42 -58.46
CA VAL H 1776 -61.03 -2.76 -58.45
C VAL H 1776 -61.12 -1.30 -58.87
N ARG H 1777 -62.16 -0.91 -59.62
CA ARG H 1777 -62.29 0.48 -60.03
C ARG H 1777 -62.76 1.36 -58.89
N TRP H 1778 -63.63 0.83 -58.03
CA TRP H 1778 -64.13 1.63 -56.90
C TRP H 1778 -63.04 1.86 -55.86
N ALA H 1779 -62.13 0.91 -55.69
CA ALA H 1779 -61.05 1.05 -54.72
C ALA H 1779 -59.89 1.90 -55.24
N GLN H 1780 -59.80 2.10 -56.54
CA GLN H 1780 -58.73 2.88 -57.14
C GLN H 1780 -59.14 4.30 -57.51
N GLU H 1781 -60.43 4.60 -57.49
CA GLU H 1781 -60.91 5.92 -57.85
C GLU H 1781 -60.96 6.87 -56.65
N ASP H 1782 -61.49 6.40 -55.53
CA ASP H 1782 -61.61 7.21 -54.32
C ASP H 1782 -61.36 6.31 -53.10
N PHE H 1783 -61.32 6.94 -51.93
CA PHE H 1783 -61.13 6.23 -50.68
C PHE H 1783 -62.46 5.72 -50.16
N VAL H 1784 -62.45 4.54 -49.55
CA VAL H 1784 -63.68 3.92 -49.06
C VAL H 1784 -64.17 4.63 -47.80
N GLN H 1785 -63.30 4.75 -46.79
CA GLN H 1785 -63.65 5.37 -45.51
C GLN H 1785 -64.89 4.73 -44.90
N SER H 1786 -64.95 3.40 -44.94
CA SER H 1786 -66.08 2.66 -44.40
C SER H 1786 -65.63 1.28 -43.95
N PRO H 1787 -65.72 0.96 -42.66
CA PRO H 1787 -65.27 -0.36 -42.21
C PRO H 1787 -66.16 -1.50 -42.67
N GLU H 1788 -67.48 -1.27 -42.74
CA GLU H 1788 -68.40 -2.32 -43.17
C GLU H 1788 -68.36 -2.56 -44.68
N LEU H 1789 -67.87 -1.59 -45.46
CA LEU H 1789 -67.84 -1.75 -46.90
C LEU H 1789 -66.64 -2.58 -47.35
N VAL H 1790 -65.50 -2.42 -46.68
CA VAL H 1790 -64.29 -3.14 -47.08
C VAL H 1790 -64.46 -4.64 -46.85
N ARG H 1791 -65.11 -5.02 -45.75
CA ARG H 1791 -65.30 -6.44 -45.46
C ARG H 1791 -66.24 -7.09 -46.48
N ALA H 1792 -67.14 -6.31 -47.07
CA ALA H 1792 -68.05 -6.83 -48.07
C ALA H 1792 -67.54 -6.63 -49.49
N MET H 1793 -66.61 -5.70 -49.70
CA MET H 1793 -66.08 -5.46 -51.05
C MET H 1793 -65.14 -6.59 -51.47
N PHE H 1794 -64.10 -6.84 -50.67
CA PHE H 1794 -63.12 -7.87 -51.03
C PHE H 1794 -63.69 -9.28 -50.86
N SER H 1795 -64.73 -9.46 -50.06
CA SER H 1795 -65.32 -10.78 -49.90
C SER H 1795 -65.99 -11.24 -51.19
N LEU H 1796 -66.57 -10.31 -51.96
CA LEU H 1796 -67.18 -10.67 -53.23
C LEU H 1796 -66.14 -11.02 -54.28
N LEU H 1797 -64.99 -10.33 -54.26
CA LEU H 1797 -63.94 -10.61 -55.24
C LEU H 1797 -63.31 -11.98 -55.00
N HIS H 1798 -63.24 -12.42 -53.75
CA HIS H 1798 -62.63 -13.72 -53.45
C HIS H 1798 -63.47 -14.87 -54.03
N ARG H 1799 -64.77 -14.70 -54.15
CA ARG H 1799 -65.66 -15.72 -54.69
C ARG H 1799 -65.72 -15.70 -56.21
N GLN H 1800 -64.88 -14.91 -56.87
CA GLN H 1800 -64.87 -14.81 -58.33
C GLN H 1800 -63.61 -15.38 -58.96
N TYR H 1801 -62.43 -14.98 -58.46
CA TYR H 1801 -61.19 -15.54 -58.99
C TYR H 1801 -61.00 -16.99 -58.57
N ASP H 1802 -61.55 -17.38 -57.42
CA ASP H 1802 -61.46 -18.75 -56.94
C ASP H 1802 -62.62 -19.54 -57.55
N GLY H 1803 -62.38 -20.12 -58.73
CA GLY H 1803 -63.40 -20.91 -59.40
C GLY H 1803 -63.76 -22.18 -58.66
N LEU H 1804 -62.75 -23.04 -58.43
CA LEU H 1804 -62.98 -24.28 -57.71
C LEU H 1804 -63.03 -24.09 -56.20
N GLY H 1805 -62.49 -22.97 -55.69
CA GLY H 1805 -62.52 -22.74 -54.26
C GLY H 1805 -63.90 -22.44 -53.72
N GLU H 1806 -64.73 -21.75 -54.52
CA GLU H 1806 -66.08 -21.43 -54.08
C GLU H 1806 -66.96 -22.67 -54.04
N LEU H 1807 -66.75 -23.60 -54.96
CA LEU H 1807 -67.55 -24.84 -54.98
C LEU H 1807 -67.15 -25.76 -53.84
N LEU H 1808 -65.86 -25.81 -53.52
CA LEU H 1808 -65.39 -26.72 -52.47
C LEU H 1808 -65.94 -26.32 -51.10
N ARG H 1809 -66.17 -25.03 -50.87
CA ARG H 1809 -66.68 -24.60 -49.57
C ARG H 1809 -68.15 -24.96 -49.38
N ALA H 1810 -68.90 -25.09 -50.47
CA ALA H 1810 -70.32 -25.41 -50.41
C ALA H 1810 -70.65 -26.80 -50.95
N LEU H 1811 -69.65 -27.60 -51.31
CA LEU H 1811 -69.94 -28.94 -51.82
C LEU H 1811 -70.40 -29.90 -50.72
N PRO H 1812 -69.76 -29.98 -49.55
CA PRO H 1812 -70.29 -30.88 -48.51
C PRO H 1812 -71.69 -30.53 -48.04
N ARG H 1813 -72.15 -29.30 -48.25
CA ARG H 1813 -73.50 -28.92 -47.87
C ARG H 1813 -74.55 -29.47 -48.82
N ALA H 1814 -74.16 -30.00 -49.97
CA ALA H 1814 -75.11 -30.53 -50.92
C ALA H 1814 -75.61 -31.91 -50.48
N TYR H 1815 -76.80 -32.26 -50.95
CA TYR H 1815 -77.42 -33.53 -50.60
C TYR H 1815 -78.46 -33.88 -51.65
N THR H 1816 -78.67 -35.18 -51.84
CA THR H 1816 -79.64 -35.70 -52.80
C THR H 1816 -80.74 -36.42 -52.04
N ILE H 1817 -81.99 -36.00 -52.24
CA ILE H 1817 -83.14 -36.59 -51.56
C ILE H 1817 -83.95 -37.38 -52.57
N SER H 1818 -84.62 -38.42 -52.09
CA SER H 1818 -85.43 -39.26 -52.96
C SER H 1818 -86.70 -38.51 -53.37
N PRO H 1819 -87.14 -38.65 -54.61
CA PRO H 1819 -88.37 -37.96 -55.05
C PRO H 1819 -89.66 -38.57 -54.52
N SER H 1820 -89.58 -39.66 -53.77
CA SER H 1820 -90.76 -40.30 -53.21
C SER H 1820 -91.11 -39.80 -51.81
N SER H 1821 -90.26 -39.00 -51.20
CA SER H 1821 -90.49 -38.45 -49.87
C SER H 1821 -90.35 -36.94 -49.87
N VAL H 1822 -90.92 -36.29 -50.90
CA VAL H 1822 -90.84 -34.84 -50.98
C VAL H 1822 -91.74 -34.19 -49.94
N GLU H 1823 -92.94 -34.74 -49.73
CA GLU H 1823 -93.86 -34.19 -48.74
C GLU H 1823 -93.31 -34.32 -47.33
N ASP H 1824 -92.54 -35.39 -47.05
CA ASP H 1824 -91.94 -35.55 -45.74
C ASP H 1824 -90.78 -34.58 -45.53
N THR H 1825 -90.07 -34.23 -46.61
CA THR H 1825 -88.97 -33.28 -46.49
C THR H 1825 -89.46 -31.85 -46.48
N MET H 1826 -90.59 -31.57 -47.14
CA MET H 1826 -91.16 -30.22 -47.11
C MET H 1826 -91.54 -29.81 -45.70
N SER H 1827 -92.18 -30.71 -44.95
CA SER H 1827 -92.51 -30.42 -43.56
C SER H 1827 -91.28 -30.47 -42.66
N LEU H 1828 -90.20 -31.11 -43.12
CA LEU H 1828 -88.96 -31.14 -42.33
C LEU H 1828 -88.34 -29.76 -42.26
N LEU H 1829 -88.10 -29.13 -43.41
CA LEU H 1829 -87.53 -27.80 -43.43
C LEU H 1829 -88.54 -26.74 -42.98
N GLU H 1830 -89.83 -27.02 -43.06
CA GLU H 1830 -90.84 -26.08 -42.59
C GLU H 1830 -90.78 -25.96 -41.07
N CYS H 1831 -90.72 -27.09 -40.36
CA CYS H 1831 -90.56 -27.06 -38.91
C CYS H 1831 -89.14 -26.66 -38.53
N LEU H 1832 -88.16 -26.91 -39.40
CA LEU H 1832 -86.80 -26.48 -39.11
C LEU H 1832 -86.64 -24.96 -39.25
N GLY H 1833 -87.41 -24.35 -40.15
CA GLY H 1833 -87.40 -22.90 -40.25
C GLY H 1833 -87.98 -22.21 -39.04
N GLN H 1834 -88.84 -22.89 -38.28
CA GLN H 1834 -89.39 -22.31 -37.07
C GLN H 1834 -88.46 -22.48 -35.88
N ILE H 1835 -87.73 -23.60 -35.82
CA ILE H 1835 -86.81 -23.85 -34.71
C ILE H 1835 -85.56 -22.97 -34.82
N ARG H 1836 -85.29 -22.41 -35.99
CA ARG H 1836 -84.14 -21.52 -36.16
C ARG H 1836 -84.49 -20.05 -35.97
N SER H 1837 -85.75 -19.68 -36.15
CA SER H 1837 -86.19 -18.32 -35.91
C SER H 1837 -86.55 -18.06 -34.45
N LEU H 1838 -86.63 -19.12 -33.62
CA LEU H 1838 -86.97 -18.99 -32.22
C LEU H 1838 -85.76 -18.95 -31.31
N LEU H 1839 -84.56 -19.26 -31.82
CA LEU H 1839 -83.36 -19.20 -30.98
C LEU H 1839 -82.87 -17.77 -30.78
N ILE H 1840 -83.21 -16.86 -31.68
CA ILE H 1840 -82.78 -15.47 -31.54
C ILE H 1840 -83.57 -14.77 -30.44
N VAL H 1841 -84.85 -15.11 -30.32
CA VAL H 1841 -85.71 -14.53 -29.29
C VAL H 1841 -85.57 -15.34 -28.01
N GLN H 1842 -85.57 -14.64 -26.88
CA GLN H 1842 -85.43 -15.30 -25.58
C GLN H 1842 -86.62 -16.20 -25.31
N MET H 1843 -86.35 -17.39 -24.78
CA MET H 1843 -87.40 -18.36 -24.49
C MET H 1843 -88.26 -17.87 -23.32
N GLY H 1844 -89.55 -17.70 -23.57
CA GLY H 1844 -90.47 -17.26 -22.55
C GLY H 1844 -91.41 -18.36 -22.11
N PRO H 1845 -92.42 -18.00 -21.29
CA PRO H 1845 -93.38 -19.02 -20.85
C PRO H 1845 -94.19 -19.62 -21.99
N GLN H 1846 -94.81 -18.77 -22.83
CA GLN H 1846 -95.58 -19.27 -23.94
C GLN H 1846 -94.68 -19.82 -25.05
N GLU H 1847 -93.48 -19.27 -25.21
CA GLU H 1847 -92.56 -19.75 -26.22
C GLU H 1847 -91.92 -21.08 -25.85
N GLU H 1848 -92.06 -21.53 -24.60
CA GLU H 1848 -91.49 -22.81 -24.21
C GLU H 1848 -92.27 -23.97 -24.81
N ASN H 1849 -93.59 -23.83 -24.92
CA ASN H 1849 -94.42 -24.88 -25.50
C ASN H 1849 -94.31 -24.95 -27.01
N LEU H 1850 -93.66 -23.97 -27.65
CA LEU H 1850 -93.49 -24.01 -29.10
C LEU H 1850 -92.37 -24.94 -29.52
N MET H 1851 -91.32 -25.06 -28.72
CA MET H 1851 -90.20 -25.93 -29.08
C MET H 1851 -90.51 -27.39 -28.78
N ILE H 1852 -91.26 -27.65 -27.71
CA ILE H 1852 -91.62 -29.03 -27.38
C ILE H 1852 -92.56 -29.63 -28.41
N GLN H 1853 -93.31 -28.80 -29.13
CA GLN H 1853 -94.19 -29.31 -30.18
C GLN H 1853 -93.43 -29.52 -31.49
N SER H 1854 -92.47 -28.64 -31.79
CA SER H 1854 -91.66 -28.80 -33.00
C SER H 1854 -90.70 -29.96 -32.88
N ILE H 1855 -90.18 -30.22 -31.69
CA ILE H 1855 -89.28 -31.35 -31.49
C ILE H 1855 -90.04 -32.67 -31.60
N GLY H 1856 -91.24 -32.73 -31.00
CA GLY H 1856 -92.03 -33.94 -31.09
C GLY H 1856 -92.50 -34.23 -32.50
N ASN H 1857 -92.65 -33.20 -33.33
CA ASN H 1857 -93.06 -33.41 -34.71
C ASN H 1857 -91.89 -33.82 -35.60
N ILE H 1858 -90.69 -33.32 -35.31
CA ILE H 1858 -89.51 -33.71 -36.10
C ILE H 1858 -88.97 -35.06 -35.66
N MET H 1859 -89.33 -35.54 -34.47
CA MET H 1859 -88.90 -36.85 -33.99
C MET H 1859 -89.78 -37.98 -34.49
N ASN H 1860 -90.91 -37.67 -35.12
CA ASN H 1860 -91.80 -38.69 -35.66
C ASN H 1860 -91.96 -38.51 -37.17
N ASN H 1861 -90.84 -38.52 -37.89
CA ASN H 1861 -90.83 -38.34 -39.33
C ASN H 1861 -90.11 -39.51 -39.99
N LYS H 1862 -90.09 -39.50 -41.33
CA LYS H 1862 -89.46 -40.55 -42.11
C LYS H 1862 -88.05 -40.20 -42.56
N VAL H 1863 -87.83 -38.95 -42.99
CA VAL H 1863 -86.50 -38.56 -43.46
C VAL H 1863 -85.50 -38.51 -42.32
N PHE H 1864 -85.96 -38.25 -41.09
CA PHE H 1864 -85.05 -38.16 -39.96
C PHE H 1864 -84.42 -39.51 -39.64
N TYR H 1865 -85.11 -40.61 -39.96
CA TYR H 1865 -84.61 -41.95 -39.69
C TYR H 1865 -84.25 -42.70 -40.97
N GLN H 1866 -84.02 -41.98 -42.06
CA GLN H 1866 -83.68 -42.62 -43.33
C GLN H 1866 -82.44 -41.97 -43.95
N HIS H 1867 -82.21 -40.69 -43.63
CA HIS H 1867 -81.07 -39.94 -44.16
C HIS H 1867 -80.30 -39.33 -42.99
N PRO H 1868 -79.40 -40.10 -42.37
CA PRO H 1868 -78.62 -39.55 -41.26
C PRO H 1868 -77.65 -38.47 -41.68
N ASN H 1869 -77.13 -38.53 -42.91
CA ASN H 1869 -76.17 -37.52 -43.37
C ASN H 1869 -76.83 -36.18 -43.66
N LEU H 1870 -78.15 -36.15 -43.83
CA LEU H 1870 -78.83 -34.89 -44.09
C LEU H 1870 -78.87 -34.00 -42.86
N MET H 1871 -78.93 -34.61 -41.67
CA MET H 1871 -78.98 -33.81 -40.44
C MET H 1871 -77.66 -33.08 -40.18
N ARG H 1872 -76.54 -33.68 -40.58
CA ARG H 1872 -75.24 -33.05 -40.37
C ARG H 1872 -74.95 -31.96 -41.39
N ALA H 1873 -75.61 -32.00 -42.56
CA ALA H 1873 -75.39 -30.97 -43.57
C ALA H 1873 -76.08 -29.66 -43.22
N LEU H 1874 -77.34 -29.74 -42.77
CA LEU H 1874 -78.09 -28.55 -42.40
C LEU H 1874 -77.73 -28.02 -41.03
N GLY H 1875 -77.03 -28.81 -40.20
CA GLY H 1875 -76.64 -28.37 -38.88
C GLY H 1875 -77.77 -28.45 -37.87
N MET H 1876 -78.36 -29.64 -37.72
CA MET H 1876 -79.47 -29.80 -36.78
C MET H 1876 -78.98 -29.84 -35.34
N HIS H 1877 -77.95 -30.63 -35.07
CA HIS H 1877 -77.46 -30.77 -33.69
C HIS H 1877 -76.79 -29.50 -33.19
N GLU H 1878 -76.42 -28.58 -34.09
CA GLU H 1878 -75.83 -27.32 -33.65
C GLU H 1878 -76.88 -26.33 -33.16
N THR H 1879 -78.05 -26.29 -33.82
CA THR H 1879 -79.08 -25.35 -33.43
C THR H 1879 -79.76 -25.77 -32.12
N VAL H 1880 -79.91 -27.08 -31.91
CA VAL H 1880 -80.54 -27.55 -30.69
C VAL H 1880 -79.67 -27.25 -29.47
N MET H 1881 -78.35 -27.33 -29.64
CA MET H 1881 -77.44 -27.03 -28.54
C MET H 1881 -77.30 -25.53 -28.29
N GLU H 1882 -77.69 -24.69 -29.24
CA GLU H 1882 -77.58 -23.25 -29.05
C GLU H 1882 -78.64 -22.72 -28.10
N VAL H 1883 -79.82 -23.35 -28.07
CA VAL H 1883 -80.88 -22.91 -27.15
C VAL H 1883 -80.69 -23.48 -25.75
N MET H 1884 -79.81 -24.46 -25.57
CA MET H 1884 -79.56 -25.00 -24.25
C MET H 1884 -78.59 -24.15 -23.45
N VAL H 1885 -77.61 -23.53 -24.12
CA VAL H 1885 -76.64 -22.70 -23.42
C VAL H 1885 -77.26 -21.38 -22.97
N ASN H 1886 -78.39 -20.98 -23.54
CA ASN H 1886 -79.03 -19.74 -23.12
C ASN H 1886 -79.93 -19.96 -21.91
N VAL H 1887 -80.66 -21.08 -21.87
CA VAL H 1887 -81.54 -21.38 -20.74
C VAL H 1887 -80.79 -21.89 -19.53
N LEU H 1888 -79.52 -22.25 -19.68
CA LEU H 1888 -78.71 -22.73 -18.57
C LEU H 1888 -77.88 -21.62 -17.96
N ARG H 1889 -83.97 -22.38 -14.44
CA ARG H 1889 -85.11 -21.74 -15.11
C ARG H 1889 -85.63 -22.60 -16.25
N PHE H 1890 -86.96 -22.72 -16.33
CA PHE H 1890 -87.65 -23.50 -17.35
C PHE H 1890 -87.16 -24.95 -17.34
N PRO H 1891 -87.63 -25.77 -16.40
CA PRO H 1891 -87.17 -27.17 -16.37
C PRO H 1891 -87.67 -27.99 -17.54
N LYS H 1892 -88.78 -27.60 -18.16
CA LYS H 1892 -89.30 -28.36 -19.29
C LYS H 1892 -88.48 -28.18 -20.56
N MET H 1893 -87.63 -27.15 -20.61
CA MET H 1893 -86.83 -26.92 -21.80
C MET H 1893 -85.65 -27.87 -21.88
N VAL H 1894 -84.96 -28.09 -20.76
CA VAL H 1894 -83.82 -28.99 -20.74
C VAL H 1894 -84.26 -30.44 -20.87
N THR H 1895 -85.52 -30.74 -20.55
CA THR H 1895 -85.99 -32.12 -20.65
C THR H 1895 -86.13 -32.56 -22.11
N SER H 1896 -86.85 -31.77 -22.91
CA SER H 1896 -87.06 -32.14 -24.30
C SER H 1896 -85.81 -31.94 -25.15
N CYS H 1897 -84.97 -30.98 -24.76
CA CYS H 1897 -83.74 -30.73 -25.52
C CYS H 1897 -82.75 -31.89 -25.38
N CYS H 1898 -82.57 -32.38 -24.15
CA CYS H 1898 -81.65 -33.49 -23.92
C CYS H 1898 -82.24 -34.82 -24.39
N ARG H 1899 -83.57 -34.96 -24.36
CA ARG H 1899 -84.19 -36.20 -24.79
C ARG H 1899 -84.00 -36.41 -26.29
N PHE H 1900 -84.24 -35.37 -27.09
CA PHE H 1900 -84.04 -35.48 -28.54
C PHE H 1900 -82.57 -35.64 -28.88
N LEU H 1901 -81.67 -35.02 -28.11
CA LEU H 1901 -80.25 -35.12 -28.38
C LEU H 1901 -79.69 -36.51 -28.09
N CYS H 1902 -80.38 -37.31 -27.28
CA CYS H 1902 -79.91 -38.65 -26.97
C CYS H 1902 -80.13 -39.60 -28.14
N TYR H 1903 -81.33 -39.58 -28.73
CA TYR H 1903 -81.63 -40.46 -29.85
C TYR H 1903 -80.93 -40.02 -31.13
N PHE H 1904 -80.48 -38.77 -31.20
CA PHE H 1904 -79.77 -38.31 -32.40
C PHE H 1904 -78.42 -38.99 -32.55
N CYS H 1905 -77.75 -39.31 -31.44
CA CYS H 1905 -76.46 -39.98 -31.52
C CYS H 1905 -76.60 -41.46 -31.85
N ARG H 1906 -77.73 -42.07 -31.51
CA ARG H 1906 -77.97 -43.48 -31.77
C ARG H 1906 -78.41 -43.76 -33.21
N ILE H 1907 -78.53 -42.73 -34.05
CA ILE H 1907 -78.98 -42.93 -35.42
C ILE H 1907 -77.87 -43.55 -36.26
N SER H 1908 -76.74 -42.86 -36.36
CA SER H 1908 -75.61 -43.31 -37.16
C SER H 1908 -74.32 -43.17 -36.37
N ARG H 1909 -73.27 -43.82 -36.86
CA ARG H 1909 -71.97 -43.74 -36.20
C ARG H 1909 -71.36 -42.35 -36.36
N GLN H 1910 -71.60 -41.70 -37.51
CA GLN H 1910 -71.05 -40.38 -37.73
C GLN H 1910 -71.73 -39.32 -36.85
N ASN H 1911 -73.00 -39.54 -36.51
CA ASN H 1911 -73.69 -38.59 -35.65
C ASN H 1911 -73.14 -38.62 -34.22
N GLN H 1912 -72.69 -39.78 -33.75
CA GLN H 1912 -72.12 -39.87 -32.42
C GLN H 1912 -70.76 -39.18 -32.33
N ARG H 1913 -70.03 -39.14 -33.45
CA ARG H 1913 -68.73 -38.48 -33.45
C ARG H 1913 -68.85 -36.97 -33.28
N SER H 1914 -69.90 -36.38 -33.84
CA SER H 1914 -70.08 -34.93 -33.73
C SER H 1914 -70.39 -34.53 -32.28
N MET H 1915 -71.11 -35.38 -31.55
CA MET H 1915 -71.45 -35.08 -30.16
C MET H 1915 -70.26 -35.29 -29.23
N PHE H 1916 -69.22 -35.97 -29.67
CA PHE H 1916 -68.06 -36.20 -28.81
C PHE H 1916 -67.23 -34.94 -28.62
N ASP H 1917 -67.27 -34.02 -29.60
CA ASP H 1917 -66.47 -32.80 -29.49
C ASP H 1917 -67.03 -31.86 -28.43
N HIS H 1918 -68.32 -31.96 -28.13
CA HIS H 1918 -68.96 -31.13 -27.12
C HIS H 1918 -69.09 -31.84 -25.78
N LEU H 1919 -68.25 -32.83 -25.51
CA LEU H 1919 -68.33 -33.56 -24.25
C LEU H 1919 -67.82 -32.73 -23.08
N SER H 1920 -66.95 -31.75 -23.34
CA SER H 1920 -66.41 -30.93 -22.26
C SER H 1920 -67.48 -30.02 -21.67
N TYR H 1921 -68.36 -29.49 -22.50
CA TYR H 1921 -69.40 -28.58 -22.02
C TYR H 1921 -70.54 -29.34 -21.35
N LEU H 1922 -70.85 -30.55 -21.85
CA LEU H 1922 -71.94 -31.33 -21.27
C LEU H 1922 -71.59 -31.82 -19.87
N LEU H 1923 -70.35 -32.24 -19.66
CA LEU H 1923 -69.93 -32.72 -18.34
C LEU H 1923 -69.78 -31.57 -17.35
N GLU H 1924 -69.45 -30.37 -17.84
CA GLU H 1924 -69.30 -29.23 -16.94
C GLU H 1924 -70.64 -28.78 -16.39
N ASN H 1925 -71.69 -28.83 -17.22
CA ASN H 1925 -73.03 -28.43 -16.81
C ASN H 1925 -73.92 -29.63 -16.47
N SER H 1926 -73.32 -30.70 -15.93
CA SER H 1926 -74.11 -31.88 -15.58
C SER H 1926 -75.00 -31.62 -14.38
N GLY H 1927 -74.50 -30.85 -13.41
CA GLY H 1927 -75.28 -30.55 -12.21
C GLY H 1927 -76.41 -29.60 -12.46
N GLY H 1928 -84.58 -31.47 -15.13
CA GLY H 1928 -85.60 -32.34 -14.57
C GLY H 1928 -85.05 -33.61 -13.95
N MET H 1929 -85.75 -34.14 -12.95
CA MET H 1929 -85.30 -35.36 -12.28
C MET H 1929 -85.68 -36.60 -13.09
N GLN H 1930 -86.97 -36.79 -13.34
CA GLN H 1930 -87.43 -37.93 -14.10
C GLN H 1930 -87.34 -37.64 -15.60
N GLY H 1931 -87.17 -38.71 -16.38
CA GLY H 1931 -87.07 -38.58 -17.82
C GLY H 1931 -85.65 -38.36 -18.29
N SER H 1932 -85.45 -37.37 -19.17
CA SER H 1932 -84.14 -37.09 -19.69
C SER H 1932 -83.33 -36.25 -18.70
N THR H 1933 -82.02 -36.25 -18.90
CA THR H 1933 -81.08 -35.50 -18.06
C THR H 1933 -79.86 -35.14 -18.90
N PRO H 1934 -79.24 -33.99 -18.63
CA PRO H 1934 -78.05 -33.61 -19.42
C PRO H 1934 -76.87 -34.54 -19.24
N LEU H 1935 -76.90 -35.43 -18.24
CA LEU H 1935 -75.81 -36.38 -18.06
C LEU H 1935 -75.97 -37.61 -18.94
N ASP H 1936 -77.21 -37.96 -19.30
CA ASP H 1936 -77.44 -39.14 -20.14
C ASP H 1936 -76.93 -38.92 -21.57
N VAL H 1937 -77.01 -37.68 -22.08
CA VAL H 1937 -76.54 -37.41 -23.42
C VAL H 1937 -75.02 -37.50 -23.50
N ALA H 1938 -74.32 -37.34 -22.37
CA ALA H 1938 -72.87 -37.51 -22.38
C ALA H 1938 -72.48 -38.98 -22.50
N ALA H 1939 -73.25 -39.86 -21.86
CA ALA H 1939 -72.98 -41.29 -21.96
C ALA H 1939 -73.45 -41.87 -23.29
N ALA H 1940 -74.54 -41.33 -23.84
CA ALA H 1940 -75.04 -41.83 -25.12
C ALA H 1940 -74.13 -41.49 -26.28
N SER H 1941 -73.20 -40.56 -26.09
CA SER H 1941 -72.25 -40.15 -27.12
C SER H 1941 -70.93 -40.89 -27.01
N VAL H 1942 -70.87 -41.99 -26.25
CA VAL H 1942 -69.63 -42.74 -26.07
C VAL H 1942 -69.97 -44.22 -25.91
N ILE H 1943 -71.25 -44.53 -25.67
CA ILE H 1943 -71.66 -45.90 -25.46
C ILE H 1943 -71.74 -46.63 -26.79
N ASP H 1944 -71.47 -47.93 -26.77
CA ASP H 1944 -71.56 -48.79 -27.95
C ASP H 1944 -70.65 -48.30 -29.07
N ASN H 1945 -69.44 -47.85 -28.71
CA ASN H 1945 -68.48 -47.36 -29.69
C ASN H 1945 -67.10 -47.41 -29.07
N ASN H 1946 -66.18 -48.12 -29.73
CA ASN H 1946 -64.83 -48.30 -29.20
C ASN H 1946 -63.86 -47.21 -29.64
N GLU H 1947 -64.10 -46.60 -30.81
CA GLU H 1947 -63.18 -45.57 -31.30
C GLU H 1947 -63.26 -44.32 -30.44
N LEU H 1948 -64.48 -43.86 -30.14
CA LEU H 1948 -64.65 -42.67 -29.32
C LEU H 1948 -64.25 -42.90 -27.86
N ALA H 1949 -64.23 -44.16 -27.42
CA ALA H 1949 -63.78 -44.47 -26.07
C ALA H 1949 -62.27 -44.46 -25.94
N LEU H 1950 -61.54 -44.69 -27.03
CA LEU H 1950 -60.09 -44.69 -26.98
C LEU H 1950 -59.52 -43.26 -27.03
N ALA H 1951 -60.13 -42.40 -27.84
CA ALA H 1951 -59.67 -41.02 -27.99
C ALA H 1951 -60.20 -40.10 -26.88
N LEU H 1952 -60.76 -40.65 -25.82
CA LEU H 1952 -61.27 -39.83 -24.73
C LEU H 1952 -60.12 -39.22 -23.95
N GLN H 1953 -60.20 -37.91 -23.71
CA GLN H 1953 -59.16 -37.20 -23.00
C GLN H 1953 -59.23 -37.49 -21.50
N GLU H 1954 -58.17 -37.11 -20.79
CA GLU H 1954 -58.11 -37.33 -19.35
C GLU H 1954 -58.88 -36.26 -18.59
N GLN H 1955 -59.00 -35.05 -19.15
CA GLN H 1955 -59.71 -33.98 -18.46
C GLN H 1955 -61.20 -34.27 -18.34
N ASP H 1956 -61.76 -35.04 -19.27
CA ASP H 1956 -63.18 -35.38 -19.19
C ASP H 1956 -63.45 -36.34 -18.04
N LEU H 1957 -62.62 -37.37 -17.88
CA LEU H 1957 -62.81 -38.31 -16.79
C LEU H 1957 -62.42 -37.70 -15.44
N GLU H 1958 -61.49 -36.75 -15.45
CA GLU H 1958 -61.09 -36.09 -14.20
C GLU H 1958 -62.17 -35.17 -13.66
N LYS H 1959 -63.12 -34.76 -14.50
CA LYS H 1959 -64.21 -33.90 -14.05
C LYS H 1959 -65.37 -34.69 -13.47
N VAL H 1960 -65.57 -35.94 -13.91
CA VAL H 1960 -66.67 -36.74 -13.40
C VAL H 1960 -66.34 -37.25 -12.00
N VAL H 1961 -65.08 -37.64 -11.76
CA VAL H 1961 -64.69 -38.14 -10.45
C VAL H 1961 -64.70 -37.02 -9.41
N SER H 1962 -64.55 -35.76 -9.83
CA SER H 1962 -64.62 -34.66 -8.88
C SER H 1962 -66.05 -34.44 -8.38
N TYR H 1963 -67.05 -34.66 -9.25
CA TYR H 1963 -68.44 -34.51 -8.83
C TYR H 1963 -68.86 -35.63 -7.89
N LEU H 1964 -68.25 -36.82 -8.03
CA LEU H 1964 -68.59 -37.92 -7.14
C LEU H 1964 -68.16 -37.63 -5.70
N ALA H 1965 -67.01 -36.97 -5.54
CA ALA H 1965 -66.55 -36.62 -4.19
C ALA H 1965 -67.45 -35.57 -3.56
N GLY H 1966 -67.94 -34.62 -4.36
CA GLY H 1966 -68.85 -33.61 -3.83
C GLY H 1966 -70.20 -34.16 -3.46
N CYS H 1967 -70.65 -35.20 -4.16
CA CYS H 1967 -71.93 -35.82 -3.84
C CYS H 1967 -71.83 -36.76 -2.64
N GLY H 1968 -70.70 -37.43 -2.47
CA GLY H 1968 -70.51 -38.32 -1.35
C GLY H 1968 -70.12 -37.65 -0.05
N LEU H 1969 -69.90 -36.34 -0.08
CA LEU H 1969 -69.52 -35.58 1.11
C LEU H 1969 -70.62 -34.67 1.62
N GLN H 1970 -71.36 -34.01 0.73
CA GLN H 1970 -72.43 -33.10 1.09
C GLN H 1970 -73.76 -33.62 0.54
N SER H 1971 -74.82 -33.48 1.33
CA SER H 1971 -76.13 -33.94 0.92
C SER H 1971 -76.74 -32.99 -0.11
N CYS H 1972 -77.57 -33.56 -0.98
CA CYS H 1972 -78.23 -32.75 -1.99
C CYS H 1972 -79.32 -31.89 -1.37
N PRO H 1973 -79.58 -30.70 -1.93
CA PRO H 1973 -80.62 -29.84 -1.35
C PRO H 1973 -82.01 -30.44 -1.43
N MET H 1974 -82.36 -31.05 -2.57
CA MET H 1974 -83.68 -31.65 -2.72
C MET H 1974 -83.82 -32.98 -2.00
N LEU H 1975 -82.71 -33.68 -1.73
CA LEU H 1975 -82.77 -34.95 -1.04
C LEU H 1975 -83.07 -34.79 0.45
N LEU H 1976 -82.87 -33.59 1.00
CA LEU H 1976 -83.16 -33.38 2.42
C LEU H 1976 -84.65 -33.37 2.69
N ALA H 1977 -85.47 -32.93 1.73
CA ALA H 1977 -86.91 -32.92 1.94
C ALA H 1977 -87.53 -34.29 1.70
N LYS H 1978 -87.03 -35.03 0.71
CA LYS H 1978 -87.55 -36.36 0.44
C LYS H 1978 -87.00 -37.40 1.41
N GLY H 1979 -85.76 -37.26 1.83
CA GLY H 1979 -85.14 -38.18 2.76
C GLY H 1979 -85.19 -37.66 4.18
N TYR H 1980 -85.81 -38.44 5.07
CA TYR H 1980 -85.94 -38.06 6.47
C TYR H 1980 -84.65 -38.21 7.29
N PRO H 1981 -83.82 -39.24 7.09
CA PRO H 1981 -82.63 -39.38 7.94
C PRO H 1981 -81.55 -38.35 7.67
N ASP H 1982 -81.64 -37.62 6.55
CA ASP H 1982 -80.64 -36.61 6.19
C ASP H 1982 -79.24 -37.21 6.09
N ILE H 1983 -79.10 -38.17 5.18
CA ILE H 1983 -77.81 -38.83 4.98
C ILE H 1983 -76.81 -37.85 4.40
N GLY H 1984 -75.57 -37.91 4.90
CA GLY H 1984 -74.54 -37.00 4.44
C GLY H 1984 -74.12 -37.19 2.99
N TRP H 1985 -74.42 -38.36 2.42
CA TRP H 1985 -74.08 -38.64 1.03
C TRP H 1985 -75.35 -39.06 0.29
N ASN H 1986 -75.54 -38.49 -0.90
CA ASN H 1986 -76.72 -38.79 -1.68
C ASN H 1986 -76.51 -40.08 -2.47
N PRO H 1987 -77.30 -41.13 -2.23
CA PRO H 1987 -77.13 -42.37 -3.00
C PRO H 1987 -77.66 -42.26 -4.42
N CYS H 1988 -78.68 -41.44 -4.61
CA CYS H 1988 -79.28 -41.28 -5.93
C CYS H 1988 -78.52 -40.25 -6.77
N GLY H 1989 -77.86 -39.28 -6.13
CA GLY H 1989 -77.13 -38.28 -6.90
C GLY H 1989 -75.90 -38.85 -7.58
N GLY H 1990 -75.07 -39.56 -6.81
CA GLY H 1990 -73.88 -40.17 -7.38
C GLY H 1990 -74.10 -41.41 -8.21
N GLU H 1991 -75.33 -41.93 -8.24
CA GLU H 1991 -75.61 -43.12 -9.02
C GLU H 1991 -75.57 -42.84 -10.52
N ARG H 1992 -75.98 -41.63 -10.93
CA ARG H 1992 -75.97 -41.29 -12.35
C ARG H 1992 -74.55 -41.09 -12.86
N TYR H 1993 -73.64 -40.64 -12.00
CA TYR H 1993 -72.26 -40.43 -12.44
C TYR H 1993 -71.53 -41.76 -12.63
N LEU H 1994 -71.86 -42.77 -11.83
CA LEU H 1994 -71.20 -44.07 -11.99
C LEU H 1994 -71.63 -44.77 -13.26
N ASP H 1995 -72.84 -44.49 -13.75
CA ASP H 1995 -73.30 -45.10 -14.99
C ASP H 1995 -72.58 -44.54 -16.22
N PHE H 1996 -72.01 -43.34 -16.12
CA PHE H 1996 -71.29 -42.75 -17.24
C PHE H 1996 -69.90 -43.37 -17.38
N LEU H 1997 -69.23 -43.64 -16.26
CA LEU H 1997 -67.89 -44.24 -16.32
C LEU H 1997 -67.95 -45.70 -16.76
N ARG H 1998 -69.07 -46.38 -16.50
CA ARG H 1998 -69.20 -47.77 -16.91
C ARG H 1998 -69.27 -47.91 -18.43
N PHE H 1999 -69.91 -46.94 -19.09
CA PHE H 1999 -70.06 -46.96 -20.54
C PHE H 1999 -68.85 -46.35 -21.26
N ALA H 2000 -67.81 -45.96 -20.52
CA ALA H 2000 -66.63 -45.37 -21.12
C ALA H 2000 -65.40 -46.27 -21.09
N VAL H 2001 -65.38 -47.28 -20.22
CA VAL H 2001 -64.24 -48.19 -20.13
C VAL H 2001 -64.62 -49.64 -20.37
N PHE H 2002 -65.89 -50.01 -20.30
CA PHE H 2002 -66.35 -51.39 -20.50
C PHE H 2002 -67.40 -51.37 -21.61
N VAL H 2003 -66.95 -51.59 -22.84
CA VAL H 2003 -67.83 -51.60 -24.01
C VAL H 2003 -67.52 -52.83 -24.85
N ASN H 2004 -68.55 -53.40 -25.47
CA ASN H 2004 -68.42 -54.55 -26.36
C ASN H 2004 -67.80 -55.76 -25.66
N GLY H 2005 -67.97 -55.84 -24.34
CA GLY H 2005 -67.45 -56.97 -23.59
C GLY H 2005 -65.99 -56.84 -23.22
N GLU H 2006 -65.15 -56.48 -24.19
CA GLU H 2006 -63.72 -56.34 -23.97
C GLU H 2006 -63.45 -55.03 -23.22
N SER H 2007 -62.97 -55.14 -21.99
CA SER H 2007 -62.66 -53.96 -21.20
C SER H 2007 -61.37 -53.32 -21.68
N VAL H 2008 -61.43 -52.04 -22.01
CA VAL H 2008 -60.26 -51.31 -22.49
C VAL H 2008 -59.41 -50.95 -21.27
N GLU H 2009 -58.22 -51.53 -21.18
CA GLU H 2009 -57.33 -51.27 -20.06
C GLU H 2009 -56.61 -49.93 -20.15
N GLU H 2010 -56.72 -49.24 -21.29
CA GLU H 2010 -56.03 -47.97 -21.44
C GLU H 2010 -56.73 -46.86 -20.65
N ASN H 2011 -58.01 -46.60 -20.97
CA ASN H 2011 -58.75 -45.57 -20.26
C ASN H 2011 -59.19 -46.01 -18.87
N ALA H 2012 -59.25 -47.31 -18.61
CA ALA H 2012 -59.63 -47.80 -17.29
C ALA H 2012 -58.48 -47.74 -16.29
N ASN H 2013 -57.25 -47.52 -16.75
CA ASN H 2013 -56.12 -47.41 -15.84
C ASN H 2013 -56.03 -46.03 -15.20
N VAL H 2014 -56.51 -45.00 -15.89
CA VAL H 2014 -56.45 -43.65 -15.34
C VAL H 2014 -57.65 -43.35 -14.43
N VAL H 2015 -58.76 -44.08 -14.59
CA VAL H 2015 -59.91 -43.86 -13.74
C VAL H 2015 -59.72 -44.50 -12.36
N VAL H 2016 -58.86 -45.50 -12.24
CA VAL H 2016 -58.59 -46.11 -10.94
C VAL H 2016 -57.55 -45.29 -10.19
N ARG H 2017 -56.55 -44.75 -10.90
CA ARG H 2017 -55.51 -43.96 -10.25
C ARG H 2017 -56.08 -42.68 -9.66
N LEU H 2018 -57.13 -42.13 -10.28
CA LEU H 2018 -57.76 -40.92 -9.77
C LEU H 2018 -58.85 -41.20 -8.76
N LEU H 2019 -59.47 -42.39 -8.81
CA LEU H 2019 -60.50 -42.74 -7.83
C LEU H 2019 -59.88 -42.98 -6.46
N ILE H 2020 -58.66 -43.50 -6.42
CA ILE H 2020 -57.99 -43.78 -5.15
C ILE H 2020 -57.32 -42.56 -4.55
N ARG H 2021 -57.27 -41.44 -5.27
CA ARG H 2021 -56.66 -40.23 -4.73
C ARG H 2021 -57.50 -39.65 -3.60
N LYS H 2022 -58.77 -39.35 -3.88
CA LYS H 2022 -59.65 -38.77 -2.89
C LYS H 2022 -60.49 -39.87 -2.25
N PRO H 2023 -60.35 -40.12 -0.93
CA PRO H 2023 -61.16 -41.17 -0.30
C PRO H 2023 -62.64 -40.85 -0.21
N GLU H 2024 -63.04 -39.60 -0.47
CA GLU H 2024 -64.45 -39.25 -0.42
C GLU H 2024 -65.23 -39.81 -1.60
N CYS H 2025 -64.54 -40.24 -2.67
CA CYS H 2025 -65.24 -40.79 -3.82
C CYS H 2025 -65.85 -42.15 -3.51
N PHE H 2026 -65.19 -42.95 -2.68
CA PHE H 2026 -65.71 -44.26 -2.30
C PHE H 2026 -66.83 -44.10 -1.28
N GLY H 2027 -67.40 -45.23 -0.85
CA GLY H 2027 -68.44 -45.22 0.14
C GLY H 2027 -67.94 -44.82 1.51
N PRO H 2028 -68.85 -44.37 2.38
CA PRO H 2028 -68.41 -43.96 3.72
C PRO H 2028 -67.94 -45.13 4.57
N ALA H 2029 -68.56 -46.30 4.43
CA ALA H 2029 -68.15 -47.46 5.22
C ALA H 2029 -66.91 -48.11 4.64
N LEU H 2030 -66.81 -48.17 3.31
CA LEU H 2030 -65.64 -48.78 2.67
C LEU H 2030 -64.44 -47.86 2.78
N ARG H 2031 -63.36 -48.37 3.39
CA ARG H 2031 -62.12 -47.62 3.56
C ARG H 2031 -62.35 -46.34 4.36
N GLY H 2032 -63.32 -46.35 5.28
CA GLY H 2032 -63.61 -45.20 6.10
C GLY H 2032 -62.80 -45.17 7.38
N GLU H 2033 -63.00 -44.09 8.15
CA GLU H 2033 -62.31 -43.95 9.41
C GLU H 2033 -62.88 -44.89 10.46
N GLY H 2034 -64.20 -45.06 10.48
CA GLY H 2034 -64.81 -45.96 11.46
C GLY H 2034 -64.53 -47.42 11.19
N GLY H 2035 -64.33 -47.78 9.93
CA GLY H 2035 -64.05 -49.16 9.58
C GLY H 2035 -65.24 -50.07 9.68
N SER H 2036 -66.38 -49.64 9.13
CA SER H 2036 -67.59 -50.46 9.18
C SER H 2036 -67.46 -51.67 8.26
N GLY H 2037 -67.11 -51.43 7.00
CA GLY H 2037 -66.94 -52.49 6.04
C GLY H 2037 -68.10 -52.57 5.04
N LEU H 2038 -67.89 -53.38 4.01
CA LEU H 2038 -68.92 -53.56 2.99
C LEU H 2038 -70.11 -54.33 3.53
N LEU H 2039 -69.89 -55.25 4.46
CA LEU H 2039 -70.98 -56.03 5.04
C LEU H 2039 -71.82 -55.22 6.02
N ALA H 2040 -71.26 -54.16 6.61
CA ALA H 2040 -72.00 -53.38 7.59
C ALA H 2040 -72.92 -52.36 6.94
N THR H 2041 -72.52 -51.77 5.82
CA THR H 2041 -73.34 -50.74 5.18
C THR H 2041 -74.58 -51.32 4.50
N ILE H 2042 -74.58 -52.61 4.18
CA ILE H 2042 -75.75 -53.21 3.55
C ILE H 2042 -76.79 -53.66 4.57
N GLU H 2043 -76.37 -53.93 5.81
CA GLU H 2043 -77.31 -54.36 6.83
C GLU H 2043 -78.12 -53.20 7.39
N GLU H 2044 -77.57 -51.99 7.34
CA GLU H 2044 -78.29 -50.83 7.87
C GLU H 2044 -79.47 -50.46 6.97
N ALA H 2045 -79.35 -50.70 5.66
CA ALA H 2045 -80.44 -50.38 4.75
C ALA H 2045 -81.60 -51.35 4.90
N ILE H 2046 -81.32 -52.61 5.20
CA ILE H 2046 -82.37 -53.62 5.36
C ILE H 2046 -83.05 -53.45 6.71
N HIS H 2047 -90.97 -40.39 -3.81
CA HIS H 2047 -91.11 -41.60 -4.60
C HIS H 2047 -89.77 -42.32 -4.76
N LEU H 2048 -88.78 -41.87 -4.01
CA LEU H 2048 -87.43 -42.46 -4.04
C LEU H 2048 -86.91 -42.48 -2.61
N GLY H 2049 -87.08 -43.62 -1.93
CA GLY H 2049 -86.64 -43.77 -0.57
C GLY H 2049 -85.13 -43.94 -0.48
N HIS H 2050 -84.66 -44.03 0.77
CA HIS H 2050 -83.23 -44.22 1.03
C HIS H 2050 -82.82 -45.62 0.60
N ALA H 2051 -82.04 -45.70 -0.48
CA ALA H 2051 -81.57 -46.97 -1.03
C ALA H 2051 -80.04 -46.96 -0.97
N ILE H 2052 -79.49 -47.51 0.12
CA ILE H 2052 -78.04 -47.56 0.27
C ILE H 2052 -77.43 -48.60 -0.66
N MET H 2053 -78.13 -49.72 -0.85
CA MET H 2053 -77.65 -50.78 -1.72
C MET H 2053 -77.69 -50.39 -3.20
N SER H 2054 -78.36 -49.30 -3.56
CA SER H 2054 -78.42 -48.89 -4.96
C SER H 2054 -77.13 -48.21 -5.40
N PHE H 2055 -76.46 -47.49 -4.50
CA PHE H 2055 -75.20 -46.84 -4.86
C PHE H 2055 -74.03 -47.83 -4.83
N TYR H 2056 -74.04 -48.76 -3.88
CA TYR H 2056 -72.96 -49.74 -3.80
C TYR H 2056 -73.04 -50.76 -4.94
N ALA H 2057 -74.22 -50.99 -5.48
CA ALA H 2057 -74.35 -51.92 -6.59
C ALA H 2057 -73.68 -51.38 -7.85
N ALA H 2058 -73.68 -50.06 -8.04
CA ALA H 2058 -73.03 -49.47 -9.19
C ALA H 2058 -71.54 -49.26 -8.96
N LEU H 2059 -71.13 -49.03 -7.71
CA LEU H 2059 -69.72 -48.84 -7.41
C LEU H 2059 -68.95 -50.14 -7.50
N ILE H 2060 -69.53 -51.24 -6.99
CA ILE H 2060 -68.86 -52.53 -7.05
C ILE H 2060 -68.80 -53.03 -8.50
N ASP H 2061 -69.87 -52.83 -9.25
CA ASP H 2061 -69.87 -53.22 -10.66
C ASP H 2061 -68.90 -52.38 -11.48
N LEU H 2062 -68.63 -51.15 -11.04
CA LEU H 2062 -67.68 -50.29 -11.75
C LEU H 2062 -66.25 -50.74 -11.50
N LEU H 2063 -65.94 -51.17 -10.28
CA LEU H 2063 -64.57 -51.58 -9.96
C LEU H 2063 -64.14 -52.79 -10.77
N GLY H 2064 -65.02 -53.77 -10.94
CA GLY H 2064 -64.68 -54.93 -11.73
C GLY H 2064 -64.52 -54.63 -13.20
N ARG H 2065 -65.29 -53.67 -13.72
CA ARG H 2065 -65.18 -53.32 -15.13
C ARG H 2065 -63.90 -52.56 -15.43
N CYS H 2066 -63.54 -51.60 -14.56
CA CYS H 2066 -62.34 -50.80 -14.77
C CYS H 2066 -61.07 -51.52 -14.35
N ALA H 2067 -61.18 -52.71 -13.76
CA ALA H 2067 -59.95 -53.42 -13.38
C ALA H 2067 -59.43 -54.24 -14.55
N PRO H 2068 -58.13 -54.19 -14.82
CA PRO H 2068 -57.57 -54.98 -15.93
C PRO H 2068 -57.69 -56.47 -15.70
N GLU H 2069 -58.89 -57.01 -15.87
CA GLU H 2069 -59.17 -58.42 -15.68
C GLU H 2069 -59.01 -59.23 -16.96
N MET H 2070 -58.34 -58.68 -17.97
CA MET H 2070 -58.13 -59.39 -19.22
C MET H 2070 -57.19 -60.57 -19.01
N HIS H 2071 -57.66 -61.77 -19.36
CA HIS H 2071 -56.84 -62.96 -19.18
C HIS H 2071 -55.62 -62.95 -20.10
N LEU H 2072 -55.73 -62.30 -21.26
CA LEU H 2072 -54.61 -62.19 -22.20
C LEU H 2072 -53.61 -61.12 -21.79
N ILE H 2073 -53.86 -60.39 -20.72
CA ILE H 2073 -52.95 -59.36 -20.24
C ILE H 2073 -52.28 -59.77 -18.93
N GLN H 2074 -53.04 -60.33 -17.99
CA GLN H 2074 -52.50 -60.68 -16.68
C GLN H 2074 -51.38 -61.71 -16.80
N ALA H 2075 -51.44 -62.59 -17.80
CA ALA H 2075 -50.42 -63.61 -17.98
C ALA H 2075 -49.18 -62.96 -18.57
N GLY H 2076 -48.41 -62.31 -17.70
CA GLY H 2076 -47.19 -61.65 -18.12
C GLY H 2076 -47.35 -60.16 -18.31
N LYS H 2077 -48.07 -59.50 -17.40
CA LYS H 2077 -48.30 -58.07 -17.53
C LYS H 2077 -47.11 -57.26 -17.02
N GLY H 2078 -46.76 -57.42 -15.74
CA GLY H 2078 -45.71 -56.66 -15.12
C GLY H 2078 -46.17 -55.39 -14.44
N GLU H 2079 -47.23 -54.76 -14.96
CA GLU H 2079 -47.79 -53.55 -14.37
C GLU H 2079 -49.24 -53.69 -13.93
N ALA H 2080 -50.01 -54.57 -14.57
CA ALA H 2080 -51.39 -54.78 -14.19
C ALA H 2080 -51.56 -55.59 -12.91
N LEU H 2081 -50.48 -56.20 -12.40
CA LEU H 2081 -50.56 -56.95 -11.16
C LEU H 2081 -50.65 -56.02 -9.95
N ARG H 2082 -50.08 -54.82 -10.04
CA ARG H 2082 -50.15 -53.88 -8.94
C ARG H 2082 -51.56 -53.34 -8.74
N ILE H 2083 -52.24 -53.00 -9.85
CA ILE H 2083 -53.60 -52.49 -9.73
C ILE H 2083 -54.58 -53.61 -9.41
N ARG H 2084 -54.25 -54.85 -9.79
CA ARG H 2084 -55.13 -55.97 -9.47
C ARG H 2084 -55.16 -56.24 -7.97
N ALA H 2085 -54.01 -56.12 -7.30
CA ALA H 2085 -53.96 -56.33 -5.86
C ALA H 2085 -54.56 -55.16 -5.09
N ILE H 2086 -54.77 -54.01 -5.75
CA ILE H 2086 -55.40 -52.87 -5.08
C ILE H 2086 -56.85 -53.18 -4.76
N LEU H 2087 -57.58 -53.79 -5.70
CA LEU H 2087 -58.98 -54.10 -5.47
C LEU H 2087 -59.17 -55.22 -4.46
N ARG H 2088 -58.15 -56.07 -4.26
CA ARG H 2088 -58.26 -57.17 -3.31
C ARG H 2088 -58.21 -56.68 -1.87
N SER H 2089 -57.71 -55.47 -1.63
CA SER H 2089 -57.58 -54.93 -0.28
C SER H 2089 -58.83 -54.19 0.18
N LEU H 2090 -59.49 -53.46 -0.73
CA LEU H 2090 -60.69 -52.72 -0.35
C LEU H 2090 -61.89 -53.63 -0.17
N VAL H 2091 -61.94 -54.75 -0.89
CA VAL H 2091 -62.99 -55.75 -0.71
C VAL H 2091 -62.34 -57.12 -0.65
N PRO H 2092 -62.42 -57.82 0.48
CA PRO H 2092 -61.85 -59.16 0.57
C PRO H 2092 -62.76 -60.20 -0.07
N LEU H 2093 -62.33 -61.46 -0.01
CA LEU H 2093 -63.12 -62.55 -0.57
C LEU H 2093 -64.29 -62.91 0.34
N ASP H 2094 -64.10 -62.82 1.65
CA ASP H 2094 -65.18 -63.13 2.58
C ASP H 2094 -66.29 -62.08 2.57
N ASP H 2095 -66.03 -60.89 2.00
CA ASP H 2095 -67.06 -59.86 1.94
C ASP H 2095 -68.16 -60.23 0.94
N LEU H 2096 -67.77 -60.76 -0.21
CA LEU H 2096 -68.77 -61.12 -1.22
C LEU H 2096 -69.67 -62.25 -0.74
N VAL H 2097 -69.19 -63.08 0.18
CA VAL H 2097 -70.03 -64.15 0.72
C VAL H 2097 -71.16 -63.57 1.56
N GLY H 2098 -70.94 -62.40 2.17
CA GLY H 2098 -71.96 -61.82 3.01
C GLY H 2098 -73.18 -61.35 2.23
N ILE H 2099 -72.96 -60.74 1.07
CA ILE H 2099 -74.09 -60.28 0.25
C ILE H 2099 -74.89 -61.46 -0.27
N ILE H 2100 -74.21 -62.51 -0.74
CA ILE H 2100 -74.91 -63.66 -1.29
C ILE H 2100 -75.69 -64.39 -0.18
N SER H 2101 -75.11 -64.46 1.02
CA SER H 2101 -75.78 -65.12 2.13
C SER H 2101 -76.98 -64.33 2.66
N LEU H 2102 -77.10 -63.06 2.29
CA LEU H 2102 -78.23 -62.26 2.74
C LEU H 2102 -79.51 -62.73 2.05
N PRO H 2103 -80.54 -63.14 2.80
CA PRO H 2103 -81.77 -63.62 2.16
C PRO H 2103 -82.53 -62.47 1.50
N LEU H 2104 -83.06 -62.75 0.32
CA LEU H 2104 -83.81 -61.76 -0.44
C LEU H 2104 -85.30 -61.89 -0.13
N GLN H 2105 -86.10 -61.03 -0.76
CA GLN H 2105 -87.54 -61.06 -0.56
C GLN H 2105 -88.16 -62.27 -1.24
N ILE H 2106 -89.37 -62.60 -0.81
CA ILE H 2106 -90.13 -63.74 -1.33
C ILE H 2106 -91.28 -63.20 -2.16
N PRO H 2107 -91.42 -63.59 -3.43
CA PRO H 2107 -92.52 -63.11 -4.29
C PRO H 2107 -93.87 -63.69 -3.89
N MET H 2108 -90.06 -54.85 -3.93
CA MET H 2108 -90.10 -53.44 -4.30
C MET H 2108 -88.76 -52.98 -4.87
N SER H 2109 -88.78 -51.89 -5.63
CA SER H 2109 -87.56 -51.37 -6.23
C SER H 2109 -86.67 -50.70 -5.19
N ALA H 2110 -87.26 -50.08 -4.17
CA ALA H 2110 -86.46 -49.43 -3.14
C ALA H 2110 -85.78 -50.43 -2.23
N SER H 2111 -86.36 -51.61 -2.04
CA SER H 2111 -85.76 -52.64 -1.20
C SER H 2111 -84.73 -53.44 -1.98
N PHE H 2112 -84.46 -54.67 -1.53
CA PHE H 2112 -83.49 -55.50 -2.23
C PHE H 2112 -84.07 -56.03 -3.54
N VAL H 2113 -83.27 -55.94 -4.60
CA VAL H 2113 -83.69 -56.37 -5.93
C VAL H 2113 -82.74 -57.45 -6.41
N PRO H 2114 -83.23 -58.52 -7.04
CA PRO H 2114 -82.32 -59.54 -7.59
C PRO H 2114 -81.33 -59.00 -8.60
N ASP H 2115 -81.54 -57.78 -9.13
CA ASP H 2115 -80.56 -57.19 -10.02
C ASP H 2115 -79.24 -56.93 -9.30
N HIS H 2116 -79.28 -56.73 -7.98
CA HIS H 2116 -78.05 -56.54 -7.22
C HIS H 2116 -77.21 -57.81 -7.17
N LYS H 2117 -77.82 -58.99 -7.34
CA LYS H 2117 -77.05 -60.23 -7.36
C LYS H 2117 -76.13 -60.28 -8.57
N ALA H 2118 -76.57 -59.73 -9.70
CA ALA H 2118 -75.73 -59.72 -10.90
C ALA H 2118 -74.56 -58.76 -10.75
N SER H 2119 -74.75 -57.67 -9.99
CA SER H 2119 -73.67 -56.71 -9.80
C SER H 2119 -72.57 -57.27 -8.92
N MET H 2120 -72.89 -58.23 -8.03
CA MET H 2120 -71.89 -58.80 -7.14
C MET H 2120 -71.13 -59.93 -7.81
N VAL H 2121 -71.82 -60.78 -8.58
CA VAL H 2121 -71.16 -61.91 -9.21
C VAL H 2121 -70.26 -61.44 -10.35
N LEU H 2122 -70.59 -60.31 -10.97
CA LEU H 2122 -69.73 -59.78 -12.04
C LEU H 2122 -68.39 -59.32 -11.49
N PHE H 2123 -68.35 -58.82 -10.26
CA PHE H 2123 -67.10 -58.43 -9.62
C PHE H 2123 -66.30 -59.62 -9.13
N LEU H 2124 -66.92 -60.79 -8.99
CA LEU H 2124 -66.24 -61.96 -8.45
C LEU H 2124 -65.27 -62.56 -9.46
N ASP H 2125 -65.78 -62.94 -10.64
CA ASP H 2125 -65.00 -63.69 -11.61
C ASP H 2125 -64.02 -62.82 -12.37
N ARG H 2126 -63.65 -61.66 -11.83
CA ARG H 2126 -62.70 -60.78 -12.47
C ARG H 2126 -61.48 -60.48 -11.61
N VAL H 2127 -61.67 -60.26 -10.31
CA VAL H 2127 -60.55 -59.99 -9.42
C VAL H 2127 -60.28 -61.14 -8.45
N TYR H 2128 -61.28 -61.94 -8.12
CA TYR H 2128 -61.14 -63.09 -7.23
C TYR H 2128 -61.47 -64.34 -8.04
N GLY H 2129 -60.47 -64.91 -8.70
CA GLY H 2129 -60.67 -66.06 -9.54
C GLY H 2129 -61.21 -67.27 -8.82
N ILE H 2130 -62.47 -67.62 -9.09
CA ILE H 2130 -63.09 -68.79 -8.47
C ILE H 2130 -62.55 -70.09 -9.02
N GLU H 2131 -61.77 -70.05 -10.10
CA GLU H 2131 -61.17 -71.23 -10.70
C GLU H 2131 -59.86 -71.64 -10.03
N ASN H 2132 -59.64 -71.22 -8.78
CA ASN H 2132 -58.39 -71.56 -8.09
C ASN H 2132 -58.46 -72.96 -7.49
N GLN H 2133 -59.42 -73.19 -6.60
CA GLN H 2133 -59.56 -74.47 -5.92
C GLN H 2133 -60.97 -75.01 -6.10
N ASP H 2134 -61.12 -76.31 -5.87
CA ASP H 2134 -62.43 -76.95 -6.01
C ASP H 2134 -63.27 -76.80 -4.75
N PHE H 2135 -62.64 -76.65 -3.59
CA PHE H 2135 -63.39 -76.51 -2.35
C PHE H 2135 -63.99 -75.12 -2.19
N LEU H 2136 -63.39 -74.11 -2.80
CA LEU H 2136 -63.94 -72.76 -2.71
C LEU H 2136 -65.21 -72.61 -3.55
N LEU H 2137 -65.29 -73.30 -4.69
CA LEU H 2137 -66.49 -73.23 -5.51
C LEU H 2137 -67.64 -74.00 -4.89
N HIS H 2138 -67.34 -75.10 -4.19
CA HIS H 2138 -68.41 -75.90 -3.58
C HIS H 2138 -69.06 -75.16 -2.42
N VAL H 2139 -68.25 -74.48 -1.60
CA VAL H 2139 -68.81 -73.75 -0.46
C VAL H 2139 -69.53 -72.48 -0.92
N LEU H 2140 -69.21 -71.99 -2.11
CA LEU H 2140 -69.88 -70.80 -2.65
C LEU H 2140 -71.13 -71.15 -3.46
N ASP H 2141 -71.18 -72.34 -4.05
CA ASP H 2141 -72.35 -72.74 -4.81
C ASP H 2141 -73.57 -72.90 -3.92
N VAL H 2142 -73.37 -73.31 -2.66
CA VAL H 2142 -74.49 -73.44 -1.74
C VAL H 2142 -75.04 -72.07 -1.35
N GLY H 2143 -74.17 -71.06 -1.28
CA GLY H 2143 -74.63 -69.72 -0.94
C GLY H 2143 -75.48 -69.10 -2.02
N PHE H 2144 -75.12 -69.32 -3.28
CA PHE H 2144 -75.87 -68.77 -4.40
C PHE H 2144 -77.20 -69.49 -4.58
N LEU H 2145 -77.81 -72.55 -3.95
CA LEU H 2145 -78.92 -73.49 -4.07
C LEU H 2145 -80.29 -72.88 -3.74
N PRO H 2146 -80.43 -72.16 -2.62
CA PRO H 2146 -81.75 -71.55 -2.34
C PRO H 2146 -82.09 -70.42 -3.28
N ASP H 2147 -81.09 -69.64 -3.71
CA ASP H 2147 -81.35 -68.55 -4.64
C ASP H 2147 -81.69 -69.05 -6.05
N MET H 2148 -81.30 -70.29 -6.37
CA MET H 2148 -81.59 -70.88 -7.67
C MET H 2148 -82.95 -71.56 -7.73
N ARG H 2149 -83.81 -71.29 -6.75
CA ARG H 2149 -85.15 -71.89 -6.74
C ARG H 2149 -85.98 -71.36 -7.89
N ALA H 2150 -86.80 -72.24 -8.47
CA ALA H 2150 -87.66 -71.84 -9.59
C ALA H 2150 -88.75 -70.89 -9.13
N ALA H 2151 -89.59 -71.34 -8.19
CA ALA H 2151 -90.70 -70.55 -7.66
C ALA H 2151 -91.62 -70.06 -8.78
N ALA H 2152 -91.90 -70.93 -9.74
CA ALA H 2152 -92.75 -70.60 -10.86
C ALA H 2152 -94.23 -70.66 -10.46
N LEU H 2153 -91.52 -61.38 -11.22
CA LEU H 2153 -90.20 -61.04 -10.72
C LEU H 2153 -89.14 -61.27 -11.79
N ALA H 2154 -88.17 -60.37 -11.88
CA ALA H 2154 -87.09 -60.44 -12.87
C ALA H 2154 -85.90 -61.22 -12.36
N LEU H 2155 -86.13 -62.32 -11.63
CA LEU H 2155 -85.02 -63.13 -11.14
C LEU H 2155 -84.36 -63.95 -12.24
N ASN H 2156 -85.08 -64.24 -13.33
CA ASN H 2156 -84.51 -65.03 -14.41
C ASN H 2156 -83.42 -64.28 -15.15
N ARG H 2157 -83.66 -63.00 -15.46
CA ARG H 2157 -82.66 -62.22 -16.19
C ARG H 2157 -81.41 -61.97 -15.36
N TYR H 2158 -81.55 -61.89 -14.03
CA TYR H 2158 -80.40 -61.61 -13.19
C TYR H 2158 -79.56 -62.86 -12.94
N LEU H 2159 -80.17 -64.04 -13.04
CA LEU H 2159 -79.45 -65.29 -12.76
C LEU H 2159 -78.91 -65.94 -14.03
N CYS H 2160 -79.64 -65.83 -15.14
CA CYS H 2160 -79.22 -66.50 -16.38
C CYS H 2160 -78.16 -65.72 -17.14
N LEU H 2161 -78.08 -64.40 -16.94
CA LEU H 2161 -77.11 -63.59 -17.68
C LEU H 2161 -75.73 -63.58 -17.03
N ALA H 2162 -75.67 -63.55 -15.70
CA ALA H 2162 -74.40 -63.45 -14.98
C ALA H 2162 -74.14 -64.64 -14.08
N VAL H 2163 -75.13 -65.06 -13.29
CA VAL H 2163 -74.90 -66.14 -12.33
C VAL H 2163 -74.77 -67.47 -13.04
N LEU H 2164 -75.59 -67.71 -14.08
CA LEU H 2164 -75.53 -68.99 -14.78
C LEU H 2164 -74.24 -69.19 -15.56
N PRO H 2165 -73.75 -68.23 -16.36
CA PRO H 2165 -72.50 -68.46 -17.08
C PRO H 2165 -71.27 -68.59 -16.19
N LEU H 2166 -71.39 -68.33 -14.88
CA LEU H 2166 -70.24 -68.46 -14.00
C LEU H 2166 -69.83 -69.92 -13.83
N ILE H 2167 -70.80 -70.82 -13.64
CA ILE H 2167 -70.48 -72.23 -13.45
C ILE H 2167 -70.09 -72.90 -14.76
N THR H 2168 -70.42 -72.30 -15.91
CA THR H 2168 -70.05 -72.91 -17.19
C THR H 2168 -68.55 -72.76 -17.47
N LYS H 2169 -67.94 -71.68 -17.01
CA LYS H 2169 -66.52 -71.48 -17.23
C LYS H 2169 -65.68 -72.44 -16.40
N CYS H 2170 -66.19 -72.87 -15.24
CA CYS H 2170 -65.48 -73.79 -14.35
C CYS H 2170 -66.07 -75.20 -14.43
N ALA H 2171 -66.50 -75.62 -15.63
CA ALA H 2171 -67.05 -76.96 -15.76
C ALA H 2171 -66.00 -78.05 -15.58
N PRO H 2172 -64.82 -77.98 -16.21
CA PRO H 2172 -63.81 -79.04 -15.98
C PRO H 2172 -63.20 -79.01 -14.59
N LEU H 2173 -63.52 -78.02 -13.76
CA LEU H 2173 -62.96 -77.94 -12.43
C LEU H 2173 -63.65 -78.88 -11.44
N PHE H 2174 -64.90 -79.26 -11.70
CA PHE H 2174 -65.62 -80.15 -10.79
C PHE H 2174 -64.97 -81.52 -10.78
N ALA H 2175 -64.79 -82.07 -9.58
CA ALA H 2175 -64.17 -83.38 -9.42
C ALA H 2175 -65.16 -84.50 -9.68
N MET H 2176 -74.30 -79.37 -2.73
CA MET H 2176 -74.64 -80.68 -3.27
C MET H 2176 -74.73 -80.64 -4.79
N VAL H 2177 -74.10 -81.62 -5.45
CA VAL H 2177 -74.12 -81.67 -6.91
C VAL H 2177 -75.36 -82.39 -7.45
N ASP H 2178 -76.00 -83.24 -6.64
CA ASP H 2178 -77.19 -83.94 -7.11
C ASP H 2178 -78.43 -83.04 -7.04
N SER H 2179 -78.56 -82.27 -5.96
CA SER H 2179 -79.71 -81.38 -5.85
C SER H 2179 -79.61 -80.19 -6.79
N MET H 2180 -78.38 -79.74 -7.09
CA MET H 2180 -78.21 -78.61 -8.00
C MET H 2180 -78.45 -79.00 -9.45
N LEU H 2181 -78.13 -80.24 -9.84
CA LEU H 2181 -78.34 -80.66 -11.22
C LEU H 2181 -79.82 -80.87 -11.51
N HIS H 2182 -80.60 -81.29 -10.51
CA HIS H 2182 -82.03 -81.50 -10.72
C HIS H 2182 -82.75 -80.20 -11.02
N THR H 2183 -82.26 -79.07 -10.48
CA THR H 2183 -82.88 -77.78 -10.75
C THR H 2183 -82.48 -77.22 -12.10
N VAL H 2184 -81.37 -77.68 -12.68
CA VAL H 2184 -80.95 -77.19 -13.99
C VAL H 2184 -81.91 -77.68 -15.07
N TYR H 2185 -82.22 -78.98 -15.07
CA TYR H 2185 -83.14 -79.53 -16.06
C TYR H 2185 -84.56 -79.04 -15.83
N ARG H 2186 -84.91 -78.69 -14.58
CA ARG H 2186 -86.26 -78.20 -14.30
C ARG H 2186 -86.48 -76.82 -14.91
N LEU H 2187 -85.44 -75.98 -14.92
CA LEU H 2187 -85.58 -74.65 -15.50
C LEU H 2187 -85.64 -74.71 -17.02
N SER H 2188 -85.05 -75.74 -17.64
CA SER H 2188 -85.09 -75.86 -19.09
C SER H 2188 -86.50 -76.21 -19.57
N ARG H 2189 -87.22 -77.02 -18.81
CA ARG H 2189 -88.58 -77.40 -19.16
C ARG H 2189 -89.61 -76.34 -18.82
N GLY H 2190 -89.20 -75.24 -18.17
CA GLY H 2190 -90.15 -74.19 -17.82
C GLY H 2190 -90.62 -73.45 -19.06
N ARG H 2191 -91.94 -73.25 -19.15
CA ARG H 2191 -92.54 -72.58 -20.30
C ARG H 2191 -92.57 -71.06 -20.12
N SER H 2192 -92.83 -70.59 -18.92
CA SER H 2192 -92.91 -69.15 -18.66
C SER H 2192 -91.52 -68.56 -18.44
N LEU H 2193 -90.59 -68.87 -19.34
CA LEU H 2193 -89.22 -68.36 -19.28
C LEU H 2193 -88.91 -67.57 -20.54
N THR H 2194 -87.81 -66.83 -20.49
CA THR H 2194 -87.37 -66.05 -21.66
C THR H 2194 -86.84 -66.98 -22.73
N LYS H 2195 -87.25 -66.73 -23.98
CA LYS H 2195 -86.81 -67.57 -25.09
C LYS H 2195 -85.31 -67.45 -25.30
N ALA H 2196 -84.75 -66.25 -25.15
CA ALA H 2196 -83.31 -66.08 -25.30
C ALA H 2196 -82.55 -66.66 -24.12
N GLN H 2197 -83.14 -66.64 -22.93
CA GLN H 2197 -82.47 -67.18 -21.75
C GLN H 2197 -82.55 -68.70 -21.70
N ARG H 2198 -83.57 -69.30 -22.33
CA ARG H 2198 -83.70 -70.75 -22.33
C ARG H 2198 -82.57 -71.41 -23.10
N ASP H 2199 -82.07 -70.76 -24.16
CA ASP H 2199 -80.96 -71.32 -24.91
C ASP H 2199 -79.68 -71.37 -24.09
N VAL H 2200 -79.50 -70.40 -23.19
CA VAL H 2200 -78.33 -70.42 -22.32
C VAL H 2200 -78.41 -71.57 -21.33
N ILE H 2201 -79.62 -71.87 -20.84
CA ILE H 2201 -79.79 -72.99 -19.92
C ILE H 2201 -79.54 -74.31 -20.62
N GLU H 2202 -79.92 -74.41 -21.90
CA GLU H 2202 -79.68 -75.63 -22.65
C GLU H 2202 -78.18 -75.85 -22.88
N GLU H 2203 -77.44 -74.78 -23.15
CA GLU H 2203 -76.00 -74.91 -23.31
C GLU H 2203 -75.31 -75.16 -21.97
N CYS H 2204 -75.92 -74.72 -20.87
CA CYS H 2204 -75.34 -74.95 -19.56
C CYS H 2204 -75.52 -76.40 -19.11
N LEU H 2205 -76.57 -77.07 -19.58
CA LEU H 2205 -76.82 -78.45 -19.19
C LEU H 2205 -75.76 -79.38 -19.78
N MET H 2206 -75.31 -79.10 -21.01
CA MET H 2206 -74.33 -79.97 -21.64
C MET H 2206 -72.96 -79.87 -20.97
N ALA H 2207 -72.60 -78.68 -20.48
CA ALA H 2207 -71.30 -78.49 -19.85
C ALA H 2207 -71.26 -79.00 -18.42
N LEU H 2208 -72.41 -79.06 -17.74
CA LEU H 2208 -72.46 -79.53 -16.35
C LEU H 2208 -72.61 -81.03 -16.23
N CYS H 2209 -73.11 -81.71 -17.27
CA CYS H 2209 -73.24 -83.16 -17.20
C CYS H 2209 -71.88 -83.85 -17.33
N ARG H 2210 -70.95 -83.26 -18.06
CA ARG H 2210 -69.62 -83.82 -18.22
C ARG H 2210 -68.70 -83.38 -17.10
N TYR H 2211 -67.47 -83.88 -17.11
CA TYR H 2211 -66.43 -83.58 -16.13
C TYR H 2211 -66.81 -84.01 -14.72
N ILE H 2212 -67.88 -84.79 -14.56
CA ILE H 2212 -68.31 -85.28 -13.26
C ILE H 2212 -68.40 -86.80 -13.34
N ARG H 2213 -68.16 -87.45 -12.20
CA ARG H 2213 -68.22 -88.91 -12.15
C ARG H 2213 -69.61 -89.39 -12.57
N PRO H 2214 -69.71 -90.52 -13.27
CA PRO H 2214 -71.03 -90.99 -13.72
C PRO H 2214 -71.97 -91.36 -12.59
N SER H 2215 -71.46 -91.56 -11.37
CA SER H 2215 -72.33 -91.91 -10.26
C SER H 2215 -73.22 -90.74 -9.84
N MET H 2216 -72.75 -89.51 -10.03
CA MET H 2216 -73.54 -88.35 -9.64
C MET H 2216 -74.60 -88.01 -10.68
N LEU H 2217 -74.28 -88.15 -11.97
CA LEU H 2217 -75.24 -87.81 -13.00
C LEU H 2217 -76.30 -88.90 -13.19
N GLN H 2218 -75.97 -90.15 -12.84
CA GLN H 2218 -76.92 -91.24 -13.01
C GLN H 2218 -78.07 -91.16 -12.02
N HIS H 2219 -77.88 -90.50 -10.88
CA HIS H 2219 -78.96 -90.37 -9.91
C HIS H 2219 -80.07 -89.47 -10.44
N LEU H 2220 -79.71 -88.27 -10.91
CA LEU H 2220 -80.68 -87.34 -11.47
C LEU H 2220 -81.07 -87.68 -12.90
N LEU H 2221 -80.43 -88.67 -13.51
CA LEU H 2221 -80.78 -89.07 -14.87
C LEU H 2221 -82.17 -89.70 -14.96
N ARG H 2222 -82.70 -90.18 -13.83
CA ARG H 2222 -84.02 -90.80 -13.84
C ARG H 2222 -85.11 -89.82 -14.25
N ARG H 2223 -84.91 -88.53 -13.97
CA ARG H 2223 -85.90 -87.53 -14.37
C ARG H 2223 -85.94 -87.35 -15.89
N LEU H 2224 -84.78 -87.50 -16.55
CA LEU H 2224 -84.75 -87.38 -18.00
C LEU H 2224 -85.35 -88.59 -18.70
N VAL H 2225 -85.37 -89.75 -18.05
CA VAL H 2225 -85.95 -90.94 -18.66
C VAL H 2225 -87.46 -90.80 -18.76
N PHE H 2226 -88.10 -90.28 -17.73
CA PHE H 2226 -89.55 -90.10 -17.73
C PHE H 2226 -89.94 -88.83 -18.47
N UNK H 2227 -85.90 -81.28 -26.93
CA UNK H 2227 -84.82 -81.84 -27.73
C UNK H 2227 -83.49 -81.72 -27.00
N UNK H 2228 -83.48 -80.97 -25.91
CA UNK H 2228 -82.27 -80.77 -25.12
C UNK H 2228 -81.92 -82.02 -24.34
N UNK H 2229 -82.94 -82.80 -23.99
CA UNK H 2229 -82.75 -84.04 -23.24
C UNK H 2229 -82.26 -85.15 -24.17
N UNK H 2230 -82.53 -85.01 -25.45
CA UNK H 2230 -82.12 -86.00 -26.44
C UNK H 2230 -80.61 -85.96 -26.66
N UNK H 2231 -80.05 -84.75 -26.61
CA UNK H 2231 -78.61 -84.57 -26.78
C UNK H 2231 -77.88 -84.72 -25.45
N UNK H 2232 -78.65 -84.73 -24.36
CA UNK H 2232 -78.08 -84.86 -23.02
C UNK H 2232 -77.63 -86.30 -22.77
N UNK H 2233 -78.49 -87.25 -23.11
CA UNK H 2233 -78.18 -88.66 -22.92
C UNK H 2233 -77.31 -89.19 -24.05
N UNK H 2234 -77.22 -88.41 -25.13
CA UNK H 2234 -76.42 -88.80 -26.28
C UNK H 2234 -74.94 -88.55 -26.03
N UNK H 2235 -74.65 -87.64 -25.09
CA UNK H 2235 -73.27 -87.30 -24.75
C UNK H 2235 -72.85 -87.98 -23.46
N UNK H 2236 -73.82 -88.25 -22.59
CA UNK H 2236 -73.55 -88.89 -21.32
C UNK H 2236 -73.23 -90.37 -21.51
N UNK H 2237 -73.89 -91.00 -22.47
CA UNK H 2237 -73.67 -92.41 -22.76
C UNK H 2237 -72.45 -92.59 -23.65
N UNK H 2238 -72.05 -91.53 -24.33
CA UNK H 2238 -70.89 -91.58 -25.22
C UNK H 2238 -69.60 -91.51 -24.42
N UNK H 2239 -69.66 -90.89 -23.24
CA UNK H 2239 -68.50 -90.75 -22.38
C UNK H 2239 -68.20 -92.06 -21.66
N UNK H 2240 -79.32 -101.33 -11.82
CA UNK H 2240 -80.56 -100.93 -12.48
C UNK H 2240 -80.31 -99.78 -13.45
N UNK H 2241 -79.05 -99.43 -13.63
CA UNK H 2241 -78.69 -98.34 -14.53
C UNK H 2241 -78.76 -98.80 -15.98
N UNK H 2242 -78.35 -100.04 -16.23
CA UNK H 2242 -78.37 -100.61 -17.57
C UNK H 2242 -79.78 -100.95 -18.00
N UNK H 2243 -80.63 -101.25 -17.02
CA UNK H 2243 -82.02 -101.60 -17.29
C UNK H 2243 -82.85 -100.36 -17.60
N UNK H 2244 -82.55 -99.27 -16.88
CA UNK H 2244 -83.26 -98.01 -17.08
C UNK H 2244 -82.86 -97.35 -18.39
N UNK H 2245 -81.60 -97.55 -18.78
CA UNK H 2245 -81.09 -96.99 -20.03
C UNK H 2245 -81.65 -97.72 -21.24
N UNK H 2246 -81.85 -99.03 -21.09
CA UNK H 2246 -82.38 -99.85 -22.16
C UNK H 2246 -83.88 -99.61 -22.33
N UNK H 2247 -84.55 -99.26 -21.24
CA UNK H 2247 -85.98 -98.99 -21.27
C UNK H 2247 -86.26 -97.65 -21.92
N UNK H 2248 -85.31 -96.72 -21.81
CA UNK H 2248 -85.46 -95.39 -22.39
C UNK H 2248 -85.22 -95.42 -23.89
N UNK H 2249 -84.41 -96.38 -24.33
CA UNK H 2249 -84.08 -96.52 -25.74
C UNK H 2249 -85.20 -97.24 -26.49
N UNK H 2250 -85.91 -98.12 -25.79
CA UNK H 2250 -87.00 -98.87 -26.38
C UNK H 2250 -88.26 -98.01 -26.50
N UNK H 2251 -88.46 -97.14 -25.53
CA UNK H 2251 -89.63 -96.26 -25.51
C UNK H 2251 -89.48 -95.14 -26.53
N UNK H 2252 -88.25 -94.74 -26.80
CA UNK H 2252 -87.97 -93.68 -27.76
C UNK H 2252 -88.03 -94.21 -29.19
N UNK H 2253 -87.61 -95.45 -29.37
CA UNK H 2253 -87.62 -96.07 -30.70
C UNK H 2253 -89.05 -96.43 -31.12
N UNK H 2254 -89.88 -96.77 -30.15
CA UNK H 2254 -91.27 -97.12 -30.42
C UNK H 2254 -92.10 -95.88 -30.75
N UNK H 2255 -91.75 -94.77 -30.13
CA UNK H 2255 -92.45 -93.51 -30.34
C UNK H 2255 -92.06 -92.90 -31.69
N UNK H 2256 -90.83 -93.15 -32.11
CA UNK H 2256 -90.32 -92.63 -33.38
C UNK H 2256 -90.93 -93.41 -34.55
N UNK H 2257 -91.20 -94.68 -34.34
CA UNK H 2257 -91.77 -95.53 -35.37
C UNK H 2257 -93.27 -95.27 -35.51
N UNK H 2258 -93.88 -94.77 -34.44
CA UNK H 2258 -95.31 -94.49 -34.44
C UNK H 2258 -95.59 -93.18 -35.17
N UNK H 2259 -94.69 -92.21 -35.03
CA UNK H 2259 -94.84 -90.91 -35.68
C UNK H 2259 -94.31 -90.96 -37.11
N UNK H 2260 -84.34 -83.31 -35.91
CA UNK H 2260 -85.02 -84.08 -34.87
C UNK H 2260 -84.77 -85.57 -35.07
N UNK H 2261 -84.88 -86.03 -36.31
CA UNK H 2261 -84.68 -87.44 -36.63
C UNK H 2261 -83.20 -87.78 -36.63
N UNK H 2262 -82.35 -86.79 -36.88
CA UNK H 2262 -80.91 -86.99 -36.91
C UNK H 2262 -80.34 -87.00 -35.50
N UNK H 2263 -81.04 -86.37 -34.57
CA UNK H 2263 -80.61 -86.31 -33.18
C UNK H 2263 -80.96 -87.60 -32.44
N UNK H 2264 -82.10 -88.18 -32.80
CA UNK H 2264 -82.57 -89.41 -32.16
C UNK H 2264 -81.80 -90.62 -32.69
N UNK H 2265 -81.35 -90.53 -33.94
CA UNK H 2265 -80.60 -91.61 -34.56
C UNK H 2265 -79.19 -91.69 -33.99
N UNK H 2266 -78.63 -90.54 -33.62
CA UNK H 2266 -77.28 -90.49 -33.06
C UNK H 2266 -77.30 -90.83 -31.58
N UNK H 2267 -78.44 -90.62 -30.94
CA UNK H 2267 -78.58 -90.90 -29.51
C UNK H 2267 -78.84 -92.38 -29.27
N UNK H 2268 -79.43 -93.05 -30.27
CA UNK H 2268 -79.74 -94.47 -30.16
C UNK H 2268 -78.52 -95.33 -30.49
N UNK H 2269 -77.66 -94.80 -31.37
CA UNK H 2269 -76.46 -95.51 -31.78
C UNK H 2269 -75.37 -95.41 -30.72
N UNK H 2270 -75.33 -94.28 -30.03
CA UNK H 2270 -74.33 -94.06 -28.99
C UNK H 2270 -74.70 -94.78 -27.70
N UNK H 2271 -76.00 -95.04 -27.53
CA UNK H 2271 -76.49 -95.72 -26.33
C UNK H 2271 -76.21 -97.21 -26.41
N UNK H 2272 -76.03 -97.72 -27.63
CA UNK H 2272 -75.77 -99.14 -27.83
C UNK H 2272 -74.34 -99.50 -27.42
N ASP H 2273 -95.37 -91.43 -14.69
CA ASP H 2273 -96.80 -91.16 -14.54
C ASP H 2273 -97.50 -92.33 -13.85
N PRO H 2274 -97.91 -92.13 -12.59
CA PRO H 2274 -98.59 -93.20 -11.86
C PRO H 2274 -100.01 -93.38 -12.37
N ARG H 2275 -100.34 -94.63 -12.74
CA ARG H 2275 -101.67 -94.96 -13.25
C ARG H 2275 -102.10 -96.29 -12.65
N PRO H 2276 -102.77 -96.25 -11.49
CA PRO H 2276 -103.22 -97.50 -10.87
C PRO H 2276 -104.38 -98.12 -11.64
N VAL H 2277 -104.42 -99.45 -11.62
CA VAL H 2277 -105.48 -100.17 -12.31
C VAL H 2277 -106.81 -99.95 -11.59
N GLU H 2278 -107.89 -99.89 -12.37
CA GLU H 2278 -109.21 -99.69 -11.80
C GLU H 2278 -109.68 -100.94 -11.06
N THR H 2279 -110.23 -100.74 -9.86
CA THR H 2279 -110.71 -101.84 -9.04
C THR H 2279 -112.11 -101.61 -8.48
N LEU H 2280 -112.74 -100.48 -8.80
CA LEU H 2280 -114.10 -100.23 -8.30
C LEU H 2280 -115.13 -101.09 -9.01
N ASN H 2281 -115.01 -101.21 -10.33
CA ASN H 2281 -115.92 -102.01 -11.14
C ASN H 2281 -115.51 -103.48 -11.23
N VAL H 2282 -114.51 -103.90 -10.45
CA VAL H 2282 -114.04 -105.28 -10.47
C VAL H 2282 -114.85 -106.08 -9.47
N ILE H 2283 -115.46 -107.17 -9.93
CA ILE H 2283 -116.27 -108.04 -9.09
CA ILE H 2283 -116.27 -108.04 -9.09
C ILE H 2283 -115.48 -109.31 -8.81
N ILE H 2284 -115.36 -109.66 -7.54
CA ILE H 2284 -114.63 -110.85 -7.13
C ILE H 2284 -115.58 -112.04 -7.15
N PRO H 2285 -115.10 -113.24 -7.49
CA PRO H 2285 -115.99 -114.40 -7.52
C PRO H 2285 -116.39 -114.85 -6.12
N GLU H 2286 -117.50 -115.59 -6.06
CA GLU H 2286 -117.98 -116.08 -4.77
C GLU H 2286 -117.07 -117.15 -4.20
N LYS H 2287 -116.38 -117.91 -5.06
N LYS H 2287 -116.38 -117.91 -5.06
CA LYS H 2287 -115.48 -118.94 -4.58
CA LYS H 2287 -115.48 -118.94 -4.58
C LYS H 2287 -114.21 -118.37 -3.95
C LYS H 2287 -114.21 -118.37 -3.95
N LEU H 2288 -113.84 -117.13 -4.29
CA LEU H 2288 -112.65 -116.50 -3.73
C LEU H 2288 -112.89 -115.91 -2.35
N ASP H 2289 -114.12 -115.95 -1.84
CA ASP H 2289 -114.39 -115.40 -0.51
C ASP H 2289 -113.77 -116.25 0.58
N SER H 2290 -113.59 -117.55 0.33
CA SER H 2290 -112.95 -118.41 1.32
C SER H 2290 -111.47 -118.10 1.47
N PHE H 2291 -110.79 -117.79 0.36
CA PHE H 2291 -109.38 -117.44 0.43
C PHE H 2291 -109.18 -116.07 1.05
N ILE H 2292 -110.17 -115.18 0.95
CA ILE H 2292 -110.04 -113.85 1.54
C ILE H 2292 -110.08 -113.95 3.06
N ASN H 2293 -110.94 -114.80 3.61
CA ASN H 2293 -111.00 -114.97 5.05
C ASN H 2293 -109.77 -115.67 5.59
N LYS H 2294 -109.19 -116.61 4.82
CA LYS H 2294 -107.98 -117.29 5.26
C LYS H 2294 -106.78 -116.35 5.20
N PHE H 2295 -106.73 -115.48 4.20
CA PHE H 2295 -105.62 -114.53 4.10
C PHE H 2295 -105.73 -113.44 5.15
N ALA H 2296 -106.94 -113.01 5.50
CA ALA H 2296 -107.10 -112.00 6.54
C ALA H 2296 -106.73 -112.55 7.91
N GLU H 2297 -107.01 -113.83 8.16
CA GLU H 2297 -106.63 -114.43 9.43
C GLU H 2297 -105.13 -114.64 9.53
N TYR H 2298 -104.47 -114.96 8.42
CA TYR H 2298 -103.02 -115.13 8.43
C TYR H 2298 -102.31 -113.79 8.60
N THR H 2299 -102.84 -112.73 7.95
CA THR H 2299 -102.23 -111.41 8.09
CA THR H 2299 -102.23 -111.41 8.09
C THR H 2299 -102.39 -110.87 9.50
N HIS H 2300 -103.53 -111.13 10.14
CA HIS H 2300 -103.75 -110.66 11.50
C HIS H 2300 -102.89 -111.45 12.49
N GLU H 2301 -102.74 -112.76 12.27
CA GLU H 2301 -101.92 -113.57 13.15
C GLU H 2301 -100.44 -113.23 13.00
N LYS H 2302 -100.00 -112.88 11.78
CA LYS H 2302 -98.61 -112.51 11.57
C LYS H 2302 -98.27 -111.20 12.28
N TRP H 2303 -99.18 -110.23 12.23
CA TRP H 2303 -98.95 -108.97 12.92
C TRP H 2303 -99.00 -109.15 14.43
N ALA H 2304 -99.89 -110.03 14.91
CA ALA H 2304 -99.97 -110.28 16.34
C ALA H 2304 -98.79 -111.10 16.84
N PHE H 2305 -98.18 -111.91 15.96
CA PHE H 2305 -97.02 -112.69 16.37
C PHE H 2305 -95.82 -111.80 16.66
N ASP H 2306 -95.56 -110.81 15.81
CA ASP H 2306 -94.46 -109.89 16.06
C ASP H 2306 -94.76 -108.97 17.24
N LYS H 2307 -96.04 -108.67 17.48
CA LYS H 2307 -96.39 -107.82 18.61
C LYS H 2307 -96.26 -108.58 19.93
N ILE H 2308 -96.56 -109.88 19.94
CA ILE H 2308 -96.44 -110.67 21.16
C ILE H 2308 -94.98 -110.79 21.58
N GLN H 2309 -94.05 -110.75 20.62
CA GLN H 2309 -92.64 -110.83 20.95
C GLN H 2309 -92.13 -109.57 21.64
N ASN H 2310 -92.85 -108.46 21.52
CA ASN H 2310 -92.46 -107.20 22.15
C ASN H 2310 -93.09 -106.99 23.52
N ASN H 2311 -93.45 -108.08 24.20
CA ASN H 2311 -94.04 -108.02 25.54
C ASN H 2311 -95.32 -107.19 25.55
N TRP H 2312 -96.11 -107.31 24.48
CA TRP H 2312 -97.37 -106.59 24.36
C TRP H 2312 -98.53 -107.52 24.71
N SER H 2313 -99.58 -106.94 25.29
CA SER H 2313 -100.77 -107.67 25.68
C SER H 2313 -102.01 -106.93 25.21
N TYR H 2314 -103.17 -107.55 25.42
CA TYR H 2314 -104.42 -106.95 25.01
C TYR H 2314 -104.80 -105.78 25.93
N GLY H 2315 -105.52 -104.82 25.37
CA GLY H 2315 -105.94 -103.66 26.12
C GLY H 2315 -107.20 -103.05 25.53
N GLU H 2316 -107.92 -102.32 26.39
CA GLU H 2316 -109.14 -101.67 25.93
C GLU H 2316 -108.84 -100.50 25.00
N ASN H 2317 -107.82 -99.72 25.31
CA ASN H 2317 -107.43 -98.56 24.50
C ASN H 2317 -105.98 -98.71 24.07
N ILE H 2318 -105.66 -98.05 22.95
CA ILE H 2318 -104.30 -98.10 22.43
C ILE H 2318 -103.39 -97.26 23.30
N ASP H 2319 -102.25 -97.83 23.69
CA ASP H 2319 -101.29 -97.14 24.54
C ASP H 2319 -99.88 -97.57 24.13
N GLU H 2320 -99.09 -96.64 23.62
CA GLU H 2320 -97.73 -96.96 23.21
C GLU H 2320 -96.83 -97.23 24.40
N GLU H 2321 -97.11 -96.61 25.55
CA GLU H 2321 -96.29 -96.84 26.73
C GLU H 2321 -96.55 -98.22 27.33
N LEU H 2322 -97.82 -98.55 27.55
CA LEU H 2322 -98.19 -99.84 28.11
C LEU H 2322 -98.15 -100.97 27.08
N LYS H 2323 -97.97 -100.66 25.80
CA LYS H 2323 -97.91 -101.65 24.73
C LYS H 2323 -99.18 -102.51 24.70
N THR H 2324 -100.32 -101.82 24.59
CA THR H 2324 -101.62 -102.45 24.54
C THR H 2324 -102.28 -102.16 23.20
N HIS H 2325 -103.15 -103.08 22.76
CA HIS H 2325 -103.86 -102.93 21.50
C HIS H 2325 -105.12 -103.77 21.54
N PRO H 2326 -106.25 -103.26 21.06
CA PRO H 2326 -107.48 -104.06 21.08
C PRO H 2326 -107.54 -105.15 20.02
N MET H 2327 -106.64 -105.12 19.05
CA MET H 2327 -106.62 -106.12 17.98
C MET H 2327 -105.86 -107.39 18.37
N LEU H 2328 -105.29 -107.44 19.58
CA LEU H 2328 -104.54 -108.62 20.03
C LEU H 2328 -105.54 -109.66 20.53
N ARG H 2329 -106.19 -110.32 19.57
CA ARG H 2329 -107.18 -111.33 19.88
C ARG H 2329 -107.37 -112.27 18.69
N PRO H 2330 -108.18 -113.31 18.81
CA PRO H 2330 -108.38 -114.21 17.68
C PRO H 2330 -109.21 -113.56 16.58
N TYR H 2331 -109.00 -114.03 15.35
CA TYR H 2331 -109.73 -113.49 14.21
C TYR H 2331 -111.19 -113.88 14.21
N LYS H 2332 -111.55 -114.99 14.85
CA LYS H 2332 -112.94 -115.42 14.89
C LYS H 2332 -113.78 -114.51 15.78
N THR H 2333 -113.17 -113.86 16.76
CA THR H 2333 -113.87 -112.97 17.67
C THR H 2333 -114.02 -111.55 17.11
N PHE H 2334 -113.50 -111.28 15.92
CA PHE H 2334 -113.60 -109.96 15.33
C PHE H 2334 -114.94 -109.78 14.63
N SER H 2335 -115.46 -108.56 14.70
CA SER H 2335 -116.74 -108.24 14.07
C SER H 2335 -116.52 -107.96 12.58
N GLU H 2336 -117.57 -107.50 11.90
CA GLU H 2336 -117.47 -107.22 10.48
C GLU H 2336 -116.59 -105.99 10.22
N LYS H 2337 -116.59 -105.01 11.13
CA LYS H 2337 -115.77 -103.83 10.94
C LYS H 2337 -114.29 -104.14 11.20
N ASP H 2338 -114.00 -104.98 12.19
CA ASP H 2338 -112.62 -105.33 12.48
C ASP H 2338 -112.05 -106.25 11.41
N LYS H 2339 -112.87 -107.14 10.85
CA LYS H 2339 -112.40 -108.04 9.81
C LYS H 2339 -112.19 -107.31 8.48
N GLU H 2340 -112.88 -106.20 8.25
CA GLU H 2340 -112.72 -105.45 7.00
C GLU H 2340 -111.40 -104.69 6.94
N ILE H 2341 -110.71 -104.53 8.06
CA ILE H 2341 -109.43 -103.82 8.05
C ILE H 2341 -108.37 -104.64 7.32
N TYR H 2342 -108.40 -105.96 7.48
CA TYR H 2342 -107.45 -106.84 6.81
C TYR H 2342 -107.97 -107.38 5.49
N ARG H 2343 -109.29 -107.43 5.30
CA ARG H 2343 -109.87 -107.93 4.05
C ARG H 2343 -109.81 -106.92 2.93
N TRP H 2344 -109.76 -105.62 3.26
CA TRP H 2344 -109.71 -104.57 2.25
CA TRP H 2344 -109.71 -104.57 2.25
C TRP H 2344 -108.37 -104.63 1.50
N PRO H 2345 -107.27 -104.87 2.21
CA PRO H 2345 -105.97 -104.95 1.51
C PRO H 2345 -105.85 -106.17 0.62
N ILE H 2346 -106.49 -107.29 0.98
CA ILE H 2346 -106.41 -108.48 0.15
C ILE H 2346 -107.39 -108.39 -1.02
N LYS H 2347 -108.55 -107.76 -0.83
CA LYS H 2347 -109.51 -107.62 -1.91
C LYS H 2347 -109.01 -106.63 -2.96
N GLU H 2348 -108.32 -105.58 -2.53
CA GLU H 2348 -107.79 -104.61 -3.49
C GLU H 2348 -106.67 -105.22 -4.32
N SER H 2349 -105.85 -106.07 -3.72
CA SER H 2349 -104.78 -106.74 -4.48
C SER H 2349 -105.36 -107.79 -5.42
N LEU H 2350 -106.40 -108.50 -4.99
CA LEU H 2350 -107.01 -109.50 -5.85
C LEU H 2350 -107.80 -108.86 -6.99
N LYS H 2351 -108.36 -107.67 -6.76
CA LYS H 2351 -109.10 -106.99 -7.82
C LYS H 2351 -108.17 -106.52 -8.93
N ALA H 2352 -106.93 -106.17 -8.60
CA ALA H 2352 -105.98 -105.75 -9.63
C ALA H 2352 -105.61 -106.91 -10.54
N MET H 2353 -105.50 -108.12 -10.00
CA MET H 2353 -105.19 -109.28 -10.82
C MET H 2353 -106.36 -109.68 -11.71
N ILE H 2354 -107.59 -109.46 -11.23
CA ILE H 2354 -108.76 -109.79 -12.04
C ILE H 2354 -108.86 -108.89 -13.25
N ALA H 2355 -108.45 -107.62 -13.12
CA ALA H 2355 -108.47 -106.70 -14.25
C ALA H 2355 -107.40 -107.03 -15.28
N TRP H 2356 -106.32 -107.69 -14.88
CA TRP H 2356 -105.25 -108.08 -15.78
C TRP H 2356 -105.51 -109.39 -16.50
N GLU H 2357 -106.76 -109.88 -16.46
CA GLU H 2357 -107.14 -111.13 -17.14
C GLU H 2357 -106.31 -112.31 -16.65
N TRP H 2358 -106.15 -112.39 -15.33
CA TRP H 2358 -105.41 -113.48 -14.71
C TRP H 2358 -106.34 -114.61 -14.31
N THR H 2359 -105.82 -115.82 -14.31
CA THR H 2359 -106.59 -117.02 -13.98
C THR H 2359 -106.27 -117.45 -12.54
N ILE H 2360 -107.31 -117.59 -11.73
CA ILE H 2360 -107.15 -118.02 -10.34
C ILE H 2360 -108.20 -119.07 -10.01
N GLU H 2361 -107.80 -120.33 -10.03
CA GLU H 2361 -108.70 -121.44 -9.74
C GLU H 2361 -108.00 -122.46 -8.86
N LYS H 2362 -108.78 -123.13 -8.02
CA LYS H 2362 -108.24 -124.15 -7.11
C LYS H 2362 -107.99 -125.42 -7.91
N ALA H 2363 -106.72 -125.65 -8.25
CA ALA H 2363 -106.33 -126.82 -9.03
C ALA H 2363 -105.79 -127.96 -8.18
N ARG H 2364 -105.24 -127.66 -7.01
CA ARG H 2364 -104.67 -128.67 -6.13
C ARG H 2364 -105.22 -128.47 -4.72
N GLU H 2365 -105.00 -129.46 -3.86
CA GLU H 2365 -105.45 -129.40 -2.48
C GLU H 2365 -104.49 -128.58 -1.64
N GLY H 2366 -105.04 -127.93 -0.61
CA GLY H 2366 -104.22 -127.12 0.27
C GLY H 2366 -103.33 -127.96 1.17
N GLU H 2367 -102.33 -127.29 1.72
CA GLU H 2367 -101.38 -127.94 2.61
C GLU H 2367 -101.85 -127.89 4.06
N TYR H 2368 -104.07 -115.80 24.65
CA TYR H 2368 -103.96 -115.66 23.21
C TYR H 2368 -102.53 -115.93 22.74
N ASN H 2369 -102.34 -117.08 22.08
CA ASN H 2369 -101.03 -117.48 21.56
C ASN H 2369 -101.19 -117.86 20.10
N PRO H 2370 -101.20 -116.88 19.20
CA PRO H 2370 -101.36 -117.18 17.77
C PRO H 2370 -100.08 -117.75 17.18
N GLN H 2371 -100.24 -118.73 16.30
CA GLN H 2371 -99.13 -119.41 15.62
C GLN H 2371 -99.35 -119.31 14.12
N PRO H 2372 -98.86 -118.26 13.47
CA PRO H 2372 -99.05 -118.14 12.03
C PRO H 2372 -98.16 -119.12 11.29
N PRO H 2373 -98.57 -119.57 10.10
CA PRO H 2373 -97.74 -120.52 9.35
C PRO H 2373 -96.51 -119.85 8.77
N ASP H 2374 -95.46 -120.63 8.62
CA ASP H 2374 -94.19 -120.15 8.09
C ASP H 2374 -94.21 -120.23 6.56
N LEU H 2375 -93.86 -119.12 5.91
CA LEU H 2375 -93.82 -119.05 4.46
C LEU H 2375 -92.41 -118.93 3.91
N SER H 2376 -91.39 -119.21 4.74
CA SER H 2376 -90.01 -119.13 4.27
C SER H 2376 -89.67 -120.27 3.34
N GLY H 2377 -90.31 -121.42 3.50
CA GLY H 2377 -90.06 -122.59 2.69
C GLY H 2377 -90.83 -122.66 1.39
N VAL H 2378 -91.58 -121.62 1.05
CA VAL H 2378 -92.36 -121.58 -0.18
C VAL H 2378 -91.49 -120.97 -1.28
N THR H 2379 -91.23 -121.75 -2.33
CA THR H 2379 -90.41 -121.32 -3.45
C THR H 2379 -91.30 -120.96 -4.63
N LEU H 2380 -91.09 -119.77 -5.20
CA LEU H 2380 -91.85 -119.30 -6.33
C LEU H 2380 -91.05 -119.48 -7.62
N SER H 2381 -91.74 -119.87 -8.69
CA SER H 2381 -91.10 -120.09 -9.98
C SER H 2381 -90.77 -118.76 -10.64
N ARG H 2382 -90.17 -118.84 -11.84
CA ARG H 2382 -89.83 -117.63 -12.57
C ARG H 2382 -91.08 -116.89 -13.03
N GLU H 2383 -92.12 -117.62 -13.43
CA GLU H 2383 -93.36 -116.98 -13.86
CA GLU H 2383 -93.36 -116.98 -13.86
C GLU H 2383 -94.06 -116.28 -12.70
N LEU H 2384 -94.10 -116.92 -11.53
CA LEU H 2384 -94.73 -116.30 -10.37
C LEU H 2384 -93.93 -115.12 -9.85
N GLN H 2385 -92.60 -115.19 -9.94
CA GLN H 2385 -91.77 -114.06 -9.50
C GLN H 2385 -91.92 -112.87 -10.45
N ALA H 2386 -92.05 -113.14 -11.75
CA ALA H 2386 -92.26 -112.04 -12.70
C ALA H 2386 -93.63 -111.42 -12.54
N MET H 2387 -94.65 -112.25 -12.27
CA MET H 2387 -95.99 -111.71 -12.05
C MET H 2387 -96.08 -110.95 -10.73
N ALA H 2388 -95.22 -111.27 -9.77
CA ALA H 2388 -95.22 -110.55 -8.50
C ALA H 2388 -94.72 -109.12 -8.67
N GLU H 2389 -93.89 -108.87 -9.68
CA GLU H 2389 -93.42 -107.51 -9.93
C GLU H 2389 -94.54 -106.60 -10.39
N GLN H 2390 -95.50 -107.14 -11.16
CA GLN H 2390 -96.64 -106.33 -11.58
C GLN H 2390 -97.53 -105.98 -10.39
N LEU H 2391 -97.69 -106.90 -9.44
CA LEU H 2391 -98.48 -106.60 -8.25
C LEU H 2391 -97.77 -105.60 -7.36
N ALA H 2392 -96.43 -105.70 -7.25
CA ALA H 2392 -95.68 -104.73 -6.48
C ALA H 2392 -95.66 -103.36 -7.15
N GLU H 2393 -95.72 -103.33 -8.48
CA GLU H 2393 -95.76 -102.05 -9.19
C GLU H 2393 -97.08 -101.33 -8.95
N ASN H 2394 -98.17 -102.08 -8.81
CA ASN H 2394 -99.46 -101.46 -8.54
C ASN H 2394 -99.51 -100.87 -7.14
N TYR H 2395 -98.79 -101.47 -6.19
CA TYR H 2395 -98.75 -100.93 -4.83
C TYR H 2395 -98.03 -99.59 -4.79
N HIS H 2396 -97.00 -99.40 -5.61
CA HIS H 2396 -96.30 -98.12 -5.66
C HIS H 2396 -97.16 -97.06 -6.31
N ASN H 2397 -97.90 -97.41 -7.36
CA ASN H 2397 -98.78 -96.45 -8.00
C ASN H 2397 -99.97 -96.09 -7.12
N THR H 2398 -100.46 -97.05 -6.32
CA THR H 2398 -101.56 -96.75 -5.41
C THR H 2398 -101.10 -95.82 -4.29
N TRP H 2399 -99.98 -96.16 -3.64
CA TRP H 2399 -99.45 -95.30 -2.59
C TRP H 2399 -98.92 -93.98 -3.14
N GLY H 2400 -98.41 -93.99 -4.37
CA GLY H 2400 -97.92 -92.76 -4.97
C GLY H 2400 -99.04 -91.79 -5.30
N ARG H 2401 -100.17 -92.30 -5.81
CA ARG H 2401 -101.30 -91.43 -6.11
C ARG H 2401 -101.95 -90.90 -4.84
N LYS H 2402 -101.98 -91.71 -3.78
CA LYS H 2402 -102.55 -91.23 -2.52
C LYS H 2402 -101.65 -90.22 -1.85
N LYS H 2403 -100.33 -90.36 -1.97
CA LYS H 2403 -99.40 -89.40 -1.38
C LYS H 2403 -99.44 -88.07 -2.12
N LYS H 2404 -99.67 -88.09 -3.43
CA LYS H 2404 -99.73 -86.86 -4.19
C LYS H 2404 -100.97 -86.04 -3.83
N GLN H 2405 -102.11 -86.71 -3.65
CA GLN H 2405 -103.33 -86.01 -3.27
C GLN H 2405 -103.26 -85.51 -1.83
N GLU H 2406 -102.62 -86.28 -0.95
CA GLU H 2406 -102.48 -85.86 0.43
C GLU H 2406 -101.50 -84.71 0.59
N LEU H 2407 -100.48 -84.64 -0.29
CA LEU H 2407 -99.51 -83.55 -0.21
C LEU H 2407 -100.13 -82.23 -0.64
N GLU H 2408 -100.88 -82.24 -1.75
CA GLU H 2408 -101.51 -81.01 -2.23
C GLU H 2408 -102.60 -80.53 -1.27
N ALA H 2409 -103.26 -81.45 -0.56
CA ALA H 2409 -104.29 -81.05 0.39
C ALA H 2409 -103.70 -80.45 1.66
N LYS H 2410 -102.41 -80.66 1.91
CA LYS H 2410 -101.75 -80.12 3.10
C LYS H 2410 -100.93 -78.87 2.79
N GLY H 2411 -101.00 -78.36 1.57
CA GLY H 2411 -100.26 -77.18 1.18
C GLY H 2411 -99.14 -77.40 0.19
N GLY H 2412 -98.94 -78.63 -0.26
CA GLY H 2412 -97.89 -78.93 -1.22
C GLY H 2412 -96.74 -79.71 -0.60
N GLY H 2413 -95.64 -79.75 -1.32
CA GLY H 2413 -94.44 -80.45 -0.90
C GLY H 2413 -94.01 -81.48 -1.93
N THR H 2414 -93.03 -82.28 -1.54
CA THR H 2414 -92.48 -83.33 -2.39
C THR H 2414 -92.11 -84.53 -1.53
N HIS H 2415 -91.69 -85.61 -2.21
CA HIS H 2415 -91.31 -86.83 -1.54
C HIS H 2415 -90.24 -87.53 -2.38
N PRO H 2416 -89.25 -88.15 -1.75
CA PRO H 2416 -88.21 -88.85 -2.53
C PRO H 2416 -88.70 -90.11 -3.21
N LEU H 2417 -89.77 -90.73 -2.71
CA LEU H 2417 -90.32 -91.94 -3.30
C LEU H 2417 -91.28 -91.67 -4.45
N LEU H 2418 -91.35 -90.44 -4.94
CA LEU H 2418 -92.24 -90.07 -6.03
C LEU H 2418 -91.56 -90.38 -7.38
N VAL H 2419 -91.32 -91.66 -7.60
CA VAL H 2419 -90.67 -92.14 -8.82
C VAL H 2419 -91.41 -93.37 -9.32
N PRO H 2420 -91.02 -93.91 -10.48
CA PRO H 2420 -91.71 -95.10 -10.99
C PRO H 2420 -91.36 -96.34 -10.17
N TYR H 2421 -92.08 -97.43 -10.46
CA TYR H 2421 -91.85 -98.68 -9.76
C TYR H 2421 -90.49 -99.27 -10.10
N ASP H 2422 -90.13 -99.28 -11.38
CA ASP H 2422 -88.84 -99.81 -11.80
C ASP H 2422 -87.68 -98.87 -11.48
N THR H 2423 -87.96 -97.65 -11.05
CA THR H 2423 -86.91 -96.69 -10.73
C THR H 2423 -86.43 -96.80 -9.29
N LEU H 2424 -87.11 -97.58 -8.45
CA LEU H 2424 -86.70 -97.73 -7.06
C LEU H 2424 -85.49 -98.66 -6.95
N THR H 2425 -84.81 -98.57 -5.81
CA THR H 2425 -83.63 -99.39 -5.56
C THR H 2425 -84.07 -100.74 -4.99
N ALA H 2426 -83.09 -101.56 -4.60
CA ALA H 2426 -83.41 -102.88 -4.05
C ALA H 2426 -84.00 -102.77 -2.65
N LYS H 2427 -83.47 -101.85 -1.84
CA LYS H 2427 -83.97 -101.69 -0.48
C LYS H 2427 -85.35 -101.02 -0.47
N GLU H 2428 -85.59 -100.09 -1.39
CA GLU H 2428 -86.88 -99.42 -1.43
C GLU H 2428 -87.98 -100.35 -1.94
N LYS H 2429 -87.65 -101.26 -2.85
CA LYS H 2429 -88.62 -102.21 -3.40
C LYS H 2429 -88.89 -103.38 -2.46
N ALA H 2430 -88.22 -103.46 -1.31
CA ALA H 2430 -88.45 -104.56 -0.38
C ALA H 2430 -89.82 -104.47 0.26
N ARG H 2431 -90.35 -103.25 0.45
CA ARG H 2431 -91.67 -103.11 1.07
C ARG H 2431 -92.77 -103.55 0.12
N ASP H 2432 -92.58 -103.42 -1.19
CA ASP H 2432 -93.57 -103.82 -2.16
C ASP H 2432 -93.41 -105.26 -2.61
N ARG H 2433 -92.18 -105.76 -2.68
CA ARG H 2433 -91.96 -107.14 -3.10
C ARG H 2433 -92.39 -108.13 -2.02
N GLU H 2434 -92.25 -107.77 -0.75
CA GLU H 2434 -92.65 -108.66 0.33
C GLU H 2434 -94.16 -108.82 0.38
N LYS H 2435 -94.90 -107.74 0.10
CA LYS H 2435 -96.36 -107.82 0.11
C LYS H 2435 -96.87 -108.64 -1.06
N ALA H 2436 -96.24 -108.51 -2.23
CA ALA H 2436 -96.66 -109.28 -3.39
C ALA H 2436 -96.28 -110.75 -3.26
N GLN H 2437 -95.14 -111.04 -2.63
CA GLN H 2437 -94.73 -112.44 -2.46
C GLN H 2437 -95.60 -113.16 -1.45
N GLU H 2438 -96.13 -112.44 -0.45
CA GLU H 2438 -96.98 -113.07 0.54
CA GLU H 2438 -96.98 -113.07 0.54
C GLU H 2438 -98.32 -113.52 -0.05
N LEU H 2439 -98.85 -112.75 -1.00
CA LEU H 2439 -100.12 -113.11 -1.63
C LEU H 2439 -99.95 -114.33 -2.53
N LEU H 2440 -98.81 -114.43 -3.22
CA LEU H 2440 -98.57 -115.57 -4.09
C LEU H 2440 -98.19 -116.82 -3.31
N LYS H 2441 -97.50 -116.66 -2.17
CA LYS H 2441 -97.13 -117.82 -1.36
C LYS H 2441 -98.36 -118.44 -0.71
N PHE H 2442 -99.30 -117.60 -0.25
CA PHE H 2442 -100.51 -118.14 0.36
C PHE H 2442 -101.43 -118.79 -0.67
N LEU H 2443 -101.38 -118.32 -1.91
CA LEU H 2443 -102.20 -118.93 -2.96
C LEU H 2443 -101.66 -120.29 -3.37
N GLN H 2444 -100.33 -120.40 -3.48
CA GLN H 2444 -99.73 -121.68 -3.86
C GLN H 2444 -99.87 -122.71 -2.75
N MET H 2445 -99.91 -122.27 -1.49
CA MET H 2445 -100.07 -123.20 -0.38
C MET H 2445 -101.46 -123.82 -0.36
N ASN H 2446 -102.48 -123.07 -0.79
CA ASN H 2446 -103.86 -123.55 -0.83
C ASN H 2446 -104.19 -124.28 -2.13
N GLY H 2447 -103.19 -124.50 -2.99
CA GLY H 2447 -103.44 -125.19 -4.24
C GLY H 2447 -104.03 -124.35 -5.33
N TYR H 2448 -103.94 -123.02 -5.23
CA TYR H 2448 -104.47 -122.12 -6.23
C TYR H 2448 -103.38 -121.80 -7.26
N ALA H 2449 -103.70 -122.01 -8.54
CA ALA H 2449 -102.77 -121.76 -9.62
C ALA H 2449 -103.02 -120.39 -10.22
N VAL H 2450 -101.98 -119.57 -10.30
CA VAL H 2450 -102.05 -118.22 -10.85
C VAL H 2450 -101.26 -118.19 -12.14
N THR H 2451 -101.95 -117.97 -13.27
CA THR H 2451 -101.33 -117.92 -14.58
C THR H 2451 -101.84 -116.70 -15.33
N ARG H 2452 -101.22 -116.42 -16.46
CA ARG H 2452 -101.58 -115.28 -17.29
C ARG H 2452 -101.33 -115.56 -18.77
N UNK H 2453 -79.94 -108.59 -23.67
CA UNK H 2453 -80.78 -107.91 -24.65
C UNK H 2453 -80.73 -108.63 -26.00
N UNK H 2454 -80.52 -109.94 -25.97
CA UNK H 2454 -80.45 -110.74 -27.19
C UNK H 2454 -81.84 -110.94 -27.79
N UNK H 2455 -82.84 -110.97 -26.92
CA UNK H 2455 -84.23 -111.15 -27.36
C UNK H 2455 -84.74 -109.89 -28.05
N UNK H 2456 -84.21 -108.74 -27.63
CA UNK H 2456 -84.61 -107.46 -28.21
C UNK H 2456 -84.02 -107.30 -29.60
N UNK H 2457 -82.87 -107.93 -29.83
CA UNK H 2457 -82.21 -107.88 -31.13
C UNK H 2457 -82.96 -108.73 -32.15
N UNK H 2458 -83.55 -109.82 -31.68
CA UNK H 2458 -84.31 -110.71 -32.55
C UNK H 2458 -85.64 -110.08 -32.95
N UNK H 2459 -86.19 -109.27 -32.03
CA UNK H 2459 -87.46 -108.59 -32.28
C UNK H 2459 -87.25 -107.43 -33.25
N UNK H 2460 -86.05 -106.84 -33.21
CA UNK H 2460 -85.72 -105.73 -34.10
C UNK H 2460 -85.51 -106.22 -35.52
N UNK H 2461 -85.02 -107.45 -35.64
CA UNK H 2461 -84.78 -108.06 -36.95
C UNK H 2461 -86.10 -108.47 -37.59
N UNK H 2462 -87.08 -108.80 -36.75
CA UNK H 2462 -88.39 -109.20 -37.22
C UNK H 2462 -89.17 -107.99 -37.73
N UNK H 2463 -88.97 -106.85 -37.08
CA UNK H 2463 -89.62 -105.61 -37.47
C UNK H 2463 -89.00 -105.07 -38.76
N UNK H 2464 -87.70 -105.31 -38.93
CA UNK H 2464 -86.99 -104.87 -40.13
C UNK H 2464 -87.37 -105.75 -41.31
N UNK H 2465 -87.68 -107.01 -41.03
CA UNK H 2465 -88.08 -107.95 -42.08
C UNK H 2465 -89.49 -107.63 -42.57
N UNK H 2466 -90.32 -107.12 -41.68
CA UNK H 2466 -91.69 -106.74 -42.02
C UNK H 2466 -91.70 -105.47 -42.85
N UNK H 2467 -90.74 -104.59 -42.57
CA UNK H 2467 -90.63 -103.33 -43.31
C UNK H 2467 -90.01 -103.56 -44.68
N UNK H 2468 -89.18 -104.59 -44.78
CA UNK H 2468 -88.53 -104.95 -46.04
C UNK H 2468 -89.52 -105.61 -46.98
N UNK H 2469 -90.52 -106.30 -46.40
CA UNK H 2469 -91.54 -106.97 -47.19
C UNK H 2469 -92.54 -105.95 -47.75
N UNK H 2470 -92.68 -104.83 -47.05
CA UNK H 2470 -93.60 -103.77 -47.48
C UNK H 2470 -92.96 -102.94 -48.57
N UNK H 2471 -91.63 -102.85 -48.55
CA UNK H 2471 -90.90 -102.09 -49.56
C UNK H 2471 -90.80 -102.87 -50.87
N UNK H 2472 -90.82 -104.19 -50.75
CA UNK H 2472 -90.75 -105.05 -51.93
C UNK H 2472 -92.11 -105.17 -52.61
N UNK H 2473 -93.17 -105.00 -51.82
CA UNK H 2473 -94.53 -105.07 -52.33
C UNK H 2473 -94.89 -103.79 -53.08
N UNK H 2474 -94.29 -102.68 -52.66
CA UNK H 2474 -94.54 -101.39 -53.30
C UNK H 2474 -93.72 -101.24 -54.57
N UNK H 2475 -92.64 -102.01 -54.66
CA UNK H 2475 -91.77 -101.96 -55.84
C UNK H 2475 -92.27 -102.90 -56.92
N UNK H 2476 -92.86 -92.80 -46.18
CA UNK H 2476 -93.17 -92.75 -44.76
C UNK H 2476 -92.61 -93.96 -44.03
N UNK H 2477 -93.14 -95.13 -44.35
CA UNK H 2477 -92.69 -96.38 -43.73
C UNK H 2477 -91.34 -96.80 -44.27
N UNK H 2478 -91.07 -96.44 -45.53
CA UNK H 2478 -89.82 -96.78 -46.18
C UNK H 2478 -88.68 -95.90 -45.64
N UNK H 2479 -89.03 -94.68 -45.24
CA UNK H 2479 -88.04 -93.75 -44.70
C UNK H 2479 -87.63 -94.16 -43.29
N UNK H 2480 -88.58 -94.73 -42.55
CA UNK H 2480 -88.30 -95.19 -41.19
C UNK H 2480 -87.48 -96.46 -41.20
N UNK H 2481 -87.64 -97.27 -42.25
CA UNK H 2481 -86.89 -98.51 -42.38
C UNK H 2481 -85.44 -98.22 -42.76
N UNK H 2482 -85.23 -97.14 -43.50
CA UNK H 2482 -83.90 -96.74 -43.93
C UNK H 2482 -83.10 -96.18 -42.74
N UNK H 2483 -83.81 -95.52 -41.82
CA UNK H 2483 -83.18 -94.96 -40.63
C UNK H 2483 -82.81 -96.06 -39.64
N UNK H 2484 -83.60 -97.12 -39.63
CA UNK H 2484 -83.35 -98.25 -38.74
C UNK H 2484 -82.24 -99.14 -39.30
N UNK H 2485 -82.10 -99.13 -40.62
CA UNK H 2485 -81.06 -99.92 -41.29
C UNK H 2485 -79.69 -99.29 -41.06
N UNK H 2486 -79.65 -97.97 -41.04
CA UNK H 2486 -78.40 -97.24 -40.81
C UNK H 2486 -78.00 -97.32 -39.34
N UNK H 2487 -78.99 -97.42 -38.46
CA UNK H 2487 -78.74 -97.53 -37.03
C UNK H 2487 -78.21 -98.92 -36.68
N UNK H 2488 -78.64 -99.91 -37.44
CA UNK H 2488 -78.20 -101.29 -37.23
C UNK H 2488 -76.82 -101.52 -37.83
N UNK H 2489 -76.44 -100.65 -38.77
CA UNK H 2489 -75.14 -100.75 -39.42
C UNK H 2489 -74.02 -100.34 -38.46
N UNK H 2490 -74.30 -99.31 -37.66
CA UNK H 2490 -73.32 -98.82 -36.69
C UNK H 2490 -73.34 -99.69 -35.44
N UNK H 2491 -74.46 -100.35 -35.20
CA UNK H 2491 -74.61 -101.22 -34.03
C UNK H 2491 -73.87 -102.53 -34.24
N UNK H 2492 -73.81 -102.99 -35.49
CA UNK H 2492 -73.14 -104.24 -35.83
C UNK H 2492 -71.62 -104.01 -35.94
N UNK H 2493 -71.24 -102.76 -36.17
CA UNK H 2493 -69.83 -102.41 -36.30
C UNK H 2493 -69.21 -102.15 -34.92
N UNK H 2494 -70.02 -101.64 -34.00
CA UNK H 2494 -69.55 -101.35 -32.65
C UNK H 2494 -69.45 -102.62 -31.82
N UNK H 2495 -70.51 -103.42 -31.84
CA UNK H 2495 -70.54 -104.67 -31.09
C UNK H 2495 -69.98 -105.82 -31.92
N UNK H 2496 -75.53 -116.33 -36.59
CA UNK H 2496 -76.67 -116.79 -35.80
C UNK H 2496 -77.98 -116.35 -36.42
N UNK H 2497 -78.92 -115.94 -35.58
CA UNK H 2497 -80.23 -115.49 -36.04
C UNK H 2497 -80.13 -114.11 -36.69
N UNK H 2498 -79.19 -113.30 -36.19
CA UNK H 2498 -79.00 -111.96 -36.73
C UNK H 2498 -78.32 -111.99 -38.09
N UNK H 2499 -77.47 -113.01 -38.29
CA UNK H 2499 -76.75 -113.16 -39.55
C UNK H 2499 -77.70 -113.63 -40.66
N UNK H 2500 -78.72 -114.39 -40.27
CA UNK H 2500 -79.69 -114.90 -41.22
C UNK H 2500 -80.62 -113.79 -41.71
N UNK H 2501 -80.91 -112.85 -40.82
CA UNK H 2501 -81.78 -111.73 -41.15
C UNK H 2501 -81.02 -110.67 -41.94
N UNK H 2502 -79.70 -110.65 -41.77
CA UNK H 2502 -78.85 -109.68 -42.45
C UNK H 2502 -78.69 -110.05 -43.93
N UNK H 2503 -78.54 -111.35 -44.19
CA UNK H 2503 -78.36 -111.84 -45.55
C UNK H 2503 -79.69 -111.85 -46.29
N UNK H 2504 -80.79 -111.93 -45.55
CA UNK H 2504 -82.12 -111.96 -46.14
C UNK H 2504 -82.55 -110.55 -46.56
N UNK H 2505 -82.15 -109.56 -45.78
CA UNK H 2505 -82.51 -108.17 -46.08
C UNK H 2505 -81.63 -107.61 -47.19
N UNK H 2506 -80.43 -108.16 -47.32
CA UNK H 2506 -79.49 -107.72 -48.34
C UNK H 2506 -79.90 -108.22 -49.72
N UNK H 2507 -80.54 -109.40 -49.75
CA UNK H 2507 -80.99 -109.98 -51.00
C UNK H 2507 -82.33 -109.41 -51.43
N UNK H 2508 -83.08 -108.88 -50.46
CA UNK H 2508 -84.39 -108.30 -50.73
C UNK H 2508 -84.25 -106.91 -51.34
N UNK H 2509 -83.21 -106.19 -50.92
CA UNK H 2509 -82.97 -104.84 -51.42
C UNK H 2509 -82.21 -104.88 -52.75
N UNK H 2510 -81.57 -106.02 -53.03
CA UNK H 2510 -80.81 -106.18 -54.26
C UNK H 2510 -81.73 -106.46 -55.43
N UNK H 2511 -82.92 -106.98 -55.13
CA UNK H 2511 -83.90 -107.30 -56.17
C UNK H 2511 -84.57 -106.03 -56.68
N UNK H 2512 -79.82 -99.86 -48.90
CA UNK H 2512 -79.05 -99.22 -49.96
C UNK H 2512 -77.60 -99.68 -49.93
N UNK H 2513 -76.68 -98.77 -50.24
CA UNK H 2513 -75.27 -99.07 -50.24
C UNK H 2513 -74.73 -99.22 -48.82
N UNK H 2514 -75.36 -98.50 -47.88
CA UNK H 2514 -74.97 -98.57 -46.48
C UNK H 2514 -75.44 -99.87 -45.85
N UNK H 2515 -76.53 -100.41 -46.37
CA UNK H 2515 -77.09 -101.66 -45.87
C UNK H 2515 -76.23 -102.85 -46.30
N UNK H 2516 -75.56 -102.71 -47.44
CA UNK H 2516 -74.70 -103.76 -47.96
C UNK H 2516 -73.42 -103.86 -47.14
N UNK H 2517 -72.99 -102.73 -46.58
CA UNK H 2517 -71.78 -102.69 -45.77
C UNK H 2517 -72.08 -103.15 -44.36
N UNK H 2518 -73.36 -103.16 -43.99
CA UNK H 2518 -73.78 -103.59 -42.66
C UNK H 2518 -73.62 -105.10 -42.51
N UNK H 2519 -73.94 -105.84 -43.57
CA UNK H 2519 -73.83 -107.29 -43.56
C UNK H 2519 -72.37 -107.70 -43.76
N UNK H 2520 -71.58 -106.82 -44.34
CA UNK H 2520 -70.16 -107.09 -44.59
C UNK H 2520 -69.37 -107.00 -43.29
N UNK H 2521 -69.84 -106.16 -42.36
CA UNK H 2521 -69.18 -106.00 -41.08
C UNK H 2521 -69.77 -106.94 -40.03
N UNK H 2522 -70.87 -107.59 -40.39
CA UNK H 2522 -71.54 -108.52 -39.48
C UNK H 2522 -71.06 -109.95 -39.73
N UNK H 2523 -70.26 -110.12 -40.77
CA UNK H 2523 -69.73 -111.44 -41.12
C UNK H 2523 -68.62 -111.85 -40.14
N UNK H 2524 -81.00 -119.36 -45.33
CA UNK H 2524 -79.76 -120.06 -45.00
C UNK H 2524 -79.09 -120.60 -46.25
N UNK H 2525 -79.40 -121.85 -46.60
CA UNK H 2525 -78.82 -122.48 -47.78
C UNK H 2525 -79.44 -121.92 -49.04
N UNK H 2526 -80.71 -121.50 -48.95
CA UNK H 2526 -81.41 -120.93 -50.10
C UNK H 2526 -80.90 -119.52 -50.39
N UNK H 2527 -80.46 -118.82 -49.35
CA UNK H 2527 -79.94 -117.47 -49.50
C UNK H 2527 -78.56 -117.49 -50.17
N UNK H 2528 -77.79 -118.53 -49.87
CA UNK H 2528 -76.46 -118.68 -50.45
C UNK H 2528 -76.56 -119.09 -51.92
N UNK H 2529 -77.59 -119.86 -52.24
CA UNK H 2529 -77.83 -120.31 -53.61
C UNK H 2529 -78.33 -119.16 -54.47
N UNK H 2530 -79.07 -118.24 -53.84
CA UNK H 2530 -79.59 -117.07 -54.55
C UNK H 2530 -78.46 -116.09 -54.87
N UNK H 2531 -77.46 -116.06 -54.01
CA UNK H 2531 -76.30 -115.18 -54.21
C UNK H 2531 -75.44 -115.71 -55.34
N UNK H 2532 -75.38 -117.04 -55.46
CA UNK H 2532 -74.61 -117.66 -56.53
C UNK H 2532 -75.31 -117.51 -57.88
N UNK H 2533 -76.64 -117.45 -57.83
CA UNK H 2533 -77.44 -117.27 -59.03
C UNK H 2533 -77.29 -115.85 -59.57
N UNK H 2534 -77.11 -114.90 -58.65
CA UNK H 2534 -76.92 -113.50 -59.02
C UNK H 2534 -75.54 -113.30 -59.63
N UNK H 2535 -74.58 -114.11 -59.19
CA UNK H 2535 -73.22 -114.05 -59.70
C UNK H 2535 -73.15 -114.61 -61.11
N UNK H 2536 -74.02 -115.57 -61.39
CA UNK H 2536 -74.09 -116.18 -62.72
C UNK H 2536 -74.71 -115.22 -63.72
N UNK H 2537 -75.64 -114.40 -63.25
CA UNK H 2537 -76.29 -113.41 -64.09
C UNK H 2537 -75.37 -112.22 -64.33
N UNK H 2538 -74.44 -112.00 -63.41
CA UNK H 2538 -73.48 -110.91 -63.52
C UNK H 2538 -72.45 -111.23 -64.60
N UNK H 2539 -72.14 -112.52 -64.77
CA UNK H 2539 -71.18 -112.95 -65.77
C UNK H 2539 -71.80 -112.86 -67.17
N UNK H 2540 -73.11 -113.04 -67.24
CA UNK H 2540 -73.82 -112.96 -68.52
C UNK H 2540 -73.94 -111.51 -68.97
N UNK H 2541 -74.02 -110.60 -68.00
CA UNK H 2541 -74.13 -109.17 -68.30
C UNK H 2541 -72.76 -108.59 -68.63
N UNK H 2542 -71.72 -109.16 -68.05
CA UNK H 2542 -70.36 -108.71 -68.29
C UNK H 2542 -69.86 -109.18 -69.65
N UNK H 2543 -70.40 -110.30 -70.11
CA UNK H 2543 -70.01 -110.87 -71.40
C UNK H 2543 -70.84 -110.24 -72.53
N UNK H 2544 -71.92 -109.57 -72.15
CA UNK H 2544 -72.79 -108.92 -73.13
C UNK H 2544 -72.34 -107.48 -73.38
N UNK H 2545 -78.63 -105.89 -62.78
CA UNK H 2545 -77.97 -104.76 -63.43
C UNK H 2545 -76.48 -104.75 -63.12
N UNK H 2546 -75.77 -103.78 -63.68
CA UNK H 2546 -74.34 -103.66 -63.46
C UNK H 2546 -74.04 -103.11 -62.07
N UNK H 2547 -74.97 -102.31 -61.54
CA UNK H 2547 -74.81 -101.73 -60.22
C UNK H 2547 -75.01 -102.78 -59.13
N UNK H 2548 -75.96 -103.69 -59.36
CA UNK H 2548 -76.26 -104.75 -58.41
C UNK H 2548 -75.20 -105.84 -58.48
N UNK H 2549 -74.53 -105.93 -59.62
CA UNK H 2549 -73.48 -106.93 -59.81
C UNK H 2549 -72.23 -106.58 -59.01
N UNK H 2550 -71.94 -105.29 -58.92
CA UNK H 2550 -70.77 -104.81 -58.18
C UNK H 2550 -71.02 -104.93 -56.68
N UNK H 2551 -72.27 -104.79 -56.27
CA UNK H 2551 -72.64 -104.87 -54.86
C UNK H 2551 -72.58 -106.32 -54.38
N UNK H 2552 -72.94 -107.25 -55.26
CA UNK H 2552 -72.92 -108.66 -54.94
C UNK H 2552 -71.50 -109.20 -54.94
N UNK H 2553 -70.65 -108.62 -55.79
CA UNK H 2553 -69.25 -109.04 -55.89
C UNK H 2553 -68.47 -108.55 -54.68
N UNK H 2554 -68.81 -107.37 -54.19
CA UNK H 2554 -68.16 -106.80 -53.02
C UNK H 2554 -68.60 -107.50 -51.75
N UNK H 2555 -69.82 -108.02 -51.77
CA UNK H 2555 -70.38 -108.74 -50.62
C UNK H 2555 -69.75 -110.12 -50.51
N UNK H 2556 -69.40 -110.70 -51.66
CA UNK H 2556 -68.79 -112.02 -51.71
C UNK H 2556 -67.33 -111.95 -51.26
N UNK H 2557 -66.70 -110.82 -51.52
CA UNK H 2557 -65.30 -110.61 -51.15
C UNK H 2557 -65.18 -110.40 -49.64
N UNK H 2558 -66.22 -109.81 -49.04
CA UNK H 2558 -66.24 -109.56 -47.61
C UNK H 2558 -66.52 -110.85 -46.85
N UNK H 2559 -67.34 -111.71 -47.43
CA UNK H 2559 -67.68 -112.99 -46.81
C UNK H 2559 -66.51 -113.97 -46.91
N UNK H 2560 -65.73 -113.83 -47.97
CA UNK H 2560 -64.56 -114.70 -48.19
C UNK H 2560 -63.42 -114.30 -47.26
N UNK H 2561 -63.36 -113.02 -46.92
CA UNK H 2561 -62.32 -112.51 -46.02
C UNK H 2561 -62.61 -112.92 -44.59
N UNK H 2562 -63.89 -113.14 -44.29
CA UNK H 2562 -64.30 -113.55 -42.94
C UNK H 2562 -63.98 -115.02 -42.70
N UNK H 2563 -63.88 -115.79 -43.79
CA UNK H 2563 -63.58 -117.21 -43.69
C UNK H 2563 -62.10 -117.43 -43.38
N UNK H 2564 -61.27 -116.46 -43.77
CA UNK H 2564 -59.83 -116.54 -43.53
C UNK H 2564 -59.49 -115.99 -42.14
N UNK H 2565 -60.44 -115.29 -41.54
CA UNK H 2565 -60.24 -114.70 -40.22
C UNK H 2565 -60.77 -115.63 -39.12
N UNK H 2566 -70.61 -126.23 -48.48
CA UNK H 2566 -70.11 -127.56 -48.76
C UNK H 2566 -70.01 -127.81 -50.27
N UNK H 2567 -70.91 -128.64 -50.79
CA UNK H 2567 -70.93 -128.96 -52.22
C UNK H 2567 -71.46 -127.78 -53.02
N UNK H 2568 -72.34 -127.00 -52.41
CA UNK H 2568 -72.92 -125.83 -53.07
C UNK H 2568 -71.90 -124.69 -53.15
N UNK H 2569 -70.99 -124.67 -52.18
CA UNK H 2569 -69.95 -123.64 -52.14
C UNK H 2569 -68.90 -123.89 -53.22
N UNK H 2570 -68.67 -125.16 -53.53
CA UNK H 2570 -67.70 -125.54 -54.55
C UNK H 2570 -68.25 -125.24 -55.94
N UNK H 2571 -69.56 -125.37 -56.10
CA UNK H 2571 -70.21 -125.10 -57.37
C UNK H 2571 -70.29 -123.59 -57.63
N UNK H 2572 -70.44 -122.82 -56.55
CA UNK H 2572 -70.51 -121.37 -56.66
C UNK H 2572 -69.14 -120.79 -56.98
N UNK H 2573 -68.09 -121.44 -56.48
CA UNK H 2573 -66.73 -121.01 -56.73
C UNK H 2573 -66.30 -121.34 -58.15
N UNK H 2574 -66.89 -122.38 -58.70
CA UNK H 2574 -66.59 -122.80 -60.07
C UNK H 2574 -67.21 -121.82 -61.07
N UNK H 2575 -68.34 -121.24 -60.69
CA UNK H 2575 -69.02 -120.28 -61.55
C UNK H 2575 -68.28 -118.94 -61.55
N UNK H 2576 -67.61 -118.64 -60.44
CA UNK H 2576 -66.85 -117.41 -60.32
C UNK H 2576 -65.54 -117.51 -61.10
N UNK H 2577 -65.01 -118.72 -61.19
CA UNK H 2577 -63.77 -118.95 -61.92
C UNK H 2577 -64.00 -118.87 -63.41
N UNK H 2578 -65.21 -119.23 -63.84
CA UNK H 2578 -65.57 -119.18 -65.25
C UNK H 2578 -65.91 -117.76 -65.67
N UNK H 2579 -66.29 -116.93 -64.71
CA UNK H 2579 -66.62 -115.54 -64.97
C UNK H 2579 -65.37 -114.71 -65.21
N UNK H 2580 -64.26 -115.14 -64.60
CA UNK H 2580 -62.99 -114.45 -64.76
C UNK H 2580 -62.28 -114.90 -66.03
N UNK H 2581 -62.71 -116.03 -66.57
CA UNK H 2581 -62.11 -116.57 -67.79
C UNK H 2581 -62.72 -115.92 -69.02
N UNK H 2582 -64.06 -106.36 -62.97
CA UNK H 2582 -62.74 -106.58 -63.55
C UNK H 2582 -61.68 -106.76 -62.46
N UNK H 2583 -61.25 -105.64 -61.89
CA UNK H 2583 -60.24 -105.67 -60.83
C UNK H 2583 -60.87 -106.11 -59.51
N UNK H 2584 -62.12 -105.76 -59.30
CA UNK H 2584 -62.83 -106.13 -58.08
C UNK H 2584 -63.20 -107.60 -58.08
N UNK H 2585 -63.48 -108.14 -59.27
CA UNK H 2585 -63.83 -109.55 -59.41
C UNK H 2585 -62.59 -110.43 -59.29
N UNK H 2586 -61.44 -109.88 -59.63
CA UNK H 2586 -60.19 -110.62 -59.56
C UNK H 2586 -59.75 -110.79 -58.11
N UNK H 2587 -60.08 -109.80 -57.28
CA UNK H 2587 -59.73 -109.85 -55.86
C UNK H 2587 -60.61 -110.82 -55.11
N UNK H 2588 -61.83 -111.02 -55.61
CA UNK H 2588 -62.78 -111.93 -54.99
C UNK H 2588 -62.41 -113.38 -55.28
N UNK H 2589 -61.76 -113.60 -56.41
CA UNK H 2589 -61.34 -114.95 -56.80
C UNK H 2589 -60.15 -115.40 -55.97
N UNK H 2590 -59.27 -114.45 -55.63
CA UNK H 2590 -58.09 -114.76 -54.83
C UNK H 2590 -58.47 -114.95 -53.36
N UNK H 2591 -59.50 -114.22 -52.93
CA UNK H 2591 -59.97 -114.32 -51.55
C UNK H 2591 -60.67 -115.65 -51.30
N UNK H 2592 -61.31 -116.18 -52.34
CA UNK H 2592 -61.99 -117.47 -52.24
C UNK H 2592 -61.01 -118.62 -52.39
N UNK H 2593 -59.84 -118.32 -52.97
CA UNK H 2593 -58.81 -119.32 -53.17
C UNK H 2593 -57.97 -119.49 -51.90
N UNK H 2594 -57.97 -118.47 -51.06
CA UNK H 2594 -57.22 -118.51 -49.82
C UNK H 2594 -58.06 -119.11 -48.69
N UNK H 2595 -59.36 -119.13 -48.89
CA UNK H 2595 -60.28 -119.68 -47.89
C UNK H 2595 -60.52 -121.17 -48.13
N UNK H 2596 -54.22 -125.41 -61.06
CA UNK H 2596 -53.31 -126.19 -60.23
C UNK H 2596 -51.87 -126.04 -60.73
N UNK H 2597 -51.34 -127.13 -61.29
CA UNK H 2597 -49.98 -127.13 -61.81
C UNK H 2597 -49.91 -126.36 -63.12
N UNK H 2598 -51.02 -126.36 -63.86
CA UNK H 2598 -51.07 -125.65 -65.14
C UNK H 2598 -51.20 -124.15 -64.92
N UNK H 2599 -51.76 -123.76 -63.80
CA UNK H 2599 -51.93 -122.35 -63.46
C UNK H 2599 -50.59 -121.74 -63.05
N UNK H 2600 -49.74 -122.54 -62.42
CA UNK H 2600 -48.44 -122.07 -61.97
C UNK H 2600 -47.48 -121.95 -63.15
N UNK H 2601 -47.66 -122.82 -64.15
CA UNK H 2601 -46.82 -122.80 -65.34
C UNK H 2601 -47.17 -121.61 -66.23
N UNK H 2602 -48.45 -121.25 -66.24
CA UNK H 2602 -48.92 -120.13 -67.04
C UNK H 2602 -48.50 -118.80 -66.42
N UNK H 2603 -48.39 -118.79 -65.10
CA UNK H 2603 -48.00 -117.59 -64.37
C UNK H 2603 -46.49 -117.36 -64.49
N UNK H 2604 -45.75 -118.44 -64.68
CA UNK H 2604 -44.30 -118.36 -64.82
C UNK H 2604 -43.91 -117.85 -66.20
N UNK H 2605 -44.79 -118.05 -67.18
CA UNK H 2605 -44.54 -117.62 -68.54
C UNK H 2605 -44.87 -116.14 -68.70
N UNK H 2606 -45.74 -115.64 -67.85
CA UNK H 2606 -46.14 -114.23 -67.89
C UNK H 2606 -45.05 -113.33 -67.32
N UNK H 2607 -51.17 -105.06 -65.61
CA UNK H 2607 -52.53 -104.89 -66.12
C UNK H 2607 -53.52 -105.64 -65.25
N UNK H 2608 -54.77 -105.72 -65.72
CA UNK H 2608 -55.82 -106.41 -64.99
C UNK H 2608 -55.64 -107.92 -65.05
N UNK H 2609 -55.13 -108.40 -66.18
CA UNK H 2609 -54.89 -109.82 -66.38
C UNK H 2609 -53.69 -110.30 -65.55
N UNK H 2610 -52.70 -109.42 -65.40
CA UNK H 2610 -51.50 -109.74 -64.64
C UNK H 2610 -51.78 -109.68 -63.14
N UNK H 2611 -52.74 -108.84 -62.76
CA UNK H 2611 -53.10 -108.70 -61.36
C UNK H 2611 -53.91 -109.90 -60.87
N UNK H 2612 -54.69 -110.48 -61.77
CA UNK H 2612 -55.51 -111.64 -61.45
C UNK H 2612 -54.66 -112.91 -61.38
N UNK H 2613 -53.53 -112.90 -62.09
CA UNK H 2613 -52.64 -114.05 -62.11
C UNK H 2613 -51.66 -114.00 -60.94
N UNK H 2614 -51.28 -112.79 -60.53
CA UNK H 2614 -50.36 -112.61 -59.42
C UNK H 2614 -51.05 -112.87 -58.09
N UNK H 2615 -52.34 -112.58 -58.04
CA UNK H 2615 -53.12 -112.77 -56.82
C UNK H 2615 -53.53 -114.23 -56.66
N UNK H 2616 -53.58 -114.95 -57.78
CA UNK H 2616 -53.96 -116.36 -57.77
C UNK H 2616 -52.76 -117.24 -57.42
N UNK H 2617 -51.56 -116.77 -57.77
CA UNK H 2617 -50.34 -117.52 -57.51
C UNK H 2617 -49.91 -117.33 -56.05
N UNK H 2618 -50.44 -116.30 -55.41
CA UNK H 2618 -50.10 -116.02 -54.01
C UNK H 2618 -51.05 -116.75 -53.07
N UNK H 2619 -52.31 -116.91 -53.50
CA UNK H 2619 -53.31 -117.59 -52.70
C UNK H 2619 -53.07 -119.10 -52.71
N UNK H 2620 -52.55 -119.61 -53.82
CA UNK H 2620 -52.28 -121.04 -53.95
C UNK H 2620 -51.01 -121.41 -53.20
N UNK H 2621 -50.12 -120.45 -53.04
CA UNK H 2621 -48.86 -120.67 -52.34
C UNK H 2621 -49.07 -120.79 -50.84
N UNK H 2622 -50.13 -120.15 -50.35
CA UNK H 2622 -50.46 -120.17 -48.94
C UNK H 2622 -51.36 -121.37 -48.61
N UNK H 2623 -51.83 -122.06 -49.65
CA UNK H 2623 -52.69 -123.21 -49.48
C UNK H 2623 -51.90 -124.43 -49.00
N UNK H 2624 -41.51 -129.54 -53.01
CA UNK H 2624 -42.41 -129.61 -51.86
C UNK H 2624 -43.36 -128.43 -51.84
N UNK H 2625 -44.13 -128.31 -50.75
CA UNK H 2625 -45.09 -127.23 -50.61
C UNK H 2625 -44.38 -125.91 -50.34
N UNK H 2626 -43.26 -125.99 -49.63
CA UNK H 2626 -42.47 -124.80 -49.30
C UNK H 2626 -41.67 -124.32 -50.52
N UNK H 2627 -41.33 -125.26 -51.39
CA UNK H 2627 -40.57 -124.94 -52.59
C UNK H 2627 -41.47 -124.28 -53.64
N UNK H 2628 -42.74 -124.68 -53.67
CA UNK H 2628 -43.70 -124.13 -54.60
C UNK H 2628 -44.10 -122.71 -54.21
N UNK H 2629 -44.07 -122.44 -52.91
CA UNK H 2629 -44.42 -121.12 -52.40
C UNK H 2629 -43.29 -120.12 -52.66
N UNK H 2630 -42.06 -120.62 -52.70
CA UNK H 2630 -40.90 -119.78 -52.95
C UNK H 2630 -40.83 -119.36 -54.42
N UNK H 2631 -41.24 -120.26 -55.30
CA UNK H 2631 -41.23 -119.98 -56.74
C UNK H 2631 -42.39 -119.05 -57.10
N UNK H 2632 -43.47 -119.12 -56.32
CA UNK H 2632 -44.64 -118.29 -56.57
C UNK H 2632 -44.36 -116.84 -56.16
N UNK H 2633 -43.48 -116.66 -55.18
CA UNK H 2633 -43.12 -115.34 -54.69
C UNK H 2633 -42.08 -114.69 -55.60
N UNK H 2634 -41.23 -115.52 -56.21
CA UNK H 2634 -40.19 -115.04 -57.11
C UNK H 2634 -40.78 -114.65 -58.46
N UNK H 2635 -41.86 -115.31 -58.84
CA UNK H 2635 -42.51 -115.02 -60.11
C UNK H 2635 -43.42 -113.81 -60.01
N UNK H 2636 -43.92 -113.55 -58.79
CA UNK H 2636 -44.80 -112.41 -58.54
C UNK H 2636 -44.01 -111.11 -58.52
N UNK H 2637 -42.77 -111.19 -58.04
CA UNK H 2637 -41.91 -110.00 -57.96
C UNK H 2637 -41.31 -109.68 -59.33
N UNK H 2638 -41.13 -110.70 -60.14
CA UNK H 2638 -40.56 -110.53 -61.48
C UNK H 2638 -41.61 -109.99 -62.46
N UNK H 2639 -42.88 -110.26 -62.16
CA UNK H 2639 -43.98 -109.81 -63.00
C UNK H 2639 -44.30 -108.34 -62.73
N UNK H 2640 -50.21 -102.75 -55.97
CA UNK H 2640 -51.04 -102.47 -54.80
C UNK H 2640 -51.46 -103.77 -54.11
N UNK H 2641 -52.46 -104.44 -54.67
CA UNK H 2641 -52.96 -105.68 -54.11
C UNK H 2641 -52.00 -106.82 -54.41
N UNK H 2642 -51.26 -106.70 -55.51
CA UNK H 2642 -50.30 -107.72 -55.91
C UNK H 2642 -49.06 -107.66 -55.03
N UNK H 2643 -48.73 -106.45 -54.56
CA UNK H 2643 -47.56 -106.25 -53.70
C UNK H 2643 -47.83 -106.77 -52.30
N UNK H 2644 -49.06 -106.59 -51.83
CA UNK H 2644 -49.44 -107.05 -50.50
C UNK H 2644 -49.55 -108.57 -50.46
N UNK H 2645 -49.97 -109.16 -51.58
CA UNK H 2645 -50.10 -110.60 -51.68
C UNK H 2645 -48.74 -111.27 -51.79
N UNK H 2646 -47.78 -110.55 -52.35
CA UNK H 2646 -46.43 -111.07 -52.52
C UNK H 2646 -45.66 -111.01 -51.19
N UNK H 2647 -46.08 -110.10 -50.32
CA UNK H 2647 -45.44 -109.95 -49.01
C UNK H 2647 -45.82 -111.10 -48.09
N UNK H 2648 -47.02 -111.63 -48.28
CA UNK H 2648 -47.50 -112.75 -47.47
C UNK H 2648 -46.79 -114.05 -47.86
N UNK H 2649 -46.37 -114.12 -49.12
CA UNK H 2649 -45.68 -115.31 -49.62
C UNK H 2649 -44.24 -115.34 -49.13
N UNK H 2650 -43.67 -114.16 -48.88
CA UNK H 2650 -42.31 -114.06 -48.40
C UNK H 2650 -42.24 -114.34 -46.90
N UNK H 2651 -43.37 -114.20 -46.22
CA UNK H 2651 -43.44 -114.44 -44.79
C UNK H 2651 -43.61 -115.94 -44.50
N UNK H 2652 -44.24 -116.65 -45.43
CA UNK H 2652 -44.46 -118.08 -45.26
C UNK H 2652 -43.20 -118.86 -45.61
N UNK H 2653 -33.30 -112.40 -59.06
CA UNK H 2653 -32.71 -111.17 -59.58
C UNK H 2653 -33.38 -109.95 -58.97
N UNK H 2654 -33.91 -110.11 -57.76
CA UNK H 2654 -34.59 -109.02 -57.06
C UNK H 2654 -33.58 -108.01 -56.54
N UNK H 2655 -32.35 -108.47 -56.28
CA UNK H 2655 -31.29 -107.60 -55.78
C UNK H 2655 -30.81 -106.66 -56.90
N UNK H 2656 -30.79 -107.17 -58.12
CA UNK H 2656 -30.36 -106.38 -59.26
C UNK H 2656 -31.47 -105.44 -59.72
N UNK H 2657 -32.71 -105.81 -59.40
CA UNK H 2657 -33.87 -105.01 -59.77
C UNK H 2657 -33.91 -103.73 -58.95
N UNK H 2658 -33.47 -103.81 -57.69
CA UNK H 2658 -33.43 -102.66 -56.81
C UNK H 2658 -32.32 -101.71 -57.22
N UNK H 2659 -31.27 -102.27 -57.82
CA UNK H 2659 -30.14 -101.47 -58.29
C UNK H 2659 -30.51 -100.71 -59.56
N UNK H 2660 -31.47 -101.24 -60.31
CA UNK H 2660 -31.95 -100.60 -61.53
C UNK H 2660 -32.83 -99.40 -61.19
N UNK H 2661 -33.64 -99.53 -60.15
CA UNK H 2661 -34.50 -98.44 -59.72
C UNK H 2661 -33.70 -97.35 -59.03
N UNK H 2662 -32.61 -97.75 -58.37
CA UNK H 2662 -31.74 -96.80 -57.69
C UNK H 2662 -30.96 -95.97 -58.71
N UNK H 2663 -30.60 -96.59 -59.83
CA UNK H 2663 -29.88 -95.89 -60.89
C UNK H 2663 -30.83 -94.98 -61.66
N UNK H 2664 -32.09 -95.37 -61.73
CA UNK H 2664 -33.11 -94.58 -62.41
C UNK H 2664 -33.49 -93.36 -61.58
N UNK H 2665 -33.49 -93.54 -60.26
CA UNK H 2665 -33.83 -92.46 -59.34
C UNK H 2665 -32.69 -91.44 -59.27
N UNK H 2666 -31.46 -91.94 -59.41
CA UNK H 2666 -30.29 -91.07 -59.40
C UNK H 2666 -30.19 -90.29 -60.70
N UNK H 2667 -30.69 -90.87 -61.77
CA UNK H 2667 -30.69 -90.22 -63.08
C UNK H 2667 -31.72 -89.11 -63.13
N UNK H 2668 -32.79 -89.26 -62.35
CA UNK H 2668 -33.84 -88.25 -62.29
C UNK H 2668 -33.37 -87.02 -61.52
N UNK H 2669 -32.49 -87.25 -60.54
CA UNK H 2669 -31.95 -86.16 -59.74
C UNK H 2669 -30.85 -85.43 -60.50
N UNK H 2670 -30.21 -86.14 -61.43
CA UNK H 2670 -29.15 -85.56 -62.25
C UNK H 2670 -29.73 -84.58 -63.27
N UNK H 2671 -30.95 -84.86 -63.71
CA UNK H 2671 -31.63 -84.01 -64.68
C UNK H 2671 -32.30 -82.83 -63.98
N UNK H 2672 -32.47 -82.94 -62.67
CA UNK H 2672 -33.09 -81.89 -61.88
C UNK H 2672 -32.08 -80.82 -61.51
N UNK H 2673 -30.80 -81.17 -61.58
CA UNK H 2673 -29.73 -80.24 -61.26
C UNK H 2673 -29.35 -79.39 -62.49
N PHE H 2674 -42.32 -87.97 -63.68
CA PHE H 2674 -41.76 -87.76 -62.35
C PHE H 2674 -42.71 -88.27 -61.27
N SER H 2675 -43.99 -87.92 -61.41
CA SER H 2675 -44.98 -88.37 -60.44
C SER H 2675 -45.23 -89.87 -60.55
N VAL H 2676 -45.37 -90.38 -61.77
CA VAL H 2676 -45.60 -91.81 -61.95
C VAL H 2676 -44.33 -92.60 -61.65
N LEU H 2677 -43.16 -92.00 -61.86
CA LEU H 2677 -41.91 -92.69 -61.57
C LEU H 2677 -41.70 -92.84 -60.07
N CYS H 2678 -42.03 -91.79 -59.30
CA CYS H 2678 -41.88 -91.88 -57.84
C CYS H 2678 -42.92 -92.80 -57.23
N ARG H 2679 -44.09 -92.94 -57.86
CA ARG H 2679 -45.12 -93.82 -57.34
C ARG H 2679 -44.70 -95.29 -57.41
N ASP H 2680 -43.94 -95.66 -58.46
CA ASP H 2680 -43.47 -97.03 -58.57
C ASP H 2680 -42.36 -97.34 -57.56
N LEU H 2681 -41.65 -96.33 -57.07
CA LEU H 2681 -40.60 -96.57 -56.09
C LEU H 2681 -41.19 -96.91 -54.72
N TYR H 2682 -42.36 -96.35 -54.39
CA TYR H 2682 -42.99 -96.65 -53.11
C TYR H 2682 -43.44 -98.11 -53.05
N ALA H 2683 -43.90 -98.66 -54.17
CA ALA H 2683 -44.33 -100.05 -54.20
C ALA H 2683 -43.14 -101.00 -54.09
N LEU H 2684 -41.98 -100.61 -54.61
CA LEU H 2684 -40.80 -101.47 -54.54
C LEU H 2684 -40.13 -101.41 -53.18
N TYR H 2685 -40.06 -100.23 -52.57
CA TYR H 2685 -39.44 -100.06 -51.27
C TYR H 2685 -40.29 -100.72 -50.19
N PRO H 2686 -41.62 -100.75 -50.35
CA PRO H 2686 -42.45 -101.41 -49.33
C PRO H 2686 -42.24 -102.92 -49.29
N LEU H 2687 -42.07 -103.55 -50.44
CA LEU H 2687 -41.82 -105.00 -50.46
C LEU H 2687 -40.36 -105.33 -50.13
N LEU H 2688 -39.44 -104.44 -50.48
CA LEU H 2688 -38.03 -104.68 -50.19
C LEU H 2688 -37.72 -104.52 -48.70
N ILE H 2689 -38.43 -103.60 -48.03
CA ILE H 2689 -38.19 -103.38 -46.61
C ILE H 2689 -38.67 -104.56 -45.77
N ARG H 2690 -39.62 -105.35 -46.28
CA ARG H 2690 -40.08 -106.52 -45.54
C ARG H 2690 -39.01 -107.59 -45.46
N TYR H 2691 -38.20 -107.73 -46.52
CA TYR H 2691 -37.13 -108.71 -46.51
C TYR H 2691 -35.96 -108.27 -45.64
N VAL H 2692 -35.88 -106.99 -45.28
CA VAL H 2692 -34.79 -106.52 -44.43
C VAL H 2692 -34.96 -107.04 -43.01
N ASP H 2693 -36.21 -107.18 -42.54
CA ASP H 2693 -36.45 -107.66 -41.18
C ASP H 2693 -36.05 -109.13 -41.01
N ASN H 2694 -35.86 -109.87 -42.09
CA ASN H 2694 -35.50 -111.28 -42.01
C ASN H 2694 -33.99 -111.48 -42.05
N ASN H 2695 -33.31 -110.85 -43.00
CA ASN H 2695 -31.88 -111.04 -43.16
C ASN H 2695 -31.04 -110.19 -42.21
N ARG H 2696 -31.68 -109.33 -41.42
CA ARG H 2696 -30.93 -108.49 -40.49
C ARG H 2696 -30.33 -109.33 -39.36
N ALA H 2697 -30.93 -110.48 -39.05
CA ALA H 2697 -30.36 -111.36 -38.03
C ALA H 2697 -29.12 -112.06 -38.55
N HIS H 2698 -29.02 -112.28 -39.86
CA HIS H 2698 -27.84 -112.91 -40.45
C HIS H 2698 -26.80 -111.90 -40.89
N TRP H 2699 -27.22 -110.67 -41.18
CA TRP H 2699 -26.27 -109.64 -41.61
C TRP H 2699 -25.37 -109.17 -40.46
N LEU H 2700 -25.79 -109.33 -39.22
CA LEU H 2700 -24.99 -108.91 -38.08
C LEU H 2700 -24.09 -110.03 -37.57
N THR H 2701 -24.47 -111.30 -37.77
CA THR H 2701 -23.61 -112.41 -37.40
C THR H 2701 -22.55 -112.67 -38.44
N GLU H 2702 -22.84 -112.41 -39.71
CA GLU H 2702 -21.90 -112.58 -40.80
C GLU H 2702 -22.05 -111.40 -41.77
N PRO H 2703 -20.94 -110.85 -42.24
CA PRO H 2703 -21.04 -109.69 -43.16
C PRO H 2703 -21.60 -110.10 -44.51
N ASN H 2704 -22.45 -109.23 -45.06
CA ASN H 2704 -23.07 -109.47 -46.36
C ASN H 2704 -22.59 -108.40 -47.34
N PRO H 2705 -21.92 -108.77 -48.43
CA PRO H 2705 -21.44 -107.76 -49.39
C PRO H 2705 -22.55 -107.17 -50.25
N SER H 2706 -23.66 -107.88 -50.43
CA SER H 2706 -24.74 -107.37 -51.26
C SER H 2706 -25.46 -106.19 -50.62
N ALA H 2707 -25.39 -106.05 -49.30
CA ALA H 2707 -26.04 -104.95 -48.61
C ALA H 2707 -25.34 -103.62 -48.85
N GLU H 2708 -24.11 -103.63 -49.36
CA GLU H 2708 -23.40 -102.37 -49.61
C GLU H 2708 -24.05 -101.56 -50.72
N GLU H 2709 -24.68 -102.23 -51.69
CA GLU H 2709 -25.32 -101.52 -52.79
C GLU H 2709 -26.58 -100.81 -52.32
N LEU H 2710 -27.41 -101.48 -51.52
CA LEU H 2710 -28.63 -100.86 -51.02
C LEU H 2710 -28.31 -99.77 -50.00
N PHE H 2711 -27.23 -99.91 -49.24
CA PHE H 2711 -26.87 -98.90 -48.25
C PHE H 2711 -26.37 -97.63 -48.91
N ARG H 2712 -25.54 -97.75 -49.95
CA ARG H 2712 -25.04 -96.57 -50.65
C ARG H 2712 -26.13 -95.87 -51.44
N MET H 2713 -27.07 -96.65 -52.01
CA MET H 2713 -28.16 -96.03 -52.76
C MET H 2713 -29.14 -95.32 -51.85
N VAL H 2714 -29.39 -95.85 -50.65
CA VAL H 2714 -30.30 -95.20 -49.72
C VAL H 2714 -29.71 -93.89 -49.21
N GLY H 2715 -28.40 -93.85 -49.01
CA GLY H 2715 -27.76 -92.63 -48.55
C GLY H 2715 -27.71 -91.55 -49.60
N GLU H 2716 -27.71 -91.94 -50.88
CA GLU H 2716 -27.68 -90.96 -51.96
C GLU H 2716 -29.03 -90.29 -52.15
N ILE H 2717 -30.11 -91.08 -52.13
CA ILE H 2717 -31.44 -90.49 -52.29
C ILE H 2717 -31.85 -89.71 -51.06
N PHE H 2718 -31.33 -90.07 -49.89
CA PHE H 2718 -31.67 -89.34 -48.67
C PHE H 2718 -31.02 -87.96 -48.66
N ILE H 2719 -29.80 -87.85 -49.20
CA ILE H 2719 -29.16 -86.55 -49.32
C ILE H 2719 -29.83 -85.70 -50.38
N TYR H 2720 -30.52 -86.32 -51.34
CA TYR H 2720 -31.23 -85.57 -52.36
C TYR H 2720 -32.53 -84.96 -51.85
N TRP H 2721 -32.98 -85.34 -50.65
CA TRP H 2721 -34.21 -84.76 -50.10
C TRP H 2721 -34.05 -83.27 -49.86
N SER H 2722 -32.84 -82.83 -49.46
CA SER H 2722 -32.60 -81.41 -49.27
C SER H 2722 -32.54 -80.66 -50.59
N LYS H 2723 -32.01 -81.30 -51.64
CA LYS H 2723 -31.93 -80.65 -52.95
C LYS H 2723 -33.26 -80.74 -53.69
N SER H 2724 -33.85 -81.94 -53.76
CA SER H 2724 -35.13 -82.14 -54.42
C SER H 2724 -36.24 -81.79 -53.45
N HIS H 2725 -36.67 -80.52 -53.48
CA HIS H 2725 -37.70 -80.06 -52.55
C HIS H 2725 -39.09 -80.36 -53.07
N ASN H 2726 -39.30 -80.24 -54.38
CA ASN H 2726 -40.61 -80.48 -54.98
C ASN H 2726 -40.81 -81.94 -55.40
N PHE H 2727 -39.82 -82.80 -55.22
CA PHE H 2727 -39.96 -84.19 -55.58
C PHE H 2727 -40.84 -84.96 -54.59
N LYS H 2728 -40.89 -84.50 -53.35
CA LYS H 2728 -41.70 -85.15 -52.32
C LYS H 2728 -43.14 -84.64 -52.27
N ARG H 2729 -43.45 -83.54 -52.99
CA ARG H 2729 -44.80 -83.02 -52.98
C ARG H 2729 -45.77 -83.97 -53.68
N GLU H 2730 -45.40 -84.44 -54.87
CA GLU H 2730 -46.23 -85.39 -55.60
C GLU H 2730 -46.22 -86.77 -54.95
N GLU H 2731 -45.18 -87.09 -54.17
CA GLU H 2731 -45.13 -88.39 -53.50
C GLU H 2731 -46.19 -88.51 -52.41
N GLN H 2732 -46.53 -87.41 -51.75
CA GLN H 2732 -47.55 -87.45 -50.71
C GLN H 2732 -48.94 -87.66 -51.28
N ASN H 2733 -49.17 -87.31 -52.54
CA ASN H 2733 -50.47 -87.51 -53.17
C ASN H 2733 -50.71 -88.96 -53.59
N PHE H 2734 -49.67 -89.79 -53.63
CA PHE H 2734 -49.86 -91.19 -54.01
C PHE H 2734 -50.63 -91.96 -52.94
N VAL H 2735 -50.30 -91.73 -51.66
CA VAL H 2735 -51.00 -92.42 -50.59
C VAL H 2735 -52.39 -91.86 -50.38
N VAL H 2736 -52.64 -90.62 -50.78
CA VAL H 2736 -53.95 -90.00 -50.62
C VAL H 2736 -54.86 -90.40 -51.78
N UNK H 2737 -42.55 -90.44 -45.78
CA UNK H 2737 -41.85 -90.95 -44.60
C UNK H 2737 -41.38 -92.38 -44.84
N UNK H 2738 -41.71 -92.93 -46.00
CA UNK H 2738 -41.31 -94.30 -46.34
C UNK H 2738 -39.84 -94.37 -46.68
N UNK H 2739 -39.29 -93.26 -47.15
CA UNK H 2739 -37.87 -93.18 -47.50
C UNK H 2739 -37.01 -93.14 -46.25
N UNK H 2740 -37.56 -92.57 -45.18
CA UNK H 2740 -36.84 -92.48 -43.91
C UNK H 2740 -36.80 -93.84 -43.21
N UNK H 2741 -37.85 -94.64 -43.44
CA UNK H 2741 -37.93 -95.96 -42.84
C UNK H 2741 -36.95 -96.92 -43.53
N UNK H 2742 -36.78 -96.74 -44.83
CA UNK H 2742 -35.87 -97.57 -45.62
C UNK H 2742 -34.42 -97.21 -45.29
N UNK H 2743 -34.19 -95.94 -45.02
CA UNK H 2743 -32.84 -95.46 -44.68
C UNK H 2743 -32.48 -95.88 -43.26
N UNK H 2744 -33.49 -96.04 -42.41
CA UNK H 2744 -33.28 -96.46 -41.03
C UNK H 2744 -32.87 -97.92 -40.98
N UNK H 2745 -33.46 -98.73 -41.86
CA UNK H 2745 -33.13 -100.15 -41.93
C UNK H 2745 -31.76 -100.36 -42.57
N UNK H 2746 -31.37 -99.42 -43.42
CA UNK H 2746 -30.08 -99.48 -44.09
C UNK H 2746 -28.98 -98.95 -43.18
N UNK H 2747 -29.36 -98.13 -42.20
CA UNK H 2747 -28.41 -97.57 -41.26
C UNK H 2747 -27.94 -98.63 -40.27
N UNK H 2748 -28.77 -99.62 -40.02
CA UNK H 2748 -28.43 -100.71 -39.12
C UNK H 2748 -27.52 -101.71 -39.80
N UNK H 2749 -27.49 -101.67 -41.14
CA UNK H 2749 -26.65 -102.57 -41.91
C UNK H 2749 -25.35 -101.89 -42.32
N UNK H 2750 -25.39 -100.56 -42.44
CA UNK H 2750 -24.23 -99.78 -42.82
C UNK H 2750 -23.23 -99.70 -41.66
N UNK H 2751 -23.76 -99.65 -40.44
CA UNK H 2751 -22.92 -99.57 -39.25
C UNK H 2751 -22.34 -100.94 -38.90
N UNK H 2752 -22.95 -101.98 -39.46
CA UNK H 2752 -22.48 -103.35 -39.21
C UNK H 2752 -21.20 -103.63 -39.99
N UNK H 2753 -21.17 -103.19 -41.24
CA UNK H 2753 -20.00 -103.39 -42.09
C UNK H 2753 -18.88 -102.42 -41.72
N UNK H 2754 -19.26 -101.23 -41.27
CA UNK H 2754 -18.30 -100.22 -40.88
C UNK H 2754 -17.76 -100.48 -39.48
N UNK H 2755 -14.92 -91.56 -38.39
CA UNK H 2755 -16.19 -91.76 -39.07
C UNK H 2755 -17.19 -90.69 -38.66
N UNK H 2756 -17.25 -90.39 -37.36
CA UNK H 2756 -18.16 -89.39 -36.85
C UNK H 2756 -17.65 -87.98 -37.15
N UNK H 2757 -16.33 -87.82 -37.15
CA UNK H 2757 -15.71 -86.53 -37.42
C UNK H 2757 -15.82 -86.18 -38.90
N UNK H 2758 -15.87 -87.21 -39.74
CA UNK H 2758 -15.97 -87.01 -41.18
C UNK H 2758 -17.39 -86.60 -41.58
N UNK H 2759 -18.36 -87.01 -40.76
CA UNK H 2759 -19.76 -86.68 -41.02
C UNK H 2759 -20.06 -85.23 -40.66
N UNK H 2760 -19.33 -84.71 -39.68
CA UNK H 2760 -19.52 -83.33 -39.24
C UNK H 2760 -18.91 -82.35 -40.25
N UNK H 2761 -17.89 -82.80 -40.96
CA UNK H 2761 -17.22 -81.97 -41.95
C UNK H 2761 -18.01 -81.94 -43.25
N UNK H 2762 -18.71 -83.03 -43.54
CA UNK H 2762 -19.51 -83.14 -44.76
C UNK H 2762 -20.77 -82.29 -44.65
N UNK H 2763 -21.27 -82.12 -43.42
CA UNK H 2763 -22.46 -81.33 -43.17
C UNK H 2763 -22.12 -79.85 -43.10
N UNK H 2764 -20.85 -79.55 -42.85
CA UNK H 2764 -20.39 -78.17 -42.76
C UNK H 2764 -20.01 -77.63 -44.13
N UNK H 2765 -19.88 -78.53 -45.10
CA UNK H 2765 -19.52 -78.15 -46.47
C UNK H 2765 -20.73 -77.57 -47.20
N UNK H 2766 -15.30 -86.34 -52.36
CA UNK H 2766 -14.73 -86.76 -51.08
C UNK H 2766 -13.72 -85.73 -50.58
N UNK H 2767 -14.19 -84.50 -50.39
CA UNK H 2767 -13.33 -83.42 -49.91
C UNK H 2767 -13.08 -83.56 -48.41
N UNK H 2768 -14.05 -84.11 -47.70
CA UNK H 2768 -13.93 -84.31 -46.26
C UNK H 2768 -13.06 -85.52 -45.94
N UNK H 2769 -13.00 -86.46 -46.87
CA UNK H 2769 -12.20 -87.67 -46.69
C UNK H 2769 -10.72 -87.37 -46.83
N UNK H 2770 -10.39 -86.42 -47.72
CA UNK H 2770 -9.00 -86.04 -47.94
C UNK H 2770 -8.50 -85.15 -46.81
N UNK H 2771 -9.42 -84.44 -46.18
CA UNK H 2771 -9.07 -83.55 -45.06
C UNK H 2771 -8.76 -84.35 -43.80
N UNK H 2772 -9.41 -85.51 -43.67
CA UNK H 2772 -9.20 -86.36 -42.51
C UNK H 2772 -7.98 -87.26 -42.70
N UNK H 2773 -7.59 -87.45 -43.96
CA UNK H 2773 -6.44 -88.28 -44.29
C UNK H 2773 -5.14 -87.54 -43.99
N UNK H 2774 -10.98 -96.05 -24.25
CA UNK H 2774 -10.42 -96.93 -25.29
C UNK H 2774 -10.70 -98.39 -24.97
N UNK H 2775 -10.92 -98.68 -23.69
CA UNK H 2775 -11.20 -100.04 -23.25
C UNK H 2775 -12.61 -100.47 -23.67
N UNK H 2776 -13.52 -99.51 -23.72
CA UNK H 2776 -14.90 -99.78 -24.10
C UNK H 2776 -15.00 -100.03 -25.61
N UNK H 2777 -14.09 -99.41 -26.37
CA UNK H 2777 -14.08 -99.58 -27.82
C UNK H 2777 -13.54 -100.95 -28.20
N UNK H 2778 -12.66 -101.49 -27.36
CA UNK H 2778 -12.07 -102.80 -27.60
C UNK H 2778 -13.09 -103.91 -27.34
N UNK H 2779 -13.99 -103.65 -26.40
CA UNK H 2779 -15.02 -104.63 -26.04
C UNK H 2779 -16.10 -104.69 -27.13
N UNK H 2780 -16.30 -103.56 -27.81
CA UNK H 2780 -17.30 -103.48 -28.87
C UNK H 2780 -16.79 -104.15 -30.14
N UNK H 2781 -15.47 -104.14 -30.33
CA UNK H 2781 -14.86 -104.75 -31.51
C UNK H 2781 -14.81 -106.26 -31.37
N UNK H 2782 -14.82 -106.74 -30.12
CA UNK H 2782 -14.78 -108.17 -29.85
C UNK H 2782 -16.17 -108.78 -29.97
N UNK H 2783 -17.19 -107.93 -29.95
CA UNK H 2783 -18.57 -108.38 -30.05
C UNK H 2783 -18.92 -108.75 -31.50
N UNK H 2784 -10.55 -101.35 -50.31
CA UNK H 2784 -11.78 -100.59 -50.44
C UNK H 2784 -12.39 -100.29 -49.08
N UNK H 2785 -11.56 -100.36 -48.04
CA UNK H 2785 -12.01 -100.08 -46.69
C UNK H 2785 -12.25 -98.60 -46.47
N UNK H 2786 -11.47 -97.78 -47.17
CA UNK H 2786 -11.60 -96.33 -47.07
C UNK H 2786 -12.86 -95.85 -47.78
N UNK H 2787 -13.22 -96.51 -48.86
CA UNK H 2787 -14.42 -96.18 -49.62
C UNK H 2787 -15.68 -96.61 -48.86
N UNK H 2788 -15.58 -97.73 -48.16
CA UNK H 2788 -16.69 -98.25 -47.38
C UNK H 2788 -16.93 -97.37 -46.15
N UNK H 2789 -15.86 -96.82 -45.60
CA UNK H 2789 -15.94 -95.94 -44.44
C UNK H 2789 -16.52 -94.60 -44.84
N UNK H 2790 -16.25 -94.18 -46.08
CA UNK H 2790 -16.75 -92.92 -46.60
C UNK H 2790 -18.24 -93.04 -46.93
N UNK H 2791 -18.65 -94.24 -47.34
CA UNK H 2791 -20.05 -94.49 -47.68
C UNK H 2791 -20.90 -94.52 -46.41
N UNK H 2792 -20.34 -95.09 -45.35
CA UNK H 2792 -21.03 -95.15 -44.07
C UNK H 2792 -21.10 -93.77 -43.43
N UNK H 2793 -20.06 -92.97 -43.67
CA UNK H 2793 -20.00 -91.60 -43.14
C UNK H 2793 -20.94 -90.70 -43.93
N UNK H 2794 -21.22 -91.08 -45.17
CA UNK H 2794 -22.13 -90.33 -46.03
C UNK H 2794 -23.56 -90.44 -45.52
N UNK H 2795 -23.92 -91.62 -45.06
CA UNK H 2795 -25.25 -91.86 -44.51
C UNK H 2795 -25.39 -91.20 -43.14
N UNK H 2796 -24.27 -91.13 -42.42
CA UNK H 2796 -24.24 -90.51 -41.11
C UNK H 2796 -24.35 -88.99 -41.23
N UNK H 2797 -23.73 -88.45 -42.28
CA UNK H 2797 -23.78 -87.02 -42.54
C UNK H 2797 -25.14 -86.63 -43.12
N UNK H 2798 -25.79 -87.58 -43.78
CA UNK H 2798 -27.10 -87.35 -44.36
C UNK H 2798 -28.17 -87.31 -43.27
N UNK H 2799 -27.98 -88.12 -42.24
CA UNK H 2799 -28.93 -88.18 -41.14
C UNK H 2799 -28.92 -86.88 -40.33
N UNK H 2800 -27.80 -86.16 -40.40
CA UNK H 2800 -27.67 -84.88 -39.71
C UNK H 2800 -28.53 -83.81 -40.38
N UNK H 2801 -28.80 -84.01 -41.67
CA UNK H 2801 -29.62 -83.08 -42.42
C UNK H 2801 -31.11 -83.27 -42.09
N UNK H 2802 -31.44 -84.44 -41.58
CA UNK H 2802 -32.81 -84.75 -41.20
C UNK H 2802 -33.22 -84.00 -39.95
N UNK H 2803 -32.26 -83.82 -39.04
CA UNK H 2803 -32.50 -83.10 -37.80
C UNK H 2803 -32.43 -81.59 -38.03
N UNK H 2804 -31.77 -81.19 -39.11
CA UNK H 2804 -31.62 -79.78 -39.44
C UNK H 2804 -32.80 -79.30 -40.28
N HIS H 2805 -52.75 -66.42 -24.49
CA HIS H 2805 -52.08 -65.16 -24.74
C HIS H 2805 -52.96 -64.22 -25.56
N LYS H 2806 -52.38 -63.12 -26.03
CA LYS H 2806 -53.10 -62.12 -26.82
C LYS H 2806 -52.81 -62.36 -28.30
N LEU H 2807 -53.85 -62.65 -29.06
CA LEU H 2807 -53.70 -62.84 -30.50
C LEU H 2807 -53.46 -61.50 -31.19
N LEU H 2808 -52.99 -61.58 -32.44
CA LEU H 2808 -52.75 -60.37 -33.21
C LEU H 2808 -54.06 -59.68 -33.59
N SER H 2809 -55.12 -60.45 -33.79
CA SER H 2809 -56.43 -59.91 -34.15
C SER H 2809 -57.29 -59.79 -32.90
N LYS H 2810 -57.87 -58.61 -32.70
CA LYS H 2810 -58.76 -58.36 -31.56
C LYS H 2810 -59.84 -57.40 -32.03
N GLN H 2811 -61.08 -57.90 -32.10
CA GLN H 2811 -62.26 -57.13 -32.52
C GLN H 2811 -62.19 -56.75 -34.00
N ARG H 2812 -61.00 -56.81 -34.60
CA ARG H 2812 -60.86 -56.47 -36.00
C ARG H 2812 -61.40 -57.56 -36.92
N ARG H 2813 -61.56 -58.78 -36.41
CA ARG H 2813 -62.10 -59.87 -37.22
C ARG H 2813 -63.63 -59.89 -37.24
N ARG H 2814 -64.29 -59.16 -36.33
CA ARG H 2814 -65.74 -59.09 -36.35
C ARG H 2814 -66.26 -58.29 -37.54
N ALA H 2815 -65.40 -57.49 -38.17
CA ALA H 2815 -65.78 -56.75 -39.37
C ALA H 2815 -65.56 -57.55 -40.64
N VAL H 2816 -64.75 -58.61 -40.58
CA VAL H 2816 -64.53 -59.44 -41.77
C VAL H 2816 -65.81 -60.18 -42.15
N VAL H 2817 -66.50 -60.75 -41.16
CA VAL H 2817 -67.78 -61.38 -41.42
C VAL H 2817 -68.82 -60.34 -41.82
N ALA H 2818 -68.68 -59.10 -41.33
CA ALA H 2818 -69.57 -58.03 -41.75
C ALA H 2818 -69.20 -57.49 -43.12
N CYS H 2819 -67.92 -57.56 -43.49
CA CYS H 2819 -67.51 -57.11 -44.81
C CYS H 2819 -68.03 -58.03 -45.91
N PHE H 2820 -68.30 -59.30 -45.58
CA PHE H 2820 -68.87 -60.21 -46.56
C PHE H 2820 -70.30 -59.80 -46.92
N ARG H 2821 -71.07 -59.32 -45.94
CA ARG H 2821 -72.44 -58.90 -46.14
C ARG H 2821 -72.56 -57.53 -46.80
N MET H 2822 -71.48 -57.02 -47.37
CA MET H 2822 -71.51 -55.69 -47.99
C MET H 2822 -72.36 -55.72 -49.25
N THR H 2823 -73.32 -54.81 -49.31
CA THR H 2823 -74.18 -54.73 -50.49
C THR H 2823 -73.38 -54.20 -51.67
N PRO H 2824 -73.44 -54.87 -52.84
CA PRO H 2824 -72.69 -54.38 -54.01
C PRO H 2824 -73.22 -53.06 -54.53
N LEU H 2825 -72.62 -52.56 -55.62
CA LEU H 2825 -73.06 -51.28 -56.18
C LEU H 2825 -74.49 -51.37 -56.69
N TYR H 2826 -74.83 -52.45 -57.38
CA TYR H 2826 -76.19 -52.63 -57.85
C TYR H 2826 -77.14 -52.88 -56.68
N ASN H 2827 -78.44 -52.71 -56.94
CA ASN H 2827 -79.53 -52.81 -55.98
C ASN H 2827 -79.49 -51.71 -54.92
N LEU H 2828 -78.47 -50.86 -54.92
CA LEU H 2828 -78.40 -49.77 -53.97
C LEU H 2828 -79.39 -48.68 -54.35
N PRO H 2829 -80.04 -48.04 -53.38
CA PRO H 2829 -80.95 -46.93 -53.71
C PRO H 2829 -80.25 -45.81 -54.47
N THR H 2830 -81.00 -45.17 -55.36
CA THR H 2830 -80.42 -44.14 -56.21
C THR H 2830 -80.07 -42.88 -55.42
N HIS H 2831 -80.89 -42.53 -54.43
CA HIS H 2831 -80.62 -41.32 -53.66
C HIS H 2831 -79.38 -41.46 -52.79
N ARG H 2832 -79.09 -42.67 -52.31
CA ARG H 2832 -77.87 -42.90 -51.54
C ARG H 2832 -76.64 -43.03 -52.42
N ALA H 2833 -76.81 -43.38 -53.69
CA ALA H 2833 -75.67 -43.50 -54.60
C ALA H 2833 -75.14 -42.15 -55.04
N CYS H 2834 -76.02 -41.15 -55.20
CA CYS H 2834 -75.57 -39.82 -55.60
C CYS H 2834 -74.80 -39.13 -54.49
N ASN H 2835 -75.16 -39.39 -53.23
CA ASN H 2835 -74.45 -38.78 -52.11
C ASN H 2835 -73.03 -39.34 -52.00
N MET H 2836 -72.87 -40.65 -52.15
CA MET H 2836 -71.55 -41.26 -52.09
C MET H 2836 -70.70 -40.93 -53.31
N PHE H 2837 -71.32 -40.52 -54.42
CA PHE H 2837 -70.56 -40.15 -55.60
C PHE H 2837 -69.87 -38.81 -55.41
N LEU H 2838 -70.53 -37.86 -54.76
CA LEU H 2838 -69.91 -36.56 -54.50
C LEU H 2838 -68.78 -36.66 -53.48
N GLU H 2839 -68.84 -37.64 -52.58
CA GLU H 2839 -67.78 -37.82 -51.60
C GLU H 2839 -66.48 -38.31 -52.24
N SER H 2840 -66.54 -38.91 -53.42
CA SER H 2840 -65.36 -39.39 -54.11
C SER H 2840 -64.82 -38.37 -55.11
N TYR H 2841 -65.71 -37.66 -55.81
CA TYR H 2841 -65.27 -36.65 -56.77
C TYR H 2841 -64.65 -35.45 -56.07
N LYS H 2842 -65.01 -35.20 -54.81
CA LYS H 2842 -64.48 -34.06 -54.09
C LYS H 2842 -63.05 -34.30 -53.63
N ALA H 2843 -62.75 -35.49 -53.11
CA ALA H 2843 -61.43 -35.78 -52.55
C ALA H 2843 -60.44 -36.29 -53.58
N ALA H 2844 -60.89 -36.63 -54.80
CA ALA H 2844 -60.02 -37.17 -55.82
C ALA H 2844 -59.82 -36.25 -57.02
N TRP H 2845 -60.71 -35.29 -57.24
CA TRP H 2845 -60.62 -34.40 -58.39
C TRP H 2845 -60.47 -32.94 -57.98
N ILE H 2846 -61.25 -32.47 -57.01
CA ILE H 2846 -61.16 -31.07 -56.61
C ILE H 2846 -59.84 -30.80 -55.89
N LEU H 2847 -59.44 -31.70 -54.99
CA LEU H 2847 -58.18 -31.50 -54.26
C LEU H 2847 -56.97 -31.69 -55.15
N THR H 2848 -57.10 -32.50 -56.21
CA THR H 2848 -55.99 -32.76 -57.11
C THR H 2848 -55.85 -31.71 -58.19
N GLU H 2849 -56.94 -31.07 -58.61
CA GLU H 2849 -56.87 -30.06 -59.65
C GLU H 2849 -56.20 -28.80 -59.12
N ASP H 2850 -55.33 -28.21 -59.95
CA ASP H 2850 -54.63 -26.99 -59.60
C ASP H 2850 -55.36 -25.78 -60.14
N HIS H 2851 -55.39 -24.71 -59.34
CA HIS H 2851 -56.05 -23.46 -59.72
C HIS H 2851 -55.06 -22.42 -60.25
N SER H 2852 -54.05 -22.09 -59.46
CA SER H 2852 -53.01 -21.13 -59.84
C SER H 2852 -53.61 -19.78 -60.23
N PHE H 2853 -54.31 -19.17 -59.26
CA PHE H 2853 -54.92 -17.86 -59.46
C PHE H 2853 -54.43 -16.82 -58.48
N GLU H 2854 -53.48 -17.16 -57.60
CA GLU H 2854 -52.97 -16.19 -56.63
C GLU H 2854 -52.10 -15.13 -57.31
N ASP H 2855 -51.47 -15.47 -58.42
CA ASP H 2855 -50.62 -14.51 -59.12
C ASP H 2855 -51.45 -13.45 -59.85
N ARG H 2856 -52.63 -13.85 -60.35
CA ARG H 2856 -53.45 -12.90 -61.11
C ARG H 2856 -54.18 -11.93 -60.19
N MET H 2857 -54.53 -12.35 -58.98
CA MET H 2857 -55.28 -11.48 -58.08
C MET H 2857 -54.40 -10.40 -57.47
N ILE H 2858 -53.20 -10.77 -57.01
CA ILE H 2858 -52.33 -9.81 -56.35
C ILE H 2858 -51.76 -8.80 -57.34
N ASP H 2859 -51.36 -9.28 -58.53
CA ASP H 2859 -50.75 -8.40 -59.50
C ASP H 2859 -51.76 -7.43 -60.11
N ASP H 2860 -53.04 -7.80 -60.15
CA ASP H 2860 -54.04 -6.92 -60.74
C ASP H 2860 -54.39 -5.76 -59.82
N LEU H 2861 -54.37 -5.98 -58.51
CA LEU H 2861 -54.75 -4.91 -57.58
C LEU H 2861 -53.67 -3.85 -57.48
N SER H 2862 -52.40 -4.25 -57.59
CA SER H 2862 -51.29 -3.31 -57.45
C SER H 2862 -50.95 -2.60 -58.74
N LYS H 2863 -51.08 -3.27 -59.89
CA LYS H 2863 -50.71 -2.65 -61.16
C LYS H 2863 -51.77 -1.67 -61.64
N ALA H 2864 -53.04 -1.93 -61.34
CA ALA H 2864 -54.13 -1.06 -61.78
C ALA H 2864 -54.37 0.11 -60.85
N GLY H 2865 -53.47 0.35 -59.89
CA GLY H 2865 -53.66 1.47 -58.98
C GLY H 2865 -53.52 2.81 -59.68
N GLU H 2866 -52.51 2.95 -60.54
CA GLU H 2866 -52.29 4.18 -61.29
C GLU H 2866 -53.13 4.18 -62.56
N GLN H 2867 -54.44 4.30 -62.35
CA GLN H 2867 -55.39 4.28 -63.45
C GLN H 2867 -55.40 5.65 -64.14
N GLU H 2868 -56.31 5.81 -65.11
CA GLU H 2868 -56.38 7.08 -65.83
C GLU H 2868 -56.95 8.19 -64.96
N GLU H 2869 -57.96 7.88 -64.15
CA GLU H 2869 -58.59 8.86 -63.28
C GLU H 2869 -57.98 8.87 -61.88
N GLU H 2870 -56.95 8.07 -61.63
CA GLU H 2870 -56.32 8.05 -60.31
C GLU H 2870 -55.45 9.28 -60.09
N GLU H 2871 -54.68 9.69 -61.10
CA GLU H 2871 -53.80 10.84 -61.03
C GLU H 2871 -54.16 11.88 -62.08
N GLU H 2872 -55.45 12.13 -62.24
CA GLU H 2872 -55.97 13.10 -63.22
C GLU H 2872 -56.52 14.30 -62.45
N GLU H 2873 -55.71 15.35 -62.33
CA GLU H 2873 -56.09 16.58 -61.63
C GLU H 2873 -56.49 16.31 -60.18
N VAL H 2874 -55.83 15.34 -59.55
CA VAL H 2874 -56.14 15.02 -58.15
C VAL H 2874 -55.29 15.84 -57.19
N GLU H 2875 -54.06 16.18 -57.58
CA GLU H 2875 -53.15 16.97 -56.75
C GLU H 2875 -52.88 16.31 -55.40
N GLU H 2876 -52.90 14.98 -55.37
CA GLU H 2876 -52.65 14.24 -54.15
C GLU H 2876 -52.22 12.83 -54.50
N LYS H 2877 -51.76 12.09 -53.50
CA LYS H 2877 -51.32 10.71 -53.65
C LYS H 2877 -52.30 9.81 -52.92
N LYS H 2878 -52.91 8.89 -53.66
CA LYS H 2878 -53.88 7.97 -53.09
C LYS H 2878 -53.32 6.57 -52.99
N PRO H 2879 -53.67 5.83 -51.94
CA PRO H 2879 -53.17 4.46 -51.80
C PRO H 2879 -53.75 3.54 -52.85
N ASP H 2880 -53.00 2.49 -53.17
CA ASP H 2880 -53.45 1.50 -54.13
C ASP H 2880 -54.54 0.62 -53.51
N PRO H 2881 -55.35 -0.03 -54.35
CA PRO H 2881 -56.40 -0.93 -53.80
C PRO H 2881 -55.84 -2.03 -52.93
N LEU H 2882 -54.61 -2.48 -53.18
CA LEU H 2882 -54.01 -3.51 -52.32
C LEU H 2882 -53.61 -2.92 -50.97
N HIS H 2883 -53.28 -1.62 -50.92
CA HIS H 2883 -52.91 -1.00 -49.67
C HIS H 2883 -54.10 -0.91 -48.72
N GLN H 2884 -55.30 -0.69 -49.26
CA GLN H 2884 -56.48 -0.62 -48.42
C GLN H 2884 -56.84 -1.99 -47.83
N LEU H 2885 -56.50 -3.06 -48.54
CA LEU H 2885 -56.79 -4.40 -48.03
C LEU H 2885 -55.92 -4.72 -46.80
N VAL H 2886 -54.69 -4.24 -46.80
CA VAL H 2886 -53.80 -4.50 -45.66
C VAL H 2886 -54.23 -3.66 -44.46
N LEU H 2887 -54.66 -2.42 -44.68
CA LEU H 2887 -55.09 -1.56 -43.58
C LEU H 2887 -56.39 -2.04 -42.96
N HIS H 2888 -57.18 -2.85 -43.67
CA HIS H 2888 -58.44 -3.33 -43.11
C HIS H 2888 -58.18 -4.32 -41.98
N PHE H 2889 -57.29 -5.28 -42.19
CA PHE H 2889 -56.95 -6.25 -41.16
C PHE H 2889 -56.03 -5.69 -40.10
N SER H 2890 -55.45 -4.51 -40.31
CA SER H 2890 -54.57 -3.92 -39.30
C SER H 2890 -55.38 -3.42 -38.11
N ARG H 2891 -56.48 -2.71 -38.36
CA ARG H 2891 -57.31 -2.21 -37.28
C ARG H 2891 -58.12 -3.33 -36.61
N THR H 2892 -58.32 -4.46 -37.30
CA THR H 2892 -59.07 -5.56 -36.71
C THR H 2892 -58.32 -6.18 -35.54
N ALA H 2893 -56.99 -6.28 -35.64
CA ALA H 2893 -56.20 -6.85 -34.57
C ALA H 2893 -56.15 -5.94 -33.35
N LEU H 2894 -56.25 -4.63 -33.55
CA LEU H 2894 -56.21 -3.66 -32.47
C LEU H 2894 -57.64 -3.27 -32.10
N THR H 2895 -58.29 -4.15 -31.34
CA THR H 2895 -59.65 -3.90 -30.88
C THR H 2895 -59.79 -4.26 -29.40
N GLU H 2896 -58.73 -3.99 -28.62
CA GLU H 2896 -58.66 -4.28 -27.18
C GLU H 2896 -59.36 -5.59 -26.82
N LYS H 2897 -59.05 -6.64 -27.59
CA LYS H 2897 -59.63 -7.95 -27.37
C LYS H 2897 -58.54 -9.01 -27.46
N SER H 2898 -58.45 -9.87 -26.45
CA SER H 2898 -57.42 -10.91 -26.43
C SER H 2898 -57.81 -12.11 -27.28
N LYS H 2899 -59.08 -12.52 -27.22
CA LYS H 2899 -59.55 -13.68 -27.97
C LYS H 2899 -60.09 -13.23 -29.31
N LEU H 2900 -59.38 -13.56 -30.38
CA LEU H 2900 -59.80 -13.19 -31.73
C LEU H 2900 -60.83 -14.19 -32.26
N ASP H 2901 -61.67 -13.70 -33.17
CA ASP H 2901 -62.71 -14.52 -33.78
C ASP H 2901 -62.10 -15.39 -34.87
N GLU H 2902 -62.94 -16.13 -35.60
CA GLU H 2902 -62.45 -16.99 -36.67
C GLU H 2902 -61.92 -16.16 -37.84
N ASP H 2903 -62.75 -15.25 -38.36
CA ASP H 2903 -62.38 -14.38 -39.47
C ASP H 2903 -61.92 -15.18 -40.67
N TYR H 2904 -62.86 -15.78 -41.41
CA TYR H 2904 -62.50 -16.55 -42.59
C TYR H 2904 -62.00 -15.70 -43.73
N LEU H 2905 -62.27 -14.38 -43.69
CA LEU H 2905 -61.79 -13.50 -44.76
C LEU H 2905 -60.28 -13.30 -44.67
N TYR H 2906 -59.75 -13.22 -43.44
CA TYR H 2906 -58.31 -13.05 -43.28
C TYR H 2906 -57.55 -14.33 -43.64
N MET H 2907 -58.10 -15.49 -43.28
CA MET H 2907 -57.45 -16.75 -43.61
C MET H 2907 -57.48 -17.03 -45.11
N ALA H 2908 -58.47 -16.51 -45.81
CA ALA H 2908 -58.56 -16.73 -47.26
C ALA H 2908 -57.47 -15.95 -47.99
N TYR H 2909 -57.31 -14.67 -47.68
CA TYR H 2909 -56.30 -13.85 -48.32
C TYR H 2909 -54.90 -14.12 -47.81
N ALA H 2910 -54.76 -14.80 -46.67
CA ALA H 2910 -53.44 -15.11 -46.15
C ALA H 2910 -52.72 -16.11 -47.06
N ASP H 2911 -53.43 -17.13 -47.54
CA ASP H 2911 -52.81 -18.09 -48.45
C ASP H 2911 -52.60 -17.49 -49.83
N ILE H 2912 -53.45 -16.54 -50.23
CA ILE H 2912 -53.29 -15.91 -51.55
C ILE H 2912 -52.07 -15.01 -51.58
N MET H 2913 -51.86 -14.22 -50.52
CA MET H 2913 -50.71 -13.33 -50.45
C MET H 2913 -49.42 -14.07 -50.14
N ALA H 2914 -49.49 -15.37 -49.82
CA ALA H 2914 -48.31 -16.17 -49.54
C ALA H 2914 -47.82 -16.94 -50.75
N LYS H 2915 -48.73 -17.64 -51.45
CA LYS H 2915 -48.34 -18.38 -52.64
C LYS H 2915 -47.95 -17.46 -53.79
N SER H 2916 -48.54 -16.27 -53.85
CA SER H 2916 -48.18 -15.31 -54.89
C SER H 2916 -46.82 -14.66 -54.67
N CYS H 2917 -46.24 -14.82 -53.48
CA CYS H 2917 -44.93 -14.26 -53.18
C CYS H 2917 -43.83 -15.30 -53.08
N HIS H 2918 -44.16 -16.54 -52.70
CA HIS H 2918 -43.19 -17.63 -52.57
C HIS H 2918 -43.22 -18.56 -53.78
N LEU H 2919 -43.57 -18.04 -54.96
CA LEU H 2919 -43.62 -18.86 -56.15
C LEU H 2919 -42.24 -19.23 -56.68
N GLU H 2920 -41.18 -18.56 -56.21
CA GLU H 2920 -39.83 -18.88 -56.67
C GLU H 2920 -39.28 -20.13 -56.01
N GLU H 2921 -39.65 -20.39 -54.75
CA GLU H 2921 -39.17 -21.56 -54.04
C GLU H 2921 -39.92 -22.81 -54.49
N SER H 2922 -27.09 -24.01 -63.64
CA SER H 2922 -27.60 -22.88 -64.40
C SER H 2922 -27.45 -21.58 -63.61
N PHE H 2923 -26.32 -20.90 -63.82
CA PHE H 2923 -26.09 -19.64 -63.12
C PHE H 2923 -26.97 -18.52 -63.65
N GLU H 2924 -27.30 -18.55 -64.94
CA GLU H 2924 -28.16 -17.51 -65.51
C GLU H 2924 -29.60 -17.67 -65.05
N GLU H 2925 -30.08 -18.91 -64.95
CA GLU H 2925 -31.45 -19.15 -64.51
C GLU H 2925 -31.61 -18.87 -63.02
N LYS H 2926 -30.55 -19.08 -62.23
CA LYS H 2926 -30.63 -18.82 -60.80
C LYS H 2926 -30.60 -17.33 -60.50
N GLU H 2927 -30.00 -16.53 -61.37
CA GLU H 2927 -29.93 -15.09 -61.15
C GLU H 2927 -31.29 -14.45 -61.38
N MET H 2928 -31.97 -14.81 -62.47
CA MET H 2928 -33.28 -14.26 -62.75
C MET H 2928 -34.35 -14.80 -61.81
N GLU H 2929 -34.10 -15.94 -61.17
CA GLU H 2929 -35.08 -16.49 -60.24
C GLU H 2929 -35.10 -15.69 -58.94
N LYS H 2930 -33.94 -15.22 -58.49
CA LYS H 2930 -33.90 -14.39 -57.28
C LYS H 2930 -34.48 -13.00 -57.52
N GLN H 2931 -34.46 -12.53 -58.77
CA GLN H 2931 -35.03 -11.23 -59.07
C GLN H 2931 -36.55 -11.25 -58.99
N ARG H 2932 -37.17 -12.35 -59.42
CA ARG H 2932 -38.62 -12.47 -59.30
C ARG H 2932 -39.05 -12.57 -57.84
N LEU H 2933 -38.24 -13.26 -57.02
CA LEU H 2933 -38.58 -13.37 -55.61
C LEU H 2933 -38.44 -12.03 -54.89
N LEU H 2934 -37.40 -11.27 -55.23
CA LEU H 2934 -37.21 -9.96 -54.58
C LEU H 2934 -38.28 -8.98 -55.00
N TYR H 2935 -38.77 -9.08 -56.24
CA TYR H 2935 -39.82 -8.17 -56.69
C TYR H 2935 -41.15 -8.46 -55.98
N GLN H 2936 -41.47 -9.74 -55.79
CA GLN H 2936 -42.70 -10.09 -55.10
C GLN H 2936 -42.62 -9.78 -53.61
N GLN H 2937 -41.44 -9.90 -53.01
CA GLN H 2937 -41.28 -9.57 -51.60
C GLN H 2937 -41.33 -8.07 -51.37
N ALA H 2938 -40.73 -7.30 -52.28
CA ALA H 2938 -40.76 -5.84 -52.17
C ALA H 2938 -42.12 -5.25 -52.52
N ARG H 2939 -43.00 -6.03 -53.13
CA ARG H 2939 -44.34 -5.52 -53.46
C ARG H 2939 -45.15 -5.26 -52.19
N LEU H 2940 -45.18 -6.25 -51.28
CA LEU H 2940 -45.90 -6.08 -50.02
C LEU H 2940 -45.19 -5.17 -49.04
N HIS H 2941 -43.90 -4.88 -49.27
CA HIS H 2941 -43.18 -3.99 -48.37
C HIS H 2941 -43.61 -2.54 -48.54
N ASN H 2942 -44.01 -2.15 -49.76
CA ASN H 2942 -44.41 -0.77 -50.00
C ASN H 2942 -45.78 -0.48 -49.38
N ARG H 2943 -46.68 -1.46 -49.41
CA ARG H 2943 -48.02 -1.29 -48.85
C ARG H 2943 -48.07 -1.45 -47.34
N GLY H 2944 -46.96 -1.82 -46.70
CA GLY H 2944 -46.93 -1.99 -45.27
C GLY H 2944 -47.37 -3.35 -44.77
N ALA H 2945 -47.42 -4.36 -45.64
CA ALA H 2945 -47.84 -5.69 -45.21
C ALA H 2945 -46.80 -6.36 -44.32
N ALA H 2946 -45.55 -5.89 -44.34
CA ALA H 2946 -44.52 -6.47 -43.50
C ALA H 2946 -44.75 -6.19 -42.02
N GLU H 2947 -45.51 -5.14 -41.70
CA GLU H 2947 -45.83 -4.82 -40.31
C GLU H 2947 -47.15 -5.44 -39.85
N MET H 2948 -47.96 -5.95 -40.77
CA MET H 2948 -49.23 -6.56 -40.38
C MET H 2948 -49.02 -7.91 -39.69
N VAL H 2949 -47.98 -8.65 -40.11
CA VAL H 2949 -47.72 -9.96 -39.50
C VAL H 2949 -47.20 -9.82 -38.08
N LEU H 2950 -46.72 -8.63 -37.69
CA LEU H 2950 -46.24 -8.43 -36.33
C LEU H 2950 -47.35 -8.08 -35.35
N GLN H 2951 -48.48 -7.56 -35.84
CA GLN H 2951 -49.60 -7.22 -34.97
C GLN H 2951 -50.55 -8.39 -34.75
N MET H 2952 -50.63 -9.32 -35.71
CA MET H 2952 -51.52 -10.46 -35.55
C MET H 2952 -50.99 -11.43 -34.50
N ILE H 2953 -49.67 -11.58 -34.42
CA ILE H 2953 -49.09 -12.49 -33.43
C ILE H 2953 -49.21 -11.90 -32.03
N SER H 2954 -49.02 -10.59 -31.90
CA SER H 2954 -49.13 -9.93 -30.60
C SER H 2954 -50.56 -9.78 -30.11
N ALA H 2955 -51.54 -10.20 -30.90
CA ALA H 2955 -52.94 -10.09 -30.52
C ALA H 2955 -53.50 -11.35 -29.87
N CYS H 2956 -53.01 -12.53 -30.27
CA CYS H 2956 -53.51 -13.77 -29.68
C CYS H 2956 -53.04 -13.94 -28.23
N LYS H 2957 -51.84 -13.46 -27.92
CA LYS H 2957 -51.29 -13.50 -26.56
C LYS H 2957 -51.19 -14.93 -26.03
N GLY H 2958 -50.94 -15.89 -26.91
CA GLY H 2958 -50.77 -17.29 -26.51
C GLY H 2958 -51.71 -18.26 -27.17
N GLU H 2959 -52.61 -17.83 -28.04
CA GLU H 2959 -53.54 -18.75 -28.71
C GLU H 2959 -52.82 -19.49 -29.83
N THR H 2960 -52.97 -20.82 -29.85
CA THR H 2960 -52.36 -21.67 -30.86
C THR H 2960 -53.37 -22.16 -31.90
N GLY H 2961 -54.43 -21.41 -32.12
CA GLY H 2961 -55.46 -21.81 -33.07
C GLY H 2961 -55.00 -21.65 -34.51
N ALA H 2962 -55.98 -21.74 -35.41
CA ALA H 2962 -55.72 -21.64 -36.84
C ALA H 2962 -55.39 -20.22 -37.27
N MET H 2963 -55.59 -19.22 -36.41
CA MET H 2963 -55.29 -17.84 -36.79
C MET H 2963 -53.79 -17.62 -36.92
N VAL H 2964 -53.00 -18.20 -36.02
CA VAL H 2964 -51.56 -18.02 -36.08
C VAL H 2964 -50.95 -18.84 -37.22
N SER H 2965 -51.56 -19.99 -37.54
CA SER H 2965 -51.06 -20.81 -38.63
C SER H 2965 -51.22 -20.14 -39.99
N SER H 2966 -52.12 -19.16 -40.10
CA SER H 2966 -52.32 -18.45 -41.35
C SER H 2966 -51.39 -17.26 -41.52
N THR H 2967 -51.01 -16.60 -40.43
CA THR H 2967 -50.11 -15.46 -40.52
C THR H 2967 -48.64 -15.86 -40.50
N LEU H 2968 -48.31 -17.01 -39.92
CA LEU H 2968 -46.92 -17.47 -39.95
C LEU H 2968 -46.52 -17.94 -41.34
N LYS H 2969 -47.48 -18.47 -42.12
CA LYS H 2969 -47.19 -18.84 -43.50
C LYS H 2969 -46.87 -17.61 -44.34
N LEU H 2970 -47.50 -16.47 -44.04
CA LEU H 2970 -47.20 -15.24 -44.74
C LEU H 2970 -45.87 -14.64 -44.31
N GLY H 2971 -45.51 -14.81 -43.03
CA GLY H 2971 -44.25 -14.27 -42.54
C GLY H 2971 -43.04 -14.98 -43.11
N ILE H 2972 -43.15 -16.29 -43.35
CA ILE H 2972 -42.04 -17.03 -43.93
C ILE H 2972 -41.95 -16.89 -45.45
N SER H 2973 -43.00 -16.40 -46.09
CA SER H 2973 -42.98 -16.18 -47.53
C SER H 2973 -42.37 -14.85 -47.92
N ILE H 2974 -42.09 -13.97 -46.97
CA ILE H 2974 -41.47 -12.68 -47.23
C ILE H 2974 -39.98 -12.71 -46.98
N LEU H 2975 -39.56 -13.37 -45.90
CA LEU H 2975 -38.15 -13.48 -45.53
C LEU H 2975 -37.52 -14.77 -46.01
N ASN H 2976 -38.11 -15.42 -47.02
CA ASN H 2976 -37.57 -16.68 -47.50
C ASN H 2976 -36.21 -16.50 -48.17
N GLY H 2977 -35.95 -15.32 -48.72
CA GLY H 2977 -34.68 -15.04 -49.35
C GLY H 2977 -33.71 -14.32 -48.42
N GLY H 2978 -34.23 -13.78 -47.33
CA GLY H 2978 -33.41 -13.07 -46.37
C GLY H 2978 -33.08 -11.65 -46.81
N ASN H 2979 -34.10 -10.87 -47.12
CA ASN H 2979 -33.89 -9.51 -47.56
C ASN H 2979 -33.49 -8.62 -46.39
N ALA H 2980 -32.75 -7.55 -46.71
CA ALA H 2980 -32.26 -6.63 -45.69
C ALA H 2980 -33.27 -5.54 -45.35
N ASP H 2981 -34.19 -5.21 -46.27
CA ASP H 2981 -35.15 -4.15 -46.00
C ASP H 2981 -36.32 -4.63 -45.15
N VAL H 2982 -36.74 -5.89 -45.31
CA VAL H 2982 -37.84 -6.40 -44.51
C VAL H 2982 -37.41 -6.59 -43.06
N GLN H 2983 -36.14 -6.95 -42.83
CA GLN H 2983 -35.66 -7.11 -41.46
C GLN H 2983 -35.48 -5.76 -40.77
N GLN H 2984 -35.16 -4.71 -41.53
CA GLN H 2984 -35.00 -3.38 -40.94
C GLN H 2984 -36.35 -2.74 -40.64
N LYS H 2985 -37.38 -3.05 -41.43
CA LYS H 2985 -38.71 -2.49 -41.17
C LYS H 2985 -39.32 -3.10 -39.91
N MET H 2986 -39.16 -4.41 -39.72
CA MET H 2986 -39.68 -5.04 -38.52
C MET H 2986 -38.91 -4.62 -37.28
N LEU H 2987 -37.61 -4.36 -37.42
CA LEU H 2987 -36.82 -3.90 -36.28
C LEU H 2987 -37.20 -2.48 -35.87
N ASP H 2988 -37.47 -1.62 -36.87
CA ASP H 2988 -37.85 -0.24 -36.56
C ASP H 2988 -39.25 -0.17 -35.97
N TYR H 2989 -40.15 -1.04 -36.42
CA TYR H 2989 -41.51 -1.02 -35.91
C TYR H 2989 -41.59 -1.50 -34.47
N LEU H 2990 -40.73 -2.45 -34.09
CA LEU H 2990 -40.75 -2.95 -32.72
C LEU H 2990 -40.13 -1.94 -31.75
N LYS H 2991 -39.09 -1.23 -32.19
CA LYS H 2991 -38.45 -0.25 -31.33
C LYS H 2991 -39.25 1.04 -31.22
N ASP H 2992 -40.01 1.40 -32.26
CA ASP H 2992 -40.79 2.62 -32.22
C ASP H 2992 -42.00 2.47 -31.30
N LYS H 2993 -42.73 1.36 -31.42
CA LYS H 2993 -43.90 1.14 -30.58
C LYS H 2993 -43.49 0.68 -29.17
N LYS H 2994 -42.53 -0.23 -29.08
CA LYS H 2994 -42.05 -0.77 -27.81
C LYS H 2994 -43.20 -1.36 -26.99
N GLU H 2995 -44.12 -2.03 -27.67
CA GLU H 2995 -45.28 -2.62 -27.02
C GLU H 2995 -44.93 -4.02 -26.51
N VAL H 2996 -45.14 -4.24 -25.22
CA VAL H 2996 -44.86 -5.54 -24.61
C VAL H 2996 -45.97 -6.52 -24.97
N GLY H 2997 -45.58 -7.69 -25.45
CA GLY H 2997 -46.55 -8.71 -25.82
C GLY H 2997 -46.15 -9.49 -27.05
N PHE H 2998 -45.21 -8.95 -27.83
CA PHE H 2998 -44.76 -9.64 -29.02
C PHE H 2998 -43.89 -10.84 -28.68
N PHE H 2999 -42.80 -10.60 -27.95
CA PHE H 2999 -41.92 -11.70 -27.55
C PHE H 2999 -42.59 -12.61 -26.52
N GLN H 3000 -43.51 -12.07 -25.71
CA GLN H 3000 -44.23 -12.90 -24.76
C GLN H 3000 -45.16 -13.89 -25.44
N SER H 3001 -45.69 -13.52 -26.61
CA SER H 3001 -46.56 -14.43 -27.36
C SER H 3001 -45.75 -15.55 -28.00
N ILE H 3002 -44.51 -15.25 -28.41
CA ILE H 3002 -43.67 -16.27 -29.01
C ILE H 3002 -43.28 -17.33 -27.99
N GLN H 3003 -43.00 -16.90 -26.75
CA GLN H 3003 -42.68 -17.86 -25.70
C GLN H 3003 -43.86 -18.76 -25.37
N ALA H 3004 -45.08 -18.22 -25.44
CA ALA H 3004 -46.26 -19.03 -25.16
C ALA H 3004 -46.51 -20.04 -26.28
N LEU H 3005 -46.23 -19.66 -27.53
CA LEU H 3005 -46.40 -20.58 -28.64
C LEU H 3005 -45.33 -21.66 -28.67
N MET H 3006 -44.20 -21.46 -27.97
CA MET H 3006 -43.15 -22.47 -27.94
C MET H 3006 -43.44 -23.57 -26.93
N GLN H 3007 -44.08 -23.23 -25.81
CA GLN H 3007 -44.37 -24.24 -24.79
C GLN H 3007 -45.60 -25.06 -25.12
N THR H 3008 -46.53 -24.51 -25.90
CA THR H 3008 -47.75 -25.22 -26.25
C THR H 3008 -47.54 -26.26 -27.35
N CYS H 3009 -46.33 -26.38 -27.87
CA CYS H 3009 -46.06 -27.38 -28.90
C CYS H 3009 -46.16 -28.78 -28.33
N SER H 3010 -46.89 -29.66 -29.03
CA SER H 3010 -47.08 -31.02 -28.58
C SER H 3010 -45.84 -31.84 -28.90
N VAL H 3011 -45.15 -32.30 -27.87
CA VAL H 3011 -43.94 -33.09 -28.01
C VAL H 3011 -44.32 -34.57 -28.03
N LEU H 3012 -43.48 -35.38 -28.67
CA LEU H 3012 -43.71 -36.81 -28.75
C LEU H 3012 -43.77 -37.43 -27.36
N ASP H 3013 -44.80 -38.22 -27.11
CA ASP H 3013 -44.99 -38.88 -25.82
C ASP H 3013 -45.40 -40.31 -26.06
N LEU H 3014 -44.91 -41.21 -25.20
CA LEU H 3014 -45.24 -42.63 -25.34
C LEU H 3014 -46.69 -42.90 -24.94
N ASN H 3015 -47.25 -42.08 -24.05
CA ASN H 3015 -48.64 -42.27 -23.65
C ASN H 3015 -49.59 -41.97 -24.81
N ALA H 3016 -49.33 -40.92 -25.57
CA ALA H 3016 -50.16 -40.61 -26.73
C ALA H 3016 -49.97 -41.63 -27.84
N PHE H 3017 -48.77 -42.22 -27.95
CA PHE H 3017 -48.54 -43.24 -28.97
C PHE H 3017 -49.27 -44.53 -28.66
N GLU H 3018 -49.55 -44.80 -27.38
CA GLU H 3018 -50.27 -46.01 -26.99
C GLU H 3018 -51.74 -45.95 -27.37
N ARG H 3019 -52.26 -44.80 -27.78
CA ARG H 3019 -53.66 -44.66 -28.16
C ARG H 3019 -53.89 -44.74 -29.66
N GLN H 3020 -52.94 -44.28 -30.47
CA GLN H 3020 -53.13 -44.31 -31.92
C GLN H 3020 -52.96 -45.72 -32.46
N ASN H 3021 -51.96 -46.45 -31.96
CA ASN H 3021 -51.77 -47.83 -32.41
C ASN H 3021 -52.87 -48.75 -31.91
N LYS H 3022 -53.43 -48.45 -30.74
CA LYS H 3022 -54.54 -49.25 -30.23
C LYS H 3022 -55.80 -49.03 -31.06
N ALA H 3023 -56.03 -47.78 -31.50
CA ALA H 3023 -57.18 -47.50 -32.36
C ALA H 3023 -56.97 -48.08 -33.76
N GLU H 3024 -55.73 -48.07 -34.24
CA GLU H 3024 -55.45 -48.65 -35.56
C GLU H 3024 -55.59 -50.16 -35.54
N GLY H 3025 -55.42 -50.79 -34.38
CA GLY H 3025 -55.58 -52.22 -34.28
C GLY H 3025 -57.02 -52.69 -34.39
N LEU H 3026 -57.98 -51.78 -34.27
CA LEU H 3026 -59.38 -52.15 -34.41
C LEU H 3026 -59.77 -52.49 -35.84
N GLY H 3027 -58.98 -52.04 -36.81
CA GLY H 3027 -59.23 -52.33 -38.22
C GLY H 3027 -59.19 -51.06 -39.05
N MET H 3028 -59.43 -51.24 -40.34
CA MET H 3028 -59.45 -50.15 -41.30
C MET H 3028 -60.86 -49.69 -41.65
N VAL H 3029 -61.84 -50.58 -41.61
CA VAL H 3029 -63.22 -50.25 -41.93
C VAL H 3029 -64.06 -50.32 -40.66
N ASN H 3030 -65.32 -49.92 -40.78
CA ASN H 3030 -66.27 -49.90 -39.68
C ASN H 3030 -67.30 -51.01 -39.86
N GLU H 3031 -68.28 -51.04 -38.96
CA GLU H 3031 -69.33 -52.04 -39.03
C GLU H 3031 -70.17 -51.87 -40.29
N ASP H 3032 -70.52 -50.63 -40.62
CA ASP H 3032 -71.31 -50.34 -41.82
C ASP H 3032 -70.37 -50.19 -43.02
N GLY H 3033 -70.92 -49.77 -44.16
CA GLY H 3033 -70.13 -49.61 -45.36
C GLY H 3033 -69.50 -48.23 -45.48
N THR H 3034 -68.82 -47.79 -44.42
CA THR H 3034 -68.17 -46.50 -44.40
C THR H 3034 -66.72 -46.67 -43.99
N VAL H 3035 -65.88 -45.75 -44.45
CA VAL H 3035 -64.45 -45.75 -44.16
C VAL H 3035 -64.15 -44.59 -43.22
N ILE H 3036 -63.11 -44.76 -42.40
CA ILE H 3036 -62.71 -43.74 -41.45
C ILE H 3036 -61.50 -42.97 -41.99
N GLY H 3037 -55.48 -37.69 -38.92
CA GLY H 3037 -55.61 -37.23 -37.54
C GLY H 3037 -54.59 -37.85 -36.61
N GLU H 3038 -53.31 -37.51 -36.83
CA GLU H 3038 -52.25 -38.04 -35.99
C GLU H 3038 -52.28 -37.37 -34.62
N LYS H 3039 -52.30 -38.20 -33.57
CA LYS H 3039 -52.32 -37.70 -32.20
C LYS H 3039 -50.93 -37.64 -31.58
N VAL H 3040 -49.92 -38.21 -32.24
CA VAL H 3040 -48.57 -38.19 -31.68
C VAL H 3040 -47.98 -36.79 -31.74
N MET H 3041 -48.40 -35.98 -32.71
CA MET H 3041 -47.88 -34.61 -32.83
C MET H 3041 -49.03 -33.61 -32.99
N ALA H 3042 -49.77 -33.71 -34.10
CA ALA H 3042 -50.89 -32.82 -34.40
C ALA H 3042 -50.44 -31.35 -34.46
N ASP H 3043 -49.15 -31.13 -34.69
CA ASP H 3043 -48.64 -29.75 -34.74
C ASP H 3043 -47.31 -29.64 -35.46
N ASP H 3044 -46.95 -30.57 -36.34
CA ASP H 3044 -45.67 -30.50 -37.02
C ASP H 3044 -45.63 -29.35 -38.02
N GLU H 3045 -46.77 -29.03 -38.63
CA GLU H 3045 -46.81 -27.92 -39.59
C GLU H 3045 -46.69 -26.58 -38.89
N PHE H 3046 -47.12 -26.50 -37.62
CA PHE H 3046 -47.04 -25.23 -36.89
C PHE H 3046 -45.67 -25.03 -36.27
N THR H 3047 -45.09 -26.08 -35.69
CA THR H 3047 -43.79 -25.95 -35.03
C THR H 3047 -42.68 -25.72 -36.06
N GLN H 3048 -42.76 -26.40 -37.21
CA GLN H 3048 -41.72 -26.24 -38.23
C GLN H 3048 -41.73 -24.82 -38.79
N ASP H 3049 -42.91 -24.24 -39.00
CA ASP H 3049 -42.99 -22.89 -39.52
C ASP H 3049 -42.69 -21.84 -38.44
N LEU H 3050 -42.91 -22.19 -37.17
CA LEU H 3050 -42.63 -21.24 -36.09
C LEU H 3050 -41.13 -21.03 -35.92
N PHE H 3051 -40.36 -22.12 -35.89
CA PHE H 3051 -38.91 -22.00 -35.78
C PHE H 3051 -38.29 -21.43 -37.05
N ARG H 3052 -38.91 -21.69 -38.20
CA ARG H 3052 -38.40 -21.13 -39.45
C ARG H 3052 -38.61 -19.62 -39.49
N PHE H 3053 -39.66 -19.11 -38.85
CA PHE H 3053 -39.88 -17.67 -38.81
C PHE H 3053 -38.80 -16.96 -38.02
N LEU H 3054 -38.43 -17.52 -36.86
CA LEU H 3054 -37.37 -16.91 -36.05
C LEU H 3054 -36.00 -17.11 -36.67
N GLN H 3055 -35.81 -18.23 -37.38
CA GLN H 3055 -34.53 -18.47 -38.04
C GLN H 3055 -34.35 -17.52 -39.23
N LEU H 3056 -35.41 -17.28 -39.99
CA LEU H 3056 -35.33 -16.39 -41.14
C LEU H 3056 -35.21 -14.93 -40.76
N LEU H 3057 -35.47 -14.58 -39.50
CA LEU H 3057 -35.32 -13.20 -39.07
C LEU H 3057 -33.85 -12.78 -39.02
N CYS H 3058 -32.95 -13.72 -38.75
CA CYS H 3058 -31.52 -13.46 -38.70
C CYS H 3058 -30.77 -14.24 -39.77
N GLU H 3059 -31.46 -14.59 -40.86
CA GLU H 3059 -30.83 -15.34 -41.94
C GLU H 3059 -29.83 -14.51 -42.72
N GLY H 3060 -29.98 -13.18 -42.72
CA GLY H 3060 -29.07 -12.29 -43.41
C GLY H 3060 -27.77 -12.01 -42.71
N HIS H 3061 -27.45 -12.76 -41.65
CA HIS H 3061 -26.21 -12.59 -40.89
C HIS H 3061 -26.07 -11.17 -40.33
N ASN H 3062 -27.19 -10.54 -40.01
CA ASN H 3062 -27.19 -9.20 -39.44
C ASN H 3062 -27.10 -9.28 -37.93
N ASN H 3063 -26.20 -8.48 -37.35
CA ASN H 3063 -25.98 -8.50 -35.90
C ASN H 3063 -26.88 -7.53 -35.15
N ASP H 3064 -27.53 -6.59 -35.85
CA ASP H 3064 -28.40 -5.64 -35.17
C ASP H 3064 -29.68 -6.30 -34.67
N PHE H 3065 -30.20 -7.27 -35.42
CA PHE H 3065 -31.42 -7.96 -35.01
C PHE H 3065 -31.15 -9.00 -33.94
N GLN H 3066 -29.93 -9.54 -33.88
CA GLN H 3066 -29.62 -10.53 -32.87
C GLN H 3066 -29.55 -9.92 -31.47
N ASN H 3067 -29.15 -8.65 -31.38
CA ASN H 3067 -29.08 -7.99 -30.08
C ASN H 3067 -30.46 -7.66 -29.51
N TYR H 3068 -31.49 -7.66 -30.35
CA TYR H 3068 -32.84 -7.36 -29.90
C TYR H 3068 -33.55 -8.59 -29.34
N LEU H 3069 -33.03 -9.78 -29.57
CA LEU H 3069 -33.65 -10.99 -29.05
C LEU H 3069 -33.20 -11.33 -27.64
N ARG H 3070 -31.97 -10.99 -27.27
CA ARG H 3070 -31.48 -11.24 -25.93
C ARG H 3070 -32.11 -10.29 -24.93
N THR H 3071 -31.80 -9.00 -25.04
CA THR H 3071 -32.34 -7.97 -24.17
C THR H 3071 -33.01 -6.89 -25.01
N GLN H 3072 -33.82 -6.07 -24.35
CA GLN H 3072 -34.55 -4.99 -24.99
C GLN H 3072 -34.17 -3.67 -24.34
N THR H 3073 -33.83 -2.68 -25.15
CA THR H 3073 -33.46 -1.36 -24.65
C THR H 3073 -34.66 -0.44 -24.44
N GLY H 3074 -35.78 -0.72 -25.11
CA GLY H 3074 -36.96 0.11 -24.96
C GLY H 3074 -38.02 -0.53 -24.08
N ASN H 3075 -38.19 -1.85 -24.20
CA ASN H 3075 -39.17 -2.56 -23.41
C ASN H 3075 -38.72 -2.64 -21.96
N THR H 3076 -39.64 -3.07 -21.10
CA THR H 3076 -39.38 -3.19 -19.67
C THR H 3076 -39.26 -4.64 -19.20
N THR H 3077 -39.53 -5.61 -20.06
CA THR H 3077 -39.47 -7.02 -19.69
C THR H 3077 -38.50 -7.74 -20.60
N THR H 3078 -37.62 -8.54 -20.01
CA THR H 3078 -36.64 -9.33 -20.76
C THR H 3078 -37.15 -10.76 -20.90
N ILE H 3079 -37.20 -11.25 -22.13
CA ILE H 3079 -37.70 -12.59 -22.44
C ILE H 3079 -36.56 -13.53 -22.82
N ASN H 3080 -35.66 -13.08 -23.69
CA ASN H 3080 -34.55 -13.90 -24.18
C ASN H 3080 -35.07 -15.18 -24.83
N ILE H 3081 -35.47 -15.10 -26.11
CA ILE H 3081 -36.01 -16.25 -26.80
C ILE H 3081 -34.94 -17.32 -27.01
N ILE H 3082 -33.67 -16.92 -27.04
CA ILE H 3082 -32.59 -17.88 -27.22
C ILE H 3082 -32.56 -18.87 -26.06
N ILE H 3083 -32.78 -18.40 -24.84
CA ILE H 3083 -32.87 -19.30 -23.70
C ILE H 3083 -34.12 -20.16 -23.80
N CYS H 3084 -35.24 -19.57 -24.23
CA CYS H 3084 -36.46 -20.35 -24.43
C CYS H 3084 -36.34 -21.30 -25.61
N THR H 3085 -35.45 -21.03 -26.56
CA THR H 3085 -35.27 -21.93 -27.69
C THR H 3085 -34.56 -23.22 -27.28
N VAL H 3086 -33.50 -23.10 -26.48
CA VAL H 3086 -32.78 -24.29 -26.02
C VAL H 3086 -33.58 -25.06 -24.97
N ASP H 3087 -34.48 -24.39 -24.24
CA ASP H 3087 -35.34 -25.11 -23.30
C ASP H 3087 -36.32 -26.01 -24.04
N TYR H 3088 -36.69 -25.64 -25.27
CA TYR H 3088 -37.57 -26.51 -26.06
C TYR H 3088 -36.83 -27.77 -26.51
N LEU H 3089 -35.54 -27.65 -26.79
CA LEU H 3089 -34.76 -28.81 -27.20
C LEU H 3089 -34.57 -29.80 -26.05
N LEU H 3090 -34.60 -29.32 -24.82
CA LEU H 3090 -34.44 -30.21 -23.66
C LEU H 3090 -35.59 -31.19 -23.57
N ARG H 3091 -36.82 -30.72 -23.82
CA ARG H 3091 -37.99 -31.59 -23.77
C ARG H 3091 -38.13 -32.46 -25.02
N LEU H 3092 -37.37 -32.17 -26.08
CA LEU H 3092 -37.39 -33.01 -27.27
C LEU H 3092 -36.40 -34.16 -27.19
N GLN H 3093 -35.26 -33.95 -26.52
CA GLN H 3093 -34.30 -35.04 -26.34
C GLN H 3093 -34.86 -36.15 -25.47
N GLU H 3094 -35.68 -35.80 -24.47
CA GLU H 3094 -36.27 -36.80 -23.60
C GLU H 3094 -37.23 -37.69 -24.36
N SER H 3095 -37.91 -37.16 -25.38
CA SER H 3095 -38.85 -37.96 -26.16
C SER H 3095 -38.11 -38.97 -27.03
N ILE H 3096 -37.07 -38.52 -27.74
CA ILE H 3096 -36.32 -39.43 -28.60
C ILE H 3096 -35.56 -40.45 -27.76
N SER H 3097 -35.10 -40.06 -26.57
CA SER H 3097 -34.39 -41.00 -25.70
C SER H 3097 -35.34 -42.07 -25.16
N ASP H 3098 -36.51 -41.66 -24.69
CA ASP H 3098 -37.48 -42.62 -24.19
C ASP H 3098 -38.10 -43.46 -25.30
N PHE H 3099 -38.10 -42.97 -26.53
CA PHE H 3099 -38.64 -43.73 -27.65
C PHE H 3099 -37.71 -44.85 -28.09
N TYR H 3100 -36.40 -44.68 -27.88
CA TYR H 3100 -35.44 -45.72 -28.25
C TYR H 3100 -35.55 -46.93 -27.33
N TRP H 3101 -35.74 -46.69 -26.02
CA TRP H 3101 -35.85 -47.81 -25.09
C TRP H 3101 -37.15 -48.57 -25.28
N TYR H 3102 -38.19 -47.92 -25.81
CA TYR H 3102 -39.44 -48.63 -26.07
C TYR H 3102 -39.31 -49.59 -27.24
N TYR H 3103 -38.46 -49.27 -28.22
CA TYR H 3103 -38.22 -50.12 -29.37
C TYR H 3103 -36.86 -50.82 -29.30
N SER H 3104 -36.16 -50.75 -28.16
CA SER H 3104 -34.87 -51.41 -28.03
C SER H 3104 -35.03 -52.92 -28.03
N GLY H 3105 -36.04 -53.43 -27.33
CA GLY H 3105 -36.27 -54.87 -27.31
C GLY H 3105 -36.75 -55.41 -28.64
N LYS H 3106 -37.49 -54.60 -29.40
CA LYS H 3106 -37.97 -55.04 -30.70
C LYS H 3106 -36.83 -55.13 -31.70
N ASP H 3107 -36.86 -56.19 -32.52
CA ASP H 3107 -35.81 -56.40 -33.50
C ASP H 3107 -35.94 -55.44 -34.69
N VAL H 3108 -37.17 -55.24 -35.17
CA VAL H 3108 -37.44 -54.39 -36.32
C VAL H 3108 -38.44 -53.32 -35.91
N ILE H 3109 -38.22 -52.09 -36.40
CA ILE H 3109 -39.12 -50.99 -36.08
C ILE H 3109 -40.44 -51.19 -36.82
N GLU H 3110 -41.54 -50.98 -36.10
CA GLU H 3110 -42.87 -51.15 -36.69
C GLU H 3110 -43.12 -50.10 -37.78
N GLU H 3111 -44.08 -50.40 -38.65
CA GLU H 3111 -44.42 -49.48 -39.73
C GLU H 3111 -45.08 -48.22 -39.19
N GLN H 3112 -45.93 -48.36 -38.18
CA GLN H 3112 -46.57 -47.18 -37.59
C GLN H 3112 -45.57 -46.33 -36.82
N GLY H 3113 -44.66 -46.98 -36.09
CA GLY H 3113 -43.63 -46.24 -35.36
C GLY H 3113 -42.60 -45.59 -36.25
N LYS H 3114 -42.47 -46.04 -37.50
CA LYS H 3114 -41.51 -45.43 -38.42
C LYS H 3114 -41.97 -44.05 -38.85
N ARG H 3115 -43.27 -43.88 -39.10
CA ARG H 3115 -43.79 -42.56 -39.46
C ARG H 3115 -43.78 -41.61 -38.27
N ASN H 3116 -44.00 -42.13 -37.06
CA ASN H 3116 -43.97 -41.28 -35.88
C ASN H 3116 -42.56 -40.81 -35.57
N PHE H 3117 -41.57 -41.71 -35.69
CA PHE H 3117 -40.19 -41.33 -35.42
C PHE H 3117 -39.63 -40.42 -36.50
N SER H 3118 -40.13 -40.54 -37.73
CA SER H 3118 -39.64 -39.69 -38.82
C SER H 3118 -40.05 -38.25 -38.61
N LYS H 3119 -41.26 -38.02 -38.09
CA LYS H 3119 -41.71 -36.65 -37.85
C LYS H 3119 -40.96 -36.00 -36.70
N ALA H 3120 -40.48 -36.81 -35.75
CA ALA H 3120 -39.72 -36.26 -34.62
C ALA H 3120 -38.35 -35.77 -35.06
N MET H 3121 -37.76 -36.39 -36.09
CA MET H 3121 -36.45 -35.96 -36.57
C MET H 3121 -36.54 -34.73 -37.47
N SER H 3122 -37.66 -34.55 -38.16
CA SER H 3122 -37.83 -33.37 -39.01
C SER H 3122 -37.94 -32.11 -38.17
N VAL H 3123 -38.64 -32.18 -37.04
CA VAL H 3123 -38.72 -31.03 -36.14
C VAL H 3123 -37.37 -30.78 -35.47
N ALA H 3124 -36.66 -31.85 -35.13
CA ALA H 3124 -35.33 -31.71 -34.54
C ALA H 3124 -34.32 -31.15 -35.53
N LYS H 3125 -34.58 -31.28 -36.83
CA LYS H 3125 -33.67 -30.71 -37.83
C LYS H 3125 -33.83 -29.20 -37.93
N GLN H 3126 -35.03 -28.69 -37.67
CA GLN H 3126 -35.27 -27.25 -37.80
C GLN H 3126 -34.78 -26.50 -36.57
N VAL H 3127 -34.89 -27.10 -35.38
CA VAL H 3127 -34.47 -26.41 -34.17
C VAL H 3127 -32.95 -26.25 -34.14
N PHE H 3128 -32.21 -27.18 -34.75
CA PHE H 3128 -30.76 -27.04 -34.83
C PHE H 3128 -30.37 -26.02 -35.90
N ASN H 3129 -31.10 -26.00 -37.01
CA ASN H 3129 -30.85 -25.00 -38.04
C ASN H 3129 -31.22 -23.59 -37.58
N SER H 3130 -32.07 -23.47 -36.56
CA SER H 3130 -32.40 -22.16 -36.01
C SER H 3130 -31.39 -21.70 -34.96
N LEU H 3131 -30.66 -22.63 -34.35
CA LEU H 3131 -29.65 -22.25 -33.36
C LEU H 3131 -28.36 -21.79 -34.02
N THR H 3132 -28.00 -22.37 -35.17
CA THR H 3132 -26.78 -21.96 -35.86
C THR H 3132 -26.93 -20.57 -36.48
N GLU H 3133 -28.16 -20.12 -36.73
CA GLU H 3133 -28.35 -18.76 -37.24
C GLU H 3133 -28.10 -17.72 -36.17
N TYR H 3134 -28.32 -18.07 -34.90
CA TYR H 3134 -28.04 -17.15 -33.80
C TYR H 3134 -26.56 -17.05 -33.46
N ILE H 3135 -25.79 -18.09 -33.80
CA ILE H 3135 -24.35 -18.08 -33.53
C ILE H 3135 -23.61 -18.03 -34.87
N GLN H 3136 -23.93 -17.04 -35.68
CA GLN H 3136 -23.23 -16.88 -36.96
C GLN H 3136 -22.01 -15.97 -36.79
N GLY H 3137 -22.24 -14.66 -36.65
CA GLY H 3137 -21.18 -13.72 -36.40
C GLY H 3137 -20.71 -13.79 -34.96
N PRO H 3138 -19.40 -13.63 -34.75
CA PRO H 3138 -18.86 -13.70 -33.39
C PRO H 3138 -19.36 -12.57 -32.51
N CYS H 3139 -20.60 -12.68 -32.03
CA CYS H 3139 -21.19 -11.68 -31.15
C CYS H 3139 -20.95 -12.07 -29.70
N THR H 3140 -20.39 -11.15 -28.92
CA THR H 3140 -20.08 -11.44 -27.53
C THR H 3140 -21.32 -11.70 -26.68
N GLY H 3141 -22.46 -11.14 -27.06
CA GLY H 3141 -23.68 -11.37 -26.30
C GLY H 3141 -24.24 -12.76 -26.47
N ASN H 3142 -24.07 -13.35 -27.65
CA ASN H 3142 -24.61 -14.69 -27.90
C ASN H 3142 -23.72 -15.79 -27.31
N GLN H 3143 -22.43 -15.53 -27.19
CA GLN H 3143 -21.53 -16.54 -26.63
C GLN H 3143 -21.79 -16.77 -25.14
N GLN H 3144 -22.06 -15.70 -24.41
CA GLN H 3144 -22.31 -15.81 -22.97
C GLN H 3144 -23.67 -16.43 -22.67
N SER H 3145 -24.60 -16.40 -23.63
CA SER H 3145 -25.92 -16.96 -23.40
C SER H 3145 -25.91 -18.48 -23.51
N LEU H 3146 -25.28 -19.01 -24.56
CA LEU H 3146 -25.23 -20.46 -24.75
C LEU H 3146 -24.25 -21.13 -23.79
N ALA H 3147 -23.34 -20.37 -23.19
CA ALA H 3147 -22.37 -20.97 -22.28
C ALA H 3147 -23.03 -21.36 -20.95
N HIS H 3148 -23.86 -20.48 -20.40
CA HIS H 3148 -24.53 -20.72 -19.14
C HIS H 3148 -25.91 -21.36 -19.31
N SER H 3149 -26.21 -21.88 -20.50
CA SER H 3149 -27.48 -22.51 -20.77
C SER H 3149 -27.36 -24.03 -20.56
N ARG H 3150 -28.41 -24.75 -20.93
CA ARG H 3150 -28.44 -26.21 -20.81
C ARG H 3150 -28.32 -26.89 -22.17
N LEU H 3151 -27.52 -26.30 -23.06
CA LEU H 3151 -27.32 -26.89 -24.38
C LEU H 3151 -26.30 -28.01 -24.35
N TRP H 3152 -25.28 -27.89 -23.50
CA TRP H 3152 -24.27 -28.95 -23.40
C TRP H 3152 -24.86 -30.23 -22.83
N ASP H 3153 -25.85 -30.11 -21.95
CA ASP H 3153 -26.50 -31.29 -21.38
C ASP H 3153 -27.58 -31.87 -22.29
N ALA H 3154 -27.91 -31.19 -23.38
CA ALA H 3154 -28.91 -31.69 -24.32
C ALA H 3154 -28.30 -32.39 -25.53
N VAL H 3155 -27.09 -32.02 -25.92
CA VAL H 3155 -26.44 -32.66 -27.07
C VAL H 3155 -25.89 -34.03 -26.67
N VAL H 3156 -25.56 -34.23 -25.40
CA VAL H 3156 -25.07 -35.54 -24.96
C VAL H 3156 -26.16 -36.60 -25.04
N GLY H 3157 -27.42 -36.19 -24.93
CA GLY H 3157 -28.52 -37.14 -25.04
C GLY H 3157 -28.72 -37.64 -26.46
N PHE H 3158 -28.49 -36.76 -27.45
CA PHE H 3158 -28.65 -37.17 -28.84
C PHE H 3158 -27.53 -38.10 -29.29
N LEU H 3159 -26.31 -37.91 -28.75
CA LEU H 3159 -25.20 -38.78 -29.11
C LEU H 3159 -25.43 -40.21 -28.62
N HIS H 3160 -26.20 -40.38 -27.55
CA HIS H 3160 -26.46 -41.71 -27.04
C HIS H 3160 -27.45 -42.46 -27.92
N VAL H 3161 -28.49 -41.77 -28.40
CA VAL H 3161 -29.49 -42.43 -29.24
C VAL H 3161 -29.01 -42.56 -30.68
N PHE H 3162 -28.20 -41.62 -31.16
CA PHE H 3162 -27.71 -41.70 -32.53
C PHE H 3162 -26.72 -42.84 -32.70
N ALA H 3163 -25.92 -43.12 -31.68
CA ALA H 3163 -24.92 -44.18 -31.77
C ALA H 3163 -25.54 -45.57 -31.77
N HIS H 3164 -26.81 -45.70 -31.39
CA HIS H 3164 -27.50 -46.98 -31.38
C HIS H 3164 -28.50 -47.16 -32.49
N MET H 3165 -29.07 -46.08 -33.02
CA MET H 3165 -30.03 -46.21 -34.11
C MET H 3165 -29.35 -46.52 -35.45
N MET H 3166 -28.13 -46.00 -35.65
CA MET H 3166 -27.43 -46.27 -36.90
C MET H 3166 -26.94 -47.72 -36.97
N MET H 3167 -26.70 -48.35 -35.82
CA MET H 3167 -26.28 -49.75 -35.81
C MET H 3167 -27.43 -50.69 -36.11
N LYS H 3168 -28.66 -50.31 -35.73
CA LYS H 3168 -29.81 -51.14 -36.02
C LYS H 3168 -30.35 -50.88 -37.43
N LEU H 3169 -30.24 -49.65 -37.92
CA LEU H 3169 -30.71 -49.34 -39.26
C LEU H 3169 -29.78 -49.89 -40.33
N ALA H 3170 -28.50 -50.10 -40.00
CA ALA H 3170 -27.56 -50.65 -40.98
C ALA H 3170 -27.82 -52.14 -41.21
N GLN H 3171 -28.19 -52.87 -40.16
CA GLN H 3171 -28.47 -54.29 -40.31
C GLN H 3171 -29.80 -54.52 -41.02
N ASP H 3172 -30.80 -53.71 -40.73
CA ASP H 3172 -32.11 -53.83 -41.36
C ASP H 3172 -32.07 -53.23 -42.75
N SER H 3173 -32.26 -54.08 -43.77
CA SER H 3173 -32.23 -53.60 -45.14
C SER H 3173 -33.49 -52.82 -45.52
N SER H 3174 -34.56 -52.93 -44.74
CA SER H 3174 -35.80 -52.21 -45.02
C SER H 3174 -35.82 -50.82 -44.41
N GLN H 3175 -35.01 -50.56 -43.39
CA GLN H 3175 -34.98 -49.26 -42.73
C GLN H 3175 -34.02 -48.35 -43.50
N ILE H 3176 -34.52 -47.85 -44.64
CA ILE H 3176 -33.75 -46.96 -45.49
C ILE H 3176 -34.26 -45.51 -45.38
N GLU H 3177 -35.58 -45.34 -45.27
CA GLU H 3177 -36.13 -43.99 -45.14
C GLU H 3177 -35.66 -43.32 -43.85
N LEU H 3178 -35.57 -44.08 -42.76
CA LEU H 3178 -35.10 -43.52 -41.50
C LEU H 3178 -33.59 -43.33 -41.49
N LEU H 3179 -32.85 -44.15 -42.22
CA LEU H 3179 -31.39 -44.03 -42.23
C LEU H 3179 -30.95 -42.74 -42.91
N LYS H 3180 -31.65 -42.33 -43.98
CA LYS H 3180 -31.28 -41.12 -44.69
C LYS H 3180 -31.61 -39.87 -43.87
N GLU H 3181 -32.63 -39.94 -43.01
CA GLU H 3181 -33.02 -38.79 -42.22
C GLU H 3181 -32.18 -38.65 -40.95
N LEU H 3182 -31.78 -39.77 -40.35
CA LEU H 3182 -30.96 -39.71 -39.15
C LEU H 3182 -29.59 -39.12 -39.45
N LEU H 3183 -29.01 -39.47 -40.61
CA LEU H 3183 -27.71 -38.91 -40.98
C LEU H 3183 -27.81 -37.45 -41.38
N ASP H 3184 -29.00 -36.97 -41.74
CA ASP H 3184 -29.15 -35.56 -42.12
C ASP H 3184 -29.06 -34.66 -40.91
N LEU H 3185 -29.69 -35.04 -39.80
CA LEU H 3185 -29.60 -34.25 -38.57
C LEU H 3185 -28.21 -34.30 -37.97
N GLN H 3186 -27.53 -35.44 -38.08
CA GLN H 3186 -26.17 -35.54 -37.57
C GLN H 3186 -25.24 -34.57 -38.28
N LYS H 3187 -25.46 -34.35 -39.59
CA LYS H 3187 -24.67 -33.37 -40.31
C LYS H 3187 -25.02 -31.95 -39.89
N ASP H 3188 -26.29 -31.71 -39.60
CA ASP H 3188 -26.74 -30.39 -39.17
C ASP H 3188 -26.48 -30.12 -37.70
N MET H 3189 -26.12 -31.14 -36.92
CA MET H 3189 -25.83 -30.96 -35.50
C MET H 3189 -24.38 -30.57 -35.25
N VAL H 3190 -23.45 -31.14 -36.02
CA VAL H 3190 -22.04 -30.83 -35.81
C VAL H 3190 -21.71 -29.43 -36.31
N VAL H 3191 -22.44 -28.94 -37.31
CA VAL H 3191 -22.19 -27.59 -37.81
C VAL H 3191 -22.72 -26.52 -36.87
N MET H 3192 -23.61 -26.88 -35.95
CA MET H 3192 -24.08 -25.91 -34.96
C MET H 3192 -22.99 -25.58 -33.94
N LEU H 3193 -22.19 -26.59 -33.57
CA LEU H 3193 -21.08 -26.35 -32.65
C LEU H 3193 -19.88 -25.75 -33.37
N LEU H 3194 -19.72 -26.01 -34.66
CA LEU H 3194 -18.62 -25.41 -35.41
C LEU H 3194 -18.81 -23.91 -35.55
N SER H 3195 -20.05 -23.44 -35.69
CA SER H 3195 -20.29 -22.01 -35.76
C SER H 3195 -19.98 -21.32 -34.43
N LEU H 3196 -20.08 -22.06 -33.33
CA LEU H 3196 -19.72 -21.50 -32.03
C LEU H 3196 -18.21 -21.42 -31.84
N LEU H 3197 -17.49 -22.48 -32.25
CA LEU H 3197 -16.05 -22.53 -32.12
C LEU H 3197 -15.34 -21.60 -33.11
N GLU H 3198 -16.04 -21.10 -34.13
CA GLU H 3198 -15.41 -20.19 -35.08
C GLU H 3198 -15.01 -18.88 -34.42
N GLY H 3199 -15.86 -18.36 -33.54
CA GLY H 3199 -15.56 -17.13 -32.81
C GLY H 3199 -14.83 -17.32 -31.50
N ASN H 3200 -14.66 -18.55 -31.05
CA ASN H 3200 -13.96 -18.79 -29.79
C ASN H 3200 -12.46 -18.61 -29.97
N VAL H 3201 -11.81 -18.03 -28.95
CA VAL H 3201 -10.38 -17.80 -28.97
C VAL H 3201 -9.66 -19.01 -28.41
N VAL H 3202 -8.34 -18.94 -28.33
CA VAL H 3202 -7.55 -20.04 -27.80
C VAL H 3202 -7.68 -20.09 -26.28
N ASN H 3203 -7.72 -21.30 -25.74
CA ASN H 3203 -7.84 -21.57 -24.30
C ASN H 3203 -8.87 -20.64 -23.64
N GLY H 3204 -10.07 -20.62 -24.21
CA GLY H 3204 -11.15 -19.82 -23.70
C GLY H 3204 -12.16 -20.62 -22.90
N MET H 3205 -12.97 -19.92 -22.11
CA MET H 3205 -13.96 -20.58 -21.28
C MET H 3205 -15.11 -21.15 -22.09
N ILE H 3206 -15.36 -20.62 -23.29
CA ILE H 3206 -16.44 -21.16 -24.12
C ILE H 3206 -16.05 -22.52 -24.68
N ALA H 3207 -14.78 -22.71 -25.00
CA ALA H 3207 -14.29 -23.99 -25.50
C ALA H 3207 -13.93 -24.97 -24.39
N ARG H 3208 -13.83 -24.49 -23.15
CA ARG H 3208 -13.52 -25.40 -22.04
C ARG H 3208 -14.69 -26.32 -21.73
N GLN H 3209 -15.92 -25.82 -21.84
CA GLN H 3209 -17.09 -26.66 -21.63
C GLN H 3209 -17.23 -27.72 -22.71
N MET H 3210 -16.67 -27.47 -23.90
CA MET H 3210 -16.71 -28.47 -24.95
C MET H 3210 -15.88 -29.70 -24.61
N VAL H 3211 -14.77 -29.50 -23.87
CA VAL H 3211 -13.96 -30.64 -23.45
C VAL H 3211 -14.73 -31.52 -22.47
N ASP H 3212 -15.50 -30.89 -21.57
CA ASP H 3212 -16.30 -31.66 -20.63
C ASP H 3212 -17.45 -32.39 -21.34
N MET H 3213 -17.93 -31.83 -22.45
CA MET H 3213 -19.00 -32.49 -23.20
C MET H 3213 -18.48 -33.74 -23.90
N LEU H 3214 -17.29 -33.67 -24.49
CA LEU H 3214 -16.73 -34.82 -25.17
C LEU H 3214 -16.23 -35.87 -24.19
N VAL H 3215 -15.77 -35.46 -23.01
CA VAL H 3215 -15.28 -36.42 -22.03
C VAL H 3215 -16.45 -37.15 -21.36
N GLU H 3216 -17.59 -36.47 -21.20
CA GLU H 3216 -18.74 -37.11 -20.58
C GLU H 3216 -19.33 -38.18 -21.51
N SER H 3217 -19.38 -37.91 -22.80
CA SER H 3217 -19.90 -38.87 -23.77
C SER H 3217 -18.78 -39.48 -24.59
N SER H 3218 -17.73 -39.96 -23.92
CA SER H 3218 -16.62 -40.58 -24.63
C SER H 3218 -17.04 -41.90 -25.27
N SER H 3219 -17.89 -42.65 -24.59
CA SER H 3219 -18.36 -43.93 -25.15
C SER H 3219 -19.40 -43.71 -26.25
N ASN H 3220 -20.19 -42.64 -26.15
CA ASN H 3220 -21.18 -42.36 -27.18
C ASN H 3220 -20.53 -41.95 -28.50
N VAL H 3221 -19.50 -41.10 -28.43
CA VAL H 3221 -18.82 -40.67 -29.64
C VAL H 3221 -17.91 -41.77 -30.19
N GLU H 3222 -17.54 -42.75 -29.35
CA GLU H 3222 -16.69 -43.84 -29.83
C GLU H 3222 -17.44 -44.80 -30.73
N MET H 3223 -18.77 -44.88 -30.57
CA MET H 3223 -19.56 -45.80 -31.39
C MET H 3223 -19.90 -45.21 -32.76
N ILE H 3224 -20.09 -43.89 -32.85
CA ILE H 3224 -20.41 -43.29 -34.13
C ILE H 3224 -19.17 -43.17 -35.00
N LEU H 3225 -17.99 -43.00 -34.40
CA LEU H 3225 -16.76 -42.92 -35.20
C LEU H 3225 -16.38 -44.28 -35.76
N LYS H 3226 -16.50 -45.34 -34.94
CA LYS H 3226 -16.18 -46.68 -35.43
C LYS H 3226 -17.21 -47.17 -36.44
N PHE H 3227 -18.44 -46.64 -36.38
CA PHE H 3227 -19.45 -47.00 -37.37
C PHE H 3227 -19.09 -46.50 -38.75
N PHE H 3228 -18.45 -45.33 -38.84
CA PHE H 3228 -18.02 -44.80 -40.13
C PHE H 3228 -16.73 -45.45 -40.62
N ASP H 3229 -15.91 -45.97 -39.70
CA ASP H 3229 -14.67 -46.64 -40.11
C ASP H 3229 -14.95 -47.90 -40.90
N MET H 3230 -16.06 -48.60 -40.60
CA MET H 3230 -16.40 -49.80 -41.35
C MET H 3230 -16.85 -49.46 -42.78
N PHE H 3231 -17.42 -48.27 -42.98
CA PHE H 3231 -17.86 -47.85 -44.30
C PHE H 3231 -16.83 -47.01 -45.03
N LEU H 3232 -15.91 -46.37 -44.31
CA LEU H 3232 -14.87 -45.59 -44.96
C LEU H 3232 -13.86 -46.50 -45.66
N LYS H 3233 -13.37 -47.52 -44.96
CA LYS H 3233 -12.44 -48.47 -45.56
C LYS H 3233 -13.13 -49.41 -46.53
N LEU H 3234 -14.46 -49.49 -46.49
CA LEU H 3234 -15.18 -50.37 -47.41
C LEU H 3234 -15.06 -49.89 -48.86
N LYS H 3235 -14.96 -48.57 -49.06
CA LYS H 3235 -14.83 -48.04 -50.41
C LYS H 3235 -13.47 -48.40 -51.01
N ASP H 3236 -12.41 -48.36 -50.19
CA ASP H 3236 -11.07 -48.66 -50.70
C ASP H 3236 -10.86 -50.16 -50.91
N ILE H 3237 -11.44 -51.00 -50.06
CA ILE H 3237 -11.25 -52.44 -50.19
C ILE H 3237 -11.99 -52.98 -51.41
N VAL H 3238 -13.26 -52.61 -51.55
CA VAL H 3238 -14.04 -53.09 -52.69
C VAL H 3238 -13.58 -52.42 -53.97
N GLY H 3239 -13.20 -51.14 -53.90
CA GLY H 3239 -12.77 -50.45 -55.09
C GLY H 3239 -11.44 -50.94 -55.64
N SER H 3240 -10.56 -51.43 -54.77
CA SER H 3240 -9.27 -51.94 -55.20
C SER H 3240 -9.44 -53.30 -55.90
N GLU H 3241 -8.39 -53.71 -56.60
CA GLU H 3241 -8.39 -55.00 -57.29
C GLU H 3241 -8.28 -56.18 -56.35
N ALA H 3242 -7.93 -55.96 -55.08
CA ALA H 3242 -7.82 -57.07 -54.14
C ALA H 3242 -9.16 -57.70 -53.83
N PHE H 3243 -10.26 -56.97 -53.98
CA PHE H 3243 -11.58 -57.54 -53.72
C PHE H 3243 -11.92 -58.62 -54.76
N GLN H 3244 -11.68 -58.34 -56.03
CA GLN H 3244 -11.96 -59.32 -57.08
C GLN H 3244 -10.96 -60.47 -57.08
N ASP H 3245 -9.78 -60.27 -56.49
CA ASP H 3245 -8.79 -61.34 -56.46
C ASP H 3245 -9.21 -62.46 -55.51
N TYR H 3246 -9.81 -62.11 -54.37
CA TYR H 3246 -10.27 -63.13 -53.44
C TYR H 3246 -11.45 -63.91 -54.00
N VAL H 3247 -12.34 -63.24 -54.73
CA VAL H 3247 -13.50 -63.89 -55.34
C VAL H 3247 -13.82 -63.21 -56.65
N THR H 3248 -13.85 -63.99 -57.74
CA THR H 3248 -14.13 -63.47 -59.07
C THR H 3248 -15.35 -64.15 -59.69
N ASP H 3249 -16.27 -64.62 -58.87
CA ASP H 3249 -17.46 -65.30 -59.36
C ASP H 3249 -18.43 -64.27 -59.93
N PRO H 3250 -18.78 -64.35 -61.22
CA PRO H 3250 -19.72 -63.37 -61.79
C PRO H 3250 -21.13 -63.49 -61.24
N ARG H 3251 -21.53 -64.66 -60.76
CA ARG H 3251 -22.88 -64.83 -60.24
C ARG H 3251 -23.07 -64.09 -58.93
N GLY H 3252 -22.28 -64.43 -57.92
CA GLY H 3252 -22.39 -63.78 -56.63
C GLY H 3252 -21.13 -63.95 -55.81
N LEU H 3253 -20.97 -63.07 -54.82
CA LEU H 3253 -19.80 -63.05 -53.95
C LEU H 3253 -20.31 -63.06 -52.51
N ILE H 3254 -20.52 -64.26 -51.96
CA ILE H 3254 -20.98 -64.44 -50.59
C ILE H 3254 -20.04 -65.45 -49.92
N SER H 3255 -19.15 -64.95 -49.07
CA SER H 3255 -18.20 -65.78 -48.35
C SER H 3255 -17.58 -64.95 -47.24
N LYS H 3256 -16.85 -65.63 -46.35
CA LYS H 3256 -16.20 -64.92 -45.25
C LYS H 3256 -14.98 -64.14 -45.73
N LYS H 3257 -14.22 -64.69 -46.67
CA LYS H 3257 -13.04 -64.02 -47.19
C LYS H 3257 -13.36 -62.92 -48.18
N ASP H 3258 -14.63 -62.77 -48.58
CA ASP H 3258 -14.98 -61.72 -49.54
C ASP H 3258 -15.05 -60.35 -48.87
N PHE H 3259 -15.54 -60.29 -47.63
CA PHE H 3259 -15.69 -59.04 -46.90
C PHE H 3259 -14.63 -58.86 -45.83
N GLN H 3260 -13.65 -59.76 -45.75
CA GLN H 3260 -12.59 -59.68 -44.76
C GLN H 3260 -11.26 -60.00 -45.41
N LYS H 3261 -10.20 -59.41 -44.88
CA LYS H 3261 -8.86 -59.62 -45.40
C LYS H 3261 -7.80 -59.43 -44.32
N UNK H 3262 -16.20 -60.25 -35.86
CA UNK H 3262 -17.36 -59.49 -35.38
C UNK H 3262 -17.62 -58.29 -36.27
N UNK H 3263 -16.56 -57.79 -36.90
CA UNK H 3263 -16.68 -56.63 -37.79
C UNK H 3263 -17.19 -57.04 -39.16
N UNK H 3264 -16.86 -58.27 -39.58
CA UNK H 3264 -17.28 -58.77 -40.88
C UNK H 3264 -18.76 -59.11 -40.88
N UNK H 3265 -19.30 -59.41 -39.70
CA UNK H 3265 -20.71 -59.74 -39.56
C UNK H 3265 -21.57 -58.48 -39.52
N UNK H 3266 -20.94 -57.34 -39.26
CA UNK H 3266 -21.63 -56.07 -39.19
C UNK H 3266 -22.01 -55.58 -40.59
N UNK H 3267 -21.19 -55.93 -41.58
CA UNK H 3267 -21.44 -55.53 -42.95
C UNK H 3267 -22.20 -56.61 -43.70
N GLU H 3268 -20.94 -57.41 -54.32
CA GLU H 3268 -20.26 -56.22 -53.86
C GLU H 3268 -21.26 -55.12 -53.48
N PHE H 3269 -20.98 -54.43 -52.37
CA PHE H 3269 -21.86 -53.37 -51.93
C PHE H 3269 -21.78 -52.17 -52.87
N ALA H 3270 -22.93 -51.52 -53.09
CA ALA H 3270 -22.99 -50.35 -53.94
C ALA H 3270 -22.41 -49.09 -53.29
N ASN H 3271 -22.04 -49.17 -52.01
CA ASN H 3271 -21.48 -48.05 -51.27
C ASN H 3271 -22.42 -46.85 -51.27
N ARG H 3272 -23.73 -47.10 -51.22
CA ARG H 3272 -24.70 -46.01 -51.15
C ARG H 3272 -24.68 -45.31 -49.80
N PHE H 3273 -24.14 -45.95 -48.77
CA PHE H 3273 -24.05 -45.35 -47.45
C PHE H 3273 -22.73 -44.62 -47.23
N GLN H 3274 -21.75 -44.79 -48.12
CA GLN H 3274 -20.45 -44.14 -47.93
C GLN H 3274 -20.53 -42.65 -48.25
N GLU H 3275 -21.35 -42.28 -49.23
CA GLU H 3275 -21.46 -40.86 -49.59
C GLU H 3275 -22.05 -40.03 -48.46
N PRO H 3276 -23.15 -40.41 -47.80
CA PRO H 3276 -23.59 -39.63 -46.63
C PRO H 3276 -22.63 -39.72 -45.46
N ALA H 3277 -21.92 -40.84 -45.31
CA ALA H 3277 -21.00 -40.99 -44.19
C ALA H 3277 -19.72 -40.18 -44.42
N ARG H 3278 -19.35 -39.93 -45.67
CA ARG H 3278 -18.14 -39.15 -45.94
C ARG H 3278 -18.35 -37.67 -45.65
N ASP H 3279 -19.57 -37.17 -45.86
CA ASP H 3279 -19.83 -35.76 -45.58
C ASP H 3279 -19.83 -35.48 -44.08
N ILE H 3280 -20.47 -36.34 -43.29
CA ILE H 3280 -20.48 -36.17 -41.85
C ILE H 3280 -19.11 -36.53 -41.27
N GLY H 3281 -18.41 -37.49 -41.88
CA GLY H 3281 -17.10 -37.87 -41.39
C GLY H 3281 -16.08 -36.76 -41.53
N PHE H 3282 -16.28 -35.84 -42.48
CA PHE H 3282 -15.37 -34.72 -42.63
C PHE H 3282 -15.67 -33.61 -41.64
N ASN H 3283 -16.95 -33.38 -41.32
CA ASN H 3283 -17.31 -32.34 -40.37
C ASN H 3283 -16.94 -32.73 -38.94
N VAL H 3284 -17.03 -34.02 -38.60
CA VAL H 3284 -16.66 -34.45 -37.26
C VAL H 3284 -15.15 -34.43 -37.09
N ALA H 3285 -14.40 -34.58 -38.19
CA ALA H 3285 -12.95 -34.48 -38.11
C ALA H 3285 -12.51 -33.04 -37.87
N VAL H 3286 -13.21 -32.07 -38.48
CA VAL H 3286 -12.92 -30.67 -38.24
C VAL H 3286 -13.29 -30.29 -36.80
N LEU H 3287 -14.35 -30.87 -36.26
CA LEU H 3287 -14.78 -30.55 -34.91
C LEU H 3287 -13.74 -31.00 -33.89
N LEU H 3288 -13.24 -32.24 -34.03
CA LEU H 3288 -12.27 -32.75 -33.07
C LEU H 3288 -10.90 -32.10 -33.24
N THR H 3289 -10.56 -31.70 -34.46
CA THR H 3289 -9.26 -31.06 -34.69
C THR H 3289 -9.26 -29.63 -34.17
N ASN H 3290 -10.41 -28.96 -34.19
CA ASN H 3290 -10.47 -27.59 -33.69
C ASN H 3290 -10.26 -27.51 -32.19
N LEU H 3291 -10.67 -28.55 -31.45
CA LEU H 3291 -10.47 -28.54 -30.00
C LEU H 3291 -9.00 -28.64 -29.64
N SER H 3292 -8.26 -29.52 -30.32
CA SER H 3292 -6.84 -29.68 -30.02
C SER H 3292 -6.02 -28.46 -30.42
N GLU H 3293 -6.52 -27.65 -31.36
CA GLU H 3293 -5.79 -26.45 -31.76
C GLU H 3293 -5.92 -25.32 -30.75
N HIS H 3294 -7.05 -25.26 -30.04
CA HIS H 3294 -7.31 -24.19 -29.07
C HIS H 3294 -6.91 -24.56 -27.65
N VAL H 3295 -5.90 -25.40 -27.48
CA VAL H 3295 -5.43 -25.79 -26.14
C VAL H 3295 -3.94 -26.08 -26.21
N PRO H 3296 -3.15 -25.55 -25.28
CA PRO H 3296 -1.70 -25.85 -25.28
C PRO H 3296 -1.42 -27.31 -24.97
N HIS H 3297 -2.04 -27.84 -23.92
CA HIS H 3297 -1.84 -29.23 -23.53
C HIS H 3297 -2.97 -29.64 -22.61
N ASP H 3298 -3.60 -30.78 -22.90
CA ASP H 3298 -4.71 -31.28 -22.09
C ASP H 3298 -4.81 -32.79 -22.20
N PRO H 3299 -4.63 -33.52 -21.09
CA PRO H 3299 -4.74 -34.99 -21.16
C PRO H 3299 -6.14 -35.49 -21.48
N ARG H 3300 -7.18 -34.69 -21.20
CA ARG H 3300 -8.54 -35.14 -21.48
C ARG H 3300 -8.80 -35.20 -22.99
N LEU H 3301 -8.12 -34.37 -23.77
CA LEU H 3301 -8.24 -34.40 -25.22
C LEU H 3301 -7.22 -35.30 -25.89
N ARG H 3302 -6.30 -35.88 -25.13
CA ARG H 3302 -5.30 -36.76 -25.72
C ARG H 3302 -5.90 -38.10 -26.13
N ASN H 3303 -6.64 -38.74 -25.22
CA ASN H 3303 -7.26 -40.02 -25.55
C ASN H 3303 -8.43 -39.86 -26.49
N PHE H 3304 -9.06 -38.68 -26.50
CA PHE H 3304 -10.16 -38.43 -27.43
C PHE H 3304 -9.67 -38.42 -28.87
N LEU H 3305 -8.50 -37.85 -29.12
CA LEU H 3305 -7.95 -37.86 -30.47
C LEU H 3305 -7.46 -39.25 -30.86
N GLU H 3306 -7.09 -40.08 -29.88
CA GLU H 3306 -6.65 -41.43 -30.18
C GLU H 3306 -7.80 -42.31 -30.67
N LEU H 3307 -9.02 -42.04 -30.21
CA LEU H 3307 -10.18 -42.80 -30.66
C LEU H 3307 -10.49 -42.53 -32.13
N ALA H 3308 -10.28 -41.29 -32.58
CA ALA H 3308 -10.51 -40.91 -33.97
C ALA H 3308 -9.21 -40.79 -34.76
N GLU H 3309 -8.19 -41.55 -34.38
CA GLU H 3309 -6.91 -41.48 -35.08
C GLU H 3309 -7.01 -42.02 -36.50
N SER H 3310 -7.97 -42.91 -36.75
CA SER H 3310 -8.14 -43.45 -38.10
C SER H 3310 -8.85 -42.46 -39.02
N ILE H 3311 -9.87 -41.76 -38.50
CA ILE H 3311 -10.59 -40.81 -39.33
C ILE H 3311 -9.79 -39.53 -39.52
N LEU H 3312 -9.12 -39.05 -38.46
CA LEU H 3312 -8.32 -37.84 -38.58
C LEU H 3312 -7.15 -38.00 -39.53
N GLU H 3313 -6.55 -39.20 -39.56
CA GLU H 3313 -5.44 -39.42 -40.48
C GLU H 3313 -5.91 -39.52 -41.93
N TYR H 3314 -7.11 -40.06 -42.15
CA TYR H 3314 -7.62 -40.16 -43.52
C TYR H 3314 -7.99 -38.79 -44.07
N PHE H 3315 -8.63 -37.95 -43.27
CA PHE H 3315 -9.01 -36.61 -43.68
C PHE H 3315 -7.95 -35.56 -43.35
N ARG H 3316 -6.71 -35.99 -43.08
CA ARG H 3316 -5.67 -35.03 -42.74
C ARG H 3316 -5.25 -34.16 -43.92
N PRO H 3317 -4.96 -34.71 -45.12
CA PRO H 3317 -4.57 -33.83 -46.24
C PRO H 3317 -5.70 -32.93 -46.73
N TYR H 3318 -6.94 -33.19 -46.34
CA TYR H 3318 -8.09 -32.40 -46.79
C TYR H 3318 -8.40 -31.23 -45.87
N LEU H 3319 -7.49 -30.89 -44.95
CA LEU H 3319 -7.69 -29.79 -44.02
C LEU H 3319 -6.72 -28.68 -44.35
N GLY H 3320 -7.25 -27.54 -44.78
CA GLY H 3320 -6.43 -26.38 -45.09
C GLY H 3320 -6.50 -25.31 -44.03
N ARG H 3321 -5.45 -25.17 -43.23
CA ARG H 3321 -5.41 -24.20 -42.15
C ARG H 3321 -4.90 -22.86 -42.67
N ILE H 3322 -5.68 -21.81 -42.46
CA ILE H 3322 -5.32 -20.46 -42.84
C ILE H 3322 -5.35 -19.57 -41.60
N GLU H 3323 -4.85 -18.35 -41.77
CA GLU H 3323 -4.81 -17.37 -40.67
C GLU H 3323 -5.13 -16.00 -41.24
N ILE H 3324 -6.32 -15.48 -40.92
CA ILE H 3324 -6.75 -14.16 -41.35
C ILE H 3324 -7.20 -13.37 -40.14
N MET H 3325 -7.26 -12.05 -40.31
CA MET H 3325 -7.69 -11.13 -39.26
C MET H 3325 -8.98 -10.48 -39.73
N GLY H 3326 -10.11 -11.00 -39.24
CA GLY H 3326 -11.40 -10.48 -39.63
C GLY H 3326 -12.38 -10.32 -38.47
N ALA H 3327 -12.95 -9.12 -38.35
CA ALA H 3327 -13.93 -8.78 -37.32
C ALA H 3327 -13.41 -8.98 -35.90
N SER H 3328 -12.09 -9.07 -35.74
CA SER H 3328 -11.48 -9.26 -34.43
C SER H 3328 -10.00 -8.94 -34.54
N ARG H 3329 -9.40 -8.66 -33.38
CA ARG H 3329 -7.96 -8.37 -33.34
C ARG H 3329 -7.12 -9.65 -33.30
N ARG H 3330 -7.63 -10.70 -32.65
CA ARG H 3330 -6.91 -11.95 -32.57
C ARG H 3330 -7.14 -12.80 -33.82
N ILE H 3331 -6.13 -13.59 -34.16
CA ILE H 3331 -6.21 -14.47 -35.33
C ILE H 3331 -7.02 -15.71 -34.98
N GLU H 3332 -7.93 -16.08 -35.88
CA GLU H 3332 -8.79 -17.24 -35.69
C GLU H 3332 -8.56 -18.24 -36.82
N ARG H 3333 -8.88 -19.50 -36.55
CA ARG H 3333 -8.69 -20.57 -37.52
C ARG H 3333 -9.94 -20.73 -38.38
N ILE H 3334 -9.73 -21.03 -39.66
CA ILE H 3334 -10.80 -21.26 -40.61
C ILE H 3334 -10.49 -22.55 -41.34
N TYR H 3335 -11.33 -23.56 -41.15
CA TYR H 3335 -11.15 -24.88 -41.75
C TYR H 3335 -12.19 -25.09 -42.83
N PHE H 3336 -11.73 -25.31 -44.06
CA PHE H 3336 -12.60 -25.54 -45.20
C PHE H 3336 -12.29 -26.90 -45.82
N GLU H 3337 -13.12 -27.29 -46.80
CA GLU H 3337 -12.99 -28.58 -47.44
C GLU H 3337 -12.16 -28.45 -48.71
N ILE H 3338 -11.14 -29.28 -48.83
CA ILE H 3338 -10.27 -29.31 -50.00
C ILE H 3338 -10.65 -30.54 -50.83
N SER H 3339 -11.19 -30.30 -52.01
CA SER H 3339 -11.59 -31.40 -52.88
C SER H 3339 -10.36 -32.10 -53.46
N GLU H 3340 -10.54 -33.37 -53.82
CA GLU H 3340 -9.45 -34.15 -54.39
C GLU H 3340 -9.05 -33.63 -55.76
N THR H 3341 -10.02 -33.12 -56.53
CA THR H 3341 -9.70 -32.60 -57.87
C THR H 3341 -8.93 -31.29 -57.79
N ASN H 3342 -9.12 -30.51 -56.72
CA ASN H 3342 -8.41 -29.24 -56.60
C ASN H 3342 -6.94 -29.46 -56.31
N ARG H 3343 -6.61 -30.38 -55.40
CA ARG H 3343 -5.22 -30.63 -55.07
C ARG H 3343 -4.51 -31.37 -56.20
N ALA H 3344 -5.23 -32.28 -56.87
CA ALA H 3344 -4.62 -33.01 -57.98
C ALA H 3344 -4.35 -32.11 -59.18
N GLN H 3345 -5.15 -31.06 -59.35
CA GLN H 3345 -4.92 -30.13 -60.45
C GLN H 3345 -3.72 -29.23 -60.20
N TRP H 3346 -3.34 -29.01 -58.95
CA TRP H 3346 -2.19 -28.18 -58.66
C TRP H 3346 -0.88 -28.87 -59.06
N GLU H 3347 -0.86 -30.20 -59.05
CA GLU H 3347 0.33 -30.96 -59.42
C GLU H 3347 0.40 -31.08 -60.95
N MET H 3348 0.62 -29.93 -61.58
CA MET H 3348 0.69 -29.83 -63.03
C MET H 3348 1.86 -28.93 -63.40
N PRO H 3349 2.47 -29.15 -64.57
CA PRO H 3349 3.59 -28.28 -64.98
C PRO H 3349 3.17 -26.84 -65.20
N GLN H 3350 1.92 -26.59 -65.60
CA GLN H 3350 1.47 -25.22 -65.81
C GLN H 3350 1.32 -24.49 -64.48
N VAL H 3351 0.89 -25.17 -63.42
CA VAL H 3351 0.73 -24.54 -62.13
C VAL H 3351 2.08 -24.21 -61.52
N LYS H 3352 3.07 -25.08 -61.72
CA LYS H 3352 4.41 -24.82 -61.19
C LYS H 3352 5.09 -23.68 -61.93
N GLU H 3353 4.90 -23.61 -63.26
CA GLU H 3353 5.50 -22.54 -64.03
C GLU H 3353 4.86 -21.19 -63.70
N SER H 3354 3.55 -21.18 -63.45
CA SER H 3354 2.88 -19.93 -63.08
C SER H 3354 3.27 -19.47 -61.69
N LYS H 3355 3.48 -20.41 -60.76
CA LYS H 3355 3.90 -20.05 -59.42
C LYS H 3355 5.34 -19.55 -59.37
N ARG H 3356 6.21 -20.08 -60.25
CA ARG H 3356 7.58 -19.62 -60.28
C ARG H 3356 7.68 -18.23 -60.87
N GLN H 3357 6.79 -17.87 -61.79
CA GLN H 3357 6.77 -16.52 -62.36
C GLN H 3357 6.13 -15.49 -61.46
N PHE H 3358 5.43 -15.92 -60.40
CA PHE H 3358 4.79 -14.99 -59.48
C PHE H 3358 5.71 -14.52 -58.37
N ILE H 3359 6.66 -15.36 -57.93
CA ILE H 3359 7.58 -14.96 -56.88
C ILE H 3359 8.57 -13.90 -57.35
N PHE H 3360 8.75 -13.78 -58.67
CA PHE H 3360 9.65 -12.77 -59.22
C PHE H 3360 8.93 -11.48 -59.63
N ASP H 3361 7.62 -11.54 -59.86
CA ASP H 3361 6.88 -10.35 -60.24
C ASP H 3361 6.61 -9.44 -59.04
N VAL H 3362 6.19 -10.02 -57.92
CA VAL H 3362 5.92 -9.23 -56.73
C VAL H 3362 7.20 -8.78 -56.04
N VAL H 3363 8.32 -9.46 -56.30
CA VAL H 3363 9.59 -9.05 -55.68
C VAL H 3363 10.12 -7.78 -56.31
N ASN H 3364 9.88 -7.59 -57.61
CA ASN H 3364 10.33 -6.37 -58.27
C ASN H 3364 9.40 -5.19 -58.00
N GLU H 3365 8.11 -5.43 -57.84
CA GLU H 3365 7.15 -4.37 -57.58
C GLU H 3365 7.16 -3.99 -56.10
N LYS H 3366 1.68 -6.25 -53.39
CA LYS H 3366 1.83 -7.53 -52.72
C LYS H 3366 0.48 -8.22 -52.54
N MET H 3367 -0.43 -7.58 -51.79
CA MET H 3367 -1.74 -8.16 -51.57
C MET H 3367 -2.62 -8.06 -52.82
N GLU H 3368 -2.48 -6.98 -53.60
CA GLU H 3368 -3.28 -6.82 -54.79
C GLU H 3368 -2.86 -7.79 -55.88
N LEU H 3369 -1.55 -8.03 -56.01
CA LEU H 3369 -1.07 -8.97 -57.03
C LEU H 3369 -1.40 -10.41 -56.67
N PHE H 3370 -1.52 -10.72 -55.38
CA PHE H 3370 -1.84 -12.08 -54.97
C PHE H 3370 -3.29 -12.43 -55.29
N VAL H 3371 -4.20 -11.45 -55.22
CA VAL H 3371 -5.59 -11.72 -55.53
C VAL H 3371 -5.78 -12.00 -57.01
N SER H 3372 -5.05 -11.27 -57.86
CA SER H 3372 -5.14 -11.51 -59.30
C SER H 3372 -4.47 -12.82 -59.69
N PHE H 3373 -3.47 -13.27 -58.93
CA PHE H 3373 -2.80 -14.52 -59.24
C PHE H 3373 -3.70 -15.71 -58.93
N CYS H 3374 -4.55 -15.61 -57.92
CA CYS H 3374 -5.47 -16.69 -57.60
C CYS H 3374 -6.53 -16.85 -58.68
N GLU H 3375 -7.08 -15.73 -59.18
CA GLU H 3375 -8.08 -15.79 -60.23
C GLU H 3375 -7.47 -16.27 -61.54
N ASP H 3376 -6.19 -16.01 -61.77
CA ASP H 3376 -5.54 -16.45 -63.00
C ASP H 3376 -5.29 -17.96 -63.00
N THR H 3377 -5.10 -18.56 -61.82
CA THR H 3377 -4.85 -19.98 -61.72
C THR H 3377 -6.12 -20.81 -61.71
N ILE H 3378 -7.18 -20.33 -61.04
CA ILE H 3378 -8.43 -21.06 -61.02
C ILE H 3378 -9.10 -21.03 -62.39
N PHE H 3379 -8.80 -20.01 -63.20
CA PHE H 3379 -9.33 -19.97 -64.56
C PHE H 3379 -8.60 -20.95 -65.47
N GLU H 3380 -7.32 -21.22 -65.18
CA GLU H 3380 -6.55 -22.17 -65.97
C GLU H 3380 -6.95 -23.62 -65.69
N MET H 3381 -7.72 -23.87 -64.63
CA MET H 3381 -8.16 -25.23 -64.34
C MET H 3381 -9.10 -25.75 -65.41
N GLN H 3382 -9.93 -24.88 -65.99
CA GLN H 3382 -10.81 -25.30 -67.07
C GLN H 3382 -10.03 -25.65 -68.34
N ILE H 3383 -8.90 -24.99 -68.56
CA ILE H 3383 -8.07 -25.31 -69.72
C ILE H 3383 -7.37 -26.65 -69.53
N ALA H 3384 -6.81 -26.89 -68.34
CA ALA H 3384 -6.14 -28.14 -68.07
C ALA H 3384 -7.11 -29.31 -68.03
N ALA H 3385 -8.36 -29.06 -67.65
CA ALA H 3385 -9.36 -30.13 -67.62
C ALA H 3385 -9.75 -30.57 -69.01
N GLN H 3386 -9.87 -29.63 -69.95
CA GLN H 3386 -10.23 -29.94 -71.32
C GLN H 3386 -9.04 -30.51 -72.09
N UNK H 3387 17.83 -25.66 -68.15
CA UNK H 3387 19.20 -25.20 -68.03
C UNK H 3387 20.18 -26.32 -68.33
N UNK H 3388 19.86 -27.53 -67.85
CA UNK H 3388 20.70 -28.70 -68.07
C UNK H 3388 20.44 -29.31 -69.45
N UNK H 3389 19.33 -28.93 -70.05
CA UNK H 3389 18.96 -29.44 -71.36
C UNK H 3389 19.68 -28.69 -72.47
N UNK H 3390 19.76 -27.37 -72.33
CA UNK H 3390 20.42 -26.52 -73.32
C UNK H 3390 21.94 -26.68 -73.24
N UNK H 3391 22.43 -27.00 -72.05
CA UNK H 3391 23.87 -27.19 -71.84
C UNK H 3391 24.33 -28.52 -72.42
N UNK H 3392 23.43 -29.51 -72.41
CA UNK H 3392 23.75 -30.83 -72.92
C UNK H 3392 23.76 -30.83 -74.45
N UNK H 3393 22.87 -30.04 -75.04
CA UNK H 3393 22.76 -29.94 -76.50
C UNK H 3393 23.95 -29.17 -77.07
N UNK H 3394 24.44 -28.19 -76.31
CA UNK H 3394 25.58 -27.39 -76.74
C UNK H 3394 26.88 -28.16 -76.58
N UNK H 3395 26.91 -29.07 -75.61
CA UNK H 3395 28.09 -29.88 -75.36
C UNK H 3395 28.25 -30.96 -76.42
N UNK H 3396 27.12 -31.46 -76.93
CA UNK H 3396 27.13 -32.49 -77.95
C UNK H 3396 27.40 -31.88 -79.33
N UNK H 3397 27.23 -30.57 -79.44
CA UNK H 3397 27.44 -29.86 -80.69
C UNK H 3397 28.94 -29.72 -80.98
N UNK H 3398 29.70 -29.35 -79.96
CA UNK H 3398 31.15 -29.17 -80.10
C UNK H 3398 31.84 -30.51 -80.28
N UNK H 3399 31.26 -31.56 -79.69
CA UNK H 3399 31.82 -32.90 -79.79
C UNK H 3399 31.63 -33.46 -81.20
N UNK H 3400 30.52 -33.09 -81.83
CA UNK H 3400 30.21 -33.54 -83.17
C UNK H 3400 30.90 -32.67 -84.22
N UNK H 3401 31.27 -31.46 -83.80
CA UNK H 3401 31.94 -30.52 -84.70
C UNK H 3401 33.44 -30.82 -84.76
N UNK H 3402 33.92 -31.61 -83.80
CA UNK H 3402 35.33 -31.98 -83.74
C UNK H 3402 35.61 -33.16 -84.64
N UNK H 3403 34.55 -33.81 -85.13
CA UNK H 3403 34.69 -34.97 -86.00
C UNK H 3403 34.49 -34.57 -87.46
N GLU H 3404 -16.74 -33.64 -86.64
CA GLU H 3404 -16.56 -32.37 -85.94
C GLU H 3404 -16.14 -32.60 -84.50
N VAL H 3405 -16.64 -33.67 -83.89
CA VAL H 3405 -16.29 -33.98 -82.51
C VAL H 3405 -14.83 -34.42 -82.41
N GLN H 3406 -14.33 -35.13 -83.42
CA GLN H 3406 -12.93 -35.57 -83.40
C GLN H 3406 -11.97 -34.39 -83.56
N ARG H 3407 -12.38 -33.35 -84.29
CA ARG H 3407 -11.52 -32.19 -84.46
C ARG H 3407 -11.35 -31.40 -83.17
N VAL H 3408 -12.39 -31.35 -82.33
CA VAL H 3408 -12.29 -30.65 -81.06
C VAL H 3408 -11.36 -31.40 -80.12
N LYS H 3409 -11.49 -32.72 -80.07
CA LYS H 3409 -10.61 -33.52 -79.21
C LYS H 3409 -9.17 -33.50 -79.72
N PHE H 3410 -8.97 -33.33 -81.03
CA PHE H 3410 -7.63 -33.24 -81.57
C PHE H 3410 -6.92 -31.96 -81.12
N LEU H 3411 -7.65 -30.84 -81.13
CA LEU H 3411 -7.05 -29.58 -80.69
C LEU H 3411 -6.79 -29.58 -79.20
N ASN H 3412 -7.56 -30.37 -78.43
CA ASN H 3412 -7.33 -30.44 -76.99
C ASN H 3412 -6.01 -31.14 -76.66
N TYR H 3413 -5.60 -32.11 -77.48
CA TYR H 3413 -4.33 -32.77 -77.25
C TYR H 3413 -3.15 -31.85 -77.52
N LEU H 3414 -3.30 -30.93 -78.48
CA LEU H 3414 -2.22 -30.00 -78.78
C LEU H 3414 -2.03 -28.99 -77.64
N SER H 3415 -3.10 -28.67 -76.92
CA SER H 3415 -2.98 -27.74 -75.80
C SER H 3415 -2.28 -28.38 -74.62
N ARG H 3416 -2.60 -29.65 -74.32
CA ARG H 3416 -1.95 -30.34 -73.22
C ARG H 3416 -0.47 -30.57 -73.48
N ASN H 3417 -0.09 -30.78 -74.75
CA ASN H 3417 1.29 -30.98 -75.14
C ASN H 3417 1.94 -29.72 -75.68
N PHE H 3418 1.52 -28.55 -75.19
CA PHE H 3418 2.08 -27.30 -75.68
C PHE H 3418 3.53 -27.14 -75.24
N TYR H 3419 3.85 -27.51 -74.00
CA TYR H 3419 5.22 -27.42 -73.53
C TYR H 3419 6.13 -28.44 -74.20
N THR H 3420 5.55 -29.56 -74.67
CA THR H 3420 6.36 -30.57 -75.34
C THR H 3420 6.76 -30.12 -76.73
N LEU H 3421 5.89 -29.39 -77.42
CA LEU H 3421 6.21 -28.93 -78.77
C LEU H 3421 7.34 -27.91 -78.76
N ARG H 3422 7.41 -27.06 -77.74
CA ARG H 3422 8.49 -26.09 -77.64
C ARG H 3422 9.83 -26.78 -77.39
N PHE H 3423 9.83 -27.89 -76.65
CA PHE H 3423 11.06 -28.65 -76.46
C PHE H 3423 11.34 -29.56 -77.65
N LEU H 3424 10.30 -30.00 -78.36
CA LEU H 3424 10.51 -30.81 -79.56
C LEU H 3424 11.09 -29.97 -80.69
N ALA H 3425 10.67 -28.70 -80.78
CA ALA H 3425 11.23 -27.80 -81.78
C ALA H 3425 12.65 -27.35 -81.44
N LEU H 3426 13.11 -27.60 -80.20
CA LEU H 3426 14.48 -27.25 -79.85
C LEU H 3426 15.48 -28.11 -80.62
N PHE H 3427 15.21 -29.41 -80.73
CA PHE H 3427 16.11 -30.29 -81.45
C PHE H 3427 15.97 -30.15 -82.96
N LEU H 3428 14.76 -29.84 -83.44
CA LEU H 3428 14.56 -29.68 -84.88
C LEU H 3428 15.24 -28.42 -85.40
N ALA H 3429 15.07 -27.31 -84.69
CA ALA H 3429 15.70 -26.06 -85.12
C ALA H 3429 17.22 -26.11 -84.96
N PHE H 3430 17.71 -26.87 -83.99
CA PHE H 3430 19.16 -26.97 -83.80
C PHE H 3430 19.79 -27.94 -84.79
N ALA H 3431 19.08 -29.01 -85.16
CA ALA H 3431 19.62 -29.94 -86.14
C ALA H 3431 19.73 -29.31 -87.52
N ILE H 3432 18.80 -28.42 -87.86
CA ILE H 3432 18.88 -27.71 -89.14
C ILE H 3432 20.11 -26.82 -89.18
N ASN H 3433 20.37 -26.08 -88.10
CA ASN H 3433 21.53 -25.21 -88.06
C ASN H 3433 22.83 -25.99 -88.02
N PHE H 3434 22.81 -27.21 -87.49
CA PHE H 3434 24.01 -28.03 -87.47
C PHE H 3434 24.38 -28.51 -88.87
N ILE H 3435 23.40 -29.03 -89.62
CA ILE H 3435 23.64 -29.42 -90.99
C ILE H 3435 23.87 -28.21 -91.89
N LEU H 3436 23.36 -27.04 -91.49
CA LEU H 3436 23.59 -25.82 -92.26
C LEU H 3436 25.06 -25.42 -92.27
N LEU H 3437 25.87 -25.97 -91.37
CA LEU H 3437 27.29 -25.66 -91.31
C LEU H 3437 28.09 -26.40 -92.38
N PHE H 3438 27.44 -27.02 -93.36
CA PHE H 3438 28.12 -27.73 -94.42
C PHE H 3438 27.89 -27.12 -95.80
N TYR H 3439 27.11 -26.04 -95.88
CA TYR H 3439 26.83 -25.41 -97.17
C TYR H 3439 28.02 -24.56 -97.60
N LYS H 3440 28.60 -24.91 -98.75
CA LYS H 3440 29.73 -24.19 -99.31
C LYS H 3440 29.31 -23.47 -100.58
N VAL H 3441 30.22 -22.64 -101.09
CA VAL H 3441 29.98 -21.86 -102.30
C VAL H 3441 31.05 -22.23 -103.32
N SER H 3442 30.62 -22.47 -104.56
CA SER H 3442 31.54 -22.82 -105.63
C SER H 3442 31.04 -22.21 -106.93
N ASP H 3443 31.98 -21.95 -107.85
CA ASP H 3443 31.62 -21.36 -109.13
C ASP H 3443 30.83 -22.35 -109.99
N SER H 3444 31.16 -23.63 -109.90
CA SER H 3444 30.45 -24.63 -110.68
C SER H 3444 29.08 -24.91 -110.06
N PRO H 3445 28.04 -25.06 -110.88
CA PRO H 3445 26.71 -25.33 -110.34
C PRO H 3445 26.61 -26.74 -109.82
N PRO H 3446 25.59 -27.03 -108.99
CA PRO H 3446 25.39 -28.37 -108.42
C PRO H 3446 24.97 -29.41 -109.45
N VAL H 3447 24.47 -19.34 -109.19
CA VAL H 3447 24.19 -20.70 -108.75
C VAL H 3447 24.86 -20.95 -107.40
N TYR H 3448 24.07 -21.42 -106.44
CA TYR H 3448 24.56 -21.72 -105.10
C TYR H 3448 24.73 -23.22 -104.93
N TYR H 3449 25.83 -23.62 -104.30
CA TYR H 3449 26.12 -25.03 -104.08
C TYR H 3449 25.39 -25.53 -102.84
N PHE H 3450 24.81 -26.73 -102.96
CA PHE H 3450 24.03 -27.31 -101.87
C PHE H 3450 24.92 -28.09 -100.90
N LEU H 3451 24.38 -29.17 -100.34
CA LEU H 3451 25.12 -29.96 -99.37
C LEU H 3451 26.21 -30.78 -100.04
N GLU H 3452 27.26 -31.08 -99.29
CA GLU H 3452 28.37 -31.88 -99.80
C GLU H 3452 29.06 -32.55 -98.62
N GLU H 3453 29.03 -33.87 -98.57
CA GLU H 3453 29.66 -34.62 -97.49
C GLU H 3453 29.91 -36.05 -97.97
N SER H 3454 30.63 -36.81 -97.14
CA SER H 3454 30.91 -38.20 -97.47
C SER H 3454 29.66 -39.06 -97.36
N THR H 3455 28.85 -38.83 -96.33
CA THR H 3455 27.61 -39.58 -96.13
C THR H 3455 26.50 -38.94 -96.96
N GLY H 3456 25.77 -39.78 -97.71
CA GLY H 3456 24.70 -39.28 -98.54
C GLY H 3456 23.35 -39.27 -97.85
N TYR H 3457 23.37 -39.20 -96.51
CA TYR H 3457 22.14 -39.18 -95.73
C TYR H 3457 21.77 -37.79 -95.24
N MET H 3458 22.74 -36.88 -95.11
CA MET H 3458 22.45 -35.54 -94.61
C MET H 3458 21.75 -34.67 -95.63
N GLU H 3459 21.92 -34.95 -96.93
CA GLU H 3459 21.26 -34.13 -97.95
C GLU H 3459 19.77 -34.41 -98.02
N PRO H 3460 19.28 -35.66 -98.13
CA PRO H 3460 17.83 -35.87 -98.15
C PRO H 3460 17.16 -35.64 -96.80
N ALA H 3461 17.92 -35.67 -95.71
CA ALA H 3461 17.31 -35.46 -94.40
C ALA H 3461 16.89 -34.01 -94.18
N LEU H 3462 17.62 -33.06 -94.77
CA LEU H 3462 17.29 -31.65 -94.59
C LEU H 3462 15.97 -31.30 -95.26
N ARG H 3463 15.58 -32.02 -96.31
CA ARG H 3463 14.31 -31.75 -96.97
C ARG H 3463 13.14 -32.16 -96.09
N CYS H 3464 13.22 -33.35 -95.48
CA CYS H 3464 12.14 -33.80 -94.61
C CYS H 3464 12.18 -33.14 -93.24
N LEU H 3465 13.36 -32.68 -92.81
CA LEU H 3465 13.45 -32.01 -91.51
C LEU H 3465 12.81 -30.63 -91.53
N SER H 3466 12.86 -29.94 -92.67
CA SER H 3466 12.21 -28.65 -92.79
C SER H 3466 10.69 -28.78 -92.81
N LEU H 3467 10.18 -29.92 -93.30
CA LEU H 3467 8.74 -30.14 -93.31
C LEU H 3467 8.21 -30.41 -91.90
N LEU H 3468 8.95 -31.19 -91.12
CA LEU H 3468 8.53 -31.46 -89.74
C LEU H 3468 8.68 -30.23 -88.86
N HIS H 3469 9.71 -29.41 -89.10
CA HIS H 3469 9.89 -28.18 -88.34
C HIS H 3469 8.83 -27.14 -88.69
N THR H 3470 8.23 -27.21 -89.88
CA THR H 3470 7.22 -26.24 -90.27
C THR H 3470 5.86 -26.58 -89.67
N LEU H 3471 5.51 -27.87 -89.62
CA LEU H 3471 4.20 -28.26 -89.09
C LEU H 3471 4.15 -28.11 -87.58
N VAL H 3472 5.28 -28.28 -86.89
CA VAL H 3472 5.27 -28.15 -85.44
C VAL H 3472 5.15 -26.69 -85.03
N ALA H 3473 5.63 -25.77 -85.88
CA ALA H 3473 5.49 -24.35 -85.58
C ALA H 3473 4.06 -23.90 -85.80
N PHE H 3474 3.38 -24.43 -86.82
CA PHE H 3474 1.98 -24.10 -87.04
C PHE H 3474 1.09 -24.72 -85.98
N LEU H 3475 1.44 -25.92 -85.51
CA LEU H 3475 0.67 -26.56 -84.46
C LEU H 3475 0.86 -25.90 -83.10
N CYS H 3476 1.96 -25.16 -82.91
CA CYS H 3476 2.15 -24.43 -81.66
C CYS H 3476 1.15 -23.30 -81.53
N ILE H 3477 0.80 -22.65 -82.64
CA ILE H 3477 -0.20 -21.59 -82.60
C ILE H 3477 -1.57 -22.15 -82.27
N ILE H 3478 -1.88 -23.35 -82.75
CA ILE H 3478 -3.16 -23.98 -82.42
C ILE H 3478 -3.23 -24.30 -80.94
N GLY H 3479 -2.16 -24.87 -80.39
CA GLY H 3479 -2.13 -25.14 -78.95
C GLY H 3479 -2.08 -23.87 -78.12
N TYR H 3480 -1.43 -22.83 -78.63
CA TYR H 3480 -1.41 -21.56 -77.92
C TYR H 3480 -2.78 -20.90 -77.91
N ASN H 3481 -3.61 -21.17 -78.92
CA ASN H 3481 -4.94 -20.57 -78.98
C ASN H 3481 -5.90 -21.19 -77.97
N CYS H 3482 -5.58 -22.37 -77.44
CA CYS H 3482 -6.44 -23.06 -76.49
C CYS H 3482 -5.86 -23.09 -75.08
N LEU H 3483 -4.67 -22.53 -74.87
CA LEU H 3483 -4.04 -22.55 -73.56
C LEU H 3483 -3.87 -21.15 -72.97
N LYS H 3484 -3.27 -20.22 -73.71
CA LYS H 3484 -2.99 -18.88 -73.21
C LYS H 3484 -3.93 -17.81 -73.76
N VAL H 3485 -4.53 -18.02 -74.93
CA VAL H 3485 -5.45 -17.04 -75.48
C VAL H 3485 -6.68 -16.84 -74.58
N PRO H 3486 -7.33 -17.90 -74.08
CA PRO H 3486 -8.41 -17.67 -73.10
C PRO H 3486 -7.91 -17.03 -71.81
N LEU H 3487 -6.63 -17.21 -71.48
CA LEU H 3487 -6.09 -16.64 -70.25
C LEU H 3487 -5.78 -15.15 -70.41
N VAL H 3488 -5.24 -14.76 -71.57
CA VAL H 3488 -4.91 -13.35 -71.77
C VAL H 3488 -6.18 -12.52 -71.92
N ILE H 3489 -7.26 -13.11 -72.42
CA ILE H 3489 -8.54 -12.40 -72.49
C ILE H 3489 -9.14 -12.26 -71.10
N PHE H 3490 -8.99 -13.29 -70.26
CA PHE H 3490 -9.47 -13.22 -68.88
C PHE H 3490 -8.76 -12.11 -68.11
N LYS H 3491 -7.45 -11.95 -68.33
CA LYS H 3491 -6.73 -10.87 -67.69
C LYS H 3491 -7.07 -9.52 -68.31
N ARG H 3492 -7.38 -9.50 -69.62
CA ARG H 3492 -7.77 -8.26 -70.27
C ARG H 3492 -9.17 -7.84 -69.86
N GLU H 3493 -10.05 -8.80 -69.59
CA GLU H 3493 -11.40 -8.49 -69.12
C GLU H 3493 -11.41 -8.11 -67.64
N LYS H 3494 -10.39 -8.51 -66.89
CA LYS H 3494 -10.35 -8.18 -65.47
C LYS H 3494 -9.87 -6.75 -65.24
N GLU H 3495 -8.90 -6.29 -66.03
CA GLU H 3495 -8.39 -4.92 -65.89
C GLU H 3495 -9.39 -3.88 -66.40
N LEU H 3496 -10.42 -4.29 -67.12
CA LEU H 3496 -11.45 -3.38 -67.62
C LEU H 3496 -12.73 -3.40 -66.78
N ALA H 3497 -13.13 -4.58 -66.29
CA ALA H 3497 -14.34 -4.68 -65.50
C ALA H 3497 -14.12 -4.22 -64.07
N ARG H 3498 -13.00 -4.63 -63.46
CA ARG H 3498 -12.73 -4.23 -62.08
C ARG H 3498 -12.39 -2.75 -61.98
N LYS H 3499 -11.75 -2.19 -63.01
CA LYS H 3499 -11.41 -0.77 -62.98
C LYS H 3499 -12.65 0.09 -63.19
N LEU H 3500 -13.53 -0.32 -64.11
CA LEU H 3500 -14.73 0.46 -64.38
C LEU H 3500 -15.67 0.51 -63.18
N GLU H 3501 -15.61 -0.52 -62.31
CA GLU H 3501 -16.46 -0.53 -61.13
C GLU H 3501 -16.04 0.54 -60.14
N PHE H 3502 -14.74 0.78 -60.01
CA PHE H 3502 -14.23 1.77 -59.06
C PHE H 3502 -14.14 3.17 -59.68
N ASP H 3503 -13.57 3.27 -60.88
CA ASP H 3503 -13.42 4.55 -61.56
C ASP H 3503 -13.78 4.37 -63.03
N GLY H 3504 -14.80 5.07 -63.48
CA GLY H 3504 -15.23 4.95 -64.86
C GLY H 3504 -14.21 5.53 -65.82
N LEU H 3505 -14.00 4.83 -66.94
CA LEU H 3505 -13.05 5.31 -67.95
C LEU H 3505 -13.56 6.60 -68.59
N TYR H 3506 -14.83 6.62 -68.99
CA TYR H 3506 -15.45 7.80 -69.56
C TYR H 3506 -16.36 8.51 -68.56
N ILE H 3507 -16.30 8.15 -67.28
CA ILE H 3507 -17.13 8.73 -66.24
C ILE H 3507 -16.22 9.46 -65.25
N THR H 3508 -16.51 10.73 -65.00
CA THR H 3508 -15.74 11.61 -64.12
C THR H 3508 -14.29 11.76 -64.55
N GLU H 3509 -13.94 11.35 -65.77
CA GLU H 3509 -12.58 11.43 -66.27
C GLU H 3509 -12.60 11.17 -67.77
N GLN H 3510 -11.54 11.61 -68.44
CA GLN H 3510 -11.40 11.42 -69.87
C GLN H 3510 -10.10 10.69 -70.16
N PRO H 3511 -10.12 9.60 -70.93
CA PRO H 3511 -8.88 8.88 -71.22
C PRO H 3511 -7.98 9.68 -72.14
N GLU H 3512 -6.67 9.63 -71.86
CA GLU H 3512 -5.71 10.36 -72.67
C GLU H 3512 -5.53 9.75 -74.05
N ASP H 3513 -5.92 8.49 -74.24
CA ASP H 3513 -5.82 7.80 -75.53
C ASP H 3513 -4.38 7.74 -76.03
N ASP H 3514 -3.41 7.76 -75.10
CA ASP H 3514 -2.01 7.69 -75.51
C ASP H 3514 -1.63 6.27 -75.92
N ASP H 3515 -2.17 5.27 -75.23
CA ASP H 3515 -1.89 3.88 -75.56
C ASP H 3515 -2.94 3.35 -76.52
N VAL H 3516 -2.48 2.56 -77.50
CA VAL H 3516 -3.40 1.97 -78.47
C VAL H 3516 -4.25 0.88 -77.84
N LYS H 3517 -3.80 0.29 -76.73
CA LYS H 3517 -4.57 -0.75 -76.07
C LYS H 3517 -5.69 -0.19 -75.22
N GLY H 3518 -5.50 1.01 -74.66
CA GLY H 3518 -6.53 1.60 -73.82
C GLY H 3518 -7.74 2.06 -74.63
N GLN H 3519 -7.49 2.74 -75.76
CA GLN H 3519 -8.59 3.21 -76.58
C GLN H 3519 -9.31 2.05 -77.28
N TRP H 3520 -8.60 0.96 -77.54
CA TRP H 3520 -9.22 -0.19 -78.20
C TRP H 3520 -10.27 -0.86 -77.32
N ASP H 3521 -10.20 -0.69 -76.01
CA ASP H 3521 -11.17 -1.31 -75.11
C ASP H 3521 -12.53 -0.63 -75.15
N ARG H 3522 -12.68 0.47 -75.88
CA ARG H 3522 -13.98 1.14 -75.95
C ARG H 3522 -15.01 0.32 -76.71
N LEU H 3523 -14.57 -0.54 -77.63
CA LEU H 3523 -15.48 -1.37 -78.40
C LEU H 3523 -15.97 -2.59 -77.63
N VAL H 3524 -15.51 -2.79 -76.40
CA VAL H 3524 -15.94 -3.94 -75.60
C VAL H 3524 -16.95 -3.52 -74.54
N LEU H 3525 -17.61 -2.38 -74.72
CA LEU H 3525 -18.61 -1.88 -73.77
C LEU H 3525 -20.03 -2.04 -74.27
N ASN H 3526 -20.30 -1.64 -75.51
CA ASN H 3526 -21.66 -1.72 -76.05
C ASN H 3526 -22.10 -3.16 -76.28
N THR H 3527 -21.17 -4.09 -76.46
CA THR H 3527 -21.54 -5.48 -76.70
C THR H 3527 -21.94 -6.15 -75.39
N PRO H 3528 -23.09 -6.81 -75.33
CA PRO H 3528 -23.51 -7.47 -74.08
C PRO H 3528 -22.71 -8.73 -73.75
N SER H 3529 -21.81 -9.16 -74.64
CA SER H 3529 -21.00 -10.35 -74.40
C SER H 3529 -19.70 -10.05 -73.67
N PHE H 3530 -19.64 -8.92 -72.96
CA PHE H 3530 -18.41 -8.58 -72.24
C PHE H 3530 -18.20 -9.45 -71.00
N PRO H 3531 -19.18 -9.61 -70.10
CA PRO H 3531 -18.97 -10.46 -68.92
C PRO H 3531 -19.07 -11.96 -69.21
N SER H 3532 -19.02 -12.38 -70.48
CA SER H 3532 -19.14 -13.79 -70.79
C SER H 3532 -17.89 -14.55 -70.35
N ASN H 3533 -16.71 -14.02 -70.67
CA ASN H 3533 -15.47 -14.69 -70.30
C ASN H 3533 -15.15 -14.54 -68.82
N TYR H 3534 -15.55 -13.43 -68.21
CA TYR H 3534 -15.30 -13.22 -66.80
C TYR H 3534 -16.19 -14.13 -65.95
N TRP H 3535 -15.76 -14.34 -64.69
CA TRP H 3535 -16.52 -15.19 -63.79
C TRP H 3535 -17.88 -14.58 -63.47
N ASP H 3536 -17.88 -13.37 -62.90
CA ASP H 3536 -19.11 -12.68 -62.55
C ASP H 3536 -19.78 -12.18 -63.83
N LYS H 3537 -20.79 -12.91 -64.29
CA LYS H 3537 -21.50 -12.53 -65.50
C LYS H 3537 -22.40 -11.31 -65.31
N PHE H 3538 -22.65 -10.91 -64.06
CA PHE H 3538 -23.50 -9.77 -63.75
C PHE H 3538 -22.70 -8.65 -63.07
N VAL H 3539 -21.41 -8.57 -63.36
CA VAL H 3539 -20.58 -7.52 -62.77
C VAL H 3539 -20.96 -6.16 -63.33
N LYS H 3540 -21.51 -6.12 -64.55
CA LYS H 3540 -21.92 -4.85 -65.14
C LYS H 3540 -23.15 -4.27 -64.46
N ARG H 3541 -23.95 -5.10 -63.79
CA ARG H 3541 -25.13 -4.59 -63.10
C ARG H 3541 -24.75 -3.71 -61.92
N LYS H 3542 -23.64 -4.01 -61.25
CA LYS H 3542 -23.19 -3.21 -60.12
C LYS H 3542 -22.68 -1.84 -60.56
N VAL H 3543 -22.25 -1.71 -61.81
CA VAL H 3543 -21.76 -0.41 -62.30
C VAL H 3543 -22.92 0.57 -62.47
N LEU H 3544 -24.12 0.06 -62.75
CA LEU H 3544 -25.27 0.94 -62.93
C LEU H 3544 -25.65 1.62 -61.62
N ASP H 3545 -25.60 0.89 -60.51
CA ASP H 3545 -25.93 1.47 -59.20
C ASP H 3545 -24.76 2.20 -58.58
N LYS H 3546 -23.53 1.93 -59.02
CA LYS H 3546 -22.37 2.59 -58.43
C LYS H 3546 -22.26 4.03 -58.92
N HIS H 3547 -22.36 4.25 -60.22
CA HIS H 3547 -22.27 5.58 -60.81
C HIS H 3547 -23.63 6.12 -61.23
N GLY H 3548 -24.71 5.59 -60.68
CA GLY H 3548 -26.04 6.05 -60.99
C GLY H 3548 -26.53 7.21 -60.16
N ASP H 3549 -25.84 7.53 -59.07
CA ASP H 3549 -26.23 8.64 -58.21
C ASP H 3549 -25.46 9.92 -58.49
N ILE H 3550 -24.24 9.80 -59.02
CA ILE H 3550 -23.45 11.00 -59.31
C ILE H 3550 -23.88 11.63 -60.63
N TYR H 3551 -24.25 10.81 -61.61
CA TYR H 3551 -24.70 11.29 -62.92
C TYR H 3551 -26.09 10.71 -63.21
N GLY H 3552 -26.58 10.98 -64.42
CA GLY H 3552 -27.86 10.44 -64.83
C GLY H 3552 -27.80 8.96 -65.17
N ARG H 3553 -28.94 8.29 -65.00
CA ARG H 3553 -29.01 6.87 -65.30
C ARG H 3553 -29.00 6.59 -66.79
N GLU H 3554 -29.30 7.58 -67.63
CA GLU H 3554 -29.31 7.37 -69.07
C GLU H 3554 -27.90 7.37 -69.65
N ARG H 3555 -26.96 8.10 -69.02
CA ARG H 3555 -25.60 8.14 -69.53
C ARG H 3555 -24.87 6.83 -69.26
N ILE H 3556 -25.03 6.27 -68.06
CA ILE H 3556 -24.37 5.00 -67.73
C ILE H 3556 -24.99 3.84 -68.49
N ALA H 3557 -26.26 3.96 -68.90
CA ALA H 3557 -26.92 2.88 -69.63
C ALA H 3557 -26.54 2.89 -71.11
N GLU H 3558 -26.27 4.07 -71.67
CA GLU H 3558 -25.89 4.13 -73.08
C GLU H 3558 -24.48 3.61 -73.31
N ILE H 3559 -24.67 -14.11 -83.91
CA ILE H 3559 -23.41 -14.21 -83.18
C ILE H 3559 -22.88 -12.82 -82.86
N ASP H 3560 -21.92 -12.77 -81.95
CA ASP H 3560 -21.31 -11.49 -81.52
C ASP H 3560 -20.37 -11.03 -82.63
N VAL H 3561 -20.90 -10.16 -83.51
CA VAL H 3561 -20.09 -9.64 -84.61
C VAL H 3561 -19.16 -8.52 -84.15
N LYS H 3562 -19.42 -7.92 -82.98
CA LYS H 3562 -18.58 -6.84 -82.47
C LYS H 3562 -17.63 -7.29 -81.37
N TYR H 3563 -18.01 -8.29 -80.58
CA TYR H 3563 -17.11 -8.75 -79.51
C TYR H 3563 -15.90 -9.49 -80.08
N GLN H 3564 -16.10 -10.22 -81.18
CA GLN H 3564 -14.96 -10.94 -81.78
C GLN H 3564 -13.96 -9.98 -82.40
N ILE H 3565 -14.40 -8.78 -82.81
CA ILE H 3565 -13.48 -7.80 -83.34
C ILE H 3565 -12.56 -7.29 -82.23
N TRP H 3566 -13.10 -7.06 -81.04
CA TRP H 3566 -12.27 -6.65 -79.92
C TRP H 3566 -11.37 -7.79 -79.46
N LYS H 3567 -11.87 -9.03 -79.52
CA LYS H 3567 -11.06 -10.19 -79.15
C LYS H 3567 -9.98 -10.46 -80.20
N PHE H 3568 -10.22 -10.07 -81.46
CA PHE H 3568 -9.22 -10.26 -82.50
C PHE H 3568 -8.06 -9.29 -82.37
N GLY H 3569 -8.26 -8.15 -81.70
CA GLY H 3569 -7.18 -7.19 -81.55
C GLY H 3569 -6.32 -7.45 -80.34
N VAL H 3570 -6.88 -8.02 -79.28
CA VAL H 3570 -6.10 -8.30 -78.07
C VAL H 3570 -5.10 -9.43 -78.31
N ILE H 3571 -5.34 -10.28 -79.30
CA ILE H 3571 -4.41 -11.37 -79.59
C ILE H 3571 -3.19 -10.85 -80.33
N PHE H 3572 -3.39 -9.91 -81.26
CA PHE H 3572 -2.28 -9.39 -82.05
C PHE H 3572 -1.42 -8.42 -81.24
N THR H 3573 -2.04 -7.62 -80.38
CA THR H 3573 -1.28 -6.65 -79.58
C THR H 3573 -0.49 -7.32 -78.46
N ASP H 3574 -0.78 -8.58 -78.14
CA ASP H 3574 -0.03 -9.27 -77.10
C ASP H 3574 1.34 -9.68 -77.61
N ASN H 3575 2.37 -9.42 -76.79
CA ASN H 3575 3.73 -9.75 -77.19
C ASN H 3575 3.98 -11.25 -77.24
N SER H 3576 3.15 -12.05 -76.55
CA SER H 3576 3.35 -13.49 -76.56
C SER H 3576 2.92 -14.09 -77.90
N PHE H 3577 1.75 -13.68 -78.41
CA PHE H 3577 1.30 -14.18 -79.69
C PHE H 3577 2.10 -13.58 -80.84
N LEU H 3578 2.54 -12.32 -80.71
CA LEU H 3578 3.35 -11.70 -81.74
C LEU H 3578 4.70 -12.41 -81.88
N TYR H 3579 5.24 -12.92 -80.78
CA TYR H 3579 6.48 -13.68 -80.85
C TYR H 3579 6.29 -14.98 -81.61
N LEU H 3580 5.21 -15.71 -81.31
CA LEU H 3580 4.92 -16.94 -82.05
C LEU H 3580 4.50 -16.64 -83.49
N GLY H 3581 3.86 -15.50 -83.72
CA GLY H 3581 3.49 -15.13 -85.07
C GLY H 3581 4.69 -14.79 -85.92
N TRP H 3582 5.62 -14.00 -85.37
CA TRP H 3582 6.85 -13.68 -86.10
C TRP H 3582 7.73 -14.91 -86.27
N TYR H 3583 7.64 -15.87 -85.35
CA TYR H 3583 8.40 -17.11 -85.48
C TYR H 3583 7.85 -17.98 -86.61
N MET H 3584 6.55 -17.85 -86.91
CA MET H 3584 5.96 -18.63 -87.99
C MET H 3584 6.27 -18.03 -89.35
N VAL H 3585 6.40 -16.71 -89.44
CA VAL H 3585 6.74 -16.08 -90.71
C VAL H 3585 8.15 -16.46 -91.15
N MET H 3586 9.08 -16.56 -90.19
CA MET H 3586 10.44 -16.97 -90.52
C MET H 3586 10.49 -18.41 -91.02
N SER H 3587 9.59 -19.27 -90.53
CA SER H 3587 9.55 -20.65 -91.01
C SER H 3587 8.99 -20.73 -92.41
N LEU H 3588 7.96 -19.92 -92.71
CA LEU H 3588 7.39 -19.93 -94.06
C LEU H 3588 8.32 -19.26 -95.05
N LEU H 3589 8.95 -18.16 -94.65
CA LEU H 3589 9.90 -17.48 -95.55
C LEU H 3589 11.18 -18.29 -95.71
N GLY H 3590 11.57 -19.05 -94.70
CA GLY H 3590 12.75 -19.88 -94.78
C GLY H 3590 12.43 -21.32 -95.13
N HIS H 3591 11.31 -21.52 -95.84
CA HIS H 3591 10.90 -22.87 -96.19
C HIS H 3591 11.86 -23.51 -97.19
N TYR H 3592 12.43 -22.71 -98.09
CA TYR H 3592 13.38 -23.21 -99.07
C TYR H 3592 14.81 -23.13 -98.53
N ASN H 3593 15.77 -23.38 -99.40
CA ASN H 3593 17.19 -23.54 -99.04
C ASN H 3593 17.86 -22.24 -98.60
N ASN H 3594 17.16 -21.14 -98.29
CA ASN H 3594 17.83 -19.93 -97.86
C ASN H 3594 18.30 -20.06 -96.42
N PHE H 3595 19.20 -19.16 -96.02
CA PHE H 3595 19.76 -19.16 -94.67
C PHE H 3595 18.95 -18.24 -93.75
N PHE H 3596 17.67 -18.59 -93.60
CA PHE H 3596 16.77 -17.84 -92.74
C PHE H 3596 16.47 -18.55 -91.42
N PHE H 3597 16.81 -19.84 -91.31
CA PHE H 3597 16.58 -20.58 -90.08
C PHE H 3597 17.61 -20.28 -89.00
N ALA H 3598 18.61 -19.45 -89.29
CA ALA H 3598 19.61 -19.11 -88.28
C ALA H 3598 19.02 -18.25 -87.17
N ALA H 3599 18.00 -17.46 -87.48
CA ALA H 3599 17.36 -16.62 -86.47
C ALA H 3599 16.66 -17.44 -85.39
N HIS H 3600 16.32 -18.70 -85.68
CA HIS H 3600 15.67 -19.55 -84.69
C HIS H 3600 16.64 -19.99 -83.59
N LEU H 3601 17.95 -19.88 -83.82
CA LEU H 3601 18.91 -20.25 -82.79
C LEU H 3601 18.88 -19.28 -81.62
N LEU H 3602 18.53 -18.02 -81.87
CA LEU H 3602 18.40 -17.04 -80.78
C LEU H 3602 17.21 -17.35 -79.89
N ASP H 3603 16.22 -18.10 -80.38
CA ASP H 3603 15.07 -18.47 -79.55
C ASP H 3603 15.47 -19.43 -78.45
N ILE H 3604 16.42 -20.33 -78.73
CA ILE H 3604 16.88 -21.26 -77.70
C ILE H 3604 17.71 -20.53 -76.65
N ALA H 3605 18.45 -19.50 -77.06
CA ALA H 3605 19.24 -18.73 -76.09
C ALA H 3605 18.35 -17.86 -75.23
N MET H 3606 17.29 -17.30 -75.80
CA MET H 3606 16.39 -16.44 -75.03
C MET H 3606 15.56 -17.24 -74.05
N GLY H 3607 15.23 -18.50 -74.39
CA GLY H 3607 14.43 -19.33 -73.50
C GLY H 3607 15.13 -19.70 -72.20
N VAL H 3608 16.45 -19.59 -72.16
CA VAL H 3608 17.20 -19.91 -70.95
C VAL H 3608 17.04 -18.77 -69.95
N LYS H 3609 16.90 -19.12 -68.68
CA LYS H 3609 16.66 -18.11 -67.65
C LYS H 3609 17.91 -17.28 -67.39
N THR H 3610 19.08 -17.92 -67.29
CA THR H 3610 20.30 -17.19 -66.97
C THR H 3610 20.81 -16.38 -68.16
N LEU H 3611 20.44 -16.76 -69.39
CA LEU H 3611 20.85 -16.01 -70.57
C LEU H 3611 19.97 -14.78 -70.81
N ARG H 3612 18.81 -14.69 -70.16
CA ARG H 3612 17.95 -13.52 -70.35
C ARG H 3612 18.56 -12.28 -69.71
N THR H 3613 19.39 -12.45 -68.68
CA THR H 3613 19.99 -11.30 -68.02
C THR H 3613 21.03 -10.62 -68.91
N ILE H 3614 21.83 -11.42 -69.62
CA ILE H 3614 22.86 -10.84 -70.50
C ILE H 3614 22.22 -10.15 -71.69
N LEU H 3615 21.21 -10.79 -72.30
CA LEU H 3615 20.59 -10.21 -73.49
C LEU H 3615 19.79 -8.95 -73.15
N SER H 3616 19.19 -8.89 -71.96
CA SER H 3616 18.40 -7.74 -71.55
C SER H 3616 19.18 -6.75 -70.71
N SER H 3617 20.50 -6.94 -70.57
CA SER H 3617 21.30 -6.02 -69.77
C SER H 3617 21.44 -4.67 -70.47
N VAL H 3618 21.34 -4.65 -71.80
CA VAL H 3618 21.47 -3.38 -72.53
C VAL H 3618 20.22 -2.54 -72.34
N THR H 3619 19.05 -3.16 -72.37
CA THR H 3619 17.79 -2.45 -72.23
C THR H 3619 17.42 -2.15 -70.78
N HIS H 3620 18.24 -2.59 -69.82
CA HIS H 3620 17.96 -2.30 -68.42
C HIS H 3620 18.17 -0.82 -68.11
N ASN H 3621 19.37 -0.31 -68.39
CA ASN H 3621 19.70 1.09 -68.21
C ASN H 3621 19.96 1.77 -69.55
N GLY H 3622 19.14 1.45 -70.55
CA GLY H 3622 19.31 2.03 -71.87
C GLY H 3622 19.05 3.52 -71.94
N LYS H 3623 18.37 4.07 -70.93
CA LYS H 3623 18.14 5.51 -70.90
C LYS H 3623 19.46 6.27 -70.76
N GLN H 3624 20.35 5.80 -69.89
CA GLN H 3624 21.66 6.41 -69.71
C GLN H 3624 22.71 5.84 -70.65
N LEU H 3625 22.33 4.90 -71.52
CA LEU H 3625 23.26 4.31 -72.48
C LEU H 3625 23.21 4.97 -73.86
N VAL H 3626 22.03 5.44 -74.28
CA VAL H 3626 21.93 6.09 -75.59
C VAL H 3626 22.59 7.46 -75.56
N MET H 3627 22.69 8.08 -74.39
CA MET H 3627 23.27 9.41 -74.27
C MET H 3627 24.76 9.38 -73.99
N THR H 3628 25.27 8.30 -73.40
CA THR H 3628 26.71 8.19 -73.18
C THR H 3628 27.44 7.72 -74.43
N VAL H 3629 26.75 7.01 -75.33
CA VAL H 3629 27.35 6.64 -76.60
C VAL H 3629 27.33 7.83 -77.56
N GLY H 3630 26.42 8.78 -77.35
CA GLY H 3630 26.42 9.99 -78.16
C GLY H 3630 27.59 10.89 -77.86
N LEU H 3631 28.11 10.85 -76.63
CA LEU H 3631 29.31 11.61 -76.30
C LEU H 3631 30.52 11.10 -77.09
N LEU H 3632 30.54 9.81 -77.42
CA LEU H 3632 31.61 9.29 -78.27
C LEU H 3632 31.56 9.90 -79.66
N ALA H 3633 30.36 10.14 -80.20
CA ALA H 3633 30.22 10.78 -81.49
C ALA H 3633 30.55 12.26 -81.46
N VAL H 3634 30.76 12.84 -80.28
CA VAL H 3634 31.12 14.24 -80.15
C VAL H 3634 32.63 14.42 -80.01
N VAL H 3635 33.27 13.55 -79.24
CA VAL H 3635 34.71 13.66 -79.05
C VAL H 3635 35.45 13.32 -80.35
N VAL H 3636 34.91 12.39 -81.14
CA VAL H 3636 35.51 12.09 -82.42
C VAL H 3636 35.18 13.16 -83.46
N TYR H 3637 34.11 13.92 -83.23
CA TYR H 3637 33.78 15.03 -84.12
C TYR H 3637 34.65 16.25 -83.83
N LEU H 3638 35.10 16.41 -82.58
CA LEU H 3638 36.01 17.50 -82.24
C LEU H 3638 37.44 17.24 -82.65
N TYR H 3639 37.82 15.97 -82.82
CA TYR H 3639 39.17 15.62 -83.24
C TYR H 3639 39.34 15.53 -84.74
N THR H 3640 38.24 15.38 -85.49
CA THR H 3640 38.31 15.40 -86.95
C THR H 3640 38.28 16.81 -87.51
N VAL H 3641 37.91 17.81 -86.69
CA VAL H 3641 37.93 19.19 -87.17
C VAL H 3641 39.36 19.70 -87.26
N VAL H 3642 40.18 19.41 -86.23
CA VAL H 3642 41.58 19.83 -86.25
C VAL H 3642 42.41 19.03 -87.24
N ALA H 3643 41.88 17.91 -87.76
CA ALA H 3643 42.59 17.16 -88.78
C ALA H 3643 42.60 17.88 -90.11
N PHE H 3644 41.54 18.63 -90.42
CA PHE H 3644 41.48 19.41 -91.64
C PHE H 3644 42.20 20.73 -91.54
N ASN H 3645 42.83 21.03 -90.40
CA ASN H 3645 43.52 22.29 -90.18
C ASN H 3645 45.03 22.14 -90.13
N PHE H 3646 45.54 21.16 -89.39
CA PHE H 3646 46.98 20.98 -89.22
C PHE H 3646 47.45 19.54 -89.40
N PHE H 3647 46.56 18.59 -89.66
CA PHE H 3647 46.95 17.18 -89.78
C PHE H 3647 46.28 16.55 -90.99
N ARG H 3648 46.23 17.27 -92.11
CA ARG H 3648 45.62 16.76 -93.33
C ARG H 3648 46.61 15.95 -94.16
N LYS H 3649 47.82 16.47 -94.35
CA LYS H 3649 48.84 15.78 -95.14
C LYS H 3649 49.60 14.73 -94.36
N PHE H 3650 49.28 14.54 -93.07
CA PHE H 3650 49.99 13.56 -92.26
C PHE H 3650 49.37 12.16 -92.34
N TYR H 3651 48.15 12.03 -92.84
CA TYR H 3651 47.52 10.72 -92.95
C TYR H 3651 48.17 9.89 -94.05
N ASN H 3652 48.13 10.40 -95.29
CA ASN H 3652 48.73 9.73 -96.45
C ASN H 3652 48.15 8.32 -96.63
N LYS H 3653 46.84 8.29 -96.85
CA LYS H 3653 46.09 7.04 -97.04
C LYS H 3653 46.30 6.07 -95.88
N MET H 3654 44.23 8.14 -100.71
CA MET H 3654 44.26 9.11 -99.63
C MET H 3654 42.87 9.29 -99.02
N LYS H 3655 42.70 8.83 -97.78
CA LYS H 3655 41.43 8.91 -97.07
C LYS H 3655 41.35 10.14 -96.17
N CYS H 3656 41.78 11.31 -96.67
CA CYS H 3656 41.74 12.53 -95.88
C CYS H 3656 41.25 13.72 -96.70
N ASP H 3657 40.59 13.49 -97.83
CA ASP H 3657 40.09 14.57 -98.67
C ASP H 3657 38.68 14.99 -98.27
N ASP H 3658 37.74 14.05 -98.27
CA ASP H 3658 36.37 14.34 -97.92
C ASP H 3658 36.19 14.33 -96.40
N MET H 3659 35.12 15.00 -95.95
CA MET H 3659 34.84 15.06 -94.52
C MET H 3659 34.21 13.79 -94.01
N MET H 3660 33.30 13.19 -94.80
CA MET H 3660 32.66 11.95 -94.37
C MET H 3660 33.66 10.80 -94.28
N THR H 3661 34.75 10.85 -95.07
CA THR H 3661 35.76 9.81 -95.00
C THR H 3661 36.55 9.90 -93.71
N CYS H 3662 36.85 11.12 -93.24
CA CYS H 3662 37.60 11.27 -92.01
C CYS H 3662 36.76 10.93 -90.79
N TYR H 3663 35.47 11.28 -90.82
CA TYR H 3663 34.60 10.95 -89.71
C TYR H 3663 34.40 9.44 -89.57
N LEU H 3664 34.40 8.72 -90.69
CA LEU H 3664 34.30 7.26 -90.65
C LEU H 3664 35.64 6.60 -90.37
N PHE H 3665 36.76 7.27 -90.68
CA PHE H 3665 38.07 6.69 -90.42
C PHE H 3665 38.38 6.67 -88.93
N HIS H 3666 37.95 7.71 -88.20
CA HIS H 3666 38.19 7.76 -86.76
C HIS H 3666 37.27 6.82 -85.99
N MET H 3667 36.27 6.24 -86.63
CA MET H 3667 35.35 5.30 -85.99
C MET H 3667 35.53 3.87 -86.44
N TYR H 3668 35.96 3.64 -87.68
CA TYR H 3668 36.15 2.29 -88.17
C TYR H 3668 37.41 1.65 -87.59
N VAL H 3669 38.54 2.34 -87.68
CA VAL H 3669 39.80 1.85 -87.15
C VAL H 3669 40.29 2.67 -85.97
N GLY H 3670 39.58 3.73 -85.60
CA GLY H 3670 40.03 4.55 -84.47
C GLY H 3670 39.78 3.88 -83.13
N VAL H 3671 38.54 3.46 -82.88
CA VAL H 3671 38.21 2.84 -81.61
C VAL H 3671 38.30 1.31 -81.65
N ARG H 3672 38.31 0.72 -82.85
CA ARG H 3672 38.39 -0.74 -82.96
C ARG H 3672 39.81 -1.26 -82.82
N ALA H 3673 40.82 -0.44 -83.11
CA ALA H 3673 42.20 -0.90 -82.99
C ALA H 3673 42.61 -1.06 -81.53
N GLY H 3674 42.15 -0.14 -80.66
CA GLY H 3674 42.48 -0.20 -79.26
C GLY H 3674 43.86 0.31 -78.90
N GLY H 3675 44.72 0.57 -79.88
CA GLY H 3675 46.06 1.05 -79.60
C GLY H 3675 46.25 2.50 -79.98
N GLY H 3676 45.16 3.26 -80.04
CA GLY H 3676 45.21 4.66 -80.38
C GLY H 3676 44.93 4.92 -81.85
N ILE H 3677 45.43 6.06 -82.32
CA ILE H 3677 45.26 6.47 -83.71
C ILE H 3677 46.57 6.52 -84.48
N GLY H 3678 47.71 6.49 -83.79
CA GLY H 3678 48.99 6.55 -84.45
C GLY H 3678 49.41 5.29 -85.17
N ASP H 3679 48.61 4.23 -85.10
CA ASP H 3679 48.96 2.97 -85.76
C ASP H 3679 48.69 3.03 -87.27
N GLU H 3680 47.64 3.75 -87.69
CA GLU H 3680 47.29 3.83 -89.10
C GLU H 3680 48.03 4.95 -89.81
N ILE H 3681 48.24 6.09 -89.14
CA ILE H 3681 48.91 7.23 -89.74
C ILE H 3681 50.41 6.99 -89.73
N GLU H 3682 51.16 7.79 -90.49
CA GLU H 3682 52.60 7.64 -90.57
C GLU H 3682 53.25 8.14 -89.28
N ASP H 3683 54.52 7.75 -89.10
CA ASP H 3683 55.26 8.14 -87.91
C ASP H 3683 55.67 9.61 -88.01
N PRO H 3684 55.75 10.31 -86.88
CA PRO H 3684 56.15 11.73 -86.93
C PRO H 3684 57.63 11.91 -87.23
N ALA H 3685 58.00 11.72 -88.50
CA ALA H 3685 59.39 11.88 -88.92
C ALA H 3685 59.72 13.31 -89.29
N GLY H 3686 58.77 14.04 -89.87
CA GLY H 3686 59.02 15.41 -90.26
C GLY H 3686 58.97 16.36 -89.07
N ASP H 3687 59.79 17.41 -89.15
CA ASP H 3687 59.84 18.41 -88.09
C ASP H 3687 58.64 19.34 -88.08
N GLU H 3688 57.92 19.43 -89.19
CA GLU H 3688 56.75 20.29 -89.26
C GLU H 3688 55.63 19.72 -88.40
N TYR H 3689 55.16 20.53 -87.45
CA TYR H 3689 54.09 20.13 -86.51
C TYR H 3689 54.49 18.86 -85.75
N GLU H 3690 55.78 18.76 -85.39
CA GLU H 3690 56.24 17.60 -84.65
C GLU H 3690 55.82 17.67 -83.18
N LEU H 3691 55.86 18.88 -82.60
CA LEU H 3691 55.46 19.03 -81.21
C LEU H 3691 53.96 18.88 -81.02
N TYR H 3692 53.17 19.10 -82.07
CA TYR H 3692 51.72 18.95 -82.01
C TYR H 3692 51.25 17.56 -82.41
N ARG H 3693 52.16 16.69 -82.86
CA ARG H 3693 51.77 15.33 -83.21
C ARG H 3693 51.74 14.42 -81.98
N VAL H 3694 52.65 14.64 -81.04
CA VAL H 3694 52.70 13.81 -79.84
C VAL H 3694 51.57 14.14 -78.87
N VAL H 3695 50.99 15.32 -78.98
CA VAL H 3695 49.90 15.68 -78.07
C VAL H 3695 48.58 15.09 -78.55
N PHE H 3696 48.44 14.81 -79.85
CA PHE H 3696 47.22 14.21 -80.37
C PHE H 3696 47.13 12.73 -80.05
N ASP H 3697 48.25 12.04 -79.98
CA ASP H 3697 48.24 10.61 -79.64
C ASP H 3697 47.85 10.41 -78.18
N ILE H 3698 48.30 11.31 -77.30
CA ILE H 3698 47.97 11.18 -75.88
C ILE H 3698 46.51 11.52 -75.62
N THR H 3699 46.02 12.63 -76.20
CA THR H 3699 44.65 13.06 -75.95
C THR H 3699 43.61 12.13 -76.54
N PHE H 3700 44.00 11.20 -77.41
CA PHE H 3700 43.07 10.26 -78.01
C PHE H 3700 43.09 8.89 -77.35
N PHE H 3701 44.28 8.34 -77.09
CA PHE H 3701 44.37 7.03 -76.46
C PHE H 3701 43.98 7.09 -74.98
N PHE H 3702 44.18 8.24 -74.34
CA PHE H 3702 43.85 8.38 -72.92
C PHE H 3702 42.37 8.66 -72.69
N PHE H 3703 41.65 9.13 -73.71
CA PHE H 3703 40.26 9.54 -73.53
C PHE H 3703 39.28 8.45 -74.00
N VAL H 3704 39.24 8.19 -75.31
CA VAL H 3704 38.24 7.30 -75.88
C VAL H 3704 38.59 5.83 -75.73
N ILE H 3705 39.74 5.51 -75.13
CA ILE H 3705 40.17 4.13 -74.96
C ILE H 3705 40.29 3.75 -73.49
N VAL H 3706 40.85 4.64 -72.67
CA VAL H 3706 41.07 4.36 -71.26
C VAL H 3706 39.91 4.85 -70.40
N ILE H 3707 39.35 6.02 -70.72
CA ILE H 3707 38.31 6.63 -69.90
C ILE H 3707 36.94 6.36 -70.50
N LEU H 3708 36.72 6.81 -71.75
CA LEU H 3708 35.39 6.72 -72.34
C LEU H 3708 35.02 5.28 -72.66
N LEU H 3709 35.99 4.47 -73.09
CA LEU H 3709 35.69 3.07 -73.42
C LEU H 3709 35.45 2.25 -72.16
N ALA H 3710 36.09 2.61 -71.04
CA ALA H 3710 35.90 1.85 -69.82
C ALA H 3710 34.52 2.09 -69.21
N ILE H 3711 33.95 3.28 -69.41
CA ILE H 3711 32.62 3.56 -68.88
C ILE H 3711 31.57 2.75 -69.62
N ILE H 3712 31.71 2.62 -70.94
CA ILE H 3712 30.77 1.81 -71.71
C ILE H 3712 30.84 0.35 -71.28
N GLN H 3713 32.04 -0.17 -71.11
CA GLN H 3713 32.20 -1.54 -70.63
C GLN H 3713 31.74 -1.68 -69.18
N GLY H 3714 31.93 -0.63 -68.37
CA GLY H 3714 31.53 -0.71 -66.97
C GLY H 3714 30.03 -0.61 -66.77
N LEU H 3715 29.33 0.07 -67.66
CA LEU H 3715 27.88 0.18 -67.53
C LEU H 3715 27.18 -1.14 -67.80
N ILE H 3716 27.74 -1.98 -68.68
CA ILE H 3716 27.14 -3.27 -68.95
C ILE H 3716 27.39 -4.24 -67.81
N ILE H 3717 28.59 -4.20 -67.22
CA ILE H 3717 28.90 -5.06 -66.08
C ILE H 3717 28.09 -4.64 -64.87
N ASP H 3718 27.91 -3.33 -64.67
CA ASP H 3718 27.11 -2.85 -63.55
C ASP H 3718 25.64 -3.25 -63.71
N ALA H 3719 25.11 -3.15 -64.93
CA ALA H 3719 23.74 -3.59 -65.17
C ALA H 3719 23.60 -5.10 -64.98
N PHE H 3720 24.59 -5.87 -65.43
CA PHE H 3720 24.55 -7.31 -65.22
C PHE H 3720 24.86 -7.67 -63.77
N GLY H 3721 25.66 -6.84 -63.08
CA GLY H 3721 25.97 -7.12 -61.69
C GLY H 3721 24.79 -6.85 -60.77
N GLU H 3722 24.02 -5.80 -61.06
CA GLU H 3722 22.84 -5.50 -60.25
C GLU H 3722 21.73 -6.51 -60.48
N LEU H 3723 21.54 -6.92 -61.74
CA LEU H 3723 20.51 -7.91 -62.03
C LEU H 3723 20.86 -9.28 -61.47
N ARG H 3724 22.15 -9.62 -61.46
CA ARG H 3724 22.57 -10.90 -60.89
C ARG H 3724 22.37 -10.92 -59.38
N ASP H 3725 22.70 -9.80 -58.71
CA ASP H 3725 22.51 -9.73 -57.27
C ASP H 3725 21.04 -9.60 -56.89
N GLN H 3726 20.22 -9.02 -57.77
CA GLN H 3726 18.79 -8.88 -57.46
C GLN H 3726 18.09 -10.23 -57.52
N GLN H 3727 18.47 -11.09 -58.46
CA GLN H 3727 17.86 -12.41 -58.55
C GLN H 3727 18.21 -13.28 -57.34
N GLU H 3728 19.38 -13.06 -56.75
CA GLU H 3728 19.78 -13.81 -55.56
C GLU H 3728 19.33 -13.16 -54.26
N GLN H 3729 19.04 -11.86 -54.28
CA GLN H 3729 18.56 -11.19 -53.07
C GLN H 3729 17.12 -11.58 -52.77
N VAL H 3730 16.30 -11.77 -53.81
CA VAL H 3730 14.92 -12.16 -53.60
C VAL H 3730 14.80 -13.61 -53.19
N ARG H 3731 15.83 -14.42 -53.43
CA ARG H 3731 15.82 -15.82 -53.02
C ARG H 3731 16.30 -16.00 -51.58
N GLU H 3732 17.29 -15.22 -51.17
CA GLU H 3732 17.76 -15.30 -49.79
C GLU H 3732 16.73 -14.70 -48.82
N ASP H 3733 16.10 -13.60 -49.22
CA ASP H 3733 15.08 -12.98 -48.37
C ASP H 3733 13.81 -13.80 -48.28
N MET H 3734 13.58 -14.71 -49.23
CA MET H 3734 12.38 -15.54 -49.18
C MET H 3734 12.43 -16.51 -48.01
N GLU H 3735 13.63 -17.04 -47.70
CA GLU H 3735 13.78 -17.95 -46.58
C GLU H 3735 13.75 -17.23 -45.24
N THR H 3736 13.94 -15.92 -45.22
CA THR H 3736 13.92 -15.18 -43.97
C THR H 3736 12.49 -15.04 -43.45
N LYS H 3737 11.56 -14.66 -44.33
CA LYS H 3737 10.16 -14.49 -43.95
C LYS H 3737 9.28 -14.87 -45.13
N CYS H 3738 8.13 -15.44 -44.82
CA CYS H 3738 7.18 -15.85 -45.84
C CYS H 3738 6.43 -14.65 -46.41
N PHE H 3739 6.05 -14.75 -47.68
CA PHE H 3739 5.32 -13.65 -48.31
C PHE H 3739 3.90 -13.55 -47.77
N ILE H 3740 3.25 -14.68 -47.54
CA ILE H 3740 1.89 -14.64 -47.00
C ILE H 3740 1.90 -14.24 -45.53
N CYS H 3741 2.86 -14.75 -44.76
CA CYS H 3741 2.94 -14.42 -43.35
C CYS H 3741 3.44 -12.99 -43.18
N GLY H 3742 3.05 -12.37 -42.07
CA GLY H 3742 3.45 -11.03 -41.73
C GLY H 3742 4.60 -10.92 -40.77
N ILE H 3743 5.07 -12.05 -40.21
CA ILE H 3743 6.20 -12.04 -39.28
C ILE H 3743 7.47 -11.89 -40.10
N GLY H 3744 8.20 -10.79 -39.89
CA GLY H 3744 9.40 -10.51 -40.64
C GLY H 3744 10.67 -10.68 -39.82
N SER H 3745 10.52 -10.91 -38.52
CA SER H 3745 11.66 -11.07 -37.64
C SER H 3745 12.23 -12.48 -37.79
N ASP H 3746 13.23 -12.81 -36.97
CA ASP H 3746 13.87 -14.12 -36.99
C ASP H 3746 13.35 -15.04 -35.90
N TYR H 3747 12.07 -14.93 -35.55
CA TYR H 3747 11.51 -15.79 -34.52
C TYR H 3747 11.43 -17.24 -34.99
N PHE H 3748 10.88 -17.47 -36.18
CA PHE H 3748 10.82 -18.81 -36.73
C PHE H 3748 12.17 -19.29 -37.25
N ASP H 3749 13.08 -18.38 -37.59
CA ASP H 3749 14.39 -18.78 -38.06
C ASP H 3749 15.30 -19.26 -36.92
N THR H 3750 15.13 -18.68 -35.72
CA THR H 3750 15.95 -19.11 -34.58
C THR H 3750 15.46 -20.43 -34.01
N THR H 3751 14.14 -20.60 -33.87
CA THR H 3751 13.60 -21.83 -33.34
C THR H 3751 13.81 -22.96 -34.35
N PRO H 3752 14.37 -24.10 -33.93
CA PRO H 3752 14.60 -25.19 -34.89
C PRO H 3752 13.28 -25.78 -35.39
N HIS H 3753 13.24 -26.06 -36.69
CA HIS H 3753 12.09 -26.67 -37.35
C HIS H 3753 10.82 -25.83 -37.17
N ARG H 3754 10.97 -24.51 -37.14
CA ARG H 3754 9.84 -23.59 -37.01
C ARG H 3754 9.41 -22.99 -38.34
N PHE H 3755 10.38 -22.54 -39.15
CA PHE H 3755 10.04 -21.97 -40.44
C PHE H 3755 9.65 -23.04 -41.45
N GLU H 3756 10.25 -24.24 -41.35
CA GLU H 3756 9.88 -25.32 -42.24
C GLU H 3756 8.48 -25.84 -41.96
N THR H 3757 8.06 -25.81 -40.69
CA THR H 3757 6.71 -26.24 -40.34
C THR H 3757 5.68 -25.14 -40.59
N HIS H 3758 6.08 -23.87 -40.49
CA HIS H 3758 5.15 -22.78 -40.73
C HIS H 3758 4.70 -22.75 -42.18
N THR H 3759 5.60 -23.04 -43.12
CA THR H 3759 5.26 -23.07 -44.54
C THR H 3759 4.63 -24.38 -44.97
N LEU H 3760 4.50 -25.36 -44.07
CA LEU H 3760 3.93 -26.66 -44.41
C LEU H 3760 2.44 -26.73 -44.12
N GLU H 3761 2.02 -26.31 -42.93
CA GLU H 3761 0.62 -26.39 -42.52
C GLU H 3761 0.02 -25.05 -42.11
N GLU H 3762 0.81 -24.14 -41.53
CA GLU H 3762 0.26 -22.86 -41.08
C GLU H 3762 -0.09 -21.97 -42.26
N HIS H 3763 0.89 -21.64 -43.09
CA HIS H 3763 0.70 -20.77 -44.24
C HIS H 3763 1.24 -21.47 -45.48
N ASN H 3764 0.39 -21.60 -46.51
CA ASN H 3764 0.77 -22.23 -47.75
C ASN H 3764 0.23 -21.43 -48.91
N LEU H 3765 0.99 -21.38 -50.01
CA LEU H 3765 0.54 -20.67 -51.20
C LEU H 3765 -0.55 -21.41 -51.95
N ALA H 3766 -0.81 -22.68 -51.61
CA ALA H 3766 -1.87 -23.45 -52.22
C ALA H 3766 -3.16 -23.48 -51.41
N ASN H 3767 -3.05 -23.41 -50.08
CA ASN H 3767 -4.25 -23.39 -49.24
C ASN H 3767 -5.03 -22.10 -49.42
N TYR H 3768 -4.33 -20.97 -49.48
CA TYR H 3768 -5.01 -19.70 -49.74
C TYR H 3768 -5.60 -19.67 -51.15
N MET H 3769 -4.98 -20.35 -52.10
CA MET H 3769 -5.54 -20.44 -53.44
C MET H 3769 -6.78 -21.33 -53.45
N PHE H 3770 -6.73 -22.45 -52.73
CA PHE H 3770 -7.90 -23.32 -52.63
C PHE H 3770 -9.00 -22.70 -51.78
N PHE H 3771 -8.66 -21.74 -50.92
CA PHE H 3771 -9.69 -21.08 -50.11
C PHE H 3771 -10.59 -20.20 -50.99
N LEU H 3772 -10.02 -19.54 -52.00
CA LEU H 3772 -10.83 -18.75 -52.90
C LEU H 3772 -11.71 -19.65 -53.78
N MET H 3773 -11.20 -20.82 -54.16
CA MET H 3773 -12.00 -21.78 -54.90
C MET H 3773 -13.16 -22.31 -54.06
N TYR H 3774 -12.94 -22.49 -52.75
CA TYR H 3774 -14.00 -22.98 -51.88
C TYR H 3774 -15.11 -21.97 -51.71
N LEU H 3775 -14.81 -20.67 -51.85
CA LEU H 3775 -15.83 -19.64 -51.71
C LEU H 3775 -16.69 -19.53 -52.96
N ILE H 3776 -16.07 -19.61 -54.14
CA ILE H 3776 -16.82 -19.51 -55.38
C ILE H 3776 -17.67 -20.75 -55.61
N ASN H 3777 -17.22 -21.91 -55.12
CA ASN H 3777 -17.97 -23.15 -55.31
C ASN H 3777 -19.29 -23.12 -54.54
N LYS H 3778 -19.21 -22.91 -53.23
CA LYS H 3778 -20.41 -22.88 -52.42
C LYS H 3778 -21.18 -21.58 -52.62
N ASP H 3779 -22.47 -21.62 -52.30
CA ASP H 3779 -23.32 -20.44 -52.41
C ASP H 3779 -23.07 -19.48 -51.24
N GLU H 3780 -23.51 -18.24 -51.42
CA GLU H 3780 -23.32 -17.23 -50.39
C GLU H 3780 -24.15 -17.52 -49.15
N THR H 3781 -25.33 -18.13 -49.32
CA THR H 3781 -26.20 -18.42 -48.19
C THR H 3781 -25.66 -19.55 -47.31
N GLU H 3782 -24.68 -20.32 -47.79
CA GLU H 3782 -24.10 -21.41 -47.02
C GLU H 3782 -22.83 -21.01 -46.28
N HIS H 3783 -22.42 -19.74 -46.38
CA HIS H 3783 -21.22 -19.29 -45.69
C HIS H 3783 -21.47 -19.13 -44.19
N THR H 3784 -20.43 -19.36 -43.41
CA THR H 3784 -20.52 -19.24 -41.97
C THR H 3784 -20.21 -17.80 -41.55
N GLY H 3785 -20.00 -17.58 -40.24
CA GLY H 3785 -19.72 -16.23 -39.78
C GLY H 3785 -18.39 -15.69 -40.27
N GLN H 3786 -17.39 -16.57 -40.42
CA GLN H 3786 -16.08 -16.17 -40.91
C GLN H 3786 -16.02 -16.16 -42.43
N GLU H 3787 -16.73 -17.08 -43.08
CA GLU H 3787 -16.72 -17.12 -44.54
C GLU H 3787 -17.51 -15.96 -45.14
N SER H 3788 -18.49 -15.43 -44.42
CA SER H 3788 -19.24 -14.29 -44.92
C SER H 3788 -18.47 -12.99 -44.78
N TYR H 3789 -17.59 -12.89 -43.78
CA TYR H 3789 -16.85 -11.66 -43.57
C TYR H 3789 -15.76 -11.49 -44.63
N VAL H 3790 -15.14 -12.59 -45.07
CA VAL H 3790 -14.11 -12.49 -46.09
C VAL H 3790 -14.72 -12.23 -47.46
N TRP H 3791 -15.99 -12.61 -47.64
CA TRP H 3791 -16.67 -12.33 -48.90
C TRP H 3791 -17.11 -10.87 -49.00
N LYS H 3792 -17.43 -10.24 -47.87
CA LYS H 3792 -17.82 -8.84 -47.89
C LYS H 3792 -16.64 -7.93 -48.20
N MET H 3793 -15.44 -8.31 -47.76
CA MET H 3793 -14.24 -7.53 -48.02
C MET H 3793 -13.56 -7.89 -49.33
N TYR H 3794 -13.99 -8.97 -49.99
CA TYR H 3794 -13.40 -9.34 -51.27
C TYR H 3794 -13.74 -8.32 -52.35
N GLN H 3795 -15.01 -7.92 -52.43
CA GLN H 3795 -15.44 -6.90 -53.38
C GLN H 3795 -15.10 -5.50 -52.93
N GLU H 3796 -14.57 -5.32 -51.72
CA GLU H 3796 -14.21 -4.00 -51.22
C GLU H 3796 -12.85 -3.59 -51.77
N ARG H 3797 -12.56 -2.29 -51.64
CA ARG H 3797 -11.31 -1.73 -52.13
C ARG H 3797 -10.15 -1.96 -51.18
N CYS H 3798 -10.35 -2.69 -50.08
CA CYS H 3798 -9.30 -2.95 -49.11
C CYS H 3798 -9.12 -4.46 -48.93
N TRP H 3799 -7.97 -4.83 -48.41
CA TRP H 3799 -7.60 -6.23 -48.15
C TRP H 3799 -7.01 -6.36 -46.75
N ASP H 3800 -7.68 -5.76 -45.76
CA ASP H 3800 -7.20 -5.78 -44.39
C ASP H 3800 -7.33 -7.15 -43.72
N PHE H 3801 -7.93 -8.13 -44.39
CA PHE H 3801 -8.08 -9.45 -43.79
C PHE H 3801 -6.77 -10.22 -43.70
N PHE H 3802 -5.72 -9.76 -44.38
CA PHE H 3802 -4.42 -10.40 -44.28
C PHE H 3802 -3.82 -10.16 -42.89
N PRO H 3803 -2.93 -11.05 -42.43
CA PRO H 3803 -2.31 -10.86 -41.11
C PRO H 3803 -1.55 -9.54 -41.02
N ALA H 3804 -0.54 -9.37 -41.88
CA ALA H 3804 0.26 -8.15 -41.95
C ALA H 3804 0.91 -7.83 -40.61
N GLY H 3805 1.68 -8.78 -40.11
CA GLY H 3805 2.44 -8.60 -38.88
C GLY H 3805 1.91 -9.31 -37.66
N ASP H 3806 0.85 -10.12 -37.80
CA ASP H 3806 0.27 -10.84 -36.66
C ASP H 3806 -0.15 -12.23 -37.15
N CYS H 3807 0.68 -13.23 -36.86
CA CYS H 3807 0.38 -14.60 -37.25
C CYS H 3807 -0.37 -15.31 -36.13
N PHE H 3808 -0.72 -16.58 -36.37
CA PHE H 3808 -1.45 -17.33 -35.36
C PHE H 3808 -0.57 -17.69 -34.17
N ARG H 3809 0.73 -17.88 -34.40
CA ARG H 3809 1.63 -18.21 -33.30
C ARG H 3809 1.91 -17.00 -32.41
N LYS H 3810 1.86 -15.79 -32.98
CA LYS H 3810 2.09 -14.59 -32.19
C LYS H 3810 0.98 -14.36 -31.18
N GLN H 3811 -0.25 -14.78 -31.50
CA GLN H 3811 -1.35 -14.64 -30.56
C GLN H 3811 -1.28 -15.67 -29.45
N TYR H 3812 -0.94 -16.91 -29.79
CA TYR H 3812 -0.82 -17.96 -28.78
C TYR H 3812 0.41 -17.78 -27.89
N GLU H 3813 1.43 -17.06 -28.36
CA GLU H 3813 2.60 -16.83 -27.54
C GLU H 3813 2.32 -15.87 -26.39
N ASP H 3814 1.43 -14.89 -26.61
CA ASP H 3814 1.10 -13.95 -25.55
C ASP H 3814 0.28 -14.62 -24.45
N GLN H 3815 -0.70 -15.45 -24.82
CA GLN H 3815 -1.51 -16.13 -23.83
C GLN H 3815 -0.75 -17.28 -23.19
N LEU H 3816 -0.09 -18.10 -23.99
CA LEU H 3816 0.68 -19.23 -23.48
C LEU H 3816 2.16 -19.09 -23.84
N MET I 1 -76.63 -49.42 -33.00
CA MET I 1 -76.87 -48.25 -33.84
C MET I 1 -78.09 -48.46 -34.73
N ALA I 2 -78.83 -47.38 -34.99
CA ALA I 2 -80.02 -47.45 -35.82
C ALA I 2 -79.71 -47.57 -37.30
N ASP I 3 -78.45 -47.46 -37.69
CA ASP I 3 -78.07 -47.57 -39.10
C ASP I 3 -78.14 -48.99 -39.63
N GLN I 4 -78.33 -49.98 -38.75
CA GLN I 4 -78.41 -51.37 -39.20
C GLN I 4 -79.71 -51.63 -39.97
N LEU I 5 -80.79 -50.99 -39.56
CA LEU I 5 -82.07 -51.18 -40.23
C LEU I 5 -82.07 -50.53 -41.60
N THR I 6 -82.58 -51.26 -42.60
CA THR I 6 -82.62 -50.75 -43.96
C THR I 6 -83.72 -49.69 -44.09
N GLU I 7 -83.71 -48.99 -45.23
CA GLU I 7 -84.69 -47.94 -45.46
C GLU I 7 -86.10 -48.52 -45.61
N GLU I 8 -86.21 -49.67 -46.28
CA GLU I 8 -87.52 -50.29 -46.46
C GLU I 8 -88.10 -50.75 -45.13
N GLN I 9 -87.27 -51.32 -44.26
CA GLN I 9 -87.75 -51.75 -42.95
C GLN I 9 -88.19 -50.55 -42.11
N ILE I 10 -87.42 -49.46 -42.16
CA ILE I 10 -87.79 -48.25 -41.43
C ILE I 10 -89.12 -47.72 -41.95
N ALA I 11 -89.29 -47.69 -43.28
CA ALA I 11 -90.53 -47.19 -43.85
C ALA I 11 -91.72 -48.05 -43.47
N GLU I 12 -91.55 -49.38 -43.49
CA GLU I 12 -92.65 -50.27 -43.11
C GLU I 12 -92.99 -50.12 -41.64
N PHE I 13 -91.98 -50.00 -40.78
CA PHE I 13 -92.22 -49.81 -39.35
C PHE I 13 -92.95 -48.49 -39.10
N LYS I 14 -92.54 -47.43 -39.79
CA LYS I 14 -93.22 -46.14 -39.63
C LYS I 14 -94.66 -46.21 -40.13
N GLU I 15 -94.88 -46.90 -41.25
CA GLU I 15 -96.23 -47.04 -41.77
C GLU I 15 -97.14 -47.78 -40.80
N ALA I 16 -96.64 -48.88 -40.23
CA ALA I 16 -97.44 -49.63 -39.26
C ALA I 16 -97.68 -48.80 -37.99
N PHE I 17 -96.64 -48.10 -37.54
CA PHE I 17 -96.76 -47.28 -36.32
C PHE I 17 -97.79 -46.18 -36.50
N SER I 18 -97.86 -45.59 -37.70
CA SER I 18 -98.82 -44.52 -37.95
C SER I 18 -100.21 -45.07 -38.28
N LEU I 19 -100.30 -46.29 -38.81
CA LEU I 19 -101.60 -46.85 -39.16
C LEU I 19 -102.32 -47.40 -37.94
N PHE I 20 -101.59 -48.01 -37.01
CA PHE I 20 -102.24 -48.55 -35.82
C PHE I 20 -102.78 -47.43 -34.93
N ASP I 21 -101.99 -46.40 -34.69
CA ASP I 21 -102.40 -45.31 -33.83
C ASP I 21 -103.31 -44.34 -34.58
N LYS I 22 -104.21 -43.70 -33.83
CA LYS I 22 -105.14 -42.75 -34.41
C LYS I 22 -104.44 -41.39 -34.62
N ASP I 23 -105.22 -40.40 -35.04
CA ASP I 23 -104.68 -39.07 -35.25
C ASP I 23 -104.32 -38.42 -33.93
N GLY I 24 -103.15 -37.79 -33.87
CA GLY I 24 -102.71 -37.13 -32.66
C GLY I 24 -101.25 -37.38 -32.34
N ASP I 25 -100.94 -37.52 -31.06
CA ASP I 25 -99.56 -37.76 -30.64
C ASP I 25 -99.15 -39.20 -30.94
N GLY I 26 -97.86 -39.40 -31.17
CA GLY I 26 -97.33 -40.72 -31.45
C GLY I 26 -97.22 -41.65 -30.26
N THR I 27 -97.61 -41.20 -29.07
CA THR I 27 -97.53 -42.05 -27.89
C THR I 27 -98.55 -43.18 -27.98
N ILE I 28 -98.11 -44.39 -27.68
CA ILE I 28 -98.93 -45.59 -27.80
C ILE I 28 -98.81 -46.39 -26.51
N THR I 29 -99.96 -46.89 -26.01
CA THR I 29 -99.98 -47.67 -24.79
C THR I 29 -99.19 -48.97 -24.95
N THR I 30 -98.70 -49.50 -23.82
CA THR I 30 -97.89 -50.71 -23.85
C THR I 30 -98.66 -51.87 -24.45
N LYS I 31 -99.91 -52.08 -24.00
CA LYS I 31 -100.74 -53.11 -24.61
C LYS I 31 -101.02 -52.80 -26.06
N GLU I 32 -101.29 -51.53 -26.38
CA GLU I 32 -101.44 -51.13 -27.78
C GLU I 32 -100.13 -51.26 -28.54
N LEU I 33 -98.99 -51.07 -27.87
CA LEU I 33 -97.70 -51.29 -28.51
C LEU I 33 -97.53 -52.75 -28.90
N GLY I 34 -97.89 -53.66 -27.99
CA GLY I 34 -97.84 -55.08 -28.33
C GLY I 34 -98.81 -55.44 -29.43
N THR I 35 -100.00 -54.85 -29.42
CA THR I 35 -100.97 -55.11 -30.48
C THR I 35 -100.44 -54.63 -31.83
N VAL I 36 -99.77 -53.48 -31.85
CA VAL I 36 -99.21 -52.97 -33.10
C VAL I 36 -98.05 -53.84 -33.57
N MET I 37 -97.24 -54.31 -32.62
CA MET I 37 -96.15 -55.22 -32.98
C MET I 37 -96.68 -56.51 -33.57
N ARG I 38 -97.78 -57.02 -33.02
CA ARG I 38 -98.41 -58.21 -33.59
C ARG I 38 -99.01 -57.92 -34.95
N SER I 39 -99.56 -56.71 -35.14
CA SER I 39 -100.13 -56.34 -36.43
C SER I 39 -99.05 -56.12 -37.48
N LEU I 40 -97.84 -55.78 -37.06
CA LEU I 40 -96.74 -55.53 -37.98
C LEU I 40 -96.08 -56.81 -38.49
N GLY I 41 -96.58 -57.98 -38.10
CA GLY I 41 -96.01 -59.24 -38.55
C GLY I 41 -95.28 -59.98 -37.45
N PRO I 44 -94.39 -62.25 -32.19
CA PRO I 44 -93.54 -62.49 -31.04
C PRO I 44 -94.29 -63.13 -29.87
N THR I 45 -93.55 -63.71 -28.94
CA THR I 45 -94.17 -64.36 -27.79
C THR I 45 -94.71 -63.30 -26.81
N GLU I 46 -95.54 -63.76 -25.87
CA GLU I 46 -96.09 -62.86 -24.88
C GLU I 46 -95.03 -62.38 -23.91
N ALA I 47 -94.08 -63.25 -23.56
CA ALA I 47 -93.00 -62.85 -22.66
C ALA I 47 -92.11 -61.79 -23.30
N GLU I 48 -91.80 -61.95 -24.59
CA GLU I 48 -91.00 -60.96 -25.29
C GLU I 48 -91.74 -59.62 -25.38
N LEU I 49 -93.06 -59.66 -25.62
CA LEU I 49 -93.83 -58.42 -25.66
C LEU I 49 -93.85 -57.74 -24.29
N GLN I 50 -94.00 -58.52 -23.22
CA GLN I 50 -93.99 -57.94 -21.89
C GLN I 50 -92.61 -57.34 -21.56
N ASP I 51 -91.54 -58.01 -21.97
CA ASP I 51 -90.21 -57.47 -21.75
C ASP I 51 -89.99 -56.18 -22.53
N MET I 52 -90.47 -56.13 -23.77
CA MET I 52 -90.33 -54.92 -24.57
C MET I 52 -91.16 -53.78 -24.00
N ILE I 53 -92.32 -54.09 -23.44
CA ILE I 53 -93.16 -53.07 -22.82
C ILE I 53 -92.50 -52.55 -21.54
N ASN I 54 -91.89 -53.44 -20.76
CA ASN I 54 -91.21 -53.02 -19.54
C ASN I 54 -89.94 -52.23 -19.84
N GLU I 55 -89.28 -52.53 -20.97
CA GLU I 55 -88.07 -51.80 -21.32
C GLU I 55 -88.37 -50.36 -21.72
N VAL I 56 -89.53 -50.11 -22.31
CA VAL I 56 -89.91 -48.77 -22.72
C VAL I 56 -90.91 -48.18 -21.73
N ASN I 61 -97.35 -43.20 -16.94
CA ASN I 61 -96.55 -43.32 -18.15
C ASN I 61 -97.26 -44.19 -19.18
N GLY I 62 -96.63 -45.28 -19.57
CA GLY I 62 -97.21 -46.17 -20.56
C GLY I 62 -97.30 -45.58 -21.95
N THR I 63 -96.24 -44.91 -22.40
CA THR I 63 -96.22 -44.27 -23.72
C THR I 63 -94.93 -44.65 -24.43
N ILE I 64 -95.07 -45.09 -25.68
CA ILE I 64 -93.94 -45.50 -26.51
C ILE I 64 -93.97 -44.67 -27.79
N ASP I 65 -92.83 -44.06 -28.12
CA ASP I 65 -92.73 -43.18 -29.27
C ASP I 65 -91.98 -43.92 -30.39
N PHE I 66 -91.81 -43.24 -31.53
CA PHE I 66 -91.26 -43.89 -32.71
C PHE I 66 -89.80 -44.33 -32.57
N PRO I 67 -88.87 -43.49 -32.09
CA PRO I 67 -87.47 -43.98 -31.94
C PRO I 67 -87.36 -45.12 -30.94
N GLU I 68 -88.20 -45.12 -29.90
CA GLU I 68 -88.21 -46.26 -28.98
C GLU I 68 -88.59 -47.55 -29.69
N PHE I 69 -89.64 -47.49 -30.52
CA PHE I 69 -90.05 -48.66 -31.29
C PHE I 69 -88.95 -49.11 -32.25
N LEU I 70 -88.30 -48.14 -32.90
CA LEU I 70 -87.22 -48.48 -33.82
C LEU I 70 -86.05 -49.16 -33.11
N THR I 71 -85.65 -48.62 -31.96
CA THR I 71 -84.56 -49.20 -31.20
C THR I 71 -84.94 -50.58 -30.66
N MET I 72 -86.22 -50.79 -30.33
CA MET I 72 -86.64 -52.09 -29.84
C MET I 72 -86.66 -53.12 -30.96
N MET I 73 -87.07 -52.72 -32.17
CA MET I 73 -87.17 -53.65 -33.28
C MET I 73 -85.84 -53.91 -33.97
N ALA I 74 -84.86 -53.00 -33.85
CA ALA I 74 -83.58 -53.19 -34.51
C ALA I 74 -82.84 -54.40 -33.94
N ARG I 75 -82.84 -54.55 -32.61
CA ARG I 75 -82.14 -55.67 -32.00
C ARG I 75 -82.78 -56.99 -32.38
N LYS I 76 -84.09 -57.00 -32.63
CA LYS I 76 -84.77 -58.23 -33.01
C LYS I 76 -84.58 -58.55 -34.48
N MET I 77 -84.48 -57.51 -35.32
CA MET I 77 -84.39 -57.74 -36.77
C MET I 77 -82.96 -57.83 -37.27
N LYS I 78 -81.96 -57.50 -36.45
CA LYS I 78 -80.58 -57.46 -36.95
C LYS I 78 -79.96 -58.85 -36.99
N ASP I 79 -80.17 -59.66 -35.95
CA ASP I 79 -79.35 -60.85 -35.75
C ASP I 79 -79.59 -61.91 -36.83
N THR I 80 -80.84 -62.30 -37.04
CA THR I 80 -81.14 -63.36 -38.01
C THR I 80 -80.80 -62.90 -39.43
N ASP I 81 -81.12 -61.66 -39.75
CA ASP I 81 -80.79 -61.13 -41.07
C ASP I 81 -79.28 -61.12 -41.30
N SER I 82 -78.51 -60.73 -40.29
CA SER I 82 -77.05 -60.71 -40.44
C SER I 82 -76.51 -62.13 -40.60
N GLU I 83 -77.03 -63.08 -39.83
CA GLU I 83 -76.57 -64.47 -39.96
C GLU I 83 -76.86 -65.01 -41.35
N GLU I 84 -78.09 -64.81 -41.84
CA GLU I 84 -78.46 -65.31 -43.16
C GLU I 84 -77.62 -64.65 -44.25
N GLU I 85 -77.43 -63.33 -44.16
CA GLU I 85 -76.64 -62.63 -45.16
C GLU I 85 -75.19 -63.08 -45.15
N ILE I 86 -74.63 -63.31 -43.96
CA ILE I 86 -73.25 -63.77 -43.87
C ILE I 86 -73.11 -65.16 -44.48
N ARG I 87 -74.05 -66.06 -44.17
CA ARG I 87 -74.00 -67.39 -44.75
C ARG I 87 -74.11 -67.34 -46.27
N GLU I 88 -75.06 -66.54 -46.78
CA GLU I 88 -75.26 -66.46 -48.23
C GLU I 88 -74.05 -65.85 -48.93
N ALA I 89 -73.46 -64.81 -48.34
CA ALA I 89 -72.31 -64.16 -48.96
C ALA I 89 -71.06 -65.03 -48.91
N PHE I 90 -70.88 -65.80 -47.83
CA PHE I 90 -69.74 -66.69 -47.75
C PHE I 90 -69.89 -67.86 -48.70
N ARG I 91 -71.12 -68.37 -48.87
CA ARG I 91 -71.37 -69.46 -49.80
C ARG I 91 -71.58 -69.00 -51.24
N VAL I 92 -71.43 -67.71 -51.51
CA VAL I 92 -71.67 -67.20 -52.86
C VAL I 92 -70.45 -67.36 -53.76
N PHE I 93 -69.25 -67.51 -53.19
CA PHE I 93 -68.05 -67.62 -54.01
C PHE I 93 -68.02 -68.95 -54.75
N ASP I 94 -68.16 -70.05 -54.03
CA ASP I 94 -68.11 -71.38 -54.65
C ASP I 94 -69.40 -71.67 -55.39
N LYS I 95 -69.28 -72.44 -56.48
CA LYS I 95 -70.41 -72.84 -57.30
C LYS I 95 -70.77 -74.30 -57.13
N ASP I 96 -70.14 -75.00 -56.18
CA ASP I 96 -70.44 -76.42 -55.98
C ASP I 96 -71.80 -76.61 -55.32
N GLY I 97 -72.26 -75.63 -54.54
CA GLY I 97 -73.54 -75.71 -53.87
C GLY I 97 -73.50 -76.36 -52.50
N ASN I 98 -72.45 -77.12 -52.20
CA ASN I 98 -72.36 -77.77 -50.90
C ASN I 98 -71.97 -76.80 -49.79
N GLY I 99 -71.22 -75.74 -50.12
CA GLY I 99 -70.80 -74.75 -49.16
C GLY I 99 -69.40 -74.94 -48.61
N TYR I 100 -68.80 -76.12 -48.80
CA TYR I 100 -67.45 -76.40 -48.32
C TYR I 100 -66.48 -76.27 -49.49
N ILE I 101 -65.78 -75.14 -49.55
CA ILE I 101 -64.81 -74.89 -50.61
C ILE I 101 -63.44 -75.35 -50.15
N SER I 102 -62.43 -75.14 -51.00
CA SER I 102 -61.07 -75.54 -50.65
C SER I 102 -60.51 -74.61 -49.57
N ALA I 103 -59.69 -75.19 -48.69
CA ALA I 103 -59.10 -74.39 -47.62
C ALA I 103 -58.06 -73.42 -48.16
N ALA I 104 -57.20 -73.88 -49.08
CA ALA I 104 -56.20 -72.99 -49.67
C ALA I 104 -56.86 -71.90 -50.49
N GLU I 105 -57.90 -72.24 -51.25
CA GLU I 105 -58.59 -71.23 -52.04
C GLU I 105 -59.28 -70.21 -51.14
N LEU I 106 -59.89 -70.68 -50.04
CA LEU I 106 -60.53 -69.76 -49.10
C LEU I 106 -59.51 -68.83 -48.46
N ARG I 107 -58.35 -69.36 -48.07
CA ARG I 107 -57.29 -68.52 -47.50
C ARG I 107 -56.77 -67.51 -48.51
N HIS I 108 -56.59 -67.92 -49.76
CA HIS I 108 -56.11 -67.00 -50.78
C HIS I 108 -57.14 -65.90 -51.06
N VAL I 109 -58.43 -66.25 -51.05
CA VAL I 109 -59.46 -65.25 -51.27
C VAL I 109 -59.56 -64.30 -50.10
N MET I 110 -59.34 -64.80 -48.87
CA MET I 110 -59.39 -63.92 -47.71
C MET I 110 -58.17 -63.00 -47.66
N THR I 111 -57.01 -63.48 -48.12
CA THR I 111 -55.81 -62.66 -48.10
C THR I 111 -55.74 -61.68 -49.26
N ASN I 112 -56.35 -62.01 -50.40
CA ASN I 112 -56.26 -61.14 -51.56
C ASN I 112 -57.42 -60.14 -51.60
N LEU I 113 -58.61 -60.55 -51.17
CA LEU I 113 -59.78 -59.69 -51.21
C LEU I 113 -60.41 -59.63 -49.82
N GLY I 114 -61.21 -58.58 -49.61
CA GLY I 114 -61.87 -58.39 -48.34
C GLY I 114 -61.50 -57.08 -47.67
N GLU I 115 -60.29 -57.02 -47.10
CA GLU I 115 -59.84 -55.80 -46.42
C GLU I 115 -58.31 -55.73 -46.56
N LYS I 116 -57.67 -55.14 -45.57
CA LYS I 116 -56.21 -54.99 -45.54
C LYS I 116 -55.67 -55.76 -44.35
N LEU I 117 -54.98 -56.86 -44.61
CA LEU I 117 -54.40 -57.68 -43.56
C LEU I 117 -53.05 -58.22 -44.02
N THR I 118 -52.13 -58.36 -43.07
CA THR I 118 -50.80 -58.86 -43.37
C THR I 118 -50.83 -60.34 -43.70
N ASP I 119 -49.76 -60.81 -44.36
CA ASP I 119 -49.67 -62.22 -44.70
C ASP I 119 -49.53 -63.08 -43.45
N GLU I 120 -48.80 -62.59 -42.45
CA GLU I 120 -48.66 -63.33 -41.20
C GLU I 120 -50.00 -63.47 -40.49
N GLU I 121 -50.81 -62.40 -40.51
CA GLU I 121 -52.14 -62.47 -39.90
C GLU I 121 -53.02 -63.47 -40.64
N VAL I 122 -52.93 -63.50 -41.97
CA VAL I 122 -53.71 -64.46 -42.74
C VAL I 122 -53.27 -65.89 -42.43
N ASP I 123 -51.96 -66.11 -42.28
CA ASP I 123 -51.46 -67.44 -41.94
C ASP I 123 -51.92 -67.85 -40.55
N GLU I 124 -51.91 -66.90 -39.60
CA GLU I 124 -52.37 -67.22 -38.25
C GLU I 124 -53.87 -67.53 -38.24
N MET I 125 -54.66 -66.79 -39.03
CA MET I 125 -56.09 -67.06 -39.11
C MET I 125 -56.36 -68.41 -39.76
N ILE I 126 -55.55 -68.78 -40.75
CA ILE I 126 -55.71 -70.09 -41.39
C ILE I 126 -55.33 -71.21 -40.43
N ARG I 127 -54.29 -70.99 -39.63
CA ARG I 127 -53.89 -71.99 -38.64
C ARG I 127 -54.93 -72.13 -37.54
N GLU I 128 -55.56 -71.02 -37.15
CA GLU I 128 -56.60 -71.08 -36.13
C GLU I 128 -57.88 -71.74 -36.65
N ALA I 129 -58.11 -71.67 -37.97
CA ALA I 129 -59.29 -72.28 -38.56
C ALA I 129 -59.13 -73.78 -38.69
N VAL I 137 -63.97 -77.40 -44.98
CA VAL I 137 -64.36 -76.21 -44.23
C VAL I 137 -65.52 -75.51 -44.90
N ASN I 138 -66.68 -75.52 -44.26
CA ASN I 138 -67.85 -74.86 -44.81
C ASN I 138 -67.71 -73.35 -44.73
N TYR I 139 -68.38 -72.65 -45.64
CA TYR I 139 -68.31 -71.19 -45.67
C TYR I 139 -69.04 -70.58 -44.49
N GLU I 140 -70.28 -71.01 -44.25
CA GLU I 140 -71.05 -70.49 -43.12
C GLU I 140 -70.40 -70.88 -41.80
N GLU I 141 -69.89 -72.10 -41.71
CA GLU I 141 -69.20 -72.52 -40.48
C GLU I 141 -67.96 -71.69 -40.22
N PHE I 142 -67.18 -71.42 -41.28
CA PHE I 142 -65.99 -70.59 -41.12
C PHE I 142 -66.35 -69.16 -40.72
N VAL I 143 -67.44 -68.63 -41.30
CA VAL I 143 -67.87 -67.28 -40.94
C VAL I 143 -68.31 -67.22 -39.49
N GLN I 144 -69.05 -68.24 -39.03
CA GLN I 144 -69.51 -68.27 -37.65
C GLN I 144 -68.33 -68.44 -36.69
N MET I 145 -67.31 -69.20 -37.09
CA MET I 145 -66.14 -69.38 -36.25
C MET I 145 -65.31 -68.09 -36.17
N MET I 146 -65.21 -67.37 -37.29
CA MET I 146 -64.46 -66.12 -37.29
C MET I 146 -65.21 -65.02 -36.54
N THR I 147 -66.54 -65.04 -36.57
CA THR I 147 -67.31 -64.03 -35.85
C THR I 147 -67.20 -64.22 -34.34
N ALA I 148 -67.15 -65.47 -33.89
CA ALA I 148 -67.04 -65.76 -32.46
C ALA I 148 -65.63 -65.52 -31.96
N GLY J 1 -17.07 -122.18 44.26
CA GLY J 1 -18.07 -123.13 43.83
C GLY J 1 -18.41 -123.03 42.35
N VAL J 2 -17.50 -123.53 41.52
CA VAL J 2 -17.69 -123.49 40.07
C VAL J 2 -18.52 -124.69 39.64
N GLU J 3 -19.19 -124.55 38.51
CA GLU J 3 -20.02 -125.61 37.93
C GLU J 3 -19.36 -126.12 36.65
N ILE J 4 -19.19 -127.43 36.56
CA ILE J 4 -18.54 -128.07 35.42
C ILE J 4 -19.57 -128.98 34.76
N GLU J 5 -20.26 -128.48 33.74
CA GLU J 5 -21.22 -129.26 32.98
C GLU J 5 -20.46 -129.98 31.87
N THR J 6 -20.26 -131.28 32.05
CA THR J 6 -19.47 -132.07 31.11
C THR J 6 -20.19 -132.22 29.78
N ILE J 7 -19.96 -131.29 28.85
CA ILE J 7 -20.53 -131.36 27.51
C ILE J 7 -19.52 -132.04 26.60
N SER J 8 -19.96 -133.11 25.93
CA SER J 8 -19.14 -133.93 25.06
C SER J 8 -17.93 -134.44 25.82
N PRO J 9 -18.09 -135.48 26.66
CA PRO J 9 -16.95 -135.97 27.45
C PRO J 9 -15.94 -136.69 26.59
N GLY J 10 -14.65 -136.47 26.91
CA GLY J 10 -13.58 -137.12 26.19
C GLY J 10 -13.23 -138.47 26.77
N ASP J 11 -12.57 -139.29 25.94
CA ASP J 11 -12.18 -140.63 26.37
C ASP J 11 -11.01 -140.60 27.35
N GLY J 12 -10.22 -139.54 27.36
CA GLY J 12 -9.08 -139.47 28.26
C GLY J 12 -9.53 -139.23 29.69
N ARG J 13 -8.99 -140.00 30.62
CA ARG J 13 -9.32 -139.89 32.03
C ARG J 13 -8.18 -139.32 32.86
N THR J 14 -7.06 -138.98 32.24
CA THR J 14 -5.91 -138.44 32.98
C THR J 14 -6.16 -136.97 33.33
N PHE J 15 -5.87 -136.63 34.58
CA PHE J 15 -6.04 -135.26 35.07
C PHE J 15 -4.71 -134.53 35.09
N PRO J 16 -4.70 -133.23 34.79
CA PRO J 16 -3.43 -132.48 34.81
C PRO J 16 -2.92 -132.30 36.23
N LYS J 17 -1.66 -132.67 36.44
CA LYS J 17 -1.01 -132.57 37.73
C LYS J 17 0.07 -131.49 37.69
N LYS J 18 0.70 -131.27 38.83
CA LYS J 18 1.75 -130.26 38.93
C LYS J 18 3.01 -130.72 38.21
N GLY J 19 3.60 -129.81 37.43
CA GLY J 19 4.81 -130.10 36.70
C GLY J 19 4.64 -130.30 35.20
N GLN J 20 3.45 -130.05 34.66
CA GLN J 20 3.19 -130.21 33.23
C GLN J 20 2.36 -129.04 32.73
N THR J 21 2.75 -128.51 31.58
CA THR J 21 2.02 -127.40 30.97
C THR J 21 0.76 -127.91 30.29
N CYS J 22 -0.19 -126.99 30.08
CA CYS J 22 -1.48 -127.31 29.48
C CYS J 22 -1.81 -126.29 28.41
N VAL J 23 -2.24 -126.77 27.25
CA VAL J 23 -2.67 -125.92 26.14
C VAL J 23 -4.19 -125.91 26.13
N VAL J 24 -4.78 -124.74 26.33
CA VAL J 24 -6.23 -124.59 26.47
C VAL J 24 -6.72 -123.59 25.43
N HIS J 25 -7.73 -123.98 24.66
CA HIS J 25 -8.40 -123.10 23.71
C HIS J 25 -9.73 -122.70 24.33
N TYR J 26 -9.70 -121.61 25.10
CA TYR J 26 -10.87 -121.15 25.84
C TYR J 26 -11.55 -120.00 25.11
N THR J 27 -12.87 -119.95 25.22
CA THR J 27 -13.68 -118.87 24.65
C THR J 27 -14.53 -118.27 25.77
N GLY J 28 -14.34 -116.97 26.01
CA GLY J 28 -15.02 -116.29 27.09
C GLY J 28 -16.27 -115.58 26.58
N MET J 29 -17.37 -115.79 27.28
CA MET J 29 -18.65 -115.15 26.96
C MET J 29 -19.28 -114.60 28.23
N LEU J 30 -19.99 -113.49 28.09
CA LEU J 30 -20.66 -112.85 29.21
C LEU J 30 -22.07 -113.43 29.37
N GLN J 31 -22.78 -112.93 30.39
CA GLN J 31 -24.13 -113.41 30.64
C GLN J 31 -25.10 -112.90 29.58
N ASN J 32 -24.94 -111.65 29.14
CA ASN J 32 -25.82 -111.10 28.12
C ASN J 32 -25.59 -111.73 26.76
N GLY J 33 -24.41 -112.29 26.51
CA GLY J 33 -24.11 -112.91 25.24
C GLY J 33 -22.90 -112.34 24.51
N LYS J 34 -22.26 -111.30 25.03
CA LYS J 34 -21.11 -110.71 24.36
C LYS J 34 -19.88 -111.59 24.56
N LYS J 35 -19.09 -111.74 23.49
CA LYS J 35 -17.88 -112.54 23.50
C LYS J 35 -16.68 -111.62 23.69
N PHE J 36 -16.09 -111.65 24.88
CA PHE J 36 -14.93 -110.81 25.19
C PHE J 36 -13.60 -111.50 24.93
N ASP J 37 -13.60 -112.81 24.71
CA ASP J 37 -12.38 -113.55 24.46
C ASP J 37 -12.69 -114.76 23.58
N SER J 38 -11.75 -115.08 22.70
CA SER J 38 -11.89 -116.25 21.82
C SER J 38 -10.50 -116.68 21.39
N SER J 39 -10.04 -117.82 21.92
CA SER J 39 -8.71 -118.33 21.57
C SER J 39 -8.65 -118.83 20.13
N ARG J 40 -9.79 -119.16 19.53
CA ARG J 40 -9.79 -119.61 18.14
C ARG J 40 -9.44 -118.48 17.19
N ASP J 41 -9.71 -117.23 17.57
CA ASP J 41 -9.37 -116.10 16.73
C ASP J 41 -7.86 -115.88 16.68
N ARG J 42 -7.18 -116.08 17.81
CA ARG J 42 -5.74 -115.88 17.86
C ARG J 42 -4.95 -117.09 17.37
N ASN J 43 -5.61 -118.25 17.26
CA ASN J 43 -4.98 -119.48 16.78
C ASN J 43 -3.77 -119.89 17.62
N LYS J 44 -3.75 -119.48 18.90
CA LYS J 44 -2.65 -119.80 19.79
C LYS J 44 -3.24 -120.23 21.14
N PRO J 45 -3.00 -121.46 21.59
CA PRO J 45 -3.54 -121.89 22.88
C PRO J 45 -2.84 -121.21 24.04
N PHE J 46 -3.61 -120.86 25.06
CA PHE J 46 -3.06 -120.21 26.25
C PHE J 46 -2.37 -121.25 27.12
N LYS J 47 -1.08 -121.05 27.37
CA LYS J 47 -0.28 -121.96 28.19
C LYS J 47 -0.06 -121.35 29.56
N PHE J 48 -0.47 -122.07 30.60
CA PHE J 48 -0.34 -121.60 31.97
C PHE J 48 0.26 -122.70 32.83
N ARG J 49 1.06 -122.29 33.81
CA ARG J 49 1.68 -123.24 34.73
C ARG J 49 0.68 -123.68 35.80
N ILE J 50 0.67 -124.97 36.10
CA ILE J 50 -0.25 -125.51 37.09
C ILE J 50 0.21 -125.09 38.48
N GLY J 51 -0.71 -124.48 39.24
CA GLY J 51 -0.40 -124.05 40.59
C GLY J 51 0.41 -122.78 40.70
N LYS J 52 0.66 -122.08 39.59
CA LYS J 52 1.43 -120.84 39.63
C LYS J 52 0.64 -119.66 40.16
N GLN J 53 -0.68 -119.79 40.28
CA GLN J 53 -1.57 -118.75 40.79
C GLN J 53 -1.56 -117.48 39.94
N GLU J 54 -1.03 -117.55 38.72
CA GLU J 54 -1.05 -116.38 37.84
C GLU J 54 -2.42 -116.18 37.21
N VAL J 55 -3.07 -117.26 36.80
CA VAL J 55 -4.42 -117.20 36.24
C VAL J 55 -5.40 -117.15 37.41
N ILE J 56 -6.65 -116.78 37.13
CA ILE J 56 -7.65 -116.71 38.19
C ILE J 56 -7.90 -118.10 38.77
N LYS J 57 -8.37 -118.12 40.02
CA LYS J 57 -8.57 -119.39 40.72
C LYS J 57 -9.69 -120.21 40.09
N GLY J 58 -10.73 -119.56 39.56
CA GLY J 58 -11.82 -120.30 38.95
C GLY J 58 -11.39 -121.07 37.72
N PHE J 59 -10.63 -120.41 36.84
CA PHE J 59 -10.16 -121.09 35.64
C PHE J 59 -9.21 -122.24 35.99
N GLU J 60 -8.35 -122.04 36.99
CA GLU J 60 -7.45 -123.12 37.40
C GLU J 60 -8.22 -124.30 37.98
N GLU J 61 -9.24 -124.02 38.81
CA GLU J 61 -10.07 -125.09 39.35
C GLU J 61 -10.81 -125.84 38.25
N GLY J 62 -11.34 -125.11 37.27
CA GLY J 62 -12.04 -125.76 36.18
C GLY J 62 -11.12 -126.59 35.31
N ALA J 63 -9.88 -126.12 35.09
CA ALA J 63 -8.93 -126.89 34.30
C ALA J 63 -8.43 -128.11 35.06
N ALA J 64 -8.34 -128.02 36.39
CA ALA J 64 -7.92 -129.18 37.18
C ALA J 64 -9.05 -130.20 37.33
N GLN J 65 -10.30 -129.74 37.30
CA GLN J 65 -11.42 -130.68 37.43
C GLN J 65 -11.67 -131.44 36.12
N MET J 66 -11.52 -130.77 34.98
CA MET J 66 -11.75 -131.42 33.70
C MET J 66 -10.63 -132.41 33.40
N SER J 67 -10.94 -133.37 32.53
CA SER J 67 -10.01 -134.42 32.15
C SER J 67 -9.33 -134.03 30.84
N LEU J 68 -8.89 -135.03 30.07
CA LEU J 68 -8.18 -134.79 28.82
C LEU J 68 -9.16 -134.68 27.66
N GLY J 69 -9.10 -133.57 26.93
CA GLY J 69 -9.93 -133.36 25.76
C GLY J 69 -11.41 -133.27 26.08
N GLN J 70 -11.80 -132.26 26.86
CA GLN J 70 -13.18 -132.04 27.24
C GLN J 70 -13.59 -130.62 26.87
N ARG J 71 -14.77 -130.49 26.25
CA ARG J 71 -15.33 -129.19 25.89
C ARG J 71 -16.37 -128.72 26.90
N ALA J 72 -16.19 -129.07 28.18
CA ALA J 72 -17.14 -128.70 29.20
C ALA J 72 -17.09 -127.20 29.47
N LYS J 73 -18.21 -126.67 29.97
CA LYS J 73 -18.30 -125.26 30.31
C LYS J 73 -17.71 -125.02 31.70
N LEU J 74 -17.03 -123.89 31.85
CA LEU J 74 -16.39 -123.54 33.11
C LEU J 74 -17.04 -122.31 33.73
N THR J 75 -18.33 -122.40 34.03
CA THR J 75 -19.04 -121.29 34.67
C THR J 75 -18.53 -121.12 36.10
N CYS J 76 -17.95 -119.96 36.39
CA CYS J 76 -17.37 -119.68 37.68
C CYS J 76 -18.15 -118.60 38.41
N THR J 77 -18.12 -118.67 39.74
CA THR J 77 -18.80 -117.66 40.55
C THR J 77 -18.02 -116.35 40.50
N PRO J 78 -18.71 -115.21 40.39
CA PRO J 78 -18.00 -113.92 40.39
C PRO J 78 -17.21 -113.67 41.67
N ASP J 79 -17.47 -114.41 42.74
CA ASP J 79 -16.71 -114.22 43.98
C ASP J 79 -15.28 -114.75 43.83
N VAL J 80 -15.14 -115.99 43.35
CA VAL J 80 -13.81 -116.57 43.18
C VAL J 80 -13.07 -115.95 41.99
N ALA J 81 -13.79 -115.28 41.09
CA ALA J 81 -13.17 -114.62 39.96
C ALA J 81 -12.83 -113.18 40.33
N TYR J 82 -12.43 -112.38 39.34
CA TYR J 82 -12.09 -110.98 39.55
C TYR J 82 -13.28 -110.05 39.37
N GLY J 83 -14.49 -110.51 39.72
CA GLY J 83 -15.68 -109.69 39.56
C GLY J 83 -15.72 -108.47 40.44
N ALA J 84 -14.97 -108.47 41.55
CA ALA J 84 -14.94 -107.31 42.44
C ALA J 84 -14.29 -106.12 41.75
N THR J 85 -13.04 -106.28 41.32
CA THR J 85 -12.30 -105.25 40.59
C THR J 85 -11.74 -105.90 39.34
N GLY J 86 -12.52 -105.91 38.26
CA GLY J 86 -12.11 -106.55 37.04
C GLY J 86 -11.23 -105.67 36.17
N HIS J 87 -10.79 -106.24 35.06
CA HIS J 87 -9.97 -105.51 34.10
C HIS J 87 -10.80 -104.39 33.48
N PRO J 88 -10.41 -103.13 33.65
CA PRO J 88 -11.24 -102.03 33.13
C PRO J 88 -11.29 -102.04 31.61
N GLY J 89 -12.50 -101.99 31.08
CA GLY J 89 -12.70 -101.92 29.64
C GLY J 89 -13.30 -103.17 29.03
N VAL J 90 -12.92 -104.34 29.54
CA VAL J 90 -13.38 -105.60 28.97
C VAL J 90 -14.42 -106.30 29.83
N ILE J 91 -14.35 -106.17 31.15
CA ILE J 91 -15.24 -106.86 32.07
C ILE J 91 -15.94 -105.82 32.94
N PRO J 92 -17.27 -105.84 33.01
CA PRO J 92 -17.96 -104.89 33.89
C PRO J 92 -17.83 -105.31 35.34
N PRO J 93 -17.93 -104.37 36.28
CA PRO J 93 -17.80 -104.73 37.70
C PRO J 93 -18.99 -105.56 38.17
N ASN J 94 -18.69 -106.64 38.89
CA ASN J 94 -19.69 -107.54 39.47
C ASN J 94 -20.60 -108.10 38.38
N ALA J 95 -20.05 -109.08 37.65
CA ALA J 95 -20.76 -109.75 36.58
C ALA J 95 -20.26 -111.18 36.47
N THR J 96 -21.14 -112.07 36.02
CA THR J 96 -20.77 -113.47 35.84
C THR J 96 -19.92 -113.65 34.60
N LEU J 97 -18.90 -114.49 34.69
CA LEU J 97 -17.98 -114.77 33.60
C LEU J 97 -18.08 -116.25 33.26
N ILE J 98 -18.63 -116.55 32.08
CA ILE J 98 -18.77 -117.93 31.60
C ILE J 98 -17.64 -118.20 30.62
N PHE J 99 -16.85 -119.23 30.92
CA PHE J 99 -15.69 -119.60 30.10
C PHE J 99 -15.96 -120.95 29.47
N ASP J 100 -16.28 -120.94 28.17
CA ASP J 100 -16.44 -122.18 27.42
C ASP J 100 -15.05 -122.69 27.04
N VAL J 101 -14.59 -123.72 27.73
CA VAL J 101 -13.22 -124.21 27.60
C VAL J 101 -13.24 -125.54 26.87
N GLU J 102 -12.39 -125.68 25.86
CA GLU J 102 -12.21 -126.93 25.12
C GLU J 102 -10.78 -127.39 25.35
N LEU J 103 -10.62 -128.45 26.14
CA LEU J 103 -9.30 -128.94 26.47
C LEU J 103 -8.60 -129.54 25.26
N LEU J 104 -7.28 -129.64 25.36
CA LEU J 104 -6.45 -130.19 24.29
C LEU J 104 -5.30 -130.96 24.92
N ASN J 105 -4.31 -131.31 24.09
CA ASN J 105 -3.16 -132.05 24.58
C ASN J 105 -2.30 -131.17 25.48
N LEU J 106 -1.68 -131.80 26.47
CA LEU J 106 -0.82 -131.09 27.42
C LEU J 106 0.52 -130.72 26.77
N GLN K 1 -26.39 -24.39 -3.45
CA GLN K 1 -25.91 -25.09 -4.65
C GLN K 1 -26.88 -26.19 -5.06
N PHE K 2 -26.40 -27.12 -5.88
CA PHE K 2 -27.20 -28.23 -6.37
C PHE K 2 -26.61 -29.53 -5.82
N LEU K 3 -27.47 -30.38 -5.27
CA LEU K 3 -27.02 -31.66 -4.73
C LEU K 3 -26.70 -32.62 -5.87
N ARG K 4 -25.68 -33.45 -5.65
CA ARG K 4 -25.23 -34.44 -6.63
C ARG K 4 -25.27 -35.83 -6.00
N THR K 5 -25.02 -36.84 -6.83
CA THR K 5 -24.99 -38.21 -6.36
C THR K 5 -23.75 -38.45 -5.50
N ASP K 6 -23.71 -39.63 -4.88
CA ASP K 6 -22.61 -40.03 -3.99
C ASP K 6 -22.43 -39.03 -2.85
N ASP K 7 -23.56 -38.49 -2.37
CA ASP K 7 -23.56 -37.54 -1.27
C ASP K 7 -24.64 -37.90 -0.28
N GLU K 8 -24.37 -37.63 1.00
CA GLU K 8 -25.30 -37.96 2.07
C GLU K 8 -26.34 -36.85 2.21
N VAL K 9 -27.62 -37.22 2.09
CA VAL K 9 -28.73 -36.29 2.24
C VAL K 9 -29.69 -36.83 3.29
N VAL K 10 -30.57 -35.96 3.77
CA VAL K 10 -31.54 -36.31 4.79
C VAL K 10 -32.94 -36.01 4.25
N LEU K 11 -33.92 -36.77 4.75
CA LEU K 11 -35.31 -36.61 4.38
C LEU K 11 -36.10 -36.18 5.60
N GLN K 12 -36.94 -35.16 5.45
CA GLN K 12 -37.74 -34.65 6.55
C GLN K 12 -39.01 -34.02 6.00
N CYS K 13 -39.95 -33.76 6.91
CA CYS K 13 -41.23 -33.16 6.56
C CYS K 13 -41.66 -32.23 7.69
N ASN K 14 -42.79 -31.55 7.49
CA ASN K 14 -43.32 -30.62 8.47
C ASN K 14 -44.76 -31.01 8.80
N ALA K 15 -45.11 -30.88 10.09
CA ALA K 15 -46.45 -31.21 10.55
C ALA K 15 -46.68 -30.54 11.89
N THR K 16 -47.95 -30.24 12.18
CA THR K 16 -48.37 -29.59 13.42
C THR K 16 -49.51 -30.40 14.01
N VAL K 17 -49.18 -31.41 14.82
CA VAL K 17 -50.17 -32.26 15.45
C VAL K 17 -50.53 -31.62 16.78
N LEU K 18 -51.46 -30.67 16.74
CA LEU K 18 -51.94 -29.97 17.94
C LEU K 18 -50.79 -29.30 18.69
N LYS K 19 -49.82 -28.79 17.95
CA LYS K 19 -48.65 -28.13 18.53
C LYS K 19 -48.07 -27.17 17.50
N GLU K 20 -46.89 -26.64 17.80
CA GLU K 20 -46.23 -25.73 16.88
C GLU K 20 -45.63 -26.49 15.70
N GLN K 21 -45.04 -25.75 14.77
CA GLN K 21 -44.43 -26.35 13.60
C GLN K 21 -43.17 -27.10 13.99
N LEU K 22 -43.12 -28.39 13.66
CA LEU K 22 -41.99 -29.24 13.98
C LEU K 22 -41.55 -29.99 12.74
N LYS K 23 -40.35 -30.58 12.81
CA LYS K 23 -39.77 -31.34 11.72
C LYS K 23 -39.63 -32.80 12.13
N LEU K 24 -40.02 -33.69 11.23
CA LEU K 24 -39.94 -35.14 11.46
C LEU K 24 -38.86 -35.72 10.55
N CYS K 25 -37.80 -36.23 11.16
CA CYS K 25 -36.66 -36.79 10.43
C CYS K 25 -36.85 -38.31 10.32
N LEU K 26 -36.85 -38.81 9.10
CA LEU K 26 -36.98 -40.25 8.87
C LEU K 26 -35.68 -40.96 9.19
N ALA K 27 -35.77 -42.06 9.93
CA ALA K 27 -34.59 -42.80 10.33
C ALA K 27 -34.94 -44.28 10.45
N ALA K 28 -33.92 -45.12 10.34
CA ALA K 28 -34.07 -46.56 10.45
C ALA K 28 -32.91 -47.12 11.26
N GLU K 29 -33.22 -48.00 12.21
CA GLU K 29 -32.17 -48.57 13.06
C GLU K 29 -31.25 -49.49 12.26
N GLY K 30 -31.82 -50.50 11.60
CA GLY K 30 -31.03 -51.44 10.83
C GLY K 30 -30.39 -52.51 11.68
N PHE K 31 -30.13 -53.67 11.08
CA PHE K 31 -29.52 -54.81 11.76
C PHE K 31 -30.36 -55.24 12.97
N GLY K 32 -31.60 -55.62 12.69
CA GLY K 32 -32.51 -56.06 13.73
C GLY K 32 -33.90 -55.47 13.61
N ASN K 33 -34.00 -54.25 13.10
CA ASN K 33 -35.27 -53.56 12.93
C ASN K 33 -35.41 -53.15 11.47
N ARG K 34 -36.49 -53.57 10.83
CA ARG K 34 -36.78 -53.24 9.44
C ARG K 34 -37.68 -52.02 9.30
N LEU K 35 -38.73 -51.93 10.11
CA LEU K 35 -39.64 -50.79 10.04
C LEU K 35 -38.93 -49.52 10.49
N CYS K 36 -39.27 -48.41 9.83
CA CYS K 36 -38.67 -47.12 10.14
C CYS K 36 -39.50 -46.35 11.16
N PHE K 37 -38.87 -45.36 11.77
CA PHE K 37 -39.51 -44.51 12.76
C PHE K 37 -39.09 -43.06 12.53
N LEU K 38 -39.75 -42.16 13.24
CA LEU K 38 -39.50 -40.73 13.11
C LEU K 38 -38.89 -40.19 14.40
N GLU K 39 -37.78 -39.47 14.27
CA GLU K 39 -37.10 -38.87 15.41
C GLU K 39 -37.25 -37.35 15.35
N PRO K 40 -37.81 -36.72 16.37
CA PRO K 40 -37.99 -35.26 16.31
C PRO K 40 -36.66 -34.54 16.45
N THR K 41 -36.49 -33.49 15.65
CA THR K 41 -35.28 -32.67 15.66
C THR K 41 -35.53 -31.23 16.06
N SER K 42 -36.77 -30.87 16.41
CA SER K 42 -37.06 -29.49 16.78
C SER K 42 -36.47 -29.15 18.15
N ASN K 43 -36.63 -30.05 19.12
CA ASN K 43 -36.10 -29.84 20.46
C ASN K 43 -34.64 -30.31 20.53
N ALA K 44 -33.82 -29.73 19.65
CA ALA K 44 -32.41 -30.09 19.58
C ALA K 44 -31.57 -29.39 20.66
N GLN K 45 -32.11 -28.35 21.29
CA GLN K 45 -31.34 -27.64 22.31
C GLN K 45 -31.22 -28.48 23.58
N ASN K 46 -32.32 -29.09 24.02
CA ASN K 46 -32.29 -29.90 25.24
C ASN K 46 -31.75 -31.30 24.96
N VAL K 47 -32.27 -31.96 23.94
CA VAL K 47 -31.88 -33.31 23.57
C VAL K 47 -31.30 -33.27 22.17
N PRO K 48 -30.04 -33.63 21.95
CA PRO K 48 -29.46 -33.61 20.61
C PRO K 48 -30.08 -34.67 19.73
N PRO K 49 -30.32 -34.36 18.46
CA PRO K 49 -30.93 -35.36 17.56
C PRO K 49 -29.94 -36.45 17.18
N ASP K 50 -30.50 -37.61 16.83
CA ASP K 50 -29.72 -38.77 16.42
C ASP K 50 -29.64 -38.78 14.89
N LEU K 51 -28.56 -38.24 14.35
CA LEU K 51 -28.35 -38.17 12.91
C LEU K 51 -27.45 -39.29 12.38
N ALA K 52 -27.19 -40.31 13.19
CA ALA K 52 -26.31 -41.39 12.78
C ALA K 52 -27.02 -42.48 12.00
N ILE K 53 -28.34 -42.61 12.14
CA ILE K 53 -29.08 -43.66 11.46
C ILE K 53 -30.19 -43.05 10.61
N CYS K 54 -29.98 -41.82 10.14
CA CYS K 54 -30.96 -41.13 9.32
C CYS K 54 -30.43 -40.63 7.99
N CYS K 55 -29.12 -40.43 7.84
CA CYS K 55 -28.58 -39.91 6.60
C CYS K 55 -28.66 -40.95 5.49
N PHE K 56 -29.06 -40.51 4.30
CA PHE K 56 -29.18 -41.37 3.13
C PHE K 56 -28.26 -40.86 2.02
N VAL K 57 -27.60 -41.79 1.34
CA VAL K 57 -26.68 -41.46 0.26
C VAL K 57 -27.32 -41.90 -1.06
N LEU K 58 -26.95 -41.19 -2.13
CA LEU K 58 -27.44 -41.48 -3.47
C LEU K 58 -26.42 -42.34 -4.22
N GLU K 59 -26.92 -43.35 -4.92
CA GLU K 59 -26.08 -44.26 -5.68
C GLU K 59 -26.24 -44.11 -7.19
N GLN K 60 -27.47 -44.20 -7.70
CA GLN K 60 -27.74 -44.08 -9.12
C GLN K 60 -28.90 -43.13 -9.37
N SER K 61 -28.83 -42.41 -10.48
CA SER K 61 -29.88 -41.47 -10.87
C SER K 61 -30.07 -41.58 -12.38
N LEU K 62 -31.04 -42.37 -12.80
CA LEU K 62 -31.31 -42.62 -14.21
C LEU K 62 -32.81 -42.51 -14.47
N SER K 63 -33.16 -42.40 -15.75
CA SER K 63 -34.55 -42.24 -16.14
C SER K 63 -35.35 -43.51 -15.86
N VAL K 64 -36.68 -43.37 -15.91
CA VAL K 64 -37.55 -44.51 -15.62
C VAL K 64 -37.48 -45.53 -16.75
N ARG K 65 -37.37 -45.09 -18.00
CA ARG K 65 -37.26 -46.02 -19.12
C ARG K 65 -35.95 -46.78 -19.06
N ALA K 66 -34.84 -46.09 -18.79
CA ALA K 66 -33.56 -46.77 -18.61
C ALA K 66 -33.58 -47.69 -17.40
N LEU K 67 -34.30 -47.30 -16.34
CA LEU K 67 -34.43 -48.16 -15.18
C LEU K 67 -35.15 -49.46 -15.53
N GLN K 68 -36.26 -49.35 -16.27
CA GLN K 68 -36.99 -50.54 -16.69
C GLN K 68 -36.15 -51.41 -17.62
N GLU K 69 -35.37 -50.78 -18.50
CA GLU K 69 -34.53 -51.55 -19.42
C GLU K 69 -33.43 -52.27 -18.67
N MET K 70 -32.88 -51.65 -17.63
CA MET K 70 -31.84 -52.29 -16.83
C MET K 70 -32.43 -53.41 -15.97
N LEU K 71 -33.65 -53.22 -15.47
CA LEU K 71 -34.27 -54.25 -14.65
C LEU K 71 -34.68 -55.45 -15.50
N ALA K 72 -35.15 -55.22 -16.73
CA ALA K 72 -35.55 -56.31 -17.60
C ALA K 72 -34.36 -57.04 -18.20
N ASN K 73 -33.16 -56.47 -18.14
CA ASN K 73 -31.97 -57.10 -18.69
C ASN K 73 -30.72 -56.67 -17.94
N GLY K 74 -17.11 -38.73 -11.78
CA GLY K 74 -18.37 -38.64 -12.50
C GLY K 74 -19.58 -38.63 -11.59
N HIS K 75 -20.20 -37.45 -11.46
CA HIS K 75 -21.39 -37.28 -10.62
C HIS K 75 -22.50 -36.68 -11.46
N ARG K 76 -23.55 -37.46 -11.70
CA ARG K 76 -24.67 -37.00 -12.50
C ARG K 76 -25.62 -36.16 -11.65
N THR K 77 -26.17 -35.11 -12.25
CA THR K 77 -27.13 -34.27 -11.55
C THR K 77 -28.47 -34.97 -11.43
N LEU K 78 -29.28 -34.50 -10.49
CA LEU K 78 -30.60 -35.07 -10.25
C LEU K 78 -31.64 -34.28 -11.02
N LEU K 79 -32.53 -35.00 -11.71
CA LEU K 79 -33.58 -34.37 -12.51
C LEU K 79 -34.94 -34.94 -12.08
N TYR K 80 -35.97 -34.14 -12.29
CA TYR K 80 -37.32 -34.58 -11.97
C TYR K 80 -37.76 -35.69 -12.93
N GLY K 81 -38.56 -36.62 -12.41
CA GLY K 81 -39.04 -37.74 -13.17
C GLY K 81 -38.13 -38.95 -13.17
N HIS K 82 -36.89 -38.80 -12.73
CA HIS K 82 -35.95 -39.90 -12.67
C HIS K 82 -36.08 -40.62 -11.32
N ALA K 83 -35.29 -41.68 -11.15
CA ALA K 83 -35.31 -42.48 -9.93
C ALA K 83 -34.01 -42.27 -9.15
N ILE K 84 -34.09 -42.54 -7.85
CA ILE K 84 -32.96 -42.41 -6.95
C ILE K 84 -32.88 -43.66 -6.08
N LEU K 85 -31.65 -44.07 -5.75
CA LEU K 85 -31.40 -45.25 -4.93
C LEU K 85 -30.94 -44.78 -3.55
N LEU K 86 -31.88 -44.67 -2.62
CA LEU K 86 -31.57 -44.24 -1.26
C LEU K 86 -30.89 -45.38 -0.51
N ARG K 87 -29.62 -45.19 -0.18
CA ARG K 87 -28.83 -46.19 0.52
C ARG K 87 -28.45 -45.66 1.90
N HIS K 88 -28.62 -46.50 2.92
CA HIS K 88 -28.26 -46.11 4.28
C HIS K 88 -26.74 -46.08 4.43
N ALA K 89 -26.25 -45.03 5.10
CA ALA K 89 -24.81 -44.86 5.27
C ALA K 89 -24.23 -45.76 6.34
N HIS K 90 -25.05 -46.29 7.25
CA HIS K 90 -24.57 -47.15 8.33
C HIS K 90 -24.79 -48.62 8.02
N SER K 91 -26.04 -49.03 7.75
CA SER K 91 -26.34 -50.42 7.48
C SER K 91 -26.02 -50.83 6.04
N GLY K 92 -26.03 -49.88 5.11
CA GLY K 92 -25.75 -50.21 3.73
C GLY K 92 -26.88 -50.89 3.00
N MET K 93 -28.12 -50.61 3.37
CA MET K 93 -29.30 -51.20 2.75
C MET K 93 -30.03 -50.16 1.91
N TYR K 94 -30.94 -50.64 1.09
CA TYR K 94 -31.75 -49.80 0.21
C TYR K 94 -33.16 -49.65 0.76
N LEU K 95 -33.78 -48.52 0.46
CA LEU K 95 -35.14 -48.24 0.93
C LEU K 95 -36.15 -48.81 -0.06
N SER K 96 -37.13 -49.54 0.47
CA SER K 96 -38.15 -50.18 -0.35
C SER K 96 -39.40 -50.37 0.51
N CYS K 97 -40.34 -51.15 -0.01
CA CYS K 97 -41.59 -51.45 0.68
C CYS K 97 -41.71 -52.95 0.87
N LEU K 98 -42.04 -53.36 2.10
CA LEU K 98 -42.20 -54.77 2.42
C LEU K 98 -43.60 -55.22 2.03
N THR K 99 -43.97 -56.44 2.44
CA THR K 99 -45.29 -57.01 2.14
C THR K 99 -46.27 -56.88 3.30
N THR K 100 -45.82 -56.37 4.44
CA THR K 100 -46.70 -56.22 5.59
C THR K 100 -47.71 -55.10 5.35
N SER K 101 -48.73 -55.06 6.20
CA SER K 101 -49.79 -54.06 6.12
C SER K 101 -50.05 -53.46 7.50
N ARG K 102 -48.99 -53.18 8.25
CA ARG K 102 -49.11 -52.59 9.58
C ARG K 102 -49.32 -51.09 9.43
N SER K 103 -50.59 -50.70 9.29
CA SER K 103 -50.97 -49.30 9.10
C SER K 103 -52.12 -48.96 10.05
N MET K 104 -52.53 -47.69 10.03
CA MET K 104 -53.62 -47.21 10.86
C MET K 104 -54.94 -47.48 10.15
N THR K 105 -55.51 -48.65 10.43
CA THR K 105 -56.77 -49.15 9.83
C THR K 105 -56.94 -48.72 8.38
N ASP K 106 -55.87 -48.89 7.61
CA ASP K 106 -55.86 -48.57 6.19
C ASP K 106 -55.71 -49.85 5.38
N LYS K 107 -56.60 -50.04 4.41
CA LYS K 107 -56.58 -51.27 3.61
C LYS K 107 -55.60 -51.15 2.44
N LEU K 108 -55.49 -49.97 1.84
CA LEU K 108 -54.65 -49.75 0.67
C LEU K 108 -53.31 -49.12 1.03
N ALA K 109 -52.77 -49.45 2.19
CA ALA K 109 -51.49 -48.91 2.66
C ALA K 109 -50.42 -49.98 2.65
N PHE K 110 -49.16 -49.53 2.71
CA PHE K 110 -48.01 -50.41 2.74
C PHE K 110 -46.96 -49.84 3.69
N ASP K 111 -46.12 -50.72 4.20
CA ASP K 111 -45.06 -50.32 5.12
C ASP K 111 -43.78 -50.00 4.36
N VAL K 112 -42.94 -49.18 5.00
CA VAL K 112 -41.66 -48.78 4.44
C VAL K 112 -40.55 -49.34 5.32
N GLY K 113 -39.47 -49.80 4.69
CA GLY K 113 -38.36 -50.38 5.43
C GLY K 113 -37.18 -50.60 4.53
N LEU K 114 -36.08 -51.04 5.14
CA LEU K 114 -34.86 -51.31 4.41
C LEU K 114 -34.88 -52.72 3.84
N GLN K 115 -33.92 -53.00 2.96
CA GLN K 115 -33.82 -54.30 2.31
C GLN K 115 -32.41 -54.47 1.78
N GLU K 116 -31.85 -55.67 1.97
CA GLU K 116 -30.49 -55.99 1.52
C GLU K 116 -30.47 -56.80 0.23
N ASP K 117 -31.63 -57.08 -0.36
CA ASP K 117 -31.68 -57.85 -1.59
C ASP K 117 -31.13 -57.08 -2.78
N ALA K 118 -31.09 -55.75 -2.71
CA ALA K 118 -30.58 -54.90 -3.77
C ALA K 118 -31.32 -55.14 -5.08
N THR K 119 -32.62 -55.40 -4.98
CA THR K 119 -33.43 -55.65 -6.17
C THR K 119 -33.65 -54.35 -6.94
N GLY K 120 -33.30 -54.36 -8.22
CA GLY K 120 -33.45 -53.19 -9.06
C GLY K 120 -34.82 -53.06 -9.69
N GLU K 121 -35.85 -53.53 -8.99
CA GLU K 121 -37.22 -53.46 -9.47
C GLU K 121 -38.22 -52.91 -8.46
N ALA K 122 -37.91 -52.94 -7.16
CA ALA K 122 -38.85 -52.45 -6.16
C ALA K 122 -38.15 -51.61 -5.07
N CYS K 123 -36.93 -51.15 -5.33
CA CYS K 123 -36.18 -50.37 -4.35
C CYS K 123 -35.84 -48.98 -4.87
N TRP K 124 -36.60 -48.47 -5.82
CA TRP K 124 -36.37 -47.15 -6.40
C TRP K 124 -37.51 -46.21 -6.05
N TRP K 125 -37.24 -44.91 -6.19
CA TRP K 125 -38.22 -43.87 -5.90
C TRP K 125 -38.10 -42.75 -6.91
N THR K 126 -39.20 -42.42 -7.56
CA THR K 126 -39.24 -41.35 -8.54
C THR K 126 -39.74 -40.06 -7.91
N THR K 127 -39.11 -38.94 -8.26
CA THR K 127 -39.43 -37.65 -7.70
C THR K 127 -40.23 -36.81 -8.70
N HIS K 128 -41.24 -36.12 -8.19
CA HIS K 128 -42.09 -35.25 -8.98
C HIS K 128 -42.21 -33.89 -8.33
N PRO K 129 -42.35 -32.83 -9.13
CA PRO K 129 -42.48 -31.48 -8.54
C PRO K 129 -43.85 -31.30 -7.89
N ALA K 130 -43.83 -30.86 -6.63
CA ALA K 130 -45.08 -30.66 -5.90
C ALA K 130 -45.78 -29.38 -6.36
N SER K 131 -45.09 -28.24 -6.31
CA SER K 131 -45.66 -26.98 -6.74
C SER K 131 -45.65 -26.87 -8.26
N LYS K 132 -46.59 -26.09 -8.79
CA LYS K 132 -46.71 -25.89 -10.22
C LYS K 132 -45.70 -24.89 -10.77
N GLN K 133 -44.88 -24.27 -9.91
CA GLN K 133 -43.90 -23.31 -10.37
C GLN K 133 -42.67 -23.98 -10.98
N ARG K 134 -42.44 -25.25 -10.69
CA ARG K 134 -41.31 -25.97 -11.24
C ARG K 134 -41.72 -26.65 -12.55
N SER K 135 -40.73 -27.28 -13.21
CA SER K 135 -40.96 -27.97 -14.47
C SER K 135 -40.13 -29.25 -14.49
N GLU K 136 -40.54 -30.18 -15.34
CA GLU K 136 -39.86 -31.45 -15.49
C GLU K 136 -38.59 -31.25 -16.31
N GLY K 137 -37.44 -31.61 -15.73
CA GLY K 137 -36.15 -31.46 -16.38
C GLY K 137 -35.24 -30.43 -15.75
N GLU K 138 -35.68 -29.76 -14.70
CA GLU K 138 -34.88 -28.76 -14.02
C GLU K 138 -34.18 -29.37 -12.81
N LYS K 139 -32.98 -28.87 -12.52
CA LYS K 139 -32.24 -29.35 -11.37
C LYS K 139 -32.96 -28.99 -10.07
N VAL K 140 -32.93 -29.89 -9.11
CA VAL K 140 -33.62 -29.70 -7.85
C VAL K 140 -32.80 -28.76 -6.97
N ARG K 141 -33.48 -27.80 -6.35
CA ARG K 141 -32.84 -26.85 -5.45
C ARG K 141 -32.69 -27.48 -4.07
N VAL K 142 -32.29 -26.67 -3.10
CA VAL K 142 -32.12 -27.12 -1.72
C VAL K 142 -33.20 -26.45 -0.88
N GLY K 143 -34.11 -27.27 -0.34
CA GLY K 143 -35.21 -26.78 0.48
C GLY K 143 -36.56 -26.78 -0.21
N ASP K 144 -36.62 -27.10 -1.50
CA ASP K 144 -37.88 -27.11 -2.21
C ASP K 144 -38.69 -28.35 -1.84
N ASP K 145 -40.00 -28.27 -2.07
CA ASP K 145 -40.90 -29.38 -1.75
C ASP K 145 -40.74 -30.50 -2.76
N LEU K 146 -40.58 -31.72 -2.26
CA LEU K 146 -40.43 -32.90 -3.10
C LEU K 146 -41.34 -34.01 -2.58
N ILE K 147 -41.71 -34.92 -3.49
CA ILE K 147 -42.53 -36.07 -3.16
C ILE K 147 -41.87 -37.32 -3.74
N LEU K 148 -42.03 -38.44 -3.03
CA LEU K 148 -41.46 -39.71 -3.43
C LEU K 148 -42.56 -40.65 -3.92
N VAL K 149 -42.34 -41.28 -5.06
CA VAL K 149 -43.29 -42.18 -5.68
C VAL K 149 -42.64 -43.55 -5.84
N SER K 150 -43.35 -44.60 -5.44
CA SER K 150 -42.84 -45.95 -5.60
C SER K 150 -42.95 -46.40 -7.06
N VAL K 151 -42.11 -47.37 -7.41
CA VAL K 151 -42.07 -47.88 -8.78
C VAL K 151 -42.86 -49.18 -8.87
N SER K 152 -42.79 -49.99 -7.82
CA SER K 152 -43.46 -51.29 -7.82
C SER K 152 -44.92 -51.19 -7.40
N SER K 153 -45.28 -50.22 -6.56
CA SER K 153 -46.64 -50.06 -6.09
C SER K 153 -47.30 -48.76 -6.51
N GLU K 154 -46.54 -47.81 -7.08
CA GLU K 154 -47.07 -46.53 -7.52
C GLU K 154 -47.76 -45.78 -6.38
N ARG K 155 -47.15 -45.83 -5.20
CA ARG K 155 -47.70 -45.20 -4.01
C ARG K 155 -46.77 -44.10 -3.52
N TYR K 156 -47.30 -43.22 -2.68
CA TYR K 156 -46.57 -42.08 -2.15
C TYR K 156 -46.13 -42.35 -0.72
N LEU K 157 -45.20 -41.53 -0.24
CA LEU K 157 -44.69 -41.60 1.12
C LEU K 157 -45.20 -40.38 1.89
N HIS K 158 -46.12 -40.62 2.81
CA HIS K 158 -46.74 -39.55 3.59
C HIS K 158 -46.71 -39.94 5.07
N LEU K 159 -47.20 -39.03 5.91
CA LEU K 159 -47.27 -39.23 7.34
C LEU K 159 -48.68 -39.65 7.74
N SER K 160 -48.75 -40.46 8.81
CA SER K 160 -50.02 -40.98 9.32
C SER K 160 -50.18 -40.53 10.77
N THR K 161 -51.11 -39.62 11.00
CA THR K 161 -51.40 -39.12 12.35
C THR K 161 -52.68 -39.72 12.93
N ALA K 162 -53.19 -40.80 12.32
CA ALA K 162 -54.41 -41.42 12.83
C ALA K 162 -54.17 -42.17 14.13
N SER K 163 -52.95 -42.65 14.34
CA SER K 163 -52.61 -43.37 15.56
C SER K 163 -52.11 -42.38 16.62
N GLY K 164 -51.62 -42.91 17.74
CA GLY K 164 -51.12 -42.04 18.79
C GLY K 164 -49.76 -41.45 18.46
N GLU K 165 -48.88 -42.24 17.87
CA GLU K 165 -47.55 -41.79 17.50
C GLU K 165 -47.55 -41.28 16.06
N LEU K 166 -46.38 -40.89 15.58
CA LEU K 166 -46.20 -40.36 14.23
C LEU K 166 -45.45 -41.41 13.41
N GLN K 167 -46.14 -42.04 12.48
CA GLN K 167 -45.58 -43.08 11.64
C GLN K 167 -45.79 -42.75 10.17
N VAL K 168 -44.81 -43.09 9.35
CA VAL K 168 -44.87 -42.86 7.91
C VAL K 168 -45.24 -44.17 7.21
N ASP K 169 -46.22 -44.10 6.32
CA ASP K 169 -46.71 -45.27 5.59
C ASP K 169 -46.69 -44.97 4.10
N ALA K 170 -46.90 -46.02 3.30
CA ALA K 170 -46.95 -45.92 1.85
C ALA K 170 -48.40 -46.04 1.41
N SER K 171 -49.02 -44.92 1.09
CA SER K 171 -50.41 -44.89 0.65
C SER K 171 -50.51 -44.01 -0.59
N PHE K 172 -51.70 -43.46 -0.83
CA PHE K 172 -51.95 -42.62 -1.99
C PHE K 172 -51.97 -41.14 -1.66
N MET K 173 -52.01 -40.77 -0.39
CA MET K 173 -51.97 -39.36 -0.02
C MET K 173 -50.58 -38.79 -0.24
N GLN K 174 -50.53 -37.52 -0.65
CA GLN K 174 -49.27 -36.86 -0.97
C GLN K 174 -48.96 -35.79 0.06
N THR K 175 -47.70 -35.75 0.50
CA THR K 175 -47.20 -34.72 1.39
C THR K 175 -45.83 -34.27 0.92
N LEU K 176 -45.54 -32.98 1.10
CA LEU K 176 -44.25 -32.45 0.70
C LEU K 176 -43.15 -32.94 1.62
N TRP K 177 -41.96 -33.13 1.04
CA TRP K 177 -40.79 -33.58 1.78
C TRP K 177 -39.61 -32.66 1.48
N ASN K 178 -38.81 -32.39 2.50
CA ASN K 178 -37.63 -31.56 2.36
C ASN K 178 -36.38 -32.42 2.26
N MET K 179 -35.27 -31.80 1.85
CA MET K 179 -34.01 -32.50 1.69
C MET K 179 -32.87 -31.53 1.97
N ASN K 180 -31.98 -31.92 2.89
CA ASN K 180 -30.82 -31.12 3.24
C ASN K 180 -29.56 -31.95 3.07
N PRO K 181 -28.57 -31.48 2.32
CA PRO K 181 -27.33 -32.24 2.16
C PRO K 181 -26.51 -32.24 3.44
N ILE K 182 -26.07 -33.43 3.85
CA ILE K 182 -25.30 -33.58 5.08
C ILE K 182 -23.83 -33.69 4.74
N CYS K 183 -23.45 -34.71 3.97
CA CYS K 183 -22.07 -34.96 3.60
C CYS K 183 -21.96 -35.06 2.10
N SER K 184 -20.95 -34.38 1.54
CA SER K 184 -20.66 -34.42 0.11
C SER K 184 -19.23 -34.92 -0.10
N GLY K 185 -18.78 -34.85 -1.35
CA GLY K 185 -17.44 -35.29 -1.69
C GLY K 185 -16.37 -34.41 -1.08
N CYS K 186 -15.61 -34.96 -0.14
CA CYS K 186 -14.55 -34.25 0.55
C CYS K 186 -13.21 -34.89 0.25
N GLU K 187 -12.15 -34.09 0.33
CA GLU K 187 -10.80 -34.57 0.06
C GLU K 187 -10.29 -35.39 1.24
N GLU K 188 -9.42 -36.35 0.93
CA GLU K 188 -8.85 -37.21 1.95
C GLU K 188 -7.83 -36.44 2.79
N GLY K 189 -7.49 -37.03 3.94
CA GLY K 189 -6.51 -36.43 4.83
C GLY K 189 -6.97 -35.20 5.57
N TYR K 190 -8.24 -34.83 5.45
CA TYR K 190 -8.78 -33.64 6.10
C TYR K 190 -9.94 -34.05 7.00
N VAL K 191 -9.93 -33.57 8.24
CA VAL K 191 -10.98 -33.91 9.20
C VAL K 191 -12.27 -33.18 8.81
N THR K 192 -13.37 -33.92 8.77
CA THR K 192 -14.68 -33.37 8.47
C THR K 192 -15.68 -33.83 9.51
N GLY K 193 -16.85 -33.20 9.51
CA GLY K 193 -17.89 -33.55 10.46
C GLY K 193 -18.54 -34.87 10.13
N GLY K 194 -19.02 -35.56 11.17
CA GLY K 194 -19.69 -36.83 11.02
C GLY K 194 -18.77 -38.04 11.08
N HIS K 195 -17.46 -37.85 10.99
CA HIS K 195 -16.53 -38.97 11.02
C HIS K 195 -16.38 -39.50 12.45
N VAL K 196 -15.86 -40.72 12.55
CA VAL K 196 -15.60 -41.38 13.82
C VAL K 196 -14.12 -41.72 13.87
N LEU K 197 -13.38 -40.97 14.69
CA LEU K 197 -11.93 -41.13 14.79
C LEU K 197 -11.54 -41.22 16.27
N ARG K 198 -10.24 -41.40 16.50
CA ARG K 198 -9.69 -41.50 17.84
C ARG K 198 -9.09 -40.18 18.29
N LEU K 199 -8.77 -40.11 19.58
CA LEU K 199 -8.17 -38.91 20.19
C LEU K 199 -6.89 -39.35 20.92
N PHE K 200 -5.78 -39.37 20.19
CA PHE K 200 -4.50 -39.76 20.77
C PHE K 200 -3.89 -38.59 21.51
N HIS K 201 -3.50 -38.82 22.75
CA HIS K 201 -2.90 -37.79 23.60
C HIS K 201 -1.44 -38.13 23.84
N GLY K 202 -0.55 -37.22 23.47
CA GLY K 202 0.87 -37.40 23.65
C GLY K 202 1.55 -38.02 22.44
N HIS K 203 2.88 -38.03 22.49
CA HIS K 203 3.66 -38.61 21.40
C HIS K 203 3.58 -40.14 21.40
N MET K 204 3.35 -40.74 22.57
CA MET K 204 3.24 -42.19 22.66
C MET K 204 1.90 -42.66 22.12
N ASP K 205 1.69 -43.97 22.14
CA ASP K 205 0.44 -44.58 21.65
C ASP K 205 -0.61 -44.63 22.75
N GLU K 206 -0.93 -43.44 23.28
CA GLU K 206 -1.93 -43.28 24.32
C GLU K 206 -3.13 -42.53 23.75
N CYS K 207 -4.33 -43.06 23.98
CA CYS K 207 -5.56 -42.48 23.47
C CYS K 207 -6.54 -42.23 24.61
N LEU K 208 -7.50 -41.36 24.34
CA LEU K 208 -8.54 -41.03 25.31
C LEU K 208 -9.62 -42.11 25.27
N THR K 209 -9.75 -42.88 26.34
CA THR K 209 -10.69 -43.97 26.41
C THR K 209 -11.42 -43.94 27.74
N ILE K 210 -12.45 -44.79 27.85
CA ILE K 210 -13.23 -44.96 29.06
C ILE K 210 -13.05 -46.39 29.55
N SER K 211 -13.39 -46.63 30.82
CA SER K 211 -13.28 -47.95 31.41
C SER K 211 -14.16 -48.94 30.63
N PRO K 212 -13.81 -50.23 30.68
CA PRO K 212 -14.58 -51.24 29.94
C PRO K 212 -16.03 -51.38 30.40
N ALA K 213 -16.46 -50.64 31.42
CA ALA K 213 -17.83 -50.65 31.91
C ALA K 213 -18.27 -52.03 32.40
N ASP K 214 -17.33 -52.88 32.80
CA ASP K 214 -17.68 -54.18 33.32
C ASP K 214 -18.22 -54.11 34.74
N SER K 215 -17.78 -53.12 35.53
CA SER K 215 -18.25 -52.96 36.89
C SER K 215 -19.60 -52.24 36.90
N ASP K 216 -20.18 -52.11 38.10
CA ASP K 216 -21.47 -51.44 38.26
C ASP K 216 -21.37 -49.92 38.29
N ASP K 217 -20.16 -49.36 38.18
CA ASP K 217 -19.99 -47.93 38.21
C ASP K 217 -20.53 -47.30 36.93
N GLN K 218 -20.89 -46.02 37.03
CA GLN K 218 -21.42 -45.30 35.87
C GLN K 218 -20.36 -45.04 34.82
N ARG K 219 -19.09 -45.03 35.19
CA ARG K 219 -17.97 -44.82 34.26
C ARG K 219 -18.10 -43.48 33.54
N ARG K 220 -18.49 -42.45 34.28
CA ARG K 220 -18.64 -41.12 33.71
C ARG K 220 -17.32 -40.34 33.64
N LEU K 221 -16.26 -40.87 34.25
CA LEU K 221 -14.98 -40.19 34.23
C LEU K 221 -14.22 -40.51 32.94
N VAL K 222 -13.15 -39.76 32.71
CA VAL K 222 -12.30 -39.93 31.53
C VAL K 222 -10.93 -40.43 31.98
N TYR K 223 -10.49 -41.53 31.38
CA TYR K 223 -9.22 -42.15 31.71
C TYR K 223 -8.29 -42.11 30.50
N TYR K 224 -7.06 -42.61 30.69
CA TYR K 224 -6.06 -42.67 29.64
C TYR K 224 -5.26 -43.95 29.79
N GLU K 225 -5.20 -44.74 28.73
CA GLU K 225 -4.45 -45.98 28.73
C GLU K 225 -3.34 -45.92 27.68
N GLY K 226 -2.29 -46.72 27.89
CA GLY K 226 -1.15 -46.72 27.00
C GLY K 226 -1.38 -47.45 25.70
N GLY K 227 -0.36 -48.20 25.25
CA GLY K 227 -0.44 -48.89 23.98
C GLY K 227 -1.22 -50.19 24.03
N SER K 228 -2.49 -50.11 24.40
CA SER K 228 -3.36 -51.28 24.44
C SER K 228 -4.79 -51.03 23.97
N VAL K 229 -5.27 -49.78 23.97
CA VAL K 229 -6.63 -49.49 23.53
C VAL K 229 -6.69 -49.09 22.06
N CYS K 230 -5.57 -49.16 21.34
CA CYS K 230 -5.58 -48.79 19.93
C CYS K 230 -6.35 -49.78 19.07
N THR K 231 -6.62 -50.98 19.58
CA THR K 231 -7.37 -51.99 18.85
C THR K 231 -8.83 -52.08 19.26
N HIS K 232 -9.14 -51.81 20.53
CA HIS K 232 -10.51 -51.90 21.01
C HIS K 232 -11.37 -50.80 20.40
N ALA K 233 -12.68 -50.89 20.65
CA ALA K 233 -13.65 -49.94 20.10
C ALA K 233 -13.96 -48.81 21.06
N ARG K 234 -13.39 -48.81 22.27
CA ARG K 234 -13.65 -47.74 23.23
C ARG K 234 -12.92 -46.44 22.89
N SER K 235 -12.01 -46.47 21.91
CA SER K 235 -11.27 -45.28 21.52
C SER K 235 -11.94 -44.51 20.38
N LEU K 236 -13.14 -44.92 19.98
CA LEU K 236 -13.84 -44.27 18.87
C LEU K 236 -14.71 -43.13 19.39
N TRP K 237 -14.67 -42.01 18.68
CA TRP K 237 -15.45 -40.84 19.04
C TRP K 237 -15.96 -40.16 17.77
N ARG K 238 -17.22 -39.76 17.79
CA ARG K 238 -17.86 -39.12 16.65
C ARG K 238 -17.96 -37.61 16.88
N LEU K 239 -17.73 -36.85 15.81
CA LEU K 239 -17.79 -35.39 15.86
C LEU K 239 -19.10 -34.92 15.24
N GLU K 240 -19.75 -33.97 15.92
CA GLU K 240 -21.03 -33.45 15.46
C GLU K 240 -21.10 -31.95 15.72
N PRO K 241 -21.34 -31.13 14.70
CA PRO K 241 -21.40 -29.69 14.88
C PRO K 241 -22.72 -29.27 15.51
N LEU K 242 -22.89 -27.95 15.67
CA LEU K 242 -24.10 -27.42 16.29
C LEU K 242 -25.26 -27.42 15.31
N ARG K 243 -25.07 -26.84 14.12
CA ARG K 243 -26.14 -26.77 13.14
C ARG K 243 -26.43 -28.14 12.54
N ILE K 244 -27.64 -28.29 12.01
CA ILE K 244 -28.04 -29.56 11.42
C ILE K 244 -27.75 -29.61 9.92
N SER K 245 -27.87 -28.47 9.23
CA SER K 245 -27.59 -28.43 7.80
C SER K 245 -26.09 -28.34 7.56
N TRP K 246 -25.62 -29.05 6.52
CA TRP K 246 -24.20 -29.11 6.19
C TRP K 246 -23.36 -29.58 7.39
N SER K 247 -23.85 -30.62 8.06
CA SER K 247 -23.16 -31.14 9.24
C SER K 247 -21.84 -31.83 8.88
N GLY K 248 -21.70 -32.32 7.66
CA GLY K 248 -20.49 -33.01 7.25
C GLY K 248 -19.45 -32.09 6.66
N SER K 249 -19.59 -30.79 6.88
CA SER K 249 -18.63 -29.83 6.37
C SER K 249 -17.31 -29.93 7.14
N HIS K 250 -16.27 -29.32 6.57
CA HIS K 250 -14.96 -29.34 7.20
C HIS K 250 -14.98 -28.49 8.47
N LEU K 251 -14.55 -29.09 9.58
CA LEU K 251 -14.53 -28.41 10.87
C LEU K 251 -13.35 -27.45 10.89
N ARG K 252 -13.61 -26.20 10.52
CA ARG K 252 -12.57 -25.19 10.51
C ARG K 252 -12.25 -24.74 11.93
N TRP K 253 -11.12 -24.04 12.07
CA TRP K 253 -10.68 -23.54 13.37
C TRP K 253 -11.59 -22.41 13.81
N GLY K 254 -12.36 -22.64 14.89
CA GLY K 254 -13.25 -21.63 15.40
C GLY K 254 -14.71 -21.93 15.14
N GLN K 255 -15.08 -23.21 15.19
CA GLN K 255 -16.46 -23.63 14.97
C GLN K 255 -16.93 -24.46 16.16
N PRO K 256 -18.11 -24.19 16.70
CA PRO K 256 -18.58 -24.97 17.85
C PRO K 256 -19.04 -26.36 17.43
N LEU K 257 -18.69 -27.34 18.25
CA LEU K 257 -19.05 -28.72 17.98
C LEU K 257 -19.17 -29.48 19.31
N ARG K 258 -19.86 -30.61 19.25
CA ARG K 258 -20.07 -31.46 20.42
C ARG K 258 -19.48 -32.84 20.14
N ILE K 259 -18.62 -33.31 21.05
CA ILE K 259 -17.99 -34.61 20.90
C ILE K 259 -18.96 -35.69 21.36
N ARG K 260 -19.11 -36.74 20.55
CA ARG K 260 -20.03 -37.83 20.82
C ARG K 260 -19.30 -39.16 20.76
N HIS K 261 -19.64 -40.06 21.68
CA HIS K 261 -19.07 -41.40 21.72
C HIS K 261 -20.05 -42.39 21.10
N VAL K 262 -19.53 -43.28 20.26
CA VAL K 262 -20.37 -44.26 19.58
C VAL K 262 -20.51 -45.54 20.40
N THR K 263 -19.54 -45.84 21.26
CA THR K 263 -19.59 -47.06 22.06
C THR K 263 -20.33 -46.89 23.38
N THR K 264 -20.44 -45.65 23.88
CA THR K 264 -21.17 -45.38 25.11
C THR K 264 -22.54 -44.77 24.88
N GLY K 265 -22.72 -44.03 23.79
CA GLY K 265 -24.00 -43.42 23.50
C GLY K 265 -24.35 -42.23 24.37
N ARG K 266 -23.38 -41.38 24.67
CA ARG K 266 -23.60 -40.22 25.51
C ARG K 266 -22.61 -39.13 25.10
N TYR K 267 -22.58 -38.05 25.87
CA TYR K 267 -21.72 -36.91 25.60
C TYR K 267 -20.93 -36.54 26.85
N LEU K 268 -19.75 -35.99 26.65
CA LEU K 268 -18.91 -35.51 27.74
C LEU K 268 -18.88 -33.99 27.71
N ALA K 269 -18.97 -33.38 28.90
CA ALA K 269 -18.99 -31.93 29.02
C ALA K 269 -18.73 -31.56 30.48
N LEU K 270 -18.26 -30.33 30.68
CA LEU K 270 -18.00 -29.81 32.02
C LEU K 270 -19.30 -29.26 32.58
N ILE K 271 -19.81 -29.92 33.62
CA ILE K 271 -21.06 -29.50 34.26
C ILE K 271 -20.73 -28.96 35.65
N GLU K 272 -21.64 -28.13 36.16
CA GLU K 272 -21.46 -27.53 37.48
C GLU K 272 -21.69 -28.52 38.62
N ASP K 273 -22.13 -29.74 38.32
CA ASP K 273 -22.40 -30.74 39.35
C ASP K 273 -21.16 -31.54 39.73
N GLN K 274 -20.51 -32.15 38.74
CA GLN K 274 -19.34 -33.00 38.99
C GLN K 274 -18.20 -32.71 38.01
N GLY K 275 -18.15 -31.50 37.45
CA GLY K 275 -17.10 -31.18 36.50
C GLY K 275 -17.35 -31.83 35.15
N LEU K 276 -16.26 -32.26 34.52
CA LEU K 276 -16.34 -32.95 33.23
C LEU K 276 -16.74 -34.41 33.47
N VAL K 277 -17.93 -34.79 33.02
CA VAL K 277 -18.45 -36.14 33.19
C VAL K 277 -19.19 -36.54 31.92
N VAL K 278 -19.34 -37.84 31.74
CA VAL K 278 -20.10 -38.39 30.62
C VAL K 278 -21.59 -38.31 30.96
N VAL K 279 -22.32 -37.48 30.23
CA VAL K 279 -23.74 -37.24 30.48
C VAL K 279 -24.53 -37.73 29.27
N ASP K 280 -25.68 -38.35 29.53
CA ASP K 280 -26.54 -38.83 28.46
C ASP K 280 -27.16 -37.66 27.69
N ALA K 281 -27.75 -37.98 26.55
CA ALA K 281 -28.35 -36.96 25.70
C ALA K 281 -29.58 -36.32 26.34
N SER K 282 -30.22 -37.01 27.29
CA SER K 282 -31.42 -36.45 27.91
C SER K 282 -31.05 -35.33 28.87
N LYS K 283 -30.10 -35.57 29.77
CA LYS K 283 -29.71 -34.58 30.77
C LYS K 283 -28.78 -33.51 30.21
N ALA K 284 -28.22 -33.71 29.02
CA ALA K 284 -27.29 -32.74 28.46
C ALA K 284 -28.05 -31.53 27.94
N HIS K 285 -27.29 -30.57 27.38
CA HIS K 285 -27.88 -29.36 26.83
C HIS K 285 -27.02 -28.81 25.69
N THR K 286 -26.98 -27.48 25.55
CA THR K 286 -26.24 -26.86 24.46
C THR K 286 -25.34 -25.74 24.98
N LYS K 287 -25.70 -25.16 26.12
CA LYS K 287 -24.95 -24.03 26.65
C LYS K 287 -23.53 -24.44 27.06
N ALA K 288 -23.42 -25.40 27.97
CA ALA K 288 -22.14 -25.84 28.51
C ALA K 288 -21.79 -27.25 28.06
N THR K 289 -22.11 -27.59 26.81
CA THR K 289 -21.80 -28.89 26.25
C THR K 289 -21.02 -28.85 24.95
N SER K 290 -20.95 -27.72 24.26
CA SER K 290 -20.24 -27.60 23.00
C SER K 290 -18.77 -27.28 23.24
N PHE K 291 -17.94 -27.66 22.28
CA PHE K 291 -16.51 -27.41 22.35
C PHE K 291 -16.00 -26.74 21.08
N CYS K 292 -14.68 -26.55 20.99
CA CYS K 292 -14.09 -25.92 19.82
C CYS K 292 -12.65 -26.39 19.67
N PHE K 293 -12.13 -26.27 18.46
CA PHE K 293 -10.77 -26.68 18.12
C PHE K 293 -9.94 -25.43 17.84
N ARG K 294 -9.18 -24.98 18.83
CA ARG K 294 -8.33 -23.81 18.69
C ARG K 294 -6.97 -24.21 18.13
N ILE K 295 -6.18 -23.20 17.77
CA ILE K 295 -4.84 -23.44 17.22
C ILE K 295 -3.81 -23.59 18.33
N SER K 296 -3.96 -22.86 19.43
CA SER K 296 -3.03 -22.94 20.56
C SER K 296 -3.75 -22.42 21.80
N LYS K 297 -3.04 -22.42 22.92
CA LYS K 297 -3.59 -21.97 24.19
C LYS K 297 -3.43 -20.46 24.28
N GLU K 298 -4.44 -19.74 23.79
CA GLU K 298 -4.44 -18.28 23.80
C GLU K 298 -5.86 -17.81 24.11
N LYS K 299 -6.08 -16.51 23.97
CA LYS K 299 -7.38 -15.93 24.23
C LYS K 299 -8.26 -16.04 22.98
N LEU K 300 -9.41 -15.39 23.00
CA LEU K 300 -10.33 -15.42 21.87
C LEU K 300 -9.84 -14.53 20.73
N LYS K 301 -17.51 -15.32 13.77
CA LYS K 301 -17.90 -16.57 13.12
C LYS K 301 -18.47 -16.31 11.73
N ARG K 302 -17.92 -17.02 10.73
CA ARG K 302 -18.39 -16.85 9.36
C ARG K 302 -19.71 -17.59 9.13
N ASP K 303 -19.71 -18.91 9.35
CA ASP K 303 -20.89 -19.76 9.17
C ASP K 303 -21.44 -19.64 7.75
N VAL K 304 -20.68 -20.21 6.81
CA VAL K 304 -21.02 -20.21 5.39
C VAL K 304 -21.43 -21.63 5.00
N GLU K 305 -22.45 -21.72 4.16
CA GLU K 305 -22.92 -23.02 3.70
C GLU K 305 -21.93 -23.65 2.72
N GLY K 306 -22.04 -24.96 2.55
CA GLY K 306 -21.17 -25.69 1.67
C GLY K 306 -19.99 -26.31 2.40
N MET K 307 -18.96 -26.61 1.62
CA MET K 307 -17.75 -27.22 2.17
C MET K 307 -16.92 -26.18 2.92
N GLY K 308 -16.23 -26.64 3.95
CA GLY K 308 -15.39 -25.78 4.75
C GLY K 308 -13.97 -25.71 4.25
N PRO K 309 -13.16 -24.83 4.83
CA PRO K 309 -11.76 -24.69 4.41
C PRO K 309 -10.96 -25.91 4.79
N PRO K 310 -10.14 -26.44 3.88
CA PRO K 310 -9.32 -27.62 4.20
C PRO K 310 -8.10 -27.27 5.02
N GLU K 311 -8.28 -26.53 6.12
CA GLU K 311 -7.15 -26.14 6.95
C GLU K 311 -6.74 -27.28 7.87
N ILE K 312 -7.70 -27.94 8.51
CA ILE K 312 -7.40 -29.06 9.40
C ILE K 312 -6.96 -30.25 8.57
N LYS K 313 -5.88 -30.90 9.02
CA LYS K 313 -5.30 -32.03 8.30
C LYS K 313 -4.93 -33.13 9.29
N TYR K 314 -5.09 -34.38 8.85
CA TYR K 314 -4.72 -35.52 9.69
C TYR K 314 -3.20 -35.62 9.82
N GLY K 315 -2.77 -36.30 10.87
CA GLY K 315 -1.35 -36.54 11.09
C GLY K 315 -0.63 -35.41 11.78
N GLU K 316 -0.99 -34.17 11.46
CA GLU K 316 -0.36 -32.98 12.02
C GLU K 316 -1.41 -32.02 12.55
N SER K 317 -2.37 -32.55 13.29
CA SER K 317 -3.43 -31.73 13.87
C SER K 317 -2.90 -30.90 15.02
N LEU K 318 -2.56 -31.55 16.14
CA LEU K 318 -2.03 -30.87 17.33
C LEU K 318 -3.00 -29.80 17.83
N CYS K 319 -4.28 -30.13 17.85
CA CYS K 319 -5.30 -29.19 18.28
C CYS K 319 -5.40 -29.16 19.81
N PHE K 320 -6.04 -28.12 20.32
CA PHE K 320 -6.25 -27.93 21.75
C PHE K 320 -7.73 -27.59 21.97
N VAL K 321 -8.49 -28.58 22.42
CA VAL K 321 -9.92 -28.40 22.63
C VAL K 321 -10.15 -27.73 23.98
N GLN K 322 -11.09 -26.79 24.02
CA GLN K 322 -11.44 -26.07 25.24
C GLN K 322 -12.95 -25.89 25.28
N HIS K 323 -13.43 -25.17 26.28
CA HIS K 323 -14.84 -24.88 26.44
C HIS K 323 -15.18 -23.53 25.83
N VAL K 324 -16.40 -23.40 25.33
CA VAL K 324 -16.83 -22.17 24.70
C VAL K 324 -17.22 -21.13 25.77
N ALA K 325 -17.76 -21.57 26.90
CA ALA K 325 -18.17 -20.65 27.95
C ALA K 325 -16.99 -20.27 28.84
N SER K 326 -16.37 -21.25 29.49
CA SER K 326 -15.25 -20.98 30.39
C SER K 326 -13.93 -20.90 29.63
N GLY K 327 -13.54 -22.00 28.98
CA GLY K 327 -12.28 -22.03 28.26
C GLY K 327 -11.25 -22.93 28.90
N LEU K 328 -11.72 -23.95 29.62
CA LEU K 328 -10.82 -24.88 30.30
C LEU K 328 -10.17 -25.81 29.27
N TRP K 329 -8.86 -25.72 29.13
CA TRP K 329 -8.14 -26.56 28.19
C TRP K 329 -7.97 -27.97 28.74
N LEU K 330 -7.82 -28.93 27.83
CA LEU K 330 -7.66 -30.32 28.24
C LEU K 330 -6.26 -30.56 28.78
N THR K 331 -6.18 -31.34 29.86
CA THR K 331 -4.91 -31.66 30.49
C THR K 331 -5.10 -32.86 31.41
N TYR K 332 -4.01 -33.57 31.64
CA TYR K 332 -4.02 -34.74 32.51
C TYR K 332 -3.70 -34.33 33.95
N ALA K 333 -3.50 -35.30 34.83
CA ALA K 333 -3.17 -35.05 36.22
C ALA K 333 -1.97 -35.89 36.62
N ALA K 334 -1.33 -35.48 37.72
CA ALA K 334 -0.16 -36.18 38.24
C ALA K 334 -0.25 -36.34 39.75
N LEU K 335 -1.69 -47.47 35.28
CA LEU K 335 -1.47 -46.03 35.19
C LEU K 335 -2.60 -45.35 34.41
N LYS K 336 -3.71 -45.10 35.09
CA LYS K 336 -4.89 -44.46 34.51
C LYS K 336 -5.21 -43.22 35.36
N LYS K 337 -4.60 -42.10 35.00
CA LYS K 337 -4.83 -40.86 35.74
C LYS K 337 -6.20 -40.29 35.41
N LYS K 338 -6.65 -39.35 36.25
CA LYS K 338 -7.94 -38.69 36.08
C LYS K 338 -7.78 -37.44 35.22
N ALA K 339 -8.71 -37.26 34.29
CA ALA K 339 -8.72 -36.10 33.41
C ALA K 339 -9.47 -34.97 34.10
N ILE K 340 -8.73 -33.96 34.56
CA ILE K 340 -9.29 -32.81 35.26
C ILE K 340 -8.95 -31.55 34.46
N LEU K 341 -9.92 -30.64 34.36
CA LEU K 341 -9.74 -29.40 33.64
C LEU K 341 -9.26 -28.30 34.58
N HIS K 342 -8.30 -27.50 34.12
CA HIS K 342 -7.74 -26.42 34.90
C HIS K 342 -7.81 -25.12 34.10
N GLN K 343 -7.83 -24.00 34.82
CA GLN K 343 -7.90 -22.70 34.16
C GLN K 343 -6.59 -22.37 33.46
N GLU K 344 -5.47 -22.52 34.16
CA GLU K 344 -4.17 -22.22 33.57
C GLU K 344 -3.70 -23.32 32.63
N GLY K 345 -4.05 -24.57 32.91
CA GLY K 345 -3.65 -25.68 32.07
C GLY K 345 -2.20 -26.07 32.28
N HIS K 346 -1.70 -26.86 31.34
CA HIS K 346 -0.32 -27.34 31.38
C HIS K 346 0.19 -27.52 29.97
N MET K 347 1.51 -27.47 29.83
CA MET K 347 2.17 -27.65 28.54
C MET K 347 2.36 -29.13 28.27
N ASP K 348 3.13 -29.45 27.22
CA ASP K 348 3.44 -30.82 26.81
C ASP K 348 2.18 -31.63 26.49
N ASP K 349 1.11 -30.96 26.07
CA ASP K 349 -0.13 -31.63 25.71
C ASP K 349 -0.27 -31.66 24.19
N ALA K 350 -0.69 -32.81 23.67
CA ALA K 350 -0.86 -32.99 22.23
C ALA K 350 -2.13 -33.79 21.97
N LEU K 351 -2.72 -33.55 20.80
CA LEU K 351 -3.93 -34.23 20.36
C LEU K 351 -3.72 -34.69 18.92
N SER K 352 -3.44 -35.98 18.74
CA SER K 352 -3.19 -36.54 17.43
C SER K 352 -4.49 -37.12 16.88
N LEU K 353 -5.04 -36.49 15.85
CA LEU K 353 -6.29 -36.95 15.23
C LEU K 353 -5.96 -38.07 14.26
N THR K 354 -6.36 -39.29 14.61
CA THR K 354 -6.13 -40.47 13.78
C THR K 354 -7.48 -41.09 13.44
N ARG K 355 -7.76 -41.23 12.14
CA ARG K 355 -9.00 -41.81 11.69
C ARG K 355 -8.86 -43.32 11.52
N CYS K 356 -9.91 -44.05 11.89
CA CYS K 356 -9.93 -45.50 11.80
C CYS K 356 -10.70 -45.93 10.55
N GLN K 357 -10.78 -47.25 10.35
CA GLN K 357 -11.48 -47.78 9.21
C GLN K 357 -12.99 -47.74 9.44
N GLN K 358 -13.75 -47.80 8.33
CA GLN K 358 -15.20 -47.78 8.40
C GLN K 358 -15.78 -49.06 8.98
N GLU K 359 -15.05 -50.18 8.86
CA GLU K 359 -15.56 -51.44 9.40
C GLU K 359 -15.61 -51.44 10.92
N GLU K 360 -14.73 -50.66 11.57
CA GLU K 360 -14.75 -50.58 13.02
C GLU K 360 -15.80 -49.60 13.52
N SER K 361 -16.05 -48.52 12.77
CA SER K 361 -17.08 -47.57 13.17
C SER K 361 -18.47 -48.16 13.03
N GLN K 362 -18.70 -48.96 11.99
CA GLN K 362 -19.99 -49.60 11.81
C GLN K 362 -20.26 -50.64 12.89
N ALA K 363 -19.21 -51.37 13.32
CA ALA K 363 -19.38 -52.36 14.36
C ALA K 363 -19.65 -51.71 15.72
N ALA K 364 -19.17 -50.49 15.92
CA ALA K 364 -19.40 -49.80 17.19
C ALA K 364 -20.88 -49.45 17.37
N ARG K 365 -21.55 -49.04 16.29
CA ARG K 365 -22.97 -48.73 16.38
C ARG K 365 -23.81 -49.98 16.59
N MET K 366 -23.38 -51.11 16.00
CA MET K 366 -24.12 -52.36 16.18
C MET K 366 -24.07 -52.85 17.62
N ILE K 367 -22.96 -52.61 18.32
CA ILE K 367 -22.85 -53.06 19.70
C ILE K 367 -23.75 -52.24 20.61
N TYR K 368 -23.73 -50.91 20.47
CA TYR K 368 -24.54 -50.06 21.33
C TYR K 368 -26.03 -50.22 21.02
N SER K 369 -26.38 -50.44 19.76
CA SER K 369 -27.80 -50.61 19.42
C SER K 369 -28.35 -51.92 19.95
N THR K 370 -27.52 -52.98 19.94
CA THR K 370 -27.98 -54.27 20.42
C THR K 370 -27.92 -54.35 21.95
N ALA K 371 -26.94 -53.70 22.57
CA ALA K 371 -26.85 -53.71 24.03
C ALA K 371 -28.05 -53.00 24.67
N GLY K 372 -28.58 -51.98 24.01
CA GLY K 372 -29.77 -51.32 24.54
C GLY K 372 -31.00 -52.19 24.50
N LEU K 373 -31.09 -53.07 23.49
CA LEU K 373 -32.22 -53.99 23.43
C LEU K 373 -32.09 -55.10 24.45
N TYR K 374 -30.86 -55.57 24.70
CA TYR K 374 -30.66 -56.61 25.71
C TYR K 374 -30.91 -56.08 27.11
N ASN K 375 -30.57 -54.81 27.37
CA ASN K 375 -30.84 -54.22 28.68
C ASN K 375 -32.34 -54.15 28.95
N HIS K 376 -33.13 -53.82 27.91
CA HIS K 376 -34.58 -53.82 28.04
C HIS K 376 -35.14 -55.24 28.12
N PHE K 377 -34.42 -56.23 27.60
CA PHE K 377 -34.89 -57.61 27.67
C PHE K 377 -34.60 -58.24 29.03
N ILE K 378 -33.46 -57.91 29.62
CA ILE K 378 -33.12 -58.45 30.94
C ILE K 378 -34.01 -57.84 32.02
N LYS K 379 -34.18 -56.52 31.97
CA LYS K 379 -35.03 -55.83 32.95
C LYS K 379 -36.50 -56.22 32.78
N GLY K 380 -36.90 -56.59 31.57
CA GLY K 380 -38.28 -57.00 31.35
C GLY K 380 -38.60 -58.36 31.94
N LEU K 381 -37.63 -59.28 31.94
CA LEU K 381 -37.87 -60.61 32.50
C LEU K 381 -38.00 -60.56 34.02
N ASP K 382 -37.34 -59.60 34.67
CA ASP K 382 -37.41 -59.49 36.12
C ASP K 382 -38.75 -58.98 36.61
N SER K 383 -39.62 -58.48 35.73
CA SER K 383 -40.91 -57.98 36.16
C SER K 383 -41.90 -59.10 36.46
N PHE K 384 -41.71 -60.28 35.86
CA PHE K 384 -42.61 -61.41 36.08
C PHE K 384 -41.86 -62.67 36.47
N SER K 385 -40.65 -62.54 37.02
CA SER K 385 -39.86 -63.69 37.43
C SER K 385 -40.08 -64.04 38.90
N GLY K 386 -39.89 -63.08 39.79
CA GLY K 386 -40.03 -63.32 41.22
C GLY K 386 -41.47 -63.39 41.68
N LYS K 387 -42.33 -62.56 41.09
CA LYS K 387 -43.73 -62.49 41.48
C LYS K 387 -44.60 -63.13 40.41
N PRO K 388 -45.10 -64.35 40.63
CA PRO K 388 -45.99 -64.97 39.64
C PRO K 388 -47.35 -64.29 39.62
N ARG K 389 -48.14 -64.64 38.61
CA ARG K 389 -49.48 -64.09 38.43
C ARG K 389 -50.43 -65.20 38.04
N GLY K 390 -51.72 -64.88 38.05
CA GLY K 390 -52.76 -65.83 37.69
C GLY K 390 -52.96 -65.89 36.20
N SER K 391 -54.08 -66.52 35.82
CA SER K 391 -54.42 -66.67 34.40
C SER K 391 -54.84 -65.33 33.81
N GLY K 392 -54.23 -64.97 32.69
CA GLY K 392 -54.56 -63.74 32.01
C GLY K 392 -53.82 -62.51 32.50
N ALA K 393 -52.91 -62.65 33.46
CA ALA K 393 -52.17 -61.52 33.99
C ALA K 393 -50.71 -61.62 33.58
N PRO K 394 -50.22 -60.76 32.69
CA PRO K 394 -48.80 -60.82 32.29
C PRO K 394 -47.85 -60.44 33.41
N ALA K 395 -48.32 -59.74 34.44
CA ALA K 395 -47.50 -59.33 35.58
C ALA K 395 -46.33 -58.44 35.15
N GLY K 396 -46.55 -57.64 34.11
CA GLY K 396 -45.49 -56.75 33.65
C GLY K 396 -45.78 -56.27 32.24
N THR K 397 -44.88 -55.41 31.76
CA THR K 397 -45.01 -54.87 30.42
C THR K 397 -44.66 -55.93 29.38
N ALA K 398 -45.16 -55.73 28.16
CA ALA K 398 -44.93 -56.66 27.06
C ALA K 398 -43.53 -56.43 26.51
N LEU K 399 -42.67 -57.43 26.63
CA LEU K 399 -41.33 -57.34 26.08
C LEU K 399 -41.38 -57.36 24.56
N PRO K 400 -40.37 -56.79 23.90
CA PRO K 400 -40.36 -56.80 22.42
C PRO K 400 -40.13 -58.21 21.88
N LEU K 401 -40.96 -58.61 20.93
CA LEU K 401 -40.85 -59.94 20.31
C LEU K 401 -40.14 -59.87 18.96
N GLU K 402 -40.65 -59.04 18.04
CA GLU K 402 -40.06 -58.95 16.71
C GLU K 402 -38.70 -58.26 16.72
N GLY K 403 -38.41 -57.45 17.74
CA GLY K 403 -37.14 -56.76 17.78
C GLY K 403 -35.97 -57.64 18.21
N VAL K 404 -36.23 -58.62 19.06
CA VAL K 404 -35.15 -59.49 19.54
C VAL K 404 -34.93 -60.69 18.62
N ILE K 405 -35.99 -61.20 17.99
CA ILE K 405 -35.84 -62.35 17.12
C ILE K 405 -35.09 -61.98 15.84
N LEU K 406 -35.46 -60.84 15.24
CA LEU K 406 -34.80 -60.40 14.01
C LEU K 406 -33.39 -59.89 14.27
N SER K 407 -33.08 -59.47 15.50
CA SER K 407 -31.74 -58.97 15.79
C SER K 407 -30.72 -60.10 15.82
N LEU K 408 -31.09 -61.25 16.39
CA LEU K 408 -30.17 -62.37 16.45
C LEU K 408 -29.93 -62.98 15.08
N GLN K 409 -30.92 -62.91 14.18
CA GLN K 409 -30.75 -63.47 12.84
C GLN K 409 -29.72 -62.69 12.04
N ASP K 410 -29.69 -61.36 12.20
CA ASP K 410 -28.70 -60.56 11.49
C ASP K 410 -27.31 -60.71 12.10
N LEU K 411 -27.23 -61.02 13.40
CA LEU K 411 -25.94 -61.22 14.05
C LEU K 411 -25.33 -62.56 13.69
N ILE K 412 -26.15 -63.57 13.39
CA ILE K 412 -25.63 -64.87 12.98
C ILE K 412 -24.93 -64.74 11.63
N GLY K 413 -25.54 -64.05 10.68
CA GLY K 413 -24.94 -63.82 9.39
C GLY K 413 -23.83 -62.79 9.38
N TYR K 414 -23.54 -62.17 10.52
CA TYR K 414 -22.46 -61.19 10.62
C TYR K 414 -21.14 -61.81 11.08
N PHE K 415 -21.19 -62.85 11.91
CA PHE K 415 -20.01 -63.55 12.37
C PHE K 415 -19.83 -64.90 11.68
N GLU K 416 -20.40 -65.06 10.49
CA GLU K 416 -20.29 -66.33 9.79
C GLU K 416 -18.88 -66.51 9.23
N PRO K 417 -18.28 -67.69 9.39
CA PRO K 417 -16.95 -67.90 8.82
C PRO K 417 -16.99 -67.84 7.31
N PRO K 418 -15.90 -67.44 6.68
CA PRO K 418 -15.89 -67.34 5.22
C PRO K 418 -15.92 -68.70 4.56
N SER K 419 -16.34 -68.70 3.29
CA SER K 419 -16.44 -69.93 2.52
C SER K 419 -15.06 -70.42 2.11
N GLU K 420 -14.85 -71.73 2.18
CA GLU K 420 -13.58 -72.33 1.80
C GLU K 420 -13.36 -72.39 0.29
N GLU K 421 -14.39 -72.09 -0.50
CA GLU K 421 -14.24 -72.12 -1.95
C GLU K 421 -13.39 -70.97 -2.48
N LEU K 422 -13.18 -69.92 -1.68
CA LEU K 422 -12.38 -68.79 -2.12
C LEU K 422 -10.89 -69.18 -2.16
N GLN K 423 -10.10 -68.30 -2.75
CA GLN K 423 -8.67 -68.54 -2.85
C GLN K 423 -8.00 -68.35 -1.50
N HIS K 424 -6.73 -68.75 -1.43
CA HIS K 424 -6.00 -68.67 -0.17
C HIS K 424 -5.71 -67.22 0.23
N GLU K 425 -5.56 -66.33 -0.75
CA GLU K 425 -5.30 -64.93 -0.43
C GLU K 425 -6.54 -64.26 0.16
N GLU K 426 -7.70 -64.47 -0.48
CA GLU K 426 -8.93 -63.87 0.02
C GLU K 426 -9.41 -64.55 1.31
N LYS K 427 -9.03 -65.80 1.55
CA LYS K 427 -9.44 -66.48 2.77
C LYS K 427 -8.78 -65.86 4.00
N GLN K 428 -7.50 -65.51 3.89
CA GLN K 428 -6.79 -64.92 5.03
C GLN K 428 -7.29 -63.50 5.31
N SER K 429 -7.72 -62.78 4.27
CA SER K 429 -8.23 -61.42 4.48
C SER K 429 -9.57 -61.45 5.23
N LYS K 430 -10.43 -62.41 4.91
CA LYS K 430 -11.70 -62.51 5.60
C LYS K 430 -11.53 -63.00 7.03
N LEU K 431 -10.53 -63.85 7.29
CA LEU K 431 -10.29 -64.31 8.64
C LEU K 431 -9.76 -63.19 9.53
N ARG K 432 -9.01 -62.24 8.97
CA ARG K 432 -8.54 -61.11 9.74
C ARG K 432 -9.69 -60.21 10.18
N SER K 433 -10.71 -60.06 9.32
CA SER K 433 -11.88 -59.28 9.69
C SER K 433 -12.78 -60.01 10.65
N LEU K 434 -12.82 -61.34 10.58
CA LEU K 434 -13.67 -62.11 11.49
C LEU K 434 -13.09 -62.09 12.91
N ARG K 435 -11.78 -62.33 13.04
CA ARG K 435 -11.16 -62.33 14.36
C ARG K 435 -11.14 -60.94 14.97
N ASN K 436 -11.07 -59.90 14.14
CA ASN K 436 -11.09 -58.53 14.66
C ASN K 436 -12.47 -58.16 15.19
N ARG K 437 -13.53 -58.60 14.51
CA ARG K 437 -14.88 -58.29 14.97
C ARG K 437 -15.24 -59.08 16.23
N GLN K 438 -14.69 -60.29 16.38
CA GLN K 438 -14.97 -61.07 17.58
C GLN K 438 -14.35 -60.44 18.83
N SER K 439 -13.21 -59.76 18.67
CA SER K 439 -12.57 -59.11 19.82
C SER K 439 -13.28 -57.83 20.21
N LEU K 440 -13.86 -57.11 19.25
CA LEU K 440 -14.56 -55.87 19.57
C LEU K 440 -15.88 -56.14 20.29
N PHE K 441 -16.52 -57.27 20.01
CA PHE K 441 -17.78 -57.61 20.66
C PHE K 441 -17.59 -58.25 22.04
N GLN K 442 -16.35 -58.60 22.40
CA GLN K 442 -16.07 -59.22 23.69
C GLN K 442 -15.53 -58.23 24.72
N GLU K 443 -14.77 -57.24 24.29
CA GLU K 443 -14.18 -56.26 25.20
C GLU K 443 -15.17 -55.18 25.64
N GLU K 444 -16.44 -55.29 25.25
CA GLU K 444 -17.47 -54.34 25.66
C GLU K 444 -18.44 -54.91 26.68
N GLY K 445 -18.42 -56.23 26.92
CA GLY K 445 -19.33 -56.85 27.86
C GLY K 445 -20.56 -57.47 27.23
N MET K 446 -20.70 -57.41 25.91
CA MET K 446 -21.86 -58.00 25.26
C MET K 446 -21.88 -59.52 25.42
N LEU K 447 -20.71 -60.15 25.46
CA LEU K 447 -20.65 -61.59 25.67
C LEU K 447 -21.24 -61.99 27.03
N SER K 448 -21.08 -61.13 28.03
CA SER K 448 -21.68 -61.42 29.34
C SER K 448 -23.20 -61.24 29.30
N LEU K 449 -23.69 -60.31 28.48
CA LEU K 449 -25.13 -60.09 28.39
C LEU K 449 -25.83 -61.29 27.75
N VAL K 450 -25.15 -62.00 26.85
CA VAL K 450 -25.75 -63.19 26.24
C VAL K 450 -25.81 -64.33 27.25
N LEU K 451 -24.78 -64.46 28.09
CA LEU K 451 -24.77 -65.50 29.11
C LEU K 451 -25.80 -65.23 30.19
N ASN K 452 -25.96 -63.97 30.59
CA ASN K 452 -26.95 -63.63 31.60
C ASN K 452 -28.37 -63.84 31.10
N CYS K 453 -28.60 -63.66 29.79
CA CYS K 453 -29.94 -63.88 29.24
C CYS K 453 -30.31 -65.36 29.26
N ILE K 454 -29.33 -66.25 29.09
CA ILE K 454 -29.62 -67.68 29.14
C ILE K 454 -29.89 -68.12 30.57
N ASP K 455 -29.17 -67.55 31.53
CA ASP K 455 -29.35 -67.95 32.92
C ASP K 455 -30.73 -67.58 33.45
N ARG K 456 -31.32 -66.50 32.93
CA ARG K 456 -32.67 -66.12 33.36
C ARG K 456 -33.71 -67.10 32.80
N LEU K 457 -33.55 -67.52 31.55
CA LEU K 457 -34.47 -68.46 30.94
C LEU K 457 -34.19 -69.91 31.32
N ASN K 458 -33.03 -70.19 31.92
CA ASN K 458 -32.71 -71.56 32.31
C ASN K 458 -33.52 -72.02 33.51
N VAL K 459 -34.08 -71.09 34.29
CA VAL K 459 -34.89 -71.48 35.45
C VAL K 459 -36.16 -72.18 34.99
N TYR K 460 -36.74 -71.74 33.88
CA TYR K 460 -37.95 -72.38 33.36
C TYR K 460 -37.60 -73.72 32.74
N THR K 461 -38.41 -74.74 33.07
CA THR K 461 -38.16 -76.08 32.54
C THR K 461 -38.60 -76.20 31.09
N THR K 462 -39.88 -75.95 30.81
CA THR K 462 -40.42 -76.05 29.47
C THR K 462 -41.30 -74.82 29.24
N ALA K 463 -41.78 -74.67 28.00
CA ALA K 463 -42.63 -73.53 27.66
C ALA K 463 -43.93 -73.51 28.44
N ALA K 464 -44.32 -74.63 29.06
CA ALA K 464 -45.52 -74.64 29.89
C ALA K 464 -45.32 -73.78 31.13
N HIS K 465 -44.15 -73.85 31.75
CA HIS K 465 -43.86 -73.00 32.91
C HIS K 465 -43.71 -71.55 32.50
N PHE K 466 -43.13 -71.30 31.32
CA PHE K 466 -42.97 -69.94 30.83
C PHE K 466 -44.31 -69.30 30.44
N ALA K 467 -45.33 -70.12 30.16
CA ALA K 467 -46.64 -69.58 29.80
C ALA K 467 -47.32 -68.96 31.01
N GLU K 468 -47.37 -69.69 32.13
CA GLU K 468 -48.03 -69.18 33.32
C GLU K 468 -47.21 -68.11 34.02
N PHE K 469 -45.94 -67.91 33.65
CA PHE K 469 -45.10 -66.90 34.27
C PHE K 469 -44.84 -65.69 33.40
N ALA K 470 -45.04 -65.79 32.08
CA ALA K 470 -44.77 -64.67 31.19
C ALA K 470 -45.86 -64.44 30.14
N GLY K 471 -46.89 -65.28 30.09
CA GLY K 471 -47.96 -65.12 29.13
C GLY K 471 -47.92 -66.19 28.05
N GLU K 472 -49.07 -66.37 27.41
CA GLU K 472 -49.18 -67.38 26.35
C GLU K 472 -48.52 -66.91 25.04
N GLU K 473 -48.47 -65.60 24.80
CA GLU K 473 -47.88 -65.10 23.57
C GLU K 473 -46.38 -65.37 23.52
N ALA K 474 -45.66 -65.00 24.58
CA ALA K 474 -44.22 -65.22 24.62
C ALA K 474 -43.84 -66.68 24.82
N ALA K 475 -44.79 -67.53 25.19
CA ALA K 475 -44.47 -68.95 25.41
C ALA K 475 -44.22 -69.67 24.09
N GLU K 476 -44.95 -69.30 23.04
CA GLU K 476 -44.77 -69.97 21.75
C GLU K 476 -43.40 -69.64 21.15
N SER K 477 -42.93 -68.42 21.34
CA SER K 477 -41.62 -68.01 20.81
C SER K 477 -40.48 -68.41 21.71
N TRP K 478 -40.75 -68.91 22.92
CA TRP K 478 -39.67 -69.29 23.83
C TRP K 478 -38.87 -70.47 23.29
N LYS K 479 -39.50 -71.35 22.51
CA LYS K 479 -38.78 -72.48 21.94
C LYS K 479 -37.74 -72.03 20.91
N GLU K 480 -38.00 -70.94 20.22
CA GLU K 480 -37.07 -70.45 19.20
C GLU K 480 -36.03 -69.48 19.76
N ILE K 481 -36.39 -68.71 20.79
CA ILE K 481 -35.44 -67.74 21.36
C ILE K 481 -34.28 -68.47 22.02
N VAL K 482 -34.57 -69.51 22.80
CA VAL K 482 -33.51 -70.25 23.48
C VAL K 482 -32.62 -70.96 22.46
N ASN K 483 -33.22 -71.45 21.36
CA ASN K 483 -32.43 -72.12 20.34
C ASN K 483 -31.50 -71.17 19.61
N LEU K 484 -31.91 -69.90 19.44
CA LEU K 484 -31.07 -68.93 18.75
C LEU K 484 -29.97 -68.38 19.65
N LEU K 485 -30.18 -68.41 20.97
CA LEU K 485 -29.16 -67.91 21.89
C LEU K 485 -27.93 -68.82 21.92
N TYR K 486 -28.11 -70.12 21.67
CA TYR K 486 -26.98 -71.04 21.66
C TYR K 486 -26.22 -71.00 20.34
N GLU K 487 -26.89 -70.65 19.25
CA GLU K 487 -26.22 -70.56 17.95
C GLU K 487 -25.37 -69.30 17.84
N ILE K 488 -25.86 -68.19 18.38
CA ILE K 488 -25.10 -66.95 18.33
C ILE K 488 -23.92 -67.01 19.30
N LEU K 489 -24.01 -67.83 20.34
CA LEU K 489 -22.91 -67.94 21.29
C LEU K 489 -21.74 -68.71 20.69
N ALA K 490 -22.02 -69.81 20.00
CA ALA K 490 -20.95 -70.62 19.41
C ALA K 490 -20.21 -69.90 18.30
N SER K 491 -20.82 -68.86 17.71
CA SER K 491 -20.16 -68.13 16.64
C SER K 491 -19.07 -67.21 17.17
N LEU K 492 -19.21 -66.73 18.40
CA LEU K 492 -18.21 -65.82 18.96
C LEU K 492 -17.06 -66.56 19.61
N ILE K 493 -17.28 -67.79 20.07
CA ILE K 493 -16.24 -68.56 20.73
C ILE K 493 -15.36 -69.29 19.72
N ARG K 494 -15.95 -69.80 18.65
CA ARG K 494 -15.20 -70.53 17.64
C ARG K 494 -14.27 -69.59 16.88
N GLY K 495 -12.97 -69.84 16.96
CA GLY K 495 -11.98 -69.04 16.26
C GLY K 495 -11.22 -68.06 17.12
N ASN K 496 -11.45 -68.04 18.43
CA ASN K 496 -10.77 -67.12 19.33
C ASN K 496 -10.31 -67.86 20.57
N ARG K 497 -9.07 -67.61 20.98
CA ARG K 497 -8.53 -68.25 22.18
C ARG K 497 -8.99 -67.54 23.45
N ALA K 498 -9.11 -66.20 23.39
CA ALA K 498 -9.53 -65.45 24.57
C ALA K 498 -10.97 -65.76 24.95
N ASN K 499 -11.82 -66.09 23.98
CA ASN K 499 -13.21 -66.41 24.29
C ASN K 499 -13.34 -67.77 24.95
N CYS K 500 -12.47 -68.72 24.60
CA CYS K 500 -12.52 -70.05 25.22
C CYS K 500 -12.04 -70.00 26.67
N ALA K 501 -11.22 -69.02 27.02
CA ALA K 501 -10.73 -68.90 28.39
C ALA K 501 -11.81 -68.46 29.36
N LEU K 502 -12.87 -67.82 28.87
CA LEU K 502 -13.95 -67.38 29.75
C LEU K 502 -14.77 -68.57 30.26
N PHE K 503 -14.93 -69.60 29.44
CA PHE K 503 -15.70 -70.78 29.82
C PHE K 503 -14.87 -71.80 30.60
N SER K 504 -13.58 -71.51 30.83
CA SER K 504 -12.75 -72.44 31.58
C SER K 504 -13.13 -72.47 33.05
N ASN K 505 -13.49 -71.32 33.61
CA ASN K 505 -13.89 -71.23 35.01
C ASN K 505 -15.37 -71.53 35.23
N ASN K 506 -16.16 -71.63 34.17
CA ASN K 506 -17.58 -71.91 34.26
C ASN K 506 -17.94 -73.16 33.45
N LEU K 507 -17.11 -74.19 33.56
CA LEU K 507 -17.36 -75.43 32.80
C LEU K 507 -18.52 -76.23 33.39
N ASP K 508 -18.73 -76.13 34.71
CA ASP K 508 -19.81 -76.89 35.34
C ASP K 508 -21.18 -76.37 34.93
N TRP K 509 -21.28 -75.09 34.56
CA TRP K 509 -22.58 -74.53 34.17
C TRP K 509 -23.02 -75.07 32.82
N LEU K 510 -22.08 -75.27 31.88
CA LEU K 510 -22.44 -75.74 30.55
C LEU K 510 -22.71 -77.23 30.54
N VAL K 511 -21.93 -78.02 31.30
CA VAL K 511 -22.12 -79.46 31.32
C VAL K 511 -23.44 -79.81 32.00
N SER K 512 -23.80 -79.10 33.06
CA SER K 512 -25.06 -79.36 33.73
C SER K 512 -26.24 -79.04 32.84
N LYS K 513 -26.12 -78.04 31.96
CA LYS K 513 -27.19 -77.69 31.04
C LYS K 513 -27.22 -78.59 29.81
N LEU K 514 -26.22 -79.45 29.62
CA LEU K 514 -26.21 -80.34 28.46
C LEU K 514 -27.29 -81.39 28.56
N ASP K 515 -27.64 -81.82 29.77
CA ASP K 515 -28.67 -82.84 29.97
C ASP K 515 -30.08 -82.31 29.74
N ARG K 516 -30.25 -81.02 29.47
CA ARG K 516 -31.58 -80.48 29.23
C ARG K 516 -32.10 -80.93 27.87
N LEU K 517 -33.40 -81.24 27.82
CA LEU K 517 -34.00 -81.74 26.59
C LEU K 517 -34.28 -80.61 25.60
N GLU K 518 -34.67 -79.44 26.09
CA GLU K 518 -34.98 -78.32 25.21
C GLU K 518 -33.70 -77.72 24.66
N ALA K 519 -33.61 -77.64 23.32
CA ALA K 519 -32.46 -77.08 22.62
C ALA K 519 -31.16 -77.81 23.01
N SER K 520 -31.21 -79.15 22.92
CA SER K 520 -30.04 -79.95 23.26
C SER K 520 -28.97 -79.89 22.19
N SER K 521 -29.36 -79.73 20.92
CA SER K 521 -28.36 -79.66 19.85
C SER K 521 -27.55 -78.38 19.91
N GLY K 522 -28.12 -77.30 20.48
CA GLY K 522 -27.38 -76.05 20.57
C GLY K 522 -26.25 -76.11 21.58
N ILE K 523 -26.48 -76.78 22.72
CA ILE K 523 -25.44 -76.91 23.73
C ILE K 523 -24.32 -77.81 23.23
N LEU K 524 -24.66 -78.87 22.49
CA LEU K 524 -23.66 -79.78 21.97
C LEU K 524 -22.79 -79.11 20.92
N GLU K 525 -23.33 -78.11 20.21
CA GLU K 525 -22.55 -77.41 19.19
C GLU K 525 -21.55 -76.45 19.81
N VAL K 526 -21.98 -75.67 20.81
CA VAL K 526 -21.05 -74.74 21.44
C VAL K 526 -20.02 -75.48 22.29
N LEU K 527 -20.34 -76.69 22.74
CA LEU K 527 -19.38 -77.47 23.51
C LEU K 527 -18.27 -78.02 22.63
N TYR K 528 -18.57 -78.30 21.36
CA TYR K 528 -17.54 -78.83 20.46
C TYR K 528 -16.47 -77.80 20.14
N CYS K 529 -16.82 -76.51 20.21
CA CYS K 529 -15.87 -75.45 19.89
C CYS K 529 -15.01 -75.05 21.07
N VAL K 530 -15.52 -75.16 22.30
CA VAL K 530 -14.75 -74.77 23.47
C VAL K 530 -13.74 -75.83 23.88
N LEU K 531 -13.91 -77.08 23.42
CA LEU K 531 -13.00 -78.16 23.77
C LEU K 531 -12.03 -78.49 22.66
N ILE K 532 -11.97 -77.67 21.62
CA ILE K 532 -11.07 -77.92 20.49
C ILE K 532 -10.05 -76.81 20.28
N GLU K 533 -10.27 -75.61 20.82
CA GLU K 533 -9.35 -74.49 20.65
C GLU K 533 -8.38 -74.31 21.81
N SER K 534 -8.89 -74.42 23.05
CA SER K 534 -8.05 -74.24 24.23
C SER K 534 -7.67 -75.60 24.79
N PRO K 535 -6.38 -75.90 24.96
CA PRO K 535 -5.99 -77.19 25.56
C PRO K 535 -6.07 -77.20 27.08
N GLU K 536 -6.04 -76.05 27.73
CA GLU K 536 -6.06 -76.01 29.18
C GLU K 536 -7.44 -76.34 29.76
N VAL K 537 -8.50 -76.16 28.96
CA VAL K 537 -9.85 -76.43 29.46
C VAL K 537 -10.11 -77.92 29.59
N LEU K 538 -9.29 -78.76 28.94
CA LEU K 538 -9.49 -80.21 29.00
C LEU K 538 -8.86 -80.83 30.23
N ASN K 539 -7.92 -80.16 30.88
CA ASN K 539 -7.28 -80.72 32.06
C ASN K 539 -8.16 -80.63 33.30
N ILE K 540 -9.08 -79.66 33.34
CA ILE K 540 -9.97 -79.50 34.48
C ILE K 540 -11.12 -80.50 34.49
N ILE K 541 -11.35 -81.20 33.37
CA ILE K 541 -12.44 -82.16 33.29
C ILE K 541 -12.13 -83.35 34.18
N GLN K 542 -13.13 -83.80 34.94
CA GLN K 542 -12.95 -84.91 35.88
C GLN K 542 -13.98 -86.00 35.62
N GLU K 543 -14.06 -86.97 36.53
CA GLU K 543 -14.98 -88.09 36.35
C GLU K 543 -16.44 -87.64 36.44
N ASN K 544 -16.71 -86.55 37.16
CA ASN K 544 -18.08 -86.07 37.29
C ASN K 544 -18.63 -85.50 35.98
N HIS K 545 -17.75 -85.06 35.07
CA HIS K 545 -18.18 -84.46 33.82
C HIS K 545 -18.35 -85.48 32.70
N ILE K 546 -17.69 -86.64 32.79
CA ILE K 546 -17.80 -87.64 31.74
C ILE K 546 -19.15 -88.36 31.80
N LYS K 547 -19.66 -88.60 33.00
CA LYS K 547 -20.93 -89.30 33.14
C LYS K 547 -22.08 -88.50 32.53
N SER K 548 -21.94 -87.18 32.44
CA SER K 548 -22.98 -86.37 31.83
C SER K 548 -22.95 -86.46 30.31
N ILE K 549 -21.75 -86.54 29.72
CA ILE K 549 -21.65 -86.63 28.26
C ILE K 549 -22.08 -88.01 27.78
N ILE K 550 -21.72 -89.06 28.53
CA ILE K 550 -22.11 -90.41 28.13
C ILE K 550 -23.62 -90.58 28.24
N SER K 551 -24.24 -89.97 29.25
CA SER K 551 -25.69 -90.05 29.40
C SER K 551 -26.42 -89.33 28.28
N LEU K 552 -25.77 -88.37 27.60
CA LEU K 552 -26.42 -87.68 26.51
C LEU K 552 -26.64 -88.60 25.31
N LEU K 553 -25.69 -89.51 25.07
CA LEU K 553 -25.82 -90.42 23.94
C LEU K 553 -26.94 -91.43 24.16
N ASP K 554 -27.17 -91.85 25.41
CA ASP K 554 -28.21 -92.82 25.69
C ASP K 554 -29.61 -92.19 25.65
N LYS K 555 -29.72 -90.93 26.09
CA LYS K 555 -31.03 -90.27 26.11
C LYS K 555 -31.41 -89.69 24.77
N HIS K 556 -30.44 -89.36 23.93
CA HIS K 556 -30.71 -88.76 22.62
C HIS K 556 -30.36 -89.69 21.47
N GLY K 557 -30.08 -90.96 21.75
CA GLY K 557 -29.77 -91.90 20.69
C GLY K 557 -28.42 -91.67 20.05
N ARG K 558 -28.18 -92.42 18.99
CA ARG K 558 -26.92 -92.32 18.25
C ARG K 558 -26.86 -91.00 17.49
N ASN K 559 -25.69 -90.39 17.47
CA ASN K 559 -25.48 -89.11 16.80
C ASN K 559 -24.05 -89.02 16.31
N HIS K 560 -23.87 -88.34 15.17
CA HIS K 560 -22.55 -88.15 14.59
C HIS K 560 -21.80 -86.97 15.18
N LYS K 561 -22.25 -86.44 16.32
CA LYS K 561 -21.59 -85.31 16.97
C LYS K 561 -21.18 -85.58 18.40
N VAL K 562 -21.81 -86.55 19.08
CA VAL K 562 -21.43 -86.86 20.46
C VAL K 562 -20.07 -87.54 20.51
N LEU K 563 -19.82 -88.46 19.57
CA LEU K 563 -18.53 -89.15 19.55
C LEU K 563 -17.38 -88.21 19.19
N ASP K 564 -17.66 -87.15 18.43
CA ASP K 564 -16.61 -86.21 18.06
C ASP K 564 -16.13 -85.41 19.26
N VAL K 565 -17.01 -85.19 20.25
CA VAL K 565 -16.60 -84.46 21.45
C VAL K 565 -15.65 -85.30 22.29
N LEU K 566 -15.89 -86.61 22.37
CA LEU K 566 -15.02 -87.47 23.16
C LEU K 566 -13.64 -87.61 22.53
N CYS K 567 -13.54 -87.49 21.20
CA CYS K 567 -12.24 -87.59 20.54
C CYS K 567 -11.37 -86.38 20.83
N SER K 568 -11.98 -85.21 21.02
CA SER K 568 -11.23 -84.00 21.31
C SER K 568 -10.75 -83.92 22.75
N LEU K 569 -11.24 -84.80 23.63
CA LEU K 569 -10.85 -84.76 25.04
C LEU K 569 -9.52 -85.44 25.31
N CYS K 570 -9.10 -86.34 24.44
CA CYS K 570 -7.87 -87.11 24.66
C CYS K 570 -6.68 -86.60 23.88
N VAL K 571 -6.90 -85.93 22.75
CA VAL K 571 -5.77 -85.43 21.96
C VAL K 571 -5.11 -84.25 22.66
N CYS K 572 -5.93 -83.35 23.22
CA CYS K 572 -5.45 -82.20 24.00
C CYS K 572 -4.35 -81.43 23.28
N ASN K 573 -4.58 -81.20 21.98
CA ASN K 573 -3.64 -80.47 21.12
C ASN K 573 -2.25 -81.11 21.15
N GLY K 574 -2.18 -82.27 20.51
CA GLY K 574 -0.93 -83.01 20.39
C GLY K 574 -0.53 -83.85 21.58
N VAL K 575 -0.43 -83.23 22.76
CA VAL K 575 -0.02 -83.93 23.97
C VAL K 575 -1.21 -84.74 24.49
N ALA K 576 -1.10 -86.06 24.45
CA ALA K 576 -2.16 -86.93 24.91
C ALA K 576 -2.22 -86.94 26.43
N VAL K 577 -3.43 -86.92 26.97
CA VAL K 577 -3.67 -86.99 28.41
C VAL K 577 -4.23 -88.36 28.72
N ARG K 578 -3.53 -89.10 29.58
CA ARG K 578 -3.95 -90.45 29.95
C ARG K 578 -4.97 -90.44 31.07
N SER K 579 -5.32 -89.27 31.62
CA SER K 579 -6.33 -89.22 32.67
C SER K 579 -7.73 -89.42 32.07
N ASN K 580 -8.09 -88.63 31.07
CA ASN K 580 -9.41 -88.73 30.48
C ASN K 580 -9.58 -89.95 29.59
N GLN K 581 -8.48 -90.58 29.18
CA GLN K 581 -8.57 -91.77 28.35
C GLN K 581 -9.16 -92.94 29.13
N ASP K 582 -8.81 -93.07 30.41
CA ASP K 582 -9.38 -94.13 31.24
C ASP K 582 -10.82 -93.83 31.62
N LEU K 583 -11.19 -92.56 31.69
CA LEU K 583 -12.56 -92.19 32.04
C LEU K 583 -13.54 -92.58 30.94
N ILE K 584 -13.14 -92.47 29.68
CA ILE K 584 -14.01 -92.88 28.58
C ILE K 584 -14.06 -94.40 28.46
N THR K 585 -12.95 -95.08 28.76
CA THR K 585 -12.92 -96.54 28.60
C THR K 585 -13.68 -97.24 29.72
N GLU K 586 -13.55 -96.76 30.96
CA GLU K 586 -14.16 -97.42 32.10
C GLU K 586 -15.64 -97.09 32.27
N ASN K 587 -16.25 -96.40 31.30
CA ASN K 587 -17.66 -96.05 31.38
C ASN K 587 -18.44 -96.31 30.11
N LEU K 588 -17.80 -96.76 29.04
CA LEU K 588 -18.47 -96.94 27.76
C LEU K 588 -18.23 -98.32 27.17
N LEU K 589 -17.02 -98.85 27.37
CA LEU K 589 -16.65 -100.14 26.79
C LEU K 589 -17.27 -101.32 27.52
N PRO K 590 -17.18 -101.42 28.85
CA PRO K 590 -17.76 -102.60 29.52
C PRO K 590 -19.27 -102.71 29.39
N GLY K 591 -19.97 -101.62 29.09
CA GLY K 591 -21.41 -101.70 28.95
C GLY K 591 -21.83 -102.45 27.70
N ARG K 592 -21.17 -102.18 26.57
CA ARG K 592 -21.46 -102.83 25.29
C ARG K 592 -22.93 -102.67 24.91
N GLU K 593 -23.48 -101.48 25.18
CA GLU K 593 -24.87 -101.17 24.87
C GLU K 593 -25.05 -99.97 23.96
N LEU K 594 -24.17 -98.97 24.06
CA LEU K 594 -24.30 -97.78 23.22
C LEU K 594 -23.69 -97.99 21.84
N LEU K 595 -22.58 -98.71 21.76
CA LEU K 595 -21.89 -98.93 20.51
C LEU K 595 -22.38 -100.22 19.85
N LEU K 596 -21.73 -100.63 18.76
CA LEU K 596 -22.11 -101.82 18.02
C LEU K 596 -20.93 -102.79 18.00
N GLN K 597 -21.17 -104.01 18.46
CA GLN K 597 -20.14 -105.03 18.52
C GLN K 597 -20.14 -105.85 17.23
N THR K 598 -18.95 -106.30 16.83
CA THR K 598 -18.77 -107.09 15.63
C THR K 598 -18.14 -108.43 15.97
N ASN K 599 -18.54 -109.47 15.23
CA ASN K 599 -18.01 -110.81 15.44
C ASN K 599 -18.31 -111.65 14.20
N LEU K 600 -17.50 -112.68 14.01
CA LEU K 600 -17.67 -113.58 12.88
C LEU K 600 -18.79 -114.58 13.16
N ILE K 601 -19.67 -114.76 12.17
CA ILE K 601 -20.79 -115.69 12.27
C ILE K 601 -20.82 -116.52 11.00
N ASN K 602 -20.98 -117.83 11.15
CA ASN K 602 -21.00 -118.74 10.01
C ASN K 602 -22.42 -118.87 9.46
N TYR K 603 -22.49 -119.20 8.17
CA TYR K 603 -23.78 -119.36 7.50
C TYR K 603 -24.38 -120.72 7.85
N VAL K 604 -25.70 -120.73 8.05
CA VAL K 604 -26.44 -121.95 8.35
C VAL K 604 -27.69 -122.00 7.48
N THR K 605 -28.11 -123.22 7.16
CA THR K 605 -29.30 -123.43 6.35
C THR K 605 -30.02 -124.68 6.84
N SER K 606 -31.28 -124.83 6.42
CA SER K 606 -32.11 -125.95 6.83
C SER K 606 -32.67 -126.64 5.60
N ILE K 607 -32.69 -127.97 5.64
CA ILE K 607 -33.23 -128.80 4.57
C ILE K 607 -34.40 -129.59 5.12
N ARG K 608 -35.54 -129.53 4.43
CA ARG K 608 -36.75 -130.21 4.87
C ARG K 608 -37.28 -131.09 3.76
N PRO K 609 -37.81 -132.26 4.10
CA PRO K 609 -38.46 -133.11 3.10
C PRO K 609 -39.83 -132.57 2.73
N ASN K 610 -40.50 -133.28 1.82
CA ASN K 610 -41.83 -132.91 1.37
C ASN K 610 -42.92 -133.47 2.28
N ILE K 611 -42.56 -133.97 3.46
CA ILE K 611 -43.53 -134.54 4.39
C ILE K 611 -44.24 -133.41 5.11
N PHE K 612 -45.57 -133.35 4.96
CA PHE K 612 -46.39 -132.33 5.58
C PHE K 612 -47.43 -132.99 6.48
N VAL K 613 -47.52 -132.52 7.72
CA VAL K 613 -48.44 -133.07 8.71
C VAL K 613 -49.45 -131.98 9.06
N GLY K 614 -50.73 -132.29 8.89
CA GLY K 614 -51.78 -131.34 9.20
C GLY K 614 -52.70 -131.83 10.31
N ARG K 615 -52.78 -131.05 11.39
CA ARG K 615 -53.60 -131.39 12.55
C ARG K 615 -54.70 -130.35 12.68
N ALA K 616 -55.92 -130.74 12.35
CA ALA K 616 -57.08 -129.86 12.44
C ALA K 616 -58.34 -130.71 12.51
N GLU K 617 -59.50 -130.06 12.47
CA GLU K 617 -60.76 -130.79 12.50
C GLU K 617 -60.95 -131.57 11.21
N GLY K 618 -61.35 -132.83 11.35
CA GLY K 618 -61.50 -133.69 10.19
C GLY K 618 -60.20 -133.98 9.47
N THR K 619 -59.14 -134.25 10.23
CA THR K 619 -57.82 -134.48 9.64
C THR K 619 -57.79 -135.82 8.90
N THR K 620 -56.88 -135.90 7.93
CA THR K 620 -56.67 -137.12 7.14
C THR K 620 -55.29 -137.72 7.39
N GLN K 621 -54.62 -137.32 8.46
CA GLN K 621 -53.32 -137.86 8.82
C GLN K 621 -53.33 -138.31 10.27
N TYR K 622 -52.37 -139.17 10.60
CA TYR K 622 -52.28 -139.68 11.96
C TYR K 622 -51.81 -138.59 12.92
N SER K 623 -52.22 -138.71 14.18
CA SER K 623 -51.86 -137.71 15.17
C SER K 623 -50.39 -137.81 15.57
N LYS K 624 -49.84 -139.03 15.60
CA LYS K 624 -48.46 -139.25 15.99
C LYS K 624 -47.60 -139.51 14.77
N TRP K 625 -46.35 -139.06 14.84
CA TRP K 625 -45.40 -139.26 13.75
C TRP K 625 -44.02 -139.46 14.35
N TYR K 626 -43.16 -140.17 13.62
CA TYR K 626 -41.83 -140.53 14.11
C TYR K 626 -40.87 -140.63 12.93
N PHE K 627 -39.66 -140.14 13.14
CA PHE K 627 -38.62 -140.19 12.11
C PHE K 627 -37.27 -140.34 12.78
N GLU K 628 -36.30 -140.85 12.02
CA GLU K 628 -34.96 -141.09 12.51
C GLU K 628 -33.93 -140.46 11.59
N VAL K 629 -32.91 -139.85 12.18
CA VAL K 629 -31.83 -139.21 11.45
C VAL K 629 -30.50 -139.64 12.06
N MET K 630 -29.57 -140.09 11.24
CA MET K 630 -28.28 -140.59 11.68
C MET K 630 -27.16 -139.73 11.10
N VAL K 631 -26.17 -139.43 11.94
CA VAL K 631 -25.01 -138.65 11.52
C VAL K 631 -23.77 -139.52 11.71
N ASP K 632 -22.78 -139.31 10.85
CA ASP K 632 -21.57 -140.13 10.88
C ASP K 632 -20.27 -139.36 10.76
N GLU K 633 -20.28 -138.06 10.49
CA GLU K 633 -19.04 -137.30 10.31
C GLU K 633 -19.29 -135.85 10.70
N VAL K 634 -18.77 -135.45 11.86
CA VAL K 634 -18.82 -134.07 12.31
C VAL K 634 -17.45 -133.72 12.89
N VAL K 635 -17.02 -132.47 12.68
CA VAL K 635 -15.73 -131.99 13.16
C VAL K 635 -15.93 -130.62 13.81
N PRO K 636 -15.52 -130.43 15.06
CA PRO K 636 -15.65 -129.11 15.69
C PRO K 636 -14.37 -128.29 15.53
N PHE K 637 -14.50 -127.00 15.86
CA PHE K 637 -13.39 -126.06 15.85
C PHE K 637 -12.73 -125.98 14.47
N LEU K 638 -13.54 -125.97 13.42
CA LEU K 638 -13.02 -125.86 12.07
C LEU K 638 -12.69 -124.42 11.70
N THR K 639 -13.40 -123.45 12.28
CA THR K 639 -13.20 -122.04 11.97
C THR K 639 -13.11 -121.27 13.28
N ALA K 640 -13.47 -119.97 13.22
CA ALA K 640 -13.42 -119.14 14.42
C ALA K 640 -14.49 -119.53 15.42
N GLN K 641 -15.71 -119.78 14.95
CA GLN K 641 -16.81 -120.16 15.82
C GLN K 641 -17.04 -121.67 15.75
N ALA K 642 -17.42 -122.25 16.88
CA ALA K 642 -17.68 -123.68 16.95
C ALA K 642 -18.91 -124.04 16.13
N THR K 643 -18.93 -125.28 15.65
CA THR K 643 -20.03 -125.78 14.83
C THR K 643 -21.16 -126.29 15.71
N HIS K 644 -22.37 -126.28 15.16
CA HIS K 644 -23.56 -126.75 15.85
C HIS K 644 -24.43 -127.53 14.89
N LEU K 645 -25.11 -128.54 15.43
CA LEU K 645 -26.00 -129.40 14.64
C LEU K 645 -27.27 -129.64 15.44
N ARG K 646 -28.40 -129.15 14.93
CA ARG K 646 -29.69 -129.27 15.60
C ARG K 646 -30.68 -129.98 14.68
N VAL K 647 -31.49 -130.84 15.27
CA VAL K 647 -32.51 -131.59 14.54
C VAL K 647 -33.84 -131.40 15.25
N GLY K 648 -34.87 -131.03 14.50
CA GLY K 648 -36.18 -130.84 15.09
C GLY K 648 -37.25 -130.61 14.03
N TRP K 649 -38.30 -129.91 14.44
CA TRP K 649 -39.43 -129.60 13.59
C TRP K 649 -39.57 -128.09 13.44
N ALA K 650 -40.45 -127.69 12.54
CA ALA K 650 -40.70 -126.27 12.28
C ALA K 650 -42.05 -126.12 11.59
N LEU K 651 -42.61 -124.93 11.71
CA LEU K 651 -43.89 -124.63 11.08
C LEU K 651 -43.68 -124.23 9.62
N THR K 652 -44.77 -124.32 8.85
CA THR K 652 -44.70 -123.99 7.43
C THR K 652 -44.55 -122.49 7.18
N GLU K 653 -44.88 -121.65 8.17
CA GLU K 653 -44.76 -120.21 8.03
C GLU K 653 -44.17 -119.63 9.30
N GLY K 654 -43.32 -118.62 9.15
CA GLY K 654 -42.70 -117.96 10.28
C GLY K 654 -41.38 -118.54 10.72
N TYR K 655 -40.76 -119.41 9.91
CA TYR K 655 -39.49 -120.01 10.29
C TYR K 655 -38.30 -119.10 10.00
N SER K 656 -38.42 -118.23 8.98
CA SER K 656 -37.37 -117.30 8.58
C SER K 656 -36.10 -118.06 8.21
N PRO K 657 -36.05 -118.72 7.05
CA PRO K 657 -34.84 -119.44 6.65
C PRO K 657 -33.87 -118.58 5.87
N TYR K 658 -34.01 -117.27 5.96
CA TYR K 658 -33.14 -116.35 5.23
C TYR K 658 -31.72 -116.43 5.76
N PRO K 659 -30.74 -116.78 4.93
CA PRO K 659 -29.36 -116.86 5.43
C PRO K 659 -28.76 -115.48 5.64
N GLY K 660 -28.06 -115.32 6.75
CA GLY K 660 -27.44 -114.05 7.08
C GLY K 660 -27.99 -113.43 8.36
N GLY K 661 -28.39 -112.17 8.27
CA GLY K 661 -28.97 -111.51 9.44
C GLY K 661 -30.37 -112.02 9.73
N GLY K 662 -30.64 -112.25 11.01
CA GLY K 662 -31.93 -112.77 11.42
C GLY K 662 -32.36 -112.28 12.79
N GLU K 663 -33.30 -113.00 13.41
CA GLU K 663 -33.78 -112.60 14.73
C GLU K 663 -32.74 -112.88 15.80
N GLY K 664 -32.14 -114.07 15.77
CA GLY K 664 -31.13 -114.41 16.75
C GLY K 664 -29.83 -113.65 16.54
N TRP K 665 -28.93 -113.80 17.52
CA TRP K 665 -27.64 -113.11 17.44
C TRP K 665 -26.76 -113.73 16.36
N GLY K 666 -26.71 -115.05 16.29
CA GLY K 666 -25.88 -115.72 15.31
C GLY K 666 -26.65 -116.17 14.09
N GLY K 667 -26.60 -117.48 13.79
CA GLY K 667 -27.30 -117.99 12.64
C GLY K 667 -28.79 -118.18 12.89
N ASN K 668 -29.53 -118.33 11.79
CA ASN K 668 -30.98 -118.51 11.85
C ASN K 668 -31.29 -120.01 11.76
N GLY K 669 -31.07 -120.70 12.88
CA GLY K 669 -31.34 -122.12 12.97
C GLY K 669 -32.69 -122.42 13.60
N VAL K 670 -32.96 -123.71 13.74
CA VAL K 670 -34.21 -124.14 14.35
C VAL K 670 -34.19 -123.82 15.85
N GLY K 671 -35.37 -123.60 16.42
CA GLY K 671 -35.50 -123.29 17.82
C GLY K 671 -35.20 -121.85 18.19
N ASP K 672 -34.71 -121.04 17.25
CA ASP K 672 -34.44 -119.63 17.56
C ASP K 672 -35.74 -118.87 17.82
N ASP K 673 -36.80 -119.22 17.12
CA ASP K 673 -38.11 -118.62 17.30
C ASP K 673 -39.11 -119.68 17.72
N LEU K 674 -40.23 -119.23 18.29
CA LEU K 674 -41.27 -120.15 18.75
C LEU K 674 -41.98 -120.86 17.60
N TYR K 675 -41.78 -120.43 16.36
CA TYR K 675 -42.38 -121.08 15.20
C TYR K 675 -41.61 -122.32 14.76
N SER K 676 -40.60 -122.73 15.52
CA SER K 676 -39.81 -123.93 15.21
C SER K 676 -39.45 -124.61 16.51
N TYR K 677 -39.88 -125.86 16.67
CA TYR K 677 -39.65 -126.64 17.87
C TYR K 677 -38.64 -127.73 17.56
N GLY K 678 -37.46 -127.65 18.17
CA GLY K 678 -36.41 -128.63 17.94
C GLY K 678 -35.62 -128.87 19.21
N PHE K 679 -35.11 -130.09 19.33
CA PHE K 679 -34.32 -130.49 20.48
C PHE K 679 -33.36 -131.59 20.07
N ASP K 680 -32.07 -131.38 20.30
CA ASP K 680 -31.05 -132.35 19.95
C ASP K 680 -29.80 -132.09 20.77
N GLY K 681 -29.01 -133.13 20.96
CA GLY K 681 -27.79 -133.00 21.75
C GLY K 681 -28.10 -132.92 23.22
N LEU K 682 -27.59 -131.88 23.88
CA LEU K 682 -27.79 -131.68 25.31
C LEU K 682 -28.56 -130.39 25.61
N HIS K 683 -29.30 -129.87 24.63
CA HIS K 683 -30.06 -128.65 24.83
C HIS K 683 -31.26 -128.64 23.90
N LEU K 684 -32.35 -128.03 24.38
CA LEU K 684 -33.59 -127.90 23.62
C LEU K 684 -33.77 -126.44 23.26
N TRP K 685 -33.64 -126.12 21.97
CA TRP K 685 -33.74 -124.75 21.50
C TRP K 685 -35.21 -124.36 21.35
N THR K 686 -35.62 -123.29 22.04
CA THR K 686 -36.99 -122.80 21.96
C THR K 686 -36.98 -121.32 22.30
N GLY K 687 -37.20 -120.48 21.30
CA GLY K 687 -37.21 -119.04 21.52
C GLY K 687 -35.83 -118.45 21.80
N HIS K 688 -34.80 -118.97 21.14
CA HIS K 688 -33.42 -118.48 21.31
C HIS K 688 -32.95 -118.61 22.75
N VAL K 689 -33.51 -119.56 23.50
CA VAL K 689 -33.11 -119.79 24.88
C VAL K 689 -32.75 -121.27 25.04
N PRO K 690 -31.47 -121.63 25.01
CA PRO K 690 -31.08 -123.03 25.18
C PRO K 690 -31.22 -123.46 26.63
N ARG K 691 -31.89 -124.59 26.85
CA ARG K 691 -32.12 -125.14 28.18
C ARG K 691 -31.44 -126.50 28.28
N LEU K 692 -30.68 -126.70 29.34
CA LEU K 692 -29.95 -127.95 29.52
C LEU K 692 -30.92 -129.10 29.78
N VAL K 693 -30.59 -130.27 29.25
CA VAL K 693 -31.39 -131.48 29.41
C VAL K 693 -30.62 -132.46 30.27
N THR K 694 -31.35 -133.14 31.17
CA THR K 694 -30.73 -134.10 32.08
C THR K 694 -30.50 -135.44 31.39
N SER K 695 -29.75 -135.44 30.28
CA SER K 695 -29.45 -136.68 29.58
C SER K 695 -28.29 -137.41 30.26
N PRO K 696 -28.35 -138.74 30.34
CA PRO K 696 -27.26 -139.47 31.01
C PRO K 696 -25.97 -139.47 30.21
N GLY K 697 -26.05 -139.44 28.87
CA GLY K 697 -24.83 -139.43 28.07
C GLY K 697 -24.12 -138.09 28.11
N GLN K 698 -24.88 -136.99 28.08
CA GLN K 698 -24.34 -135.64 28.16
C GLN K 698 -23.36 -135.36 27.02
N HIS K 699 -23.69 -135.84 25.83
CA HIS K 699 -22.89 -135.61 24.63
C HIS K 699 -23.73 -134.82 23.64
N LEU K 700 -23.33 -133.57 23.38
CA LEU K 700 -24.09 -132.72 22.46
C LEU K 700 -23.85 -133.11 21.01
N LEU K 701 -22.58 -133.11 20.58
CA LEU K 701 -22.20 -133.45 19.22
C LEU K 701 -21.33 -134.70 19.24
N ALA K 702 -21.79 -135.74 18.55
CA ALA K 702 -21.05 -137.00 18.49
C ALA K 702 -21.45 -137.78 17.24
N PRO K 703 -20.48 -138.23 16.44
CA PRO K 703 -20.80 -138.99 15.24
C PRO K 703 -21.24 -140.41 15.59
N GLU K 704 -21.68 -141.12 14.55
CA GLU K 704 -22.15 -142.51 14.68
C GLU K 704 -23.28 -142.61 15.69
N ASP K 705 -24.25 -141.71 15.58
CA ASP K 705 -25.41 -141.69 16.47
C ASP K 705 -26.66 -141.45 15.65
N VAL K 706 -27.80 -141.75 16.25
CA VAL K 706 -29.11 -141.61 15.62
C VAL K 706 -29.97 -140.72 16.49
N VAL K 707 -30.47 -139.63 15.92
CA VAL K 707 -31.35 -138.70 16.62
C VAL K 707 -32.76 -138.88 16.08
N SER K 708 -33.75 -138.78 16.95
CA SER K 708 -35.14 -138.97 16.57
C SER K 708 -36.03 -138.02 17.37
N CYS K 709 -37.22 -137.78 16.84
CA CYS K 709 -38.20 -136.92 17.50
C CYS K 709 -39.60 -137.40 17.15
N CYS K 710 -40.53 -137.19 18.08
CA CYS K 710 -41.91 -137.61 17.90
C CYS K 710 -42.84 -136.59 18.53
N LEU K 711 -44.00 -136.41 17.91
CA LEU K 711 -45.01 -135.48 18.40
C LEU K 711 -46.39 -136.07 18.21
N ASP K 712 -47.31 -135.69 19.08
CA ASP K 712 -48.70 -136.14 19.03
C ASP K 712 -49.61 -134.95 18.80
N LEU K 713 -50.65 -135.15 17.99
CA LEU K 713 -51.60 -134.08 17.68
C LEU K 713 -52.80 -134.09 18.61
N SER K 714 -53.15 -135.22 19.21
CA SER K 714 -54.27 -135.26 20.13
C SER K 714 -53.96 -134.52 21.42
N VAL K 715 -52.73 -134.66 21.92
CA VAL K 715 -52.29 -133.97 23.13
C VAL K 715 -51.01 -133.20 22.79
N PRO K 716 -50.89 -131.94 23.20
CA PRO K 716 -49.66 -131.18 22.91
C PRO K 716 -48.45 -131.77 23.60
N SER K 717 -47.81 -132.76 22.97
CA SER K 717 -46.65 -133.43 23.54
C SER K 717 -45.63 -133.68 22.43
N ILE K 718 -44.42 -133.17 22.62
CA ILE K 718 -43.33 -133.34 21.65
C ILE K 718 -42.12 -133.86 22.41
N SER K 719 -41.70 -135.09 22.08
CA SER K 719 -40.55 -135.72 22.71
C SER K 719 -39.52 -136.09 21.65
N PHE K 720 -38.28 -136.30 22.09
CA PHE K 720 -37.18 -136.63 21.20
C PHE K 720 -36.34 -137.72 21.84
N ARG K 721 -35.41 -138.25 21.04
CA ARG K 721 -34.49 -139.29 21.51
C ARG K 721 -33.24 -139.26 20.65
N ILE K 722 -32.08 -139.26 21.28
CA ILE K 722 -30.79 -139.19 20.60
C ILE K 722 -29.95 -140.39 21.04
N ASN K 723 -29.47 -141.15 20.07
CA ASN K 723 -28.61 -142.31 20.31
C ASN K 723 -29.29 -143.33 21.24
N GLY K 724 -30.58 -143.55 21.01
CA GLY K 724 -31.33 -144.50 21.81
C GLY K 724 -31.61 -144.07 23.23
N CYS K 725 -31.29 -142.82 23.58
CA CYS K 725 -31.52 -142.32 24.93
C CYS K 725 -32.59 -141.24 24.90
N PRO K 726 -33.72 -141.44 25.58
CA PRO K 726 -34.77 -140.41 25.58
C PRO K 726 -34.38 -139.22 26.45
N VAL K 727 -35.06 -138.10 26.21
CA VAL K 727 -34.81 -136.86 26.93
C VAL K 727 -36.04 -136.55 27.78
N GLN K 728 -35.80 -135.90 28.91
CA GLN K 728 -36.87 -135.52 29.84
C GLN K 728 -37.36 -134.10 29.54
N GLY K 729 -37.81 -133.91 28.31
CA GLY K 729 -38.31 -132.62 27.88
C GLY K 729 -39.48 -132.73 26.92
N VAL K 730 -40.55 -132.00 27.18
CA VAL K 730 -41.76 -132.04 26.36
C VAL K 730 -42.32 -130.63 26.25
N PHE K 731 -42.81 -130.27 25.07
CA PHE K 731 -43.38 -128.97 24.81
C PHE K 731 -44.90 -129.08 24.75
N GLU K 732 -45.59 -128.15 25.40
CA GLU K 732 -47.05 -128.16 25.45
C GLU K 732 -47.55 -126.72 25.33
N ALA K 733 -48.89 -126.58 25.32
CA ALA K 733 -49.55 -125.28 25.26
C ALA K 733 -49.11 -124.49 24.02
N PHE K 734 -49.02 -125.18 22.89
CA PHE K 734 -48.65 -124.56 21.63
C PHE K 734 -49.75 -124.79 20.60
N ASN K 735 -49.93 -123.81 19.71
CA ASN K 735 -50.97 -123.88 18.71
C ASN K 735 -50.57 -124.86 17.60
N LEU K 736 -51.56 -125.23 16.79
CA LEU K 736 -51.36 -126.16 15.68
C LEU K 736 -51.66 -125.51 14.32
N ASN K 737 -51.70 -124.18 14.27
CA ASN K 737 -52.00 -123.45 13.04
C ASN K 737 -50.75 -123.46 12.16
N GLY K 738 -50.53 -124.57 11.49
CA GLY K 738 -49.39 -124.74 10.61
C GLY K 738 -49.02 -126.20 10.47
N LEU K 739 -48.28 -126.49 9.40
CA LEU K 739 -47.83 -127.85 9.13
C LEU K 739 -46.52 -128.14 9.85
N PHE K 740 -46.22 -129.43 10.00
CA PHE K 740 -45.01 -129.89 10.66
C PHE K 740 -44.17 -130.69 9.68
N PHE K 741 -42.85 -130.54 9.80
CA PHE K 741 -41.92 -131.26 8.93
C PHE K 741 -40.58 -131.35 9.65
N PRO K 742 -39.82 -132.42 9.42
CA PRO K 742 -38.48 -132.54 10.03
C PRO K 742 -37.55 -131.48 9.50
N VAL K 743 -37.07 -130.61 10.39
CA VAL K 743 -36.20 -129.50 10.04
C VAL K 743 -34.85 -129.72 10.71
N VAL K 744 -33.82 -129.98 9.91
CA VAL K 744 -32.46 -130.17 10.39
C VAL K 744 -31.61 -129.01 9.91
N SER K 745 -30.77 -128.47 10.79
CA SER K 745 -29.90 -127.35 10.49
C SER K 745 -28.45 -127.78 10.69
N PHE K 746 -27.70 -127.84 9.59
CA PHE K 746 -26.29 -128.22 9.62
C PHE K 746 -25.42 -127.00 9.37
N SER K 747 -24.30 -126.93 10.08
CA SER K 747 -23.37 -125.81 9.96
C SER K 747 -22.31 -126.17 8.92
N ALA K 748 -21.12 -125.58 9.04
CA ALA K 748 -20.04 -125.83 8.10
C ALA K 748 -19.32 -127.12 8.45
N GLY K 749 -19.13 -127.98 7.46
CA GLY K 749 -18.44 -129.24 7.67
C GLY K 749 -19.24 -130.24 8.47
N VAL K 750 -20.49 -130.45 8.10
CA VAL K 750 -21.38 -131.38 8.79
C VAL K 750 -21.92 -132.37 7.77
N LYS K 751 -21.79 -133.66 8.09
CA LYS K 751 -22.29 -134.74 7.25
C LYS K 751 -23.44 -135.42 7.96
N VAL K 752 -24.65 -135.28 7.42
CA VAL K 752 -25.87 -135.82 8.02
C VAL K 752 -26.55 -136.74 7.02
N ARG K 753 -27.05 -137.86 7.51
CA ARG K 753 -27.78 -138.84 6.70
C ARG K 753 -29.20 -138.97 7.21
N PHE K 754 -30.09 -139.42 6.33
CA PHE K 754 -31.51 -139.54 6.63
C PHE K 754 -31.94 -141.00 6.55
N LEU K 755 -33.03 -141.31 7.24
CA LEU K 755 -33.60 -142.66 7.25
C LEU K 755 -35.11 -142.56 7.33
N LEU K 756 -35.79 -143.41 6.58
CA LEU K 756 -37.25 -143.40 6.52
C LEU K 756 -37.90 -144.70 6.95
N GLY K 757 -37.14 -145.80 7.05
CA GLY K 757 -37.68 -147.08 7.47
C GLY K 757 -38.41 -147.86 6.41
N GLY K 758 -38.83 -147.21 5.32
CA GLY K 758 -39.55 -147.89 4.26
C GLY K 758 -38.65 -148.41 3.16
N ARG K 759 -38.89 -147.97 1.92
CA ARG K 759 -38.08 -148.40 0.79
C ARG K 759 -36.84 -147.53 0.58
N HIS K 760 -36.95 -146.22 0.83
CA HIS K 760 -35.81 -145.33 0.65
C HIS K 760 -34.81 -145.49 1.79
N GLY K 761 -35.28 -145.36 3.04
CA GLY K 761 -34.44 -145.47 4.20
C GLY K 761 -34.77 -146.71 5.03
N GLU K 762 -33.93 -146.93 6.04
CA GLU K 762 -34.07 -148.06 6.95
C GLU K 762 -33.91 -147.57 8.38
N PHE K 763 -34.90 -147.85 9.23
CA PHE K 763 -34.84 -147.43 10.61
C PHE K 763 -33.83 -148.26 11.38
N LYS K 764 -33.09 -147.61 12.28
CA LYS K 764 -32.08 -148.27 13.11
C LYS K 764 -32.50 -148.34 14.57
N PHE K 765 -33.72 -147.93 14.90
CA PHE K 765 -34.20 -147.96 16.28
C PHE K 765 -35.65 -148.44 16.29
N LEU K 766 -36.03 -149.10 17.37
CA LEU K 766 -37.37 -149.64 17.50
C LEU K 766 -38.35 -148.50 17.80
N PRO K 767 -39.38 -148.30 16.97
CA PRO K 767 -40.34 -147.23 17.23
C PRO K 767 -41.16 -147.53 18.48
N PRO K 768 -41.43 -146.53 19.31
CA PRO K 768 -42.22 -146.76 20.51
C PRO K 768 -43.65 -147.13 20.15
N PRO K 769 -44.34 -147.88 21.00
CA PRO K 769 -45.74 -148.24 20.70
C PRO K 769 -46.64 -147.01 20.69
N GLY K 770 -47.55 -146.98 19.72
CA GLY K 770 -48.48 -145.89 19.57
C GLY K 770 -48.05 -144.81 18.59
N TYR K 771 -46.91 -144.98 17.92
CA TYR K 771 -46.41 -144.01 16.97
C TYR K 771 -46.38 -144.60 15.57
N ALA K 772 -46.29 -143.74 14.57
CA ALA K 772 -46.27 -144.14 13.18
C ALA K 772 -45.09 -143.49 12.47
N PRO K 773 -44.50 -144.18 11.50
CA PRO K 773 -43.37 -143.59 10.76
C PRO K 773 -43.82 -142.44 9.88
N CYS K 774 -42.87 -141.55 9.58
CA CYS K 774 -43.16 -140.38 8.76
C CYS K 774 -43.34 -140.72 7.29
N HIS K 775 -43.03 -141.95 6.87
CA HIS K 775 -43.17 -142.33 5.47
C HIS K 775 -44.62 -142.41 5.03
N GLU K 776 -45.56 -142.50 5.99
CA GLU K 776 -46.97 -142.58 5.62
C GLU K 776 -47.51 -141.23 5.12
N ALA K 777 -46.90 -140.13 5.57
CA ALA K 777 -47.35 -138.79 5.18
C ALA K 777 -46.57 -138.37 3.94
N VAL K 778 -47.08 -138.75 2.77
CA VAL K 778 -46.48 -138.39 1.50
C VAL K 778 -47.58 -137.90 0.56
N LEU K 779 -47.23 -136.96 -0.31
CA LEU K 779 -48.20 -136.41 -1.24
C LEU K 779 -48.30 -137.30 -2.48
N PRO K 780 -49.51 -137.57 -2.98
CA PRO K 780 -49.64 -138.41 -4.18
C PRO K 780 -49.26 -137.71 -5.47
N ARG K 781 -49.09 -136.38 -5.45
CA ARG K 781 -48.76 -135.66 -6.68
C ARG K 781 -47.31 -135.89 -7.07
N GLU K 782 -46.38 -135.61 -6.15
CA GLU K 782 -44.95 -135.78 -6.41
C GLU K 782 -44.35 -136.65 -5.31
N ARG K 783 -43.23 -137.30 -5.65
CA ARG K 783 -42.54 -138.17 -4.71
C ARG K 783 -41.80 -137.33 -3.66
N LEU K 784 -41.11 -138.03 -2.76
CA LEU K 784 -40.40 -137.36 -1.68
C LEU K 784 -39.04 -136.86 -2.17
N ARG K 785 -38.70 -135.63 -1.82
CA ARG K 785 -37.43 -135.03 -2.22
C ARG K 785 -37.11 -133.91 -1.24
N LEU K 786 -35.82 -133.75 -0.94
CA LEU K 786 -35.36 -132.74 0.00
C LEU K 786 -34.80 -131.55 -0.76
N GLU K 787 -35.04 -130.35 -0.22
CA GLU K 787 -34.60 -129.11 -0.84
C GLU K 787 -34.61 -128.01 0.22
N PRO K 788 -33.79 -126.97 0.06
CA PRO K 788 -33.81 -125.87 1.04
C PRO K 788 -35.14 -125.14 1.00
N ILE K 789 -35.63 -124.80 2.19
CA ILE K 789 -36.94 -124.16 2.32
C ILE K 789 -36.81 -122.68 2.01
N LYS K 790 -37.68 -122.18 1.12
CA LYS K 790 -37.76 -120.77 0.76
C LYS K 790 -36.41 -120.25 0.26
N GLU K 791 -35.72 -121.06 -0.53
CA GLU K 791 -34.44 -120.67 -1.12
C GLU K 791 -34.71 -119.71 -2.28
N TYR K 792 -34.54 -118.41 -2.03
CA TYR K 792 -34.82 -117.42 -3.06
C TYR K 792 -33.80 -117.46 -4.19
N ARG K 793 -32.65 -118.08 -3.99
CA ARG K 793 -31.63 -118.21 -5.02
C ARG K 793 -31.27 -119.67 -5.20
N ARG K 794 -31.29 -120.14 -6.44
CA ARG K 794 -30.99 -121.52 -6.76
C ARG K 794 -29.91 -121.57 -7.83
N GLU K 795 -28.99 -122.52 -7.69
CA GLU K 795 -27.90 -122.66 -8.64
C GLU K 795 -28.42 -123.14 -9.99
N GLY K 796 -27.98 -122.48 -11.06
CA GLY K 796 -28.41 -122.84 -12.40
C GLY K 796 -27.23 -123.12 -13.31
N PRO K 797 -27.50 -123.78 -14.45
CA PRO K 797 -26.41 -124.10 -15.38
C PRO K 797 -25.81 -122.87 -16.03
N ARG K 798 -26.65 -122.06 -16.67
CA ARG K 798 -26.13 -120.87 -17.34
C ARG K 798 -25.71 -119.80 -16.34
N GLY K 799 -26.52 -119.56 -15.32
CA GLY K 799 -26.20 -118.57 -14.32
C GLY K 799 -27.11 -118.68 -13.10
N PRO K 800 -27.00 -117.72 -12.18
CA PRO K 800 -27.85 -117.75 -10.98
C PRO K 800 -29.31 -117.47 -11.31
N HIS K 801 -30.15 -118.48 -11.16
CA HIS K 801 -31.58 -118.35 -11.44
C HIS K 801 -32.30 -117.85 -10.20
N LEU K 802 -32.89 -116.66 -10.30
CA LEU K 802 -33.65 -116.10 -9.19
C LEU K 802 -35.06 -116.64 -9.19
N VAL K 803 -35.60 -116.87 -8.00
CA VAL K 803 -36.96 -117.39 -7.83
C VAL K 803 -37.64 -116.62 -6.71
N GLY K 804 -38.95 -116.44 -6.84
CA GLY K 804 -39.73 -115.74 -5.86
C GLY K 804 -40.17 -116.64 -4.72
N PRO K 805 -41.27 -116.27 -4.07
CA PRO K 805 -41.76 -117.09 -2.95
C PRO K 805 -42.43 -118.36 -3.46
N SER K 806 -42.26 -119.43 -2.68
CA SER K 806 -42.83 -120.73 -3.01
C SER K 806 -44.23 -120.84 -2.44
N ARG K 807 -45.13 -121.45 -3.22
CA ARG K 807 -46.52 -121.64 -2.82
C ARG K 807 -46.71 -123.07 -2.32
N CYS K 808 -47.22 -123.20 -1.10
CA CYS K 808 -47.43 -124.50 -0.48
C CYS K 808 -48.85 -124.57 0.08
N LEU K 809 -49.38 -125.79 0.15
CA LEU K 809 -50.72 -125.99 0.68
C LEU K 809 -50.74 -125.82 2.19
N SER K 810 -51.89 -125.40 2.71
CA SER K 810 -52.07 -125.15 4.13
C SER K 810 -52.84 -126.30 4.77
N HIS K 811 -52.98 -126.22 6.10
CA HIS K 811 -53.71 -127.26 6.82
C HIS K 811 -55.21 -127.16 6.59
N THR K 812 -55.73 -125.94 6.37
CA THR K 812 -57.15 -125.79 6.11
C THR K 812 -57.55 -126.37 4.75
N ASP K 813 -56.71 -126.15 3.73
CA ASP K 813 -56.98 -126.72 2.42
C ASP K 813 -56.71 -128.22 2.38
N PHE K 814 -55.93 -128.75 3.31
CA PHE K 814 -55.65 -130.18 3.35
C PHE K 814 -56.86 -130.99 3.80
N VAL K 815 -57.79 -130.38 4.51
CA VAL K 815 -59.00 -131.08 4.95
C VAL K 815 -59.96 -131.20 3.77
N PRO K 816 -60.46 -132.40 3.46
CA PRO K 816 -61.37 -132.54 2.33
C PRO K 816 -62.74 -131.91 2.63
N CYS K 817 -63.39 -131.46 1.57
CA CYS K 817 -64.70 -130.83 1.70
C CYS K 817 -65.80 -131.86 1.92
N HIS K 818 -90.33 -135.03 -13.40
CA HIS K 818 -89.26 -135.29 -14.34
C HIS K 818 -88.00 -135.76 -13.63
N LEU K 819 -87.78 -135.23 -12.42
CA LEU K 819 -86.60 -135.62 -11.65
C LEU K 819 -86.71 -137.06 -11.16
N GLU K 820 -87.90 -137.47 -10.71
CA GLU K 820 -88.07 -138.83 -10.24
C GLU K 820 -88.00 -139.83 -11.38
N ARG K 821 -88.56 -139.47 -12.55
CA ARG K 821 -88.50 -140.37 -13.70
C ARG K 821 -87.08 -140.49 -14.24
N ILE K 822 -86.30 -139.42 -14.19
CA ILE K 822 -84.92 -139.48 -14.68
C ILE K 822 -84.05 -140.30 -13.73
N ARG K 823 -84.38 -140.32 -12.44
CA ARG K 823 -83.61 -141.11 -11.48
C ARG K 823 -83.78 -142.60 -11.73
N GLU K 824 -85.01 -143.03 -11.99
CA GLU K 824 -85.24 -144.45 -12.28
C GLU K 824 -84.66 -144.86 -13.63
N LYS K 825 -84.65 -143.94 -14.60
CA LYS K 825 -84.06 -144.25 -15.90
C LYS K 825 -82.54 -144.29 -15.83
N LEU K 826 -81.94 -143.38 -15.06
CA LEU K 826 -80.49 -143.37 -14.92
C LEU K 826 -80.00 -144.55 -14.07
N ALA K 827 -80.85 -145.07 -13.20
CA ALA K 827 -80.45 -146.21 -12.37
C ALA K 827 -80.28 -147.47 -13.22
N GLU K 828 -81.22 -147.72 -14.14
CA GLU K 828 -81.08 -148.88 -15.03
C GLU K 828 -79.98 -148.67 -16.06
N ASN K 829 -79.71 -147.41 -16.41
CA ASN K 829 -78.65 -147.12 -17.37
C ASN K 829 -77.26 -147.18 -16.73
N ILE K 830 -77.16 -146.86 -15.44
CA ILE K 830 -75.87 -146.92 -14.76
C ILE K 830 -75.42 -148.37 -14.61
N HIS K 831 -76.33 -149.24 -14.17
CA HIS K 831 -75.99 -150.65 -14.04
C HIS K 831 -75.76 -151.30 -15.40
N GLU K 832 -76.44 -150.82 -16.43
CA GLU K 832 -76.20 -151.34 -17.78
C GLU K 832 -74.83 -150.96 -18.28
N LEU K 833 -74.45 -149.68 -18.12
CA LEU K 833 -73.11 -149.24 -18.50
C LEU K 833 -72.05 -149.86 -17.60
N TRP K 834 -72.39 -150.16 -16.35
CA TRP K 834 -71.46 -150.84 -15.45
C TRP K 834 -71.13 -152.25 -15.95
N ALA K 835 -72.09 -152.92 -16.58
CA ALA K 835 -71.84 -154.24 -17.13
C ALA K 835 -71.01 -154.17 -18.41
N LEU K 836 -71.13 -153.07 -19.17
CA LEU K 836 -70.34 -152.94 -20.39
C LEU K 836 -68.86 -152.74 -20.08
N THR K 837 -68.54 -152.09 -18.96
CA THR K 837 -67.13 -151.88 -18.61
C THR K 837 -66.46 -153.18 -18.20
N ARG K 838 -67.17 -154.02 -17.44
CA ARG K 838 -66.60 -155.29 -17.00
C ARG K 838 -66.66 -156.36 -18.07
N ILE K 839 -67.54 -156.22 -19.06
CA ILE K 839 -67.60 -157.20 -20.14
C ILE K 839 -66.38 -157.06 -21.04
N GLU K 840 -65.91 -155.83 -21.27
CA GLU K 840 -64.72 -155.62 -22.06
C GLU K 840 -63.45 -155.93 -21.27
N GLN K 841 -63.47 -155.68 -19.95
CA GLN K 841 -62.31 -155.99 -19.12
C GLN K 841 -62.16 -157.49 -18.91
N GLY K 842 -63.26 -158.23 -18.96
CA GLY K 842 -63.23 -159.68 -18.80
C GLY K 842 -64.02 -160.21 -17.62
N TRP K 843 -64.62 -159.36 -16.80
CA TRP K 843 -65.39 -159.82 -15.64
C TRP K 843 -66.77 -160.25 -16.12
N THR K 844 -66.96 -161.55 -16.28
CA THR K 844 -68.23 -162.10 -16.75
C THR K 844 -69.21 -162.21 -15.57
N TYR K 845 -70.37 -162.79 -15.82
CA TYR K 845 -71.40 -162.95 -14.81
C TYR K 845 -71.31 -164.33 -14.18
N GLY K 846 -71.59 -164.41 -12.88
CA GLY K 846 -71.56 -165.65 -12.15
C GLY K 846 -72.27 -165.54 -10.82
N PRO K 847 -72.58 -166.70 -10.21
CA PRO K 847 -73.25 -166.65 -8.90
C PRO K 847 -72.34 -166.15 -7.78
N VAL K 848 -71.06 -166.52 -7.80
CA VAL K 848 -70.09 -166.07 -6.81
C VAL K 848 -68.93 -165.43 -7.54
N ARG K 849 -68.46 -164.29 -7.03
CA ARG K 849 -67.35 -163.57 -7.63
C ARG K 849 -66.07 -164.38 -7.47
N ASP K 850 -65.59 -164.99 -8.56
CA ASP K 850 -64.40 -165.80 -8.56
C ASP K 850 -63.33 -165.15 -9.42
N ASP K 851 -62.09 -165.14 -8.92
CA ASP K 851 -61.00 -164.54 -9.67
C ASP K 851 -60.58 -165.41 -10.85
N ASN K 852 -60.58 -166.73 -10.68
CA ASN K 852 -60.18 -167.62 -11.76
C ASN K 852 -61.22 -167.66 -12.87
N LYS K 853 -62.50 -167.64 -12.51
CA LYS K 853 -63.58 -167.67 -13.48
C LYS K 853 -64.00 -166.30 -13.97
N ARG K 854 -63.47 -165.23 -13.36
CA ARG K 854 -63.80 -163.85 -13.74
C ARG K 854 -65.29 -163.59 -13.67
N LEU K 855 -65.92 -164.07 -12.60
CA LEU K 855 -67.35 -163.93 -12.39
C LEU K 855 -67.65 -162.71 -11.53
N HIS K 856 -68.85 -162.16 -11.71
CA HIS K 856 -69.29 -161.00 -10.94
C HIS K 856 -70.82 -160.95 -10.90
N PRO K 857 -71.41 -160.74 -9.73
CA PRO K 857 -72.88 -160.72 -9.65
C PRO K 857 -73.50 -159.46 -10.23
N CYS K 858 -72.76 -158.35 -10.28
CA CYS K 858 -73.30 -157.09 -10.79
C CYS K 858 -73.38 -157.06 -12.31
N LEU K 859 -72.93 -158.10 -13.00
CA LEU K 859 -73.00 -158.15 -14.46
C LEU K 859 -74.40 -158.43 -14.98
N VAL K 860 -75.33 -158.82 -14.10
CA VAL K 860 -76.69 -159.12 -14.54
C VAL K 860 -77.46 -157.82 -14.73
N ASP K 861 -78.54 -157.90 -15.51
CA ASP K 861 -79.34 -156.73 -15.83
C ASP K 861 -80.01 -156.16 -14.57
N PHE K 862 -80.50 -154.92 -14.70
CA PHE K 862 -81.12 -154.24 -13.56
C PHE K 862 -82.48 -154.84 -13.22
N HIS K 863 -83.21 -155.35 -14.21
CA HIS K 863 -84.53 -155.92 -13.95
C HIS K 863 -84.44 -157.16 -13.07
N SER K 864 -83.40 -157.97 -13.25
CA SER K 864 -83.18 -159.16 -12.43
C SER K 864 -82.13 -158.95 -11.35
N LEU K 865 -81.68 -157.71 -11.16
CA LEU K 865 -80.70 -157.43 -10.12
C LEU K 865 -81.36 -157.51 -8.75
N PRO K 866 -80.70 -158.12 -7.76
CA PRO K 866 -81.30 -158.21 -6.43
C PRO K 866 -81.56 -156.84 -5.82
N GLU K 867 -82.52 -156.79 -4.90
CA GLU K 867 -82.88 -155.52 -4.29
C GLU K 867 -81.75 -154.90 -3.48
N PRO K 868 -80.81 -155.66 -2.90
CA PRO K 868 -79.71 -155.00 -2.17
C PRO K 868 -78.76 -154.25 -3.07
N GLU K 869 -78.42 -154.82 -4.23
CA GLU K 869 -77.54 -154.13 -5.16
C GLU K 869 -78.28 -153.08 -5.98
N ARG K 870 -79.57 -153.31 -6.28
CA ARG K 870 -80.33 -152.33 -7.04
C ARG K 870 -80.60 -151.07 -6.22
N ASN K 871 -80.72 -151.20 -4.91
CA ASN K 871 -80.95 -150.03 -4.07
C ASN K 871 -79.71 -149.15 -4.02
N TYR K 872 -78.53 -149.76 -3.88
CA TYR K 872 -77.30 -148.99 -3.86
C TYR K 872 -77.04 -148.30 -5.19
N ASN K 873 -77.38 -148.97 -6.30
CA ASN K 873 -77.22 -148.36 -7.62
C ASN K 873 -78.26 -147.26 -7.85
N LEU K 874 -79.44 -147.40 -7.26
CA LEU K 874 -80.46 -146.36 -7.42
C LEU K 874 -80.11 -145.11 -6.65
N GLN K 875 -79.63 -145.26 -5.41
CA GLN K 875 -79.24 -144.10 -4.62
C GLN K 875 -77.97 -143.45 -5.16
N MET K 876 -77.10 -144.24 -5.79
CA MET K 876 -75.90 -143.67 -6.41
C MET K 876 -76.26 -142.78 -7.59
N SER K 877 -77.19 -143.24 -8.44
CA SER K 877 -77.66 -142.42 -9.54
C SER K 877 -78.52 -141.26 -9.05
N GLY K 878 -79.30 -141.47 -7.99
CA GLY K 878 -80.09 -140.40 -7.42
C GLY K 878 -79.28 -139.35 -6.70
N GLU K 879 -78.09 -139.71 -6.22
CA GLU K 879 -77.22 -138.73 -5.57
C GLU K 879 -76.66 -137.74 -6.58
N THR K 880 -76.45 -138.17 -7.82
CA THR K 880 -75.97 -137.26 -8.86
C THR K 880 -77.02 -136.18 -9.15
N LEU K 881 -78.30 -136.55 -9.17
CA LEU K 881 -79.35 -135.56 -9.36
C LEU K 881 -79.54 -134.70 -8.14
N LYS K 882 -79.29 -135.25 -6.95
CA LYS K 882 -79.40 -134.45 -5.72
C LYS K 882 -78.28 -133.43 -5.63
N THR K 883 -77.05 -133.84 -5.96
CA THR K 883 -75.92 -132.92 -5.95
C THR K 883 -76.03 -131.89 -7.07
N LEU K 884 -76.74 -132.19 -8.15
CA LEU K 884 -76.91 -131.22 -9.23
C LEU K 884 -77.79 -130.06 -8.80
N LEU K 885 -78.72 -130.30 -7.87
CA LEU K 885 -79.57 -129.21 -7.39
C LEU K 885 -78.80 -128.22 -6.53
N ALA K 886 -77.82 -128.70 -5.76
CA ALA K 886 -77.02 -127.81 -4.94
C ALA K 886 -75.97 -127.08 -5.76
N LEU K 887 -75.53 -127.66 -6.87
CA LEU K 887 -74.54 -127.00 -7.72
C LEU K 887 -75.15 -125.87 -8.55
N GLY K 888 -76.41 -126.01 -8.95
CA GLY K 888 -77.07 -125.00 -9.74
C GLY K 888 -77.54 -125.49 -11.09
N CYS K 889 -77.42 -126.79 -11.32
CA CYS K 889 -77.83 -127.38 -12.59
C CYS K 889 -79.35 -127.39 -12.68
N HIS K 890 -79.89 -126.70 -13.68
CA HIS K 890 -81.34 -126.62 -13.88
C HIS K 890 -81.78 -127.76 -14.78
N VAL K 891 -82.70 -128.59 -14.29
CA VAL K 891 -83.19 -129.71 -15.08
C VAL K 891 -84.11 -129.21 -16.18
N GLY K 892 -84.16 -129.97 -17.28
CA GLY K 892 -85.00 -129.60 -18.40
C GLY K 892 -85.16 -130.76 -19.35
N MET K 893 -86.12 -130.62 -20.26
CA MET K 893 -86.41 -131.63 -21.27
C MET K 893 -86.20 -131.02 -22.65
N ALA K 894 -85.23 -131.56 -23.39
CA ALA K 894 -84.95 -131.05 -24.73
C ALA K 894 -86.00 -131.51 -25.73
N ASP K 895 -86.29 -132.81 -25.76
CA ASP K 895 -87.27 -133.35 -26.69
C ASP K 895 -87.77 -134.69 -26.17
N GLU K 896 -89.02 -134.99 -26.49
CA GLU K 896 -89.63 -136.24 -26.07
C GLU K 896 -89.44 -137.38 -27.07
N LYS K 897 -88.95 -137.08 -28.27
CA LYS K 897 -88.75 -138.12 -29.27
C LYS K 897 -87.58 -139.04 -28.93
N ALA K 898 -86.69 -138.60 -28.04
CA ALA K 898 -85.54 -139.44 -27.68
C ALA K 898 -85.97 -140.66 -26.88
N GLU K 899 -87.04 -140.53 -26.07
CA GLU K 899 -87.51 -141.67 -25.28
C GLU K 899 -88.16 -142.73 -26.17
N ASP K 900 -88.85 -142.30 -27.23
CA ASP K 900 -89.50 -143.27 -28.12
C ASP K 900 -88.49 -144.00 -28.98
N ASN K 901 -87.41 -143.34 -29.39
CA ASN K 901 -86.37 -143.93 -30.21
C ASN K 901 -85.07 -143.93 -29.41
N LEU K 902 -84.86 -145.00 -28.64
CA LEU K 902 -83.68 -145.15 -27.81
C LEU K 902 -82.97 -146.45 -28.17
N ARG K 903 -81.64 -146.37 -28.29
CA ARG K 903 -80.83 -147.53 -28.63
C ARG K 903 -80.77 -148.48 -27.42
N LYS K 904 -81.58 -149.52 -27.46
CA LYS K 904 -81.62 -150.50 -26.38
C LYS K 904 -81.74 -151.89 -26.97
N THR K 905 -81.48 -152.90 -26.13
CA THR K 905 -81.56 -154.31 -26.52
C THR K 905 -80.64 -154.61 -27.70
N LYS K 906 -79.44 -154.03 -27.68
CA LYS K 906 -78.46 -154.21 -28.74
C LYS K 906 -77.34 -155.12 -28.24
N LEU K 907 -77.15 -156.25 -28.92
CA LEU K 907 -76.13 -157.21 -28.55
C LEU K 907 -75.13 -157.37 -29.69
N PRO K 908 -73.91 -156.85 -29.56
CA PRO K 908 -72.94 -157.00 -30.66
C PRO K 908 -72.05 -158.23 -30.49
N LYS K 909 -72.54 -159.22 -29.75
CA LYS K 909 -71.85 -160.47 -29.47
C LYS K 909 -70.52 -160.28 -28.76
N THR K 910 -70.28 -159.10 -28.18
CA THR K 910 -69.04 -158.83 -27.45
C THR K 910 -69.23 -158.78 -25.94
N TYR K 911 -70.43 -158.43 -25.48
CA TYR K 911 -70.72 -158.35 -24.05
C TYR K 911 -71.23 -159.66 -23.49
N MET K 912 -71.10 -160.76 -24.22
CA MET K 912 -71.54 -162.06 -23.73
C MET K 912 -70.69 -162.51 -22.56
N MET K 913 -71.34 -162.85 -21.45
CA MET K 913 -70.64 -163.27 -20.24
C MET K 913 -70.46 -164.79 -20.28
N SER K 914 -70.27 -165.41 -19.11
CA SER K 914 -70.10 -166.86 -19.06
C SER K 914 -71.38 -167.60 -19.41
N ASN K 915 -72.54 -167.05 -19.05
CA ASN K 915 -73.80 -167.71 -19.36
C ASN K 915 -74.12 -167.63 -20.85
N GLY K 916 -73.62 -166.61 -21.54
CA GLY K 916 -73.85 -166.44 -22.97
C GLY K 916 -74.70 -165.25 -23.34
N TYR K 917 -75.41 -164.65 -22.38
CA TYR K 917 -76.27 -163.51 -22.65
C TYR K 917 -75.45 -162.22 -22.62
N LYS K 918 -75.86 -161.27 -23.46
CA LYS K 918 -75.20 -159.97 -23.54
C LYS K 918 -76.14 -158.89 -23.01
N PRO K 919 -75.75 -158.15 -21.97
CA PRO K 919 -76.63 -157.10 -21.46
C PRO K 919 -76.82 -155.98 -22.47
N ALA K 920 -77.95 -155.29 -22.35
CA ALA K 920 -78.26 -154.20 -23.25
C ALA K 920 -77.36 -152.99 -22.96
N PRO K 921 -77.05 -152.19 -23.97
CA PRO K 921 -76.19 -151.03 -23.74
C PRO K 921 -76.89 -149.93 -22.97
N LEU K 922 -78.10 -149.58 -23.40
CA LEU K 922 -78.92 -148.54 -22.76
C LEU K 922 -78.19 -147.21 -22.71
N ASP K 923 -77.38 -146.92 -23.73
CA ASP K 923 -76.63 -145.67 -23.81
C ASP K 923 -76.83 -145.06 -25.19
N LEU K 924 -77.28 -143.80 -25.23
CA LEU K 924 -77.52 -143.09 -26.47
C LEU K 924 -76.30 -142.22 -26.78
N SER K 925 -75.54 -142.61 -27.80
CA SER K 925 -74.35 -141.89 -28.21
C SER K 925 -74.60 -140.93 -29.36
N HIS K 926 -75.84 -140.80 -29.82
CA HIS K 926 -76.13 -139.89 -30.92
C HIS K 926 -76.04 -138.43 -30.50
N VAL K 927 -76.33 -138.13 -29.24
CA VAL K 927 -76.27 -136.76 -28.74
C VAL K 927 -74.81 -136.39 -28.50
N ARG K 928 -74.43 -135.20 -28.97
CA ARG K 928 -73.06 -134.72 -28.82
C ARG K 928 -72.94 -133.93 -27.52
N LEU K 929 -71.94 -134.27 -26.72
CA LEU K 929 -71.73 -133.59 -25.44
C LEU K 929 -71.16 -132.19 -25.68
N THR K 930 -71.34 -131.33 -24.66
CA THR K 930 -70.88 -129.96 -24.72
C THR K 930 -69.63 -129.77 -23.87
N PRO K 931 -68.71 -128.89 -24.30
CA PRO K 931 -67.52 -128.65 -23.49
C PRO K 931 -67.82 -128.00 -22.15
N ALA K 932 -68.91 -127.24 -22.05
CA ALA K 932 -69.30 -126.65 -20.77
C ALA K 932 -70.00 -127.65 -19.86
N GLN K 933 -70.58 -128.71 -20.43
CA GLN K 933 -71.24 -129.73 -19.61
C GLN K 933 -70.22 -130.64 -18.94
N THR K 934 -69.20 -131.08 -19.68
CA THR K 934 -68.17 -131.93 -19.10
C THR K 934 -67.31 -131.17 -18.11
N THR K 935 -67.21 -129.84 -18.26
CA THR K 935 -66.49 -129.04 -17.28
C THR K 935 -67.23 -129.01 -15.94
N LEU K 936 -68.57 -128.92 -16.00
CA LEU K 936 -69.37 -128.99 -14.79
C LEU K 936 -69.53 -130.41 -14.28
N VAL K 937 -69.40 -131.41 -15.15
CA VAL K 937 -69.48 -132.80 -14.71
C VAL K 937 -68.31 -133.14 -13.79
N ASP K 938 -67.15 -132.52 -14.01
CA ASP K 938 -66.04 -132.70 -13.09
C ASP K 938 -66.32 -132.10 -11.73
N ARG K 939 -67.07 -130.99 -11.69
CA ARG K 939 -67.47 -130.41 -10.42
C ARG K 939 -68.48 -131.30 -9.70
N LEU K 940 -69.39 -131.92 -10.46
CA LEU K 940 -70.33 -132.86 -9.85
C LEU K 940 -69.62 -134.11 -9.34
N ALA K 941 -68.58 -134.56 -10.06
CA ALA K 941 -67.81 -135.72 -9.60
C ALA K 941 -66.90 -135.35 -8.44
N GLU K 942 -66.42 -134.11 -8.39
CA GLU K 942 -65.57 -133.68 -7.28
C GLU K 942 -66.35 -133.61 -5.99
N ASN K 943 -67.61 -133.18 -6.05
CA ASN K 943 -68.44 -133.14 -4.85
C ASN K 943 -68.78 -134.53 -4.35
N GLY K 944 -68.96 -135.50 -5.25
CA GLY K 944 -69.23 -136.85 -4.83
C GLY K 944 -68.04 -137.50 -4.15
N HIS K 945 -66.83 -137.16 -4.60
CA HIS K 945 -65.64 -137.70 -3.96
C HIS K 945 -65.39 -137.07 -2.60
N ASN K 946 -65.83 -135.82 -2.40
CA ASN K 946 -65.67 -135.17 -1.11
C ASN K 946 -66.58 -135.80 -0.06
N VAL K 947 -67.84 -136.07 -0.43
CA VAL K 947 -68.74 -136.76 0.48
C VAL K 947 -68.29 -138.21 0.68
N TRP K 948 -67.67 -138.80 -0.35
CA TRP K 948 -67.13 -140.14 -0.20
C TRP K 948 -66.01 -140.17 0.83
N ALA K 949 -65.10 -139.19 0.77
CA ALA K 949 -64.04 -139.11 1.77
C ALA K 949 -64.57 -138.74 3.14
N ARG K 950 -65.67 -137.97 3.19
CA ARG K 950 -66.26 -137.61 4.47
C ARG K 950 -66.90 -138.82 5.14
N ASP K 951 -67.46 -139.73 4.36
CA ASP K 951 -68.04 -140.94 4.93
C ASP K 951 -66.95 -141.89 5.42
N ARG K 952 -65.77 -141.83 4.83
CA ARG K 952 -64.67 -142.69 5.26
C ARG K 952 -64.08 -142.23 6.59
N VAL K 953 -63.82 -140.92 6.72
CA VAL K 953 -63.25 -140.40 7.95
C VAL K 953 -64.26 -140.48 9.09
N ALA K 954 -65.55 -140.46 8.78
CA ALA K 954 -66.58 -140.59 9.81
C ALA K 954 -66.74 -142.03 10.26
N GLN K 955 -66.50 -143.00 9.36
CA GLN K 955 -66.64 -144.40 9.73
C GLN K 955 -65.51 -144.87 10.63
N GLY K 956 -64.33 -144.27 10.50
CA GLY K 956 -63.20 -144.65 11.32
C GLY K 956 -61.98 -145.07 10.53
N TRP K 957 -61.90 -144.66 9.26
CA TRP K 957 -60.76 -145.00 8.43
C TRP K 957 -59.51 -144.27 8.90
N SER K 958 -58.35 -144.83 8.55
CA SER K 958 -57.07 -144.30 9.02
C SER K 958 -56.63 -143.10 8.21
N TYR K 959 -55.32 -142.86 8.17
CA TYR K 959 -54.77 -141.71 7.48
C TYR K 959 -54.80 -141.92 5.96
N SER K 960 -54.45 -140.85 5.24
CA SER K 960 -54.44 -140.87 3.77
C SER K 960 -53.00 -141.10 3.31
N ALA K 961 -52.58 -142.36 3.34
CA ALA K 961 -51.25 -142.75 2.89
C ALA K 961 -51.33 -143.37 1.50
N VAL K 962 -50.33 -143.08 0.68
CA VAL K 962 -50.30 -143.66 -0.67
C VAL K 962 -50.08 -145.16 -0.60
N GLN K 963 -49.26 -145.61 0.33
CA GLN K 963 -49.04 -147.05 0.50
C GLN K 963 -50.28 -147.71 1.08
N ASP K 964 -50.72 -148.79 0.45
CA ASP K 964 -51.91 -149.49 0.90
C ASP K 964 -51.66 -150.21 2.21
N ILE K 965 -52.52 -149.98 3.20
CA ILE K 965 -52.41 -150.61 4.51
C ILE K 965 -53.75 -151.24 4.87
N PRO K 966 -53.76 -152.46 5.42
CA PRO K 966 -55.05 -153.09 5.76
C PRO K 966 -55.77 -152.44 6.94
N ALA K 967 -55.11 -151.56 7.68
CA ALA K 967 -55.73 -150.93 8.85
C ALA K 967 -56.58 -149.73 8.44
N ARG K 968 -57.51 -149.93 7.51
CA ARG K 968 -58.43 -148.89 7.06
C ARG K 968 -57.69 -147.67 6.53
N ARG K 969 -56.57 -147.91 5.85
CA ARG K 969 -55.76 -146.85 5.25
C ARG K 969 -55.71 -147.05 3.75
N ASN K 970 -56.21 -146.08 3.00
CA ASN K 970 -56.26 -146.16 1.54
C ASN K 970 -56.13 -144.76 0.98
N PRO K 971 -55.57 -144.61 -0.23
CA PRO K 971 -55.45 -143.27 -0.83
C PRO K 971 -56.77 -142.67 -1.28
N ARG K 972 -57.90 -143.33 -1.03
CA ARG K 972 -59.19 -142.80 -1.44
C ARG K 972 -59.66 -141.64 -0.58
N LEU K 973 -59.01 -141.39 0.55
CA LEU K 973 -59.40 -140.31 1.46
C LEU K 973 -58.65 -139.01 1.20
N VAL K 974 -57.87 -138.94 0.12
CA VAL K 974 -57.13 -137.72 -0.22
C VAL K 974 -58.10 -136.74 -0.88
N PRO K 975 -57.83 -135.43 -0.82
CA PRO K 975 -58.71 -134.47 -1.49
C PRO K 975 -58.70 -134.67 -3.01
N TYR K 976 -59.79 -134.22 -3.63
CA TYR K 976 -59.92 -134.37 -5.08
C TYR K 976 -58.99 -133.44 -5.83
N ARG K 977 -58.66 -132.28 -5.24
CA ARG K 977 -57.76 -131.34 -5.90
C ARG K 977 -56.33 -131.86 -5.92
N LEU K 978 -55.88 -132.49 -4.83
CA LEU K 978 -54.54 -133.03 -4.73
C LEU K 978 -54.44 -134.47 -5.18
N LEU K 979 -55.52 -135.05 -5.71
CA LEU K 979 -55.50 -136.42 -6.16
C LEU K 979 -54.76 -136.54 -7.49
N ASP K 980 -54.30 -137.76 -7.78
CA ASP K 980 -53.57 -138.01 -9.01
C ASP K 980 -54.51 -137.97 -10.21
N GLU K 981 -53.93 -137.80 -11.40
CA GLU K 981 -54.71 -137.74 -12.62
C GLU K 981 -55.29 -139.09 -13.00
N ALA K 982 -54.72 -140.19 -12.49
CA ALA K 982 -55.25 -141.51 -12.81
C ALA K 982 -56.62 -141.73 -12.18
N THR K 983 -56.74 -141.44 -10.88
CA THR K 983 -58.03 -141.59 -10.21
C THR K 983 -59.01 -140.50 -10.64
N LYS K 984 -58.51 -139.33 -11.03
CA LYS K 984 -59.39 -138.27 -11.48
C LYS K 984 -60.01 -138.61 -12.83
N ARG K 985 -59.24 -139.26 -13.71
CA ARG K 985 -59.78 -139.66 -15.01
C ARG K 985 -60.81 -140.77 -14.87
N SER K 986 -60.62 -141.68 -13.90
CA SER K 986 -61.59 -142.74 -13.69
C SER K 986 -62.90 -142.19 -13.13
N ASN K 987 -62.82 -141.23 -12.21
CA ASN K 987 -64.02 -140.62 -11.66
C ASN K 987 -64.73 -139.77 -12.71
N ARG K 988 -63.95 -139.07 -13.56
CA ARG K 988 -64.56 -138.28 -14.62
C ARG K 988 -65.20 -139.15 -15.69
N ASP K 989 -64.67 -140.36 -15.91
CA ASP K 989 -65.26 -141.26 -16.89
C ASP K 989 -66.63 -141.75 -16.44
N SER K 990 -66.77 -142.05 -15.15
CA SER K 990 -68.07 -142.47 -14.63
C SER K 990 -69.06 -141.32 -14.62
N LEU K 991 -68.58 -140.10 -14.36
CA LEU K 991 -69.45 -138.94 -14.39
C LEU K 991 -69.86 -138.58 -15.82
N CYS K 992 -68.95 -138.77 -16.78
CA CYS K 992 -69.29 -138.49 -18.17
C CYS K 992 -70.28 -139.51 -18.71
N GLN K 993 -70.24 -140.75 -18.20
CA GLN K 993 -71.20 -141.76 -18.64
C GLN K 993 -72.61 -141.41 -18.19
N ALA K 994 -72.76 -140.95 -16.95
CA ALA K 994 -74.07 -140.53 -16.47
C ALA K 994 -74.53 -139.24 -17.16
N VAL K 995 -73.60 -138.35 -17.50
CA VAL K 995 -73.96 -137.14 -18.21
C VAL K 995 -74.38 -137.45 -19.64
N ARG K 996 -73.68 -138.39 -20.29
CA ARG K 996 -74.05 -138.78 -21.64
C ARG K 996 -75.40 -139.50 -21.66
N THR K 997 -75.68 -140.30 -20.64
CA THR K 997 -76.97 -140.97 -20.56
C THR K 997 -78.10 -139.98 -20.29
N LEU K 998 -77.83 -138.94 -19.50
CA LEU K 998 -78.85 -137.92 -19.25
C LEU K 998 -79.12 -137.10 -20.50
N LEU K 999 -78.07 -136.71 -21.22
CA LEU K 999 -78.25 -135.95 -22.45
C LEU K 999 -78.87 -136.82 -23.55
N GLY K 1000 -78.63 -138.12 -23.52
CA GLY K 1000 -79.21 -139.01 -24.51
C GLY K 1000 -80.71 -139.19 -24.37
N TYR K 1001 -81.25 -138.99 -23.18
CA TYR K 1001 -82.67 -139.10 -22.92
C TYR K 1001 -83.43 -137.82 -23.22
N GLY K 1002 -82.83 -136.89 -23.96
CA GLY K 1002 -83.48 -135.64 -24.27
C GLY K 1002 -83.56 -134.67 -23.11
N TYR K 1003 -82.57 -134.67 -22.22
CA TYR K 1003 -82.54 -133.79 -21.07
C TYR K 1003 -81.34 -132.86 -21.18
N ASN K 1004 -81.59 -131.55 -21.16
CA ASN K 1004 -80.54 -130.56 -21.26
C ASN K 1004 -80.03 -130.22 -19.86
N ILE K 1005 -78.71 -130.23 -19.71
CA ILE K 1005 -78.05 -129.92 -18.44
C ILE K 1005 -77.54 -128.49 -18.50
N GLU K 1006 -78.04 -127.64 -17.60
CA GLU K 1006 -77.62 -126.24 -17.57
C GLU K 1006 -76.33 -126.08 -16.78
N ARG K 1007 -46.59 -110.16 -1.63
CA ARG K 1007 -45.99 -111.49 -1.77
C ARG K 1007 -45.12 -111.56 -3.03
N VAL K 1008 -44.43 -110.45 -3.32
CA VAL K 1008 -43.56 -110.36 -4.49
C VAL K 1008 -42.16 -109.98 -4.00
N ARG K 1009 -41.15 -110.67 -4.53
CA ARG K 1009 -39.76 -110.43 -4.16
C ARG K 1009 -39.21 -109.33 -5.07
N ILE K 1010 -39.17 -108.10 -4.56
CA ILE K 1010 -38.67 -106.97 -5.33
C ILE K 1010 -37.14 -107.09 -5.43
N PHE K 1011 -36.64 -107.37 -6.62
CA PHE K 1011 -35.21 -107.49 -6.86
C PHE K 1011 -34.68 -106.18 -7.46
N ARG K 1012 -33.60 -105.67 -6.88
CA ARG K 1012 -32.99 -104.44 -7.34
C ARG K 1012 -31.51 -104.42 -6.96
N ALA K 1013 -30.77 -103.54 -7.61
CA ALA K 1013 -29.34 -103.40 -7.34
C ALA K 1013 -29.11 -102.43 -6.19
N GLU K 1014 -27.83 -102.15 -5.92
CA GLU K 1014 -27.48 -101.24 -4.84
C GLU K 1014 -27.74 -99.79 -5.25
N LYS K 1015 -27.80 -98.92 -4.25
CA LYS K 1015 -28.04 -97.51 -4.48
C LYS K 1015 -26.81 -96.76 -5.00
N SER K 1016 -25.66 -97.41 -5.05
CA SER K 1016 -24.44 -96.78 -5.53
C SER K 1016 -24.23 -96.95 -7.03
N TYR K 1017 -24.96 -97.87 -7.67
CA TYR K 1017 -24.85 -98.10 -9.11
C TYR K 1017 -25.86 -97.28 -9.91
N ALA K 1018 -26.32 -96.16 -9.38
CA ALA K 1018 -27.28 -95.31 -10.07
C ALA K 1018 -26.62 -94.62 -11.25
N VAL K 1019 -27.15 -94.82 -12.45
CA VAL K 1019 -26.62 -94.22 -13.67
C VAL K 1019 -27.39 -92.94 -13.95
N GLN K 1020 -26.66 -91.88 -14.33
CA GLN K 1020 -27.26 -90.59 -14.63
C GLN K 1020 -27.12 -90.17 -16.08
N SER K 1021 -26.18 -90.76 -16.81
CA SER K 1021 -25.98 -90.43 -18.21
C SER K 1021 -25.47 -91.66 -18.95
N GLY K 1022 -25.50 -91.59 -20.27
CA GLY K 1022 -25.05 -92.69 -21.10
C GLY K 1022 -26.16 -93.64 -21.47
N ARG K 1023 -25.79 -94.67 -22.24
CA ARG K 1023 -26.71 -95.69 -22.71
C ARG K 1023 -26.38 -97.01 -22.03
N TRP K 1024 -27.41 -97.69 -21.52
CA TRP K 1024 -27.26 -98.97 -20.86
C TRP K 1024 -28.36 -99.91 -21.32
N TYR K 1025 -28.07 -101.22 -21.25
CA TYR K 1025 -29.01 -102.23 -21.72
C TYR K 1025 -28.68 -103.56 -21.05
N PHE K 1026 -29.72 -104.30 -20.68
CA PHE K 1026 -29.55 -105.59 -20.04
C PHE K 1026 -30.68 -106.52 -20.48
N GLU K 1027 -30.44 -107.81 -20.36
CA GLU K 1027 -31.39 -108.84 -20.75
C GLU K 1027 -32.00 -109.51 -19.54
N PHE K 1028 -32.99 -110.36 -19.78
CA PHE K 1028 -33.66 -111.10 -18.72
C PHE K 1028 -34.19 -112.40 -19.30
N GLU K 1029 -33.81 -113.52 -18.68
CA GLU K 1029 -34.24 -114.84 -19.10
C GLU K 1029 -35.36 -115.34 -18.20
N ALA K 1030 -36.45 -115.77 -18.81
CA ALA K 1030 -37.63 -116.29 -18.10
C ALA K 1030 -37.81 -117.75 -18.49
N VAL K 1031 -37.65 -118.65 -17.53
CA VAL K 1031 -37.80 -120.08 -17.78
C VAL K 1031 -39.25 -120.53 -17.62
N THR K 1032 -39.90 -120.11 -16.54
CA THR K 1032 -41.28 -120.48 -16.27
C THR K 1032 -42.19 -119.30 -16.59
N THR K 1033 -43.23 -119.56 -17.39
CA THR K 1033 -44.16 -118.51 -17.77
C THR K 1033 -45.05 -118.14 -16.58
N GLY K 1034 -45.13 -116.86 -16.30
CA GLY K 1034 -45.94 -116.38 -15.19
C GLY K 1034 -45.99 -114.88 -15.16
N GLU K 1035 -46.39 -114.33 -14.02
CA GLU K 1035 -46.46 -112.89 -13.84
C GLU K 1035 -45.08 -112.38 -13.46
N MET K 1036 -44.44 -111.69 -14.39
CA MET K 1036 -43.11 -111.13 -14.19
C MET K 1036 -43.15 -109.63 -14.33
N ARG K 1037 -42.20 -108.96 -13.66
CA ARG K 1037 -42.09 -107.50 -13.70
C ARG K 1037 -40.61 -107.17 -13.76
N VAL K 1038 -40.13 -106.84 -14.96
CA VAL K 1038 -38.72 -106.50 -15.19
C VAL K 1038 -38.65 -105.16 -15.88
N GLY K 1039 -37.89 -104.23 -15.30
CA GLY K 1039 -37.74 -102.91 -15.88
C GLY K 1039 -36.74 -102.06 -15.13
N TRP K 1040 -36.98 -100.75 -15.08
CA TRP K 1040 -36.10 -99.81 -14.39
C TRP K 1040 -36.85 -99.16 -13.24
N ALA K 1041 -36.11 -98.79 -12.21
CA ALA K 1041 -36.70 -98.17 -11.03
C ALA K 1041 -35.70 -97.20 -10.41
N ARG K 1042 -36.21 -96.32 -9.55
CA ARG K 1042 -35.44 -95.33 -8.82
C ARG K 1042 -34.97 -95.90 -7.48
N PRO K 1043 -33.83 -95.43 -6.97
CA PRO K 1043 -33.35 -95.95 -5.68
C PRO K 1043 -34.26 -95.63 -4.51
N GLU K 1044 -35.08 -94.58 -4.61
CA GLU K 1044 -36.02 -94.22 -3.55
C GLU K 1044 -37.36 -94.92 -3.80
N LEU K 1045 -37.32 -96.24 -3.69
CA LEU K 1045 -38.48 -97.09 -3.93
C LEU K 1045 -38.90 -97.77 -2.64
N ARG K 1046 -40.17 -97.64 -2.27
CA ARG K 1046 -40.68 -98.27 -1.07
C ARG K 1046 -41.12 -99.70 -1.35
N PRO K 1047 -40.78 -100.65 -0.48
CA PRO K 1047 -41.14 -102.05 -0.74
C PRO K 1047 -42.59 -102.40 -0.47
N ASP K 1048 -43.29 -101.62 0.36
CA ASP K 1048 -44.68 -101.95 0.67
C ASP K 1048 -45.58 -101.73 -0.55
N VAL K 1049 -45.35 -100.64 -1.29
CA VAL K 1049 -46.14 -100.37 -2.49
C VAL K 1049 -45.71 -101.33 -3.59
N GLU K 1050 -46.70 -101.83 -4.35
CA GLU K 1050 -46.41 -102.75 -5.44
C GLU K 1050 -45.61 -102.04 -6.53
N LEU K 1051 -44.68 -102.77 -7.13
CA LEU K 1051 -43.82 -102.21 -8.16
C LEU K 1051 -44.66 -101.76 -9.36
N GLY K 1052 -44.58 -100.48 -9.69
CA GLY K 1052 -45.31 -99.91 -10.81
C GLY K 1052 -46.64 -99.28 -10.47
N ALA K 1053 -47.04 -99.30 -9.19
CA ALA K 1053 -48.31 -98.70 -8.80
C ALA K 1053 -48.25 -97.18 -8.95
N ASP K 1054 -47.28 -96.55 -8.30
CA ASP K 1054 -47.11 -95.11 -8.39
C ASP K 1054 -46.16 -94.77 -9.55
N GLU K 1055 -45.75 -93.51 -9.63
CA GLU K 1055 -44.83 -93.05 -10.67
C GLU K 1055 -43.37 -93.14 -10.24
N LEU K 1056 -43.04 -94.04 -9.32
CA LEU K 1056 -41.68 -94.19 -8.81
C LEU K 1056 -40.89 -95.26 -9.54
N ALA K 1057 -41.50 -96.01 -10.44
CA ALA K 1057 -40.80 -97.06 -11.18
C ALA K 1057 -41.54 -97.34 -12.47
N TYR K 1058 -40.79 -97.58 -13.53
CA TYR K 1058 -41.33 -97.90 -14.85
C TYR K 1058 -40.99 -99.35 -15.17
N VAL K 1059 -41.98 -100.23 -15.07
CA VAL K 1059 -41.77 -101.67 -15.22
C VAL K 1059 -42.74 -102.21 -16.27
N PHE K 1060 -42.34 -103.29 -16.92
CA PHE K 1060 -43.15 -103.97 -17.92
C PHE K 1060 -43.57 -105.33 -17.40
N ASN K 1061 -44.83 -105.70 -17.67
CA ASN K 1061 -45.38 -106.94 -17.16
C ASN K 1061 -45.03 -108.11 -18.07
N GLY K 1062 -45.51 -109.29 -17.72
CA GLY K 1062 -45.18 -110.50 -18.44
C GLY K 1062 -46.31 -111.07 -19.29
N HIS K 1063 -47.01 -112.08 -18.76
CA HIS K 1063 -48.05 -112.75 -19.54
C HIS K 1063 -49.22 -111.83 -19.84
N ARG K 1064 -49.40 -110.77 -19.05
CA ARG K 1064 -50.51 -109.85 -19.29
C ARG K 1064 -50.18 -108.89 -20.42
N GLY K 1065 -48.93 -108.44 -20.50
CA GLY K 1065 -48.50 -107.57 -21.59
C GLY K 1065 -48.95 -106.14 -21.47
N GLN K 1066 -48.68 -105.52 -20.33
CA GLN K 1066 -49.01 -104.11 -20.10
C GLN K 1066 -47.88 -103.46 -19.31
N ARG K 1067 -47.91 -102.13 -19.27
CA ARG K 1067 -46.97 -101.34 -18.50
C ARG K 1067 -47.64 -100.84 -17.21
N TRP K 1068 -46.81 -100.39 -16.27
CA TRP K 1068 -47.28 -99.95 -14.96
C TRP K 1068 -46.70 -98.56 -14.69
N HIS K 1069 -47.41 -97.52 -15.14
CA HIS K 1069 -47.03 -96.14 -14.85
C HIS K 1069 -48.33 -95.33 -14.78
N LEU K 1070 -48.84 -95.17 -13.56
CA LEU K 1070 -50.09 -94.45 -13.32
C LEU K 1070 -51.24 -95.01 -14.15
N GLY K 1071 -51.24 -96.32 -14.36
CA GLY K 1071 -52.25 -96.97 -15.16
C GLY K 1071 -51.70 -98.23 -15.78
N SER K 1072 -52.46 -98.78 -16.72
CA SER K 1072 -52.07 -100.01 -17.42
C SER K 1072 -52.73 -100.01 -18.79
N GLU K 1073 -51.91 -99.96 -19.84
CA GLU K 1073 -52.39 -99.96 -21.22
C GLU K 1073 -51.79 -101.15 -21.95
N LEU K 1074 -52.59 -101.76 -22.85
CA LEU K 1074 -52.15 -102.90 -23.63
C LEU K 1074 -50.98 -102.52 -24.53
N PHE K 1075 -49.82 -103.11 -24.28
CA PHE K 1075 -48.62 -102.79 -25.04
C PHE K 1075 -47.73 -104.02 -25.10
N GLY K 1076 -47.49 -104.52 -26.30
CA GLY K 1076 -46.61 -105.66 -26.50
C GLY K 1076 -47.36 -106.95 -26.76
N ARG K 1077 -46.65 -108.04 -26.54
CA ARG K 1077 -47.17 -109.39 -26.76
C ARG K 1077 -46.83 -110.25 -25.55
N PRO K 1078 -47.60 -111.30 -25.30
CA PRO K 1078 -47.28 -112.19 -24.17
C PRO K 1078 -45.95 -112.89 -24.37
N TRP K 1079 -45.31 -113.23 -23.25
CA TRP K 1079 -43.99 -113.82 -23.29
C TRP K 1079 -44.06 -115.31 -23.61
N GLN K 1080 -42.91 -115.87 -23.98
CA GLN K 1080 -42.80 -117.27 -24.32
C GLN K 1080 -42.18 -118.04 -23.15
N SER K 1081 -41.88 -119.32 -23.37
CA SER K 1081 -41.29 -120.15 -22.33
C SER K 1081 -39.78 -120.06 -22.28
N GLY K 1082 -39.14 -119.56 -23.33
CA GLY K 1082 -37.69 -119.45 -23.35
C GLY K 1082 -37.19 -118.18 -24.01
N ASP K 1083 -38.06 -117.19 -24.12
CA ASP K 1083 -37.70 -115.93 -24.75
C ASP K 1083 -36.82 -115.09 -23.82
N VAL K 1084 -36.21 -114.06 -24.38
CA VAL K 1084 -35.34 -113.14 -23.66
C VAL K 1084 -35.92 -111.75 -23.76
N VAL K 1085 -36.04 -111.07 -22.61
CA VAL K 1085 -36.62 -109.73 -22.54
C VAL K 1085 -35.50 -108.73 -22.24
N GLY K 1086 -35.39 -107.71 -23.08
CA GLY K 1086 -34.38 -106.69 -22.89
C GLY K 1086 -34.98 -105.34 -22.57
N CYS K 1087 -34.17 -104.43 -22.02
CA CYS K 1087 -34.64 -103.10 -21.64
C CYS K 1087 -33.54 -102.09 -21.94
N MET K 1088 -33.81 -101.18 -22.87
CA MET K 1088 -32.89 -100.11 -23.22
C MET K 1088 -33.27 -98.82 -22.52
N ILE K 1089 -32.29 -97.95 -22.33
CA ILE K 1089 -32.50 -96.66 -21.68
C ILE K 1089 -31.48 -95.67 -22.23
N ASP K 1090 -31.90 -94.42 -22.40
CA ASP K 1090 -31.02 -93.37 -22.90
C ASP K 1090 -31.37 -92.08 -22.17
N LEU K 1091 -30.45 -91.61 -21.31
CA LEU K 1091 -30.72 -90.43 -20.51
C LEU K 1091 -30.61 -89.14 -21.32
N THR K 1092 -29.70 -89.10 -22.30
CA THR K 1092 -29.54 -87.90 -23.12
C THR K 1092 -30.64 -87.74 -24.15
N GLU K 1093 -31.38 -88.81 -24.46
CA GLU K 1093 -32.49 -88.74 -25.40
C GLU K 1093 -33.85 -88.88 -24.73
N ASN K 1094 -33.89 -89.28 -23.46
CA ASN K 1094 -35.14 -89.43 -22.70
C ASN K 1094 -36.08 -90.42 -23.40
N THR K 1095 -35.62 -91.66 -23.50
CA THR K 1095 -36.41 -92.71 -24.12
C THR K 1095 -36.05 -94.04 -23.47
N ILE K 1096 -37.05 -94.93 -23.42
CA ILE K 1096 -36.89 -96.28 -22.86
C ILE K 1096 -37.53 -97.24 -23.86
N ILE K 1097 -36.70 -98.08 -24.48
CA ILE K 1097 -37.16 -99.02 -25.50
C ILE K 1097 -37.03 -100.44 -24.94
N PHE K 1098 -38.10 -101.22 -25.06
CA PHE K 1098 -38.11 -102.60 -24.62
C PHE K 1098 -37.94 -103.52 -25.83
N THR K 1099 -37.03 -104.47 -25.72
CA THR K 1099 -36.74 -105.41 -26.80
C THR K 1099 -37.13 -106.82 -26.37
N LEU K 1100 -37.65 -107.59 -27.32
CA LEU K 1100 -38.07 -108.97 -27.07
C LEU K 1100 -37.61 -109.83 -28.24
N ASN K 1101 -36.61 -110.67 -27.99
CA ASN K 1101 -36.06 -111.57 -29.02
C ASN K 1101 -35.58 -110.79 -30.24
N GLY K 1102 -34.88 -109.68 -29.98
CA GLY K 1102 -34.37 -108.86 -31.06
C GLY K 1102 -35.39 -108.04 -31.80
N GLU K 1103 -36.63 -107.99 -31.31
CA GLU K 1103 -37.70 -107.23 -31.94
C GLU K 1103 -38.32 -106.30 -30.91
N VAL K 1104 -38.32 -105.00 -31.21
CA VAL K 1104 -38.86 -104.02 -30.27
C VAL K 1104 -40.38 -104.14 -30.22
N LEU K 1105 -40.93 -103.82 -29.05
CA LEU K 1105 -42.38 -103.87 -28.85
C LEU K 1105 -42.99 -102.53 -29.24
N MET K 1106 -44.10 -102.59 -29.98
CA MET K 1106 -44.81 -101.41 -30.44
C MET K 1106 -46.26 -101.46 -29.99
N SER K 1107 -46.86 -100.27 -29.88
CA SER K 1107 -48.25 -100.14 -29.49
C SER K 1107 -49.13 -100.14 -30.73
N ASP K 1108 -50.42 -99.81 -30.56
CA ASP K 1108 -51.33 -99.76 -31.69
C ASP K 1108 -50.97 -98.64 -32.66
N SER K 1109 -50.38 -97.56 -32.15
CA SER K 1109 -49.97 -96.43 -32.98
C SER K 1109 -48.58 -96.60 -33.56
N GLY K 1110 -47.92 -97.74 -33.32
CA GLY K 1110 -46.58 -97.95 -33.84
C GLY K 1110 -45.51 -97.15 -33.15
N SER K 1111 -45.71 -96.79 -31.88
CA SER K 1111 -44.72 -96.02 -31.15
C SER K 1111 -43.60 -96.93 -30.67
N GLU K 1112 -42.36 -96.54 -30.96
CA GLU K 1112 -41.19 -97.30 -30.57
C GLU K 1112 -40.61 -96.85 -29.23
N THR K 1113 -41.23 -95.88 -28.57
CA THR K 1113 -40.77 -95.36 -27.29
C THR K 1113 -41.83 -95.64 -26.23
N ALA K 1114 -41.49 -96.48 -25.26
CA ALA K 1114 -42.43 -96.80 -24.19
C ALA K 1114 -42.66 -95.59 -23.29
N PHE K 1115 -41.61 -94.81 -23.03
CA PHE K 1115 -41.72 -93.62 -22.19
C PHE K 1115 -40.95 -92.48 -22.85
N ARG K 1116 -41.54 -91.29 -22.84
CA ARG K 1116 -40.94 -90.11 -23.45
C ARG K 1116 -40.89 -88.98 -22.43
N ASP K 1117 -39.88 -88.12 -22.59
CA ASP K 1117 -39.68 -86.95 -21.73
C ASP K 1117 -39.56 -87.35 -20.27
N ILE K 1118 -38.68 -88.32 -20.00
CA ILE K 1118 -38.44 -88.78 -18.64
C ILE K 1118 -37.45 -87.86 -17.95
N GLU K 1119 -37.71 -87.55 -16.69
CA GLU K 1119 -36.79 -86.72 -15.92
C GLU K 1119 -35.51 -87.48 -15.60
N VAL K 1120 -34.39 -86.75 -15.58
CA VAL K 1120 -33.11 -87.39 -15.31
C VAL K 1120 -33.05 -87.87 -13.86
N GLY K 1121 -33.57 -87.07 -12.93
CA GLY K 1121 -33.57 -87.46 -11.53
C GLY K 1121 -32.16 -87.63 -11.00
N ASP K 1122 -31.98 -88.65 -10.17
CA ASP K 1122 -30.67 -88.99 -9.61
C ASP K 1122 -30.05 -90.22 -10.27
N GLY K 1123 -30.86 -91.25 -10.52
CA GLY K 1123 -30.36 -92.45 -11.14
C GLY K 1123 -31.49 -93.44 -11.37
N PHE K 1124 -31.14 -94.53 -12.06
CA PHE K 1124 -32.09 -95.60 -12.35
C PHE K 1124 -31.40 -96.94 -12.17
N LEU K 1125 -32.10 -97.87 -11.52
CA LEU K 1125 -31.56 -99.18 -11.24
C LEU K 1125 -32.41 -100.27 -11.90
N PRO K 1126 -31.78 -101.33 -12.41
CA PRO K 1126 -32.55 -102.43 -13.00
C PRO K 1126 -33.34 -103.16 -11.92
N VAL K 1127 -34.66 -103.19 -12.08
CA VAL K 1127 -35.55 -103.79 -11.10
C VAL K 1127 -36.13 -105.08 -11.68
N CYS K 1128 -36.46 -106.01 -10.79
CA CYS K 1128 -37.04 -107.28 -11.18
C CYS K 1128 -38.03 -107.72 -10.11
N SER K 1129 -39.02 -108.50 -10.52
CA SER K 1129 -40.05 -108.99 -9.60
C SER K 1129 -40.62 -110.29 -10.14
N LEU K 1130 -40.75 -111.28 -9.27
CA LEU K 1130 -41.26 -112.59 -9.63
C LEU K 1130 -42.44 -112.94 -8.73
N GLY K 1131 -43.45 -113.58 -9.32
CA GLY K 1131 -44.64 -113.95 -8.59
C GLY K 1131 -44.48 -115.23 -7.80
N PRO K 1132 -45.58 -115.75 -7.27
CA PRO K 1132 -45.51 -116.99 -6.48
C PRO K 1132 -45.16 -118.20 -7.34
N GLY K 1133 -43.98 -118.78 -7.11
CA GLY K 1133 -43.55 -119.93 -7.88
C GLY K 1133 -43.12 -119.61 -9.30
N GLN K 1134 -42.42 -118.50 -9.49
CA GLN K 1134 -41.95 -118.08 -10.81
C GLN K 1134 -40.43 -118.03 -10.81
N VAL K 1135 -39.83 -118.68 -11.80
CA VAL K 1135 -38.37 -118.74 -11.94
C VAL K 1135 -37.96 -117.83 -13.09
N GLY K 1136 -36.96 -116.98 -12.83
CA GLY K 1136 -36.47 -116.06 -13.84
C GLY K 1136 -35.02 -115.68 -13.62
N HIS K 1137 -34.20 -115.79 -14.65
CA HIS K 1137 -32.78 -115.48 -14.56
C HIS K 1137 -32.55 -114.03 -14.97
N LEU K 1138 -31.88 -113.28 -14.09
CA LEU K 1138 -31.53 -111.89 -14.35
C LEU K 1138 -30.07 -111.82 -14.80
N ASN K 1139 -29.85 -111.34 -16.01
CA ASN K 1139 -28.51 -111.24 -16.60
C ASN K 1139 -28.19 -109.76 -16.77
N LEU K 1140 -27.39 -109.22 -15.85
CA LEU K 1140 -27.00 -107.82 -15.90
C LEU K 1140 -25.89 -107.55 -16.92
N GLY K 1141 -25.38 -108.57 -17.58
CA GLY K 1141 -24.36 -108.38 -18.59
C GLY K 1141 -22.97 -108.16 -18.01
N GLN K 1142 -22.45 -109.15 -17.29
CA GLN K 1142 -21.10 -109.03 -16.74
C GLN K 1142 -20.05 -109.04 -17.86
N ASP K 1143 -20.29 -109.82 -18.91
CA ASP K 1143 -19.40 -109.86 -20.06
C ASP K 1143 -20.24 -109.83 -21.34
N VAL K 1144 -19.58 -109.48 -22.45
CA VAL K 1144 -20.28 -109.37 -23.72
C VAL K 1144 -20.66 -110.73 -24.28
N SER K 1145 -19.91 -111.78 -23.91
CA SER K 1145 -20.15 -113.10 -24.47
C SER K 1145 -21.46 -113.70 -23.98
N SER K 1146 -21.89 -113.34 -22.77
CA SER K 1146 -23.13 -113.89 -22.24
C SER K 1146 -24.36 -113.27 -22.89
N LEU K 1147 -24.27 -112.01 -23.31
CA LEU K 1147 -25.38 -111.32 -23.96
C LEU K 1147 -25.55 -111.87 -25.37
N ARG K 1148 -26.59 -112.65 -25.58
CA ARG K 1148 -26.85 -113.25 -26.89
C ARG K 1148 -27.68 -112.36 -27.79
N PHE K 1149 -28.64 -111.63 -27.22
CA PHE K 1149 -29.52 -110.74 -27.97
C PHE K 1149 -29.07 -109.28 -27.90
N PHE K 1150 -27.77 -109.04 -27.72
CA PHE K 1150 -27.24 -107.69 -27.70
C PHE K 1150 -26.67 -107.27 -29.05
N ALA K 1151 -26.09 -108.20 -29.80
CA ALA K 1151 -25.51 -107.89 -31.11
C ALA K 1151 -26.57 -107.69 -32.18
N ILE K 1152 -27.85 -107.90 -31.87
CA ILE K 1152 -28.90 -107.74 -32.86
C ILE K 1152 -29.46 -106.31 -32.87
N CYS K 1153 -29.53 -105.67 -31.71
CA CYS K 1153 -30.07 -104.32 -31.60
C CYS K 1153 -29.09 -103.32 -30.99
N GLY K 1154 -28.33 -103.72 -29.97
CA GLY K 1154 -27.42 -102.83 -29.29
C GLY K 1154 -26.03 -102.75 -29.85
N LEU K 1155 -25.72 -103.50 -30.91
CA LEU K 1155 -24.38 -103.46 -31.48
C LEU K 1155 -24.16 -102.22 -32.33
N GLN K 1156 -24.98 -102.03 -33.36
CA GLN K 1156 -24.85 -100.88 -34.25
C GLN K 1156 -25.51 -99.62 -33.70
N GLU K 1157 -26.32 -99.73 -32.65
CA GLU K 1157 -26.98 -98.55 -32.11
C GLU K 1157 -26.03 -97.72 -31.25
N GLY K 1158 -25.25 -98.37 -30.38
CA GLY K 1158 -24.30 -97.67 -29.55
C GLY K 1158 -24.53 -97.87 -28.07
N PHE K 1159 -25.17 -98.98 -27.71
CA PHE K 1159 -25.45 -99.29 -26.31
C PHE K 1159 -24.32 -100.11 -25.71
N GLU K 1160 -24.36 -100.25 -24.39
CA GLU K 1160 -23.33 -100.98 -23.66
C GLU K 1160 -23.98 -101.68 -22.48
N PRO K 1161 -23.44 -102.81 -22.04
CA PRO K 1161 -24.00 -103.51 -20.89
C PRO K 1161 -23.83 -102.71 -19.61
N PHE K 1162 -24.49 -103.19 -18.55
CA PHE K 1162 -24.43 -102.50 -17.26
C PHE K 1162 -23.07 -102.68 -16.60
N ALA K 1163 -22.68 -103.92 -16.33
CA ALA K 1163 -21.39 -104.21 -15.71
C ALA K 1163 -20.42 -104.61 -16.82
N ILE K 1164 -19.89 -103.60 -17.51
CA ILE K 1164 -19.00 -103.84 -18.64
C ILE K 1164 -17.61 -104.23 -18.16
N ASN K 1165 -17.15 -103.65 -17.05
CA ASN K 1165 -15.81 -103.93 -16.54
C ASN K 1165 -15.81 -104.12 -15.02
N MET K 1166 -16.89 -104.65 -14.48
CA MET K 1166 -17.00 -104.92 -13.04
C MET K 1166 -16.52 -106.34 -12.78
N GLN K 1167 -15.38 -106.47 -12.09
CA GLN K 1167 -14.83 -107.79 -11.79
C GLN K 1167 -15.63 -108.51 -10.71
N ARG K 1168 -16.40 -107.79 -9.91
CA ARG K 1168 -17.22 -108.38 -8.87
C ARG K 1168 -18.68 -108.43 -9.29
N PRO K 1169 -19.42 -109.45 -8.85
CA PRO K 1169 -20.85 -109.53 -9.20
C PRO K 1169 -21.62 -108.36 -8.62
N VAL K 1170 -22.67 -107.96 -9.35
CA VAL K 1170 -23.49 -106.83 -8.91
C VAL K 1170 -24.29 -107.24 -7.68
N THR K 1171 -24.29 -106.37 -6.67
CA THR K 1171 -25.02 -106.65 -5.44
C THR K 1171 -26.52 -106.55 -5.69
N THR K 1172 -27.24 -107.62 -5.34
CA THR K 1172 -28.68 -107.70 -5.52
C THR K 1172 -29.37 -107.55 -4.17
N TRP K 1173 -30.49 -106.83 -4.16
CA TRP K 1173 -31.28 -106.60 -2.96
C TRP K 1173 -32.68 -107.14 -3.16
N PHE K 1174 -33.16 -107.93 -2.21
CA PHE K 1174 -34.50 -108.52 -2.25
C PHE K 1174 -35.34 -107.96 -1.12
N SER K 1175 -36.64 -108.20 -1.21
CA SER K 1175 -37.59 -107.72 -0.22
C SER K 1175 -37.75 -108.77 0.88
N LYS K 1176 -37.44 -108.37 2.12
CA LYS K 1176 -37.55 -109.28 3.26
C LYS K 1176 -39.02 -109.43 3.64
N SER K 1177 -39.58 -110.62 3.42
CA SER K 1177 -40.97 -110.86 3.77
C SER K 1177 -41.21 -110.85 5.26
N LEU K 1178 -40.17 -111.01 6.06
CA LEU K 1178 -40.32 -110.97 7.52
C LEU K 1178 -40.57 -109.55 7.99
N PRO K 1179 -41.67 -109.27 8.67
CA PRO K 1179 -41.92 -107.91 9.16
C PRO K 1179 -41.04 -107.58 10.36
N GLN K 1180 -40.54 -106.34 10.38
CA GLN K 1180 -39.72 -105.86 11.48
C GLN K 1180 -40.18 -104.46 11.87
N PHE K 1181 -39.80 -104.06 13.08
CA PHE K 1181 -40.22 -102.77 13.61
C PHE K 1181 -39.42 -101.64 12.98
N GLU K 1182 -40.08 -100.49 12.83
CA GLU K 1182 -39.45 -99.30 12.26
C GLU K 1182 -40.18 -98.07 12.77
N ALA K 1183 -39.42 -97.03 13.06
CA ALA K 1183 -40.00 -95.80 13.58
C ALA K 1183 -40.90 -95.14 12.54
N VAL K 1184 -41.93 -94.45 13.02
CA VAL K 1184 -42.88 -93.77 12.16
C VAL K 1184 -42.31 -92.43 11.74
N PRO K 1185 -42.22 -92.14 10.44
CA PRO K 1185 -41.70 -90.83 10.01
C PRO K 1185 -42.64 -89.71 10.39
N LEU K 1186 -42.08 -88.50 10.46
CA LEU K 1186 -42.87 -87.34 10.82
C LEU K 1186 -43.88 -86.98 9.73
N GLU K 1187 -43.61 -87.37 8.49
CA GLU K 1187 -44.48 -87.09 7.36
C GLU K 1187 -45.14 -88.39 6.92
N HIS K 1188 -46.47 -88.41 6.91
CA HIS K 1188 -47.24 -89.57 6.48
C HIS K 1188 -48.58 -89.09 5.98
N PRO K 1189 -49.17 -89.77 4.98
CA PRO K 1189 -50.49 -89.33 4.48
C PRO K 1189 -51.56 -89.26 5.56
N HIS K 1190 -51.74 -90.31 6.34
CA HIS K 1190 -52.81 -90.37 7.35
C HIS K 1190 -52.31 -90.92 8.66
N TYR K 1191 -51.14 -90.47 9.11
CA TYR K 1191 -50.60 -90.88 10.40
C TYR K 1191 -49.69 -89.80 10.94
N GLU K 1192 -49.84 -89.46 12.22
CA GLU K 1192 -49.00 -88.46 12.85
C GLU K 1192 -49.03 -88.69 14.36
N VAL K 1193 -47.95 -88.31 15.02
CA VAL K 1193 -47.81 -88.48 16.46
C VAL K 1193 -47.05 -87.29 17.03
N SER K 1194 -47.46 -86.85 18.22
CA SER K 1194 -46.82 -85.72 18.89
C SER K 1194 -46.57 -86.07 20.35
N ARG K 1195 -45.68 -85.32 20.97
CA ARG K 1195 -45.31 -85.52 22.37
C ARG K 1195 -45.94 -84.43 23.23
N VAL K 1196 -46.52 -84.84 24.36
CA VAL K 1196 -47.14 -83.91 25.30
C VAL K 1196 -46.11 -83.48 26.32
N ASP K 1197 -46.03 -82.17 26.57
CA ASP K 1197 -45.08 -81.64 27.53
C ASP K 1197 -45.44 -82.07 28.94
N GLY K 1198 -44.43 -82.12 29.80
CA GLY K 1198 -44.62 -82.53 31.18
C GLY K 1198 -44.94 -81.37 32.11
N THR K 1199 -46.21 -81.24 32.49
CA THR K 1199 -46.64 -80.18 33.37
C THR K 1199 -46.61 -80.66 34.83
N VAL K 1200 -47.04 -79.79 35.74
CA VAL K 1200 -47.05 -80.15 37.16
C VAL K 1200 -48.21 -81.08 37.48
N ASP K 1201 -49.28 -81.04 36.69
CA ASP K 1201 -50.45 -81.89 36.92
C ASP K 1201 -50.59 -83.01 35.91
N THR K 1202 -50.08 -82.84 34.69
CA THR K 1202 -50.18 -83.85 33.65
C THR K 1202 -48.81 -84.45 33.37
N PRO K 1203 -48.66 -85.76 33.43
CA PRO K 1203 -47.36 -86.37 33.13
C PRO K 1203 -47.07 -86.32 31.64
N PRO K 1204 -45.79 -86.39 31.24
CA PRO K 1204 -45.45 -86.36 29.82
C PRO K 1204 -45.95 -87.61 29.12
N CYS K 1205 -46.84 -87.42 28.15
CA CYS K 1205 -47.45 -88.52 27.41
C CYS K 1205 -47.09 -88.40 25.93
N LEU K 1206 -47.35 -89.48 25.19
CA LEU K 1206 -47.10 -89.56 23.76
C LEU K 1206 -48.44 -89.80 23.08
N ARG K 1207 -49.14 -88.71 22.75
CA ARG K 1207 -50.46 -88.80 22.14
C ARG K 1207 -50.34 -89.11 20.65
N LEU K 1208 -51.16 -90.05 20.18
CA LEU K 1208 -51.20 -90.43 18.77
C LEU K 1208 -52.63 -90.27 18.26
N THR K 1209 -52.76 -89.65 17.10
CA THR K 1209 -54.07 -89.41 16.49
C THR K 1209 -54.06 -89.89 15.05
N HIS K 1210 -55.25 -90.07 14.50
CA HIS K 1210 -55.43 -90.52 13.12
C HIS K 1210 -56.30 -89.52 12.37
N ARG K 1211 -55.99 -89.30 11.10
CA ARG K 1211 -56.75 -88.38 10.27
C ARG K 1211 -57.05 -88.99 8.91
N SER K 1212 -59.41 -92.01 4.00
CA SER K 1212 -58.32 -92.51 4.82
C SER K 1212 -58.51 -93.99 5.14
N LEU K 1213 -57.64 -94.82 4.59
CA LEU K 1213 -57.72 -96.26 4.82
C LEU K 1213 -57.27 -96.59 6.24
N VAL K 1214 -58.05 -97.43 6.92
CA VAL K 1214 -57.76 -97.85 8.29
C VAL K 1214 -57.45 -99.34 8.29
N GLU K 1215 -56.30 -99.71 8.84
CA GLU K 1215 -55.88 -101.11 8.90
C GLU K 1215 -55.30 -101.38 10.28
N MET K 1216 -54.98 -102.65 10.52
CA MET K 1216 -54.41 -103.05 11.80
C MET K 1216 -52.95 -102.63 11.90
N LEU K 1217 -52.59 -101.99 13.01
CA LEU K 1217 -51.23 -101.54 13.26
C LEU K 1217 -50.72 -102.14 14.56
N PHE K 1218 -49.41 -102.30 14.64
CA PHE K 1218 -48.74 -102.86 15.81
C PHE K 1218 -47.66 -101.87 16.26
N LEU K 1219 -47.95 -101.12 17.32
CA LEU K 1219 -47.02 -100.15 17.84
C LEU K 1219 -46.11 -100.77 18.90
N ARG K 1220 -44.97 -100.12 19.12
CA ARG K 1220 -43.99 -100.59 20.09
C ARG K 1220 -43.00 -99.46 20.38
N LEU K 1221 -42.40 -99.52 21.56
CA LEU K 1221 -41.40 -98.54 21.94
C LEU K 1221 -40.04 -98.91 21.36
N SER K 1222 -39.01 -98.15 21.72
CA SER K 1222 -37.67 -98.33 21.19
C SER K 1222 -36.73 -99.03 22.16
N LEU K 1223 -36.70 -98.59 23.43
CA LEU K 1223 -35.76 -99.16 24.38
C LEU K 1223 -36.46 -100.15 25.30
N PRO K 1224 -35.94 -101.35 25.46
CA PRO K 1224 -36.56 -102.34 26.34
C PRO K 1224 -36.12 -102.13 27.79
N VAL K 1225 -36.57 -103.04 28.65
CA VAL K 1225 -36.22 -103.04 30.07
C VAL K 1225 -35.72 -104.43 30.43
N GLN K 1226 -34.48 -104.52 30.88
CA GLN K 1226 -33.90 -105.81 31.25
C GLN K 1226 -34.52 -106.30 32.56
N PHE K 1227 -34.54 -107.63 32.71
CA PHE K 1227 -35.14 -108.27 33.87
C PHE K 1227 -34.10 -108.68 34.91
N HIS K 1228 -33.00 -107.93 35.01
CA HIS K 1228 -31.94 -108.17 35.99
C HIS K 1228 -31.38 -109.59 35.84
N GLN K 1229 -30.82 -109.85 34.66
CA GLN K 1229 -30.24 -111.16 34.37
C GLN K 1229 -28.96 -111.38 35.18
N LEU K 1230 -38.88 -97.45 48.88
CA LEU K 1230 -38.50 -96.39 47.95
C LEU K 1230 -37.61 -96.93 46.84
N ASN K 1231 -36.82 -97.96 47.16
CA ASN K 1231 -35.90 -98.59 46.22
C ASN K 1231 -36.47 -99.88 45.65
N THR K 1232 -37.78 -99.96 45.46
CA THR K 1232 -38.41 -101.15 44.93
C THR K 1232 -38.20 -101.25 43.42
N THR K 1233 -38.76 -102.29 42.82
CA THR K 1233 -38.64 -102.54 41.38
C THR K 1233 -40.01 -102.57 40.72
N THR K 1234 -40.87 -101.63 41.11
CA THR K 1234 -42.21 -101.51 40.54
C THR K 1234 -42.23 -100.43 39.48
N TYR K 1235 -42.96 -100.67 38.40
CA TYR K 1235 -43.07 -99.73 37.29
C TYR K 1235 -44.51 -99.61 36.86
N TYR K 1236 -45.02 -98.39 36.84
CA TYR K 1236 -46.42 -98.10 36.51
C TYR K 1236 -46.48 -97.72 35.03
N TYR K 1237 -46.63 -98.73 34.18
CA TYR K 1237 -46.77 -98.51 32.74
C TYR K 1237 -48.25 -98.43 32.41
N SER K 1238 -48.75 -97.23 32.20
CA SER K 1238 -50.17 -96.99 31.96
C SER K 1238 -50.41 -96.53 30.53
N VAL K 1239 -51.63 -96.74 30.07
CA VAL K 1239 -52.08 -96.29 28.75
C VAL K 1239 -53.53 -95.83 28.87
N ARG K 1240 -53.86 -94.71 28.25
CA ARG K 1240 -55.18 -94.11 28.33
C ARG K 1240 -55.81 -94.12 26.94
N VAL K 1241 -56.86 -94.91 26.77
CA VAL K 1241 -57.61 -94.96 25.52
C VAL K 1241 -58.84 -94.05 25.66
N PHE K 1242 -59.14 -93.31 24.60
CA PHE K 1242 -60.24 -92.36 24.65
C PHE K 1242 -61.58 -93.08 24.50
N ALA K 1243 -62.66 -92.33 24.71
CA ALA K 1243 -64.00 -92.89 24.64
C ALA K 1243 -64.41 -93.22 23.21
N GLY K 1244 -63.72 -92.66 22.21
CA GLY K 1244 -64.07 -92.95 20.83
C GLY K 1244 -63.73 -94.36 20.40
N GLN K 1245 -62.63 -94.90 20.90
CA GLN K 1245 -62.21 -96.26 20.57
C GLN K 1245 -62.83 -97.25 21.56
N GLU K 1246 -63.31 -98.36 21.02
CA GLU K 1246 -63.93 -99.38 21.86
C GLU K 1246 -62.86 -100.16 22.63
N PRO K 1247 -63.12 -100.52 23.88
CA PRO K 1247 -62.13 -101.28 24.66
C PRO K 1247 -62.06 -102.76 24.30
N SER K 1248 -62.94 -103.24 23.42
CA SER K 1248 -62.95 -104.64 23.03
C SER K 1248 -61.89 -104.97 21.99
N CYS K 1249 -61.31 -103.97 21.33
CA CYS K 1249 -60.29 -104.17 20.31
C CYS K 1249 -58.97 -103.51 20.71
N VAL K 1250 -58.66 -103.57 22.00
CA VAL K 1250 -57.43 -103.00 22.54
C VAL K 1250 -56.67 -104.09 23.27
N TRP K 1251 -55.39 -104.25 22.91
CA TRP K 1251 -54.52 -105.24 23.53
C TRP K 1251 -53.33 -104.52 24.15
N VAL K 1252 -53.21 -104.58 25.47
CA VAL K 1252 -52.17 -103.88 26.22
C VAL K 1252 -51.30 -104.91 26.91
N GLY K 1253 -49.98 -104.71 26.83
CA GLY K 1253 -49.05 -105.61 27.51
C GLY K 1253 -47.64 -105.39 27.04
N TRP K 1254 -46.84 -106.44 27.14
CA TRP K 1254 -45.45 -106.44 26.74
C TRP K 1254 -45.22 -107.47 25.65
N VAL K 1255 -44.06 -107.38 24.99
CA VAL K 1255 -43.72 -108.27 23.88
C VAL K 1255 -42.22 -108.48 23.87
N THR K 1256 -41.79 -109.62 23.30
CA THR K 1256 -40.47 -110.14 23.04
C THR K 1256 -39.95 -109.62 21.70
N PRO K 1257 -38.67 -109.21 21.62
CA PRO K 1257 -38.13 -108.73 20.34
C PRO K 1257 -38.11 -109.79 19.24
N ASP K 1258 -38.45 -111.03 19.59
CA ASP K 1258 -38.53 -112.11 18.63
C ASP K 1258 -39.91 -112.19 17.96
N TYR K 1259 -40.71 -111.13 18.05
CA TYR K 1259 -42.05 -111.11 17.47
C TYR K 1259 -41.96 -110.52 16.07
N HIS K 1260 -42.15 -111.37 15.06
CA HIS K 1260 -42.08 -110.98 13.66
C HIS K 1260 -43.27 -111.54 12.88
N GLN K 1261 -44.46 -111.38 13.45
CA GLN K 1261 -45.70 -111.86 12.84
C GLN K 1261 -46.61 -110.69 12.57
N HIS K 1262 -47.21 -110.68 11.38
CA HIS K 1262 -48.14 -109.63 10.98
C HIS K 1262 -49.32 -110.27 10.24
N ASP K 1263 -50.50 -110.18 10.82
CA ASP K 1263 -51.69 -110.76 10.22
C ASP K 1263 -52.92 -110.03 10.74
N MET K 1264 -54.00 -110.12 9.97
CA MET K 1264 -55.24 -109.46 10.35
C MET K 1264 -56.02 -110.33 11.35
N ASN K 1265 -56.94 -109.68 12.07
CA ASN K 1265 -57.78 -110.33 13.07
C ASN K 1265 -56.93 -111.01 14.13
N PHE K 1266 -56.12 -110.20 14.82
CA PHE K 1266 -55.23 -110.71 15.86
C PHE K 1266 -56.02 -110.96 17.14
N ASP K 1267 -55.94 -112.19 17.65
CA ASP K 1267 -56.65 -112.58 18.87
C ASP K 1267 -55.67 -113.29 19.79
N LEU K 1268 -56.15 -113.62 21.00
CA LEU K 1268 -55.31 -114.29 21.98
C LEU K 1268 -55.07 -115.75 21.63
N THR K 1269 -55.90 -116.34 20.77
CA THR K 1269 -55.73 -117.74 20.40
C THR K 1269 -54.59 -117.94 19.39
N LYS K 1270 -54.24 -116.91 18.63
CA LYS K 1270 -53.16 -117.00 17.65
C LYS K 1270 -51.81 -116.60 18.23
N VAL K 1271 -51.74 -116.33 19.52
CA VAL K 1271 -50.48 -115.96 20.15
C VAL K 1271 -49.64 -117.21 20.38
N ARG K 1272 -48.42 -117.21 19.86
CA ARG K 1272 -47.54 -118.36 20.00
C ARG K 1272 -47.00 -118.44 21.42
N ALA K 1273 -46.98 -119.66 21.96
CA ALA K 1273 -46.49 -119.90 23.31
C ALA K 1273 -45.97 -121.33 23.40
N VAL K 1274 -44.92 -121.52 24.19
CA VAL K 1274 -44.30 -122.82 24.37
C VAL K 1274 -43.98 -122.99 25.86
N THR K 1275 -44.52 -124.05 26.46
CA THR K 1275 -44.28 -124.37 27.87
C THR K 1275 -43.44 -125.64 27.93
N VAL K 1276 -42.17 -125.50 28.28
CA VAL K 1276 -41.25 -126.63 28.37
C VAL K 1276 -41.35 -127.24 29.76
N THR K 1277 -41.34 -128.57 29.81
CA THR K 1277 -41.42 -129.32 31.06
C THR K 1277 -40.16 -130.17 31.20
N MET K 1278 -39.43 -129.95 32.29
CA MET K 1278 -38.19 -130.68 32.56
C MET K 1278 -38.48 -131.79 33.56
N GLY K 1279 -38.38 -133.04 33.10
CA GLY K 1279 -38.62 -134.17 33.96
C GLY K 1279 -37.36 -134.71 34.61
N ASP K 1280 -37.55 -135.64 35.53
CA ASP K 1280 -36.45 -136.29 36.26
C ASP K 1280 -35.55 -135.26 36.95
N ASN K 1281 -40.04 -137.99 38.95
CA ASN K 1281 -41.13 -137.47 38.13
C ASN K 1281 -40.77 -136.12 37.53
N ILE K 1282 -41.77 -135.25 37.39
CA ILE K 1282 -41.55 -133.92 36.82
C ILE K 1282 -40.82 -133.06 37.85
N HIS K 1283 -39.73 -132.44 37.43
CA HIS K 1283 -38.93 -131.59 38.30
C HIS K 1283 -39.49 -130.18 38.38
N SER K 1284 -39.60 -129.50 37.23
CA SER K 1284 -40.11 -128.15 37.19
C SER K 1284 -40.78 -127.91 35.84
N SER K 1285 -41.63 -126.88 35.80
CA SER K 1285 -42.34 -126.49 34.60
C SER K 1285 -42.09 -125.02 34.32
N LEU K 1286 -42.01 -124.67 33.04
CA LEU K 1286 -41.68 -123.33 32.60
C LEU K 1286 -42.72 -122.88 31.57
N LYS K 1287 -42.61 -121.61 31.16
CA LYS K 1287 -43.54 -121.04 30.19
C LYS K 1287 -42.83 -119.92 29.44
N CYS K 1288 -42.68 -120.10 28.12
CA CYS K 1288 -42.02 -119.13 27.26
C CYS K 1288 -42.99 -118.71 26.17
N SER K 1289 -43.51 -117.49 26.27
CA SER K 1289 -44.44 -116.94 25.29
C SER K 1289 -43.84 -115.70 24.64
N ASN K 1290 -44.17 -115.49 23.37
CA ASN K 1290 -43.66 -114.32 22.65
C ASN K 1290 -44.37 -113.05 23.07
N CYS K 1291 -45.65 -113.14 23.42
CA CYS K 1291 -46.45 -111.97 23.77
C CYS K 1291 -47.13 -112.18 25.10
N TYR K 1292 -47.29 -111.09 25.85
CA TYR K 1292 -47.97 -111.09 27.14
C TYR K 1292 -48.91 -109.89 27.16
N MET K 1293 -50.15 -110.09 26.70
CA MET K 1293 -51.14 -109.02 26.70
C MET K 1293 -52.45 -109.47 27.33
N VAL K 1294 -53.47 -108.63 27.24
CA VAL K 1294 -54.80 -108.93 27.75
C VAL K 1294 -55.80 -108.65 26.64
N TRP K 1295 -56.97 -109.30 26.74
CA TRP K 1295 -58.01 -109.11 25.73
C TRP K 1295 -58.51 -107.68 25.70
N GLY K 1296 -58.52 -107.00 26.84
CA GLY K 1296 -58.95 -105.61 26.93
C GLY K 1296 -60.44 -105.42 27.13
N GLY K 1297 -61.25 -106.15 26.38
CA GLY K 1297 -62.70 -106.04 26.49
C GLY K 1297 -63.29 -106.63 27.75
N ASP K 1298 -62.50 -107.37 28.53
CA ASP K 1298 -62.99 -107.96 29.77
C ASP K 1298 -63.28 -106.91 30.83
N PHE K 1299 -62.62 -105.75 30.77
CA PHE K 1299 -62.84 -104.70 31.76
C PHE K 1299 -64.13 -103.93 31.52
N VAL K 1300 -64.77 -104.09 30.37
CA VAL K 1300 -66.01 -103.38 30.07
C VAL K 1300 -67.18 -104.37 30.03
N SER K 1301 -72.47 -94.90 26.71
CA SER K 1301 -71.70 -96.10 26.97
C SER K 1301 -70.26 -95.95 26.48
N HIS K 1302 -69.63 -94.84 26.84
CA HIS K 1302 -68.25 -94.57 26.44
C HIS K 1302 -67.58 -93.79 27.56
N THR K 1303 -66.66 -94.45 28.27
CA THR K 1303 -65.94 -93.85 29.38
C THR K 1303 -64.44 -94.00 29.15
N ASP K 1304 -63.68 -92.97 29.54
CA ASP K 1304 -62.23 -92.99 29.39
C ASP K 1304 -61.61 -94.05 30.27
N LEU K 1305 -61.50 -95.28 29.77
CA LEU K 1305 -60.96 -96.39 30.53
C LEU K 1305 -59.43 -96.31 30.54
N VAL K 1306 -58.85 -96.35 31.73
CA VAL K 1306 -57.40 -96.34 31.91
C VAL K 1306 -56.92 -97.76 32.18
N ILE K 1307 -55.77 -98.10 31.60
CA ILE K 1307 -55.18 -99.44 31.74
C ILE K 1307 -53.72 -99.26 32.13
N GLY K 1308 -53.33 -99.85 33.26
CA GLY K 1308 -51.97 -99.78 33.74
C GLY K 1308 -51.33 -101.16 33.81
N CYS K 1309 -50.01 -101.15 33.98
CA CYS K 1309 -49.24 -102.38 34.07
C CYS K 1309 -48.24 -102.27 35.22
N LEU K 1310 -47.85 -103.42 35.75
CA LEU K 1310 -46.89 -103.49 36.84
C LEU K 1310 -45.97 -104.68 36.61
N VAL K 1311 -44.66 -104.42 36.55
CA VAL K 1311 -43.66 -105.46 36.31
C VAL K 1311 -42.59 -105.38 37.38
N ASP K 1312 -41.97 -106.51 37.67
CA ASP K 1312 -40.90 -106.61 38.65
C ASP K 1312 -39.67 -107.22 37.98
N LEU K 1313 -38.51 -106.60 38.20
CA LEU K 1313 -37.27 -107.07 37.59
C LEU K 1313 -36.48 -108.01 38.47
N ALA K 1314 -36.63 -107.91 39.80
CA ALA K 1314 -35.89 -108.74 40.73
C ALA K 1314 -36.54 -110.13 40.80
N THR K 1315 -36.45 -110.85 39.68
CA THR K 1315 -37.01 -112.20 39.55
C THR K 1315 -38.50 -112.22 39.93
N GLY K 1316 -39.22 -111.17 39.55
CA GLY K 1316 -40.63 -111.03 39.86
C GLY K 1316 -41.53 -111.43 38.71
N LEU K 1317 -42.82 -111.18 38.91
CA LEU K 1317 -43.85 -111.49 37.92
C LEU K 1317 -44.46 -110.19 37.38
N MET K 1318 -45.44 -110.34 36.52
CA MET K 1318 -46.11 -109.21 35.88
C MET K 1318 -47.61 -109.39 35.95
N THR K 1319 -48.32 -108.31 36.28
CA THR K 1319 -49.78 -108.33 36.36
C THR K 1319 -50.32 -107.03 35.79
N PHE K 1320 -51.57 -107.08 35.34
CA PHE K 1320 -52.24 -105.92 34.75
C PHE K 1320 -53.25 -105.37 35.75
N THR K 1321 -53.09 -104.10 36.09
CA THR K 1321 -53.98 -103.41 37.02
C THR K 1321 -54.69 -102.28 36.28
N ALA K 1322 -56.02 -102.31 36.28
CA ALA K 1322 -56.84 -101.32 35.61
C ALA K 1322 -57.78 -100.69 36.62
N ASN K 1323 -57.67 -99.37 36.80
CA ASN K 1323 -58.51 -98.62 37.73
C ASN K 1323 -58.41 -99.16 39.15
N GLY K 1324 -57.20 -99.57 39.53
CA GLY K 1324 -56.97 -100.12 40.85
C GLY K 1324 -57.44 -101.54 41.06
N LYS K 1325 -57.87 -102.23 40.00
CA LYS K 1325 -58.34 -103.60 40.09
C LYS K 1325 -57.51 -104.48 39.16
N GLU K 1326 -57.03 -105.59 39.68
CA GLU K 1326 -56.22 -106.51 38.90
C GLU K 1326 -57.11 -107.31 37.93
N SER K 1327 -56.47 -107.84 36.89
CA SER K 1327 -57.15 -108.65 35.88
C SER K 1327 -57.19 -110.13 36.23
N ASN K 1328 -56.71 -110.51 37.43
CA ASN K 1328 -56.70 -111.90 37.88
C ASN K 1328 -55.93 -112.79 36.90
N THR K 1329 -54.82 -112.27 36.38
CA THR K 1329 -53.97 -113.01 35.45
C THR K 1329 -52.52 -112.91 35.91
N PHE K 1330 -51.80 -114.01 35.77
CA PHE K 1330 -50.41 -114.10 36.18
C PHE K 1330 -49.51 -114.26 34.96
N PHE K 1331 -48.37 -113.57 34.98
CA PHE K 1331 -47.39 -113.64 33.90
C PHE K 1331 -46.01 -113.85 34.50
N GLN K 1332 -45.40 -114.98 34.20
CA GLN K 1332 -44.06 -115.31 34.68
C GLN K 1332 -43.12 -115.44 33.49
N VAL K 1333 -41.93 -114.83 33.63
CA VAL K 1333 -40.93 -114.83 32.56
C VAL K 1333 -39.58 -115.14 33.19
N GLU K 1334 -38.65 -115.58 32.34
CA GLU K 1334 -37.32 -115.92 32.81
C GLU K 1334 -36.60 -114.65 33.27
N PRO K 1335 -35.78 -114.74 34.32
CA PRO K 1335 -35.02 -113.55 34.76
C PRO K 1335 -34.06 -113.02 33.72
N ASN K 1336 -33.71 -113.81 32.71
CA ASN K 1336 -32.82 -113.39 31.62
C ASN K 1336 -33.68 -113.20 30.38
N THR K 1337 -34.20 -111.98 30.21
CA THR K 1337 -35.05 -111.66 29.08
C THR K 1337 -35.05 -110.14 28.90
N LYS K 1338 -35.82 -109.68 27.91
CA LYS K 1338 -35.98 -108.25 27.65
C LYS K 1338 -37.36 -108.04 27.04
N LEU K 1339 -38.19 -107.28 27.75
CA LEU K 1339 -39.57 -107.04 27.33
C LEU K 1339 -39.70 -105.68 26.66
N PHE K 1340 -40.57 -105.61 25.66
CA PHE K 1340 -40.85 -104.38 24.93
C PHE K 1340 -42.30 -103.98 25.15
N PRO K 1341 -42.57 -102.76 25.61
CA PRO K 1341 -43.96 -102.33 25.81
C PRO K 1341 -44.67 -102.08 24.48
N ALA K 1342 -45.59 -102.96 24.12
CA ALA K 1342 -46.34 -102.85 22.87
C ALA K 1342 -47.83 -102.91 23.16
N VAL K 1343 -48.59 -102.01 22.52
CA VAL K 1343 -50.03 -101.93 22.69
C VAL K 1343 -50.64 -102.04 21.30
N PHE K 1344 -51.22 -103.20 20.98
CA PHE K 1344 -51.87 -103.39 19.69
C PHE K 1344 -53.30 -102.85 19.75
N VAL K 1345 -53.68 -102.07 18.75
CA VAL K 1345 -54.98 -101.42 18.72
C VAL K 1345 -55.32 -101.08 17.27
N LEU K 1346 -56.61 -100.93 16.99
CA LEU K 1346 -57.09 -100.52 15.68
C LEU K 1346 -57.65 -99.11 15.75
N PRO K 1347 -57.32 -98.24 14.80
CA PRO K 1347 -57.79 -96.86 14.86
C PRO K 1347 -59.30 -96.76 14.66
N THR K 1348 -59.85 -95.69 15.21
CA THR K 1348 -61.28 -95.38 15.11
C THR K 1348 -61.48 -93.99 14.54
N HIS K 1349 -60.73 -93.67 13.48
CA HIS K 1349 -60.82 -92.41 12.75
C HIS K 1349 -60.34 -91.21 13.57
N GLN K 1350 -60.52 -91.25 14.88
CA GLN K 1350 -60.06 -90.17 15.74
C GLN K 1350 -59.79 -90.71 17.14
N ASN K 1351 -58.79 -90.13 17.81
CA ASN K 1351 -58.41 -90.51 19.17
C ASN K 1351 -58.15 -92.01 19.29
N VAL K 1352 -56.97 -92.44 18.87
CA VAL K 1352 -56.64 -93.86 18.88
C VAL K 1352 -56.24 -94.29 20.28
N ILE K 1353 -55.02 -93.95 20.70
CA ILE K 1353 -54.49 -94.31 22.01
C ILE K 1353 -53.63 -93.16 22.51
N GLN K 1354 -53.15 -93.29 23.75
CA GLN K 1354 -52.26 -92.30 24.35
C GLN K 1354 -51.36 -93.00 25.34
N PHE K 1355 -50.05 -92.92 25.13
CA PHE K 1355 -49.06 -93.56 25.99
C PHE K 1355 -48.65 -92.58 27.07
N GLU K 1356 -49.32 -92.66 28.22
CA GLU K 1356 -49.02 -91.78 29.34
C GLU K 1356 -48.05 -92.47 30.29
N LEU K 1357 -46.90 -91.85 30.51
CA LEU K 1357 -45.87 -92.39 31.39
C LEU K 1357 -45.88 -91.59 32.69
N GLY K 1358 -46.28 -92.24 33.78
CA GLY K 1358 -46.35 -91.58 35.07
C GLY K 1358 -45.93 -92.53 36.18
N LYS K 1359 -45.59 -91.92 37.32
CA LYS K 1359 -45.17 -92.67 38.50
C LYS K 1359 -45.75 -92.02 39.74
N GLN K 1360 -46.37 -92.84 40.60
CA GLN K 1360 -46.97 -92.34 41.82
C GLN K 1360 -47.14 -93.51 42.79
N LYS K 1361 -47.43 -93.17 44.04
CA LYS K 1361 -47.64 -94.15 45.11
C LYS K 1361 -46.40 -95.04 45.30
N ASN K 1362 -45.24 -94.39 45.38
CA ASN K 1362 -43.97 -95.07 45.61
C ASN K 1362 -43.69 -96.14 44.55
N ILE K 1363 -43.77 -95.73 43.29
CA ILE K 1363 -43.51 -96.61 42.16
C ILE K 1363 -42.46 -95.97 41.26
N MET K 1364 -41.42 -96.73 40.94
CA MET K 1364 -40.36 -96.22 40.08
C MET K 1364 -40.88 -96.03 38.66
N PRO K 1365 -40.59 -94.90 38.02
CA PRO K 1365 -41.06 -94.71 36.64
C PRO K 1365 -40.39 -95.66 35.67
N LEU K 1366 -41.05 -95.84 34.53
CA LEU K 1366 -40.54 -96.78 33.52
C LEU K 1366 -39.32 -96.20 32.80
N SER K 1367 -39.33 -94.90 32.51
CA SER K 1367 -38.22 -94.28 31.81
C SER K 1367 -36.93 -94.24 32.62
N ALA K 1368 -37.00 -94.49 33.92
CA ALA K 1368 -35.81 -94.48 34.77
C ALA K 1368 -35.07 -95.81 34.79
N ALA K 1369 -35.66 -96.87 34.24
CA ALA K 1369 -35.03 -98.18 34.23
C ALA K 1369 -34.19 -98.43 32.98
N MET K 1370 -34.57 -97.84 31.84
CA MET K 1370 -33.84 -98.07 30.60
C MET K 1370 -32.51 -97.32 30.58
N PHE K 1371 -32.34 -96.30 31.41
CA PHE K 1371 -31.12 -95.52 31.46
C PHE K 1371 -30.31 -95.87 32.69
N LEU K 1372 -29.01 -95.56 32.62
CA LEU K 1372 -28.09 -95.82 33.71
C LEU K 1372 -27.73 -94.57 34.50
N SER K 1373 -28.24 -93.40 34.10
CA SER K 1373 -27.97 -92.15 34.79
C SER K 1373 -29.16 -91.62 35.58
N GLU K 1374 -30.37 -92.07 35.27
CA GLU K 1374 -31.57 -91.64 35.98
C GLU K 1374 -32.12 -92.74 36.88
N ARG K 1375 -31.23 -93.58 37.43
CA ARG K 1375 -31.67 -94.67 38.30
C ARG K 1375 -32.23 -94.13 39.61
N LYS K 1376 -31.59 -93.11 40.18
CA LYS K 1376 -32.03 -92.52 41.44
C LYS K 1376 -33.08 -91.43 41.27
N ASN K 1377 -33.37 -91.02 40.04
CA ASN K 1377 -34.36 -89.97 39.80
C ASN K 1377 -35.77 -90.51 39.99
N PRO K 1378 -36.53 -90.02 40.97
CA PRO K 1378 -37.90 -90.53 41.17
C PRO K 1378 -38.90 -89.94 40.19
N ALA K 1379 -38.64 -88.71 39.74
CA ALA K 1379 -39.57 -88.04 38.84
C ALA K 1379 -39.46 -88.63 37.45
N PRO K 1380 -40.58 -88.76 36.73
CA PRO K 1380 -40.52 -89.29 35.37
C PRO K 1380 -39.94 -88.28 34.40
N GLN K 1381 -39.31 -88.81 33.35
CA GLN K 1381 -38.67 -88.00 32.32
C GLN K 1381 -39.28 -88.32 30.96
N CYS K 1382 -38.98 -87.47 29.99
CA CYS K 1382 -39.44 -87.63 28.60
C CYS K 1382 -38.23 -87.82 27.71
N PRO K 1383 -37.76 -89.06 27.54
CA PRO K 1383 -36.57 -89.31 26.71
C PRO K 1383 -36.88 -89.06 25.25
N PRO K 1384 -36.10 -88.19 24.58
CA PRO K 1384 -36.33 -87.97 23.14
C PRO K 1384 -36.02 -89.18 22.28
N ARG K 1385 -35.25 -90.15 22.79
CA ARG K 1385 -34.93 -91.33 22.00
C ARG K 1385 -36.14 -92.25 21.85
N LEU K 1386 -37.07 -92.20 22.80
CA LEU K 1386 -38.25 -93.07 22.76
C LEU K 1386 -39.14 -92.68 21.57
N GLU K 1387 -39.21 -93.55 20.58
CA GLU K 1387 -40.04 -93.33 19.40
C GLU K 1387 -41.01 -94.49 19.23
N MET K 1388 -42.25 -94.17 18.88
CA MET K 1388 -43.29 -95.19 18.69
C MET K 1388 -43.09 -95.83 17.33
N GLN K 1389 -42.41 -96.97 17.32
CA GLN K 1389 -42.15 -97.69 16.09
C GLN K 1389 -43.39 -98.45 15.63
N MET K 1390 -43.42 -98.80 14.35
CA MET K 1390 -44.53 -99.51 13.75
C MET K 1390 -44.00 -100.67 12.92
N LEU K 1391 -44.70 -101.81 13.01
CA LEU K 1391 -44.30 -103.01 12.27
C LEU K 1391 -44.49 -102.78 10.78
N MET K 1392 -43.39 -102.70 10.04
CA MET K 1392 -43.47 -102.56 8.60
C MET K 1392 -43.78 -103.92 7.96
N PRO K 1393 -44.68 -103.95 6.97
CA PRO K 1393 -45.04 -105.25 6.37
C PRO K 1393 -43.87 -105.95 5.68
N VAL K 1394 -43.07 -105.21 4.93
CA VAL K 1394 -41.94 -105.77 4.19
C VAL K 1394 -40.77 -104.80 4.28
N SER K 1395 -39.56 -105.34 4.43
CA SER K 1395 -38.36 -104.53 4.53
C SER K 1395 -37.33 -104.96 3.49
N TRP K 1396 -36.12 -104.40 3.57
CA TRP K 1396 -35.05 -104.69 2.64
C TRP K 1396 -34.00 -105.57 3.28
N SER K 1397 -33.26 -106.30 2.43
CA SER K 1397 -32.19 -107.16 2.88
C SER K 1397 -31.22 -107.38 1.73
N ARG K 1398 -29.96 -107.65 2.07
CA ARG K 1398 -28.91 -107.85 1.08
C ARG K 1398 -28.71 -109.34 0.83
N MET K 1399 -28.49 -109.69 -0.44
CA MET K 1399 -28.23 -111.07 -0.83
C MET K 1399 -26.74 -111.36 -0.76
N PRO K 1400 -26.32 -112.40 -0.03
CA PRO K 1400 -24.89 -112.71 0.05
C PRO K 1400 -24.33 -113.14 -1.30
N ASN K 1401 -23.01 -112.99 -1.43
CA ASN K 1401 -22.34 -113.35 -2.67
C ASN K 1401 -22.15 -114.86 -2.80
N HIS K 1402 -21.77 -115.52 -1.71
CA HIS K 1402 -21.54 -116.96 -1.71
C HIS K 1402 -22.54 -117.65 -0.80
N PHE K 1403 -22.79 -118.93 -1.08
CA PHE K 1403 -23.71 -119.73 -0.30
C PHE K 1403 -23.10 -121.09 -0.04
N LEU K 1404 -23.76 -121.87 0.82
CA LEU K 1404 -23.28 -123.20 1.16
C LEU K 1404 -23.63 -124.18 0.07
N ARG K 1405 -22.66 -125.00 -0.33
CA ARG K 1405 -22.85 -126.01 -1.35
C ARG K 1405 -23.38 -127.29 -0.71
N VAL K 1406 -24.54 -127.75 -1.16
CA VAL K 1406 -25.19 -128.93 -0.63
C VAL K 1406 -25.06 -130.06 -1.64
N GLU K 1407 -24.89 -131.28 -1.14
CA GLU K 1407 -24.78 -132.48 -1.96
C GLU K 1407 -25.83 -133.48 -1.50
N THR K 1408 -26.73 -133.87 -2.40
CA THR K 1408 -27.81 -134.79 -2.09
C THR K 1408 -27.74 -135.99 -3.01
N ARG K 1409 -27.77 -137.18 -2.42
CA ARG K 1409 -27.73 -138.43 -3.18
C ARG K 1409 -28.63 -139.46 -2.52
N ARG K 1410 -28.96 -140.50 -3.27
CA ARG K 1410 -29.84 -141.55 -2.73
C ARG K 1410 -29.10 -142.44 -1.75
N ALA K 1411 -27.79 -142.59 -1.91
CA ALA K 1411 -26.97 -143.43 -1.03
C ALA K 1411 -27.48 -144.87 -0.98
N GLY K 1412 -27.86 -145.40 -2.13
CA GLY K 1412 -28.36 -146.75 -2.22
C GLY K 1412 -29.79 -146.89 -1.73
N GLU K 1413 -30.22 -148.13 -1.62
CA GLU K 1413 -31.58 -148.43 -1.16
C GLU K 1413 -31.67 -148.60 0.35
N ARG K 1414 -30.57 -148.97 1.00
CA ARG K 1414 -30.59 -149.14 2.46
C ARG K 1414 -30.60 -147.80 3.19
N LEU K 1415 -29.91 -146.80 2.65
CA LEU K 1415 -29.84 -145.48 3.27
C LEU K 1415 -30.79 -144.53 2.57
N GLY K 1416 -31.41 -143.65 3.36
CA GLY K 1416 -32.36 -142.70 2.82
C GLY K 1416 -31.72 -141.61 1.98
N TRP K 1417 -31.09 -140.63 2.63
CA TRP K 1417 -30.43 -139.54 1.95
C TRP K 1417 -29.12 -139.23 2.66
N ALA K 1418 -28.38 -138.26 2.12
CA ALA K 1418 -27.11 -137.87 2.70
C ALA K 1418 -26.78 -136.44 2.27
N VAL K 1419 -26.41 -135.60 3.22
CA VAL K 1419 -26.06 -134.21 2.96
C VAL K 1419 -24.65 -133.97 3.50
N GLN K 1420 -23.79 -133.40 2.68
CA GLN K 1420 -22.40 -133.15 3.03
C GLN K 1420 -22.11 -131.65 3.00
N CYS K 1421 -20.90 -131.29 3.41
CA CYS K 1421 -20.45 -129.91 3.43
C CYS K 1421 -18.94 -129.89 3.34
N GLN K 1422 -18.40 -129.26 2.29
CA GLN K 1422 -16.97 -129.25 2.07
C GLN K 1422 -16.33 -127.95 2.53
N GLU K 1423 -16.60 -126.85 1.81
CA GLU K 1423 -15.95 -125.58 2.11
C GLU K 1423 -16.81 -124.77 3.06
N PRO K 1424 -16.24 -124.23 4.13
CA PRO K 1424 -17.01 -123.41 5.06
C PRO K 1424 -17.24 -122.00 4.50
N LEU K 1425 -17.97 -121.20 5.26
CA LEU K 1425 -18.27 -119.83 4.86
C LEU K 1425 -18.69 -119.04 6.10
N THR K 1426 -18.09 -117.86 6.26
CA THR K 1426 -18.38 -116.99 7.40
C THR K 1426 -18.73 -115.60 6.88
N MET K 1427 -19.16 -114.74 7.81
CA MET K 1427 -19.54 -113.38 7.47
C MET K 1427 -19.39 -112.51 8.71
N MET K 1428 -19.18 -111.21 8.48
CA MET K 1428 -19.07 -110.23 9.55
C MET K 1428 -20.42 -109.58 9.77
N ALA K 1429 -20.98 -109.78 10.96
CA ALA K 1429 -22.30 -109.27 11.30
C ALA K 1429 -22.21 -108.28 12.47
N LEU K 1430 -23.19 -107.39 12.53
CA LEU K 1430 -23.27 -106.40 13.60
C LEU K 1430 -24.11 -106.95 14.76
N HIS K 1431 -24.22 -106.14 15.82
CA HIS K 1431 -24.99 -106.53 17.00
C HIS K 1431 -25.56 -105.26 17.61
N ILE K 1432 -26.85 -105.01 17.39
CA ILE K 1432 -27.53 -103.84 17.93
C ILE K 1432 -28.11 -104.23 19.29
N PRO K 1433 -27.60 -103.66 20.40
CA PRO K 1433 -28.09 -104.09 21.72
C PRO K 1433 -29.52 -103.68 22.01
N GLU K 1434 -30.01 -102.58 21.41
CA GLU K 1434 -31.36 -102.11 21.70
C GLU K 1434 -32.44 -102.99 21.08
N GLU K 1435 -32.08 -103.86 20.12
CA GLU K 1435 -33.04 -104.74 19.49
C GLU K 1435 -32.61 -106.20 19.44
N ASN K 1436 -31.34 -106.51 19.67
CA ASN K 1436 -30.82 -107.88 19.69
C ASN K 1436 -31.10 -108.59 18.37
N ARG K 1437 -30.54 -108.04 17.30
CA ARG K 1437 -30.65 -108.64 15.98
C ARG K 1437 -29.39 -108.33 15.19
N CYS K 1438 -28.95 -109.29 14.38
CA CYS K 1438 -27.72 -109.17 13.61
C CYS K 1438 -28.03 -108.76 12.17
N MET K 1439 -27.08 -108.09 11.55
CA MET K 1439 -27.20 -107.67 10.16
C MET K 1439 -25.83 -107.67 9.51
N ASP K 1440 -25.81 -107.87 8.20
CA ASP K 1440 -24.55 -107.90 7.47
C ASP K 1440 -23.86 -106.54 7.49
N ILE K 1441 -22.53 -106.55 7.60
CA ILE K 1441 -21.79 -105.30 7.56
C ILE K 1441 -21.84 -104.69 6.18
N LEU K 1442 -21.99 -105.51 5.13
CA LEU K 1442 -22.14 -104.98 3.78
C LEU K 1442 -23.47 -104.28 3.60
N GLU K 1443 -24.49 -104.67 4.38
CA GLU K 1443 -25.78 -104.00 4.32
C GLU K 1443 -25.72 -102.59 4.90
N LEU K 1444 -24.73 -102.29 5.74
CA LEU K 1444 -24.61 -100.96 6.33
C LEU K 1444 -24.39 -99.88 5.30
N SER K 1445 -23.88 -100.22 4.11
CA SER K 1445 -23.66 -99.22 3.08
C SER K 1445 -24.95 -98.66 2.51
N GLU K 1446 -26.06 -99.39 2.61
CA GLU K 1446 -27.33 -98.90 2.08
C GLU K 1446 -27.90 -97.81 2.97
N ARG K 1447 -27.92 -98.02 4.29
CA ARG K 1447 -28.46 -97.06 5.23
C ARG K 1447 -27.32 -96.20 5.76
N LEU K 1448 -27.27 -94.94 5.31
CA LEU K 1448 -26.22 -94.03 5.74
C LEU K 1448 -26.41 -93.53 7.17
N ASP K 1449 -27.59 -93.73 7.75
CA ASP K 1449 -27.83 -93.27 9.12
C ASP K 1449 -26.97 -94.06 10.11
N LEU K 1450 -27.10 -95.39 10.12
CA LEU K 1450 -26.30 -96.21 11.00
C LEU K 1450 -24.85 -96.31 10.54
N GLN K 1451 -24.58 -96.08 9.26
CA GLN K 1451 -23.21 -96.15 8.78
C GLN K 1451 -22.39 -94.94 9.23
N GLN K 1452 -23.04 -93.78 9.40
CA GLN K 1452 -22.31 -92.60 9.85
C GLN K 1452 -21.89 -92.73 11.30
N PHE K 1453 -22.72 -93.35 12.13
CA PHE K 1453 -22.36 -93.53 13.54
C PHE K 1453 -21.24 -94.55 13.69
N HIS K 1454 -21.24 -95.60 12.85
CA HIS K 1454 -20.17 -96.59 12.92
C HIS K 1454 -18.86 -96.03 12.38
N SER K 1455 -18.92 -95.08 11.45
CA SER K 1455 -17.70 -94.47 10.93
C SER K 1455 -16.99 -93.65 12.01
N HIS K 1456 -17.75 -92.83 12.73
CA HIS K 1456 -17.17 -92.06 13.83
C HIS K 1456 -16.80 -92.94 15.01
N THR K 1457 -17.38 -94.15 15.10
CA THR K 1457 -17.01 -95.07 16.17
C THR K 1457 -15.57 -95.53 16.04
N LEU K 1458 -15.12 -95.78 14.81
CA LEU K 1458 -13.73 -96.16 14.59
C LEU K 1458 -12.77 -95.04 14.95
N ARG K 1459 -13.19 -93.78 14.75
CA ARG K 1459 -12.34 -92.66 15.12
C ARG K 1459 -12.16 -92.57 16.63
N LEU K 1460 -13.18 -92.96 17.40
CA LEU K 1460 -13.05 -92.94 18.85
C LEU K 1460 -12.04 -93.98 19.33
N TYR K 1461 -11.97 -95.13 18.65
CA TYR K 1461 -10.99 -96.15 19.03
C TYR K 1461 -9.57 -95.71 18.71
N ARG K 1462 -9.39 -95.00 17.60
CA ARG K 1462 -8.05 -94.53 17.23
C ARG K 1462 -7.59 -93.37 18.13
N ALA K 1463 -8.54 -92.60 18.67
CA ALA K 1463 -8.17 -91.44 19.47
C ALA K 1463 -7.86 -91.83 20.91
N VAL K 1464 -8.60 -92.78 21.48
CA VAL K 1464 -8.39 -93.18 22.87
C VAL K 1464 -7.06 -93.92 23.01
N CYS K 1465 -6.88 -94.99 22.24
CA CYS K 1465 -5.67 -95.80 22.30
C CYS K 1465 -4.68 -95.25 21.27
N ALA K 1466 -3.89 -94.27 21.69
CA ALA K 1466 -2.90 -93.65 20.82
C ALA K 1466 -1.82 -93.01 21.67
N LEU K 1467 -0.69 -92.75 21.02
CA LEU K 1467 0.45 -92.06 21.65
C LEU K 1467 0.96 -92.83 22.85
N GLY K 1468 1.32 -94.09 22.64
CA GLY K 1468 1.92 -94.90 23.68
C GLY K 1468 0.97 -95.42 24.73
N ASN K 1469 -0.33 -95.44 24.46
CA ASN K 1469 -1.31 -95.96 25.41
C ASN K 1469 -1.48 -97.45 25.17
N ASN K 1470 -0.52 -98.22 25.70
CA ASN K 1470 -0.52 -99.66 25.51
C ASN K 1470 -1.44 -100.38 26.49
N ARG K 1471 -1.75 -99.77 27.63
CA ARG K 1471 -2.62 -100.42 28.62
C ARG K 1471 -4.05 -100.51 28.10
N VAL K 1472 -4.61 -99.39 27.64
CA VAL K 1472 -5.97 -99.39 27.11
C VAL K 1472 -6.04 -100.07 25.75
N ALA K 1473 -4.90 -100.16 25.04
CA ALA K 1473 -4.90 -100.81 23.73
C ALA K 1473 -5.26 -102.27 23.83
N HIS K 1474 -4.99 -102.90 24.98
CA HIS K 1474 -5.39 -104.30 25.16
C HIS K 1474 -6.90 -104.45 25.26
N ALA K 1475 -7.60 -103.42 25.72
CA ALA K 1475 -9.05 -103.50 25.83
C ALA K 1475 -9.71 -103.57 24.47
N LEU K 1476 -9.16 -102.89 23.47
CA LEU K 1476 -9.72 -102.94 22.12
C LEU K 1476 -9.51 -104.30 21.46
N CYS K 1477 -8.54 -105.08 21.93
CA CYS K 1477 -8.30 -106.41 21.36
C CYS K 1477 -9.45 -107.37 21.67
N SER K 1478 -10.27 -107.06 22.67
CA SER K 1478 -11.41 -107.92 22.98
C SER K 1478 -12.56 -107.70 22.00
N HIS K 1479 -12.81 -106.45 21.62
CA HIS K 1479 -13.90 -106.17 20.69
C HIS K 1479 -13.55 -106.62 19.27
N VAL K 1480 -12.30 -106.41 18.85
CA VAL K 1480 -11.81 -106.83 17.55
C VAL K 1480 -10.53 -107.64 17.76
N ASP K 1481 -10.49 -108.83 17.18
CA ASP K 1481 -9.35 -109.72 17.30
C ASP K 1481 -8.53 -109.71 16.02
N GLN K 1482 -7.46 -110.51 16.01
CA GLN K 1482 -6.62 -110.60 14.82
C GLN K 1482 -7.32 -111.33 13.68
N ALA K 1483 -8.29 -112.19 14.01
CA ALA K 1483 -9.06 -112.86 12.97
C ALA K 1483 -10.21 -112.00 12.44
N GLN K 1484 -10.69 -111.05 13.25
CA GLN K 1484 -11.76 -110.16 12.79
C GLN K 1484 -11.20 -108.97 12.01
N LEU K 1485 -10.07 -108.43 12.46
CA LEU K 1485 -9.50 -107.27 11.79
C LEU K 1485 -8.88 -107.64 10.44
N LEU K 1486 -8.26 -108.83 10.36
CA LEU K 1486 -7.67 -109.27 9.11
C LEU K 1486 -8.71 -109.67 8.07
N HIS K 1487 -9.93 -110.03 8.51
CA HIS K 1487 -10.97 -110.41 7.57
C HIS K 1487 -11.49 -109.21 6.79
N ALA K 1488 -11.51 -108.02 7.42
CA ALA K 1488 -11.98 -106.83 6.73
C ALA K 1488 -10.97 -106.29 5.73
N LEU K 1489 -9.70 -106.68 5.85
CA LEU K 1489 -8.69 -106.21 4.92
C LEU K 1489 -8.80 -106.90 3.56
N GLU K 1490 -9.15 -108.20 3.56
CA GLU K 1490 -9.28 -108.94 2.32
C GLU K 1490 -10.60 -108.68 1.61
N ASP K 1491 -11.60 -108.14 2.33
CA ASP K 1491 -12.89 -107.88 1.72
C ASP K 1491 -12.79 -106.71 0.75
N ALA K 1492 -13.26 -106.93 -0.48
CA ALA K 1492 -13.24 -105.89 -1.51
C ALA K 1492 -14.53 -105.11 -1.60
N HIS K 1493 -15.65 -105.70 -1.19
CA HIS K 1493 -16.94 -105.02 -1.22
C HIS K 1493 -17.13 -104.05 -0.06
N LEU K 1494 -16.13 -103.87 0.80
CA LEU K 1494 -16.27 -102.95 1.91
C LEU K 1494 -16.31 -101.52 1.41
N PRO K 1495 -17.18 -100.67 1.97
CA PRO K 1495 -17.27 -99.28 1.50
C PRO K 1495 -16.00 -98.48 1.75
N GLY K 1496 -15.97 -97.24 1.27
CA GLY K 1496 -14.82 -96.38 1.39
C GLY K 1496 -14.46 -96.04 2.83
N PRO K 1497 -15.34 -95.30 3.51
CA PRO K 1497 -15.05 -94.93 4.91
C PRO K 1497 -14.85 -96.12 5.83
N LEU K 1498 -15.52 -97.24 5.56
CA LEU K 1498 -15.34 -98.42 6.41
C LEU K 1498 -14.01 -99.09 6.17
N ARG K 1499 -13.46 -98.96 4.96
CA ARG K 1499 -12.16 -99.57 4.66
C ARG K 1499 -11.02 -98.78 5.29
N ALA K 1500 -11.04 -97.45 5.14
CA ALA K 1500 -10.00 -96.61 5.72
C ALA K 1500 -10.02 -96.61 7.24
N GLY K 1501 -11.17 -96.91 7.85
CA GLY K 1501 -11.23 -96.95 9.30
C GLY K 1501 -10.59 -98.19 9.89
N TYR K 1502 -10.83 -99.35 9.28
CA TYR K 1502 -10.23 -100.58 9.78
C TYR K 1502 -8.75 -100.67 9.44
N TYR K 1503 -8.34 -100.12 8.30
CA TYR K 1503 -6.92 -100.12 7.96
C TYR K 1503 -6.12 -99.22 8.89
N ASP K 1504 -6.69 -98.09 9.29
CA ASP K 1504 -6.03 -97.21 10.24
C ASP K 1504 -6.11 -97.71 11.67
N LEU K 1505 -7.09 -98.56 11.99
CA LEU K 1505 -7.18 -99.12 13.33
C LEU K 1505 -6.08 -100.13 13.60
N LEU K 1506 -5.63 -100.84 12.55
CA LEU K 1506 -4.57 -101.83 12.74
C LEU K 1506 -3.24 -101.17 13.08
N ILE K 1507 -2.92 -100.05 12.43
CA ILE K 1507 -1.66 -99.36 12.69
C ILE K 1507 -1.72 -98.48 13.93
N SER K 1508 -2.90 -98.30 14.52
CA SER K 1508 -3.05 -97.50 15.73
C SER K 1508 -3.15 -98.34 17.00
N ILE K 1509 -3.10 -99.67 16.87
CA ILE K 1509 -3.22 -100.54 18.03
C ILE K 1509 -1.98 -101.42 18.14
N HIS K 1510 -1.66 -102.15 17.07
CA HIS K 1510 -0.56 -103.11 17.09
C HIS K 1510 0.74 -102.52 16.56
N LEU K 1511 0.68 -101.53 15.68
CA LEU K 1511 1.86 -100.95 15.05
C LEU K 1511 1.91 -99.45 15.27
N GLU K 1512 1.67 -99.02 16.51
CA GLU K 1512 1.70 -97.60 16.87
C GLU K 1512 2.83 -97.27 17.84
N SER K 1513 3.01 -98.06 18.90
CA SER K 1513 4.08 -97.81 19.85
C SER K 1513 5.44 -98.27 19.32
N ALA K 1514 5.46 -99.15 18.33
CA ALA K 1514 6.73 -99.63 17.79
C ALA K 1514 7.31 -98.66 16.76
N CYS K 1515 6.45 -97.98 15.99
CA CYS K 1515 6.94 -97.04 15.00
C CYS K 1515 7.43 -95.75 15.63
N ARG K 1516 6.84 -95.34 16.75
CA ARG K 1516 7.28 -94.13 17.43
C ARG K 1516 8.68 -94.29 18.00
N SER K 1517 8.99 -95.47 18.53
CA SER K 1517 10.31 -95.70 19.09
C SER K 1517 11.36 -95.98 18.02
N ARG K 1518 10.96 -96.64 16.93
CA ARG K 1518 11.92 -96.97 15.87
C ARG K 1518 12.27 -95.74 15.03
N ARG K 1519 11.27 -94.92 14.71
CA ARG K 1519 11.54 -93.73 13.91
C ARG K 1519 12.43 -92.73 14.64
N SER K 1520 12.28 -92.63 15.96
CA SER K 1520 13.13 -91.71 16.72
C SER K 1520 14.57 -92.18 16.77
N MET K 1521 14.80 -93.49 16.64
CA MET K 1521 16.15 -94.05 16.63
C MET K 1521 16.73 -94.12 15.23
N LEU K 1522 16.03 -93.60 14.23
CA LEU K 1522 16.51 -93.61 12.85
C LEU K 1522 17.36 -92.39 12.51
N SER K 1523 17.32 -91.34 13.34
CA SER K 1523 18.12 -90.15 13.05
C SER K 1523 19.60 -90.42 13.23
N GLU K 1524 19.97 -91.17 14.27
CA GLU K 1524 21.36 -91.50 14.52
C GLU K 1524 21.79 -92.69 13.67
N TYR K 1525 23.08 -92.74 13.35
CA TYR K 1525 23.66 -93.82 12.54
C TYR K 1525 24.91 -94.33 13.26
N ILE K 1526 24.73 -95.32 14.14
CA ILE K 1526 25.83 -95.93 14.88
C ILE K 1526 26.08 -97.31 14.30
N VAL K 1527 27.35 -97.72 14.29
CA VAL K 1527 27.74 -99.03 13.76
C VAL K 1527 28.92 -99.57 14.55
N PRO K 1528 28.87 -100.81 15.01
CA PRO K 1528 30.01 -101.39 15.73
C PRO K 1528 31.03 -101.99 14.77
N LEU K 1529 32.29 -102.00 15.22
CA LEU K 1529 33.39 -102.55 14.44
C LEU K 1529 33.32 -104.07 14.53
N THR K 1530 32.50 -104.66 13.67
CA THR K 1530 32.30 -106.10 13.63
C THR K 1530 32.77 -106.67 12.30
N PRO K 1531 33.16 -107.95 12.26
CA PRO K 1531 33.55 -108.55 10.98
C PRO K 1531 32.45 -108.52 9.93
N GLU K 1532 31.18 -108.57 10.34
CA GLU K 1532 30.09 -108.48 9.38
C GLU K 1532 29.97 -107.08 8.81
N THR K 1533 30.34 -106.06 9.57
CA THR K 1533 30.27 -104.69 9.07
C THR K 1533 31.34 -104.42 8.02
N ARG K 1534 32.48 -105.12 8.12
CA ARG K 1534 33.56 -104.93 7.15
C ARG K 1534 33.24 -105.58 5.80
N ALA K 1535 32.26 -106.48 5.74
CA ALA K 1535 31.93 -107.13 4.49
C ALA K 1535 31.22 -106.19 3.53
N ILE K 1536 30.48 -105.20 4.06
CA ILE K 1536 29.78 -104.26 3.19
C ILE K 1536 30.78 -103.33 2.50
N THR K 1537 30.37 -102.81 1.35
CA THR K 1537 31.21 -101.91 0.57
C THR K 1537 30.30 -100.93 -0.18
N LEU K 1538 30.94 -100.03 -0.94
CA LEU K 1538 30.17 -99.05 -1.70
C LEU K 1538 29.48 -99.70 -2.90
N PHE K 1539 30.21 -100.49 -3.67
CA PHE K 1539 29.66 -101.18 -4.82
C PHE K 1539 29.64 -102.68 -4.58
N PRO K 1540 28.50 -103.34 -4.76
CA PRO K 1540 28.44 -104.80 -4.56
C PRO K 1540 29.15 -105.54 -5.67
N PRO K 1541 30.01 -106.51 -5.34
CA PRO K 1541 30.74 -107.29 -6.33
C PRO K 1541 29.84 -108.25 -7.11
N ARG K 1542 26.47 -98.47 -12.48
CA ARG K 1542 26.24 -99.82 -11.98
C ARG K 1542 25.98 -99.82 -10.49
N HIS K 1543 24.87 -99.20 -10.07
CA HIS K 1543 24.52 -99.14 -8.67
C HIS K 1543 23.85 -100.44 -8.22
N GLY K 1544 23.39 -100.45 -6.97
CA GLY K 1544 22.73 -101.61 -6.42
C GLY K 1544 21.31 -101.33 -5.97
N LEU K 1545 20.51 -102.37 -5.78
CA LEU K 1545 19.14 -102.19 -5.34
C LEU K 1545 19.11 -101.74 -3.88
N PRO K 1546 18.29 -100.74 -3.55
CA PRO K 1546 18.23 -100.28 -2.16
C PRO K 1546 17.43 -101.23 -1.28
N GLY K 1547 17.94 -101.47 -0.08
CA GLY K 1547 17.29 -102.31 0.90
C GLY K 1547 17.80 -103.73 0.95
N VAL K 1548 18.47 -104.21 -0.10
CA VAL K 1548 18.98 -105.58 -0.11
C VAL K 1548 20.29 -105.70 0.66
N GLY K 1549 21.04 -104.60 0.80
CA GLY K 1549 22.29 -104.66 1.53
C GLY K 1549 22.09 -104.66 3.03
N VAL K 1550 23.04 -105.28 3.73
CA VAL K 1550 22.96 -105.37 5.18
C VAL K 1550 23.26 -104.01 5.80
N THR K 1551 22.58 -103.70 6.90
CA THR K 1551 22.74 -102.40 7.56
C THR K 1551 23.80 -102.45 8.65
N THR K 1552 23.86 -103.55 9.41
CA THR K 1552 24.83 -103.72 10.49
C THR K 1552 24.77 -102.58 11.50
N SER K 1553 23.56 -102.07 11.72
CA SER K 1553 23.32 -100.96 12.65
C SER K 1553 22.62 -101.47 13.89
N LEU K 1554 22.68 -100.67 14.94
CA LEU K 1554 22.07 -101.01 16.22
C LEU K 1554 20.62 -100.57 16.21
N ARG K 1555 19.70 -101.53 16.23
CA ARG K 1555 18.27 -101.26 16.23
C ARG K 1555 17.64 -102.00 17.40
N PRO K 1556 16.93 -101.32 18.30
CA PRO K 1556 16.33 -102.02 19.43
C PRO K 1556 15.11 -102.81 18.97
N PRO K 1557 14.75 -103.87 19.71
CA PRO K 1557 13.56 -104.65 19.32
C PRO K 1557 12.26 -103.92 19.64
N HIS K 1558 11.13 -104.58 19.38
CA HIS K 1558 9.82 -103.97 19.59
C HIS K 1558 9.14 -104.42 20.88
N HIS K 1559 9.52 -105.58 21.42
CA HIS K 1559 8.96 -106.11 22.66
C HIS K 1559 7.44 -106.26 22.57
N PHE K 1560 7.04 -107.22 21.72
CA PHE K 1560 5.63 -107.53 21.57
C PHE K 1560 5.16 -108.45 22.68
N SER K 1561 3.89 -108.32 23.05
CA SER K 1561 3.30 -109.09 24.13
C SER K 1561 1.92 -109.59 23.72
N ALA K 1562 1.63 -110.83 24.07
CA ALA K 1562 0.33 -111.40 23.75
C ALA K 1562 -0.76 -110.72 24.58
N PRO K 1563 -2.00 -110.67 24.06
CA PRO K 1563 -3.09 -110.05 24.82
C PRO K 1563 -3.31 -110.70 26.19
N CYS K 1564 -3.70 -111.97 26.18
CA CYS K 1564 -3.91 -112.74 27.41
C CYS K 1564 -4.89 -112.05 28.34
N PHE K 1565 -6.19 -112.26 28.12
CA PHE K 1565 -7.23 -111.65 28.93
C PHE K 1565 -7.54 -112.44 30.20
N VAL K 1566 -6.65 -113.35 30.59
CA VAL K 1566 -6.81 -114.15 31.80
C VAL K 1566 -5.58 -113.94 32.67
N ALA K 1567 -5.75 -113.26 33.80
CA ALA K 1567 -4.67 -112.98 34.73
C ALA K 1567 -5.27 -112.49 36.03
N ALA K 1568 -4.49 -112.63 37.11
CA ALA K 1568 -4.89 -112.16 38.42
C ALA K 1568 -4.39 -110.73 38.63
N LEU K 1569 -5.25 -109.89 39.20
CA LEU K 1569 -4.90 -108.50 39.44
C LEU K 1569 -3.83 -108.42 40.54
N PRO K 1570 -2.69 -107.79 40.28
CA PRO K 1570 -1.61 -107.66 41.27
C PRO K 1570 -1.14 -106.22 41.45
N GLU K 1571 4.82 -97.20 40.03
CA GLU K 1571 5.09 -98.41 40.80
C GLU K 1571 5.26 -99.61 39.89
N ALA K 1572 4.15 -100.24 39.53
CA ALA K 1572 4.20 -101.41 38.66
C ALA K 1572 4.52 -100.97 37.23
N PRO K 1573 5.38 -101.71 36.53
CA PRO K 1573 5.71 -101.35 35.15
C PRO K 1573 4.51 -101.52 34.22
N ALA K 1574 4.36 -100.60 33.29
CA ALA K 1574 3.25 -100.65 32.34
C ALA K 1574 3.46 -101.80 31.35
N ARG K 1575 2.34 -102.35 30.89
CA ARG K 1575 2.38 -103.46 29.95
C ARG K 1575 2.86 -102.98 28.57
N LEU K 1576 3.31 -103.93 27.76
CA LEU K 1576 3.81 -103.64 26.44
C LEU K 1576 2.65 -103.54 25.45
N SER K 1577 2.96 -103.47 24.16
CA SER K 1577 1.94 -103.38 23.13
C SER K 1577 1.40 -104.77 22.78
N PRO K 1578 0.16 -104.85 22.33
CA PRO K 1578 -0.38 -106.16 21.91
C PRO K 1578 0.36 -106.71 20.71
N SER K 1579 0.52 -108.03 20.69
CA SER K 1579 1.25 -108.71 19.64
C SER K 1579 0.34 -109.02 18.45
N ILE K 1580 0.92 -108.98 17.26
CA ILE K 1580 0.20 -109.29 16.02
C ILE K 1580 1.10 -110.19 15.18
N PRO K 1581 0.55 -111.23 14.53
CA PRO K 1581 1.39 -112.08 13.68
C PRO K 1581 1.97 -111.33 12.50
N LEU K 1582 3.28 -111.06 12.55
CA LEU K 1582 3.93 -110.33 11.47
C LEU K 1582 4.08 -111.17 10.22
N GLU K 1583 4.20 -112.50 10.38
CA GLU K 1583 4.33 -113.38 9.21
C GLU K 1583 3.03 -113.43 8.41
N ALA K 1584 1.89 -113.31 9.07
CA ALA K 1584 0.61 -113.31 8.35
C ALA K 1584 0.38 -111.99 7.63
N LEU K 1585 0.69 -110.87 8.30
CA LEU K 1585 0.48 -109.57 7.68
C LEU K 1585 1.47 -109.32 6.54
N ARG K 1586 2.63 -109.97 6.57
CA ARG K 1586 3.62 -109.79 5.51
C ARG K 1586 3.14 -110.41 4.20
N ASP K 1587 2.59 -111.62 4.28
CA ASP K 1587 2.11 -112.28 3.05
C ASP K 1587 0.85 -111.63 2.52
N LYS K 1588 0.01 -111.08 3.40
CA LYS K 1588 -1.23 -110.44 2.95
C LYS K 1588 -0.98 -109.05 2.39
N ALA K 1589 0.10 -108.39 2.82
CA ALA K 1589 0.41 -107.06 2.30
C ALA K 1589 0.85 -107.13 0.84
N LEU K 1590 1.68 -108.12 0.50
CA LEU K 1590 2.14 -108.25 -0.88
C LEU K 1590 1.04 -108.83 -1.78
N ARG K 1591 0.19 -109.70 -1.23
CA ARG K 1591 -0.87 -110.29 -2.04
C ARG K 1591 -1.97 -109.28 -2.35
N MET K 1592 -2.37 -108.49 -1.36
CA MET K 1592 -3.41 -107.49 -1.59
C MET K 1592 -2.92 -106.36 -2.49
N LEU K 1593 -1.62 -106.04 -2.42
CA LEU K 1593 -1.07 -104.98 -3.26
C LEU K 1593 -1.06 -105.38 -4.73
N GLY K 1594 -0.85 -106.66 -5.02
CA GLY K 1594 -0.83 -107.11 -6.40
C GLY K 1594 -2.18 -107.02 -7.08
N GLU K 1595 -3.26 -107.14 -6.31
CA GLU K 1595 -4.60 -107.06 -6.89
C GLU K 1595 -4.96 -105.61 -7.23
N ALA K 1596 -4.50 -104.65 -6.44
CA ALA K 1596 -4.81 -103.25 -6.71
C ALA K 1596 -4.08 -102.74 -7.94
N VAL K 1597 -2.86 -103.21 -8.18
CA VAL K 1597 -2.11 -102.76 -9.35
C VAL K 1597 -2.76 -103.28 -10.64
N ARG K 1598 -3.21 -104.55 -10.63
CA ARG K 1598 -3.85 -105.10 -11.82
C ARG K 1598 -5.20 -104.44 -12.08
N ASP K 1599 -5.91 -104.07 -11.02
CA ASP K 1599 -7.20 -103.40 -11.18
C ASP K 1599 -7.04 -101.94 -11.57
N GLY K 1600 -5.97 -101.29 -11.11
CA GLY K 1600 -5.76 -99.89 -11.46
C GLY K 1600 -5.37 -99.69 -12.91
N GLY K 1601 -4.59 -100.62 -13.46
CA GLY K 1601 -4.18 -100.51 -14.85
C GLY K 1601 -5.31 -100.77 -15.83
N GLN K 1602 -6.30 -101.56 -15.42
CA GLN K 1602 -7.43 -101.86 -16.27
C GLN K 1602 -8.45 -100.72 -16.33
N HIS K 1603 -8.36 -99.75 -15.43
CA HIS K 1603 -9.27 -98.61 -15.39
C HIS K 1603 -10.73 -99.08 -15.26
N ALA K 1604 -10.98 -99.87 -14.22
CA ALA K 1604 -12.31 -100.38 -13.96
C ALA K 1604 -13.24 -99.27 -13.49
N ARG K 1605 -14.54 -99.48 -13.71
CA ARG K 1605 -15.52 -98.47 -13.32
C ARG K 1605 -15.84 -98.54 -11.83
N ASP K 1606 -15.84 -99.74 -11.24
CA ASP K 1606 -16.13 -99.95 -9.82
C ASP K 1606 -14.87 -100.49 -9.14
N PRO K 1607 -14.03 -99.63 -8.59
CA PRO K 1607 -12.82 -100.09 -7.91
C PRO K 1607 -13.15 -100.59 -6.51
N VAL K 1608 -12.12 -101.04 -5.81
CA VAL K 1608 -12.27 -101.53 -4.45
C VAL K 1608 -12.56 -100.36 -3.53
N GLY K 1609 -13.71 -100.41 -2.84
CA GLY K 1609 -14.10 -99.35 -1.93
C GLY K 1609 -14.99 -98.29 -2.53
N GLY K 1610 -15.22 -98.32 -3.84
CA GLY K 1610 -16.06 -97.33 -4.49
C GLY K 1610 -15.33 -96.13 -5.06
N SER K 1611 -14.03 -95.99 -4.80
CA SER K 1611 -13.27 -94.86 -5.31
C SER K 1611 -11.83 -95.29 -5.51
N VAL K 1612 -11.14 -94.59 -6.42
CA VAL K 1612 -9.74 -94.90 -6.69
C VAL K 1612 -8.85 -94.50 -5.52
N GLU K 1613 -9.21 -93.42 -4.82
CA GLU K 1613 -8.40 -92.98 -3.69
C GLU K 1613 -8.48 -93.96 -2.52
N PHE K 1614 -9.68 -94.47 -2.24
CA PHE K 1614 -9.85 -95.41 -1.13
C PHE K 1614 -9.30 -96.80 -1.43
N GLN K 1615 -8.74 -97.02 -2.62
CA GLN K 1615 -8.19 -98.32 -2.97
C GLN K 1615 -6.70 -98.43 -2.71
N PHE K 1616 -5.95 -97.32 -2.83
CA PHE K 1616 -4.51 -97.34 -2.66
C PHE K 1616 -4.03 -96.63 -1.40
N VAL K 1617 -4.80 -95.68 -0.87
CA VAL K 1617 -4.38 -94.94 0.32
C VAL K 1617 -4.36 -95.86 1.54
N PRO K 1618 -5.42 -96.64 1.84
CA PRO K 1618 -5.35 -97.49 3.03
C PRO K 1618 -4.33 -98.61 2.92
N VAL K 1619 -4.03 -99.09 1.71
CA VAL K 1619 -3.10 -100.19 1.58
C VAL K 1619 -1.65 -99.69 1.59
N LEU K 1620 -1.42 -98.43 1.23
CA LEU K 1620 -0.06 -97.90 1.25
C LEU K 1620 0.38 -97.50 2.66
N LYS K 1621 -0.56 -97.09 3.51
CA LYS K 1621 -0.21 -96.76 4.89
C LYS K 1621 0.23 -97.99 5.69
N LEU K 1622 -0.20 -99.18 5.28
CA LEU K 1622 0.23 -100.40 5.96
C LEU K 1622 1.60 -100.85 5.49
N VAL K 1623 1.86 -100.75 4.18
CA VAL K 1623 3.16 -101.15 3.65
C VAL K 1623 4.24 -100.17 4.08
N SER K 1624 3.93 -98.88 4.07
CA SER K 1624 4.91 -97.87 4.49
C SER K 1624 5.21 -97.99 5.98
N THR K 1625 4.24 -98.43 6.79
CA THR K 1625 4.48 -98.59 8.22
C THR K 1625 5.32 -99.84 8.50
N LEU K 1626 5.10 -100.92 7.74
CA LEU K 1626 5.84 -102.15 7.93
C LEU K 1626 7.30 -102.06 7.44
N LEU K 1627 7.67 -100.96 6.78
CA LEU K 1627 9.03 -100.81 6.28
C LEU K 1627 9.96 -100.12 7.26
N VAL K 1628 9.46 -99.16 8.04
CA VAL K 1628 10.33 -98.45 8.96
C VAL K 1628 10.77 -99.34 10.12
N MET K 1629 9.95 -100.33 10.48
CA MET K 1629 10.33 -101.28 11.52
C MET K 1629 11.21 -102.41 10.99
N GLY K 1630 11.42 -102.48 9.68
CA GLY K 1630 12.24 -103.54 9.13
C GLY K 1630 11.63 -104.93 9.22
N ILE K 1631 10.30 -105.02 9.18
CA ILE K 1631 9.66 -106.33 9.27
C ILE K 1631 9.84 -107.10 7.98
N PHE K 1632 9.80 -106.41 6.84
CA PHE K 1632 9.97 -107.06 5.56
C PHE K 1632 11.41 -107.53 5.37
N GLY K 1633 11.56 -108.73 4.82
CA GLY K 1633 12.87 -109.31 4.59
C GLY K 1633 13.45 -108.89 3.26
N ASP K 1634 14.50 -109.60 2.85
CA ASP K 1634 15.17 -109.29 1.58
C ASP K 1634 14.31 -109.68 0.38
N GLU K 1635 13.52 -110.76 0.52
CA GLU K 1635 12.68 -111.19 -0.60
C GLU K 1635 11.49 -110.25 -0.80
N ASP K 1636 11.05 -109.57 0.26
CA ASP K 1636 9.91 -108.67 0.15
C ASP K 1636 10.27 -107.37 -0.57
N VAL K 1637 11.52 -106.93 -0.47
CA VAL K 1637 11.93 -105.71 -1.15
C VAL K 1637 11.94 -105.90 -2.66
N LYS K 1638 12.28 -107.10 -3.13
CA LYS K 1638 12.28 -107.37 -4.56
C LYS K 1638 10.87 -107.32 -5.14
N GLN K 1639 9.86 -107.68 -4.35
CA GLN K 1639 8.49 -107.65 -4.86
C GLN K 1639 7.91 -106.24 -4.86
N ILE K 1640 8.25 -105.43 -3.86
CA ILE K 1640 7.74 -104.07 -3.80
C ILE K 1640 8.35 -103.21 -4.90
N LEU K 1641 9.67 -103.32 -5.10
CA LEU K 1641 10.33 -102.52 -6.12
C LEU K 1641 9.90 -102.93 -7.53
N LYS K 1642 9.52 -104.20 -7.71
CA LYS K 1642 9.10 -104.66 -9.03
C LYS K 1642 7.72 -104.13 -9.40
N MET K 1643 6.83 -103.97 -8.42
CA MET K 1643 5.49 -103.47 -8.70
C MET K 1643 5.49 -101.98 -8.97
N ILE K 1644 6.41 -101.22 -8.37
CA ILE K 1644 6.48 -99.79 -8.59
C ILE K 1644 7.44 -99.41 -9.72
N GLU K 1645 8.30 -100.33 -10.14
CA GLU K 1645 9.25 -100.05 -11.21
C GLU K 1645 9.58 -101.34 -11.96
N PRO K 1646 9.15 -101.47 -13.21
CA PRO K 1646 9.43 -102.71 -13.96
C PRO K 1646 10.87 -102.83 -14.44
N GLU K 1647 11.68 -101.80 -14.30
CA GLU K 1647 13.07 -101.82 -14.74
C GLU K 1647 14.02 -102.29 -13.65
N VAL K 1648 13.50 -102.80 -12.54
CA VAL K 1648 14.34 -103.29 -11.45
C VAL K 1648 14.25 -104.82 -11.32
N GLU K 1649 4.27 -106.30 -14.78
CA GLU K 1649 3.40 -106.25 -15.94
C GLU K 1649 2.89 -104.83 -16.19
N GLU K 1650 3.09 -103.96 -15.20
CA GLU K 1650 2.66 -102.58 -15.29
C GLU K 1650 3.50 -101.74 -14.34
N GLY K 1651 3.31 -100.42 -14.42
CA GLY K 1651 4.05 -99.50 -13.59
C GLY K 1651 3.14 -98.65 -12.72
N LEU K 1652 3.35 -98.69 -11.40
CA LEU K 1652 2.54 -97.90 -10.48
C LEU K 1652 2.83 -96.41 -10.63
N LEU K 1653 4.10 -96.06 -10.86
CA LEU K 1653 4.47 -94.66 -11.03
C LEU K 1653 4.14 -94.11 -12.40
N GLN K 1654 3.75 -94.97 -13.34
CA GLN K 1654 3.42 -94.54 -14.70
C GLN K 1654 1.91 -94.50 -14.95
N MET K 1655 1.10 -94.63 -13.91
CA MET K 1655 -0.35 -94.61 -14.02
C MET K 1655 -0.91 -93.32 -13.44
N LYS K 1656 -2.03 -92.87 -14.01
CA LYS K 1656 -2.68 -91.66 -13.53
C LYS K 1656 -3.27 -91.91 -12.14
N LEU K 1657 -2.77 -91.18 -11.15
CA LEU K 1657 -3.20 -91.35 -9.77
C LEU K 1657 -3.62 -90.01 -9.18
N PRO K 1658 -4.61 -90.00 -8.29
CA PRO K 1658 -5.03 -88.73 -7.67
C PRO K 1658 -3.99 -88.15 -6.73
N GLU K 1659 -4.29 -87.00 -6.14
CA GLU K 1659 -3.35 -86.33 -5.24
C GLU K 1659 -3.32 -86.94 -3.85
N SER K 1660 -4.38 -87.64 -3.44
CA SER K 1660 -4.40 -88.22 -2.11
C SER K 1660 -3.42 -89.38 -1.98
N VAL K 1661 -3.33 -90.23 -3.01
CA VAL K 1661 -2.42 -91.36 -2.95
C VAL K 1661 -0.98 -90.90 -3.14
N LYS K 1662 -0.76 -89.82 -3.90
CA LYS K 1662 0.59 -89.31 -4.11
C LYS K 1662 1.21 -88.77 -2.83
N LEU K 1663 0.39 -88.40 -1.84
CA LEU K 1663 0.93 -87.96 -0.56
C LEU K 1663 1.61 -89.11 0.17
N GLN K 1664 0.97 -90.30 0.17
CA GLN K 1664 1.59 -91.47 0.77
C GLN K 1664 2.71 -92.03 -0.09
N MET K 1665 2.70 -91.73 -1.39
CA MET K 1665 3.77 -92.22 -2.27
C MET K 1665 5.10 -91.54 -1.95
N CYS K 1666 5.06 -90.26 -1.56
CA CYS K 1666 6.30 -89.57 -1.19
C CYS K 1666 6.93 -90.16 0.06
N ASN K 1667 6.10 -90.62 1.01
CA ASN K 1667 6.63 -91.28 2.20
C ASN K 1667 7.22 -92.65 1.88
N LEU K 1668 6.77 -93.28 0.80
CA LEU K 1668 7.33 -94.58 0.42
C LEU K 1668 8.71 -94.42 -0.19
N LEU K 1669 8.86 -93.47 -1.11
CA LEU K 1669 10.16 -93.22 -1.73
C LEU K 1669 11.15 -92.58 -0.75
N GLU K 1670 10.66 -91.90 0.28
CA GLU K 1670 11.55 -91.29 1.26
C GLU K 1670 12.25 -92.36 2.11
N TYR K 1671 11.59 -93.49 2.34
CA TYR K 1671 12.21 -94.55 3.11
C TYR K 1671 13.36 -95.19 2.35
N PHE K 1672 13.16 -95.46 1.06
CA PHE K 1672 14.23 -96.03 0.24
C PHE K 1672 15.37 -95.04 0.03
N CYS K 1673 15.06 -93.74 0.02
CA CYS K 1673 16.11 -92.73 -0.09
C CYS K 1673 16.96 -92.69 1.17
N ASP K 1674 16.36 -92.94 2.33
CA ASP K 1674 17.12 -92.96 3.58
C ASP K 1674 17.92 -94.25 3.73
N GLN K 1675 17.49 -95.34 3.09
CA GLN K 1675 18.24 -96.58 3.15
C GLN K 1675 19.55 -96.46 2.37
N GLU K 1676 19.58 -95.64 1.32
CA GLU K 1676 20.82 -95.42 0.59
C GLU K 1676 21.81 -94.61 1.41
N LEU K 1677 21.32 -93.59 2.12
CA LEU K 1677 22.19 -92.81 2.99
C LEU K 1677 22.74 -93.66 4.13
N GLN K 1678 21.89 -94.51 4.72
CA GLN K 1678 22.35 -95.40 5.77
C GLN K 1678 23.35 -96.42 5.23
N HIS K 1679 23.15 -96.86 3.99
CA HIS K 1679 24.13 -97.76 3.36
C HIS K 1679 25.43 -97.04 3.03
N ARG K 1680 25.36 -95.74 2.72
CA ARG K 1680 26.57 -94.99 2.40
C ARG K 1680 27.36 -94.64 3.65
N VAL K 1681 26.67 -94.30 4.75
CA VAL K 1681 27.36 -93.97 5.99
C VAL K 1681 28.02 -95.22 6.57
N GLU K 1682 27.34 -96.37 6.48
CA GLU K 1682 27.92 -97.61 6.96
C GLU K 1682 29.14 -98.01 6.13
N SER K 1683 29.16 -97.67 4.84
CA SER K 1683 30.32 -97.96 4.02
C SER K 1683 31.49 -97.03 4.36
N LEU K 1684 31.20 -95.82 4.83
CA LEU K 1684 32.26 -94.89 5.20
C LEU K 1684 32.97 -95.36 6.47
N ALA K 1685 32.23 -95.95 7.41
CA ALA K 1685 32.85 -96.45 8.63
C ALA K 1685 33.70 -97.68 8.37
N ALA K 1686 33.33 -98.49 7.38
CA ALA K 1686 34.14 -99.66 7.04
C ALA K 1686 35.46 -99.24 6.42
N PHE K 1687 35.44 -98.25 5.53
CA PHE K 1687 36.69 -97.76 4.95
C PHE K 1687 37.52 -97.01 5.97
N ALA K 1688 36.88 -96.36 6.95
CA ALA K 1688 37.63 -95.63 7.96
C ALA K 1688 38.38 -96.57 8.89
N GLU K 1689 37.78 -97.73 9.20
CA GLU K 1689 38.45 -98.69 10.08
C GLU K 1689 39.66 -99.31 9.40
N ARG K 1690 39.54 -99.63 8.11
CA ARG K 1690 40.67 -100.22 7.39
C ARG K 1690 41.76 -99.19 7.13
N TYR K 1691 41.38 -97.92 6.95
CA TYR K 1691 42.38 -96.88 6.70
C TYR K 1691 43.10 -96.49 7.98
N VAL K 1692 42.40 -96.45 9.11
CA VAL K 1692 43.05 -96.12 10.37
C VAL K 1692 43.92 -97.27 10.85
N ASP K 1693 43.61 -98.50 10.43
CA ASP K 1693 44.45 -99.64 10.80
C ASP K 1693 45.78 -99.59 10.05
N LYS K 1694 45.76 -99.20 8.77
CA LYS K 1694 47.01 -99.04 8.04
C LYS K 1694 47.78 -97.81 8.52
N LEU K 1695 47.07 -96.77 8.96
CA LEU K 1695 47.74 -95.58 9.46
C LEU K 1695 48.37 -95.82 10.83
N GLN K 1696 47.84 -96.78 11.60
CA GLN K 1696 48.42 -97.09 12.90
C GLN K 1696 49.82 -97.69 12.76
N ALA K 1697 50.00 -98.58 11.79
CA ALA K 1697 51.32 -99.19 11.59
C ALA K 1697 52.32 -98.18 11.05
N ASN K 1698 51.86 -97.17 10.30
CA ASN K 1698 52.77 -96.17 9.76
C ASN K 1698 53.27 -95.22 10.84
N GLN K 1699 52.46 -94.96 11.87
CA GLN K 1699 52.88 -94.05 12.93
C GLN K 1699 53.94 -94.69 13.81
N ARG K 1700 53.73 -95.95 14.21
CA ARG K 1700 54.71 -96.63 15.06
C ARG K 1700 55.98 -96.95 14.30
N ASP K 1701 55.90 -97.11 12.98
CA ASP K 1701 57.10 -97.37 12.19
C ASP K 1701 57.98 -96.13 12.10
N ARG K 1702 57.35 -94.95 11.94
CA ARG K 1702 58.13 -93.72 11.88
C ARG K 1702 58.70 -93.35 13.25
N TYR K 1703 57.97 -93.68 14.32
CA TYR K 1703 58.46 -93.38 15.67
C TYR K 1703 59.66 -94.25 16.03
N GLY K 1704 59.77 -95.43 15.44
CA GLY K 1704 60.87 -96.33 15.74
C GLY K 1704 62.17 -95.93 15.07
N ILE K 1705 62.09 -95.49 13.81
CA ILE K 1705 63.30 -95.12 13.09
C ILE K 1705 63.86 -93.79 13.55
N LEU K 1706 63.01 -92.92 14.13
CA LEU K 1706 63.49 -91.63 14.60
C LEU K 1706 64.23 -91.76 15.93
N MET K 1707 63.72 -92.59 16.84
CA MET K 1707 64.37 -92.77 18.13
C MET K 1707 65.62 -93.62 18.04
N LYS K 1708 65.65 -94.58 17.13
CA LYS K 1708 66.82 -95.45 17.01
C LYS K 1708 67.97 -94.76 16.29
N ALA K 1709 67.68 -94.10 15.17
CA ALA K 1709 68.71 -93.42 14.41
C ALA K 1709 68.96 -92.03 14.97
N PHE K 1710 70.24 -91.64 15.02
CA PHE K 1710 70.60 -90.33 15.53
C PHE K 1710 70.18 -89.23 14.56
N THR K 1711 69.70 -88.12 15.12
CA THR K 1711 69.26 -87.01 14.30
C THR K 1711 70.44 -86.30 13.67
N MET K 1712 70.25 -85.81 12.44
CA MET K 1712 71.32 -85.10 11.75
C MET K 1712 71.56 -83.72 12.37
N THR K 1713 70.50 -83.02 12.76
CA THR K 1713 70.62 -81.71 13.36
C THR K 1713 69.47 -81.51 14.35
N ALA K 1714 69.54 -80.39 15.08
CA ALA K 1714 68.49 -80.09 16.05
C ALA K 1714 67.18 -79.72 15.35
N ALA K 1715 67.25 -79.06 14.20
CA ALA K 1715 66.05 -78.68 13.47
C ALA K 1715 65.42 -79.85 12.73
N GLU K 1716 66.21 -80.89 12.42
CA GLU K 1716 65.67 -82.05 11.71
C GLU K 1716 64.70 -82.83 12.61
N THR K 1717 65.14 -83.16 13.83
CA THR K 1717 64.28 -83.90 14.75
C THR K 1717 63.16 -83.04 15.31
N ALA K 1718 63.27 -81.71 15.22
CA ALA K 1718 62.23 -80.83 15.75
C ALA K 1718 60.96 -80.92 14.91
N ARG K 1719 61.10 -80.85 13.58
CA ARG K 1719 59.95 -80.93 12.70
C ARG K 1719 59.36 -82.33 12.63
N ARG K 1720 60.07 -83.35 13.13
CA ARG K 1720 59.57 -84.72 13.09
C ARG K 1720 58.82 -85.11 14.36
N THR K 1721 59.21 -84.57 15.50
CA THR K 1721 58.57 -84.88 16.77
C THR K 1721 57.35 -84.00 17.06
N ARG K 1722 57.04 -83.05 16.19
CA ARG K 1722 55.90 -82.17 16.42
C ARG K 1722 54.57 -82.91 16.28
N GLU K 1723 54.54 -84.04 15.57
CA GLU K 1723 53.32 -84.80 15.40
C GLU K 1723 53.08 -85.80 16.53
N PHE K 1724 54.16 -86.25 17.19
CA PHE K 1724 54.01 -87.20 18.29
C PHE K 1724 53.58 -86.53 19.59
N ARG K 1725 53.68 -85.20 19.68
CA ARG K 1725 53.24 -84.46 20.86
C ARG K 1725 52.02 -83.60 20.59
N SER K 1726 51.58 -83.49 19.34
CA SER K 1726 50.39 -82.73 19.02
C SER K 1726 49.14 -83.46 19.51
N PRO K 1727 48.04 -82.74 19.71
CA PRO K 1727 46.81 -83.41 20.13
C PRO K 1727 46.34 -84.38 19.07
N PRO K 1728 45.64 -85.45 19.47
CA PRO K 1728 45.20 -86.46 18.49
C PRO K 1728 44.33 -85.88 17.39
N GLN K 1729 43.59 -84.80 17.65
CA GLN K 1729 42.81 -84.16 16.60
C GLN K 1729 43.73 -83.50 15.57
N GLU K 1730 44.88 -82.98 16.00
CA GLU K 1730 45.82 -82.38 15.07
C GLU K 1730 46.67 -83.42 14.36
N GLN K 1731 46.86 -84.60 14.98
CA GLN K 1731 47.62 -85.66 14.32
C GLN K 1731 46.89 -86.19 13.09
N ILE K 1732 45.59 -86.43 13.22
CA ILE K 1732 44.82 -86.90 12.07
C ILE K 1732 44.66 -85.78 11.04
N ASN K 1733 44.51 -84.54 11.50
CA ASN K 1733 44.37 -83.42 10.57
C ASN K 1733 45.65 -83.18 9.78
N MET K 1734 46.80 -83.56 10.33
CA MET K 1734 48.07 -83.39 9.63
C MET K 1734 48.40 -84.57 8.72
N LEU K 1735 48.14 -85.79 9.18
CA LEU K 1735 48.45 -86.96 8.36
C LEU K 1735 47.48 -87.11 7.19
N LEU K 1736 46.25 -86.60 7.33
CA LEU K 1736 45.25 -86.69 6.28
C LEU K 1736 45.21 -85.46 5.39
N HIS K 1737 46.16 -84.52 5.57
CA HIS K 1737 46.20 -83.31 4.76
C HIS K 1737 46.94 -83.58 3.46
N PHE K 1738 46.30 -84.38 2.62
CA PHE K 1738 46.84 -84.77 1.32
C PHE K 1738 45.99 -84.17 0.21
N LYS K 1739 46.67 -83.64 -0.81
CA LYS K 1739 46.02 -83.02 -1.97
C LYS K 1739 45.07 -81.90 -1.55
N PRO K 1740 54.23 -85.03 6.59
CA PRO K 1740 53.36 -85.57 5.54
C PRO K 1740 53.08 -87.06 5.70
N LEU K 1741 53.01 -87.79 4.59
CA LEU K 1741 52.72 -89.22 4.61
C LEU K 1741 53.26 -89.83 3.33
N PRO K 1742 53.63 -91.12 3.35
CA PRO K 1742 54.13 -91.75 2.12
C PRO K 1742 53.03 -91.88 1.08
N ASP K 1743 53.46 -91.91 -0.19
CA ASP K 1743 52.52 -92.01 -1.29
C ASP K 1743 51.86 -93.38 -1.39
N GLU K 1744 52.41 -94.40 -0.72
CA GLU K 1744 51.82 -95.72 -0.78
C GLU K 1744 50.49 -95.78 -0.04
N ILE K 1745 50.31 -94.94 0.98
CA ILE K 1745 49.06 -94.94 1.72
C ILE K 1745 48.03 -94.00 1.11
N ARG K 1746 48.48 -92.96 0.38
CA ARG K 1746 47.55 -92.01 -0.21
C ARG K 1746 46.75 -92.61 -1.36
N GLN K 1747 47.20 -93.72 -1.94
CA GLN K 1747 46.47 -94.33 -3.03
C GLN K 1747 45.15 -94.95 -2.56
N ASP K 1748 45.11 -95.40 -1.30
CA ASP K 1748 43.87 -95.98 -0.78
C ASP K 1748 42.82 -94.91 -0.52
N LEU K 1749 43.23 -93.74 -0.03
CA LEU K 1749 42.27 -92.67 0.24
C LEU K 1749 41.74 -92.07 -1.05
N LEU K 1750 42.62 -91.89 -2.05
CA LEU K 1750 42.18 -91.31 -3.32
C LEU K 1750 41.26 -92.25 -4.08
N GLU K 1751 41.38 -93.56 -3.86
CA GLU K 1751 40.52 -94.51 -4.55
C GLU K 1751 39.09 -94.43 -4.04
N PHE K 1752 38.91 -94.33 -2.72
CA PHE K 1752 37.57 -94.26 -2.15
C PHE K 1752 36.94 -92.88 -2.36
N HIS K 1753 37.75 -91.82 -2.35
CA HIS K 1753 37.21 -90.48 -2.55
C HIS K 1753 36.68 -90.29 -3.97
N GLN K 1754 37.39 -90.84 -4.96
CA GLN K 1754 36.96 -90.75 -6.35
C GLN K 1754 35.80 -91.69 -6.66
N ASP K 1755 35.56 -92.69 -5.82
CA ASP K 1755 34.45 -93.62 -6.02
C ASP K 1755 33.18 -93.20 -5.28
N LEU K 1756 33.31 -92.46 -4.18
CA LEU K 1756 32.13 -92.01 -3.45
C LEU K 1756 31.35 -90.95 -4.24
N LEU K 1757 32.07 -90.10 -4.97
CA LEU K 1757 31.40 -89.08 -5.78
C LEU K 1757 30.62 -89.71 -6.94
N THR K 1758 31.09 -90.85 -7.45
CA THR K 1758 30.37 -91.51 -8.54
C THR K 1758 29.04 -92.09 -8.04
N HIS K 1759 28.99 -92.54 -6.79
CA HIS K 1759 27.74 -93.08 -6.25
C HIS K 1759 26.75 -91.96 -5.95
N CYS K 1760 27.24 -90.75 -5.66
CA CYS K 1760 26.34 -89.63 -5.39
C CYS K 1760 25.64 -89.12 -6.63
N GLY K 1761 26.18 -89.40 -7.82
CA GLY K 1761 25.58 -88.98 -9.06
C GLY K 1761 26.32 -87.89 -9.82
N ILE K 1762 27.60 -87.67 -9.54
CA ILE K 1762 28.40 -86.66 -10.22
C ILE K 1762 29.68 -87.31 -10.73
N GLN K 1763 30.20 -86.74 -11.82
CA GLN K 1763 31.43 -87.26 -12.43
C GLN K 1763 32.33 -86.11 -12.89
N LEU K 1764 17.78 -95.24 -17.86
CA LEU K 1764 17.78 -94.90 -16.43
C LEU K 1764 18.84 -95.69 -15.68
N GLN K 1765 18.44 -96.84 -15.13
CA GLN K 1765 19.32 -97.72 -14.37
C GLN K 1765 19.97 -96.98 -13.21
N SER K 1766 19.18 -96.18 -12.50
CA SER K 1766 19.67 -95.42 -11.36
C SER K 1766 18.49 -95.03 -10.49
N LEU K 1767 18.66 -95.17 -9.17
CA LEU K 1767 17.60 -94.80 -8.23
C LEU K 1767 17.38 -93.28 -8.22
N GLN K 1768 18.46 -92.51 -8.36
CA GLN K 1768 18.33 -91.06 -8.37
C GLN K 1768 17.67 -90.57 -9.64
N GLU K 1769 18.01 -91.17 -10.79
CA GLU K 1769 17.45 -90.72 -12.06
C GLU K 1769 15.97 -91.09 -12.18
N LEU K 1770 15.54 -92.16 -11.53
CA LEU K 1770 14.13 -92.56 -11.61
C LEU K 1770 13.24 -91.59 -10.84
N VAL K 1771 13.63 -91.25 -9.60
CA VAL K 1771 12.83 -90.33 -8.81
C VAL K 1771 12.96 -88.90 -9.30
N SER K 1772 14.05 -88.55 -9.99
CA SER K 1772 14.21 -87.20 -10.49
C SER K 1772 13.26 -86.90 -11.64
N HIS K 1773 12.88 -87.92 -12.41
CA HIS K 1773 11.96 -87.73 -13.51
C HIS K 1773 10.50 -87.79 -13.07
N THR K 1774 10.21 -88.47 -11.96
CA THR K 1774 8.83 -88.56 -11.49
C THR K 1774 8.42 -87.34 -10.69
N VAL K 1775 9.37 -86.68 -10.01
CA VAL K 1775 9.02 -85.50 -9.21
C VAL K 1775 8.72 -84.32 -10.13
N VAL K 1776 9.34 -84.25 -11.30
CA VAL K 1776 9.08 -83.17 -12.24
C VAL K 1776 7.91 -83.46 -13.18
N ARG K 1777 7.59 -84.75 -13.40
CA ARG K 1777 6.47 -85.08 -14.27
C ARG K 1777 5.14 -84.83 -13.60
N TRP K 1778 5.05 -85.09 -12.30
CA TRP K 1778 3.80 -84.88 -11.57
C TRP K 1778 3.47 -83.39 -11.44
N ALA K 1779 4.49 -82.55 -11.33
CA ALA K 1779 4.26 -81.11 -11.19
C ALA K 1779 4.01 -80.43 -12.53
N GLN K 1780 4.35 -81.07 -13.64
CA GLN K 1780 4.15 -80.50 -14.96
C GLN K 1780 2.92 -81.04 -15.68
N GLU K 1781 2.32 -82.11 -15.18
CA GLU K 1781 1.15 -82.70 -15.81
C GLU K 1781 -0.15 -82.08 -15.33
N ASP K 1782 -0.30 -81.91 -14.02
CA ASP K 1782 -1.50 -81.34 -13.43
C ASP K 1782 -1.11 -80.46 -12.24
N PHE K 1783 -2.09 -79.78 -11.68
CA PHE K 1783 -1.88 -78.93 -10.52
C PHE K 1783 -1.97 -79.76 -9.24
N VAL K 1784 -1.15 -79.40 -8.26
CA VAL K 1784 -1.10 -80.17 -7.01
C VAL K 1784 -2.33 -79.88 -6.16
N GLN K 1785 -2.59 -78.60 -5.89
CA GLN K 1785 -3.72 -78.18 -5.05
C GLN K 1785 -3.70 -78.88 -3.69
N SER K 1786 -2.52 -78.96 -3.09
CA SER K 1786 -2.35 -79.60 -1.80
C SER K 1786 -1.17 -78.98 -1.05
N PRO K 1787 -1.41 -78.35 0.09
CA PRO K 1787 -0.28 -77.73 0.82
C PRO K 1787 0.68 -78.73 1.42
N GLU K 1788 0.17 -79.86 1.91
CA GLU K 1788 1.04 -80.87 2.52
C GLU K 1788 1.83 -81.67 1.49
N LEU K 1789 1.38 -81.69 0.23
CA LEU K 1789 2.08 -82.46 -0.78
C LEU K 1789 3.29 -81.71 -1.33
N VAL K 1790 3.19 -80.39 -1.46
CA VAL K 1790 4.28 -79.61 -2.02
C VAL K 1790 5.49 -79.63 -1.08
N ARG K 1791 5.25 -79.55 0.22
CA ARG K 1791 6.35 -79.56 1.18
C ARG K 1791 7.07 -80.90 1.18
N ALA K 1792 6.38 -81.99 0.83
CA ALA K 1792 6.99 -83.30 0.76
C ALA K 1792 7.48 -83.66 -0.63
N MET K 1793 6.97 -83.00 -1.67
CA MET K 1793 7.40 -83.29 -3.03
C MET K 1793 8.80 -82.75 -3.29
N PHE K 1794 8.99 -81.45 -3.09
CA PHE K 1794 10.29 -80.83 -3.37
C PHE K 1794 11.33 -81.20 -2.33
N SER K 1795 10.92 -81.64 -1.14
CA SER K 1795 11.89 -82.05 -0.13
C SER K 1795 12.61 -83.32 -0.55
N LEU K 1796 11.93 -84.21 -1.26
CA LEU K 1796 12.58 -85.44 -1.74
C LEU K 1796 13.55 -85.15 -2.88
N LEU K 1797 13.22 -84.18 -3.74
CA LEU K 1797 14.11 -83.84 -4.85
C LEU K 1797 15.40 -83.19 -4.36
N HIS K 1798 15.34 -82.44 -3.26
CA HIS K 1798 16.54 -81.78 -2.74
C HIS K 1798 17.56 -82.78 -2.24
N ARG K 1799 17.13 -83.95 -1.77
CA ARG K 1799 18.01 -84.98 -1.26
C ARG K 1799 18.55 -85.89 -2.38
N GLN K 1800 18.32 -85.54 -3.64
CA GLN K 1800 18.78 -86.34 -4.78
C GLN K 1800 19.84 -85.63 -5.60
N TYR K 1801 19.60 -84.38 -5.99
CA TYR K 1801 20.61 -83.63 -6.74
C TYR K 1801 21.80 -83.25 -5.86
N ASP K 1802 21.57 -83.08 -4.55
CA ASP K 1802 22.63 -82.75 -3.61
C ASP K 1802 23.27 -84.04 -3.14
N GLY K 1803 24.30 -84.50 -3.86
CA GLY K 1803 24.99 -85.72 -3.51
C GLY K 1803 25.75 -85.61 -2.21
N LEU K 1804 26.68 -84.66 -2.13
CA LEU K 1804 27.45 -84.45 -0.92
C LEU K 1804 26.70 -83.66 0.14
N GLY K 1805 25.66 -82.92 -0.26
CA GLY K 1805 24.90 -82.15 0.71
C GLY K 1805 24.07 -83.01 1.65
N GLU K 1806 23.55 -84.13 1.15
CA GLU K 1806 22.76 -85.02 2.00
C GLU K 1806 23.62 -85.74 3.03
N LEU K 1807 24.86 -86.08 2.66
CA LEU K 1807 25.76 -86.76 3.60
C LEU K 1807 26.25 -85.80 4.68
N LEU K 1808 26.50 -84.54 4.30
CA LEU K 1808 27.03 -83.58 5.26
C LEU K 1808 26.02 -83.28 6.37
N ARG K 1809 24.72 -83.34 6.07
CA ARG K 1809 23.72 -83.04 7.09
C ARG K 1809 23.60 -84.16 8.11
N ALA K 1810 23.94 -85.39 7.73
CA ALA K 1810 23.83 -86.54 8.61
C ALA K 1810 25.19 -87.12 9.01
N LEU K 1811 26.30 -86.47 8.62
CA LEU K 1811 27.60 -87.01 8.99
C LEU K 1811 27.93 -86.79 10.47
N PRO K 1812 27.71 -85.62 11.06
CA PRO K 1812 27.99 -85.49 12.50
C PRO K 1812 27.15 -86.40 13.38
N ARG K 1813 26.01 -86.88 12.89
CA ARG K 1813 25.19 -87.80 13.66
C ARG K 1813 25.77 -89.21 13.72
N ALA K 1814 26.78 -89.52 12.91
CA ALA K 1814 27.37 -90.84 12.92
C ALA K 1814 28.30 -91.01 14.12
N TYR K 1815 28.49 -92.27 14.51
CA TYR K 1815 29.34 -92.59 15.65
C TYR K 1815 29.78 -94.04 15.54
N THR K 1816 30.95 -94.33 16.10
CA THR K 1816 31.53 -95.67 16.10
C THR K 1816 31.60 -96.16 17.54
N ILE K 1817 30.98 -97.30 17.80
CA ILE K 1817 30.96 -97.90 19.14
C ILE K 1817 31.85 -99.13 19.15
N SER K 1818 32.41 -99.43 20.31
CA SER K 1818 33.28 -100.58 20.44
C SER K 1818 32.45 -101.87 20.42
N PRO K 1819 32.93 -102.93 19.77
CA PRO K 1819 32.17 -104.18 19.74
C PRO K 1819 32.19 -104.98 21.04
N SER K 1820 32.90 -104.49 22.06
CA SER K 1820 32.96 -105.18 23.34
C SER K 1820 31.89 -104.70 24.33
N SER K 1821 31.16 -103.65 23.99
CA SER K 1821 30.11 -103.10 24.85
C SER K 1821 28.80 -102.99 24.09
N VAL K 1822 28.47 -104.02 23.31
CA VAL K 1822 27.23 -104.00 22.55
C VAL K 1822 26.03 -104.17 23.47
N GLU K 1823 26.13 -105.06 24.46
CA GLU K 1823 25.03 -105.27 25.40
C GLU K 1823 24.76 -104.03 26.24
N ASP K 1824 25.80 -103.25 26.55
CA ASP K 1824 25.59 -102.02 27.30
C ASP K 1824 24.95 -100.94 26.45
N THR K 1825 25.23 -100.94 25.14
CA THR K 1825 24.62 -99.95 24.26
C THR K 1825 23.21 -100.35 23.85
N MET K 1826 22.93 -101.66 23.80
CA MET K 1826 21.57 -102.11 23.47
C MET K 1826 20.58 -101.65 24.52
N SER K 1827 20.93 -101.77 25.80
CA SER K 1827 20.07 -101.28 26.87
C SER K 1827 20.08 -99.75 26.95
N LEU K 1828 21.11 -99.10 26.38
CA LEU K 1828 21.14 -97.64 26.37
C LEU K 1828 20.04 -97.07 25.49
N LEU K 1829 19.98 -97.51 24.23
CA LEU K 1829 18.94 -97.04 23.32
C LEU K 1829 17.57 -97.62 23.66
N GLU K 1830 17.53 -98.76 24.37
CA GLU K 1830 16.25 -99.32 24.79
C GLU K 1830 15.58 -98.44 25.83
N CYS K 1831 16.34 -98.01 26.85
CA CYS K 1831 15.81 -97.07 27.83
C CYS K 1831 15.66 -95.68 27.24
N LEU K 1832 16.46 -95.34 26.22
CA LEU K 1832 16.32 -94.05 25.58
C LEU K 1832 15.08 -93.98 24.70
N GLY K 1833 14.66 -95.12 24.13
CA GLY K 1833 13.41 -95.16 23.39
C GLY K 1833 12.19 -94.98 24.26
N GLN K 1834 12.28 -95.28 25.55
CA GLN K 1834 11.17 -95.06 26.46
C GLN K 1834 11.12 -93.62 26.96
N ILE K 1835 12.28 -92.99 27.16
CA ILE K 1835 12.31 -91.61 27.64
C ILE K 1835 11.89 -90.63 26.56
N ARG K 1836 11.90 -91.04 25.29
CA ARG K 1836 11.46 -90.18 24.20
C ARG K 1836 10.00 -90.37 23.84
N SER K 1837 9.42 -91.52 24.16
CA SER K 1837 8.00 -91.75 23.94
C SER K 1837 7.13 -91.24 25.08
N LEU K 1838 7.74 -90.85 26.21
CA LEU K 1838 7.00 -90.36 27.36
C LEU K 1838 6.93 -88.84 27.43
N LEU K 1839 7.71 -88.13 26.61
CA LEU K 1839 7.64 -86.67 26.61
C LEU K 1839 6.42 -86.14 25.86
N ILE K 1840 5.86 -86.92 24.95
CA ILE K 1840 4.68 -86.48 24.21
C ILE K 1840 3.44 -86.53 25.10
N VAL K 1841 3.37 -87.53 25.97
CA VAL K 1841 2.25 -87.68 26.89
C VAL K 1841 2.51 -86.86 28.14
N GLN K 1842 1.46 -86.22 28.66
CA GLN K 1842 1.61 -85.40 29.86
C GLN K 1842 1.99 -86.24 31.06
N MET K 1843 2.92 -85.73 31.86
CA MET K 1843 3.40 -86.45 33.03
C MET K 1843 2.31 -86.51 34.09
N GLY K 1844 1.92 -87.73 34.46
CA GLY K 1844 0.91 -87.93 35.48
C GLY K 1844 1.49 -88.47 36.76
N PRO K 1845 0.61 -88.86 37.70
CA PRO K 1845 1.10 -89.42 38.97
C PRO K 1845 1.86 -90.73 38.78
N GLN K 1846 1.26 -91.70 38.08
CA GLN K 1846 1.93 -92.97 37.86
C GLN K 1846 3.07 -92.83 36.85
N GLU K 1847 2.94 -91.91 35.89
CA GLU K 1847 3.98 -91.70 34.90
C GLU K 1847 5.20 -90.98 35.48
N GLU K 1848 5.08 -90.41 36.67
CA GLU K 1848 6.22 -89.72 37.27
C GLU K 1848 7.29 -90.71 37.74
N ASN K 1849 6.87 -91.87 38.24
CA ASN K 1849 7.81 -92.88 38.69
C ASN K 1849 8.47 -93.63 37.55
N LEU K 1850 8.01 -93.43 36.31
CA LEU K 1850 8.64 -94.09 35.17
C LEU K 1850 9.91 -93.39 34.73
N MET K 1851 9.97 -92.06 34.86
CA MET K 1851 11.16 -91.33 34.44
C MET K 1851 12.28 -91.44 35.48
N ILE K 1852 11.92 -91.47 36.77
CA ILE K 1852 12.93 -91.59 37.82
C ILE K 1852 13.61 -92.95 37.79
N GLN K 1853 12.96 -93.97 37.24
CA GLN K 1853 13.59 -95.28 37.12
C GLN K 1853 14.45 -95.37 35.87
N SER K 1854 14.03 -94.74 34.78
CA SER K 1854 14.83 -94.73 33.56
C SER K 1854 16.07 -93.87 33.70
N ILE K 1855 15.98 -92.77 34.45
CA ILE K 1855 17.15 -91.92 34.67
C ILE K 1855 18.16 -92.62 35.56
N GLY K 1856 17.68 -93.27 36.63
CA GLY K 1856 18.59 -94.00 37.49
C GLY K 1856 19.27 -95.17 36.82
N ASN K 1857 18.63 -95.75 35.81
CA ASN K 1857 19.23 -96.85 35.07
C ASN K 1857 20.23 -96.37 34.03
N ILE K 1858 19.98 -95.21 33.42
CA ILE K 1858 20.92 -94.67 32.44
C ILE K 1858 22.10 -93.97 33.11
N MET K 1859 21.98 -93.62 34.40
CA MET K 1859 23.07 -92.99 35.13
C MET K 1859 24.05 -94.01 35.71
N ASN K 1860 23.72 -95.30 35.66
CA ASN K 1860 24.62 -96.35 36.16
C ASN K 1860 24.99 -97.30 35.03
N ASN K 1861 25.55 -96.78 33.96
CA ASN K 1861 25.94 -97.56 32.80
C ASN K 1861 27.41 -97.33 32.49
N LYS K 1862 27.91 -98.05 31.48
CA LYS K 1862 29.31 -97.96 31.07
C LYS K 1862 29.52 -97.03 29.88
N VAL K 1863 28.63 -97.08 28.89
CA VAL K 1863 28.80 -96.24 27.70
C VAL K 1863 28.57 -94.77 28.04
N PHE K 1864 27.76 -94.48 29.06
CA PHE K 1864 27.48 -93.09 29.41
C PHE K 1864 28.72 -92.40 29.96
N TYR K 1865 29.64 -93.14 30.56
CA TYR K 1865 30.87 -92.59 31.12
C TYR K 1865 32.11 -92.99 30.34
N GLN K 1866 31.94 -93.41 29.09
CA GLN K 1866 33.07 -93.82 28.27
C GLN K 1866 33.04 -93.12 26.91
N HIS K 1867 31.84 -92.75 26.45
CA HIS K 1867 31.67 -92.10 25.15
C HIS K 1867 30.88 -90.81 25.36
N PRO K 1868 31.56 -89.72 25.74
CA PRO K 1868 30.85 -88.45 25.92
C PRO K 1868 30.29 -87.88 24.64
N ASN K 1869 30.94 -88.11 23.51
CA ASN K 1869 30.46 -87.57 22.24
C ASN K 1869 29.21 -88.28 21.73
N LEU K 1870 28.91 -89.48 22.23
CA LEU K 1870 27.71 -90.18 21.80
C LEU K 1870 26.45 -89.53 22.33
N MET K 1871 26.52 -88.92 23.52
CA MET K 1871 25.34 -88.28 24.10
C MET K 1871 24.92 -87.04 23.31
N ARG K 1872 25.89 -86.32 22.73
CA ARG K 1872 25.58 -85.12 21.96
C ARG K 1872 25.08 -85.44 20.57
N ALA K 1873 25.38 -86.64 20.04
CA ALA K 1873 24.91 -87.01 18.71
C ALA K 1873 23.43 -87.39 18.72
N LEU K 1874 23.01 -88.19 19.70
CA LEU K 1874 21.62 -88.61 19.81
C LEU K 1874 20.72 -87.54 20.41
N GLY K 1875 21.28 -86.52 21.04
CA GLY K 1875 20.50 -85.45 21.63
C GLY K 1875 19.89 -85.83 22.97
N MET K 1876 20.75 -86.25 23.91
CA MET K 1876 20.25 -86.66 25.23
C MET K 1876 19.87 -85.45 26.07
N HIS K 1877 20.74 -84.44 26.13
CA HIS K 1877 20.46 -83.28 26.98
C HIS K 1877 19.31 -82.44 26.44
N GLU K 1878 18.92 -82.62 25.17
CA GLU K 1878 17.78 -81.88 24.63
C GLU K 1878 16.46 -82.49 25.07
N THR K 1879 16.37 -83.82 25.13
CA THR K 1879 15.12 -84.47 25.50
C THR K 1879 14.83 -84.31 26.99
N VAL K 1880 15.87 -84.32 27.82
CA VAL K 1880 15.68 -84.18 29.25
C VAL K 1880 15.17 -82.79 29.59
N MET K 1881 15.64 -81.77 28.85
CA MET K 1881 15.19 -80.40 29.09
C MET K 1881 13.80 -80.14 28.53
N GLU K 1882 13.31 -81.00 27.62
CA GLU K 1882 11.98 -80.79 27.05
C GLU K 1882 10.88 -81.15 28.04
N VAL K 1883 11.13 -82.12 28.93
CA VAL K 1883 10.13 -82.49 29.93
C VAL K 1883 10.14 -81.57 31.13
N MET K 1884 11.17 -80.74 31.29
CA MET K 1884 11.22 -79.80 32.39
C MET K 1884 10.40 -78.54 32.12
N VAL K 1885 10.36 -78.10 30.86
CA VAL K 1885 9.60 -76.90 30.53
C VAL K 1885 8.09 -77.15 30.56
N ASN K 1886 7.67 -78.42 30.51
CA ASN K 1886 6.24 -78.72 30.57
C ASN K 1886 5.75 -78.80 32.02
N VAL K 1887 6.55 -79.39 32.91
CA VAL K 1887 6.16 -79.50 34.31
C VAL K 1887 6.35 -78.20 35.08
N LEU K 1888 7.05 -77.23 34.51
CA LEU K 1888 7.26 -75.95 35.16
C LEU K 1888 6.25 -74.91 34.69
N ARG K 1889 4.05 -78.05 40.65
CA ARG K 1889 3.44 -79.36 40.41
C ARG K 1889 4.51 -80.43 40.22
N PHE K 1890 4.31 -81.59 40.86
CA PHE K 1890 5.22 -82.72 40.80
C PHE K 1890 6.62 -82.32 41.23
N PRO K 1891 6.88 -82.18 42.53
CA PRO K 1891 8.23 -81.80 42.97
C PRO K 1891 9.28 -82.85 42.71
N LYS K 1892 8.89 -84.13 42.62
CA LYS K 1892 9.86 -85.19 42.39
C LYS K 1892 10.39 -85.20 40.96
N MET K 1893 9.70 -84.53 40.03
CA MET K 1893 10.15 -84.51 38.65
C MET K 1893 11.33 -83.57 38.44
N VAL K 1894 11.27 -82.38 39.04
CA VAL K 1894 12.36 -81.42 38.90
C VAL K 1894 13.59 -81.87 39.69
N THR K 1895 13.42 -82.74 40.68
CA THR K 1895 14.56 -83.20 41.47
C THR K 1895 15.46 -84.12 40.65
N SER K 1896 14.89 -85.16 40.05
CA SER K 1896 15.69 -86.11 39.29
C SER K 1896 16.14 -85.53 37.95
N CYS K 1897 15.36 -84.61 37.38
CA CYS K 1897 15.74 -84.01 36.11
C CYS K 1897 16.97 -83.11 36.26
N CYS K 1898 16.99 -82.27 37.30
CA CYS K 1898 18.12 -81.39 37.53
C CYS K 1898 19.32 -82.13 38.07
N ARG K 1899 19.10 -83.22 38.81
CA ARG K 1899 20.21 -83.99 39.36
C ARG K 1899 21.02 -84.66 38.25
N PHE K 1900 20.34 -85.30 37.30
CA PHE K 1900 21.03 -85.93 36.18
C PHE K 1900 21.68 -84.90 35.27
N LEU K 1901 21.06 -83.73 35.13
CA LEU K 1901 21.62 -82.69 34.27
C LEU K 1901 22.88 -82.07 34.84
N CYS K 1902 23.11 -82.19 36.16
CA CYS K 1902 24.31 -81.63 36.77
C CYS K 1902 25.54 -82.46 36.44
N TYR K 1903 25.44 -83.79 36.58
CA TYR K 1903 26.58 -84.66 36.29
C TYR K 1903 26.84 -84.79 34.80
N PHE K 1904 25.87 -84.45 33.95
CA PHE K 1904 26.09 -84.51 32.50
C PHE K 1904 27.10 -83.47 32.04
N CYS K 1905 27.14 -82.31 32.69
CA CYS K 1905 28.09 -81.28 32.30
C CYS K 1905 29.50 -81.58 32.80
N ARG K 1906 29.62 -82.34 33.88
CA ARG K 1906 30.92 -82.68 34.45
C ARG K 1906 31.60 -83.84 33.72
N ILE K 1907 30.97 -84.41 32.69
CA ILE K 1907 31.55 -85.54 31.98
C ILE K 1907 32.70 -85.08 31.10
N SER K 1908 32.41 -84.19 30.15
CA SER K 1908 33.41 -83.69 29.21
C SER K 1908 33.31 -82.18 29.10
N ARG K 1909 34.34 -81.58 28.52
CA ARG K 1909 34.35 -80.13 28.34
C ARG K 1909 33.33 -79.71 27.28
N GLN K 1910 33.13 -80.53 26.26
CA GLN K 1910 32.17 -80.19 25.21
C GLN K 1910 30.73 -80.28 25.72
N ASN K 1911 30.46 -81.14 26.70
CA ASN K 1911 29.12 -81.24 27.24
C ASN K 1911 28.75 -80.00 28.05
N GLN K 1912 29.71 -79.37 28.70
CA GLN K 1912 29.44 -78.15 29.46
C GLN K 1912 29.13 -76.97 28.54
N ARG K 1913 29.70 -76.97 27.33
CA ARG K 1913 29.46 -75.88 26.40
C ARG K 1913 28.01 -75.89 25.89
N SER K 1914 27.43 -77.08 25.72
CA SER K 1914 26.05 -77.16 25.23
C SER K 1914 25.07 -76.62 26.27
N MET K 1915 25.36 -76.82 27.56
CA MET K 1915 24.49 -76.33 28.61
C MET K 1915 24.61 -74.82 28.82
N PHE K 1916 25.66 -74.20 28.29
CA PHE K 1916 25.83 -72.76 28.47
C PHE K 1916 24.85 -71.96 27.63
N ASP K 1917 24.40 -72.53 26.50
CA ASP K 1917 23.47 -71.80 25.64
C ASP K 1917 22.09 -71.68 26.27
N HIS K 1918 21.74 -72.59 27.17
CA HIS K 1918 20.45 -72.57 27.86
C HIS K 1918 20.54 -71.93 29.23
N LEU K 1919 21.53 -71.08 29.47
CA LEU K 1919 21.69 -70.46 30.79
C LEU K 1919 20.63 -69.39 31.03
N SER K 1920 20.09 -68.80 29.96
CA SER K 1920 19.09 -67.75 30.13
C SER K 1920 17.78 -68.32 30.68
N TYR K 1921 17.40 -69.51 30.24
CA TYR K 1921 16.14 -70.11 30.70
C TYR K 1921 16.28 -70.69 32.10
N LEU K 1922 17.46 -71.23 32.43
CA LEU K 1922 17.66 -71.82 33.76
C LEU K 1922 17.65 -70.76 34.85
N LEU K 1923 18.27 -69.61 34.59
CA LEU K 1923 18.30 -68.54 35.58
C LEU K 1923 16.94 -67.86 35.72
N GLU K 1924 16.14 -67.85 34.64
CA GLU K 1924 14.82 -67.22 34.72
C GLU K 1924 13.87 -68.03 35.58
N ASN K 1925 13.96 -69.36 35.50
CA ASN K 1925 13.11 -70.26 36.28
C ASN K 1925 13.83 -70.81 37.51
N SER K 1926 14.73 -70.02 38.11
CA SER K 1926 15.44 -70.49 39.29
C SER K 1926 14.53 -70.56 40.50
N GLY K 1927 13.61 -69.62 40.63
CA GLY K 1927 12.69 -69.59 41.77
C GLY K 1927 11.64 -70.68 41.70
N GLY K 1928 12.25 -78.97 44.58
CA GLY K 1928 12.55 -79.51 45.89
C GLY K 1928 13.59 -78.72 46.65
N MET K 1929 13.50 -78.75 47.99
CA MET K 1929 14.45 -78.01 48.82
C MET K 1929 15.76 -78.77 48.97
N GLN K 1930 15.70 -79.99 49.50
CA GLN K 1930 16.88 -80.80 49.68
C GLN K 1930 17.22 -81.55 48.39
N GLY K 1931 18.51 -81.84 48.21
CA GLY K 1931 18.96 -82.56 47.04
C GLY K 1931 19.30 -81.63 45.89
N SER K 1932 18.80 -81.94 44.69
CA SER K 1932 19.08 -81.13 43.53
C SER K 1932 18.17 -79.91 43.48
N THR K 1933 18.58 -78.92 42.69
CA THR K 1933 17.84 -77.68 42.52
C THR K 1933 18.14 -77.13 41.14
N PRO K 1934 17.17 -76.46 40.51
CA PRO K 1934 17.44 -75.90 39.16
C PRO K 1934 18.49 -74.82 39.14
N LEU K 1935 18.90 -74.30 40.31
CA LEU K 1935 19.96 -73.29 40.34
C LEU K 1935 21.35 -73.92 40.32
N ASP K 1936 21.47 -75.15 40.83
CA ASP K 1936 22.77 -75.80 40.84
C ASP K 1936 23.26 -76.17 39.44
N VAL K 1937 22.33 -76.52 38.54
CA VAL K 1937 22.71 -76.86 37.18
C VAL K 1937 23.21 -75.64 36.42
N ALA K 1938 22.82 -74.43 36.84
CA ALA K 1938 23.34 -73.23 36.20
C ALA K 1938 24.79 -72.97 36.59
N ALA K 1939 25.14 -73.27 37.85
CA ALA K 1939 26.51 -73.10 38.29
C ALA K 1939 27.42 -74.22 37.80
N ALA K 1940 26.88 -75.44 37.68
CA ALA K 1940 27.68 -76.56 37.20
C ALA K 1940 28.04 -76.43 35.73
N SER K 1941 27.37 -75.55 34.99
CA SER K 1941 27.65 -75.34 33.58
C SER K 1941 28.60 -74.18 33.35
N VAL K 1942 29.30 -73.71 34.39
CA VAL K 1942 30.22 -72.58 34.26
C VAL K 1942 31.39 -72.78 35.21
N ILE K 1943 31.24 -73.70 36.16
CA ILE K 1943 32.28 -73.94 37.15
C ILE K 1943 33.41 -74.75 36.53
N ASP K 1944 34.63 -74.51 37.01
CA ASP K 1944 35.83 -75.24 36.57
C ASP K 1944 36.04 -75.10 35.06
N ASN K 1945 35.81 -73.90 34.53
CA ASN K 1945 35.99 -73.64 33.11
C ASN K 1945 36.15 -72.14 32.91
N ASN K 1946 37.27 -71.74 32.30
CA ASN K 1946 37.57 -70.32 32.12
C ASN K 1946 37.01 -69.75 30.81
N GLU K 1947 36.85 -70.60 29.79
CA GLU K 1947 36.35 -70.10 28.50
C GLU K 1947 34.89 -69.68 28.61
N LEU K 1948 34.06 -70.54 29.22
CA LEU K 1948 32.65 -70.23 29.37
C LEU K 1948 32.42 -69.09 30.37
N ALA K 1949 33.37 -68.83 31.25
CA ALA K 1949 33.25 -67.71 32.18
C ALA K 1949 33.58 -66.38 31.53
N LEU K 1950 34.36 -66.37 30.46
CA LEU K 1950 34.72 -65.13 29.79
C LEU K 1950 33.62 -64.69 28.82
N ALA K 1951 33.00 -65.64 28.13
CA ALA K 1951 31.94 -65.34 27.17
C ALA K 1951 30.57 -65.16 27.83
N LEU K 1952 30.52 -65.04 29.15
CA LEU K 1952 29.25 -64.86 29.83
C LEU K 1952 28.69 -63.46 29.56
N GLN K 1953 27.43 -63.40 29.18
CA GLN K 1953 26.78 -62.13 28.87
C GLN K 1953 26.46 -61.37 30.16
N GLU K 1954 26.12 -60.09 29.99
CA GLU K 1954 25.79 -59.25 31.13
C GLU K 1954 24.35 -59.47 31.59
N GLN K 1955 23.46 -59.88 30.68
CA GLN K 1955 22.06 -60.08 31.05
C GLN K 1955 21.90 -61.26 32.01
N ASP K 1956 22.79 -62.24 31.94
CA ASP K 1956 22.70 -63.38 32.85
C ASP K 1956 23.05 -62.97 34.28
N LEU K 1957 24.12 -62.20 34.46
CA LEU K 1957 24.50 -61.76 35.79
C LEU K 1957 23.54 -60.68 36.32
N GLU K 1958 22.93 -59.91 35.42
CA GLU K 1958 21.98 -58.89 35.86
C GLU K 1958 20.69 -59.48 36.37
N LYS K 1959 20.39 -60.74 36.02
CA LYS K 1959 19.17 -61.40 36.50
C LYS K 1959 19.37 -62.05 37.86
N VAL K 1960 20.59 -62.46 38.20
CA VAL K 1960 20.83 -63.09 39.48
C VAL K 1960 20.84 -62.05 40.59
N VAL K 1961 21.42 -60.87 40.33
CA VAL K 1961 21.46 -59.82 41.33
C VAL K 1961 20.08 -59.25 41.61
N SER K 1962 19.15 -59.36 40.65
CA SER K 1962 17.79 -58.89 40.89
C SER K 1962 17.05 -59.80 41.86
N TYR K 1963 17.31 -61.12 41.80
CA TYR K 1963 16.67 -62.03 42.72
C TYR K 1963 17.20 -61.88 44.14
N LEU K 1964 18.46 -61.45 44.28
CA LEU K 1964 19.02 -61.25 45.62
C LEU K 1964 18.34 -60.09 46.33
N ALA K 1965 17.97 -59.04 45.59
CA ALA K 1965 17.27 -57.91 46.21
C ALA K 1965 15.87 -58.31 46.64
N GLY K 1966 15.19 -59.15 45.85
CA GLY K 1966 13.87 -59.61 46.23
C GLY K 1966 13.88 -60.54 47.42
N CYS K 1967 14.96 -61.31 47.59
CA CYS K 1967 15.06 -62.21 48.74
C CYS K 1967 15.46 -61.47 50.01
N GLY K 1968 16.28 -60.43 49.89
CA GLY K 1968 16.70 -59.64 51.03
C GLY K 1968 15.71 -58.61 51.50
N LEU K 1969 14.61 -58.43 50.78
CA LEU K 1969 13.58 -57.45 51.13
C LEU K 1969 12.30 -58.09 51.63
N GLN K 1970 11.87 -59.20 51.03
CA GLN K 1970 10.65 -59.89 51.42
C GLN K 1970 10.98 -61.30 51.89
N SER K 1971 10.29 -61.74 52.93
CA SER K 1971 10.52 -63.07 53.49
C SER K 1971 9.91 -64.14 52.58
N CYS K 1972 10.53 -65.32 52.61
CA CYS K 1972 10.03 -66.43 51.80
C CYS K 1972 8.74 -66.99 52.41
N PRO K 1973 7.83 -67.51 51.58
CA PRO K 1973 6.59 -68.05 52.13
C PRO K 1973 6.80 -69.26 53.02
N MET K 1974 7.68 -70.18 52.63
CA MET K 1974 7.94 -71.37 53.43
C MET K 1974 8.82 -71.09 54.65
N LEU K 1975 9.62 -70.02 54.62
CA LEU K 1975 10.47 -69.69 55.74
C LEU K 1975 9.68 -69.12 56.92
N LEU K 1976 8.46 -68.64 56.68
CA LEU K 1976 7.66 -68.10 57.78
C LEU K 1976 7.17 -69.19 58.72
N ALA K 1977 6.94 -70.40 58.20
CA ALA K 1977 6.48 -71.49 59.05
C ALA K 1977 7.64 -72.13 59.81
N LYS K 1978 8.80 -72.27 59.17
CA LYS K 1978 9.95 -72.87 59.83
C LYS K 1978 10.65 -71.88 60.75
N GLY K 1979 10.68 -70.60 60.39
CA GLY K 1979 11.30 -69.58 61.20
C GLY K 1979 10.29 -68.84 62.04
N TYR K 1980 10.49 -68.86 63.36
CA TYR K 1980 9.59 -68.19 64.29
C TYR K 1980 9.74 -66.67 64.34
N PRO K 1981 10.95 -66.09 64.25
CA PRO K 1981 11.05 -64.62 64.36
C PRO K 1981 10.51 -63.88 63.16
N ASP K 1982 10.25 -64.55 62.04
CA ASP K 1982 9.75 -63.93 60.82
C ASP K 1982 10.67 -62.81 60.34
N ILE K 1983 11.91 -63.20 60.03
CA ILE K 1983 12.90 -62.25 59.55
C ILE K 1983 12.50 -61.72 58.18
N GLY K 1984 12.68 -60.42 57.97
CA GLY K 1984 12.31 -59.80 56.71
C GLY K 1984 13.14 -60.26 55.52
N TRP K 1985 14.32 -60.83 55.77
CA TRP K 1985 15.18 -61.31 54.70
C TRP K 1985 15.51 -62.77 54.96
N ASN K 1986 15.40 -63.60 53.92
CA ASN K 1986 15.67 -65.02 54.05
C ASN K 1986 17.17 -65.28 53.95
N PRO K 1987 17.81 -65.80 54.99
CA PRO K 1987 19.25 -66.09 54.90
C PRO K 1987 19.55 -67.31 54.06
N CYS K 1988 18.63 -68.27 54.05
CA CYS K 1988 18.84 -69.50 53.28
C CYS K 1988 18.44 -69.33 51.82
N GLY K 1989 17.50 -68.43 51.53
CA GLY K 1989 17.09 -68.23 50.15
C GLY K 1989 18.17 -67.59 49.30
N GLY K 1990 18.72 -66.47 49.78
CA GLY K 1990 19.77 -65.79 49.05
C GLY K 1990 21.13 -66.44 49.11
N GLU K 1991 21.30 -67.48 49.93
CA GLU K 1991 22.59 -68.15 50.03
C GLU K 1991 22.91 -68.95 48.77
N ARG K 1992 21.89 -69.51 48.12
CA ARG K 1992 22.12 -70.28 46.90
C ARG K 1992 22.50 -69.38 45.73
N TYR K 1993 22.00 -68.15 45.72
CA TYR K 1993 22.33 -67.23 44.62
C TYR K 1993 23.77 -66.73 44.72
N LEU K 1994 24.29 -66.58 45.94
CA LEU K 1994 25.67 -66.12 46.09
C LEU K 1994 26.67 -67.18 45.68
N ASP K 1995 26.30 -68.46 45.78
CA ASP K 1995 27.19 -69.53 45.36
C ASP K 1995 27.34 -69.60 43.84
N PHE K 1996 26.38 -69.07 43.09
CA PHE K 1996 26.47 -69.09 41.64
C PHE K 1996 27.42 -68.01 41.14
N LEU K 1997 27.41 -66.83 41.76
CA LEU K 1997 28.30 -65.75 41.33
C LEU K 1997 29.75 -66.05 41.70
N ARG K 1998 29.98 -66.84 42.75
CA ARG K 1998 31.34 -67.18 43.14
C ARG K 1998 32.02 -68.08 42.11
N PHE K 1999 31.24 -68.98 41.50
CA PHE K 1999 31.77 -69.90 40.50
C PHE K 1999 31.81 -69.28 39.10
N ALA K 2000 31.45 -68.01 38.95
CA ALA K 2000 31.45 -67.35 37.66
C ALA K 2000 32.55 -66.31 37.49
N VAL K 2001 33.13 -65.82 38.59
CA VAL K 2001 34.19 -64.83 38.51
C VAL K 2001 35.48 -65.28 39.19
N PHE K 2002 35.45 -66.30 40.03
CA PHE K 2002 36.64 -66.80 40.73
C PHE K 2002 36.78 -68.28 40.41
N VAL K 2003 37.56 -68.59 39.38
CA VAL K 2003 37.78 -69.96 38.94
C VAL K 2003 39.27 -70.17 38.73
N ASN K 2004 39.75 -71.38 39.03
CA ASN K 2004 41.14 -71.77 38.84
C ASN K 2004 42.11 -70.87 39.60
N GLY K 2005 41.64 -70.28 40.70
CA GLY K 2005 42.49 -69.44 41.52
C GLY K 2005 42.62 -68.02 41.02
N GLU K 2006 42.87 -67.86 39.72
CA GLU K 2006 43.03 -66.53 39.12
C GLU K 2006 41.65 -65.90 38.95
N SER K 2007 41.41 -64.81 39.68
CA SER K 2007 40.13 -64.12 39.58
C SER K 2007 40.07 -63.30 38.30
N VAL K 2008 39.04 -63.53 37.49
CA VAL K 2008 38.87 -62.82 36.23
C VAL K 2008 38.30 -61.44 36.55
N GLU K 2009 39.09 -60.39 36.30
CA GLU K 2009 38.66 -59.03 36.58
C GLU K 2009 37.69 -58.48 35.55
N GLU K 2010 37.47 -59.20 34.45
CA GLU K 2010 36.56 -58.70 33.41
C GLU K 2010 35.11 -58.85 33.83
N ASN K 2011 34.68 -60.08 34.11
CA ASN K 2011 33.30 -60.31 34.53
C ASN K 2011 33.05 -59.91 35.98
N ALA K 2012 34.10 -59.82 36.80
CA ALA K 2012 33.93 -59.40 38.18
C ALA K 2012 33.79 -57.90 38.34
N ASN K 2013 34.09 -57.13 37.29
CA ASN K 2013 33.94 -55.68 37.36
C ASN K 2013 32.49 -55.25 37.17
N VAL K 2014 31.71 -56.03 36.42
CA VAL K 2014 30.31 -55.68 36.18
C VAL K 2014 29.40 -56.17 37.31
N VAL K 2015 29.83 -57.18 38.06
CA VAL K 2015 29.02 -57.68 39.16
C VAL K 2015 29.11 -56.76 40.38
N VAL K 2016 30.18 -55.97 40.51
CA VAL K 2016 30.29 -55.04 41.62
C VAL K 2016 29.54 -53.75 41.29
N ARG K 2017 29.58 -53.31 40.03
CA ARG K 2017 28.90 -52.08 39.65
C ARG K 2017 27.39 -52.22 39.77
N LEU K 2018 26.87 -53.44 39.58
CA LEU K 2018 25.44 -53.67 39.71
C LEU K 2018 25.04 -54.03 41.14
N LEU K 2019 25.96 -54.58 41.94
CA LEU K 2019 25.63 -54.89 43.32
C LEU K 2019 25.49 -53.63 44.16
N ILE K 2020 26.24 -52.58 43.82
CA ILE K 2020 26.18 -51.33 44.57
C ILE K 2020 25.04 -50.43 44.13
N ARG K 2021 24.32 -50.79 43.06
CA ARG K 2021 23.20 -49.97 42.61
C ARG K 2021 22.04 -50.05 43.59
N LYS K 2022 21.55 -51.25 43.87
CA LYS K 2022 20.44 -51.45 44.78
C LYS K 2022 20.97 -51.79 46.16
N PRO K 2023 20.73 -50.96 47.19
CA PRO K 2023 21.22 -51.28 48.53
C PRO K 2023 20.52 -52.47 49.17
N GLU K 2024 19.41 -52.95 48.61
CA GLU K 2024 18.71 -54.09 49.18
C GLU K 2024 19.46 -55.40 48.94
N CYS K 2025 20.43 -55.41 48.01
CA CYS K 2025 21.18 -56.63 47.75
C CYS K 2025 22.12 -56.97 48.90
N PHE K 2026 22.68 -55.97 49.55
CA PHE K 2026 23.57 -56.19 50.69
C PHE K 2026 22.75 -56.56 51.92
N GLY K 2027 23.45 -56.80 53.03
CA GLY K 2027 22.81 -57.13 54.28
C GLY K 2027 22.05 -55.95 54.86
N PRO K 2028 21.10 -56.23 55.75
CA PRO K 2028 20.34 -55.12 56.35
C PRO K 2028 21.17 -54.25 57.28
N ALA K 2029 22.11 -54.86 58.02
CA ALA K 2029 22.95 -54.09 58.93
C ALA K 2029 24.07 -53.37 58.18
N LEU K 2030 24.64 -54.01 57.17
CA LEU K 2030 25.73 -53.41 56.41
C LEU K 2030 25.17 -52.34 55.48
N ARG K 2031 25.67 -51.11 55.63
CA ARG K 2031 25.25 -49.97 54.81
C ARG K 2031 23.75 -49.71 54.93
N GLY K 2032 23.17 -50.01 56.09
CA GLY K 2032 21.76 -49.81 56.32
C GLY K 2032 21.45 -48.43 56.87
N GLU K 2033 20.15 -48.17 57.04
CA GLU K 2033 19.72 -46.88 57.58
C GLU K 2033 20.01 -46.78 59.06
N GLY K 2034 19.83 -47.88 59.80
CA GLY K 2034 20.10 -47.85 61.24
C GLY K 2034 21.57 -47.76 61.57
N GLY K 2035 22.43 -48.30 60.70
CA GLY K 2035 23.85 -48.25 60.93
C GLY K 2035 24.32 -49.20 62.01
N SER K 2036 23.86 -50.45 61.96
CA SER K 2036 24.26 -51.44 62.96
C SER K 2036 25.72 -51.84 62.76
N GLY K 2037 26.07 -52.25 61.55
CA GLY K 2037 27.43 -52.64 61.24
C GLY K 2037 27.58 -54.16 61.10
N LEU K 2038 28.74 -54.56 60.60
CA LEU K 2038 29.03 -55.98 60.43
C LEU K 2038 29.21 -56.68 61.76
N LEU K 2039 29.73 -55.98 62.77
CA LEU K 2039 29.92 -56.57 64.09
C LEU K 2039 28.62 -56.72 64.86
N ALA K 2040 27.60 -55.93 64.54
CA ALA K 2040 26.34 -56.01 65.28
C ALA K 2040 25.45 -57.13 64.78
N THR K 2041 25.45 -57.41 63.48
CA THR K 2041 24.58 -58.44 62.94
C THR K 2041 25.02 -59.84 63.30
N ILE K 2042 26.29 -60.04 63.65
CA ILE K 2042 26.77 -61.36 64.03
C ILE K 2042 26.52 -61.66 65.50
N GLU K 2043 26.40 -60.63 66.34
CA GLU K 2043 26.16 -60.84 67.76
C GLU K 2043 24.70 -61.21 68.04
N GLU K 2044 23.78 -60.77 67.18
CA GLU K 2044 22.37 -61.09 67.40
C GLU K 2044 22.08 -62.56 67.14
N ALA K 2045 22.82 -63.19 66.22
CA ALA K 2045 22.60 -64.60 65.93
C ALA K 2045 23.12 -65.49 67.06
N ILE K 2046 24.19 -65.09 67.72
CA ILE K 2046 24.76 -65.88 68.81
C ILE K 2046 23.93 -65.70 70.07
N HIS K 2047 14.27 -78.06 60.18
CA HIS K 2047 15.62 -78.63 60.22
C HIS K 2047 16.66 -77.61 59.77
N LEU K 2048 16.22 -76.35 59.63
CA LEU K 2048 17.10 -75.26 59.22
C LEU K 2048 16.72 -74.03 60.04
N GLY K 2049 17.42 -73.81 61.15
CA GLY K 2049 17.16 -72.68 62.01
C GLY K 2049 17.66 -71.37 61.42
N HIS K 2050 17.39 -70.29 62.15
CA HIS K 2050 17.82 -68.96 61.74
C HIS K 2050 19.34 -68.85 61.85
N ALA K 2051 20.01 -68.80 60.70
CA ALA K 2051 21.46 -68.71 60.64
C ALA K 2051 21.83 -67.41 59.93
N ILE K 2052 22.04 -66.35 60.72
CA ILE K 2052 22.39 -65.06 60.14
C ILE K 2052 23.83 -65.08 59.63
N MET K 2053 24.72 -65.77 60.34
CA MET K 2053 26.12 -65.85 59.94
C MET K 2053 26.33 -66.70 58.69
N SER K 2054 25.32 -67.45 58.25
CA SER K 2054 25.46 -68.27 57.05
C SER K 2054 25.36 -67.44 55.78
N PHE K 2055 24.55 -66.38 55.79
CA PHE K 2055 24.43 -65.53 54.61
C PHE K 2055 25.58 -64.54 54.52
N TYR K 2056 26.06 -64.02 55.65
CA TYR K 2056 27.17 -63.08 55.63
C TYR K 2056 28.48 -63.77 55.28
N ALA K 2057 28.60 -65.07 55.57
CA ALA K 2057 29.82 -65.79 55.23
C ALA K 2057 29.98 -65.92 53.72
N ALA K 2058 28.87 -66.03 52.97
CA ALA K 2058 28.95 -66.11 51.53
C ALA K 2058 29.06 -64.74 50.88
N LEU K 2059 28.48 -63.72 51.50
CA LEU K 2059 28.56 -62.36 50.94
C LEU K 2059 29.95 -61.78 51.09
N ILE K 2060 30.58 -61.98 52.25
CA ILE K 2060 31.93 -61.46 52.47
C ILE K 2060 32.93 -62.21 51.59
N ASP K 2061 32.77 -63.53 51.47
CA ASP K 2061 33.65 -64.30 50.60
C ASP K 2061 33.46 -63.95 49.14
N LEU K 2062 32.26 -63.47 48.77
CA LEU K 2062 32.02 -63.07 47.38
C LEU K 2062 32.68 -61.74 47.07
N LEU K 2063 32.69 -60.81 48.02
CA LEU K 2063 33.27 -59.49 47.77
C LEU K 2063 34.76 -59.59 47.51
N GLY K 2064 35.48 -60.41 48.27
CA GLY K 2064 36.90 -60.58 48.04
C GLY K 2064 37.23 -61.25 46.73
N ARG K 2065 36.38 -62.17 46.29
CA ARG K 2065 36.63 -62.86 45.03
C ARG K 2065 36.38 -61.96 43.83
N CYS K 2066 35.30 -61.18 43.86
CA CYS K 2066 34.97 -60.29 42.75
C CYS K 2066 35.78 -59.00 42.77
N ALA K 2067 36.58 -58.76 43.80
CA ALA K 2067 37.38 -57.54 43.81
C ALA K 2067 38.68 -57.75 43.06
N PRO K 2068 39.07 -56.82 42.20
CA PRO K 2068 40.33 -56.95 41.45
C PRO K 2068 41.55 -56.94 42.37
N GLU K 2069 41.78 -58.04 43.08
CA GLU K 2069 42.90 -58.17 43.99
C GLU K 2069 44.14 -58.75 43.33
N MET K 2070 44.20 -58.75 42.01
CA MET K 2070 45.36 -59.27 41.29
C MET K 2070 46.57 -58.37 41.54
N HIS K 2071 47.66 -58.95 42.05
CA HIS K 2071 48.85 -58.17 42.32
C HIS K 2071 49.50 -57.67 41.04
N LEU K 2072 49.34 -58.40 39.93
CA LEU K 2072 49.88 -57.98 38.64
C LEU K 2072 49.03 -56.91 37.96
N ILE K 2073 47.91 -56.53 38.54
CA ILE K 2073 47.03 -55.50 37.99
C ILE K 2073 47.08 -54.22 38.82
N GLN K 2074 47.03 -54.35 40.15
CA GLN K 2074 46.99 -53.18 41.01
C GLN K 2074 48.23 -52.30 40.85
N ALA K 2075 49.38 -52.91 40.54
CA ALA K 2075 50.61 -52.16 40.37
C ALA K 2075 50.58 -51.45 39.02
N GLY K 2076 49.86 -50.33 39.00
CA GLY K 2076 49.74 -49.53 37.78
C GLY K 2076 48.45 -49.77 37.04
N LYS K 2077 47.34 -49.86 37.77
CA LYS K 2077 46.05 -50.13 37.14
C LYS K 2077 45.44 -48.85 36.56
N GLY K 2078 45.18 -47.86 37.41
CA GLY K 2078 44.54 -46.63 37.01
C GLY K 2078 43.03 -46.64 37.16
N GLU K 2079 42.40 -47.80 37.01
CA GLU K 2079 40.96 -47.94 37.17
C GLU K 2079 40.55 -48.91 38.27
N ALA K 2080 41.38 -49.91 38.58
CA ALA K 2080 41.07 -50.86 39.63
C ALA K 2080 41.27 -50.29 41.03
N LEU K 2081 41.89 -49.11 41.16
CA LEU K 2081 42.07 -48.49 42.46
C LEU K 2081 40.76 -47.90 42.98
N ARG K 2082 39.87 -47.47 42.08
CA ARG K 2082 38.59 -46.91 42.51
C ARG K 2082 37.68 -47.98 43.10
N ILE K 2083 37.63 -49.16 42.46
CA ILE K 2083 36.78 -50.23 42.98
C ILE K 2083 37.41 -50.87 44.21
N ARG K 2084 38.74 -50.80 44.33
CA ARG K 2084 39.40 -51.37 45.51
C ARG K 2084 39.06 -50.57 46.77
N ALA K 2085 38.99 -49.24 46.64
CA ALA K 2085 38.64 -48.40 47.79
C ALA K 2085 37.15 -48.48 48.12
N ILE K 2086 36.34 -49.01 47.21
CA ILE K 2086 34.91 -49.16 47.50
C ILE K 2086 34.69 -50.19 48.58
N LEU K 2087 35.40 -51.31 48.51
CA LEU K 2087 35.24 -52.37 49.52
C LEU K 2087 35.81 -51.97 50.87
N ARG K 2088 36.74 -51.01 50.91
CA ARG K 2088 37.33 -50.58 52.17
C ARG K 2088 36.36 -49.74 52.99
N SER K 2089 35.32 -49.19 52.37
CA SER K 2089 34.37 -48.34 53.07
C SER K 2089 33.22 -49.12 53.69
N LEU K 2090 32.74 -50.17 53.00
CA LEU K 2090 31.63 -50.95 53.53
C LEU K 2090 32.07 -51.86 54.67
N VAL K 2091 33.32 -52.30 54.66
CA VAL K 2091 33.88 -53.07 55.77
C VAL K 2091 35.24 -52.51 56.12
N PRO K 2092 35.42 -51.96 57.32
CA PRO K 2092 36.72 -51.43 57.72
C PRO K 2092 37.66 -52.55 58.17
N LEU K 2093 38.87 -52.16 58.57
CA LEU K 2093 39.84 -53.13 59.04
C LEU K 2093 39.53 -53.61 60.45
N ASP K 2094 39.00 -52.73 61.29
CA ASP K 2094 38.65 -53.12 62.66
C ASP K 2094 37.43 -54.04 62.71
N ASP K 2095 36.66 -54.13 61.62
CA ASP K 2095 35.50 -55.02 61.61
C ASP K 2095 35.93 -56.48 61.57
N LEU K 2096 36.94 -56.81 60.77
CA LEU K 2096 37.39 -58.20 60.67
C LEU K 2096 37.98 -58.69 61.99
N VAL K 2097 38.49 -57.79 62.81
CA VAL K 2097 39.03 -58.18 64.11
C VAL K 2097 37.91 -58.66 65.03
N GLY K 2098 36.69 -58.14 64.85
CA GLY K 2098 35.60 -58.52 65.70
C GLY K 2098 35.17 -59.97 65.51
N ILE K 2099 35.12 -60.43 64.26
CA ILE K 2099 34.73 -61.82 63.99
C ILE K 2099 35.77 -62.78 64.54
N ILE K 2100 37.06 -62.48 64.33
CA ILE K 2100 38.12 -63.36 64.80
C ILE K 2100 38.15 -63.40 66.33
N SER K 2101 37.90 -62.25 66.97
CA SER K 2101 37.89 -62.20 68.42
C SER K 2101 36.69 -62.91 69.04
N LEU K 2102 35.67 -63.22 68.25
CA LEU K 2102 34.50 -63.91 68.78
C LEU K 2102 34.85 -65.35 69.11
N PRO K 2103 34.68 -65.79 70.36
CA PRO K 2103 35.03 -67.18 70.70
C PRO K 2103 34.07 -68.17 70.06
N LEU K 2104 34.62 -69.27 69.56
CA LEU K 2104 33.84 -70.32 68.92
C LEU K 2104 33.46 -71.38 69.94
N GLN K 2105 32.73 -72.40 69.47
CA GLN K 2105 32.32 -73.48 70.34
C GLN K 2105 33.49 -74.38 70.69
N ILE K 2106 33.32 -75.15 71.76
CA ILE K 2106 34.33 -76.07 72.26
C ILE K 2106 33.87 -77.49 71.97
N PRO K 2107 34.67 -78.32 71.27
CA PRO K 2107 34.29 -79.70 70.95
C PRO K 2107 34.31 -80.61 72.17
N MET K 2108 27.42 -77.43 66.24
CA MET K 2108 26.30 -77.66 65.34
C MET K 2108 26.45 -76.86 64.06
N SER K 2109 25.76 -77.29 63.00
CA SER K 2109 25.84 -76.60 61.72
C SER K 2109 25.07 -75.29 61.76
N ALA K 2110 23.98 -75.21 62.52
CA ALA K 2110 23.21 -73.98 62.59
C ALA K 2110 23.93 -72.89 63.38
N SER K 2111 24.77 -73.29 64.35
CA SER K 2111 25.52 -72.33 65.16
C SER K 2111 26.79 -71.90 64.43
N PHE K 2112 27.78 -71.43 65.19
CA PHE K 2112 29.03 -71.01 64.58
C PHE K 2112 29.85 -72.22 64.13
N VAL K 2113 30.37 -72.14 62.91
CA VAL K 2113 31.15 -73.22 62.32
C VAL K 2113 32.53 -72.70 62.00
N PRO K 2114 33.60 -73.47 62.25
CA PRO K 2114 34.95 -73.01 61.87
C PRO K 2114 35.11 -72.74 60.38
N ASP K 2115 34.17 -73.20 59.54
CA ASP K 2115 34.22 -72.87 58.12
C ASP K 2115 34.05 -71.38 57.89
N HIS K 2116 33.37 -70.68 58.80
CA HIS K 2116 33.23 -69.23 58.69
C HIS K 2116 34.55 -68.50 58.88
N LYS K 2117 35.50 -69.11 59.59
CA LYS K 2117 36.81 -68.48 59.77
C LYS K 2117 37.55 -68.39 58.44
N ALA K 2118 37.38 -69.38 57.56
CA ALA K 2118 38.04 -69.34 56.26
C ALA K 2118 37.42 -68.29 55.36
N SER K 2119 36.12 -68.02 55.52
CA SER K 2119 35.46 -67.00 54.69
C SER K 2119 35.91 -65.59 55.06
N MET K 2120 36.34 -65.39 56.32
CA MET K 2120 36.77 -64.06 56.75
C MET K 2120 38.23 -63.80 56.40
N VAL K 2121 39.09 -64.81 56.55
CA VAL K 2121 40.51 -64.61 56.27
C VAL K 2121 40.75 -64.49 54.77
N LEU K 2122 39.89 -65.10 53.95
CA LEU K 2122 40.04 -64.96 52.50
C LEU K 2122 39.77 -63.55 52.04
N PHE K 2123 38.87 -62.84 52.71
CA PHE K 2123 38.60 -61.43 52.39
C PHE K 2123 39.68 -60.50 52.90
N LEU K 2124 40.51 -60.95 53.84
CA LEU K 2124 41.51 -60.08 54.44
C LEU K 2124 42.68 -59.84 53.50
N ASP K 2125 43.32 -60.91 53.04
CA ASP K 2125 44.57 -60.80 52.29
C ASP K 2125 44.33 -60.39 50.83
N ARG K 2126 43.19 -59.80 50.53
CA ARG K 2126 42.88 -59.35 49.19
C ARG K 2126 42.60 -57.85 49.09
N VAL K 2127 41.86 -57.29 50.05
CA VAL K 2127 41.57 -55.87 50.04
C VAL K 2127 42.30 -55.12 51.15
N TYR K 2128 42.63 -55.77 52.25
CA TYR K 2128 43.35 -55.16 53.37
C TYR K 2128 44.69 -55.89 53.50
N GLY K 2129 45.70 -55.42 52.77
CA GLY K 2129 47.00 -56.06 52.77
C GLY K 2129 47.66 -56.11 54.13
N ILE K 2130 47.75 -57.32 54.70
CA ILE K 2130 48.40 -57.49 56.00
C ILE K 2130 49.91 -57.35 55.92
N GLU K 2131 50.48 -57.29 54.72
CA GLU K 2131 51.91 -57.13 54.52
C GLU K 2131 52.35 -55.67 54.56
N ASN K 2132 51.56 -54.79 55.19
CA ASN K 2132 51.92 -53.38 55.25
C ASN K 2132 52.91 -53.10 56.36
N GLN K 2133 52.54 -53.41 57.60
CA GLN K 2133 53.39 -53.16 58.75
C GLN K 2133 53.58 -54.43 59.56
N ASP K 2134 54.61 -54.44 60.39
CA ASP K 2134 54.90 -55.61 61.23
C ASP K 2134 54.08 -55.61 62.50
N PHE K 2135 53.67 -54.44 62.99
CA PHE K 2135 52.88 -54.38 64.22
C PHE K 2135 51.43 -54.79 64.00
N LEU K 2136 50.92 -54.63 62.78
CA LEU K 2136 49.54 -55.03 62.50
C LEU K 2136 49.39 -56.54 62.43
N LEU K 2137 50.42 -57.24 61.94
CA LEU K 2137 50.36 -58.70 61.89
C LEU K 2137 50.52 -59.32 63.26
N HIS K 2138 51.32 -58.69 64.14
CA HIS K 2138 51.53 -59.25 65.48
C HIS K 2138 50.26 -59.15 66.32
N VAL K 2139 49.56 -58.02 66.23
CA VAL K 2139 48.33 -57.85 67.01
C VAL K 2139 47.20 -58.71 66.45
N LEU K 2140 47.29 -59.10 65.18
CA LEU K 2140 46.26 -59.95 64.57
C LEU K 2140 46.56 -61.42 64.74
N ASP K 2141 47.83 -61.80 64.87
CA ASP K 2141 48.18 -63.20 65.06
C ASP K 2141 47.67 -63.73 66.39
N VAL K 2142 47.61 -62.87 67.42
CA VAL K 2142 47.09 -63.30 68.71
C VAL K 2142 45.59 -63.53 68.64
N GLY K 2143 44.89 -62.76 67.81
CA GLY K 2143 43.45 -62.96 67.68
C GLY K 2143 43.09 -64.26 67.01
N PHE K 2144 43.85 -64.65 66.00
CA PHE K 2144 43.61 -65.89 65.28
C PHE K 2144 43.96 -67.11 66.13
N LEU K 2145 46.29 -67.27 68.29
CA LEU K 2145 46.90 -68.27 69.17
C LEU K 2145 45.88 -69.23 69.81
N PRO K 2146 44.78 -68.72 70.38
CA PRO K 2146 43.79 -69.66 70.96
C PRO K 2146 43.06 -70.46 69.91
N ASP K 2147 42.78 -69.88 68.75
CA ASP K 2147 42.10 -70.61 67.69
C ASP K 2147 43.00 -71.66 67.04
N MET K 2148 44.31 -71.52 67.17
CA MET K 2148 45.26 -72.48 66.62
C MET K 2148 45.54 -73.65 67.56
N ARG K 2149 44.71 -73.83 68.58
CA ARG K 2149 44.90 -74.93 69.51
C ARG K 2149 44.66 -76.27 68.83
N ALA K 2150 45.45 -77.27 69.20
CA ALA K 2150 45.30 -78.59 68.60
C ALA K 2150 44.00 -79.26 69.05
N ALA K 2151 43.83 -79.44 70.37
CA ALA K 2151 42.65 -80.06 70.94
C ALA K 2151 42.40 -81.45 70.34
N ALA K 2152 43.47 -82.21 70.16
CA ALA K 2152 43.38 -83.55 69.59
C ALA K 2152 42.91 -84.56 70.64
N LEU K 2153 35.63 -82.69 64.52
CA LEU K 2153 35.47 -81.31 64.09
C LEU K 2153 36.35 -81.02 62.88
N ALA K 2154 35.82 -80.26 61.92
CA ALA K 2154 36.54 -79.90 60.70
C ALA K 2154 37.35 -78.63 60.84
N LEU K 2155 37.99 -78.42 62.00
CA LEU K 2155 38.81 -77.23 62.19
C LEU K 2155 40.12 -77.29 61.42
N ASN K 2156 40.61 -78.50 61.10
CA ASN K 2156 41.87 -78.62 60.38
C ASN K 2156 41.75 -78.12 58.95
N ARG K 2157 40.67 -78.47 58.25
CA ARG K 2157 40.52 -78.05 56.87
C ARG K 2157 40.29 -76.55 56.76
N TYR K 2158 39.67 -75.93 57.77
CA TYR K 2158 39.40 -74.50 57.71
C TYR K 2158 40.63 -73.67 58.06
N LEU K 2159 41.57 -74.24 58.82
CA LEU K 2159 42.75 -73.49 59.24
C LEU K 2159 43.95 -73.74 58.32
N CYS K 2160 44.09 -74.96 57.81
CA CYS K 2160 45.26 -75.30 56.99
C CYS K 2160 45.12 -74.82 55.55
N LEU K 2161 43.89 -74.64 55.05
CA LEU K 2161 43.70 -74.25 53.66
C LEU K 2161 43.79 -72.74 53.47
N ALA K 2162 43.27 -71.96 54.41
CA ALA K 2162 43.24 -70.51 54.27
C ALA K 2162 44.02 -69.78 55.36
N VAL K 2163 43.85 -70.18 56.63
CA VAL K 2163 44.51 -69.46 57.72
C VAL K 2163 45.99 -69.75 57.74
N LEU K 2164 46.38 -70.99 57.47
CA LEU K 2164 47.81 -71.35 57.51
C LEU K 2164 48.61 -70.70 56.38
N PRO K 2165 48.18 -70.74 55.11
CA PRO K 2165 48.98 -70.09 54.06
C PRO K 2165 49.07 -68.57 54.19
N LEU K 2166 48.31 -67.95 55.10
CA LEU K 2166 48.39 -66.51 55.25
C LEU K 2166 49.73 -66.07 55.84
N ILE K 2167 50.20 -66.78 56.86
CA ILE K 2167 51.47 -66.41 57.49
C ILE K 2167 52.67 -66.81 56.64
N THR K 2168 52.48 -67.72 55.67
CA THR K 2168 53.59 -68.11 54.81
C THR K 2168 53.96 -67.03 53.81
N LYS K 2169 52.97 -66.25 53.35
CA LYS K 2169 53.24 -65.20 52.40
C LYS K 2169 53.99 -64.04 53.04
N CYS K 2170 53.81 -63.82 54.35
CA CYS K 2170 54.47 -62.75 55.08
C CYS K 2170 55.60 -63.29 55.96
N ALA K 2171 56.32 -64.30 55.47
CA ALA K 2171 57.43 -64.85 56.26
C ALA K 2171 58.60 -63.87 56.36
N PRO K 2172 59.08 -63.23 55.29
CA PRO K 2172 60.18 -62.27 55.45
C PRO K 2172 59.78 -60.98 56.16
N LEU K 2173 58.50 -60.80 56.48
CA LEU K 2173 58.07 -59.59 57.17
C LEU K 2173 58.37 -59.63 58.67
N PHE K 2174 58.48 -60.81 59.26
CA PHE K 2174 58.75 -60.92 60.69
C PHE K 2174 60.13 -60.37 61.01
N ALA K 2175 60.21 -59.57 62.06
CA ALA K 2175 61.47 -58.95 62.47
C ALA K 2175 62.32 -59.94 63.29
N MET K 2176 52.80 -63.71 70.58
CA MET K 2176 54.08 -64.29 70.95
C MET K 2176 54.60 -65.20 69.84
N VAL K 2177 55.88 -65.04 69.49
CA VAL K 2177 56.47 -65.87 68.44
C VAL K 2177 57.00 -67.20 68.98
N ASP K 2178 57.29 -67.29 70.28
CA ASP K 2178 57.79 -68.54 70.84
C ASP K 2178 56.66 -69.53 71.09
N SER K 2179 55.52 -69.05 71.59
CA SER K 2179 54.39 -69.94 71.84
C SER K 2179 53.71 -70.37 70.54
N MET K 2180 53.74 -69.52 69.52
CA MET K 2180 53.12 -69.86 68.24
C MET K 2180 53.96 -70.87 67.46
N LEU K 2181 55.29 -70.83 67.58
CA LEU K 2181 56.13 -71.76 66.85
C LEU K 2181 56.06 -73.16 67.45
N HIS K 2182 55.85 -73.25 68.77
CA HIS K 2182 55.76 -74.56 69.41
C HIS K 2182 54.53 -75.33 68.95
N THR K 2183 53.44 -74.62 68.60
CA THR K 2183 52.24 -75.28 68.11
C THR K 2183 52.34 -75.69 66.65
N VAL K 2184 53.27 -75.08 65.89
CA VAL K 2184 53.43 -75.46 64.49
C VAL K 2184 54.04 -76.86 64.38
N TYR K 2185 55.11 -77.12 65.12
CA TYR K 2185 55.74 -78.43 65.09
C TYR K 2185 54.86 -79.49 65.73
N ARG K 2186 53.98 -79.09 66.67
CA ARG K 2186 53.10 -80.05 67.32
C ARG K 2186 52.04 -80.57 66.35
N LEU K 2187 51.57 -79.71 65.45
CA LEU K 2187 50.57 -80.14 64.48
C LEU K 2187 51.18 -81.03 63.40
N SER K 2188 52.48 -80.88 63.12
CA SER K 2188 53.12 -81.72 62.13
C SER K 2188 53.26 -83.15 62.61
N ARG K 2189 53.51 -83.35 63.91
CA ARG K 2189 53.63 -84.68 64.48
C ARG K 2189 52.29 -85.33 64.75
N GLY K 2190 51.19 -84.64 64.54
CA GLY K 2190 49.87 -85.22 64.78
C GLY K 2190 49.57 -86.31 63.76
N ARG K 2191 49.09 -87.46 64.25
CA ARG K 2191 48.78 -88.59 63.38
C ARG K 2191 47.35 -88.51 62.83
N SER K 2192 46.40 -88.06 63.64
CA SER K 2192 45.00 -87.98 63.21
C SER K 2192 44.75 -86.69 62.43
N LEU K 2193 45.60 -86.42 61.44
CA LEU K 2193 45.48 -85.25 60.59
C LEU K 2193 45.33 -85.68 59.14
N THR K 2194 44.93 -84.73 58.29
CA THR K 2194 44.79 -85.01 56.86
C THR K 2194 46.16 -85.16 56.23
N LYS K 2195 46.31 -86.20 55.39
CA LYS K 2195 47.58 -86.44 54.73
C LYS K 2195 47.94 -85.30 53.78
N ALA K 2196 46.96 -84.75 53.08
CA ALA K 2196 47.23 -83.64 52.18
C ALA K 2196 47.48 -82.35 52.94
N GLN K 2197 46.86 -82.19 54.11
CA GLN K 2197 47.07 -80.98 54.91
C GLN K 2197 48.39 -81.02 55.68
N ARG K 2198 48.89 -82.22 55.97
CA ARG K 2198 50.15 -82.33 56.71
C ARG K 2198 51.32 -81.82 55.88
N ASP K 2199 51.27 -81.99 54.55
CA ASP K 2199 52.34 -81.48 53.71
C ASP K 2199 52.39 -79.96 53.71
N VAL K 2200 51.24 -79.30 53.85
CA VAL K 2200 51.23 -77.85 53.93
C VAL K 2200 51.85 -77.37 55.23
N ILE K 2201 51.63 -78.11 56.32
CA ILE K 2201 52.23 -77.75 57.60
C ILE K 2201 53.73 -77.92 57.55
N GLU K 2202 54.21 -78.96 56.84
CA GLU K 2202 55.65 -79.17 56.72
C GLU K 2202 56.30 -78.05 55.92
N GLU K 2203 55.64 -77.58 54.86
CA GLU K 2203 56.18 -76.46 54.10
C GLU K 2203 56.07 -75.15 54.86
N CYS K 2204 55.11 -75.06 55.78
CA CYS K 2204 54.97 -73.85 56.58
C CYS K 2204 56.05 -73.75 57.66
N LEU K 2205 56.55 -74.89 58.13
CA LEU K 2205 57.57 -74.88 59.17
C LEU K 2205 58.89 -74.33 58.64
N MET K 2206 59.22 -74.64 57.38
CA MET K 2206 60.48 -74.16 56.82
C MET K 2206 60.49 -72.66 56.61
N ALA K 2207 59.34 -72.08 56.25
CA ALA K 2207 59.26 -70.65 55.99
C ALA K 2207 59.18 -69.83 57.28
N LEU K 2208 58.69 -70.41 58.37
CA LEU K 2208 58.56 -69.69 59.63
C LEU K 2208 59.82 -69.75 60.49
N CYS K 2209 60.69 -70.74 60.27
CA CYS K 2209 61.92 -70.82 61.04
C CYS K 2209 62.93 -69.76 60.60
N ARG K 2210 62.91 -69.38 59.32
CA ARG K 2210 63.81 -68.37 58.81
C ARG K 2210 63.23 -66.98 58.99
N TYR K 2211 63.99 -65.96 58.61
CA TYR K 2211 63.62 -64.55 58.70
C TYR K 2211 63.37 -64.09 60.12
N ILE K 2212 63.73 -64.90 61.12
CA ILE K 2212 63.56 -64.54 62.52
C ILE K 2212 64.92 -64.66 63.20
N ARG K 2213 65.14 -63.84 64.22
CA ARG K 2213 66.40 -63.87 64.95
C ARG K 2213 66.62 -65.25 65.54
N PRO K 2214 67.87 -65.72 65.59
CA PRO K 2214 68.13 -67.08 66.12
C PRO K 2214 67.79 -67.24 67.58
N SER K 2215 67.64 -66.14 68.33
CA SER K 2215 67.31 -66.25 69.75
C SER K 2215 65.88 -66.76 69.96
N MET K 2216 64.98 -66.47 69.02
CA MET K 2216 63.59 -66.90 69.17
C MET K 2216 63.42 -68.37 68.77
N LEU K 2217 64.11 -68.80 67.72
CA LEU K 2217 63.96 -70.18 67.27
C LEU K 2217 64.73 -71.17 68.14
N GLN K 2218 65.80 -70.71 68.80
CA GLN K 2218 66.59 -71.59 69.65
C GLN K 2218 65.85 -72.01 70.91
N HIS K 2219 64.88 -71.21 71.36
CA HIS K 2219 64.12 -71.58 72.55
C HIS K 2219 63.23 -72.79 72.29
N LEU K 2220 62.44 -72.75 71.22
CA LEU K 2220 61.58 -73.87 70.86
C LEU K 2220 62.32 -74.98 70.13
N LEU K 2221 63.60 -74.80 69.83
CA LEU K 2221 64.38 -75.84 69.17
C LEU K 2221 64.62 -77.04 70.07
N ARG K 2222 64.48 -76.87 71.39
CA ARG K 2222 64.71 -77.98 72.31
C ARG K 2222 63.71 -79.11 72.09
N ARG K 2223 62.50 -78.78 71.61
CA ARG K 2223 61.51 -79.82 71.34
C ARG K 2223 61.92 -80.69 70.15
N LEU K 2224 62.60 -80.10 69.17
CA LEU K 2224 63.05 -80.87 68.02
C LEU K 2224 64.24 -81.76 68.34
N VAL K 2225 65.02 -81.41 69.36
CA VAL K 2225 66.16 -82.25 69.74
C VAL K 2225 65.70 -83.57 70.34
N PHE K 2226 64.68 -83.51 71.18
CA PHE K 2226 64.15 -84.73 71.81
C PHE K 2226 63.21 -85.46 70.88
N UNK K 2227 60.72 -86.74 59.17
CA UNK K 2227 61.79 -86.29 58.30
C UNK K 2227 61.74 -84.77 58.13
N UNK K 2228 60.66 -84.16 58.60
CA UNK K 2228 60.49 -82.72 58.50
C UNK K 2228 61.40 -82.00 59.48
N UNK K 2229 61.70 -82.66 60.59
CA UNK K 2229 62.57 -82.09 61.62
C UNK K 2229 64.04 -82.19 61.20
N UNK K 2230 64.33 -83.12 60.31
CA UNK K 2230 65.69 -83.33 59.82
C UNK K 2230 66.11 -82.19 58.91
N UNK K 2231 65.16 -81.69 58.12
CA UNK K 2231 65.43 -80.59 57.20
C UNK K 2231 65.25 -79.25 57.91
N UNK K 2232 64.65 -79.28 59.09
CA UNK K 2232 64.41 -78.08 59.87
C UNK K 2232 65.70 -77.56 60.49
N UNK K 2233 66.46 -78.47 61.10
CA UNK K 2233 67.72 -78.12 61.73
C UNK K 2233 68.84 -78.01 60.70
N UNK K 2234 68.58 -78.53 59.50
CA UNK K 2234 69.57 -78.51 58.42
C UNK K 2234 69.62 -77.12 57.77
N UNK K 2235 68.54 -76.37 57.91
CA UNK K 2235 68.46 -75.03 57.34
C UNK K 2235 68.68 -73.97 58.40
N UNK K 2236 68.34 -74.29 59.64
CA UNK K 2236 68.50 -73.37 60.75
C UNK K 2236 69.97 -73.21 61.13
N UNK K 2237 70.72 -74.30 61.02
CA UNK K 2237 72.15 -74.28 61.34
C UNK K 2237 72.96 -73.75 60.17
N UNK K 2238 72.37 -73.79 58.98
CA UNK K 2238 73.04 -73.32 57.78
C UNK K 2238 73.00 -71.79 57.70
N UNK K 2239 71.99 -71.20 58.32
CA UNK K 2239 71.83 -69.75 58.34
C UNK K 2239 72.81 -69.10 59.32
N UNK K 2240 74.51 -72.97 76.31
CA UNK K 2240 74.09 -74.37 76.24
C UNK K 2240 73.50 -74.70 74.88
N UNK K 2241 73.57 -73.75 73.96
CA UNK K 2241 73.03 -73.93 72.62
C UNK K 2241 73.98 -74.80 71.79
N UNK K 2242 75.28 -74.59 71.97
CA UNK K 2242 76.28 -75.35 71.23
C UNK K 2242 76.39 -76.77 71.77
N UNK K 2243 76.07 -76.94 73.05
CA UNK K 2243 76.14 -78.25 73.69
C UNK K 2243 74.93 -79.10 73.29
N UNK K 2244 73.77 -78.46 73.19
CA UNK K 2244 72.55 -79.15 72.82
C UNK K 2244 72.56 -79.54 71.34
N UNK K 2245 73.20 -78.71 70.53
CA UNK K 2245 73.30 -78.96 69.09
C UNK K 2245 74.27 -80.11 68.81
N UNK K 2246 75.33 -80.18 69.61
CA UNK K 2246 76.33 -81.23 69.45
C UNK K 2246 75.80 -82.58 69.94
N UNK K 2247 74.90 -82.52 70.92
CA UNK K 2247 74.31 -83.74 71.48
C UNK K 2247 73.28 -84.33 70.52
N UNK K 2248 72.66 -83.47 69.72
CA UNK K 2248 71.66 -83.91 68.76
C UNK K 2248 72.32 -84.54 67.54
N UNK K 2249 73.54 -84.11 67.25
CA UNK K 2249 74.29 -84.62 66.11
C UNK K 2249 74.92 -85.97 66.42
N UNK K 2250 75.26 -86.17 67.69
CA UNK K 2250 75.88 -87.41 68.13
C UNK K 2250 74.84 -88.53 68.27
N UNK K 2251 73.64 -88.15 68.70
CA UNK K 2251 72.56 -89.11 68.88
C UNK K 2251 71.99 -89.55 67.54
N UNK K 2252 72.05 -88.67 66.56
CA UNK K 2252 71.53 -88.96 65.22
C UNK K 2252 72.53 -89.80 64.43
N UNK K 2253 73.81 -89.56 64.65
CA UNK K 2253 74.87 -90.31 63.96
C UNK K 2253 74.98 -91.72 64.50
N UNK K 2254 74.70 -91.88 65.79
CA UNK K 2254 74.77 -93.20 66.43
C UNK K 2254 73.58 -94.06 66.03
N UNK K 2255 72.44 -93.41 65.80
CA UNK K 2255 71.22 -94.13 65.42
C UNK K 2255 71.29 -94.54 63.95
N UNK K 2256 71.98 -93.75 63.15
CA UNK K 2256 72.13 -94.03 61.72
C UNK K 2256 73.11 -95.17 61.49
N UNK K 2257 74.10 -95.29 62.37
CA UNK K 2257 75.10 -96.34 62.27
C UNK K 2257 74.54 -97.67 62.78
N UNK K 2258 73.54 -97.58 63.65
CA UNK K 2258 72.92 -98.77 64.23
C UNK K 2258 71.96 -99.41 63.22
N UNK K 2259 71.27 -98.57 62.44
CA UNK K 2259 70.33 -99.05 61.44
C UNK K 2259 71.04 -99.40 60.14
N UNK K 2260 66.30 -90.41 52.66
CA UNK K 2260 66.43 -90.40 54.11
C UNK K 2260 67.90 -90.31 54.52
N UNK K 2261 68.75 -91.08 53.86
CA UNK K 2261 70.18 -91.10 54.17
C UNK K 2261 70.86 -89.86 53.61
N UNK K 2262 70.28 -89.30 52.55
CA UNK K 2262 70.84 -88.11 51.91
C UNK K 2262 70.46 -86.86 52.69
N UNK K 2263 69.36 -86.93 53.43
CA UNK K 2263 68.89 -85.79 54.22
C UNK K 2263 69.68 -85.68 55.53
N UNK K 2264 70.04 -86.84 56.09
CA UNK K 2264 70.77 -86.88 57.35
C UNK K 2264 72.24 -86.52 57.13
N UNK K 2265 72.75 -86.84 55.94
CA UNK K 2265 74.14 -86.56 55.61
C UNK K 2265 74.36 -85.08 55.37
N UNK K 2266 73.33 -84.40 54.86
CA UNK K 2266 73.42 -82.97 54.59
C UNK K 2266 73.15 -82.16 55.85
N UNK K 2267 72.44 -82.76 56.80
CA UNK K 2267 72.11 -82.10 58.05
C UNK K 2267 73.27 -82.19 59.03
N UNK K 2268 74.09 -83.23 58.88
CA UNK K 2268 75.23 -83.43 59.76
C UNK K 2268 76.44 -82.60 59.31
N UNK K 2269 76.52 -82.36 57.99
CA UNK K 2269 77.61 -81.60 57.43
C UNK K 2269 77.40 -80.10 57.63
N UNK K 2270 76.14 -79.68 57.61
CA UNK K 2270 75.81 -78.27 57.79
C UNK K 2270 75.86 -77.87 59.26
N UNK K 2271 75.70 -78.86 60.14
CA UNK K 2271 75.73 -78.61 61.58
C UNK K 2271 77.16 -78.42 62.07
N UNK K 2272 78.12 -78.95 61.31
CA UNK K 2272 79.52 -78.85 61.67
C UNK K 2272 80.04 -77.42 61.44
N ASP K 2273 62.70 -87.91 77.53
CA ASP K 2273 62.05 -89.02 78.22
C ASP K 2273 62.64 -89.22 79.61
N PRO K 2274 61.89 -88.87 80.65
CA PRO K 2274 62.40 -89.04 82.02
C PRO K 2274 62.39 -90.50 82.42
N ARG K 2275 63.54 -90.98 82.87
CA ARG K 2275 63.70 -92.38 83.30
C ARG K 2275 64.55 -92.41 84.56
N PRO K 2276 63.91 -92.33 85.74
CA PRO K 2276 64.67 -92.37 86.99
C PRO K 2276 65.21 -93.76 87.27
N VAL K 2277 66.38 -93.79 87.91
CA VAL K 2277 67.01 -95.06 88.24
C VAL K 2277 66.21 -95.76 89.33
N GLU K 2278 66.17 -97.09 89.25
CA GLU K 2278 65.45 -97.88 90.23
C GLU K 2278 66.16 -97.85 91.58
N THR K 2279 65.39 -97.65 92.64
CA THR K 2279 65.93 -97.61 93.99
C THR K 2279 65.16 -98.47 94.99
N LEU K 2280 64.11 -99.17 94.55
CA LEU K 2280 63.35 -100.02 95.47
C LEU K 2280 64.13 -101.28 95.83
N ASN K 2281 64.77 -101.90 94.85
CA ASN K 2281 65.56 -103.12 95.07
C ASN K 2281 67.00 -102.82 95.47
N VAL K 2282 67.33 -101.57 95.74
CA VAL K 2282 68.69 -101.18 96.13
C VAL K 2282 68.82 -101.31 97.64
N ILE K 2283 69.81 -102.08 98.09
CA ILE K 2283 70.06 -102.30 99.51
CA ILE K 2283 70.06 -102.30 99.51
C ILE K 2283 71.29 -101.49 99.90
N ILE K 2284 71.14 -100.68 100.95
CA ILE K 2284 72.24 -99.85 101.45
C ILE K 2284 73.06 -100.66 102.43
N PRO K 2285 74.38 -100.45 102.49
CA PRO K 2285 75.19 -101.22 103.44
C PRO K 2285 74.96 -100.77 104.87
N GLU K 2286 75.32 -101.67 105.80
CA GLU K 2286 75.14 -101.36 107.22
C GLU K 2286 76.11 -100.29 107.68
N LYS K 2287 77.28 -100.18 107.05
N LYS K 2287 77.28 -100.18 107.05
CA LYS K 2287 78.25 -99.17 107.44
CA LYS K 2287 78.25 -99.17 107.44
C LYS K 2287 77.83 -97.77 107.03
C LYS K 2287 77.83 -97.77 107.03
N LEU K 2288 76.95 -97.65 106.03
CA LEU K 2288 76.48 -96.34 105.58
C LEU K 2288 75.37 -95.77 106.45
N ASP K 2289 74.90 -96.52 107.45
CA ASP K 2289 73.84 -96.01 108.32
C ASP K 2289 74.34 -94.89 109.21
N SER K 2290 75.64 -94.88 109.53
CA SER K 2290 76.20 -93.81 110.34
C SER K 2290 76.23 -92.49 109.58
N PHE K 2291 76.55 -92.54 108.29
CA PHE K 2291 76.57 -91.32 107.49
C PHE K 2291 75.16 -90.80 107.22
N ILE K 2292 74.16 -91.68 107.23
CA ILE K 2292 72.79 -91.24 107.00
C ILE K 2292 72.29 -90.43 108.19
N ASN K 2293 72.62 -90.86 109.41
CA ASN K 2293 72.21 -90.12 110.59
C ASN K 2293 72.94 -88.79 110.70
N LYS K 2294 74.21 -88.74 110.28
CA LYS K 2294 74.96 -87.49 110.32
C LYS K 2294 74.46 -86.51 109.26
N PHE K 2295 74.07 -87.02 108.09
CA PHE K 2295 73.54 -86.16 107.04
C PHE K 2295 72.15 -85.65 107.38
N ALA K 2296 71.34 -86.47 108.05
CA ALA K 2296 70.00 -86.03 108.43
C ALA K 2296 70.06 -84.96 109.51
N GLU K 2297 71.03 -85.07 110.42
CA GLU K 2297 71.18 -84.05 111.45
C GLU K 2297 71.71 -82.74 110.89
N TYR K 2298 72.59 -82.81 109.88
CA TYR K 2298 73.10 -81.59 109.26
C TYR K 2298 72.02 -80.91 108.42
N THR K 2299 71.20 -81.70 107.72
CA THR K 2299 70.13 -81.10 106.92
CA THR K 2299 70.13 -81.10 106.92
C THR K 2299 69.06 -80.46 107.80
N HIS K 2300 68.77 -81.07 108.95
CA HIS K 2300 67.78 -80.49 109.86
C HIS K 2300 68.32 -79.23 110.54
N GLU K 2301 69.61 -79.24 110.89
CA GLU K 2301 70.20 -78.05 111.51
C GLU K 2301 70.34 -76.91 110.52
N LYS K 2302 70.60 -77.22 109.24
CA LYS K 2302 70.70 -76.17 108.24
C LYS K 2302 69.35 -75.50 108.00
N TRP K 2303 68.28 -76.28 107.97
CA TRP K 2303 66.95 -75.71 107.79
C TRP K 2303 66.53 -74.91 109.02
N ALA K 2304 66.90 -75.40 110.21
CA ALA K 2304 66.57 -74.67 111.43
C ALA K 2304 67.40 -73.41 111.59
N PHE K 2305 68.61 -73.39 111.01
CA PHE K 2305 69.45 -72.20 111.10
C PHE K 2305 68.85 -71.04 110.33
N ASP K 2306 68.36 -71.29 109.12
CA ASP K 2306 67.73 -70.23 108.34
C ASP K 2306 66.39 -69.83 108.94
N LYS K 2307 65.70 -70.76 109.61
CA LYS K 2307 64.43 -70.43 110.24
C LYS K 2307 64.64 -69.59 111.50
N ILE K 2308 65.72 -69.84 112.24
CA ILE K 2308 65.98 -69.06 113.45
C ILE K 2308 66.31 -67.62 113.11
N GLN K 2309 66.87 -67.37 111.92
CA GLN K 2309 67.17 -66.00 111.51
C GLN K 2309 65.92 -65.19 111.19
N ASN K 2310 64.79 -65.87 110.96
CA ASN K 2310 63.53 -65.18 110.65
C ASN K 2310 62.67 -64.96 111.89
N ASN K 2311 63.28 -64.88 113.06
CA ASN K 2311 62.56 -64.63 114.32
C ASN K 2311 61.51 -65.70 114.58
N TRP K 2312 61.81 -66.94 114.23
CA TRP K 2312 60.91 -68.07 114.43
C TRP K 2312 61.31 -68.84 115.68
N SER K 2313 60.30 -69.39 116.36
CA SER K 2313 60.51 -70.17 117.57
C SER K 2313 59.70 -71.47 117.49
N TYR K 2314 59.89 -72.31 118.50
CA TYR K 2314 59.19 -73.59 118.53
C TYR K 2314 57.71 -73.39 118.87
N GLY K 2315 56.88 -74.29 118.37
CA GLY K 2315 55.46 -74.23 118.61
C GLY K 2315 54.81 -75.59 118.50
N GLU K 2316 53.65 -75.73 119.16
CA GLU K 2316 52.94 -76.99 119.12
C GLU K 2316 52.33 -77.25 117.75
N ASN K 2317 51.77 -76.22 117.13
CA ASN K 2317 51.15 -76.34 115.81
C ASN K 2317 51.81 -75.38 114.84
N ILE K 2318 51.73 -75.72 113.55
CA ILE K 2318 52.32 -74.88 112.52
C ILE K 2318 51.47 -73.63 112.34
N ASP K 2319 52.13 -72.47 112.33
CA ASP K 2319 51.44 -71.20 112.17
C ASP K 2319 52.33 -70.26 111.38
N GLU K 2320 51.88 -69.88 110.18
CA GLU K 2320 52.68 -68.97 109.35
C GLU K 2320 52.70 -67.56 109.92
N GLU K 2321 51.64 -67.16 110.64
CA GLU K 2321 51.60 -65.82 111.21
C GLU K 2321 52.54 -65.71 112.42
N LEU K 2322 52.43 -66.65 113.35
CA LEU K 2322 53.27 -66.66 114.54
C LEU K 2322 54.68 -67.19 114.27
N LYS K 2323 54.93 -67.74 113.08
CA LYS K 2323 56.23 -68.29 112.71
C LYS K 2323 56.68 -69.37 113.71
N THR K 2324 55.82 -70.37 113.87
CA THR K 2324 56.08 -71.49 114.75
C THR K 2324 56.15 -72.79 113.95
N HIS K 2325 56.91 -73.74 114.47
CA HIS K 2325 57.08 -75.03 113.82
C HIS K 2325 57.49 -76.07 114.85
N PRO K 2326 56.93 -77.28 114.82
CA PRO K 2326 57.33 -78.29 115.80
C PRO K 2326 58.68 -78.92 115.53
N MET K 2327 59.25 -78.72 114.35
CA MET K 2327 60.55 -79.29 114.01
C MET K 2327 61.72 -78.45 114.50
N LEU K 2328 61.46 -77.31 115.15
CA LEU K 2328 62.52 -76.43 115.65
C LEU K 2328 63.02 -76.99 116.99
N ARG K 2329 63.79 -78.07 116.90
CA ARG K 2329 64.33 -78.73 118.08
C ARG K 2329 65.56 -79.54 117.70
N PRO K 2330 66.24 -80.16 118.67
CA PRO K 2330 67.43 -80.96 118.34
C PRO K 2330 67.05 -82.25 117.63
N TYR K 2331 67.99 -82.75 116.83
CA TYR K 2331 67.75 -83.98 116.09
C TYR K 2331 67.73 -85.22 116.99
N LYS K 2332 68.38 -85.16 118.15
CA LYS K 2332 68.39 -86.30 119.05
C LYS K 2332 67.04 -86.51 119.71
N THR K 2333 66.24 -85.44 119.84
CA THR K 2333 64.92 -85.53 120.45
C THR K 2333 63.83 -85.96 119.47
N PHE K 2334 64.17 -86.17 118.20
CA PHE K 2334 63.20 -86.59 117.22
C PHE K 2334 62.96 -88.10 117.27
N SER K 2335 61.72 -88.49 117.02
CA SER K 2335 61.35 -89.89 117.03
C SER K 2335 61.72 -90.54 115.69
N GLU K 2336 61.30 -91.79 115.49
CA GLU K 2336 61.61 -92.48 114.26
C GLU K 2336 60.85 -91.89 113.08
N LYS K 2337 59.63 -91.39 113.31
CA LYS K 2337 58.86 -90.80 112.23
C LYS K 2337 59.41 -89.43 111.83
N ASP K 2338 59.86 -88.64 112.81
CA ASP K 2338 60.41 -87.33 112.51
C ASP K 2338 61.77 -87.44 111.84
N LYS K 2339 62.57 -88.44 112.25
CA LYS K 2339 63.88 -88.63 111.65
C LYS K 2339 63.80 -89.19 110.23
N GLU K 2340 62.72 -89.89 109.89
CA GLU K 2340 62.56 -90.44 108.54
C GLU K 2340 62.25 -89.38 107.50
N ILE K 2341 61.85 -88.16 107.92
CA ILE K 2341 61.55 -87.11 106.96
C ILE K 2341 62.83 -86.63 106.27
N TYR K 2342 63.93 -86.58 107.01
CA TYR K 2342 65.21 -86.16 106.45
C TYR K 2342 66.06 -87.32 105.97
N ARG K 2343 65.84 -88.53 106.50
CA ARG K 2343 66.61 -89.69 106.08
C ARG K 2343 66.15 -90.27 104.76
N TRP K 2344 64.88 -90.04 104.39
CA TRP K 2344 64.35 -90.54 103.13
CA TRP K 2344 64.35 -90.54 103.13
C TRP K 2344 65.02 -89.85 101.95
N PRO K 2345 65.25 -88.54 102.04
CA PRO K 2345 65.91 -87.84 100.93
C PRO K 2345 67.37 -88.23 100.76
N ILE K 2346 68.07 -88.57 101.85
CA ILE K 2346 69.46 -88.98 101.74
C ILE K 2346 69.57 -90.44 101.30
N LYS K 2347 68.64 -91.29 101.74
CA LYS K 2347 68.68 -92.69 101.34
C LYS K 2347 68.33 -92.85 99.86
N GLU K 2348 67.40 -92.04 99.37
CA GLU K 2348 67.04 -92.12 97.95
C GLU K 2348 68.18 -91.65 97.06
N SER K 2349 68.92 -90.63 97.49
CA SER K 2349 70.07 -90.16 96.71
C SER K 2349 71.22 -91.17 96.77
N LEU K 2350 71.42 -91.80 97.93
CA LEU K 2350 72.49 -92.79 98.05
C LEU K 2350 72.14 -94.07 97.29
N LYS K 2351 70.86 -94.41 97.19
CA LYS K 2351 70.47 -95.61 96.46
C LYS K 2351 70.70 -95.45 94.96
N ALA K 2352 70.59 -94.23 94.44
CA ALA K 2352 70.84 -94.00 93.02
C ALA K 2352 72.31 -94.21 92.69
N MET K 2353 73.20 -93.81 93.59
CA MET K 2353 74.63 -94.01 93.36
C MET K 2353 75.02 -95.48 93.45
N ILE K 2354 74.34 -96.25 94.31
CA ILE K 2354 74.64 -97.66 94.44
C ILE K 2354 74.27 -98.42 93.17
N ALA K 2355 73.19 -97.99 92.49
CA ALA K 2355 72.80 -98.64 91.24
C ALA K 2355 73.76 -98.31 90.10
N TRP K 2356 74.47 -97.19 90.18
CA TRP K 2356 75.42 -96.79 89.15
C TRP K 2356 76.79 -97.42 89.35
N GLU K 2357 76.91 -98.43 90.21
CA GLU K 2357 78.18 -99.13 90.46
C GLU K 2357 79.25 -98.16 90.96
N TRP K 2358 78.86 -97.31 91.89
CA TRP K 2358 79.79 -96.36 92.49
C TRP K 2358 80.41 -96.92 93.76
N THR K 2359 81.62 -96.49 94.06
CA THR K 2359 82.36 -96.95 95.23
C THR K 2359 82.28 -95.89 96.33
N ILE K 2360 81.84 -96.31 97.51
CA ILE K 2360 81.73 -95.41 98.66
C ILE K 2360 82.28 -96.11 99.89
N GLU K 2361 83.51 -95.79 100.27
CA GLU K 2361 84.16 -96.39 101.43
C GLU K 2361 84.90 -95.31 102.20
N LYS K 2362 84.99 -95.50 103.51
CA LYS K 2362 85.68 -94.57 104.38
C LYS K 2362 87.19 -94.79 104.25
N ALA K 2363 87.84 -93.92 103.48
CA ALA K 2363 89.28 -94.03 103.24
C ALA K 2363 90.11 -93.11 104.13
N ARG K 2364 89.54 -92.01 104.59
CA ARG K 2364 90.24 -91.05 105.43
C ARG K 2364 89.39 -90.73 106.65
N GLU K 2365 90.01 -90.08 107.63
CA GLU K 2365 89.32 -89.69 108.85
C GLU K 2365 88.51 -88.42 108.63
N GLY K 2366 87.41 -88.31 109.37
CA GLY K 2366 86.56 -87.14 109.25
C GLY K 2366 87.19 -85.91 109.86
N GLU K 2367 86.64 -84.76 109.48
CA GLU K 2367 87.13 -83.48 109.97
C GLU K 2367 86.41 -83.06 111.26
N TYR K 2368 67.29 -73.51 122.13
CA TYR K 2368 67.74 -74.22 120.94
C TYR K 2368 68.52 -73.29 120.01
N ASN K 2369 69.84 -73.48 119.95
CA ASN K 2369 70.72 -72.68 119.10
C ASN K 2369 71.58 -73.63 118.27
N PRO K 2370 71.04 -74.13 117.17
CA PRO K 2370 71.80 -75.05 116.32
C PRO K 2370 72.87 -74.31 115.51
N GLN K 2371 74.03 -74.94 115.38
CA GLN K 2371 75.17 -74.39 114.64
C GLN K 2371 75.60 -75.41 113.60
N PRO K 2372 75.04 -75.35 112.39
CA PRO K 2372 75.43 -76.31 111.36
C PRO K 2372 76.81 -75.98 110.82
N PRO K 2373 77.55 -76.97 110.35
CA PRO K 2373 78.89 -76.70 109.81
C PRO K 2373 78.82 -75.98 108.47
N ASP K 2374 79.85 -75.19 108.20
CA ASP K 2374 79.94 -74.43 106.96
C ASP K 2374 80.58 -75.29 105.87
N LEU K 2375 79.93 -75.36 104.72
CA LEU K 2375 80.43 -76.12 103.58
C LEU K 2375 80.89 -75.24 102.43
N SER K 2376 81.09 -73.95 102.68
CA SER K 2376 81.54 -73.06 101.61
C SER K 2376 83.00 -73.28 101.27
N GLY K 2377 83.80 -73.74 102.23
CA GLY K 2377 85.21 -73.98 102.04
C GLY K 2377 85.56 -75.35 101.49
N VAL K 2378 84.58 -76.15 101.13
CA VAL K 2378 84.81 -77.48 100.57
C VAL K 2378 84.91 -77.37 99.06
N THR K 2379 86.07 -77.73 98.50
CA THR K 2379 86.31 -77.66 97.08
C THR K 2379 86.21 -79.05 96.47
N LEU K 2380 85.42 -79.18 95.40
CA LEU K 2380 85.24 -80.44 94.72
C LEU K 2380 86.09 -80.49 93.45
N SER K 2381 86.67 -81.66 93.17
CA SER K 2381 87.51 -81.83 92.00
C SER K 2381 86.67 -81.92 90.74
N ARG K 2382 87.34 -82.09 89.60
CA ARG K 2382 86.63 -82.20 88.33
C ARG K 2382 85.82 -83.50 88.27
N GLU K 2383 86.36 -84.59 88.82
CA GLU K 2383 85.64 -85.86 88.81
CA GLU K 2383 85.64 -85.86 88.81
C GLU K 2383 84.39 -85.79 89.69
N LEU K 2384 84.52 -85.19 90.88
CA LEU K 2384 83.37 -85.07 91.76
C LEU K 2384 82.32 -84.11 91.22
N GLN K 2385 82.76 -83.05 90.53
CA GLN K 2385 81.80 -82.12 89.93
C GLN K 2385 81.06 -82.76 88.76
N ALA K 2386 81.75 -83.58 87.98
CA ALA K 2386 81.09 -84.28 86.88
C ALA K 2386 80.12 -85.33 87.39
N MET K 2387 80.50 -86.03 88.46
CA MET K 2387 79.60 -87.02 89.05
C MET K 2387 78.40 -86.38 89.72
N ALA K 2388 78.54 -85.13 90.16
CA ALA K 2388 77.41 -84.42 90.77
C ALA K 2388 76.34 -84.10 89.75
N GLU K 2389 76.70 -83.97 88.48
CA GLU K 2389 75.71 -83.70 87.44
C GLU K 2389 74.79 -84.89 87.23
N GLN K 2390 75.32 -86.12 87.38
CA GLN K 2390 74.47 -87.30 87.26
C GLN K 2390 73.48 -87.39 88.41
N LEU K 2391 73.90 -87.00 89.62
CA LEU K 2391 72.98 -86.99 90.75
C LEU K 2391 71.93 -85.90 90.60
N ALA K 2392 72.32 -84.73 90.08
CA ALA K 2392 71.36 -83.67 89.84
C ALA K 2392 70.39 -84.02 88.71
N GLU K 2393 70.86 -84.81 87.74
CA GLU K 2393 69.98 -85.23 86.65
C GLU K 2393 68.92 -86.19 87.14
N ASN K 2394 69.25 -87.03 88.12
CA ASN K 2394 68.27 -87.96 88.67
C ASN K 2394 67.20 -87.22 89.48
N TYR K 2395 67.55 -86.09 90.10
CA TYR K 2395 66.57 -85.31 90.84
C TYR K 2395 65.54 -84.69 89.91
N HIS K 2396 65.95 -84.28 88.71
CA HIS K 2396 65.00 -83.72 87.75
C HIS K 2396 64.08 -84.79 87.20
N ASN K 2397 64.61 -85.99 86.94
CA ASN K 2397 63.78 -87.08 86.46
C ASN K 2397 62.82 -87.58 87.53
N THR K 2398 63.24 -87.54 88.80
CA THR K 2398 62.35 -87.96 89.88
C THR K 2398 61.23 -86.95 90.07
N TRP K 2399 61.56 -85.67 90.15
CA TRP K 2399 60.53 -84.65 90.28
C TRP K 2399 59.70 -84.50 89.01
N GLY K 2400 60.31 -84.76 87.85
CA GLY K 2400 59.56 -84.67 86.61
C GLY K 2400 58.54 -85.78 86.46
N ARG K 2401 58.90 -87.01 86.87
CA ARG K 2401 57.95 -88.11 86.81
C ARG K 2401 56.84 -87.96 87.83
N LYS K 2402 57.14 -87.39 89.00
CA LYS K 2402 56.10 -87.17 90.00
C LYS K 2402 55.17 -86.04 89.59
N LYS K 2403 55.68 -85.02 88.92
CA LYS K 2403 54.84 -83.91 88.47
C LYS K 2403 53.92 -84.34 87.33
N LYS K 2404 54.38 -85.26 86.48
CA LYS K 2404 53.55 -85.73 85.38
C LYS K 2404 52.37 -86.56 85.88
N GLN K 2405 52.61 -87.42 86.89
CA GLN K 2405 51.53 -88.22 87.45
C GLN K 2405 50.57 -87.36 88.25
N GLU K 2406 51.08 -86.34 88.94
CA GLU K 2406 50.21 -85.46 89.71
C GLU K 2406 49.38 -84.56 88.82
N LEU K 2407 49.91 -84.20 87.64
CA LEU K 2407 49.16 -83.34 86.73
C LEU K 2407 47.99 -84.09 86.10
N GLU K 2408 48.23 -85.33 85.65
CA GLU K 2408 47.15 -86.12 85.05
C GLU K 2408 46.08 -86.48 86.07
N ALA K 2409 46.47 -86.66 87.34
CA ALA K 2409 45.50 -86.98 88.37
C ALA K 2409 44.62 -85.79 88.74
N LYS K 2410 45.04 -84.58 88.40
CA LYS K 2410 44.29 -83.37 88.72
C LYS K 2410 43.50 -82.85 87.52
N GLY K 2411 43.49 -83.58 86.41
CA GLY K 2411 42.77 -83.18 85.22
C GLY K 2411 43.63 -82.79 84.04
N GLY K 2412 44.94 -82.87 84.16
CA GLY K 2412 45.84 -82.52 83.07
C GLY K 2412 46.59 -81.24 83.33
N GLY K 2413 47.18 -80.72 82.27
CA GLY K 2413 47.95 -79.48 82.31
C GLY K 2413 49.35 -79.70 81.80
N THR K 2414 50.17 -78.66 81.98
CA THR K 2414 51.57 -78.69 81.56
C THR K 2414 52.41 -77.90 82.55
N HIS K 2415 53.72 -77.94 82.34
CA HIS K 2415 54.66 -77.24 83.20
C HIS K 2415 55.87 -76.82 82.38
N PRO K 2416 56.45 -75.65 82.65
CA PRO K 2416 57.63 -75.21 81.87
C PRO K 2416 58.88 -76.00 82.19
N LEU K 2417 58.97 -76.63 83.36
CA LEU K 2417 60.13 -77.41 83.75
C LEU K 2417 60.08 -78.84 83.24
N LEU K 2418 59.15 -79.16 82.34
CA LEU K 2418 59.02 -80.51 81.81
C LEU K 2418 59.96 -80.68 80.61
N VAL K 2419 61.26 -80.62 80.92
CA VAL K 2419 62.30 -80.75 79.91
C VAL K 2419 63.40 -81.65 80.46
N PRO K 2420 64.43 -81.96 79.66
CA PRO K 2420 65.50 -82.83 80.16
C PRO K 2420 66.38 -82.09 81.16
N TYR K 2421 67.28 -82.86 81.79
CA TYR K 2421 68.19 -82.27 82.77
C TYR K 2421 69.18 -81.33 82.12
N ASP K 2422 69.77 -81.73 80.99
CA ASP K 2422 70.72 -80.89 80.29
C ASP K 2422 70.07 -79.75 79.53
N THR K 2423 68.74 -79.73 79.43
CA THR K 2423 68.03 -78.68 78.72
C THR K 2423 67.71 -77.48 79.61
N LEU K 2424 67.91 -77.58 80.92
CA LEU K 2424 67.63 -76.49 81.82
C LEU K 2424 68.72 -75.42 81.73
N THR K 2425 68.38 -74.22 82.20
CA THR K 2425 69.31 -73.11 82.19
C THR K 2425 70.19 -73.16 83.44
N ALA K 2426 71.03 -72.14 83.63
CA ALA K 2426 71.91 -72.10 84.79
C ALA K 2426 71.13 -71.81 86.06
N LYS K 2427 70.14 -70.92 85.99
CA LYS K 2427 69.35 -70.59 87.17
C LYS K 2427 68.40 -71.73 87.55
N GLU K 2428 67.85 -72.44 86.56
CA GLU K 2428 66.95 -73.54 86.86
C GLU K 2428 67.69 -74.74 87.44
N LYS K 2429 68.94 -74.96 87.02
CA LYS K 2429 69.73 -76.07 87.52
C LYS K 2429 70.35 -75.79 88.89
N ALA K 2430 70.16 -74.60 89.44
CA ALA K 2430 70.73 -74.28 90.75
C ALA K 2430 70.06 -75.07 91.86
N ARG K 2431 68.77 -75.39 91.71
CA ARG K 2431 68.07 -76.15 92.74
C ARG K 2431 68.55 -77.60 92.79
N ASP K 2432 68.97 -78.15 91.65
CA ASP K 2432 69.44 -79.53 91.60
C ASP K 2432 70.94 -79.65 91.85
N ARG K 2433 71.72 -78.66 91.42
CA ARG K 2433 73.17 -78.71 91.63
C ARG K 2433 73.53 -78.48 93.09
N GLU K 2434 72.76 -77.66 93.80
CA GLU K 2434 73.05 -77.40 95.21
C GLU K 2434 72.78 -78.63 96.06
N LYS K 2435 71.74 -79.39 95.72
CA LYS K 2435 71.43 -80.60 96.48
C LYS K 2435 72.48 -81.69 96.23
N ALA K 2436 72.97 -81.81 94.99
CA ALA K 2436 73.99 -82.80 94.69
C ALA K 2436 75.34 -82.42 95.28
N GLN K 2437 75.65 -81.12 95.32
CA GLN K 2437 76.93 -80.68 95.87
C GLN K 2437 76.98 -80.86 97.38
N GLU K 2438 75.82 -80.74 98.05
CA GLU K 2438 75.79 -80.91 99.50
CA GLU K 2438 75.79 -80.91 99.50
C GLU K 2438 76.07 -82.34 99.92
N LEU K 2439 75.61 -83.32 99.12
CA LEU K 2439 75.85 -84.72 99.44
C LEU K 2439 77.32 -85.08 99.25
N LEU K 2440 77.96 -84.52 98.22
CA LEU K 2440 79.36 -84.80 97.98
C LEU K 2440 80.28 -84.05 98.94
N LYS K 2441 79.88 -82.85 99.37
CA LYS K 2441 80.70 -82.10 100.32
C LYS K 2441 80.69 -82.76 101.70
N PHE K 2442 79.54 -83.30 102.11
CA PHE K 2442 79.47 -83.97 103.40
C PHE K 2442 80.21 -85.29 103.39
N LEU K 2443 80.27 -85.95 102.23
CA LEU K 2443 81.00 -87.21 102.13
C LEU K 2443 82.51 -86.98 102.17
N GLN K 2444 82.99 -85.94 101.50
CA GLN K 2444 84.42 -85.66 101.50
C GLN K 2444 84.89 -85.16 102.87
N MET K 2445 84.00 -84.50 103.62
CA MET K 2445 84.37 -84.03 104.95
C MET K 2445 84.56 -85.18 105.93
N ASN K 2446 83.79 -86.26 105.77
CA ASN K 2446 83.89 -87.43 106.63
C ASN K 2446 84.94 -88.42 106.16
N GLY K 2447 85.73 -88.07 105.14
CA GLY K 2447 86.75 -88.97 104.64
C GLY K 2447 86.26 -90.06 103.73
N TYR K 2448 85.06 -89.93 103.16
CA TYR K 2448 84.51 -90.92 102.27
C TYR K 2448 84.89 -90.58 100.83
N ALA K 2449 85.48 -91.55 100.12
CA ALA K 2449 85.90 -91.37 98.75
C ALA K 2449 84.84 -91.91 97.80
N VAL K 2450 84.41 -91.08 96.86
CA VAL K 2450 83.40 -91.44 95.87
C VAL K 2450 84.06 -91.49 94.51
N THR K 2451 84.11 -92.68 93.91
CA THR K 2451 84.72 -92.89 92.61
C THR K 2451 83.79 -93.72 91.74
N ARG K 2452 84.13 -93.83 90.47
CA ARG K 2452 83.34 -94.60 89.52
C ARG K 2452 84.22 -95.20 88.43
N UNK K 2453 85.30 -80.06 71.12
CA UNK K 2453 84.85 -81.30 70.49
C UNK K 2453 86.01 -82.01 69.79
N UNK K 2454 87.22 -81.81 70.31
CA UNK K 2454 88.41 -82.42 69.73
C UNK K 2454 88.46 -83.91 70.06
N UNK K 2455 87.91 -84.28 71.21
CA UNK K 2455 87.88 -85.68 71.64
C UNK K 2455 86.89 -86.48 70.81
N UNK K 2456 85.84 -85.81 70.34
CA UNK K 2456 84.82 -86.46 69.52
C UNK K 2456 85.35 -86.73 68.12
N UNK K 2457 86.30 -85.90 67.68
CA UNK K 2457 86.91 -86.07 66.37
C UNK K 2457 87.86 -87.26 66.36
N UNK K 2458 88.51 -87.50 67.50
CA UNK K 2458 89.44 -88.61 67.63
C UNK K 2458 88.68 -89.93 67.70
N UNK K 2459 87.48 -89.89 68.28
CA UNK K 2459 86.65 -91.08 68.40
C UNK K 2459 86.03 -91.44 67.06
N UNK K 2460 85.80 -90.42 66.23
CA UNK K 2460 85.23 -90.63 64.90
C UNK K 2460 86.26 -91.24 63.97
N UNK K 2461 87.53 -90.89 64.20
CA UNK K 2461 88.62 -91.43 63.39
C UNK K 2461 88.90 -92.87 63.75
N UNK K 2462 88.63 -93.23 65.00
CA UNK K 2462 88.83 -94.59 65.47
C UNK K 2462 87.74 -95.51 64.92
N UNK K 2463 86.52 -94.97 64.79
CA UNK K 2463 85.41 -95.74 64.25
C UNK K 2463 85.58 -95.93 62.74
N UNK K 2464 86.18 -94.94 62.09
CA UNK K 2464 86.43 -95.01 60.65
C UNK K 2464 87.56 -95.98 60.36
N UNK K 2465 88.50 -96.10 61.30
CA UNK K 2465 89.63 -97.01 61.14
C UNK K 2465 89.17 -98.45 61.32
N UNK K 2466 88.16 -98.65 62.16
CA UNK K 2466 87.62 -99.98 62.40
C UNK K 2466 86.79 -100.44 61.22
N UNK K 2467 86.15 -99.49 60.55
CA UNK K 2467 85.33 -99.79 59.37
C UNK K 2467 86.22 -100.04 58.16
N UNK K 2468 87.39 -99.40 58.14
CA UNK K 2468 88.35 -99.56 57.06
C UNK K 2468 89.04 -100.91 57.14
N UNK K 2469 89.18 -101.41 58.37
CA UNK K 2469 89.81 -102.71 58.59
C UNK K 2469 88.87 -103.84 58.21
N UNK K 2470 87.56 -103.58 58.29
CA UNK K 2470 86.55 -104.57 57.93
C UNK K 2470 86.39 -104.64 56.43
N UNK K 2471 86.64 -103.52 55.75
CA UNK K 2471 86.53 -103.46 54.30
C UNK K 2471 87.74 -104.11 53.63
N UNK K 2472 88.87 -104.07 54.33
CA UNK K 2472 90.10 -104.66 53.81
C UNK K 2472 90.11 -106.17 54.03
N UNK K 2473 89.40 -106.62 55.06
CA UNK K 2473 89.31 -108.04 55.37
C UNK K 2473 88.36 -108.74 54.41
N UNK K 2474 87.37 -108.02 53.92
CA UNK K 2474 86.40 -108.57 52.99
C UNK K 2474 86.96 -108.59 51.57
N UNK K 2475 87.95 -107.74 51.32
CA UNK K 2475 88.57 -107.66 50.00
C UNK K 2475 89.69 -108.68 49.87
N UNK K 2476 76.48 -103.21 53.53
CA UNK K 2476 75.82 -102.68 54.71
C UNK K 2476 76.77 -101.82 55.54
N UNK K 2477 77.80 -102.44 56.10
CA UNK K 2477 78.78 -101.72 56.90
C UNK K 2477 79.71 -100.90 56.03
N UNK K 2478 79.94 -101.38 54.80
CA UNK K 2478 80.80 -100.68 53.85
C UNK K 2478 80.11 -99.44 53.30
N UNK K 2479 78.78 -99.50 53.21
CA UNK K 2479 77.99 -98.38 52.70
C UNK K 2479 77.93 -97.26 53.74
N UNK K 2480 77.92 -97.64 55.01
CA UNK K 2480 77.87 -96.66 56.09
C UNK K 2480 79.22 -95.98 56.26
N UNK K 2481 80.29 -96.69 55.93
CA UNK K 2481 81.64 -96.15 56.03
C UNK K 2481 81.90 -95.16 54.91
N UNK K 2482 81.27 -95.38 53.76
CA UNK K 2482 81.41 -94.50 52.60
C UNK K 2482 80.67 -93.18 52.84
N UNK K 2483 79.56 -93.26 53.57
CA UNK K 2483 78.77 -92.09 53.89
C UNK K 2483 79.47 -91.23 54.94
N UNK K 2484 80.20 -91.89 55.83
CA UNK K 2484 80.94 -91.19 56.88
C UNK K 2484 82.22 -90.57 56.32
N UNK K 2485 82.75 -91.19 55.27
CA UNK K 2485 83.97 -90.69 54.63
C UNK K 2485 83.67 -89.43 53.84
N UNK K 2486 82.49 -89.36 53.23
CA UNK K 2486 82.07 -88.20 52.46
C UNK K 2486 81.69 -87.06 53.39
N UNK K 2487 81.20 -87.39 54.57
CA UNK K 2487 80.81 -86.39 55.56
C UNK K 2487 82.05 -85.77 56.20
N UNK K 2488 83.12 -86.55 56.29
CA UNK K 2488 84.38 -86.07 56.87
C UNK K 2488 85.16 -85.26 55.84
N UNK K 2489 84.84 -85.45 54.57
CA UNK K 2489 85.50 -84.72 53.49
C UNK K 2489 85.05 -83.26 53.47
N UNK K 2490 83.77 -83.04 53.73
CA UNK K 2490 83.22 -81.69 53.75
C UNK K 2490 83.51 -81.02 55.08
N UNK K 2491 83.73 -81.82 56.12
CA UNK K 2491 84.02 -81.31 57.45
C UNK K 2491 85.45 -80.81 57.53
N UNK K 2492 86.35 -81.46 56.78
CA UNK K 2492 87.75 -81.08 56.76
C UNK K 2492 87.98 -79.88 55.84
N UNK K 2493 87.05 -79.68 54.90
CA UNK K 2493 87.14 -78.58 53.96
C UNK K 2493 86.55 -77.30 54.56
N UNK K 2494 85.54 -77.47 55.41
CA UNK K 2494 84.89 -76.33 56.05
C UNK K 2494 85.73 -75.79 57.19
N UNK K 2495 86.18 -76.69 58.07
CA UNK K 2495 87.00 -76.30 59.21
C UNK K 2495 88.48 -76.30 58.84
N UNK K 2496 98.20 -83.54 62.89
CA UNK K 2496 98.02 -84.04 64.24
C UNK K 2496 97.53 -85.49 64.22
N UNK K 2497 96.61 -85.81 65.13
CA UNK K 2497 96.05 -87.15 65.21
C UNK K 2497 95.09 -87.42 64.05
N UNK K 2498 94.42 -86.37 63.60
CA UNK K 2498 93.47 -86.49 62.49
C UNK K 2498 94.20 -86.67 61.17
N UNK K 2499 95.39 -86.09 61.06
CA UNK K 2499 96.19 -86.18 59.85
C UNK K 2499 96.79 -87.57 59.70
N UNK K 2500 97.05 -88.22 60.83
CA UNK K 2500 97.62 -89.56 60.84
C UNK K 2500 96.59 -90.59 60.43
N UNK K 2501 95.34 -90.35 60.79
CA UNK K 2501 94.25 -91.26 60.47
C UNK K 2501 93.79 -91.05 59.03
N UNK K 2502 94.04 -89.85 58.49
CA UNK K 2502 93.65 -89.53 57.13
C UNK K 2502 94.59 -90.20 56.12
N UNK K 2503 95.88 -90.23 56.45
CA UNK K 2503 96.88 -90.83 55.57
C UNK K 2503 96.83 -92.35 55.68
N UNK K 2504 96.34 -92.85 56.81
CA UNK K 2504 96.25 -94.29 57.03
C UNK K 2504 95.05 -94.88 56.29
N UNK K 2505 93.97 -94.11 56.22
CA UNK K 2505 92.75 -94.57 55.54
C UNK K 2505 92.90 -94.44 54.03
N UNK K 2506 93.74 -93.52 53.59
CA UNK K 2506 93.98 -93.30 52.17
C UNK K 2506 94.84 -94.41 51.58
N UNK K 2507 95.73 -94.96 52.40
CA UNK K 2507 96.62 -96.03 51.97
C UNK K 2507 95.93 -97.38 52.05
N UNK K 2508 94.90 -97.47 52.89
CA UNK K 2508 94.15 -98.71 53.07
C UNK K 2508 93.18 -98.92 51.91
N UNK K 2509 92.64 -97.82 51.38
CA UNK K 2509 91.70 -97.90 50.28
C UNK K 2509 92.43 -98.00 48.94
N UNK K 2510 93.70 -97.61 48.94
CA UNK K 2510 94.51 -97.66 47.72
C UNK K 2510 94.97 -99.08 47.43
N UNK K 2511 95.02 -99.91 48.47
CA UNK K 2511 95.45 -101.30 48.33
C UNK K 2511 94.34 -102.14 47.70
N UNK K 2512 87.10 -93.85 48.34
CA UNK K 2512 87.14 -93.80 46.88
C UNK K 2512 87.91 -92.57 46.40
N UNK K 2513 87.43 -91.98 45.30
CA UNK K 2513 88.07 -90.80 44.75
C UNK K 2513 87.80 -89.57 45.62
N UNK K 2514 86.65 -89.58 46.29
CA UNK K 2514 86.27 -88.47 47.17
C UNK K 2514 87.07 -88.52 48.46
N UNK K 2515 87.48 -89.72 48.86
CA UNK K 2515 88.26 -89.91 50.07
C UNK K 2515 89.70 -89.44 49.87
N UNK K 2516 90.17 -89.52 48.63
CA UNK K 2516 91.52 -89.09 48.30
C UNK K 2516 91.63 -87.57 48.33
N UNK K 2517 90.52 -86.90 48.02
CA UNK K 2517 90.49 -85.44 48.01
C UNK K 2517 90.28 -84.90 49.42
N UNK K 2518 89.83 -85.78 50.33
CA UNK K 2518 89.61 -85.40 51.71
C UNK K 2518 90.94 -85.18 52.43
N UNK K 2519 91.91 -86.04 52.14
CA UNK K 2519 93.23 -85.94 52.76
C UNK K 2519 94.04 -84.83 52.08
N UNK K 2520 93.67 -84.49 50.85
CA UNK K 2520 94.36 -83.45 50.10
C UNK K 2520 93.99 -82.07 50.64
N UNK K 2521 92.78 -81.95 51.18
CA UNK K 2521 92.31 -80.68 51.73
C UNK K 2521 92.61 -80.61 53.23
N UNK K 2522 93.04 -81.73 53.80
CA UNK K 2522 93.35 -81.78 55.23
C UNK K 2522 94.84 -81.52 55.45
N UNK K 2523 95.60 -81.43 54.37
CA UNK K 2523 97.03 -81.19 54.45
C UNK K 2523 97.31 -79.73 54.82
N UNK K 2524 102.81 -92.93 60.46
CA UNK K 2524 103.63 -91.72 60.41
C UNK K 2524 104.75 -91.85 59.40
N UNK K 2525 105.91 -92.30 59.86
CA UNK K 2525 107.07 -92.48 59.00
C UNK K 2525 106.89 -93.70 58.10
N UNK K 2526 106.16 -94.69 58.60
CA UNK K 2526 105.91 -95.91 57.83
C UNK K 2526 104.90 -95.65 56.73
N UNK K 2527 104.00 -94.70 56.96
CA UNK K 2527 102.98 -94.35 55.97
C UNK K 2527 103.61 -93.57 54.82
N UNK K 2528 104.61 -92.76 55.13
CA UNK K 2528 105.30 -91.98 54.11
C UNK K 2528 106.19 -92.87 53.27
N UNK K 2529 106.74 -93.91 53.88
CA UNK K 2529 107.60 -94.86 53.18
C UNK K 2529 106.77 -95.76 52.27
N UNK K 2530 105.53 -96.02 52.68
CA UNK K 2530 104.63 -96.84 51.88
C UNK K 2530 104.16 -96.08 50.64
N UNK K 2531 104.06 -94.76 50.77
CA UNK K 2531 103.65 -93.91 49.65
C UNK K 2531 104.77 -93.81 48.63
N UNK K 2532 106.01 -93.84 49.11
CA UNK K 2532 107.17 -93.78 48.23
C UNK K 2532 107.36 -95.11 47.50
N UNK K 2533 106.95 -96.20 48.16
CA UNK K 2533 107.05 -97.52 47.58
C UNK K 2533 106.02 -97.68 46.46
N UNK K 2534 104.87 -97.03 46.63
CA UNK K 2534 103.82 -97.07 45.62
C UNK K 2534 104.22 -96.26 44.39
N UNK K 2535 105.02 -95.22 44.62
CA UNK K 2535 105.50 -94.36 43.55
C UNK K 2535 106.56 -95.08 42.73
N UNK K 2536 107.29 -95.98 43.38
CA UNK K 2536 108.32 -96.77 42.71
C UNK K 2536 107.68 -97.83 41.82
N UNK K 2537 106.54 -98.34 42.26
CA UNK K 2537 105.82 -99.35 41.50
C UNK K 2537 105.08 -98.71 40.32
N UNK K 2538 104.78 -97.42 40.46
CA UNK K 2538 104.10 -96.68 39.41
C UNK K 2538 105.05 -96.41 38.24
N UNK K 2539 106.33 -96.26 38.55
CA UNK K 2539 107.35 -96.02 37.54
C UNK K 2539 107.63 -97.29 36.76
N UNK K 2540 107.49 -98.43 37.43
CA UNK K 2540 107.72 -99.72 36.79
C UNK K 2540 106.57 -100.08 35.86
N UNK K 2541 105.37 -99.61 36.20
CA UNK K 2541 104.19 -99.86 35.39
C UNK K 2541 104.14 -98.90 34.19
N UNK K 2542 104.70 -97.71 34.38
CA UNK K 2542 104.73 -96.70 33.33
C UNK K 2542 105.79 -97.05 32.29
N UNK K 2543 106.83 -97.75 32.72
CA UNK K 2543 107.92 -98.14 31.83
C UNK K 2543 107.57 -99.45 31.11
N UNK K 2544 106.56 -100.15 31.62
CA UNK K 2544 106.13 -101.41 31.02
C UNK K 2544 105.06 -101.17 29.96
N UNK K 2545 98.03 -100.55 40.20
CA UNK K 2545 97.44 -100.36 38.88
C UNK K 2545 97.70 -98.94 38.36
N UNK K 2546 97.22 -98.66 37.16
CA UNK K 2546 97.40 -97.33 36.56
C UNK K 2546 96.46 -96.32 37.20
N UNK K 2547 95.31 -96.80 37.69
CA UNK K 2547 94.33 -95.94 38.32
C UNK K 2547 94.80 -95.51 39.71
N UNK K 2548 95.46 -96.43 40.42
CA UNK K 2548 95.96 -96.15 41.75
C UNK K 2548 97.24 -95.32 41.69
N UNK K 2549 97.92 -95.37 40.55
CA UNK K 2549 99.15 -94.63 40.35
C UNK K 2549 98.85 -93.14 40.17
N UNK K 2550 97.74 -92.84 39.50
CA UNK K 2550 97.33 -91.46 39.27
C UNK K 2550 96.80 -90.82 40.55
N UNK K 2551 96.21 -91.65 41.41
CA UNK K 2551 95.65 -91.18 42.68
C UNK K 2551 96.78 -90.87 43.66
N UNK K 2552 97.85 -91.66 43.61
CA UNK K 2552 98.99 -91.47 44.48
C UNK K 2552 99.83 -90.29 44.03
N UNK K 2553 99.85 -90.05 42.71
CA UNK K 2553 100.61 -88.94 42.15
C UNK K 2553 99.92 -87.61 42.44
N UNK K 2554 98.59 -87.63 42.43
CA UNK K 2554 97.80 -86.43 42.72
C UNK K 2554 97.84 -86.10 44.21
N UNK K 2555 98.00 -87.14 45.03
CA UNK K 2555 98.06 -86.95 46.48
C UNK K 2555 99.41 -86.39 46.88
N UNK K 2556 100.45 -86.74 46.12
CA UNK K 2556 101.80 -86.26 46.39
C UNK K 2556 101.94 -84.79 45.97
N UNK K 2557 101.19 -84.40 44.95
CA UNK K 2557 101.22 -83.03 44.45
C UNK K 2557 100.49 -82.10 45.41
N UNK K 2558 99.47 -82.63 46.10
CA UNK K 2558 98.70 -81.86 47.06
C UNK K 2558 99.49 -81.67 48.35
N UNK K 2559 100.27 -82.68 48.71
CA UNK K 2559 101.09 -82.62 49.92
C UNK K 2559 102.30 -81.71 49.72
N UNK K 2560 102.77 -81.64 48.48
CA UNK K 2560 103.92 -80.79 48.15
C UNK K 2560 103.51 -79.33 48.10
N UNK K 2561 102.25 -79.09 47.74
CA UNK K 2561 101.73 -77.72 47.67
C UNK K 2561 101.47 -77.17 49.06
N UNK K 2562 101.23 -78.08 50.01
CA UNK K 2562 100.98 -77.67 51.39
C UNK K 2562 102.28 -77.28 52.09
N UNK K 2563 103.40 -77.80 51.58
CA UNK K 2563 104.70 -77.50 52.15
C UNK K 2563 105.16 -76.10 51.76
N UNK K 2564 104.65 -75.61 50.62
CA UNK K 2564 105.00 -74.28 50.13
C UNK K 2564 104.08 -73.23 50.74
N UNK K 2565 102.98 -73.69 51.34
CA UNK K 2565 102.01 -72.79 51.95
C UNK K 2565 102.29 -72.63 53.45
N UNK K 2566 112.76 -86.04 56.15
CA UNK K 2566 114.18 -85.77 56.31
C UNK K 2566 115.00 -86.52 55.25
N UNK K 2567 115.71 -87.56 55.69
CA UNK K 2567 116.53 -88.37 54.78
C UNK K 2567 115.64 -89.24 53.90
N UNK K 2568 114.49 -89.65 54.43
CA UNK K 2568 113.56 -90.49 53.69
C UNK K 2568 112.83 -89.68 52.62
N UNK K 2569 112.67 -88.39 52.88
CA UNK K 2569 112.01 -87.50 51.94
C UNK K 2569 112.91 -87.22 50.74
N UNK K 2570 114.22 -87.20 50.97
CA UNK K 2570 115.18 -86.96 49.90
C UNK K 2570 115.30 -88.18 49.01
N UNK K 2571 115.14 -89.36 49.59
CA UNK K 2571 115.22 -90.60 48.84
C UNK K 2571 113.96 -90.81 48.00
N UNK K 2572 112.83 -90.34 48.52
CA UNK K 2572 111.56 -90.45 47.81
C UNK K 2572 111.51 -89.48 46.64
N UNK K 2573 112.17 -88.34 46.80
CA UNK K 2573 112.22 -87.33 45.75
C UNK K 2573 113.16 -87.77 44.63
N UNK K 2574 114.15 -88.56 44.98
CA UNK K 2574 115.12 -89.07 44.01
C UNK K 2574 114.47 -90.13 43.12
N UNK K 2575 113.52 -90.87 43.70
CA UNK K 2575 112.81 -91.90 42.95
C UNK K 2575 111.82 -91.29 41.98
N UNK K 2576 111.29 -90.11 42.34
CA UNK K 2576 110.34 -89.40 41.50
C UNK K 2576 111.06 -88.75 40.32
N UNK K 2577 112.31 -88.36 40.55
CA UNK K 2577 113.12 -87.72 39.51
C UNK K 2577 113.55 -88.74 38.47
N UNK K 2578 113.72 -89.98 38.90
CA UNK K 2578 114.12 -91.07 38.01
C UNK K 2578 112.92 -91.58 37.22
N UNK K 2579 111.73 -91.36 37.75
CA UNK K 2579 110.50 -91.78 37.08
C UNK K 2579 110.18 -90.86 35.91
N UNK K 2580 110.61 -89.61 36.01
CA UNK K 2580 110.37 -88.63 34.96
C UNK K 2580 111.44 -88.74 33.87
N UNK K 2581 112.54 -89.40 34.20
CA UNK K 2581 113.64 -89.58 33.25
C UNK K 2581 113.36 -90.76 32.33
N UNK K 2582 102.23 -88.51 33.12
CA UNK K 2582 102.98 -87.73 32.14
C UNK K 2582 103.00 -86.25 32.52
N UNK K 2583 101.89 -85.56 32.22
CA UNK K 2583 101.77 -84.15 32.53
C UNK K 2583 101.51 -83.93 34.02
N UNK K 2584 100.80 -84.87 34.62
CA UNK K 2584 100.48 -84.79 36.05
C UNK K 2584 101.70 -85.10 36.90
N UNK K 2585 102.56 -85.99 36.40
CA UNK K 2585 103.77 -86.37 37.11
C UNK K 2585 104.83 -85.27 37.00
N UNK K 2586 104.76 -84.49 35.92
CA UNK K 2586 105.71 -83.41 35.70
C UNK K 2586 105.42 -82.24 36.64
N UNK K 2587 104.14 -82.05 36.97
CA UNK K 2587 103.73 -80.98 37.86
C UNK K 2587 104.10 -81.31 39.31
N UNK K 2588 104.15 -82.61 39.62
CA UNK K 2588 104.49 -83.06 40.96
C UNK K 2588 105.98 -82.91 41.23
N UNK K 2589 106.78 -82.99 40.17
CA UNK K 2589 108.22 -82.86 40.29
C UNK K 2589 108.61 -81.40 40.52
N UNK K 2590 107.87 -80.49 39.91
CA UNK K 2590 108.14 -79.06 40.07
C UNK K 2590 107.64 -78.57 41.43
N UNK K 2591 106.58 -79.19 41.93
CA UNK K 2591 106.02 -78.83 43.23
C UNK K 2591 106.94 -79.27 44.36
N UNK K 2592 107.64 -80.38 44.15
CA UNK K 2592 108.57 -80.90 45.14
C UNK K 2592 109.90 -80.16 45.07
N UNK K 2593 110.15 -79.51 43.94
CA UNK K 2593 111.38 -78.76 43.74
C UNK K 2593 111.27 -77.37 44.35
N UNK K 2594 110.04 -76.90 44.50
CA UNK K 2594 109.80 -75.58 45.08
C UNK K 2594 109.69 -75.65 46.60
N UNK K 2595 109.45 -76.86 47.10
CA UNK K 2595 109.33 -77.07 48.54
C UNK K 2595 110.69 -77.41 49.16
N UNK K 2596 120.96 -79.31 38.41
CA UNK K 2596 121.57 -78.08 38.93
C UNK K 2596 121.99 -77.17 37.79
N UNK K 2597 123.31 -77.04 37.60
CA UNK K 2597 123.85 -76.20 36.54
C UNK K 2597 123.68 -76.86 35.19
N UNK K 2598 123.67 -78.18 35.18
CA UNK K 2598 123.52 -78.94 33.94
C UNK K 2598 122.07 -78.92 33.47
N UNK K 2599 121.15 -78.77 34.41
CA UNK K 2599 119.73 -78.72 34.10
C UNK K 2599 119.36 -77.37 33.47
N UNK K 2600 120.05 -76.32 33.89
CA UNK K 2600 119.81 -74.98 33.37
C UNK K 2600 120.39 -74.84 31.97
N UNK K 2601 121.49 -75.54 31.71
CA UNK K 2601 122.14 -75.49 30.40
C UNK K 2601 121.33 -76.28 29.38
N UNK K 2602 120.69 -77.35 29.83
CA UNK K 2602 119.87 -78.18 28.95
C UNK K 2602 118.56 -77.49 28.60
N UNK K 2603 118.08 -76.66 29.53
CA UNK K 2603 116.83 -75.93 29.33
C UNK K 2603 117.06 -74.74 28.39
N UNK K 2604 118.28 -74.23 28.38
CA UNK K 2604 118.62 -73.09 27.53
C UNK K 2604 118.79 -73.53 26.08
N UNK K 2605 119.12 -74.80 25.88
CA UNK K 2605 119.32 -75.35 24.55
C UNK K 2605 117.98 -75.70 23.91
N UNK K 2606 116.98 -75.95 24.75
CA UNK K 2606 115.65 -76.31 24.27
C UNK K 2606 114.91 -75.09 23.75
N UNK K 2607 105.34 -79.22 24.25
CA UNK K 2607 105.04 -80.63 24.46
C UNK K 2607 105.12 -80.98 25.94
N UNK K 2608 105.06 -82.28 26.24
CA UNK K 2608 105.13 -82.75 27.61
C UNK K 2608 106.54 -82.64 28.16
N UNK K 2609 107.52 -82.83 27.29
CA UNK K 2609 108.93 -82.75 27.68
C UNK K 2609 109.34 -81.30 27.92
N UNK K 2610 108.76 -80.39 27.14
CA UNK K 2610 109.06 -78.97 27.26
C UNK K 2610 108.37 -78.38 28.49
N UNK K 2611 107.23 -78.96 28.86
CA UNK K 2611 106.48 -78.49 30.02
C UNK K 2611 107.16 -78.90 31.32
N UNK K 2612 107.82 -80.05 31.30
CA UNK K 2612 108.52 -80.55 32.47
C UNK K 2612 109.84 -79.82 32.68
N UNK K 2613 110.39 -79.27 31.60
CA UNK K 2613 111.64 -78.53 31.67
C UNK K 2613 111.40 -77.08 32.04
N UNK K 2614 110.28 -76.53 31.60
CA UNK K 2614 109.92 -75.14 31.89
C UNK K 2614 109.48 -74.99 33.34
N UNK K 2615 108.87 -76.04 33.88
CA UNK K 2615 108.38 -76.02 35.25
C UNK K 2615 109.52 -76.27 36.23
N UNK K 2616 110.57 -76.94 35.75
CA UNK K 2616 111.73 -77.24 36.59
C UNK K 2616 112.68 -76.06 36.66
N UNK K 2617 112.70 -75.26 35.60
CA UNK K 2617 113.57 -74.09 35.54
C UNK K 2617 112.97 -72.92 36.33
N UNK K 2618 111.67 -73.00 36.59
CA UNK K 2618 110.97 -71.96 37.34
C UNK K 2618 111.03 -72.23 38.84
N UNK K 2619 111.02 -73.51 39.20
CA UNK K 2619 111.07 -73.91 40.61
C UNK K 2619 112.47 -73.72 41.17
N UNK K 2620 113.48 -73.90 40.32
CA UNK K 2620 114.87 -73.76 40.74
C UNK K 2620 115.24 -72.28 40.84
N UNK K 2621 114.54 -71.44 40.09
CA UNK K 2621 114.81 -70.01 40.09
C UNK K 2621 114.28 -69.36 41.37
N UNK K 2622 113.26 -69.97 41.96
CA UNK K 2622 112.66 -69.47 43.18
C UNK K 2622 113.37 -70.04 44.41
N UNK K 2623 114.26 -71.00 44.17
CA UNK K 2623 115.00 -71.64 45.25
C UNK K 2623 116.11 -70.71 45.77
N UNK K 2624 124.82 -64.29 40.04
CA UNK K 2624 124.21 -64.39 41.36
C UNK K 2624 122.91 -65.18 41.30
N UNK K 2625 122.20 -65.22 42.44
CA UNK K 2625 120.94 -65.93 42.52
C UNK K 2625 119.84 -65.18 41.77
N UNK K 2626 119.93 -63.85 41.78
CA UNK K 2626 118.95 -63.02 41.10
C UNK K 2626 119.18 -63.03 39.59
N UNK K 2627 120.44 -63.23 39.20
CA UNK K 2627 120.80 -63.26 37.79
C UNK K 2627 120.38 -64.58 37.15
N UNK K 2628 120.43 -65.65 37.93
CA UNK K 2628 120.04 -66.97 37.46
C UNK K 2628 118.53 -67.08 37.30
N UNK K 2629 117.81 -66.34 38.13
CA UNK K 2629 116.35 -66.34 38.07
C UNK K 2629 115.84 -65.54 36.87
N UNK K 2630 116.62 -64.54 36.47
CA UNK K 2630 116.26 -63.71 35.33
C UNK K 2630 116.46 -64.47 34.01
N UNK K 2631 117.49 -65.29 33.97
CA UNK K 2631 117.79 -66.08 32.77
C UNK K 2631 116.81 -67.24 32.65
N UNK K 2632 116.29 -67.71 33.78
CA UNK K 2632 115.35 -68.81 33.79
C UNK K 2632 113.98 -68.36 33.30
N UNK K 2633 113.68 -67.08 33.52
CA UNK K 2633 112.40 -66.51 33.10
C UNK K 2633 112.44 -66.14 31.62
N UNK K 2634 113.62 -65.78 31.13
CA UNK K 2634 113.79 -65.40 29.73
C UNK K 2634 113.81 -66.63 28.83
N UNK K 2635 114.27 -67.75 29.38
CA UNK K 2635 114.33 -69.00 28.63
C UNK K 2635 112.97 -69.69 28.60
N UNK K 2636 112.16 -69.42 29.63
CA UNK K 2636 110.84 -70.02 29.73
C UNK K 2636 109.86 -69.35 28.77
N UNK K 2637 110.05 -68.05 28.54
CA UNK K 2637 109.20 -67.29 27.64
C UNK K 2637 109.58 -67.55 26.19
N UNK K 2638 110.84 -67.85 25.96
CA UNK K 2638 111.34 -68.11 24.61
C UNK K 2638 110.96 -69.52 24.15
N UNK K 2639 110.77 -70.41 25.12
CA UNK K 2639 110.41 -71.79 24.83
C UNK K 2639 108.92 -71.91 24.52
N UNK K 2640 99.88 -73.08 29.89
CA UNK K 2640 98.98 -73.13 31.04
C UNK K 2640 99.77 -73.10 32.34
N UNK K 2641 100.31 -74.25 32.72
CA UNK K 2641 101.09 -74.37 33.95
C UNK K 2641 102.46 -73.73 33.77
N UNK K 2642 102.96 -73.73 32.55
CA UNK K 2642 104.26 -73.14 32.24
C UNK K 2642 104.18 -71.61 32.25
N UNK K 2643 103.02 -71.09 31.90
CA UNK K 2643 102.81 -69.64 31.87
C UNK K 2643 102.67 -69.08 33.27
N UNK K 2644 102.03 -69.85 34.15
CA UNK K 2644 101.83 -69.44 35.53
C UNK K 2644 103.14 -69.52 36.31
N UNK K 2645 103.98 -70.47 35.95
CA UNK K 2645 105.27 -70.65 36.60
C UNK K 2645 106.26 -69.58 36.15
N UNK K 2646 106.07 -69.09 34.94
CA UNK K 2646 106.94 -68.04 34.39
C UNK K 2646 106.58 -66.68 34.97
N UNK K 2647 105.33 -66.55 35.42
CA UNK K 2647 104.86 -65.29 36.00
C UNK K 2647 105.45 -65.10 37.40
N UNK K 2648 105.69 -66.21 38.08
CA UNK K 2648 106.26 -66.17 39.44
C UNK K 2648 107.74 -65.80 39.38
N UNK K 2649 108.38 -66.14 38.28
CA UNK K 2649 109.81 -65.85 38.11
C UNK K 2649 110.01 -64.37 37.78
N UNK K 2650 109.02 -63.76 37.15
CA UNK K 2650 109.09 -62.35 36.79
C UNK K 2650 108.79 -61.47 38.00
N UNK K 2651 108.12 -62.03 38.99
CA UNK K 2651 107.78 -61.31 40.21
C UNK K 2651 108.95 -61.29 41.18
N UNK K 2652 109.77 -62.33 41.13
CA UNK K 2652 110.93 -62.43 42.01
C UNK K 2652 112.08 -61.58 41.49
N UNK K 2653 113.94 -60.72 23.70
CA UNK K 2653 113.19 -60.50 22.47
C UNK K 2653 111.70 -60.73 22.69
N UNK K 2654 111.25 -60.50 23.92
CA UNK K 2654 109.85 -60.68 24.28
C UNK K 2654 109.00 -59.54 23.70
N UNK K 2655 109.62 -58.39 23.51
CA UNK K 2655 108.93 -57.23 22.96
C UNK K 2655 108.64 -57.43 21.47
N UNK K 2656 109.56 -58.09 20.78
CA UNK K 2656 109.40 -58.37 19.36
C UNK K 2656 108.46 -59.54 19.14
N UNK K 2657 108.35 -60.40 20.16
CA UNK K 2657 107.48 -61.57 20.08
C UNK K 2657 106.02 -61.14 20.13
N UNK K 2658 105.73 -60.09 20.89
CA UNK K 2658 104.38 -59.56 21.00
C UNK K 2658 103.98 -58.85 19.71
N UNK K 2659 104.97 -58.32 19.00
CA UNK K 2659 104.72 -57.64 17.74
C UNK K 2659 104.42 -58.65 16.63
N UNK K 2660 104.94 -59.86 16.79
CA UNK K 2660 104.71 -60.93 15.82
C UNK K 2660 103.29 -61.46 15.95
N UNK K 2661 102.81 -61.56 17.19
CA UNK K 2661 101.46 -62.05 17.44
C UNK K 2661 100.43 -60.99 17.06
N UNK K 2662 100.82 -59.72 17.19
CA UNK K 2662 99.93 -58.62 16.84
C UNK K 2662 99.77 -58.53 15.32
N UNK K 2663 100.84 -58.85 14.60
CA UNK K 2663 100.80 -58.83 13.13
C UNK K 2663 100.04 -60.04 12.61
N UNK K 2664 100.10 -61.14 13.36
CA UNK K 2664 99.39 -62.36 12.99
C UNK K 2664 97.90 -62.22 13.25
N UNK K 2665 97.56 -61.49 14.31
CA UNK K 2665 96.16 -61.26 14.66
C UNK K 2665 95.52 -60.27 13.69
N UNK K 2666 96.33 -59.32 13.21
CA UNK K 2666 95.85 -58.34 12.25
C UNK K 2666 95.66 -58.96 10.87
N UNK K 2667 96.47 -59.98 10.59
CA UNK K 2667 96.38 -60.70 9.32
C UNK K 2667 95.15 -61.58 9.28
N UNK K 2668 94.71 -62.04 10.45
CA UNK K 2668 93.53 -62.88 10.56
C UNK K 2668 92.27 -62.06 10.34
N UNK K 2669 92.32 -60.80 10.74
CA UNK K 2669 91.18 -59.89 10.57
C UNK K 2669 91.10 -59.40 9.13
N UNK K 2670 92.24 -59.38 8.45
CA UNK K 2670 92.31 -58.94 7.06
C UNK K 2670 91.68 -59.99 6.14
N UNK K 2671 91.78 -61.25 6.54
CA UNK K 2671 91.22 -62.35 5.76
C UNK K 2671 89.74 -62.52 6.08
N UNK K 2672 89.29 -61.94 7.18
CA UNK K 2672 87.90 -62.02 7.59
C UNK K 2672 87.06 -60.96 6.88
N UNK K 2673 87.73 -59.94 6.36
CA UNK K 2673 87.05 -58.86 5.65
C UNK K 2673 86.86 -59.22 4.17
N PHE K 2674 91.65 -70.72 13.55
CA PHE K 2674 91.11 -69.52 14.17
C PHE K 2674 90.91 -69.71 15.67
N SER K 2675 90.32 -70.86 16.03
CA SER K 2675 90.11 -71.15 17.45
C SER K 2675 91.41 -71.41 18.17
N VAL K 2676 92.30 -72.22 17.57
CA VAL K 2676 93.58 -72.50 18.20
C VAL K 2676 94.50 -71.29 18.16
N LEU K 2677 94.34 -70.43 17.16
CA LEU K 2677 95.16 -69.22 17.07
C LEU K 2677 94.77 -68.22 18.15
N CYS K 2678 93.46 -68.06 18.41
CA CYS K 2678 93.03 -67.14 19.45
C CYS K 2678 93.36 -67.67 20.84
N ARG K 2679 93.42 -68.99 21.01
CA ARG K 2679 93.75 -69.57 22.30
C ARG K 2679 95.18 -69.26 22.71
N ASP K 2680 96.10 -69.21 21.73
CA ASP K 2680 97.49 -68.88 22.05
C ASP K 2680 97.67 -67.41 22.39
N LEU K 2681 96.76 -66.54 21.94
CA LEU K 2681 96.86 -65.12 22.27
C LEU K 2681 96.50 -64.86 23.73
N TYR K 2682 95.58 -65.65 24.29
CA TYR K 2682 95.21 -65.46 25.69
C TYR K 2682 96.36 -65.81 26.62
N ALA K 2683 97.16 -66.81 26.26
CA ALA K 2683 98.29 -67.19 27.08
C ALA K 2683 99.41 -66.15 27.02
N LEU K 2684 99.55 -65.46 25.88
CA LEU K 2684 100.59 -64.45 25.75
C LEU K 2684 100.19 -63.14 26.41
N TYR K 2685 98.93 -62.74 26.29
CA TYR K 2685 98.45 -61.50 26.87
C TYR K 2685 98.40 -61.62 28.39
N PRO K 2686 98.15 -62.81 28.93
CA PRO K 2686 98.15 -62.95 30.40
C PRO K 2686 99.52 -62.74 31.02
N LEU K 2687 100.57 -63.25 30.37
CA LEU K 2687 101.93 -63.05 30.89
C LEU K 2687 102.47 -61.67 30.57
N LEU K 2688 102.04 -61.07 29.45
CA LEU K 2688 102.51 -59.74 29.09
C LEU K 2688 101.88 -58.67 29.97
N ILE K 2689 100.63 -58.88 30.39
CA ILE K 2689 99.95 -57.90 31.23
C ILE K 2689 100.57 -57.84 32.63
N ARG K 2690 101.22 -58.92 33.07
CA ARG K 2690 101.86 -58.90 34.39
C ARG K 2690 103.06 -57.96 34.41
N TYR K 2691 103.79 -57.87 33.29
CA TYR K 2691 104.93 -56.97 33.21
C TYR K 2691 104.51 -55.52 33.09
N VAL K 2692 103.25 -55.25 32.73
CA VAL K 2692 102.79 -53.87 32.62
C VAL K 2692 102.67 -53.23 33.99
N ASP K 2693 102.29 -54.00 35.02
CA ASP K 2693 102.15 -53.46 36.36
C ASP K 2693 103.49 -53.04 36.97
N ASN K 2694 104.61 -53.48 36.41
CA ASN K 2694 105.92 -53.14 36.93
C ASN K 2694 106.50 -51.90 36.26
N ASN K 2695 106.48 -51.86 34.93
CA ASN K 2695 107.07 -50.75 34.19
C ASN K 2695 106.16 -49.53 34.10
N ARG K 2696 104.93 -49.62 34.61
CA ARG K 2696 104.03 -48.48 34.55
C ARG K 2696 104.50 -47.36 35.48
N ALA K 2697 105.26 -47.70 36.53
CA ALA K 2697 105.80 -46.67 37.41
C ALA K 2697 106.93 -45.91 36.73
N HIS K 2698 107.65 -46.55 35.81
CA HIS K 2698 108.73 -45.90 35.08
C HIS K 2698 108.27 -45.27 33.78
N TRP K 2699 107.17 -45.77 33.21
CA TRP K 2699 106.66 -45.21 31.95
C TRP K 2699 106.04 -43.83 32.15
N LEU K 2700 105.60 -43.50 33.36
CA LEU K 2700 105.00 -42.20 33.62
C LEU K 2700 106.03 -41.17 34.07
N THR K 2701 107.13 -41.61 34.68
CA THR K 2701 108.20 -40.69 35.05
C THR K 2701 109.11 -40.37 33.88
N GLU K 2702 109.28 -41.32 32.95
CA GLU K 2702 110.08 -41.14 31.75
C GLU K 2702 109.36 -41.79 30.58
N PRO K 2703 109.33 -41.13 29.42
CA PRO K 2703 108.62 -41.71 28.27
C PRO K 2703 109.35 -42.92 27.72
N ASN K 2704 108.57 -43.93 27.33
CA ASN K 2704 109.12 -45.17 26.78
C ASN K 2704 108.66 -45.31 25.34
N PRO K 2705 109.57 -45.35 24.36
CA PRO K 2705 109.16 -45.48 22.96
C PRO K 2705 108.68 -46.88 22.59
N SER K 2706 109.10 -47.91 23.32
CA SER K 2706 108.68 -49.27 23.00
C SER K 2706 107.20 -49.51 23.29
N ALA K 2707 106.60 -48.72 24.18
CA ALA K 2707 105.19 -48.88 24.50
C ALA K 2707 104.27 -48.43 23.38
N GLU K 2708 104.79 -47.67 22.40
CA GLU K 2708 103.95 -47.22 21.30
C GLU K 2708 103.48 -48.38 20.42
N GLU K 2709 104.29 -49.44 20.31
CA GLU K 2709 103.91 -50.57 19.49
C GLU K 2709 102.78 -51.36 20.13
N LEU K 2710 102.86 -51.61 21.44
CA LEU K 2710 101.81 -52.36 22.12
C LEU K 2710 100.53 -51.53 22.22
N PHE K 2711 100.65 -50.20 22.32
CA PHE K 2711 99.47 -49.35 22.43
C PHE K 2711 98.71 -49.30 21.11
N ARG K 2712 99.42 -49.18 19.99
CA ARG K 2712 98.76 -49.13 18.68
C ARG K 2712 98.17 -50.49 18.32
N MET K 2713 98.82 -51.58 18.70
CA MET K 2713 98.29 -52.91 18.40
C MET K 2713 97.06 -53.23 19.23
N VAL K 2714 97.01 -52.76 20.48
CA VAL K 2714 95.85 -53.01 21.33
C VAL K 2714 94.64 -52.24 20.82
N GLY K 2715 94.87 -51.03 20.31
CA GLY K 2715 93.77 -50.24 19.78
C GLY K 2715 93.22 -50.78 18.48
N GLU K 2716 94.05 -51.48 17.70
CA GLU K 2716 93.59 -52.04 16.44
C GLU K 2716 92.73 -53.27 16.66
N ILE K 2717 93.14 -54.17 17.56
CA ILE K 2717 92.35 -55.37 17.83
C ILE K 2717 91.08 -55.03 18.59
N PHE K 2718 91.09 -53.95 19.37
CA PHE K 2718 89.89 -53.55 20.10
C PHE K 2718 88.83 -53.00 19.17
N ILE K 2719 89.24 -52.29 18.12
CA ILE K 2719 88.30 -51.81 17.12
C ILE K 2719 87.76 -52.95 16.27
N TYR K 2720 88.51 -54.06 16.18
CA TYR K 2720 88.05 -55.22 15.43
C TYR K 2720 86.98 -56.01 16.17
N TRP K 2721 86.75 -55.73 17.45
CA TRP K 2721 85.71 -56.45 18.19
C TRP K 2721 84.33 -56.17 17.61
N SER K 2722 84.10 -54.95 17.12
CA SER K 2722 82.82 -54.64 16.50
C SER K 2722 82.67 -55.32 15.15
N LYS K 2723 83.77 -55.45 14.40
CA LYS K 2723 83.71 -56.11 13.09
C LYS K 2723 83.73 -57.63 13.24
N SER K 2724 84.68 -58.16 14.02
CA SER K 2724 84.79 -59.60 14.25
C SER K 2724 83.82 -59.97 15.35
N HIS K 2725 82.59 -60.35 14.96
CA HIS K 2725 81.57 -60.70 15.94
C HIS K 2725 81.68 -62.15 16.38
N ASN K 2726 82.02 -63.05 15.45
CA ASN K 2726 82.13 -64.47 15.76
C ASN K 2726 83.53 -64.87 16.21
N PHE K 2727 84.48 -63.95 16.25
CA PHE K 2727 85.83 -64.27 16.69
C PHE K 2727 85.91 -64.45 18.20
N LYS K 2728 85.01 -63.82 18.95
CA LYS K 2728 84.99 -63.92 20.41
C LYS K 2728 84.15 -65.09 20.91
N ARG K 2729 83.37 -65.73 20.03
CA ARG K 2729 82.56 -66.87 20.46
C ARG K 2729 83.43 -68.05 20.85
N GLU K 2730 84.39 -68.40 19.99
CA GLU K 2730 85.30 -69.50 20.29
C GLU K 2730 86.29 -69.15 21.41
N GLU K 2731 86.54 -67.85 21.62
CA GLU K 2731 87.46 -67.44 22.68
C GLU K 2731 86.89 -67.73 24.07
N GLN K 2732 85.56 -67.64 24.22
CA GLN K 2732 84.95 -67.92 25.51
C GLN K 2732 85.00 -69.39 25.87
N ASN K 2733 85.11 -70.28 24.88
CA ASN K 2733 85.20 -71.71 25.15
C ASN K 2733 86.58 -72.14 25.61
N PHE K 2734 87.60 -71.30 25.46
CA PHE K 2734 88.93 -71.67 25.90
C PHE K 2734 89.02 -71.73 27.42
N VAL K 2735 88.42 -70.75 28.11
CA VAL K 2735 88.45 -70.74 29.56
C VAL K 2735 87.52 -71.79 30.14
N VAL K 2736 86.50 -72.20 29.40
CA VAL K 2736 85.56 -73.21 29.88
C VAL K 2736 86.12 -74.61 29.64
N UNK K 2737 87.02 -61.04 28.08
CA UNK K 2737 87.20 -59.81 28.86
C UNK K 2737 88.69 -59.55 29.11
N UNK K 2738 89.53 -60.46 28.65
CA UNK K 2738 90.97 -60.33 28.82
C UNK K 2738 91.54 -59.28 27.87
N UNK K 2739 90.86 -59.08 26.75
CA UNK K 2739 91.29 -58.09 25.76
C UNK K 2739 91.00 -56.68 26.26
N UNK K 2740 89.95 -56.55 27.06
CA UNK K 2740 89.57 -55.25 27.61
C UNK K 2740 90.53 -54.84 28.73
N UNK K 2741 91.06 -55.82 29.44
CA UNK K 2741 91.99 -55.58 30.52
C UNK K 2741 93.35 -55.15 29.97
N UNK K 2742 93.73 -55.72 28.83
CA UNK K 2742 94.99 -55.39 28.18
C UNK K 2742 94.92 -54.01 27.55
N UNK K 2743 93.74 -53.65 27.06
CA UNK K 2743 93.53 -52.35 26.43
C UNK K 2743 93.46 -51.26 27.51
N UNK K 2744 93.02 -51.64 28.70
CA UNK K 2744 92.93 -50.71 29.82
C UNK K 2744 94.31 -50.34 30.32
N UNK K 2745 95.22 -51.32 30.33
CA UNK K 2745 96.60 -51.09 30.76
C UNK K 2745 97.37 -50.30 29.71
N UNK K 2746 96.95 -50.45 28.45
CA UNK K 2746 97.59 -49.73 27.35
C UNK K 2746 97.05 -48.31 27.25
N UNK K 2747 95.86 -48.09 27.79
CA UNK K 2747 95.24 -46.77 27.77
C UNK K 2747 95.93 -45.83 28.75
N UNK K 2748 96.51 -46.40 29.80
CA UNK K 2748 97.22 -45.62 30.80
C UNK K 2748 98.60 -45.24 30.30
N UNK K 2749 99.08 -45.94 29.27
CA UNK K 2749 100.38 -45.68 28.70
C UNK K 2749 100.26 -44.82 27.45
N UNK K 2750 99.12 -44.92 26.77
CA UNK K 2750 98.86 -44.14 25.56
C UNK K 2750 98.61 -42.68 25.90
N UNK K 2751 97.96 -42.44 27.04
CA UNK K 2751 97.65 -41.09 27.48
C UNK K 2751 98.88 -40.42 28.07
N UNK K 2752 99.87 -41.24 28.44
CA UNK K 2752 101.12 -40.72 29.02
C UNK K 2752 101.99 -40.08 27.94
N UNK K 2753 102.07 -40.74 26.79
CA UNK K 2753 102.87 -40.24 25.68
C UNK K 2753 102.15 -39.10 24.97
N UNK K 2754 100.83 -39.16 24.94
CA UNK K 2754 100.02 -38.13 24.30
C UNK K 2754 99.86 -36.91 25.19
N UNK K 2755 92.23 -33.92 20.54
CA UNK K 2755 92.35 -35.36 20.75
C UNK K 2755 90.98 -35.96 21.06
N UNK K 2756 90.21 -35.29 21.91
CA UNK K 2756 88.89 -35.77 22.29
C UNK K 2756 87.88 -35.50 21.17
N UNK K 2757 88.08 -34.40 20.45
CA UNK K 2757 87.19 -34.04 19.36
C UNK K 2757 87.41 -34.94 18.15
N UNK K 2758 88.63 -35.45 18.02
CA UNK K 2758 88.97 -36.33 16.91
C UNK K 2758 88.40 -37.72 17.13
N UNK K 2759 88.21 -38.09 18.39
CA UNK K 2759 87.66 -39.40 18.74
C UNK K 2759 86.15 -39.44 18.49
N UNK K 2760 85.50 -38.29 18.62
CA UNK K 2760 84.06 -38.20 18.41
C UNK K 2760 83.73 -38.25 16.92
N UNK K 2761 84.65 -37.78 16.10
CA UNK K 2761 84.46 -37.77 14.65
C UNK K 2761 84.73 -39.15 14.06
N UNK K 2762 85.63 -39.90 14.69
CA UNK K 2762 85.98 -41.24 14.22
C UNK K 2762 84.86 -42.23 14.54
N UNK K 2763 84.12 -41.96 15.62
CA UNK K 2763 83.02 -42.82 16.02
C UNK K 2763 81.76 -42.49 15.24
N UNK K 2764 81.73 -41.29 14.66
CA UNK K 2764 80.58 -40.86 13.87
C UNK K 2764 80.71 -41.30 12.42
N UNK K 2765 81.91 -41.72 12.05
CA UNK K 2765 82.19 -42.17 10.68
C UNK K 2765 81.64 -43.59 10.47
N UNK K 2766 92.78 -41.94 7.97
CA UNK K 2766 92.81 -40.75 8.83
C UNK K 2766 91.96 -39.64 8.24
N UNK K 2767 90.67 -39.91 8.05
CA UNK K 2767 89.75 -38.93 7.49
C UNK K 2767 89.37 -37.89 8.55
N UNK K 2768 89.35 -38.31 9.81
CA UNK K 2768 89.01 -37.42 10.91
C UNK K 2768 90.19 -36.52 11.27
N UNK K 2769 91.40 -36.99 10.97
CA UNK K 2769 92.60 -36.23 11.27
C UNK K 2769 92.76 -35.06 10.30
N UNK K 2770 92.34 -35.28 9.05
CA UNK K 2770 92.44 -34.25 8.03
C UNK K 2770 91.34 -33.20 8.22
N UNK K 2771 90.24 -33.61 8.81
CA UNK K 2771 89.12 -32.70 9.06
C UNK K 2771 89.43 -31.76 10.21
N UNK K 2772 90.25 -32.22 11.15
CA UNK K 2772 90.62 -31.42 12.31
C UNK K 2772 91.80 -30.51 11.97
N UNK K 2773 92.55 -30.88 10.94
CA UNK K 2773 93.71 -30.10 10.51
C UNK K 2773 93.26 -28.85 9.75
N UNK K 2774 91.88 -22.85 31.16
CA UNK K 2774 93.19 -22.96 30.52
C UNK K 2774 94.31 -23.02 31.55
N UNK K 2775 94.02 -22.50 32.75
CA UNK K 2775 94.99 -22.49 33.82
C UNK K 2775 95.18 -23.88 34.41
N UNK K 2776 94.11 -24.68 34.38
CA UNK K 2776 94.14 -26.04 34.89
C UNK K 2776 94.91 -26.96 33.94
N UNK K 2777 94.88 -26.62 32.65
CA UNK K 2777 95.57 -27.40 31.64
C UNK K 2777 97.08 -27.17 31.72
N UNK K 2778 97.47 -25.98 32.16
CA UNK K 2778 98.88 -25.63 32.29
C UNK K 2778 99.50 -26.32 33.49
N UNK K 2779 98.69 -26.57 34.51
CA UNK K 2779 99.16 -27.23 35.72
C UNK K 2779 99.35 -28.72 35.47
N UNK K 2780 98.56 -29.27 34.55
CA UNK K 2780 98.64 -30.69 34.21
C UNK K 2780 99.85 -30.96 33.33
N UNK K 2781 100.23 -29.97 32.54
CA UNK K 2781 101.38 -30.11 31.64
C UNK K 2781 102.69 -30.00 32.41
N UNK K 2782 102.64 -29.32 33.55
CA UNK K 2782 103.82 -29.14 34.39
C UNK K 2782 104.05 -30.37 35.26
N UNK K 2783 103.03 -31.21 35.39
CA UNK K 2783 103.12 -32.42 36.19
C UNK K 2783 103.91 -33.50 35.46
N UNK K 2784 106.57 -36.88 14.00
CA UNK K 2784 105.63 -37.99 14.17
C UNK K 2784 104.69 -37.74 15.34
N UNK K 2785 104.57 -36.47 15.73
CA UNK K 2785 103.70 -36.10 16.84
C UNK K 2785 102.23 -36.18 16.44
N UNK K 2786 101.97 -35.92 15.16
CA UNK K 2786 100.60 -35.96 14.63
C UNK K 2786 100.13 -37.41 14.52
N UNK K 2787 101.04 -38.30 14.20
CA UNK K 2787 100.72 -39.72 14.06
C UNK K 2787 100.50 -40.35 15.44
N UNK K 2788 101.25 -39.89 16.42
CA UNK K 2788 101.14 -40.39 17.79
C UNK K 2788 99.83 -39.90 18.42
N UNK K 2789 99.41 -38.70 18.05
CA UNK K 2789 98.17 -38.13 18.55
C UNK K 2789 96.97 -38.83 17.92
N UNK K 2790 97.14 -39.28 16.67
CA UNK K 2790 96.08 -39.98 15.96
C UNK K 2790 95.94 -41.41 16.49
N UNK K 2791 97.05 -41.98 16.94
CA UNK K 2791 97.05 -43.34 17.49
C UNK K 2791 96.39 -43.35 18.87
N UNK K 2792 96.63 -42.29 19.63
CA UNK K 2792 96.02 -42.16 20.96
C UNK K 2792 94.53 -41.85 20.83
N UNK K 2793 94.17 -41.12 19.78
CA UNK K 2793 92.78 -40.79 19.53
C UNK K 2793 92.04 -42.00 18.98
N UNK K 2794 92.78 -42.92 18.37
CA UNK K 2794 92.20 -44.14 17.84
C UNK K 2794 91.74 -45.06 18.97
N UNK K 2795 92.53 -45.11 20.03
CA UNK K 2795 92.19 -45.92 21.20
C UNK K 2795 91.05 -45.27 21.99
N UNK K 2796 91.00 -43.94 21.94
CA UNK K 2796 89.95 -43.18 22.61
C UNK K 2796 88.62 -43.34 21.88
N UNK K 2797 88.70 -43.41 20.56
CA UNK K 2797 87.51 -43.59 19.74
C UNK K 2797 87.04 -45.03 19.79
N UNK K 2798 87.98 -45.94 20.06
CA UNK K 2798 87.65 -47.36 20.16
C UNK K 2798 86.94 -47.65 21.47
N UNK K 2799 87.31 -46.93 22.51
CA UNK K 2799 86.70 -47.11 23.83
C UNK K 2799 85.24 -46.65 23.83
N UNK K 2800 84.92 -45.76 22.91
CA UNK K 2800 83.55 -45.26 22.77
C UNK K 2800 82.63 -46.34 22.20
N UNK K 2801 83.23 -47.28 21.47
CA UNK K 2801 82.47 -48.38 20.89
C UNK K 2801 82.14 -49.44 21.95
N UNK K 2802 82.91 -49.44 23.03
CA UNK K 2802 82.69 -50.37 24.12
C UNK K 2802 81.44 -50.01 24.91
N UNK K 2803 81.18 -48.71 25.03
CA UNK K 2803 80.01 -48.23 25.74
C UNK K 2803 78.77 -48.29 24.85
N UNK K 2804 78.99 -48.33 23.54
CA UNK K 2804 77.90 -48.39 22.58
C UNK K 2804 77.50 -49.84 22.31
N HIS K 2805 54.99 -57.71 37.96
CA HIS K 2805 54.13 -57.29 36.86
C HIS K 2805 53.37 -58.47 36.26
N LYS K 2806 52.72 -58.24 35.12
CA LYS K 2806 51.95 -59.27 34.44
C LYS K 2806 52.79 -59.84 33.30
N LEU K 2807 53.08 -61.14 33.37
CA LEU K 2807 53.82 -61.80 32.32
C LEU K 2807 52.96 -61.98 31.07
N LEU K 2808 53.62 -62.28 29.96
CA LEU K 2808 52.90 -62.51 28.72
C LEU K 2808 52.10 -63.80 28.76
N SER K 2809 52.59 -64.80 29.49
CA SER K 2809 51.91 -66.09 29.61
C SER K 2809 51.12 -66.12 30.91
N LYS K 2810 49.84 -66.48 30.80
CA LYS K 2810 48.96 -66.59 31.97
C LYS K 2810 48.01 -67.75 31.72
N GLN K 2811 48.17 -68.83 32.50
CA GLN K 2811 47.34 -70.04 32.42
C GLN K 2811 47.58 -70.80 31.11
N ARG K 2812 48.16 -70.14 30.11
CA ARG K 2812 48.43 -70.80 28.84
C ARG K 2812 49.61 -71.76 28.92
N ARG K 2813 50.46 -71.62 29.94
CA ARG K 2813 51.60 -72.52 30.10
C ARG K 2813 51.24 -73.80 30.84
N ARG K 2814 50.08 -73.84 31.50
CA ARG K 2814 49.65 -75.07 32.17
C ARG K 2814 49.25 -76.15 31.17
N ALA K 2815 49.00 -75.78 29.92
CA ALA K 2815 48.70 -76.75 28.88
C ALA K 2815 49.95 -77.28 28.19
N VAL K 2816 51.08 -76.58 28.32
CA VAL K 2816 52.32 -77.05 27.71
C VAL K 2816 52.80 -78.33 28.39
N VAL K 2817 52.75 -78.35 29.72
CA VAL K 2817 53.09 -79.58 30.44
C VAL K 2817 52.05 -80.66 30.18
N ALA K 2818 50.80 -80.27 29.92
CA ALA K 2818 49.78 -81.24 29.56
C ALA K 2818 49.91 -81.68 28.11
N CYS K 2819 50.44 -80.82 27.24
CA CYS K 2819 50.65 -81.21 25.85
C CYS K 2819 51.75 -82.25 25.71
N PHE K 2820 52.68 -82.30 26.67
CA PHE K 2820 53.72 -83.32 26.63
C PHE K 2820 53.13 -84.71 26.88
N ARG K 2821 52.14 -84.80 27.76
CA ARG K 2821 51.49 -86.06 28.09
C ARG K 2821 50.49 -86.51 27.04
N MET K 2822 50.52 -85.92 25.85
CA MET K 2822 49.57 -86.29 24.80
C MET K 2822 49.85 -87.69 24.30
N THR K 2823 48.82 -88.53 24.30
CA THR K 2823 48.98 -89.90 23.81
C THR K 2823 49.16 -89.89 22.30
N PRO K 2824 50.18 -90.58 21.77
CA PRO K 2824 50.38 -90.59 20.31
C PRO K 2824 49.26 -91.33 19.58
N LEU K 2825 49.39 -91.42 18.26
CA LEU K 2825 48.35 -92.09 17.47
C LEU K 2825 48.26 -93.57 17.83
N TYR K 2826 49.39 -94.23 17.98
CA TYR K 2826 49.39 -95.63 18.38
C TYR K 2826 48.92 -95.77 19.82
N ASN K 2827 48.54 -97.00 20.19
CA ASN K 2827 47.99 -97.38 21.48
C ASN K 2827 46.62 -96.76 21.75
N LEU K 2828 46.12 -95.91 20.86
CA LEU K 2828 44.81 -95.32 21.04
C LEU K 2828 43.72 -96.35 20.74
N PRO K 2829 42.62 -96.35 21.49
CA PRO K 2829 41.53 -97.30 21.19
C PRO K 2829 41.01 -97.13 19.77
N THR K 2830 40.57 -98.23 19.18
CA THR K 2830 40.13 -98.22 17.80
C THR K 2830 38.80 -97.49 17.63
N HIS K 2831 37.91 -97.62 18.62
CA HIS K 2831 36.60 -96.98 18.51
C HIS K 2831 36.72 -95.46 18.60
N ARG K 2832 37.69 -94.95 19.37
CA ARG K 2832 37.91 -93.51 19.45
C ARG K 2832 38.68 -92.98 18.25
N ALA K 2833 39.42 -93.82 17.55
CA ALA K 2833 40.16 -93.37 16.38
C ALA K 2833 39.26 -93.17 15.17
N CYS K 2834 38.21 -93.99 15.03
CA CYS K 2834 37.29 -93.83 13.90
C CYS K 2834 36.45 -92.57 14.04
N ASN K 2835 36.12 -92.18 15.27
CA ASN K 2835 35.33 -90.96 15.47
C ASN K 2835 36.14 -89.71 15.11
N MET K 2836 37.41 -89.68 15.52
CA MET K 2836 38.26 -88.53 15.19
C MET K 2836 38.65 -88.51 13.72
N PHE K 2837 38.55 -89.64 13.02
CA PHE K 2837 38.86 -89.65 11.60
C PHE K 2837 37.77 -88.96 10.79
N LEU K 2838 36.51 -89.16 11.17
CA LEU K 2838 35.41 -88.50 10.46
C LEU K 2838 35.40 -86.99 10.71
N GLU K 2839 35.92 -86.54 11.85
CA GLU K 2839 35.98 -85.12 12.14
C GLU K 2839 36.98 -84.38 11.25
N SER K 2840 37.95 -85.10 10.68
CA SER K 2840 38.94 -84.49 9.80
C SER K 2840 38.54 -84.59 8.34
N TYR K 2841 37.95 -85.72 7.93
CA TYR K 2841 37.53 -85.88 6.54
C TYR K 2841 36.35 -84.97 6.21
N LYS K 2842 35.57 -84.58 7.21
CA LYS K 2842 34.40 -83.72 6.96
C LYS K 2842 34.80 -82.28 6.71
N ALA K 2843 35.75 -81.75 7.49
CA ALA K 2843 36.13 -80.35 7.40
C ALA K 2843 37.23 -80.09 6.38
N ALA K 2844 37.88 -81.14 5.85
CA ALA K 2844 38.96 -80.97 4.90
C ALA K 2844 38.65 -81.47 3.50
N TRP K 2845 37.65 -82.34 3.33
CA TRP K 2845 37.32 -82.89 2.03
C TRP K 2845 35.90 -82.53 1.59
N ILE K 2846 34.92 -82.65 2.48
CA ILE K 2846 33.54 -82.35 2.10
C ILE K 2846 33.36 -80.84 1.86
N LEU K 2847 33.93 -80.02 2.74
CA LEU K 2847 33.79 -78.57 2.58
C LEU K 2847 34.61 -78.05 1.42
N THR K 2848 35.70 -78.75 1.06
CA THR K 2848 36.55 -78.32 -0.03
C THR K 2848 36.07 -78.79 -1.39
N GLU K 2849 35.38 -79.93 -1.45
CA GLU K 2849 34.88 -80.44 -2.73
C GLU K 2849 33.74 -79.59 -3.23
N ASP K 2850 33.74 -79.33 -4.54
CA ASP K 2850 32.70 -78.54 -5.18
C ASP K 2850 31.64 -79.44 -5.78
N HIS K 2851 30.38 -79.03 -5.66
CA HIS K 2851 29.26 -79.78 -6.19
C HIS K 2851 28.77 -79.24 -7.54
N SER K 2852 28.43 -77.95 -7.60
CA SER K 2852 27.99 -77.30 -8.83
C SER K 2852 26.79 -78.02 -9.44
N PHE K 2853 25.70 -78.06 -8.66
CA PHE K 2853 24.46 -78.68 -9.10
C PHE K 2853 23.28 -77.72 -9.08
N GLU K 2854 23.49 -76.45 -8.74
CA GLU K 2854 22.40 -75.49 -8.71
C GLU K 2854 21.93 -75.13 -10.13
N ASP K 2855 22.81 -75.22 -11.11
CA ASP K 2855 22.43 -74.88 -12.48
C ASP K 2855 21.56 -75.98 -13.10
N ARG K 2856 21.79 -77.24 -12.73
CA ARG K 2856 21.04 -78.35 -13.30
C ARG K 2856 19.64 -78.45 -12.71
N MET K 2857 19.46 -78.07 -11.45
CA MET K 2857 18.16 -78.19 -10.81
C MET K 2857 17.19 -77.11 -11.28
N ILE K 2858 17.65 -75.87 -11.36
CA ILE K 2858 16.76 -74.77 -11.73
C ILE K 2858 16.39 -74.84 -13.21
N ASP K 2859 17.37 -75.17 -14.06
CA ASP K 2859 17.11 -75.19 -15.49
C ASP K 2859 16.22 -76.36 -15.89
N ASP K 2860 16.24 -77.46 -15.12
CA ASP K 2860 15.42 -78.62 -15.47
C ASP K 2860 13.95 -78.39 -15.15
N LEU K 2861 13.66 -77.66 -14.08
CA LEU K 2861 12.26 -77.45 -13.69
C LEU K 2861 11.55 -76.49 -14.63
N SER K 2862 12.27 -75.49 -15.16
CA SER K 2862 11.66 -74.49 -16.02
C SER K 2862 11.61 -74.92 -17.47
N LYS K 2863 12.60 -75.65 -17.96
CA LYS K 2863 12.64 -76.06 -19.36
C LYS K 2863 11.67 -77.20 -19.65
N ALA K 2864 11.46 -78.10 -18.69
CA ALA K 2864 10.58 -79.24 -18.87
C ALA K 2864 9.12 -78.93 -18.60
N GLY K 2865 8.78 -77.65 -18.43
CA GLY K 2865 7.38 -77.30 -18.18
C GLY K 2865 6.49 -77.55 -19.38
N GLU K 2866 6.96 -77.20 -20.57
CA GLU K 2866 6.20 -77.41 -21.80
C GLU K 2866 6.47 -78.83 -22.33
N GLN K 2867 5.95 -79.80 -21.58
CA GLN K 2867 6.14 -81.21 -21.92
C GLN K 2867 5.18 -81.59 -23.06
N GLU K 2868 5.17 -82.88 -23.41
CA GLU K 2868 4.30 -83.33 -24.49
C GLU K 2868 2.83 -83.32 -24.07
N GLU K 2869 2.55 -83.72 -22.83
CA GLU K 2869 1.19 -83.76 -22.32
C GLU K 2869 0.80 -82.48 -21.59
N GLU K 2870 1.68 -81.48 -21.55
CA GLU K 2870 1.36 -80.24 -20.86
C GLU K 2870 0.40 -79.37 -21.69
N GLU K 2871 0.62 -79.30 -22.99
CA GLU K 2871 -0.21 -78.52 -23.90
C GLU K 2871 -0.83 -79.39 -24.98
N GLU K 2872 -1.32 -80.56 -24.58
CA GLU K 2872 -1.95 -81.52 -25.50
C GLU K 2872 -3.44 -81.56 -25.20
N GLU K 2873 -4.22 -80.81 -25.99
CA GLU K 2873 -5.67 -80.74 -25.84
C GLU K 2873 -6.09 -80.26 -24.45
N VAL K 2874 -5.30 -79.39 -23.86
CA VAL K 2874 -5.62 -78.87 -22.52
C VAL K 2874 -6.49 -77.63 -22.59
N GLU K 2875 -6.34 -76.82 -23.65
CA GLU K 2875 -7.12 -75.59 -23.84
C GLU K 2875 -6.98 -74.63 -22.67
N GLU K 2876 -5.82 -74.63 -22.03
CA GLU K 2876 -5.55 -73.75 -20.90
C GLU K 2876 -4.05 -73.60 -20.73
N LYS K 2877 -3.66 -72.64 -19.88
CA LYS K 2877 -2.26 -72.37 -19.58
C LYS K 2877 -1.98 -72.80 -18.14
N LYS K 2878 -1.04 -73.72 -17.97
CA LYS K 2878 -0.69 -74.21 -16.66
C LYS K 2878 0.67 -73.69 -16.21
N PRO K 2879 0.84 -73.41 -14.92
CA PRO K 2879 2.13 -72.91 -14.44
C PRO K 2879 3.20 -73.98 -14.51
N ASP K 2880 4.45 -73.54 -14.65
CA ASP K 2880 5.58 -74.44 -14.68
C ASP K 2880 5.86 -75.02 -13.29
N PRO K 2881 6.54 -76.16 -13.22
CA PRO K 2881 6.86 -76.72 -11.89
C PRO K 2881 7.66 -75.78 -11.01
N LEU K 2882 8.47 -74.90 -11.60
CA LEU K 2882 9.21 -73.93 -10.79
C LEU K 2882 8.28 -72.85 -10.25
N HIS K 2883 7.19 -72.54 -10.97
CA HIS K 2883 6.25 -71.53 -10.50
C HIS K 2883 5.51 -72.01 -9.25
N GLN K 2884 5.21 -73.31 -9.17
CA GLN K 2884 4.53 -73.83 -7.99
C GLN K 2884 5.44 -73.81 -6.76
N LEU K 2885 6.75 -73.92 -6.96
CA LEU K 2885 7.67 -73.88 -5.83
C LEU K 2885 7.72 -72.48 -5.20
N VAL K 2886 7.59 -71.45 -6.02
CA VAL K 2886 7.62 -70.08 -5.49
C VAL K 2886 6.32 -69.77 -4.76
N LEU K 2887 5.19 -70.25 -5.29
CA LEU K 2887 3.90 -70.00 -4.65
C LEU K 2887 3.75 -70.74 -3.33
N HIS K 2888 4.54 -71.79 -3.11
CA HIS K 2888 4.44 -72.54 -1.85
C HIS K 2888 4.96 -71.70 -0.69
N PHE K 2889 6.11 -71.08 -0.85
CA PHE K 2889 6.68 -70.23 0.20
C PHE K 2889 6.01 -68.86 0.28
N SER K 2890 5.18 -68.50 -0.70
CA SER K 2890 4.50 -67.22 -0.65
C SER K 2890 3.40 -67.22 0.40
N ARG K 2891 2.58 -68.28 0.43
CA ARG K 2891 1.53 -68.37 1.42
C ARG K 2891 2.06 -68.68 2.82
N THR K 2892 3.27 -69.23 2.91
CA THR K 2892 3.84 -69.53 4.23
C THR K 2892 4.14 -68.27 5.00
N ALA K 2893 4.60 -67.21 4.33
CA ALA K 2893 4.90 -65.97 5.00
C ALA K 2893 3.65 -65.25 5.46
N LEU K 2894 2.53 -65.44 4.76
CA LEU K 2894 1.27 -64.80 5.11
C LEU K 2894 0.42 -65.79 5.90
N THR K 2895 0.75 -65.92 7.19
CA THR K 2895 0.01 -66.80 8.09
C THR K 2895 -0.27 -66.10 9.41
N GLU K 2896 -0.53 -64.78 9.36
CA GLU K 2896 -0.80 -63.93 10.52
C GLU K 2896 0.05 -64.32 11.73
N LYS K 2897 1.35 -64.47 11.48
CA LYS K 2897 2.29 -64.85 12.53
C LYS K 2897 3.54 -64.00 12.41
N SER K 2898 3.95 -63.37 13.51
CA SER K 2898 5.12 -62.50 13.49
C SER K 2898 6.42 -63.30 13.60
N LYS K 2899 6.44 -64.32 14.45
CA LYS K 2899 7.64 -65.13 14.66
C LYS K 2899 7.60 -66.33 13.72
N LEU K 2900 8.49 -66.33 12.73
CA LEU K 2900 8.56 -67.42 11.76
C LEU K 2900 9.38 -68.57 12.33
N ASP K 2901 9.08 -69.78 11.84
CA ASP K 2901 9.78 -70.98 12.28
C ASP K 2901 11.13 -71.07 11.56
N GLU K 2902 11.84 -72.17 11.77
CA GLU K 2902 13.14 -72.37 11.13
C GLU K 2902 12.97 -72.56 9.61
N ASP K 2903 12.15 -73.55 9.22
CA ASP K 2903 11.89 -73.85 7.82
C ASP K 2903 13.17 -74.13 7.06
N TYR K 2904 13.75 -75.32 7.25
CA TYR K 2904 14.98 -75.68 6.56
C TYR K 2904 14.77 -75.89 5.07
N LEU K 2905 13.52 -76.09 4.63
CA LEU K 2905 13.26 -76.27 3.20
C LEU K 2905 13.44 -74.97 2.44
N TYR K 2906 13.04 -73.84 3.05
CA TYR K 2906 13.19 -72.55 2.39
C TYR K 2906 14.65 -72.13 2.33
N MET K 2907 15.41 -72.39 3.39
CA MET K 2907 16.82 -72.02 3.41
C MET K 2907 17.63 -72.88 2.44
N ALA K 2908 17.18 -74.10 2.16
CA ALA K 2908 17.89 -74.96 1.23
C ALA K 2908 17.77 -74.46 -0.20
N TYR K 2909 16.54 -74.16 -0.63
CA TYR K 2909 16.32 -73.67 -1.98
C TYR K 2909 16.72 -72.21 -2.17
N ALA K 2910 16.92 -71.47 -1.07
CA ALA K 2910 17.35 -70.09 -1.19
C ALA K 2910 18.76 -69.98 -1.77
N ASP K 2911 19.66 -70.84 -1.31
CA ASP K 2911 21.02 -70.84 -1.85
C ASP K 2911 21.07 -71.43 -3.25
N ILE K 2912 20.15 -72.34 -3.57
CA ILE K 2912 20.14 -72.95 -4.91
C ILE K 2912 19.65 -71.93 -5.94
N MET K 2913 18.60 -71.18 -5.62
CA MET K 2913 18.08 -70.18 -6.54
C MET K 2913 18.96 -68.93 -6.60
N ALA K 2914 19.97 -68.82 -5.74
CA ALA K 2914 20.87 -67.68 -5.74
C ALA K 2914 22.14 -67.95 -6.53
N LYS K 2915 22.79 -69.09 -6.29
CA LYS K 2915 24.01 -69.43 -7.02
C LYS K 2915 23.72 -69.73 -8.48
N SER K 2916 22.53 -70.25 -8.79
CA SER K 2916 22.16 -70.53 -10.17
C SER K 2916 21.85 -69.27 -10.97
N CYS K 2917 21.69 -68.13 -10.30
CA CYS K 2917 21.41 -66.86 -10.98
C CYS K 2917 22.57 -65.89 -10.96
N HIS K 2918 23.46 -65.97 -9.95
CA HIS K 2918 24.62 -65.10 -9.84
C HIS K 2918 25.89 -65.78 -10.30
N LEU K 2919 25.79 -66.72 -11.24
CA LEU K 2919 26.96 -67.43 -11.73
C LEU K 2919 27.84 -66.57 -12.63
N GLU K 2920 27.34 -65.43 -13.10
CA GLU K 2920 28.14 -64.56 -13.96
C GLU K 2920 29.14 -63.74 -13.16
N GLU K 2921 28.81 -63.36 -11.94
CA GLU K 2921 29.69 -62.57 -11.11
C GLU K 2921 30.79 -63.44 -10.50
N SER K 2922 38.58 -57.80 -23.04
CA SER K 2922 37.73 -58.64 -23.88
C SER K 2922 36.32 -58.08 -23.95
N PHE K 2923 36.07 -57.25 -24.98
CA PHE K 2923 34.74 -56.66 -25.14
C PHE K 2923 33.73 -57.69 -25.61
N GLU K 2924 34.15 -58.68 -26.40
CA GLU K 2924 33.23 -59.70 -26.87
C GLU K 2924 32.84 -60.65 -25.75
N GLU K 2925 33.78 -61.01 -24.88
CA GLU K 2925 33.47 -61.90 -23.77
C GLU K 2925 32.62 -61.21 -22.71
N LYS K 2926 32.78 -59.89 -22.55
CA LYS K 2926 31.99 -59.17 -21.57
C LYS K 2926 30.55 -58.96 -22.04
N GLU K 2927 30.32 -58.94 -23.34
CA GLU K 2927 28.97 -58.77 -23.86
C GLU K 2927 28.15 -60.02 -23.67
N MET K 2928 28.71 -61.19 -23.98
CA MET K 2928 27.99 -62.44 -23.80
C MET K 2928 27.84 -62.81 -22.33
N GLU K 2929 28.68 -62.26 -21.45
CA GLU K 2929 28.57 -62.56 -20.03
C GLU K 2929 27.36 -61.86 -19.42
N LYS K 2930 27.06 -60.63 -19.87
CA LYS K 2930 25.88 -59.93 -19.37
C LYS K 2930 24.59 -60.55 -19.90
N GLN K 2931 24.65 -61.22 -21.05
CA GLN K 2931 23.46 -61.86 -21.59
C GLN K 2931 23.06 -63.08 -20.77
N ARG K 2932 24.04 -63.84 -20.28
CA ARG K 2932 23.74 -64.98 -19.43
C ARG K 2932 23.16 -64.53 -18.10
N LEU K 2933 23.67 -63.41 -17.56
CA LEU K 2933 23.15 -62.91 -16.29
C LEU K 2933 21.73 -62.39 -16.44
N LEU K 2934 21.43 -61.70 -17.55
CA LEU K 2934 20.08 -61.19 -17.76
C LEU K 2934 19.08 -62.31 -17.99
N TYR K 2935 19.52 -63.41 -18.63
CA TYR K 2935 18.61 -64.53 -18.86
C TYR K 2935 18.27 -65.24 -17.56
N GLN K 2936 19.25 -65.40 -16.67
CA GLN K 2936 18.99 -66.06 -15.39
C GLN K 2936 18.17 -65.17 -14.47
N GLN K 2937 18.35 -63.85 -14.55
CA GLN K 2937 17.57 -62.94 -13.72
C GLN K 2937 16.13 -62.85 -14.22
N ALA K 2938 15.94 -62.84 -15.54
CA ALA K 2938 14.60 -62.81 -16.11
C ALA K 2938 13.85 -64.12 -15.97
N ARG K 2939 14.56 -65.21 -15.64
CA ARG K 2939 13.89 -66.50 -15.46
C ARG K 2939 12.97 -66.47 -14.23
N LEU K 2940 13.50 -66.00 -13.10
CA LEU K 2940 12.69 -65.91 -11.88
C LEU K 2940 11.69 -64.77 -11.91
N HIS K 2941 11.84 -63.82 -12.85
CA HIS K 2941 10.89 -62.72 -12.94
C HIS K 2941 9.55 -63.17 -13.52
N ASN K 2942 9.57 -64.17 -14.41
CA ASN K 2942 8.33 -64.64 -15.02
C ASN K 2942 7.49 -65.44 -14.02
N ARG K 2943 8.14 -66.20 -13.15
CA ARG K 2943 7.44 -67.01 -12.16
C ARG K 2943 7.00 -66.21 -10.94
N GLY K 2944 7.37 -64.95 -10.84
CA GLY K 2944 6.98 -64.13 -9.72
C GLY K 2944 7.89 -64.21 -8.51
N ALA K 2945 9.11 -64.75 -8.67
CA ALA K 2945 10.02 -64.87 -7.53
C ALA K 2945 10.55 -63.51 -7.08
N ALA K 2946 10.45 -62.48 -7.92
CA ALA K 2946 10.92 -61.16 -7.54
C ALA K 2946 10.05 -60.53 -6.45
N GLU K 2947 8.80 -60.98 -6.31
CA GLU K 2947 7.91 -60.49 -5.28
C GLU K 2947 7.95 -61.32 -4.01
N MET K 2948 8.55 -62.52 -4.05
CA MET K 2948 8.62 -63.36 -2.87
C MET K 2948 9.62 -62.81 -1.84
N VAL K 2949 10.69 -62.18 -2.32
CA VAL K 2949 11.69 -61.63 -1.40
C VAL K 2949 11.16 -60.41 -0.67
N LEU K 2950 10.08 -59.79 -1.15
CA LEU K 2950 9.50 -58.64 -0.48
C LEU K 2950 8.55 -59.03 0.64
N GLN K 2951 7.98 -60.23 0.59
CA GLN K 2951 7.07 -60.69 1.63
C GLN K 2951 7.78 -61.36 2.79
N MET K 2952 8.95 -61.96 2.55
CA MET K 2952 9.68 -62.61 3.62
C MET K 2952 10.28 -61.60 4.58
N ILE K 2953 10.72 -60.45 4.06
CA ILE K 2953 11.30 -59.42 4.93
C ILE K 2953 10.21 -58.75 5.76
N SER K 2954 9.04 -58.51 5.16
CA SER K 2954 7.93 -57.88 5.88
C SER K 2954 7.26 -58.81 6.88
N ALA K 2955 7.69 -60.07 6.97
CA ALA K 2955 7.09 -61.03 7.88
C ALA K 2955 7.82 -61.13 9.21
N CYS K 2956 9.14 -60.95 9.22
CA CYS K 2956 9.89 -61.05 10.47
C CYS K 2956 9.62 -59.86 11.39
N LYS K 2957 9.38 -58.68 10.81
CA LYS K 2957 9.04 -57.47 11.57
C LYS K 2957 10.13 -57.10 12.57
N GLY K 2958 11.39 -57.38 12.23
CA GLY K 2958 12.52 -57.02 13.08
C GLY K 2958 13.40 -58.18 13.49
N GLU K 2959 13.12 -59.41 13.09
CA GLU K 2959 13.95 -60.54 13.47
C GLU K 2959 15.22 -60.56 12.62
N THR K 2960 16.37 -60.71 13.29
CA THR K 2960 17.66 -60.76 12.63
C THR K 2960 18.23 -62.17 12.58
N GLY K 2961 17.39 -63.19 12.59
CA GLY K 2961 17.84 -64.56 12.57
C GLY K 2961 18.36 -64.98 11.21
N ALA K 2962 18.53 -66.29 11.06
CA ALA K 2962 19.05 -66.85 9.82
C ALA K 2962 18.03 -66.83 8.69
N MET K 2963 16.76 -66.51 8.97
CA MET K 2963 15.76 -66.46 7.91
C MET K 2963 15.99 -65.29 6.98
N VAL K 2964 16.37 -64.13 7.53
CA VAL K 2964 16.60 -62.95 6.69
C VAL K 2964 17.91 -63.09 5.92
N SER K 2965 18.90 -63.77 6.50
CA SER K 2965 20.18 -63.96 5.82
C SER K 2965 20.05 -64.84 4.58
N SER K 2966 18.99 -65.66 4.50
CA SER K 2966 18.78 -66.51 3.35
C SER K 2966 18.02 -65.83 2.22
N THR K 2967 17.13 -64.90 2.54
CA THR K 2967 16.36 -64.20 1.52
C THR K 2967 17.09 -62.97 0.99
N LEU K 2968 17.98 -62.37 1.79
CA LEU K 2968 18.76 -61.23 1.30
C LEU K 2968 19.80 -61.67 0.28
N LYS K 2969 20.32 -62.89 0.41
CA LYS K 2969 21.25 -63.42 -0.58
C LYS K 2969 20.55 -63.62 -1.93
N LEU K 2970 19.26 -63.98 -1.92
CA LEU K 2970 18.51 -64.11 -3.15
C LEU K 2970 18.15 -62.75 -3.75
N GLY K 2971 17.91 -61.75 -2.90
CA GLY K 2971 17.56 -60.43 -3.40
C GLY K 2971 18.71 -59.73 -4.09
N ILE K 2972 19.95 -59.96 -3.62
CA ILE K 2972 21.11 -59.36 -4.26
C ILE K 2972 21.58 -60.13 -5.49
N SER K 2973 21.11 -61.35 -5.68
CA SER K 2973 21.48 -62.14 -6.86
C SER K 2973 20.60 -61.83 -8.05
N ILE K 2974 19.52 -61.07 -7.88
CA ILE K 2974 18.63 -60.70 -8.98
C ILE K 2974 18.94 -59.30 -9.50
N LEU K 2975 19.23 -58.36 -8.60
CA LEU K 2975 19.53 -56.99 -8.98
C LEU K 2975 21.03 -56.73 -9.05
N ASN K 2976 21.84 -57.78 -9.21
CA ASN K 2976 23.29 -57.61 -9.26
C ASN K 2976 23.72 -56.84 -10.51
N GLY K 2977 22.94 -56.92 -11.58
CA GLY K 2977 23.26 -56.21 -12.80
C GLY K 2977 22.52 -54.89 -12.91
N GLY K 2978 21.48 -54.71 -12.09
CA GLY K 2978 20.70 -53.50 -12.11
C GLY K 2978 19.70 -53.46 -13.24
N ASN K 2979 18.85 -54.48 -13.33
CA ASN K 2979 17.86 -54.54 -14.39
C ASN K 2979 16.72 -53.56 -14.11
N ALA K 2980 16.08 -53.11 -15.20
CA ALA K 2980 15.00 -52.15 -15.10
C ALA K 2980 13.65 -52.80 -14.85
N ASP K 2981 13.46 -54.06 -15.23
CA ASP K 2981 12.18 -54.72 -15.05
C ASP K 2981 11.99 -55.22 -13.62
N VAL K 2982 13.06 -55.66 -12.96
CA VAL K 2982 12.93 -56.14 -11.59
C VAL K 2982 12.66 -54.98 -10.64
N GLN K 2983 13.22 -53.80 -10.93
CA GLN K 2983 12.96 -52.65 -10.07
C GLN K 2983 11.55 -52.11 -10.26
N GLN K 2984 10.98 -52.26 -11.46
CA GLN K 2984 9.62 -51.80 -11.71
C GLN K 2984 8.59 -52.76 -11.12
N LYS K 2985 8.90 -54.05 -11.05
CA LYS K 2985 7.97 -55.01 -10.47
C LYS K 2985 7.88 -54.83 -8.96
N MET K 2986 9.01 -54.59 -8.30
CA MET K 2986 8.98 -54.37 -6.86
C MET K 2986 8.34 -53.04 -6.51
N LEU K 2987 8.49 -52.03 -7.37
CA LEU K 2987 7.85 -50.74 -7.12
C LEU K 2987 6.34 -50.84 -7.28
N ASP K 2988 5.87 -51.60 -8.28
CA ASP K 2988 4.44 -51.74 -8.49
C ASP K 2988 3.79 -52.59 -7.40
N TYR K 2989 4.52 -53.59 -6.90
CA TYR K 2989 3.96 -54.45 -5.86
C TYR K 2989 3.82 -53.72 -4.52
N LEU K 2990 4.74 -52.79 -4.23
CA LEU K 2990 4.66 -52.05 -2.98
C LEU K 2990 3.55 -51.00 -3.02
N LYS K 2991 3.34 -50.37 -4.18
CA LYS K 2991 2.31 -49.35 -4.31
C LYS K 2991 0.92 -49.96 -4.42
N ASP K 2992 0.81 -51.17 -4.99
CA ASP K 2992 -0.50 -51.80 -5.13
C ASP K 2992 -1.03 -52.29 -3.78
N LYS K 2993 -0.17 -52.97 -3.01
CA LYS K 2993 -0.59 -53.48 -1.71
C LYS K 2993 -0.61 -52.37 -0.66
N LYS K 2994 0.41 -51.52 -0.65
CA LYS K 2994 0.52 -50.41 0.31
C LYS K 2994 0.45 -50.92 1.75
N GLU K 2995 1.07 -52.06 2.00
CA GLU K 2995 1.07 -52.68 3.32
C GLU K 2995 2.20 -52.11 4.17
N VAL K 2996 1.85 -51.58 5.34
CA VAL K 2996 2.85 -51.00 6.24
C VAL K 2996 3.57 -52.14 6.95
N GLY K 2997 4.90 -52.08 6.95
CA GLY K 2997 5.70 -53.09 7.61
C GLY K 2997 6.97 -53.45 6.86
N PHE K 2998 7.02 -53.09 5.58
CA PHE K 2998 8.20 -53.37 4.78
C PHE K 2998 9.36 -52.46 5.15
N PHE K 2999 9.14 -51.14 5.06
CA PHE K 2999 10.19 -50.20 5.43
C PHE K 2999 10.45 -50.20 6.93
N GLN K 3000 9.42 -50.51 7.73
CA GLN K 3000 9.61 -50.58 9.17
C GLN K 3000 10.52 -51.74 9.57
N SER K 3001 10.49 -52.83 8.80
CA SER K 3001 11.37 -53.96 9.08
C SER K 3001 12.81 -53.65 8.71
N ILE K 3002 13.02 -52.85 7.67
CA ILE K 3002 14.37 -52.48 7.27
C ILE K 3002 15.02 -51.60 8.33
N GLN K 3003 14.24 -50.68 8.92
CA GLN K 3003 14.78 -49.82 9.97
C GLN K 3003 15.15 -50.64 11.21
N ALA K 3004 14.39 -51.69 11.52
CA ALA K 3004 14.71 -52.52 12.66
C ALA K 3004 15.98 -53.33 12.42
N LEU K 3005 16.18 -53.80 11.18
CA LEU K 3005 17.37 -54.57 10.86
C LEU K 3005 18.63 -53.69 10.80
N MET K 3006 18.46 -52.37 10.68
CA MET K 3006 19.61 -51.48 10.64
C MET K 3006 20.14 -51.16 12.03
N GLN K 3007 19.25 -51.07 13.03
CA GLN K 3007 19.69 -50.75 14.39
C GLN K 3007 20.23 -51.96 15.12
N THR K 3008 19.79 -53.17 14.75
CA THR K 3008 20.25 -54.39 15.41
C THR K 3008 21.65 -54.82 14.97
N CYS K 3009 22.26 -54.10 14.04
CA CYS K 3009 23.61 -54.45 13.59
C CYS K 3009 24.61 -54.22 14.71
N SER K 3010 25.47 -55.21 14.94
CA SER K 3010 26.47 -55.13 15.99
C SER K 3010 27.63 -54.27 15.52
N VAL K 3011 27.83 -53.13 16.16
CA VAL K 3011 28.90 -52.21 15.82
C VAL K 3011 30.12 -52.54 16.67
N LEU K 3012 31.30 -52.19 16.14
CA LEU K 3012 32.54 -52.43 16.85
C LEU K 3012 32.54 -51.71 18.20
N ASP K 3013 32.90 -52.44 19.25
CA ASP K 3013 32.94 -51.89 20.60
C ASP K 3013 34.21 -52.36 21.28
N LEU K 3014 34.81 -51.48 22.09
CA LEU K 3014 36.04 -51.84 22.80
C LEU K 3014 35.76 -52.82 23.92
N ASN K 3015 34.56 -52.80 24.48
CA ASN K 3015 34.21 -53.75 25.55
C ASN K 3015 34.15 -55.17 25.02
N ALA K 3016 33.57 -55.36 23.84
CA ALA K 3016 33.52 -56.70 23.25
C ALA K 3016 34.90 -57.16 22.80
N PHE K 3017 35.77 -56.23 22.40
CA PHE K 3017 37.12 -56.59 21.99
C PHE K 3017 37.97 -57.04 23.17
N GLU K 3018 37.65 -56.57 24.38
CA GLU K 3018 38.39 -56.96 25.57
C GLU K 3018 38.12 -58.40 25.99
N ARG K 3019 37.11 -59.05 25.41
CA ARG K 3019 36.78 -60.41 25.75
C ARG K 3019 37.35 -61.45 24.79
N GLN K 3020 37.49 -61.10 23.51
CA GLN K 3020 38.02 -62.06 22.54
C GLN K 3020 39.52 -62.23 22.70
N ASN K 3021 40.24 -61.12 22.92
CA ASN K 3021 41.69 -61.21 23.11
C ASN K 3021 42.04 -61.84 24.44
N LYS K 3022 41.19 -61.67 25.46
CA LYS K 3022 41.42 -62.32 26.74
C LYS K 3022 41.22 -63.83 26.63
N ALA K 3023 40.22 -64.25 25.86
CA ALA K 3023 40.01 -65.69 25.65
C ALA K 3023 41.10 -66.29 24.77
N GLU K 3024 41.58 -65.52 23.80
CA GLU K 3024 42.67 -66.01 22.95
C GLU K 3024 43.98 -66.13 23.72
N GLY K 3025 44.14 -65.35 24.79
CA GLY K 3025 45.34 -65.43 25.60
C GLY K 3025 45.43 -66.69 26.43
N LEU K 3026 44.33 -67.43 26.57
CA LEU K 3026 44.35 -68.67 27.33
C LEU K 3026 45.10 -69.78 26.61
N GLY K 3027 45.27 -69.66 25.30
CA GLY K 3027 45.99 -70.65 24.51
C GLY K 3027 45.19 -71.07 23.29
N MET K 3028 45.78 -71.99 22.53
CA MET K 3028 45.16 -72.52 21.33
C MET K 3028 44.53 -73.89 21.55
N VAL K 3029 45.06 -74.69 22.47
CA VAL K 3029 44.54 -76.02 22.76
C VAL K 3029 43.90 -76.01 24.14
N ASN K 3030 43.27 -77.13 24.49
CA ASN K 3030 42.59 -77.31 25.76
C ASN K 3030 43.39 -78.27 26.64
N GLU K 3031 42.81 -78.59 27.79
CA GLU K 3031 43.48 -79.52 28.72
C GLU K 3031 43.59 -80.91 28.12
N ASP K 3032 42.52 -81.38 27.48
CA ASP K 3032 42.52 -82.69 26.84
C ASP K 3032 43.08 -82.58 25.42
N GLY K 3033 43.00 -83.67 24.66
CA GLY K 3033 43.51 -83.67 23.31
C GLY K 3033 42.49 -83.21 22.29
N THR K 3034 41.87 -82.06 22.53
CA THR K 3034 40.87 -81.49 21.64
C THR K 3034 41.24 -80.05 21.31
N VAL K 3035 40.81 -79.60 20.13
CA VAL K 3035 41.06 -78.25 19.65
C VAL K 3035 39.75 -77.48 19.68
N ILE K 3036 39.86 -76.16 19.85
CA ILE K 3036 38.68 -75.30 19.90
C ILE K 3036 38.51 -74.59 18.55
N GLY K 3037 34.18 -67.86 15.47
CA GLY K 3037 33.22 -67.21 16.35
C GLY K 3037 33.68 -65.84 16.82
N GLU K 3038 33.78 -64.90 15.88
CA GLU K 3038 34.21 -63.55 16.23
C GLU K 3038 33.09 -62.81 16.95
N LYS K 3039 33.41 -62.27 18.12
CA LYS K 3039 32.45 -61.51 18.92
C LYS K 3039 32.52 -60.01 18.68
N VAL K 3040 33.53 -59.53 17.95
CA VAL K 3040 33.64 -58.11 17.69
C VAL K 3040 32.56 -57.64 16.72
N MET K 3041 32.11 -58.52 15.83
CA MET K 3041 31.07 -58.16 14.87
C MET K 3041 29.95 -59.20 14.86
N ALA K 3042 30.27 -60.42 14.44
CA ALA K 3042 29.30 -61.52 14.35
C ALA K 3042 28.14 -61.18 13.43
N ASP K 3043 28.35 -60.23 12.52
CA ASP K 3043 27.27 -59.83 11.61
C ASP K 3043 27.79 -59.12 10.36
N ASP K 3044 29.04 -59.31 9.96
CA ASP K 3044 29.56 -58.61 8.79
C ASP K 3044 28.92 -59.12 7.51
N GLU K 3045 28.58 -60.41 7.47
CA GLU K 3045 27.94 -60.97 6.27
C GLU K 3045 26.51 -60.48 6.12
N PHE K 3046 25.85 -60.14 7.23
CA PHE K 3046 24.47 -59.67 7.16
C PHE K 3046 24.40 -58.18 6.86
N THR K 3047 25.26 -57.37 7.49
CA THR K 3047 25.23 -55.93 7.27
C THR K 3047 25.70 -55.57 5.87
N GLN K 3048 26.72 -56.27 5.36
CA GLN K 3048 27.23 -55.98 4.02
C GLN K 3048 26.17 -56.29 2.96
N ASP K 3049 25.44 -57.39 3.12
CA ASP K 3049 24.40 -57.73 2.16
C ASP K 3049 23.15 -56.89 2.33
N LEU K 3050 22.92 -56.37 3.54
CA LEU K 3050 21.74 -55.53 3.77
C LEU K 3050 21.87 -54.19 3.07
N PHE K 3051 23.02 -53.54 3.21
CA PHE K 3051 23.24 -52.26 2.53
C PHE K 3051 23.37 -52.45 1.02
N ARG K 3052 23.88 -53.60 0.59
CA ARG K 3052 23.98 -53.86 -0.85
C ARG K 3052 22.60 -54.05 -1.47
N PHE K 3053 21.64 -54.58 -0.71
CA PHE K 3053 20.29 -54.74 -1.22
C PHE K 3053 19.64 -53.39 -1.48
N LEU K 3054 19.78 -52.45 -0.55
CA LEU K 3054 19.19 -51.12 -0.75
C LEU K 3054 19.97 -50.32 -1.79
N GLN K 3055 21.28 -50.55 -1.90
CA GLN K 3055 22.06 -49.85 -2.91
C GLN K 3055 21.72 -50.34 -4.31
N LEU K 3056 21.52 -51.66 -4.47
CA LEU K 3056 21.19 -52.22 -5.76
C LEU K 3056 19.77 -51.90 -6.21
N LEU K 3057 18.91 -51.43 -5.30
CA LEU K 3057 17.56 -51.05 -5.69
C LEU K 3057 17.55 -49.81 -6.56
N CYS K 3058 18.51 -48.91 -6.37
CA CYS K 3058 18.62 -47.69 -7.15
C CYS K 3058 19.91 -47.66 -7.97
N GLU K 3059 20.46 -48.84 -8.28
CA GLU K 3059 21.70 -48.91 -9.04
C GLU K 3059 21.50 -48.49 -10.50
N GLY K 3060 20.29 -48.61 -11.03
CA GLY K 3060 19.99 -48.25 -12.39
C GLY K 3060 19.80 -46.77 -12.64
N HIS K 3061 20.15 -45.92 -11.66
CA HIS K 3061 20.03 -44.47 -11.79
C HIS K 3061 18.59 -44.04 -12.09
N ASN K 3062 17.62 -44.79 -11.58
CA ASN K 3062 16.21 -44.48 -11.77
C ASN K 3062 15.73 -43.57 -10.65
N ASN K 3063 15.03 -42.49 -11.03
CA ASN K 3063 14.56 -41.51 -10.06
C ASN K 3063 13.18 -41.85 -9.50
N ASP K 3064 12.45 -42.77 -10.13
CA ASP K 3064 11.12 -43.11 -9.63
C ASP K 3064 11.20 -43.91 -8.33
N PHE K 3065 12.21 -44.76 -8.19
CA PHE K 3065 12.35 -45.55 -6.98
C PHE K 3065 12.95 -44.75 -5.84
N GLN K 3066 13.71 -43.69 -6.14
CA GLN K 3066 14.29 -42.87 -5.09
C GLN K 3066 13.23 -42.04 -4.37
N ASN K 3067 12.18 -41.65 -5.07
CA ASN K 3067 11.11 -40.87 -4.45
C ASN K 3067 10.25 -41.70 -3.50
N TYR K 3068 10.30 -43.04 -3.62
CA TYR K 3068 9.52 -43.91 -2.75
C TYR K 3068 10.22 -44.20 -1.43
N LEU K 3069 11.51 -43.89 -1.31
CA LEU K 3069 12.23 -44.13 -0.07
C LEU K 3069 12.11 -42.98 0.92
N ARG K 3070 11.98 -41.74 0.42
CA ARG K 3070 11.81 -40.59 1.30
C ARG K 3070 10.43 -40.57 1.91
N THR K 3071 9.41 -40.36 1.09
CA THR K 3071 8.03 -40.34 1.54
C THR K 3071 7.22 -41.35 0.75
N GLN K 3072 6.03 -41.66 1.26
CA GLN K 3072 5.12 -42.62 0.65
C GLN K 3072 3.79 -41.93 0.35
N THR K 3073 3.31 -42.09 -0.88
CA THR K 3073 2.03 -41.51 -1.29
C THR K 3073 0.84 -42.39 -0.97
N GLY K 3074 1.05 -43.69 -0.78
CA GLY K 3074 -0.04 -44.59 -0.47
C GLY K 3074 -0.07 -45.00 0.99
N ASN K 3075 1.10 -45.21 1.59
CA ASN K 3075 1.18 -45.59 2.98
C ASN K 3075 0.83 -44.41 3.88
N THR K 3076 0.65 -44.71 5.16
CA THR K 3076 0.28 -43.71 6.15
C THR K 3076 1.42 -43.35 7.10
N THR K 3077 2.54 -44.05 7.04
CA THR K 3077 3.68 -43.81 7.93
C THR K 3077 4.91 -43.50 7.10
N THR K 3078 5.62 -42.44 7.47
CA THR K 3078 6.86 -42.04 6.80
C THR K 3078 8.05 -42.55 7.60
N ILE K 3079 8.95 -43.27 6.93
CA ILE K 3079 10.12 -43.85 7.55
C ILE K 3079 11.39 -43.12 7.14
N ASN K 3080 11.55 -42.85 5.85
CA ASN K 3080 12.75 -42.20 5.31
C ASN K 3080 14.01 -43.00 5.67
N ILE K 3081 14.31 -44.03 4.88
CA ILE K 3081 15.46 -44.88 5.16
C ILE K 3081 16.76 -44.10 4.96
N ILE K 3082 16.74 -43.05 4.14
CA ILE K 3082 17.94 -42.25 3.91
C ILE K 3082 18.39 -41.60 5.21
N ILE K 3083 17.45 -41.10 6.00
CA ILE K 3083 17.80 -40.55 7.31
C ILE K 3083 18.29 -41.65 8.24
N CYS K 3084 17.64 -42.82 8.20
CA CYS K 3084 18.10 -43.95 9.01
C CYS K 3084 19.42 -44.51 8.51
N THR K 3085 19.76 -44.28 7.24
CA THR K 3085 21.04 -44.76 6.72
C THR K 3085 22.21 -43.95 7.27
N VAL K 3086 22.07 -42.62 7.29
CA VAL K 3086 23.14 -41.77 7.82
C VAL K 3086 23.23 -41.86 9.34
N ASP K 3087 22.13 -42.20 10.02
CA ASP K 3087 22.19 -42.41 11.46
C ASP K 3087 23.02 -43.64 11.81
N TYR K 3088 23.07 -44.62 10.91
CA TYR K 3088 23.91 -45.79 11.15
C TYR K 3088 25.39 -45.44 11.02
N LEU K 3089 25.72 -44.50 10.12
CA LEU K 3089 27.11 -44.09 9.97
C LEU K 3089 27.61 -43.30 11.18
N LEU K 3090 26.70 -42.64 11.90
CA LEU K 3090 27.10 -41.87 13.08
C LEU K 3090 27.64 -42.79 14.17
N ARG K 3091 27.00 -43.95 14.36
CA ARG K 3091 27.47 -44.90 15.37
C ARG K 3091 28.67 -45.70 14.91
N LEU K 3092 29.01 -45.66 13.62
CA LEU K 3092 30.20 -46.33 13.12
C LEU K 3092 31.45 -45.46 13.22
N GLN K 3093 31.30 -44.15 13.06
CA GLN K 3093 32.45 -43.25 13.22
C GLN K 3093 32.96 -43.24 14.66
N GLU K 3094 32.05 -43.36 15.63
CA GLU K 3094 32.47 -43.39 17.03
C GLU K 3094 33.31 -44.61 17.34
N SER K 3095 33.05 -45.74 16.67
CA SER K 3095 33.82 -46.95 16.92
C SER K 3095 35.23 -46.83 16.37
N ILE K 3096 35.37 -46.35 15.13
CA ILE K 3096 36.69 -46.18 14.54
C ILE K 3096 37.48 -45.10 15.25
N SER K 3097 36.79 -44.05 15.73
CA SER K 3097 37.48 -42.99 16.46
C SER K 3097 37.99 -43.49 17.81
N ASP K 3098 37.15 -44.20 18.55
CA ASP K 3098 37.57 -44.74 19.84
C ASP K 3098 38.57 -45.87 19.70
N PHE K 3099 38.60 -46.54 18.55
CA PHE K 3099 39.57 -47.62 18.34
C PHE K 3099 40.96 -47.08 18.07
N TYR K 3100 41.07 -45.87 17.51
CA TYR K 3100 42.38 -45.29 17.24
C TYR K 3100 43.08 -44.88 18.53
N TRP K 3101 42.33 -44.31 19.48
CA TRP K 3101 42.94 -43.89 20.73
C TRP K 3101 43.36 -45.08 21.58
N TYR K 3102 42.72 -46.24 21.40
CA TYR K 3102 43.13 -47.42 22.14
C TYR K 3102 44.46 -47.97 21.65
N TYR K 3103 44.76 -47.79 20.36
CA TYR K 3103 46.02 -48.23 19.78
C TYR K 3103 46.96 -47.07 19.47
N SER K 3104 46.64 -45.86 19.95
CA SER K 3104 47.51 -44.72 19.71
C SER K 3104 48.81 -44.84 20.48
N GLY K 3105 48.75 -45.30 21.73
CA GLY K 3105 49.96 -45.49 22.51
C GLY K 3105 50.82 -46.62 22.01
N LYS K 3106 50.20 -47.65 21.43
CA LYS K 3106 50.96 -48.78 20.90
C LYS K 3106 51.71 -48.38 19.65
N ASP K 3107 52.96 -48.86 19.54
CA ASP K 3107 53.78 -48.53 18.38
C ASP K 3107 53.34 -49.29 17.13
N VAL K 3108 53.04 -50.58 17.28
CA VAL K 3108 52.65 -51.44 16.17
C VAL K 3108 51.28 -52.04 16.48
N ILE K 3109 50.43 -52.12 15.45
CA ILE K 3109 49.11 -52.69 15.63
C ILE K 3109 49.23 -54.21 15.82
N GLU K 3110 48.49 -54.73 16.79
CA GLU K 3110 48.52 -56.16 17.08
C GLU K 3110 47.94 -56.96 15.92
N GLU K 3111 48.29 -58.25 15.88
CA GLU K 3111 47.79 -59.12 14.82
C GLU K 3111 46.29 -59.37 14.97
N GLN K 3112 45.82 -59.53 16.21
CA GLN K 3112 44.39 -59.73 16.43
C GLN K 3112 43.60 -58.47 16.11
N GLY K 3113 44.12 -57.31 16.50
CA GLY K 3113 43.46 -56.05 16.21
C GLY K 3113 43.47 -55.68 14.74
N LYS K 3114 44.39 -56.26 13.96
CA LYS K 3114 44.43 -55.97 12.53
C LYS K 3114 43.25 -56.57 11.80
N ARG K 3115 42.86 -57.80 12.18
CA ARG K 3115 41.70 -58.43 11.56
C ARG K 3115 40.40 -57.76 12.00
N ASN K 3116 40.35 -57.28 13.25
CA ASN K 3116 39.15 -56.60 13.73
C ASN K 3116 38.97 -55.24 13.05
N PHE K 3117 40.08 -54.49 12.89
CA PHE K 3117 39.98 -53.19 12.24
C PHE K 3117 39.73 -53.32 10.74
N SER K 3118 40.17 -54.41 10.13
CA SER K 3118 39.95 -54.60 8.69
C SER K 3118 38.48 -54.83 8.39
N LYS K 3119 37.77 -55.56 9.27
CA LYS K 3119 36.35 -55.79 9.04
C LYS K 3119 35.53 -54.52 9.24
N ALA K 3120 36.01 -53.59 10.07
CA ALA K 3120 35.29 -52.35 10.28
C ALA K 3120 35.36 -51.43 9.06
N MET K 3121 36.46 -51.52 8.29
CA MET K 3121 36.59 -50.69 7.10
C MET K 3121 35.82 -51.26 5.92
N SER K 3122 35.63 -52.58 5.87
CA SER K 3122 34.86 -53.18 4.79
C SER K 3122 33.39 -52.80 4.89
N VAL K 3123 32.84 -52.77 6.10
CA VAL K 3123 31.46 -52.33 6.28
C VAL K 3123 31.33 -50.84 6.01
N ALA K 3124 32.33 -50.06 6.40
CA ALA K 3124 32.32 -48.63 6.12
C ALA K 3124 32.45 -48.32 4.63
N LYS K 3125 33.00 -49.27 3.85
CA LYS K 3125 33.10 -49.06 2.41
C LYS K 3125 31.76 -49.23 1.73
N GLN K 3126 30.90 -50.10 2.27
CA GLN K 3126 29.60 -50.36 1.64
C GLN K 3126 28.59 -49.27 1.97
N VAL K 3127 28.65 -48.71 3.17
CA VAL K 3127 27.68 -47.68 3.55
C VAL K 3127 27.92 -46.40 2.76
N PHE K 3128 29.16 -46.13 2.37
CA PHE K 3128 29.43 -44.96 1.53
C PHE K 3128 29.04 -45.22 0.09
N ASN K 3129 29.25 -46.44 -0.39
CA ASN K 3129 28.81 -46.80 -1.74
C ASN K 3129 27.30 -46.85 -1.86
N SER K 3130 26.58 -46.99 -0.74
CA SER K 3130 25.12 -46.96 -0.76
C SER K 3130 24.58 -45.54 -0.69
N LEU K 3131 25.35 -44.59 -0.17
CA LEU K 3131 24.90 -43.21 -0.10
C LEU K 3131 25.07 -42.49 -1.43
N THR K 3132 26.11 -42.83 -2.19
CA THR K 3132 26.31 -42.21 -3.50
C THR K 3132 25.27 -42.65 -4.52
N GLU K 3133 24.65 -43.81 -4.31
CA GLU K 3133 23.59 -44.26 -5.21
C GLU K 3133 22.32 -43.45 -5.01
N TYR K 3134 22.10 -42.94 -3.80
CA TYR K 3134 20.93 -42.10 -3.54
C TYR K 3134 21.10 -40.68 -4.06
N ILE K 3135 22.34 -40.21 -4.22
CA ILE K 3135 22.60 -38.88 -4.73
C ILE K 3135 23.25 -38.99 -6.10
N GLN K 3136 22.59 -39.71 -7.01
CA GLN K 3136 23.11 -39.83 -8.37
C GLN K 3136 22.55 -38.71 -9.26
N GLY K 3137 21.27 -38.83 -9.63
CA GLY K 3137 20.62 -37.80 -10.40
C GLY K 3137 20.25 -36.62 -9.53
N PRO K 3138 20.36 -35.41 -10.09
CA PRO K 3138 20.04 -34.20 -9.31
C PRO K 3138 18.57 -34.12 -8.93
N CYS K 3139 18.18 -34.89 -7.92
CA CYS K 3139 16.80 -34.89 -7.43
C CYS K 3139 16.66 -33.91 -6.29
N THR K 3140 15.69 -33.00 -6.41
CA THR K 3140 15.50 -31.96 -5.39
C THR K 3140 15.10 -32.55 -4.03
N GLY K 3141 14.45 -33.71 -4.01
CA GLY K 3141 14.06 -34.29 -2.74
C GLY K 3141 15.22 -34.86 -1.96
N ASN K 3142 16.24 -35.38 -2.65
CA ASN K 3142 17.39 -35.97 -1.96
C ASN K 3142 18.36 -34.91 -1.46
N GLN K 3143 18.41 -33.75 -2.12
CA GLN K 3143 19.34 -32.71 -1.68
C GLN K 3143 18.91 -32.10 -0.35
N GLN K 3144 17.60 -31.91 -0.16
CA GLN K 3144 17.10 -31.33 1.08
C GLN K 3144 17.19 -32.30 2.25
N SER K 3145 17.29 -33.61 1.98
CA SER K 3145 17.37 -34.58 3.05
C SER K 3145 18.77 -34.64 3.67
N LEU K 3146 19.79 -34.70 2.82
CA LEU K 3146 21.17 -34.76 3.31
C LEU K 3146 21.66 -33.42 3.85
N ALA K 3147 20.98 -32.33 3.50
CA ALA K 3147 21.42 -31.02 3.98
C ALA K 3147 21.09 -30.83 5.46
N HIS K 3148 19.89 -31.22 5.89
CA HIS K 3148 19.45 -31.09 7.26
C HIS K 3148 19.73 -32.33 8.10
N SER K 3149 20.57 -33.23 7.60
CA SER K 3149 20.92 -34.45 8.31
C SER K 3149 22.22 -34.24 9.09
N ARG K 3150 22.74 -35.32 9.66
CA ARG K 3150 23.98 -35.29 10.43
C ARG K 3150 25.13 -35.94 9.67
N LEU K 3151 25.14 -35.76 8.35
CA LEU K 3151 26.22 -36.33 7.54
C LEU K 3151 27.47 -35.47 7.58
N TRP K 3152 27.30 -34.14 7.65
CA TRP K 3152 28.46 -33.25 7.71
C TRP K 3152 29.23 -33.43 9.01
N ASP K 3153 28.54 -33.77 10.10
CA ASP K 3153 29.21 -34.00 11.38
C ASP K 3153 29.80 -35.40 11.50
N ALA K 3154 29.52 -36.28 10.54
CA ALA K 3154 30.07 -37.63 10.55
C ALA K 3154 31.30 -37.79 9.68
N VAL K 3155 31.42 -36.99 8.62
CA VAL K 3155 32.60 -37.09 7.75
C VAL K 3155 33.81 -36.42 8.40
N VAL K 3156 33.59 -35.44 9.28
CA VAL K 3156 34.71 -34.78 9.95
C VAL K 3156 35.41 -35.75 10.91
N GLY K 3157 34.68 -36.73 11.42
CA GLY K 3157 35.29 -37.72 12.31
C GLY K 3157 36.22 -38.67 11.58
N PHE K 3158 35.87 -39.03 10.34
CA PHE K 3158 36.73 -39.93 9.57
C PHE K 3158 38.00 -39.23 9.11
N LEU K 3159 37.94 -37.93 8.83
CA LEU K 3159 39.13 -37.21 8.41
C LEU K 3159 40.16 -37.12 9.54
N HIS K 3160 39.71 -37.18 10.79
CA HIS K 3160 40.64 -37.12 11.91
C HIS K 3160 41.39 -38.44 12.08
N VAL K 3161 40.70 -39.57 11.91
CA VAL K 3161 41.34 -40.87 12.09
C VAL K 3161 42.13 -41.26 10.84
N PHE K 3162 41.67 -40.84 9.65
CA PHE K 3162 42.39 -41.19 8.44
C PHE K 3162 43.72 -40.47 8.35
N ALA K 3163 43.79 -39.24 8.84
CA ALA K 3163 45.02 -38.46 8.77
C ALA K 3163 46.10 -38.98 9.70
N HIS K 3164 45.74 -39.83 10.66
CA HIS K 3164 46.70 -40.39 11.59
C HIS K 3164 47.04 -41.85 11.34
N MET K 3165 46.13 -42.61 10.73
CA MET K 3165 46.41 -44.01 10.45
C MET K 3165 47.36 -44.18 9.27
N MET K 3166 47.29 -43.28 8.28
CA MET K 3166 48.19 -43.39 7.13
C MET K 3166 49.62 -43.03 7.51
N MET K 3167 49.81 -42.19 8.52
CA MET K 3167 51.15 -41.83 8.96
C MET K 3167 51.81 -42.97 9.74
N LYS K 3168 51.02 -43.78 10.45
CA LYS K 3168 51.58 -44.91 11.18
C LYS K 3168 51.75 -46.13 10.27
N LEU K 3169 50.86 -46.29 9.29
CA LEU K 3169 50.98 -47.44 8.39
C LEU K 3169 52.11 -47.26 7.39
N ALA K 3170 52.49 -46.01 7.10
CA ALA K 3170 53.59 -45.77 6.17
C ALA K 3170 54.94 -46.12 6.80
N GLN K 3171 55.10 -45.85 8.10
CA GLN K 3171 56.35 -46.16 8.77
C GLN K 3171 56.48 -47.66 9.00
N ASP K 3172 55.39 -48.34 9.33
CA ASP K 3172 55.41 -49.78 9.57
C ASP K 3172 55.42 -50.51 8.24
N SER K 3173 56.51 -51.24 7.96
CA SER K 3173 56.60 -51.97 6.70
C SER K 3173 55.74 -53.22 6.69
N SER K 3174 55.27 -53.68 7.84
CA SER K 3174 54.42 -54.86 7.91
C SER K 3174 52.94 -54.54 7.75
N GLN K 3175 52.53 -53.30 7.98
CA GLN K 3175 51.13 -52.91 7.87
C GLN K 3175 50.86 -52.54 6.41
N ILE K 3176 50.71 -53.57 5.58
CA ILE K 3176 50.44 -53.41 4.17
C ILE K 3176 48.98 -53.76 3.84
N GLU K 3177 48.45 -54.79 4.48
CA GLU K 3177 47.06 -55.18 4.24
C GLU K 3177 46.09 -54.08 4.66
N LEU K 3178 46.38 -53.40 5.77
CA LEU K 3178 45.53 -52.31 6.23
C LEU K 3178 45.73 -51.04 5.40
N LEU K 3179 46.93 -50.84 4.87
CA LEU K 3179 47.20 -49.63 4.09
C LEU K 3179 46.43 -49.63 2.78
N LYS K 3180 46.29 -50.81 2.15
CA LYS K 3180 45.56 -50.88 0.88
C LYS K 3180 44.07 -50.71 1.09
N GLU K 3181 43.54 -51.08 2.26
CA GLU K 3181 42.11 -50.96 2.51
C GLU K 3181 41.73 -49.56 2.98
N LEU K 3182 42.60 -48.90 3.75
CA LEU K 3182 42.30 -47.55 4.20
C LEU K 3182 42.23 -46.57 3.03
N LEU K 3183 43.13 -46.72 2.05
CA LEU K 3183 43.11 -45.86 0.89
C LEU K 3183 41.93 -46.15 -0.03
N ASP K 3184 41.34 -47.35 0.07
CA ASP K 3184 40.19 -47.68 -0.78
C ASP K 3184 38.95 -46.92 -0.34
N LEU K 3185 38.71 -46.84 0.97
CA LEU K 3185 37.56 -46.09 1.48
C LEU K 3185 37.74 -44.59 1.26
N GLN K 3186 38.96 -44.09 1.36
CA GLN K 3186 39.21 -42.67 1.13
C GLN K 3186 38.85 -42.29 -0.30
N LYS K 3187 39.09 -43.19 -1.26
CA LYS K 3187 38.70 -42.93 -2.64
C LYS K 3187 37.19 -42.99 -2.80
N ASP K 3188 36.53 -43.89 -2.07
CA ASP K 3188 35.09 -44.02 -2.14
C ASP K 3188 34.35 -42.98 -1.29
N MET K 3189 35.05 -42.26 -0.43
CA MET K 3189 34.43 -41.24 0.41
C MET K 3189 34.36 -39.89 -0.29
N VAL K 3190 35.39 -39.54 -1.06
CA VAL K 3190 35.39 -38.24 -1.74
C VAL K 3190 34.42 -38.24 -2.91
N VAL K 3191 34.18 -39.40 -3.52
CA VAL K 3191 33.23 -39.46 -4.63
C VAL K 3191 31.79 -39.38 -4.16
N MET K 3192 31.54 -39.62 -2.87
CA MET K 3192 30.18 -39.46 -2.34
C MET K 3192 29.78 -37.99 -2.28
N LEU K 3193 30.74 -37.12 -1.93
CA LEU K 3193 30.46 -35.68 -1.90
C LEU K 3193 30.49 -35.07 -3.30
N LEU K 3194 31.26 -35.66 -4.22
CA LEU K 3194 31.29 -35.16 -5.59
C LEU K 3194 29.96 -35.37 -6.29
N SER K 3195 29.28 -36.49 -6.00
CA SER K 3195 27.96 -36.73 -6.59
C SER K 3195 26.93 -35.73 -6.06
N LEU K 3196 27.14 -35.20 -4.86
CA LEU K 3196 26.24 -34.18 -4.33
C LEU K 3196 26.50 -32.83 -4.96
N LEU K 3197 27.78 -32.46 -5.13
CA LEU K 3197 28.13 -31.18 -5.73
C LEU K 3197 27.86 -31.13 -7.23
N GLU K 3198 27.62 -32.28 -7.87
CA GLU K 3198 27.34 -32.28 -9.30
C GLU K 3198 26.03 -31.58 -9.60
N GLY K 3199 25.00 -31.79 -8.77
CA GLY K 3199 23.72 -31.15 -8.93
C GLY K 3199 23.57 -29.82 -8.24
N ASN K 3200 24.54 -29.42 -7.42
CA ASN K 3200 24.45 -28.15 -6.72
C ASN K 3200 24.74 -26.99 -7.67
N VAL K 3201 24.00 -25.90 -7.50
CA VAL K 3201 24.18 -24.71 -8.32
C VAL K 3201 25.22 -23.80 -7.70
N VAL K 3202 25.47 -22.66 -8.32
CA VAL K 3202 26.45 -21.71 -7.81
C VAL K 3202 25.88 -20.98 -6.60
N ASN K 3203 26.74 -20.72 -5.62
CA ASN K 3203 26.40 -20.03 -4.37
C ASN K 3203 25.06 -20.51 -3.80
N GLY K 3204 24.96 -21.83 -3.65
CA GLY K 3204 23.78 -22.45 -3.10
C GLY K 3204 23.94 -22.85 -1.65
N MET K 3205 22.80 -23.08 -0.99
CA MET K 3205 22.82 -23.46 0.42
C MET K 3205 23.35 -24.86 0.64
N ILE K 3206 23.27 -25.73 -0.37
CA ILE K 3206 23.79 -27.09 -0.21
C ILE K 3206 25.31 -27.08 -0.19
N ALA K 3207 25.93 -26.20 -0.97
CA ALA K 3207 27.38 -26.07 -1.00
C ALA K 3207 27.92 -25.16 0.10
N ARG K 3208 27.06 -24.39 0.76
CA ARG K 3208 27.52 -23.52 1.83
C ARG K 3208 27.92 -24.33 3.06
N GLN K 3209 27.20 -25.41 3.35
CA GLN K 3209 27.57 -26.27 4.47
C GLN K 3209 28.89 -26.99 4.22
N MET K 3210 29.26 -27.18 2.95
CA MET K 3210 30.54 -27.80 2.64
C MET K 3210 31.71 -26.91 3.04
N VAL K 3211 31.54 -25.59 2.96
CA VAL K 3211 32.59 -24.68 3.39
C VAL K 3211 32.81 -24.79 4.89
N ASP K 3212 31.72 -24.93 5.66
CA ASP K 3212 31.85 -25.08 7.10
C ASP K 3212 32.47 -26.42 7.47
N MET K 3213 32.27 -27.45 6.63
CA MET K 3213 32.87 -28.75 6.89
C MET K 3213 34.38 -28.71 6.69
N LEU K 3214 34.84 -28.03 5.63
CA LEU K 3214 36.27 -27.95 5.38
C LEU K 3214 36.97 -27.00 6.34
N VAL K 3215 36.27 -25.95 6.80
CA VAL K 3215 36.87 -25.02 7.73
C VAL K 3215 36.97 -25.62 9.13
N GLU K 3216 36.01 -26.49 9.50
CA GLU K 3216 36.06 -27.11 10.82
C GLU K 3216 37.21 -28.11 10.91
N SER K 3217 37.45 -28.86 9.84
CA SER K 3217 38.54 -29.84 9.82
C SER K 3217 39.68 -29.36 8.94
N SER K 3218 40.11 -28.11 9.14
CA SER K 3218 41.21 -27.58 8.35
C SER K 3218 42.53 -28.28 8.68
N SER K 3219 42.73 -28.62 9.96
CA SER K 3219 43.95 -29.33 10.35
C SER K 3219 43.91 -30.80 9.94
N ASN K 3220 42.71 -31.40 9.91
CA ASN K 3220 42.61 -32.80 9.51
C ASN K 3220 42.91 -32.98 8.03
N VAL K 3221 42.39 -32.08 7.19
CA VAL K 3221 42.64 -32.18 5.75
C VAL K 3221 44.06 -31.73 5.40
N GLU K 3222 44.71 -30.96 6.29
CA GLU K 3222 46.07 -30.52 6.01
C GLU K 3222 47.08 -31.65 6.15
N MET K 3223 46.75 -32.68 6.95
CA MET K 3223 47.67 -33.79 7.15
C MET K 3223 47.58 -34.82 6.04
N ILE K 3224 46.39 -35.01 5.46
CA ILE K 3224 46.26 -36.00 4.39
C ILE K 3224 46.81 -35.45 3.08
N LEU K 3225 46.72 -34.13 2.87
CA LEU K 3225 47.27 -33.55 1.64
C LEU K 3225 48.79 -33.54 1.66
N LYS K 3226 49.39 -33.18 2.80
CA LYS K 3226 50.84 -33.20 2.90
C LYS K 3226 51.40 -34.62 2.88
N PHE K 3227 50.60 -35.61 3.28
CA PHE K 3227 51.04 -36.99 3.21
C PHE K 3227 51.21 -37.46 1.77
N PHE K 3228 50.36 -36.97 0.86
CA PHE K 3228 50.49 -37.32 -0.55
C PHE K 3228 51.58 -36.51 -1.25
N ASP K 3229 51.90 -35.33 -0.73
CA ASP K 3229 52.97 -34.52 -1.33
C ASP K 3229 54.32 -35.20 -1.21
N MET K 3230 54.55 -35.96 -0.13
CA MET K 3230 55.81 -36.67 0.03
C MET K 3230 55.93 -37.82 -0.96
N PHE K 3231 54.81 -38.41 -1.37
CA PHE K 3231 54.82 -39.49 -2.33
C PHE K 3231 54.61 -39.04 -3.77
N LEU K 3232 54.00 -37.88 -3.98
CA LEU K 3232 53.82 -37.37 -5.33
C LEU K 3232 55.15 -36.92 -5.92
N LYS K 3233 55.92 -36.11 -5.18
CA LYS K 3233 57.23 -35.68 -5.65
C LYS K 3233 58.26 -36.80 -5.60
N LEU K 3234 57.98 -37.88 -4.88
CA LEU K 3234 58.92 -39.00 -4.81
C LEU K 3234 59.06 -39.70 -6.17
N LYS K 3235 58.00 -39.71 -6.97
CA LYS K 3235 58.07 -40.34 -8.27
C LYS K 3235 58.97 -39.55 -9.22
N ASP K 3236 58.89 -38.22 -9.15
CA ASP K 3236 59.69 -37.38 -10.05
C ASP K 3236 61.16 -37.32 -9.62
N ILE K 3237 61.43 -37.34 -8.32
CA ILE K 3237 62.82 -37.25 -7.86
C ILE K 3237 63.56 -38.54 -8.16
N VAL K 3238 62.97 -39.69 -7.80
CA VAL K 3238 63.63 -40.97 -8.05
C VAL K 3238 63.64 -41.29 -9.53
N GLY K 3239 62.57 -40.93 -10.25
CA GLY K 3239 62.51 -41.22 -11.67
C GLY K 3239 63.50 -40.42 -12.50
N SER K 3240 63.83 -39.21 -12.06
CA SER K 3240 64.77 -38.38 -12.78
C SER K 3240 66.20 -38.90 -12.59
N GLU K 3241 67.10 -38.40 -13.45
CA GLU K 3241 68.51 -38.80 -13.37
C GLU K 3241 69.23 -38.19 -12.19
N ALA K 3242 68.65 -37.20 -11.52
CA ALA K 3242 69.30 -36.58 -10.36
C ALA K 3242 69.41 -37.54 -9.18
N PHE K 3243 68.54 -38.54 -9.09
CA PHE K 3243 68.61 -39.50 -7.99
C PHE K 3243 69.87 -40.36 -8.10
N GLN K 3244 70.17 -40.85 -9.30
CA GLN K 3244 71.36 -41.67 -9.49
C GLN K 3244 72.64 -40.85 -9.46
N ASP K 3245 72.54 -39.53 -9.69
CA ASP K 3245 73.73 -38.68 -9.67
C ASP K 3245 74.26 -38.52 -8.24
N TYR K 3246 73.37 -38.40 -7.26
CA TYR K 3246 73.80 -38.27 -5.88
C TYR K 3246 74.42 -39.56 -5.36
N VAL K 3247 73.87 -40.71 -5.77
CA VAL K 3247 74.38 -42.00 -5.36
C VAL K 3247 74.19 -43.01 -6.49
N THR K 3248 75.29 -43.63 -6.93
CA THR K 3248 75.26 -44.60 -8.02
C THR K 3248 75.80 -45.96 -7.57
N ASP K 3249 75.66 -46.27 -6.29
CA ASP K 3249 76.15 -47.53 -5.76
C ASP K 3249 75.21 -48.66 -6.18
N PRO K 3250 75.68 -49.66 -6.93
CA PRO K 3250 74.78 -50.75 -7.34
C PRO K 3250 74.32 -51.63 -6.18
N ARG K 3251 75.08 -51.69 -5.10
CA ARG K 3251 74.69 -52.54 -3.97
C ARG K 3251 73.48 -51.97 -3.24
N GLY K 3252 73.61 -50.75 -2.72
CA GLY K 3252 72.52 -50.14 -2.01
C GLY K 3252 72.68 -48.64 -1.95
N LEU K 3253 71.56 -47.95 -1.69
CA LEU K 3253 71.51 -46.49 -1.62
C LEU K 3253 70.85 -46.12 -0.30
N ILE K 3254 71.66 -46.00 0.76
CA ILE K 3254 71.17 -45.63 2.09
C ILE K 3254 72.06 -44.48 2.59
N SER K 3255 71.52 -43.27 2.55
CA SER K 3255 72.23 -42.08 2.99
C SER K 3255 71.22 -40.94 3.14
N LYS K 3256 71.68 -39.84 3.75
CA LYS K 3256 70.80 -38.69 3.93
C LYS K 3256 70.59 -37.94 2.62
N LYS K 3257 71.63 -37.83 1.80
CA LYS K 3257 71.53 -37.12 0.52
C LYS K 3257 70.84 -37.94 -0.55
N ASP K 3258 70.54 -39.22 -0.30
CA ASP K 3258 69.88 -40.04 -1.32
C ASP K 3258 68.39 -39.73 -1.41
N PHE K 3259 67.75 -39.45 -0.27
CA PHE K 3259 66.32 -39.16 -0.23
C PHE K 3259 66.02 -37.68 -0.04
N GLN K 3260 67.04 -36.83 -0.04
CA GLN K 3260 66.86 -35.40 0.13
C GLN K 3260 67.73 -34.65 -0.86
N LYS K 3261 67.27 -33.47 -1.25
CA LYS K 3261 67.99 -32.64 -2.20
C LYS K 3261 67.69 -31.16 -2.00
N UNK K 3262 63.09 -33.49 8.78
CA UNK K 3262 61.93 -34.19 9.35
C UNK K 3262 61.13 -34.90 8.27
N UNK K 3263 61.20 -34.37 7.06
CA UNK K 3263 60.47 -34.94 5.93
C UNK K 3263 61.22 -36.14 5.34
N UNK K 3264 62.55 -36.08 5.43
CA UNK K 3264 63.40 -37.16 4.90
C UNK K 3264 63.31 -38.40 5.78
N UNK K 3265 63.00 -38.20 7.06
CA UNK K 3265 62.88 -39.30 8.00
C UNK K 3265 61.53 -39.99 7.88
N UNK K 3266 60.58 -39.31 7.25
CA UNK K 3266 59.24 -39.85 7.06
C UNK K 3266 59.24 -40.94 5.98
N UNK K 3267 60.13 -40.79 5.00
CA UNK K 3267 60.24 -41.76 3.92
C UNK K 3267 61.29 -42.82 4.23
N GLU K 3268 66.34 -47.63 -3.90
CA GLU K 3268 65.28 -46.80 -4.44
C GLU K 3268 63.91 -47.43 -4.17
N PHE K 3269 62.94 -46.58 -3.80
CA PHE K 3269 61.60 -47.06 -3.53
C PHE K 3269 60.91 -47.52 -4.81
N ALA K 3270 60.13 -48.59 -4.70
CA ALA K 3270 59.39 -49.11 -5.84
C ALA K 3270 58.18 -48.27 -6.21
N ASN K 3271 57.86 -47.25 -5.41
CA ASN K 3271 56.72 -46.37 -5.65
C ASN K 3271 55.41 -47.14 -5.74
N ARG K 3272 55.28 -48.22 -4.94
CA ARG K 3272 54.04 -48.98 -4.91
C ARG K 3272 52.91 -48.22 -4.24
N PHE K 3273 53.23 -47.20 -3.44
CA PHE K 3273 52.22 -46.38 -2.78
C PHE K 3273 51.81 -45.16 -3.60
N GLN K 3274 52.56 -44.84 -4.66
CA GLN K 3274 52.24 -43.66 -5.45
C GLN K 3274 51.01 -43.89 -6.33
N GLU K 3275 50.84 -45.11 -6.83
CA GLU K 3275 49.69 -45.41 -7.68
C GLU K 3275 48.37 -45.27 -6.93
N PRO K 3276 48.18 -45.82 -5.73
CA PRO K 3276 46.93 -45.54 -5.01
C PRO K 3276 46.81 -44.09 -4.57
N ALA K 3277 47.93 -43.43 -4.29
CA ALA K 3277 47.88 -42.03 -3.85
C ALA K 3277 47.57 -41.09 -5.01
N ARG K 3278 47.91 -41.47 -6.23
CA ARG K 3278 47.63 -40.61 -7.38
C ARG K 3278 46.15 -40.62 -7.73
N ASP K 3279 45.47 -41.75 -7.52
CA ASP K 3279 44.04 -41.81 -7.83
C ASP K 3279 43.23 -40.98 -6.84
N ILE K 3280 43.54 -41.09 -5.55
CA ILE K 3280 42.82 -40.29 -4.56
C ILE K 3280 43.28 -38.83 -4.63
N GLY K 3281 44.54 -38.59 -4.99
CA GLY K 3281 45.02 -37.22 -5.10
C GLY K 3281 44.35 -36.45 -6.21
N PHE K 3282 43.84 -37.14 -7.23
CA PHE K 3282 43.13 -36.46 -8.30
C PHE K 3282 41.70 -36.16 -7.92
N ASN K 3283 41.05 -37.05 -7.16
CA ASN K 3283 39.67 -36.82 -6.76
C ASN K 3283 39.57 -35.73 -5.70
N VAL K 3284 40.56 -35.62 -4.81
CA VAL K 3284 40.54 -34.57 -3.81
C VAL K 3284 40.84 -33.22 -4.43
N ALA K 3285 41.57 -33.20 -5.54
CA ALA K 3285 41.82 -31.94 -6.25
C ALA K 3285 40.56 -31.45 -6.93
N VAL K 3286 39.75 -32.36 -7.48
CA VAL K 3286 38.49 -31.98 -8.08
C VAL K 3286 37.51 -31.49 -7.02
N LEU K 3287 37.56 -32.09 -5.83
CA LEU K 3287 36.65 -31.68 -4.76
C LEU K 3287 36.93 -30.26 -4.31
N LEU K 3288 38.21 -29.93 -4.09
CA LEU K 3288 38.55 -28.59 -3.62
C LEU K 3288 38.38 -27.55 -4.71
N THR K 3289 38.58 -27.93 -5.97
CA THR K 3289 38.42 -26.98 -7.07
C THR K 3289 36.96 -26.68 -7.33
N ASN K 3290 36.07 -27.64 -7.09
CA ASN K 3290 34.65 -27.41 -7.32
C ASN K 3290 34.06 -26.41 -6.34
N LEU K 3291 34.60 -26.35 -5.12
CA LEU K 3291 34.10 -25.39 -4.14
C LEU K 3291 34.43 -23.96 -4.55
N SER K 3292 35.65 -23.72 -5.01
CA SER K 3292 36.04 -22.37 -5.42
C SER K 3292 35.32 -21.90 -6.67
N GLU K 3293 34.82 -22.84 -7.49
CA GLU K 3293 34.09 -22.45 -8.70
C GLU K 3293 32.67 -22.00 -8.40
N HIS K 3294 32.06 -22.54 -7.34
CA HIS K 3294 30.68 -22.22 -6.98
C HIS K 3294 30.57 -21.11 -5.95
N VAL K 3295 31.51 -20.17 -5.94
CA VAL K 3295 31.47 -19.05 -5.00
C VAL K 3295 32.13 -17.83 -5.65
N PRO K 3296 31.50 -16.65 -5.59
CA PRO K 3296 32.14 -15.46 -6.16
C PRO K 3296 33.40 -15.06 -5.40
N HIS K 3297 33.32 -15.00 -4.07
CA HIS K 3297 34.45 -14.62 -3.25
C HIS K 3297 34.19 -15.06 -1.82
N ASP K 3298 35.15 -15.74 -1.22
CA ASP K 3298 35.00 -16.22 0.15
C ASP K 3298 36.37 -16.37 0.82
N PRO K 3299 36.64 -15.61 1.89
CA PRO K 3299 37.95 -15.75 2.56
C PRO K 3299 38.15 -17.09 3.24
N ARG K 3300 37.08 -17.80 3.59
CA ARG K 3300 37.23 -19.10 4.24
C ARG K 3300 37.80 -20.14 3.29
N LEU K 3301 37.53 -20.01 1.99
CA LEU K 3301 38.06 -20.91 0.98
C LEU K 3301 39.39 -20.43 0.41
N ARG K 3302 39.85 -19.24 0.78
CA ARG K 3302 41.11 -18.74 0.25
C ARG K 3302 42.30 -19.47 0.85
N ASN K 3303 42.34 -19.58 2.18
CA ASN K 3303 43.45 -20.28 2.83
C ASN K 3303 43.36 -21.78 2.63
N PHE K 3304 42.15 -22.30 2.39
CA PHE K 3304 42.01 -23.74 2.13
C PHE K 3304 42.67 -24.13 0.81
N LEU K 3305 42.54 -23.28 -0.21
CA LEU K 3305 43.21 -23.56 -1.47
C LEU K 3305 44.72 -23.39 -1.37
N GLU K 3306 45.18 -22.54 -0.45
CA GLU K 3306 46.61 -22.34 -0.27
C GLU K 3306 47.28 -23.57 0.33
N LEU K 3307 46.55 -24.33 1.15
CA LEU K 3307 47.11 -25.55 1.73
C LEU K 3307 47.35 -26.61 0.67
N ALA K 3308 46.47 -26.69 -0.34
CA ALA K 3308 46.60 -27.65 -1.43
C ALA K 3308 47.12 -27.00 -2.71
N GLU K 3309 47.91 -25.93 -2.58
CA GLU K 3309 48.44 -25.26 -3.76
C GLU K 3309 49.44 -26.12 -4.52
N SER K 3310 50.08 -27.08 -3.83
CA SER K 3310 51.03 -27.96 -4.50
C SER K 3310 50.31 -29.05 -5.29
N ILE K 3311 49.24 -29.62 -4.72
CA ILE K 3311 48.51 -30.67 -5.42
C ILE K 3311 47.66 -30.11 -6.54
N LEU K 3312 47.00 -28.96 -6.29
CA LEU K 3312 46.16 -28.36 -7.32
C LEU K 3312 46.97 -27.90 -8.53
N GLU K 3313 48.20 -27.43 -8.30
CA GLU K 3313 49.03 -27.01 -9.42
C GLU K 3313 49.55 -28.20 -10.23
N TYR K 3314 49.80 -29.33 -9.56
CA TYR K 3314 50.28 -30.51 -10.28
C TYR K 3314 49.18 -31.12 -11.14
N PHE K 3315 47.96 -31.20 -10.61
CA PHE K 3315 46.83 -31.74 -11.34
C PHE K 3315 46.04 -30.67 -12.10
N ARG K 3316 46.63 -29.49 -12.30
CA ARG K 3316 45.92 -28.43 -13.00
C ARG K 3316 45.70 -28.74 -14.48
N PRO K 3317 46.71 -29.15 -15.26
CA PRO K 3317 46.45 -29.45 -16.68
C PRO K 3317 45.56 -30.66 -16.91
N TYR K 3318 45.32 -31.48 -15.89
CA TYR K 3318 44.50 -32.68 -16.02
C TYR K 3318 43.03 -32.43 -15.72
N LEU K 3319 42.61 -31.17 -15.64
CA LEU K 3319 41.23 -30.81 -15.34
C LEU K 3319 40.61 -30.18 -16.58
N GLY K 3320 39.62 -30.86 -17.15
CA GLY K 3320 38.92 -30.34 -18.31
C GLY K 3320 37.54 -29.81 -17.98
N ARG K 3321 37.38 -28.49 -17.96
CA ARG K 3321 36.13 -27.86 -17.62
C ARG K 3321 35.26 -27.72 -18.87
N ILE K 3322 34.04 -28.25 -18.81
CA ILE K 3322 33.08 -28.14 -19.89
C ILE K 3322 31.81 -27.49 -19.36
N GLU K 3323 30.91 -27.17 -20.28
CA GLU K 3323 29.64 -26.52 -19.94
C GLU K 3323 28.55 -27.10 -20.83
N ILE K 3324 27.67 -27.91 -20.24
CA ILE K 3324 26.54 -28.50 -20.95
C ILE K 3324 25.26 -28.20 -20.20
N MET K 3325 24.14 -28.34 -20.89
CA MET K 3325 22.81 -28.12 -20.32
C MET K 3325 22.08 -29.46 -20.33
N GLY K 3326 22.07 -30.12 -19.18
CA GLY K 3326 21.43 -31.42 -19.07
C GLY K 3326 20.60 -31.59 -17.80
N ALA K 3327 19.34 -32.00 -17.98
CA ALA K 3327 18.40 -32.25 -16.89
C ALA K 3327 18.18 -31.03 -16.00
N SER K 3328 18.53 -29.85 -16.48
CA SER K 3328 18.36 -28.61 -15.73
C SER K 3328 18.49 -27.43 -16.68
N ARG K 3329 17.96 -26.29 -16.24
CA ARG K 3329 18.05 -25.07 -17.04
C ARG K 3329 19.39 -24.36 -16.84
N ARG K 3330 19.95 -24.42 -15.64
CA ARG K 3330 21.22 -23.77 -15.35
C ARG K 3330 22.38 -24.67 -15.79
N ILE K 3331 23.47 -24.02 -16.18
CA ILE K 3331 24.67 -24.72 -16.60
C ILE K 3331 25.44 -25.21 -15.38
N GLU K 3332 25.88 -26.47 -15.44
CA GLU K 3332 26.62 -27.08 -14.34
C GLU K 3332 28.00 -27.52 -14.84
N ARG K 3333 28.94 -27.65 -13.90
CA ARG K 3333 30.31 -28.03 -14.23
C ARG K 3333 30.46 -29.54 -14.18
N ILE K 3334 31.26 -30.07 -15.11
CA ILE K 3334 31.55 -31.50 -15.18
C ILE K 3334 33.06 -31.65 -15.29
N TYR K 3335 33.67 -32.25 -14.27
CA TYR K 3335 35.12 -32.42 -14.21
C TYR K 3335 35.45 -33.89 -14.40
N PHE K 3336 36.22 -34.19 -15.44
CA PHE K 3336 36.64 -35.54 -15.76
C PHE K 3336 38.16 -35.63 -15.74
N GLU K 3337 38.67 -36.86 -15.89
CA GLU K 3337 40.10 -37.12 -15.84
C GLU K 3337 40.68 -37.13 -17.25
N ILE K 3338 41.72 -36.34 -17.46
CA ILE K 3338 42.41 -36.26 -18.74
C ILE K 3338 43.72 -37.04 -18.61
N SER K 3339 43.82 -38.15 -19.33
CA SER K 3339 45.02 -38.96 -19.28
C SER K 3339 46.18 -38.26 -20.00
N GLU K 3340 47.40 -38.61 -19.59
CA GLU K 3340 48.58 -38.01 -20.21
C GLU K 3340 48.74 -38.44 -21.65
N THR K 3341 48.33 -39.67 -21.98
CA THR K 3341 48.46 -40.14 -23.36
C THR K 3341 47.46 -39.45 -24.28
N ASN K 3342 46.31 -39.02 -23.75
CA ASN K 3342 45.31 -38.36 -24.59
C ASN K 3342 45.77 -36.97 -25.00
N ARG K 3343 46.33 -36.20 -24.06
CA ARG K 3343 46.78 -34.85 -24.39
C ARG K 3343 48.05 -34.89 -25.23
N ALA K 3344 48.93 -35.85 -24.97
CA ALA K 3344 50.16 -35.97 -25.75
C ALA K 3344 49.88 -36.40 -27.19
N GLN K 3345 48.81 -37.16 -27.40
CA GLN K 3345 48.45 -37.58 -28.75
C GLN K 3345 47.86 -36.44 -29.57
N TRP K 3346 47.29 -35.43 -28.92
CA TRP K 3346 46.73 -34.30 -29.65
C TRP K 3346 47.83 -33.43 -30.27
N GLU K 3347 49.01 -33.41 -29.67
CA GLU K 3347 50.13 -32.63 -30.18
C GLU K 3347 50.84 -33.42 -31.30
N MET K 3348 50.11 -33.58 -32.40
CA MET K 3348 50.58 -34.31 -33.56
C MET K 3348 50.22 -33.54 -34.82
N PRO K 3349 51.02 -33.68 -35.89
CA PRO K 3349 50.69 -32.98 -37.13
C PRO K 3349 49.38 -33.44 -37.75
N GLN K 3350 48.99 -34.70 -37.55
CA GLN K 3350 47.73 -35.18 -38.11
C GLN K 3350 46.54 -34.58 -37.38
N VAL K 3351 46.64 -34.36 -36.07
CA VAL K 3351 45.54 -33.78 -35.32
C VAL K 3351 45.37 -32.30 -35.68
N LYS K 3352 46.47 -31.60 -35.92
CA LYS K 3352 46.38 -30.19 -36.30
C LYS K 3352 45.81 -30.02 -37.70
N GLU K 3353 46.20 -30.92 -38.62
CA GLU K 3353 45.69 -30.84 -39.98
C GLU K 3353 44.20 -31.18 -40.04
N SER K 3354 43.77 -32.14 -39.21
CA SER K 3354 42.35 -32.49 -39.19
C SER K 3354 41.51 -31.39 -38.55
N LYS K 3355 42.06 -30.71 -37.54
CA LYS K 3355 41.33 -29.62 -36.90
C LYS K 3355 41.23 -28.40 -37.81
N ARG K 3356 42.26 -28.16 -38.64
CA ARG K 3356 42.21 -27.03 -39.55
C ARG K 3356 41.22 -27.25 -40.68
N GLN K 3357 41.02 -28.52 -41.08
CA GLN K 3357 40.03 -28.83 -42.11
C GLN K 3357 38.61 -28.87 -41.60
N PHE K 3358 38.41 -28.86 -40.27
CA PHE K 3358 37.08 -28.89 -39.69
C PHE K 3358 36.47 -27.51 -39.54
N ILE K 3359 37.29 -26.49 -39.30
CA ILE K 3359 36.77 -25.13 -39.14
C ILE K 3359 36.26 -24.57 -40.46
N PHE K 3360 36.69 -25.13 -41.59
CA PHE K 3360 36.23 -24.69 -42.90
C PHE K 3360 35.06 -25.52 -43.44
N ASP K 3361 34.87 -26.74 -42.94
CA ASP K 3361 33.76 -27.56 -43.40
C ASP K 3361 32.43 -27.12 -42.79
N VAL K 3362 32.41 -26.86 -41.49
CA VAL K 3362 31.20 -26.42 -40.84
C VAL K 3362 30.85 -24.96 -41.15
N VAL K 3363 31.84 -24.17 -41.59
CA VAL K 3363 31.57 -22.78 -41.93
C VAL K 3363 30.81 -22.68 -43.24
N ASN K 3364 31.07 -23.59 -44.18
CA ASN K 3364 30.35 -23.58 -45.45
C ASN K 3364 28.96 -24.19 -45.33
N GLU K 3365 28.80 -25.19 -44.47
CA GLU K 3365 27.51 -25.85 -44.28
C GLU K 3365 26.60 -25.02 -43.37
N LYS K 3366 26.20 -28.10 -37.64
CA LYS K 3366 27.12 -27.61 -36.62
C LYS K 3366 27.33 -28.64 -35.51
N MET K 3367 26.25 -28.98 -34.80
CA MET K 3367 26.34 -29.96 -33.73
C MET K 3367 26.50 -31.37 -34.28
N GLU K 3368 25.87 -31.67 -35.42
CA GLU K 3368 25.98 -33.01 -35.99
C GLU K 3368 27.36 -33.26 -36.55
N LEU K 3369 27.96 -32.25 -37.19
CA LEU K 3369 29.30 -32.41 -37.75
C LEU K 3369 30.36 -32.50 -36.66
N PHE K 3370 30.12 -31.87 -35.51
CA PHE K 3370 31.10 -31.92 -34.42
C PHE K 3370 31.16 -33.31 -33.79
N VAL K 3371 30.03 -34.02 -33.74
CA VAL K 3371 30.03 -35.36 -33.17
C VAL K 3371 30.79 -36.33 -34.05
N SER K 3372 30.66 -36.20 -35.37
CA SER K 3372 31.39 -37.07 -36.28
C SER K 3372 32.87 -36.73 -36.30
N PHE K 3373 33.23 -35.46 -36.03
CA PHE K 3373 34.64 -35.09 -36.01
C PHE K 3373 35.35 -35.68 -34.80
N CYS K 3374 34.66 -35.82 -33.67
CA CYS K 3374 35.28 -36.42 -32.50
C CYS K 3374 35.55 -37.90 -32.71
N GLU K 3375 34.60 -38.62 -33.32
CA GLU K 3375 34.80 -40.04 -33.59
C GLU K 3375 35.88 -40.26 -34.63
N ASP K 3376 36.06 -39.31 -35.55
CA ASP K 3376 37.09 -39.46 -36.58
C ASP K 3376 38.49 -39.26 -36.02
N THR K 3377 38.62 -38.45 -34.96
CA THR K 3377 39.92 -38.18 -34.36
C THR K 3377 40.33 -39.25 -33.35
N ILE K 3378 39.38 -39.75 -32.55
CA ILE K 3378 39.70 -40.79 -31.59
C ILE K 3378 40.03 -42.10 -32.30
N PHE K 3379 39.50 -42.30 -33.51
CA PHE K 3379 39.85 -43.49 -34.28
C PHE K 3379 41.24 -43.38 -34.87
N GLU K 3380 41.70 -42.15 -35.16
CA GLU K 3380 43.04 -41.95 -35.69
C GLU K 3380 44.12 -42.14 -34.62
N MET K 3381 43.75 -42.20 -33.34
CA MET K 3381 44.74 -42.41 -32.30
C MET K 3381 45.37 -43.79 -32.38
N GLN K 3382 44.61 -44.79 -32.81
CA GLN K 3382 45.17 -46.13 -32.99
C GLN K 3382 46.15 -46.17 -34.15
N ILE K 3383 45.94 -45.35 -35.17
CA ILE K 3383 46.87 -45.30 -36.30
C ILE K 3383 48.16 -44.62 -35.88
N ALA K 3384 48.07 -43.50 -35.16
CA ALA K 3384 49.26 -42.79 -34.72
C ALA K 3384 50.03 -43.59 -33.68
N ALA K 3385 49.35 -44.42 -32.90
CA ALA K 3385 50.04 -45.23 -31.90
C ALA K 3385 50.86 -46.33 -32.55
N GLN K 3386 50.34 -46.95 -33.61
CA GLN K 3386 51.05 -48.01 -34.31
C GLN K 3386 52.14 -47.44 -35.20
N UNK K 3387 53.16 -22.85 -47.67
CA UNK K 3387 53.06 -21.63 -48.45
C UNK K 3387 54.42 -20.99 -48.65
N UNK K 3388 55.23 -21.00 -47.59
CA UNK K 3388 56.57 -20.41 -47.63
C UNK K 3388 57.57 -21.39 -48.25
N UNK K 3389 57.18 -22.66 -48.32
CA UNK K 3389 58.04 -23.69 -48.88
C UNK K 3389 57.97 -23.70 -50.40
N UNK K 3390 56.76 -23.55 -50.93
CA UNK K 3390 56.56 -23.54 -52.38
C UNK K 3390 57.05 -22.23 -53.00
N UNK K 3391 57.01 -21.17 -52.21
CA UNK K 3391 57.46 -19.86 -52.67
C UNK K 3391 58.98 -19.80 -52.72
N UNK K 3392 59.63 -20.54 -51.82
CA UNK K 3392 61.08 -20.56 -51.76
C UNK K 3392 61.66 -21.40 -52.90
N UNK K 3393 60.94 -22.47 -53.26
CA UNK K 3393 61.39 -23.36 -54.33
C UNK K 3393 61.23 -22.68 -55.69
N UNK K 3394 60.19 -21.85 -55.81
CA UNK K 3394 59.93 -21.14 -57.06
C UNK K 3394 60.89 -19.96 -57.22
N UNK K 3395 61.34 -19.41 -56.10
CA UNK K 3395 62.26 -18.28 -56.12
C UNK K 3395 63.67 -18.75 -56.50
N UNK K 3396 64.01 -19.96 -56.10
CA UNK K 3396 65.32 -20.53 -56.39
C UNK K 3396 65.37 -21.07 -57.83
N UNK K 3397 64.20 -21.26 -58.42
CA UNK K 3397 64.10 -21.76 -59.78
C UNK K 3397 64.47 -20.68 -60.79
N UNK K 3398 63.94 -19.48 -60.58
CA UNK K 3398 64.20 -18.35 -61.47
C UNK K 3398 65.64 -17.87 -61.33
N UNK K 3399 66.20 -18.03 -60.14
CA UNK K 3399 67.57 -17.63 -59.87
C UNK K 3399 68.56 -18.57 -60.57
N UNK K 3400 68.18 -19.84 -60.66
CA UNK K 3400 69.02 -20.85 -61.30
C UNK K 3400 68.81 -20.84 -62.81
N UNK K 3401 67.67 -20.30 -63.24
CA UNK K 3401 67.35 -20.23 -64.66
C UNK K 3401 68.01 -19.02 -65.30
N UNK K 3402 68.48 -18.09 -64.46
CA UNK K 3402 69.13 -16.88 -64.95
C UNK K 3402 70.61 -17.15 -65.21
N UNK K 3403 71.09 -18.30 -64.76
CA UNK K 3403 72.49 -18.67 -64.94
C UNK K 3403 72.64 -19.64 -66.12
N GLU K 3404 58.49 -61.90 -40.81
CA GLU K 3404 57.14 -61.36 -40.96
C GLU K 3404 56.90 -60.20 -40.00
N VAL K 3405 57.50 -60.30 -38.80
CA VAL K 3405 57.35 -59.24 -37.81
C VAL K 3405 58.07 -57.98 -38.25
N GLN K 3406 59.20 -58.12 -38.92
CA GLN K 3406 59.94 -56.94 -39.39
C GLN K 3406 59.20 -56.23 -40.52
N ARG K 3407 58.44 -56.97 -41.33
CA ARG K 3407 57.70 -56.34 -42.42
C ARG K 3407 56.55 -55.48 -41.90
N VAL K 3408 55.92 -55.89 -40.79
CA VAL K 3408 54.85 -55.10 -40.22
C VAL K 3408 55.39 -53.81 -39.63
N LYS K 3409 56.52 -53.89 -38.93
CA LYS K 3409 57.13 -52.69 -38.36
C LYS K 3409 57.66 -51.77 -39.45
N PHE K 3410 58.06 -52.33 -40.60
CA PHE K 3410 58.53 -51.51 -41.69
C PHE K 3410 57.40 -50.67 -42.29
N LEU K 3411 56.22 -51.27 -42.46
CA LEU K 3411 55.09 -50.53 -43.00
C LEU K 3411 54.59 -49.49 -42.01
N ASN K 3412 54.80 -49.71 -40.71
CA ASN K 3412 54.38 -48.72 -39.72
C ASN K 3412 55.20 -47.44 -39.80
N TYR K 3413 56.48 -47.55 -40.17
CA TYR K 3413 57.31 -46.37 -40.32
C TYR K 3413 56.89 -45.54 -41.52
N LEU K 3414 56.40 -46.18 -42.58
CA LEU K 3414 55.96 -45.44 -43.75
C LEU K 3414 54.68 -44.65 -43.46
N SER K 3415 53.85 -45.14 -42.55
CA SER K 3415 52.62 -44.42 -42.20
C SER K 3415 52.93 -43.18 -41.37
N ARG K 3416 53.86 -43.30 -40.42
CA ARG K 3416 54.22 -42.14 -39.60
C ARG K 3416 54.91 -41.07 -40.42
N ASN K 3417 55.67 -41.45 -41.44
CA ASN K 3417 56.36 -40.51 -42.32
C ASN K 3417 55.59 -40.27 -43.62
N PHE K 3418 54.26 -40.34 -43.58
CA PHE K 3418 53.47 -40.14 -44.79
C PHE K 3418 53.54 -38.69 -45.25
N TYR K 3419 53.48 -37.74 -44.31
CA TYR K 3419 53.57 -36.33 -44.68
C TYR K 3419 54.96 -35.95 -45.15
N THR K 3420 55.99 -36.69 -44.71
CA THR K 3420 57.35 -36.40 -45.14
C THR K 3420 57.57 -36.83 -46.58
N LEU K 3421 56.96 -37.93 -47.00
CA LEU K 3421 57.14 -38.41 -48.37
C LEU K 3421 56.52 -37.46 -49.38
N ARG K 3422 55.39 -36.83 -49.04
CA ARG K 3422 54.77 -35.88 -49.94
C ARG K 3422 55.63 -34.62 -50.10
N PHE K 3423 56.33 -34.22 -49.04
CA PHE K 3423 57.26 -33.09 -49.16
C PHE K 3423 58.59 -33.52 -49.77
N LEU K 3424 58.98 -34.77 -49.58
CA LEU K 3424 60.21 -35.27 -50.20
C LEU K 3424 60.04 -35.40 -51.71
N ALA K 3425 58.84 -35.80 -52.15
CA ALA K 3425 58.55 -35.88 -53.58
C ALA K 3425 58.39 -34.51 -54.23
N LEU K 3426 58.26 -33.44 -53.42
CA LEU K 3426 58.16 -32.10 -53.99
C LEU K 3426 59.47 -31.70 -54.66
N PHE K 3427 60.60 -31.98 -54.01
CA PHE K 3427 61.89 -31.64 -54.59
C PHE K 3427 62.30 -32.59 -55.71
N LEU K 3428 61.90 -33.86 -55.62
CA LEU K 3428 62.25 -34.83 -56.66
C LEU K 3428 61.50 -34.53 -57.95
N ALA K 3429 60.19 -34.29 -57.85
CA ALA K 3429 59.41 -33.99 -59.05
C ALA K 3429 59.78 -32.64 -59.65
N PHE K 3430 60.21 -31.68 -58.82
CA PHE K 3430 60.60 -30.38 -59.34
C PHE K 3430 61.99 -30.41 -59.95
N ALA K 3431 62.91 -31.21 -59.39
CA ALA K 3431 64.25 -31.30 -59.95
C ALA K 3431 64.24 -31.97 -61.32
N ILE K 3432 63.33 -32.92 -61.52
CA ILE K 3432 63.22 -33.56 -62.83
C ILE K 3432 62.74 -32.56 -63.87
N ASN K 3433 61.74 -31.75 -63.54
CA ASN K 3433 61.24 -30.75 -64.47
C ASN K 3433 62.26 -29.64 -64.73
N PHE K 3434 63.14 -29.38 -63.77
CA PHE K 3434 64.16 -28.36 -63.97
C PHE K 3434 65.21 -28.84 -64.97
N ILE K 3435 65.71 -30.06 -64.81
CA ILE K 3435 66.65 -30.62 -65.76
C ILE K 3435 65.96 -30.93 -67.10
N LEU K 3436 64.64 -31.13 -67.08
CA LEU K 3436 63.90 -31.36 -68.32
C LEU K 3436 63.93 -30.14 -69.23
N LEU K 3437 64.27 -28.97 -68.71
CA LEU K 3437 64.34 -27.75 -69.51
C LEU K 3437 65.61 -27.67 -70.36
N PHE K 3438 66.36 -28.76 -70.48
CA PHE K 3438 67.57 -28.78 -71.28
C PHE K 3438 67.49 -29.73 -72.47
N TYR K 3439 66.36 -30.43 -72.64
CA TYR K 3439 66.22 -31.37 -73.74
C TYR K 3439 65.92 -30.62 -75.04
N LYS K 3440 66.82 -30.76 -76.02
CA LYS K 3440 66.68 -30.12 -77.31
C LYS K 3440 66.42 -31.17 -78.38
N VAL K 3441 66.10 -30.70 -79.59
CA VAL K 3441 65.80 -31.55 -80.73
C VAL K 3441 66.79 -31.23 -81.84
N SER K 3442 67.36 -32.28 -82.43
CA SER K 3442 68.32 -32.10 -83.52
C SER K 3442 68.13 -33.23 -84.52
N ASP K 3443 68.49 -32.96 -85.78
CA ASP K 3443 68.36 -33.96 -86.82
C ASP K 3443 69.36 -35.10 -86.63
N SER K 3444 70.55 -34.78 -86.14
CA SER K 3444 71.56 -35.81 -85.91
C SER K 3444 71.22 -36.60 -84.66
N PRO K 3445 71.40 -37.92 -84.69
CA PRO K 3445 71.10 -38.74 -83.51
C PRO K 3445 72.13 -38.54 -82.43
N PRO K 3446 71.82 -38.93 -81.18
CA PRO K 3446 72.74 -38.78 -80.05
C PRO K 3446 73.95 -39.71 -80.13
N VAL K 3447 64.77 -39.94 -84.29
CA VAL K 3447 65.74 -39.94 -83.20
C VAL K 3447 65.62 -38.65 -82.41
N TYR K 3448 65.48 -38.77 -81.10
CA TYR K 3448 65.36 -37.62 -80.21
C TYR K 3448 66.67 -37.40 -79.48
N TYR K 3449 67.07 -36.12 -79.38
CA TYR K 3449 68.31 -35.77 -78.71
C TYR K 3449 68.10 -35.70 -77.20
N PHE K 3450 69.07 -36.25 -76.46
CA PHE K 3450 68.97 -36.29 -75.00
C PHE K 3450 69.53 -35.03 -74.36
N LEU K 3451 70.14 -35.17 -73.18
CA LEU K 3451 70.66 -34.02 -72.47
C LEU K 3451 71.93 -33.49 -73.13
N GLU K 3452 72.18 -32.19 -72.95
CA GLU K 3452 73.37 -31.56 -73.50
C GLU K 3452 73.69 -30.33 -72.67
N GLU K 3453 74.84 -30.33 -72.01
CA GLU K 3453 75.25 -29.21 -71.17
C GLU K 3453 76.77 -29.27 -71.00
N SER K 3454 77.32 -28.22 -70.39
CA SER K 3454 78.76 -28.17 -70.14
C SER K 3454 79.16 -29.16 -69.06
N THR K 3455 78.36 -29.26 -68.00
CA THR K 3455 78.64 -30.19 -66.90
C THR K 3455 78.10 -31.57 -67.26
N GLY K 3456 78.94 -32.58 -67.08
CA GLY K 3456 78.55 -33.94 -67.40
C GLY K 3456 77.93 -34.68 -66.23
N TYR K 3457 77.36 -33.93 -65.27
CA TYR K 3457 76.74 -34.52 -64.10
C TYR K 3457 75.22 -34.55 -64.19
N MET K 3458 74.60 -33.67 -64.99
CA MET K 3458 73.15 -33.63 -65.09
C MET K 3458 72.59 -34.78 -65.90
N GLU K 3459 73.38 -35.36 -66.81
CA GLU K 3459 72.87 -36.46 -67.62
C GLU K 3459 72.76 -37.75 -66.81
N PRO K 3460 73.79 -38.22 -66.09
CA PRO K 3460 73.61 -39.44 -65.30
C PRO K 3460 72.73 -39.25 -64.07
N ALA K 3461 72.53 -38.02 -63.62
CA ALA K 3461 71.70 -37.80 -62.44
C ALA K 3461 70.22 -38.03 -62.73
N LEU K 3462 69.78 -37.73 -63.96
CA LEU K 3462 68.37 -37.91 -64.31
C LEU K 3462 67.98 -39.39 -64.32
N ARG K 3463 68.92 -40.28 -64.57
CA ARG K 3463 68.61 -41.71 -64.57
C ARG K 3463 68.34 -42.20 -63.16
N CYS K 3464 69.18 -41.81 -62.20
CA CYS K 3464 68.98 -42.23 -60.82
C CYS K 3464 67.88 -41.43 -60.12
N LEU K 3465 67.61 -40.21 -60.59
CA LEU K 3465 66.55 -39.41 -59.97
C LEU K 3465 65.17 -39.96 -60.30
N SER K 3466 65.00 -40.54 -61.49
CA SER K 3466 63.73 -41.15 -61.85
C SER K 3466 63.47 -42.43 -61.06
N LEU K 3467 64.53 -43.13 -60.66
CA LEU K 3467 64.37 -44.33 -59.85
C LEU K 3467 63.94 -43.99 -58.43
N LEU K 3468 64.53 -42.94 -57.85
CA LEU K 3468 64.14 -42.54 -56.50
C LEU K 3468 62.75 -41.92 -56.49
N HIS K 3469 62.38 -41.20 -57.54
CA HIS K 3469 61.04 -40.62 -57.62
C HIS K 3469 59.97 -41.69 -57.84
N THR K 3470 60.34 -42.85 -58.39
CA THR K 3470 59.37 -43.91 -58.63
C THR K 3470 59.09 -44.71 -57.37
N LEU K 3471 60.13 -44.98 -56.57
CA LEU K 3471 59.94 -45.77 -55.36
C LEU K 3471 59.23 -44.98 -54.28
N VAL K 3472 59.41 -43.66 -54.23
CA VAL K 3472 58.74 -42.87 -53.21
C VAL K 3472 57.25 -42.74 -53.52
N ALA K 3473 56.87 -42.79 -54.81
CA ALA K 3473 55.46 -42.75 -55.16
C ALA K 3473 54.78 -44.07 -54.83
N PHE K 3474 55.47 -45.19 -55.01
CA PHE K 3474 54.90 -46.48 -54.64
C PHE K 3474 54.83 -46.64 -53.13
N LEU K 3475 55.80 -46.09 -52.41
CA LEU K 3475 55.79 -46.16 -50.96
C LEU K 3475 54.73 -45.25 -50.35
N CYS K 3476 54.28 -44.22 -51.08
CA CYS K 3476 53.21 -43.37 -50.58
C CYS K 3476 51.89 -44.14 -50.50
N ILE K 3477 51.65 -45.04 -51.45
CA ILE K 3477 50.43 -45.83 -51.42
C ILE K 3477 50.46 -46.81 -50.25
N ILE K 3478 51.63 -47.33 -49.90
CA ILE K 3478 51.74 -48.21 -48.75
C ILE K 3478 51.45 -47.46 -47.46
N GLY K 3479 52.02 -46.27 -47.32
CA GLY K 3479 51.72 -45.45 -46.14
C GLY K 3479 50.29 -44.95 -46.13
N TYR K 3480 49.72 -44.68 -47.30
CA TYR K 3480 48.32 -44.26 -47.37
C TYR K 3480 47.39 -45.40 -46.98
N ASN K 3481 47.80 -46.65 -47.21
CA ASN K 3481 46.96 -47.79 -46.87
C ASN K 3481 46.88 -48.03 -45.37
N CYS K 3482 47.81 -47.48 -44.59
CA CYS K 3482 47.84 -47.68 -43.15
C CYS K 3482 47.49 -46.42 -42.37
N LEU K 3483 47.21 -45.31 -43.06
CA LEU K 3483 46.89 -44.05 -42.38
C LEU K 3483 45.46 -43.58 -42.67
N LYS K 3484 45.08 -43.49 -43.93
CA LYS K 3484 43.76 -42.98 -44.31
C LYS K 3484 42.78 -44.06 -44.74
N VAL K 3485 43.26 -45.20 -45.22
CA VAL K 3485 42.35 -46.27 -45.63
C VAL K 3485 41.54 -46.80 -44.44
N PRO K 3486 42.11 -47.08 -43.28
CA PRO K 3486 41.26 -47.43 -42.13
C PRO K 3486 40.34 -46.30 -41.70
N LEU K 3487 40.69 -45.05 -42.00
CA LEU K 3487 39.86 -43.92 -41.61
C LEU K 3487 38.67 -43.74 -42.56
N VAL K 3488 38.90 -43.94 -43.86
CA VAL K 3488 37.80 -43.77 -44.82
C VAL K 3488 36.80 -44.90 -44.69
N ILE K 3489 37.24 -46.08 -44.25
CA ILE K 3489 36.30 -47.18 -44.01
C ILE K 3489 35.51 -46.91 -42.74
N PHE K 3490 36.14 -46.33 -41.72
CA PHE K 3490 35.44 -45.97 -40.50
C PHE K 3490 34.34 -44.95 -40.78
N LYS K 3491 34.61 -43.98 -41.66
CA LYS K 3491 33.58 -43.01 -42.03
C LYS K 3491 32.54 -43.64 -42.94
N ARG K 3492 32.94 -44.62 -43.76
CA ARG K 3492 31.98 -45.30 -44.62
C ARG K 3492 31.09 -46.24 -43.82
N GLU K 3493 31.63 -46.84 -42.75
CA GLU K 3493 30.83 -47.70 -41.89
C GLU K 3493 29.92 -46.89 -40.95
N LYS K 3494 30.26 -45.62 -40.71
CA LYS K 3494 29.43 -44.80 -39.83
C LYS K 3494 28.20 -44.28 -40.55
N GLU K 3495 28.33 -43.90 -41.82
CA GLU K 3495 27.19 -43.40 -42.59
C GLU K 3495 26.22 -44.50 -42.95
N LEU K 3496 26.58 -45.77 -42.79
CA LEU K 3496 25.70 -46.89 -43.07
C LEU K 3496 25.09 -47.50 -41.81
N ALA K 3497 25.84 -47.57 -40.72
CA ALA K 3497 25.32 -48.14 -39.49
C ALA K 3497 24.43 -47.16 -38.74
N ARG K 3498 24.84 -45.90 -38.65
CA ARG K 3498 24.03 -44.91 -37.94
C ARG K 3498 22.76 -44.56 -38.71
N LYS K 3499 22.81 -44.59 -40.05
CA LYS K 3499 21.63 -44.29 -40.84
C LYS K 3499 20.63 -45.43 -40.78
N LEU K 3500 21.12 -46.68 -40.85
CA LEU K 3500 20.22 -47.83 -40.81
C LEU K 3500 19.49 -47.94 -39.48
N GLU K 3501 20.08 -47.43 -38.40
CA GLU K 3501 19.43 -47.48 -37.09
C GLU K 3501 18.21 -46.58 -37.05
N PHE K 3502 18.27 -45.42 -37.71
CA PHE K 3502 17.17 -44.47 -37.71
C PHE K 3502 16.19 -44.74 -38.84
N ASP K 3503 16.69 -44.92 -40.06
CA ASP K 3503 15.84 -45.17 -41.22
C ASP K 3503 16.47 -46.27 -42.06
N GLY K 3504 15.76 -47.38 -42.21
CA GLY K 3504 16.27 -48.50 -42.97
C GLY K 3504 16.39 -48.17 -44.44
N LEU K 3505 17.49 -48.62 -45.06
CA LEU K 3505 17.69 -48.39 -46.49
C LEU K 3505 16.65 -49.16 -47.31
N TYR K 3506 16.46 -50.44 -46.99
CA TYR K 3506 15.46 -51.26 -47.65
C TYR K 3506 14.22 -51.47 -46.78
N ILE K 3507 14.08 -50.71 -45.70
CA ILE K 3507 12.95 -50.82 -44.79
C ILE K 3507 12.16 -49.52 -44.83
N THR K 3508 10.86 -49.62 -45.09
CA THR K 3508 9.94 -48.49 -45.21
C THR K 3508 10.34 -47.51 -46.31
N GLU K 3509 11.26 -47.90 -47.19
CA GLU K 3509 11.72 -47.05 -48.27
C GLU K 3509 12.52 -47.89 -49.25
N GLN K 3510 12.65 -47.38 -50.47
CA GLN K 3510 13.39 -48.05 -51.52
C GLN K 3510 14.49 -47.13 -52.04
N PRO K 3511 15.74 -47.58 -52.10
CA PRO K 3511 16.81 -46.70 -52.60
C PRO K 3511 16.67 -46.45 -54.09
N GLU K 3512 16.94 -45.21 -54.50
CA GLU K 3512 16.84 -44.84 -55.90
C GLU K 3512 17.95 -45.47 -56.75
N ASP K 3513 19.04 -45.91 -56.12
CA ASP K 3513 20.17 -46.53 -56.81
C ASP K 3513 20.77 -45.61 -57.86
N ASP K 3514 20.66 -44.29 -57.65
CA ASP K 3514 21.23 -43.35 -58.61
C ASP K 3514 22.75 -43.26 -58.46
N ASP K 3515 23.24 -43.33 -57.23
CA ASP K 3515 24.67 -43.29 -56.97
C ASP K 3515 25.24 -44.70 -56.93
N VAL K 3516 26.44 -44.85 -57.52
CA VAL K 3516 27.09 -46.15 -57.52
C VAL K 3516 27.61 -46.52 -56.13
N LYS K 3517 27.84 -45.53 -55.27
CA LYS K 3517 28.31 -45.82 -53.92
C LYS K 3517 27.20 -46.28 -53.00
N GLY K 3518 25.97 -45.81 -53.22
CA GLY K 3518 24.87 -46.21 -52.36
C GLY K 3518 24.45 -47.65 -52.58
N GLN K 3519 24.34 -48.07 -53.85
CA GLN K 3519 23.95 -49.44 -54.14
C GLN K 3519 25.06 -50.42 -53.78
N TRP K 3520 26.31 -49.99 -53.81
CA TRP K 3520 27.43 -50.86 -53.48
C TRP K 3520 27.43 -51.26 -52.01
N ASP K 3521 26.80 -50.48 -51.14
CA ASP K 3521 26.76 -50.78 -49.72
C ASP K 3521 25.83 -51.94 -49.39
N ARG K 3522 25.09 -52.47 -50.36
CA ARG K 3522 24.18 -53.58 -50.09
C ARG K 3522 24.94 -54.87 -49.78
N LEU K 3523 26.17 -55.01 -50.28
CA LEU K 3523 26.97 -56.20 -50.02
C LEU K 3523 27.64 -56.19 -48.66
N VAL K 3524 27.47 -55.13 -47.87
CA VAL K 3524 28.07 -55.04 -46.55
C VAL K 3524 27.05 -55.30 -45.45
N LEU K 3525 25.93 -55.94 -45.78
CA LEU K 3525 24.87 -56.24 -44.82
C LEU K 3525 24.85 -57.72 -44.41
N ASN K 3526 24.89 -58.62 -45.39
CA ASN K 3526 24.82 -60.05 -45.09
C ASN K 3526 26.08 -60.56 -44.38
N THR K 3527 27.20 -59.88 -44.55
CA THR K 3527 28.43 -60.32 -43.92
C THR K 3527 28.44 -59.94 -42.44
N PRO K 3528 28.72 -60.87 -41.53
CA PRO K 3528 28.72 -60.52 -40.10
C PRO K 3528 29.92 -59.69 -39.67
N SER K 3529 30.87 -59.43 -40.57
CA SER K 3529 32.04 -58.63 -40.25
C SER K 3529 31.83 -57.14 -40.48
N PHE K 3530 30.57 -56.68 -40.51
CA PHE K 3530 30.31 -55.26 -40.73
C PHE K 3530 30.66 -54.41 -39.51
N PRO K 3531 30.21 -54.73 -38.29
CA PRO K 3531 30.58 -53.91 -37.13
C PRO K 3531 32.00 -54.15 -36.61
N SER K 3532 32.86 -54.82 -37.39
CA SER K 3532 34.21 -55.09 -36.91
C SER K 3532 35.03 -53.80 -36.85
N ASN K 3533 34.99 -53.00 -37.92
CA ASN K 3533 35.76 -51.76 -37.94
C ASN K 3533 35.15 -50.68 -37.07
N TYR K 3534 33.83 -50.67 -36.91
CA TYR K 3534 33.17 -49.68 -36.09
C TYR K 3534 33.42 -49.95 -34.61
N TRP K 3535 33.25 -48.91 -33.79
CA TRP K 3535 33.47 -49.04 -32.36
C TRP K 3535 32.46 -50.00 -31.73
N ASP K 3536 31.17 -49.68 -31.86
CA ASP K 3536 30.11 -50.51 -31.31
C ASP K 3536 29.98 -51.76 -32.17
N LYS K 3537 30.55 -52.87 -31.68
CA LYS K 3537 30.48 -54.13 -32.40
C LYS K 3537 29.10 -54.77 -32.37
N PHE K 3538 28.20 -54.29 -31.51
CA PHE K 3538 26.86 -54.82 -31.38
C PHE K 3538 25.81 -53.78 -31.77
N VAL K 3539 26.17 -52.86 -32.66
CA VAL K 3539 25.22 -51.84 -33.11
C VAL K 3539 24.13 -52.46 -33.96
N LYS K 3540 24.41 -53.58 -34.62
CA LYS K 3540 23.41 -54.26 -35.43
C LYS K 3540 22.32 -54.91 -34.58
N ARG K 3541 22.60 -55.21 -33.32
CA ARG K 3541 21.59 -55.81 -32.46
C ARG K 3541 20.45 -54.84 -32.17
N LYS K 3542 20.75 -53.54 -32.08
CA LYS K 3542 19.71 -52.55 -31.83
C LYS K 3542 18.80 -52.35 -33.03
N VAL K 3543 19.27 -52.68 -34.23
CA VAL K 3543 18.42 -52.55 -35.42
C VAL K 3543 17.32 -53.60 -35.42
N LEU K 3544 17.57 -54.76 -34.82
CA LEU K 3544 16.57 -55.81 -34.78
C LEU K 3544 15.36 -55.40 -33.93
N ASP K 3545 15.61 -54.74 -32.80
CA ASP K 3545 14.52 -54.31 -31.93
C ASP K 3545 13.93 -52.97 -32.37
N LYS K 3546 14.65 -52.19 -33.18
CA LYS K 3546 14.14 -50.91 -33.62
C LYS K 3546 13.06 -51.07 -34.69
N HIS K 3547 13.34 -51.88 -35.71
CA HIS K 3547 12.40 -52.12 -36.80
C HIS K 3547 11.73 -53.49 -36.69
N GLY K 3548 11.72 -54.09 -35.51
CA GLY K 3548 11.09 -55.37 -35.30
C GLY K 3548 9.62 -55.32 -34.97
N ASP K 3549 9.09 -54.13 -34.64
CA ASP K 3549 7.69 -53.98 -34.32
C ASP K 3549 6.85 -53.50 -35.49
N ILE K 3550 7.46 -52.77 -36.43
CA ILE K 3550 6.70 -52.26 -37.58
C ILE K 3550 6.54 -53.35 -38.63
N TYR K 3551 7.54 -54.20 -38.81
CA TYR K 3551 7.50 -55.30 -39.77
C TYR K 3551 7.77 -56.62 -39.04
N GLY K 3552 7.87 -57.70 -39.83
CA GLY K 3552 8.17 -58.99 -39.26
C GLY K 3552 9.63 -59.13 -38.87
N ARG K 3553 9.88 -59.99 -37.88
CA ARG K 3553 11.24 -60.22 -37.42
C ARG K 3553 12.06 -61.04 -38.40
N GLU K 3554 11.41 -61.75 -39.33
CA GLU K 3554 12.14 -62.55 -40.30
C GLU K 3554 12.72 -61.69 -41.42
N ARG K 3555 12.08 -60.56 -41.74
CA ARG K 3555 12.58 -59.71 -42.80
C ARG K 3555 13.82 -58.95 -42.37
N ILE K 3556 13.83 -58.43 -41.14
CA ILE K 3556 14.99 -57.71 -40.65
C ILE K 3556 16.16 -58.64 -40.37
N ALA K 3557 15.89 -59.92 -40.11
CA ALA K 3557 16.96 -60.88 -39.84
C ALA K 3557 17.60 -61.38 -41.12
N GLU K 3558 16.84 -61.47 -42.22
CA GLU K 3558 17.41 -61.93 -43.48
C GLU K 3558 18.32 -60.88 -44.10
N ILE K 3559 38.06 -66.94 -43.80
CA ILE K 3559 38.19 -65.49 -43.83
C ILE K 3559 36.96 -64.86 -44.49
N ASP K 3560 36.82 -63.55 -44.31
CA ASP K 3560 35.68 -62.82 -44.87
C ASP K 3560 35.92 -62.65 -46.37
N VAL K 3561 35.35 -63.57 -47.15
CA VAL K 3561 35.51 -63.50 -48.61
C VAL K 3561 34.57 -62.47 -49.23
N LYS K 3562 33.53 -62.03 -48.51
CA LYS K 3562 32.59 -61.06 -49.03
C LYS K 3562 32.81 -59.65 -48.48
N TYR K 3563 33.30 -59.52 -47.25
CA TYR K 3563 33.54 -58.20 -46.68
C TYR K 3563 34.72 -57.51 -47.37
N GLN K 3564 35.73 -58.27 -47.76
CA GLN K 3564 36.90 -57.67 -48.43
C GLN K 3564 36.53 -57.18 -49.82
N ILE K 3565 35.51 -57.76 -50.45
CA ILE K 3565 35.06 -57.28 -51.74
C ILE K 3565 34.43 -55.90 -51.61
N TRP K 3566 33.63 -55.70 -50.56
CA TRP K 3566 33.06 -54.38 -50.32
C TRP K 3566 34.13 -53.38 -49.89
N LYS K 3567 35.13 -53.83 -49.13
CA LYS K 3567 36.22 -52.95 -48.73
C LYS K 3567 37.14 -52.64 -49.91
N PHE K 3568 37.20 -53.53 -50.90
CA PHE K 3568 38.02 -53.28 -52.08
C PHE K 3568 37.40 -52.23 -53.00
N GLY K 3569 36.09 -52.02 -52.92
CA GLY K 3569 35.45 -51.04 -53.77
C GLY K 3569 35.44 -49.65 -53.19
N VAL K 3570 35.40 -49.54 -51.86
CA VAL K 3570 35.39 -48.22 -51.22
C VAL K 3570 36.74 -47.51 -51.37
N ILE K 3571 37.82 -48.27 -51.59
CA ILE K 3571 39.13 -47.66 -51.77
C ILE K 3571 39.25 -47.05 -53.17
N PHE K 3572 38.73 -47.73 -54.18
CA PHE K 3572 38.84 -47.23 -55.55
C PHE K 3572 37.89 -46.07 -55.81
N THR K 3573 36.69 -46.10 -55.24
CA THR K 3573 35.72 -45.03 -55.45
C THR K 3573 36.10 -43.75 -54.70
N ASP K 3574 37.02 -43.82 -53.75
CA ASP K 3574 37.44 -42.63 -53.03
C ASP K 3574 38.33 -41.77 -53.89
N ASN K 3575 38.06 -40.46 -53.91
CA ASN K 3575 38.85 -39.54 -54.72
C ASN K 3575 40.26 -39.37 -54.20
N SER K 3576 40.50 -39.67 -52.92
CA SER K 3576 41.84 -39.53 -52.36
C SER K 3576 42.78 -40.62 -52.87
N PHE K 3577 42.30 -41.87 -52.87
CA PHE K 3577 43.12 -42.96 -53.37
C PHE K 3577 43.22 -42.93 -54.89
N LEU K 3578 42.16 -42.49 -55.58
CA LEU K 3578 42.21 -42.37 -57.03
C LEU K 3578 43.24 -41.34 -57.47
N TYR K 3579 43.42 -40.28 -56.68
CA TYR K 3579 44.43 -39.28 -57.00
C TYR K 3579 45.83 -39.87 -56.87
N LEU K 3580 46.09 -40.60 -55.79
CA LEU K 3580 47.39 -41.26 -55.64
C LEU K 3580 47.56 -42.39 -56.64
N GLY K 3581 46.46 -43.06 -57.02
CA GLY K 3581 46.56 -44.12 -58.00
C GLY K 3581 46.88 -43.58 -59.38
N TRP K 3582 46.21 -42.49 -59.79
CA TRP K 3582 46.51 -41.87 -61.08
C TRP K 3582 47.90 -41.24 -61.07
N TYR K 3583 48.38 -40.80 -59.91
CA TYR K 3583 49.72 -40.25 -59.82
C TYR K 3583 50.79 -41.33 -59.98
N MET K 3584 50.46 -42.58 -59.63
CA MET K 3584 51.40 -43.68 -59.79
C MET K 3584 51.46 -44.17 -61.22
N VAL K 3585 50.36 -44.09 -61.96
CA VAL K 3585 50.36 -44.52 -63.35
C VAL K 3585 51.23 -43.58 -64.20
N MET K 3586 51.19 -42.29 -63.90
CA MET K 3586 52.02 -41.34 -64.62
C MET K 3586 53.51 -41.57 -64.36
N SER K 3587 53.86 -42.06 -63.16
CA SER K 3587 55.26 -42.35 -62.87
C SER K 3587 55.72 -43.60 -63.60
N LEU K 3588 54.85 -44.62 -63.68
CA LEU K 3588 55.23 -45.84 -64.40
C LEU K 3588 55.25 -45.61 -65.90
N LEU K 3589 54.27 -44.86 -66.42
CA LEU K 3589 54.25 -44.56 -67.86
C LEU K 3589 55.34 -43.58 -68.24
N GLY K 3590 55.75 -42.70 -67.33
CA GLY K 3590 56.81 -41.76 -67.59
C GLY K 3590 58.14 -42.23 -67.04
N HIS K 3591 58.31 -43.56 -66.93
CA HIS K 3591 59.54 -44.10 -66.37
C HIS K 3591 60.73 -43.85 -67.29
N TYR K 3592 60.50 -43.86 -68.61
CA TYR K 3592 61.56 -43.62 -69.57
C TYR K 3592 61.65 -42.13 -69.90
N ASN K 3593 62.45 -41.81 -70.91
CA ASN K 3593 62.81 -40.42 -71.26
C ASN K 3593 61.66 -39.62 -71.86
N ASN K 3594 60.39 -40.03 -71.78
CA ASN K 3594 59.32 -39.23 -72.35
C ASN K 3594 59.00 -38.04 -71.45
N PHE K 3595 58.28 -37.08 -72.00
CA PHE K 3595 57.91 -35.86 -71.28
C PHE K 3595 56.54 -36.03 -70.62
N PHE K 3596 56.47 -37.00 -69.72
CA PHE K 3596 55.25 -37.27 -68.97
C PHE K 3596 55.31 -36.80 -67.53
N PHE K 3597 56.49 -36.47 -67.02
CA PHE K 3597 56.63 -35.98 -65.66
C PHE K 3597 56.22 -34.52 -65.50
N ALA K 3598 55.84 -33.85 -66.58
CA ALA K 3598 55.41 -32.45 -66.47
C ALA K 3598 54.08 -32.33 -65.76
N ALA K 3599 53.23 -33.36 -65.85
CA ALA K 3599 51.94 -33.31 -65.17
C ALA K 3599 52.08 -33.32 -63.64
N HIS K 3600 53.23 -33.76 -63.12
CA HIS K 3600 53.44 -33.76 -61.68
C HIS K 3600 53.66 -32.35 -61.13
N LEU K 3601 53.98 -31.38 -62.00
CA LEU K 3601 54.17 -30.01 -61.53
C LEU K 3601 52.85 -29.39 -61.09
N LEU K 3602 51.74 -29.82 -61.68
CA LEU K 3602 50.43 -29.32 -61.25
C LEU K 3602 50.06 -29.82 -59.87
N ASP K 3603 50.66 -30.92 -59.41
CA ASP K 3603 50.38 -31.41 -58.07
C ASP K 3603 50.92 -30.48 -57.00
N ILE K 3604 52.07 -29.85 -57.26
CA ILE K 3604 52.62 -28.89 -56.30
C ILE K 3604 51.79 -27.63 -56.26
N ALA K 3605 51.21 -27.22 -57.40
CA ALA K 3605 50.37 -26.03 -57.41
C ALA K 3605 49.03 -26.29 -56.74
N MET K 3606 48.49 -27.50 -56.90
CA MET K 3606 47.20 -27.81 -56.27
C MET K 3606 47.33 -27.97 -54.77
N GLY K 3607 48.49 -28.43 -54.29
CA GLY K 3607 48.69 -28.61 -52.87
C GLY K 3607 48.71 -27.32 -52.07
N VAL K 3608 48.94 -26.19 -52.73
CA VAL K 3608 48.95 -24.90 -52.05
C VAL K 3608 47.52 -24.48 -51.75
N LYS K 3609 47.31 -23.89 -50.58
CA LYS K 3609 45.96 -23.52 -50.16
C LYS K 3609 45.44 -22.33 -50.96
N THR K 3610 46.27 -21.31 -51.17
CA THR K 3610 45.82 -20.11 -51.86
C THR K 3610 45.68 -20.34 -53.37
N LEU K 3611 46.38 -21.33 -53.93
CA LEU K 3611 46.26 -21.64 -55.34
C LEU K 3611 45.04 -22.50 -55.65
N ARG K 3612 44.41 -23.10 -54.65
CA ARG K 3612 43.23 -23.91 -54.89
C ARG K 3612 42.04 -23.06 -55.29
N THR K 3613 42.01 -21.79 -54.85
CA THR K 3613 40.88 -20.92 -55.18
C THR K 3613 40.89 -20.55 -56.65
N ILE K 3614 42.07 -20.28 -57.21
CA ILE K 3614 42.15 -19.90 -58.63
C ILE K 3614 41.82 -21.09 -59.52
N LEU K 3615 42.36 -22.27 -59.18
CA LEU K 3615 42.14 -23.45 -60.02
C LEU K 3615 40.69 -23.92 -59.96
N SER K 3616 40.03 -23.76 -58.81
CA SER K 3616 38.65 -24.20 -58.64
C SER K 3616 37.65 -23.07 -58.85
N SER K 3617 38.10 -21.90 -59.31
CA SER K 3617 37.18 -20.79 -59.52
C SER K 3617 36.28 -21.05 -60.73
N VAL K 3618 36.74 -21.87 -61.68
CA VAL K 3618 35.92 -22.16 -62.86
C VAL K 3618 34.78 -23.10 -62.49
N THR K 3619 35.05 -24.09 -61.66
CA THR K 3619 34.04 -25.06 -61.26
C THR K 3619 33.14 -24.56 -60.14
N HIS K 3620 33.37 -23.35 -59.62
CA HIS K 3620 32.51 -22.81 -58.57
C HIS K 3620 31.13 -22.46 -59.13
N ASN K 3621 31.09 -21.62 -60.16
CA ASN K 3621 29.86 -21.23 -60.82
C ASN K 3621 29.82 -21.76 -62.26
N GLY K 3622 30.29 -22.99 -62.45
CA GLY K 3622 30.31 -23.58 -63.78
C GLY K 3622 28.94 -23.83 -64.38
N LYS K 3623 27.90 -23.83 -63.55
CA LYS K 3623 26.54 -24.01 -64.07
C LYS K 3623 26.15 -22.83 -64.96
N GLN K 3624 26.46 -21.61 -64.53
CA GLN K 3624 26.19 -20.41 -65.33
C GLN K 3624 27.32 -20.06 -66.28
N LEU K 3625 28.39 -20.86 -66.31
CA LEU K 3625 29.52 -20.62 -67.21
C LEU K 3625 29.43 -21.42 -68.51
N VAL K 3626 28.88 -22.63 -68.46
CA VAL K 3626 28.77 -23.43 -69.68
C VAL K 3626 27.71 -22.86 -70.60
N MET K 3627 26.73 -22.14 -70.06
CA MET K 3627 25.66 -21.58 -70.87
C MET K 3627 25.96 -20.18 -71.37
N THR K 3628 26.82 -19.43 -70.69
CA THR K 3628 27.20 -18.11 -71.19
C THR K 3628 28.28 -18.20 -72.27
N VAL K 3629 29.07 -19.27 -72.27
CA VAL K 3629 30.04 -19.48 -73.34
C VAL K 3629 29.34 -20.02 -74.58
N GLY K 3630 28.18 -20.66 -74.42
CA GLY K 3630 27.42 -21.10 -75.56
C GLY K 3630 26.79 -19.95 -76.33
N LEU K 3631 26.50 -18.84 -75.65
CA LEU K 3631 26.00 -17.66 -76.34
C LEU K 3631 27.06 -17.09 -77.29
N LEU K 3632 28.34 -17.25 -76.96
CA LEU K 3632 29.39 -16.84 -77.87
C LEU K 3632 29.37 -17.65 -79.16
N ALA K 3633 29.05 -18.94 -79.08
CA ALA K 3633 28.94 -19.77 -80.26
C ALA K 3633 27.69 -19.47 -81.08
N VAL K 3634 26.78 -18.64 -80.56
CA VAL K 3634 25.57 -18.27 -81.28
C VAL K 3634 25.74 -16.93 -82.00
N VAL K 3635 26.39 -15.96 -81.35
CA VAL K 3635 26.59 -14.66 -81.97
C VAL K 3635 27.57 -14.76 -83.14
N VAL K 3636 28.56 -15.66 -83.03
CA VAL K 3636 29.47 -15.87 -84.15
C VAL K 3636 28.82 -16.71 -85.24
N TYR K 3637 27.78 -17.48 -84.89
CA TYR K 3637 27.05 -18.24 -85.90
C TYR K 3637 26.07 -17.35 -86.66
N LEU K 3638 25.58 -16.28 -86.04
CA LEU K 3638 24.71 -15.34 -86.72
C LEU K 3638 25.46 -14.37 -87.61
N TYR K 3639 26.75 -14.15 -87.35
CA TYR K 3639 27.56 -13.25 -88.16
C TYR K 3639 28.25 -13.95 -89.31
N THR K 3640 28.39 -15.28 -89.26
CA THR K 3640 28.94 -16.02 -90.39
C THR K 3640 27.90 -16.35 -91.44
N VAL K 3641 26.60 -16.21 -91.10
CA VAL K 3641 25.56 -16.44 -92.10
C VAL K 3641 25.51 -15.29 -93.09
N VAL K 3642 25.57 -14.05 -92.60
CA VAL K 3642 25.57 -12.90 -93.49
C VAL K 3642 26.87 -12.75 -94.27
N ALA K 3643 27.92 -13.49 -93.89
CA ALA K 3643 29.16 -13.45 -94.65
C ALA K 3643 29.01 -14.18 -95.97
N PHE K 3644 28.20 -15.23 -96.02
CA PHE K 3644 27.96 -15.96 -97.25
C PHE K 3644 26.91 -15.29 -98.15
N ASN K 3645 26.38 -14.14 -97.74
CA ASN K 3645 25.35 -13.43 -98.49
C ASN K 3645 25.86 -12.15 -99.12
N PHE K 3646 26.58 -11.32 -98.37
CA PHE K 3646 27.04 -10.03 -98.87
C PHE K 3646 28.50 -9.73 -98.58
N PHE K 3647 29.23 -10.63 -97.90
CA PHE K 3647 30.62 -10.37 -97.54
C PHE K 3647 31.47 -11.60 -97.82
N ARG K 3648 31.24 -12.25 -98.96
CA ARG K 3648 32.01 -13.44 -99.33
C ARG K 3648 33.29 -13.09 -100.07
N LYS K 3649 33.21 -12.17 -101.04
CA LYS K 3649 34.38 -11.77 -101.81
C LYS K 3649 35.22 -10.71 -101.12
N PHE K 3650 34.82 -10.26 -99.92
CA PHE K 3650 35.56 -9.23 -99.22
C PHE K 3650 36.68 -9.78 -98.34
N TYR K 3651 36.67 -11.09 -98.05
CA TYR K 3651 37.72 -11.67 -97.23
C TYR K 3651 39.04 -11.74 -97.99
N ASN K 3652 39.05 -12.45 -99.12
CA ASN K 3652 40.23 -12.60 -99.97
C ASN K 3652 41.40 -13.19 -99.18
N LYS K 3653 41.19 -14.40 -98.68
CA LYS K 3653 42.18 -15.12 -97.89
C LYS K 3653 42.66 -14.32 -96.69
N MET K 3654 42.11 -18.72 -100.20
CA MET K 3654 40.85 -18.09 -99.86
C MET K 3654 40.10 -18.90 -98.82
N LYS K 3655 40.00 -18.36 -97.60
CA LYS K 3655 39.34 -19.03 -96.48
C LYS K 3655 37.89 -18.60 -96.34
N CYS K 3656 37.15 -18.51 -97.45
CA CYS K 3656 35.75 -18.11 -97.40
C CYS K 3656 34.88 -18.96 -98.30
N ASP K 3657 35.35 -20.14 -98.72
CA ASP K 3657 34.57 -21.02 -99.59
C ASP K 3657 33.69 -21.97 -98.79
N ASP K 3658 34.29 -22.75 -97.90
CA ASP K 3658 33.54 -23.70 -97.11
C ASP K 3658 32.93 -23.01 -95.88
N MET K 3659 31.90 -23.65 -95.33
CA MET K 3659 31.23 -23.09 -94.16
C MET K 3659 32.02 -23.34 -92.88
N MET K 3660 32.61 -24.53 -92.76
CA MET K 3660 33.39 -24.84 -91.56
C MET K 3660 34.63 -23.96 -91.46
N THR K 3661 35.16 -23.49 -92.60
CA THR K 3661 36.32 -22.61 -92.57
C THR K 3661 35.96 -21.24 -92.04
N CYS K 3662 34.77 -20.73 -92.39
CA CYS K 3662 34.35 -19.42 -91.92
C CYS K 3662 33.98 -19.45 -90.44
N TYR K 3663 33.36 -20.54 -89.99
CA TYR K 3663 33.01 -20.66 -88.59
C TYR K 3663 34.25 -20.74 -87.71
N LEU K 3664 35.32 -21.37 -88.20
CA LEU K 3664 36.57 -21.44 -87.47
C LEU K 3664 37.39 -20.16 -87.61
N PHE K 3665 37.20 -19.40 -88.69
CA PHE K 3665 37.95 -18.17 -88.88
C PHE K 3665 37.48 -17.09 -87.91
N HIS K 3666 36.17 -17.04 -87.64
CA HIS K 3666 35.64 -16.05 -86.71
C HIS K 3666 35.95 -16.38 -85.26
N MET K 3667 36.46 -17.58 -84.97
CA MET K 3667 36.82 -17.99 -83.62
C MET K 3667 38.31 -18.10 -83.39
N TYR K 3668 39.09 -18.42 -84.42
CA TYR K 3668 40.53 -18.54 -84.26
C TYR K 3668 41.20 -17.17 -84.16
N VAL K 3669 40.90 -16.28 -85.09
CA VAL K 3669 41.46 -14.93 -85.10
C VAL K 3669 40.41 -13.87 -84.83
N GLY K 3670 39.14 -14.26 -84.69
CA GLY K 3670 38.10 -13.26 -84.44
C GLY K 3670 38.13 -12.72 -83.02
N VAL K 3671 38.09 -13.62 -82.04
CA VAL K 3671 38.08 -13.20 -80.64
C VAL K 3671 39.47 -13.15 -80.03
N ARG K 3672 40.46 -13.81 -80.65
CA ARG K 3672 41.81 -13.81 -80.12
C ARG K 3672 42.59 -12.54 -80.46
N ALA K 3673 42.23 -11.86 -81.55
CA ALA K 3673 42.94 -10.64 -81.92
C ALA K 3673 42.64 -9.50 -80.97
N GLY K 3674 41.38 -9.39 -80.51
CA GLY K 3674 40.98 -8.35 -79.61
C GLY K 3674 40.75 -6.99 -80.25
N GLY K 3675 41.10 -6.83 -81.52
CA GLY K 3675 40.90 -5.56 -82.19
C GLY K 3675 39.80 -5.59 -83.23
N GLY K 3676 38.87 -6.54 -83.08
CA GLY K 3676 37.77 -6.68 -84.00
C GLY K 3676 38.02 -7.72 -85.07
N ILE K 3677 37.31 -7.56 -86.18
CA ILE K 3677 37.43 -8.47 -87.32
C ILE K 3677 38.01 -7.80 -88.55
N GLY K 3678 38.07 -6.47 -88.59
CA GLY K 3678 38.59 -5.76 -89.74
C GLY K 3678 40.09 -5.82 -89.90
N ASP K 3679 40.80 -6.45 -88.97
CA ASP K 3679 42.26 -6.53 -89.06
C ASP K 3679 42.71 -7.58 -90.08
N GLU K 3680 41.96 -8.68 -90.20
CA GLU K 3680 42.34 -9.76 -91.11
C GLU K 3680 41.79 -9.53 -92.52
N ILE K 3681 40.58 -8.99 -92.64
CA ILE K 3681 39.97 -8.75 -93.94
C ILE K 3681 40.56 -7.50 -94.55
N GLU K 3682 40.33 -7.30 -95.85
CA GLU K 3682 40.85 -6.13 -96.55
C GLU K 3682 40.09 -4.88 -96.14
N ASP K 3683 40.69 -3.72 -96.44
CA ASP K 3683 40.07 -2.45 -96.10
C ASP K 3683 38.91 -2.16 -97.05
N PRO K 3684 37.88 -1.47 -96.57
CA PRO K 3684 36.73 -1.14 -97.44
C PRO K 3684 37.07 -0.09 -98.48
N ALA K 3685 37.81 -0.47 -99.52
CA ALA K 3685 38.18 0.45 -100.58
C ALA K 3685 37.13 0.53 -101.67
N GLY K 3686 36.46 -0.59 -101.97
CA GLY K 3686 35.44 -0.58 -103.01
C GLY K 3686 34.14 0.03 -102.53
N ASP K 3687 33.44 0.68 -103.47
CA ASP K 3687 32.17 1.32 -103.16
C ASP K 3687 31.03 0.32 -103.00
N GLU K 3688 31.19 -0.90 -103.51
CA GLU K 3688 30.15 -1.92 -103.38
C GLU K 3688 30.05 -2.36 -101.93
N TYR K 3689 28.85 -2.24 -101.36
CA TYR K 3689 28.58 -2.60 -99.96
C TYR K 3689 29.52 -1.85 -99.01
N GLU K 3690 29.80 -0.59 -99.33
CA GLU K 3690 30.67 0.21 -98.48
C GLU K 3690 29.95 0.66 -97.22
N LEU K 3691 28.66 1.02 -97.35
CA LEU K 3691 27.89 1.46 -96.19
C LEU K 3691 27.58 0.30 -95.25
N TYR K 3692 27.58 -0.93 -95.73
CA TYR K 3692 27.32 -2.10 -94.92
C TYR K 3692 28.59 -2.72 -94.34
N ARG K 3693 29.77 -2.21 -94.73
CA ARG K 3693 31.01 -2.73 -94.18
C ARG K 3693 31.35 -2.08 -92.84
N VAL K 3694 31.02 -0.80 -92.69
CA VAL K 3694 31.33 -0.10 -91.44
C VAL K 3694 30.38 -0.50 -90.32
N VAL K 3695 29.22 -1.06 -90.65
CA VAL K 3695 28.28 -1.46 -89.61
C VAL K 3695 28.65 -2.83 -89.05
N PHE K 3696 29.36 -3.65 -89.82
CA PHE K 3696 29.77 -4.96 -89.33
C PHE K 3696 30.95 -4.87 -88.37
N ASP K 3697 31.82 -3.89 -88.56
CA ASP K 3697 32.96 -3.72 -87.65
C ASP K 3697 32.49 -3.24 -86.28
N ILE K 3698 31.47 -2.38 -86.25
CA ILE K 3698 30.97 -1.87 -84.98
C ILE K 3698 30.19 -2.94 -84.23
N THR K 3699 29.30 -3.66 -84.92
CA THR K 3699 28.47 -4.66 -84.26
C THR K 3699 29.26 -5.87 -83.77
N PHE K 3700 30.52 -6.03 -84.19
CA PHE K 3700 31.34 -7.14 -83.74
C PHE K 3700 32.32 -6.76 -82.64
N PHE K 3701 33.01 -5.62 -82.77
CA PHE K 3701 33.96 -5.21 -81.75
C PHE K 3701 33.25 -4.72 -80.49
N PHE K 3702 32.04 -4.19 -80.63
CA PHE K 3702 31.29 -3.68 -79.49
C PHE K 3702 30.58 -4.79 -78.72
N PHE K 3703 30.36 -5.94 -79.34
CA PHE K 3703 29.58 -7.01 -78.71
C PHE K 3703 30.47 -8.07 -78.08
N VAL K 3704 31.19 -8.84 -78.92
CA VAL K 3704 31.94 -9.99 -78.44
C VAL K 3704 33.28 -9.62 -77.83
N ILE K 3705 33.63 -8.34 -77.80
CA ILE K 3705 34.91 -7.89 -77.26
C ILE K 3705 34.71 -6.97 -76.05
N VAL K 3706 33.76 -6.05 -76.12
CA VAL K 3706 33.52 -5.09 -75.06
C VAL K 3706 32.48 -5.58 -74.08
N ILE K 3707 31.41 -6.23 -74.57
CA ILE K 3707 30.30 -6.64 -73.73
C ILE K 3707 30.41 -8.11 -73.38
N LEU K 3708 30.42 -8.97 -74.41
CA LEU K 3708 30.40 -10.42 -74.15
C LEU K 3708 31.70 -10.90 -73.54
N LEU K 3709 32.84 -10.34 -73.97
CA LEU K 3709 34.13 -10.77 -73.44
C LEU K 3709 34.33 -10.29 -72.00
N ALA K 3710 33.74 -9.13 -71.65
CA ALA K 3710 33.90 -8.61 -70.31
C ALA K 3710 33.11 -9.43 -69.29
N ILE K 3711 31.99 -10.01 -69.70
CA ILE K 3711 31.20 -10.83 -68.79
C ILE K 3711 31.93 -12.12 -68.45
N ILE K 3712 32.58 -12.73 -69.43
CA ILE K 3712 33.36 -13.94 -69.18
C ILE K 3712 34.50 -13.65 -68.22
N GLN K 3713 35.21 -12.55 -68.45
CA GLN K 3713 36.29 -12.16 -67.54
C GLN K 3713 35.74 -11.74 -66.19
N GLY K 3714 34.55 -11.13 -66.15
CA GLY K 3714 33.99 -10.69 -64.89
C GLY K 3714 33.45 -11.83 -64.04
N LEU K 3715 33.01 -12.91 -64.67
CA LEU K 3715 32.48 -14.04 -63.92
C LEU K 3715 33.59 -14.78 -63.16
N ILE K 3716 34.81 -14.80 -63.71
CA ILE K 3716 35.91 -15.46 -63.04
C ILE K 3716 36.40 -14.62 -61.87
N ILE K 3717 36.45 -13.30 -62.03
CA ILE K 3717 36.87 -12.41 -60.95
C ILE K 3717 35.82 -12.40 -59.84
N ASP K 3718 34.54 -12.45 -60.21
CA ASP K 3718 33.48 -12.50 -59.20
C ASP K 3718 33.52 -13.80 -58.42
N ALA K 3719 33.77 -14.93 -59.10
CA ALA K 3719 33.91 -16.20 -58.41
C ALA K 3719 35.13 -16.21 -57.52
N PHE K 3720 36.24 -15.65 -57.98
CA PHE K 3720 37.44 -15.55 -57.15
C PHE K 3720 37.28 -14.51 -56.07
N GLY K 3721 36.49 -13.46 -56.32
CA GLY K 3721 36.29 -12.44 -55.31
C GLY K 3721 35.40 -12.91 -54.17
N GLU K 3722 34.38 -13.71 -54.48
CA GLU K 3722 33.50 -14.23 -53.45
C GLU K 3722 34.21 -15.31 -52.61
N LEU K 3723 35.01 -16.15 -53.27
CA LEU K 3723 35.74 -17.18 -52.53
C LEU K 3723 36.83 -16.58 -51.66
N ARG K 3724 37.46 -15.50 -52.13
CA ARG K 3724 38.49 -14.84 -51.33
C ARG K 3724 37.87 -14.16 -50.11
N ASP K 3725 36.71 -13.53 -50.27
CA ASP K 3725 36.06 -12.88 -49.14
C ASP K 3725 35.44 -13.90 -48.19
N GLN K 3726 35.04 -15.07 -48.71
CA GLN K 3726 34.43 -16.08 -47.85
C GLN K 3726 35.47 -16.71 -46.93
N GLN K 3727 36.69 -16.90 -47.43
CA GLN K 3727 37.75 -17.48 -46.59
C GLN K 3727 38.16 -16.52 -45.47
N GLU K 3728 38.02 -15.21 -45.70
CA GLU K 3728 38.35 -14.23 -44.67
C GLU K 3728 37.17 -13.89 -43.78
N GLN K 3729 35.94 -14.12 -44.26
CA GLN K 3729 34.77 -13.87 -43.42
C GLN K 3729 34.63 -14.90 -42.31
N VAL K 3730 34.99 -16.16 -42.60
CA VAL K 3730 34.90 -17.20 -41.59
C VAL K 3730 36.01 -17.08 -40.56
N ARG K 3731 37.08 -16.35 -40.88
CA ARG K 3731 38.17 -16.14 -39.93
C ARG K 3731 37.91 -14.95 -39.01
N GLU K 3732 37.31 -13.88 -39.55
CA GLU K 3732 36.98 -12.73 -38.71
C GLU K 3732 35.82 -13.05 -37.77
N ASP K 3733 34.83 -13.80 -38.25
CA ASP K 3733 33.69 -14.16 -37.41
C ASP K 3733 34.07 -15.18 -36.35
N MET K 3734 35.18 -15.91 -36.52
CA MET K 3734 35.59 -16.88 -35.52
C MET K 3734 36.03 -16.19 -34.23
N GLU K 3735 36.69 -15.03 -34.35
CA GLU K 3735 37.12 -14.29 -33.17
C GLU K 3735 35.97 -13.57 -32.48
N THR K 3736 34.83 -13.39 -33.17
CA THR K 3736 33.69 -12.72 -32.56
C THR K 3736 33.01 -13.63 -31.54
N LYS K 3737 32.77 -14.89 -31.92
CA LYS K 3737 32.12 -15.84 -31.03
C LYS K 3737 32.68 -17.23 -31.29
N CYS K 3738 32.77 -18.02 -30.24
CA CYS K 3738 33.29 -19.38 -30.35
C CYS K 3738 32.24 -20.30 -30.95
N PHE K 3739 32.71 -21.33 -31.66
CA PHE K 3739 31.80 -22.29 -32.27
C PHE K 3739 31.13 -23.17 -31.22
N ILE K 3740 31.88 -23.59 -30.21
CA ILE K 3740 31.31 -24.43 -29.16
C ILE K 3740 30.39 -23.60 -28.26
N CYS K 3741 30.80 -22.38 -27.92
CA CYS K 3741 29.99 -21.52 -27.07
C CYS K 3741 28.78 -21.01 -27.84
N GLY K 3742 27.71 -20.73 -27.10
CA GLY K 3742 26.50 -20.20 -27.66
C GLY K 3742 26.33 -18.71 -27.56
N ILE K 3743 27.23 -18.02 -26.86
CA ILE K 3743 27.16 -16.56 -26.73
C ILE K 3743 27.66 -15.94 -28.03
N GLY K 3744 26.79 -15.23 -28.73
CA GLY K 3744 27.13 -14.63 -30.01
C GLY K 3744 27.29 -13.12 -29.94
N SER K 3745 26.97 -12.54 -28.80
CA SER K 3745 27.06 -11.10 -28.63
C SER K 3745 28.53 -10.71 -28.38
N ASP K 3746 28.76 -9.43 -28.11
CA ASP K 3746 30.09 -8.91 -27.84
C ASP K 3746 30.37 -8.73 -26.36
N TYR K 3747 29.81 -9.61 -25.52
CA TYR K 3747 30.05 -9.52 -24.08
C TYR K 3747 31.50 -9.83 -23.74
N PHE K 3748 32.00 -10.96 -24.25
CA PHE K 3748 33.40 -11.32 -24.02
C PHE K 3748 34.37 -10.48 -24.84
N ASP K 3749 33.91 -9.91 -25.95
CA ASP K 3749 34.77 -9.06 -26.77
C ASP K 3749 35.00 -7.69 -26.14
N THR K 3750 34.00 -7.17 -25.43
CA THR K 3750 34.16 -5.86 -24.80
C THR K 3750 34.98 -5.95 -23.53
N THR K 3751 34.74 -6.97 -22.71
CA THR K 3751 35.51 -7.14 -21.48
C THR K 3751 36.95 -7.53 -21.81
N PRO K 3752 37.94 -6.83 -21.27
CA PRO K 3752 39.34 -7.17 -21.59
C PRO K 3752 39.71 -8.54 -21.05
N HIS K 3753 40.45 -9.30 -21.87
CA HIS K 3753 40.95 -10.63 -21.51
C HIS K 3753 39.82 -11.59 -21.14
N ARG K 3754 38.66 -11.44 -21.79
CA ARG K 3754 37.51 -12.31 -21.56
C ARG K 3754 37.37 -13.39 -22.62
N PHE K 3755 37.52 -13.03 -23.90
CA PHE K 3755 37.41 -14.03 -24.95
C PHE K 3755 38.65 -14.92 -25.01
N GLU K 3756 39.83 -14.36 -24.69
CA GLU K 3756 41.04 -15.16 -24.68
C GLU K 3756 41.04 -16.18 -23.55
N THR K 3757 40.42 -15.84 -22.41
CA THR K 3757 40.33 -16.77 -21.29
C THR K 3757 39.19 -17.76 -21.48
N HIS K 3758 38.12 -17.36 -22.17
CA HIS K 3758 37.00 -18.27 -22.40
C HIS K 3758 37.41 -19.45 -23.27
N THR K 3759 38.25 -19.22 -24.27
CA THR K 3759 38.73 -20.28 -25.14
C THR K 3759 39.90 -21.05 -24.56
N LEU K 3760 40.39 -20.66 -23.38
CA LEU K 3760 41.53 -21.32 -22.76
C LEU K 3760 41.11 -22.41 -21.78
N GLU K 3761 40.18 -22.11 -20.88
CA GLU K 3761 39.74 -23.04 -19.86
C GLU K 3761 38.25 -23.32 -19.87
N GLU K 3762 37.42 -22.33 -20.24
CA GLU K 3762 35.97 -22.54 -20.22
C GLU K 3762 35.53 -23.48 -21.33
N HIS K 3763 35.79 -23.11 -22.58
CA HIS K 3763 35.41 -23.91 -23.74
C HIS K 3763 36.64 -24.15 -24.61
N ASN K 3764 36.93 -25.41 -24.89
CA ASN K 3764 38.06 -25.78 -25.71
C ASN K 3764 37.65 -26.89 -26.67
N LEU K 3765 38.21 -26.86 -27.89
CA LEU K 3765 37.92 -27.88 -28.87
C LEU K 3765 38.59 -29.22 -28.56
N ALA K 3766 39.51 -29.23 -27.60
CA ALA K 3766 40.17 -30.47 -27.18
C ALA K 3766 39.55 -31.08 -25.93
N ASN K 3767 39.02 -30.27 -25.04
CA ASN K 3767 38.38 -30.79 -23.83
C ASN K 3767 37.11 -31.55 -24.17
N TYR K 3768 36.29 -30.99 -25.08
CA TYR K 3768 35.09 -31.70 -25.51
C TYR K 3768 35.44 -32.98 -26.28
N MET K 3769 36.57 -32.98 -26.99
CA MET K 3769 37.01 -34.19 -27.66
C MET K 3769 37.50 -35.24 -26.66
N PHE K 3770 38.24 -34.80 -25.63
CA PHE K 3770 38.67 -35.72 -24.58
C PHE K 3770 37.52 -36.17 -23.70
N PHE K 3771 36.42 -35.41 -23.67
CA PHE K 3771 35.27 -35.82 -22.87
C PHE K 3771 34.59 -37.04 -23.47
N LEU K 3772 34.53 -37.12 -24.80
CA LEU K 3772 33.96 -38.30 -25.44
C LEU K 3772 34.87 -39.52 -25.25
N MET K 3773 36.19 -39.30 -25.25
CA MET K 3773 37.12 -40.39 -24.97
C MET K 3773 36.98 -40.89 -23.53
N TYR K 3774 36.69 -39.98 -22.59
CA TYR K 3774 36.54 -40.39 -21.20
C TYR K 3774 35.29 -41.22 -20.98
N LEU K 3775 34.26 -41.04 -21.83
CA LEU K 3775 33.04 -41.82 -21.69
C LEU K 3775 33.19 -43.22 -22.26
N ILE K 3776 33.87 -43.35 -23.39
CA ILE K 3776 34.06 -44.67 -24.00
C ILE K 3776 35.03 -45.51 -23.18
N ASN K 3777 36.00 -44.86 -22.52
CA ASN K 3777 36.98 -45.60 -21.72
C ASN K 3777 36.32 -46.27 -20.52
N LYS K 3778 35.67 -45.48 -19.67
CA LYS K 3778 35.02 -46.03 -18.49
C LYS K 3778 33.75 -46.78 -18.87
N ASP K 3779 33.33 -47.68 -17.98
CA ASP K 3779 32.11 -48.43 -18.18
C ASP K 3779 30.88 -47.59 -17.87
N GLU K 3780 29.73 -48.05 -18.35
CA GLU K 3780 28.48 -47.31 -18.14
C GLU K 3780 28.07 -47.33 -16.68
N THR K 3781 28.37 -48.41 -15.95
CA THR K 3781 27.99 -48.50 -14.55
C THR K 3781 28.79 -47.58 -13.65
N GLU K 3782 29.91 -47.03 -14.14
CA GLU K 3782 30.74 -46.12 -13.35
C GLU K 3782 30.42 -44.66 -13.61
N HIS K 3783 29.43 -44.36 -14.46
CA HIS K 3783 29.08 -42.98 -14.74
C HIS K 3783 28.30 -42.37 -13.58
N THR K 3784 28.47 -41.06 -13.40
CA THR K 3784 27.80 -40.33 -12.35
C THR K 3784 26.43 -39.84 -12.84
N GLY K 3785 25.80 -38.95 -12.07
CA GLY K 3785 24.50 -38.45 -12.48
C GLY K 3785 24.54 -37.61 -13.74
N GLN K 3786 25.63 -36.87 -13.94
CA GLN K 3786 25.79 -36.05 -15.13
C GLN K 3786 26.37 -36.84 -16.29
N GLU K 3787 27.26 -37.79 -16.02
CA GLU K 3787 27.85 -38.59 -17.08
C GLU K 3787 26.85 -39.57 -17.67
N SER K 3788 25.85 -39.99 -16.90
CA SER K 3788 24.84 -40.89 -17.42
C SER K 3788 23.82 -40.17 -18.28
N TYR K 3789 23.58 -38.88 -18.02
CA TYR K 3789 22.59 -38.14 -18.79
C TYR K 3789 23.11 -37.81 -20.19
N VAL K 3790 24.42 -37.54 -20.31
CA VAL K 3790 24.99 -37.25 -21.63
C VAL K 3790 25.11 -38.52 -22.46
N TRP K 3791 25.20 -39.68 -21.80
CA TRP K 3791 25.25 -40.94 -22.53
C TRP K 3791 23.88 -41.35 -23.05
N LYS K 3792 22.81 -40.99 -22.35
CA LYS K 3792 21.47 -41.33 -22.81
C LYS K 3792 21.07 -40.51 -24.03
N MET K 3793 21.55 -39.27 -24.12
CA MET K 3793 21.26 -38.41 -25.25
C MET K 3793 22.26 -38.57 -26.40
N TYR K 3794 23.36 -39.30 -26.18
CA TYR K 3794 24.32 -39.52 -27.25
C TYR K 3794 23.73 -40.39 -28.35
N GLN K 3795 23.09 -41.49 -27.97
CA GLN K 3795 22.44 -42.37 -28.93
C GLN K 3795 21.09 -41.83 -29.41
N GLU K 3796 20.61 -40.72 -28.84
CA GLU K 3796 19.34 -40.15 -29.25
C GLU K 3796 19.53 -39.31 -30.52
N ARG K 3797 18.40 -39.00 -31.16
CA ARG K 3797 18.40 -38.22 -32.39
C ARG K 3797 18.54 -36.72 -32.15
N CYS K 3798 18.72 -36.28 -30.90
CA CYS K 3798 18.86 -34.88 -30.57
C CYS K 3798 20.18 -34.64 -29.84
N TRP K 3799 20.60 -33.39 -29.85
CA TRP K 3799 21.84 -32.94 -29.20
C TRP K 3799 21.58 -31.68 -28.39
N ASP K 3800 20.50 -31.69 -27.61
CA ASP K 3800 20.12 -30.53 -26.81
C ASP K 3800 21.05 -30.28 -25.62
N PHE K 3801 22.03 -31.15 -25.38
CA PHE K 3801 22.94 -30.95 -24.26
C PHE K 3801 23.91 -29.80 -24.49
N PHE K 3802 24.03 -29.30 -25.72
CA PHE K 3802 24.89 -28.17 -25.98
C PHE K 3802 24.31 -26.90 -25.35
N PRO K 3803 25.15 -25.91 -25.04
CA PRO K 3803 24.64 -24.66 -24.45
C PRO K 3803 23.63 -23.97 -25.36
N ALA K 3804 24.06 -23.60 -26.57
CA ALA K 3804 23.21 -22.98 -27.57
C ALA K 3804 22.57 -21.69 -27.04
N GLY K 3805 23.42 -20.76 -26.61
CA GLY K 3805 23.00 -19.46 -26.16
C GLY K 3805 23.03 -19.23 -24.67
N ASP K 3806 23.54 -20.19 -23.88
CA ASP K 3806 23.60 -20.05 -22.43
C ASP K 3806 24.91 -20.67 -21.95
N CYS K 3807 25.91 -19.83 -21.68
CA CYS K 3807 27.19 -20.29 -21.20
C CYS K 3807 27.21 -20.31 -19.67
N PHE K 3808 28.34 -20.74 -19.10
CA PHE K 3808 28.45 -20.79 -17.65
C PHE K 3808 28.54 -19.40 -17.04
N ARG K 3809 29.12 -18.44 -17.76
CA ARG K 3809 29.23 -17.09 -17.23
C ARG K 3809 27.88 -16.35 -17.26
N LYS K 3810 27.01 -16.71 -18.21
CA LYS K 3810 25.70 -16.08 -18.29
C LYS K 3810 24.83 -16.45 -17.09
N GLN K 3811 25.01 -17.65 -16.54
CA GLN K 3811 24.25 -18.05 -15.36
C GLN K 3811 24.77 -17.37 -14.11
N TYR K 3812 26.09 -17.28 -13.95
CA TYR K 3812 26.67 -16.63 -12.79
C TYR K 3812 26.48 -15.12 -12.81
N GLU K 3813 26.28 -14.53 -13.99
CA GLU K 3813 26.06 -13.09 -14.06
C GLU K 3813 24.71 -12.68 -13.51
N ASP K 3814 23.69 -13.54 -13.67
CA ASP K 3814 22.37 -13.23 -13.16
C ASP K 3814 22.34 -13.31 -11.63
N GLN K 3815 22.97 -14.33 -11.06
CA GLN K 3815 22.99 -14.47 -9.60
C GLN K 3815 23.97 -13.48 -8.98
N LEU K 3816 25.17 -13.38 -9.53
CA LEU K 3816 26.18 -12.47 -9.01
C LEU K 3816 26.57 -11.43 -10.06
N MET L 1 37.01 -82.26 35.59
CA MET L 1 36.22 -82.93 34.55
C MET L 1 36.44 -84.43 34.59
N ALA L 2 35.38 -85.18 34.26
CA ALA L 2 35.46 -86.64 34.26
C ALA L 2 36.21 -87.20 33.06
N ASP L 3 36.58 -86.35 32.10
CA ASP L 3 37.30 -86.83 30.92
C ASP L 3 38.76 -87.18 31.21
N GLN L 4 39.25 -86.86 32.41
CA GLN L 4 40.64 -87.18 32.74
C GLN L 4 40.83 -88.68 32.93
N LEU L 5 39.83 -89.36 33.47
CA LEU L 5 39.93 -90.80 33.69
C LEU L 5 39.87 -91.55 32.37
N THR L 6 40.77 -92.53 32.21
CA THR L 6 40.82 -93.32 30.99
C THR L 6 39.65 -94.30 30.95
N GLU L 7 39.46 -94.91 29.78
CA GLU L 7 38.36 -95.86 29.61
C GLU L 7 38.58 -97.12 30.45
N GLU L 8 39.83 -97.58 30.54
CA GLU L 8 40.12 -98.78 31.33
C GLU L 8 39.87 -98.53 32.80
N GLN L 9 40.26 -97.36 33.31
CA GLN L 9 40.02 -97.04 34.71
C GLN L 9 38.53 -96.93 35.01
N ILE L 10 37.77 -96.32 34.09
CA ILE L 10 36.33 -96.22 34.26
C ILE L 10 35.71 -97.60 34.28
N ALA L 11 36.15 -98.48 33.38
CA ALA L 11 35.60 -99.83 33.33
C ALA L 11 35.92 -100.62 34.59
N GLU L 12 37.15 -100.50 35.09
CA GLU L 12 37.52 -101.20 36.31
C GLU L 12 36.74 -100.68 37.51
N PHE L 13 36.57 -99.36 37.60
CA PHE L 13 35.80 -98.78 38.69
C PHE L 13 34.34 -99.24 38.63
N LYS L 14 33.76 -99.27 37.44
CA LYS L 14 32.38 -99.75 37.30
C LYS L 14 32.27 -101.22 37.67
N GLU L 15 33.26 -102.03 37.26
CA GLU L 15 33.23 -103.45 37.60
C GLU L 15 33.30 -103.67 39.10
N ALA L 16 34.19 -102.94 39.78
CA ALA L 16 34.28 -103.08 41.23
C ALA L 16 33.00 -102.57 41.92
N PHE L 17 32.47 -101.45 41.43
CA PHE L 17 31.25 -100.87 42.01
C PHE L 17 30.07 -101.83 41.88
N SER L 18 29.99 -102.54 40.76
CA SER L 18 28.89 -103.48 40.56
C SER L 18 29.15 -104.82 41.25
N LEU L 19 30.41 -105.19 41.45
CA LEU L 19 30.71 -106.47 42.08
C LEU L 19 30.56 -106.40 43.59
N PHE L 20 30.93 -105.28 44.20
CA PHE L 20 30.79 -105.16 45.65
C PHE L 20 29.32 -105.12 46.07
N ASP L 21 28.51 -104.32 45.38
CA ASP L 21 27.12 -104.19 45.73
C ASP L 21 26.31 -105.36 45.18
N LYS L 22 25.23 -105.70 45.88
CA LYS L 22 24.36 -106.79 45.47
C LYS L 22 23.41 -106.32 44.36
N ASP L 23 22.49 -107.20 43.98
CA ASP L 23 21.52 -106.86 42.94
C ASP L 23 20.53 -105.83 43.46
N GLY L 24 20.25 -104.82 42.65
CA GLY L 24 19.31 -103.78 43.02
C GLY L 24 19.79 -102.39 42.66
N ASP L 25 19.50 -101.42 43.52
CA ASP L 25 19.91 -100.05 43.27
C ASP L 25 21.41 -99.87 43.50
N GLY L 26 22.00 -98.92 42.79
CA GLY L 26 23.42 -98.64 42.92
C GLY L 26 23.83 -97.89 44.17
N THR L 27 22.88 -97.56 45.05
CA THR L 27 23.21 -96.85 46.27
C THR L 27 23.98 -97.75 47.22
N ILE L 28 25.06 -97.23 47.78
CA ILE L 28 25.97 -97.98 48.64
C ILE L 28 26.22 -97.17 49.90
N THR L 29 26.18 -97.84 51.06
CA THR L 29 26.41 -97.19 52.33
C THR L 29 27.83 -96.62 52.42
N THR L 30 27.99 -95.59 53.26
CA THR L 30 29.29 -94.93 53.39
C THR L 30 30.36 -95.92 53.86
N LYS L 31 30.06 -96.71 54.90
CA LYS L 31 30.99 -97.75 55.33
C LYS L 31 31.19 -98.78 54.24
N GLU L 32 30.11 -99.17 53.55
CA GLU L 32 30.25 -100.06 52.41
C GLU L 32 30.98 -99.39 51.26
N LEU L 33 30.85 -98.08 51.11
CA LEU L 33 31.62 -97.36 50.10
C LEU L 33 33.11 -97.44 50.40
N GLY L 34 33.49 -97.24 51.66
CA GLY L 34 34.89 -97.38 52.04
C GLY L 34 35.39 -98.80 51.87
N THR L 35 34.55 -99.79 52.18
CA THR L 35 34.93 -101.18 51.98
C THR L 35 35.15 -101.48 50.51
N VAL L 36 34.31 -100.94 49.64
CA VAL L 36 34.46 -101.16 48.20
C VAL L 36 35.71 -100.45 47.68
N MET L 37 35.99 -99.25 48.21
CA MET L 37 37.20 -98.55 47.82
C MET L 37 38.44 -99.32 48.23
N ARG L 38 38.41 -99.93 49.41
CA ARG L 38 39.52 -100.78 49.84
C ARG L 38 39.63 -102.03 48.98
N SER L 39 38.49 -102.58 48.56
CA SER L 39 38.50 -103.77 47.72
C SER L 39 38.97 -103.45 46.30
N LEU L 40 38.82 -102.20 45.86
CA LEU L 40 39.22 -101.80 44.53
C LEU L 40 40.73 -101.53 44.42
N GLY L 41 41.49 -101.75 45.48
CA GLY L 41 42.92 -101.52 45.45
C GLY L 41 43.35 -100.30 46.24
N PRO L 44 43.61 -96.67 50.74
CA PRO L 44 43.61 -95.32 51.29
C PRO L 44 43.54 -95.30 52.82
N THR L 45 43.90 -94.17 53.42
CA THR L 45 43.87 -94.06 54.87
C THR L 45 42.43 -93.96 55.38
N GLU L 46 42.27 -94.14 56.69
CA GLU L 46 40.95 -94.05 57.29
C GLU L 46 40.43 -92.63 57.26
N ALA L 47 41.31 -91.64 57.46
CA ALA L 47 40.89 -90.24 57.41
C ALA L 47 40.42 -89.85 56.02
N GLU L 48 41.12 -90.31 54.98
CA GLU L 48 40.70 -90.02 53.62
C GLU L 48 39.37 -90.68 53.30
N LEU L 49 39.15 -91.91 53.79
CA LEU L 49 37.87 -92.58 53.57
C LEU L 49 36.74 -91.84 54.29
N GLN L 50 36.99 -91.37 55.52
CA GLN L 50 35.97 -90.62 56.24
C GLN L 50 35.67 -89.30 55.53
N ASP L 51 36.69 -88.63 55.01
CA ASP L 51 36.46 -87.39 54.27
C ASP L 51 35.67 -87.64 53.00
N MET L 52 35.97 -88.73 52.28
CA MET L 52 35.23 -89.05 51.07
C MET L 52 33.79 -89.41 51.39
N ILE L 53 33.56 -90.08 52.52
CA ILE L 53 32.20 -90.43 52.91
C ILE L 53 31.43 -89.18 53.31
N ASN L 54 32.08 -88.24 53.99
CA ASN L 54 31.41 -87.00 54.38
C ASN L 54 31.15 -86.11 53.17
N GLU L 55 32.01 -86.17 52.14
CA GLU L 55 31.80 -85.36 50.96
C GLU L 55 30.59 -85.83 50.15
N VAL L 56 30.30 -87.12 50.16
CA VAL L 56 29.16 -87.66 49.44
C VAL L 56 28.01 -87.94 50.40
N ASN L 61 20.12 -90.64 54.83
CA ASN L 61 20.90 -90.65 53.61
C ASN L 61 21.88 -91.82 53.58
N GLY L 62 23.16 -91.51 53.48
CA GLY L 62 24.18 -92.55 53.43
C GLY L 62 24.16 -93.38 52.17
N THR L 63 23.99 -92.74 51.02
CA THR L 63 23.93 -93.45 49.74
C THR L 63 24.88 -92.78 48.75
N ILE L 64 25.70 -93.58 48.09
CA ILE L 64 26.67 -93.10 47.10
C ILE L 64 26.41 -93.83 45.79
N ASP L 65 26.27 -93.06 44.71
CA ASP L 65 25.96 -93.61 43.40
C ASP L 65 27.23 -93.60 42.54
N PHE L 66 27.10 -94.08 41.30
CA PHE L 66 28.26 -94.28 40.45
C PHE L 66 28.96 -92.99 40.04
N PRO L 67 28.28 -91.94 39.56
CA PRO L 67 29.01 -90.70 39.21
C PRO L 67 29.67 -90.06 40.41
N GLU L 68 29.07 -90.18 41.60
CA GLU L 68 29.72 -89.68 42.81
C GLU L 68 31.05 -90.40 43.05
N PHE L 69 31.05 -91.74 42.93
CA PHE L 69 32.29 -92.50 43.10
C PHE L 69 33.32 -92.12 42.04
N LEU L 70 32.86 -91.92 40.80
CA LEU L 70 33.79 -91.54 39.74
C LEU L 70 34.42 -90.18 40.01
N THR L 71 33.61 -89.21 40.42
CA THR L 71 34.12 -87.88 40.71
C THR L 71 35.05 -87.90 41.93
N MET L 72 34.77 -88.78 42.90
CA MET L 72 35.65 -88.88 44.06
C MET L 72 36.98 -89.51 43.70
N MET L 73 36.98 -90.52 42.82
CA MET L 73 38.21 -91.22 42.47
C MET L 73 39.03 -90.49 41.42
N ALA L 74 38.42 -89.61 40.63
CA ALA L 74 39.17 -88.90 39.59
C ALA L 74 40.22 -87.98 40.20
N ARG L 75 39.85 -87.25 41.26
CA ARG L 75 40.79 -86.32 41.88
C ARG L 75 41.95 -87.07 42.52
N LYS L 76 41.72 -88.30 42.97
CA LYS L 76 42.79 -89.08 43.59
C LYS L 76 43.67 -89.74 42.55
N MET L 77 43.09 -90.12 41.40
CA MET L 77 43.87 -90.84 40.39
C MET L 77 44.50 -89.93 39.36
N LYS L 78 44.15 -88.64 39.32
CA LYS L 78 44.66 -87.76 38.26
C LYS L 78 46.07 -87.27 38.56
N ASP L 79 46.34 -86.88 39.80
CA ASP L 79 47.54 -86.09 40.09
C ASP L 79 48.82 -86.88 39.88
N THR L 80 48.94 -88.05 40.53
CA THR L 80 50.16 -88.84 40.44
C THR L 80 50.38 -89.33 39.01
N ASP L 81 49.31 -89.76 38.35
CA ASP L 81 49.42 -90.22 36.97
C ASP L 81 49.89 -89.09 36.06
N SER L 82 49.36 -87.89 36.25
CA SER L 82 49.77 -86.76 35.42
C SER L 82 51.23 -86.39 35.68
N GLU L 83 51.65 -86.41 36.94
CA GLU L 83 53.05 -86.10 37.25
C GLU L 83 53.99 -87.11 36.61
N GLU L 84 53.68 -88.41 36.76
CA GLU L 84 54.53 -89.44 36.18
C GLU L 84 54.57 -89.35 34.66
N GLU L 85 53.41 -89.14 34.04
CA GLU L 85 53.36 -89.03 32.59
C GLU L 85 54.13 -87.81 32.08
N ILE L 86 54.02 -86.68 32.80
CA ILE L 86 54.75 -85.49 32.39
C ILE L 86 56.25 -85.72 32.51
N ARG L 87 56.70 -86.33 33.61
CA ARG L 87 58.12 -86.62 33.76
C ARG L 87 58.62 -87.55 32.66
N GLU L 88 57.86 -88.62 32.38
CA GLU L 88 58.29 -89.59 31.37
C GLU L 88 58.32 -88.96 29.98
N ALA L 89 57.32 -88.14 29.66
CA ALA L 89 57.27 -87.53 28.33
C ALA L 89 58.34 -86.46 28.16
N PHE L 90 58.66 -85.71 29.23
CA PHE L 90 59.72 -84.71 29.13
C PHE L 90 61.08 -85.38 29.03
N ARG L 91 61.29 -86.49 29.73
CA ARG L 91 62.54 -87.22 29.67
C ARG L 91 62.62 -88.17 28.49
N VAL L 92 61.61 -88.20 27.62
CA VAL L 92 61.61 -89.15 26.51
C VAL L 92 62.41 -88.63 25.32
N PHE L 93 62.63 -87.32 25.22
CA PHE L 93 63.34 -86.77 24.07
C PHE L 93 64.81 -87.16 24.11
N ASP L 94 65.49 -86.88 25.22
CA ASP L 94 66.91 -87.18 25.34
C ASP L 94 67.13 -88.67 25.55
N LYS L 95 68.25 -89.16 25.03
CA LYS L 95 68.63 -90.57 25.16
C LYS L 95 69.78 -90.78 26.14
N ASP L 96 70.20 -89.73 26.85
CA ASP L 96 71.30 -89.88 27.79
C ASP L 96 70.88 -90.64 29.04
N GLY L 97 69.60 -90.60 29.40
CA GLY L 97 69.09 -91.29 30.56
C GLY L 97 69.16 -90.51 31.85
N ASN L 98 69.99 -89.46 31.90
CA ASN L 98 70.09 -88.67 33.12
C ASN L 98 68.91 -87.73 33.31
N GLY L 99 68.29 -87.29 32.22
CA GLY L 99 67.15 -86.40 32.28
C GLY L 99 67.47 -84.93 32.08
N TYR L 100 68.74 -84.54 32.18
CA TYR L 100 69.16 -83.15 32.01
C TYR L 100 69.73 -82.99 30.60
N ILE L 101 68.92 -82.44 29.70
CA ILE L 101 69.35 -82.22 28.32
C ILE L 101 69.92 -80.81 28.20
N SER L 102 70.32 -80.44 26.98
CA SER L 102 70.89 -79.12 26.76
C SER L 102 69.80 -78.05 26.86
N ALA L 103 70.18 -76.88 27.37
CA ALA L 103 69.21 -75.79 27.52
C ALA L 103 68.82 -75.22 26.16
N ALA L 104 69.80 -75.01 25.27
CA ALA L 104 69.49 -74.51 23.94
C ALA L 104 68.66 -75.51 23.15
N GLU L 105 68.99 -76.79 23.25
CA GLU L 105 68.21 -77.81 22.55
C GLU L 105 66.78 -77.88 23.09
N LEU L 106 66.63 -77.78 24.41
CA LEU L 106 65.29 -77.79 25.00
C LEU L 106 64.48 -76.58 24.56
N ARG L 107 65.11 -75.40 24.52
CA ARG L 107 64.41 -74.21 24.05
C ARG L 107 64.03 -74.32 22.58
N HIS L 108 64.91 -74.86 21.75
CA HIS L 108 64.59 -75.03 20.33
C HIS L 108 63.46 -76.04 20.13
N VAL L 109 63.45 -77.11 20.93
CA VAL L 109 62.38 -78.09 20.81
C VAL L 109 61.06 -77.52 21.30
N MET L 110 61.09 -76.66 22.34
CA MET L 110 59.87 -76.04 22.82
C MET L 110 59.33 -75.01 21.84
N THR L 111 60.23 -74.30 21.15
CA THR L 111 59.80 -73.28 20.20
C THR L 111 59.39 -73.86 18.86
N ASN L 112 59.95 -75.00 18.46
CA ASN L 112 59.64 -75.57 17.16
C ASN L 112 58.48 -76.55 17.24
N LEU L 113 58.37 -77.31 18.33
CA LEU L 113 57.32 -78.31 18.48
C LEU L 113 56.59 -78.06 19.79
N GLY L 114 55.37 -78.60 19.87
CA GLY L 114 54.54 -78.46 21.05
C GLY L 114 53.23 -77.77 20.77
N GLU L 115 53.26 -76.45 20.57
CA GLU L 115 52.04 -75.70 20.30
C GLU L 115 52.41 -74.50 19.42
N LYS L 116 51.67 -73.40 19.56
CA LYS L 116 51.90 -72.18 18.80
C LYS L 116 52.27 -71.07 19.77
N LEU L 117 53.52 -70.64 19.73
CA LEU L 117 54.01 -69.59 20.61
C LEU L 117 55.00 -68.72 19.85
N THR L 118 55.01 -67.43 20.17
CA THR L 118 55.90 -66.48 19.52
C THR L 118 57.34 -66.70 19.97
N ASP L 119 58.27 -66.17 19.17
CA ASP L 119 59.68 -66.29 19.52
C ASP L 119 60.01 -65.48 20.77
N GLU L 120 59.38 -64.32 20.93
CA GLU L 120 59.60 -63.52 22.13
C GLU L 120 59.11 -64.23 23.37
N GLU L 121 57.97 -64.92 23.27
CA GLU L 121 57.46 -65.69 24.41
C GLU L 121 58.40 -66.84 24.74
N VAL L 122 58.96 -67.51 23.73
CA VAL L 122 59.91 -68.58 23.97
C VAL L 122 61.17 -68.04 24.64
N ASP L 123 61.65 -66.87 24.21
CA ASP L 123 62.82 -66.27 24.82
C ASP L 123 62.54 -65.89 26.27
N GLU L 124 61.35 -65.36 26.54
CA GLU L 124 61.00 -65.00 27.91
C GLU L 124 60.89 -66.23 28.79
N MET L 125 60.34 -67.33 28.26
CA MET L 125 60.25 -68.57 29.03
C MET L 125 61.62 -69.16 29.28
N ILE L 126 62.53 -69.03 28.32
CA ILE L 126 63.90 -69.52 28.53
C ILE L 126 64.63 -68.68 29.56
N ARG L 127 64.40 -67.36 29.55
CA ARG L 127 65.02 -66.49 30.54
C ARG L 127 64.45 -66.75 31.93
N GLU L 128 63.16 -67.06 32.03
CA GLU L 128 62.56 -67.36 33.32
C GLU L 128 63.02 -68.72 33.86
N ALA L 129 63.40 -69.63 32.96
CA ALA L 129 63.86 -70.95 33.38
C ALA L 129 65.29 -70.89 33.89
N VAL L 137 69.66 -78.41 33.24
CA VAL L 137 68.22 -78.31 33.45
C VAL L 137 67.56 -79.65 33.19
N ASN L 138 67.03 -80.26 34.24
CA ASN L 138 66.35 -81.55 34.11
C ASN L 138 65.01 -81.38 33.41
N TYR L 139 64.56 -82.44 32.74
CA TYR L 139 63.29 -82.38 32.02
C TYR L 139 62.12 -82.35 32.98
N GLU L 140 62.09 -83.25 33.96
CA GLU L 140 61.01 -83.26 34.94
C GLU L 140 61.02 -82.00 35.78
N GLU L 141 62.20 -81.51 36.15
CA GLU L 141 62.29 -80.27 36.93
C GLU L 141 61.76 -79.09 36.12
N PHE L 142 62.12 -79.02 34.83
CA PHE L 142 61.63 -77.94 33.99
C PHE L 142 60.11 -78.02 33.81
N VAL L 143 59.58 -79.24 33.67
CA VAL L 143 58.14 -79.41 33.54
C VAL L 143 57.42 -78.97 34.81
N GLN L 144 57.97 -79.34 35.97
CA GLN L 144 57.35 -78.95 37.24
C GLN L 144 57.44 -77.44 37.45
N MET L 145 58.53 -76.82 37.00
CA MET L 145 58.66 -75.37 37.13
C MET L 145 57.70 -74.64 36.20
N MET L 146 57.51 -75.17 34.98
CA MET L 146 56.59 -74.53 34.04
C MET L 146 55.13 -74.73 34.47
N THR L 147 54.82 -75.87 35.10
CA THR L 147 53.46 -76.12 35.56
C THR L 147 53.09 -75.18 36.71
N ALA L 148 54.04 -74.90 37.60
CA ALA L 148 53.78 -74.02 38.74
C ALA L 148 53.73 -72.56 38.30
ZN ZN M . 34.73 12.77 -23.16
ZN ZN N . 6.22 16.21 -40.06
ZN ZN O . 2.32 -16.88 -40.19
ZN ZN P . 30.83 -20.31 -23.30
#